data_8XKH
#
_entry.id   8XKH
#
loop_
_entity.id
_entity.type
_entity.pdbx_description
1 polymer Calmodulin-1
2 polymer 'Peptidyl-prolyl cis-trans isomerase FKBP1B'
3 polymer 'Ryanodine receptor 1'
4 non-polymer 'ZINC ION'
5 non-polymer 'CALCIUM ION'
6 non-polymer "ADENOSINE-5'-TRIPHOSPHATE"
7 non-polymer CAFFEINE
8 non-polymer tetraniliprole
#
loop_
_entity_poly.entity_id
_entity_poly.type
_entity_poly.pdbx_seq_one_letter_code
_entity_poly.pdbx_strand_id
1 'polypeptide(L)'
;MADQLTEEQIAEFKEAFSLFDKDGDGTITTKALGTVMRSLGQNPTEAELQDMINEVDADGNGTIDFPAFLTMMARKMKDT
DSEEEIREAFRVFDKDGNGYISAAALRHVMTNLGEKLTDEEVDEMIREADIDGDGQVNYEAFVQMMTAK
;
J,I,L,K
2 'polypeptide(L)'
;GVEIETISPGDGRTFPKKGQTCVVHYTGMLQNGKKFDSSRDRNKPFKFRIGKQEVIKGFEEGAAQMSLGQRAKLTCTPDV
AYGATGHPGVIPPNATLIFDVELLNLE
;
F,E,H,G
3 'polypeptide(L)'
;MGDGGEGEDEVQFLRTDDEVVLQCSATVLKEQLKLCLAAEGFGNRLCFLEPTSNAQNVPPDLAICCFTLEQSLSVRALQE
MLANTVEAGVESSQGGGHRTLLYGHAILLRHAHSRMYLSCLTTSRSMTDKLAFDVGLQEDATGEACWWTMHPASKQRSEG
EKVRVGDDLILVSVSSERYLHLSTASGELQVDASFMQTLWNMNPICSCCEEGYVTGGHVLRLFHGHMDECLTISAADSDD
QRRLVYYEGGAVCTHARSLWRLEPLRISWSGSHLRWGQPLRIRHVTTGRYLALTEDQGLVVVDACKAHTKATSFCFRVSK
EKLDTAPKRDVEGMGPPEIKYGESLCFVQHVASGLWLTYAAPDPKALRLGVLKKKAILHQEGHMDDALFLTRCQQEESQA
ARMIHSTAGLYNQFIKGLDSFSGKPRGSGPPAGPALPIEAVILSLQDLIGYFEPPSEELQHEEKQSKLRSLRNRQSLFQE
EGMLSLVLNCIDRLNVYTTAAHFAEYAGEEAAESWKEIVNLLYELLASLIRGNRANCALFSTNLDWVVSKLDRLEASSGI
LEVLYCVLIESPEVLNIIQENHIKSIISLLDKHGRNHKVLDVLCSLCVCNGVAVRSNQDLITENLLPGRELLLQTNLINY
VTSIRPNIFVGRAEGSTQYGKWYFEVMVDEVVPFLTAQATHLRVGWALTEGYSPYPGGGEGWGGNGVGDDLYSYGFDGLH
LWTGHVARPVTSPGQHLLAPEDVVSCCLDLSVPSISFRINGCPVQGVFEAFNLDGLFFPVVSFSAGVKVRFLLGGRHGEF
KFLPPPGYAPCHEAVLPRERLRLEPIKEYRREGPRGPHLVGPSRCLSHTDFVPCPVDTVQIVLPPHLERIREKLAENIHE
LWALTRIEQGWTYGPVRDDNKRLHPCLVNFHSLPEPERNYNLQMSGETLKTLLALGCHVGMADEKAEDNLKKTKLPKTYM
MSNGYKPAPLDLSHVRLTPAQTTLVDRLAENGHNVWARDRVAQGWSYSAVQDIPARRNPRLVPYRLLDEATKRSNRDSLC
QAVRTLLGYGYNIEPPDQEPSQVENQSRWDRVRIFRAEKSYTVQSGRWYFEFEAVTTGEMRVGWARPELRPDVELGADEL
AYVFNGHRGQRWHLGSEPFGRPWQSGDVVGCMIDLTENTIIFTLNGEVLMSDSGSETAFREIEIGDGFLPVCSLGPGQVG
HLNLGQDVSSLRFFAICGLQEGFEPFAINMQRPVTTWFSKSLPQFEPVPPEHPHYEVARMDGTVDTPPCLRLAHRTWGSQ
NSLVEMLFLRLSLPVQFHQHFRCTAGATPLAPPGLQPPAEDEARAAEPDPDYENLRRSAGGWGEAEGGKEGTAKEGTPGG
TPQPGVEAQPVRAENEKDATTEKNKKRGFLFKAKKAAMMTQPPATPALPRLPHDVVPADNRDDPEIILNTTTYYYSVRVF
AGQEPSCVWVGWVTPDYHQHDMNFDLSKVRAVTVTMGDEQGNVHSSLKCSNCYMVWGGDFVSPGQQGRISHTDLVIGCLV
DLATGLMTFTANGKESNTFFQVEPNTKLFPAVFVLPTHQNVIQFELGKQKNIMPLSAAMFLSERKNPAPQCPPRLEVQML
MPVSWSRMPNHFLQVETRRAGERLGWAVQCQDPLTMMALHIPEENRCMDILELSERLDLQRFHSHTLRLYRAVCALGNNR
VAHALCSHVDQAQLLHALEDAHLPGPLRAGYYDLLISIHLESACRSRRSMLSEYIVPLTPETRAITLFPPGRKGGNARRH
GLPGVGVTTSLRPPHHFSPPCFVAALPAAGVAEAPARLSPAIPLEALRDKALRMLGEAVRDGGQHARDPVGGSVEFQFVP
VLKLVSTLLVMGIFGDEDVKQILKMIEPEVFTEEEEEEEEEEEEEEEEEEDEEEKEEDEEEEEKEDAEKEEEEAPEGEKE
DLEEGLLQMKLPESVKLQMCNLLEYFCDQELQHRVESLAAFAERYVDKLQANQRSRYALLMRAFTMSAAETARRTREFRS
PPQEQINMLLHFKDEADEEDCPLPEDIRQDLQDFHQDLLAHCGIQLEGEEEEPEEETSLSSRLRSLLETVRLVKKKEEKP
EEELPAEEKKPQSLQELVSHMVVRWAQEDYVQSPELVRAMFSLLHRQYDGLGELLRALPRAYTISPSSVEDTMSLLECLG
QIRSLLIVQMGPQEENLMIQSIGNIMNNKVFYQHPNLMRALGMHETVMEVMVNVLGGGETKEIRFPKMVTSCCRFLCYFC
RISRQNQRSMFDHLSYLLENSGIGLGMQGSTPLDVAAASVIDNNELALALQEQDLEKVVSYLAGCGLQSCPMLLAKGYPD
IGWNPCGGERYLDFLRFAVFVNGESVEENANVVVRLLIRKPECFGPALRGEGGSGLLAAIEEAIRISEDPARDGPGVRRD
RRREHFGEEPPEENRVHLGHAIMSFYAALIDLLGRCAPEMHLIQAGKGEALRIRAILRSLVPLDDLVGIISLPLQIPTLG
KDGALVQPKMSASFVPDHKASMVLFLDRVYGIENQDFLLHVLDVGFLPDMRAAASLDTATFSTTEMALALNRYLCLAVLP
LITKCAPLFAGTEHRAIMVDSMLHTVYRLSRGRSLTKAQRDVIEDCLMALCRYIRPSMLQHLLRRLVFDVPILNEFAKMP
LKLLTNHYERCWKYYCLPTGWANFGVTSEEELHLTRKLFWGIFDSLAHKKYDQELYRMAMPCLCAIAGALPPDYVDASYS
SKAEKKATVDAEGNFDPRPVETLNVIIPEKLDSFINKFAEYTHEKWAFDKIQNNWSYGENVDEELKTHPMLRPYKTFSEK
DKEIYRWPIKESLKAMIAWEWTIEKAREGEEERTEKKKTRKISQTAQTYDPREGYNPQPPDLSGVTLSRELQAMAEQLAE
NYHNTWGRKKKQELEAKGGGTHPLLVPYDTLTAKEKARDREKAQELLKFLQMNGYAVTRGLKDMELDTSSIEKRFAFGFL
QQLLRWMDISQEFIAHLEAVVSSGRVEKSPHEQEIKFFAKILLPLINQYFTNHCLYFLSTPAKVLGSGGHASNKEKEMIT
SLFCKLAALVRHRVSLFGTDAPAVVNCLHILARSLDARTVMKSGPEIVKAGLRSFFESASEDIEKMVENLRLGKVSQART
QVKGVGQNLTYTTVALLPVLTTLFQHIAQHQFGDDVILDDVQVSCYRTLCSIYSLGTTKNTYVEKLRPALGECLARLAAA
MPVAFLEPQLNEYNACSVYTTKSPRERAILGLPNSVEEMCPDIPVLDRLMADIGGLAESGARYTEMPHVIEITLPMLCSY
LPRWWERGPEAPPPALPAGAPPPCTAVTSDHLNSLLGNILRIIVNNLGIDEATWMKRLAVFAQPIVSRARPELLHSHFIP
TIGRLRKRAGKVVAEEEQLRLEAKAEAEEGELLVRDEFSVLCRDLYALYPLLIRYVDNNRAHWLTEPNANAEELFRMVGE
IFIYWSKSHNFKREEQNFVVQNEINNMSFLTADSKSKMAKAGDAQSGGSDQERTKKKRRGDRYSVQTSLIVATLKKMLPI
GLNMCAPTDQDLIMLAKTRYALKDTDEEVREFLQNNLHLQGKVEGSPSLRWQMALYRGLPGREEDADDPEKIVRRVQEVS
AVLYHLEQTEHPYKSKKAVWHKLLSKQRRRAVVACFRMTPLYNLPTHRACNMFLESYKAAWILTEDHSFEDRMIDDLSKA
GEQEEEEEEVEEKKPDPLHQLVLHFSRTALTEKSKLDEDYLYMAYADIMAKSCHLEEGGENGEAEEEEVEVSFEEKEMEK
QRLLYQQSRLHTRGAAEMVLQMISACKGETGAMVSSTLKLGISILNGGNAEVQQKMLDYLKDKKEVGFFQSIQALMQTCS
VLDLNAFERQNKAEGLGMVNEDGTVINRQNGEKVMADDEFTQDLFRFLQLLCEGHNNDFQNYLRTQTGNTTTINIIICTV
DYLLRLQESISDFYWYYSGKDVIEEQGKRNFSKAMSVAKQVFNSLTEYIQGPCTGNQQSLAHSRLWDAVVGFLHVFAHMM
MKLAQDSSQIELLKELLDLQKDMVVMLLSLLEGNVVNGMIARQMVDMLVESSSNVEMILKFFDMFLKLKDIVGSEAFQDY
VTDPRGLISKKDFQKAMDSQKQFTGPEIQFLLSCSEADENEMINFEEFANRFQEPARDIGFNVAVLLTNLSEHVPHDPRL
RNFLELAESILEYFRPYLGRIEIMGASRRIERIYFEISETNRAQWEMPQVKESKRQFIFDVVNEGGEAEKMELFVSFCED
TIFEMQIAAQISEPEGEPEADEDEGMGEAAAEGAEEGAAGAEGAAGTVAAGATARLAAAAARALRGLSYRSLRRRVRRLR
RLTAREAATALAALLWAVVARAGAAGAGAAAGALRLLWGSLFGGGLVEGAKKVTVTELLAGMPDPTSDEVHGEQPAGPGG
DADGAGEGEGEGDAAEGDGDEEVAGHEAGPGGAEGVVAVADGGPFRPEGAGGLGDMGDTTPAEPPTPEGSPILKRKLGVD
GEEEELVPEPEPEPEPEPEKADEENGEKEEVPEAPPEPPKKAPPSPPAKKEEAGGAGMEFWGELEVQRVKFLNYLSRNFY
TLKYLALFLAFAINFILLFYKVSDSPPGEDDMEGSAAGDLAGAGSGGGSGWGSGAGEEAEGDEDENMVYYFLEESTGYME
PALWCLSLLHTLVAFLIIIGYNCLKVPLVIFKREKELARKLEFDGLYITEQPGDDDVKGQWDRLVLNTPSFPSNYWDKFV
KRKVLDKHGDIFGRERIAELLGMDLASLEITAHNERKPDPPPGLLTWLMSIDVKYQIWKFGVIFTDNSFLYSGWYMVMSL
LGHYNNFFFAAHLLDIAMGVKTLRTILSSVTHNGKQLVMTVGLLAVVVYLYTVVAFNFFRKFYNKSEDEDEPDMKCDDMM
TCYLFHMYVGVRAGGGIGDEIEDPAGDEYELYRVVFDITFFFFVIVILLAIIQGLIIDAFGELRDQQEQVKEDMETKCFI
CGIGSDYFDTTPHGFETHTLEEHNLANYMFFLMYLINKDETEHTGQESYVWKMYQERCWDFFPAGDCFRKQYEDQLS
;
D,A,B,C
#
# COMPACT_ATOMS: atom_id res chain seq x y z
N MET A 1 89.58 -11.00 28.91
CA MET A 1 89.92 -9.63 28.54
C MET A 1 91.41 -9.39 28.69
N ALA A 2 92.11 -9.21 27.57
CA ALA A 2 93.56 -9.05 27.57
C ALA A 2 94.01 -7.65 27.93
N ASP A 3 93.09 -6.76 28.27
CA ASP A 3 93.43 -5.39 28.63
C ASP A 3 93.97 -5.26 30.05
N GLN A 4 93.86 -6.31 30.87
CA GLN A 4 94.27 -6.21 32.27
C GLN A 4 95.78 -6.16 32.43
N LEU A 5 96.53 -6.43 31.38
CA LEU A 5 97.98 -6.21 31.38
C LEU A 5 98.27 -4.83 30.81
N THR A 6 99.31 -4.20 31.35
CA THR A 6 99.72 -2.90 30.85
C THR A 6 100.60 -3.08 29.62
N GLU A 7 101.06 -1.97 29.05
CA GLU A 7 101.76 -2.03 27.76
C GLU A 7 103.15 -2.63 27.88
N GLU A 8 103.94 -2.17 28.84
CA GLU A 8 105.35 -2.52 28.95
C GLU A 8 105.59 -3.99 29.21
N GLN A 9 104.63 -4.68 29.82
CA GLN A 9 104.72 -6.13 29.92
C GLN A 9 104.63 -6.79 28.55
N ILE A 10 103.68 -6.36 27.73
CA ILE A 10 103.57 -6.86 26.36
C ILE A 10 104.79 -6.47 25.55
N ALA A 11 105.33 -5.29 25.82
CA ALA A 11 106.62 -4.91 25.28
C ALA A 11 107.72 -5.85 25.78
N GLU A 12 107.71 -6.16 27.07
CA GLU A 12 108.66 -7.13 27.58
C GLU A 12 108.36 -8.54 27.09
N PHE A 13 107.08 -8.88 26.92
CA PHE A 13 106.73 -10.21 26.43
C PHE A 13 107.16 -10.40 24.99
N LYS A 14 106.86 -9.44 24.12
CA LYS A 14 107.24 -9.54 22.72
C LYS A 14 108.75 -9.51 22.56
N GLU A 15 109.44 -8.73 23.39
CA GLU A 15 110.90 -8.76 23.41
C GLU A 15 111.40 -10.13 23.81
N ALA A 16 110.77 -10.74 24.81
CA ALA A 16 111.12 -12.10 25.17
C ALA A 16 110.72 -13.10 24.10
N PHE A 17 109.57 -12.88 23.47
CA PHE A 17 109.07 -13.86 22.52
C PHE A 17 109.84 -13.83 21.22
N SER A 18 110.17 -12.64 20.74
CA SER A 18 110.97 -12.51 19.54
C SER A 18 112.40 -12.97 19.75
N LEU A 19 112.88 -12.94 21.00
CA LEU A 19 114.23 -13.40 21.28
C LEU A 19 114.35 -14.89 21.09
N PHE A 20 113.30 -15.64 21.41
CA PHE A 20 113.29 -17.08 21.22
C PHE A 20 112.36 -17.51 20.12
N ASP A 21 111.92 -16.58 19.28
CA ASP A 21 111.14 -16.92 18.09
C ASP A 21 111.97 -17.80 17.16
N LYS A 22 111.33 -18.83 16.62
CA LYS A 22 112.04 -19.87 15.88
C LYS A 22 112.60 -19.32 14.56
N ASP A 23 111.72 -18.85 13.69
CA ASP A 23 112.16 -18.33 12.40
C ASP A 23 111.63 -16.92 12.16
N GLY A 24 111.22 -16.22 13.21
CA GLY A 24 110.50 -14.98 13.05
C GLY A 24 109.03 -15.14 12.80
N ASP A 25 108.54 -16.38 12.69
CA ASP A 25 107.12 -16.63 12.48
C ASP A 25 106.30 -16.29 13.70
N GLY A 26 106.89 -16.41 14.89
CA GLY A 26 106.10 -16.37 16.10
C GLY A 26 105.73 -17.73 16.62
N THR A 27 106.35 -18.79 16.09
CA THR A 27 106.21 -20.12 16.64
C THR A 27 107.38 -20.41 17.57
N ILE A 28 107.09 -21.13 18.65
CA ILE A 28 108.12 -21.63 19.55
C ILE A 28 107.75 -23.06 19.89
N THR A 29 108.73 -23.78 20.45
CA THR A 29 108.52 -25.14 20.87
C THR A 29 107.87 -25.17 22.24
N THR A 30 107.42 -26.36 22.65
CA THR A 30 106.85 -26.52 23.98
C THR A 30 107.89 -26.35 25.07
N LYS A 31 109.13 -26.74 24.80
CA LYS A 31 110.20 -26.57 25.78
C LYS A 31 110.56 -25.10 25.95
N ALA A 32 110.62 -24.35 24.84
CA ALA A 32 111.06 -22.96 24.86
C ALA A 32 110.11 -22.07 25.63
N LEU A 33 108.83 -22.46 25.71
CA LEU A 33 107.87 -21.77 26.57
C LEU A 33 108.28 -21.82 28.03
N GLY A 34 108.83 -22.95 28.48
CA GLY A 34 109.33 -23.01 29.83
C GLY A 34 110.58 -22.17 30.02
N THR A 35 111.48 -22.21 29.04
CA THR A 35 112.72 -21.44 29.12
C THR A 35 112.46 -19.93 29.06
N VAL A 36 111.48 -19.51 28.28
CA VAL A 36 111.26 -18.08 28.13
C VAL A 36 110.60 -17.47 29.36
N MET A 37 109.81 -18.25 30.10
CA MET A 37 109.30 -17.75 31.37
C MET A 37 110.38 -17.70 32.42
N ARG A 38 111.28 -18.68 32.40
CA ARG A 38 112.45 -18.60 33.26
C ARG A 38 113.47 -17.60 32.76
N SER A 39 113.39 -17.22 31.48
CA SER A 39 114.08 -16.02 31.04
C SER A 39 113.41 -14.75 31.56
N LEU A 40 112.14 -14.83 31.95
CA LEU A 40 111.46 -13.72 32.60
C LEU A 40 111.37 -13.91 34.10
N GLY A 41 112.16 -14.82 34.67
CA GLY A 41 112.21 -15.03 36.09
C GLY A 41 111.11 -15.91 36.65
N GLN A 42 110.02 -16.07 35.90
CA GLN A 42 108.92 -16.94 36.33
C GLN A 42 109.36 -18.38 36.25
N ASN A 43 109.22 -19.11 37.36
CA ASN A 43 109.62 -20.52 37.41
C ASN A 43 108.45 -21.41 37.81
N PRO A 44 107.57 -21.75 36.86
CA PRO A 44 106.56 -22.76 37.14
C PRO A 44 107.04 -24.15 36.73
N THR A 45 106.60 -25.16 37.47
CA THR A 45 106.99 -26.50 37.11
C THR A 45 106.13 -27.01 35.96
N GLU A 46 106.44 -28.23 35.52
CA GLU A 46 105.79 -28.85 34.38
C GLU A 46 104.30 -29.11 34.59
N ALA A 47 103.83 -29.12 35.84
CA ALA A 47 102.39 -29.14 36.08
C ALA A 47 101.71 -27.88 35.57
N GLU A 48 102.28 -26.70 35.85
CA GLU A 48 101.70 -25.48 35.31
C GLU A 48 102.04 -25.30 33.84
N LEU A 49 103.00 -26.08 33.33
CA LEU A 49 103.27 -26.06 31.89
C LEU A 49 102.31 -26.96 31.14
N GLN A 50 101.97 -28.11 31.72
CA GLN A 50 101.21 -29.12 30.98
C GLN A 50 99.78 -28.69 30.72
N ASP A 51 99.11 -28.15 31.72
CA ASP A 51 97.71 -27.75 31.60
C ASP A 51 97.51 -26.55 30.69
N MET A 52 98.57 -25.80 30.40
CA MET A 52 98.40 -24.57 29.64
C MET A 52 98.35 -24.85 28.14
N ILE A 53 99.15 -25.80 27.65
CA ILE A 53 99.14 -26.12 26.23
C ILE A 53 97.87 -26.85 25.84
N ASN A 54 97.42 -27.79 26.67
CA ASN A 54 96.19 -28.51 26.35
C ASN A 54 94.96 -27.62 26.57
N GLU A 55 95.12 -26.52 27.30
CA GLU A 55 94.07 -25.51 27.37
C GLU A 55 93.87 -24.84 26.02
N VAL A 56 94.95 -24.65 25.27
CA VAL A 56 94.88 -24.02 23.97
C VAL A 56 95.23 -25.02 22.86
N ASN A 61 99.88 -29.52 19.70
CA ASN A 61 100.54 -29.63 18.40
C ASN A 61 102.00 -29.21 18.47
N GLY A 62 102.40 -28.68 19.62
CA GLY A 62 103.77 -28.23 19.83
C GLY A 62 104.08 -26.86 19.28
N THR A 63 103.13 -26.22 18.59
CA THR A 63 103.34 -24.94 17.94
C THR A 63 102.62 -23.87 18.76
N ILE A 64 103.38 -23.02 19.41
CA ILE A 64 102.80 -21.96 20.22
C ILE A 64 102.94 -20.66 19.45
N ASP A 65 101.81 -20.06 19.10
CA ASP A 65 101.75 -18.80 18.38
C ASP A 65 101.59 -17.65 19.37
N PHE A 66 102.00 -16.45 18.95
CA PHE A 66 102.10 -15.32 19.88
C PHE A 66 100.77 -14.85 20.49
N PRO A 67 99.64 -14.85 19.78
CA PRO A 67 98.38 -14.66 20.52
C PRO A 67 98.04 -15.82 21.42
N ALA A 68 98.32 -17.05 20.99
CA ALA A 68 98.10 -18.21 21.85
C ALA A 68 99.04 -18.19 23.05
N PHE A 69 100.23 -17.65 22.86
CA PHE A 69 101.13 -17.43 24.00
C PHE A 69 100.61 -16.33 24.90
N LEU A 70 100.03 -15.28 24.34
CA LEU A 70 99.72 -14.11 25.16
C LEU A 70 98.48 -14.31 26.00
N THR A 71 97.51 -15.09 25.51
CA THR A 71 96.32 -15.37 26.29
C THR A 71 96.64 -16.19 27.54
N MET A 72 97.66 -17.03 27.47
CA MET A 72 98.13 -17.69 28.68
C MET A 72 98.86 -16.72 29.60
N MET A 73 99.49 -15.70 29.03
CA MET A 73 100.16 -14.71 29.87
C MET A 73 99.18 -13.81 30.60
N ALA A 74 97.97 -13.66 30.05
CA ALA A 74 96.96 -12.87 30.74
C ALA A 74 96.45 -13.59 31.97
N ARG A 75 96.18 -14.88 31.85
CA ARG A 75 95.57 -15.64 32.93
C ARG A 75 96.55 -15.87 34.08
N LYS A 76 97.84 -16.02 33.79
CA LYS A 76 98.82 -16.20 34.85
C LYS A 76 99.03 -14.94 35.68
N MET A 77 98.72 -13.77 35.13
CA MET A 77 98.82 -12.54 35.91
C MET A 77 97.47 -11.96 36.28
N LYS A 78 96.37 -12.63 35.89
CA LYS A 78 95.06 -12.18 36.33
C LYS A 78 94.72 -12.68 37.72
N ASP A 79 95.11 -13.91 38.04
CA ASP A 79 94.74 -14.50 39.33
C ASP A 79 95.56 -13.93 40.47
N THR A 80 96.84 -13.62 40.21
CA THR A 80 97.72 -13.10 41.25
C THR A 80 97.32 -11.70 41.69
N ASP A 81 96.91 -10.85 40.76
CA ASP A 81 96.49 -9.50 41.11
C ASP A 81 95.08 -9.47 41.68
N SER A 82 94.30 -10.55 41.48
CA SER A 82 92.91 -10.58 41.93
C SER A 82 92.78 -10.74 43.44
N GLU A 83 93.84 -11.19 44.12
CA GLU A 83 93.79 -11.36 45.56
C GLU A 83 94.57 -10.29 46.31
N GLU A 84 95.65 -9.78 45.73
CA GLU A 84 96.45 -8.74 46.34
C GLU A 84 95.85 -7.35 46.12
N GLU A 85 94.76 -7.24 45.36
CA GLU A 85 94.11 -5.97 45.16
C GLU A 85 93.27 -5.55 46.35
N ILE A 86 92.78 -6.50 47.15
CA ILE A 86 91.73 -6.21 48.11
C ILE A 86 92.28 -5.81 49.48
N ARG A 87 93.53 -6.16 49.81
CA ARG A 87 94.10 -5.66 51.04
C ARG A 87 94.53 -4.20 50.88
N GLU A 88 95.12 -3.86 49.73
CA GLU A 88 95.43 -2.48 49.42
C GLU A 88 94.16 -1.68 49.15
N ALA A 89 93.06 -2.35 48.80
CA ALA A 89 91.76 -1.69 48.75
C ALA A 89 91.26 -1.29 50.13
N PHE A 90 91.59 -2.04 51.17
CA PHE A 90 91.22 -1.66 52.52
C PHE A 90 92.14 -0.62 53.13
N ARG A 91 93.32 -0.41 52.52
CA ARG A 91 94.32 0.52 53.02
C ARG A 91 93.80 1.95 53.13
N VAL A 92 92.95 2.38 52.19
CA VAL A 92 92.44 3.75 52.19
C VAL A 92 91.40 4.01 53.26
N PHE A 93 90.78 2.96 53.82
CA PHE A 93 89.77 3.15 54.85
C PHE A 93 90.39 3.56 56.18
N ASP A 94 91.21 2.69 56.75
CA ASP A 94 91.82 2.92 58.05
C ASP A 94 92.93 3.95 57.91
N LYS A 95 93.00 4.83 58.90
CA LYS A 95 93.99 5.91 58.90
C LYS A 95 95.40 5.38 59.14
N ASP A 96 95.52 4.23 59.81
CA ASP A 96 96.80 3.60 60.05
C ASP A 96 97.23 2.69 58.91
N GLY A 97 96.31 1.84 58.44
CA GLY A 97 96.61 0.88 57.39
C GLY A 97 96.65 -0.56 57.83
N ASN A 98 96.20 -0.87 59.05
CA ASN A 98 96.25 -2.22 59.57
C ASN A 98 94.98 -3.02 59.29
N GLY A 99 93.82 -2.40 59.39
CA GLY A 99 92.56 -3.12 59.32
C GLY A 99 91.52 -2.53 60.24
N TYR A 100 91.94 -1.58 61.07
CA TYR A 100 91.07 -0.97 62.07
C TYR A 100 90.48 0.31 61.47
N ILE A 101 89.41 0.15 60.71
CA ILE A 101 88.66 1.27 60.16
C ILE A 101 87.38 1.42 60.97
N SER A 102 87.20 2.59 61.57
CA SER A 102 86.01 2.84 62.36
C SER A 102 84.79 2.97 61.46
N ALA A 103 83.67 2.43 61.94
CA ALA A 103 82.43 2.42 61.16
C ALA A 103 81.84 3.82 60.97
N ALA A 104 82.20 4.76 61.85
CA ALA A 104 81.81 6.14 61.65
C ALA A 104 82.47 6.76 60.43
N ALA A 105 83.71 6.35 60.10
CA ALA A 105 84.42 6.91 58.97
C ALA A 105 84.11 6.21 57.65
N LEU A 106 83.01 5.47 57.58
CA LEU A 106 82.68 4.72 56.38
C LEU A 106 81.50 5.28 55.61
N ARG A 107 80.52 5.87 56.28
CA ARG A 107 79.29 6.29 55.61
C ARG A 107 79.40 7.64 54.95
N HIS A 108 80.61 8.17 54.79
CA HIS A 108 80.87 9.25 53.84
C HIS A 108 81.92 8.89 52.81
N VAL A 109 82.74 7.87 53.08
CA VAL A 109 83.70 7.42 52.07
C VAL A 109 83.02 6.48 51.08
N MET A 110 81.87 5.92 51.42
CA MET A 110 81.20 4.97 50.55
C MET A 110 80.11 5.58 49.70
N THR A 111 79.49 6.67 50.15
CA THR A 111 78.56 7.40 49.30
C THR A 111 79.27 8.41 48.42
N ASN A 112 80.60 8.48 48.47
CA ASN A 112 81.39 9.42 47.71
C ASN A 112 82.48 8.74 46.89
N LEU A 113 82.14 7.73 46.10
CA LEU A 113 83.18 7.07 45.33
C LEU A 113 82.93 7.03 43.84
N GLY A 114 81.69 6.97 43.40
CA GLY A 114 81.39 7.08 41.98
C GLY A 114 80.67 5.91 41.35
N GLU A 115 80.20 4.94 42.14
CA GLU A 115 79.26 3.95 41.66
C GLU A 115 77.82 4.38 41.91
N LYS A 116 77.62 5.62 42.34
CA LYS A 116 76.31 6.24 42.57
C LYS A 116 75.48 5.47 43.59
N LEU A 117 76.12 5.03 44.67
CA LEU A 117 75.43 4.31 45.72
C LEU A 117 74.76 5.30 46.67
N THR A 118 73.46 5.12 46.91
CA THR A 118 72.75 6.04 47.76
C THR A 118 72.90 5.63 49.22
N ASP A 119 72.19 6.32 50.10
CA ASP A 119 72.29 6.07 51.53
C ASP A 119 71.68 4.74 51.93
N GLU A 120 70.71 4.24 51.18
CA GLU A 120 70.04 2.99 51.52
C GLU A 120 70.91 1.77 51.31
N GLU A 121 71.71 1.74 50.24
CA GLU A 121 72.50 0.55 49.98
C GLU A 121 73.77 0.54 50.81
N VAL A 122 74.36 1.71 51.08
CA VAL A 122 75.50 1.75 51.97
C VAL A 122 75.06 1.49 53.41
N ASP A 123 73.79 1.77 53.73
CA ASP A 123 73.20 1.17 54.93
C ASP A 123 73.09 -0.33 54.79
N GLU A 124 72.53 -0.80 53.66
CA GLU A 124 72.34 -2.23 53.40
C GLU A 124 73.69 -2.95 53.32
N MET A 125 74.75 -2.25 52.94
CA MET A 125 76.09 -2.79 53.01
C MET A 125 76.54 -3.04 54.44
N ILE A 126 76.05 -2.21 55.38
CA ILE A 126 76.61 -2.23 56.73
C ILE A 126 75.89 -3.17 57.69
N ARG A 127 74.56 -3.11 57.79
CA ARG A 127 73.85 -3.94 58.77
C ARG A 127 73.75 -5.40 58.34
N GLU A 128 74.17 -5.73 57.11
CA GLU A 128 74.37 -7.11 56.70
C GLU A 128 75.84 -7.42 56.47
N ALA A 129 76.72 -6.95 57.36
CA ALA A 129 78.15 -7.19 57.26
C ALA A 129 78.49 -8.66 57.45
N GLY A 135 81.58 0.41 66.55
CA GLY A 135 82.83 -0.34 66.61
C GLY A 135 83.52 -0.44 65.27
N GLN A 136 84.80 -0.78 65.29
CA GLN A 136 85.58 -0.88 64.06
C GLN A 136 85.60 -2.34 63.62
N VAL A 137 85.40 -2.55 62.32
CA VAL A 137 85.43 -3.88 61.74
C VAL A 137 86.81 -4.08 61.13
N ASN A 138 87.22 -5.33 60.99
CA ASN A 138 88.55 -5.66 60.50
C ASN A 138 88.61 -5.59 58.97
N TYR A 139 89.69 -6.12 58.42
CA TYR A 139 89.80 -6.18 56.97
C TYR A 139 89.32 -7.50 56.40
N GLU A 140 89.61 -8.63 57.07
CA GLU A 140 89.31 -9.93 56.49
C GLU A 140 87.83 -10.26 56.51
N ALA A 141 87.07 -9.72 57.49
CA ALA A 141 85.62 -9.76 57.37
C ALA A 141 85.13 -8.81 56.29
N PHE A 142 85.88 -7.76 56.00
CA PHE A 142 85.45 -6.83 54.97
C PHE A 142 85.74 -7.33 53.57
N VAL A 143 86.82 -8.09 53.38
CA VAL A 143 87.01 -8.73 52.09
C VAL A 143 86.08 -9.92 51.93
N GLN A 144 85.54 -10.43 53.04
CA GLN A 144 84.51 -11.47 52.94
C GLN A 144 83.16 -10.85 52.60
N MET A 145 82.80 -9.74 53.24
CA MET A 145 81.52 -9.10 53.03
C MET A 145 81.44 -8.32 51.72
N MET A 146 82.55 -8.09 51.03
CA MET A 146 82.53 -7.44 49.73
C MET A 146 82.52 -8.44 48.59
N THR A 147 83.34 -9.49 48.67
CA THR A 147 83.35 -10.50 47.62
C THR A 147 82.08 -11.34 47.63
N ALA A 148 81.58 -11.67 48.83
CA ALA A 148 80.35 -12.44 49.07
C ALA A 148 80.31 -13.78 48.32
N GLY B 1 126.13 -20.38 -26.82
CA GLY B 1 125.49 -19.53 -27.82
C GLY B 1 125.60 -18.07 -27.48
N VAL B 2 126.83 -17.61 -27.24
CA VAL B 2 127.12 -16.22 -26.91
C VAL B 2 128.04 -15.67 -27.99
N GLU B 3 127.46 -15.01 -28.99
CA GLU B 3 128.22 -14.49 -30.10
C GLU B 3 128.39 -12.99 -29.92
N ILE B 4 129.63 -12.56 -29.75
CA ILE B 4 129.97 -11.14 -29.61
C ILE B 4 130.63 -10.67 -30.90
N GLU B 5 129.97 -9.75 -31.58
CA GLU B 5 130.53 -9.07 -32.74
C GLU B 5 130.74 -7.61 -32.36
N THR B 6 131.96 -7.12 -32.56
CA THR B 6 132.31 -5.81 -32.06
C THR B 6 131.73 -4.72 -32.93
N ILE B 7 131.44 -3.57 -32.30
CA ILE B 7 130.92 -2.39 -32.98
C ILE B 7 131.89 -1.22 -32.89
N SER B 8 132.55 -1.07 -31.75
CA SER B 8 133.62 -0.12 -31.58
C SER B 8 134.55 -0.62 -30.47
N PRO B 9 135.86 -0.63 -30.70
CA PRO B 9 136.77 -1.19 -29.71
C PRO B 9 137.04 -0.21 -28.58
N GLY B 10 137.28 -0.78 -27.40
CA GLY B 10 137.53 -0.03 -26.19
C GLY B 10 139.02 -0.03 -25.87
N ASP B 11 139.30 -0.18 -24.56
CA ASP B 11 140.68 -0.16 -24.09
C ASP B 11 141.44 -1.41 -24.53
N GLY B 12 140.74 -2.54 -24.64
CA GLY B 12 141.36 -3.79 -25.04
C GLY B 12 142.11 -4.51 -23.94
N ARG B 13 142.33 -3.89 -22.79
CA ARG B 13 143.09 -4.49 -21.71
C ARG B 13 142.32 -4.56 -20.40
N THR B 14 141.36 -3.68 -20.18
CA THR B 14 140.62 -3.63 -18.94
C THR B 14 139.39 -4.52 -19.05
N PHE B 15 139.30 -5.51 -18.19
CA PHE B 15 138.21 -6.46 -18.22
C PHE B 15 137.53 -6.51 -16.86
N PRO B 16 136.23 -6.78 -16.81
CA PRO B 16 135.58 -6.91 -15.50
C PRO B 16 135.96 -8.21 -14.83
N LYS B 17 136.27 -8.11 -13.55
CA LYS B 17 136.58 -9.27 -12.72
C LYS B 17 135.40 -9.57 -11.82
N LYS B 18 135.44 -10.71 -11.15
CA LYS B 18 134.30 -11.14 -10.36
C LYS B 18 134.20 -10.33 -9.08
N GLY B 19 133.02 -10.38 -8.46
CA GLY B 19 132.74 -9.58 -7.29
C GLY B 19 132.71 -8.09 -7.54
N GLN B 20 132.35 -7.67 -8.74
CA GLN B 20 132.47 -6.28 -9.15
C GLN B 20 131.21 -5.82 -9.86
N THR B 21 130.99 -4.51 -9.86
CA THR B 21 129.85 -3.95 -10.53
C THR B 21 130.23 -3.49 -11.94
N CYS B 22 129.21 -3.38 -12.80
CA CYS B 22 129.39 -2.82 -14.12
C CYS B 22 128.33 -1.75 -14.30
N VAL B 23 128.52 -0.91 -15.32
CA VAL B 23 127.48 0.04 -15.75
C VAL B 23 127.36 -0.07 -17.26
N VAL B 24 126.19 -0.54 -17.71
CA VAL B 24 125.97 -0.85 -19.11
C VAL B 24 124.83 0.02 -19.61
N HIS B 25 125.06 0.73 -20.71
CA HIS B 25 124.02 1.55 -21.32
C HIS B 25 123.40 0.81 -22.50
N TYR B 26 122.72 -0.29 -22.17
CA TYR B 26 122.33 -1.29 -23.14
C TYR B 26 121.09 -0.91 -23.91
N THR B 27 120.74 -1.76 -24.88
CA THR B 27 119.44 -1.79 -25.54
C THR B 27 119.30 -3.14 -26.22
N GLY B 28 118.07 -3.60 -26.43
CA GLY B 28 117.82 -4.90 -26.99
C GLY B 28 116.76 -4.88 -28.07
N MET B 29 116.69 -5.98 -28.81
CA MET B 29 115.70 -6.17 -29.87
C MET B 29 115.29 -7.62 -29.91
N LEU B 30 114.45 -7.95 -30.88
CA LEU B 30 114.21 -9.33 -31.26
C LEU B 30 114.78 -9.58 -32.64
N GLN B 31 114.68 -10.83 -33.10
CA GLN B 31 115.16 -11.15 -34.44
C GLN B 31 114.29 -10.55 -35.52
N ASN B 32 113.02 -10.27 -35.22
CA ASN B 32 112.24 -9.49 -36.17
C ASN B 32 112.68 -8.04 -36.21
N GLY B 33 113.37 -7.58 -35.17
CA GLY B 33 113.86 -6.22 -35.13
C GLY B 33 113.06 -5.29 -34.26
N LYS B 34 111.99 -5.76 -33.63
CA LYS B 34 111.11 -4.93 -32.84
C LYS B 34 111.77 -4.61 -31.50
N LYS B 35 111.89 -3.32 -31.20
CA LYS B 35 112.71 -2.88 -30.07
C LYS B 35 111.92 -2.98 -28.78
N PHE B 36 112.15 -4.06 -28.04
CA PHE B 36 111.42 -4.31 -26.80
C PHE B 36 112.00 -3.59 -25.60
N ASP B 37 113.19 -2.99 -25.70
CA ASP B 37 113.81 -2.40 -24.54
C ASP B 37 114.87 -1.40 -24.95
N SER B 38 115.14 -0.47 -24.05
CA SER B 38 116.31 0.40 -24.13
C SER B 38 116.65 0.87 -22.73
N SER B 39 117.71 1.66 -22.62
CA SER B 39 118.10 2.26 -21.37
C SER B 39 118.22 3.77 -21.45
N ARG B 40 118.66 4.29 -22.59
CA ARG B 40 118.83 5.72 -22.79
C ARG B 40 117.51 6.47 -22.73
N ASP B 41 116.41 5.84 -23.12
CA ASP B 41 115.10 6.45 -22.96
C ASP B 41 114.76 6.63 -21.50
N ARG B 42 115.18 5.71 -20.64
CA ARG B 42 115.00 5.96 -19.23
C ARG B 42 116.09 6.84 -18.66
N ASN B 43 117.10 7.19 -19.46
CA ASN B 43 118.20 8.09 -19.08
C ASN B 43 118.96 7.59 -17.86
N LYS B 44 119.07 6.28 -17.76
CA LYS B 44 119.71 5.73 -16.59
C LYS B 44 120.75 4.72 -17.03
N PRO B 45 122.00 4.92 -16.66
CA PRO B 45 123.00 3.87 -16.88
C PRO B 45 122.71 2.67 -16.01
N PHE B 46 122.28 1.59 -16.65
CA PHE B 46 121.91 0.37 -15.93
C PHE B 46 123.15 -0.27 -15.33
N LYS B 47 123.06 -0.64 -14.06
CA LYS B 47 124.18 -1.23 -13.35
C LYS B 47 123.78 -2.58 -12.78
N PHE B 48 124.77 -3.43 -12.56
CA PHE B 48 124.58 -4.76 -12.01
C PHE B 48 125.93 -5.32 -11.57
N ARG B 49 125.89 -6.29 -10.68
CA ARG B 49 127.09 -6.98 -10.23
C ARG B 49 127.25 -8.27 -11.02
N ILE B 50 128.47 -8.55 -11.43
CA ILE B 50 128.76 -9.73 -12.22
C ILE B 50 128.79 -10.93 -11.29
N GLY B 51 128.58 -12.12 -11.84
CA GLY B 51 128.71 -13.36 -11.13
C GLY B 51 127.50 -13.78 -10.32
N LYS B 52 126.78 -12.83 -9.73
CA LYS B 52 125.69 -13.13 -8.81
C LYS B 52 124.38 -13.47 -9.52
N GLN B 53 124.42 -13.58 -10.85
CA GLN B 53 123.31 -14.09 -11.68
C GLN B 53 122.04 -13.24 -11.54
N GLU B 54 122.24 -11.92 -11.46
CA GLU B 54 121.11 -11.00 -11.49
C GLU B 54 120.50 -10.94 -12.88
N VAL B 55 121.35 -10.79 -13.89
CA VAL B 55 120.94 -10.82 -15.28
C VAL B 55 120.83 -12.26 -15.75
N ILE B 56 120.30 -12.45 -16.95
CA ILE B 56 120.26 -13.77 -17.58
C ILE B 56 121.66 -14.22 -17.96
N LYS B 57 121.80 -15.51 -18.29
CA LYS B 57 123.12 -16.10 -18.48
C LYS B 57 123.80 -15.59 -19.73
N GLY B 58 123.05 -15.32 -20.79
CA GLY B 58 123.66 -14.78 -21.99
C GLY B 58 124.14 -13.35 -21.86
N PHE B 59 123.72 -12.64 -20.81
CA PHE B 59 124.13 -11.26 -20.63
C PHE B 59 125.50 -11.15 -19.96
N GLU B 60 125.64 -11.75 -18.77
CA GLU B 60 126.90 -11.60 -18.03
C GLU B 60 128.03 -12.38 -18.68
N GLU B 61 127.72 -13.44 -19.41
CA GLU B 61 128.76 -14.11 -20.20
C GLU B 61 129.24 -13.23 -21.35
N GLY B 62 128.36 -12.41 -21.91
CA GLY B 62 128.79 -11.43 -22.87
C GLY B 62 129.53 -10.29 -22.20
N ALA B 63 129.20 -10.02 -20.93
CA ALA B 63 129.71 -8.86 -20.24
C ALA B 63 131.20 -8.94 -19.92
N ALA B 64 131.67 -10.07 -19.38
CA ALA B 64 133.09 -10.20 -19.11
C ALA B 64 133.91 -10.43 -20.36
N GLN B 65 133.28 -10.74 -21.48
CA GLN B 65 133.96 -10.88 -22.76
C GLN B 65 134.13 -9.55 -23.49
N MET B 66 134.00 -8.43 -22.79
CA MET B 66 134.18 -7.11 -23.37
C MET B 66 135.29 -6.37 -22.65
N SER B 67 135.82 -5.35 -23.32
CA SER B 67 136.77 -4.45 -22.71
C SER B 67 136.04 -3.19 -22.27
N LEU B 68 136.72 -2.38 -21.48
CA LEU B 68 136.13 -1.14 -21.00
C LEU B 68 136.00 -0.15 -22.15
N GLY B 69 134.80 0.38 -22.33
CA GLY B 69 134.53 1.30 -23.41
C GLY B 69 134.25 0.67 -24.74
N GLN B 70 134.33 -0.65 -24.84
CA GLN B 70 134.00 -1.35 -26.07
C GLN B 70 132.48 -1.30 -26.29
N ARG B 71 132.09 -1.38 -27.56
CA ARG B 71 130.68 -1.48 -27.92
C ARG B 71 130.50 -2.77 -28.69
N ALA B 72 129.61 -3.63 -28.21
CA ALA B 72 129.48 -4.97 -28.74
C ALA B 72 128.04 -5.28 -29.09
N LYS B 73 127.86 -6.14 -30.08
CA LYS B 73 126.56 -6.68 -30.41
C LYS B 73 126.54 -8.13 -29.96
N LEU B 74 125.59 -8.48 -29.11
CA LEU B 74 125.45 -9.82 -28.60
C LEU B 74 124.35 -10.55 -29.33
N THR B 75 124.31 -11.87 -29.13
CA THR B 75 123.26 -12.71 -29.70
C THR B 75 123.09 -13.86 -28.71
N CYS B 76 122.09 -13.76 -27.86
CA CYS B 76 121.85 -14.78 -26.85
C CYS B 76 120.84 -15.80 -27.40
N THR B 77 121.19 -17.08 -27.32
CA THR B 77 120.39 -18.14 -27.88
C THR B 77 119.14 -18.37 -27.03
N PRO B 78 118.13 -19.07 -27.56
CA PRO B 78 116.98 -19.47 -26.73
C PRO B 78 117.34 -20.27 -25.50
N ASP B 79 118.29 -21.19 -25.56
CA ASP B 79 118.56 -22.05 -24.42
C ASP B 79 119.27 -21.32 -23.29
N VAL B 80 119.88 -20.16 -23.57
CA VAL B 80 120.62 -19.45 -22.54
C VAL B 80 119.75 -18.46 -21.78
N ALA B 81 118.57 -18.13 -22.30
CA ALA B 81 117.71 -17.14 -21.66
C ALA B 81 116.28 -17.33 -22.11
N TYR B 82 115.36 -17.39 -21.14
CA TYR B 82 113.91 -17.37 -21.35
C TYR B 82 113.46 -18.51 -22.26
N GLY B 83 114.03 -19.69 -21.97
CA GLY B 83 114.02 -20.80 -22.88
C GLY B 83 112.68 -21.34 -23.32
N ALA B 84 111.96 -21.99 -22.41
CA ALA B 84 110.68 -22.58 -22.76
C ALA B 84 109.57 -21.55 -22.71
N THR B 85 109.34 -20.95 -21.56
CA THR B 85 108.19 -20.09 -21.36
C THR B 85 108.42 -18.65 -21.79
N GLY B 86 109.64 -18.13 -21.68
CA GLY B 86 109.86 -16.73 -21.93
C GLY B 86 109.31 -15.86 -20.82
N HIS B 87 109.55 -14.56 -20.97
CA HIS B 87 109.03 -13.59 -20.03
C HIS B 87 107.53 -13.49 -20.22
N PRO B 88 106.75 -13.30 -19.17
CA PRO B 88 105.32 -13.08 -19.36
C PRO B 88 105.08 -11.69 -19.91
N GLY B 89 104.27 -11.62 -20.96
CA GLY B 89 103.82 -10.36 -21.50
C GLY B 89 104.75 -9.71 -22.50
N VAL B 90 106.03 -10.02 -22.47
CA VAL B 90 107.00 -9.32 -23.27
C VAL B 90 107.59 -10.20 -24.36
N ILE B 91 108.33 -11.23 -23.97
CA ILE B 91 109.17 -11.99 -24.89
C ILE B 91 108.48 -13.32 -25.17
N PRO B 92 108.26 -13.69 -26.42
CA PRO B 92 107.51 -14.89 -26.73
C PRO B 92 108.34 -16.13 -26.45
N PRO B 93 107.71 -17.32 -26.42
CA PRO B 93 108.47 -18.54 -26.18
C PRO B 93 109.43 -18.87 -27.32
N ASN B 94 110.61 -19.34 -26.92
CA ASN B 94 111.71 -19.76 -27.82
C ASN B 94 112.12 -18.63 -28.75
N ALA B 95 112.57 -17.56 -28.13
CA ALA B 95 112.92 -16.34 -28.86
C ALA B 95 114.41 -16.07 -28.70
N THR B 96 115.07 -15.83 -29.82
CA THR B 96 116.46 -15.49 -29.83
C THR B 96 116.60 -13.99 -29.70
N LEU B 97 117.49 -13.54 -28.81
CA LEU B 97 117.55 -12.13 -28.42
C LEU B 97 118.79 -11.50 -29.04
N ILE B 98 118.72 -10.20 -29.30
CA ILE B 98 119.79 -9.44 -29.94
C ILE B 98 120.00 -8.17 -29.14
N PHE B 99 121.23 -7.93 -28.72
CA PHE B 99 121.52 -6.86 -27.77
C PHE B 99 122.53 -5.90 -28.36
N ASP B 100 122.57 -4.69 -27.81
CA ASP B 100 123.59 -3.70 -28.10
C ASP B 100 123.99 -3.08 -26.77
N VAL B 101 125.15 -3.45 -26.30
CA VAL B 101 125.61 -3.00 -24.99
C VAL B 101 126.81 -2.09 -25.14
N GLU B 102 127.22 -1.48 -24.03
CA GLU B 102 128.40 -0.63 -23.98
C GLU B 102 128.85 -0.54 -22.54
N LEU B 103 130.05 -1.02 -22.24
CA LEU B 103 130.61 -0.92 -20.89
C LEU B 103 131.02 0.52 -20.66
N LEU B 104 130.30 1.20 -19.77
CA LEU B 104 130.59 2.61 -19.52
C LEU B 104 131.86 2.78 -18.72
N ASN B 105 131.88 2.23 -17.50
CA ASN B 105 133.08 2.31 -16.68
C ASN B 105 133.04 1.20 -15.64
N LEU B 106 133.98 1.30 -14.70
CA LEU B 106 134.13 0.43 -13.53
C LEU B 106 134.34 -1.02 -14.00
N GLU B 107 135.51 -1.22 -14.62
CA GLU B 107 135.98 -2.51 -15.14
C GLU B 107 135.04 -3.17 -16.13
N MET C 1 -30.29 -40.52 80.16
CA MET C 1 -29.55 -39.57 80.97
C MET C 1 -29.63 -39.95 82.44
N ALA C 2 -28.49 -40.37 83.00
CA ALA C 2 -28.44 -40.85 84.37
C ALA C 2 -28.40 -39.73 85.40
N ASP C 3 -28.48 -38.48 84.97
CA ASP C 3 -28.44 -37.35 85.88
C ASP C 3 -29.77 -37.10 86.60
N GLN C 4 -30.85 -37.77 86.17
CA GLN C 4 -32.16 -37.51 86.76
C GLN C 4 -32.29 -38.06 88.17
N LEU C 5 -31.36 -38.88 88.62
CA LEU C 5 -31.29 -39.30 90.00
C LEU C 5 -30.36 -38.37 90.76
N THR C 6 -30.69 -38.13 92.03
CA THR C 6 -29.84 -37.29 92.86
C THR C 6 -28.71 -38.14 93.44
N GLU C 7 -27.84 -37.51 94.24
CA GLU C 7 -26.62 -38.17 94.68
C GLU C 7 -26.90 -39.26 95.70
N GLU C 8 -27.69 -38.95 96.73
CA GLU C 8 -27.88 -39.83 97.88
C GLU C 8 -28.54 -41.14 97.53
N GLN C 9 -29.33 -41.19 96.45
CA GLN C 9 -29.82 -42.46 95.96
C GLN C 9 -28.69 -43.34 95.45
N ILE C 10 -27.78 -42.76 94.65
CA ILE C 10 -26.61 -43.49 94.19
C ILE C 10 -25.73 -43.88 95.35
N ALA C 11 -25.64 -43.01 96.35
CA ALA C 11 -25.01 -43.36 97.61
C ALA C 11 -25.74 -44.51 98.28
N GLU C 12 -27.06 -44.47 98.31
CA GLU C 12 -27.83 -45.60 98.84
C GLU C 12 -27.76 -46.82 97.93
N PHE C 13 -27.69 -46.60 96.62
CA PHE C 13 -27.58 -47.73 95.69
C PHE C 13 -26.26 -48.45 95.83
N LYS C 14 -25.15 -47.69 95.83
CA LYS C 14 -23.83 -48.29 95.96
C LYS C 14 -23.66 -48.95 97.33
N GLU C 15 -24.24 -48.35 98.37
CA GLU C 15 -24.26 -48.99 99.69
C GLU C 15 -25.02 -50.31 99.63
N ALA C 16 -26.15 -50.31 98.93
CA ALA C 16 -26.88 -51.56 98.74
C ALA C 16 -26.12 -52.52 97.85
N PHE C 17 -25.47 -52.00 96.80
CA PHE C 17 -24.84 -52.89 95.84
C PHE C 17 -23.57 -53.51 96.39
N SER C 18 -22.77 -52.72 97.12
CA SER C 18 -21.58 -53.26 97.75
C SER C 18 -21.91 -54.21 98.88
N LEU C 19 -23.09 -54.08 99.48
CA LEU C 19 -23.48 -54.97 100.55
C LEU C 19 -23.72 -56.38 100.02
N PHE C 20 -24.23 -56.50 98.81
CA PHE C 20 -24.46 -57.80 98.20
C PHE C 20 -23.52 -58.06 97.04
N ASP C 21 -22.46 -57.27 96.91
CA ASP C 21 -21.42 -57.53 95.93
C ASP C 21 -20.76 -58.88 96.21
N LYS C 22 -20.52 -59.63 95.14
CA LYS C 22 -20.10 -61.02 95.28
C LYS C 22 -18.68 -61.12 95.84
N ASP C 23 -17.72 -60.55 95.13
CA ASP C 23 -16.33 -60.60 95.58
C ASP C 23 -15.71 -59.22 95.64
N GLY C 24 -16.53 -58.16 95.68
CA GLY C 24 -16.03 -56.81 95.52
C GLY C 24 -15.86 -56.39 94.08
N ASP C 25 -16.09 -57.30 93.13
CA ASP C 25 -15.97 -56.97 91.72
C ASP C 25 -17.06 -56.01 91.26
N GLY C 26 -18.22 -56.07 91.89
CA GLY C 26 -19.38 -55.40 91.35
C GLY C 26 -20.26 -56.30 90.52
N THR C 27 -20.05 -57.61 90.58
CA THR C 27 -20.94 -58.58 89.99
C THR C 27 -21.90 -59.10 91.05
N ILE C 28 -23.14 -59.33 90.63
CA ILE C 28 -24.15 -59.98 91.46
C ILE C 28 -24.87 -60.99 90.59
N THR C 29 -25.60 -61.88 91.26
CA THR C 29 -26.38 -62.88 90.56
C THR C 29 -27.71 -62.29 90.12
N THR C 30 -28.44 -63.02 89.29
CA THR C 30 -29.76 -62.59 88.86
C THR C 30 -30.76 -62.61 90.02
N LYS C 31 -30.60 -63.55 90.95
CA LYS C 31 -31.49 -63.60 92.11
C LYS C 31 -31.25 -62.43 93.04
N ALA C 32 -29.97 -62.10 93.27
CA ALA C 32 -29.60 -61.07 94.24
C ALA C 32 -30.10 -59.69 93.83
N LEU C 33 -30.29 -59.47 92.53
CA LEU C 33 -30.93 -58.25 92.04
C LEU C 33 -32.34 -58.10 92.58
N GLY C 34 -33.08 -59.20 92.67
CA GLY C 34 -34.40 -59.13 93.27
C GLY C 34 -34.34 -58.89 94.76
N THR C 35 -33.40 -59.54 95.45
CA THR C 35 -33.25 -59.37 96.88
C THR C 35 -32.78 -57.99 97.26
N VAL C 36 -31.91 -57.38 96.44
CA VAL C 36 -31.38 -56.08 96.82
C VAL C 36 -32.40 -54.97 96.61
N MET C 37 -33.33 -55.13 95.67
CA MET C 37 -34.40 -54.16 95.56
C MET C 37 -35.40 -54.32 96.69
N ARG C 38 -35.65 -55.55 97.11
CA ARG C 38 -36.45 -55.78 98.30
C ARG C 38 -35.67 -55.46 99.57
N SER C 39 -34.35 -55.40 99.50
CA SER C 39 -33.58 -54.76 100.56
C SER C 39 -33.73 -53.25 100.52
N LEU C 40 -34.14 -52.68 99.39
CA LEU C 40 -34.46 -51.26 99.30
C LEU C 40 -35.96 -51.01 99.34
N GLY C 41 -36.75 -52.00 99.76
CA GLY C 41 -38.17 -51.85 99.90
C GLY C 41 -38.96 -52.01 98.61
N GLN C 42 -38.29 -51.88 97.45
CA GLN C 42 -38.95 -52.05 96.17
C GLN C 42 -39.29 -53.53 95.96
N ASN C 43 -40.55 -53.83 95.68
CA ASN C 43 -40.98 -55.20 95.48
C ASN C 43 -41.62 -55.38 94.10
N PRO C 44 -40.82 -55.54 93.06
CA PRO C 44 -41.37 -55.92 91.76
C PRO C 44 -41.35 -57.43 91.58
N THR C 45 -42.35 -57.93 90.86
CA THR C 45 -42.38 -59.37 90.62
C THR C 45 -41.43 -59.73 89.50
N GLU C 46 -41.33 -61.04 89.23
CA GLU C 46 -40.41 -61.58 88.25
C GLU C 46 -40.69 -61.12 86.82
N ALA C 47 -41.89 -60.61 86.53
CA ALA C 47 -42.15 -59.96 85.26
C ALA C 47 -41.31 -58.70 85.10
N GLU C 48 -41.25 -57.85 86.13
CA GLU C 48 -40.39 -56.68 86.04
C GLU C 48 -38.92 -57.04 86.22
N LEU C 49 -38.64 -58.24 86.71
CA LEU C 49 -37.26 -58.70 86.79
C LEU C 49 -36.79 -59.26 85.46
N GLN C 50 -37.67 -59.97 84.75
CA GLN C 50 -37.24 -60.71 83.58
C GLN C 50 -36.89 -59.80 82.42
N ASP C 51 -37.70 -58.79 82.16
CA ASP C 51 -37.48 -57.89 81.03
C ASP C 51 -36.29 -56.97 81.23
N MET C 52 -35.79 -56.84 82.46
CA MET C 52 -34.71 -55.90 82.71
C MET C 52 -33.36 -56.50 82.37
N ILE C 53 -33.15 -57.78 82.64
CA ILE C 53 -31.86 -58.40 82.33
C ILE C 53 -31.70 -58.60 80.84
N ASN C 54 -32.76 -59.03 80.15
CA ASN C 54 -32.66 -59.19 78.71
C ASN C 54 -32.64 -57.86 77.98
N GLU C 55 -33.03 -56.78 78.66
CA GLU C 55 -32.82 -55.44 78.12
C GLU C 55 -31.34 -55.11 78.05
N VAL C 56 -30.55 -55.59 79.01
CA VAL C 56 -29.13 -55.33 79.04
C VAL C 56 -28.36 -56.63 78.82
N ASN C 61 -26.53 -63.31 80.81
CA ASN C 61 -25.30 -64.00 81.20
C ASN C 61 -25.25 -64.24 82.71
N GLY C 62 -26.21 -63.67 83.43
CA GLY C 62 -26.28 -63.80 84.88
C GLY C 62 -25.36 -62.87 85.65
N THR C 63 -24.53 -62.10 84.96
CA THR C 63 -23.54 -61.23 85.59
C THR C 63 -24.04 -59.80 85.47
N ILE C 64 -24.43 -59.21 86.59
CA ILE C 64 -24.91 -57.83 86.59
C ILE C 64 -23.81 -56.96 87.16
N ASP C 65 -23.31 -56.04 86.33
CA ASP C 65 -22.27 -55.11 86.69
C ASP C 65 -22.90 -53.78 87.14
N PHE C 66 -22.17 -53.02 87.95
CA PHE C 66 -22.74 -51.85 88.61
C PHE C 66 -23.20 -50.73 87.68
N PRO C 67 -22.53 -50.42 86.57
CA PRO C 67 -23.20 -49.54 85.59
C PRO C 67 -24.39 -50.18 84.92
N ALA C 68 -24.31 -51.48 84.63
CA ALA C 68 -25.46 -52.17 84.07
C ALA C 68 -26.60 -52.25 85.07
N PHE C 69 -26.27 -52.33 86.35
CA PHE C 69 -27.29 -52.24 87.38
C PHE C 69 -27.87 -50.84 87.47
N LEU C 70 -27.03 -49.81 87.31
CA LEU C 70 -27.49 -48.46 87.61
C LEU C 70 -28.36 -47.91 86.50
N THR C 71 -28.11 -48.29 85.26
CA THR C 71 -28.96 -47.84 84.15
C THR C 71 -30.37 -48.37 84.27
N MET C 72 -30.55 -49.56 84.83
CA MET C 72 -31.87 -50.04 85.14
C MET C 72 -32.49 -49.27 86.31
N MET C 73 -31.66 -48.78 87.23
CA MET C 73 -32.19 -48.00 88.34
C MET C 73 -32.63 -46.62 87.90
N ALA C 74 -32.08 -46.12 86.81
CA ALA C 74 -32.53 -44.83 86.30
C ALA C 74 -33.91 -44.93 85.69
N ARG C 75 -34.15 -45.98 84.91
CA ARG C 75 -35.41 -46.10 84.19
C ARG C 75 -36.58 -46.42 85.11
N LYS C 76 -36.33 -47.18 86.18
CA LYS C 76 -37.39 -47.50 87.14
C LYS C 76 -37.83 -46.28 87.94
N MET C 77 -36.98 -45.27 88.08
CA MET C 77 -37.38 -44.04 88.75
C MET C 77 -37.59 -42.88 87.81
N LYS C 78 -37.42 -43.08 86.51
CA LYS C 78 -37.71 -42.02 85.55
C LYS C 78 -39.20 -41.97 85.21
N ASP C 79 -39.84 -43.13 85.10
CA ASP C 79 -41.24 -43.17 84.68
C ASP C 79 -42.17 -42.73 85.80
N THR C 80 -41.83 -43.07 87.05
CA THR C 80 -42.69 -42.73 88.19
C THR C 80 -42.72 -41.23 88.45
N ASP C 81 -41.59 -40.56 88.32
CA ASP C 81 -41.56 -39.11 88.52
C ASP C 81 -42.11 -38.35 87.33
N SER C 82 -42.21 -39.00 86.17
CA SER C 82 -42.66 -38.33 84.96
C SER C 82 -44.16 -38.04 84.95
N GLU C 83 -44.94 -38.71 85.80
CA GLU C 83 -46.36 -38.48 85.87
C GLU C 83 -46.78 -37.69 87.10
N GLU C 84 -46.08 -37.86 88.22
CA GLU C 84 -46.37 -37.12 89.45
C GLU C 84 -45.78 -35.72 89.44
N GLU C 85 -45.03 -35.36 88.40
CA GLU C 85 -44.48 -34.02 88.31
C GLU C 85 -45.51 -32.99 87.87
N ILE C 86 -46.54 -33.43 87.14
CA ILE C 86 -47.41 -32.49 86.41
C ILE C 86 -48.60 -32.02 87.24
N ARG C 87 -49.00 -32.78 88.27
CA ARG C 87 -50.04 -32.28 89.16
C ARG C 87 -49.48 -31.23 90.10
N GLU C 88 -48.28 -31.47 90.64
CA GLU C 88 -47.60 -30.48 91.44
C GLU C 88 -47.12 -29.31 90.59
N ALA C 89 -46.98 -29.52 89.27
CA ALA C 89 -46.76 -28.40 88.35
C ALA C 89 -47.96 -27.50 88.24
N PHE C 90 -49.18 -28.04 88.37
CA PHE C 90 -50.37 -27.21 88.34
C PHE C 90 -50.65 -26.54 89.68
N ARG C 91 -50.02 -27.01 90.75
CA ARG C 91 -50.23 -26.50 92.11
C ARG C 91 -49.93 -25.01 92.23
N VAL C 92 -48.92 -24.51 91.51
CA VAL C 92 -48.54 -23.10 91.61
C VAL C 92 -49.51 -22.17 90.90
N PHE C 93 -50.34 -22.68 89.98
CA PHE C 93 -51.28 -21.82 89.28
C PHE C 93 -52.44 -21.40 90.17
N ASP C 94 -53.23 -22.37 90.62
CA ASP C 94 -54.41 -22.11 91.44
C ASP C 94 -53.98 -21.72 92.85
N LYS C 95 -54.69 -20.73 93.39
CA LYS C 95 -54.39 -20.22 94.72
C LYS C 95 -54.75 -21.21 95.81
N ASP C 96 -55.71 -22.10 95.54
CA ASP C 96 -56.12 -23.13 96.48
C ASP C 96 -55.26 -24.38 96.33
N GLY C 97 -55.05 -24.86 95.11
CA GLY C 97 -54.32 -26.08 94.86
C GLY C 97 -55.14 -27.23 94.36
N ASN C 98 -56.40 -27.00 93.98
CA ASN C 98 -57.27 -28.08 93.54
C ASN C 98 -57.23 -28.30 92.04
N GLY C 99 -57.16 -27.24 91.25
CA GLY C 99 -57.29 -27.36 89.81
C GLY C 99 -58.02 -26.17 89.23
N TYR C 100 -58.57 -25.32 90.08
CA TYR C 100 -59.34 -24.16 89.67
C TYR C 100 -58.43 -22.96 89.59
N ILE C 101 -57.74 -22.82 88.46
CA ILE C 101 -56.91 -21.67 88.17
C ILE C 101 -57.66 -20.80 87.17
N SER C 102 -57.90 -19.55 87.55
CA SER C 102 -58.61 -18.62 86.67
C SER C 102 -57.71 -18.22 85.52
N ALA C 103 -58.33 -18.09 84.33
CA ALA C 103 -57.59 -17.77 83.12
C ALA C 103 -57.03 -16.35 83.14
N ALA C 104 -57.60 -15.47 83.94
CA ALA C 104 -57.03 -14.14 84.13
C ALA C 104 -55.68 -14.20 84.83
N ALA C 105 -55.48 -15.15 85.74
CA ALA C 105 -54.23 -15.25 86.47
C ALA C 105 -53.16 -16.05 85.74
N LEU C 106 -53.30 -16.25 84.44
CA LEU C 106 -52.36 -17.07 83.69
C LEU C 106 -51.47 -16.27 82.74
N ARG C 107 -51.96 -15.18 82.18
CA ARG C 107 -51.21 -14.45 81.16
C ARG C 107 -50.19 -13.48 81.73
N HIS C 108 -49.89 -13.58 83.02
CA HIS C 108 -48.68 -12.99 83.57
C HIS C 108 -47.78 -14.00 84.25
N VAL C 109 -48.31 -15.17 84.62
CA VAL C 109 -47.47 -16.22 85.17
C VAL C 109 -46.78 -17.00 84.05
N MET C 110 -47.27 -16.91 82.82
CA MET C 110 -46.70 -17.68 81.73
C MET C 110 -45.72 -16.88 80.88
N THR C 111 -45.86 -15.57 80.82
CA THR C 111 -44.85 -14.75 80.18
C THR C 111 -43.71 -14.38 81.12
N ASN C 112 -43.74 -14.88 82.35
CA ASN C 112 -42.73 -14.58 83.37
C ASN C 112 -42.14 -15.84 83.97
N LEU C 113 -41.65 -16.77 83.16
CA LEU C 113 -41.09 -17.99 83.74
C LEU C 113 -39.67 -18.29 83.30
N GLY C 114 -39.27 -17.92 82.09
CA GLY C 114 -37.88 -18.05 81.70
C GLY C 114 -37.61 -18.91 80.49
N GLU C 115 -38.64 -19.36 79.78
CA GLU C 115 -38.46 -19.95 78.46
C GLU C 115 -38.58 -18.90 77.37
N LYS C 116 -38.66 -17.63 77.75
CA LYS C 116 -38.72 -16.47 76.83
C LYS C 116 -39.91 -16.54 75.89
N LEU C 117 -41.07 -16.93 76.43
CA LEU C 117 -42.28 -17.00 75.63
C LEU C 117 -42.92 -15.62 75.55
N THR C 118 -43.21 -15.17 74.33
CA THR C 118 -43.77 -13.84 74.16
C THR C 118 -45.29 -13.90 74.32
N ASP C 119 -45.95 -12.78 74.07
CA ASP C 119 -47.39 -12.68 74.23
C ASP C 119 -48.15 -13.49 73.19
N GLU C 120 -47.57 -13.70 72.00
CA GLU C 120 -48.26 -14.41 70.94
C GLU C 120 -48.39 -15.90 71.20
N GLU C 121 -47.36 -16.52 71.78
CA GLU C 121 -47.43 -17.96 71.99
C GLU C 121 -48.23 -18.31 73.24
N VAL C 122 -48.16 -17.47 74.28
CA VAL C 122 -49.00 -17.70 75.44
C VAL C 122 -50.45 -17.38 75.11
N ASP C 123 -50.70 -16.52 74.12
CA ASP C 123 -52.01 -16.49 73.48
C ASP C 123 -52.30 -17.79 72.76
N GLU C 124 -51.35 -18.24 71.92
CA GLU C 124 -51.49 -19.46 71.14
C GLU C 124 -51.61 -20.69 72.05
N MET C 125 -51.04 -20.62 73.25
CA MET C 125 -51.24 -21.65 74.26
C MET C 125 -52.69 -21.69 74.73
N ILE C 126 -53.37 -20.53 74.75
CA ILE C 126 -54.67 -20.44 75.41
C ILE C 126 -55.86 -20.73 74.49
N ARG C 127 -55.94 -20.09 73.33
CA ARG C 127 -57.11 -20.26 72.47
C ARG C 127 -57.11 -21.59 71.73
N GLU C 128 -56.02 -22.36 71.83
CA GLU C 128 -56.01 -23.75 71.40
C GLU C 128 -55.87 -24.71 72.57
N ALA C 129 -56.58 -24.45 73.66
CA ALA C 129 -56.55 -25.29 74.86
C ALA C 129 -57.14 -26.67 74.59
N GLY C 135 -63.34 -17.83 82.19
CA GLY C 135 -63.59 -18.98 83.03
C GLY C 135 -62.33 -19.70 83.44
N GLN C 136 -62.44 -20.53 84.48
CA GLN C 136 -61.28 -21.26 84.98
C GLN C 136 -61.25 -22.65 84.36
N VAL C 137 -60.08 -23.06 83.93
CA VAL C 137 -59.88 -24.39 83.34
C VAL C 137 -59.34 -25.30 84.44
N ASN C 138 -59.55 -26.59 84.28
CA ASN C 138 -59.17 -27.57 85.28
C ASN C 138 -57.68 -27.91 85.18
N TYR C 139 -57.29 -28.98 85.88
CA TYR C 139 -55.90 -29.43 85.78
C TYR C 139 -55.74 -30.53 84.74
N GLU C 140 -56.70 -31.46 84.63
CA GLU C 140 -56.50 -32.61 83.75
C GLU C 140 -56.62 -32.25 82.27
N ALA C 141 -57.40 -31.23 81.92
CA ALA C 141 -57.31 -30.67 80.59
C ALA C 141 -56.02 -29.91 80.38
N PHE C 142 -55.44 -29.38 81.46
CA PHE C 142 -54.20 -28.65 81.32
C PHE C 142 -52.99 -29.56 81.21
N VAL C 143 -53.02 -30.72 81.86
CA VAL C 143 -51.94 -31.69 81.61
C VAL C 143 -52.13 -32.36 80.27
N GLN C 144 -53.34 -32.31 79.71
CA GLN C 144 -53.54 -32.79 78.34
C GLN C 144 -53.05 -31.76 77.33
N MET C 145 -53.36 -30.49 77.54
CA MET C 145 -52.98 -29.44 76.60
C MET C 145 -51.52 -29.05 76.68
N MET C 146 -50.79 -29.49 77.71
CA MET C 146 -49.35 -29.24 77.78
C MET C 146 -48.53 -30.39 77.22
N THR C 147 -48.91 -31.63 77.55
CA THR C 147 -48.17 -32.78 77.02
C THR C 147 -48.43 -32.97 75.54
N ALA C 148 -49.67 -32.75 75.10
CA ALA C 148 -50.11 -32.84 73.70
C ALA C 148 -49.77 -34.16 73.03
N GLY D 1 20.87 -78.09 102.54
CA GLY D 1 22.05 -77.33 102.18
C GLY D 1 22.13 -76.01 102.93
N VAL D 2 22.04 -76.08 104.25
CA VAL D 2 22.10 -74.91 105.12
C VAL D 2 23.30 -75.10 106.05
N GLU D 3 24.44 -74.52 105.67
CA GLU D 3 25.67 -74.66 106.43
C GLU D 3 25.90 -73.38 107.21
N ILE D 4 25.87 -73.49 108.53
CA ILE D 4 26.14 -72.38 109.43
C ILE D 4 27.51 -72.56 110.06
N GLU D 5 28.42 -71.65 109.76
CA GLU D 5 29.72 -71.58 110.39
C GLU D 5 29.76 -70.31 111.23
N THR D 6 30.09 -70.46 112.51
CA THR D 6 29.98 -69.33 113.42
C THR D 6 31.12 -68.35 113.23
N ILE D 7 30.83 -67.09 113.51
CA ILE D 7 31.81 -66.00 113.44
C ILE D 7 32.05 -65.36 114.80
N SER D 8 31.00 -65.24 115.60
CA SER D 8 31.10 -64.82 116.98
C SER D 8 29.91 -65.37 117.75
N PRO D 9 30.14 -65.99 118.90
CA PRO D 9 29.04 -66.63 119.63
C PRO D 9 28.22 -65.60 120.40
N GLY D 10 26.93 -65.90 120.53
CA GLY D 10 25.98 -65.06 121.22
C GLY D 10 25.67 -65.61 122.60
N ASP D 11 24.39 -65.54 122.95
CA ASP D 11 23.95 -65.99 124.27
C ASP D 11 24.03 -67.50 124.40
N GLY D 12 23.82 -68.22 123.30
CA GLY D 12 23.85 -69.66 123.31
C GLY D 12 22.60 -70.35 123.82
N ARG D 13 21.67 -69.62 124.42
CA ARG D 13 20.47 -70.18 124.99
C ARG D 13 19.19 -69.59 124.42
N THR D 14 19.22 -68.36 123.95
CA THR D 14 18.04 -67.69 123.44
C THR D 14 17.90 -67.98 121.97
N PHE D 15 16.78 -68.60 121.58
CA PHE D 15 16.54 -68.96 120.19
C PHE D 15 15.22 -68.37 119.73
N PRO D 16 15.09 -68.04 118.45
CA PRO D 16 13.79 -67.55 117.97
C PRO D 16 12.79 -68.69 117.88
N LYS D 17 11.58 -68.41 118.36
CA LYS D 17 10.47 -69.35 118.27
C LYS D 17 9.51 -68.87 117.18
N LYS D 18 8.55 -69.73 116.84
CA LYS D 18 7.66 -69.41 115.72
C LYS D 18 6.66 -68.34 116.12
N GLY D 19 6.04 -67.73 115.11
CA GLY D 19 5.14 -66.63 115.33
C GLY D 19 5.80 -65.38 115.88
N GLN D 20 7.06 -65.16 115.58
CA GLN D 20 7.84 -64.10 116.20
C GLN D 20 8.64 -63.35 115.16
N THR D 21 9.01 -62.12 115.49
CA THR D 21 9.81 -61.31 114.60
C THR D 21 11.28 -61.42 114.96
N CYS D 22 12.13 -61.11 113.98
CA CYS D 22 13.56 -61.02 114.21
C CYS D 22 14.03 -59.68 113.66
N VAL D 23 15.25 -59.28 114.04
CA VAL D 23 15.91 -58.13 113.44
C VAL D 23 17.33 -58.55 113.09
N VAL D 24 17.62 -58.57 111.79
CA VAL D 24 18.88 -59.10 111.29
C VAL D 24 19.60 -57.98 110.55
N HIS D 25 20.85 -57.73 110.91
CA HIS D 25 21.66 -56.73 110.23
C HIS D 25 22.58 -57.41 109.22
N TYR D 26 21.95 -57.99 108.21
CA TYR D 26 22.61 -58.94 107.32
C TYR D 26 23.44 -58.27 106.26
N THR D 27 24.14 -59.10 105.48
CA THR D 27 24.76 -58.76 104.21
C THR D 27 25.03 -60.04 103.45
N GLY D 28 25.09 -59.96 102.13
CA GLY D 28 25.27 -61.13 101.30
C GLY D 28 26.31 -60.93 100.21
N MET D 29 26.71 -62.04 99.60
CA MET D 29 27.67 -62.05 98.51
C MET D 29 27.31 -63.15 97.53
N LEU D 30 28.15 -63.32 96.51
CA LEU D 30 28.12 -64.51 95.70
C LEU D 30 29.38 -65.31 95.95
N GLN D 31 29.47 -66.47 95.29
CA GLN D 31 30.67 -67.29 95.42
C GLN D 31 31.88 -66.67 94.75
N ASN D 32 31.66 -65.81 93.75
CA ASN D 32 32.78 -65.04 93.24
C ASN D 32 33.23 -63.97 94.23
N GLY D 33 32.36 -63.60 95.17
CA GLY D 33 32.70 -62.62 96.17
C GLY D 33 32.11 -61.25 95.94
N LYS D 34 31.38 -61.05 94.85
CA LYS D 34 30.83 -59.75 94.48
C LYS D 34 29.65 -59.43 95.38
N LYS D 35 29.72 -58.28 96.06
CA LYS D 35 28.77 -57.97 97.10
C LYS D 35 27.49 -57.40 96.51
N PHE D 36 26.47 -58.25 96.37
CA PHE D 36 25.22 -57.85 95.76
C PHE D 36 24.27 -57.17 96.73
N ASP D 37 24.54 -57.17 98.03
CA ASP D 37 23.58 -56.64 98.99
C ASP D 37 24.26 -56.31 100.30
N SER D 38 23.66 -55.39 101.04
CA SER D 38 23.98 -55.15 102.42
C SER D 38 22.77 -54.55 103.11
N SER D 39 22.90 -54.29 104.40
CA SER D 39 21.86 -53.62 105.16
C SER D 39 22.37 -52.37 105.86
N ARG D 40 23.61 -52.39 106.32
CA ARG D 40 24.19 -51.26 107.04
C ARG D 40 24.35 -50.03 106.17
N ASP D 41 24.54 -50.21 104.87
CA ASP D 41 24.54 -49.09 103.95
C ASP D 41 23.19 -48.41 103.90
N ARG D 42 22.11 -49.18 104.00
CA ARG D 42 20.82 -48.55 104.11
C ARG D 42 20.51 -48.10 105.53
N ASN D 43 21.40 -48.42 106.49
CA ASN D 43 21.30 -48.01 107.89
C ASN D 43 19.99 -48.47 108.52
N LYS D 44 19.52 -49.62 108.11
CA LYS D 44 18.25 -50.09 108.61
C LYS D 44 18.39 -51.52 109.09
N PRO D 45 18.10 -51.78 110.36
CA PRO D 45 18.03 -53.18 110.80
C PRO D 45 16.85 -53.88 110.14
N PHE D 46 17.17 -54.80 109.25
CA PHE D 46 16.14 -55.52 108.51
C PHE D 46 15.40 -56.45 109.44
N LYS D 47 14.07 -56.41 109.37
CA LYS D 47 13.22 -57.22 110.23
C LYS D 47 12.31 -58.10 109.39
N PHE D 48 11.86 -59.21 109.98
CA PHE D 48 10.96 -60.15 109.32
C PHE D 48 10.40 -61.09 110.38
N ARG D 49 9.26 -61.70 110.04
CA ARG D 49 8.66 -62.70 110.91
C ARG D 49 9.05 -64.08 110.43
N ILE D 50 9.38 -64.95 111.37
CA ILE D 50 9.82 -66.30 111.05
C ILE D 50 8.58 -67.13 110.72
N GLY D 51 8.78 -68.21 109.96
CA GLY D 51 7.75 -69.17 109.67
C GLY D 51 6.85 -68.81 108.51
N LYS D 52 6.54 -67.54 108.31
CA LYS D 52 5.58 -67.10 107.33
C LYS D 52 6.15 -67.01 105.92
N GLN D 53 7.40 -67.46 105.73
CA GLN D 53 8.05 -67.64 104.42
C GLN D 53 8.14 -66.33 103.64
N GLU D 54 8.44 -65.24 104.35
CA GLU D 54 8.71 -63.97 103.71
C GLU D 54 10.06 -64.01 103.01
N VAL D 55 11.07 -64.49 103.71
CA VAL D 55 12.40 -64.68 103.16
C VAL D 55 12.45 -66.01 102.42
N ILE D 56 13.55 -66.24 101.70
CA ILE D 56 13.79 -67.53 101.05
C ILE D 56 14.04 -68.62 102.10
N LYS D 57 13.99 -69.88 101.66
CA LYS D 57 14.02 -71.00 102.59
C LYS D 57 15.36 -71.16 103.26
N GLY D 58 16.45 -70.87 102.56
CA GLY D 58 17.77 -70.96 103.18
C GLY D 58 18.03 -69.89 104.22
N PHE D 59 17.23 -68.84 104.26
CA PHE D 59 17.45 -67.76 105.21
C PHE D 59 16.83 -68.08 106.57
N GLU D 60 15.52 -68.37 106.61
CA GLU D 60 14.86 -68.58 107.89
C GLU D 60 15.28 -69.90 108.53
N GLU D 61 15.69 -70.88 107.72
CA GLU D 61 16.27 -72.09 108.30
C GLU D 61 17.61 -71.82 108.94
N GLY D 62 18.37 -70.87 108.41
CA GLY D 62 19.57 -70.45 109.08
C GLY D 62 19.25 -69.60 110.30
N ALA D 63 18.10 -68.91 110.25
CA ALA D 63 17.76 -67.93 111.28
C ALA D 63 17.44 -68.57 112.64
N ALA D 64 16.62 -69.61 112.68
CA ALA D 64 16.32 -70.26 113.94
C ALA D 64 17.47 -71.12 114.44
N GLN D 65 18.46 -71.40 113.59
CA GLN D 65 19.66 -72.13 114.00
C GLN D 65 20.72 -71.23 114.60
N MET D 66 20.36 -70.02 115.02
CA MET D 66 21.28 -69.10 115.66
C MET D 66 20.81 -68.75 117.06
N SER D 67 21.74 -68.25 117.85
CA SER D 67 21.40 -67.72 119.16
C SER D 67 21.32 -66.20 119.07
N LEU D 68 20.80 -65.59 120.12
CA LEU D 68 20.68 -64.14 120.14
C LEU D 68 22.06 -63.51 120.28
N GLY D 69 22.37 -62.58 119.39
CA GLY D 69 23.67 -61.93 119.39
C GLY D 69 24.77 -62.70 118.71
N GLN D 70 24.49 -63.90 118.23
CA GLN D 70 25.48 -64.68 117.49
C GLN D 70 25.70 -64.04 116.12
N ARG D 71 26.89 -64.26 115.57
CA ARG D 71 27.20 -63.85 114.21
C ARG D 71 27.58 -65.09 113.43
N ALA D 72 26.88 -65.33 112.33
CA ALA D 72 27.01 -66.58 111.61
C ALA D 72 27.24 -66.31 110.14
N LYS D 73 27.96 -67.23 109.50
CA LYS D 73 28.12 -67.24 108.06
C LYS D 73 27.28 -68.38 107.51
N LEU D 74 26.37 -68.07 106.61
CA LEU D 74 25.50 -69.05 106.01
C LEU D 74 25.99 -69.40 104.62
N THR D 75 25.44 -70.48 104.07
CA THR D 75 25.74 -70.91 102.72
C THR D 75 24.47 -71.59 102.21
N CYS D 76 23.67 -70.86 101.45
CA CYS D 76 22.42 -71.41 100.94
C CYS D 76 22.67 -71.99 99.55
N THR D 77 22.22 -73.24 99.37
CA THR D 77 22.47 -73.96 98.13
C THR D 77 21.58 -73.41 97.01
N PRO D 78 21.89 -73.73 95.74
CA PRO D 78 20.97 -73.38 94.66
C PRO D 78 19.57 -73.92 94.79
N ASP D 79 19.38 -75.15 95.27
CA ASP D 79 18.04 -75.73 95.30
C ASP D 79 17.17 -75.11 96.39
N VAL D 80 17.76 -74.43 97.37
CA VAL D 80 16.97 -73.88 98.46
C VAL D 80 16.51 -72.46 98.18
N ALA D 81 17.09 -71.78 97.17
CA ALA D 81 16.75 -70.40 96.89
C ALA D 81 17.12 -70.08 95.45
N TYR D 82 16.17 -69.49 94.72
CA TYR D 82 16.37 -68.90 93.38
C TYR D 82 16.92 -69.94 92.40
N GLY D 83 16.32 -71.13 92.47
CA GLY D 83 16.89 -72.33 91.90
C GLY D 83 17.15 -72.34 90.41
N ALA D 84 16.09 -72.38 89.60
CA ALA D 84 16.25 -72.42 88.16
C ALA D 84 16.49 -71.04 87.59
N THR D 85 15.54 -70.14 87.77
CA THR D 85 15.58 -68.85 87.10
C THR D 85 16.40 -67.81 87.84
N GLY D 86 16.44 -67.86 89.17
CA GLY D 86 17.08 -66.78 89.90
C GLY D 86 16.25 -65.51 89.90
N HIS D 87 16.76 -64.52 90.63
CA HIS D 87 16.12 -63.22 90.67
C HIS D 87 16.32 -62.55 89.32
N PRO D 88 15.35 -61.78 88.83
CA PRO D 88 15.59 -61.03 87.60
C PRO D 88 16.51 -59.86 87.87
N GLY D 89 17.53 -59.71 87.05
CA GLY D 89 18.39 -58.56 87.08
C GLY D 89 19.54 -58.64 88.06
N VAL D 90 19.43 -59.45 89.10
CA VAL D 90 20.41 -59.45 90.17
C VAL D 90 21.21 -60.74 90.20
N ILE D 91 20.56 -61.85 90.51
CA ILE D 91 21.23 -63.10 90.85
C ILE D 91 21.13 -64.04 89.64
N PRO D 92 22.23 -64.57 89.14
CA PRO D 92 22.18 -65.38 87.93
C PRO D 92 21.58 -66.74 88.21
N PRO D 93 21.21 -67.49 87.17
CA PRO D 93 20.65 -68.83 87.39
C PRO D 93 21.65 -69.80 87.99
N ASN D 94 21.15 -70.62 88.91
CA ASN D 94 21.90 -71.67 89.61
C ASN D 94 23.11 -71.10 90.34
N ALA D 95 22.82 -70.19 91.25
CA ALA D 95 23.86 -69.46 91.97
C ALA D 95 23.80 -69.82 93.45
N THR D 96 24.94 -70.17 94.02
CA THR D 96 25.05 -70.47 95.41
C THR D 96 25.33 -69.18 96.16
N LEU D 97 24.62 -68.96 97.26
CA LEU D 97 24.64 -67.67 97.93
C LEU D 97 25.41 -67.79 99.24
N ILE D 98 26.03 -66.69 99.68
CA ILE D 98 26.86 -66.64 100.87
C ILE D 98 26.44 -65.43 101.66
N PHE D 99 26.11 -65.64 102.94
CA PHE D 99 25.50 -64.60 103.76
C PHE D 99 26.35 -64.34 104.98
N ASP D 100 26.15 -63.17 105.58
CA ASP D 100 26.71 -62.81 106.88
C ASP D 100 25.61 -62.10 107.65
N VAL D 101 25.05 -62.80 108.62
CA VAL D 101 23.92 -62.28 109.37
C VAL D 101 24.34 -62.03 110.80
N GLU D 102 23.44 -61.40 111.56
CA GLU D 102 23.63 -61.16 112.98
C GLU D 102 22.27 -60.90 113.60
N LEU D 103 21.86 -61.75 114.53
CA LEU D 103 20.60 -61.58 115.24
C LEU D 103 20.78 -60.44 116.22
N LEU D 104 20.10 -59.31 115.96
CA LEU D 104 20.27 -58.15 116.82
C LEU D 104 19.55 -58.35 118.14
N ASN D 105 18.23 -58.53 118.10
CA ASN D 105 17.47 -58.77 119.31
C ASN D 105 16.16 -59.46 118.96
N LEU D 106 15.29 -59.53 119.96
CA LEU D 106 13.93 -60.06 119.89
C LEU D 106 13.97 -61.53 119.44
N GLU D 107 14.53 -62.36 120.33
CA GLU D 107 14.67 -63.81 120.17
C GLU D 107 15.44 -64.23 118.93
N MET E 1 -88.45 -2.44 -33.97
CA MET E 1 -88.97 -1.73 -32.82
C MET E 1 -90.48 -1.66 -32.86
N ALA E 2 -91.13 -2.36 -31.93
CA ALA E 2 -92.59 -2.46 -31.91
C ALA E 2 -93.26 -1.25 -31.29
N ASP E 3 -92.50 -0.23 -30.91
CA ASP E 3 -93.06 0.97 -30.30
C ASP E 3 -93.69 1.92 -31.32
N GLN E 4 -93.47 1.69 -32.61
CA GLN E 4 -93.96 2.62 -33.62
C GLN E 4 -95.47 2.55 -33.79
N LEU E 5 -96.12 1.54 -33.22
CA LEU E 5 -97.58 1.50 -33.16
C LEU E 5 -98.04 2.10 -31.85
N THR E 6 -99.19 2.77 -31.89
CA THR E 6 -99.75 3.35 -30.68
C THR E 6 -100.53 2.28 -29.92
N GLU E 7 -101.12 2.65 -28.79
CA GLU E 7 -101.73 1.66 -27.90
C GLU E 7 -103.02 1.09 -28.46
N GLU E 8 -103.92 1.96 -28.92
CA GLU E 8 -105.26 1.56 -29.31
C GLU E 8 -105.30 0.59 -30.49
N GLN E 9 -104.29 0.62 -31.35
CA GLN E 9 -104.17 -0.40 -32.38
C GLN E 9 -103.91 -1.77 -31.77
N ILE E 10 -102.98 -1.85 -30.82
CA ILE E 10 -102.73 -3.10 -30.12
C ILE E 10 -103.95 -3.51 -29.32
N ALA E 11 -104.66 -2.54 -28.77
CA ALA E 11 -105.97 -2.81 -28.19
C ALA E 11 -106.94 -3.34 -29.23
N GLU E 12 -106.96 -2.73 -30.42
CA GLU E 12 -107.79 -3.25 -31.49
C GLU E 12 -107.25 -4.57 -32.04
N PHE E 13 -105.93 -4.74 -32.06
CA PHE E 13 -105.36 -5.99 -32.53
C PHE E 13 -105.68 -7.15 -31.60
N LYS E 14 -105.47 -6.96 -30.30
CA LYS E 14 -105.76 -8.01 -29.32
C LYS E 14 -107.24 -8.32 -29.27
N GLU E 15 -108.09 -7.29 -29.42
CA GLU E 15 -109.52 -7.52 -29.54
C GLU E 15 -109.84 -8.34 -30.78
N ALA E 16 -109.18 -8.05 -31.88
CA ALA E 16 -109.36 -8.86 -33.07
C ALA E 16 -108.75 -10.25 -32.89
N PHE E 17 -107.60 -10.33 -32.22
CA PHE E 17 -106.91 -11.62 -32.13
C PHE E 17 -107.62 -12.56 -31.16
N SER E 18 -108.09 -12.03 -30.03
CA SER E 18 -108.84 -12.86 -29.10
C SER E 18 -110.19 -13.25 -29.63
N LEU E 19 -110.73 -12.48 -30.57
CA LEU E 19 -112.02 -12.83 -31.17
C LEU E 19 -111.91 -14.09 -32.02
N PHE E 20 -110.77 -14.28 -32.68
CA PHE E 20 -110.55 -15.46 -33.49
C PHE E 20 -109.50 -16.37 -32.89
N ASP E 21 -109.15 -16.17 -31.62
CA ASP E 21 -108.27 -17.09 -30.91
C ASP E 21 -108.92 -18.46 -30.83
N LYS E 22 -108.09 -19.50 -31.06
CA LYS E 22 -108.61 -20.85 -31.22
C LYS E 22 -109.16 -21.39 -29.91
N ASP E 23 -108.31 -21.48 -28.89
CA ASP E 23 -108.76 -22.01 -27.60
C ASP E 23 -108.43 -21.05 -26.47
N GLY E 24 -108.18 -19.78 -26.77
CA GLY E 24 -107.65 -18.86 -25.80
C GLY E 24 -106.15 -18.93 -25.64
N ASP E 25 -105.48 -19.85 -26.34
CA ASP E 25 -104.04 -19.97 -26.27
C ASP E 25 -103.34 -18.77 -26.93
N GLY E 26 -103.97 -18.18 -27.92
CA GLY E 26 -103.27 -17.24 -28.77
C GLY E 26 -102.72 -17.86 -30.03
N THR E 27 -103.15 -19.07 -30.36
CA THR E 27 -102.86 -19.68 -31.64
C THR E 27 -104.02 -19.45 -32.59
N ILE E 28 -103.69 -19.24 -33.86
CA ILE E 28 -104.68 -19.17 -34.93
C ILE E 28 -104.13 -19.96 -36.11
N THR E 29 -105.02 -20.26 -37.05
CA THR E 29 -104.64 -20.97 -38.25
C THR E 29 -104.06 -19.98 -39.26
N THR E 30 -103.46 -20.53 -40.32
CA THR E 30 -102.95 -19.70 -41.40
C THR E 30 -104.06 -19.01 -42.17
N LYS E 31 -105.22 -19.65 -42.29
CA LYS E 31 -106.35 -19.04 -42.97
C LYS E 31 -106.93 -17.89 -42.15
N ALA E 32 -107.05 -18.09 -40.84
CA ALA E 32 -107.68 -17.10 -39.97
C ALA E 32 -106.92 -15.79 -39.90
N LEU E 33 -105.61 -15.85 -40.15
CA LEU E 33 -104.80 -14.64 -40.29
C LEU E 33 -105.28 -13.77 -41.44
N GLY E 34 -105.68 -14.39 -42.55
CA GLY E 34 -106.25 -13.62 -43.64
C GLY E 34 -107.61 -13.07 -43.31
N THR E 35 -108.45 -13.86 -42.64
CA THR E 35 -109.77 -13.42 -42.26
C THR E 35 -109.75 -12.31 -41.22
N VAL E 36 -108.79 -12.37 -40.29
CA VAL E 36 -108.79 -11.37 -39.23
C VAL E 36 -108.28 -10.03 -39.73
N MET E 37 -107.43 -10.00 -40.74
CA MET E 37 -107.07 -8.72 -41.34
C MET E 37 -108.20 -8.16 -42.16
N ARG E 38 -108.96 -9.02 -42.84
CA ARG E 38 -110.16 -8.57 -43.50
C ARG E 38 -111.29 -8.31 -42.52
N SER E 39 -111.19 -8.84 -41.30
CA SER E 39 -112.03 -8.35 -40.22
C SER E 39 -111.58 -6.98 -39.74
N LEU E 40 -110.33 -6.59 -40.03
CA LEU E 40 -109.85 -5.24 -39.74
C LEU E 40 -109.83 -4.38 -41.00
N GLY E 41 -110.51 -4.79 -42.06
CA GLY E 41 -110.61 -4.03 -43.27
C GLY E 41 -109.42 -4.16 -44.21
N GLN E 42 -108.28 -4.61 -43.69
CA GLN E 42 -107.09 -4.81 -44.52
C GLN E 42 -107.30 -6.00 -45.45
N ASN E 43 -107.13 -5.79 -46.74
CA ASN E 43 -107.31 -6.85 -47.72
C ASN E 43 -106.05 -7.08 -48.54
N PRO E 44 -105.09 -7.82 -48.01
CA PRO E 44 -103.96 -8.24 -48.83
C PRO E 44 -104.20 -9.61 -49.45
N THR E 45 -103.65 -9.79 -50.64
CA THR E 45 -103.83 -11.09 -51.28
C THR E 45 -102.84 -12.09 -50.70
N GLU E 46 -102.94 -13.33 -51.19
CA GLU E 46 -102.14 -14.45 -50.70
C GLU E 46 -100.64 -14.28 -50.94
N ALA E 47 -100.25 -13.40 -51.85
CA ALA E 47 -98.84 -13.04 -51.98
C ALA E 47 -98.32 -12.34 -50.73
N GLU E 48 -99.07 -11.37 -50.20
CA GLU E 48 -98.65 -10.73 -48.96
C GLU E 48 -98.93 -11.63 -47.76
N LEU E 49 -99.73 -12.67 -47.93
CA LEU E 49 -99.93 -13.64 -46.86
C LEU E 49 -98.80 -14.66 -46.83
N GLN E 50 -98.33 -15.08 -48.00
CA GLN E 50 -97.40 -16.20 -48.06
C GLN E 50 -96.02 -15.85 -47.51
N ASP E 51 -95.49 -14.68 -47.87
CA ASP E 51 -94.17 -14.27 -47.44
C ASP E 51 -94.09 -13.93 -45.96
N MET E 52 -95.24 -13.73 -45.30
CA MET E 52 -95.20 -13.31 -43.91
C MET E 52 -95.03 -14.48 -42.97
N ILE E 53 -95.66 -15.62 -43.28
CA ILE E 53 -95.53 -16.79 -42.40
C ILE E 53 -94.14 -17.40 -42.52
N ASN E 54 -93.60 -17.49 -43.75
CA ASN E 54 -92.26 -18.04 -43.90
C ASN E 54 -91.19 -17.07 -43.42
N GLU E 55 -91.55 -15.80 -43.25
CA GLU E 55 -90.67 -14.85 -42.58
C GLU E 55 -90.50 -15.21 -41.12
N VAL E 56 -91.55 -15.73 -40.49
CA VAL E 56 -91.49 -16.10 -39.08
C VAL E 56 -91.63 -17.61 -38.94
N ASN E 61 -95.40 -23.70 -39.77
CA ASN E 61 -95.95 -24.73 -38.89
C ASN E 61 -97.46 -24.59 -38.75
N GLY E 62 -98.01 -23.50 -39.29
CA GLY E 62 -99.43 -23.23 -39.23
C GLY E 62 -99.90 -22.62 -37.93
N THR E 63 -99.03 -22.47 -36.95
CA THR E 63 -99.39 -21.98 -35.62
C THR E 63 -98.88 -20.54 -35.50
N ILE E 64 -99.79 -19.59 -35.47
CA ILE E 64 -99.41 -18.19 -35.35
C ILE E 64 -99.70 -17.75 -33.93
N ASP E 65 -98.66 -17.38 -33.21
CA ASP E 65 -98.73 -16.91 -31.84
C ASP E 65 -98.79 -15.38 -31.83
N PHE E 66 -99.37 -14.83 -30.74
CA PHE E 66 -99.68 -13.39 -30.70
C PHE E 66 -98.47 -12.46 -30.79
N PRO E 67 -97.31 -12.76 -30.18
CA PRO E 67 -96.14 -11.95 -30.55
C PRO E 67 -95.68 -12.17 -31.97
N ALA E 68 -95.75 -13.40 -32.47
CA ALA E 68 -95.41 -13.65 -33.86
C ALA E 68 -96.41 -12.99 -34.79
N PHE E 69 -97.67 -12.89 -34.37
CA PHE E 69 -98.63 -12.11 -35.14
C PHE E 69 -98.33 -10.63 -35.07
N LEU E 70 -97.89 -10.13 -33.92
CA LEU E 70 -97.80 -8.69 -33.74
C LEU E 70 -96.59 -8.11 -34.44
N THR E 71 -95.50 -8.86 -34.53
CA THR E 71 -94.32 -8.38 -35.25
C THR E 71 -94.58 -8.21 -36.73
N MET E 72 -95.46 -9.04 -37.30
CA MET E 72 -95.90 -8.80 -38.67
C MET E 72 -96.81 -7.59 -38.75
N MET E 73 -97.55 -7.29 -37.69
CA MET E 73 -98.41 -6.11 -37.72
C MET E 73 -97.60 -4.82 -37.61
N ALA E 74 -96.41 -4.89 -37.05
CA ALA E 74 -95.57 -3.71 -36.99
C ALA E 74 -95.02 -3.36 -38.36
N ARG E 75 -94.55 -4.36 -39.09
CA ARG E 75 -93.91 -4.11 -40.38
C ARG E 75 -94.90 -3.67 -41.45
N LYS E 76 -96.14 -4.17 -41.41
CA LYS E 76 -97.14 -3.75 -42.37
C LYS E 76 -97.58 -2.31 -42.17
N MET E 77 -97.42 -1.75 -40.98
CA MET E 77 -97.74 -0.35 -40.76
C MET E 77 -96.50 0.52 -40.58
N LYS E 78 -95.31 -0.06 -40.67
CA LYS E 78 -94.09 0.75 -40.63
C LYS E 78 -93.76 1.35 -41.99
N ASP E 79 -93.99 0.59 -43.07
CA ASP E 79 -93.60 1.04 -44.39
C ASP E 79 -94.57 2.09 -44.92
N THR E 80 -95.85 1.97 -44.60
CA THR E 80 -96.86 2.90 -45.09
C THR E 80 -96.70 4.30 -44.49
N ASP E 81 -96.37 4.36 -43.19
CA ASP E 81 -96.17 5.66 -42.56
C ASP E 81 -94.81 6.26 -42.89
N SER E 82 -93.87 5.45 -43.40
CA SER E 82 -92.53 5.93 -43.68
C SER E 82 -92.46 6.82 -44.92
N GLU E 83 -93.47 6.77 -45.79
CA GLU E 83 -93.47 7.60 -46.98
C GLU E 83 -94.44 8.77 -46.88
N GLU E 84 -95.56 8.60 -46.17
CA GLU E 84 -96.54 9.66 -45.98
C GLU E 84 -96.14 10.64 -44.88
N GLU E 85 -95.03 10.37 -44.18
CA GLU E 85 -94.57 11.29 -43.15
C GLU E 85 -93.87 12.50 -43.73
N ILE E 86 -93.29 12.39 -44.93
CA ILE E 86 -92.34 13.39 -45.42
C ILE E 86 -93.01 14.50 -46.21
N ARG E 87 -94.21 14.27 -46.75
CA ARG E 87 -94.93 15.38 -47.37
C ARG E 87 -95.55 16.28 -46.32
N GLU E 88 -96.12 15.69 -45.27
CA GLU E 88 -96.62 16.47 -44.14
C GLU E 88 -95.46 17.07 -43.35
N ALA E 89 -94.26 16.50 -43.47
CA ALA E 89 -93.07 17.15 -42.92
C ALA E 89 -92.71 18.42 -43.66
N PHE E 90 -92.99 18.50 -44.96
CA PHE E 90 -92.74 19.72 -45.71
C PHE E 90 -93.84 20.76 -45.53
N ARG E 91 -95.00 20.35 -45.02
CA ARG E 91 -96.17 21.22 -44.83
C ARG E 91 -95.87 22.42 -43.94
N VAL E 92 -95.03 22.24 -42.92
CA VAL E 92 -94.73 23.33 -41.97
C VAL E 92 -93.79 24.38 -42.56
N PHE E 93 -93.06 24.06 -43.64
CA PHE E 93 -92.15 25.03 -44.23
C PHE E 93 -92.90 26.12 -45.00
N ASP E 94 -93.61 25.72 -46.05
CA ASP E 94 -94.33 26.65 -46.90
C ASP E 94 -95.57 27.16 -46.18
N LYS E 95 -95.82 28.46 -46.36
CA LYS E 95 -96.95 29.10 -45.70
C LYS E 95 -98.27 28.66 -46.31
N ASP E 96 -98.26 28.24 -47.57
CA ASP E 96 -99.46 27.74 -48.24
C ASP E 96 -99.67 26.25 -47.99
N GLY E 97 -98.62 25.45 -48.16
CA GLY E 97 -98.71 24.01 -48.00
C GLY E 97 -98.56 23.23 -49.30
N ASN E 98 -98.13 23.87 -50.38
CA ASN E 98 -98.03 23.19 -51.67
C ASN E 98 -96.64 22.60 -51.91
N GLY E 99 -95.59 23.31 -51.51
CA GLY E 99 -94.24 22.90 -51.85
C GLY E 99 -93.34 24.10 -52.10
N TYR E 100 -93.95 25.29 -52.14
CA TYR E 100 -93.23 26.52 -52.43
C TYR E 100 -92.81 27.17 -51.12
N ILE E 101 -91.69 26.70 -50.58
CA ILE E 101 -91.08 27.28 -49.39
C ILE E 101 -89.88 28.11 -49.84
N SER E 102 -89.90 29.39 -49.51
CA SER E 102 -88.81 30.28 -49.88
C SER E 102 -87.58 29.96 -49.05
N ALA E 103 -86.41 30.05 -49.70
CA ALA E 103 -85.14 29.71 -49.05
C ALA E 103 -84.77 30.70 -47.97
N ALA E 104 -85.30 31.92 -48.03
CA ALA E 104 -85.11 32.87 -46.94
C ALA E 104 -85.79 32.43 -45.65
N ALA E 105 -86.92 31.73 -45.75
CA ALA E 105 -87.65 31.30 -44.57
C ALA E 105 -87.16 29.97 -44.02
N LEU E 106 -85.96 29.53 -44.38
CA LEU E 106 -85.47 28.23 -43.96
C LEU E 106 -84.33 28.31 -42.95
N ARG E 107 -83.49 29.34 -43.02
CA ARG E 107 -82.30 29.39 -42.17
C ARG E 107 -82.58 29.94 -40.79
N HIS E 108 -83.84 30.05 -40.39
CA HIS E 108 -84.20 30.19 -38.98
C HIS E 108 -85.13 29.09 -38.50
N VAL E 109 -85.80 28.39 -39.40
CA VAL E 109 -86.62 27.26 -39.00
C VAL E 109 -85.76 26.01 -38.84
N MET E 110 -84.56 25.99 -39.40
CA MET E 110 -83.72 24.81 -39.33
C MET E 110 -82.68 24.87 -38.23
N THR E 111 -82.25 26.06 -37.82
CA THR E 111 -81.40 26.19 -36.65
C THR E 111 -82.20 26.25 -35.36
N ASN E 112 -83.52 26.13 -35.43
CA ASN E 112 -84.40 26.22 -34.28
C ASN E 112 -85.33 25.02 -34.17
N LEU E 113 -84.81 23.80 -34.22
CA LEU E 113 -85.70 22.65 -34.14
C LEU E 113 -85.36 21.68 -33.02
N GLY E 114 -84.09 21.53 -32.66
CA GLY E 114 -83.74 20.73 -31.51
C GLY E 114 -82.81 19.56 -31.76
N GLU E 115 -82.26 19.43 -32.96
CA GLU E 115 -81.16 18.52 -33.20
C GLU E 115 -79.82 19.20 -33.03
N LYS E 116 -79.82 20.44 -32.52
CA LYS E 116 -78.63 21.25 -32.22
C LYS E 116 -77.75 21.45 -33.45
N LEU E 117 -78.38 21.74 -34.58
CA LEU E 117 -77.65 22.00 -35.81
C LEU E 117 -77.18 23.45 -35.84
N THR E 118 -75.90 23.67 -36.06
CA THR E 118 -75.37 25.03 -36.05
C THR E 118 -75.54 25.65 -37.43
N ASP E 119 -74.99 26.84 -37.60
CA ASP E 119 -75.13 27.58 -38.85
C ASP E 119 -74.36 26.94 -40.00
N GLU E 120 -73.28 26.21 -39.70
CA GLU E 120 -72.46 25.63 -40.74
C GLU E 120 -73.12 24.45 -41.44
N GLU E 121 -73.84 23.61 -40.69
CA GLU E 121 -74.45 22.45 -41.31
C GLU E 121 -75.75 22.79 -42.02
N VAL E 122 -76.51 23.75 -41.49
CA VAL E 122 -77.70 24.20 -42.20
C VAL E 122 -77.30 25.01 -43.42
N ASP E 123 -76.11 25.62 -43.42
CA ASP E 123 -75.50 26.05 -44.67
C ASP E 123 -75.17 24.86 -45.55
N GLU E 124 -74.48 23.86 -44.98
CA GLU E 124 -74.07 22.65 -45.70
C GLU E 124 -75.28 21.87 -46.20
N MET E 125 -76.42 21.98 -45.51
CA MET E 125 -77.67 21.42 -45.98
C MET E 125 -78.15 22.13 -47.25
N ILE E 126 -77.85 23.42 -47.40
CA ILE E 126 -78.47 24.21 -48.45
C ILE E 126 -77.67 24.26 -49.75
N ARG E 127 -76.38 24.56 -49.71
CA ARG E 127 -75.62 24.68 -50.95
C ARG E 127 -75.27 23.34 -51.58
N GLU E 128 -75.57 22.23 -50.90
CA GLU E 128 -75.55 20.91 -51.51
C GLU E 128 -76.93 20.31 -51.62
N ALA E 129 -77.92 21.11 -52.03
CA ALA E 129 -79.29 20.67 -52.19
C ALA E 129 -79.42 19.64 -53.32
N GLY E 135 -84.31 31.87 -54.39
CA GLY E 135 -85.44 31.18 -54.99
C GLY E 135 -86.03 30.13 -54.09
N GLN E 136 -87.25 29.70 -54.40
CA GLN E 136 -87.93 28.70 -53.58
C GLN E 136 -87.72 27.33 -54.20
N VAL E 137 -87.41 26.36 -53.36
CA VAL E 137 -87.22 24.98 -53.79
C VAL E 137 -88.52 24.24 -53.54
N ASN E 138 -88.73 23.15 -54.27
CA ASN E 138 -89.96 22.39 -54.19
C ASN E 138 -89.94 21.44 -53.00
N TYR E 139 -90.91 20.52 -52.99
CA TYR E 139 -90.94 19.51 -51.94
C TYR E 139 -90.24 18.22 -52.36
N GLU E 140 -90.39 17.79 -53.62
CA GLU E 140 -89.87 16.48 -54.03
C GLU E 140 -88.35 16.48 -54.16
N ALA E 141 -87.74 17.62 -54.51
CA ALA E 141 -86.30 17.73 -54.37
C ALA E 141 -85.88 17.79 -52.91
N PHE E 142 -86.77 18.27 -52.04
CA PHE E 142 -86.43 18.36 -50.63
C PHE E 142 -86.55 17.02 -49.92
N VAL E 143 -87.51 16.17 -50.33
CA VAL E 143 -87.53 14.83 -49.79
C VAL E 143 -86.43 13.97 -50.41
N GLN E 144 -85.88 14.41 -51.54
CA GLN E 144 -84.71 13.74 -52.09
C GLN E 144 -83.44 14.15 -51.35
N MET E 145 -83.29 15.45 -51.09
CA MET E 145 -82.10 15.96 -50.44
C MET E 145 -82.06 15.71 -48.94
N MET E 146 -83.16 15.26 -48.34
CA MET E 146 -83.16 14.89 -46.93
C MET E 146 -82.94 13.40 -46.71
N THR E 147 -83.60 12.56 -47.52
CA THR E 147 -83.40 11.12 -47.39
C THR E 147 -82.03 10.69 -47.88
N ALA E 148 -81.55 11.32 -48.97
CA ALA E 148 -80.24 11.07 -49.59
C ALA E 148 -79.96 9.60 -49.90
N GLY F 1 -120.07 -51.31 -0.20
CA GLY F 1 -119.51 -51.24 1.14
C GLY F 1 -119.85 -49.95 1.84
N VAL F 2 -121.15 -49.64 1.90
CA VAL F 2 -121.65 -48.44 2.55
C VAL F 2 -122.59 -48.88 3.66
N GLU F 3 -122.06 -48.96 4.88
CA GLU F 3 -122.82 -49.41 6.03
C GLU F 3 -123.22 -48.20 6.87
N ILE F 4 -124.52 -47.95 6.94
CA ILE F 4 -125.07 -46.87 7.75
C ILE F 4 -125.71 -47.46 9.00
N GLU F 5 -125.16 -47.13 10.16
CA GLU F 5 -125.75 -47.47 11.44
C GLU F 5 -126.20 -46.17 12.10
N THR F 6 -127.46 -46.11 12.50
CA THR F 6 -128.03 -44.86 12.97
C THR F 6 -127.57 -44.54 14.38
N ILE F 7 -127.49 -43.25 14.67
CA ILE F 7 -127.10 -42.73 15.98
C ILE F 7 -128.23 -41.95 16.62
N SER F 8 -128.97 -41.19 15.82
CA SER F 8 -130.19 -40.54 16.26
C SER F 8 -131.08 -40.31 15.05
N PRO F 9 -132.36 -40.67 15.15
CA PRO F 9 -133.24 -40.56 13.98
C PRO F 9 -133.70 -39.13 13.76
N GLY F 10 -133.92 -38.82 12.48
CA GLY F 10 -134.36 -37.51 12.06
C GLY F 10 -135.84 -37.51 11.73
N ASP F 11 -136.17 -36.81 10.64
CA ASP F 11 -137.56 -36.69 10.21
C ASP F 11 -138.10 -38.00 9.69
N GLY F 12 -137.25 -38.81 9.06
CA GLY F 12 -137.65 -40.08 8.51
C GLY F 12 -138.34 -40.02 7.16
N ARG F 13 -138.73 -38.84 6.70
CA ARG F 13 -139.43 -38.67 5.45
C ARG F 13 -138.74 -37.76 4.46
N THR F 14 -137.94 -36.82 4.92
CA THR F 14 -137.28 -35.86 4.06
C THR F 14 -135.93 -36.42 3.64
N PHE F 15 -135.74 -36.58 2.34
CA PHE F 15 -134.52 -37.14 1.80
C PHE F 15 -133.93 -36.18 0.78
N PRO F 16 -132.60 -36.16 0.64
CA PRO F 16 -132.00 -35.29 -0.40
C PRO F 16 -132.24 -35.87 -1.78
N LYS F 17 -132.62 -35.01 -2.70
CA LYS F 17 -132.81 -35.37 -4.09
C LYS F 17 -131.65 -34.83 -4.91
N LYS F 18 -131.55 -35.24 -6.17
CA LYS F 18 -130.41 -34.87 -6.98
C LYS F 18 -130.50 -33.41 -7.40
N GLY F 19 -129.36 -32.87 -7.84
CA GLY F 19 -129.27 -31.47 -8.18
C GLY F 19 -129.45 -30.53 -7.01
N GLN F 20 -129.08 -30.96 -5.81
CA GLN F 20 -129.39 -30.21 -4.60
C GLN F 20 -128.17 -30.14 -3.69
N THR F 21 -128.14 -29.15 -2.82
CA THR F 21 -127.06 -29.01 -1.88
C THR F 21 -127.42 -29.65 -0.55
N CYS F 22 -126.39 -29.97 0.23
CA CYS F 22 -126.57 -30.46 1.59
C CYS F 22 -125.67 -29.63 2.50
N VAL F 23 -125.91 -29.70 3.80
CA VAL F 23 -125.02 -29.13 4.79
C VAL F 23 -124.79 -30.18 5.87
N VAL F 24 -123.55 -30.66 5.96
CA VAL F 24 -123.20 -31.77 6.83
C VAL F 24 -122.18 -31.28 7.84
N HIS F 25 -122.45 -31.51 9.11
CA HIS F 25 -121.51 -31.16 10.17
C HIS F 25 -120.72 -32.39 10.60
N TYR F 26 -119.91 -32.88 9.67
CA TYR F 26 -119.34 -34.21 9.76
C TYR F 26 -118.11 -34.23 10.67
N THR F 27 -117.59 -35.46 10.86
CA THR F 27 -116.27 -35.73 11.41
C THR F 27 -115.90 -37.15 11.04
N GLY F 28 -114.61 -37.44 10.96
CA GLY F 28 -114.13 -38.75 10.54
C GLY F 28 -113.03 -39.28 11.42
N MET F 29 -112.74 -40.57 11.27
CA MET F 29 -111.69 -41.25 12.00
C MET F 29 -111.07 -42.31 11.10
N LEU F 30 -110.13 -43.06 11.66
CA LEU F 30 -109.67 -44.29 11.05
C LEU F 30 -110.14 -45.46 11.89
N GLN F 31 -109.82 -46.68 11.42
CA GLN F 31 -110.16 -47.87 12.20
C GLN F 31 -109.33 -48.00 13.46
N ASN F 32 -108.15 -47.41 13.48
CA ASN F 32 -107.43 -47.34 14.75
C ASN F 32 -108.08 -46.37 15.71
N GLY F 33 -108.88 -45.44 15.19
CA GLY F 33 -109.57 -44.48 16.02
C GLY F 33 -108.97 -43.10 16.02
N LYS F 34 -107.88 -42.88 15.30
CA LYS F 34 -107.16 -41.61 15.30
C LYS F 34 -107.94 -40.60 14.47
N LYS F 35 -108.27 -39.47 15.08
CA LYS F 35 -109.20 -38.52 14.47
C LYS F 35 -108.48 -37.63 13.48
N PHE F 36 -108.58 -37.97 12.19
CA PHE F 36 -107.91 -37.24 11.14
C PHE F 36 -108.65 -36.01 10.68
N ASP F 37 -109.90 -35.80 11.09
CA ASP F 37 -110.67 -34.69 10.56
C ASP F 37 -111.84 -34.37 11.46
N SER F 38 -112.29 -33.13 11.38
CA SER F 38 -113.56 -32.71 11.95
C SER F 38 -114.05 -31.51 11.18
N SER F 39 -115.22 -31.00 11.57
CA SER F 39 -115.77 -29.79 10.99
C SER F 39 -116.10 -28.76 12.04
N ARG F 40 -116.55 -29.17 13.21
CA ARG F 40 -116.91 -28.27 14.29
C ARG F 40 -115.73 -27.48 14.82
N ASP F 41 -114.53 -28.04 14.75
CA ASP F 41 -113.34 -27.30 15.11
C ASP F 41 -113.11 -26.15 14.16
N ARG F 42 -113.43 -26.33 12.89
CA ARG F 42 -113.36 -25.20 11.98
C ARG F 42 -114.60 -24.32 12.07
N ASN F 43 -115.61 -24.74 12.84
CA ASN F 43 -116.85 -23.99 13.10
C ASN F 43 -117.59 -23.67 11.81
N LYS F 44 -117.51 -24.59 10.87
CA LYS F 44 -118.13 -24.33 9.59
C LYS F 44 -118.98 -25.52 9.19
N PRO F 45 -120.28 -25.31 8.97
CA PRO F 45 -121.09 -26.38 8.41
C PRO F 45 -120.67 -26.65 6.97
N PHE F 46 -120.06 -27.82 6.77
CA PHE F 46 -119.56 -28.18 5.46
C PHE F 46 -120.72 -28.45 4.51
N LYS F 47 -120.65 -27.86 3.32
CA LYS F 47 -121.71 -28.00 2.34
C LYS F 47 -121.14 -28.58 1.05
N PHE F 48 -122.02 -29.20 0.26
CA PHE F 48 -121.66 -29.81 -1.02
C PHE F 48 -122.94 -30.12 -1.77
N ARG F 49 -122.80 -30.25 -3.09
CA ARG F 49 -123.90 -30.65 -3.94
C ARG F 49 -123.83 -32.14 -4.21
N ILE F 50 -124.98 -32.80 -4.15
CA ILE F 50 -125.05 -34.23 -4.34
C ILE F 50 -124.95 -34.52 -5.84
N GLY F 51 -124.53 -35.72 -6.19
CA GLY F 51 -124.52 -36.20 -7.55
C GLY F 51 -123.31 -35.80 -8.37
N LYS F 52 -122.78 -34.60 -8.14
CA LYS F 52 -121.70 -34.06 -8.97
C LYS F 52 -120.32 -34.58 -8.58
N GLN F 53 -120.26 -35.55 -7.66
CA GLN F 53 -119.04 -36.30 -7.31
C GLN F 53 -117.93 -35.40 -6.79
N GLU F 54 -118.32 -34.40 -5.99
CA GLU F 54 -117.34 -33.57 -5.30
C GLU F 54 -116.67 -34.35 -4.19
N VAL F 55 -117.48 -35.02 -3.38
CA VAL F 55 -116.99 -35.90 -2.31
C VAL F 55 -116.65 -37.26 -2.90
N ILE F 56 -116.02 -38.11 -2.10
CA ILE F 56 -115.76 -39.49 -2.49
C ILE F 56 -117.05 -40.28 -2.57
N LYS F 57 -116.99 -41.47 -3.18
CA LYS F 57 -118.19 -42.22 -3.50
C LYS F 57 -118.88 -42.77 -2.27
N GLY F 58 -118.10 -43.15 -1.25
CA GLY F 58 -118.71 -43.63 -0.02
C GLY F 58 -119.41 -42.56 0.79
N PHE F 59 -119.16 -41.29 0.49
CA PHE F 59 -119.79 -40.21 1.24
C PHE F 59 -121.18 -39.89 0.73
N GLU F 60 -121.30 -39.58 -0.56
CA GLU F 60 -122.60 -39.16 -1.10
C GLU F 60 -123.58 -40.33 -1.18
N GLU F 61 -123.08 -41.56 -1.31
CA GLU F 61 -123.96 -42.71 -1.20
C GLU F 61 -124.49 -42.88 0.20
N GLY F 62 -123.72 -42.51 1.21
CA GLY F 62 -124.25 -42.48 2.56
C GLY F 62 -125.17 -41.30 2.76
N ALA F 63 -124.95 -40.23 1.99
CA ALA F 63 -125.67 -38.98 2.21
C ALA F 63 -127.14 -39.06 1.84
N ALA F 64 -127.47 -39.61 0.67
CA ALA F 64 -128.87 -39.74 0.30
C ALA F 64 -129.58 -40.85 1.05
N GLN F 65 -128.84 -41.73 1.72
CA GLN F 65 -129.43 -42.76 2.56
C GLN F 65 -129.75 -42.28 3.96
N MET F 66 -129.82 -40.97 4.18
CA MET F 66 -130.17 -40.42 5.47
C MET F 66 -131.42 -39.55 5.36
N SER F 67 -132.04 -39.32 6.49
CA SER F 67 -133.15 -38.38 6.57
C SER F 67 -132.63 -37.06 7.10
N LEU F 68 -133.48 -36.04 7.01
CA LEU F 68 -133.10 -34.72 7.50
C LEU F 68 -133.05 -34.73 9.01
N GLY F 69 -131.93 -34.26 9.57
CA GLY F 69 -131.74 -34.25 11.00
C GLY F 69 -131.29 -35.56 11.60
N GLN F 70 -131.17 -36.61 10.80
CA GLN F 70 -130.67 -37.88 11.29
C GLN F 70 -129.18 -37.77 11.57
N ARG F 71 -128.70 -38.61 12.49
CA ARG F 71 -127.29 -38.71 12.78
C ARG F 71 -126.86 -40.14 12.52
N ALA F 72 -125.89 -40.33 11.65
CA ALA F 72 -125.54 -41.66 11.18
C ALA F 72 -124.05 -41.89 11.31
N LYS F 73 -123.69 -43.16 11.50
CA LYS F 73 -122.30 -43.59 11.47
C LYS F 73 -122.10 -44.37 10.18
N LEU F 74 -121.16 -43.92 9.38
CA LEU F 74 -120.87 -44.56 8.11
C LEU F 74 -119.61 -45.42 8.24
N THR F 75 -119.40 -46.25 7.24
CA THR F 75 -118.21 -47.10 7.16
C THR F 75 -117.93 -47.28 5.68
N CYS F 76 -116.99 -46.50 5.15
CA CYS F 76 -116.66 -46.56 3.73
C CYS F 76 -115.49 -47.52 3.54
N THR F 77 -115.66 -48.46 2.61
CA THR F 77 -114.68 -49.51 2.39
C THR F 77 -113.46 -48.92 1.66
N PRO F 78 -112.32 -49.66 1.67
CA PRO F 78 -111.18 -49.22 0.84
C PRO F 78 -111.48 -49.07 -0.64
N ASP F 79 -112.28 -49.94 -1.24
CA ASP F 79 -112.48 -49.85 -2.69
C ASP F 79 -113.35 -48.68 -3.09
N VAL F 80 -114.11 -48.10 -2.16
CA VAL F 80 -115.01 -47.01 -2.51
C VAL F 80 -114.33 -45.64 -2.37
N ALA F 81 -113.19 -45.56 -1.71
CA ALA F 81 -112.52 -44.28 -1.49
C ALA F 81 -111.05 -44.52 -1.19
N TYR F 82 -110.19 -43.78 -1.91
CA TYR F 82 -108.75 -43.69 -1.66
C TYR F 82 -108.09 -45.08 -1.71
N GLY F 83 -108.49 -45.83 -2.73
CA GLY F 83 -108.27 -47.26 -2.77
C GLY F 83 -106.84 -47.75 -2.72
N ALA F 84 -106.09 -47.54 -3.79
CA ALA F 84 -104.71 -48.00 -3.84
C ALA F 84 -103.77 -47.05 -3.13
N THR F 85 -103.70 -45.81 -3.61
CA THR F 85 -102.70 -44.88 -3.12
C THR F 85 -103.11 -44.13 -1.87
N GLY F 86 -104.40 -43.86 -1.68
CA GLY F 86 -104.80 -43.01 -0.58
C GLY F 86 -104.46 -41.55 -0.82
N HIS F 87 -104.89 -40.73 0.13
CA HIS F 87 -104.57 -39.31 0.09
C HIS F 87 -103.09 -39.15 0.38
N PRO F 88 -102.40 -38.20 -0.24
CA PRO F 88 -101.00 -37.96 0.13
C PRO F 88 -100.95 -37.25 1.47
N GLY F 89 -100.09 -37.76 2.34
CA GLY F 89 -99.80 -37.12 3.59
C GLY F 89 -100.76 -37.43 4.72
N VAL F 90 -101.98 -37.83 4.43
CA VAL F 90 -103.01 -37.98 5.45
C VAL F 90 -103.39 -39.44 5.65
N ILE F 91 -104.01 -40.05 4.65
CA ILE F 91 -104.66 -41.34 4.79
C ILE F 91 -103.78 -42.41 4.16
N PRO F 92 -103.43 -43.47 4.89
CA PRO F 92 -102.49 -44.45 4.36
C PRO F 92 -103.14 -45.31 3.30
N PRO F 93 -102.36 -46.07 2.52
CA PRO F 93 -102.94 -46.94 1.50
C PRO F 93 -103.77 -48.06 2.09
N ASN F 94 -104.90 -48.33 1.41
CA ASN F 94 -105.86 -49.39 1.76
C ASN F 94 -106.38 -49.23 3.17
N ALA F 95 -107.02 -48.08 3.38
CA ALA F 95 -107.50 -47.71 4.72
C ALA F 95 -109.03 -47.63 4.69
N THR F 96 -109.65 -48.28 5.66
CA THR F 96 -111.07 -48.24 5.81
C THR F 96 -111.43 -47.06 6.69
N LEU F 97 -112.43 -46.28 6.27
CA LEU F 97 -112.73 -45.00 6.89
C LEU F 97 -114.01 -45.11 7.70
N ILE F 98 -114.11 -44.31 8.76
CA ILE F 98 -115.24 -44.33 9.68
C ILE F 98 -115.68 -42.89 9.90
N PHE F 99 -116.95 -42.62 9.68
CA PHE F 99 -117.45 -41.25 9.64
C PHE F 99 -118.55 -41.07 10.67
N ASP F 100 -118.80 -39.82 11.03
CA ASP F 100 -119.95 -39.43 11.85
C ASP F 100 -120.50 -38.15 11.24
N VAL F 101 -121.63 -38.28 10.57
CA VAL F 101 -122.22 -37.17 9.85
C VAL F 101 -123.52 -36.76 10.51
N GLU F 102 -124.07 -35.64 10.05
CA GLU F 102 -125.37 -35.17 10.49
C GLU F 102 -125.90 -34.21 9.45
N LEU F 103 -127.04 -34.54 8.84
CA LEU F 103 -127.68 -33.67 7.86
C LEU F 103 -128.30 -32.51 8.61
N LEU F 104 -127.75 -31.32 8.43
CA LEU F 104 -128.25 -30.16 9.15
C LEU F 104 -129.57 -29.69 8.58
N ASN F 105 -129.60 -29.30 7.32
CA ASN F 105 -130.83 -28.88 6.67
C ASN F 105 -130.69 -29.01 5.16
N LEU F 106 -131.68 -28.45 4.47
CA LEU F 106 -131.77 -28.37 3.01
C LEU F 106 -131.74 -29.76 2.40
N GLU F 107 -132.82 -30.50 2.68
CA GLU F 107 -133.08 -31.86 2.20
C GLU F 107 -132.00 -32.87 2.57
N MET G 1 31.43 27.06 -85.22
CA MET G 1 30.51 28.20 -85.25
C MET G 1 30.56 28.88 -86.60
N ALA G 2 29.47 28.79 -87.37
CA ALA G 2 29.41 29.32 -88.73
C ALA G 2 29.16 30.81 -88.77
N ASP G 3 29.07 31.47 -87.62
CA ASP G 3 28.82 32.90 -87.56
C ASP G 3 30.05 33.75 -87.85
N GLN G 4 31.24 33.14 -87.91
CA GLN G 4 32.46 33.90 -88.11
C GLN G 4 32.59 34.43 -89.53
N LEU G 5 31.77 33.98 -90.46
CA LEU G 5 31.68 34.57 -91.78
C LEU G 5 30.59 35.63 -91.78
N THR G 6 30.80 36.68 -92.57
CA THR G 6 29.80 37.73 -92.69
C THR G 6 28.77 37.32 -93.74
N GLU G 7 27.78 38.17 -93.99
CA GLU G 7 26.65 37.80 -94.82
C GLU G 7 27.02 37.70 -96.29
N GLU G 8 27.70 38.72 -96.81
CA GLU G 8 27.95 38.86 -98.24
C GLU G 8 28.81 37.74 -98.82
N GLN G 9 29.66 37.12 -97.99
CA GLN G 9 30.37 35.93 -98.43
C GLN G 9 29.40 34.78 -98.67
N ILE G 10 28.47 34.55 -97.75
CA ILE G 10 27.45 33.52 -97.94
C ILE G 10 26.56 33.88 -99.12
N ALA G 11 26.30 35.17 -99.30
CA ALA G 11 25.66 35.63 -100.52
C ALA G 11 26.51 35.33 -101.74
N GLU G 12 27.82 35.57 -101.66
CA GLU G 12 28.71 35.21 -102.75
C GLU G 12 28.85 33.70 -102.87
N PHE G 13 28.84 32.98 -101.75
CA PHE G 13 28.95 31.53 -101.80
C PHE G 13 27.74 30.88 -102.45
N LYS G 14 26.54 31.28 -102.02
CA LYS G 14 25.31 30.74 -102.58
C LYS G 14 25.16 31.12 -104.04
N GLU G 15 25.59 32.33 -104.41
CA GLU G 15 25.63 32.71 -105.81
C GLU G 15 26.58 31.82 -106.60
N ALA G 16 27.74 31.53 -106.01
CA ALA G 16 28.65 30.59 -106.65
C ALA G 16 28.10 29.17 -106.65
N PHE G 17 27.43 28.78 -105.56
CA PHE G 17 27.00 27.39 -105.44
C PHE G 17 25.80 27.12 -106.34
N SER G 18 24.86 28.05 -106.42
CA SER G 18 23.73 27.88 -107.31
C SER G 18 24.12 27.98 -108.77
N LEU G 19 25.24 28.65 -109.06
CA LEU G 19 25.70 28.74 -110.44
C LEU G 19 26.17 27.40 -110.96
N PHE G 20 26.76 26.58 -110.08
CA PHE G 20 27.21 25.25 -110.46
C PHE G 20 26.39 24.17 -109.81
N ASP G 21 25.23 24.51 -109.26
CA ASP G 21 24.30 23.51 -108.75
C ASP G 21 23.83 22.61 -109.88
N LYS G 22 23.77 21.31 -109.59
CA LYS G 22 23.55 20.31 -110.63
C LYS G 22 22.14 20.39 -111.19
N ASP G 23 21.14 20.21 -110.32
CA ASP G 23 19.75 20.26 -110.79
C ASP G 23 18.93 21.24 -109.96
N GLY G 24 19.58 22.16 -109.25
CA GLY G 24 18.90 22.98 -108.27
C GLY G 24 18.73 22.32 -106.93
N ASP G 25 19.16 21.06 -106.78
CA ASP G 25 19.07 20.36 -105.51
C ASP G 25 20.02 20.94 -104.48
N GLY G 26 21.16 21.47 -104.93
CA GLY G 26 22.23 21.79 -104.02
C GLY G 26 23.27 20.70 -103.94
N THR G 27 23.25 19.75 -104.86
CA THR G 27 24.32 18.77 -105.00
C THR G 27 25.28 19.23 -106.08
N ILE G 28 26.57 18.95 -105.85
CA ILE G 28 27.61 19.17 -106.84
C ILE G 28 28.52 17.96 -106.81
N THR G 29 29.34 17.84 -107.86
CA THR G 29 30.29 16.76 -107.95
C THR G 29 31.54 17.12 -107.15
N THR G 30 32.42 16.13 -106.96
CA THR G 30 33.68 16.36 -106.29
C THR G 30 34.61 17.25 -107.12
N LYS G 31 34.54 17.16 -108.44
CA LYS G 31 35.35 18.00 -109.30
C LYS G 31 34.88 19.44 -109.25
N ALA G 32 33.57 19.66 -109.27
CA ALA G 32 32.99 21.00 -109.35
C ALA G 32 33.30 21.82 -108.10
N LEU G 33 33.54 21.16 -106.97
CA LEU G 33 34.01 21.84 -105.77
C LEU G 33 35.35 22.51 -106.00
N GLY G 34 36.25 21.86 -106.75
CA GLY G 34 37.50 22.50 -107.08
C GLY G 34 37.33 23.66 -108.05
N THR G 35 36.46 23.47 -109.04
CA THR G 35 36.21 24.53 -110.02
C THR G 35 35.52 25.73 -109.42
N VAL G 36 34.61 25.51 -108.46
CA VAL G 36 33.87 26.63 -107.91
C VAL G 36 34.73 27.48 -106.97
N MET G 37 35.72 26.89 -106.32
CA MET G 37 36.65 27.69 -105.54
C MET G 37 37.59 28.46 -106.43
N ARG G 38 37.99 27.86 -107.55
CA ARG G 38 38.75 28.60 -108.55
C ARG G 38 37.87 29.55 -109.34
N SER G 39 36.55 29.34 -109.32
CA SER G 39 35.64 30.40 -109.74
C SER G 39 35.57 31.52 -108.71
N LEU G 40 35.95 31.26 -107.47
CA LEU G 40 36.06 32.29 -106.45
C LEU G 40 37.50 32.73 -106.24
N GLY G 41 38.41 32.39 -107.15
CA GLY G 41 39.79 32.79 -107.08
C GLY G 41 40.66 31.96 -106.17
N GLN G 42 40.05 31.20 -105.25
CA GLN G 42 40.78 30.32 -104.35
C GLN G 42 41.34 29.14 -105.15
N ASN G 43 42.65 28.92 -105.07
CA ASN G 43 43.30 27.84 -105.79
C ASN G 43 44.03 26.90 -104.84
N PRO G 44 43.31 25.96 -104.20
CA PRO G 44 44.00 24.91 -103.45
C PRO G 44 44.21 23.68 -104.31
N THR G 45 45.31 22.98 -104.04
CA THR G 45 45.56 21.78 -104.79
C THR G 45 44.74 20.62 -104.24
N GLU G 46 44.86 19.47 -104.90
CA GLU G 46 44.09 18.29 -104.57
C GLU G 46 44.37 17.73 -103.18
N ALA G 47 45.50 18.09 -102.57
CA ALA G 47 45.72 17.79 -101.16
C ALA G 47 44.72 18.48 -100.26
N GLU G 48 44.48 19.77 -100.48
CA GLU G 48 43.47 20.46 -99.69
C GLU G 48 42.06 20.10 -100.14
N LEU G 49 41.93 19.50 -101.32
CA LEU G 49 40.62 19.00 -101.75
C LEU G 49 40.32 17.63 -101.15
N GLN G 50 41.33 16.78 -101.04
CA GLN G 50 41.09 15.39 -100.66
C GLN G 50 40.66 15.26 -99.21
N ASP G 51 41.34 15.95 -98.31
CA ASP G 51 41.05 15.86 -96.88
C ASP G 51 39.71 16.48 -96.50
N MET G 52 39.14 17.30 -97.36
CA MET G 52 37.92 18.01 -96.99
C MET G 52 36.68 17.15 -97.20
N ILE G 53 36.65 16.34 -98.26
CA ILE G 53 35.50 15.49 -98.52
C ILE G 53 35.46 14.34 -97.52
N ASN G 54 36.61 13.74 -97.22
CA ASN G 54 36.62 12.64 -96.25
C ASN G 54 36.43 13.15 -94.83
N GLU G 55 36.62 14.46 -94.62
CA GLU G 55 36.24 15.06 -93.35
C GLU G 55 34.74 15.05 -93.15
N VAL G 56 33.98 15.20 -94.24
CA VAL G 56 32.53 15.20 -94.17
C VAL G 56 31.97 13.99 -94.89
N ASN G 61 31.05 10.08 -100.89
CA ASN G 61 29.92 9.63 -101.70
C ASN G 61 29.81 10.43 -102.99
N GLY G 62 30.64 11.48 -103.10
CA GLY G 62 30.64 12.34 -104.27
C GLY G 62 29.56 13.39 -104.30
N THR G 63 28.66 13.40 -103.32
CA THR G 63 27.52 14.31 -103.28
C THR G 63 27.81 15.37 -102.22
N ILE G 64 28.05 16.59 -102.65
CA ILE G 64 28.31 17.69 -101.73
C ILE G 64 27.07 18.54 -101.64
N ASP G 65 26.49 18.59 -100.45
CA ASP G 65 25.29 19.37 -100.17
C ASP G 65 25.70 20.74 -99.60
N PHE G 66 24.82 21.73 -99.75
CA PHE G 66 25.18 23.12 -99.44
C PHE G 66 25.52 23.40 -97.98
N PRO G 67 24.87 22.81 -96.97
CA PRO G 67 25.45 22.92 -95.63
C PRO G 67 26.76 22.17 -95.49
N ALA G 68 26.89 21.01 -96.12
CA ALA G 68 28.16 20.30 -96.08
C ALA G 68 29.24 21.07 -96.83
N PHE G 69 28.86 21.79 -97.87
CA PHE G 69 29.79 22.69 -98.53
C PHE G 69 30.15 23.87 -97.64
N LEU G 70 29.18 24.40 -96.89
CA LEU G 70 29.42 25.66 -96.20
C LEU G 70 30.26 25.48 -94.95
N THR G 71 30.14 24.33 -94.29
CA THR G 71 30.97 24.08 -93.11
C THR G 71 32.44 23.96 -93.47
N MET G 72 32.76 23.49 -94.66
CA MET G 72 34.12 23.53 -95.14
C MET G 72 34.54 24.95 -95.47
N MET G 73 33.60 25.79 -95.90
CA MET G 73 33.94 27.18 -96.20
C MET G 73 34.21 27.98 -94.93
N ALA G 74 33.65 27.55 -93.80
CA ALA G 74 33.93 28.25 -92.55
C ALA G 74 35.35 27.98 -92.08
N ARG G 75 35.78 26.71 -92.16
CA ARG G 75 37.08 26.34 -91.64
C ARG G 75 38.22 26.88 -92.48
N LYS G 76 38.04 26.99 -93.80
CA LYS G 76 39.08 27.54 -94.66
C LYS G 76 39.29 29.03 -94.44
N MET G 77 38.29 29.73 -93.92
CA MET G 77 38.47 31.15 -93.62
C MET G 77 38.55 31.43 -92.13
N LYS G 78 38.49 30.39 -91.28
CA LYS G 78 38.68 30.59 -89.85
C LYS G 78 40.15 30.63 -89.49
N ASP G 79 40.97 29.79 -90.12
CA ASP G 79 42.38 29.70 -89.76
C ASP G 79 43.18 30.89 -90.27
N THR G 80 42.82 31.41 -91.45
CA THR G 80 43.55 32.53 -92.03
C THR G 80 43.35 33.82 -91.25
N ASP G 81 42.13 34.07 -90.75
CA ASP G 81 41.89 35.26 -89.98
C ASP G 81 42.38 35.13 -88.54
N SER G 82 42.64 33.90 -88.09
CA SER G 82 43.05 33.67 -86.71
C SER G 82 44.49 34.10 -86.44
N GLU G 83 45.31 34.28 -87.47
CA GLU G 83 46.68 34.71 -87.28
C GLU G 83 46.90 36.16 -87.68
N GLU G 84 46.18 36.66 -88.67
CA GLU G 84 46.28 38.05 -89.10
C GLU G 84 45.49 39.00 -88.21
N GLU G 85 44.76 38.48 -87.23
CA GLU G 85 44.02 39.33 -86.31
C GLU G 85 44.91 39.94 -85.24
N ILE G 86 46.04 39.30 -84.91
CA ILE G 86 46.79 39.65 -83.72
C ILE G 86 47.86 40.71 -83.96
N ARG G 87 48.31 40.88 -85.21
CA ARG G 87 49.21 42.00 -85.50
C ARG G 87 48.44 43.31 -85.55
N GLU G 88 47.27 43.30 -86.18
CA GLU G 88 46.39 44.46 -86.17
C GLU G 88 45.80 44.69 -84.79
N ALA G 89 45.77 43.66 -83.93
CA ALA G 89 45.43 43.85 -82.54
C ALA G 89 46.50 44.63 -81.78
N PHE G 90 47.77 44.48 -82.16
CA PHE G 90 48.83 45.26 -81.54
C PHE G 90 48.94 46.67 -82.09
N ARG G 91 48.31 46.94 -83.25
CA ARG G 91 48.37 48.23 -83.92
C ARG G 91 47.85 49.37 -83.04
N VAL G 92 46.82 49.11 -82.23
CA VAL G 92 46.24 50.16 -81.40
C VAL G 92 47.09 50.55 -80.20
N PHE G 93 48.04 49.68 -79.80
CA PHE G 93 48.89 50.00 -78.66
C PHE G 93 49.92 51.06 -78.99
N ASP G 94 50.81 50.77 -79.92
CA ASP G 94 51.88 51.66 -80.29
C ASP G 94 51.33 52.82 -81.12
N LYS G 95 51.85 54.00 -80.84
CA LYS G 95 51.40 55.21 -81.52
C LYS G 95 51.85 55.24 -82.98
N ASP G 96 52.94 54.56 -83.29
CA ASP G 96 53.44 54.47 -84.65
C ASP G 96 52.79 53.32 -85.43
N GLY G 97 52.73 52.13 -84.82
CA GLY G 97 52.19 50.96 -85.48
C GLY G 97 53.21 49.89 -85.81
N ASN G 98 54.44 50.00 -85.30
CA ASN G 98 55.49 49.04 -85.64
C ASN G 98 55.56 47.88 -84.66
N GLY G 99 55.38 48.14 -83.36
CA GLY G 99 55.60 47.14 -82.35
C GLY G 99 56.18 47.74 -81.09
N TYR G 100 56.55 49.02 -81.15
CA TYR G 100 57.17 49.71 -80.04
C TYR G 100 56.09 50.42 -79.23
N ILE G 101 55.45 49.67 -78.34
CA ILE G 101 54.48 50.22 -77.41
C ILE G 101 55.14 50.31 -76.04
N SER G 102 55.18 51.52 -75.50
CA SER G 102 55.78 51.74 -74.19
C SER G 102 54.91 51.14 -73.10
N ALA G 103 55.56 50.56 -72.10
CA ALA G 103 54.85 49.88 -71.01
C ALA G 103 54.10 50.86 -70.12
N ALA G 104 54.48 52.13 -70.12
CA ALA G 104 53.71 53.15 -69.43
C ALA G 104 52.35 53.38 -70.06
N ALA G 105 52.24 53.22 -71.38
CA ALA G 105 50.97 53.45 -72.08
C ALA G 105 50.08 52.23 -72.11
N LEU G 106 50.32 51.24 -71.24
CA LEU G 106 49.55 50.00 -71.27
C LEU G 106 48.61 49.85 -70.09
N ARG G 107 48.97 50.36 -68.91
CA ARG G 107 48.18 50.11 -67.71
C ARG G 107 47.00 51.05 -67.56
N HIS G 108 46.62 51.78 -68.61
CA HIS G 108 45.32 52.40 -68.71
C HIS G 108 44.55 51.96 -69.93
N VAL G 109 45.22 51.41 -70.95
CA VAL G 109 44.50 50.88 -72.10
C VAL G 109 44.01 49.47 -71.81
N MET G 110 44.56 48.80 -70.79
CA MET G 110 44.17 47.42 -70.51
C MET G 110 43.12 47.32 -69.41
N THR G 111 43.08 48.28 -68.49
CA THR G 111 41.99 48.31 -67.52
C THR G 111 40.77 49.03 -68.05
N ASN G 112 40.79 49.46 -69.31
CA ASN G 112 39.69 50.21 -69.93
C ASN G 112 39.26 49.58 -71.25
N LEU G 113 38.97 48.29 -71.27
CA LEU G 113 38.57 47.69 -72.54
C LEU G 113 37.22 46.97 -72.49
N GLY G 114 36.85 46.39 -71.36
CA GLY G 114 35.52 45.83 -71.22
C GLY G 114 35.44 44.36 -70.89
N GLU G 115 36.56 43.72 -70.60
CA GLU G 115 36.55 42.39 -70.00
C GLU G 115 36.58 42.46 -68.48
N LYS G 116 36.44 43.67 -67.92
CA LYS G 116 36.38 43.93 -66.48
C LYS G 116 37.62 43.44 -65.75
N LEU G 117 38.79 43.67 -66.34
CA LEU G 117 40.04 43.28 -65.73
C LEU G 117 40.47 44.34 -64.72
N THR G 118 40.76 43.92 -63.50
CA THR G 118 41.12 44.88 -62.47
C THR G 118 42.62 45.16 -62.54
N ASP G 119 43.13 45.92 -61.57
CA ASP G 119 44.53 46.31 -61.56
C ASP G 119 45.46 45.14 -61.25
N GLU G 120 44.97 44.12 -60.54
CA GLU G 120 45.82 43.00 -60.16
C GLU G 120 46.16 42.09 -61.33
N GLU G 121 45.20 41.85 -62.23
CA GLU G 121 45.48 40.94 -63.33
C GLU G 121 46.25 41.62 -64.45
N VAL G 122 45.99 42.91 -64.69
CA VAL G 122 46.79 43.62 -65.66
C VAL G 122 48.20 43.86 -65.13
N ASP G 123 48.37 43.88 -63.80
CA ASP G 123 49.68 43.69 -63.23
C ASP G 123 50.20 42.29 -63.52
N GLU G 124 49.38 41.26 -63.23
CA GLU G 124 49.74 39.87 -63.45
C GLU G 124 50.00 39.57 -64.92
N MET G 125 49.36 40.33 -65.81
CA MET G 125 49.66 40.26 -67.24
C MET G 125 51.07 40.76 -67.54
N ILE G 126 51.57 41.72 -66.76
CA ILE G 126 52.80 42.41 -67.13
C ILE G 126 54.06 41.79 -66.55
N ARG G 127 54.12 41.50 -65.24
CA ARG G 127 55.34 40.98 -64.66
C ARG G 127 55.58 39.51 -64.97
N GLU G 128 54.62 38.84 -65.61
CA GLU G 128 54.83 37.53 -66.20
C GLU G 128 54.76 37.57 -67.72
N ALA G 129 55.37 38.59 -68.34
CA ALA G 129 55.40 38.74 -69.78
C ALA G 129 56.20 37.63 -70.46
N GLY G 135 60.59 50.09 -70.02
CA GLY G 135 60.97 49.81 -71.40
C GLY G 135 59.80 49.37 -72.26
N GLN G 136 59.97 49.45 -73.58
CA GLN G 136 58.91 49.07 -74.50
C GLN G 136 59.12 47.63 -74.93
N VAL G 137 58.05 46.86 -74.95
CA VAL G 137 58.09 45.48 -75.39
C VAL G 137 57.63 45.45 -76.84
N ASN G 138 58.03 44.40 -77.57
CA ASN G 138 57.74 44.29 -78.98
C ASN G 138 56.33 43.75 -79.21
N TYR G 139 56.05 43.36 -80.46
CA TYR G 139 54.76 42.75 -80.75
C TYR G 139 54.82 41.23 -80.70
N GLU G 140 55.90 40.61 -81.17
CA GLU G 140 55.93 39.15 -81.28
C GLU G 140 56.09 38.47 -79.93
N ALA G 141 56.73 39.11 -78.95
CA ALA G 141 56.63 38.63 -77.59
C ALA G 141 55.25 38.87 -77.00
N PHE G 142 54.54 39.88 -77.50
CA PHE G 142 53.21 40.15 -76.99
C PHE G 142 52.16 39.23 -77.56
N VAL G 143 52.32 38.79 -78.81
CA VAL G 143 51.42 37.77 -79.32
C VAL G 143 51.78 36.40 -78.74
N GLN G 144 53.00 36.26 -78.21
CA GLN G 144 53.34 35.05 -77.49
C GLN G 144 52.77 35.06 -76.09
N MET G 145 52.87 36.18 -75.38
CA MET G 145 52.40 36.28 -74.02
C MET G 145 50.89 36.42 -73.90
N MET G 146 50.18 36.65 -75.01
CA MET G 146 48.71 36.68 -74.98
C MET G 146 48.10 35.34 -75.36
N THR G 147 48.64 34.68 -76.39
CA THR G 147 48.11 33.38 -76.79
C THR G 147 48.47 32.30 -75.78
N ALA G 148 49.69 32.37 -75.23
CA ALA G 148 50.23 31.45 -74.22
C ALA G 148 50.12 29.98 -74.61
N GLY H 1 -14.78 6.39 -129.57
CA GLY H 1 -16.04 6.54 -128.87
C GLY H 1 -16.36 7.99 -128.57
N VAL H 2 -16.33 8.82 -129.61
CA VAL H 2 -16.63 10.24 -129.50
C VAL H 2 -17.82 10.54 -130.38
N GLU H 3 -19.01 10.54 -129.78
CA GLU H 3 -20.25 10.76 -130.52
C GLU H 3 -20.71 12.19 -130.29
N ILE H 4 -20.73 12.98 -131.34
CA ILE H 4 -21.21 14.36 -131.30
C ILE H 4 -22.57 14.43 -131.98
N GLU H 5 -23.59 14.77 -131.19
CA GLU H 5 -24.92 15.04 -131.70
C GLU H 5 -25.21 16.52 -131.50
N THR H 6 -25.57 17.21 -132.58
CA THR H 6 -25.68 18.65 -132.52
C THR H 6 -26.95 19.09 -131.80
N ILE H 7 -26.86 20.26 -131.16
CA ILE H 7 -27.99 20.86 -130.44
C ILE H 7 -28.39 22.19 -131.07
N SER H 8 -27.41 22.97 -131.52
CA SER H 8 -27.66 24.16 -132.30
C SER H 8 -26.44 24.44 -133.18
N PRO H 9 -26.64 24.70 -134.47
CA PRO H 9 -25.50 24.87 -135.36
C PRO H 9 -24.89 26.25 -135.22
N GLY H 10 -23.58 26.31 -135.46
CA GLY H 10 -22.81 27.52 -135.37
C GLY H 10 -22.50 28.07 -136.74
N ASP H 11 -21.26 28.55 -136.90
CA ASP H 11 -20.83 29.14 -138.15
C ASP H 11 -20.69 28.09 -139.26
N GLY H 12 -20.31 26.87 -138.88
CA GLY H 12 -20.13 25.80 -139.83
C GLY H 12 -18.83 25.81 -140.60
N ARG H 13 -18.06 26.89 -140.52
CA ARG H 13 -16.81 27.02 -141.26
C ARG H 13 -15.60 27.27 -140.38
N THR H 14 -15.79 27.87 -139.21
CA THR H 14 -14.69 28.21 -138.33
C THR H 14 -14.43 27.05 -137.39
N PHE H 15 -13.23 26.51 -137.44
CA PHE H 15 -12.86 25.37 -136.63
C PHE H 15 -11.61 25.69 -135.82
N PRO H 16 -11.45 25.11 -134.64
CA PRO H 16 -10.22 25.36 -133.88
C PRO H 16 -9.05 24.60 -134.49
N LYS H 17 -7.93 25.29 -134.60
CA LYS H 17 -6.69 24.71 -135.10
C LYS H 17 -5.75 24.49 -133.91
N LYS H 18 -4.66 23.77 -134.16
CA LYS H 18 -3.76 23.41 -133.06
C LYS H 18 -2.95 24.62 -132.61
N GLY H 19 -2.38 24.48 -131.41
CA GLY H 19 -1.66 25.58 -130.81
C GLY H 19 -2.52 26.76 -130.44
N GLN H 20 -3.79 26.54 -130.13
CA GLN H 20 -4.75 27.62 -129.96
C GLN H 20 -5.59 27.38 -128.72
N THR H 21 -6.16 28.45 -128.18
CA THR H 21 -7.01 28.35 -127.02
C THR H 21 -8.47 28.28 -127.45
N CYS H 22 -9.31 27.74 -126.55
CA CYS H 22 -10.75 27.75 -126.74
C CYS H 22 -11.37 28.31 -125.48
N VAL H 23 -12.65 28.68 -125.57
CA VAL H 23 -13.44 29.04 -124.41
C VAL H 23 -14.77 28.29 -124.49
N VAL H 24 -14.98 27.38 -123.55
CA VAL H 24 -16.12 26.48 -123.59
C VAL H 24 -16.95 26.71 -122.33
N HIS H 25 -18.24 26.94 -122.51
CA HIS H 25 -19.15 27.11 -121.39
C HIS H 25 -19.90 25.81 -121.12
N TYR H 26 -19.14 24.81 -120.71
CA TYR H 26 -19.60 23.43 -120.71
C TYR H 26 -20.47 23.11 -119.50
N THR H 27 -20.98 21.88 -119.51
CA THR H 27 -21.58 21.21 -118.35
C THR H 27 -21.62 19.72 -118.64
N GLY H 28 -21.61 18.91 -117.60
CA GLY H 28 -21.57 17.47 -117.75
C GLY H 28 -22.56 16.75 -116.86
N MET H 29 -22.76 15.47 -117.15
CA MET H 29 -23.65 14.60 -116.39
C MET H 29 -23.08 13.20 -116.36
N LEU H 30 -23.82 12.29 -115.75
CA LEU H 30 -23.57 10.87 -115.91
C LEU H 30 -24.71 10.26 -116.71
N GLN H 31 -24.59 8.95 -116.97
CA GLN H 31 -25.67 8.25 -117.67
C GLN H 31 -26.91 8.10 -116.82
N ASN H 32 -26.77 8.12 -115.50
CA ASN H 32 -27.95 8.19 -114.68
C ASN H 32 -28.61 9.55 -114.74
N GLY H 33 -27.86 10.57 -115.16
CA GLY H 33 -28.40 11.90 -115.28
C GLY H 33 -28.01 12.85 -114.18
N LYS H 34 -27.25 12.39 -113.19
CA LYS H 34 -26.88 13.19 -112.04
C LYS H 34 -25.82 14.20 -112.43
N LYS H 35 -26.09 15.48 -112.18
CA LYS H 35 -25.25 16.53 -112.72
C LYS H 35 -24.05 16.76 -111.83
N PHE H 36 -22.91 16.19 -112.22
CA PHE H 36 -21.69 16.28 -111.43
C PHE H 36 -20.91 17.55 -111.65
N ASP H 37 -21.25 18.36 -112.66
CA ASP H 37 -20.44 19.52 -112.97
C ASP H 37 -21.24 20.53 -113.79
N SER H 38 -20.82 21.78 -113.70
CA SER H 38 -21.25 22.83 -114.61
C SER H 38 -20.18 23.89 -114.66
N SER H 39 -20.42 24.92 -115.46
CA SER H 39 -19.53 26.06 -115.54
C SER H 39 -20.25 27.37 -115.28
N ARG H 40 -21.50 27.49 -115.71
CA ARG H 40 -22.28 28.70 -115.53
C ARG H 40 -22.57 29.02 -114.09
N ASP H 41 -22.66 28.00 -113.23
CA ASP H 41 -22.78 28.22 -111.81
C ASP H 41 -21.54 28.89 -111.25
N ARG H 42 -20.37 28.55 -111.77
CA ARG H 42 -19.19 29.29 -111.37
C ARG H 42 -19.03 30.59 -112.12
N ASN H 43 -19.91 30.86 -113.11
CA ASN H 43 -19.95 32.09 -113.90
C ASN H 43 -18.62 32.36 -114.60
N LYS H 44 -17.97 31.31 -115.01
CA LYS H 44 -16.67 31.48 -115.63
C LYS H 44 -16.64 30.71 -116.93
N PRO H 45 -16.38 31.38 -118.04
CA PRO H 45 -16.13 30.65 -119.29
C PRO H 45 -14.82 29.88 -119.19
N PHE H 46 -14.95 28.56 -119.13
CA PHE H 46 -13.79 27.70 -118.99
C PHE H 46 -12.96 27.73 -120.27
N LYS H 47 -11.65 27.91 -120.11
CA LYS H 47 -10.75 28.00 -121.25
C LYS H 47 -9.67 26.95 -121.14
N PHE H 48 -9.09 26.57 -122.27
CA PHE H 48 -8.04 25.57 -122.36
C PHE H 48 -7.39 25.65 -123.73
N ARG H 49 -6.17 25.16 -123.82
CA ARG H 49 -5.47 25.07 -125.09
C ARG H 49 -5.63 23.67 -125.67
N ILE H 50 -5.88 23.60 -126.96
CA ILE H 50 -6.09 22.33 -127.63
C ILE H 50 -4.73 21.68 -127.85
N GLY H 51 -4.73 20.36 -128.00
CA GLY H 51 -3.55 19.61 -128.36
C GLY H 51 -2.64 19.24 -127.20
N LYS H 52 -2.52 20.10 -126.19
CA LYS H 52 -1.58 19.91 -125.11
C LYS H 52 -2.08 18.97 -124.03
N GLN H 53 -3.24 18.33 -124.25
CA GLN H 53 -3.77 17.24 -123.42
C GLN H 53 -4.02 17.70 -121.97
N GLU H 54 -4.51 18.93 -121.82
CA GLU H 54 -4.93 19.40 -120.51
C GLU H 54 -6.22 18.71 -120.08
N VAL H 55 -7.18 18.66 -120.99
CA VAL H 55 -8.44 17.96 -120.77
C VAL H 55 -8.25 16.49 -121.09
N ILE H 56 -9.26 15.68 -120.76
CA ILE H 56 -9.27 14.27 -121.14
C ILE H 56 -9.42 14.11 -122.64
N LYS H 57 -9.15 12.90 -123.14
CA LYS H 57 -9.07 12.67 -124.58
C LYS H 57 -10.41 12.80 -125.26
N GLY H 58 -11.49 12.39 -124.61
CA GLY H 58 -12.81 12.54 -125.20
C GLY H 58 -13.30 13.97 -125.30
N PHE H 59 -12.65 14.89 -124.58
CA PHE H 59 -13.08 16.28 -124.62
C PHE H 59 -12.51 17.03 -125.81
N GLU H 60 -11.17 17.04 -125.96
CA GLU H 60 -10.56 17.81 -127.02
C GLU H 60 -10.81 17.19 -128.39
N GLU H 61 -11.03 15.88 -128.45
CA GLU H 61 -11.45 15.28 -129.71
C GLU H 61 -12.85 15.71 -130.08
N GLY H 62 -13.71 15.95 -129.11
CA GLY H 62 -14.99 16.53 -129.41
C GLY H 62 -14.87 17.99 -129.76
N ALA H 63 -13.84 18.65 -129.20
CA ALA H 63 -13.70 20.09 -129.32
C ALA H 63 -13.37 20.56 -130.73
N ALA H 64 -12.41 19.94 -131.40
CA ALA H 64 -12.09 20.33 -132.76
C ALA H 64 -13.13 19.84 -133.76
N GLN H 65 -14.02 18.94 -133.37
CA GLN H 65 -15.11 18.49 -134.22
C GLN H 65 -16.33 19.40 -134.15
N MET H 66 -16.17 20.62 -133.65
CA MET H 66 -17.26 21.58 -133.57
C MET H 66 -16.93 22.83 -134.36
N SER H 67 -17.95 23.58 -134.69
CA SER H 67 -17.77 24.88 -135.31
C SER H 67 -17.91 25.95 -134.24
N LEU H 68 -17.54 27.17 -134.59
CA LEU H 68 -17.64 28.28 -133.66
C LEU H 68 -19.10 28.64 -133.43
N GLY H 69 -19.51 28.69 -132.16
CA GLY H 69 -20.87 28.99 -131.81
C GLY H 69 -21.81 27.80 -131.86
N GLN H 70 -21.33 26.64 -132.27
CA GLN H 70 -22.15 25.43 -132.28
C GLN H 70 -22.38 24.97 -130.85
N ARG H 71 -23.50 24.28 -130.65
CA ARG H 71 -23.80 23.65 -129.37
C ARG H 71 -23.94 22.15 -129.61
N ALA H 72 -23.15 21.37 -128.91
CA ALA H 72 -23.06 19.94 -129.20
C ALA H 72 -23.25 19.14 -127.91
N LYS H 73 -23.78 17.94 -128.09
CA LYS H 73 -23.86 16.96 -127.01
C LYS H 73 -22.83 15.88 -127.30
N LEU H 74 -21.92 15.65 -126.36
CA LEU H 74 -20.88 14.66 -126.51
C LEU H 74 -21.24 13.42 -125.72
N THR H 75 -20.50 12.35 -125.98
CA THR H 75 -20.66 11.09 -125.26
C THR H 75 -19.28 10.45 -125.26
N CYS H 76 -18.56 10.60 -124.17
CA CYS H 76 -17.21 10.04 -124.07
C CYS H 76 -17.29 8.67 -123.42
N THR H 77 -16.66 7.69 -124.07
CA THR H 77 -16.73 6.31 -123.63
C THR H 77 -15.87 6.11 -122.38
N PRO H 78 -16.05 5.00 -121.66
CA PRO H 78 -15.14 4.68 -120.55
C PRO H 78 -13.68 4.57 -120.93
N ASP H 79 -13.34 4.01 -122.09
CA ASP H 79 -11.94 3.81 -122.41
C ASP H 79 -11.23 5.10 -122.78
N VAL H 80 -11.97 6.16 -123.11
CA VAL H 80 -11.33 7.40 -123.52
C VAL H 80 -11.07 8.33 -122.34
N ALA H 81 -11.69 8.09 -121.19
CA ALA H 81 -11.54 8.97 -120.04
C ALA H 81 -11.87 8.21 -118.77
N TYR H 82 -10.98 8.31 -117.78
CA TYR H 82 -11.19 7.84 -116.40
C TYR H 82 -11.53 6.34 -116.38
N GLY H 83 -10.76 5.60 -117.17
CA GLY H 83 -11.11 4.25 -117.56
C GLY H 83 -11.28 3.23 -116.46
N ALA H 84 -10.19 2.83 -115.82
CA ALA H 84 -10.26 1.82 -114.77
C ALA H 84 -10.67 2.44 -113.45
N THR H 85 -9.87 3.36 -112.94
CA THR H 85 -10.07 3.87 -111.60
C THR H 85 -11.07 5.01 -111.51
N GLY H 86 -11.19 5.83 -112.54
CA GLY H 86 -12.01 7.02 -112.43
C GLY H 86 -11.38 8.08 -111.55
N HIS H 87 -12.07 9.22 -111.48
CA HIS H 87 -11.63 10.30 -110.62
C HIS H 87 -11.85 9.88 -109.18
N PRO H 88 -10.98 10.27 -108.25
CA PRO H 88 -11.26 9.98 -106.84
C PRO H 88 -12.36 10.90 -106.33
N GLY H 89 -13.34 10.32 -105.66
CA GLY H 89 -14.36 11.06 -104.98
C GLY H 89 -15.54 11.47 -105.84
N VAL H 90 -15.37 11.57 -107.14
CA VAL H 90 -16.39 12.13 -108.01
C VAL H 90 -17.00 11.07 -108.92
N ILE H 91 -16.21 10.56 -109.85
CA ILE H 91 -16.71 9.75 -110.95
C ILE H 91 -16.40 8.29 -110.66
N PRO H 92 -17.38 7.40 -110.69
CA PRO H 92 -17.14 6.01 -110.31
C PRO H 92 -16.36 5.28 -111.38
N PRO H 93 -15.83 4.09 -111.07
CA PRO H 93 -15.09 3.33 -112.08
C PRO H 93 -15.97 2.86 -113.23
N ASN H 94 -15.41 2.93 -114.43
CA ASN H 94 -16.04 2.50 -115.69
C ASN H 94 -17.35 3.22 -115.92
N ALA H 95 -17.24 4.53 -116.00
CA ALA H 95 -18.42 5.39 -116.13
C ALA H 95 -18.39 6.11 -117.47
N THR H 96 -19.50 6.04 -118.18
CA THR H 96 -19.64 6.73 -119.44
C THR H 96 -20.15 8.13 -119.17
N LEU H 97 -19.54 9.12 -119.81
CA LEU H 97 -19.79 10.52 -119.48
C LEU H 97 -20.61 11.17 -120.58
N ILE H 98 -21.40 12.18 -120.23
CA ILE H 98 -22.30 12.87 -121.14
C ILE H 98 -22.11 14.36 -120.92
N PHE H 99 -21.83 15.09 -121.99
CA PHE H 99 -21.43 16.48 -121.89
C PHE H 99 -22.36 17.35 -122.69
N ASP H 100 -22.37 18.63 -122.36
CA ASP H 100 -23.05 19.67 -123.13
C ASP H 100 -22.11 20.87 -123.20
N VAL H 101 -21.52 21.07 -124.34
CA VAL H 101 -20.52 22.11 -124.51
C VAL H 101 -21.04 23.18 -125.45
N GLU H 102 -20.29 24.27 -125.55
CA GLU H 102 -20.60 25.35 -126.48
C GLU H 102 -19.32 26.15 -126.70
N LEU H 103 -18.85 26.19 -127.94
CA LEU H 103 -17.67 26.98 -128.28
C LEU H 103 -18.07 28.44 -128.29
N LEU H 104 -17.55 29.20 -127.31
CA LEU H 104 -17.94 30.60 -127.21
C LEU H 104 -17.27 31.43 -128.29
N ASN H 105 -15.94 31.45 -128.30
CA ASN H 105 -15.22 32.19 -129.32
C ASN H 105 -13.80 31.64 -129.43
N LEU H 106 -12.99 32.38 -130.19
CA LEU H 106 -11.56 32.13 -130.42
C LEU H 106 -11.36 30.75 -131.04
N GLU H 107 -11.84 30.64 -132.28
CA GLU H 107 -11.75 29.44 -133.13
C GLU H 107 -12.39 28.20 -132.52
N GLN I 12 -19.15 -19.97 22.18
CA GLN I 12 -18.38 -21.11 22.67
C GLN I 12 -18.97 -21.61 23.98
N PHE I 13 -19.99 -20.92 24.47
CA PHE I 13 -20.66 -21.31 25.70
C PHE I 13 -22.15 -21.31 25.47
N LEU I 14 -22.85 -22.16 26.22
CA LEU I 14 -24.27 -22.34 26.00
C LEU I 14 -25.07 -21.21 26.65
N ARG I 15 -26.27 -21.01 26.16
CA ARG I 15 -27.13 -19.93 26.63
C ARG I 15 -28.58 -20.38 26.61
N THR I 16 -29.48 -19.42 26.72
CA THR I 16 -30.90 -19.67 26.64
C THR I 16 -31.37 -19.50 25.20
N ASP I 17 -32.46 -20.20 24.86
CA ASP I 17 -33.18 -20.07 23.60
C ASP I 17 -32.31 -20.41 22.39
N ASP I 18 -31.77 -21.62 22.41
CA ASP I 18 -30.96 -22.16 21.33
C ASP I 18 -30.98 -23.67 21.42
N GLU I 19 -31.39 -24.32 20.34
CA GLU I 19 -31.72 -25.74 20.36
C GLU I 19 -30.46 -26.60 20.51
N VAL I 20 -30.59 -27.68 21.27
CA VAL I 20 -29.52 -28.65 21.47
C VAL I 20 -30.08 -30.03 21.17
N VAL I 21 -29.18 -31.02 21.15
CA VAL I 21 -29.55 -32.41 20.89
C VAL I 21 -28.76 -33.30 21.84
N LEU I 22 -29.47 -34.05 22.67
CA LEU I 22 -28.80 -34.93 23.63
C LEU I 22 -28.29 -36.17 22.91
N GLN I 23 -27.00 -36.44 23.04
CA GLN I 23 -26.42 -37.64 22.45
C GLN I 23 -25.57 -38.34 23.49
N CYS I 24 -25.61 -39.66 23.45
CA CYS I 24 -24.91 -40.52 24.38
C CYS I 24 -23.76 -41.20 23.66
N SER I 25 -23.11 -42.15 24.35
CA SER I 25 -22.01 -42.90 23.77
C SER I 25 -21.96 -44.29 24.38
N ALA I 26 -22.11 -45.30 23.52
CA ALA I 26 -22.03 -46.70 23.97
C ALA I 26 -21.53 -47.59 22.85
N GLU I 31 -19.15 -51.95 20.20
CA GLU I 31 -18.22 -50.85 20.00
C GLU I 31 -18.83 -49.53 20.47
N GLN I 32 -18.05 -48.45 20.37
CA GLN I 32 -18.54 -47.13 20.74
C GLN I 32 -19.53 -46.64 19.69
N LEU I 33 -20.63 -46.05 20.14
CA LEU I 33 -21.75 -45.72 19.26
C LEU I 33 -22.52 -44.56 19.85
N LYS I 34 -22.77 -43.55 19.03
CA LYS I 34 -23.44 -42.33 19.48
C LYS I 34 -24.94 -42.42 19.22
N LEU I 35 -25.72 -42.39 20.30
CA LEU I 35 -27.17 -42.49 20.24
C LEU I 35 -27.76 -41.13 20.57
N CYS I 36 -28.44 -40.53 19.60
CA CYS I 36 -29.19 -39.31 19.88
C CYS I 36 -30.54 -39.66 20.49
N LEU I 37 -31.10 -38.74 21.26
CA LEU I 37 -32.32 -39.01 22.02
C LEU I 37 -33.45 -38.18 21.43
N ALA I 38 -34.45 -38.87 20.88
CA ALA I 38 -35.59 -38.21 20.23
C ALA I 38 -36.88 -38.87 20.71
N ALA I 39 -37.99 -38.21 20.43
CA ALA I 39 -39.31 -38.68 20.84
C ALA I 39 -40.37 -38.14 19.89
N GLU I 40 -41.41 -38.94 19.64
CA GLU I 40 -42.33 -38.62 18.56
C GLU I 40 -43.35 -37.57 18.98
N GLY I 41 -44.20 -37.88 19.94
CA GLY I 41 -45.29 -36.99 20.30
C GLY I 41 -46.47 -37.07 19.36
N PHE I 42 -47.65 -36.66 19.83
CA PHE I 42 -48.93 -36.86 19.16
C PHE I 42 -49.13 -38.33 18.80
N GLY I 43 -49.21 -39.17 19.83
CA GLY I 43 -49.05 -40.59 19.64
C GLY I 43 -47.61 -40.92 19.97
N ASN I 44 -47.39 -41.99 20.72
CA ASN I 44 -46.08 -42.40 21.21
C ASN I 44 -45.42 -41.28 22.03
N ARG I 45 -46.02 -41.02 23.19
CA ARG I 45 -45.51 -39.98 24.06
C ARG I 45 -44.20 -40.36 24.73
N LEU I 46 -43.84 -41.63 24.73
CA LEU I 46 -42.58 -42.04 25.33
C LEU I 46 -41.41 -41.71 24.41
N CYS I 47 -40.19 -41.82 24.92
CA CYS I 47 -39.02 -41.54 24.12
C CYS I 47 -38.24 -42.81 23.83
N PHE I 48 -37.59 -42.83 22.67
CA PHE I 48 -36.70 -43.92 22.31
C PHE I 48 -35.34 -43.34 22.00
N LEU I 49 -34.47 -44.18 21.46
CA LEU I 49 -33.15 -43.76 21.03
C LEU I 49 -33.07 -43.82 19.51
N GLU I 50 -32.05 -43.16 18.99
CA GLU I 50 -31.75 -43.23 17.56
C GLU I 50 -30.26 -43.06 17.35
N PRO I 51 -29.62 -43.96 16.62
CA PRO I 51 -28.17 -43.87 16.42
C PRO I 51 -27.84 -42.83 15.37
N THR I 52 -26.60 -42.33 15.42
CA THR I 52 -26.14 -41.35 14.46
C THR I 52 -24.71 -41.60 14.00
N SER I 53 -24.04 -42.63 14.53
CA SER I 53 -22.67 -42.93 14.14
C SER I 53 -22.58 -43.49 12.73
N ASN I 54 -23.68 -44.03 12.20
CA ASN I 54 -23.72 -44.58 10.85
C ASN I 54 -24.40 -43.64 9.89
N ALA I 55 -24.09 -42.35 9.98
CA ALA I 55 -24.68 -41.37 9.07
C ALA I 55 -24.22 -41.53 7.63
N GLN I 56 -23.13 -42.25 7.38
CA GLN I 56 -22.61 -42.41 6.03
C GLN I 56 -23.49 -43.30 5.16
N ASN I 57 -23.94 -44.43 5.68
CA ASN I 57 -24.80 -45.29 4.89
C ASN I 57 -26.29 -45.03 5.11
N VAL I 58 -26.67 -44.46 6.24
CA VAL I 58 -28.08 -44.13 6.46
C VAL I 58 -28.20 -42.85 7.28
N PRO I 59 -28.84 -41.82 6.74
CA PRO I 59 -29.06 -40.61 7.51
C PRO I 59 -30.13 -40.83 8.57
N PRO I 60 -29.81 -40.59 9.85
CA PRO I 60 -30.85 -40.67 10.89
C PRO I 60 -31.79 -39.47 10.83
N ASP I 61 -32.86 -39.51 11.60
CA ASP I 61 -33.89 -38.48 11.55
C ASP I 61 -33.70 -37.54 12.73
N LEU I 62 -33.42 -36.28 12.42
CA LEU I 62 -33.21 -35.24 13.43
C LEU I 62 -34.47 -34.42 13.69
N ALA I 63 -35.58 -34.73 13.01
CA ALA I 63 -36.80 -33.94 13.14
C ALA I 63 -37.39 -33.96 14.55
N ILE I 64 -37.24 -35.07 15.25
CA ILE I 64 -37.85 -35.21 16.57
C ILE I 64 -36.79 -35.15 17.66
N CYS I 65 -35.59 -34.68 17.36
CA CYS I 65 -34.49 -34.66 18.31
C CYS I 65 -34.15 -33.26 18.79
N CYS I 66 -34.69 -32.22 18.17
CA CYS I 66 -34.40 -30.84 18.55
C CYS I 66 -35.00 -30.54 19.92
N PHE I 67 -34.29 -29.77 20.72
CA PHE I 67 -34.72 -29.42 22.06
C PHE I 67 -34.22 -28.02 22.40
N THR I 68 -35.14 -27.09 22.56
CA THR I 68 -34.80 -25.74 22.94
C THR I 68 -34.82 -25.60 24.45
N LEU I 69 -33.90 -24.81 24.98
CA LEU I 69 -33.84 -24.49 26.40
C LEU I 69 -34.52 -23.16 26.57
N GLU I 70 -35.79 -23.15 26.94
CA GLU I 70 -36.50 -21.88 26.95
C GLU I 70 -36.37 -21.18 28.30
N GLN I 71 -36.04 -21.91 29.36
CA GLN I 71 -35.75 -21.28 30.64
C GLN I 71 -34.66 -22.05 31.35
N SER I 72 -34.02 -21.37 32.31
CA SER I 72 -32.97 -21.96 33.13
C SER I 72 -32.88 -21.15 34.41
N LEU I 73 -33.08 -21.80 35.55
CA LEU I 73 -33.10 -21.12 36.83
C LEU I 73 -32.11 -21.78 37.76
N SER I 74 -31.92 -21.17 38.93
CA SER I 74 -31.16 -21.78 40.02
C SER I 74 -32.09 -22.71 40.77
N VAL I 75 -31.54 -23.48 41.71
CA VAL I 75 -32.31 -24.52 42.38
C VAL I 75 -33.35 -23.92 43.30
N ARG I 76 -32.96 -22.93 44.09
CA ARG I 76 -33.94 -22.24 44.90
C ARG I 76 -34.78 -21.26 44.10
N ALA I 77 -34.38 -20.99 42.86
CA ALA I 77 -35.08 -19.98 42.08
C ALA I 77 -36.46 -20.44 41.64
N LEU I 78 -36.59 -21.69 41.19
CA LEU I 78 -37.90 -22.16 40.79
C LEU I 78 -38.79 -22.47 41.98
N GLN I 79 -38.20 -22.58 43.17
CA GLN I 79 -38.96 -22.87 44.37
C GLN I 79 -39.97 -21.77 44.67
N GLU I 80 -39.65 -20.55 44.28
CA GLU I 80 -40.64 -19.49 44.38
C GLU I 80 -41.33 -19.22 43.05
N MET I 81 -41.13 -20.07 42.06
CA MET I 81 -42.05 -20.06 40.93
C MET I 81 -43.24 -20.97 41.20
N LEU I 82 -43.01 -22.12 41.84
CA LEU I 82 -44.06 -23.09 42.05
C LEU I 82 -45.05 -22.65 43.10
N ALA I 83 -44.60 -22.00 44.18
CA ALA I 83 -45.55 -21.47 45.14
C ALA I 83 -46.25 -20.24 44.59
N ASN I 84 -45.64 -19.56 43.63
CA ASN I 84 -46.26 -18.41 43.01
C ASN I 84 -47.37 -18.85 42.06
N GLY I 97 -32.98 -11.46 28.44
CA GLY I 97 -33.72 -12.48 27.73
C GLY I 97 -32.89 -13.69 27.40
N HIS I 98 -31.58 -13.53 27.40
CA HIS I 98 -30.65 -14.62 27.10
C HIS I 98 -29.66 -14.75 28.25
N ARG I 99 -30.01 -15.56 29.23
CA ARG I 99 -29.18 -15.78 30.39
C ARG I 99 -28.36 -17.04 30.17
N THR I 100 -27.04 -16.93 30.25
CA THR I 100 -26.20 -18.11 30.15
C THR I 100 -26.32 -18.92 31.43
N LEU I 101 -25.89 -20.18 31.39
CA LEU I 101 -26.24 -21.13 32.43
C LEU I 101 -25.02 -21.86 32.97
N LEU I 102 -25.18 -22.36 34.19
CA LEU I 102 -24.09 -22.93 34.97
C LEU I 102 -24.41 -24.34 35.40
N TYR I 103 -23.39 -25.05 35.88
CA TYR I 103 -23.65 -26.30 36.58
C TYR I 103 -24.35 -26.01 37.88
N GLY I 104 -25.16 -26.96 38.31
CA GLY I 104 -26.00 -26.74 39.47
C GLY I 104 -27.16 -25.82 39.23
N HIS I 105 -27.49 -25.52 37.98
CA HIS I 105 -28.72 -24.83 37.68
C HIS I 105 -29.82 -25.82 37.38
N ALA I 106 -31.02 -25.30 37.17
CA ALA I 106 -32.14 -26.09 36.71
C ALA I 106 -32.44 -25.75 35.25
N ILE I 107 -33.18 -26.62 34.59
CA ILE I 107 -33.35 -26.50 33.14
C ILE I 107 -34.74 -26.99 32.76
N LEU I 108 -35.29 -26.40 31.71
CA LEU I 108 -36.63 -26.70 31.20
C LEU I 108 -36.54 -26.85 29.68
N LEU I 109 -36.58 -28.09 29.20
CA LEU I 109 -36.44 -28.33 27.77
C LEU I 109 -37.80 -28.29 27.09
N ARG I 110 -37.79 -27.91 25.81
CA ARG I 110 -38.99 -27.89 25.01
C ARG I 110 -38.75 -28.67 23.73
N HIS I 111 -39.68 -29.56 23.41
CA HIS I 111 -39.60 -30.29 22.16
C HIS I 111 -40.07 -29.40 21.01
N ALA I 112 -39.11 -29.00 20.19
CA ALA I 112 -39.28 -27.94 19.21
C ALA I 112 -40.30 -28.25 18.13
N HIS I 113 -40.48 -29.52 17.80
CA HIS I 113 -41.48 -29.87 16.81
C HIS I 113 -42.87 -29.90 17.43
N SER I 114 -43.00 -30.57 18.56
CA SER I 114 -44.30 -30.83 19.14
C SER I 114 -44.76 -29.73 20.09
N ARG I 115 -43.91 -28.72 20.33
CA ARG I 115 -44.21 -27.56 21.18
C ARG I 115 -44.63 -27.96 22.58
N MET I 116 -44.03 -29.00 23.13
CA MET I 116 -44.28 -29.39 24.50
C MET I 116 -42.95 -29.67 25.19
N TYR I 117 -43.04 -30.06 26.46
CA TYR I 117 -41.86 -30.12 27.33
C TYR I 117 -41.52 -31.56 27.68
N LEU I 118 -40.23 -31.82 27.80
CA LEU I 118 -39.72 -33.11 28.25
C LEU I 118 -40.00 -33.20 29.74
N SER I 119 -40.21 -34.41 30.23
CA SER I 119 -40.43 -34.63 31.64
C SER I 119 -40.07 -36.07 31.99
N CYS I 120 -40.21 -36.41 33.27
CA CYS I 120 -40.02 -37.77 33.76
C CYS I 120 -41.39 -38.26 34.22
N LEU I 121 -41.79 -39.44 33.76
CA LEU I 121 -43.18 -39.84 33.90
C LEU I 121 -43.38 -40.68 35.16
N THR I 122 -44.66 -40.98 35.41
CA THR I 122 -45.09 -41.65 36.63
C THR I 122 -44.94 -43.17 36.55
N THR I 123 -45.18 -43.76 35.40
CA THR I 123 -45.23 -45.21 35.25
C THR I 123 -43.82 -45.81 35.19
N SER I 124 -43.75 -47.05 34.76
CA SER I 124 -42.49 -47.76 34.60
C SER I 124 -42.57 -48.67 33.39
N ARG I 125 -41.73 -48.40 32.39
CA ARG I 125 -41.63 -49.26 31.21
C ARG I 125 -40.57 -50.34 31.38
N SER I 126 -40.17 -50.63 32.62
CA SER I 126 -39.17 -51.66 32.86
C SER I 126 -39.79 -53.03 33.10
N MET I 127 -40.81 -53.08 33.97
CA MET I 127 -41.55 -54.29 34.34
C MET I 127 -40.64 -55.38 34.90
N THR I 128 -39.61 -54.97 35.65
CA THR I 128 -38.69 -55.93 36.26
C THR I 128 -38.32 -55.53 37.68
N ASP I 129 -39.13 -54.67 38.34
CA ASP I 129 -38.89 -54.14 39.69
C ASP I 129 -37.55 -53.41 39.80
N LYS I 130 -37.09 -52.86 38.69
CA LYS I 130 -35.84 -52.12 38.66
C LYS I 130 -35.96 -50.73 39.25
N LEU I 131 -37.19 -50.25 39.45
CA LEU I 131 -37.52 -48.89 39.86
C LEU I 131 -36.88 -47.86 38.92
N ALA I 132 -36.91 -48.20 37.64
CA ALA I 132 -36.41 -47.33 36.59
C ALA I 132 -37.57 -46.64 35.94
N PHE I 133 -37.67 -45.34 36.10
CA PHE I 133 -38.80 -44.62 35.56
C PHE I 133 -38.60 -44.38 34.07
N ASP I 134 -39.69 -44.01 33.41
CA ASP I 134 -39.69 -43.87 31.97
C ASP I 134 -39.81 -42.40 31.58
N VAL I 135 -39.05 -42.01 30.57
CA VAL I 135 -38.98 -40.63 30.11
C VAL I 135 -39.96 -40.44 28.96
N GLY I 136 -40.79 -39.41 29.08
CA GLY I 136 -41.76 -39.09 28.05
C GLY I 136 -41.97 -37.60 28.02
N LEU I 137 -43.02 -37.18 27.33
CA LEU I 137 -43.26 -35.77 27.13
C LEU I 137 -44.50 -35.34 27.91
N GLN I 138 -44.70 -34.03 28.02
CA GLN I 138 -45.83 -33.52 28.78
C GLN I 138 -46.33 -32.24 28.14
N GLU I 139 -47.65 -32.09 28.12
CA GLU I 139 -48.27 -30.90 27.55
C GLU I 139 -48.40 -29.78 28.56
N ASP I 140 -48.60 -30.12 29.82
CA ASP I 140 -48.78 -29.10 30.84
C ASP I 140 -47.46 -28.42 31.15
N ALA I 141 -47.56 -27.17 31.60
CA ALA I 141 -46.39 -26.38 31.97
C ALA I 141 -46.21 -26.35 33.49
N THR I 142 -46.75 -27.33 34.19
CA THR I 142 -46.49 -27.45 35.62
C THR I 142 -45.03 -27.81 35.86
N GLY I 143 -44.53 -27.42 37.02
CA GLY I 143 -43.10 -27.51 37.25
C GLY I 143 -42.69 -28.67 38.13
N GLU I 144 -43.55 -29.68 38.23
CA GLU I 144 -43.24 -30.79 39.11
C GLU I 144 -42.12 -31.66 38.55
N ALA I 145 -42.38 -32.31 37.41
CA ALA I 145 -41.42 -33.24 36.84
C ALA I 145 -40.83 -32.75 35.53
N CYS I 146 -41.12 -31.53 35.12
CA CYS I 146 -40.59 -31.02 33.88
C CYS I 146 -39.14 -30.60 33.98
N TRP I 147 -38.61 -30.44 35.18
CA TRP I 147 -37.33 -29.78 35.38
C TRP I 147 -36.22 -30.79 35.67
N TRP I 148 -35.01 -30.42 35.29
CA TRP I 148 -33.83 -31.25 35.49
C TRP I 148 -32.71 -30.38 36.01
N THR I 149 -31.76 -30.97 36.73
CA THR I 149 -30.54 -30.29 37.12
C THR I 149 -29.36 -31.02 36.50
N MET I 150 -28.37 -30.24 36.06
CA MET I 150 -27.16 -30.82 35.50
C MET I 150 -26.08 -30.87 36.57
N HIS I 151 -25.07 -31.69 36.31
CA HIS I 151 -24.00 -31.86 37.25
C HIS I 151 -22.72 -32.11 36.48
N PRO I 152 -21.58 -31.61 36.97
CA PRO I 152 -20.31 -31.92 36.31
C PRO I 152 -19.91 -33.36 36.55
N ALA I 153 -19.30 -33.94 35.54
CA ALA I 153 -19.00 -35.37 35.56
C ALA I 153 -17.83 -35.68 36.50
N SER I 154 -16.67 -35.12 36.22
CA SER I 154 -15.48 -35.32 37.02
C SER I 154 -15.30 -34.16 37.99
N LYS I 155 -14.13 -34.12 38.62
CA LYS I 155 -13.76 -32.96 39.43
C LYS I 155 -13.00 -31.92 38.63
N GLN I 156 -13.08 -31.95 37.30
CA GLN I 156 -12.42 -30.93 36.50
C GLN I 156 -13.12 -29.59 36.63
N ARG I 157 -14.41 -29.55 36.36
CA ARG I 157 -15.24 -28.40 36.68
C ARG I 157 -15.99 -28.67 37.97
N SER I 158 -16.71 -27.67 38.45
CA SER I 158 -17.55 -27.81 39.62
C SER I 158 -18.72 -26.83 39.54
N GLU I 159 -19.36 -26.62 40.68
CA GLU I 159 -20.53 -25.74 40.75
C GLU I 159 -20.12 -24.30 40.47
N GLY I 160 -20.99 -23.58 39.76
CA GLY I 160 -20.74 -22.20 39.44
C GLY I 160 -20.11 -21.96 38.09
N GLU I 161 -19.36 -22.93 37.57
CA GLU I 161 -18.73 -22.79 36.27
C GLU I 161 -19.79 -22.89 35.16
N LYS I 162 -19.47 -22.29 34.03
CA LYS I 162 -20.32 -22.34 32.86
C LYS I 162 -20.20 -23.70 32.21
N VAL I 163 -21.23 -24.06 31.45
CA VAL I 163 -21.12 -25.23 30.60
C VAL I 163 -20.47 -24.86 29.28
N ARG I 164 -19.34 -25.48 29.00
CA ARG I 164 -18.68 -25.30 27.72
C ARG I 164 -19.35 -26.18 26.69
N VAL I 165 -19.04 -25.93 25.42
CA VAL I 165 -19.58 -26.75 24.35
C VAL I 165 -18.88 -28.11 24.38
N GLY I 166 -19.66 -29.18 24.42
CA GLY I 166 -19.09 -30.51 24.44
C GLY I 166 -18.45 -30.88 25.76
N ASP I 167 -19.24 -30.94 26.82
CA ASP I 167 -18.78 -31.37 28.14
C ASP I 167 -19.69 -32.48 28.64
N ASP I 168 -19.13 -33.36 29.48
CA ASP I 168 -19.86 -34.52 29.96
C ASP I 168 -20.81 -34.10 31.08
N LEU I 169 -22.09 -34.45 30.95
CA LEU I 169 -23.12 -33.99 31.85
C LEU I 169 -23.84 -35.16 32.47
N ILE I 170 -24.41 -34.93 33.65
CA ILE I 170 -25.25 -35.89 34.33
C ILE I 170 -26.54 -35.17 34.68
N LEU I 171 -27.66 -35.68 34.21
CA LEU I 171 -28.93 -34.99 34.37
C LEU I 171 -29.79 -35.72 35.40
N VAL I 172 -30.21 -35.00 36.42
CA VAL I 172 -30.93 -35.57 37.55
C VAL I 172 -32.33 -34.99 37.54
N SER I 173 -33.32 -35.81 37.87
CA SER I 173 -34.68 -35.33 38.04
C SER I 173 -34.79 -34.36 39.20
N VAL I 174 -35.86 -33.59 39.18
CA VAL I 174 -36.17 -32.70 40.28
C VAL I 174 -37.20 -33.40 41.16
N SER I 175 -38.23 -33.95 40.53
CA SER I 175 -39.30 -34.57 41.31
C SER I 175 -38.91 -35.97 41.76
N SER I 176 -38.12 -36.68 40.96
CA SER I 176 -37.85 -38.08 41.25
C SER I 176 -36.44 -38.34 41.75
N GLU I 177 -35.53 -37.40 41.51
CA GLU I 177 -34.13 -37.45 41.94
C GLU I 177 -33.40 -38.66 41.35
N ARG I 178 -33.81 -39.10 40.18
CA ARG I 178 -33.13 -40.15 39.45
C ARG I 178 -32.39 -39.55 38.27
N TYR I 179 -31.53 -40.37 37.66
CA TYR I 179 -30.66 -39.93 36.57
C TYR I 179 -31.19 -40.43 35.24
N LEU I 180 -31.21 -39.54 34.25
CA LEU I 180 -31.49 -39.92 32.88
C LEU I 180 -30.32 -40.76 32.38
N HIS I 181 -30.54 -42.07 32.28
CA HIS I 181 -29.47 -42.99 31.91
C HIS I 181 -29.94 -43.93 30.82
N LEU I 182 -28.98 -44.46 30.09
CA LEU I 182 -29.24 -45.49 29.09
C LEU I 182 -29.34 -46.81 29.84
N SER I 183 -30.20 -47.69 29.35
CA SER I 183 -30.36 -49.01 29.95
C SER I 183 -30.10 -50.08 28.89
N THR I 184 -29.33 -51.10 29.27
CA THR I 184 -28.90 -52.15 28.36
C THR I 184 -29.47 -53.51 28.72
N ALA I 185 -30.29 -53.58 29.78
CA ALA I 185 -30.73 -54.86 30.32
C ALA I 185 -31.74 -55.53 29.41
N SER I 186 -32.87 -54.87 29.18
CA SER I 186 -33.99 -55.46 28.45
C SER I 186 -33.67 -55.49 26.96
N GLY I 187 -32.88 -56.48 26.55
CA GLY I 187 -32.59 -56.68 25.15
C GLY I 187 -31.76 -55.55 24.57
N GLU I 188 -32.41 -54.73 23.75
CA GLU I 188 -31.76 -53.59 23.11
C GLU I 188 -31.64 -52.43 24.10
N LEU I 189 -31.31 -51.25 23.56
CA LEU I 189 -30.99 -50.10 24.39
C LEU I 189 -32.17 -49.16 24.46
N GLN I 190 -32.38 -48.56 25.62
CA GLN I 190 -33.40 -47.53 25.81
C GLN I 190 -32.95 -46.59 26.92
N VAL I 191 -33.69 -45.50 27.08
CA VAL I 191 -33.39 -44.49 28.07
C VAL I 191 -34.40 -44.55 29.19
N ASP I 192 -33.93 -44.35 30.42
CA ASP I 192 -34.75 -44.49 31.60
C ASP I 192 -34.18 -43.65 32.73
N ALA I 193 -35.02 -43.39 33.73
CA ALA I 193 -34.62 -42.68 34.93
C ALA I 193 -34.48 -43.66 36.07
N SER I 194 -33.24 -43.97 36.45
CA SER I 194 -32.98 -44.76 37.64
C SER I 194 -31.63 -44.35 38.21
N PHE I 195 -31.19 -45.09 39.21
CA PHE I 195 -30.03 -44.72 40.02
C PHE I 195 -28.73 -45.24 39.42
N MET I 196 -28.51 -44.94 38.15
CA MET I 196 -27.23 -45.08 37.49
C MET I 196 -26.96 -43.80 36.72
N GLN I 197 -25.76 -43.25 36.86
CA GLN I 197 -25.43 -42.01 36.17
C GLN I 197 -24.80 -42.35 34.82
N THR I 198 -25.03 -41.50 33.84
CA THR I 198 -24.59 -41.74 32.48
C THR I 198 -24.17 -40.41 31.87
N LEU I 199 -22.99 -40.40 31.24
CA LEU I 199 -22.47 -39.19 30.63
C LEU I 199 -23.33 -38.79 29.44
N TRP I 200 -23.45 -37.49 29.22
CA TRP I 200 -24.27 -36.97 28.15
C TRP I 200 -23.64 -35.71 27.57
N ASN I 201 -23.58 -35.66 26.26
CA ASN I 201 -23.13 -34.48 25.55
C ASN I 201 -24.35 -33.64 25.21
N MET I 202 -24.20 -32.32 25.32
CA MET I 202 -25.34 -31.44 25.08
C MET I 202 -25.42 -31.04 23.62
N ASN I 203 -24.26 -30.80 22.97
CA ASN I 203 -24.08 -30.66 21.53
C ASN I 203 -24.96 -29.60 20.90
N PRO I 204 -24.59 -28.32 20.99
CA PRO I 204 -25.43 -27.23 20.47
C PRO I 204 -25.70 -27.35 18.98
N ILE I 205 -26.97 -27.17 18.61
CA ILE I 205 -27.35 -27.48 17.24
C ILE I 205 -27.77 -26.25 16.45
N CYS I 206 -28.26 -25.20 17.10
CA CYS I 206 -28.73 -24.00 16.41
C CYS I 206 -28.81 -22.88 17.41
N SER I 207 -28.01 -21.84 17.23
CA SER I 207 -28.09 -20.67 18.09
C SER I 207 -29.04 -19.65 17.46
N CYS I 208 -29.02 -18.43 17.96
CA CYS I 208 -29.88 -17.36 17.44
C CYS I 208 -29.41 -16.97 16.05
N CYS I 209 -30.22 -17.29 15.05
CA CYS I 209 -29.89 -17.03 13.65
C CYS I 209 -30.43 -15.66 13.24
N GLU I 210 -29.82 -15.09 12.22
CA GLU I 210 -30.27 -13.80 11.69
C GLU I 210 -31.48 -14.01 10.80
N GLU I 211 -32.32 -12.98 10.73
CA GLU I 211 -33.52 -13.05 9.90
C GLU I 211 -33.16 -12.95 8.42
N GLY I 212 -33.93 -13.65 7.59
CA GLY I 212 -33.72 -13.65 6.16
C GLY I 212 -32.64 -14.57 5.67
N TYR I 213 -32.12 -15.47 6.51
CA TYR I 213 -31.07 -16.38 6.10
C TYR I 213 -31.52 -17.80 6.44
N VAL I 214 -30.81 -18.77 5.88
CA VAL I 214 -31.21 -20.16 6.02
C VAL I 214 -30.23 -20.89 6.92
N THR I 215 -30.76 -21.82 7.71
CA THR I 215 -30.00 -22.77 8.48
C THR I 215 -30.59 -24.15 8.25
N GLY I 216 -29.95 -25.16 8.85
CA GLY I 216 -30.48 -26.51 8.78
C GLY I 216 -31.76 -26.61 9.60
N GLY I 217 -32.60 -27.55 9.20
CA GLY I 217 -33.89 -27.72 9.83
C GLY I 217 -34.98 -26.82 9.28
N HIS I 218 -34.65 -25.94 8.35
CA HIS I 218 -35.63 -25.05 7.76
C HIS I 218 -36.50 -25.78 6.76
N VAL I 219 -37.80 -25.77 6.98
CA VAL I 219 -38.76 -26.26 5.99
C VAL I 219 -38.98 -25.11 5.02
N LEU I 220 -38.91 -25.41 3.72
CA LEU I 220 -38.88 -24.36 2.73
C LEU I 220 -39.36 -24.87 1.39
N ARG I 221 -39.66 -23.93 0.50
CA ARG I 221 -40.11 -24.19 -0.85
C ARG I 221 -39.07 -23.68 -1.85
N LEU I 222 -39.22 -24.08 -3.11
CA LEU I 222 -38.13 -24.07 -4.10
C LEU I 222 -38.58 -23.45 -5.41
N PHE I 223 -39.15 -22.25 -5.37
CA PHE I 223 -39.74 -21.67 -6.56
C PHE I 223 -38.69 -21.15 -7.54
N HIS I 224 -39.16 -20.80 -8.75
CA HIS I 224 -38.29 -20.20 -9.77
C HIS I 224 -39.10 -19.29 -10.70
N GLU I 229 -43.49 -21.58 -9.27
CA GLU I 229 -43.59 -23.01 -9.57
C GLU I 229 -42.83 -23.84 -8.56
N CYS I 230 -43.52 -24.80 -7.95
CA CYS I 230 -42.99 -25.54 -6.83
C CYS I 230 -42.29 -26.81 -7.30
N LEU I 231 -41.74 -27.54 -6.34
CA LEU I 231 -41.07 -28.80 -6.63
C LEU I 231 -41.85 -29.91 -5.92
N THR I 232 -42.86 -30.44 -6.61
CA THR I 232 -43.82 -31.37 -6.04
C THR I 232 -43.40 -32.81 -6.31
N ILE I 233 -44.16 -33.74 -5.73
CA ILE I 233 -44.17 -35.14 -6.10
C ILE I 233 -45.62 -35.43 -6.48
N SER I 234 -45.94 -36.68 -6.79
CA SER I 234 -47.32 -37.05 -7.03
C SER I 234 -48.01 -37.47 -5.74
N ALA I 235 -49.32 -37.24 -5.69
CA ALA I 235 -50.10 -37.54 -4.49
C ALA I 235 -50.39 -39.03 -4.37
N GLN I 241 -45.28 -45.49 -8.22
CA GLN I 241 -45.42 -45.47 -6.77
C GLN I 241 -44.82 -44.19 -6.18
N ARG I 242 -45.10 -43.07 -6.86
CA ARG I 242 -44.83 -41.71 -6.37
C ARG I 242 -43.35 -41.47 -6.06
N ARG I 243 -42.52 -41.54 -7.10
CA ARG I 243 -41.10 -41.32 -6.91
C ARG I 243 -40.51 -40.28 -7.85
N LEU I 244 -41.19 -39.97 -8.94
CA LEU I 244 -40.67 -39.00 -9.89
C LEU I 244 -40.86 -37.58 -9.37
N VAL I 245 -39.88 -36.73 -9.63
CA VAL I 245 -39.95 -35.32 -9.29
C VAL I 245 -40.67 -34.64 -10.45
N TYR I 246 -41.38 -33.57 -10.15
CA TYR I 246 -42.10 -32.82 -11.17
C TYR I 246 -41.96 -31.32 -10.91
N TYR I 247 -42.78 -30.55 -11.59
CA TYR I 247 -43.06 -29.16 -11.25
C TYR I 247 -44.57 -28.98 -11.28
N GLU I 248 -45.02 -27.83 -10.77
CA GLU I 248 -46.45 -27.55 -10.75
C GLU I 248 -46.66 -26.05 -10.75
N GLY I 249 -47.92 -25.66 -10.78
CA GLY I 249 -48.31 -24.26 -10.72
C GLY I 249 -48.34 -23.75 -9.30
N GLY I 250 -49.49 -23.15 -8.93
CA GLY I 250 -49.65 -22.62 -7.60
C GLY I 250 -50.51 -23.45 -6.66
N ALA I 251 -51.25 -24.42 -7.19
CA ALA I 251 -52.15 -25.20 -6.34
C ALA I 251 -51.38 -26.14 -5.44
N VAL I 252 -50.40 -26.86 -5.98
CA VAL I 252 -49.60 -27.76 -5.15
C VAL I 252 -48.43 -26.99 -4.54
N CYS I 253 -48.30 -25.71 -4.88
CA CYS I 253 -47.29 -24.86 -4.26
C CYS I 253 -47.55 -24.69 -2.77
N THR I 254 -48.80 -24.44 -2.38
CA THR I 254 -49.13 -24.22 -0.99
C THR I 254 -49.26 -25.51 -0.18
N HIS I 255 -49.61 -26.61 -0.82
CA HIS I 255 -50.04 -27.80 -0.09
C HIS I 255 -48.86 -28.55 0.49
N ALA I 256 -49.15 -29.75 1.00
CA ALA I 256 -48.23 -30.51 1.83
C ALA I 256 -47.03 -31.08 1.07
N ARG I 257 -47.17 -31.29 -0.24
CA ARG I 257 -46.09 -31.92 -1.00
C ARG I 257 -44.88 -31.01 -1.18
N SER I 258 -45.10 -29.73 -1.40
CA SER I 258 -44.02 -28.81 -1.76
C SER I 258 -43.35 -28.22 -0.53
N LEU I 259 -42.90 -29.09 0.36
CA LEU I 259 -42.23 -28.69 1.59
C LEU I 259 -40.98 -29.51 1.74
N TRP I 260 -39.84 -28.84 1.78
CA TRP I 260 -38.54 -29.50 1.74
C TRP I 260 -37.62 -28.92 2.82
N ARG I 261 -36.87 -29.80 3.45
CA ARG I 261 -35.99 -29.41 4.55
C ARG I 261 -34.57 -29.86 4.22
N LEU I 262 -33.59 -29.09 4.68
CA LEU I 262 -32.20 -29.24 4.28
C LEU I 262 -31.42 -29.91 5.41
N GLU I 263 -30.58 -30.87 5.08
CA GLU I 263 -29.87 -31.64 6.09
C GLU I 263 -28.39 -31.77 5.72
N PRO I 264 -27.53 -30.91 6.26
CA PRO I 264 -26.09 -31.02 5.98
C PRO I 264 -25.49 -32.25 6.66
N LEU I 265 -24.29 -32.59 6.20
CA LEU I 265 -23.68 -33.87 6.55
C LEU I 265 -23.19 -33.88 8.00
N ARG I 266 -22.69 -32.74 8.47
CA ARG I 266 -22.20 -32.65 9.83
C ARG I 266 -23.35 -32.67 10.82
N ILE I 267 -23.18 -33.45 11.88
CA ILE I 267 -24.24 -33.60 12.87
C ILE I 267 -24.38 -32.32 13.68
N SER I 268 -23.35 -31.95 14.42
CA SER I 268 -23.39 -30.81 15.31
C SER I 268 -23.43 -29.51 14.53
N TRP I 269 -24.08 -28.51 15.12
CA TRP I 269 -24.24 -27.16 14.56
C TRP I 269 -24.89 -27.21 13.18
N SER I 270 -25.84 -28.13 13.04
CA SER I 270 -26.55 -28.29 11.78
C SER I 270 -27.41 -27.08 11.47
N GLY I 271 -27.90 -26.41 12.51
CA GLY I 271 -28.65 -25.18 12.30
C GLY I 271 -27.75 -23.96 12.30
N SER I 272 -26.52 -24.12 11.83
CA SER I 272 -25.72 -22.95 11.51
C SER I 272 -26.10 -22.42 10.14
N HIS I 273 -25.64 -21.22 9.83
CA HIS I 273 -25.92 -20.61 8.53
C HIS I 273 -25.26 -21.42 7.43
N LEU I 274 -26.05 -21.79 6.43
CA LEU I 274 -25.48 -22.52 5.30
C LEU I 274 -24.72 -21.57 4.39
N ARG I 275 -23.59 -22.04 3.89
CA ARG I 275 -22.72 -21.28 3.02
C ARG I 275 -22.65 -21.98 1.66
N TRP I 276 -22.03 -21.31 0.71
CA TRP I 276 -21.90 -21.87 -0.63
C TRP I 276 -20.93 -23.03 -0.65
N GLY I 277 -21.16 -23.94 -1.58
CA GLY I 277 -20.30 -25.10 -1.70
C GLY I 277 -20.45 -26.09 -0.57
N GLN I 278 -21.64 -26.20 0.00
CA GLN I 278 -21.83 -27.03 1.18
C GLN I 278 -22.63 -28.26 0.84
N PRO I 279 -22.19 -29.44 1.26
CA PRO I 279 -22.96 -30.66 0.97
C PRO I 279 -24.10 -30.84 1.95
N LEU I 280 -25.17 -31.45 1.45
CA LEU I 280 -26.39 -31.62 2.25
C LEU I 280 -27.25 -32.69 1.60
N ARG I 281 -28.22 -33.17 2.38
CA ARG I 281 -29.21 -34.10 1.92
C ARG I 281 -30.53 -33.37 1.74
N ILE I 282 -31.48 -33.99 1.05
CA ILE I 282 -32.78 -33.40 0.81
C ILE I 282 -33.85 -34.38 1.29
N ARG I 283 -34.75 -33.89 2.13
CA ARG I 283 -35.80 -34.70 2.72
C ARG I 283 -37.16 -34.21 2.26
N HIS I 284 -37.99 -35.13 1.80
CA HIS I 284 -39.41 -34.85 1.71
C HIS I 284 -40.04 -35.11 3.05
N VAL I 285 -40.92 -34.22 3.48
CA VAL I 285 -41.43 -34.27 4.85
C VAL I 285 -42.56 -35.26 5.02
N THR I 286 -43.49 -35.37 4.07
CA THR I 286 -44.65 -36.21 4.26
C THR I 286 -44.33 -37.68 4.01
N THR I 287 -43.70 -37.97 2.88
CA THR I 287 -43.28 -39.32 2.59
C THR I 287 -42.14 -39.78 3.47
N GLY I 288 -41.30 -38.84 3.92
CA GLY I 288 -40.12 -39.23 4.66
C GLY I 288 -39.04 -39.82 3.78
N ARG I 289 -39.11 -39.58 2.47
CA ARG I 289 -38.14 -40.10 1.54
C ARG I 289 -37.02 -39.09 1.33
N TYR I 290 -35.89 -39.58 0.84
CA TYR I 290 -34.73 -38.77 0.54
C TYR I 290 -34.60 -38.61 -0.97
N LEU I 291 -34.39 -37.38 -1.42
CA LEU I 291 -34.18 -37.11 -2.83
C LEU I 291 -32.80 -37.59 -3.25
N ALA I 292 -32.73 -38.34 -4.34
CA ALA I 292 -31.45 -38.82 -4.84
C ALA I 292 -31.24 -38.41 -6.29
N LEU I 299 -32.40 -38.23 -10.56
CA LEU I 299 -33.31 -37.26 -9.96
C LEU I 299 -34.61 -37.91 -9.51
N VAL I 300 -34.52 -38.84 -8.56
CA VAL I 300 -35.67 -39.51 -7.99
C VAL I 300 -35.61 -39.35 -6.48
N VAL I 301 -36.74 -39.61 -5.82
CA VAL I 301 -36.74 -39.66 -4.36
C VAL I 301 -36.65 -41.12 -3.94
N VAL I 302 -36.03 -41.37 -2.79
CA VAL I 302 -35.68 -42.72 -2.40
C VAL I 302 -35.78 -42.82 -0.89
N ASP I 303 -35.85 -44.05 -0.40
CA ASP I 303 -35.97 -44.29 1.02
C ASP I 303 -34.67 -43.96 1.76
N ALA I 304 -34.80 -43.67 3.05
CA ALA I 304 -33.66 -43.34 3.89
C ALA I 304 -32.73 -44.52 4.12
N CYS I 305 -33.26 -45.74 4.12
CA CYS I 305 -32.42 -46.92 4.32
C CYS I 305 -31.50 -47.16 3.13
N LYS I 306 -31.96 -46.81 1.92
CA LYS I 306 -31.15 -46.85 0.73
C LYS I 306 -30.71 -45.47 0.27
N ALA I 307 -30.64 -44.50 1.18
CA ALA I 307 -30.06 -43.20 0.89
C ALA I 307 -28.61 -43.19 1.36
N HIS I 308 -27.67 -43.12 0.44
CA HIS I 308 -26.25 -43.18 0.75
C HIS I 308 -25.63 -41.82 0.48
N THR I 309 -24.54 -41.53 1.18
CA THR I 309 -23.82 -40.28 0.94
C THR I 309 -23.19 -40.25 -0.43
N LYS I 310 -22.84 -41.42 -0.96
CA LYS I 310 -22.40 -41.52 -2.34
C LYS I 310 -23.54 -41.34 -3.32
N ALA I 311 -24.69 -41.96 -3.05
CA ALA I 311 -25.83 -41.89 -3.95
C ALA I 311 -26.48 -40.51 -3.92
N THR I 312 -26.85 -40.03 -2.73
CA THR I 312 -27.52 -38.75 -2.58
C THR I 312 -26.72 -37.83 -1.66
N SER I 313 -26.12 -36.82 -2.28
CA SER I 313 -25.47 -35.72 -1.55
C SER I 313 -25.45 -34.53 -2.51
N PHE I 314 -26.16 -33.48 -2.16
CA PHE I 314 -26.44 -32.38 -3.08
C PHE I 314 -25.76 -31.14 -2.53
N CYS I 315 -25.82 -30.05 -3.31
CA CYS I 315 -25.16 -28.81 -2.90
C CYS I 315 -25.78 -27.61 -3.61
N PHE I 316 -25.55 -26.44 -3.02
CA PHE I 316 -26.01 -25.17 -3.57
C PHE I 316 -24.82 -24.40 -4.11
N ARG I 317 -24.80 -24.20 -5.42
CA ARG I 317 -23.81 -23.35 -6.05
C ARG I 317 -24.52 -22.22 -6.77
N VAL I 318 -23.82 -21.11 -6.96
CA VAL I 318 -24.41 -19.97 -7.62
C VAL I 318 -24.42 -20.16 -9.14
N SER I 319 -23.23 -20.31 -9.72
CA SER I 319 -23.09 -20.66 -11.13
C SER I 319 -21.77 -21.41 -11.26
N LYS I 320 -21.73 -22.35 -12.20
CA LYS I 320 -20.60 -23.26 -12.30
C LYS I 320 -19.43 -22.57 -13.00
N GLU I 321 -18.64 -21.85 -12.22
CA GLU I 321 -17.26 -21.61 -12.56
C GLU I 321 -16.47 -22.86 -12.19
N LYS I 322 -15.32 -23.05 -12.82
CA LYS I 322 -14.52 -24.26 -12.63
C LYS I 322 -13.85 -24.19 -11.27
N LEU I 323 -14.62 -24.52 -10.24
CA LEU I 323 -14.14 -24.44 -8.86
C LEU I 323 -13.80 -25.82 -8.33
N GLY I 333 -19.02 -22.71 15.29
CA GLY I 333 -20.33 -22.58 15.89
C GLY I 333 -21.41 -22.32 14.87
N MET I 334 -21.94 -21.09 14.88
CA MET I 334 -22.85 -20.69 13.83
C MET I 334 -22.06 -20.29 12.59
N GLY I 335 -22.79 -19.90 11.55
CA GLY I 335 -22.17 -19.51 10.31
C GLY I 335 -22.35 -18.03 9.99
N PRO I 336 -21.53 -17.52 9.08
CA PRO I 336 -21.77 -16.19 8.54
C PRO I 336 -23.02 -16.19 7.67
N PRO I 337 -23.76 -15.11 7.66
CA PRO I 337 -25.05 -15.08 6.93
C PRO I 337 -24.87 -15.02 5.41
N GLU I 338 -24.71 -16.19 4.81
CA GLU I 338 -24.39 -16.29 3.40
C GLU I 338 -25.62 -16.21 2.49
N ILE I 339 -26.65 -16.99 2.78
CA ILE I 339 -27.72 -17.24 1.81
C ILE I 339 -28.95 -16.43 2.18
N LYS I 340 -29.25 -15.41 1.39
CA LYS I 340 -30.43 -14.58 1.59
C LYS I 340 -31.69 -15.32 1.15
N TYR I 341 -32.84 -14.72 1.45
CA TYR I 341 -34.13 -15.30 1.10
C TYR I 341 -34.72 -14.55 -0.08
N GLY I 342 -35.11 -15.29 -1.13
CA GLY I 342 -35.68 -14.70 -2.32
C GLY I 342 -34.69 -14.03 -3.24
N GLU I 343 -33.40 -14.04 -2.91
CA GLU I 343 -32.42 -13.25 -3.63
C GLU I 343 -31.26 -14.08 -4.19
N SER I 344 -31.04 -15.28 -3.66
CA SER I 344 -29.87 -16.09 -4.04
C SER I 344 -29.98 -16.64 -5.45
N LEU I 345 -31.15 -17.19 -5.82
CA LEU I 345 -31.47 -17.67 -7.17
C LEU I 345 -30.48 -18.74 -7.63
N CYS I 346 -30.20 -19.69 -6.76
CA CYS I 346 -29.15 -20.68 -6.98
C CYS I 346 -29.75 -22.05 -7.29
N PHE I 347 -28.95 -22.88 -7.93
CA PHE I 347 -29.37 -24.19 -8.41
C PHE I 347 -28.89 -25.30 -7.48
N VAL I 348 -29.12 -26.54 -7.92
CA VAL I 348 -28.60 -27.72 -7.25
C VAL I 348 -27.94 -28.63 -8.29
N GLN I 349 -26.96 -29.39 -7.84
CA GLN I 349 -26.35 -30.46 -8.61
C GLN I 349 -25.74 -31.45 -7.64
N HIS I 350 -25.48 -32.66 -8.13
CA HIS I 350 -24.86 -33.66 -7.28
C HIS I 350 -23.41 -33.28 -7.00
N VAL I 351 -22.95 -33.62 -5.79
CA VAL I 351 -21.58 -33.28 -5.42
C VAL I 351 -20.61 -34.30 -6.01
N ALA I 352 -21.11 -35.48 -6.36
CA ALA I 352 -20.32 -36.52 -7.01
C ALA I 352 -20.43 -36.49 -8.52
N SER I 353 -21.45 -35.81 -9.06
CA SER I 353 -21.75 -35.96 -10.48
C SER I 353 -21.83 -34.60 -11.17
N GLY I 354 -22.21 -33.55 -10.43
CA GLY I 354 -22.26 -32.22 -11.02
C GLY I 354 -23.42 -32.02 -11.97
N LEU I 355 -24.49 -32.79 -11.80
CA LEU I 355 -25.58 -32.87 -12.75
C LEU I 355 -26.74 -31.96 -12.34
N TRP I 356 -27.01 -30.97 -13.18
CA TRP I 356 -28.00 -29.94 -12.88
C TRP I 356 -29.41 -30.47 -13.08
N LEU I 357 -30.21 -30.43 -12.03
CA LEU I 357 -31.61 -30.84 -12.09
C LEU I 357 -32.39 -29.78 -12.89
N THR I 358 -32.98 -30.19 -14.00
CA THR I 358 -33.84 -29.29 -14.76
C THR I 358 -34.95 -30.07 -15.45
N TYR I 359 -35.85 -29.35 -16.10
CA TYR I 359 -37.06 -29.96 -16.64
C TYR I 359 -36.77 -30.71 -17.93
N ALA I 360 -37.84 -31.09 -18.63
CA ALA I 360 -37.69 -31.79 -19.91
C ALA I 360 -37.97 -30.85 -21.07
N LEU I 372 -48.12 -30.06 -18.15
CA LEU I 372 -47.78 -29.08 -17.14
C LEU I 372 -46.73 -29.64 -16.20
N LYS I 373 -46.65 -30.97 -16.15
CA LYS I 373 -45.74 -31.67 -15.26
C LYS I 373 -44.38 -31.72 -15.95
N LYS I 374 -43.66 -30.61 -15.90
CA LYS I 374 -42.32 -30.52 -16.48
C LYS I 374 -41.38 -31.38 -15.64
N LYS I 375 -41.07 -32.57 -16.14
CA LYS I 375 -40.38 -33.57 -15.33
C LYS I 375 -38.93 -33.17 -15.10
N ALA I 376 -38.58 -33.01 -13.83
CA ALA I 376 -37.26 -32.56 -13.43
C ALA I 376 -36.26 -33.70 -13.59
N ILE I 377 -35.14 -33.41 -14.22
CA ILE I 377 -34.10 -34.40 -14.46
C ILE I 377 -32.74 -33.73 -14.32
N LEU I 378 -31.82 -34.43 -13.67
CA LEU I 378 -30.42 -34.02 -13.62
C LEU I 378 -29.87 -34.11 -15.04
N HIS I 379 -29.48 -32.98 -15.60
CA HIS I 379 -29.03 -32.89 -16.99
C HIS I 379 -27.69 -32.16 -17.06
N GLN I 380 -26.74 -32.76 -17.76
CA GLN I 380 -25.39 -32.21 -17.82
C GLN I 380 -25.29 -31.03 -18.76
N GLU I 381 -26.29 -30.80 -19.60
CA GLU I 381 -26.30 -29.59 -20.41
C GLU I 381 -26.75 -28.40 -19.58
N GLY I 382 -27.71 -28.61 -18.69
CA GLY I 382 -28.30 -27.51 -17.95
C GLY I 382 -29.15 -26.63 -18.85
N HIS I 383 -29.51 -25.47 -18.32
CA HIS I 383 -30.33 -24.52 -19.03
C HIS I 383 -30.03 -23.12 -18.52
N MET I 384 -30.89 -22.19 -18.89
CA MET I 384 -30.88 -20.85 -18.31
C MET I 384 -32.01 -20.65 -17.31
N ASP I 385 -32.63 -21.74 -16.84
CA ASP I 385 -33.81 -21.65 -15.97
C ASP I 385 -33.64 -22.42 -14.66
N ASP I 386 -32.41 -22.77 -14.29
CA ASP I 386 -32.16 -23.41 -13.01
C ASP I 386 -31.84 -22.41 -11.90
N ALA I 387 -31.93 -21.11 -12.18
CA ALA I 387 -31.77 -20.07 -11.17
C ALA I 387 -33.07 -19.95 -10.39
N LEU I 388 -33.12 -20.63 -9.26
CA LEU I 388 -34.37 -20.77 -8.51
C LEU I 388 -34.25 -20.18 -7.11
N PHE I 389 -35.29 -19.47 -6.68
CA PHE I 389 -35.29 -18.73 -5.43
C PHE I 389 -36.11 -19.45 -4.36
N LEU I 390 -35.62 -19.44 -3.13
CA LEU I 390 -36.21 -20.21 -2.06
C LEU I 390 -37.13 -19.34 -1.21
N THR I 391 -38.13 -19.97 -0.59
CA THR I 391 -39.04 -19.31 0.33
C THR I 391 -39.20 -20.19 1.57
N ARG I 392 -39.08 -19.57 2.74
CA ARG I 392 -39.24 -20.28 4.00
C ARG I 392 -40.72 -20.54 4.28
N CYS I 393 -41.00 -21.70 4.88
CA CYS I 393 -42.36 -22.10 5.20
C CYS I 393 -42.86 -21.41 6.46
N GLN I 394 -43.98 -21.89 6.97
CA GLN I 394 -44.67 -21.32 8.12
C GLN I 394 -44.67 -22.33 9.27
N GLN I 395 -44.63 -21.82 10.50
CA GLN I 395 -44.44 -22.62 11.70
C GLN I 395 -45.61 -23.55 12.02
N GLU I 396 -46.84 -23.06 11.94
CA GLU I 396 -47.99 -23.92 12.16
C GLU I 396 -48.18 -24.95 11.08
N GLU I 397 -47.89 -24.60 9.83
CA GLU I 397 -47.98 -25.52 8.72
C GLU I 397 -46.95 -26.63 8.79
N SER I 398 -45.68 -26.28 9.08
CA SER I 398 -44.62 -27.28 9.14
C SER I 398 -44.80 -28.22 10.31
N GLN I 399 -45.40 -27.76 11.39
CA GLN I 399 -45.76 -28.67 12.48
C GLN I 399 -46.86 -29.63 12.03
N ALA I 400 -47.79 -29.13 11.22
CA ALA I 400 -48.83 -29.99 10.69
C ALA I 400 -48.28 -30.97 9.66
N ALA I 401 -47.12 -30.66 9.08
CA ALA I 401 -46.55 -31.53 8.08
C ALA I 401 -46.06 -32.84 8.67
N ARG I 402 -45.16 -32.78 9.66
CA ARG I 402 -44.47 -33.97 10.12
C ARG I 402 -45.39 -34.96 10.82
N MET I 403 -46.51 -34.49 11.35
CA MET I 403 -47.42 -35.42 11.99
C MET I 403 -48.21 -36.25 10.99
N ILE I 404 -48.30 -35.82 9.73
CA ILE I 404 -48.86 -36.68 8.69
C ILE I 404 -48.02 -37.92 8.52
N HIS I 405 -46.71 -37.74 8.41
CA HIS I 405 -45.77 -38.84 8.30
C HIS I 405 -45.79 -39.72 9.53
N SER I 406 -45.99 -39.12 10.71
CA SER I 406 -46.02 -39.91 11.92
C SER I 406 -47.30 -40.73 12.01
N THR I 407 -48.39 -40.22 11.47
CA THR I 407 -49.64 -40.96 11.53
C THR I 407 -49.75 -42.02 10.43
N ALA I 408 -49.45 -41.64 9.19
CA ALA I 408 -49.62 -42.56 8.07
C ALA I 408 -48.67 -43.74 8.17
N GLY I 409 -47.48 -43.52 8.74
CA GLY I 409 -46.59 -44.63 9.03
C GLY I 409 -47.13 -45.58 10.07
N LEU I 410 -47.94 -45.08 10.99
CA LEU I 410 -48.61 -45.95 11.94
C LEU I 410 -49.84 -46.60 11.32
N TYR I 411 -50.59 -45.85 10.54
CA TYR I 411 -51.87 -46.30 10.04
C TYR I 411 -51.76 -47.39 8.99
N ASN I 412 -50.89 -47.22 7.99
CA ASN I 412 -50.70 -48.27 7.00
C ASN I 412 -50.05 -49.49 7.62
N GLN I 413 -49.22 -49.28 8.64
CA GLN I 413 -48.75 -50.40 9.45
C GLN I 413 -49.90 -51.05 10.19
N PHE I 414 -50.89 -50.27 10.61
CA PHE I 414 -52.04 -50.85 11.28
C PHE I 414 -52.96 -51.57 10.30
N ILE I 415 -53.05 -51.08 9.07
CA ILE I 415 -53.97 -51.69 8.09
C ILE I 415 -53.48 -53.07 7.69
N LYS I 416 -52.23 -53.16 7.25
CA LYS I 416 -51.70 -54.46 6.84
C LYS I 416 -51.44 -55.38 8.02
N GLY I 417 -51.31 -54.84 9.23
CA GLY I 417 -51.32 -55.69 10.40
C GLY I 417 -52.68 -56.34 10.58
N LEU I 418 -53.74 -55.60 10.26
CA LEU I 418 -55.07 -56.18 10.29
C LEU I 418 -55.30 -57.12 9.11
N ASP I 419 -54.74 -56.79 7.95
CA ASP I 419 -54.90 -57.59 6.74
C ASP I 419 -54.24 -58.95 6.83
N SER I 420 -53.35 -59.18 7.80
CA SER I 420 -52.68 -60.46 7.91
C SER I 420 -53.64 -61.59 8.26
N PHE I 421 -54.48 -61.40 9.27
CA PHE I 421 -55.46 -62.39 9.67
C PHE I 421 -56.85 -62.00 9.16
N SER I 422 -56.89 -61.24 8.07
CA SER I 422 -58.17 -60.79 7.51
C SER I 422 -58.98 -61.95 6.94
N GLY I 423 -58.32 -63.05 6.58
CA GLY I 423 -59.01 -64.25 6.18
C GLY I 423 -58.76 -65.46 7.05
N LYS I 424 -57.72 -65.45 7.87
CA LYS I 424 -57.32 -66.63 8.64
C LYS I 424 -57.81 -66.50 10.07
N PRO I 425 -58.73 -67.35 10.52
CA PRO I 425 -59.12 -67.34 11.93
C PRO I 425 -58.02 -67.86 12.82
N ARG I 426 -58.05 -67.46 14.08
CA ARG I 426 -57.05 -67.85 15.06
C ARG I 426 -57.66 -68.84 16.04
N GLY I 427 -57.08 -70.04 16.09
CA GLY I 427 -57.52 -71.04 17.05
C GLY I 427 -56.77 -70.90 18.36
N PRO I 434 -46.71 -60.88 14.36
CA PRO I 434 -46.53 -59.62 15.09
C PRO I 434 -47.77 -59.24 15.88
N ALA I 435 -47.68 -58.17 16.66
CA ALA I 435 -48.82 -57.65 17.39
C ALA I 435 -49.22 -56.30 16.80
N LEU I 436 -50.51 -56.13 16.56
CA LEU I 436 -51.01 -54.90 15.97
C LEU I 436 -50.96 -53.77 16.98
N PRO I 437 -50.65 -52.53 16.57
CA PRO I 437 -50.44 -51.43 17.53
C PRO I 437 -51.74 -50.87 18.11
N ILE I 438 -52.25 -51.54 19.14
CA ILE I 438 -53.51 -51.12 19.75
C ILE I 438 -53.31 -49.87 20.59
N GLU I 439 -52.39 -49.91 21.55
CA GLU I 439 -52.22 -48.77 22.45
C GLU I 439 -51.56 -47.60 21.74
N ALA I 440 -50.80 -47.86 20.67
CA ALA I 440 -50.18 -46.78 19.93
C ALA I 440 -51.19 -45.99 19.12
N VAL I 441 -52.28 -46.62 18.70
CA VAL I 441 -53.20 -45.91 17.81
C VAL I 441 -54.29 -45.18 18.61
N ILE I 442 -54.60 -45.62 19.82
CA ILE I 442 -55.66 -45.01 20.61
C ILE I 442 -55.27 -43.61 21.04
N LEU I 443 -54.04 -43.47 21.50
CA LEU I 443 -53.57 -42.16 21.91
C LEU I 443 -53.30 -41.26 20.72
N SER I 444 -53.00 -41.85 19.56
CA SER I 444 -52.68 -41.04 18.39
C SER I 444 -53.91 -40.41 17.79
N LEU I 445 -55.08 -41.05 17.88
CA LEU I 445 -56.29 -40.41 17.41
C LEU I 445 -56.70 -39.28 18.33
N GLN I 446 -56.56 -39.47 19.64
CA GLN I 446 -57.11 -38.53 20.59
C GLN I 446 -56.39 -37.19 20.56
N ASP I 447 -55.10 -37.20 20.23
CA ASP I 447 -54.41 -35.94 20.00
C ASP I 447 -54.90 -35.28 18.72
N LEU I 448 -55.38 -36.06 17.76
CA LEU I 448 -55.83 -35.47 16.52
C LEU I 448 -57.20 -34.86 16.67
N ILE I 449 -58.03 -35.37 17.59
CA ILE I 449 -59.33 -34.77 17.82
C ILE I 449 -59.17 -33.38 18.43
N GLY I 450 -58.33 -33.28 19.46
CA GLY I 450 -58.02 -32.00 20.04
C GLY I 450 -57.20 -31.11 19.13
N TYR I 451 -56.52 -31.69 18.15
CA TYR I 451 -55.87 -30.86 17.15
C TYR I 451 -56.88 -30.16 16.27
N PHE I 452 -58.00 -30.81 15.99
CA PHE I 452 -58.98 -30.29 15.06
C PHE I 452 -60.20 -29.71 15.76
N GLU I 453 -60.08 -29.40 17.02
CA GLU I 453 -61.26 -29.04 17.80
C GLU I 453 -61.69 -27.61 17.45
N PRO I 454 -62.98 -27.39 17.19
CA PRO I 454 -63.41 -26.06 16.77
C PRO I 454 -63.39 -25.11 17.93
N PRO I 455 -63.07 -23.83 17.69
CA PRO I 455 -62.88 -22.89 18.79
C PRO I 455 -64.19 -22.51 19.45
N SER I 456 -64.08 -21.99 20.66
CA SER I 456 -65.24 -21.76 21.51
C SER I 456 -66.07 -20.59 21.00
N GLU I 457 -67.36 -20.64 21.31
CA GLU I 457 -68.26 -19.55 20.95
C GLU I 457 -68.17 -18.38 21.90
N GLU I 458 -67.68 -18.59 23.11
CA GLU I 458 -67.52 -17.51 24.08
C GLU I 458 -66.27 -16.69 23.82
N LEU I 459 -65.48 -17.04 22.82
CA LEU I 459 -64.28 -16.31 22.48
C LEU I 459 -64.66 -14.97 21.86
N GLN I 460 -63.70 -14.05 21.85
CA GLN I 460 -63.90 -12.76 21.20
C GLN I 460 -63.99 -12.94 19.69
N HIS I 461 -64.88 -12.15 19.06
CA HIS I 461 -65.23 -12.33 17.66
C HIS I 461 -64.05 -12.17 16.71
N GLU I 462 -63.20 -11.17 16.94
CA GLU I 462 -62.07 -10.95 16.03
C GLU I 462 -61.06 -12.07 16.13
N GLU I 463 -60.97 -12.72 17.28
CA GLU I 463 -60.04 -13.84 17.41
C GLU I 463 -60.65 -15.16 16.95
N LYS I 464 -61.96 -15.33 17.17
CA LYS I 464 -62.67 -16.51 16.67
C LYS I 464 -62.56 -16.64 15.16
N GLN I 465 -62.74 -15.53 14.44
CA GLN I 465 -62.62 -15.54 12.99
C GLN I 465 -61.19 -15.81 12.57
N SER I 466 -60.21 -15.33 13.32
CA SER I 466 -58.82 -15.56 12.95
C SER I 466 -58.43 -17.02 13.15
N LYS I 467 -58.92 -17.65 14.20
CA LYS I 467 -58.59 -19.05 14.43
C LYS I 467 -59.31 -19.98 13.49
N LEU I 468 -60.42 -19.53 12.89
CA LEU I 468 -61.14 -20.37 11.97
C LEU I 468 -60.36 -20.57 10.68
N ARG I 469 -59.80 -19.50 10.13
CA ARG I 469 -59.09 -19.61 8.86
C ARG I 469 -57.79 -20.38 9.01
N SER I 470 -57.26 -20.50 10.22
CA SER I 470 -56.18 -21.44 10.46
C SER I 470 -56.71 -22.86 10.38
N LEU I 471 -57.89 -23.11 10.93
CA LEU I 471 -58.45 -24.45 10.92
C LEU I 471 -58.88 -24.84 9.52
N ARG I 472 -59.35 -23.88 8.72
CA ARG I 472 -59.73 -24.17 7.35
C ARG I 472 -58.55 -24.61 6.51
N ASN I 473 -57.37 -24.08 6.79
CA ASN I 473 -56.18 -24.59 6.12
C ASN I 473 -55.87 -26.00 6.53
N ARG I 474 -55.72 -26.23 7.83
CA ARG I 474 -55.14 -27.48 8.26
C ARG I 474 -56.14 -28.63 8.35
N GLN I 475 -57.33 -28.48 7.80
CA GLN I 475 -58.07 -29.67 7.40
C GLN I 475 -58.07 -29.85 5.89
N SER I 476 -58.02 -28.76 5.14
CA SER I 476 -57.73 -28.86 3.71
C SER I 476 -56.33 -29.39 3.47
N LEU I 477 -55.41 -29.09 4.38
CA LEU I 477 -54.04 -29.58 4.26
C LEU I 477 -53.95 -31.06 4.60
N PHE I 478 -54.98 -31.65 5.20
CA PHE I 478 -54.94 -33.09 5.42
C PHE I 478 -55.66 -33.84 4.33
N GLN I 479 -56.89 -33.44 4.02
CA GLN I 479 -57.73 -34.19 3.08
C GLN I 479 -57.19 -34.16 1.67
N GLU I 480 -56.46 -33.11 1.31
CA GLU I 480 -55.75 -33.10 0.03
C GLU I 480 -54.64 -34.14 0.00
N GLU I 481 -53.67 -34.02 0.90
CA GLU I 481 -52.58 -34.99 0.98
C GLU I 481 -53.08 -36.22 1.74
N GLY I 482 -53.84 -37.04 1.01
CA GLY I 482 -54.39 -38.28 1.53
C GLY I 482 -55.31 -38.09 2.70
N MET I 483 -55.16 -38.96 3.71
CA MET I 483 -55.62 -38.77 5.09
C MET I 483 -57.12 -38.60 5.22
N LEU I 484 -57.89 -38.84 4.17
CA LEU I 484 -59.33 -38.90 4.34
C LEU I 484 -59.74 -40.32 4.00
N SER I 485 -59.38 -40.76 2.79
CA SER I 485 -59.66 -42.13 2.37
C SER I 485 -58.82 -43.12 3.16
N LEU I 486 -57.63 -42.71 3.58
CA LEU I 486 -56.83 -43.53 4.48
C LEU I 486 -57.55 -43.76 5.80
N VAL I 487 -58.28 -42.76 6.28
CA VAL I 487 -59.15 -42.99 7.42
C VAL I 487 -60.37 -43.79 7.01
N LEU I 488 -60.85 -43.63 5.76
CA LEU I 488 -61.99 -44.41 5.32
C LEU I 488 -61.66 -45.89 5.22
N ASN I 489 -60.41 -46.21 4.88
CA ASN I 489 -59.97 -47.60 4.79
C ASN I 489 -60.05 -48.33 6.11
N CYS I 490 -59.43 -47.77 7.16
CA CYS I 490 -59.36 -48.46 8.44
C CYS I 490 -60.72 -48.60 9.11
N ILE I 491 -61.71 -47.84 8.67
CA ILE I 491 -63.09 -48.19 8.97
C ILE I 491 -63.48 -49.47 8.25
N ASP I 492 -63.30 -49.52 6.92
CA ASP I 492 -63.89 -50.62 6.18
C ASP I 492 -63.11 -51.92 6.31
N ARG I 493 -61.92 -51.91 6.89
CA ARG I 493 -61.34 -53.16 7.34
C ARG I 493 -61.86 -53.57 8.70
N LEU I 494 -62.44 -52.65 9.45
CA LEU I 494 -62.87 -52.94 10.80
C LEU I 494 -64.35 -53.18 10.94
N ASN I 495 -65.16 -52.60 10.07
CA ASN I 495 -66.61 -52.66 10.21
C ASN I 495 -67.18 -54.03 9.92
N VAL I 496 -66.39 -54.93 9.34
CA VAL I 496 -66.89 -56.24 8.92
C VAL I 496 -67.09 -57.16 10.10
N TYR I 497 -66.60 -56.78 11.27
CA TYR I 497 -66.71 -57.61 12.46
C TYR I 497 -67.82 -57.07 13.34
N THR I 498 -69.06 -57.42 13.01
CA THR I 498 -70.19 -56.84 13.72
C THR I 498 -70.37 -57.42 15.11
N THR I 499 -70.12 -58.70 15.29
CA THR I 499 -69.98 -59.23 16.63
C THR I 499 -68.72 -58.65 17.25
N ALA I 500 -68.90 -57.94 18.36
CA ALA I 500 -67.83 -57.12 18.91
C ALA I 500 -66.71 -57.95 19.50
N ALA I 501 -66.98 -59.20 19.83
CA ALA I 501 -65.97 -60.10 20.36
C ALA I 501 -65.71 -61.31 19.50
N HIS I 502 -66.75 -61.96 18.99
CA HIS I 502 -66.60 -63.22 18.26
C HIS I 502 -65.89 -62.99 16.93
N PHE I 503 -66.27 -61.95 16.22
CA PHE I 503 -65.54 -61.64 15.00
C PHE I 503 -64.33 -60.78 15.26
N ALA I 504 -64.11 -60.37 16.51
CA ALA I 504 -62.82 -59.83 16.91
C ALA I 504 -61.89 -60.91 17.45
N GLU I 505 -62.36 -62.16 17.49
CA GLU I 505 -61.50 -63.26 17.90
C GLU I 505 -60.57 -63.74 16.79
N TYR I 506 -60.66 -63.14 15.60
CA TYR I 506 -59.64 -63.37 14.59
C TYR I 506 -58.29 -62.81 15.01
N ALA I 507 -58.28 -61.74 15.79
CA ALA I 507 -57.08 -61.26 16.47
C ALA I 507 -56.82 -62.04 17.75
N GLY I 508 -57.83 -62.19 18.58
CA GLY I 508 -57.66 -62.81 19.87
C GLY I 508 -58.52 -62.10 20.90
N GLU I 509 -58.03 -62.12 22.13
CA GLU I 509 -58.73 -61.41 23.21
C GLU I 509 -58.06 -60.10 23.54
N GLU I 510 -56.84 -59.88 23.04
CA GLU I 510 -56.11 -58.66 23.37
C GLU I 510 -56.70 -57.44 22.68
N ALA I 511 -56.81 -57.48 21.36
CA ALA I 511 -57.39 -56.36 20.64
C ALA I 511 -58.91 -56.34 20.73
N ALA I 512 -59.52 -57.43 21.22
CA ALA I 512 -60.98 -57.52 21.25
C ALA I 512 -61.59 -56.58 22.27
N GLU I 513 -60.88 -56.33 23.37
CA GLU I 513 -61.42 -55.46 24.40
C GLU I 513 -61.43 -54.00 23.97
N SER I 514 -60.58 -53.64 23.01
CA SER I 514 -60.47 -52.26 22.57
C SER I 514 -61.13 -52.03 21.22
N TRP I 515 -61.90 -52.99 20.72
CA TRP I 515 -62.55 -52.81 19.43
C TRP I 515 -63.69 -51.81 19.52
N LYS I 516 -64.37 -51.77 20.67
CA LYS I 516 -65.49 -50.86 20.85
C LYS I 516 -65.03 -49.41 20.87
N GLU I 517 -63.83 -49.17 21.39
CA GLU I 517 -63.33 -47.81 21.46
C GLU I 517 -62.88 -47.30 20.11
N ILE I 518 -62.15 -48.12 19.35
CA ILE I 518 -61.39 -47.62 18.22
C ILE I 518 -62.31 -47.23 17.07
N VAL I 519 -63.52 -47.80 17.03
CA VAL I 519 -64.49 -47.35 16.08
C VAL I 519 -65.04 -45.97 16.42
N ASN I 520 -65.37 -45.74 17.69
CA ASN I 520 -66.00 -44.48 18.09
C ASN I 520 -65.06 -43.31 17.92
N LEU I 521 -63.79 -43.49 18.27
CA LEU I 521 -62.83 -42.43 18.06
C LEU I 521 -62.57 -42.17 16.60
N LEU I 522 -62.78 -43.17 15.74
CA LEU I 522 -62.52 -42.98 14.32
C LEU I 522 -63.57 -42.08 13.69
N TYR I 523 -64.83 -42.29 14.02
CA TYR I 523 -65.88 -41.46 13.46
C TYR I 523 -65.84 -40.05 14.02
N GLU I 524 -65.30 -39.88 15.22
CA GLU I 524 -65.13 -38.54 15.76
C GLU I 524 -64.09 -37.76 14.98
N LEU I 525 -63.04 -38.43 14.51
CA LEU I 525 -62.02 -37.77 13.70
C LEU I 525 -62.60 -37.28 12.38
N LEU I 526 -63.28 -38.19 11.67
CA LEU I 526 -63.87 -37.87 10.39
C LEU I 526 -64.91 -36.77 10.51
N ALA I 527 -65.74 -36.83 11.55
CA ALA I 527 -66.67 -35.74 11.81
C ALA I 527 -65.94 -34.45 12.16
N SER I 528 -64.76 -34.54 12.75
CA SER I 528 -64.03 -33.33 13.04
C SER I 528 -63.34 -32.79 11.79
N LEU I 529 -63.14 -33.63 10.80
CA LEU I 529 -62.52 -33.15 9.57
C LEU I 529 -63.45 -32.29 8.75
N ILE I 530 -64.66 -32.76 8.47
CA ILE I 530 -65.51 -32.09 7.50
C ILE I 530 -66.50 -31.18 8.19
N ARG I 531 -66.21 -30.78 9.41
CA ARG I 531 -67.06 -29.81 10.10
C ARG I 531 -66.80 -28.46 9.47
N GLY I 532 -67.85 -27.78 9.06
CA GLY I 532 -67.72 -26.45 8.52
C GLY I 532 -67.29 -26.36 7.08
N ASN I 533 -66.27 -27.14 6.70
CA ASN I 533 -65.66 -27.05 5.38
C ASN I 533 -66.62 -27.51 4.29
N ARG I 534 -66.81 -26.67 3.28
CA ARG I 534 -67.65 -27.06 2.15
C ARG I 534 -66.89 -27.95 1.17
N ALA I 535 -65.61 -27.70 0.98
CA ALA I 535 -64.85 -28.40 -0.05
C ALA I 535 -64.66 -29.87 0.29
N ASN I 536 -64.42 -30.18 1.56
CA ASN I 536 -64.28 -31.58 1.92
C ASN I 536 -65.62 -32.27 2.05
N CYS I 537 -66.71 -31.52 2.19
CA CYS I 537 -68.01 -32.14 2.25
C CYS I 537 -68.45 -32.70 0.91
N ALA I 538 -67.99 -32.12 -0.19
CA ALA I 538 -68.29 -32.68 -1.50
C ALA I 538 -67.55 -33.98 -1.77
N LEU I 539 -66.56 -34.32 -0.94
CA LEU I 539 -65.82 -35.56 -1.12
C LEU I 539 -66.63 -36.80 -0.74
N PHE I 540 -67.83 -36.62 -0.20
CA PHE I 540 -68.69 -37.74 0.13
C PHE I 540 -69.85 -37.87 -0.83
N SER I 541 -69.84 -37.10 -1.91
CA SER I 541 -70.91 -37.16 -2.90
C SER I 541 -70.85 -38.44 -3.72
N THR I 542 -69.72 -39.13 -3.72
CA THR I 542 -69.62 -40.40 -4.43
C THR I 542 -70.01 -41.58 -3.57
N ASN I 543 -69.60 -41.59 -2.30
CA ASN I 543 -69.88 -42.72 -1.43
C ASN I 543 -70.85 -42.33 -0.33
N LEU I 544 -71.88 -41.57 -0.71
CA LEU I 544 -72.98 -41.25 0.18
C LEU I 544 -73.68 -42.51 0.68
N ASP I 545 -73.91 -43.47 -0.23
CA ASP I 545 -74.54 -44.72 0.13
C ASP I 545 -73.66 -45.58 1.02
N TRP I 546 -72.34 -45.36 1.01
CA TRP I 546 -71.48 -46.05 1.95
C TRP I 546 -71.77 -45.61 3.38
N VAL I 547 -72.14 -44.36 3.57
CA VAL I 547 -72.45 -43.84 4.91
C VAL I 547 -73.76 -44.39 5.43
N VAL I 548 -74.83 -44.25 4.65
CA VAL I 548 -76.18 -44.54 5.13
C VAL I 548 -76.37 -46.04 5.33
N SER I 549 -75.55 -46.86 4.66
CA SER I 549 -75.66 -48.30 4.82
C SER I 549 -75.17 -48.80 6.17
N LYS I 550 -74.54 -47.96 6.98
CA LYS I 550 -74.00 -48.38 8.27
C LYS I 550 -74.71 -47.70 9.45
N LEU I 551 -75.94 -47.22 9.24
CA LEU I 551 -76.61 -46.46 10.28
C LEU I 551 -77.12 -47.35 11.40
N ASP I 552 -77.55 -48.57 11.07
CA ASP I 552 -78.04 -49.49 12.08
C ASP I 552 -76.96 -50.44 12.57
N ARG I 553 -75.71 -49.98 12.59
CA ARG I 553 -74.60 -50.88 12.87
C ARG I 553 -74.45 -51.18 14.36
N LEU I 554 -75.23 -50.52 15.22
CA LEU I 554 -75.40 -50.79 16.65
C LEU I 554 -74.18 -50.41 17.49
N GLU I 555 -73.06 -50.09 16.87
CA GLU I 555 -71.87 -49.59 17.56
C GLU I 555 -71.59 -48.22 16.99
N ALA I 556 -71.47 -47.23 17.88
CA ALA I 556 -71.27 -45.81 17.56
C ALA I 556 -72.37 -45.29 16.65
N SER I 557 -73.61 -45.68 16.98
CA SER I 557 -74.77 -45.21 16.24
C SER I 557 -74.92 -43.69 16.29
N SER I 558 -74.55 -43.06 17.40
CA SER I 558 -74.47 -41.61 17.41
C SER I 558 -73.31 -41.10 16.59
N GLY I 559 -72.25 -41.90 16.45
CA GLY I 559 -71.05 -41.48 15.76
C GLY I 559 -71.26 -41.23 14.28
N ILE I 560 -71.84 -42.21 13.58
CA ILE I 560 -72.07 -42.04 12.15
C ILE I 560 -73.15 -41.00 11.91
N LEU I 561 -74.17 -40.98 12.76
CA LEU I 561 -75.24 -39.99 12.66
C LEU I 561 -74.71 -38.58 12.87
N GLU I 562 -73.65 -38.45 13.67
CA GLU I 562 -72.95 -37.18 13.76
C GLU I 562 -72.29 -36.81 12.45
N VAL I 563 -71.67 -37.78 11.76
CA VAL I 563 -70.96 -37.49 10.52
C VAL I 563 -71.94 -37.08 9.43
N LEU I 564 -73.12 -37.71 9.41
CA LEU I 564 -74.11 -37.38 8.40
C LEU I 564 -74.69 -35.99 8.60
N TYR I 565 -74.72 -35.51 9.84
CA TYR I 565 -75.33 -34.22 10.09
C TYR I 565 -74.43 -33.08 9.63
N CYS I 566 -73.12 -33.22 9.83
CA CYS I 566 -72.23 -32.15 9.44
C CYS I 566 -72.01 -32.09 7.95
N VAL I 567 -72.19 -33.19 7.23
CA VAL I 567 -72.01 -33.17 5.78
C VAL I 567 -73.25 -32.64 5.07
N LEU I 568 -74.41 -32.73 5.68
CA LEU I 568 -75.65 -32.32 5.04
C LEU I 568 -76.02 -30.89 5.34
N ILE I 569 -75.08 -30.07 5.80
CA ILE I 569 -75.34 -28.66 6.04
C ILE I 569 -74.34 -27.76 5.38
N GLU I 570 -73.28 -28.31 4.81
CA GLU I 570 -72.24 -27.49 4.21
C GLU I 570 -72.27 -27.47 2.69
N SER I 571 -72.54 -28.59 2.04
CA SER I 571 -72.51 -28.67 0.57
C SER I 571 -73.89 -29.09 0.09
N PRO I 572 -74.67 -28.19 -0.51
CA PRO I 572 -76.06 -28.48 -0.85
C PRO I 572 -76.26 -29.46 -2.00
N GLU I 573 -75.20 -29.78 -2.74
CA GLU I 573 -75.31 -30.72 -3.84
C GLU I 573 -75.53 -32.15 -3.36
N VAL I 574 -75.32 -32.42 -2.07
CA VAL I 574 -75.52 -33.77 -1.59
C VAL I 574 -76.99 -33.96 -1.20
N LEU I 575 -77.78 -32.89 -1.20
CA LEU I 575 -79.21 -33.07 -0.98
C LEU I 575 -79.92 -33.76 -2.13
N ASN I 576 -79.84 -33.22 -3.34
CA ASN I 576 -80.64 -33.68 -4.46
C ASN I 576 -80.08 -34.92 -5.14
N ILE I 577 -79.09 -35.56 -4.55
CA ILE I 577 -78.64 -36.86 -5.00
C ILE I 577 -79.12 -37.97 -4.07
N ILE I 578 -80.21 -37.73 -3.36
CA ILE I 578 -80.73 -38.66 -2.38
C ILE I 578 -82.07 -39.18 -2.87
N GLN I 579 -82.21 -40.50 -2.93
CA GLN I 579 -83.44 -41.12 -3.40
C GLN I 579 -84.23 -41.65 -2.22
N GLU I 580 -85.35 -42.28 -2.53
CA GLU I 580 -86.30 -42.74 -1.53
C GLU I 580 -85.76 -43.93 -0.73
N ASN I 581 -84.76 -44.64 -1.26
CA ASN I 581 -84.19 -45.74 -0.50
C ASN I 581 -83.37 -45.25 0.68
N HIS I 582 -82.90 -44.01 0.65
CA HIS I 582 -82.11 -43.50 1.76
C HIS I 582 -82.99 -43.01 2.90
N ILE I 583 -84.03 -42.25 2.57
CA ILE I 583 -84.93 -41.69 3.58
C ILE I 583 -85.64 -42.80 4.34
N LYS I 584 -85.95 -43.90 3.67
CA LYS I 584 -86.61 -45.00 4.34
C LYS I 584 -85.70 -45.73 5.32
N SER I 585 -84.39 -45.52 5.23
CA SER I 585 -83.53 -46.06 6.26
C SER I 585 -83.49 -45.15 7.49
N ILE I 586 -83.54 -43.84 7.28
CA ILE I 586 -83.43 -42.88 8.37
C ILE I 586 -84.66 -42.94 9.28
N ILE I 587 -85.85 -43.01 8.70
CA ILE I 587 -87.04 -43.26 9.51
C ILE I 587 -86.96 -44.62 10.19
N SER I 588 -86.36 -45.61 9.51
CA SER I 588 -86.12 -46.89 10.16
C SER I 588 -85.02 -46.80 11.22
N LEU I 589 -84.19 -45.76 11.18
CA LEU I 589 -83.26 -45.56 12.28
C LEU I 589 -83.96 -45.01 13.50
N LEU I 590 -84.88 -44.07 13.27
CA LEU I 590 -85.63 -43.45 14.36
C LEU I 590 -86.54 -44.46 15.06
N ASP I 591 -87.11 -45.38 14.31
CA ASP I 591 -87.98 -46.41 14.85
C ASP I 591 -87.25 -47.47 15.64
N LYS I 592 -85.92 -47.53 15.55
CA LYS I 592 -85.14 -48.51 16.28
C LYS I 592 -84.14 -47.90 17.24
N HIS I 593 -84.16 -46.59 17.43
CA HIS I 593 -83.22 -45.95 18.34
C HIS I 593 -83.88 -44.86 19.15
N GLY I 594 -85.15 -45.06 19.48
CA GLY I 594 -85.85 -44.16 20.37
C GLY I 594 -86.15 -42.81 19.73
N ARG I 595 -86.69 -41.94 20.56
CA ARG I 595 -87.03 -40.60 20.11
C ARG I 595 -85.81 -39.71 20.25
N ASN I 596 -84.80 -39.97 19.44
CA ASN I 596 -83.60 -39.16 19.44
C ASN I 596 -83.88 -37.85 18.73
N HIS I 597 -83.56 -36.76 19.41
CA HIS I 597 -83.81 -35.44 18.85
C HIS I 597 -82.78 -35.01 17.84
N LYS I 598 -81.72 -35.77 17.64
CA LYS I 598 -80.77 -35.44 16.59
C LYS I 598 -81.27 -35.86 15.22
N VAL I 599 -82.07 -36.93 15.15
CA VAL I 599 -82.60 -37.39 13.88
C VAL I 599 -83.57 -36.39 13.28
N LEU I 600 -84.24 -35.60 14.11
CA LEU I 600 -85.10 -34.57 13.54
C LEU I 600 -84.30 -33.40 13.03
N ASP I 601 -83.04 -33.25 13.43
CA ASP I 601 -82.21 -32.20 12.85
C ASP I 601 -81.86 -32.49 11.41
N VAL I 602 -81.41 -33.72 11.12
CA VAL I 602 -80.95 -34.04 9.79
C VAL I 602 -82.12 -34.05 8.81
N LEU I 603 -83.32 -34.35 9.27
CA LEU I 603 -84.48 -34.21 8.40
C LEU I 603 -84.86 -32.75 8.23
N CYS I 604 -84.52 -31.89 9.19
CA CYS I 604 -84.80 -30.48 9.00
C CYS I 604 -83.80 -29.84 8.07
N SER I 605 -82.62 -30.44 7.92
CA SER I 605 -81.67 -29.96 6.92
C SER I 605 -81.96 -30.51 5.55
N LEU I 606 -82.78 -31.54 5.46
CA LEU I 606 -83.05 -32.20 4.19
C LEU I 606 -84.12 -31.49 3.38
N CYS I 607 -84.88 -30.60 3.99
CA CYS I 607 -85.92 -29.90 3.25
C CYS I 607 -85.33 -28.79 2.39
N VAL I 608 -84.63 -27.86 3.01
CA VAL I 608 -84.14 -26.69 2.30
C VAL I 608 -82.62 -26.74 2.21
N CYS I 609 -82.09 -25.90 1.33
CA CYS I 609 -80.66 -25.61 1.30
C CYS I 609 -80.47 -24.22 0.73
N ASN I 610 -79.78 -23.36 1.50
CA ASN I 610 -79.45 -21.99 1.12
C ASN I 610 -80.70 -21.17 0.82
N GLY I 611 -81.77 -21.43 1.54
CA GLY I 611 -83.04 -20.80 1.26
C GLY I 611 -83.75 -21.33 0.04
N VAL I 612 -83.35 -22.49 -0.48
CA VAL I 612 -83.99 -23.08 -1.65
C VAL I 612 -84.46 -24.48 -1.28
N ALA I 613 -85.75 -24.71 -1.44
CA ALA I 613 -86.33 -25.97 -1.02
C ALA I 613 -86.25 -27.00 -2.13
N VAL I 614 -86.43 -28.26 -1.76
CA VAL I 614 -86.39 -29.38 -2.69
C VAL I 614 -87.76 -30.05 -2.64
N ARG I 615 -88.58 -29.79 -3.64
CA ARG I 615 -89.91 -30.38 -3.69
C ARG I 615 -89.90 -31.88 -3.86
N SER I 616 -88.81 -32.46 -4.36
CA SER I 616 -88.72 -33.90 -4.42
C SER I 616 -88.52 -34.51 -3.05
N ASN I 617 -87.79 -33.83 -2.17
CA ASN I 617 -87.58 -34.34 -0.83
C ASN I 617 -88.68 -33.97 0.13
N GLN I 618 -89.41 -32.88 -0.13
CA GLN I 618 -90.45 -32.46 0.81
C GLN I 618 -91.70 -33.31 0.72
N ASP I 619 -91.76 -34.29 -0.17
CA ASP I 619 -92.87 -35.21 -0.14
C ASP I 619 -92.45 -36.62 0.22
N LEU I 620 -91.18 -36.96 0.03
CA LEU I 620 -90.72 -38.28 0.43
C LEU I 620 -90.75 -38.46 1.94
N ILE I 621 -90.50 -37.39 2.68
CA ILE I 621 -90.66 -37.44 4.13
C ILE I 621 -92.13 -37.58 4.50
N THR I 622 -92.97 -36.75 3.88
CA THR I 622 -94.33 -36.55 4.38
C THR I 622 -95.21 -37.77 4.21
N GLU I 623 -95.26 -38.36 3.01
CA GLU I 623 -96.08 -39.54 2.81
C GLU I 623 -95.46 -40.81 3.39
N ASN I 624 -94.28 -40.71 3.99
CA ASN I 624 -93.72 -41.82 4.75
C ASN I 624 -93.89 -41.66 6.25
N LEU I 625 -93.46 -40.52 6.80
CA LEU I 625 -93.44 -40.33 8.25
C LEU I 625 -94.83 -40.13 8.82
N LEU I 626 -95.51 -39.06 8.44
CA LEU I 626 -96.85 -38.71 8.90
C LEU I 626 -97.97 -39.75 8.84
N PRO I 627 -98.24 -40.42 7.71
CA PRO I 627 -99.58 -41.02 7.53
C PRO I 627 -99.84 -42.21 8.42
N GLY I 628 -98.80 -42.91 8.86
CA GLY I 628 -98.99 -43.97 9.83
C GLY I 628 -99.46 -43.44 11.16
N ARG I 629 -99.05 -42.20 11.50
CA ARG I 629 -99.40 -41.51 12.74
C ARG I 629 -98.99 -42.31 13.98
N GLU I 630 -97.94 -43.10 13.85
CA GLU I 630 -97.58 -44.06 14.88
C GLU I 630 -96.12 -44.00 15.29
N LEU I 631 -95.42 -42.90 15.01
CA LEU I 631 -94.05 -42.73 15.46
C LEU I 631 -93.85 -41.40 16.16
N LEU I 632 -94.68 -40.42 15.87
CA LEU I 632 -94.59 -39.10 16.48
C LEU I 632 -95.68 -38.93 17.53
N LEU I 633 -95.76 -37.75 18.09
CA LEU I 633 -96.79 -37.46 19.07
C LEU I 633 -97.97 -36.79 18.39
N GLN I 634 -99.18 -37.04 18.89
CA GLN I 634 -100.37 -36.44 18.34
C GLN I 634 -101.02 -35.55 19.38
N THR I 635 -101.59 -34.44 18.92
CA THR I 635 -102.25 -33.49 19.82
C THR I 635 -103.73 -33.44 19.49
N ASN I 636 -104.54 -33.16 20.51
CA ASN I 636 -105.97 -33.06 20.30
C ASN I 636 -106.61 -32.30 21.46
N LEU I 637 -107.73 -31.65 21.17
CA LEU I 637 -108.57 -31.10 22.22
C LEU I 637 -109.61 -32.15 22.61
N ILE I 638 -109.74 -32.40 23.90
CA ILE I 638 -110.76 -33.33 24.41
C ILE I 638 -111.50 -32.70 25.57
N ASN I 639 -112.55 -33.38 26.00
CA ASN I 639 -113.39 -32.88 27.07
C ASN I 639 -112.97 -33.48 28.40
N TYR I 640 -113.43 -32.84 29.47
CA TYR I 640 -113.29 -33.36 30.82
C TYR I 640 -114.44 -34.30 31.14
N VAL I 641 -114.15 -35.27 32.00
CA VAL I 641 -115.19 -36.12 32.57
C VAL I 641 -114.99 -36.16 34.09
N THR I 642 -116.08 -36.38 34.79
CA THR I 642 -116.06 -36.70 36.22
C THR I 642 -116.91 -37.94 36.44
N SER I 643 -117.00 -38.34 37.70
CA SER I 643 -117.83 -39.47 38.08
C SER I 643 -118.45 -39.16 39.43
N ILE I 644 -119.69 -39.57 39.62
CA ILE I 644 -120.40 -39.36 40.87
C ILE I 644 -121.08 -40.65 41.28
N ARG I 645 -121.41 -40.76 42.55
CA ARG I 645 -122.00 -41.95 43.13
C ARG I 645 -122.79 -41.59 44.37
N PRO I 646 -123.74 -42.42 44.77
CA PRO I 646 -124.25 -42.39 46.13
C PRO I 646 -123.35 -43.22 47.04
N ASN I 647 -123.71 -43.26 48.32
CA ASN I 647 -122.90 -43.99 49.30
C ASN I 647 -123.43 -45.42 49.49
N ILE I 648 -123.61 -46.12 48.38
CA ILE I 648 -124.30 -47.40 48.38
C ILE I 648 -123.30 -48.44 47.91
N PHE I 649 -122.58 -49.04 48.85
CA PHE I 649 -121.49 -49.96 48.52
C PHE I 649 -121.93 -51.37 48.83
N VAL I 650 -122.39 -52.08 47.81
CA VAL I 650 -122.88 -53.44 47.95
C VAL I 650 -121.80 -54.41 47.52
N GLY I 651 -121.49 -55.38 48.38
CA GLY I 651 -120.58 -56.44 48.02
C GLY I 651 -120.94 -57.72 48.76
N ARG I 652 -120.46 -58.83 48.21
CA ARG I 652 -120.75 -60.13 48.80
C ARG I 652 -119.45 -60.80 49.22
N ALA I 653 -119.59 -61.80 50.09
CA ALA I 653 -118.45 -62.53 50.64
C ALA I 653 -118.96 -63.87 51.16
N GLU I 654 -118.13 -64.54 51.97
CA GLU I 654 -118.59 -65.72 52.68
C GLU I 654 -119.65 -65.34 53.72
N GLY I 655 -119.26 -64.56 54.71
CA GLY I 655 -120.23 -64.08 55.68
C GLY I 655 -120.91 -62.86 55.15
N SER I 656 -122.07 -63.05 54.52
CA SER I 656 -122.71 -61.99 53.77
C SER I 656 -123.98 -61.55 54.49
N THR I 657 -123.94 -60.34 55.05
CA THR I 657 -125.13 -59.72 55.59
C THR I 657 -125.87 -58.87 54.55
N GLN I 658 -125.53 -59.02 53.28
CA GLN I 658 -126.08 -58.19 52.21
C GLN I 658 -126.90 -59.04 51.24
N TYR I 659 -127.63 -58.36 50.35
CA TYR I 659 -128.61 -59.04 49.52
C TYR I 659 -127.95 -59.73 48.33
N GLY I 660 -127.36 -58.95 47.42
CA GLY I 660 -126.67 -59.48 46.26
C GLY I 660 -127.45 -59.38 44.96
N LYS I 661 -128.55 -58.64 44.94
CA LYS I 661 -129.36 -58.44 43.74
C LYS I 661 -130.20 -57.18 43.89
N TRP I 662 -129.80 -56.13 43.18
CA TRP I 662 -130.29 -54.79 43.39
C TRP I 662 -130.76 -54.18 42.09
N TYR I 663 -131.18 -52.92 42.17
CA TYR I 663 -131.85 -52.25 41.07
C TYR I 663 -131.93 -50.76 41.37
N PHE I 664 -131.80 -49.95 40.32
CA PHE I 664 -132.03 -48.51 40.44
C PHE I 664 -132.27 -47.96 39.03
N GLU I 665 -132.82 -46.75 38.99
CA GLU I 665 -133.21 -46.12 37.73
C GLU I 665 -132.56 -44.75 37.59
N VAL I 666 -132.36 -44.34 36.35
CA VAL I 666 -131.80 -43.02 36.02
C VAL I 666 -132.64 -42.42 34.90
N MET I 667 -133.15 -41.22 35.12
CA MET I 667 -133.97 -40.51 34.14
C MET I 667 -133.18 -39.33 33.60
N VAL I 668 -132.98 -39.33 32.30
CA VAL I 668 -132.24 -38.26 31.63
C VAL I 668 -133.23 -37.30 30.99
N ASP I 669 -133.01 -36.01 31.22
CA ASP I 669 -133.97 -35.00 30.77
C ASP I 669 -133.37 -33.82 30.03
N GLU I 670 -132.05 -33.62 30.06
CA GLU I 670 -131.47 -32.46 29.40
C GLU I 670 -130.05 -32.79 28.98
N VAL I 671 -129.86 -33.06 27.70
CA VAL I 671 -128.54 -33.34 27.15
C VAL I 671 -128.37 -32.56 25.85
N VAL I 672 -127.40 -31.67 25.81
CA VAL I 672 -126.91 -31.13 24.56
C VAL I 672 -126.02 -32.17 23.91
N PRO I 673 -126.24 -32.54 22.66
CA PRO I 673 -125.39 -33.56 22.03
C PRO I 673 -124.00 -33.03 21.71
N PHE I 674 -123.90 -31.77 21.34
CA PHE I 674 -122.62 -31.18 20.95
C PHE I 674 -122.51 -29.78 21.52
N LEU I 675 -121.96 -29.67 22.72
CA LEU I 675 -121.52 -28.38 23.21
C LEU I 675 -120.10 -28.08 22.75
N THR I 676 -119.25 -29.08 22.75
CA THR I 676 -117.84 -28.93 22.41
C THR I 676 -117.60 -29.49 21.02
N ALA I 677 -116.33 -29.54 20.64
CA ALA I 677 -115.95 -30.20 19.40
C ALA I 677 -116.10 -31.70 19.49
N GLN I 678 -115.94 -32.27 20.69
CA GLN I 678 -116.05 -33.71 20.86
C GLN I 678 -117.48 -34.03 21.28
N ALA I 679 -117.85 -35.29 21.16
CA ALA I 679 -119.20 -35.70 21.55
C ALA I 679 -119.35 -35.66 23.06
N THR I 680 -120.56 -35.34 23.51
CA THR I 680 -120.83 -35.17 24.93
C THR I 680 -120.89 -36.55 25.59
N HIS I 681 -119.95 -36.80 26.48
CA HIS I 681 -119.76 -38.12 27.08
C HIS I 681 -120.76 -38.31 28.21
N LEU I 682 -121.49 -39.43 28.19
CA LEU I 682 -122.47 -39.74 29.23
C LEU I 682 -122.72 -41.24 29.24
N ARG I 683 -122.23 -41.93 30.26
CA ARG I 683 -122.44 -43.36 30.42
C ARG I 683 -122.95 -43.65 31.84
N VAL I 684 -123.57 -44.81 32.01
CA VAL I 684 -124.19 -45.22 33.27
C VAL I 684 -123.88 -46.69 33.52
N GLY I 685 -123.42 -47.02 34.72
CA GLY I 685 -123.20 -48.41 35.06
C GLY I 685 -122.80 -48.62 36.49
N TRP I 686 -122.02 -49.68 36.71
CA TRP I 686 -121.56 -50.10 38.02
C TRP I 686 -120.03 -50.13 38.05
N ALA I 687 -119.48 -50.02 39.26
CA ALA I 687 -118.03 -49.93 39.42
C ALA I 687 -117.63 -50.52 40.76
N LEU I 688 -116.40 -51.03 40.80
CA LEU I 688 -115.75 -51.45 42.04
C LEU I 688 -115.30 -50.24 42.84
N THR I 689 -114.75 -50.51 44.02
CA THR I 689 -114.29 -49.43 44.89
C THR I 689 -112.79 -49.24 44.77
N GLU I 690 -112.03 -50.32 44.99
CA GLU I 690 -110.58 -50.21 45.11
C GLU I 690 -109.87 -49.99 43.78
N GLY I 691 -110.55 -50.22 42.66
CA GLY I 691 -109.87 -50.17 41.38
C GLY I 691 -110.19 -48.98 40.51
N TYR I 692 -111.45 -48.55 40.51
CA TYR I 692 -111.88 -47.49 39.62
C TYR I 692 -111.48 -46.14 40.21
N SER I 693 -110.55 -45.46 39.55
CA SER I 693 -110.03 -44.16 39.99
C SER I 693 -109.97 -43.23 38.79
N PRO I 694 -111.03 -42.52 38.50
CA PRO I 694 -111.02 -41.58 37.37
C PRO I 694 -110.28 -40.31 37.73
N TYR I 695 -109.36 -39.91 36.89
CA TYR I 695 -108.70 -38.65 37.18
C TYR I 695 -109.07 -37.62 36.12
N PRO I 696 -109.16 -36.33 36.48
CA PRO I 696 -109.79 -35.35 35.57
C PRO I 696 -109.00 -35.06 34.30
N GLY I 697 -107.77 -35.51 34.18
CA GLY I 697 -107.06 -35.39 32.93
C GLY I 697 -106.17 -36.59 32.66
N GLY I 698 -105.87 -36.85 31.39
CA GLY I 698 -105.00 -37.94 31.04
C GLY I 698 -105.64 -39.29 31.28
N GLY I 699 -104.80 -40.30 31.37
CA GLY I 699 -105.24 -41.62 31.73
C GLY I 699 -105.12 -42.58 30.56
N GLU I 700 -105.79 -43.71 30.68
CA GLU I 700 -105.76 -44.74 29.66
C GLU I 700 -106.63 -44.33 28.47
N GLY I 701 -106.15 -44.66 27.29
CA GLY I 701 -106.86 -44.30 26.09
C GLY I 701 -106.51 -42.89 25.62
N TRP I 702 -107.37 -42.35 24.76
CA TRP I 702 -107.11 -41.02 24.24
C TRP I 702 -107.41 -39.96 25.28
N GLY I 703 -108.26 -40.25 26.23
CA GLY I 703 -108.54 -39.30 27.29
C GLY I 703 -110.02 -39.18 27.55
N GLY I 704 -110.33 -38.55 28.67
CA GLY I 704 -111.70 -38.43 29.11
C GLY I 704 -112.26 -39.76 29.55
N ASN I 705 -111.38 -40.61 30.05
CA ASN I 705 -111.77 -41.95 30.48
C ASN I 705 -112.66 -41.91 31.72
N GLY I 706 -113.74 -42.69 31.68
CA GLY I 706 -114.70 -42.75 32.76
C GLY I 706 -115.22 -44.15 33.01
N VAL I 707 -116.55 -44.31 33.03
CA VAL I 707 -117.16 -45.60 33.31
C VAL I 707 -116.93 -46.55 32.14
N GLY I 708 -116.45 -47.74 32.43
CA GLY I 708 -116.19 -48.73 31.42
C GLY I 708 -114.87 -48.58 30.72
N ASP I 709 -114.05 -47.63 31.14
CA ASP I 709 -112.82 -47.32 30.43
C ASP I 709 -111.64 -48.15 30.90
N ASP I 710 -111.87 -49.12 31.77
CA ASP I 710 -110.87 -50.11 32.13
C ASP I 710 -111.58 -51.33 32.70
N LEU I 711 -110.82 -52.15 33.41
CA LEU I 711 -111.34 -53.41 33.91
C LEU I 711 -112.02 -53.28 35.27
N TYR I 712 -112.45 -52.08 35.66
CA TYR I 712 -113.01 -51.90 36.98
C TYR I 712 -114.44 -51.38 36.95
N SER I 713 -115.01 -51.11 35.78
CA SER I 713 -116.37 -50.64 35.69
C SER I 713 -116.96 -51.07 34.35
N TYR I 714 -118.29 -51.01 34.26
CA TYR I 714 -119.03 -51.56 33.12
C TYR I 714 -120.08 -50.53 32.73
N GLY I 715 -119.95 -49.97 31.52
CA GLY I 715 -120.73 -48.83 31.12
C GLY I 715 -121.74 -49.12 30.02
N PHE I 716 -122.77 -48.29 29.99
CA PHE I 716 -123.78 -48.33 28.94
C PHE I 716 -124.13 -46.89 28.59
N ASP I 717 -124.25 -46.60 27.30
CA ASP I 717 -124.51 -45.24 26.84
C ASP I 717 -125.80 -45.13 26.06
N GLY I 718 -126.54 -46.22 25.92
CA GLY I 718 -127.68 -46.21 25.04
C GLY I 718 -127.51 -47.18 23.91
N LEU I 719 -126.30 -47.30 23.36
CA LEU I 719 -126.11 -48.27 22.29
C LEU I 719 -124.74 -48.94 22.32
N HIS I 720 -123.99 -48.85 23.41
CA HIS I 720 -122.73 -49.57 23.53
C HIS I 720 -122.53 -50.07 24.95
N LEU I 721 -121.94 -51.25 25.05
CA LEU I 721 -121.53 -51.79 26.34
C LEU I 721 -120.07 -51.44 26.54
N TRP I 722 -119.80 -50.50 27.42
CA TRP I 722 -118.45 -50.04 27.67
C TRP I 722 -117.83 -50.85 28.81
N THR I 723 -116.76 -51.56 28.51
CA THR I 723 -115.97 -52.27 29.51
C THR I 723 -114.60 -52.55 28.94
N GLY I 724 -113.58 -52.43 29.78
CA GLY I 724 -112.21 -52.70 29.36
C GLY I 724 -111.68 -51.75 28.30
N HIS I 725 -112.22 -50.53 28.24
CA HIS I 725 -111.92 -49.51 27.23
C HIS I 725 -112.12 -50.02 25.80
N VAL I 726 -113.35 -50.43 25.48
CA VAL I 726 -113.75 -50.74 24.11
C VAL I 726 -115.26 -50.63 24.04
N ALA I 727 -115.78 -50.08 22.95
CA ALA I 727 -117.20 -50.06 22.70
C ALA I 727 -117.65 -51.45 22.26
N ARG I 728 -118.86 -51.83 22.64
CA ARG I 728 -119.45 -53.08 22.18
C ARG I 728 -120.82 -52.80 21.60
N PRO I 729 -121.02 -52.99 20.30
CA PRO I 729 -122.29 -52.65 19.68
C PRO I 729 -123.39 -53.62 20.12
N VAL I 730 -124.52 -53.04 20.53
CA VAL I 730 -125.62 -53.81 21.09
C VAL I 730 -126.76 -53.82 20.08
N THR I 731 -127.75 -54.65 20.36
CA THR I 731 -128.97 -54.74 19.56
C THR I 731 -130.12 -54.37 20.48
N SER I 732 -130.48 -53.11 20.50
CA SER I 732 -131.60 -52.67 21.31
C SER I 732 -132.75 -52.21 20.41
N PRO I 733 -134.00 -52.48 20.81
CA PRO I 733 -135.14 -51.99 20.03
C PRO I 733 -135.31 -50.49 20.18
N GLY I 734 -135.21 -49.78 19.05
CA GLY I 734 -135.24 -48.34 19.06
C GLY I 734 -133.98 -47.77 19.68
N GLN I 735 -132.83 -48.34 19.32
CA GLN I 735 -131.59 -47.97 19.97
C GLN I 735 -131.13 -46.59 19.54
N HIS I 736 -130.70 -45.81 20.51
CA HIS I 736 -130.13 -44.48 20.28
C HIS I 736 -129.34 -44.12 21.52
N LEU I 737 -128.84 -42.89 21.56
CA LEU I 737 -128.09 -42.44 22.72
C LEU I 737 -129.04 -42.13 23.87
N LEU I 738 -128.47 -41.63 24.96
CA LEU I 738 -129.29 -41.22 26.10
C LEU I 738 -129.93 -39.88 25.75
N ALA I 739 -131.03 -39.95 25.03
CA ALA I 739 -131.80 -38.77 24.70
C ALA I 739 -132.54 -38.28 25.96
N PRO I 740 -132.99 -37.03 25.98
CA PRO I 740 -133.86 -36.58 27.07
C PRO I 740 -135.19 -37.32 27.06
N GLU I 741 -135.84 -37.28 28.23
CA GLU I 741 -137.07 -38.04 28.53
C GLU I 741 -136.87 -39.53 28.30
N ASP I 742 -135.73 -40.05 28.76
CA ASP I 742 -135.45 -41.47 28.73
C ASP I 742 -135.15 -41.94 30.15
N VAL I 743 -135.54 -43.17 30.44
CA VAL I 743 -135.32 -43.78 31.75
C VAL I 743 -134.57 -45.07 31.53
N VAL I 744 -133.36 -45.17 32.08
CA VAL I 744 -132.55 -46.37 31.99
C VAL I 744 -132.60 -47.07 33.34
N SER I 745 -132.36 -48.37 33.33
CA SER I 745 -132.33 -49.18 34.54
C SER I 745 -131.15 -50.13 34.47
N CYS I 746 -130.67 -50.55 35.65
CA CYS I 746 -129.52 -51.42 35.75
C CYS I 746 -129.86 -52.61 36.63
N CYS I 747 -130.02 -53.78 36.03
CA CYS I 747 -130.22 -55.00 36.78
C CYS I 747 -128.87 -55.57 37.18
N LEU I 748 -128.72 -55.84 38.48
CA LEU I 748 -127.46 -56.30 39.03
C LEU I 748 -127.66 -57.60 39.79
N ASP I 749 -126.73 -58.53 39.60
CA ASP I 749 -126.75 -59.78 40.34
C ASP I 749 -125.34 -60.07 40.86
N LEU I 750 -125.25 -60.48 42.12
CA LEU I 750 -123.98 -60.86 42.71
C LEU I 750 -123.85 -62.36 42.92
N SER I 751 -124.96 -63.10 42.93
CA SER I 751 -124.88 -64.55 43.03
C SER I 751 -124.24 -65.13 41.77
N VAL I 752 -124.90 -64.95 40.64
CA VAL I 752 -124.25 -65.13 39.35
C VAL I 752 -123.65 -63.76 39.01
N PRO I 753 -122.43 -63.71 38.47
CA PRO I 753 -121.90 -62.42 38.01
C PRO I 753 -122.67 -61.95 36.79
N SER I 754 -123.50 -60.93 36.97
CA SER I 754 -124.45 -60.55 35.94
C SER I 754 -124.84 -59.09 36.09
N ILE I 755 -124.78 -58.35 34.99
CA ILE I 755 -125.30 -56.99 34.92
C ILE I 755 -126.16 -56.91 33.67
N SER I 756 -127.41 -56.47 33.84
CA SER I 756 -128.31 -56.24 32.72
C SER I 756 -128.82 -54.81 32.73
N PHE I 757 -129.50 -54.45 31.65
CA PHE I 757 -130.03 -53.10 31.49
C PHE I 757 -131.38 -53.12 30.77
N ARG I 758 -132.25 -52.20 31.14
CA ARG I 758 -133.43 -51.87 30.37
C ARG I 758 -133.52 -50.36 30.27
N ILE I 759 -133.92 -49.87 29.10
CA ILE I 759 -134.13 -48.44 28.86
C ILE I 759 -135.58 -48.24 28.46
N ASN I 760 -136.27 -47.37 29.20
CA ASN I 760 -137.69 -47.03 28.99
C ASN I 760 -138.56 -48.27 29.01
N GLY I 761 -138.29 -49.17 29.96
CA GLY I 761 -138.98 -50.43 30.05
C GLY I 761 -138.50 -51.50 29.11
N CYS I 762 -137.64 -51.18 28.15
CA CYS I 762 -137.26 -52.12 27.13
C CYS I 762 -135.88 -52.69 27.42
N PRO I 763 -135.77 -54.01 27.58
CA PRO I 763 -134.48 -54.59 27.97
C PRO I 763 -133.49 -54.66 26.83
N VAL I 764 -132.21 -54.77 27.20
CA VAL I 764 -131.13 -54.79 26.21
C VAL I 764 -130.70 -56.24 25.97
N GLN I 765 -130.13 -56.47 24.80
CA GLN I 765 -129.74 -57.82 24.39
C GLN I 765 -128.25 -58.04 24.58
N GLY I 766 -127.83 -58.00 25.85
CA GLY I 766 -126.45 -58.24 26.20
C GLY I 766 -126.15 -58.03 27.67
N VAL I 767 -125.33 -58.91 28.26
CA VAL I 767 -125.04 -58.90 29.69
C VAL I 767 -123.58 -59.24 29.93
N PHE I 768 -123.11 -58.89 31.12
CA PHE I 768 -121.73 -59.10 31.53
C PHE I 768 -121.66 -60.30 32.46
N GLU I 769 -120.52 -61.00 32.45
CA GLU I 769 -120.34 -62.21 33.25
C GLU I 769 -118.92 -62.29 33.78
N ALA I 770 -118.77 -63.14 34.80
CA ALA I 770 -117.50 -63.74 35.20
C ALA I 770 -116.47 -62.73 35.70
N PHE I 771 -116.93 -61.57 36.13
CA PHE I 771 -116.02 -60.58 36.67
C PHE I 771 -115.63 -60.94 38.09
N ASN I 772 -114.60 -60.29 38.59
CA ASN I 772 -114.11 -60.57 39.93
C ASN I 772 -115.08 -60.06 40.98
N LEU I 773 -114.88 -60.51 42.22
CA LEU I 773 -115.77 -60.13 43.32
C LEU I 773 -114.99 -59.72 44.56
N ASP I 774 -113.81 -59.13 44.39
CA ASP I 774 -112.98 -58.72 45.52
C ASP I 774 -113.20 -57.22 45.75
N GLY I 775 -114.32 -56.87 46.36
CA GLY I 775 -114.62 -55.50 46.67
C GLY I 775 -116.11 -55.25 46.57
N LEU I 776 -116.48 -54.00 46.82
CA LEU I 776 -117.87 -53.58 46.85
C LEU I 776 -118.25 -52.98 45.51
N PHE I 777 -119.53 -52.66 45.35
CA PHE I 777 -120.03 -52.08 44.11
C PHE I 777 -120.95 -50.91 44.40
N PHE I 778 -120.88 -49.90 43.55
CA PHE I 778 -121.74 -48.73 43.71
C PHE I 778 -122.13 -48.20 42.33
N PRO I 779 -123.28 -47.55 42.21
CA PRO I 779 -123.68 -47.02 40.90
C PRO I 779 -122.84 -45.82 40.52
N VAL I 780 -122.51 -45.74 39.23
CA VAL I 780 -121.69 -44.65 38.68
C VAL I 780 -122.34 -44.12 37.42
N VAL I 781 -122.35 -42.79 37.29
CA VAL I 781 -122.62 -42.14 36.03
C VAL I 781 -121.49 -41.16 35.74
N SER I 782 -120.86 -41.34 34.59
CA SER I 782 -119.80 -40.44 34.16
C SER I 782 -120.38 -39.52 33.11
N PHE I 783 -120.14 -38.22 33.26
CA PHE I 783 -120.73 -37.25 32.36
C PHE I 783 -119.67 -36.26 31.91
N SER I 784 -119.85 -35.72 30.71
CA SER I 784 -119.12 -34.55 30.28
C SER I 784 -119.90 -33.30 30.69
N ALA I 785 -119.53 -32.15 30.16
CA ALA I 785 -120.28 -30.93 30.46
C ALA I 785 -121.59 -30.92 29.69
N GLY I 786 -122.51 -30.05 30.10
CA GLY I 786 -123.75 -29.87 29.39
C GLY I 786 -124.75 -30.98 29.58
N VAL I 787 -124.72 -31.64 30.73
CA VAL I 787 -125.61 -32.75 31.01
C VAL I 787 -126.29 -32.50 32.35
N LYS I 788 -127.63 -32.51 32.35
CA LYS I 788 -128.44 -32.44 33.56
C LYS I 788 -129.22 -33.72 33.71
N VAL I 789 -129.12 -34.36 34.87
CA VAL I 789 -129.73 -35.67 35.05
C VAL I 789 -130.12 -35.83 36.52
N ARG I 790 -131.08 -36.72 36.77
CA ARG I 790 -131.63 -36.94 38.09
C ARG I 790 -131.48 -38.40 38.50
N PHE I 791 -131.47 -38.63 39.80
CA PHE I 791 -131.34 -39.96 40.38
C PHE I 791 -132.69 -40.50 40.85
N LEU I 792 -132.92 -41.78 40.58
CA LEU I 792 -134.08 -42.53 41.07
C LEU I 792 -133.54 -43.72 41.85
N LEU I 793 -133.51 -43.59 43.17
CA LEU I 793 -132.87 -44.56 44.04
C LEU I 793 -133.87 -45.51 44.70
N GLY I 794 -135.00 -44.97 45.17
CA GLY I 794 -136.00 -45.74 45.85
C GLY I 794 -137.12 -44.81 46.27
N GLY I 795 -138.22 -45.40 46.75
CA GLY I 795 -139.46 -44.64 46.93
C GLY I 795 -139.38 -43.57 47.99
N ARG I 796 -138.47 -43.70 48.95
CA ARG I 796 -138.29 -42.64 49.93
C ARG I 796 -137.59 -41.44 49.34
N HIS I 797 -136.79 -41.64 48.28
CA HIS I 797 -136.08 -40.54 47.66
C HIS I 797 -136.48 -40.29 46.22
N GLY I 798 -136.44 -41.30 45.38
CA GLY I 798 -137.00 -41.16 44.05
C GLY I 798 -138.40 -41.72 44.01
N GLU I 799 -138.94 -41.91 42.82
CA GLU I 799 -140.18 -42.66 42.62
C GLU I 799 -139.98 -43.49 41.36
N PHE I 800 -139.94 -44.81 41.54
CA PHE I 800 -139.55 -45.72 40.46
C PHE I 800 -140.54 -45.66 39.32
N LYS I 801 -140.09 -45.17 38.17
CA LYS I 801 -140.95 -45.05 37.00
C LYS I 801 -141.23 -46.39 36.35
N PHE I 802 -140.56 -47.45 36.78
CA PHE I 802 -140.84 -48.79 36.30
C PHE I 802 -140.77 -49.76 37.48
N LEU I 803 -141.47 -50.85 37.35
CA LEU I 803 -141.42 -51.86 38.39
C LEU I 803 -140.11 -52.65 38.28
N PRO I 804 -139.42 -52.86 39.39
CA PRO I 804 -138.24 -53.73 39.37
C PRO I 804 -138.65 -55.16 39.09
N PRO I 805 -137.82 -55.91 38.38
CA PRO I 805 -138.08 -57.35 38.22
C PRO I 805 -137.96 -58.05 39.55
N PRO I 806 -138.72 -59.14 39.76
CA PRO I 806 -138.84 -59.75 41.09
C PRO I 806 -137.52 -60.32 41.58
N GLY I 807 -137.10 -59.90 42.77
CA GLY I 807 -135.80 -60.23 43.30
C GLY I 807 -134.87 -59.05 43.38
N TYR I 808 -135.31 -57.86 43.02
CA TYR I 808 -134.42 -56.71 42.93
C TYR I 808 -134.91 -55.62 43.87
N ALA I 809 -134.15 -55.39 44.94
CA ALA I 809 -134.41 -54.46 46.01
C ALA I 809 -134.22 -53.02 45.54
N PRO I 810 -135.05 -52.09 46.01
CA PRO I 810 -134.82 -50.68 45.70
C PRO I 810 -133.56 -50.18 46.39
N CYS I 811 -132.82 -49.34 45.68
CA CYS I 811 -131.43 -49.09 46.00
C CYS I 811 -131.25 -48.24 47.25
N HIS I 812 -132.30 -47.62 47.77
CA HIS I 812 -132.21 -46.84 48.99
C HIS I 812 -132.23 -47.69 50.25
N GLU I 813 -132.06 -49.01 50.14
CA GLU I 813 -132.09 -49.90 51.29
C GLU I 813 -130.71 -50.24 51.82
N ALA I 814 -129.67 -50.17 51.00
CA ALA I 814 -128.34 -50.56 51.44
C ALA I 814 -127.57 -49.41 52.08
N VAL I 815 -128.25 -48.33 52.46
CA VAL I 815 -127.60 -47.24 53.18
C VAL I 815 -127.21 -47.71 54.57
N LEU I 816 -126.04 -47.32 54.98
CA LEU I 816 -125.57 -47.74 56.28
C LEU I 816 -126.26 -46.92 57.37
N PRO I 817 -126.40 -47.46 58.58
CA PRO I 817 -127.04 -46.70 59.66
C PRO I 817 -126.25 -45.49 60.12
N ARG I 818 -124.93 -45.48 59.93
CA ARG I 818 -124.10 -44.40 60.42
C ARG I 818 -124.12 -43.18 59.52
N GLU I 819 -124.54 -43.34 58.26
CA GLU I 819 -124.45 -42.23 57.32
C GLU I 819 -125.73 -42.14 56.50
N ARG I 820 -126.23 -40.92 56.34
CA ARG I 820 -127.37 -40.68 55.48
C ARG I 820 -126.97 -40.78 54.02
N LEU I 821 -127.97 -40.80 53.15
CA LEU I 821 -127.73 -40.88 51.71
C LEU I 821 -127.20 -39.54 51.22
N ARG I 822 -126.16 -39.59 50.40
CA ARG I 822 -125.44 -38.40 49.96
C ARG I 822 -124.85 -38.66 48.59
N LEU I 823 -124.61 -37.58 47.84
CA LEU I 823 -124.03 -37.65 46.50
C LEU I 823 -122.60 -37.10 46.57
N GLU I 824 -121.67 -37.80 45.93
CA GLU I 824 -120.27 -37.42 46.07
C GLU I 824 -119.48 -37.80 44.82
N PRO I 825 -118.37 -37.12 44.58
CA PRO I 825 -117.39 -37.61 43.60
C PRO I 825 -116.55 -38.73 44.20
N ILE I 826 -115.55 -39.17 43.45
CA ILE I 826 -114.76 -40.34 43.79
C ILE I 826 -113.29 -39.96 43.81
N LYS I 827 -112.61 -40.26 44.93
CA LYS I 827 -111.14 -40.28 45.03
C LYS I 827 -110.52 -38.90 44.80
N GLU I 828 -111.29 -37.86 45.11
CA GLU I 828 -110.94 -36.51 44.70
C GLU I 828 -109.78 -35.96 45.51
N TYR I 829 -109.27 -34.82 45.08
CA TYR I 829 -108.31 -34.10 45.89
C TYR I 829 -108.66 -32.65 46.10
N ARG I 830 -109.36 -32.00 45.18
CA ARG I 830 -109.72 -30.61 45.33
C ARG I 830 -111.12 -30.54 45.88
N ARG I 831 -111.35 -29.63 46.81
CA ARG I 831 -112.67 -29.38 47.35
C ARG I 831 -112.79 -27.90 47.63
N GLU I 832 -113.65 -27.22 46.87
CA GLU I 832 -113.71 -25.76 46.93
C GLU I 832 -114.30 -25.31 48.25
N GLY I 833 -113.51 -24.56 49.02
CA GLY I 833 -113.88 -24.20 50.36
C GLY I 833 -114.28 -22.75 50.49
N PRO I 834 -114.35 -22.28 51.74
CA PRO I 834 -114.66 -20.88 52.00
C PRO I 834 -113.40 -20.10 51.71
N ARG I 835 -112.45 -20.16 52.64
CA ARG I 835 -111.18 -19.47 52.50
C ARG I 835 -110.26 -20.24 51.56
N GLY I 836 -110.49 -20.10 50.26
CA GLY I 836 -109.69 -20.78 49.26
C GLY I 836 -110.21 -22.18 49.01
N PRO I 837 -109.52 -22.94 48.16
CA PRO I 837 -109.97 -24.29 47.90
C PRO I 837 -109.27 -25.19 48.86
N HIS I 838 -109.86 -26.33 49.17
CA HIS I 838 -109.20 -27.25 50.08
C HIS I 838 -108.61 -28.45 49.36
N LEU I 839 -107.54 -28.98 49.93
CA LEU I 839 -106.93 -30.20 49.44
C LEU I 839 -107.20 -31.31 50.44
N VAL I 840 -107.62 -32.47 49.94
CA VAL I 840 -107.91 -33.59 50.80
C VAL I 840 -106.92 -34.71 50.52
N GLY I 841 -106.79 -35.62 51.48
CA GLY I 841 -105.96 -36.78 51.30
C GLY I 841 -106.76 -37.89 50.70
N PRO I 842 -106.21 -39.11 50.69
CA PRO I 842 -106.96 -40.24 50.14
C PRO I 842 -108.10 -40.65 51.04
N SER I 843 -109.21 -41.02 50.42
CA SER I 843 -110.38 -41.45 51.17
C SER I 843 -110.14 -42.83 51.77
N ARG I 844 -110.64 -43.04 52.98
CA ARG I 844 -110.51 -44.33 53.63
C ARG I 844 -111.73 -45.17 53.23
N CYS I 845 -111.49 -46.18 52.40
CA CYS I 845 -112.59 -46.98 51.90
C CYS I 845 -112.91 -48.11 52.87
N LEU I 846 -114.20 -48.43 52.95
CA LEU I 846 -114.61 -49.63 53.65
C LEU I 846 -114.14 -50.85 52.88
N SER I 847 -113.65 -51.85 53.60
CA SER I 847 -113.07 -52.99 52.92
C SER I 847 -114.16 -53.93 52.41
N HIS I 848 -113.70 -55.00 51.78
CA HIS I 848 -114.62 -56.02 51.29
C HIS I 848 -115.27 -56.77 52.44
N THR I 849 -114.48 -57.23 53.40
CA THR I 849 -114.96 -58.04 54.51
C THR I 849 -115.24 -57.21 55.75
N ASP I 850 -115.66 -55.97 55.58
CA ASP I 850 -116.09 -55.16 56.73
C ASP I 850 -117.54 -55.39 57.08
N PHE I 851 -118.18 -56.40 56.46
CA PHE I 851 -119.59 -56.66 56.70
C PHE I 851 -119.82 -58.03 57.32
N VAL I 852 -118.81 -58.90 57.32
CA VAL I 852 -118.92 -60.19 57.97
C VAL I 852 -118.73 -60.00 59.47
N PRO I 853 -119.61 -60.56 60.31
CA PRO I 853 -119.42 -60.46 61.76
C PRO I 853 -118.29 -61.37 62.26
N CYS I 854 -118.12 -61.38 63.58
CA CYS I 854 -117.06 -62.16 64.17
C CYS I 854 -117.51 -62.78 65.50
N PRO I 855 -117.01 -63.98 65.84
CA PRO I 855 -117.29 -64.60 67.13
C PRO I 855 -116.24 -64.26 68.17
N ILE I 861 -115.81 -73.26 75.26
CA ILE I 861 -114.67 -73.74 76.01
C ILE I 861 -115.10 -74.24 77.38
N VAL I 862 -114.12 -74.60 78.22
CA VAL I 862 -114.41 -75.13 79.55
C VAL I 862 -114.85 -74.00 80.48
N LEU I 863 -115.41 -74.38 81.63
CA LEU I 863 -115.92 -73.41 82.59
C LEU I 863 -115.56 -73.87 83.99
N PRO I 864 -114.93 -73.01 84.80
CA PRO I 864 -114.48 -73.43 86.15
C PRO I 864 -115.66 -73.58 87.10
N PRO I 865 -115.54 -74.43 88.12
CA PRO I 865 -116.68 -74.67 89.01
C PRO I 865 -117.02 -73.52 89.93
N HIS I 866 -116.07 -72.64 90.24
CA HIS I 866 -116.37 -71.48 91.08
C HIS I 866 -117.25 -70.47 90.35
N LEU I 867 -117.22 -70.48 89.03
CA LEU I 867 -118.15 -69.70 88.23
C LEU I 867 -119.38 -70.49 87.83
N GLU I 868 -119.41 -71.79 88.09
CA GLU I 868 -120.58 -72.60 87.75
C GLU I 868 -121.76 -72.30 88.65
N ARG I 869 -121.53 -72.14 89.96
CA ARG I 869 -122.60 -71.81 90.88
C ARG I 869 -123.08 -70.37 90.74
N ILE I 870 -122.17 -69.43 90.42
CA ILE I 870 -122.55 -68.03 90.31
C ILE I 870 -123.26 -67.73 89.00
N ARG I 871 -123.30 -68.68 88.06
CA ARG I 871 -123.96 -68.47 86.78
C ARG I 871 -125.47 -68.32 86.93
N GLU I 872 -126.09 -69.14 87.77
CA GLU I 872 -127.50 -68.95 88.06
C GLU I 872 -127.74 -67.79 89.01
N LYS I 873 -126.73 -67.41 89.79
CA LYS I 873 -126.85 -66.28 90.69
C LYS I 873 -126.96 -64.97 89.92
N LEU I 874 -126.15 -64.79 88.88
CA LEU I 874 -126.31 -63.63 88.01
C LEU I 874 -127.54 -63.77 87.12
N ALA I 875 -127.96 -65.01 86.84
CA ALA I 875 -129.17 -65.22 86.04
C ALA I 875 -130.41 -64.81 86.82
N GLU I 876 -130.48 -65.15 88.10
CA GLU I 876 -131.55 -64.64 88.94
C GLU I 876 -131.41 -63.14 89.17
N ASN I 877 -130.18 -62.63 89.12
CA ASN I 877 -129.96 -61.19 89.21
C ASN I 877 -130.43 -60.49 87.95
N ILE I 878 -130.25 -61.13 86.79
CA ILE I 878 -130.59 -60.49 85.52
C ILE I 878 -132.10 -60.42 85.32
N HIS I 879 -132.82 -61.48 85.68
CA HIS I 879 -134.27 -61.46 85.55
C HIS I 879 -134.91 -60.52 86.56
N GLU I 880 -134.34 -60.45 87.77
CA GLU I 880 -134.83 -59.48 88.76
C GLU I 880 -134.52 -58.06 88.35
N LEU I 881 -133.38 -57.84 87.69
CA LEU I 881 -133.11 -56.52 87.12
C LEU I 881 -133.99 -56.25 85.91
N TRP I 882 -134.38 -57.29 85.17
CA TRP I 882 -135.28 -57.08 84.04
C TRP I 882 -136.69 -56.76 84.50
N ALA I 883 -137.18 -57.46 85.51
CA ALA I 883 -138.51 -57.18 86.03
C ALA I 883 -138.59 -55.82 86.70
N LEU I 884 -137.50 -55.35 87.30
CA LEU I 884 -137.43 -53.97 87.78
C LEU I 884 -137.44 -53.00 86.62
N THR I 885 -136.81 -53.37 85.50
CA THR I 885 -136.90 -52.58 84.29
C THR I 885 -138.27 -52.71 83.64
N ARG I 886 -138.91 -53.87 83.79
CA ARG I 886 -140.25 -54.05 83.26
C ARG I 886 -141.28 -53.26 84.06
N ILE I 887 -141.19 -53.32 85.40
CA ILE I 887 -142.14 -52.62 86.25
C ILE I 887 -141.94 -51.11 86.22
N GLU I 888 -140.75 -50.63 85.84
CA GLU I 888 -140.50 -49.20 85.80
C GLU I 888 -141.24 -48.51 84.66
N GLN I 889 -141.47 -49.22 83.55
CA GLN I 889 -142.23 -48.65 82.45
C GLN I 889 -143.73 -48.93 82.55
N GLY I 890 -144.12 -50.06 83.14
CA GLY I 890 -145.53 -50.35 83.28
C GLY I 890 -145.92 -51.79 83.03
N TRP I 891 -144.94 -52.66 82.81
CA TRP I 891 -145.24 -54.09 82.74
C TRP I 891 -145.60 -54.63 84.11
N THR I 892 -146.68 -55.38 84.18
CA THR I 892 -147.10 -56.07 85.39
C THR I 892 -146.93 -57.57 85.19
N TYR I 893 -147.18 -58.32 86.24
CA TYR I 893 -147.16 -59.77 86.12
C TYR I 893 -148.48 -60.25 85.53
N GLY I 894 -148.40 -60.78 84.31
CA GLY I 894 -149.58 -61.31 83.64
C GLY I 894 -149.32 -62.73 83.19
N PRO I 895 -150.39 -63.52 83.05
CA PRO I 895 -150.23 -64.90 82.59
C PRO I 895 -149.86 -64.98 81.12
N VAL I 896 -150.28 -63.97 80.36
CA VAL I 896 -149.92 -63.87 78.95
C VAL I 896 -148.81 -62.83 78.80
N ARG I 897 -148.16 -62.84 77.64
CA ARG I 897 -147.11 -61.90 77.31
C ARG I 897 -147.65 -60.91 76.28
N ASP I 898 -148.16 -59.78 76.75
CA ASP I 898 -148.69 -58.76 75.86
C ASP I 898 -147.98 -57.45 76.14
N ASP I 899 -147.17 -57.01 75.17
CA ASP I 899 -146.43 -55.76 75.33
C ASP I 899 -147.34 -54.55 75.16
N ASN I 900 -148.34 -54.65 74.29
CA ASN I 900 -149.30 -53.55 74.10
C ASN I 900 -150.18 -53.37 75.33
N LYS I 901 -150.54 -54.45 76.00
CA LYS I 901 -151.21 -54.38 77.29
C LYS I 901 -150.24 -54.24 78.46
N ARG I 902 -148.93 -54.20 78.17
CA ARG I 902 -147.84 -54.13 79.15
C ARG I 902 -147.92 -55.28 80.16
N LEU I 903 -147.76 -56.49 79.64
CA LEU I 903 -147.82 -57.71 80.44
C LEU I 903 -146.47 -58.40 80.39
N HIS I 904 -145.97 -58.82 81.55
CA HIS I 904 -144.70 -59.51 81.65
C HIS I 904 -144.88 -60.80 82.44
N PRO I 905 -144.73 -61.97 81.81
CA PRO I 905 -144.86 -63.24 82.55
C PRO I 905 -143.62 -63.61 83.34
N CYS I 906 -142.57 -62.79 83.25
CA CYS I 906 -141.36 -62.93 84.06
C CYS I 906 -141.18 -61.75 85.00
N LEU I 907 -142.28 -61.21 85.53
CA LEU I 907 -142.24 -60.02 86.36
C LEU I 907 -142.24 -60.31 87.85
N VAL I 908 -142.44 -61.55 88.27
CA VAL I 908 -142.48 -61.87 89.69
C VAL I 908 -141.10 -62.20 90.21
N ASN I 909 -140.50 -63.27 89.68
CA ASN I 909 -139.16 -63.70 90.10
C ASN I 909 -138.55 -64.50 88.98
N PHE I 910 -137.28 -64.88 89.15
CA PHE I 910 -136.60 -65.71 88.17
C PHE I 910 -137.11 -67.15 88.22
N HIS I 911 -137.47 -67.63 89.41
CA HIS I 911 -138.12 -68.93 89.51
C HIS I 911 -139.53 -68.90 88.94
N SER I 912 -140.18 -67.74 88.97
CA SER I 912 -141.49 -67.57 88.35
C SER I 912 -141.40 -67.42 86.84
N LEU I 913 -140.21 -67.24 86.29
CA LEU I 913 -140.04 -67.28 84.85
C LEU I 913 -140.22 -68.71 84.34
N PRO I 914 -140.80 -68.87 83.14
CA PRO I 914 -141.01 -70.22 82.61
C PRO I 914 -139.70 -70.91 82.27
N GLU I 915 -139.79 -72.24 82.16
CA GLU I 915 -138.63 -73.11 81.93
C GLU I 915 -137.89 -72.86 80.61
N PRO I 916 -138.53 -72.49 79.49
CA PRO I 916 -137.73 -71.96 78.37
C PRO I 916 -137.04 -70.64 78.69
N GLU I 917 -137.68 -69.75 79.45
CA GLU I 917 -137.00 -68.52 79.86
C GLU I 917 -136.02 -68.79 81.00
N ARG I 918 -136.25 -69.83 81.80
CA ARG I 918 -135.31 -70.20 82.85
C ARG I 918 -134.07 -70.86 82.27
N ASN I 919 -134.24 -71.66 81.21
CA ASN I 919 -133.10 -72.20 80.50
C ASN I 919 -132.38 -71.12 79.68
N TYR I 920 -133.11 -70.10 79.21
CA TYR I 920 -132.49 -69.02 78.47
C TYR I 920 -131.62 -68.15 79.37
N ASN I 921 -132.04 -67.98 80.64
CA ASN I 921 -131.28 -67.15 81.57
C ASN I 921 -129.98 -67.82 81.98
N LEU I 922 -129.92 -69.16 81.88
CA LEU I 922 -128.69 -69.86 82.21
C LEU I 922 -127.75 -69.98 81.01
N GLN I 923 -128.31 -70.22 79.81
CA GLN I 923 -127.45 -70.36 78.64
C GLN I 923 -126.92 -69.01 78.16
N MET I 924 -127.59 -67.92 78.52
CA MET I 924 -127.01 -66.60 78.31
C MET I 924 -125.97 -66.28 79.37
N SER I 925 -126.05 -66.94 80.52
CA SER I 925 -125.03 -66.75 81.56
C SER I 925 -123.75 -67.49 81.21
N GLY I 926 -123.86 -68.72 80.71
CA GLY I 926 -122.67 -69.48 80.37
C GLY I 926 -121.97 -68.98 79.12
N GLU I 927 -122.68 -68.28 78.24
CA GLU I 927 -122.06 -67.76 77.03
C GLU I 927 -121.17 -66.56 77.33
N THR I 928 -121.67 -65.62 78.14
CA THR I 928 -120.90 -64.41 78.44
C THR I 928 -119.74 -64.65 79.39
N LEU I 929 -119.68 -65.82 80.02
CA LEU I 929 -118.59 -66.15 80.91
C LEU I 929 -117.48 -66.93 80.21
N LYS I 930 -117.85 -67.82 79.28
CA LYS I 930 -116.84 -68.57 78.54
C LYS I 930 -116.08 -67.67 77.57
N THR I 931 -116.72 -66.60 77.11
CA THR I 931 -116.03 -65.60 76.32
C THR I 931 -115.31 -64.56 77.17
N LEU I 932 -115.60 -64.50 78.48
CA LEU I 932 -114.91 -63.56 79.34
C LEU I 932 -113.48 -64.00 79.62
N LEU I 933 -113.29 -65.30 79.76
CA LEU I 933 -111.96 -65.88 79.85
C LEU I 933 -111.29 -65.98 78.48
N ALA I 934 -112.06 -65.97 77.41
CA ALA I 934 -111.51 -66.19 76.08
C ALA I 934 -110.75 -64.98 75.57
N LEU I 935 -111.11 -63.77 76.03
CA LEU I 935 -110.41 -62.58 75.55
C LEU I 935 -109.11 -62.37 76.30
N GLY I 936 -108.93 -62.99 77.46
CA GLY I 936 -107.70 -62.84 78.21
C GLY I 936 -107.90 -62.22 79.58
N CYS I 937 -109.16 -62.00 79.96
CA CYS I 937 -109.46 -61.46 81.27
C CYS I 937 -109.43 -62.58 82.30
N HIS I 938 -108.48 -62.50 83.22
CA HIS I 938 -108.37 -63.49 84.28
C HIS I 938 -109.36 -63.15 85.38
N VAL I 939 -110.04 -64.18 85.90
CA VAL I 939 -111.04 -64.00 86.94
C VAL I 939 -110.64 -64.85 88.15
N GLY I 940 -110.97 -64.34 89.34
CA GLY I 940 -110.70 -65.05 90.57
C GLY I 940 -111.82 -64.83 91.57
N MET I 941 -111.89 -65.74 92.54
CA MET I 941 -112.95 -65.74 93.55
C MET I 941 -112.36 -65.25 94.86
N ALA I 942 -112.95 -64.19 95.42
CA ALA I 942 -112.51 -63.63 96.68
C ALA I 942 -113.64 -62.82 97.30
N ASP I 943 -113.60 -62.72 98.64
CA ASP I 943 -114.48 -61.87 99.45
C ASP I 943 -115.96 -62.22 99.27
N GLU I 944 -116.28 -63.48 99.51
CA GLU I 944 -117.66 -63.93 99.44
C GLU I 944 -118.47 -63.43 100.64
N LYS I 945 -117.79 -63.08 101.74
CA LYS I 945 -118.48 -62.55 102.91
C LYS I 945 -118.99 -61.13 102.68
N ALA I 946 -118.15 -60.26 102.12
CA ALA I 946 -118.59 -58.90 101.80
C ALA I 946 -119.57 -58.89 100.64
N GLU I 947 -119.50 -59.91 99.76
CA GLU I 947 -120.50 -60.06 98.72
C GLU I 947 -121.85 -60.44 99.29
N ASP I 948 -121.87 -61.37 100.25
CA ASP I 948 -123.12 -61.75 100.90
C ASP I 948 -123.60 -60.67 101.85
N ASN I 949 -122.68 -59.88 102.42
CA ASN I 949 -123.06 -58.78 103.28
C ASN I 949 -123.73 -57.63 102.51
N LEU I 950 -123.46 -57.52 101.21
CA LEU I 950 -124.16 -56.56 100.38
C LEU I 950 -125.60 -57.02 100.18
N LYS I 951 -126.55 -56.19 100.58
CA LYS I 951 -127.96 -56.51 100.49
C LYS I 951 -128.48 -56.20 99.08
N LYS I 952 -129.79 -56.24 98.95
CA LYS I 952 -130.41 -55.92 97.67
C LYS I 952 -130.64 -54.42 97.54
N THR I 953 -130.96 -54.00 96.32
CA THR I 953 -131.35 -52.61 96.10
C THR I 953 -132.73 -52.36 96.70
N LYS I 954 -132.89 -51.16 97.28
CA LYS I 954 -134.12 -50.82 97.96
C LYS I 954 -135.25 -50.58 96.97
N LEU I 955 -136.38 -51.25 97.21
CA LEU I 955 -137.54 -51.16 96.33
C LEU I 955 -138.65 -50.42 97.06
N PRO I 956 -139.00 -49.21 96.65
CA PRO I 956 -140.07 -48.46 97.33
C PRO I 956 -141.45 -48.92 96.91
N LYS I 957 -142.49 -48.22 97.38
CA LYS I 957 -143.86 -48.55 96.99
C LYS I 957 -144.11 -48.25 95.52
N THR I 958 -143.38 -47.30 94.94
CA THR I 958 -143.42 -47.07 93.51
C THR I 958 -142.64 -48.11 92.71
N TYR I 959 -141.72 -48.83 93.35
CA TYR I 959 -140.96 -49.86 92.65
C TYR I 959 -141.76 -51.16 92.50
N MET I 960 -142.67 -51.43 93.42
CA MET I 960 -143.51 -52.61 93.31
C MET I 960 -144.58 -52.40 92.25
N MET I 961 -144.75 -53.40 91.40
CA MET I 961 -145.69 -53.31 90.27
C MET I 961 -147.11 -53.60 90.76
N SER I 962 -148.02 -53.81 89.81
CA SER I 962 -149.41 -54.10 90.13
C SER I 962 -149.60 -55.46 90.80
N ASN I 963 -148.68 -56.39 90.59
CA ASN I 963 -148.76 -57.66 91.29
C ASN I 963 -148.34 -57.56 92.75
N GLY I 964 -147.62 -56.49 93.10
CA GLY I 964 -147.16 -56.29 94.46
C GLY I 964 -145.84 -56.95 94.80
N TYR I 965 -145.29 -57.75 93.90
CA TYR I 965 -144.02 -58.44 94.13
C TYR I 965 -142.91 -57.72 93.40
N LYS I 966 -142.15 -56.91 94.14
CA LYS I 966 -141.01 -56.24 93.57
C LYS I 966 -139.78 -57.13 93.67
N PRO I 967 -139.08 -57.36 92.57
CA PRO I 967 -137.85 -58.16 92.62
C PRO I 967 -136.74 -57.41 93.35
N ALA I 968 -135.79 -58.17 93.88
CA ALA I 968 -134.71 -57.64 94.71
C ALA I 968 -133.38 -58.07 94.11
N PRO I 969 -132.88 -57.37 93.09
CA PRO I 969 -131.57 -57.71 92.53
C PRO I 969 -130.44 -57.25 93.44
N LEU I 970 -129.24 -57.78 93.16
CA LEU I 970 -128.08 -57.51 93.98
C LEU I 970 -127.61 -56.07 93.78
N ASP I 971 -127.19 -55.44 94.88
CA ASP I 971 -126.80 -54.04 94.84
C ASP I 971 -125.38 -53.90 94.28
N LEU I 972 -125.24 -53.06 93.25
CA LEU I 972 -123.94 -52.78 92.64
C LEU I 972 -123.55 -51.32 92.79
N SER I 973 -124.13 -50.62 93.77
CA SER I 973 -123.75 -49.24 94.03
C SER I 973 -122.38 -49.12 94.69
N HIS I 974 -121.89 -50.21 95.29
CA HIS I 974 -120.56 -50.21 95.90
C HIS I 974 -119.44 -50.42 94.88
N VAL I 975 -119.72 -51.08 93.77
CA VAL I 975 -118.72 -51.42 92.76
C VAL I 975 -118.71 -50.34 91.69
N ARG I 976 -117.52 -49.78 91.44
CA ARG I 976 -117.31 -48.82 90.37
C ARG I 976 -116.46 -49.45 89.28
N LEU I 977 -116.94 -49.39 88.04
CA LEU I 977 -116.27 -50.03 86.93
C LEU I 977 -115.04 -49.23 86.50
N THR I 978 -113.97 -49.95 86.20
CA THR I 978 -112.70 -49.35 85.81
C THR I 978 -112.74 -48.97 84.33
N PRO I 979 -111.86 -48.06 83.89
CA PRO I 979 -111.69 -47.85 82.44
C PRO I 979 -111.18 -49.08 81.71
N ALA I 980 -110.40 -49.94 82.38
CA ALA I 980 -110.10 -51.25 81.82
C ALA I 980 -111.35 -52.10 81.69
N GLN I 981 -112.23 -52.05 82.68
CA GLN I 981 -113.53 -52.70 82.56
C GLN I 981 -114.44 -51.99 81.57
N THR I 982 -114.33 -50.65 81.47
CA THR I 982 -115.09 -49.93 80.47
C THR I 982 -114.60 -50.24 79.06
N THR I 983 -113.34 -50.64 78.93
CA THR I 983 -112.87 -51.18 77.67
C THR I 983 -113.41 -52.59 77.43
N LEU I 984 -113.43 -53.41 78.47
CA LEU I 984 -113.84 -54.81 78.33
C LEU I 984 -115.35 -54.95 78.17
N VAL I 985 -116.13 -53.98 78.65
CA VAL I 985 -117.57 -54.06 78.51
C VAL I 985 -118.00 -53.80 77.07
N ASP I 986 -117.18 -53.10 76.29
CA ASP I 986 -117.51 -52.90 74.89
C ASP I 986 -117.12 -54.10 74.05
N ARG I 987 -115.99 -54.75 74.37
CA ARG I 987 -115.52 -55.91 73.61
C ARG I 987 -116.44 -57.12 73.77
N LEU I 988 -117.12 -57.22 74.91
CA LEU I 988 -118.07 -58.31 75.09
C LEU I 988 -119.35 -58.05 74.32
N ALA I 989 -119.90 -56.83 74.40
CA ALA I 989 -121.13 -56.50 73.68
C ALA I 989 -120.91 -56.46 72.18
N GLU I 990 -119.67 -56.18 71.75
CA GLU I 990 -119.34 -56.30 70.33
C GLU I 990 -119.40 -57.76 69.88
N ASN I 991 -118.80 -58.65 70.67
CA ASN I 991 -118.84 -60.07 70.37
C ASN I 991 -120.25 -60.64 70.46
N GLY I 992 -120.99 -60.29 71.50
CA GLY I 992 -122.31 -60.87 71.70
C GLY I 992 -123.32 -60.48 70.64
N HIS I 993 -123.28 -59.22 70.21
CA HIS I 993 -124.12 -58.78 69.11
C HIS I 993 -123.71 -59.40 67.78
N ASN I 994 -122.41 -59.54 67.55
CA ASN I 994 -121.96 -60.06 66.27
C ASN I 994 -122.12 -61.57 66.20
N VAL I 995 -121.98 -62.26 67.34
CA VAL I 995 -122.24 -63.69 67.32
C VAL I 995 -123.74 -63.96 67.26
N TRP I 996 -124.58 -63.00 67.67
CA TRP I 996 -126.02 -63.13 67.50
C TRP I 996 -126.42 -63.00 66.05
N ALA I 997 -125.92 -61.95 65.38
CA ALA I 997 -126.17 -61.77 63.96
C ALA I 997 -125.52 -62.87 63.12
N ARG I 998 -124.44 -63.48 63.64
CA ARG I 998 -123.87 -64.67 63.02
C ARG I 998 -124.88 -65.81 63.00
N ASP I 999 -125.62 -65.98 64.08
CA ASP I 999 -126.74 -66.92 64.06
C ASP I 999 -127.86 -66.42 63.17
N ARG I 1000 -128.07 -65.11 63.11
CA ARG I 1000 -129.10 -64.57 62.23
C ARG I 1000 -128.68 -64.65 60.77
N VAL I 1001 -127.38 -64.52 60.49
CA VAL I 1001 -126.91 -64.70 59.11
C VAL I 1001 -127.02 -66.17 58.71
N ALA I 1002 -126.78 -67.07 59.66
CA ALA I 1002 -127.06 -68.48 59.41
C ALA I 1002 -128.55 -68.75 59.33
N GLN I 1003 -129.37 -67.88 59.93
CA GLN I 1003 -130.81 -68.00 59.81
C GLN I 1003 -131.33 -67.52 58.45
N GLY I 1004 -130.46 -67.02 57.60
CA GLY I 1004 -130.87 -66.65 56.25
C GLY I 1004 -131.38 -65.24 56.20
N TRP I 1005 -130.66 -64.32 56.83
CA TRP I 1005 -131.08 -62.94 56.93
C TRP I 1005 -130.02 -62.01 56.35
N SER I 1006 -130.48 -60.87 55.83
CA SER I 1006 -129.59 -59.87 55.25
C SER I 1006 -130.07 -58.49 55.68
N TYR I 1007 -129.21 -57.49 55.52
CA TYR I 1007 -129.49 -56.15 55.99
C TYR I 1007 -130.36 -55.40 54.99
N SER I 1008 -131.24 -54.57 55.51
CA SER I 1008 -131.79 -53.44 54.77
C SER I 1008 -132.02 -52.32 55.76
N ALA I 1009 -132.22 -51.12 55.24
CA ALA I 1009 -132.58 -50.00 56.11
C ALA I 1009 -133.98 -50.14 56.65
N VAL I 1010 -134.91 -50.60 55.82
CA VAL I 1010 -136.26 -50.90 56.28
C VAL I 1010 -136.23 -52.25 56.98
N GLN I 1011 -137.27 -52.51 57.77
CA GLN I 1011 -137.38 -53.74 58.55
C GLN I 1011 -138.42 -54.64 57.89
N ASP I 1012 -137.94 -55.64 57.17
CA ASP I 1012 -138.81 -56.60 56.49
C ASP I 1012 -138.55 -57.97 57.09
N ILE I 1013 -139.37 -58.34 58.07
CA ILE I 1013 -139.18 -59.61 58.79
C ILE I 1013 -139.45 -60.85 57.92
N PRO I 1014 -140.57 -60.93 57.16
CA PRO I 1014 -140.69 -62.09 56.26
C PRO I 1014 -139.74 -62.05 55.08
N ALA I 1015 -139.29 -60.88 54.66
CA ALA I 1015 -138.27 -60.78 53.62
C ALA I 1015 -136.87 -60.76 54.20
N ARG I 1016 -136.71 -61.17 55.46
CA ARG I 1016 -135.42 -61.43 56.11
C ARG I 1016 -134.55 -60.17 56.18
N ARG I 1017 -135.13 -59.07 56.65
CA ARG I 1017 -134.42 -57.81 56.84
C ARG I 1017 -134.55 -57.36 58.28
N ASN I 1018 -133.41 -57.13 58.92
CA ASN I 1018 -133.37 -56.59 60.25
C ASN I 1018 -132.37 -55.43 60.21
N PRO I 1019 -132.77 -54.24 60.67
CA PRO I 1019 -131.90 -53.05 60.50
C PRO I 1019 -130.69 -53.01 61.42
N ARG I 1020 -130.38 -54.06 62.17
CA ARG I 1020 -129.15 -54.13 62.96
C ARG I 1020 -128.25 -55.26 62.49
N LEU I 1021 -128.45 -55.74 61.27
CA LEU I 1021 -127.69 -56.87 60.73
C LEU I 1021 -126.35 -56.44 60.15
N VAL I 1022 -125.56 -55.74 60.95
CA VAL I 1022 -124.21 -55.33 60.57
C VAL I 1022 -123.30 -55.72 61.72
N PRO I 1023 -121.98 -55.76 61.49
CA PRO I 1023 -121.04 -55.81 62.61
C PRO I 1023 -121.15 -54.57 63.49
N TYR I 1024 -120.59 -54.71 64.70
CA TYR I 1024 -120.94 -53.84 65.82
C TYR I 1024 -120.45 -52.42 65.64
N ARG I 1025 -119.30 -52.22 64.98
CA ARG I 1025 -118.83 -50.87 64.74
C ARG I 1025 -119.61 -50.18 63.64
N LEU I 1026 -120.32 -50.93 62.79
CA LEU I 1026 -121.20 -50.35 61.80
C LEU I 1026 -122.57 -50.02 62.36
N LEU I 1027 -122.90 -50.59 63.51
CA LEU I 1027 -124.12 -50.26 64.23
C LEU I 1027 -124.05 -48.82 64.72
N ASP I 1028 -125.18 -48.14 64.67
CA ASP I 1028 -125.25 -46.78 65.21
C ASP I 1028 -125.16 -46.81 66.74
N GLU I 1029 -124.88 -45.64 67.31
CA GLU I 1029 -124.55 -45.53 68.73
C GLU I 1029 -125.70 -45.88 69.66
N ALA I 1030 -126.95 -45.73 69.20
CA ALA I 1030 -128.10 -45.95 70.06
C ALA I 1030 -128.26 -47.41 70.44
N THR I 1031 -128.25 -48.30 69.44
CA THR I 1031 -128.27 -49.72 69.72
C THR I 1031 -126.93 -50.18 70.29
N LYS I 1032 -125.84 -49.48 69.93
CA LYS I 1032 -124.53 -49.75 70.53
C LYS I 1032 -124.53 -49.45 72.01
N ARG I 1033 -125.19 -48.37 72.43
CA ARG I 1033 -125.33 -48.09 73.85
C ARG I 1033 -126.30 -49.05 74.51
N SER I 1034 -127.31 -49.51 73.75
CA SER I 1034 -128.39 -50.32 74.30
C SER I 1034 -127.90 -51.68 74.77
N ASN I 1035 -127.08 -52.35 73.97
CA ASN I 1035 -126.45 -53.57 74.43
C ASN I 1035 -125.35 -53.30 75.44
N ARG I 1036 -124.76 -52.10 75.42
CA ARG I 1036 -123.73 -51.76 76.38
C ARG I 1036 -124.29 -51.57 77.78
N ASP I 1037 -125.39 -50.81 77.93
CA ASP I 1037 -126.00 -50.69 79.25
C ASP I 1037 -126.65 -52.00 79.70
N SER I 1038 -127.03 -52.86 78.76
CA SER I 1038 -127.46 -54.21 79.07
C SER I 1038 -126.36 -55.02 79.74
N LEU I 1039 -125.13 -54.93 79.24
CA LEU I 1039 -124.06 -55.76 79.75
C LEU I 1039 -123.31 -55.12 80.91
N CYS I 1040 -123.49 -53.81 81.13
CA CYS I 1040 -122.94 -53.16 82.33
C CYS I 1040 -123.63 -53.61 83.60
N GLN I 1041 -124.83 -54.18 83.51
CA GLN I 1041 -125.53 -54.65 84.70
C GLN I 1041 -124.83 -55.89 85.28
N ALA I 1042 -124.40 -56.80 84.43
CA ALA I 1042 -123.82 -58.05 84.90
C ALA I 1042 -122.39 -57.90 85.39
N VAL I 1043 -121.75 -56.75 85.15
CA VAL I 1043 -120.33 -56.60 85.50
C VAL I 1043 -120.18 -56.29 86.97
N ARG I 1044 -120.75 -55.18 87.43
CA ARG I 1044 -120.52 -54.71 88.78
C ARG I 1044 -121.26 -55.52 89.83
N THR I 1045 -122.32 -56.24 89.44
CA THR I 1045 -122.92 -57.20 90.35
C THR I 1045 -122.04 -58.43 90.52
N LEU I 1046 -121.34 -58.83 89.45
CA LEU I 1046 -120.34 -59.89 89.60
C LEU I 1046 -119.10 -59.35 90.28
N LEU I 1047 -118.80 -58.07 90.12
CA LEU I 1047 -117.85 -57.41 91.00
C LEU I 1047 -118.42 -57.24 92.41
N GLY I 1048 -119.74 -57.09 92.52
CA GLY I 1048 -120.40 -57.14 93.82
C GLY I 1048 -120.57 -58.55 94.36
N TYR I 1049 -120.38 -59.55 93.52
CA TYR I 1049 -120.26 -60.94 93.95
C TYR I 1049 -118.83 -61.28 94.37
N GLY I 1050 -117.93 -60.31 94.33
CA GLY I 1050 -116.57 -60.46 94.82
C GLY I 1050 -115.54 -60.84 93.77
N TYR I 1051 -115.97 -61.12 92.55
CA TYR I 1051 -115.05 -61.62 91.53
C TYR I 1051 -114.36 -60.47 90.83
N ASN I 1052 -113.04 -60.54 90.73
CA ASN I 1052 -112.20 -59.51 90.13
C ASN I 1052 -111.89 -59.86 88.68
N ILE I 1053 -111.54 -58.84 87.90
CA ILE I 1053 -111.29 -58.98 86.47
C ILE I 1053 -109.92 -58.43 86.14
N GLU I 1054 -109.05 -59.28 85.60
CA GLU I 1054 -107.78 -58.76 85.13
C GLU I 1054 -107.91 -58.26 83.69
N PRO I 1055 -107.00 -57.38 83.24
CA PRO I 1055 -107.13 -56.87 81.87
C PRO I 1055 -106.07 -57.42 80.92
N ASP I 1070 -104.62 -46.74 52.07
CA ASP I 1070 -103.74 -46.63 50.92
C ASP I 1070 -102.39 -46.07 51.32
N ARG I 1071 -101.93 -45.07 50.58
CA ARG I 1071 -100.67 -44.40 50.85
C ARG I 1071 -100.95 -42.94 51.17
N VAL I 1072 -99.90 -42.15 51.24
CA VAL I 1072 -99.99 -40.74 51.61
C VAL I 1072 -99.74 -39.89 50.36
N ARG I 1073 -100.58 -38.89 50.15
CA ARG I 1073 -100.43 -38.00 49.00
C ARG I 1073 -99.44 -36.90 49.31
N ILE I 1074 -98.64 -36.54 48.32
CA ILE I 1074 -97.62 -35.52 48.44
C ILE I 1074 -97.97 -34.40 47.50
N PHE I 1075 -97.94 -33.16 47.99
CA PHE I 1075 -98.38 -32.00 47.23
C PHE I 1075 -97.19 -31.04 47.16
N ARG I 1076 -96.98 -30.45 46.00
CA ARG I 1076 -95.95 -29.42 45.85
C ARG I 1076 -96.28 -28.48 44.71
N ALA I 1077 -95.41 -27.50 44.52
CA ALA I 1077 -95.53 -26.58 43.41
C ALA I 1077 -94.63 -27.03 42.27
N GLU I 1078 -94.84 -26.45 41.09
CA GLU I 1078 -94.14 -26.87 39.88
C GLU I 1078 -92.66 -26.50 39.97
N LYS I 1079 -91.84 -27.28 39.26
CA LYS I 1079 -90.39 -27.18 39.39
C LYS I 1079 -89.81 -25.91 38.80
N SER I 1080 -90.60 -25.13 38.07
CA SER I 1080 -90.16 -23.81 37.67
C SER I 1080 -90.03 -22.86 38.84
N TYR I 1081 -90.84 -23.02 39.88
CA TYR I 1081 -91.01 -22.00 40.90
C TYR I 1081 -89.98 -22.12 42.03
N THR I 1082 -88.84 -22.75 41.78
CA THR I 1082 -87.82 -22.92 42.80
C THR I 1082 -87.20 -21.59 43.19
N VAL I 1083 -86.69 -21.52 44.41
CA VAL I 1083 -86.04 -20.33 44.91
C VAL I 1083 -84.56 -20.63 45.15
N GLN I 1084 -83.75 -19.59 45.01
CA GLN I 1084 -82.32 -19.71 45.25
C GLN I 1084 -81.78 -18.68 46.21
N SER I 1085 -82.57 -17.69 46.60
CA SER I 1085 -82.08 -16.60 47.43
C SER I 1085 -83.26 -15.95 48.14
N GLY I 1086 -82.96 -14.89 48.86
CA GLY I 1086 -83.97 -14.13 49.55
C GLY I 1086 -84.54 -14.85 50.74
N ARG I 1087 -85.62 -14.30 51.27
CA ARG I 1087 -86.35 -14.87 52.39
C ARG I 1087 -87.82 -14.95 52.01
N TRP I 1088 -88.44 -16.09 52.29
CA TRP I 1088 -89.75 -16.36 51.76
C TRP I 1088 -90.65 -16.91 52.86
N TYR I 1089 -91.95 -17.03 52.54
CA TYR I 1089 -92.96 -17.34 53.54
C TYR I 1089 -94.24 -17.78 52.85
N PHE I 1090 -95.00 -18.64 53.52
CA PHE I 1090 -96.37 -18.92 53.14
C PHE I 1090 -97.14 -19.29 54.40
N GLU I 1091 -98.36 -19.78 54.20
CA GLU I 1091 -99.23 -20.18 55.30
C GLU I 1091 -99.95 -21.46 54.94
N PHE I 1092 -100.51 -22.11 55.95
CA PHE I 1092 -101.18 -23.39 55.75
C PHE I 1092 -102.17 -23.63 56.88
N GLU I 1093 -103.46 -23.57 56.56
CA GLU I 1093 -104.49 -23.92 57.53
C GLU I 1093 -104.66 -25.43 57.54
N ALA I 1094 -104.87 -25.98 58.73
CA ALA I 1094 -105.09 -27.40 58.93
C ALA I 1094 -106.47 -27.56 59.54
N VAL I 1095 -107.41 -28.14 58.80
CA VAL I 1095 -108.78 -28.14 59.26
C VAL I 1095 -109.01 -29.27 60.26
N THR I 1096 -108.80 -30.51 59.86
CA THR I 1096 -108.96 -31.65 60.76
C THR I 1096 -107.59 -32.25 61.01
N THR I 1097 -107.13 -32.20 62.26
CA THR I 1097 -105.77 -32.61 62.56
C THR I 1097 -105.61 -34.12 62.47
N GLY I 1098 -104.38 -34.57 62.65
CA GLY I 1098 -104.02 -35.95 62.42
C GLY I 1098 -102.66 -35.99 61.74
N GLU I 1099 -102.51 -36.96 60.84
CA GLU I 1099 -101.26 -37.15 60.12
C GLU I 1099 -101.23 -36.20 58.92
N MET I 1100 -100.50 -35.12 59.07
CA MET I 1100 -100.16 -34.21 57.98
C MET I 1100 -98.72 -33.78 58.15
N ARG I 1101 -98.15 -33.20 57.10
CA ARG I 1101 -96.76 -32.82 57.08
C ARG I 1101 -96.58 -31.65 56.13
N VAL I 1102 -95.95 -30.57 56.60
CA VAL I 1102 -95.66 -29.44 55.73
C VAL I 1102 -94.23 -28.97 55.99
N GLY I 1103 -93.63 -28.41 54.95
CA GLY I 1103 -92.26 -27.92 55.07
C GLY I 1103 -91.71 -27.46 53.73
N TRP I 1104 -90.44 -27.76 53.52
CA TRP I 1104 -89.73 -27.35 52.32
C TRP I 1104 -88.96 -28.54 51.77
N ALA I 1105 -88.84 -28.64 50.45
CA ALA I 1105 -88.21 -29.78 49.83
C ALA I 1105 -87.30 -29.35 48.69
N ARG I 1106 -86.31 -30.19 48.44
CA ARG I 1106 -85.45 -30.14 47.27
C ARG I 1106 -86.27 -30.41 46.01
N PRO I 1107 -85.86 -29.89 44.86
CA PRO I 1107 -86.70 -30.06 43.66
C PRO I 1107 -86.74 -31.46 43.13
N GLU I 1108 -85.65 -32.22 43.23
CA GLU I 1108 -85.63 -33.59 42.71
C GLU I 1108 -86.23 -34.58 43.69
N LEU I 1109 -87.46 -34.35 44.10
CA LEU I 1109 -88.08 -35.13 45.16
C LEU I 1109 -88.76 -36.36 44.58
N ARG I 1110 -88.38 -37.52 45.07
CA ARG I 1110 -88.95 -38.83 44.76
C ARG I 1110 -90.32 -38.95 45.41
N PRO I 1111 -91.34 -39.43 44.69
CA PRO I 1111 -92.66 -39.57 45.29
C PRO I 1111 -92.89 -40.88 45.99
N ASP I 1112 -91.89 -41.76 46.04
CA ASP I 1112 -92.09 -43.05 46.67
C ASP I 1112 -91.90 -42.97 48.17
N VAL I 1113 -90.99 -42.12 48.62
CA VAL I 1113 -90.52 -42.12 50.00
C VAL I 1113 -91.52 -41.36 50.88
N GLU I 1114 -91.50 -41.68 52.16
CA GLU I 1114 -92.16 -40.87 53.17
C GLU I 1114 -91.51 -39.48 53.20
N LEU I 1115 -92.34 -38.45 53.31
CA LEU I 1115 -91.87 -37.07 53.21
C LEU I 1115 -90.97 -36.72 54.38
N GLY I 1116 -89.68 -36.60 54.09
CA GLY I 1116 -88.69 -36.24 55.08
C GLY I 1116 -87.79 -37.38 55.50
N ALA I 1117 -88.05 -38.60 55.09
CA ALA I 1117 -87.22 -39.72 55.46
C ALA I 1117 -85.86 -39.69 54.77
N ASP I 1118 -85.80 -39.17 53.57
CA ASP I 1118 -84.54 -39.04 52.84
C ASP I 1118 -84.00 -37.63 53.02
N GLU I 1119 -82.90 -37.34 52.34
CA GLU I 1119 -82.21 -36.06 52.47
C GLU I 1119 -82.74 -35.00 51.53
N LEU I 1120 -83.99 -35.11 51.08
CA LEU I 1120 -84.53 -34.19 50.10
C LEU I 1120 -85.60 -33.28 50.65
N ALA I 1121 -85.96 -33.42 51.92
CA ALA I 1121 -87.04 -32.63 52.47
C ALA I 1121 -86.67 -32.12 53.84
N TYR I 1122 -87.29 -31.02 54.21
CA TYR I 1122 -87.27 -30.49 55.58
C TYR I 1122 -88.72 -30.18 55.91
N VAL I 1123 -89.28 -30.87 56.90
CA VAL I 1123 -90.72 -30.88 57.06
C VAL I 1123 -91.09 -31.15 58.52
N PHE I 1124 -91.96 -30.29 59.04
CA PHE I 1124 -92.48 -30.40 60.40
C PHE I 1124 -93.70 -31.31 60.38
N ASN I 1125 -93.91 -32.06 61.46
CA ASN I 1125 -95.07 -32.90 61.63
C ASN I 1125 -95.96 -32.37 62.75
N GLY I 1126 -97.23 -32.17 62.42
CA GLY I 1126 -98.21 -31.58 63.35
C GLY I 1126 -99.02 -32.59 64.12
N HIS I 1127 -98.74 -33.89 63.98
CA HIS I 1127 -99.52 -34.85 64.75
C HIS I 1127 -99.02 -34.95 66.18
N ARG I 1128 -97.71 -35.14 66.34
CA ARG I 1128 -97.11 -35.24 67.67
C ARG I 1128 -96.09 -34.14 67.93
N GLY I 1129 -95.96 -33.18 67.02
CA GLY I 1129 -95.06 -32.07 67.23
C GLY I 1129 -93.59 -32.44 67.09
N GLN I 1130 -93.16 -32.81 65.89
CA GLN I 1130 -91.76 -33.16 65.68
C GLN I 1130 -91.36 -32.80 64.26
N ARG I 1131 -90.07 -32.55 64.08
CA ARG I 1131 -89.54 -32.26 62.76
C ARG I 1131 -89.05 -33.54 62.10
N TRP I 1132 -89.16 -33.60 60.78
CA TRP I 1132 -88.75 -34.75 59.99
C TRP I 1132 -87.65 -34.31 59.04
N HIS I 1133 -86.44 -34.84 59.23
CA HIS I 1133 -85.40 -34.82 58.21
C HIS I 1133 -84.40 -35.89 58.58
N LEU I 1134 -84.30 -36.94 57.75
CA LEU I 1134 -83.44 -38.11 57.99
C LEU I 1134 -83.73 -38.76 59.33
N GLY I 1135 -84.99 -38.74 59.73
CA GLY I 1135 -85.38 -39.17 61.05
C GLY I 1135 -86.23 -38.12 61.71
N SER I 1136 -86.31 -38.16 63.03
CA SER I 1136 -87.22 -37.29 63.75
C SER I 1136 -86.57 -36.74 65.01
N GLU I 1137 -87.10 -35.63 65.50
CA GLU I 1137 -86.70 -34.99 66.72
C GLU I 1137 -87.89 -34.16 67.16
N PRO I 1138 -88.26 -34.20 68.44
CA PRO I 1138 -89.50 -33.55 68.88
C PRO I 1138 -89.38 -32.03 68.84
N PHE I 1139 -90.46 -31.39 68.42
CA PHE I 1139 -90.41 -29.97 68.08
C PHE I 1139 -91.78 -29.35 68.26
N GLY I 1140 -91.97 -28.64 69.36
CA GLY I 1140 -93.15 -27.82 69.50
C GLY I 1140 -94.40 -28.61 69.81
N ARG I 1141 -95.51 -27.88 69.89
CA ARG I 1141 -96.80 -28.39 70.31
C ARG I 1141 -97.52 -29.06 69.16
N PRO I 1142 -98.28 -30.12 69.42
CA PRO I 1142 -99.17 -30.66 68.39
C PRO I 1142 -100.37 -29.76 68.14
N TRP I 1143 -101.25 -30.24 67.29
CA TRP I 1143 -102.24 -29.39 66.63
C TRP I 1143 -103.56 -29.28 67.38
N GLN I 1144 -104.38 -28.35 66.88
CA GLN I 1144 -105.80 -28.26 67.18
C GLN I 1144 -106.51 -28.32 65.84
N SER I 1145 -107.81 -28.07 65.81
CA SER I 1145 -108.56 -28.10 64.56
C SER I 1145 -108.91 -26.68 64.16
N GLY I 1146 -108.09 -26.10 63.30
CA GLY I 1146 -108.40 -24.78 62.77
C GLY I 1146 -107.32 -23.76 63.04
N ASP I 1147 -106.09 -24.23 63.24
CA ASP I 1147 -104.95 -23.38 63.51
C ASP I 1147 -104.05 -23.26 62.30
N VAL I 1148 -103.40 -22.11 62.19
CA VAL I 1148 -102.57 -21.76 61.04
C VAL I 1148 -101.13 -22.13 61.35
N VAL I 1149 -100.52 -22.93 60.47
CA VAL I 1149 -99.12 -23.31 60.59
C VAL I 1149 -98.36 -22.65 59.46
N GLY I 1150 -97.69 -21.54 59.75
CA GLY I 1150 -96.86 -20.88 58.77
C GLY I 1150 -95.56 -21.64 58.60
N CYS I 1151 -94.86 -21.35 57.50
CA CYS I 1151 -93.49 -21.81 57.28
C CYS I 1151 -92.74 -20.65 56.64
N MET I 1152 -91.47 -20.53 56.95
CA MET I 1152 -90.65 -19.50 56.34
C MET I 1152 -89.23 -19.98 56.21
N ILE I 1153 -88.53 -19.46 55.22
CA ILE I 1153 -87.15 -19.83 54.94
C ILE I 1153 -86.38 -18.54 54.68
N ASP I 1154 -85.09 -18.55 55.01
CA ASP I 1154 -84.22 -17.43 54.72
C ASP I 1154 -82.93 -17.99 54.17
N LEU I 1155 -82.80 -17.97 52.85
CA LEU I 1155 -81.64 -18.53 52.16
C LEU I 1155 -80.36 -17.74 52.42
N THR I 1156 -80.46 -16.50 52.89
CA THR I 1156 -79.26 -15.72 53.12
C THR I 1156 -78.51 -16.19 54.35
N GLU I 1157 -79.14 -17.02 55.19
CA GLU I 1157 -78.53 -17.48 56.42
C GLU I 1157 -78.72 -18.97 56.65
N ASN I 1158 -79.31 -19.69 55.69
CA ASN I 1158 -79.50 -21.14 55.70
C ASN I 1158 -80.32 -21.59 56.91
N THR I 1159 -81.47 -20.95 57.06
CA THR I 1159 -82.32 -21.17 58.22
C THR I 1159 -83.70 -21.60 57.78
N ILE I 1160 -84.38 -22.36 58.63
CA ILE I 1160 -85.77 -22.74 58.44
C ILE I 1160 -86.50 -22.49 59.74
N ILE I 1161 -87.59 -21.74 59.69
CA ILE I 1161 -88.33 -21.32 60.88
C ILE I 1161 -89.78 -21.74 60.70
N PHE I 1162 -90.36 -22.36 61.72
CA PHE I 1162 -91.77 -22.69 61.72
C PHE I 1162 -92.49 -21.86 62.77
N THR I 1163 -93.57 -21.20 62.34
CA THR I 1163 -94.39 -20.38 63.23
C THR I 1163 -95.75 -21.04 63.36
N LEU I 1164 -96.28 -21.11 64.58
CA LEU I 1164 -97.61 -21.63 64.82
C LEU I 1164 -98.49 -20.53 65.39
N ASN I 1165 -99.58 -20.24 64.68
CA ASN I 1165 -100.62 -19.27 65.08
C ASN I 1165 -100.05 -17.87 65.28
N GLY I 1166 -99.03 -17.54 64.52
CA GLY I 1166 -98.30 -16.31 64.70
C GLY I 1166 -97.20 -16.37 65.74
N GLU I 1167 -97.18 -17.40 66.58
CA GLU I 1167 -96.14 -17.57 67.58
C GLU I 1167 -95.06 -18.49 67.03
N VAL I 1168 -93.81 -18.16 67.33
CA VAL I 1168 -92.70 -18.90 66.77
C VAL I 1168 -92.41 -20.14 67.61
N LEU I 1169 -92.39 -21.30 66.97
CA LEU I 1169 -92.09 -22.54 67.67
C LEU I 1169 -90.60 -22.60 68.01
N MET I 1170 -90.28 -23.24 69.13
CA MET I 1170 -88.91 -23.41 69.56
C MET I 1170 -88.60 -24.88 69.75
N SER I 1171 -87.32 -25.17 69.83
CA SER I 1171 -86.83 -26.53 69.99
C SER I 1171 -86.91 -26.93 71.45
N ASP I 1172 -86.34 -28.09 71.78
CA ASP I 1172 -86.16 -28.43 73.19
C ASP I 1172 -85.10 -27.56 73.83
N SER I 1173 -84.13 -27.09 73.05
CA SER I 1173 -83.08 -26.22 73.54
C SER I 1173 -83.49 -24.75 73.56
N GLY I 1174 -84.75 -24.44 73.24
CA GLY I 1174 -85.22 -23.07 73.19
C GLY I 1174 -84.97 -22.36 71.88
N SER I 1175 -84.17 -22.94 71.00
CA SER I 1175 -83.84 -22.29 69.73
C SER I 1175 -85.04 -22.32 68.80
N GLU I 1176 -85.28 -21.21 68.13
CA GLU I 1176 -86.40 -21.13 67.18
C GLU I 1176 -86.03 -21.73 65.84
N THR I 1177 -84.79 -21.58 65.40
CA THR I 1177 -84.36 -22.08 64.10
C THR I 1177 -84.37 -23.60 64.09
N ALA I 1178 -85.31 -24.16 63.34
CA ALA I 1178 -85.52 -25.60 63.30
C ALA I 1178 -84.35 -26.32 62.64
N PHE I 1179 -83.79 -25.75 61.58
CA PHE I 1179 -82.63 -26.31 60.91
C PHE I 1179 -81.69 -25.20 60.50
N ARG I 1180 -80.40 -25.40 60.77
CA ARG I 1180 -79.37 -24.47 60.38
C ARG I 1180 -78.39 -25.16 59.45
N GLU I 1181 -77.57 -24.34 58.78
CA GLU I 1181 -76.43 -24.79 57.98
C GLU I 1181 -76.85 -25.71 56.83
N ILE I 1182 -78.03 -25.45 56.26
CA ILE I 1182 -78.49 -26.20 55.12
C ILE I 1182 -77.81 -25.68 53.86
N GLU I 1183 -77.33 -26.59 53.03
CA GLU I 1183 -76.76 -26.19 51.75
C GLU I 1183 -77.86 -25.70 50.83
N ILE I 1184 -77.56 -24.65 50.08
CA ILE I 1184 -78.53 -24.05 49.19
C ILE I 1184 -78.79 -24.99 48.02
N GLY I 1185 -77.73 -25.28 47.26
CA GLY I 1185 -77.81 -26.23 46.17
C GLY I 1185 -78.69 -25.79 45.04
N ASP I 1186 -79.47 -26.71 44.48
CA ASP I 1186 -80.35 -26.39 43.38
C ASP I 1186 -81.58 -25.60 43.80
N GLY I 1187 -81.94 -25.61 45.06
CA GLY I 1187 -82.99 -24.74 45.56
C GLY I 1187 -84.01 -25.49 46.40
N PHE I 1188 -85.10 -24.78 46.67
CA PHE I 1188 -86.19 -25.31 47.46
C PHE I 1188 -87.51 -24.83 46.88
N LEU I 1189 -88.60 -25.47 47.30
CA LEU I 1189 -89.94 -25.14 46.85
C LEU I 1189 -90.90 -25.76 47.85
N PRO I 1190 -92.05 -25.12 48.10
CA PRO I 1190 -92.89 -25.55 49.23
C PRO I 1190 -93.58 -26.87 48.95
N VAL I 1191 -93.86 -27.60 50.02
CA VAL I 1191 -94.35 -28.96 49.90
C VAL I 1191 -95.31 -29.23 51.05
N CYS I 1192 -96.38 -29.97 50.76
CA CYS I 1192 -97.32 -30.39 51.79
C CYS I 1192 -97.46 -31.90 51.73
N SER I 1193 -98.22 -32.46 52.65
CA SER I 1193 -98.49 -33.89 52.69
C SER I 1193 -99.74 -34.17 53.49
N LEU I 1194 -100.66 -34.91 52.92
CA LEU I 1194 -101.93 -35.20 53.56
C LEU I 1194 -102.09 -36.70 53.75
N GLY I 1195 -102.35 -37.10 54.99
CA GLY I 1195 -102.69 -38.46 55.28
C GLY I 1195 -104.13 -38.76 54.94
N PRO I 1196 -104.60 -39.95 55.28
CA PRO I 1196 -105.97 -40.34 54.91
C PRO I 1196 -106.97 -39.58 55.77
N GLY I 1197 -108.02 -39.09 55.13
CA GLY I 1197 -109.06 -38.35 55.82
C GLY I 1197 -108.77 -36.89 56.06
N GLN I 1198 -107.50 -36.50 56.15
CA GLN I 1198 -107.11 -35.16 56.53
C GLN I 1198 -107.46 -34.14 55.46
N VAL I 1199 -107.96 -33.00 55.91
CA VAL I 1199 -108.39 -31.93 55.02
C VAL I 1199 -107.67 -30.66 55.45
N GLY I 1200 -107.07 -29.96 54.50
CA GLY I 1200 -106.43 -28.70 54.81
C GLY I 1200 -106.03 -27.94 53.57
N HIS I 1201 -106.32 -26.64 53.50
CA HIS I 1201 -105.98 -25.89 52.32
C HIS I 1201 -104.65 -25.16 52.52
N LEU I 1202 -104.04 -24.82 51.40
CA LEU I 1202 -102.67 -24.33 51.36
C LEU I 1202 -102.69 -22.93 50.75
N ASN I 1203 -102.72 -21.92 51.61
CA ASN I 1203 -102.65 -20.54 51.15
C ASN I 1203 -101.21 -20.24 50.78
N LEU I 1204 -100.88 -20.30 49.50
CA LEU I 1204 -99.53 -20.02 49.03
C LEU I 1204 -99.22 -18.54 49.01
N GLY I 1205 -100.21 -17.69 49.20
CA GLY I 1205 -99.95 -16.27 49.37
C GLY I 1205 -100.02 -15.48 48.09
N GLN I 1206 -101.13 -15.58 47.36
CA GLN I 1206 -101.32 -14.68 46.24
C GLN I 1206 -101.77 -13.31 46.72
N ASP I 1207 -102.89 -13.25 47.43
CA ASP I 1207 -103.38 -12.01 48.02
C ASP I 1207 -102.81 -11.87 49.42
N VAL I 1208 -102.16 -10.74 49.67
CA VAL I 1208 -101.49 -10.54 50.95
C VAL I 1208 -102.51 -10.38 52.07
N SER I 1209 -103.63 -9.71 51.78
CA SER I 1209 -104.68 -9.58 52.77
C SER I 1209 -105.41 -10.89 53.03
N SER I 1210 -105.34 -11.84 52.09
CA SER I 1210 -105.92 -13.15 52.33
C SER I 1210 -105.15 -13.96 53.37
N LEU I 1211 -103.89 -13.62 53.60
CA LEU I 1211 -103.15 -14.22 54.70
C LEU I 1211 -103.67 -13.70 56.03
N ARG I 1212 -103.36 -14.42 57.11
CA ARG I 1212 -103.91 -14.03 58.40
C ARG I 1212 -102.83 -13.61 59.37
N PHE I 1213 -101.83 -14.45 59.59
CA PHE I 1213 -100.86 -14.24 60.65
C PHE I 1213 -99.51 -13.76 60.12
N PHE I 1214 -99.48 -13.37 58.85
CA PHE I 1214 -98.25 -12.87 58.26
C PHE I 1214 -97.89 -11.51 58.82
N ALA I 1215 -98.89 -10.67 59.09
CA ALA I 1215 -98.66 -9.39 59.71
C ALA I 1215 -98.17 -9.51 61.14
N ILE I 1216 -98.55 -10.58 61.85
CA ILE I 1216 -98.09 -10.77 63.21
C ILE I 1216 -96.61 -11.11 63.22
N CYS I 1217 -96.19 -12.06 62.39
CA CYS I 1217 -94.79 -12.42 62.30
C CYS I 1217 -94.47 -12.75 60.86
N GLY I 1218 -93.31 -12.29 60.40
CA GLY I 1218 -92.89 -12.46 59.01
C GLY I 1218 -92.92 -11.18 58.20
N LEU I 1219 -93.86 -10.28 58.47
CA LEU I 1219 -93.98 -9.04 57.72
C LEU I 1219 -92.82 -8.09 57.96
N GLN I 1220 -92.64 -7.67 59.21
CA GLN I 1220 -91.60 -6.70 59.51
C GLN I 1220 -90.25 -7.36 59.70
N GLU I 1221 -90.21 -8.69 59.73
CA GLU I 1221 -88.93 -9.37 59.71
C GLU I 1221 -88.22 -9.19 58.38
N GLY I 1222 -88.95 -9.22 57.28
CA GLY I 1222 -88.40 -9.07 55.94
C GLY I 1222 -88.86 -10.12 54.96
N PHE I 1223 -89.63 -11.10 55.41
CA PHE I 1223 -90.03 -12.20 54.54
C PHE I 1223 -91.11 -11.77 53.57
N GLU I 1224 -90.88 -12.01 52.30
CA GLU I 1224 -91.95 -11.80 51.34
C GLU I 1224 -92.75 -13.09 51.18
N PRO I 1225 -94.03 -13.00 50.84
CA PRO I 1225 -94.79 -14.22 50.53
C PRO I 1225 -94.35 -14.80 49.20
N PHE I 1226 -94.96 -15.94 48.86
CA PHE I 1226 -94.48 -16.67 47.69
C PHE I 1226 -95.04 -16.07 46.41
N ALA I 1227 -96.36 -16.02 46.28
CA ALA I 1227 -96.99 -15.48 45.08
C ALA I 1227 -97.29 -13.99 45.26
N ILE I 1228 -96.23 -13.21 45.46
CA ILE I 1228 -96.43 -11.80 45.77
C ILE I 1228 -96.78 -11.00 44.52
N ASN I 1229 -96.10 -11.25 43.40
CA ASN I 1229 -96.43 -10.60 42.14
C ASN I 1229 -96.57 -11.68 41.08
N MET I 1230 -97.74 -12.29 41.03
CA MET I 1230 -98.07 -13.32 40.04
C MET I 1230 -99.55 -13.20 39.72
N GLN I 1231 -99.86 -12.80 38.50
CA GLN I 1231 -101.26 -12.62 38.13
C GLN I 1231 -101.99 -13.93 37.89
N ARG I 1232 -101.26 -15.05 37.83
CA ARG I 1232 -101.84 -16.36 37.71
C ARG I 1232 -101.46 -17.21 38.91
N PRO I 1233 -102.31 -18.13 39.34
CA PRO I 1233 -101.96 -18.97 40.49
C PRO I 1233 -100.89 -19.97 40.14
N VAL I 1234 -100.16 -20.39 41.17
CA VAL I 1234 -99.06 -21.33 40.96
C VAL I 1234 -99.64 -22.73 40.74
N THR I 1235 -99.22 -23.37 39.66
CA THR I 1235 -99.68 -24.70 39.34
C THR I 1235 -99.12 -25.71 40.32
N THR I 1236 -99.93 -26.68 40.71
CA THR I 1236 -99.57 -27.63 41.74
C THR I 1236 -99.44 -29.03 41.16
N TRP I 1237 -98.47 -29.78 41.68
CA TRP I 1237 -98.20 -31.13 41.21
C TRP I 1237 -98.45 -32.10 42.35
N PHE I 1238 -99.38 -33.03 42.13
CA PHE I 1238 -99.63 -34.04 43.15
C PHE I 1238 -99.11 -35.39 42.70
N SER I 1239 -98.82 -36.23 43.68
CA SER I 1239 -98.39 -37.60 43.41
C SER I 1239 -99.60 -38.50 43.22
N LYS I 1240 -99.59 -39.23 42.11
CA LYS I 1240 -100.67 -40.15 41.78
C LYS I 1240 -100.61 -41.39 42.65
N SER I 1241 -101.59 -42.26 42.46
CA SER I 1241 -101.57 -43.59 43.03
C SER I 1241 -101.55 -44.67 41.97
N LEU I 1242 -101.86 -44.31 40.73
CA LEU I 1242 -101.92 -45.28 39.64
C LEU I 1242 -100.51 -45.66 39.23
N PRO I 1243 -100.12 -46.93 39.32
CA PRO I 1243 -98.77 -47.30 38.90
C PRO I 1243 -98.68 -47.32 37.39
N GLN I 1244 -97.57 -46.83 36.88
CA GLN I 1244 -97.32 -46.82 35.46
C GLN I 1244 -95.93 -47.38 35.19
N PHE I 1245 -95.71 -47.83 33.97
CA PHE I 1245 -94.44 -48.44 33.64
C PHE I 1245 -93.39 -47.36 33.40
N GLU I 1246 -92.14 -47.74 33.56
CA GLU I 1246 -90.99 -46.84 33.44
C GLU I 1246 -89.77 -47.69 33.23
N PRO I 1247 -88.78 -47.21 32.49
CA PRO I 1247 -87.57 -48.00 32.28
C PRO I 1247 -86.76 -48.06 33.56
N VAL I 1248 -86.01 -49.13 33.71
CA VAL I 1248 -85.25 -49.35 34.94
C VAL I 1248 -84.01 -48.47 34.93
N PRO I 1249 -83.73 -47.70 35.98
CA PRO I 1249 -82.55 -46.86 35.97
C PRO I 1249 -81.29 -47.71 36.09
N PRO I 1250 -80.23 -47.35 35.38
CA PRO I 1250 -79.02 -48.17 35.44
C PRO I 1250 -78.29 -48.06 36.76
N GLU I 1251 -78.50 -46.98 37.50
CA GLU I 1251 -78.00 -46.87 38.87
C GLU I 1251 -79.07 -47.31 39.86
N HIS I 1252 -79.60 -48.50 39.64
CA HIS I 1252 -80.55 -48.99 40.62
C HIS I 1252 -79.82 -49.85 41.63
N PRO I 1253 -80.10 -49.70 42.93
CA PRO I 1253 -79.29 -50.39 43.94
C PRO I 1253 -79.51 -51.89 44.02
N HIS I 1254 -80.61 -52.40 43.52
CA HIS I 1254 -80.91 -53.83 43.67
C HIS I 1254 -80.99 -54.56 42.34
N TYR I 1255 -81.60 -53.93 41.35
CA TYR I 1255 -81.86 -54.59 40.07
C TYR I 1255 -80.90 -54.05 39.04
N GLU I 1256 -80.52 -54.91 38.11
CA GLU I 1256 -79.71 -54.49 36.99
C GLU I 1256 -79.92 -55.44 35.84
N VAL I 1257 -79.82 -54.91 34.63
CA VAL I 1257 -80.05 -55.70 33.41
C VAL I 1257 -78.78 -55.67 32.58
N ALA I 1258 -78.75 -56.55 31.59
CA ALA I 1258 -77.59 -56.64 30.70
C ALA I 1258 -78.05 -57.24 29.38
N ARG I 1259 -78.05 -56.43 28.33
CA ARG I 1259 -78.43 -56.91 27.01
C ARG I 1259 -77.20 -57.61 26.41
N MET I 1260 -77.27 -58.93 26.35
CA MET I 1260 -76.13 -59.71 25.88
C MET I 1260 -76.22 -59.93 24.37
N ASP I 1261 -75.07 -60.12 23.74
CA ASP I 1261 -74.96 -60.26 22.30
C ASP I 1261 -75.55 -61.59 21.84
N GLY I 1262 -75.99 -61.62 20.58
CA GLY I 1262 -76.52 -62.82 19.97
C GLY I 1262 -75.45 -63.55 19.18
N THR I 1263 -75.24 -64.81 19.51
CA THR I 1263 -74.19 -65.61 18.92
C THR I 1263 -74.77 -66.56 17.88
N VAL I 1264 -73.94 -67.47 17.38
CA VAL I 1264 -74.44 -68.56 16.56
C VAL I 1264 -75.13 -69.61 17.42
N ASP I 1265 -74.78 -69.69 18.71
CA ASP I 1265 -75.40 -70.62 19.64
C ASP I 1265 -76.50 -69.98 20.45
N THR I 1266 -76.53 -68.65 20.51
CA THR I 1266 -77.47 -67.97 21.39
C THR I 1266 -78.13 -66.83 20.63
N PRO I 1267 -79.44 -66.64 20.78
CA PRO I 1267 -80.10 -65.45 20.21
C PRO I 1267 -79.68 -64.20 20.93
N PRO I 1268 -79.98 -63.02 20.38
CA PRO I 1268 -79.83 -61.78 21.16
C PRO I 1268 -80.74 -61.83 22.38
N CYS I 1269 -80.18 -61.46 23.53
CA CYS I 1269 -80.86 -61.73 24.78
C CYS I 1269 -80.48 -60.69 25.82
N LEU I 1270 -81.33 -60.59 26.84
CA LEU I 1270 -81.14 -59.67 27.95
C LEU I 1270 -81.63 -60.32 29.24
N ARG I 1271 -80.90 -60.08 30.32
CA ARG I 1271 -81.11 -60.78 31.58
C ARG I 1271 -81.47 -59.81 32.67
N LEU I 1272 -81.82 -60.36 33.82
CA LEU I 1272 -82.06 -59.59 35.04
C LEU I 1272 -81.42 -60.31 36.21
N ALA I 1273 -80.37 -59.73 36.76
CA ALA I 1273 -79.64 -60.33 37.86
C ALA I 1273 -79.76 -59.45 39.08
N HIS I 1274 -80.01 -60.06 40.23
CA HIS I 1274 -80.11 -59.33 41.48
C HIS I 1274 -78.72 -58.90 41.92
N ARG I 1275 -78.59 -57.63 42.30
CA ARG I 1275 -77.30 -57.15 42.80
C ARG I 1275 -77.05 -57.64 44.20
N THR I 1276 -77.92 -57.29 45.13
CA THR I 1276 -77.73 -57.58 46.55
C THR I 1276 -78.62 -58.76 46.90
N TRP I 1277 -78.15 -59.95 46.58
CA TRP I 1277 -78.88 -61.14 47.03
C TRP I 1277 -78.27 -61.72 48.29
N GLY I 1278 -77.10 -61.25 48.69
CA GLY I 1278 -76.52 -61.67 49.95
C GLY I 1278 -77.12 -60.95 51.14
N SER I 1279 -76.27 -60.48 52.05
CA SER I 1279 -76.75 -59.75 53.21
C SER I 1279 -76.77 -58.25 52.91
N GLN I 1280 -76.89 -57.44 53.97
CA GLN I 1280 -76.86 -55.99 53.93
C GLN I 1280 -78.01 -55.43 53.08
N ASN I 1281 -79.22 -55.61 53.64
CA ASN I 1281 -80.47 -55.01 53.14
C ASN I 1281 -80.84 -55.53 51.76
N SER I 1282 -80.87 -56.86 51.66
CA SER I 1282 -81.31 -57.52 50.45
C SER I 1282 -82.82 -57.37 50.32
N LEU I 1283 -83.25 -56.47 49.44
CA LEU I 1283 -84.67 -56.22 49.21
C LEU I 1283 -85.16 -57.25 48.19
N VAL I 1284 -86.34 -57.80 48.43
CA VAL I 1284 -86.94 -58.77 47.54
C VAL I 1284 -88.47 -58.62 47.64
N GLU I 1285 -89.10 -58.42 46.50
CA GLU I 1285 -90.55 -58.38 46.37
C GLU I 1285 -90.89 -58.62 44.91
N MET I 1286 -92.15 -58.95 44.65
CA MET I 1286 -92.55 -59.40 43.32
C MET I 1286 -92.60 -58.22 42.37
N LEU I 1287 -91.61 -58.15 41.48
CA LEU I 1287 -91.51 -57.07 40.50
C LEU I 1287 -92.06 -57.55 39.17
N PHE I 1288 -92.48 -56.60 38.35
CA PHE I 1288 -93.22 -56.89 37.13
C PHE I 1288 -92.46 -56.31 35.95
N LEU I 1289 -92.02 -57.19 35.04
CA LEU I 1289 -91.25 -56.77 33.88
C LEU I 1289 -92.13 -56.74 32.64
N ARG I 1290 -92.21 -55.57 32.03
CA ARG I 1290 -92.87 -55.43 30.75
C ARG I 1290 -91.83 -54.98 29.74
N LEU I 1291 -91.94 -55.44 28.51
CA LEU I 1291 -91.06 -54.88 27.50
C LEU I 1291 -91.62 -53.57 26.97
N SER I 1292 -90.89 -52.98 26.04
CA SER I 1292 -91.14 -51.60 25.66
C SER I 1292 -91.89 -51.48 24.34
N LEU I 1293 -91.95 -52.52 23.56
CA LEU I 1293 -92.66 -52.34 22.31
C LEU I 1293 -93.82 -53.31 22.20
N PRO I 1294 -94.98 -52.86 21.76
CA PRO I 1294 -96.11 -53.77 21.61
C PRO I 1294 -96.05 -54.52 20.29
N VAL I 1295 -96.85 -55.58 20.22
CA VAL I 1295 -97.18 -56.22 18.97
C VAL I 1295 -98.62 -55.86 18.67
N GLN I 1296 -98.98 -55.89 17.39
CA GLN I 1296 -100.27 -55.40 16.97
C GLN I 1296 -101.01 -56.49 16.24
N PHE I 1297 -102.22 -56.81 16.70
CA PHE I 1297 -103.05 -57.75 15.97
C PHE I 1297 -103.71 -57.07 14.79
N HIS I 1298 -103.89 -57.81 13.71
CA HIS I 1298 -104.35 -57.25 12.45
C HIS I 1298 -105.80 -56.79 12.54
N GLN I 1299 -106.20 -55.98 11.56
CA GLN I 1299 -107.48 -55.29 11.62
C GLN I 1299 -108.65 -56.24 11.45
N HIS I 1300 -108.56 -57.18 10.53
CA HIS I 1300 -109.57 -58.20 10.35
C HIS I 1300 -108.89 -59.55 10.41
N PHE I 1301 -109.57 -60.53 10.97
CA PHE I 1301 -108.94 -61.83 11.12
C PHE I 1301 -109.03 -62.61 9.81
N ARG I 1302 -108.37 -63.77 9.80
CA ARG I 1302 -108.35 -64.62 8.61
C ARG I 1302 -109.73 -65.24 8.37
N CYS I 1303 -110.45 -65.55 9.45
CA CYS I 1303 -111.81 -66.11 9.45
C CYS I 1303 -111.94 -67.40 8.65
N ASP I 1422 -85.90 -73.56 7.74
CA ASP I 1422 -87.24 -73.35 7.21
C ASP I 1422 -87.24 -73.20 5.70
N ASP I 1423 -88.40 -73.43 5.10
CA ASP I 1423 -88.56 -73.14 3.70
C ASP I 1423 -88.72 -71.63 3.51
N PRO I 1424 -88.14 -71.07 2.46
CA PRO I 1424 -88.36 -69.64 2.17
C PRO I 1424 -89.78 -69.31 1.75
N GLU I 1425 -90.59 -70.31 1.39
CA GLU I 1425 -91.99 -70.04 1.10
C GLU I 1425 -92.79 -69.82 2.39
N ILE I 1426 -92.63 -70.72 3.36
CA ILE I 1426 -93.44 -70.63 4.57
C ILE I 1426 -93.01 -69.48 5.47
N ILE I 1427 -91.72 -69.12 5.48
CA ILE I 1427 -91.25 -68.12 6.41
C ILE I 1427 -91.51 -66.70 5.90
N LEU I 1428 -91.88 -66.55 4.63
CA LEU I 1428 -92.19 -65.24 4.11
C LEU I 1428 -93.68 -64.99 3.98
N ASN I 1429 -94.50 -65.92 4.47
CA ASN I 1429 -95.94 -65.76 4.47
C ASN I 1429 -96.54 -65.94 5.85
N THR I 1430 -95.78 -66.45 6.80
CA THR I 1430 -96.28 -66.79 8.13
C THR I 1430 -96.64 -65.55 8.93
N THR I 1431 -97.75 -65.66 9.67
CA THR I 1431 -98.10 -64.69 10.70
C THR I 1431 -98.28 -65.45 12.00
N THR I 1432 -97.16 -65.78 12.64
CA THR I 1432 -97.09 -66.29 14.00
C THR I 1432 -95.66 -66.18 14.47
N TYR I 1433 -95.50 -65.76 15.72
CA TYR I 1433 -94.22 -65.29 16.24
C TYR I 1433 -93.88 -66.01 17.54
N TYR I 1434 -92.60 -65.99 17.87
CA TYR I 1434 -92.09 -66.69 19.03
C TYR I 1434 -91.11 -65.81 19.78
N TYR I 1435 -91.26 -65.77 21.10
CA TYR I 1435 -90.22 -65.29 21.98
C TYR I 1435 -90.03 -66.32 23.08
N SER I 1436 -89.01 -66.12 23.90
CA SER I 1436 -88.59 -67.15 24.84
C SER I 1436 -88.00 -66.53 26.09
N VAL I 1437 -88.32 -67.14 27.23
CA VAL I 1437 -87.65 -66.83 28.48
C VAL I 1437 -87.09 -68.14 29.02
N ARG I 1438 -86.03 -68.03 29.82
CA ARG I 1438 -85.43 -69.18 30.46
C ARG I 1438 -85.23 -68.86 31.93
N VAL I 1439 -85.94 -69.57 32.78
CA VAL I 1439 -85.77 -69.43 34.21
C VAL I 1439 -84.50 -70.16 34.61
N PHE I 1440 -83.58 -69.46 35.25
CA PHE I 1440 -82.32 -70.05 35.65
C PHE I 1440 -82.51 -70.97 36.84
N ALA I 1441 -81.46 -71.73 37.15
CA ALA I 1441 -81.45 -72.53 38.35
C ALA I 1441 -81.41 -71.64 39.57
N GLY I 1442 -81.93 -72.15 40.69
CA GLY I 1442 -82.06 -71.37 41.89
C GLY I 1442 -83.27 -70.46 41.91
N GLN I 1443 -84.06 -70.45 40.85
CA GLN I 1443 -85.32 -69.71 40.84
C GLN I 1443 -86.47 -70.69 40.69
N GLU I 1444 -87.45 -70.59 41.56
CA GLU I 1444 -88.56 -71.51 41.52
C GLU I 1444 -89.57 -71.08 40.47
N PRO I 1445 -89.97 -71.96 39.57
CA PRO I 1445 -91.09 -71.66 38.67
C PRO I 1445 -92.43 -71.53 39.37
N SER I 1446 -92.55 -71.93 40.63
CA SER I 1446 -93.73 -71.66 41.43
C SER I 1446 -93.97 -70.17 41.60
N CYS I 1447 -92.91 -69.36 41.64
CA CYS I 1447 -93.01 -67.92 41.78
C CYS I 1447 -92.62 -67.19 40.50
N VAL I 1448 -92.99 -67.72 39.34
CA VAL I 1448 -92.68 -67.14 38.04
C VAL I 1448 -93.96 -67.16 37.22
N TRP I 1449 -94.32 -66.02 36.66
CA TRP I 1449 -95.48 -65.92 35.77
C TRP I 1449 -95.01 -65.32 34.45
N VAL I 1450 -95.32 -65.99 33.35
CA VAL I 1450 -94.86 -65.58 32.02
C VAL I 1450 -96.05 -65.44 31.10
N GLY I 1451 -96.11 -64.34 30.35
CA GLY I 1451 -97.10 -64.21 29.31
C GLY I 1451 -97.20 -62.84 28.67
N TRP I 1452 -98.42 -62.31 28.58
CA TRP I 1452 -98.69 -61.12 27.81
C TRP I 1452 -99.60 -60.17 28.59
N VAL I 1453 -99.42 -58.87 28.36
CA VAL I 1453 -100.07 -57.82 29.12
C VAL I 1453 -100.42 -56.66 28.18
N THR I 1454 -101.69 -56.23 28.21
CA THR I 1454 -102.18 -55.07 27.50
C THR I 1454 -101.96 -53.81 28.33
N PRO I 1455 -101.85 -52.63 27.69
CA PRO I 1455 -101.49 -51.40 28.43
C PRO I 1455 -102.41 -50.99 29.58
N ASP I 1456 -103.70 -51.31 29.54
CA ASP I 1456 -104.57 -50.92 30.64
C ASP I 1456 -104.56 -51.97 31.75
N TYR I 1457 -103.41 -52.09 32.39
CA TYR I 1457 -103.19 -53.02 33.49
C TYR I 1457 -102.30 -52.34 34.52
N HIS I 1458 -102.83 -52.11 35.72
CA HIS I 1458 -102.11 -51.40 36.77
C HIS I 1458 -102.30 -52.05 38.13
N GLN I 1459 -102.12 -53.37 38.21
CA GLN I 1459 -102.19 -54.08 39.49
C GLN I 1459 -100.79 -54.25 40.05
N HIS I 1460 -100.48 -53.46 41.07
CA HIS I 1460 -99.18 -53.50 41.74
C HIS I 1460 -99.43 -54.06 43.15
N ASP I 1461 -99.24 -55.36 43.32
CA ASP I 1461 -99.43 -56.01 44.60
C ASP I 1461 -98.38 -57.08 44.78
N MET I 1462 -98.03 -57.36 46.03
CA MET I 1462 -97.09 -58.42 46.33
C MET I 1462 -97.76 -59.75 46.60
N ASN I 1463 -99.09 -59.80 46.56
CA ASN I 1463 -99.80 -61.03 46.87
C ASN I 1463 -100.49 -61.56 45.61
N PHE I 1464 -99.90 -61.30 44.45
CA PHE I 1464 -100.53 -61.63 43.20
C PHE I 1464 -100.47 -63.13 42.92
N ASP I 1465 -101.64 -63.71 42.67
CA ASP I 1465 -101.76 -65.03 42.09
C ASP I 1465 -102.66 -64.90 40.88
N LEU I 1466 -102.75 -65.98 40.09
CA LEU I 1466 -103.52 -65.96 38.85
C LEU I 1466 -105.01 -65.79 39.08
N SER I 1467 -105.51 -66.03 40.30
CA SER I 1467 -106.87 -65.67 40.64
C SER I 1467 -107.07 -64.17 40.69
N LYS I 1468 -106.01 -63.41 40.98
CA LYS I 1468 -106.10 -61.96 41.06
C LYS I 1468 -105.85 -61.32 39.70
N VAL I 1469 -106.55 -61.78 38.67
CA VAL I 1469 -106.44 -61.25 37.33
C VAL I 1469 -107.83 -60.79 36.92
N ARG I 1470 -107.93 -59.56 36.43
CA ARG I 1470 -109.21 -59.06 35.96
C ARG I 1470 -109.59 -59.80 34.69
N ALA I 1471 -110.85 -60.22 34.62
CA ALA I 1471 -111.39 -60.91 33.46
C ALA I 1471 -112.89 -60.70 33.45
N VAL I 1472 -113.40 -60.11 32.37
CA VAL I 1472 -114.81 -59.77 32.26
C VAL I 1472 -115.34 -60.45 31.01
N THR I 1473 -116.40 -61.23 31.17
CA THR I 1473 -117.01 -61.97 30.08
C THR I 1473 -118.23 -61.21 29.58
N VAL I 1474 -118.21 -60.85 28.30
CA VAL I 1474 -119.32 -60.15 27.66
C VAL I 1474 -120.04 -61.14 26.76
N THR I 1475 -121.35 -61.29 26.96
CA THR I 1475 -122.18 -62.12 26.13
C THR I 1475 -123.31 -61.28 25.56
N MET I 1476 -123.71 -61.56 24.32
CA MET I 1476 -124.83 -60.90 23.69
C MET I 1476 -125.69 -61.94 22.99
N GLY I 1477 -126.99 -61.67 22.91
CA GLY I 1477 -127.89 -62.57 22.23
C GLY I 1477 -128.97 -61.84 21.46
N ASP I 1478 -129.98 -62.58 21.02
CA ASP I 1478 -131.11 -62.00 20.32
C ASP I 1478 -132.20 -61.61 21.31
N GLU I 1479 -133.32 -61.11 20.79
CA GLU I 1479 -134.50 -60.89 21.61
C GLU I 1479 -135.13 -62.19 22.09
N GLN I 1480 -134.85 -63.31 21.41
CA GLN I 1480 -135.32 -64.61 21.87
C GLN I 1480 -134.56 -65.08 23.11
N GLY I 1481 -133.40 -64.51 23.38
CA GLY I 1481 -132.59 -64.89 24.52
C GLY I 1481 -131.46 -65.84 24.18
N ASN I 1482 -131.50 -66.47 23.01
CA ASN I 1482 -130.41 -67.33 22.58
C ASN I 1482 -129.18 -66.49 22.27
N VAL I 1483 -128.03 -66.92 22.78
CA VAL I 1483 -126.82 -66.12 22.72
C VAL I 1483 -126.26 -66.12 21.30
N HIS I 1484 -125.46 -65.10 21.01
CA HIS I 1484 -124.82 -64.93 19.72
C HIS I 1484 -123.31 -64.96 19.82
N SER I 1485 -122.76 -64.46 20.92
CA SER I 1485 -121.31 -64.38 21.10
C SER I 1485 -121.03 -64.33 22.60
N SER I 1486 -119.83 -64.76 22.96
CA SER I 1486 -119.39 -64.76 24.36
C SER I 1486 -117.94 -64.33 24.38
N LEU I 1487 -117.69 -63.04 24.58
CA LEU I 1487 -116.35 -62.48 24.53
C LEU I 1487 -115.81 -62.31 25.93
N LYS I 1488 -114.54 -62.63 26.13
CA LYS I 1488 -113.86 -62.44 27.39
C LYS I 1488 -112.66 -61.52 27.21
N CYS I 1489 -112.73 -60.35 27.81
CA CYS I 1489 -111.61 -59.42 27.84
C CYS I 1489 -110.88 -59.61 29.16
N SER I 1490 -109.56 -59.77 29.08
CA SER I 1490 -108.72 -59.80 30.27
C SER I 1490 -107.59 -58.80 30.08
N ASN I 1491 -107.15 -58.22 31.19
CA ASN I 1491 -106.04 -57.29 31.14
C ASN I 1491 -104.68 -57.97 31.23
N CYS I 1492 -104.63 -59.28 31.10
CA CYS I 1492 -103.44 -60.07 31.35
C CYS I 1492 -103.62 -61.44 30.71
N TYR I 1493 -102.59 -61.90 30.00
CA TYR I 1493 -102.62 -63.19 29.33
C TYR I 1493 -101.31 -63.91 29.65
N MET I 1494 -101.32 -64.68 30.73
CA MET I 1494 -100.13 -65.37 31.18
C MET I 1494 -100.44 -66.82 31.54
N VAL I 1495 -99.37 -67.56 31.85
CA VAL I 1495 -99.43 -68.91 32.38
C VAL I 1495 -98.69 -68.92 33.70
N TRP I 1496 -98.75 -70.07 34.38
CA TRP I 1496 -97.96 -70.27 35.58
C TRP I 1496 -96.82 -71.23 35.28
N GLY I 1497 -95.60 -70.80 35.61
CA GLY I 1497 -94.45 -71.67 35.48
C GLY I 1497 -94.46 -72.82 36.45
N GLY I 1498 -95.15 -72.67 37.58
CA GLY I 1498 -95.32 -73.77 38.52
C GLY I 1498 -96.28 -74.83 38.06
N ASP I 1499 -97.01 -74.58 36.96
CA ASP I 1499 -97.91 -75.59 36.40
C ASP I 1499 -97.20 -76.56 35.48
N PHE I 1500 -95.87 -76.50 35.38
CA PHE I 1500 -95.14 -77.45 34.55
C PHE I 1500 -94.08 -78.19 35.36
N VAL I 1501 -93.44 -77.52 36.29
CA VAL I 1501 -92.45 -78.16 37.14
C VAL I 1501 -92.98 -78.21 38.56
N ILE I 1509 -85.97 -78.68 44.59
CA ILE I 1509 -84.66 -78.24 44.12
C ILE I 1509 -84.37 -78.85 42.75
N SER I 1510 -84.62 -78.08 41.70
CA SER I 1510 -84.34 -78.53 40.35
C SER I 1510 -83.03 -77.94 39.86
N HIS I 1511 -82.15 -78.79 39.34
CA HIS I 1511 -80.88 -78.34 38.78
C HIS I 1511 -80.94 -78.07 37.30
N THR I 1512 -82.14 -77.88 36.75
CA THR I 1512 -82.33 -77.63 35.32
C THR I 1512 -83.19 -76.40 35.10
N ASP I 1513 -83.18 -75.92 33.87
CA ASP I 1513 -83.79 -74.64 33.53
C ASP I 1513 -85.09 -74.85 32.77
N LEU I 1514 -86.20 -74.47 33.41
CA LEU I 1514 -87.51 -74.50 32.77
C LEU I 1514 -87.58 -73.37 31.75
N VAL I 1515 -87.67 -73.71 30.48
CA VAL I 1515 -87.70 -72.74 29.40
C VAL I 1515 -89.13 -72.66 28.88
N ILE I 1516 -89.74 -71.50 28.98
CA ILE I 1516 -91.11 -71.29 28.56
C ILE I 1516 -91.10 -70.39 27.34
N GLY I 1517 -91.72 -70.85 26.24
CA GLY I 1517 -91.85 -70.06 25.04
C GLY I 1517 -93.31 -69.92 24.67
N CYS I 1518 -93.65 -68.79 24.06
CA CYS I 1518 -95.03 -68.46 23.75
C CYS I 1518 -95.19 -68.28 22.25
N LEU I 1519 -96.42 -68.43 21.78
CA LEU I 1519 -96.73 -68.39 20.36
C LEU I 1519 -97.97 -67.55 20.13
N VAL I 1520 -97.84 -66.52 19.30
CA VAL I 1520 -98.92 -65.59 19.03
C VAL I 1520 -99.12 -65.50 17.52
N ASP I 1521 -100.34 -65.81 17.07
CA ASP I 1521 -100.69 -65.83 15.65
C ASP I 1521 -101.50 -64.59 15.34
N LEU I 1522 -100.90 -63.66 14.59
CA LEU I 1522 -101.47 -62.33 14.41
C LEU I 1522 -102.72 -62.30 13.54
N ALA I 1523 -102.79 -63.11 12.50
CA ALA I 1523 -103.93 -63.03 11.61
C ALA I 1523 -105.15 -63.74 12.17
N THR I 1524 -104.99 -64.48 13.26
CA THR I 1524 -106.13 -65.10 13.92
C THR I 1524 -106.34 -64.60 15.33
N GLY I 1525 -105.32 -63.99 15.94
CA GLY I 1525 -105.43 -63.60 17.32
C GLY I 1525 -105.38 -64.76 18.28
N LEU I 1526 -104.85 -65.90 17.84
CA LEU I 1526 -104.76 -67.10 18.66
C LEU I 1526 -103.42 -67.14 19.35
N MET I 1527 -103.43 -67.34 20.66
CA MET I 1527 -102.21 -67.37 21.47
C MET I 1527 -102.08 -68.71 22.16
N THR I 1528 -100.94 -69.35 21.98
CA THR I 1528 -100.62 -70.61 22.62
C THR I 1528 -99.25 -70.52 23.29
N PHE I 1529 -98.95 -71.49 24.13
CA PHE I 1529 -97.76 -71.47 24.98
C PHE I 1529 -97.13 -72.85 25.01
N THR I 1530 -95.82 -72.89 24.80
CA THR I 1530 -95.08 -74.15 24.76
C THR I 1530 -94.18 -74.25 25.98
N ALA I 1531 -94.14 -75.44 26.58
CA ALA I 1531 -93.30 -75.69 27.73
C ALA I 1531 -92.25 -76.71 27.35
N ASN I 1532 -91.01 -76.24 27.15
CA ASN I 1532 -89.85 -77.03 26.75
C ASN I 1532 -90.13 -77.82 25.46
N GLY I 1533 -90.82 -77.18 24.53
CA GLY I 1533 -91.22 -77.85 23.30
C GLY I 1533 -92.42 -78.76 23.42
N LYS I 1534 -92.96 -78.93 24.62
CA LYS I 1534 -94.18 -79.70 24.83
C LYS I 1534 -95.33 -78.72 25.03
N GLU I 1535 -96.33 -78.79 24.17
CA GLU I 1535 -97.43 -77.83 24.19
C GLU I 1535 -98.28 -78.01 25.44
N SER I 1536 -98.64 -76.88 26.04
CA SER I 1536 -99.48 -76.87 27.22
C SER I 1536 -100.93 -76.95 26.80
N ASN I 1537 -101.80 -77.26 27.76
CA ASN I 1537 -103.22 -77.40 27.49
C ASN I 1537 -103.90 -76.06 27.25
N THR I 1538 -103.36 -74.97 27.75
CA THR I 1538 -104.04 -73.69 27.66
C THR I 1538 -103.83 -73.05 26.30
N PHE I 1539 -104.65 -72.03 26.04
CA PHE I 1539 -104.64 -71.28 24.79
C PHE I 1539 -105.45 -70.02 25.01
N PHE I 1540 -105.31 -69.06 24.10
CA PHE I 1540 -105.98 -67.78 24.24
C PHE I 1540 -106.31 -67.18 22.88
N GLN I 1541 -107.48 -66.55 22.79
CA GLN I 1541 -107.93 -65.91 21.57
C GLN I 1541 -108.52 -64.55 21.91
N VAL I 1542 -108.21 -63.54 21.10
CA VAL I 1542 -108.52 -62.15 21.44
C VAL I 1542 -109.35 -61.48 20.36
N GLU I 1543 -109.66 -60.20 20.58
CA GLU I 1543 -110.39 -59.37 19.65
C GLU I 1543 -109.50 -59.04 18.43
N PRO I 1544 -110.09 -58.56 17.34
CA PRO I 1544 -109.25 -58.20 16.18
C PRO I 1544 -108.27 -57.06 16.40
N ASN I 1545 -108.74 -55.88 16.77
CA ASN I 1545 -107.85 -54.72 16.88
C ASN I 1545 -107.46 -54.54 18.33
N THR I 1546 -106.42 -55.25 18.74
CA THR I 1546 -105.86 -55.06 20.07
C THR I 1546 -104.36 -55.27 20.01
N LYS I 1547 -103.67 -54.73 21.00
CA LYS I 1547 -102.23 -54.85 21.08
C LYS I 1547 -101.87 -55.62 22.34
N LEU I 1548 -100.59 -55.95 22.46
CA LEU I 1548 -100.12 -56.77 23.57
C LEU I 1548 -98.65 -56.49 23.83
N PHE I 1549 -98.30 -56.41 25.08
CA PHE I 1549 -96.89 -56.34 25.42
C PHE I 1549 -96.43 -57.68 25.95
N PRO I 1550 -95.24 -58.13 25.59
CA PRO I 1550 -94.68 -59.33 26.24
C PRO I 1550 -94.40 -59.06 27.70
N ALA I 1551 -94.68 -60.02 28.57
CA ALA I 1551 -94.66 -59.77 30.00
C ALA I 1551 -94.09 -60.96 30.77
N VAL I 1552 -93.36 -60.66 31.83
CA VAL I 1552 -92.86 -61.64 32.79
C VAL I 1552 -93.02 -61.05 34.18
N PHE I 1553 -93.70 -61.78 35.06
CA PHE I 1553 -93.81 -61.37 36.45
C PHE I 1553 -93.05 -62.38 37.28
N VAL I 1554 -92.28 -61.89 38.26
CA VAL I 1554 -91.39 -62.78 39.00
C VAL I 1554 -91.16 -62.20 40.39
N LEU I 1555 -91.11 -63.09 41.38
CA LEU I 1555 -90.49 -62.81 42.66
C LEU I 1555 -89.15 -63.52 42.67
N PRO I 1556 -88.03 -62.80 42.75
CA PRO I 1556 -86.72 -63.43 42.53
C PRO I 1556 -86.24 -64.16 43.77
N THR I 1557 -85.54 -65.27 43.58
CA THR I 1557 -84.94 -66.02 44.68
C THR I 1557 -83.53 -66.51 44.36
N HIS I 1558 -82.76 -65.75 43.60
CA HIS I 1558 -81.41 -66.17 43.24
C HIS I 1558 -80.58 -64.95 42.92
N GLN I 1559 -79.28 -65.15 42.75
CA GLN I 1559 -78.42 -64.08 42.25
C GLN I 1559 -78.68 -63.81 40.78
N ASN I 1560 -78.99 -64.86 40.02
CA ASN I 1560 -79.36 -64.74 38.61
C ASN I 1560 -80.76 -65.30 38.43
N VAL I 1561 -81.66 -64.53 37.85
CA VAL I 1561 -83.06 -64.96 37.93
C VAL I 1561 -83.59 -65.45 36.59
N ILE I 1562 -83.76 -64.54 35.63
CA ILE I 1562 -84.39 -64.89 34.35
C ILE I 1562 -83.54 -64.32 33.21
N GLN I 1563 -83.90 -64.70 31.99
CA GLN I 1563 -83.25 -64.15 30.81
C GLN I 1563 -84.30 -64.07 29.70
N PHE I 1564 -84.50 -62.88 29.17
CA PHE I 1564 -85.33 -62.73 27.98
C PHE I 1564 -84.54 -63.16 26.76
N GLU I 1565 -85.01 -64.17 26.04
CA GLU I 1565 -84.31 -64.70 24.88
C GLU I 1565 -85.12 -64.42 23.63
N LEU I 1566 -84.58 -63.59 22.75
CA LEU I 1566 -85.29 -63.13 21.56
C LEU I 1566 -84.90 -63.99 20.37
N GLY I 1567 -85.45 -65.20 20.35
CA GLY I 1567 -85.11 -66.16 19.32
C GLY I 1567 -86.30 -66.63 18.50
N LYS I 1568 -85.99 -67.38 17.45
CA LYS I 1568 -86.98 -67.93 16.55
C LYS I 1568 -86.95 -69.45 16.60
N GLN I 1569 -88.08 -70.06 16.24
CA GLN I 1569 -88.16 -71.51 16.15
C GLN I 1569 -87.92 -71.93 14.70
N LYS I 1570 -88.27 -73.19 14.38
CA LYS I 1570 -87.77 -73.84 13.17
C LYS I 1570 -88.39 -73.25 11.91
N ASN I 1571 -89.59 -72.69 11.99
CA ASN I 1571 -90.23 -72.18 10.78
C ASN I 1571 -91.03 -70.90 11.00
N ILE I 1572 -90.71 -70.12 12.03
CA ILE I 1572 -91.45 -68.91 12.36
C ILE I 1572 -90.48 -67.78 12.70
N MET I 1573 -90.88 -66.56 12.38
CA MET I 1573 -89.98 -65.42 12.47
C MET I 1573 -89.95 -64.85 13.89
N PRO I 1574 -88.79 -64.34 14.34
CA PRO I 1574 -88.68 -63.89 15.73
C PRO I 1574 -89.34 -62.56 15.96
N LEU I 1575 -89.26 -62.08 17.21
CA LEU I 1575 -89.99 -60.90 17.64
C LEU I 1575 -89.45 -59.61 17.04
N SER I 1576 -88.23 -59.63 16.49
CA SER I 1576 -87.70 -58.47 15.81
C SER I 1576 -88.52 -58.09 14.59
N ALA I 1577 -89.00 -59.07 13.82
CA ALA I 1577 -89.78 -58.77 12.64
C ALA I 1577 -91.18 -58.28 12.97
N ALA I 1578 -91.66 -58.57 14.19
CA ALA I 1578 -93.02 -58.22 14.54
C ALA I 1578 -93.19 -56.74 14.81
N MET I 1579 -92.19 -56.09 15.37
CA MET I 1579 -92.38 -54.77 15.95
C MET I 1579 -91.67 -53.66 15.21
N PHE I 1580 -91.02 -53.97 14.09
CA PHE I 1580 -90.35 -52.95 13.30
C PHE I 1580 -90.75 -53.13 11.85
N LEU I 1581 -91.52 -52.18 11.34
CA LEU I 1581 -92.14 -52.27 10.02
C LEU I 1581 -91.13 -52.31 8.89
N SER I 1582 -89.92 -51.81 9.11
CA SER I 1582 -88.90 -51.91 8.10
C SER I 1582 -88.28 -53.30 8.02
N GLU I 1583 -88.54 -54.16 9.00
CA GLU I 1583 -87.86 -55.45 9.07
C GLU I 1583 -88.83 -56.61 9.20
N ARG I 1584 -90.03 -56.48 8.62
CA ARG I 1584 -91.01 -57.56 8.73
C ARG I 1584 -90.61 -58.77 7.90
N LYS I 1585 -89.77 -58.58 6.90
CA LYS I 1585 -89.37 -59.66 6.03
C LYS I 1585 -88.06 -60.31 6.45
N ASN I 1586 -87.37 -59.74 7.42
CA ASN I 1586 -86.12 -60.29 7.89
C ASN I 1586 -86.40 -61.29 8.99
N PRO I 1587 -85.95 -62.55 8.88
CA PRO I 1587 -86.06 -63.48 9.99
C PRO I 1587 -84.85 -63.52 10.90
N ALA I 1588 -83.87 -62.66 10.69
CA ALA I 1588 -82.75 -62.66 11.60
C ALA I 1588 -83.13 -61.92 12.89
N PRO I 1589 -82.96 -62.55 14.05
CA PRO I 1589 -83.34 -61.90 15.31
C PRO I 1589 -82.38 -60.76 15.65
N GLN I 1590 -82.95 -59.61 15.97
CA GLN I 1590 -82.19 -58.42 16.32
C GLN I 1590 -82.68 -57.85 17.64
N CYS I 1591 -81.87 -56.98 18.24
CA CYS I 1591 -82.27 -56.26 19.45
C CYS I 1591 -81.72 -54.85 19.38
N PRO I 1592 -82.44 -53.94 18.74
CA PRO I 1592 -82.01 -52.55 18.67
C PRO I 1592 -82.26 -51.87 20.00
N PRO I 1593 -81.60 -50.74 20.31
CA PRO I 1593 -81.67 -50.18 21.66
C PRO I 1593 -82.99 -49.54 22.02
N ARG I 1594 -83.91 -49.36 21.06
CA ARG I 1594 -85.23 -48.89 21.43
C ARG I 1594 -85.99 -49.94 22.23
N LEU I 1595 -85.69 -51.20 22.00
CA LEU I 1595 -86.25 -52.27 22.83
C LEU I 1595 -85.47 -52.27 24.14
N GLU I 1596 -86.18 -52.29 25.25
CA GLU I 1596 -85.59 -52.51 26.56
C GLU I 1596 -86.65 -53.03 27.53
N VAL I 1597 -86.21 -53.32 28.73
CA VAL I 1597 -87.06 -53.86 29.76
C VAL I 1597 -87.56 -52.77 30.69
N GLN I 1598 -88.87 -52.60 30.73
CA GLN I 1598 -89.51 -51.66 31.64
C GLN I 1598 -89.73 -52.36 32.97
N MET I 1599 -90.25 -51.62 33.94
CA MET I 1599 -90.77 -52.21 35.15
C MET I 1599 -91.85 -51.29 35.70
N LEU I 1600 -92.47 -51.70 36.80
CA LEU I 1600 -93.67 -51.05 37.28
C LEU I 1600 -93.38 -50.32 38.58
N MET I 1601 -93.14 -49.04 38.49
CA MET I 1601 -92.99 -48.22 39.68
C MET I 1601 -94.37 -47.89 40.26
N PRO I 1602 -94.48 -47.71 41.57
CA PRO I 1602 -95.82 -47.63 42.17
C PRO I 1602 -96.52 -46.29 42.00
N VAL I 1603 -95.80 -45.18 42.05
CA VAL I 1603 -96.43 -43.87 41.94
C VAL I 1603 -95.62 -43.02 40.98
N SER I 1604 -96.20 -41.87 40.62
CA SER I 1604 -95.55 -40.94 39.70
C SER I 1604 -96.14 -39.57 39.90
N TRP I 1605 -95.36 -38.56 39.52
CA TRP I 1605 -95.76 -37.17 39.66
C TRP I 1605 -96.60 -36.75 38.48
N SER I 1606 -97.83 -36.31 38.74
CA SER I 1606 -98.66 -35.75 37.68
C SER I 1606 -98.95 -34.30 38.04
N ARG I 1607 -99.79 -33.68 37.22
CA ARG I 1607 -100.02 -32.25 37.32
C ARG I 1607 -101.50 -31.97 37.49
N MET I 1608 -101.84 -31.16 38.49
CA MET I 1608 -103.22 -30.74 38.66
C MET I 1608 -103.62 -29.79 37.54
N PRO I 1609 -104.86 -29.85 37.08
CA PRO I 1609 -105.34 -28.84 36.15
C PRO I 1609 -105.66 -27.55 36.88
N ASN I 1610 -105.84 -26.49 36.11
CA ASN I 1610 -106.08 -25.18 36.68
C ASN I 1610 -107.55 -24.87 36.91
N HIS I 1611 -108.46 -25.63 36.31
CA HIS I 1611 -109.89 -25.46 36.57
C HIS I 1611 -110.53 -26.83 36.59
N PHE I 1612 -111.69 -26.92 37.24
CA PHE I 1612 -112.41 -28.17 37.37
C PHE I 1612 -113.86 -27.98 36.98
N LEU I 1613 -114.57 -29.09 36.85
CA LEU I 1613 -115.98 -29.06 36.51
C LEU I 1613 -116.80 -28.56 37.69
N GLN I 1614 -117.62 -27.55 37.45
CA GLN I 1614 -118.53 -27.04 38.46
C GLN I 1614 -119.76 -27.94 38.48
N VAL I 1615 -119.92 -28.71 39.54
CA VAL I 1615 -121.00 -29.68 39.66
C VAL I 1615 -122.04 -29.15 40.64
N GLU I 1616 -123.30 -29.23 40.25
CA GLU I 1616 -124.41 -28.77 41.09
C GLU I 1616 -125.27 -29.98 41.43
N THR I 1617 -125.07 -30.54 42.63
CA THR I 1617 -125.84 -31.68 43.09
C THR I 1617 -126.83 -31.22 44.15
N ARG I 1618 -128.09 -31.59 43.97
CA ARG I 1618 -129.13 -31.19 44.92
C ARG I 1618 -130.30 -32.15 44.78
N ARG I 1619 -130.77 -32.69 45.89
CA ARG I 1619 -131.99 -33.47 45.90
C ARG I 1619 -133.18 -32.53 45.76
N ALA I 1620 -134.02 -32.81 44.78
CA ALA I 1620 -135.23 -32.02 44.54
C ALA I 1620 -136.41 -32.96 44.64
N GLY I 1621 -137.26 -32.75 45.63
CA GLY I 1621 -138.47 -33.54 45.79
C GLY I 1621 -138.20 -34.91 46.39
N GLU I 1622 -139.15 -35.36 47.20
CA GLU I 1622 -139.06 -36.67 47.81
C GLU I 1622 -139.45 -37.81 46.86
N ARG I 1623 -139.84 -37.47 45.63
CA ARG I 1623 -140.16 -38.47 44.62
C ARG I 1623 -139.43 -38.26 43.31
N LEU I 1624 -138.98 -37.03 43.03
CA LEU I 1624 -138.12 -36.85 41.86
C LEU I 1624 -136.71 -37.34 42.16
N GLY I 1625 -136.18 -36.98 43.32
CA GLY I 1625 -134.93 -37.54 43.81
C GLY I 1625 -133.80 -36.55 43.77
N TRP I 1626 -132.61 -37.08 43.50
CA TRP I 1626 -131.37 -36.32 43.55
C TRP I 1626 -130.97 -35.87 42.17
N ALA I 1627 -130.83 -34.55 41.98
CA ALA I 1627 -130.50 -33.98 40.68
C ALA I 1627 -129.04 -33.56 40.65
N VAL I 1628 -128.48 -33.58 39.45
CA VAL I 1628 -127.08 -33.21 39.24
C VAL I 1628 -126.93 -32.67 37.83
N GLN I 1629 -126.17 -31.58 37.69
CA GLN I 1629 -126.06 -30.91 36.41
C GLN I 1629 -124.75 -30.18 36.30
N CYS I 1630 -124.41 -29.80 35.08
CA CYS I 1630 -123.26 -28.95 34.77
C CYS I 1630 -123.49 -28.37 33.39
N GLN I 1631 -123.06 -27.12 33.18
CA GLN I 1631 -123.31 -26.45 31.91
C GLN I 1631 -122.08 -25.89 31.22
N ASP I 1632 -121.14 -25.33 31.96
CA ASP I 1632 -119.96 -24.72 31.37
C ASP I 1632 -118.97 -25.77 30.89
N PRO I 1633 -118.46 -25.67 29.65
CA PRO I 1633 -117.53 -26.69 29.16
C PRO I 1633 -116.08 -26.30 29.45
N LEU I 1634 -115.24 -27.31 29.71
CA LEU I 1634 -113.84 -27.08 29.97
C LEU I 1634 -113.01 -28.15 29.28
N THR I 1635 -112.06 -27.72 28.45
CA THR I 1635 -111.31 -28.61 27.59
C THR I 1635 -109.82 -28.46 27.86
N MET I 1636 -109.06 -29.37 27.29
CA MET I 1636 -107.61 -29.34 27.44
C MET I 1636 -106.97 -29.95 26.20
N MET I 1637 -105.67 -29.74 26.07
CA MET I 1637 -104.88 -30.33 25.00
C MET I 1637 -104.25 -31.61 25.53
N ALA I 1638 -103.99 -32.57 24.65
CA ALA I 1638 -103.47 -33.84 25.12
C ALA I 1638 -102.52 -34.45 24.11
N LEU I 1639 -101.37 -34.90 24.60
CA LEU I 1639 -100.48 -35.72 23.79
C LEU I 1639 -100.94 -37.17 23.86
N HIS I 1640 -100.28 -38.03 23.08
CA HIS I 1640 -100.77 -39.39 23.03
C HIS I 1640 -99.76 -40.45 23.42
N ILE I 1641 -98.53 -40.35 22.92
CA ILE I 1641 -97.50 -41.40 22.96
C ILE I 1641 -98.11 -42.70 22.42
N PRO I 1642 -98.25 -42.83 21.10
CA PRO I 1642 -99.11 -43.88 20.53
C PRO I 1642 -98.63 -45.29 20.76
N GLU I 1643 -97.37 -45.49 21.08
CA GLU I 1643 -96.87 -46.83 21.37
C GLU I 1643 -97.40 -47.39 22.67
N GLU I 1644 -97.94 -46.55 23.55
CA GLU I 1644 -98.44 -47.00 24.83
C GLU I 1644 -99.89 -46.64 25.08
N ASN I 1645 -100.51 -45.84 24.21
CA ASN I 1645 -101.92 -45.46 24.27
C ASN I 1645 -102.27 -44.75 25.58
N ARG I 1646 -101.30 -44.07 26.15
CA ARG I 1646 -101.44 -43.40 27.42
C ARG I 1646 -101.31 -41.90 27.21
N CYS I 1647 -102.44 -41.22 27.18
CA CYS I 1647 -102.46 -39.78 26.93
C CYS I 1647 -102.06 -39.03 28.19
N MET I 1648 -101.65 -37.79 28.01
CA MET I 1648 -101.27 -36.94 29.13
C MET I 1648 -101.53 -35.49 28.78
N ASP I 1649 -101.67 -34.66 29.80
CA ASP I 1649 -101.87 -33.23 29.59
C ASP I 1649 -100.58 -32.61 29.08
N ILE I 1650 -100.74 -31.65 28.17
CA ILE I 1650 -99.57 -31.12 27.49
C ILE I 1650 -98.81 -30.14 28.37
N LEU I 1651 -99.46 -29.62 29.39
CA LEU I 1651 -98.78 -28.71 30.31
C LEU I 1651 -97.74 -29.43 31.15
N GLU I 1652 -97.81 -30.75 31.25
CA GLU I 1652 -96.82 -31.56 31.94
C GLU I 1652 -95.46 -31.53 31.27
N LEU I 1653 -95.38 -31.09 30.02
CA LEU I 1653 -94.08 -30.93 29.39
C LEU I 1653 -93.25 -29.83 30.03
N SER I 1654 -93.85 -28.93 30.80
CA SER I 1654 -93.10 -27.88 31.47
C SER I 1654 -92.12 -28.42 32.50
N GLU I 1655 -92.35 -29.60 33.02
CA GLU I 1655 -91.38 -30.22 33.91
C GLU I 1655 -90.85 -31.53 33.37
N ARG I 1656 -91.37 -32.02 32.25
CA ARG I 1656 -90.89 -33.28 31.71
C ARG I 1656 -89.48 -33.11 31.15
N LEU I 1657 -89.24 -32.00 30.45
CA LEU I 1657 -87.93 -31.51 30.03
C LEU I 1657 -87.19 -32.45 29.08
N ASP I 1658 -87.80 -33.53 28.63
CA ASP I 1658 -87.25 -34.32 27.56
C ASP I 1658 -88.22 -34.46 26.41
N LEU I 1659 -89.47 -34.81 26.69
CA LEU I 1659 -90.46 -34.81 25.64
C LEU I 1659 -90.95 -33.41 25.32
N GLN I 1660 -90.59 -32.41 26.11
CA GLN I 1660 -90.70 -31.04 25.64
C GLN I 1660 -89.79 -30.81 24.44
N ARG I 1661 -88.56 -31.28 24.56
CA ARG I 1661 -87.56 -31.04 23.51
C ARG I 1661 -87.88 -31.79 22.24
N PHE I 1662 -88.28 -33.06 22.36
CA PHE I 1662 -88.56 -33.85 21.18
C PHE I 1662 -89.88 -33.43 20.54
N HIS I 1663 -90.78 -32.84 21.30
CA HIS I 1663 -91.94 -32.26 20.66
C HIS I 1663 -91.69 -30.83 20.24
N SER I 1664 -90.59 -30.23 20.68
CA SER I 1664 -90.21 -28.95 20.09
C SER I 1664 -89.58 -29.15 18.73
N HIS I 1665 -88.67 -30.11 18.62
CA HIS I 1665 -87.98 -30.34 17.36
C HIS I 1665 -88.89 -30.95 16.32
N THR I 1666 -90.00 -31.58 16.73
CA THR I 1666 -91.00 -31.99 15.77
C THR I 1666 -91.66 -30.78 15.13
N LEU I 1667 -91.84 -29.70 15.89
CA LEU I 1667 -92.41 -28.50 15.31
C LEU I 1667 -91.46 -27.81 14.36
N ARG I 1668 -90.16 -28.07 14.47
CA ARG I 1668 -89.27 -27.57 13.43
C ARG I 1668 -89.41 -28.38 12.17
N LEU I 1669 -89.68 -29.67 12.29
CA LEU I 1669 -89.92 -30.48 11.11
C LEU I 1669 -91.24 -30.13 10.46
N TYR I 1670 -92.22 -29.69 11.25
CA TYR I 1670 -93.47 -29.27 10.64
C TYR I 1670 -93.33 -27.95 9.91
N ARG I 1671 -92.54 -27.01 10.42
CA ARG I 1671 -92.37 -25.77 9.69
C ARG I 1671 -91.47 -25.95 8.49
N ALA I 1672 -90.52 -26.88 8.55
CA ALA I 1672 -89.61 -27.06 7.44
C ALA I 1672 -90.22 -27.83 6.28
N VAL I 1673 -91.23 -28.66 6.54
CA VAL I 1673 -91.84 -29.41 5.45
C VAL I 1673 -92.73 -28.50 4.62
N CYS I 1674 -93.60 -27.73 5.26
CA CYS I 1674 -94.42 -26.80 4.48
C CYS I 1674 -93.72 -25.47 4.31
N ALA I 1675 -92.46 -25.47 3.92
CA ALA I 1675 -91.69 -24.25 3.83
C ALA I 1675 -91.63 -23.80 2.38
N LEU I 1676 -91.64 -22.48 2.22
CA LEU I 1676 -91.50 -21.81 0.92
C LEU I 1676 -92.65 -22.18 -0.01
N GLY I 1677 -93.87 -22.01 0.47
CA GLY I 1677 -95.03 -22.11 -0.40
C GLY I 1677 -95.41 -23.48 -0.87
N ASN I 1678 -94.92 -24.53 -0.22
CA ASN I 1678 -95.31 -25.89 -0.57
C ASN I 1678 -96.75 -26.08 -0.10
N ASN I 1679 -97.69 -25.81 -0.98
CA ASN I 1679 -99.07 -25.73 -0.53
C ASN I 1679 -99.85 -27.00 -0.72
N ARG I 1680 -99.33 -27.97 -1.47
CA ARG I 1680 -99.98 -29.27 -1.49
C ARG I 1680 -99.76 -29.97 -0.16
N VAL I 1681 -98.58 -29.81 0.43
CA VAL I 1681 -98.34 -30.41 1.72
C VAL I 1681 -98.93 -29.54 2.83
N ALA I 1682 -99.25 -28.28 2.54
CA ALA I 1682 -99.78 -27.41 3.57
C ALA I 1682 -101.21 -27.78 3.93
N HIS I 1683 -101.93 -28.43 3.02
CA HIS I 1683 -103.19 -29.02 3.41
C HIS I 1683 -102.96 -30.27 4.23
N ALA I 1684 -101.88 -31.00 3.95
CA ALA I 1684 -101.66 -32.26 4.63
C ALA I 1684 -101.32 -32.07 6.09
N LEU I 1685 -100.70 -30.95 6.45
CA LEU I 1685 -100.49 -30.68 7.86
C LEU I 1685 -101.75 -30.20 8.55
N CYS I 1686 -102.69 -29.63 7.80
CA CYS I 1686 -103.89 -29.09 8.42
C CYS I 1686 -104.81 -30.18 8.95
N SER I 1687 -104.56 -31.44 8.58
CA SER I 1687 -105.20 -32.54 9.27
C SER I 1687 -104.58 -32.80 10.63
N HIS I 1688 -103.25 -32.85 10.69
CA HIS I 1688 -102.56 -33.32 11.90
C HIS I 1688 -102.64 -32.32 13.03
N VAL I 1689 -102.66 -31.03 12.71
CA VAL I 1689 -102.85 -30.00 13.71
C VAL I 1689 -104.04 -29.15 13.29
N ASP I 1690 -105.14 -29.31 14.00
CA ASP I 1690 -106.44 -28.81 13.56
C ASP I 1690 -106.51 -27.29 13.67
N GLN I 1691 -107.64 -26.75 13.25
CA GLN I 1691 -107.78 -25.30 13.24
C GLN I 1691 -108.09 -24.74 14.61
N ALA I 1692 -108.94 -25.40 15.39
CA ALA I 1692 -109.31 -24.84 16.68
C ALA I 1692 -108.20 -25.00 17.69
N GLN I 1693 -107.55 -26.16 17.71
CA GLN I 1693 -106.51 -26.41 18.68
C GLN I 1693 -105.25 -25.61 18.41
N LEU I 1694 -105.11 -25.03 17.24
CA LEU I 1694 -104.04 -24.09 17.00
C LEU I 1694 -104.45 -22.72 17.52
N LEU I 1695 -105.68 -22.30 17.26
CA LEU I 1695 -106.19 -21.08 17.85
C LEU I 1695 -106.36 -21.18 19.36
N HIS I 1696 -106.53 -22.38 19.90
CA HIS I 1696 -106.58 -22.48 21.35
C HIS I 1696 -105.22 -22.29 21.96
N ALA I 1697 -104.17 -22.76 21.28
CA ALA I 1697 -102.84 -22.68 21.84
C ALA I 1697 -102.22 -21.30 21.75
N LEU I 1698 -102.92 -20.32 21.23
CA LEU I 1698 -102.33 -18.99 21.11
C LEU I 1698 -102.39 -18.23 22.42
N GLU I 1699 -103.25 -18.66 23.35
CA GLU I 1699 -103.49 -17.89 24.56
C GLU I 1699 -103.45 -18.72 25.83
N ASP I 1700 -103.24 -20.02 25.73
CA ASP I 1700 -103.06 -20.85 26.92
C ASP I 1700 -101.71 -20.50 27.52
N ALA I 1701 -101.73 -19.63 28.51
CA ALA I 1701 -100.52 -19.00 29.04
C ALA I 1701 -99.62 -19.97 29.78
N HIS I 1702 -100.14 -21.10 30.23
CA HIS I 1702 -99.35 -22.04 31.00
C HIS I 1702 -98.50 -22.96 30.12
N LEU I 1703 -98.46 -22.73 28.82
CA LEU I 1703 -97.57 -23.47 27.96
C LEU I 1703 -96.13 -23.12 28.28
N PRO I 1704 -95.19 -24.01 28.05
CA PRO I 1704 -93.80 -23.71 28.35
C PRO I 1704 -93.16 -22.75 27.35
N GLY I 1705 -91.85 -22.60 27.46
CA GLY I 1705 -91.12 -21.64 26.66
C GLY I 1705 -91.04 -21.96 25.19
N PRO I 1706 -90.24 -22.96 24.81
CA PRO I 1706 -90.00 -23.19 23.38
C PRO I 1706 -91.17 -23.84 22.68
N LEU I 1707 -92.22 -24.18 23.40
CA LEU I 1707 -93.38 -24.75 22.75
C LEU I 1707 -94.36 -23.65 22.36
N ARG I 1708 -94.27 -22.49 23.00
CA ARG I 1708 -95.14 -21.39 22.60
C ARG I 1708 -94.64 -20.77 21.31
N ALA I 1709 -93.33 -20.64 21.17
CA ALA I 1709 -92.77 -20.07 19.95
C ALA I 1709 -92.84 -21.04 18.80
N GLY I 1710 -93.11 -22.32 19.08
CA GLY I 1710 -93.41 -23.23 18.00
C GLY I 1710 -94.82 -23.08 17.46
N TYR I 1711 -95.82 -23.12 18.33
CA TYR I 1711 -97.21 -23.10 17.87
C TYR I 1711 -97.63 -21.76 17.32
N TYR I 1712 -96.91 -20.69 17.62
CA TYR I 1712 -97.17 -19.48 16.88
C TYR I 1712 -96.51 -19.52 15.52
N ASP I 1713 -95.27 -19.96 15.46
CA ASP I 1713 -94.58 -19.96 14.18
C ASP I 1713 -95.03 -21.09 13.28
N LEU I 1714 -95.66 -22.12 13.83
CA LEU I 1714 -96.30 -23.11 12.98
C LEU I 1714 -97.48 -22.50 12.26
N LEU I 1715 -98.22 -21.62 12.93
CA LEU I 1715 -99.44 -21.06 12.37
C LEU I 1715 -99.17 -20.23 11.13
N ILE I 1716 -98.17 -19.35 11.18
CA ILE I 1716 -97.90 -18.54 10.00
C ILE I 1716 -97.26 -19.37 8.90
N SER I 1717 -96.58 -20.46 9.24
CA SER I 1717 -95.93 -21.23 8.20
C SER I 1717 -96.87 -22.19 7.50
N ILE I 1718 -98.12 -22.28 7.93
CA ILE I 1718 -99.09 -23.05 7.15
C ILE I 1718 -100.22 -22.18 6.64
N HIS I 1719 -100.35 -20.95 7.11
CA HIS I 1719 -101.45 -20.14 6.64
C HIS I 1719 -101.05 -18.77 6.13
N LEU I 1720 -100.09 -18.12 6.76
CA LEU I 1720 -99.82 -16.71 6.51
C LEU I 1720 -98.41 -16.52 6.00
N GLU I 1721 -97.96 -17.42 5.16
CA GLU I 1721 -96.65 -17.25 4.54
C GLU I 1721 -96.72 -17.20 3.03
N SER I 1722 -97.50 -18.07 2.43
CA SER I 1722 -97.65 -18.08 0.98
C SER I 1722 -98.29 -16.79 0.48
N ALA I 1723 -99.16 -16.20 1.27
CA ALA I 1723 -99.66 -14.88 0.95
C ALA I 1723 -98.72 -13.78 1.40
N CYS I 1724 -97.84 -14.07 2.36
CA CYS I 1724 -96.98 -13.02 2.90
C CYS I 1724 -95.91 -12.59 1.91
N ARG I 1725 -95.23 -13.56 1.29
CA ARG I 1725 -94.13 -13.25 0.39
C ARG I 1725 -94.61 -12.56 -0.88
N SER I 1726 -95.80 -12.94 -1.35
CA SER I 1726 -96.27 -12.38 -2.61
C SER I 1726 -96.70 -10.93 -2.47
N ARG I 1727 -97.25 -10.55 -1.32
CA ARG I 1727 -97.61 -9.15 -1.17
C ARG I 1727 -96.40 -8.29 -0.81
N ARG I 1728 -95.47 -8.82 -0.01
CA ARG I 1728 -94.27 -8.06 0.33
C ARG I 1728 -93.41 -7.80 -0.90
N SER I 1729 -93.46 -8.71 -1.87
CA SER I 1729 -92.83 -8.48 -3.16
C SER I 1729 -93.41 -7.27 -3.90
N MET I 1730 -94.73 -7.12 -3.91
CA MET I 1730 -95.35 -6.01 -4.63
C MET I 1730 -95.38 -4.72 -3.84
N LEU I 1731 -94.74 -4.66 -2.68
CA LEU I 1731 -94.74 -3.42 -1.91
C LEU I 1731 -93.75 -2.40 -2.44
N SER I 1732 -92.65 -2.84 -3.06
CA SER I 1732 -91.62 -1.89 -3.44
C SER I 1732 -92.00 -1.07 -4.66
N GLU I 1733 -92.99 -1.54 -5.41
CA GLU I 1733 -93.46 -0.84 -6.60
C GLU I 1733 -94.85 -0.28 -6.36
N TYR I 1734 -95.14 0.83 -7.01
CA TYR I 1734 -96.35 1.60 -6.75
C TYR I 1734 -97.06 1.83 -8.08
N ILE I 1735 -98.22 1.22 -8.22
CA ILE I 1735 -99.00 1.28 -9.45
C ILE I 1735 -100.35 1.87 -9.07
N VAL I 1736 -100.59 3.10 -9.49
CA VAL I 1736 -101.77 3.86 -9.09
C VAL I 1736 -102.66 4.05 -10.32
N PRO I 1737 -103.96 3.84 -10.21
CA PRO I 1737 -104.88 4.17 -11.29
C PRO I 1737 -105.47 5.56 -11.10
N LEU I 1738 -106.14 6.03 -12.15
CA LEU I 1738 -106.83 7.32 -12.12
C LEU I 1738 -108.32 7.14 -11.82
N THR I 1739 -108.61 6.65 -10.64
CA THR I 1739 -109.96 6.82 -10.15
C THR I 1739 -110.09 8.19 -9.49
N PRO I 1740 -111.30 8.74 -9.40
CA PRO I 1740 -111.48 9.98 -8.64
C PRO I 1740 -111.20 9.84 -7.15
N GLU I 1741 -111.27 8.62 -6.60
CA GLU I 1741 -110.82 8.41 -5.23
C GLU I 1741 -109.33 8.69 -5.09
N THR I 1742 -108.55 8.33 -6.10
CA THR I 1742 -107.14 8.71 -6.16
C THR I 1742 -106.97 10.21 -6.24
N ARG I 1743 -107.79 10.88 -7.06
CA ARG I 1743 -107.68 12.30 -7.34
C ARG I 1743 -107.81 13.18 -6.10
N ALA I 1744 -108.53 12.73 -5.07
CA ALA I 1744 -108.60 13.46 -3.81
C ALA I 1744 -107.69 12.76 -2.82
N ILE I 1745 -106.39 13.04 -2.91
CA ILE I 1745 -105.40 12.60 -1.95
C ILE I 1745 -104.40 13.73 -1.76
N THR I 1746 -104.28 14.22 -0.54
CA THR I 1746 -103.36 15.31 -0.23
C THR I 1746 -102.23 14.78 0.63
N LEU I 1747 -101.19 15.60 0.78
CA LEU I 1747 -100.15 15.28 1.74
C LEU I 1747 -100.67 15.43 3.16
N PHE I 1748 -101.09 16.63 3.52
CA PHE I 1748 -101.63 16.82 4.86
C PHE I 1748 -103.13 16.63 4.86
N PRO I 1749 -103.70 16.09 5.92
CA PRO I 1749 -105.16 16.01 6.02
C PRO I 1749 -105.77 17.38 6.19
N PRO I 1750 -106.92 17.63 5.57
CA PRO I 1750 -107.52 18.96 5.66
C PRO I 1750 -108.18 19.22 7.00
N GLY I 1751 -107.80 20.34 7.61
CA GLY I 1751 -108.33 20.70 8.92
C GLY I 1751 -107.58 21.87 9.53
N ARG I 1758 -101.75 22.24 8.72
CA ARG I 1758 -100.36 21.88 8.74
C ARG I 1758 -100.07 20.82 9.80
N ARG I 1759 -101.13 20.20 10.32
CA ARG I 1759 -101.02 19.15 11.30
C ARG I 1759 -100.74 17.84 10.59
N HIS I 1760 -99.68 17.16 11.01
CA HIS I 1760 -99.21 15.97 10.31
C HIS I 1760 -100.16 14.81 10.58
N GLY I 1761 -100.60 14.13 9.51
CA GLY I 1761 -101.55 13.06 9.63
C GLY I 1761 -100.95 11.79 10.22
N LEU I 1762 -101.83 10.85 10.55
CA LEU I 1762 -101.40 9.60 11.16
C LEU I 1762 -100.85 8.65 10.10
N PRO I 1763 -99.73 7.98 10.39
CA PRO I 1763 -99.16 7.05 9.41
C PRO I 1763 -99.99 5.78 9.32
N GLY I 1764 -100.17 5.29 8.09
CA GLY I 1764 -100.91 4.08 7.84
C GLY I 1764 -102.41 4.21 7.90
N VAL I 1765 -102.93 5.37 8.25
CA VAL I 1765 -104.36 5.58 8.40
C VAL I 1765 -104.83 6.39 7.21
N GLY I 1766 -105.88 5.94 6.57
CA GLY I 1766 -106.42 6.62 5.43
C GLY I 1766 -106.75 5.64 4.33
N VAL I 1767 -106.74 6.16 3.10
CA VAL I 1767 -107.06 5.36 1.91
C VAL I 1767 -105.85 5.34 0.99
N THR I 1768 -105.44 4.13 0.62
CA THR I 1768 -104.41 3.93 -0.39
C THR I 1768 -105.06 3.29 -1.61
N THR I 1769 -104.41 3.44 -2.76
CA THR I 1769 -105.01 3.04 -4.03
C THR I 1769 -104.07 2.20 -4.88
N SER I 1770 -102.88 1.89 -4.37
CA SER I 1770 -101.91 1.12 -5.15
C SER I 1770 -102.39 -0.31 -5.30
N LEU I 1771 -102.17 -0.87 -6.47
CA LEU I 1771 -102.76 -2.15 -6.81
C LEU I 1771 -102.02 -3.27 -6.12
N ARG I 1772 -102.77 -4.24 -5.58
CA ARG I 1772 -102.24 -5.44 -5.01
C ARG I 1772 -103.20 -6.58 -5.32
N PRO I 1773 -102.70 -7.78 -5.58
CA PRO I 1773 -103.57 -8.90 -5.88
C PRO I 1773 -104.25 -9.40 -4.63
N PRO I 1774 -105.46 -9.94 -4.75
CA PRO I 1774 -106.08 -10.66 -3.63
C PRO I 1774 -105.36 -11.96 -3.36
N HIS I 1775 -105.72 -12.58 -2.25
CA HIS I 1775 -104.88 -13.61 -1.69
C HIS I 1775 -105.22 -15.02 -2.17
N HIS I 1776 -106.49 -15.28 -2.48
CA HIS I 1776 -106.98 -16.56 -3.01
C HIS I 1776 -106.67 -17.72 -2.06
N PHE I 1777 -107.29 -17.67 -0.89
CA PHE I 1777 -107.23 -18.82 -0.02
C PHE I 1777 -108.26 -19.85 -0.47
N SER I 1778 -108.02 -21.10 -0.06
CA SER I 1778 -108.97 -22.17 -0.34
C SER I 1778 -109.19 -22.91 0.97
N PRO I 1779 -110.41 -23.27 1.29
CA PRO I 1779 -110.67 -23.96 2.55
C PRO I 1779 -110.23 -25.41 2.48
N PRO I 1780 -109.71 -25.95 3.57
CA PRO I 1780 -109.24 -27.34 3.54
C PRO I 1780 -110.40 -28.31 3.62
N CYS I 1781 -110.19 -29.46 2.99
CA CYS I 1781 -111.13 -30.57 3.09
C CYS I 1781 -110.33 -31.84 2.91
N PHE I 1782 -110.93 -32.98 3.26
CA PHE I 1782 -110.23 -34.25 3.10
C PHE I 1782 -111.13 -35.34 2.56
N VAL I 1783 -112.39 -35.04 2.28
CA VAL I 1783 -113.28 -36.01 1.68
C VAL I 1783 -113.50 -35.76 0.21
N ALA I 1784 -112.93 -34.69 -0.34
CA ALA I 1784 -113.01 -34.44 -1.76
C ALA I 1784 -112.21 -35.49 -2.53
N ALA I 1785 -112.74 -35.88 -3.69
CA ALA I 1785 -112.14 -36.96 -4.47
C ALA I 1785 -110.85 -36.50 -5.13
N LEU I 1786 -109.95 -37.43 -5.37
CA LEU I 1786 -108.67 -37.10 -5.98
C LEU I 1786 -108.79 -37.07 -7.49
N PRO I 1787 -108.42 -35.96 -8.14
CA PRO I 1787 -108.27 -35.99 -9.59
C PRO I 1787 -106.86 -36.38 -9.99
N ALA I 1788 -106.74 -36.97 -11.18
CA ALA I 1788 -105.49 -37.41 -11.79
C ALA I 1788 -104.65 -38.34 -10.91
N GLU I 1793 -101.71 -33.85 -14.41
CA GLU I 1793 -101.05 -32.91 -13.52
C GLU I 1793 -102.03 -31.87 -12.97
N ALA I 1794 -102.04 -31.72 -11.66
CA ALA I 1794 -102.87 -30.71 -11.03
C ALA I 1794 -102.30 -29.32 -11.33
N PRO I 1795 -103.15 -28.28 -11.45
CA PRO I 1795 -102.63 -26.93 -11.69
C PRO I 1795 -101.79 -26.39 -10.54
N ALA I 1796 -102.38 -26.31 -9.35
CA ALA I 1796 -101.72 -25.79 -8.16
C ALA I 1796 -102.63 -26.05 -6.97
N ARG I 1797 -102.09 -25.82 -5.78
CA ARG I 1797 -102.88 -25.79 -4.57
C ARG I 1797 -102.69 -24.43 -3.94
N LEU I 1798 -103.78 -23.81 -3.50
CA LEU I 1798 -103.65 -22.55 -2.80
C LEU I 1798 -103.20 -22.80 -1.37
N SER I 1799 -102.94 -21.70 -0.66
CA SER I 1799 -102.69 -21.82 0.76
C SER I 1799 -103.98 -22.14 1.48
N PRO I 1800 -103.96 -23.08 2.43
CA PRO I 1800 -105.19 -23.43 3.15
C PRO I 1800 -105.64 -22.29 4.05
N ALA I 1801 -106.96 -22.19 4.21
CA ALA I 1801 -107.55 -20.96 4.72
C ALA I 1801 -107.77 -21.03 6.22
N ILE I 1802 -108.12 -19.89 6.81
CA ILE I 1802 -108.37 -19.71 8.23
C ILE I 1802 -109.11 -18.37 8.36
N PRO I 1803 -110.17 -18.29 9.18
CA PRO I 1803 -110.99 -17.06 9.19
C PRO I 1803 -110.29 -15.85 9.76
N LEU I 1804 -109.95 -14.91 8.90
CA LEU I 1804 -109.10 -13.78 9.25
C LEU I 1804 -109.79 -12.73 10.11
N GLU I 1805 -111.06 -12.43 9.85
CA GLU I 1805 -111.76 -11.42 10.64
C GLU I 1805 -111.96 -11.88 12.08
N ALA I 1806 -112.09 -13.18 12.30
CA ALA I 1806 -111.99 -13.71 13.65
C ALA I 1806 -110.59 -13.61 14.21
N LEU I 1807 -109.56 -13.69 13.36
CA LEU I 1807 -108.20 -13.77 13.86
C LEU I 1807 -107.68 -12.43 14.35
N ARG I 1808 -108.08 -11.34 13.70
CA ARG I 1808 -107.56 -10.04 14.06
C ARG I 1808 -108.05 -9.58 15.43
N ASP I 1809 -109.25 -9.98 15.82
CA ASP I 1809 -109.74 -9.64 17.15
C ASP I 1809 -109.00 -10.41 18.23
N LYS I 1810 -108.62 -11.65 17.93
CA LYS I 1810 -107.90 -12.45 18.91
C LYS I 1810 -106.47 -11.96 19.04
N ALA I 1811 -105.84 -11.60 17.93
CA ALA I 1811 -104.44 -11.18 17.97
C ALA I 1811 -104.28 -9.81 18.62
N LEU I 1812 -105.22 -8.90 18.39
CA LEU I 1812 -105.20 -7.61 19.06
C LEU I 1812 -105.38 -7.74 20.55
N ARG I 1813 -106.20 -8.69 20.99
CA ARG I 1813 -106.48 -8.89 22.40
C ARG I 1813 -105.26 -9.41 23.14
N MET I 1814 -104.54 -10.36 22.55
CA MET I 1814 -103.37 -10.93 23.20
C MET I 1814 -102.21 -9.95 23.26
N LEU I 1815 -102.12 -9.05 22.27
CA LEU I 1815 -101.18 -7.94 22.41
C LEU I 1815 -101.67 -6.96 23.47
N GLY I 1816 -102.97 -6.67 23.48
CA GLY I 1816 -103.50 -5.63 24.35
C GLY I 1816 -103.40 -5.96 25.83
N GLU I 1817 -103.47 -7.24 26.17
CA GLU I 1817 -103.21 -7.60 27.56
C GLU I 1817 -101.73 -7.55 27.87
N ALA I 1818 -100.88 -7.85 26.89
CA ALA I 1818 -99.47 -8.06 27.17
C ALA I 1818 -98.75 -6.76 27.48
N VAL I 1819 -99.13 -5.68 26.79
CA VAL I 1819 -98.59 -4.38 27.13
C VAL I 1819 -99.14 -3.90 28.47
N ARG I 1820 -100.33 -4.37 28.85
CA ARG I 1820 -100.88 -3.99 30.14
C ARG I 1820 -100.34 -4.86 31.26
N ASP I 1821 -100.24 -6.17 31.03
CA ASP I 1821 -99.68 -7.05 32.05
C ASP I 1821 -98.18 -6.86 32.24
N GLY I 1822 -97.47 -6.38 31.22
CA GLY I 1822 -96.06 -6.11 31.39
C GLY I 1822 -95.75 -4.94 32.29
N GLY I 1823 -96.70 -4.04 32.48
CA GLY I 1823 -96.49 -2.93 33.39
C GLY I 1823 -96.60 -3.36 34.84
N GLN I 1824 -97.28 -4.49 35.06
CA GLN I 1824 -97.45 -4.98 36.42
C GLN I 1824 -96.17 -5.57 36.99
N HIS I 1825 -95.20 -5.89 36.14
CA HIS I 1825 -93.88 -6.43 36.51
C HIS I 1825 -94.01 -7.72 37.31
N ALA I 1826 -94.85 -8.61 36.80
CA ALA I 1826 -95.12 -9.86 37.48
C ALA I 1826 -93.90 -10.77 37.45
N ARG I 1827 -93.73 -11.53 38.52
CA ARG I 1827 -92.60 -12.44 38.64
C ARG I 1827 -92.74 -13.67 37.78
N ASP I 1828 -93.96 -14.07 37.41
CA ASP I 1828 -94.20 -15.23 36.57
C ASP I 1828 -94.81 -14.74 35.26
N PRO I 1829 -93.99 -14.40 34.29
CA PRO I 1829 -94.51 -13.97 32.99
C PRO I 1829 -95.03 -15.17 32.22
N VAL I 1830 -95.81 -14.88 31.18
CA VAL I 1830 -96.39 -15.91 30.35
C VAL I 1830 -95.27 -16.58 29.55
N GLY I 1831 -95.19 -17.90 29.63
CA GLY I 1831 -94.26 -18.64 28.84
C GLY I 1831 -92.85 -18.64 29.36
N GLY I 1832 -92.61 -18.10 30.54
CA GLY I 1832 -91.34 -18.30 31.22
C GLY I 1832 -90.36 -17.17 31.09
N SER I 1833 -90.68 -16.13 30.32
CA SER I 1833 -89.82 -14.96 30.20
C SER I 1833 -90.66 -13.80 29.69
N VAL I 1834 -90.02 -12.63 29.61
CA VAL I 1834 -90.63 -11.55 28.86
C VAL I 1834 -90.27 -11.68 27.39
N GLU I 1835 -89.25 -12.47 27.08
CA GLU I 1835 -88.87 -12.71 25.70
C GLU I 1835 -89.90 -13.54 24.98
N PHE I 1836 -90.35 -14.64 25.58
CA PHE I 1836 -91.37 -15.45 24.94
C PHE I 1836 -92.77 -14.87 25.08
N GLN I 1837 -92.93 -13.79 25.82
CA GLN I 1837 -94.26 -13.24 25.92
C GLN I 1837 -94.59 -12.34 24.74
N PHE I 1838 -93.56 -11.83 24.06
CA PHE I 1838 -93.80 -10.82 23.04
C PHE I 1838 -93.30 -11.20 21.65
N VAL I 1839 -92.21 -11.95 21.57
CA VAL I 1839 -91.67 -12.37 20.27
C VAL I 1839 -92.65 -13.25 19.50
N PRO I 1840 -93.36 -14.22 20.10
CA PRO I 1840 -94.41 -14.88 19.30
C PRO I 1840 -95.74 -14.15 19.29
N VAL I 1841 -95.80 -12.87 19.66
CA VAL I 1841 -97.06 -12.18 19.39
C VAL I 1841 -96.80 -10.98 18.50
N LEU I 1842 -95.57 -10.49 18.44
CA LEU I 1842 -95.27 -9.42 17.51
C LEU I 1842 -95.12 -9.95 16.09
N LYS I 1843 -94.39 -11.05 15.94
CA LYS I 1843 -94.12 -11.57 14.60
C LYS I 1843 -95.35 -12.22 13.99
N LEU I 1844 -96.43 -12.35 14.74
CA LEU I 1844 -97.72 -12.58 14.11
C LEU I 1844 -98.40 -11.27 13.77
N VAL I 1845 -98.32 -10.28 14.66
CA VAL I 1845 -98.98 -9.01 14.40
C VAL I 1845 -98.27 -8.26 13.29
N SER I 1846 -96.95 -8.39 13.24
CA SER I 1846 -96.18 -7.81 12.13
C SER I 1846 -96.52 -8.46 10.80
N THR I 1847 -96.84 -9.75 10.78
CA THR I 1847 -97.17 -10.36 9.51
C THR I 1847 -98.66 -10.35 9.24
N LEU I 1848 -99.48 -9.92 10.19
CA LEU I 1848 -100.82 -9.52 9.81
C LEU I 1848 -100.91 -8.04 9.50
N LEU I 1849 -99.87 -7.28 9.80
CA LEU I 1849 -99.92 -5.88 9.42
C LEU I 1849 -99.39 -5.66 8.02
N VAL I 1850 -98.46 -6.50 7.57
CA VAL I 1850 -97.96 -6.36 6.22
C VAL I 1850 -98.93 -6.94 5.20
N MET I 1851 -99.84 -7.82 5.62
CA MET I 1851 -100.82 -8.34 4.69
C MET I 1851 -102.02 -7.41 4.55
N GLY I 1852 -102.04 -6.32 5.30
CA GLY I 1852 -103.01 -5.27 5.12
C GLY I 1852 -104.43 -5.62 5.52
N ILE I 1853 -104.60 -6.74 6.24
CA ILE I 1853 -105.94 -7.18 6.58
C ILE I 1853 -106.49 -6.50 7.83
N PHE I 1854 -105.76 -5.56 8.40
CA PHE I 1854 -106.28 -4.82 9.53
C PHE I 1854 -107.07 -3.61 9.07
N GLY I 1855 -108.16 -3.32 9.77
CA GLY I 1855 -108.86 -2.08 9.57
C GLY I 1855 -108.06 -0.90 10.09
N ASP I 1856 -108.45 0.29 9.65
CA ASP I 1856 -107.72 1.48 10.07
C ASP I 1856 -107.99 1.81 11.54
N GLU I 1857 -109.19 1.48 12.02
CA GLU I 1857 -109.46 1.67 13.44
C GLU I 1857 -108.72 0.66 14.28
N ASP I 1858 -108.33 -0.48 13.69
CA ASP I 1858 -107.51 -1.44 14.40
C ASP I 1858 -106.10 -0.91 14.57
N VAL I 1859 -105.52 -0.37 13.50
CA VAL I 1859 -104.18 0.18 13.60
C VAL I 1859 -104.18 1.52 14.32
N LYS I 1860 -105.36 2.15 14.46
CA LYS I 1860 -105.47 3.26 15.40
C LYS I 1860 -105.26 2.79 16.82
N GLN I 1861 -105.75 1.60 17.16
CA GLN I 1861 -105.50 1.04 18.46
C GLN I 1861 -104.05 0.59 18.62
N ILE I 1862 -103.46 0.08 17.53
CA ILE I 1862 -102.07 -0.36 17.58
C ILE I 1862 -101.13 0.83 17.79
N LEU I 1863 -101.48 1.97 17.21
CA LEU I 1863 -100.70 3.18 17.45
C LEU I 1863 -100.80 3.63 18.90
N LYS I 1864 -101.95 3.42 19.53
CA LYS I 1864 -102.06 3.70 20.95
C LYS I 1864 -101.21 2.76 21.78
N MET I 1865 -101.13 1.49 21.36
CA MET I 1865 -100.42 0.50 22.15
C MET I 1865 -98.91 0.59 22.01
N ILE I 1866 -98.41 1.48 21.17
CA ILE I 1866 -96.97 1.65 21.05
C ILE I 1866 -96.51 2.82 21.91
N GLU I 1867 -97.06 4.00 21.67
CA GLU I 1867 -96.79 5.17 22.49
C GLU I 1867 -98.01 6.06 22.38
N PRO I 1868 -98.94 5.97 23.33
CA PRO I 1868 -100.21 6.70 23.20
C PRO I 1868 -100.08 8.20 23.41
N GLU I 1869 -98.97 8.68 23.96
CA GLU I 1869 -98.75 10.10 24.15
C GLU I 1869 -98.59 10.85 22.84
N VAL I 1870 -98.17 10.16 21.79
CA VAL I 1870 -97.93 10.84 20.52
C VAL I 1870 -99.11 10.66 19.58
N PHE I 1871 -99.56 9.42 19.37
CA PHE I 1871 -100.47 9.11 18.29
C PHE I 1871 -101.94 9.24 18.68
N THR I 1872 -102.22 9.89 19.81
CA THR I 1872 -103.61 10.10 20.20
C THR I 1872 -104.19 11.24 19.38
N GLU I 1873 -105.35 11.01 18.77
CA GLU I 1873 -106.01 12.02 17.94
C GLU I 1873 -106.55 13.17 18.78
N GLU I 1923 -102.13 4.26 30.27
CA GLU I 1923 -101.13 3.22 30.41
C GLU I 1923 -99.77 3.71 29.95
N GLU I 1924 -98.72 2.97 30.29
CA GLU I 1924 -97.38 3.29 29.84
C GLU I 1924 -97.17 2.83 28.41
N GLY I 1925 -96.43 3.62 27.65
CA GLY I 1925 -96.15 3.27 26.27
C GLY I 1925 -95.21 2.08 26.17
N LEU I 1926 -95.26 1.42 25.01
CA LEU I 1926 -94.50 0.20 24.82
C LEU I 1926 -93.01 0.48 24.64
N LEU I 1927 -92.66 1.60 24.03
CA LEU I 1927 -91.26 1.93 23.82
C LEU I 1927 -90.52 2.25 25.11
N GLN I 1928 -91.24 2.77 26.12
CA GLN I 1928 -90.58 3.08 27.39
C GLN I 1928 -90.29 1.82 28.19
N MET I 1929 -90.94 0.71 27.87
CA MET I 1929 -90.74 -0.51 28.62
C MET I 1929 -89.36 -1.08 28.35
N LYS I 1930 -88.72 -1.55 29.42
CA LYS I 1930 -87.42 -2.21 29.30
C LYS I 1930 -87.60 -3.54 28.57
N LEU I 1931 -86.90 -3.68 27.47
CA LEU I 1931 -87.08 -4.83 26.61
C LEU I 1931 -85.74 -5.53 26.39
N PRO I 1932 -85.74 -6.85 26.36
CA PRO I 1932 -84.53 -7.58 25.97
C PRO I 1932 -84.33 -7.45 24.46
N GLU I 1933 -83.13 -7.85 24.01
CA GLU I 1933 -82.60 -7.47 22.70
C GLU I 1933 -83.43 -7.99 21.53
N SER I 1934 -83.92 -9.23 21.61
CA SER I 1934 -84.65 -9.78 20.47
C SER I 1934 -86.03 -9.16 20.33
N VAL I 1935 -86.58 -8.63 21.41
CA VAL I 1935 -87.90 -8.03 21.30
C VAL I 1935 -87.79 -6.64 20.69
N LYS I 1936 -86.61 -6.03 20.77
CA LYS I 1936 -86.37 -4.79 20.03
C LYS I 1936 -86.36 -5.04 18.53
N LEU I 1937 -85.99 -6.26 18.12
CA LEU I 1937 -85.85 -6.55 16.70
C LEU I 1937 -87.21 -6.56 16.01
N GLN I 1938 -88.21 -7.18 16.63
CA GLN I 1938 -89.53 -7.16 16.05
C GLN I 1938 -90.18 -5.79 16.14
N MET I 1939 -89.74 -4.96 17.08
CA MET I 1939 -90.15 -3.57 17.07
C MET I 1939 -89.66 -2.83 15.83
N CYS I 1940 -88.45 -3.14 15.37
CA CYS I 1940 -87.97 -2.54 14.13
C CYS I 1940 -88.75 -3.06 12.94
N ASN I 1941 -89.05 -4.36 12.90
CA ASN I 1941 -89.84 -4.87 11.80
C ASN I 1941 -91.29 -4.43 11.88
N LEU I 1942 -91.75 -4.02 13.06
CA LEU I 1942 -93.06 -3.39 13.10
C LEU I 1942 -92.99 -1.95 12.63
N LEU I 1943 -91.97 -1.22 13.08
CA LEU I 1943 -91.83 0.18 12.71
C LEU I 1943 -91.44 0.38 11.26
N GLU I 1944 -90.79 -0.60 10.64
CA GLU I 1944 -90.44 -0.47 9.24
C GLU I 1944 -91.67 -0.48 8.34
N TYR I 1945 -92.76 -1.12 8.76
CA TYR I 1945 -93.99 -1.06 7.98
C TYR I 1945 -94.56 0.35 7.99
N PHE I 1946 -94.39 1.06 9.09
CA PHE I 1946 -95.08 2.34 9.25
C PHE I 1946 -94.44 3.44 8.44
N CYS I 1947 -93.11 3.46 8.36
CA CYS I 1947 -92.46 4.48 7.55
C CYS I 1947 -92.72 4.28 6.07
N ASP I 1948 -92.95 3.03 5.65
CA ASP I 1948 -93.32 2.81 4.25
C ASP I 1948 -94.74 3.27 3.97
N GLN I 1949 -95.62 3.18 4.95
CA GLN I 1949 -96.96 3.71 4.73
C GLN I 1949 -96.96 5.23 4.69
N GLU I 1950 -95.97 5.87 5.29
CA GLU I 1950 -95.79 7.29 5.05
C GLU I 1950 -95.29 7.56 3.64
N LEU I 1951 -94.42 6.69 3.15
CA LEU I 1951 -93.82 6.93 1.85
C LEU I 1951 -94.80 6.58 0.73
N GLN I 1952 -95.53 5.48 0.87
CA GLN I 1952 -96.48 5.11 -0.17
C GLN I 1952 -97.65 6.07 -0.21
N HIS I 1953 -97.99 6.68 0.93
CA HIS I 1953 -98.97 7.75 0.92
C HIS I 1953 -98.42 8.99 0.26
N ARG I 1954 -97.12 9.28 0.44
CA ARG I 1954 -96.52 10.44 -0.17
C ARG I 1954 -96.47 10.33 -1.69
N VAL I 1955 -96.14 9.15 -2.20
CA VAL I 1955 -96.14 8.94 -3.64
C VAL I 1955 -97.54 9.03 -4.20
N GLU I 1956 -98.50 8.41 -3.51
CA GLU I 1956 -99.89 8.48 -3.94
C GLU I 1956 -100.48 9.88 -3.77
N SER I 1957 -99.86 10.71 -2.93
CA SER I 1957 -100.22 12.12 -2.92
C SER I 1957 -99.69 12.82 -4.17
N LEU I 1958 -98.45 12.51 -4.57
CA LEU I 1958 -97.85 13.22 -5.69
C LEU I 1958 -98.46 12.76 -7.02
N ALA I 1959 -98.91 11.51 -7.09
CA ALA I 1959 -99.65 11.07 -8.27
C ALA I 1959 -101.00 11.75 -8.35
N ALA I 1960 -101.62 12.05 -7.21
CA ALA I 1960 -102.87 12.80 -7.22
C ALA I 1960 -102.65 14.23 -7.63
N PHE I 1961 -101.47 14.78 -7.34
CA PHE I 1961 -101.19 16.17 -7.68
C PHE I 1961 -101.00 16.35 -9.17
N ALA I 1962 -100.40 15.35 -9.83
CA ALA I 1962 -99.99 15.53 -11.21
C ALA I 1962 -101.18 15.50 -12.17
N GLU I 1963 -102.13 14.61 -11.94
CA GLU I 1963 -103.30 14.53 -12.81
C GLU I 1963 -104.20 15.75 -12.64
N ARG I 1964 -104.16 16.39 -11.48
CA ARG I 1964 -104.75 17.71 -11.34
C ARG I 1964 -103.93 18.78 -12.04
N TYR I 1965 -102.63 18.57 -12.19
CA TYR I 1965 -101.74 19.56 -12.74
C TYR I 1965 -101.66 19.51 -14.26
N VAL I 1966 -101.49 18.32 -14.84
CA VAL I 1966 -101.34 18.23 -16.30
C VAL I 1966 -102.66 18.37 -17.03
N ASP I 1967 -103.80 18.11 -16.38
CA ASP I 1967 -105.08 18.47 -16.97
C ASP I 1967 -105.23 19.98 -17.04
N LYS I 1968 -104.66 20.68 -16.06
CA LYS I 1968 -104.58 22.14 -16.08
C LYS I 1968 -103.52 22.64 -17.06
N LEU I 1969 -102.57 21.79 -17.43
CA LEU I 1969 -101.47 22.25 -18.26
C LEU I 1969 -101.75 22.08 -19.75
N GLN I 1970 -102.52 21.06 -20.13
CA GLN I 1970 -102.82 20.85 -21.55
C GLN I 1970 -103.71 21.93 -22.12
N ALA I 1971 -104.74 22.35 -21.39
CA ALA I 1971 -105.59 23.44 -21.87
C ALA I 1971 -104.85 24.76 -21.91
N ASN I 1972 -103.83 24.94 -21.07
CA ASN I 1972 -103.01 26.13 -21.13
C ASN I 1972 -102.15 26.16 -22.39
N GLN I 1973 -101.62 25.00 -22.78
CA GLN I 1973 -100.82 24.95 -24.00
C GLN I 1973 -101.67 25.10 -25.25
N ARG I 1974 -102.82 24.40 -25.30
CA ARG I 1974 -103.64 24.41 -26.51
C ARG I 1974 -104.32 25.75 -26.72
N SER I 1975 -104.57 26.49 -25.63
CA SER I 1975 -105.01 27.87 -25.79
C SER I 1975 -103.88 28.77 -26.24
N ARG I 1976 -102.67 28.55 -25.70
CA ARG I 1976 -101.50 29.32 -26.10
C ARG I 1976 -101.10 29.01 -27.54
N TYR I 1977 -101.25 27.76 -27.98
CA TYR I 1977 -100.94 27.42 -29.36
C TYR I 1977 -101.94 28.01 -30.33
N ALA I 1978 -103.22 28.07 -29.95
CA ALA I 1978 -104.22 28.70 -30.80
C ALA I 1978 -103.97 30.20 -30.92
N LEU I 1979 -103.51 30.83 -29.85
CA LEU I 1979 -103.06 32.22 -29.93
C LEU I 1979 -101.79 32.34 -30.76
N LEU I 1980 -100.93 31.33 -30.72
CA LEU I 1980 -99.80 31.28 -31.64
C LEU I 1980 -100.26 31.00 -33.06
N MET I 1981 -101.35 30.27 -33.22
CA MET I 1981 -101.88 29.96 -34.54
C MET I 1981 -102.51 31.16 -35.23
N ARG I 1982 -102.87 32.20 -34.48
CA ARG I 1982 -103.48 33.39 -35.03
C ARG I 1982 -102.55 34.60 -35.00
N ALA I 1983 -101.32 34.41 -34.53
CA ALA I 1983 -100.36 35.50 -34.41
C ALA I 1983 -99.53 35.56 -35.68
N PHE I 1984 -99.58 36.69 -36.37
CA PHE I 1984 -98.81 36.91 -37.59
C PHE I 1984 -97.90 38.12 -37.47
N THR I 1985 -97.73 38.64 -36.26
CA THR I 1985 -96.98 39.88 -36.03
C THR I 1985 -95.48 39.66 -36.09
N MET I 1986 -95.01 38.41 -36.14
CA MET I 1986 -93.59 38.14 -36.20
C MET I 1986 -93.37 36.85 -36.99
N SER I 1987 -92.18 36.72 -37.57
CA SER I 1987 -91.80 35.52 -38.31
C SER I 1987 -90.48 34.93 -37.82
N ALA I 1988 -89.48 35.75 -37.57
CA ALA I 1988 -88.21 35.22 -37.07
C ALA I 1988 -88.29 34.85 -35.61
N ALA I 1989 -89.11 35.56 -34.83
CA ALA I 1989 -89.37 35.18 -33.46
C ALA I 1989 -90.53 34.20 -33.32
N GLU I 1990 -91.30 33.99 -34.39
CA GLU I 1990 -92.41 33.05 -34.33
C GLU I 1990 -91.91 31.61 -34.27
N THR I 1991 -90.84 31.30 -35.01
CA THR I 1991 -90.29 29.96 -34.98
C THR I 1991 -89.55 29.65 -33.69
N ALA I 1992 -89.08 30.68 -32.98
CA ALA I 1992 -88.57 30.46 -31.63
C ALA I 1992 -89.68 30.12 -30.66
N ARG I 1993 -90.92 30.52 -30.97
CA ARG I 1993 -92.07 30.03 -30.23
C ARG I 1993 -92.63 28.76 -30.83
N ARG I 1994 -92.19 28.38 -32.02
CA ARG I 1994 -92.67 27.19 -32.69
C ARG I 1994 -91.71 26.01 -32.58
N THR I 1995 -90.54 26.21 -31.96
CA THR I 1995 -89.64 25.09 -31.73
C THR I 1995 -90.20 24.14 -30.67
N ARG I 1996 -91.05 24.66 -29.79
CA ARG I 1996 -91.57 23.87 -28.69
C ARG I 1996 -92.85 23.16 -29.06
N GLU I 1997 -93.64 23.74 -29.97
CA GLU I 1997 -95.01 23.31 -30.15
C GLU I 1997 -95.11 21.98 -30.89
N PHE I 1998 -94.48 21.90 -32.05
CA PHE I 1998 -94.49 20.66 -32.83
C PHE I 1998 -93.12 20.25 -33.31
N ARG I 1999 -92.08 21.04 -33.02
CA ARG I 1999 -90.75 20.70 -33.48
C ARG I 1999 -89.98 19.90 -32.43
N SER I 2000 -90.29 20.08 -31.17
CA SER I 2000 -89.60 19.34 -30.13
C SER I 2000 -90.38 18.08 -29.78
N PRO I 2001 -89.71 17.04 -29.27
CA PRO I 2001 -90.44 15.88 -28.78
C PRO I 2001 -91.20 16.22 -27.49
N PRO I 2002 -92.27 15.48 -27.18
CA PRO I 2002 -93.05 15.81 -25.97
C PRO I 2002 -92.30 15.59 -24.68
N GLN I 2003 -91.28 14.74 -24.68
CA GLN I 2003 -90.40 14.65 -23.54
C GLN I 2003 -89.63 15.94 -23.33
N GLU I 2004 -89.16 16.54 -24.43
CA GLU I 2004 -88.44 17.80 -24.31
C GLU I 2004 -89.34 18.98 -24.01
N GLN I 2005 -90.65 18.83 -24.23
CA GLN I 2005 -91.58 19.90 -23.90
C GLN I 2005 -91.68 20.09 -22.39
N ILE I 2006 -91.90 18.99 -21.67
CA ILE I 2006 -92.10 19.06 -20.23
C ILE I 2006 -90.82 19.46 -19.51
N ASN I 2007 -89.67 19.06 -20.06
CA ASN I 2007 -88.39 19.53 -19.53
C ASN I 2007 -88.24 21.03 -19.72
N MET I 2008 -88.68 21.55 -20.86
CA MET I 2008 -88.63 22.98 -21.09
C MET I 2008 -89.72 23.72 -20.32
N LEU I 2009 -90.88 23.10 -20.14
CA LEU I 2009 -91.98 23.77 -19.45
C LEU I 2009 -91.72 23.94 -17.96
N LEU I 2010 -90.92 23.07 -17.36
CA LEU I 2010 -90.79 23.01 -15.90
C LEU I 2010 -89.51 23.65 -15.42
N HIS I 2011 -89.11 24.78 -16.00
CA HIS I 2011 -87.80 25.35 -15.74
C HIS I 2011 -87.85 26.51 -14.75
N PHE I 2012 -89.02 26.84 -14.21
CA PHE I 2012 -89.17 28.11 -13.51
C PHE I 2012 -88.82 28.00 -12.03
N LYS I 2013 -87.65 27.46 -11.74
CA LYS I 2013 -87.06 27.56 -10.41
C LYS I 2013 -85.81 28.42 -10.53
N ASP I 2014 -85.78 29.52 -9.76
CA ASP I 2014 -84.70 30.51 -9.74
C ASP I 2014 -84.41 31.10 -11.12
N ASP I 2020 -87.37 31.92 -19.24
CA ASP I 2020 -87.64 31.46 -20.59
C ASP I 2020 -88.75 30.41 -20.60
N CYS I 2021 -89.78 30.65 -19.79
CA CYS I 2021 -90.87 29.70 -19.61
C CYS I 2021 -92.16 30.28 -20.18
N PRO I 2022 -92.88 29.56 -21.04
CA PRO I 2022 -94.13 30.07 -21.60
C PRO I 2022 -95.33 29.96 -20.68
N LEU I 2023 -95.13 29.71 -19.40
CA LEU I 2023 -96.28 29.48 -18.55
C LEU I 2023 -96.63 30.76 -17.78
N PRO I 2024 -97.91 31.01 -17.53
CA PRO I 2024 -98.31 32.18 -16.74
C PRO I 2024 -97.90 32.01 -15.27
N GLU I 2025 -97.91 33.14 -14.57
CA GLU I 2025 -97.52 33.16 -13.16
C GLU I 2025 -98.56 32.52 -12.25
N ASP I 2026 -99.79 32.33 -12.72
CA ASP I 2026 -100.83 31.72 -11.91
C ASP I 2026 -100.58 30.24 -11.66
N ILE I 2027 -100.28 29.48 -12.71
CA ILE I 2027 -100.11 28.05 -12.59
C ILE I 2027 -98.63 27.68 -12.52
N ARG I 2028 -97.75 28.67 -12.39
CA ARG I 2028 -96.35 28.38 -12.08
C ARG I 2028 -96.03 28.57 -10.61
N GLN I 2029 -96.93 29.18 -9.85
CA GLN I 2029 -96.69 29.40 -8.43
C GLN I 2029 -97.24 28.28 -7.57
N ASP I 2030 -98.36 27.67 -7.96
CA ASP I 2030 -98.98 26.64 -7.14
C ASP I 2030 -98.14 25.37 -7.10
N LEU I 2031 -97.33 25.14 -8.12
CA LEU I 2031 -96.33 24.08 -8.06
C LEU I 2031 -95.31 24.35 -6.96
N GLN I 2032 -94.78 25.58 -6.92
CA GLN I 2032 -93.91 25.96 -5.81
C GLN I 2032 -94.64 25.98 -4.48
N ASP I 2033 -95.93 26.32 -4.48
CA ASP I 2033 -96.73 26.17 -3.29
C ASP I 2033 -96.90 24.71 -2.92
N PHE I 2034 -97.06 23.83 -3.91
CA PHE I 2034 -97.06 22.40 -3.66
C PHE I 2034 -95.70 21.91 -3.20
N HIS I 2035 -94.63 22.47 -3.76
CA HIS I 2035 -93.29 22.01 -3.45
C HIS I 2035 -92.92 22.36 -2.01
N GLN I 2036 -93.42 23.47 -1.50
CA GLN I 2036 -93.23 23.76 -0.09
C GLN I 2036 -94.12 22.90 0.79
N ASP I 2037 -95.19 22.34 0.25
CA ASP I 2037 -96.03 21.46 1.04
C ASP I 2037 -95.39 20.09 1.21
N LEU I 2038 -94.40 19.77 0.38
CA LEU I 2038 -93.84 18.44 0.41
C LEU I 2038 -92.57 18.37 1.25
N LEU I 2039 -91.74 19.41 1.21
CA LEU I 2039 -90.53 19.40 2.02
C LEU I 2039 -90.87 19.51 3.49
N ALA I 2040 -91.87 20.32 3.83
CA ALA I 2040 -92.36 20.36 5.19
C ALA I 2040 -93.03 19.06 5.59
N HIS I 2041 -93.64 18.35 4.64
CA HIS I 2041 -94.13 17.02 4.93
C HIS I 2041 -93.00 16.06 5.23
N CYS I 2042 -91.84 16.28 4.60
CA CYS I 2042 -90.65 15.52 4.94
C CYS I 2042 -89.96 16.20 6.11
N GLY I 2043 -88.78 15.70 6.47
CA GLY I 2043 -88.08 16.16 7.66
C GLY I 2043 -87.48 17.54 7.57
N ILE I 2044 -87.37 18.12 6.38
CA ILE I 2044 -86.82 19.46 6.23
C ILE I 2044 -87.82 20.47 6.76
N GLN I 2045 -87.38 21.28 7.72
CA GLN I 2045 -88.26 22.28 8.30
C GLN I 2045 -88.58 23.39 7.31
N LEU I 2046 -87.62 23.70 6.42
CA LEU I 2046 -87.80 24.58 5.25
C LEU I 2046 -88.24 25.99 5.64
N GLU I 2047 -87.41 26.65 6.43
CA GLU I 2047 -87.70 28.02 6.85
C GLU I 2047 -87.50 29.00 5.68
N PRO I 2091 -92.40 14.93 21.64
CA PRO I 2091 -92.22 14.66 20.21
C PRO I 2091 -93.53 14.45 19.50
N GLN I 2092 -93.96 15.44 18.71
CA GLN I 2092 -95.23 15.38 18.01
C GLN I 2092 -95.10 14.86 16.59
N SER I 2093 -93.96 14.26 16.24
CA SER I 2093 -93.74 13.77 14.90
C SER I 2093 -93.20 12.35 14.97
N LEU I 2094 -93.46 11.58 13.91
CA LEU I 2094 -93.00 10.21 13.85
C LEU I 2094 -91.48 10.12 13.74
N GLN I 2095 -90.90 10.92 12.85
CA GLN I 2095 -89.44 10.91 12.72
C GLN I 2095 -88.77 11.54 13.93
N GLU I 2096 -89.46 12.47 14.60
CA GLU I 2096 -88.99 12.93 15.89
C GLU I 2096 -89.02 11.83 16.94
N LEU I 2097 -90.00 10.92 16.86
CA LEU I 2097 -90.09 9.83 17.81
C LEU I 2097 -88.99 8.79 17.59
N VAL I 2098 -88.79 8.41 16.33
CA VAL I 2098 -87.86 7.33 16.00
C VAL I 2098 -86.43 7.76 16.29
N SER I 2099 -86.08 8.99 15.90
CA SER I 2099 -84.72 9.48 16.08
C SER I 2099 -84.37 9.64 17.55
N HIS I 2100 -85.37 9.94 18.38
CA HIS I 2100 -85.17 9.86 19.81
C HIS I 2100 -85.01 8.42 20.26
N MET I 2101 -85.87 7.53 19.79
CA MET I 2101 -85.96 6.19 20.36
C MET I 2101 -84.77 5.33 19.96
N VAL I 2102 -84.30 5.47 18.72
CA VAL I 2102 -83.25 4.58 18.25
C VAL I 2102 -81.93 4.96 18.89
N VAL I 2103 -81.65 6.25 19.01
CA VAL I 2103 -80.42 6.71 19.64
C VAL I 2103 -80.39 6.34 21.11
N ARG I 2104 -81.53 6.47 21.79
CA ARG I 2104 -81.62 6.11 23.20
C ARG I 2104 -81.41 4.62 23.42
N TRP I 2105 -81.76 3.81 22.44
CA TRP I 2105 -81.48 2.38 22.53
C TRP I 2105 -79.99 2.10 22.50
N ALA I 2106 -79.22 2.95 21.82
CA ALA I 2106 -77.77 2.76 21.85
C ALA I 2106 -77.19 3.18 23.18
N GLN I 2107 -77.82 4.14 23.85
CA GLN I 2107 -77.34 4.56 25.16
C GLN I 2107 -77.75 3.58 26.26
N GLU I 2108 -78.65 2.66 25.98
CA GLU I 2108 -79.07 1.70 26.99
C GLU I 2108 -77.96 0.72 27.31
N ASP I 2109 -77.43 0.06 26.28
CA ASP I 2109 -76.40 -0.95 26.50
C ASP I 2109 -75.56 -1.08 25.24
N TYR I 2110 -74.57 -1.96 25.32
CA TYR I 2110 -73.75 -2.28 24.17
C TYR I 2110 -74.34 -3.48 23.45
N VAL I 2111 -75.03 -3.24 22.35
CA VAL I 2111 -75.80 -4.29 21.68
C VAL I 2111 -74.84 -5.22 20.94
N GLN I 2112 -75.02 -6.52 21.12
CA GLN I 2112 -74.13 -7.51 20.55
C GLN I 2112 -74.70 -8.21 19.32
N SER I 2113 -76.02 -8.31 19.21
CA SER I 2113 -76.62 -9.02 18.10
C SER I 2113 -76.49 -8.21 16.84
N PRO I 2114 -75.72 -8.68 15.85
CA PRO I 2114 -75.45 -7.84 14.67
C PRO I 2114 -76.66 -7.62 13.80
N GLU I 2115 -77.70 -8.43 13.94
CA GLU I 2115 -78.90 -8.21 13.16
C GLU I 2115 -79.62 -6.96 13.62
N LEU I 2116 -79.72 -6.74 14.93
CA LEU I 2116 -80.45 -5.59 15.44
C LEU I 2116 -79.74 -4.29 15.13
N VAL I 2117 -78.41 -4.30 15.14
CA VAL I 2117 -77.66 -3.07 14.90
C VAL I 2117 -77.76 -2.68 13.44
N ARG I 2118 -78.07 -3.63 12.55
CA ARG I 2118 -78.31 -3.25 11.17
C ARG I 2118 -79.73 -2.73 11.00
N ALA I 2119 -80.68 -3.34 11.68
CA ALA I 2119 -82.06 -2.89 11.54
C ALA I 2119 -82.32 -1.57 12.27
N MET I 2120 -81.46 -1.23 13.23
CA MET I 2120 -81.60 0.08 13.86
C MET I 2120 -81.16 1.18 12.90
N PHE I 2121 -79.91 1.10 12.45
CA PHE I 2121 -79.31 2.21 11.70
C PHE I 2121 -79.92 2.38 10.33
N SER I 2122 -80.43 1.30 9.74
CA SER I 2122 -81.15 1.43 8.48
C SER I 2122 -82.48 2.13 8.68
N LEU I 2123 -83.06 2.00 9.87
CA LEU I 2123 -84.27 2.76 10.14
C LEU I 2123 -83.94 4.22 10.38
N LEU I 2124 -82.81 4.50 11.03
CA LEU I 2124 -82.50 5.86 11.44
C LEU I 2124 -82.11 6.73 10.25
N HIS I 2125 -81.32 6.18 9.33
CA HIS I 2125 -80.95 6.88 8.12
C HIS I 2125 -82.15 7.14 7.22
N ARG I 2126 -83.18 6.28 7.33
CA ARG I 2126 -84.39 6.45 6.52
C ARG I 2126 -85.17 7.70 6.91
N GLN I 2127 -85.01 8.19 8.14
CA GLN I 2127 -85.79 9.35 8.55
C GLN I 2127 -85.08 10.65 8.24
N TYR I 2128 -83.76 10.66 8.37
CA TYR I 2128 -83.04 11.92 8.24
C TYR I 2128 -82.90 12.34 6.78
N ASP I 2129 -82.59 11.40 5.91
CA ASP I 2129 -82.58 11.67 4.47
C ASP I 2129 -83.94 11.23 3.91
N GLY I 2130 -84.99 11.84 4.44
CA GLY I 2130 -86.35 11.53 4.03
C GLY I 2130 -86.63 11.98 2.62
N LEU I 2131 -85.89 12.98 2.17
CA LEU I 2131 -85.93 13.37 0.76
C LEU I 2131 -85.38 12.28 -0.14
N GLY I 2132 -84.19 11.78 0.18
CA GLY I 2132 -83.60 10.71 -0.63
C GLY I 2132 -84.34 9.40 -0.52
N GLU I 2133 -85.02 9.18 0.60
CA GLU I 2133 -85.90 8.01 0.70
C GLU I 2133 -87.06 8.11 -0.26
N LEU I 2134 -87.57 9.32 -0.48
CA LEU I 2134 -88.61 9.50 -1.49
C LEU I 2134 -88.06 9.33 -2.89
N LEU I 2135 -86.81 9.74 -3.09
CA LEU I 2135 -86.23 9.73 -4.42
C LEU I 2135 -86.00 8.33 -4.93
N ARG I 2136 -85.40 7.46 -4.11
CA ARG I 2136 -85.01 6.13 -4.57
C ARG I 2136 -86.19 5.23 -4.87
N ALA I 2137 -87.37 5.53 -4.34
CA ALA I 2137 -88.55 4.78 -4.70
C ALA I 2137 -89.17 5.22 -6.02
N LEU I 2138 -89.02 6.50 -6.35
CA LEU I 2138 -89.66 7.12 -7.50
C LEU I 2138 -89.37 6.51 -8.89
N PRO I 2139 -88.23 5.86 -9.16
CA PRO I 2139 -88.15 5.06 -10.38
C PRO I 2139 -89.12 3.89 -10.42
N ARG I 2140 -89.56 3.39 -9.29
CA ARG I 2140 -90.57 2.34 -9.28
C ARG I 2140 -91.97 2.90 -9.23
N ALA I 2141 -92.16 4.16 -9.58
CA ALA I 2141 -93.47 4.79 -9.62
C ALA I 2141 -93.94 4.81 -11.04
N TYR I 2142 -95.15 4.31 -11.29
CA TYR I 2142 -95.75 4.32 -12.61
C TYR I 2142 -97.23 4.61 -12.50
N THR I 2143 -97.80 5.10 -13.59
CA THR I 2143 -99.17 5.60 -13.56
C THR I 2143 -99.92 5.06 -14.75
N ILE I 2144 -101.04 4.39 -14.51
CA ILE I 2144 -101.79 3.74 -15.58
C ILE I 2144 -103.18 4.35 -15.67
N SER I 2145 -103.90 3.91 -16.70
CA SER I 2145 -105.28 4.29 -17.00
C SER I 2145 -106.25 3.41 -16.21
N PRO I 2146 -107.37 3.99 -15.73
CA PRO I 2146 -108.33 3.20 -14.97
C PRO I 2146 -109.10 2.18 -15.78
N SER I 2147 -109.05 2.24 -17.10
CA SER I 2147 -109.66 1.22 -17.93
C SER I 2147 -108.75 0.01 -18.12
N SER I 2148 -107.51 0.08 -17.63
CA SER I 2148 -106.55 -1.01 -17.82
C SER I 2148 -106.35 -1.82 -16.55
N VAL I 2149 -107.02 -1.45 -15.44
CA VAL I 2149 -106.81 -2.11 -14.17
C VAL I 2149 -107.35 -3.53 -14.18
N GLU I 2150 -108.45 -3.77 -14.91
CA GLU I 2150 -109.07 -5.08 -14.95
C GLU I 2150 -108.21 -6.11 -15.64
N ASP I 2151 -107.24 -5.69 -16.46
CA ASP I 2151 -106.24 -6.61 -17.00
C ASP I 2151 -104.90 -6.53 -16.28
N THR I 2152 -104.62 -5.42 -15.59
CA THR I 2152 -103.31 -5.27 -14.95
C THR I 2152 -103.15 -6.15 -13.74
N MET I 2153 -104.20 -6.25 -12.91
CA MET I 2153 -104.11 -7.14 -11.77
C MET I 2153 -104.20 -8.60 -12.19
N SER I 2154 -104.78 -8.87 -13.36
CA SER I 2154 -104.68 -10.22 -13.92
C SER I 2154 -103.27 -10.50 -14.39
N LEU I 2155 -102.52 -9.46 -14.76
CA LEU I 2155 -101.12 -9.66 -15.11
C LEU I 2155 -100.28 -9.95 -13.88
N LEU I 2156 -100.47 -9.16 -12.81
CA LEU I 2156 -99.62 -9.22 -11.64
C LEU I 2156 -99.71 -10.55 -10.89
N GLU I 2157 -100.88 -11.18 -10.88
CA GLU I 2157 -100.97 -12.52 -10.32
C GLU I 2157 -100.18 -13.52 -11.16
N CYS I 2158 -100.19 -13.35 -12.48
CA CYS I 2158 -99.37 -14.19 -13.33
C CYS I 2158 -97.91 -13.80 -13.27
N LEU I 2159 -97.60 -12.64 -12.70
CA LEU I 2159 -96.20 -12.32 -12.40
C LEU I 2159 -95.74 -13.02 -11.15
N GLY I 2160 -96.59 -13.07 -10.13
CA GLY I 2160 -96.21 -13.56 -8.81
C GLY I 2160 -95.83 -15.02 -8.77
N GLN I 2161 -96.38 -15.83 -9.68
CA GLN I 2161 -96.04 -17.25 -9.70
C GLN I 2161 -94.60 -17.46 -10.12
N ILE I 2162 -94.05 -16.52 -10.88
CA ILE I 2162 -92.66 -16.65 -11.29
C ILE I 2162 -91.72 -16.39 -10.12
N ARG I 2163 -92.02 -15.35 -9.33
CA ARG I 2163 -91.19 -15.03 -8.19
C ARG I 2163 -91.30 -16.05 -7.09
N SER I 2164 -92.44 -16.72 -6.99
CA SER I 2164 -92.53 -17.89 -6.14
C SER I 2164 -91.68 -19.03 -6.65
N LEU I 2165 -91.50 -19.13 -7.95
CA LEU I 2165 -90.62 -20.15 -8.50
C LEU I 2165 -89.18 -19.69 -8.58
N LEU I 2166 -88.86 -18.50 -8.09
CA LEU I 2166 -87.47 -18.09 -8.00
C LEU I 2166 -86.75 -18.88 -6.92
N ILE I 2167 -87.44 -19.19 -5.82
CA ILE I 2167 -86.81 -19.70 -4.61
C ILE I 2167 -86.91 -21.21 -4.45
N VAL I 2168 -87.56 -21.91 -5.35
CA VAL I 2168 -87.66 -23.35 -5.27
C VAL I 2168 -86.83 -23.97 -6.39
N GLN I 2169 -86.08 -25.01 -6.05
CA GLN I 2169 -85.30 -25.73 -7.04
C GLN I 2169 -86.25 -26.41 -8.03
N MET I 2170 -85.95 -26.25 -9.31
CA MET I 2170 -86.92 -26.53 -10.36
C MET I 2170 -87.07 -28.03 -10.59
N GLY I 2171 -88.32 -28.49 -10.57
CA GLY I 2171 -88.63 -29.86 -10.89
C GLY I 2171 -89.55 -29.94 -12.09
N PRO I 2172 -89.94 -31.15 -12.49
CA PRO I 2172 -90.67 -31.31 -13.76
C PRO I 2172 -92.10 -30.83 -13.71
N GLN I 2173 -92.66 -30.51 -12.56
CA GLN I 2173 -94.03 -30.00 -12.53
C GLN I 2173 -94.09 -28.50 -12.69
N GLU I 2174 -93.37 -27.75 -11.88
CA GLU I 2174 -93.41 -26.29 -11.89
C GLU I 2174 -92.86 -25.69 -13.17
N GLU I 2175 -92.06 -26.47 -13.92
CA GLU I 2175 -91.75 -26.13 -15.30
C GLU I 2175 -93.01 -25.89 -16.10
N ASN I 2176 -93.98 -26.79 -15.99
CA ASN I 2176 -95.25 -26.58 -16.67
C ASN I 2176 -96.05 -25.47 -16.04
N LEU I 2177 -95.76 -25.11 -14.79
CA LEU I 2177 -96.33 -23.88 -14.25
C LEU I 2177 -95.65 -22.65 -14.82
N MET I 2178 -94.34 -22.74 -15.10
CA MET I 2178 -93.64 -21.56 -15.60
C MET I 2178 -94.00 -21.27 -17.04
N ILE I 2179 -94.08 -22.31 -17.87
CA ILE I 2179 -94.41 -22.13 -19.29
C ILE I 2179 -95.83 -21.62 -19.43
N GLN I 2180 -96.76 -22.18 -18.68
CA GLN I 2180 -98.14 -21.72 -18.70
C GLN I 2180 -98.28 -20.33 -18.13
N SER I 2181 -97.39 -19.95 -17.21
CA SER I 2181 -97.35 -18.58 -16.74
C SER I 2181 -96.90 -17.65 -17.87
N ILE I 2182 -95.71 -17.92 -18.43
CA ILE I 2182 -95.11 -17.07 -19.45
C ILE I 2182 -95.98 -16.99 -20.68
N GLY I 2183 -96.55 -18.12 -21.11
CA GLY I 2183 -97.53 -18.13 -22.18
C GLY I 2183 -98.80 -17.37 -21.89
N ASN I 2184 -99.06 -17.04 -20.62
CA ASN I 2184 -100.17 -16.18 -20.29
C ASN I 2184 -99.74 -14.73 -20.10
N ILE I 2185 -98.45 -14.45 -20.03
CA ILE I 2185 -98.01 -13.07 -19.99
C ILE I 2185 -98.01 -12.44 -21.37
N MET I 2186 -97.50 -13.14 -22.37
CA MET I 2186 -97.22 -12.55 -23.67
C MET I 2186 -98.45 -12.36 -24.53
N ASN I 2187 -99.64 -12.64 -24.02
CA ASN I 2187 -100.87 -12.30 -24.70
C ASN I 2187 -101.82 -11.62 -23.72
N ASN I 2188 -101.28 -10.66 -22.98
CA ASN I 2188 -102.04 -9.95 -21.97
C ASN I 2188 -102.15 -8.47 -22.23
N LYS I 2189 -101.59 -7.98 -23.34
CA LYS I 2189 -101.84 -6.72 -24.01
C LYS I 2189 -101.32 -5.48 -23.28
N VAL I 2190 -100.91 -5.60 -22.02
CA VAL I 2190 -100.41 -4.43 -21.31
C VAL I 2190 -98.90 -4.48 -21.24
N PHE I 2191 -98.35 -5.69 -21.35
CA PHE I 2191 -96.92 -5.91 -21.49
C PHE I 2191 -96.32 -5.14 -22.67
N TYR I 2192 -97.09 -4.90 -23.72
CA TYR I 2192 -96.63 -4.10 -24.84
C TYR I 2192 -96.82 -2.61 -24.65
N GLN I 2193 -98.01 -2.17 -24.25
CA GLN I 2193 -98.30 -0.75 -24.32
C GLN I 2193 -97.71 0.06 -23.18
N HIS I 2194 -96.98 -0.56 -22.25
CA HIS I 2194 -96.23 0.15 -21.22
C HIS I 2194 -94.90 -0.54 -21.02
N PRO I 2195 -93.95 -0.38 -21.94
CA PRO I 2195 -92.67 -1.08 -21.80
C PRO I 2195 -91.78 -0.50 -20.73
N ASN I 2196 -92.04 0.73 -20.29
CA ASN I 2196 -91.34 1.25 -19.12
C ASN I 2196 -91.76 0.52 -17.85
N LEU I 2197 -93.04 0.20 -17.72
CA LEU I 2197 -93.56 -0.47 -16.52
C LEU I 2197 -93.07 -1.89 -16.38
N MET I 2198 -93.04 -2.66 -17.48
CA MET I 2198 -92.51 -4.00 -17.42
C MET I 2198 -91.03 -4.00 -17.08
N ARG I 2199 -90.31 -2.99 -17.55
CA ARG I 2199 -88.93 -2.80 -17.13
C ARG I 2199 -88.85 -2.34 -15.69
N ALA I 2200 -89.82 -1.54 -15.25
CA ALA I 2200 -89.83 -1.02 -13.89
C ALA I 2200 -90.09 -2.11 -12.85
N LEU I 2201 -90.88 -3.12 -13.20
CA LEU I 2201 -91.15 -4.19 -12.25
C LEU I 2201 -90.04 -5.21 -12.16
N GLY I 2202 -88.98 -5.06 -12.94
CA GLY I 2202 -87.91 -6.03 -12.91
C GLY I 2202 -88.30 -7.35 -13.50
N MET I 2203 -89.31 -7.36 -14.39
CA MET I 2203 -89.73 -8.60 -15.02
C MET I 2203 -88.64 -9.15 -15.93
N HIS I 2204 -87.93 -8.27 -16.62
CA HIS I 2204 -86.84 -8.71 -17.48
C HIS I 2204 -85.67 -9.24 -16.66
N GLU I 2205 -85.52 -8.78 -15.43
CA GLU I 2205 -84.50 -9.38 -14.58
C GLU I 2205 -84.91 -10.75 -14.11
N THR I 2206 -86.18 -10.92 -13.73
CA THR I 2206 -86.65 -12.15 -13.10
C THR I 2206 -86.55 -13.36 -14.02
N VAL I 2207 -86.85 -13.18 -15.31
CA VAL I 2207 -86.81 -14.31 -16.22
C VAL I 2207 -85.38 -14.69 -16.53
N MET I 2208 -84.42 -13.80 -16.28
CA MET I 2208 -83.03 -14.17 -16.49
C MET I 2208 -82.54 -15.17 -15.45
N GLU I 2209 -82.86 -14.95 -14.17
CA GLU I 2209 -82.30 -15.81 -13.12
C GLU I 2209 -82.88 -17.21 -13.14
N VAL I 2210 -84.10 -17.39 -13.63
CA VAL I 2210 -84.58 -18.75 -13.78
C VAL I 2210 -83.93 -19.44 -14.96
N MET I 2211 -83.35 -18.68 -15.89
CA MET I 2211 -82.47 -19.30 -16.86
C MET I 2211 -81.07 -19.49 -16.33
N VAL I 2212 -80.69 -18.76 -15.28
CA VAL I 2212 -79.37 -18.98 -14.68
C VAL I 2212 -79.34 -20.31 -13.95
N ASN I 2213 -80.38 -20.59 -13.16
CA ASN I 2213 -80.36 -21.74 -12.26
C ASN I 2213 -80.43 -23.05 -13.02
N VAL I 2214 -81.01 -23.05 -14.21
CA VAL I 2214 -81.15 -24.29 -14.96
C VAL I 2214 -79.87 -24.63 -15.71
N LEU I 2215 -79.19 -23.65 -16.28
CA LEU I 2215 -77.94 -23.93 -16.97
C LEU I 2215 -76.82 -24.24 -16.00
N GLY I 2216 -76.93 -23.80 -14.75
CA GLY I 2216 -75.89 -24.05 -13.77
C GLY I 2216 -74.65 -23.20 -14.00
N GLU I 2222 -74.87 -30.81 -18.84
CA GLU I 2222 -76.03 -31.37 -19.52
C GLU I 2222 -77.29 -30.62 -19.15
N ILE I 2223 -78.16 -30.41 -20.13
CA ILE I 2223 -79.39 -29.66 -19.94
C ILE I 2223 -80.43 -30.54 -19.27
N ARG I 2224 -80.93 -30.09 -18.12
CA ARG I 2224 -81.97 -30.83 -17.42
C ARG I 2224 -83.33 -30.64 -18.06
N PHE I 2225 -83.74 -29.41 -18.35
CA PHE I 2225 -85.09 -29.10 -18.78
C PHE I 2225 -85.05 -28.19 -20.01
N PRO I 2226 -84.89 -28.75 -21.19
CA PRO I 2226 -84.72 -27.92 -22.38
C PRO I 2226 -85.99 -27.25 -22.85
N LYS I 2227 -87.14 -27.85 -22.56
CA LYS I 2227 -88.40 -27.25 -23.00
C LYS I 2227 -88.71 -25.98 -22.23
N MET I 2228 -88.13 -25.83 -21.06
CA MET I 2228 -88.25 -24.58 -20.33
C MET I 2228 -87.39 -23.49 -20.97
N VAL I 2229 -86.11 -23.81 -21.21
CA VAL I 2229 -85.13 -22.78 -21.52
C VAL I 2229 -85.38 -22.17 -22.89
N THR I 2230 -86.10 -22.85 -23.77
CA THR I 2230 -86.48 -22.24 -25.03
C THR I 2230 -87.53 -21.16 -24.82
N SER I 2231 -88.58 -21.46 -24.05
CA SER I 2231 -89.67 -20.52 -23.91
C SER I 2231 -89.27 -19.31 -23.08
N CYS I 2232 -88.23 -19.43 -22.25
CA CYS I 2232 -87.73 -18.24 -21.60
C CYS I 2232 -86.94 -17.37 -22.55
N CYS I 2233 -86.03 -17.95 -23.33
CA CYS I 2233 -85.26 -17.13 -24.25
C CYS I 2233 -86.11 -16.67 -25.41
N ARG I 2234 -87.20 -17.39 -25.71
CA ARG I 2234 -88.17 -16.87 -26.67
C ARG I 2234 -88.88 -15.64 -26.15
N PHE I 2235 -89.10 -15.60 -24.84
CA PHE I 2235 -89.76 -14.44 -24.25
C PHE I 2235 -88.86 -13.22 -24.30
N LEU I 2236 -87.56 -13.40 -24.04
CA LEU I 2236 -86.65 -12.27 -24.09
C LEU I 2236 -86.45 -11.73 -25.50
N CYS I 2237 -86.41 -12.61 -26.49
CA CYS I 2237 -86.30 -12.16 -27.88
C CYS I 2237 -87.52 -11.38 -28.30
N TYR I 2238 -88.70 -11.82 -27.86
CA TYR I 2238 -89.90 -11.02 -28.10
C TYR I 2238 -89.97 -9.81 -27.19
N PHE I 2239 -89.16 -9.76 -26.14
CA PHE I 2239 -89.15 -8.57 -25.31
C PHE I 2239 -88.25 -7.50 -25.88
N CYS I 2240 -87.13 -7.89 -26.50
CA CYS I 2240 -86.10 -6.95 -26.92
C CYS I 2240 -86.54 -6.01 -28.02
N ARG I 2241 -87.62 -6.31 -28.73
CA ARG I 2241 -88.09 -5.47 -29.82
C ARG I 2241 -89.35 -4.70 -29.44
N ILE I 2242 -89.69 -4.63 -28.17
CA ILE I 2242 -90.85 -3.85 -27.79
C ILE I 2242 -90.49 -2.37 -27.75
N SER I 2243 -89.42 -2.03 -27.06
CA SER I 2243 -88.88 -0.69 -27.14
C SER I 2243 -87.37 -0.80 -27.22
N ARG I 2244 -86.75 0.28 -27.67
CA ARG I 2244 -85.31 0.27 -27.86
C ARG I 2244 -84.57 0.31 -26.53
N GLN I 2245 -85.10 1.03 -25.54
CA GLN I 2245 -84.45 1.10 -24.25
C GLN I 2245 -84.57 -0.20 -23.47
N ASN I 2246 -85.55 -1.04 -23.79
CA ASN I 2246 -85.58 -2.36 -23.20
C ASN I 2246 -84.47 -3.22 -23.76
N GLN I 2247 -84.21 -3.09 -25.05
CA GLN I 2247 -83.03 -3.71 -25.64
C GLN I 2247 -81.75 -3.16 -25.05
N ARG I 2248 -81.73 -1.89 -24.68
CA ARG I 2248 -80.58 -1.31 -24.00
C ARG I 2248 -80.33 -1.99 -22.66
N SER I 2249 -81.39 -2.28 -21.91
CA SER I 2249 -81.22 -2.96 -20.64
C SER I 2249 -80.76 -4.40 -20.81
N MET I 2250 -81.37 -5.14 -21.72
CA MET I 2250 -81.01 -6.53 -21.96
C MET I 2250 -79.61 -6.68 -22.51
N PHE I 2251 -79.09 -5.65 -23.16
CA PHE I 2251 -77.72 -5.62 -23.64
C PHE I 2251 -76.70 -5.76 -22.52
N ASP I 2252 -77.03 -5.30 -21.31
CA ASP I 2252 -76.04 -5.18 -20.26
C ASP I 2252 -75.63 -6.52 -19.68
N HIS I 2253 -76.42 -7.57 -19.89
CA HIS I 2253 -76.05 -8.89 -19.42
C HIS I 2253 -75.37 -9.71 -20.49
N LEU I 2254 -74.63 -9.07 -21.39
CA LEU I 2254 -74.09 -9.75 -22.55
C LEU I 2254 -73.03 -10.78 -22.21
N SER I 2255 -72.07 -10.42 -21.36
CA SER I 2255 -70.95 -11.31 -21.08
C SER I 2255 -71.40 -12.57 -20.37
N TYR I 2256 -72.43 -12.47 -19.52
CA TYR I 2256 -73.02 -13.68 -18.96
C TYR I 2256 -73.73 -14.50 -20.02
N LEU I 2257 -74.56 -13.85 -20.84
CA LEU I 2257 -75.22 -14.50 -21.96
C LEU I 2257 -74.23 -15.12 -22.93
N LEU I 2258 -73.07 -14.49 -23.10
CA LEU I 2258 -72.03 -15.02 -23.94
C LEU I 2258 -71.34 -16.23 -23.34
N GLU I 2259 -71.29 -16.34 -22.01
CA GLU I 2259 -70.56 -17.43 -21.39
C GLU I 2259 -71.28 -18.77 -21.54
N ASN I 2260 -72.56 -18.74 -21.90
CA ASN I 2260 -73.36 -19.94 -22.06
C ASN I 2260 -73.90 -20.10 -23.47
N SER I 2261 -73.04 -19.95 -24.48
CA SER I 2261 -73.46 -20.21 -25.85
C SER I 2261 -73.78 -21.68 -26.09
N GLY I 2262 -73.14 -22.58 -25.35
CA GLY I 2262 -73.40 -24.01 -25.50
C GLY I 2262 -74.74 -24.44 -24.94
N MET I 2267 -78.05 -27.28 -30.30
CA MET I 2267 -79.33 -27.91 -30.04
C MET I 2267 -80.47 -27.21 -30.78
N GLN I 2268 -81.56 -27.95 -31.01
CA GLN I 2268 -82.67 -27.43 -31.81
C GLN I 2268 -83.49 -26.42 -31.02
N GLY I 2269 -84.41 -25.76 -31.71
CA GLY I 2269 -85.19 -24.71 -31.09
C GLY I 2269 -84.38 -23.46 -30.91
N SER I 2270 -84.82 -22.54 -30.05
CA SER I 2270 -84.08 -21.32 -29.80
C SER I 2270 -82.95 -21.58 -28.82
N THR I 2271 -82.34 -20.51 -28.32
CA THR I 2271 -81.07 -20.58 -27.64
C THR I 2271 -80.85 -19.31 -26.84
N PRO I 2272 -80.00 -19.36 -25.79
CA PRO I 2272 -79.57 -18.11 -25.15
C PRO I 2272 -78.80 -17.18 -26.05
N LEU I 2273 -78.19 -17.68 -27.12
CA LEU I 2273 -77.39 -16.80 -27.96
C LEU I 2273 -78.26 -15.93 -28.84
N ASP I 2274 -79.44 -16.42 -29.24
CA ASP I 2274 -80.32 -15.58 -30.06
C ASP I 2274 -80.94 -14.47 -29.23
N VAL I 2275 -80.94 -14.59 -27.91
CA VAL I 2275 -81.21 -13.44 -27.07
C VAL I 2275 -80.13 -12.39 -27.25
N ALA I 2276 -78.86 -12.81 -27.25
CA ALA I 2276 -77.76 -11.88 -27.40
C ALA I 2276 -77.74 -11.26 -28.79
N ALA I 2277 -78.19 -12.00 -29.80
CA ALA I 2277 -78.29 -11.44 -31.13
C ALA I 2277 -79.37 -10.38 -31.23
N ALA I 2278 -80.54 -10.63 -30.65
CA ALA I 2278 -81.60 -9.64 -30.68
C ALA I 2278 -81.40 -8.52 -29.67
N SER I 2279 -80.28 -8.53 -28.94
CA SER I 2279 -79.96 -7.42 -28.07
C SER I 2279 -79.10 -6.37 -28.75
N VAL I 2280 -78.60 -6.62 -29.95
CA VAL I 2280 -77.68 -5.69 -30.60
C VAL I 2280 -78.14 -5.33 -32.00
N ILE I 2281 -79.24 -5.90 -32.45
CA ILE I 2281 -79.70 -5.70 -33.81
C ILE I 2281 -80.30 -4.31 -33.93
N ASP I 2282 -80.18 -3.72 -35.12
CA ASP I 2282 -80.95 -2.53 -35.53
C ASP I 2282 -80.63 -1.29 -34.69
N ASN I 2283 -79.42 -1.19 -34.13
CA ASN I 2283 -79.13 -0.11 -33.20
C ASN I 2283 -77.67 0.26 -33.31
N ASN I 2284 -77.41 1.49 -33.76
CA ASN I 2284 -76.05 1.99 -33.83
C ASN I 2284 -75.45 2.30 -32.47
N GLU I 2285 -76.28 2.63 -31.48
CA GLU I 2285 -75.76 2.97 -30.16
C GLU I 2285 -75.06 1.79 -29.51
N LEU I 2286 -75.75 0.66 -29.45
CA LEU I 2286 -75.13 -0.52 -28.86
C LEU I 2286 -73.99 -1.06 -29.67
N ALA I 2287 -74.11 -1.05 -31.01
CA ALA I 2287 -73.06 -1.60 -31.84
C ALA I 2287 -71.79 -0.77 -31.76
N LEU I 2288 -71.92 0.53 -31.57
CA LEU I 2288 -70.75 1.35 -31.32
C LEU I 2288 -70.18 1.13 -29.94
N ALA I 2289 -71.02 0.79 -28.97
CA ALA I 2289 -70.59 0.64 -27.59
C ALA I 2289 -70.23 -0.80 -27.25
N LEU I 2290 -70.28 -1.70 -28.22
CA LEU I 2290 -69.93 -3.09 -28.00
C LEU I 2290 -68.45 -3.22 -27.69
N GLN I 2291 -68.14 -3.98 -26.65
CA GLN I 2291 -66.77 -4.10 -26.18
C GLN I 2291 -65.93 -4.93 -27.15
N GLU I 2292 -64.61 -4.88 -26.94
CA GLU I 2292 -63.70 -5.75 -27.67
C GLU I 2292 -63.52 -7.09 -26.97
N GLN I 2293 -63.46 -7.09 -25.64
CA GLN I 2293 -63.40 -8.34 -24.89
C GLN I 2293 -64.67 -9.16 -25.06
N ASP I 2294 -65.80 -8.50 -25.30
CA ASP I 2294 -67.03 -9.21 -25.64
C ASP I 2294 -67.01 -9.74 -27.07
N LEU I 2295 -66.04 -9.35 -27.87
CA LEU I 2295 -65.94 -9.90 -29.22
C LEU I 2295 -65.04 -11.12 -29.30
N GLU I 2296 -63.93 -11.13 -28.57
CA GLU I 2296 -62.99 -12.24 -28.65
C GLU I 2296 -63.53 -13.53 -28.04
N LYS I 2297 -64.56 -13.44 -27.19
CA LYS I 2297 -65.20 -14.66 -26.74
C LYS I 2297 -66.01 -15.31 -27.84
N VAL I 2298 -66.53 -14.52 -28.78
CA VAL I 2298 -67.36 -15.08 -29.84
C VAL I 2298 -66.51 -15.87 -30.82
N VAL I 2299 -65.30 -15.41 -31.09
CA VAL I 2299 -64.47 -16.13 -32.05
C VAL I 2299 -63.81 -17.36 -31.42
N SER I 2300 -63.66 -17.38 -30.10
CA SER I 2300 -63.08 -18.55 -29.46
C SER I 2300 -64.05 -19.73 -29.48
N TYR I 2301 -65.35 -19.47 -29.48
CA TYR I 2301 -66.29 -20.57 -29.69
C TYR I 2301 -66.37 -20.90 -31.16
N LEU I 2302 -66.09 -19.92 -32.03
CA LEU I 2302 -65.88 -20.22 -33.43
C LEU I 2302 -64.55 -20.91 -33.65
N ALA I 2303 -63.61 -20.78 -32.71
CA ALA I 2303 -62.35 -21.50 -32.82
C ALA I 2303 -62.49 -22.99 -32.60
N GLY I 2304 -63.57 -23.43 -31.97
CA GLY I 2304 -63.72 -24.86 -31.70
C GLY I 2304 -64.38 -25.63 -32.81
N CYS I 2305 -65.38 -25.04 -33.47
CA CYS I 2305 -66.26 -25.77 -34.38
C CYS I 2305 -65.56 -26.26 -35.63
N GLY I 2306 -64.50 -25.61 -36.09
CA GLY I 2306 -63.80 -26.07 -37.26
C GLY I 2306 -62.92 -27.28 -37.04
N LEU I 2307 -62.74 -27.69 -35.79
CA LEU I 2307 -61.83 -28.79 -35.46
C LEU I 2307 -62.55 -30.06 -35.04
N GLN I 2308 -63.75 -29.95 -34.48
CA GLN I 2308 -64.50 -31.12 -34.03
C GLN I 2308 -65.85 -31.16 -34.71
N SER I 2309 -66.52 -32.30 -34.54
CA SER I 2309 -67.82 -32.55 -35.14
C SER I 2309 -68.93 -32.24 -34.13
N CYS I 2310 -70.16 -32.47 -34.53
CA CYS I 2310 -71.26 -32.48 -33.58
C CYS I 2310 -71.39 -33.89 -32.99
N PRO I 2311 -71.21 -34.05 -31.67
CA PRO I 2311 -71.32 -35.38 -31.08
C PRO I 2311 -72.73 -35.93 -31.12
N MET I 2312 -73.73 -35.05 -31.17
CA MET I 2312 -75.11 -35.48 -31.34
C MET I 2312 -75.37 -36.03 -32.74
N LEU I 2313 -74.62 -35.59 -33.73
CA LEU I 2313 -74.86 -36.01 -35.11
C LEU I 2313 -74.29 -37.39 -35.37
N LEU I 2314 -73.11 -37.68 -34.82
CA LEU I 2314 -72.59 -39.02 -34.93
C LEU I 2314 -73.27 -39.99 -33.98
N ALA I 2315 -73.87 -39.47 -32.91
CA ALA I 2315 -74.82 -40.27 -32.14
C ALA I 2315 -76.08 -40.58 -32.93
N LYS I 2316 -76.43 -39.72 -33.89
CA LYS I 2316 -77.58 -39.99 -34.75
C LYS I 2316 -77.26 -40.95 -35.89
N GLY I 2317 -76.00 -41.35 -36.03
CA GLY I 2317 -75.64 -42.32 -37.05
C GLY I 2317 -75.29 -41.70 -38.37
N TYR I 2318 -74.92 -40.44 -38.34
CA TYR I 2318 -74.60 -39.71 -39.55
C TYR I 2318 -73.18 -40.07 -40.00
N PRO I 2319 -72.80 -39.74 -41.23
CA PRO I 2319 -71.38 -39.81 -41.60
C PRO I 2319 -70.57 -38.79 -40.82
N ASP I 2320 -69.26 -39.06 -40.70
CA ASP I 2320 -68.37 -38.23 -39.89
C ASP I 2320 -67.79 -37.11 -40.75
N ILE I 2321 -67.87 -35.88 -40.23
CA ILE I 2321 -67.25 -34.72 -40.83
C ILE I 2321 -66.52 -33.97 -39.73
N GLY I 2322 -65.20 -33.75 -39.91
CA GLY I 2322 -64.32 -33.31 -38.85
C GLY I 2322 -64.57 -31.91 -38.32
N TRP I 2323 -65.37 -31.09 -39.02
CA TRP I 2323 -65.67 -29.73 -38.58
C TRP I 2323 -67.17 -29.63 -38.36
N ASN I 2324 -67.66 -28.41 -38.16
CA ASN I 2324 -69.06 -28.26 -37.78
C ASN I 2324 -69.82 -27.42 -38.79
N PRO I 2325 -70.48 -28.02 -39.79
CA PRO I 2325 -71.29 -27.22 -40.71
C PRO I 2325 -72.62 -26.77 -40.13
N CYS I 2326 -72.99 -27.26 -38.95
CA CYS I 2326 -74.24 -26.81 -38.35
C CYS I 2326 -74.02 -25.98 -37.11
N GLY I 2327 -73.03 -26.33 -36.29
CA GLY I 2327 -72.83 -25.62 -35.03
C GLY I 2327 -72.14 -24.29 -35.22
N GLY I 2328 -71.12 -24.24 -36.07
CA GLY I 2328 -70.42 -23.01 -36.35
C GLY I 2328 -71.24 -21.93 -37.01
N GLU I 2329 -72.31 -22.31 -37.71
CA GLU I 2329 -73.20 -21.33 -38.31
C GLU I 2329 -74.09 -20.64 -37.27
N ARG I 2330 -74.05 -21.08 -36.01
CA ARG I 2330 -74.79 -20.39 -34.96
C ARG I 2330 -74.00 -19.25 -34.36
N TYR I 2331 -72.83 -18.92 -34.90
CA TYR I 2331 -72.13 -17.72 -34.47
C TYR I 2331 -72.07 -16.65 -35.54
N LEU I 2332 -72.00 -17.02 -36.80
CA LEU I 2332 -71.80 -16.03 -37.85
C LEU I 2332 -73.08 -15.26 -38.13
N ASP I 2333 -74.23 -15.90 -37.95
CA ASP I 2333 -75.50 -15.19 -37.99
C ASP I 2333 -75.62 -14.17 -36.86
N PHE I 2334 -74.94 -14.41 -35.74
CA PHE I 2334 -74.84 -13.37 -34.72
C PHE I 2334 -73.93 -12.25 -35.17
N LEU I 2335 -72.71 -12.59 -35.59
CA LEU I 2335 -71.70 -11.59 -35.94
C LEU I 2335 -72.04 -10.81 -37.20
N ARG I 2336 -72.93 -11.32 -38.05
CA ARG I 2336 -73.38 -10.51 -39.18
C ARG I 2336 -74.44 -9.51 -38.74
N PHE I 2337 -74.89 -9.59 -37.49
CA PHE I 2337 -75.58 -8.47 -36.90
C PHE I 2337 -74.66 -7.57 -36.10
N ALA I 2338 -73.40 -7.96 -35.96
CA ALA I 2338 -72.47 -7.19 -35.13
C ALA I 2338 -71.77 -6.09 -35.90
N VAL I 2339 -71.72 -6.19 -37.23
CA VAL I 2339 -71.01 -5.18 -38.02
C VAL I 2339 -71.87 -4.53 -39.09
N PHE I 2340 -73.06 -5.04 -39.35
CA PHE I 2340 -73.89 -4.52 -40.43
C PHE I 2340 -75.24 -4.11 -39.83
N VAL I 2341 -75.57 -2.82 -39.89
CA VAL I 2341 -76.78 -2.28 -39.29
C VAL I 2341 -77.39 -1.25 -40.24
N ASN I 2342 -78.72 -1.26 -40.35
CA ASN I 2342 -79.50 -0.30 -41.13
C ASN I 2342 -79.10 -0.28 -42.60
N GLY I 2343 -78.67 -1.43 -43.12
CA GLY I 2343 -78.14 -1.48 -44.45
C GLY I 2343 -76.83 -0.76 -44.63
N GLU I 2344 -75.97 -0.72 -43.62
CA GLU I 2344 -74.70 -0.03 -43.69
C GLU I 2344 -73.71 -0.78 -42.82
N SER I 2345 -72.43 -0.66 -43.16
CA SER I 2345 -71.40 -1.29 -42.36
C SER I 2345 -70.86 -0.32 -41.32
N VAL I 2346 -70.51 -0.83 -40.14
CA VAL I 2346 -69.78 -0.02 -39.19
C VAL I 2346 -68.31 -0.04 -39.55
N GLU I 2347 -67.56 0.84 -38.91
CA GLU I 2347 -66.12 0.90 -39.10
C GLU I 2347 -65.34 0.29 -37.96
N GLU I 2348 -65.61 0.71 -36.73
CA GLU I 2348 -64.75 0.36 -35.61
C GLU I 2348 -64.86 -1.11 -35.24
N ASN I 2349 -65.99 -1.75 -35.50
CA ASN I 2349 -66.05 -3.18 -35.24
C ASN I 2349 -65.49 -3.98 -36.41
N ALA I 2350 -65.72 -3.51 -37.64
CA ALA I 2350 -65.22 -4.22 -38.81
C ALA I 2350 -63.70 -4.21 -38.86
N ASN I 2351 -63.08 -3.16 -38.35
CA ASN I 2351 -61.63 -3.10 -38.37
C ASN I 2351 -61.01 -3.91 -37.24
N VAL I 2352 -61.82 -4.56 -36.40
CA VAL I 2352 -61.25 -5.33 -35.30
C VAL I 2352 -61.76 -6.77 -35.28
N VAL I 2353 -62.85 -7.07 -35.98
CA VAL I 2353 -63.22 -8.46 -36.14
C VAL I 2353 -62.28 -9.19 -37.10
N VAL I 2354 -61.82 -8.51 -38.16
CA VAL I 2354 -61.02 -9.19 -39.17
C VAL I 2354 -59.56 -9.24 -38.75
N ARG I 2355 -59.15 -8.29 -37.91
CA ARG I 2355 -57.81 -8.39 -37.31
C ARG I 2355 -57.71 -9.56 -36.35
N LEU I 2356 -58.85 -9.95 -35.78
CA LEU I 2356 -58.88 -11.04 -34.81
C LEU I 2356 -59.24 -12.37 -35.47
N LEU I 2357 -60.00 -12.33 -36.56
CA LEU I 2357 -60.37 -13.55 -37.28
C LEU I 2357 -59.19 -14.19 -37.97
N ILE I 2358 -58.12 -13.45 -38.21
CA ILE I 2358 -56.94 -14.00 -38.85
C ILE I 2358 -55.86 -14.40 -37.86
N ARG I 2359 -56.14 -14.33 -36.56
CA ARG I 2359 -55.20 -14.87 -35.59
C ARG I 2359 -55.36 -16.37 -35.43
N LYS I 2360 -56.54 -16.89 -35.69
CA LYS I 2360 -56.80 -18.32 -35.64
C LYS I 2360 -57.36 -18.73 -36.99
N PRO I 2361 -56.51 -19.06 -37.97
CA PRO I 2361 -57.01 -19.38 -39.33
C PRO I 2361 -57.78 -20.69 -39.40
N GLU I 2362 -57.81 -21.48 -38.33
CA GLU I 2362 -58.71 -22.61 -38.23
C GLU I 2362 -60.17 -22.19 -38.21
N CYS I 2363 -60.47 -20.94 -37.85
CA CYS I 2363 -61.84 -20.48 -37.79
C CYS I 2363 -62.50 -20.42 -39.15
N PHE I 2364 -61.74 -20.24 -40.22
CA PHE I 2364 -62.30 -20.36 -41.55
C PHE I 2364 -62.58 -21.83 -41.85
N GLY I 2365 -63.42 -22.08 -42.85
CA GLY I 2365 -63.71 -23.42 -43.27
C GLY I 2365 -62.49 -24.06 -43.91
N PRO I 2366 -62.19 -25.30 -43.51
CA PRO I 2366 -60.87 -25.87 -43.83
C PRO I 2366 -60.66 -26.22 -45.30
N ALA I 2367 -61.72 -26.20 -46.11
CA ALA I 2367 -61.55 -26.40 -47.55
C ALA I 2367 -60.85 -25.20 -48.19
N LEU I 2368 -60.91 -24.04 -47.54
CA LEU I 2368 -60.16 -22.88 -47.97
C LEU I 2368 -59.13 -22.44 -46.95
N ARG I 2369 -58.54 -23.38 -46.20
CA ARG I 2369 -57.54 -23.03 -45.21
C ARG I 2369 -56.19 -23.65 -45.56
N GLY I 2373 -55.67 -26.52 -49.11
CA GLY I 2373 -57.03 -26.06 -49.34
C GLY I 2373 -57.58 -26.43 -50.71
N SER I 2374 -58.87 -26.78 -50.76
CA SER I 2374 -59.50 -27.14 -52.02
C SER I 2374 -60.18 -25.93 -52.65
N GLY I 2375 -60.83 -26.17 -53.78
CA GLY I 2375 -61.53 -25.10 -54.46
C GLY I 2375 -62.84 -24.76 -53.80
N LEU I 2376 -63.17 -23.46 -53.85
CA LEU I 2376 -64.40 -22.99 -53.24
C LEU I 2376 -65.63 -23.45 -54.02
N LEU I 2377 -65.58 -23.38 -55.35
CA LEU I 2377 -66.62 -24.05 -56.14
C LEU I 2377 -66.50 -25.56 -55.99
N ALA I 2378 -65.28 -26.07 -55.84
CA ALA I 2378 -65.09 -27.49 -55.62
C ALA I 2378 -65.58 -27.93 -54.24
N ALA I 2379 -65.52 -27.05 -53.24
CA ALA I 2379 -66.09 -27.38 -51.94
C ALA I 2379 -67.60 -27.56 -52.02
N ILE I 2380 -68.28 -26.66 -52.76
CA ILE I 2380 -69.71 -26.84 -53.00
C ILE I 2380 -69.94 -28.00 -53.96
N GLU I 2381 -69.01 -28.22 -54.91
CA GLU I 2381 -69.09 -29.42 -55.75
C GLU I 2381 -68.89 -30.69 -54.93
N GLU I 2382 -67.99 -30.65 -53.93
CA GLU I 2382 -67.90 -31.74 -52.95
C GLU I 2382 -69.15 -31.87 -52.11
N ALA I 2383 -69.96 -30.82 -52.02
CA ALA I 2383 -71.19 -30.89 -51.23
C ALA I 2383 -72.33 -31.51 -52.02
N ILE I 2384 -72.38 -31.29 -53.33
CA ILE I 2384 -73.51 -31.75 -54.12
C ILE I 2384 -73.53 -33.27 -54.21
N ARG I 2385 -72.36 -33.92 -54.29
CA ARG I 2385 -72.32 -35.38 -54.30
C ARG I 2385 -72.76 -35.97 -52.97
N ILE I 2386 -72.27 -35.42 -51.87
CA ILE I 2386 -72.62 -35.97 -50.56
C ILE I 2386 -74.02 -35.55 -50.14
N SER I 2387 -74.62 -34.56 -50.81
CA SER I 2387 -76.02 -34.25 -50.54
C SER I 2387 -76.96 -35.04 -51.44
N GLU I 2388 -76.58 -35.27 -52.71
CA GLU I 2388 -77.44 -36.04 -53.59
C GLU I 2388 -77.35 -37.53 -53.28
N ASP I 2389 -76.19 -38.03 -52.89
CA ASP I 2389 -76.09 -39.43 -52.50
C ASP I 2389 -76.54 -39.58 -51.06
N PRO I 2390 -77.53 -40.45 -50.78
CA PRO I 2390 -78.02 -40.58 -49.40
C PRO I 2390 -77.05 -41.30 -48.48
N ALA I 2391 -76.16 -42.13 -49.01
CA ALA I 2391 -75.20 -42.83 -48.17
C ALA I 2391 -74.16 -41.87 -47.60
N ARG I 2392 -73.69 -40.93 -48.41
CA ARG I 2392 -72.81 -39.90 -47.91
C ARG I 2392 -73.56 -38.78 -47.20
N ASP I 2393 -74.89 -38.78 -47.28
CA ASP I 2393 -75.70 -37.80 -46.57
C ASP I 2393 -76.00 -38.30 -45.16
N GLY I 2394 -76.46 -37.38 -44.30
CA GLY I 2394 -76.73 -37.71 -42.93
C GLY I 2394 -78.04 -38.46 -42.74
N PRO I 2395 -77.94 -39.75 -42.37
CA PRO I 2395 -79.13 -40.57 -42.11
C PRO I 2395 -79.12 -41.17 -40.70
N ASN I 2414 -82.66 -36.98 -38.56
CA ASN I 2414 -83.21 -37.01 -39.90
C ASN I 2414 -83.39 -35.61 -40.45
N ARG I 2415 -83.55 -34.63 -39.55
CA ARG I 2415 -83.69 -33.25 -39.95
C ARG I 2415 -82.37 -32.64 -40.41
N VAL I 2416 -81.24 -33.25 -40.04
CA VAL I 2416 -79.94 -32.70 -40.36
C VAL I 2416 -79.31 -33.51 -41.49
N HIS I 2417 -79.17 -32.89 -42.65
CA HIS I 2417 -78.37 -33.42 -43.74
C HIS I 2417 -77.06 -32.65 -43.75
N LEU I 2418 -75.95 -33.38 -43.85
CA LEU I 2418 -74.64 -32.73 -43.80
C LEU I 2418 -74.39 -31.89 -45.04
N GLY I 2419 -74.91 -32.34 -46.19
CA GLY I 2419 -74.73 -31.61 -47.42
C GLY I 2419 -75.47 -30.29 -47.49
N HIS I 2420 -76.55 -30.15 -46.74
CA HIS I 2420 -77.26 -28.89 -46.72
C HIS I 2420 -76.64 -27.89 -45.75
N ALA I 2421 -75.81 -28.36 -44.83
CA ALA I 2421 -75.24 -27.46 -43.84
C ALA I 2421 -73.86 -26.95 -44.24
N ILE I 2422 -73.16 -27.68 -45.10
CA ILE I 2422 -71.85 -27.22 -45.55
C ILE I 2422 -71.99 -26.03 -46.51
N MET I 2423 -72.94 -26.10 -47.44
CA MET I 2423 -73.21 -24.96 -48.31
C MET I 2423 -73.84 -23.82 -47.54
N SER I 2424 -74.57 -24.12 -46.48
CA SER I 2424 -75.14 -23.06 -45.65
C SER I 2424 -74.09 -22.42 -44.77
N PHE I 2425 -73.08 -23.19 -44.34
CA PHE I 2425 -72.00 -22.60 -43.55
C PHE I 2425 -71.16 -21.67 -44.39
N TYR I 2426 -70.85 -22.07 -45.61
CA TYR I 2426 -70.05 -21.22 -46.47
C TYR I 2426 -70.89 -20.07 -47.03
N ALA I 2427 -72.21 -20.22 -47.00
CA ALA I 2427 -73.07 -19.06 -47.21
C ALA I 2427 -72.97 -18.07 -46.06
N ALA I 2428 -72.51 -18.51 -44.88
CA ALA I 2428 -72.35 -17.59 -43.77
C ALA I 2428 -70.96 -16.98 -43.70
N LEU I 2429 -69.92 -17.74 -44.04
CA LEU I 2429 -68.57 -17.18 -44.01
C LEU I 2429 -68.35 -16.16 -45.13
N ILE I 2430 -69.12 -16.26 -46.21
CA ILE I 2430 -68.98 -15.31 -47.30
C ILE I 2430 -69.65 -13.98 -46.94
N ASP I 2431 -70.93 -14.01 -46.59
CA ASP I 2431 -71.66 -12.76 -46.50
C ASP I 2431 -71.35 -11.99 -45.21
N LEU I 2432 -70.68 -12.64 -44.27
CA LEU I 2432 -70.10 -11.89 -43.16
C LEU I 2432 -69.03 -10.93 -43.65
N LEU I 2433 -68.04 -11.45 -44.38
CA LEU I 2433 -66.95 -10.61 -44.84
C LEU I 2433 -67.38 -9.61 -45.88
N GLY I 2434 -68.47 -9.89 -46.61
CA GLY I 2434 -69.08 -8.91 -47.47
C GLY I 2434 -69.63 -7.77 -46.65
N ARG I 2435 -70.17 -8.08 -45.48
CA ARG I 2435 -70.69 -7.05 -44.61
C ARG I 2435 -69.63 -6.48 -43.68
N CYS I 2436 -68.37 -6.84 -43.84
CA CYS I 2436 -67.30 -6.12 -43.18
C CYS I 2436 -66.44 -5.34 -44.18
N ALA I 2437 -66.81 -5.36 -45.45
CA ALA I 2437 -66.13 -4.60 -46.49
C ALA I 2437 -66.30 -3.11 -46.26
N PRO I 2438 -65.20 -2.35 -46.25
CA PRO I 2438 -65.30 -0.90 -46.05
C PRO I 2438 -66.06 -0.24 -47.18
N GLU I 2439 -66.83 0.77 -46.81
CA GLU I 2439 -67.78 1.38 -47.74
C GLU I 2439 -67.05 2.19 -48.79
N MET I 2440 -67.76 2.45 -49.90
CA MET I 2440 -67.18 2.99 -51.12
C MET I 2440 -66.63 4.39 -50.93
N HIS I 2441 -67.34 5.24 -50.18
CA HIS I 2441 -66.91 6.61 -49.97
C HIS I 2441 -65.62 6.70 -49.18
N LEU I 2442 -65.31 5.71 -48.35
CA LEU I 2442 -64.00 5.68 -47.71
C LEU I 2442 -62.93 5.14 -48.65
N ILE I 2443 -63.33 4.51 -49.76
CA ILE I 2443 -62.33 4.08 -50.72
C ILE I 2443 -61.98 5.23 -51.65
N GLN I 2444 -62.93 6.13 -51.89
CA GLN I 2444 -62.64 7.35 -52.64
C GLN I 2444 -61.66 8.24 -51.91
N ALA I 2445 -61.70 8.26 -50.59
CA ALA I 2445 -60.64 8.88 -49.81
C ALA I 2445 -59.49 7.90 -49.69
N GLY I 2446 -58.31 8.43 -49.37
CA GLY I 2446 -57.13 7.59 -49.28
C GLY I 2446 -56.89 7.06 -47.90
N LYS I 2447 -57.92 6.51 -47.26
CA LYS I 2447 -57.75 5.91 -45.95
C LYS I 2447 -56.96 4.61 -46.09
N GLY I 2448 -55.68 4.66 -45.77
CA GLY I 2448 -54.78 3.54 -45.94
C GLY I 2448 -55.13 2.33 -45.09
N GLU I 2449 -55.64 2.55 -43.89
CA GLU I 2449 -56.16 1.45 -43.08
C GLU I 2449 -57.37 0.81 -43.75
N ALA I 2450 -58.29 1.62 -44.27
CA ALA I 2450 -59.50 1.09 -44.86
C ALA I 2450 -59.22 0.35 -46.16
N LEU I 2451 -58.17 0.76 -46.89
CA LEU I 2451 -57.83 0.03 -48.09
C LEU I 2451 -56.91 -1.14 -47.80
N ARG I 2452 -56.31 -1.19 -46.60
CA ARG I 2452 -55.55 -2.36 -46.21
C ARG I 2452 -56.47 -3.56 -46.02
N ILE I 2453 -57.65 -3.34 -45.43
CA ILE I 2453 -58.62 -4.41 -45.26
C ILE I 2453 -59.16 -4.86 -46.61
N ARG I 2454 -59.44 -3.91 -47.52
CA ARG I 2454 -59.98 -4.27 -48.82
C ARG I 2454 -58.97 -5.01 -49.67
N ALA I 2455 -57.68 -4.88 -49.35
CA ALA I 2455 -56.69 -5.77 -49.91
C ALA I 2455 -56.86 -7.19 -49.41
N ILE I 2456 -57.08 -7.36 -48.10
CA ILE I 2456 -57.00 -8.66 -47.46
C ILE I 2456 -58.16 -9.56 -47.90
N LEU I 2457 -59.38 -9.01 -47.91
CA LEU I 2457 -60.55 -9.77 -48.34
C LEU I 2457 -60.48 -10.14 -49.80
N ARG I 2458 -59.95 -9.26 -50.65
CA ARG I 2458 -59.76 -9.59 -52.04
C ARG I 2458 -58.63 -10.58 -52.23
N SER I 2459 -57.62 -10.52 -51.36
CA SER I 2459 -56.52 -11.46 -51.39
C SER I 2459 -56.92 -12.87 -51.01
N LEU I 2460 -57.91 -13.02 -50.16
CA LEU I 2460 -58.27 -14.34 -49.65
C LEU I 2460 -58.98 -15.17 -50.72
N VAL I 2461 -59.90 -14.57 -51.45
CA VAL I 2461 -60.86 -15.30 -52.26
C VAL I 2461 -60.54 -15.08 -53.74
N PRO I 2462 -60.44 -16.13 -54.55
CA PRO I 2462 -60.37 -15.94 -56.00
C PRO I 2462 -61.73 -15.60 -56.57
N LEU I 2463 -61.72 -14.69 -57.54
CA LEU I 2463 -62.95 -14.19 -58.12
C LEU I 2463 -63.64 -15.24 -58.98
N ASP I 2464 -62.86 -16.02 -59.72
CA ASP I 2464 -63.47 -16.98 -60.64
C ASP I 2464 -64.05 -18.18 -59.92
N ASP I 2465 -63.72 -18.39 -58.64
CA ASP I 2465 -64.40 -19.39 -57.84
C ASP I 2465 -65.86 -19.02 -57.67
N LEU I 2466 -66.14 -17.73 -57.48
CA LEU I 2466 -67.52 -17.25 -57.35
C LEU I 2466 -68.31 -17.44 -58.62
N VAL I 2467 -67.67 -17.33 -59.78
CA VAL I 2467 -68.38 -17.33 -61.05
C VAL I 2467 -68.94 -18.70 -61.38
N GLY I 2468 -68.22 -19.77 -61.02
CA GLY I 2468 -68.79 -21.09 -61.16
C GLY I 2468 -69.89 -21.34 -60.14
N ILE I 2469 -69.81 -20.67 -58.99
CA ILE I 2469 -70.86 -20.77 -57.99
C ILE I 2469 -72.07 -19.94 -58.41
N ILE I 2470 -71.83 -18.78 -59.01
CA ILE I 2470 -72.92 -17.89 -59.39
C ILE I 2470 -73.67 -18.40 -60.63
N SER I 2471 -73.15 -19.42 -61.30
CA SER I 2471 -73.70 -19.87 -62.56
C SER I 2471 -74.13 -21.33 -62.57
N LEU I 2472 -74.10 -22.00 -61.42
CA LEU I 2472 -74.44 -23.42 -61.41
C LEU I 2472 -75.96 -23.59 -61.43
N PRO I 2473 -76.50 -24.38 -62.35
CA PRO I 2473 -77.97 -24.47 -62.47
C PRO I 2473 -78.58 -25.36 -61.41
N LEU I 2474 -79.90 -25.22 -61.23
CA LEU I 2474 -80.59 -25.80 -60.09
C LEU I 2474 -81.73 -26.70 -60.54
N GLN I 2475 -82.15 -27.58 -59.65
CA GLN I 2475 -83.27 -28.49 -59.90
C GLN I 2475 -84.57 -27.73 -59.80
N ILE I 2476 -85.01 -27.14 -60.90
CA ILE I 2476 -86.25 -26.37 -60.96
C ILE I 2476 -87.43 -27.32 -60.78
N PRO I 2477 -88.45 -26.95 -60.00
CA PRO I 2477 -89.60 -27.84 -59.82
C PRO I 2477 -90.60 -27.72 -60.96
N THR I 2478 -90.98 -28.87 -61.52
CA THR I 2478 -92.02 -28.95 -62.53
C THR I 2478 -92.62 -30.35 -62.46
N LEU I 2479 -93.43 -30.68 -63.46
CA LEU I 2479 -94.05 -32.01 -63.51
C LEU I 2479 -93.15 -32.99 -64.27
N VAL I 2486 -93.28 -32.57 -59.82
CA VAL I 2486 -92.42 -33.01 -58.74
C VAL I 2486 -91.79 -31.77 -58.09
N GLN I 2487 -91.49 -31.87 -56.80
CA GLN I 2487 -90.87 -30.79 -56.05
C GLN I 2487 -89.65 -31.35 -55.30
N PRO I 2488 -88.47 -30.81 -55.52
CA PRO I 2488 -87.28 -31.30 -54.83
C PRO I 2488 -87.26 -30.83 -53.38
N LYS I 2489 -86.27 -31.31 -52.65
CA LYS I 2489 -86.18 -31.05 -51.21
C LYS I 2489 -85.33 -29.82 -50.94
N MET I 2490 -85.87 -28.90 -50.14
CA MET I 2490 -85.17 -27.66 -49.83
C MET I 2490 -83.99 -27.88 -48.91
N SER I 2491 -84.15 -28.70 -47.87
CA SER I 2491 -83.12 -28.86 -46.87
C SER I 2491 -82.18 -30.01 -47.18
N ALA I 2492 -82.03 -30.38 -48.44
CA ALA I 2492 -81.00 -31.32 -48.84
C ALA I 2492 -80.33 -30.94 -50.16
N SER I 2493 -80.71 -29.80 -50.75
CA SER I 2493 -80.25 -29.46 -52.10
C SER I 2493 -79.81 -28.00 -52.10
N PHE I 2494 -79.51 -27.50 -53.29
CA PHE I 2494 -79.05 -26.13 -53.46
C PHE I 2494 -80.21 -25.16 -53.28
N VAL I 2495 -79.97 -24.06 -52.56
CA VAL I 2495 -81.02 -23.07 -52.36
C VAL I 2495 -80.58 -21.78 -53.04
N PRO I 2496 -81.50 -20.88 -53.40
CA PRO I 2496 -81.09 -19.59 -53.94
C PRO I 2496 -80.42 -18.70 -52.90
N ASP I 2497 -80.63 -19.01 -51.62
CA ASP I 2497 -79.95 -18.28 -50.56
C ASP I 2497 -78.46 -18.61 -50.49
N HIS I 2498 -78.04 -19.73 -51.09
CA HIS I 2498 -76.61 -19.97 -51.22
C HIS I 2498 -75.99 -19.01 -52.23
N LYS I 2499 -76.70 -18.74 -53.32
CA LYS I 2499 -76.22 -17.76 -54.29
C LYS I 2499 -76.31 -16.34 -53.77
N ALA I 2500 -77.27 -16.07 -52.88
CA ALA I 2500 -77.48 -14.73 -52.37
C ALA I 2500 -76.33 -14.23 -51.50
N SER I 2501 -75.58 -15.12 -50.89
CA SER I 2501 -74.44 -14.68 -50.10
C SER I 2501 -73.28 -14.26 -50.98
N MET I 2502 -73.08 -14.95 -52.10
CA MET I 2502 -71.90 -14.73 -52.92
C MET I 2502 -71.98 -13.42 -53.69
N VAL I 2503 -73.16 -13.07 -54.19
CA VAL I 2503 -73.34 -11.85 -54.97
C VAL I 2503 -73.09 -10.60 -54.13
N LEU I 2504 -73.37 -10.68 -52.83
CA LEU I 2504 -73.06 -9.57 -51.93
C LEU I 2504 -71.56 -9.41 -51.73
N PHE I 2505 -70.79 -10.48 -51.90
CA PHE I 2505 -69.36 -10.36 -51.67
C PHE I 2505 -68.65 -9.64 -52.81
N LEU I 2506 -68.94 -10.04 -54.04
CA LEU I 2506 -68.29 -9.42 -55.18
C LEU I 2506 -68.76 -7.99 -55.39
N ASP I 2507 -70.04 -7.71 -55.10
CA ASP I 2507 -70.57 -6.37 -55.27
C ASP I 2507 -70.16 -5.41 -54.15
N ARG I 2508 -69.30 -5.84 -53.23
CA ARG I 2508 -68.90 -4.96 -52.14
C ARG I 2508 -67.40 -4.92 -51.92
N VAL I 2509 -66.63 -5.87 -52.43
CA VAL I 2509 -65.19 -5.81 -52.24
C VAL I 2509 -64.41 -5.94 -53.55
N TYR I 2510 -65.01 -6.52 -54.59
CA TYR I 2510 -64.33 -6.69 -55.86
C TYR I 2510 -64.81 -5.67 -56.89
N GLY I 2511 -66.11 -5.61 -57.13
CA GLY I 2511 -66.66 -4.55 -57.95
C GLY I 2511 -66.77 -4.89 -59.42
N ILE I 2512 -67.75 -4.28 -60.09
CA ILE I 2512 -67.97 -4.46 -61.52
C ILE I 2512 -67.48 -3.20 -62.21
N GLU I 2513 -66.39 -3.32 -62.97
CA GLU I 2513 -65.75 -2.17 -63.57
C GLU I 2513 -66.11 -1.96 -65.03
N ASN I 2514 -65.78 -2.91 -65.88
CA ASN I 2514 -65.85 -2.79 -67.32
C ASN I 2514 -67.06 -3.54 -67.89
N GLN I 2515 -67.38 -3.26 -69.14
CA GLN I 2515 -68.57 -3.82 -69.78
C GLN I 2515 -68.45 -5.29 -70.11
N ASP I 2516 -67.25 -5.76 -70.43
CA ASP I 2516 -67.11 -7.17 -70.81
C ASP I 2516 -67.28 -8.11 -69.62
N PHE I 2517 -66.66 -7.79 -68.48
CA PHE I 2517 -66.76 -8.62 -67.29
C PHE I 2517 -68.15 -8.54 -66.67
N LEU I 2518 -68.83 -7.41 -66.88
CA LEU I 2518 -70.27 -7.35 -66.62
C LEU I 2518 -71.01 -8.36 -67.47
N LEU I 2519 -70.78 -8.33 -68.79
CA LEU I 2519 -71.45 -9.28 -69.67
C LEU I 2519 -70.82 -10.67 -69.62
N HIS I 2520 -69.67 -10.84 -68.95
CA HIS I 2520 -69.08 -12.15 -68.82
C HIS I 2520 -69.94 -13.07 -67.95
N VAL I 2521 -70.22 -12.64 -66.72
CA VAL I 2521 -71.02 -13.48 -65.84
C VAL I 2521 -72.51 -13.36 -66.13
N LEU I 2522 -72.90 -12.44 -67.01
CA LEU I 2522 -74.31 -12.14 -67.21
C LEU I 2522 -75.06 -13.26 -67.91
N ASP I 2523 -74.51 -13.79 -69.01
CA ASP I 2523 -75.22 -14.80 -69.77
C ASP I 2523 -75.06 -16.17 -69.12
N VAL I 2524 -73.96 -16.36 -68.39
CA VAL I 2524 -73.68 -17.67 -67.82
C VAL I 2524 -74.52 -17.96 -66.59
N GLY I 2525 -74.74 -16.98 -65.73
CA GLY I 2525 -75.42 -17.25 -64.48
C GLY I 2525 -76.92 -17.13 -64.52
N PHE I 2526 -77.40 -15.98 -64.94
CA PHE I 2526 -78.69 -15.49 -64.52
C PHE I 2526 -79.81 -15.65 -65.54
N LEU I 2527 -79.52 -15.46 -66.81
CA LEU I 2527 -80.42 -15.84 -67.88
C LEU I 2527 -80.74 -17.33 -67.94
N PRO I 2528 -79.88 -18.26 -67.46
CA PRO I 2528 -80.41 -19.58 -67.11
C PRO I 2528 -81.46 -19.55 -66.03
N ASP I 2529 -81.27 -18.74 -65.00
CA ASP I 2529 -82.18 -18.74 -63.86
C ASP I 2529 -83.41 -17.89 -64.11
N MET I 2530 -83.26 -16.79 -64.83
CA MET I 2530 -84.37 -15.90 -65.17
C MET I 2530 -85.45 -16.58 -65.97
N ARG I 2531 -85.09 -17.30 -67.02
CA ARG I 2531 -86.09 -18.04 -67.78
C ARG I 2531 -86.53 -19.30 -67.04
N ALA I 2532 -85.70 -19.82 -66.14
CA ALA I 2532 -86.19 -20.83 -65.21
C ALA I 2532 -87.22 -20.23 -64.27
N ALA I 2533 -87.04 -18.98 -63.87
CA ALA I 2533 -88.04 -18.28 -63.09
C ALA I 2533 -89.21 -17.84 -63.96
N ALA I 2534 -88.95 -17.42 -65.20
CA ALA I 2534 -90.04 -17.04 -66.11
C ALA I 2534 -90.83 -18.25 -66.59
N SER I 2535 -90.30 -19.47 -66.40
CA SER I 2535 -91.02 -20.68 -66.75
C SER I 2535 -92.24 -20.92 -65.88
N LEU I 2536 -92.14 -20.67 -64.58
CA LEU I 2536 -93.16 -21.09 -63.64
C LEU I 2536 -94.23 -20.03 -63.40
N ASP I 2537 -94.34 -19.05 -64.29
CA ASP I 2537 -95.35 -18.01 -64.14
C ASP I 2537 -96.74 -18.54 -64.50
N THR I 2544 -95.98 -22.15 -56.37
CA THR I 2544 -94.86 -23.07 -56.59
C THR I 2544 -93.78 -22.75 -55.56
N GLU I 2545 -93.15 -23.81 -55.02
CA GLU I 2545 -92.38 -23.67 -53.79
C GLU I 2545 -91.04 -22.98 -53.99
N MET I 2546 -90.12 -23.55 -54.77
CA MET I 2546 -88.82 -22.89 -54.94
C MET I 2546 -88.89 -21.74 -55.91
N ALA I 2547 -90.02 -21.60 -56.62
CA ALA I 2547 -90.25 -20.38 -57.38
C ALA I 2547 -90.31 -19.16 -56.48
N LEU I 2548 -90.87 -19.30 -55.28
CA LEU I 2548 -90.89 -18.22 -54.31
C LEU I 2548 -89.64 -18.19 -53.45
N ALA I 2549 -88.83 -19.25 -53.48
CA ALA I 2549 -87.51 -19.19 -52.87
C ALA I 2549 -86.51 -18.48 -53.75
N LEU I 2550 -86.86 -18.30 -55.02
CA LEU I 2550 -85.95 -17.69 -55.98
C LEU I 2550 -86.48 -16.36 -56.51
N ASN I 2551 -87.79 -16.13 -56.45
CA ASN I 2551 -88.35 -14.83 -56.80
C ASN I 2551 -87.80 -13.73 -55.91
N ARG I 2552 -87.84 -13.93 -54.60
CA ARG I 2552 -87.28 -12.96 -53.67
C ARG I 2552 -85.76 -12.93 -53.73
N TYR I 2553 -85.12 -14.01 -54.19
CA TYR I 2553 -83.67 -13.99 -54.34
C TYR I 2553 -83.27 -13.06 -55.47
N LEU I 2554 -83.99 -13.10 -56.58
CA LEU I 2554 -83.65 -12.25 -57.71
C LEU I 2554 -83.93 -10.79 -57.40
N CYS I 2555 -85.08 -10.51 -56.79
CA CYS I 2555 -85.47 -9.13 -56.52
C CYS I 2555 -84.71 -8.49 -55.37
N LEU I 2556 -83.82 -9.21 -54.69
CA LEU I 2556 -83.07 -8.66 -53.57
C LEU I 2556 -81.57 -8.80 -53.71
N ALA I 2557 -81.09 -9.52 -54.71
CA ALA I 2557 -79.65 -9.73 -54.82
C ALA I 2557 -79.07 -9.27 -56.15
N VAL I 2558 -79.67 -9.66 -57.27
CA VAL I 2558 -79.06 -9.39 -58.56
C VAL I 2558 -79.64 -8.18 -59.29
N LEU I 2559 -80.96 -8.03 -59.34
CA LEU I 2559 -81.61 -6.88 -59.98
C LEU I 2559 -81.21 -5.51 -59.39
N PRO I 2560 -80.82 -5.41 -58.11
CA PRO I 2560 -80.02 -4.24 -57.73
C PRO I 2560 -78.70 -4.12 -58.44
N LEU I 2561 -77.94 -5.22 -58.55
CA LEU I 2561 -76.59 -5.16 -59.11
C LEU I 2561 -76.61 -4.87 -60.60
N ILE I 2562 -77.69 -5.27 -61.28
CA ILE I 2562 -77.90 -4.86 -62.67
C ILE I 2562 -78.09 -3.35 -62.74
N THR I 2563 -78.95 -2.81 -61.88
CA THR I 2563 -79.18 -1.38 -61.87
C THR I 2563 -78.01 -0.59 -61.31
N LYS I 2564 -77.03 -1.26 -60.70
CA LYS I 2564 -75.78 -0.58 -60.37
C LYS I 2564 -74.96 -0.35 -61.64
N CYS I 2565 -75.12 -1.21 -62.65
CA CYS I 2565 -74.32 -1.16 -63.85
C CYS I 2565 -75.14 -0.92 -65.11
N ALA I 2566 -76.29 -0.26 -64.97
CA ALA I 2566 -77.16 -0.01 -66.11
C ALA I 2566 -76.61 1.04 -67.09
N PRO I 2567 -75.93 2.13 -66.67
CA PRO I 2567 -75.21 2.92 -67.68
C PRO I 2567 -73.93 2.29 -68.17
N LEU I 2568 -73.51 1.14 -67.64
CA LEU I 2568 -72.40 0.43 -68.25
C LEU I 2568 -72.82 -0.34 -69.50
N PHE I 2569 -74.13 -0.46 -69.76
CA PHE I 2569 -74.64 -1.11 -70.96
C PHE I 2569 -74.70 -0.21 -72.17
N ALA I 2570 -73.96 0.89 -72.19
CA ALA I 2570 -74.04 1.84 -73.28
C ALA I 2570 -73.31 1.28 -74.50
N GLY I 2571 -74.01 1.23 -75.64
CA GLY I 2571 -73.39 0.85 -76.89
C GLY I 2571 -73.07 -0.62 -77.01
N THR I 2572 -74.10 -1.47 -77.05
CA THR I 2572 -73.88 -2.90 -77.26
C THR I 2572 -74.01 -3.30 -78.72
N GLU I 2573 -73.06 -2.83 -79.52
CA GLU I 2573 -72.82 -3.41 -80.83
C GLU I 2573 -71.94 -4.65 -80.74
N HIS I 2574 -71.42 -4.93 -79.54
CA HIS I 2574 -70.71 -6.18 -79.30
C HIS I 2574 -71.63 -7.38 -79.47
N ARG I 2575 -72.86 -7.25 -79.01
CA ARG I 2575 -73.80 -8.36 -78.93
C ARG I 2575 -75.20 -7.78 -78.82
N ALA I 2576 -76.15 -8.38 -79.55
CA ALA I 2576 -77.53 -7.89 -79.55
C ALA I 2576 -78.56 -9.00 -79.50
N ILE I 2577 -78.15 -10.25 -79.27
CA ILE I 2577 -79.08 -11.35 -79.17
C ILE I 2577 -79.35 -11.73 -77.72
N MET I 2578 -78.30 -11.88 -76.90
CA MET I 2578 -78.46 -12.10 -75.46
C MET I 2578 -79.22 -10.97 -74.79
N VAL I 2579 -78.96 -9.73 -75.18
CA VAL I 2579 -79.72 -8.62 -74.62
C VAL I 2579 -81.14 -8.59 -75.20
N ASP I 2580 -81.37 -9.23 -76.35
CA ASP I 2580 -82.71 -9.28 -76.89
C ASP I 2580 -83.56 -10.31 -76.15
N SER I 2581 -82.95 -11.43 -75.79
CA SER I 2581 -83.64 -12.43 -74.98
C SER I 2581 -83.81 -11.96 -73.55
N MET I 2582 -82.81 -11.26 -73.00
CA MET I 2582 -82.91 -10.76 -71.63
C MET I 2582 -83.95 -9.66 -71.49
N LEU I 2583 -84.09 -8.81 -72.51
CA LEU I 2583 -85.11 -7.77 -72.48
C LEU I 2583 -86.52 -8.34 -72.55
N HIS I 2584 -86.71 -9.52 -73.12
CA HIS I 2584 -88.04 -10.11 -73.16
C HIS I 2584 -88.41 -10.80 -71.85
N THR I 2585 -87.49 -11.56 -71.25
CA THR I 2585 -87.82 -12.31 -70.04
C THR I 2585 -87.97 -11.39 -68.83
N VAL I 2586 -87.44 -10.18 -68.89
CA VAL I 2586 -87.75 -9.18 -67.88
C VAL I 2586 -89.23 -8.81 -67.96
N TYR I 2587 -89.71 -8.47 -69.15
CA TYR I 2587 -91.13 -8.12 -69.29
C TYR I 2587 -92.01 -9.36 -69.22
N ARG I 2588 -91.44 -10.54 -69.42
CA ARG I 2588 -92.18 -11.76 -69.08
C ARG I 2588 -92.38 -11.87 -67.58
N LEU I 2589 -91.39 -11.45 -66.81
CA LEU I 2589 -91.51 -11.43 -65.36
C LEU I 2589 -92.21 -10.18 -64.85
N SER I 2590 -92.61 -9.27 -65.74
CA SER I 2590 -93.28 -8.05 -65.32
C SER I 2590 -94.68 -8.32 -64.76
N ARG I 2591 -95.48 -9.10 -65.45
CA ARG I 2591 -96.79 -9.50 -64.96
C ARG I 2591 -96.71 -10.98 -64.60
N GLY I 2592 -97.29 -11.33 -63.46
CA GLY I 2592 -97.22 -12.69 -62.98
C GLY I 2592 -98.15 -12.88 -61.80
N ARG I 2593 -98.38 -14.14 -61.44
CA ARG I 2593 -99.29 -14.44 -60.34
C ARG I 2593 -98.57 -14.57 -59.00
N SER I 2594 -97.29 -14.93 -59.02
CA SER I 2594 -96.54 -15.26 -57.81
C SER I 2594 -95.58 -14.15 -57.38
N LEU I 2595 -95.99 -12.88 -57.50
CA LEU I 2595 -95.14 -11.77 -57.11
C LEU I 2595 -95.96 -10.70 -56.41
N THR I 2596 -95.32 -9.95 -55.52
CA THR I 2596 -95.99 -8.93 -54.75
C THR I 2596 -95.75 -7.54 -55.33
N LYS I 2597 -96.28 -6.52 -54.64
CA LYS I 2597 -96.01 -5.13 -54.98
C LYS I 2597 -94.54 -4.78 -54.81
N ALA I 2598 -93.89 -5.38 -53.80
CA ALA I 2598 -92.50 -5.06 -53.52
C ALA I 2598 -91.56 -5.65 -54.57
N GLN I 2599 -91.74 -6.92 -54.92
CA GLN I 2599 -90.82 -7.56 -55.84
C GLN I 2599 -91.00 -7.05 -57.26
N ARG I 2600 -92.23 -6.73 -57.65
CA ARG I 2600 -92.47 -6.21 -58.99
C ARG I 2600 -91.98 -4.78 -59.14
N ASP I 2601 -91.93 -4.01 -58.06
CA ASP I 2601 -91.41 -2.65 -58.17
C ASP I 2601 -89.91 -2.62 -58.32
N VAL I 2602 -89.22 -3.70 -57.91
CA VAL I 2602 -87.81 -3.82 -58.20
C VAL I 2602 -87.59 -4.03 -59.69
N ILE I 2603 -88.43 -4.87 -60.31
CA ILE I 2603 -88.25 -5.23 -61.71
C ILE I 2603 -88.67 -4.07 -62.62
N GLU I 2604 -89.79 -3.42 -62.29
CA GLU I 2604 -90.26 -2.31 -63.08
C GLU I 2604 -89.32 -1.11 -62.99
N ASP I 2605 -88.59 -0.99 -61.88
CA ASP I 2605 -87.51 -0.01 -61.82
C ASP I 2605 -86.26 -0.53 -62.52
N CYS I 2606 -86.08 -1.84 -62.57
CA CYS I 2606 -84.94 -2.41 -63.30
C CYS I 2606 -85.17 -2.33 -64.81
N LEU I 2607 -86.44 -2.32 -65.24
CA LEU I 2607 -86.74 -2.27 -66.65
C LEU I 2607 -86.45 -0.91 -67.25
N MET I 2608 -86.99 0.16 -66.64
CA MET I 2608 -86.80 1.50 -67.19
C MET I 2608 -85.37 1.98 -66.99
N ALA I 2609 -84.65 1.38 -66.05
CA ALA I 2609 -83.21 1.62 -65.94
C ALA I 2609 -82.44 0.97 -67.08
N LEU I 2610 -83.04 -0.03 -67.73
CA LEU I 2610 -82.42 -0.61 -68.91
C LEU I 2610 -83.01 -0.08 -70.21
N CYS I 2611 -84.18 0.56 -70.16
CA CYS I 2611 -84.72 1.25 -71.32
C CYS I 2611 -83.85 2.42 -71.74
N ARG I 2612 -83.14 3.03 -70.79
CA ARG I 2612 -82.12 4.01 -71.07
C ARG I 2612 -80.75 3.31 -71.12
N TYR I 2613 -79.73 4.08 -71.53
CA TYR I 2613 -78.33 3.65 -71.59
C TYR I 2613 -78.11 2.52 -72.58
N ILE I 2614 -78.88 2.53 -73.67
CA ILE I 2614 -78.70 1.63 -74.79
C ILE I 2614 -79.37 2.29 -76.00
N ARG I 2615 -78.77 2.08 -77.18
CA ARG I 2615 -79.22 2.78 -78.38
C ARG I 2615 -80.58 2.25 -78.85
N PRO I 2616 -81.44 3.11 -79.39
CA PRO I 2616 -82.78 2.66 -79.83
C PRO I 2616 -82.78 1.77 -81.08
N SER I 2617 -81.62 1.33 -81.56
CA SER I 2617 -81.57 0.23 -82.51
C SER I 2617 -82.16 -1.05 -81.92
N MET I 2618 -81.69 -1.46 -80.74
CA MET I 2618 -82.16 -2.70 -80.14
C MET I 2618 -83.44 -2.54 -79.34
N LEU I 2619 -83.91 -1.30 -79.12
CA LEU I 2619 -85.14 -1.02 -78.39
C LEU I 2619 -86.39 -1.56 -79.06
N GLN I 2620 -86.44 -1.62 -80.39
CA GLN I 2620 -87.68 -2.01 -81.06
C GLN I 2620 -87.92 -3.52 -81.02
N HIS I 2621 -86.98 -4.27 -80.44
CA HIS I 2621 -87.16 -5.71 -80.31
C HIS I 2621 -88.31 -6.07 -79.37
N LEU I 2622 -88.59 -5.22 -78.38
CA LEU I 2622 -89.73 -5.44 -77.50
C LEU I 2622 -90.89 -4.53 -77.84
N LEU I 2623 -90.61 -3.40 -78.51
CA LEU I 2623 -91.67 -2.46 -78.87
C LEU I 2623 -92.64 -3.04 -79.89
N ARG I 2624 -92.18 -4.00 -80.68
CA ARG I 2624 -93.08 -4.79 -81.52
C ARG I 2624 -94.02 -5.64 -80.67
N ARG I 2625 -93.58 -6.04 -79.47
CA ARG I 2625 -94.36 -6.95 -78.65
C ARG I 2625 -95.29 -6.18 -77.72
N LEU I 2626 -94.92 -4.96 -77.33
CA LEU I 2626 -95.74 -4.20 -76.40
C LEU I 2626 -97.01 -3.67 -77.06
N VAL I 2627 -96.89 -3.05 -78.23
CA VAL I 2627 -98.05 -2.51 -78.94
C VAL I 2627 -99.00 -3.59 -79.44
N PHE I 2628 -98.56 -4.85 -79.46
CA PHE I 2628 -99.47 -5.98 -79.60
C PHE I 2628 -100.43 -6.06 -78.42
N ASP I 2629 -99.97 -5.79 -77.21
CA ASP I 2629 -100.73 -6.10 -76.00
C ASP I 2629 -101.47 -4.91 -75.41
N VAL I 2630 -100.77 -3.85 -75.05
CA VAL I 2630 -101.34 -2.79 -74.21
C VAL I 2630 -102.39 -1.88 -74.87
N PRO I 2631 -102.17 -1.23 -76.02
CA PRO I 2631 -102.87 0.03 -76.28
C PRO I 2631 -104.35 -0.10 -76.61
N ILE I 2632 -104.86 -1.32 -76.77
CA ILE I 2632 -106.28 -1.55 -76.99
C ILE I 2632 -107.08 -1.55 -75.71
N LEU I 2633 -106.42 -1.67 -74.55
CA LEU I 2633 -107.11 -1.81 -73.27
C LEU I 2633 -106.71 -0.67 -72.36
N ASN I 2634 -107.67 -0.21 -71.56
CA ASN I 2634 -107.43 0.87 -70.60
C ASN I 2634 -106.96 0.31 -69.27
N LYS I 2638 -99.07 -3.79 -64.46
CA LYS I 2638 -99.57 -4.40 -65.68
C LYS I 2638 -99.70 -3.36 -66.79
N MET I 2639 -100.75 -2.56 -66.71
CA MET I 2639 -101.05 -1.58 -67.75
C MET I 2639 -100.05 -0.43 -67.76
N PRO I 2640 -99.81 0.17 -66.60
CA PRO I 2640 -98.95 1.33 -66.50
C PRO I 2640 -97.47 0.96 -66.67
N LEU I 2641 -97.15 -0.32 -66.49
CA LEU I 2641 -95.79 -0.81 -66.67
C LEU I 2641 -95.39 -0.75 -68.14
N LYS I 2642 -96.39 -0.85 -69.01
CA LYS I 2642 -96.19 -0.68 -70.43
C LYS I 2642 -96.07 0.80 -70.78
N LEU I 2643 -96.98 1.58 -70.22
CA LEU I 2643 -97.10 3.00 -70.54
C LEU I 2643 -95.90 3.81 -70.04
N LEU I 2644 -95.25 3.31 -69.00
CA LEU I 2644 -94.08 3.98 -68.45
C LEU I 2644 -92.87 3.79 -69.34
N THR I 2645 -92.63 2.54 -69.74
CA THR I 2645 -91.46 2.20 -70.54
C THR I 2645 -91.58 2.73 -71.96
N ASN I 2646 -92.83 2.93 -72.40
CA ASN I 2646 -93.10 3.45 -73.72
C ASN I 2646 -92.68 4.89 -73.84
N HIS I 2647 -93.04 5.70 -72.86
CA HIS I 2647 -92.79 7.13 -72.91
C HIS I 2647 -91.32 7.48 -72.68
N TYR I 2648 -90.55 6.52 -72.19
CA TYR I 2648 -89.14 6.74 -71.93
C TYR I 2648 -88.27 6.29 -73.11
N GLU I 2649 -88.92 5.98 -74.22
CA GLU I 2649 -88.21 5.52 -75.41
C GLU I 2649 -88.62 6.32 -76.62
N ARG I 2650 -89.84 6.84 -76.59
CA ARG I 2650 -90.36 7.64 -77.68
C ARG I 2650 -89.88 9.07 -77.57
N CYS I 2651 -89.40 9.44 -76.39
CA CYS I 2651 -88.80 10.75 -76.18
C CYS I 2651 -87.31 10.59 -76.07
N TRP I 2652 -86.79 9.56 -76.72
CA TRP I 2652 -85.39 9.21 -76.62
C TRP I 2652 -84.68 9.30 -77.97
N LYS I 2653 -85.40 9.75 -79.00
CA LYS I 2653 -84.84 9.85 -80.34
C LYS I 2653 -85.58 10.86 -81.20
N TYR I 2654 -86.47 11.64 -80.57
CA TYR I 2654 -87.30 12.60 -81.29
C TYR I 2654 -86.53 13.85 -81.72
N TYR I 2655 -85.30 13.96 -81.25
CA TYR I 2655 -84.39 14.99 -81.71
C TYR I 2655 -83.12 14.33 -82.23
N ALA I 2662 -91.41 0.25 -90.21
CA ALA I 2662 -91.29 -0.94 -89.40
C ALA I 2662 -92.08 -0.79 -88.10
N ASN I 2663 -91.41 -0.32 -87.06
CA ASN I 2663 -92.04 -0.14 -85.76
C ASN I 2663 -92.88 1.13 -85.73
N PHE I 2664 -92.63 2.01 -86.68
CA PHE I 2664 -93.34 3.29 -86.77
C PHE I 2664 -94.81 3.10 -87.11
N GLY I 2665 -95.08 2.08 -87.93
CA GLY I 2665 -96.45 1.75 -88.29
C GLY I 2665 -97.14 1.09 -87.10
N VAL I 2666 -96.36 0.39 -86.29
CA VAL I 2666 -96.87 -0.28 -85.10
C VAL I 2666 -97.25 0.74 -84.05
N THR I 2667 -96.53 1.84 -84.03
CA THR I 2667 -96.79 2.92 -83.08
C THR I 2667 -98.06 3.67 -83.45
N SER I 2668 -98.24 3.90 -84.75
CA SER I 2668 -99.43 4.57 -85.27
C SER I 2668 -100.64 3.66 -85.12
N GLU I 2669 -100.40 2.36 -85.15
CA GLU I 2669 -101.42 1.37 -84.87
C GLU I 2669 -101.81 1.46 -83.40
N GLU I 2670 -100.82 1.67 -82.55
CA GLU I 2670 -101.04 1.83 -81.13
C GLU I 2670 -101.65 3.21 -80.84
N GLU I 2671 -101.31 4.19 -81.69
CA GLU I 2671 -101.78 5.55 -81.52
C GLU I 2671 -103.28 5.66 -81.75
N LEU I 2672 -103.79 4.87 -82.69
CA LEU I 2672 -105.21 4.82 -82.94
C LEU I 2672 -105.89 3.90 -81.93
N HIS I 2673 -105.13 2.93 -81.43
CA HIS I 2673 -105.65 1.98 -80.45
C HIS I 2673 -105.89 2.68 -79.13
N LEU I 2674 -104.99 3.61 -78.79
CA LEU I 2674 -105.12 4.40 -77.59
C LEU I 2674 -106.25 5.41 -77.75
N THR I 2675 -106.46 5.84 -78.98
CA THR I 2675 -107.57 6.72 -79.31
C THR I 2675 -108.88 5.95 -79.18
N ARG I 2676 -108.82 4.66 -79.48
CA ARG I 2676 -109.96 3.77 -79.32
C ARG I 2676 -110.22 3.51 -77.84
N LYS I 2677 -109.16 3.58 -77.04
CA LYS I 2677 -109.28 3.49 -75.60
C LYS I 2677 -109.84 4.80 -75.05
N LEU I 2678 -109.57 5.89 -75.78
CA LEU I 2678 -110.07 7.20 -75.39
C LEU I 2678 -111.36 7.54 -76.13
N LEU I 2686 -106.89 9.72 -63.29
CA LEU I 2686 -106.68 8.33 -62.87
C LEU I 2686 -105.90 7.56 -63.92
N ALA I 2687 -106.52 6.56 -64.52
CA ALA I 2687 -105.90 5.80 -65.59
C ALA I 2687 -105.98 6.61 -66.86
N HIS I 2688 -106.95 7.51 -66.92
CA HIS I 2688 -107.15 8.39 -68.06
C HIS I 2688 -106.03 9.43 -68.16
N LYS I 2689 -105.45 9.79 -67.03
CA LYS I 2689 -104.35 10.75 -67.00
C LYS I 2689 -103.01 10.07 -67.15
N LYS I 2690 -103.01 8.74 -67.02
CA LYS I 2690 -101.79 7.96 -67.12
C LYS I 2690 -101.51 7.54 -68.56
N TYR I 2691 -102.40 7.94 -69.47
CA TYR I 2691 -102.31 7.50 -70.85
C TYR I 2691 -101.82 8.60 -71.78
N ASP I 2692 -102.30 9.83 -71.57
CA ASP I 2692 -102.05 10.94 -72.49
C ASP I 2692 -100.59 11.38 -72.51
N GLN I 2693 -99.87 11.09 -71.44
CA GLN I 2693 -98.46 11.42 -71.37
C GLN I 2693 -97.66 10.50 -72.28
N GLU I 2694 -97.94 9.21 -72.19
CA GLU I 2694 -97.24 8.22 -73.01
C GLU I 2694 -97.70 8.29 -74.46
N LEU I 2695 -98.91 8.79 -74.68
CA LEU I 2695 -99.47 8.89 -76.02
C LEU I 2695 -98.85 10.06 -76.77
N TYR I 2696 -98.79 11.21 -76.12
CA TYR I 2696 -98.27 12.43 -76.75
C TYR I 2696 -96.75 12.38 -76.90
N ARG I 2697 -96.11 11.51 -76.12
CA ARG I 2697 -94.67 11.32 -76.23
C ARG I 2697 -94.33 10.54 -77.48
N MET I 2698 -95.27 9.73 -77.93
CA MET I 2698 -95.07 8.93 -79.13
C MET I 2698 -95.60 9.66 -80.35
N ALA I 2699 -95.98 10.92 -80.18
CA ALA I 2699 -96.57 11.71 -81.27
C ALA I 2699 -95.51 12.42 -82.12
N MET I 2700 -94.33 11.84 -82.22
CA MET I 2700 -93.25 12.38 -83.04
C MET I 2700 -92.28 11.27 -83.43
N GLU I 2741 -110.04 -21.07 -94.47
CA GLU I 2741 -110.12 -22.49 -94.74
C GLU I 2741 -109.30 -22.88 -95.96
N THR I 2742 -108.41 -23.86 -95.77
CA THR I 2742 -107.58 -24.37 -96.86
C THR I 2742 -107.79 -25.84 -97.14
N LEU I 2743 -108.23 -26.62 -96.16
CA LEU I 2743 -108.54 -28.03 -96.40
C LEU I 2743 -109.96 -28.22 -96.91
N ASN I 2744 -110.87 -27.29 -96.60
CA ASN I 2744 -112.24 -27.35 -97.05
C ASN I 2744 -112.51 -26.39 -98.21
N VAL I 2745 -111.47 -25.77 -98.74
CA VAL I 2745 -111.57 -24.89 -99.91
C VAL I 2745 -111.35 -25.73 -101.16
N ILE I 2746 -112.26 -25.59 -102.11
CA ILE I 2746 -112.23 -26.42 -103.31
C ILE I 2746 -111.14 -25.94 -104.25
N ILE I 2747 -110.47 -26.89 -104.90
CA ILE I 2747 -109.44 -26.58 -105.88
C ILE I 2747 -110.06 -26.69 -107.28
N PRO I 2748 -109.88 -25.70 -108.14
CA PRO I 2748 -110.44 -25.76 -109.49
C PRO I 2748 -109.59 -26.67 -110.38
N GLU I 2749 -109.95 -26.68 -111.67
CA GLU I 2749 -109.25 -27.52 -112.64
C GLU I 2749 -107.82 -27.04 -112.88
N LYS I 2750 -107.63 -25.73 -113.07
CA LYS I 2750 -106.28 -25.20 -113.21
C LYS I 2750 -105.54 -25.15 -111.89
N LEU I 2751 -106.25 -25.19 -110.76
CA LEU I 2751 -105.60 -25.21 -109.45
C LEU I 2751 -104.90 -26.53 -109.17
N ASP I 2752 -105.39 -27.63 -109.76
CA ASP I 2752 -104.64 -28.88 -109.71
C ASP I 2752 -103.49 -28.84 -110.71
N SER I 2753 -103.62 -28.04 -111.77
CA SER I 2753 -102.52 -27.82 -112.70
C SER I 2753 -101.52 -26.78 -112.17
N PHE I 2754 -101.98 -25.88 -111.30
CA PHE I 2754 -101.07 -24.92 -110.67
C PHE I 2754 -100.37 -25.48 -109.44
N ILE I 2755 -100.98 -26.47 -108.77
CA ILE I 2755 -100.31 -27.08 -107.63
C ILE I 2755 -99.17 -27.98 -108.10
N ASN I 2756 -99.25 -28.47 -109.33
CA ASN I 2756 -98.11 -29.17 -109.92
C ASN I 2756 -97.11 -28.23 -110.57
N LYS I 2757 -97.58 -27.12 -111.14
CA LYS I 2757 -96.69 -26.17 -111.79
C LYS I 2757 -95.91 -25.32 -110.78
N PHE I 2758 -96.56 -24.93 -109.68
CA PHE I 2758 -95.83 -24.24 -108.61
C PHE I 2758 -94.98 -25.23 -107.81
N ALA I 2759 -95.21 -26.53 -107.98
CA ALA I 2759 -94.26 -27.52 -107.50
C ALA I 2759 -93.15 -27.76 -108.51
N GLU I 2760 -93.44 -27.64 -109.80
CA GLU I 2760 -92.42 -27.82 -110.83
C GLU I 2760 -91.53 -26.60 -110.95
N TYR I 2761 -92.10 -25.40 -110.80
CA TYR I 2761 -91.28 -24.19 -110.84
C TYR I 2761 -90.48 -24.03 -109.54
N THR I 2762 -90.95 -24.63 -108.45
CA THR I 2762 -90.16 -24.65 -107.22
C THR I 2762 -88.94 -25.56 -107.37
N HIS I 2763 -89.10 -26.71 -108.04
CA HIS I 2763 -87.95 -27.55 -108.32
C HIS I 2763 -87.10 -26.97 -109.45
N GLU I 2764 -87.68 -26.09 -110.27
CA GLU I 2764 -86.93 -25.42 -111.32
C GLU I 2764 -86.07 -24.29 -110.77
N LYS I 2765 -86.46 -23.67 -109.66
CA LYS I 2765 -85.67 -22.60 -109.08
C LYS I 2765 -84.66 -23.12 -108.05
N TRP I 2766 -84.98 -24.24 -107.39
CA TRP I 2766 -84.11 -24.75 -106.34
C TRP I 2766 -82.86 -25.41 -106.89
N ALA I 2767 -82.98 -26.13 -108.02
CA ALA I 2767 -81.80 -26.71 -108.64
C ALA I 2767 -80.95 -25.64 -109.33
N PHE I 2768 -81.55 -24.50 -109.67
CA PHE I 2768 -80.78 -23.39 -110.24
C PHE I 2768 -79.93 -22.71 -109.18
N ASP I 2769 -80.34 -22.79 -107.90
CA ASP I 2769 -79.63 -22.08 -106.84
C ASP I 2769 -78.53 -22.92 -106.22
N LYS I 2770 -78.80 -24.20 -105.94
CA LYS I 2770 -77.84 -25.06 -105.27
C LYS I 2770 -76.63 -25.40 -106.14
N ILE I 2771 -76.83 -25.66 -107.44
CA ILE I 2771 -75.74 -26.09 -108.31
C ILE I 2771 -74.75 -24.96 -108.58
N GLN I 2772 -75.17 -23.71 -108.38
CA GLN I 2772 -74.25 -22.58 -108.48
C GLN I 2772 -73.22 -22.57 -107.37
N ASN I 2773 -73.55 -23.11 -106.20
CA ASN I 2773 -72.62 -23.20 -105.08
C ASN I 2773 -71.93 -24.56 -104.99
N ASN I 2774 -71.77 -25.25 -106.13
CA ASN I 2774 -71.12 -26.55 -106.25
C ASN I 2774 -71.78 -27.60 -105.37
N TRP I 2775 -73.05 -27.88 -105.67
CA TRP I 2775 -73.81 -28.93 -105.00
C TRP I 2775 -73.68 -30.21 -105.81
N SER I 2776 -73.13 -31.26 -105.19
CA SER I 2776 -72.94 -32.53 -105.87
C SER I 2776 -74.25 -33.31 -105.92
N TYR I 2777 -74.22 -34.43 -106.63
CA TYR I 2777 -75.39 -35.29 -106.78
C TYR I 2777 -75.16 -36.59 -106.01
N GLY I 2778 -75.99 -36.83 -104.99
CA GLY I 2778 -75.90 -38.05 -104.22
C GLY I 2778 -77.26 -38.67 -104.03
N GLU I 2779 -77.25 -40.01 -103.92
CA GLU I 2779 -78.49 -40.74 -103.65
C GLU I 2779 -79.00 -40.45 -102.24
N ASN I 2780 -78.08 -40.25 -101.29
CA ASN I 2780 -78.41 -39.74 -99.98
C ASN I 2780 -77.95 -38.30 -99.87
N VAL I 2781 -78.83 -37.45 -99.35
CA VAL I 2781 -78.55 -36.03 -99.25
C VAL I 2781 -77.57 -35.80 -98.11
N ASP I 2782 -76.33 -35.46 -98.44
CA ASP I 2782 -75.28 -35.21 -97.47
C ASP I 2782 -74.97 -33.72 -97.45
N GLU I 2783 -74.71 -33.20 -96.25
CA GLU I 2783 -74.43 -31.77 -96.10
C GLU I 2783 -72.98 -31.42 -96.46
N GLU I 2784 -72.03 -32.29 -96.10
CA GLU I 2784 -70.64 -32.04 -96.47
C GLU I 2784 -70.41 -32.28 -97.95
N LEU I 2785 -71.22 -33.14 -98.56
CA LEU I 2785 -71.17 -33.36 -100.00
C LEU I 2785 -72.10 -32.44 -100.78
N LYS I 2786 -72.96 -31.69 -100.09
CA LYS I 2786 -73.98 -30.80 -100.68
C LYS I 2786 -74.87 -31.54 -101.67
N THR I 2787 -75.28 -32.76 -101.29
CA THR I 2787 -76.03 -33.61 -102.21
C THR I 2787 -77.50 -33.20 -102.24
N HIS I 2788 -78.06 -33.15 -103.44
CA HIS I 2788 -79.47 -32.86 -103.63
C HIS I 2788 -80.07 -34.00 -104.44
N PRO I 2789 -80.64 -35.02 -103.80
CA PRO I 2789 -81.25 -36.12 -104.54
C PRO I 2789 -82.57 -35.76 -105.23
N MET I 2790 -83.13 -34.59 -104.94
CA MET I 2790 -84.31 -34.10 -105.64
C MET I 2790 -83.94 -33.22 -106.83
N LEU I 2791 -82.77 -33.45 -107.43
CA LEU I 2791 -82.29 -32.69 -108.59
C LEU I 2791 -82.97 -33.22 -109.84
N ARG I 2792 -84.27 -32.96 -109.95
CA ARG I 2792 -85.07 -33.39 -111.08
C ARG I 2792 -86.34 -32.55 -111.09
N PRO I 2793 -87.15 -32.67 -112.14
CA PRO I 2793 -88.41 -31.93 -112.18
C PRO I 2793 -89.50 -32.63 -111.38
N TYR I 2794 -90.62 -31.93 -111.22
CA TYR I 2794 -91.79 -32.53 -110.59
C TYR I 2794 -92.49 -33.52 -111.51
N LYS I 2795 -92.31 -33.39 -112.83
CA LYS I 2795 -92.80 -34.37 -113.77
C LYS I 2795 -91.90 -35.60 -113.87
N THR I 2796 -90.67 -35.49 -113.39
CA THR I 2796 -89.78 -36.64 -113.25
C THR I 2796 -89.79 -37.19 -111.83
N PHE I 2797 -90.68 -36.68 -110.98
CA PHE I 2797 -90.82 -37.15 -109.61
C PHE I 2797 -92.11 -37.95 -109.45
N SER I 2798 -92.03 -38.99 -108.63
CA SER I 2798 -93.16 -39.85 -108.32
C SER I 2798 -93.93 -39.28 -107.14
N GLU I 2799 -94.84 -40.08 -106.58
CA GLU I 2799 -95.59 -39.66 -105.40
C GLU I 2799 -94.72 -39.64 -104.16
N LYS I 2800 -93.59 -40.34 -104.17
CA LYS I 2800 -92.64 -40.29 -103.07
C LYS I 2800 -91.66 -39.13 -103.18
N ASP I 2801 -91.49 -38.55 -104.37
CA ASP I 2801 -90.57 -37.45 -104.57
C ASP I 2801 -91.26 -36.13 -104.91
N LYS I 2802 -92.59 -36.12 -105.01
CA LYS I 2802 -93.35 -34.90 -105.13
C LYS I 2802 -94.27 -34.66 -103.93
N GLU I 2803 -94.22 -35.54 -102.92
CA GLU I 2803 -94.99 -35.32 -101.70
C GLU I 2803 -94.42 -34.20 -100.85
N ILE I 2804 -93.17 -33.80 -101.08
CA ILE I 2804 -92.61 -32.64 -100.39
C ILE I 2804 -93.18 -31.34 -100.92
N TYR I 2805 -93.78 -31.34 -102.10
CA TYR I 2805 -94.39 -30.13 -102.67
C TYR I 2805 -95.82 -30.37 -103.12
N ARG I 2806 -96.55 -31.26 -102.44
CA ARG I 2806 -97.92 -31.56 -102.79
C ARG I 2806 -98.91 -30.73 -101.98
N TRP I 2807 -98.82 -30.81 -100.65
CA TRP I 2807 -99.71 -30.09 -99.75
C TRP I 2807 -99.41 -28.59 -99.76
N PRO I 2808 -98.16 -28.19 -100.00
CA PRO I 2808 -97.85 -26.76 -99.92
C PRO I 2808 -98.36 -25.95 -101.09
N ILE I 2809 -98.29 -26.47 -102.31
CA ILE I 2809 -98.78 -25.75 -103.47
C ILE I 2809 -100.28 -25.92 -103.68
N LYS I 2810 -100.92 -26.82 -102.92
CA LYS I 2810 -102.36 -27.00 -102.99
C LYS I 2810 -103.11 -26.23 -101.91
N GLU I 2811 -102.51 -26.07 -100.72
CA GLU I 2811 -103.14 -25.28 -99.68
C GLU I 2811 -103.00 -23.78 -99.93
N SER I 2812 -101.89 -23.36 -100.54
CA SER I 2812 -101.72 -21.96 -100.87
C SER I 2812 -102.66 -21.52 -101.99
N LEU I 2813 -102.88 -22.40 -102.97
CA LEU I 2813 -103.90 -22.12 -103.99
C LEU I 2813 -105.31 -22.17 -103.41
N LYS I 2814 -105.52 -22.99 -102.38
CA LYS I 2814 -106.80 -23.00 -101.69
C LYS I 2814 -106.95 -21.78 -100.78
N ALA I 2815 -105.86 -21.31 -100.20
CA ALA I 2815 -105.91 -20.08 -99.40
C ALA I 2815 -106.07 -18.86 -100.30
N MET I 2816 -105.53 -18.91 -101.52
CA MET I 2816 -105.76 -17.84 -102.48
C MET I 2816 -107.18 -17.88 -103.03
N ILE I 2817 -107.80 -19.06 -103.07
CA ILE I 2817 -109.17 -19.17 -103.56
C ILE I 2817 -110.17 -18.83 -102.46
N ALA I 2818 -109.86 -19.18 -101.21
CA ALA I 2818 -110.75 -18.82 -100.11
C ALA I 2818 -110.70 -17.33 -99.78
N TRP I 2819 -109.59 -16.66 -100.11
CA TRP I 2819 -109.52 -15.22 -99.94
C TRP I 2819 -110.24 -14.50 -101.07
N GLU I 2820 -109.98 -14.90 -102.31
CA GLU I 2820 -110.66 -14.33 -103.46
C GLU I 2820 -110.94 -15.45 -104.45
N TRP I 2821 -112.21 -15.75 -104.70
CA TRP I 2821 -112.62 -16.90 -105.50
C TRP I 2821 -112.36 -16.61 -106.98
N THR I 2822 -111.07 -16.68 -107.34
CA THR I 2822 -110.62 -16.51 -108.73
C THR I 2822 -109.53 -17.55 -108.98
N ILE I 2823 -109.95 -18.73 -109.41
CA ILE I 2823 -109.02 -19.80 -109.81
C ILE I 2823 -109.45 -20.27 -111.19
N GLU I 2824 -108.90 -19.64 -112.23
CA GLU I 2824 -109.22 -19.97 -113.61
C GLU I 2824 -108.10 -19.44 -114.49
N LYS I 2825 -107.98 -20.01 -115.68
CA LYS I 2825 -106.94 -19.62 -116.63
C LYS I 2825 -107.47 -18.50 -117.51
N ALA I 2826 -106.77 -17.37 -117.51
CA ALA I 2826 -107.14 -16.21 -118.32
C ALA I 2826 -105.99 -15.71 -119.19
N ARG I 2827 -104.85 -16.40 -119.19
CA ARG I 2827 -103.69 -16.00 -119.97
C ARG I 2827 -102.90 -17.24 -120.33
N GLU I 2828 -101.95 -17.08 -121.25
CA GLU I 2828 -101.13 -18.19 -121.71
C GLU I 2828 -100.06 -18.53 -120.67
N GLY I 2829 -99.40 -19.67 -120.89
CA GLY I 2829 -98.37 -20.12 -119.98
C GLY I 2829 -97.10 -19.31 -120.11
N GLU I 2830 -96.25 -19.44 -119.10
CA GLU I 2830 -94.97 -18.73 -119.07
C GLU I 2830 -93.90 -19.52 -118.33
N TYR I 2855 -79.02 -32.81 -113.12
CA TYR I 2855 -79.97 -31.96 -113.82
C TYR I 2855 -79.85 -30.52 -113.37
N ASN I 2856 -79.86 -29.59 -114.34
CA ASN I 2856 -79.74 -28.17 -114.09
C ASN I 2856 -81.07 -27.49 -114.44
N PRO I 2857 -82.07 -27.60 -113.56
CA PRO I 2857 -83.36 -26.94 -113.82
C PRO I 2857 -83.24 -25.45 -113.56
N GLN I 2858 -83.81 -24.64 -114.46
CA GLN I 2858 -83.74 -23.19 -114.35
C GLN I 2858 -85.15 -22.61 -114.35
N PRO I 2859 -85.49 -21.72 -113.42
CA PRO I 2859 -86.82 -21.11 -113.45
C PRO I 2859 -86.88 -19.99 -114.47
N PRO I 2860 -88.07 -19.70 -115.01
CA PRO I 2860 -88.19 -18.70 -116.06
C PRO I 2860 -88.16 -17.28 -115.50
N ASP I 2861 -88.24 -16.32 -116.41
CA ASP I 2861 -88.24 -14.89 -116.06
C ASP I 2861 -89.63 -14.53 -115.54
N LEU I 2862 -89.89 -14.86 -114.27
CA LEU I 2862 -91.16 -14.56 -113.65
C LEU I 2862 -91.29 -13.11 -113.22
N SER I 2863 -90.19 -12.36 -113.20
CA SER I 2863 -90.19 -10.95 -112.83
C SER I 2863 -90.27 -10.03 -114.05
N GLY I 2864 -90.90 -10.50 -115.13
CA GLY I 2864 -91.11 -9.68 -116.31
C GLY I 2864 -92.10 -8.57 -116.08
N VAL I 2865 -93.17 -8.88 -115.35
CA VAL I 2865 -94.17 -7.89 -114.95
C VAL I 2865 -94.11 -7.76 -113.44
N THR I 2866 -94.08 -6.52 -112.94
CA THR I 2866 -94.01 -6.27 -111.51
C THR I 2866 -95.40 -6.32 -110.89
N LEU I 2867 -95.49 -5.87 -109.65
CA LEU I 2867 -96.74 -5.86 -108.91
C LEU I 2867 -97.45 -4.52 -109.07
N SER I 2868 -98.71 -4.56 -109.49
CA SER I 2868 -99.53 -3.37 -109.65
C SER I 2868 -100.20 -3.04 -108.32
N ARG I 2869 -101.19 -2.14 -108.33
CA ARG I 2869 -101.93 -1.80 -107.13
C ARG I 2869 -102.78 -2.96 -106.61
N GLU I 2870 -103.25 -3.83 -107.51
CA GLU I 2870 -104.02 -5.00 -107.11
C GLU I 2870 -103.15 -6.24 -106.97
N LEU I 2871 -101.96 -6.24 -107.57
CA LEU I 2871 -101.07 -7.40 -107.47
C LEU I 2871 -100.20 -7.33 -106.22
N GLN I 2872 -99.75 -6.14 -105.83
CA GLN I 2872 -98.95 -6.01 -104.61
C GLN I 2872 -99.80 -6.22 -103.37
N ALA I 2873 -101.07 -5.78 -103.41
CA ALA I 2873 -102.00 -6.05 -102.33
C ALA I 2873 -102.35 -7.53 -102.24
N MET I 2874 -102.45 -8.22 -103.37
CA MET I 2874 -102.64 -9.66 -103.35
C MET I 2874 -101.38 -10.39 -102.92
N ALA I 2875 -100.20 -9.86 -103.27
CA ALA I 2875 -98.95 -10.43 -102.77
C ALA I 2875 -98.79 -10.14 -101.28
N GLU I 2876 -99.33 -9.01 -100.82
CA GLU I 2876 -99.42 -8.77 -99.39
C GLU I 2876 -100.45 -9.66 -98.73
N GLN I 2877 -101.49 -10.07 -99.48
CA GLN I 2877 -102.47 -11.00 -98.95
C GLN I 2877 -101.95 -12.43 -98.96
N LEU I 2878 -100.96 -12.73 -99.81
CA LEU I 2878 -100.43 -14.08 -99.88
C LEU I 2878 -99.37 -14.32 -98.81
N ALA I 2879 -98.67 -13.27 -98.38
CA ALA I 2879 -97.68 -13.43 -97.32
C ALA I 2879 -98.35 -13.61 -95.97
N GLU I 2880 -99.39 -12.84 -95.70
CA GLU I 2880 -100.11 -12.96 -94.44
C GLU I 2880 -100.91 -14.26 -94.34
N ASN I 2881 -101.44 -14.74 -95.47
CA ASN I 2881 -102.15 -16.02 -95.46
C ASN I 2881 -101.19 -17.18 -95.29
N TYR I 2882 -99.99 -17.08 -95.87
CA TYR I 2882 -98.94 -18.06 -95.58
C TYR I 2882 -98.43 -17.92 -94.15
N HIS I 2883 -98.52 -16.72 -93.58
CA HIS I 2883 -98.20 -16.53 -92.17
C HIS I 2883 -99.36 -16.94 -91.27
N ASN I 2884 -100.59 -16.88 -91.79
CA ASN I 2884 -101.75 -17.28 -90.98
C ASN I 2884 -101.85 -18.80 -90.85
N THR I 2885 -101.62 -19.53 -91.94
CA THR I 2885 -101.69 -20.98 -91.88
C THR I 2885 -100.51 -21.58 -91.14
N TRP I 2886 -99.30 -21.06 -91.37
CA TRP I 2886 -98.14 -21.53 -90.61
C TRP I 2886 -98.17 -21.03 -89.17
N GLY I 2887 -98.77 -19.86 -88.94
CA GLY I 2887 -98.89 -19.35 -87.58
C GLY I 2887 -99.91 -20.09 -86.76
N ARG I 2888 -101.03 -20.49 -87.38
CA ARG I 2888 -101.99 -21.34 -86.69
C ARG I 2888 -101.45 -22.75 -86.51
N LYS I 2889 -100.54 -23.17 -87.40
CA LYS I 2889 -99.86 -24.45 -87.21
C LYS I 2889 -98.91 -24.41 -86.03
N LYS I 2890 -98.27 -23.25 -85.79
CA LYS I 2890 -97.38 -23.12 -84.64
C LYS I 2890 -98.17 -22.99 -83.34
N LYS I 2891 -99.35 -22.38 -83.39
CA LYS I 2891 -100.17 -22.24 -82.19
C LYS I 2891 -100.84 -23.56 -81.82
N GLN I 2892 -100.96 -24.48 -82.78
CA GLN I 2892 -101.54 -25.77 -82.49
C GLN I 2892 -100.49 -26.79 -82.06
N GLU I 2893 -99.29 -26.72 -82.65
CA GLU I 2893 -98.26 -27.72 -82.38
C GLU I 2893 -97.62 -27.53 -81.01
N LEU I 2894 -97.21 -26.30 -80.68
CA LEU I 2894 -96.55 -26.04 -79.40
C LEU I 2894 -97.51 -26.15 -78.22
N GLU I 2895 -98.80 -25.90 -78.45
CA GLU I 2895 -99.79 -26.11 -77.40
C GLU I 2895 -100.06 -27.58 -77.15
N ALA I 2896 -99.91 -28.42 -78.18
CA ALA I 2896 -100.13 -29.85 -78.05
C ALA I 2896 -98.81 -30.57 -77.77
N LEU I 2905 -94.23 -16.61 -82.93
CA LEU I 2905 -95.57 -16.04 -82.96
C LEU I 2905 -95.55 -14.59 -83.42
N VAL I 2906 -94.99 -14.36 -84.60
CA VAL I 2906 -94.84 -13.01 -85.13
C VAL I 2906 -95.83 -12.78 -86.27
N PRO I 2907 -96.61 -11.71 -86.25
CA PRO I 2907 -97.52 -11.42 -87.34
C PRO I 2907 -96.81 -10.81 -88.54
N TYR I 2908 -97.60 -10.47 -89.56
CA TYR I 2908 -97.04 -9.96 -90.81
C TYR I 2908 -96.84 -8.45 -90.80
N ASP I 2909 -97.85 -7.69 -90.35
CA ASP I 2909 -97.77 -6.23 -90.42
C ASP I 2909 -96.82 -5.67 -89.36
N THR I 2910 -96.78 -6.29 -88.19
CA THR I 2910 -95.86 -5.90 -87.13
C THR I 2910 -94.59 -6.76 -87.12
N LEU I 2911 -94.19 -7.29 -88.27
CA LEU I 2911 -92.98 -8.07 -88.36
C LEU I 2911 -91.75 -7.18 -88.32
N THR I 2912 -90.59 -7.81 -88.17
CA THR I 2912 -89.33 -7.09 -88.10
C THR I 2912 -88.89 -6.58 -89.48
N ALA I 2913 -87.81 -5.82 -89.48
CA ALA I 2913 -87.18 -5.44 -90.75
C ALA I 2913 -86.38 -6.58 -91.33
N LYS I 2914 -86.02 -7.57 -90.50
CA LYS I 2914 -85.29 -8.74 -91.01
C LYS I 2914 -86.20 -9.94 -91.17
N GLU I 2915 -87.26 -10.05 -90.36
CA GLU I 2915 -88.17 -11.18 -90.46
C GLU I 2915 -89.09 -11.06 -91.66
N LYS I 2916 -89.51 -9.84 -92.02
CA LYS I 2916 -90.37 -9.64 -93.17
C LYS I 2916 -89.62 -9.74 -94.49
N ALA I 2917 -88.28 -9.75 -94.46
CA ALA I 2917 -87.52 -9.90 -95.69
C ALA I 2917 -87.47 -11.35 -96.15
N ARG I 2918 -87.55 -12.29 -95.22
CA ARG I 2918 -87.53 -13.72 -95.56
C ARG I 2918 -88.92 -14.28 -95.80
N ASP I 2919 -89.96 -13.66 -95.23
CA ASP I 2919 -91.31 -14.16 -95.40
C ASP I 2919 -91.96 -13.67 -96.69
N ARG I 2920 -91.55 -12.50 -97.17
CA ARG I 2920 -92.14 -11.93 -98.38
C ARG I 2920 -91.73 -12.66 -99.66
N GLU I 2921 -90.63 -13.41 -99.63
CA GLU I 2921 -90.22 -14.17 -100.81
C GLU I 2921 -91.08 -15.41 -101.01
N LYS I 2922 -91.83 -15.82 -99.98
CA LYS I 2922 -92.77 -16.92 -100.12
C LYS I 2922 -94.06 -16.49 -100.82
N ALA I 2923 -94.31 -15.19 -100.92
CA ALA I 2923 -95.49 -14.69 -101.60
C ALA I 2923 -95.17 -14.04 -102.94
N GLN I 2924 -94.03 -13.37 -103.05
CA GLN I 2924 -93.65 -12.74 -104.32
C GLN I 2924 -93.25 -13.77 -105.35
N GLU I 2925 -92.77 -14.94 -104.91
CA GLU I 2925 -92.50 -16.03 -105.84
C GLU I 2925 -93.75 -16.88 -106.10
N LEU I 2926 -94.68 -16.91 -105.14
CA LEU I 2926 -95.91 -17.69 -105.35
C LEU I 2926 -96.90 -16.95 -106.24
N LEU I 2927 -97.00 -15.62 -106.11
CA LEU I 2927 -97.84 -14.85 -107.00
C LEU I 2927 -97.25 -14.76 -108.40
N LYS I 2928 -95.93 -14.85 -108.51
CA LYS I 2928 -95.29 -14.99 -109.81
C LYS I 2928 -95.48 -16.38 -110.38
N PHE I 2929 -95.59 -17.39 -109.52
CA PHE I 2929 -95.90 -18.75 -109.98
C PHE I 2929 -97.38 -18.90 -110.28
N LEU I 2930 -98.24 -18.18 -109.56
CA LEU I 2930 -99.66 -18.18 -109.89
C LEU I 2930 -99.96 -17.39 -111.15
N GLN I 2931 -99.13 -16.39 -111.49
CA GLN I 2931 -99.38 -15.57 -112.67
C GLN I 2931 -99.16 -16.35 -113.96
N MET I 2932 -98.35 -17.41 -113.92
CA MET I 2932 -98.23 -18.30 -115.07
C MET I 2932 -99.51 -19.11 -115.23
N ASN I 2933 -99.80 -19.48 -116.48
CA ASN I 2933 -100.98 -20.22 -116.92
C ASN I 2933 -102.29 -19.49 -116.58
N GLY I 2934 -102.26 -18.18 -116.39
CA GLY I 2934 -103.44 -17.36 -116.26
C GLY I 2934 -104.15 -17.41 -114.92
N TYR I 2935 -103.62 -18.12 -113.93
CA TYR I 2935 -104.31 -18.31 -112.66
C TYR I 2935 -103.97 -17.22 -111.64
N ALA I 2936 -104.09 -15.95 -112.05
CA ALA I 2936 -103.76 -14.84 -111.17
C ALA I 2936 -104.99 -14.47 -110.35
N VAL I 2937 -104.94 -14.76 -109.06
CA VAL I 2937 -106.06 -14.45 -108.16
C VAL I 2937 -106.04 -12.96 -107.90
N THR I 2938 -106.90 -12.22 -108.60
CA THR I 2938 -106.96 -10.76 -108.49
C THR I 2938 -108.34 -10.37 -108.01
N ARG I 2939 -108.41 -9.79 -106.82
CA ARG I 2939 -109.69 -9.37 -106.24
C ARG I 2939 -110.19 -8.09 -106.90
N ILE I 2951 -99.89 10.04 -93.95
CA ILE I 2951 -100.02 9.31 -92.70
C ILE I 2951 -100.69 10.17 -91.63
N GLU I 2952 -100.34 11.45 -91.61
CA GLU I 2952 -100.85 12.38 -90.60
C GLU I 2952 -102.24 12.88 -90.96
N LYS I 2953 -102.62 12.73 -92.22
CA LYS I 2953 -103.92 13.19 -92.70
C LYS I 2953 -105.03 12.27 -92.18
N ARG I 2954 -104.68 11.02 -91.91
CA ARG I 2954 -105.61 10.06 -91.34
C ARG I 2954 -105.95 10.46 -89.91
N PHE I 2955 -104.96 11.01 -89.22
CA PHE I 2955 -105.15 11.52 -87.87
C PHE I 2955 -105.98 12.79 -87.94
N ALA I 2956 -105.72 13.60 -88.96
CA ALA I 2956 -106.42 14.87 -89.15
C ALA I 2956 -107.87 14.66 -89.57
N PHE I 2957 -108.13 13.54 -90.23
CA PHE I 2957 -109.46 13.18 -90.65
C PHE I 2957 -110.31 12.82 -89.44
N GLY I 2958 -109.72 12.05 -88.53
CA GLY I 2958 -110.39 11.67 -87.29
C GLY I 2958 -110.48 12.88 -86.36
N PHE I 2959 -109.54 13.80 -86.50
CA PHE I 2959 -109.52 15.03 -85.71
C PHE I 2959 -110.69 15.92 -86.07
N LEU I 2960 -110.95 16.04 -87.36
CA LEU I 2960 -112.09 16.81 -87.84
C LEU I 2960 -113.37 16.05 -87.53
N GLN I 2961 -113.28 14.73 -87.51
CA GLN I 2961 -114.41 13.88 -87.17
C GLN I 2961 -114.77 14.06 -85.71
N GLN I 2962 -113.74 14.24 -84.88
CA GLN I 2962 -113.94 14.51 -83.48
C GLN I 2962 -114.40 15.94 -83.28
N LEU I 2963 -113.97 16.83 -84.18
CA LEU I 2963 -114.30 18.25 -84.10
C LEU I 2963 -115.77 18.51 -84.38
N LEU I 2964 -116.38 17.63 -85.18
CA LEU I 2964 -117.79 17.75 -85.50
C LEU I 2964 -118.65 17.33 -84.31
N ARG I 2965 -118.27 16.22 -83.68
CA ARG I 2965 -119.01 15.68 -82.55
C ARG I 2965 -118.79 16.52 -81.29
N TRP I 2966 -117.69 17.27 -81.27
CA TRP I 2966 -117.37 18.14 -80.15
C TRP I 2966 -118.32 19.33 -80.10
N MET I 2967 -118.43 20.03 -81.22
CA MET I 2967 -119.29 21.21 -81.33
C MET I 2967 -120.76 20.81 -81.29
N ASP I 2968 -121.06 19.58 -81.69
CA ASP I 2968 -122.39 19.02 -81.57
C ASP I 2968 -122.74 18.81 -80.10
N ILE I 2969 -121.77 18.33 -79.33
CA ILE I 2969 -121.97 18.10 -77.91
C ILE I 2969 -121.85 19.40 -77.13
N SER I 2970 -121.11 20.36 -77.69
CA SER I 2970 -120.92 21.66 -77.05
C SER I 2970 -122.22 22.45 -77.04
N GLN I 2971 -123.02 22.29 -78.08
CA GLN I 2971 -124.31 22.92 -78.16
C GLN I 2971 -125.34 22.09 -77.40
N GLU I 2972 -125.02 20.81 -77.19
CA GLU I 2972 -125.91 19.92 -76.45
C GLU I 2972 -125.89 20.27 -74.97
N PHE I 2973 -124.77 20.80 -74.50
CA PHE I 2973 -124.63 21.25 -73.13
C PHE I 2973 -125.02 22.71 -73.01
N ILE I 2974 -124.94 23.42 -74.14
CA ILE I 2974 -125.32 24.83 -74.18
C ILE I 2974 -126.83 24.99 -74.13
N ALA I 2975 -127.52 23.96 -74.60
CA ALA I 2975 -128.99 23.93 -74.57
C ALA I 2975 -129.49 23.76 -73.13
N HIS I 2976 -128.78 22.94 -72.37
CA HIS I 2976 -129.15 22.70 -70.97
C HIS I 2976 -128.77 23.89 -70.10
N LYS I 2996 -117.63 11.51 -70.39
CA LYS I 2996 -116.98 10.49 -71.19
C LYS I 2996 -116.21 11.11 -72.34
N PHE I 2997 -116.93 11.70 -73.28
CA PHE I 2997 -116.33 12.32 -74.46
C PHE I 2997 -115.65 13.64 -74.11
N PHE I 2998 -116.08 14.27 -73.02
CA PHE I 2998 -115.51 15.53 -72.58
C PHE I 2998 -114.08 15.31 -72.08
N ALA I 2999 -113.86 14.17 -71.44
CA ALA I 2999 -112.52 13.79 -71.01
C ALA I 2999 -111.69 13.41 -72.23
N LYS I 3000 -112.36 12.82 -73.21
CA LYS I 3000 -111.72 12.46 -74.47
C LYS I 3000 -111.40 13.71 -75.27
N ILE I 3001 -112.22 14.73 -75.10
CA ILE I 3001 -111.98 16.03 -75.72
C ILE I 3001 -110.78 16.69 -75.05
N LEU I 3002 -110.66 16.47 -73.75
CA LEU I 3002 -109.52 16.98 -72.99
C LEU I 3002 -108.28 16.18 -73.35
N LEU I 3003 -108.48 14.90 -73.65
CA LEU I 3003 -107.39 14.02 -74.05
C LEU I 3003 -106.91 14.36 -75.45
N PRO I 3004 -107.83 14.84 -76.28
CA PRO I 3004 -107.50 15.19 -77.66
C PRO I 3004 -106.81 16.55 -77.75
N LEU I 3005 -107.30 17.51 -76.97
CA LEU I 3005 -106.78 18.87 -77.00
C LEU I 3005 -105.36 18.95 -76.48
N ILE I 3006 -105.03 18.05 -75.55
CA ILE I 3006 -103.67 17.96 -75.03
C ILE I 3006 -102.76 17.40 -76.10
N ASN I 3007 -103.28 16.44 -76.86
CA ASN I 3007 -102.54 15.87 -77.98
C ASN I 3007 -102.51 16.86 -79.12
N GLN I 3008 -103.54 17.70 -79.20
CA GLN I 3008 -103.60 18.75 -80.21
C GLN I 3008 -102.56 19.83 -79.89
N TYR I 3009 -102.39 20.10 -78.60
CA TYR I 3009 -101.36 21.04 -78.16
C TYR I 3009 -99.99 20.39 -78.27
N PHE I 3010 -99.96 19.07 -78.23
CA PHE I 3010 -98.72 18.32 -78.37
C PHE I 3010 -98.23 18.34 -79.81
N THR I 3011 -99.12 17.98 -80.74
CA THR I 3011 -98.77 17.85 -82.15
C THR I 3011 -98.48 19.19 -82.80
N ASN I 3012 -99.11 20.26 -82.30
CA ASN I 3012 -98.89 21.60 -82.83
C ASN I 3012 -97.49 22.08 -82.46
N HIS I 3013 -97.05 21.71 -81.28
CA HIS I 3013 -95.71 22.04 -80.82
C HIS I 3013 -94.71 21.05 -81.43
N CYS I 3014 -95.18 19.86 -81.76
CA CYS I 3014 -94.32 18.85 -82.38
C CYS I 3014 -94.05 19.23 -83.82
N LEU I 3015 -95.01 19.94 -84.42
CA LEU I 3015 -94.87 20.40 -85.79
C LEU I 3015 -93.86 21.53 -85.90
N LEU I 3025 -103.34 20.60 -99.24
CA LEU I 3025 -104.17 19.44 -98.94
C LEU I 3025 -104.35 19.30 -97.43
N GLY I 3026 -103.24 18.97 -96.77
CA GLY I 3026 -103.25 18.80 -95.32
C GLY I 3026 -103.35 20.15 -94.62
N SER I 3027 -102.88 21.18 -95.30
CA SER I 3027 -102.90 22.54 -94.76
C SER I 3027 -104.33 23.07 -94.66
N GLY I 3028 -105.19 22.60 -95.55
CA GLY I 3028 -106.58 23.00 -95.55
C GLY I 3028 -107.33 22.30 -94.43
N GLY I 3029 -106.96 21.04 -94.18
CA GLY I 3029 -107.63 20.19 -93.20
C GLY I 3029 -107.42 20.71 -91.78
N HIS I 3030 -106.23 21.26 -91.55
CA HIS I 3030 -105.93 21.89 -90.27
C HIS I 3030 -106.69 23.21 -90.19
N ALA I 3031 -106.78 23.90 -91.32
CA ALA I 3031 -107.49 25.16 -91.40
C ALA I 3031 -108.98 24.95 -91.28
N SER I 3032 -109.43 23.77 -91.70
CA SER I 3032 -110.83 23.40 -91.57
C SER I 3032 -111.17 23.18 -90.10
N ASN I 3033 -110.23 22.57 -89.37
CA ASN I 3033 -110.39 22.35 -87.95
C ASN I 3033 -110.20 23.66 -87.20
N LYS I 3034 -109.42 24.57 -87.79
CA LYS I 3034 -109.13 25.86 -87.18
C LYS I 3034 -110.37 26.74 -87.15
N GLU I 3035 -111.19 26.63 -88.17
CA GLU I 3035 -112.43 27.40 -88.23
C GLU I 3035 -113.55 26.63 -87.51
N LYS I 3036 -113.34 25.33 -87.32
CA LYS I 3036 -114.33 24.50 -86.65
C LYS I 3036 -114.37 24.78 -85.16
N GLU I 3037 -113.20 25.02 -84.58
CA GLU I 3037 -113.09 25.22 -83.15
C GLU I 3037 -113.45 26.64 -82.75
N MET I 3038 -113.28 27.58 -83.67
CA MET I 3038 -113.46 29.00 -83.40
C MET I 3038 -114.92 29.34 -83.12
N ILE I 3039 -115.83 28.62 -83.77
CA ILE I 3039 -117.25 28.85 -83.58
C ILE I 3039 -117.74 28.22 -82.29
N THR I 3040 -117.00 27.23 -81.81
CA THR I 3040 -117.31 26.57 -80.55
C THR I 3040 -116.98 27.49 -79.38
N SER I 3041 -116.06 28.41 -79.61
CA SER I 3041 -115.70 29.42 -78.63
C SER I 3041 -116.66 30.59 -78.70
N LEU I 3042 -117.32 30.74 -79.84
CA LEU I 3042 -118.26 31.82 -80.04
C LEU I 3042 -119.56 31.56 -79.28
N LEU I 3049 -109.62 27.99 -72.04
CA LEU I 3049 -108.25 28.10 -71.57
C LEU I 3049 -107.40 26.97 -72.13
N VAL I 3050 -107.82 25.73 -71.86
CA VAL I 3050 -107.12 24.53 -72.33
C VAL I 3050 -107.22 24.43 -73.84
N ARG I 3051 -108.39 24.75 -74.36
CA ARG I 3051 -108.59 24.79 -75.80
C ARG I 3051 -107.97 26.06 -76.36
N HIS I 3052 -108.00 27.13 -75.57
CA HIS I 3052 -107.48 28.42 -75.99
C HIS I 3052 -105.97 28.39 -76.12
N ARG I 3053 -105.33 27.56 -75.30
CA ARG I 3053 -103.89 27.34 -75.42
C ARG I 3053 -103.60 26.56 -76.69
N VAL I 3054 -104.49 25.62 -77.00
CA VAL I 3054 -104.39 24.86 -78.23
C VAL I 3054 -104.75 25.75 -79.40
N SER I 3055 -105.64 26.71 -79.16
CA SER I 3055 -106.03 27.69 -80.17
C SER I 3055 -104.89 28.65 -80.44
N LEU I 3056 -104.16 29.00 -79.38
CA LEU I 3056 -102.98 29.85 -79.50
C LEU I 3056 -101.87 29.09 -80.19
N PHE I 3057 -101.86 27.77 -79.99
CA PHE I 3057 -100.89 26.90 -80.64
C PHE I 3057 -101.20 26.76 -82.11
N GLY I 3058 -102.49 26.59 -82.42
CA GLY I 3058 -102.93 26.41 -83.80
C GLY I 3058 -102.80 27.72 -84.58
N THR I 3059 -102.93 28.84 -83.88
CA THR I 3059 -102.73 30.14 -84.50
C THR I 3059 -101.24 30.36 -84.72
N ASP I 3060 -100.42 29.72 -83.89
CA ASP I 3060 -98.98 29.76 -84.03
C ASP I 3060 -98.52 28.76 -85.09
N ALA I 3061 -99.39 27.82 -85.43
CA ALA I 3061 -99.10 26.85 -86.49
C ALA I 3061 -99.21 27.53 -87.85
N PRO I 3062 -99.99 28.61 -87.90
CA PRO I 3062 -100.13 29.39 -89.12
C PRO I 3062 -98.86 30.20 -89.40
N THR I 3141 -112.95 31.36 -96.82
CA THR I 3141 -113.72 30.52 -95.91
C THR I 3141 -113.63 31.06 -94.48
N THR I 3142 -112.40 31.30 -94.03
CA THR I 3142 -112.18 31.78 -92.68
C THR I 3142 -112.36 33.28 -92.57
N LEU I 3143 -112.42 33.96 -93.72
CA LEU I 3143 -112.58 35.40 -93.77
C LEU I 3143 -113.96 35.82 -93.29
N PHE I 3144 -114.95 34.96 -93.52
CA PHE I 3144 -116.29 35.18 -93.02
C PHE I 3144 -116.30 35.01 -91.52
N GLN I 3145 -115.53 34.04 -91.04
CA GLN I 3145 -115.39 33.78 -89.62
C GLN I 3145 -114.62 34.92 -88.96
N HIS I 3146 -113.69 35.49 -89.71
CA HIS I 3146 -112.90 36.61 -89.24
C HIS I 3146 -113.75 37.87 -89.16
N ILE I 3147 -114.58 38.09 -90.17
CA ILE I 3147 -115.42 39.27 -90.25
C ILE I 3147 -116.53 39.21 -89.22
N ALA I 3148 -117.02 38.01 -88.95
CA ALA I 3148 -118.07 37.81 -87.95
C ALA I 3148 -117.50 38.04 -86.56
N GLN I 3149 -116.24 37.68 -86.40
CA GLN I 3149 -115.53 37.92 -85.14
C GLN I 3149 -115.27 39.42 -84.99
N HIS I 3150 -114.91 40.05 -86.10
CA HIS I 3150 -114.62 41.48 -86.12
C HIS I 3150 -115.89 42.29 -85.89
N GLN I 3151 -117.00 41.74 -86.34
CA GLN I 3151 -118.31 42.37 -86.10
C GLN I 3151 -118.68 42.16 -84.64
N PHE I 3152 -118.33 40.99 -84.10
CA PHE I 3152 -118.62 40.67 -82.70
C PHE I 3152 -117.71 41.49 -81.79
N GLY I 3153 -116.53 41.83 -82.30
CA GLY I 3153 -115.57 42.63 -81.56
C GLY I 3153 -116.06 44.06 -81.43
N ASP I 3154 -116.53 44.63 -82.53
CA ASP I 3154 -117.03 46.00 -82.56
C ASP I 3154 -118.33 46.11 -81.76
N ASP I 3155 -119.11 45.04 -81.77
CA ASP I 3155 -120.33 44.98 -80.97
C ASP I 3155 -119.97 44.91 -79.50
N VAL I 3156 -118.89 44.20 -79.21
CA VAL I 3156 -118.36 44.15 -77.85
C VAL I 3156 -117.74 45.50 -77.51
N ILE I 3157 -117.18 46.15 -78.53
CA ILE I 3157 -116.60 47.48 -78.36
C ILE I 3157 -117.70 48.51 -78.13
N LEU I 3158 -118.87 48.24 -78.70
CA LEU I 3158 -120.05 49.04 -78.43
C LEU I 3158 -120.50 48.80 -77.00
N ASP I 3159 -120.36 47.55 -76.54
CA ASP I 3159 -120.69 47.20 -75.17
C ASP I 3159 -119.63 47.70 -74.22
N ASP I 3160 -118.39 47.80 -74.70
CA ASP I 3160 -117.28 48.31 -73.90
C ASP I 3160 -117.41 49.81 -73.73
N VAL I 3161 -117.94 50.46 -74.76
CA VAL I 3161 -118.21 51.90 -74.69
C VAL I 3161 -119.45 52.15 -73.85
N GLN I 3162 -120.33 51.15 -73.78
CA GLN I 3162 -121.52 51.23 -72.96
C GLN I 3162 -121.19 51.06 -71.49
N LEU I 3169 -119.58 37.04 -72.84
CA LEU I 3169 -119.68 38.50 -72.81
C LEU I 3169 -118.29 39.11 -72.91
N CYS I 3170 -117.80 39.64 -71.79
CA CYS I 3170 -116.49 40.29 -71.75
C CYS I 3170 -115.38 39.24 -71.73
N SER I 3171 -115.69 38.08 -71.16
CA SER I 3171 -114.72 37.00 -71.03
C SER I 3171 -114.47 36.31 -72.37
N ILE I 3172 -115.54 36.13 -73.14
CA ILE I 3172 -115.44 35.46 -74.44
C ILE I 3172 -114.83 36.38 -75.49
N TYR I 3173 -114.83 37.68 -75.20
CA TYR I 3173 -114.27 38.67 -76.12
C TYR I 3173 -112.80 38.95 -75.82
N SER I 3174 -112.44 38.93 -74.54
CA SER I 3174 -111.07 39.23 -74.12
C SER I 3174 -110.10 38.13 -74.56
N LEU I 3175 -110.57 36.89 -74.57
CA LEU I 3175 -109.76 35.77 -75.04
C LEU I 3175 -109.66 35.81 -76.56
N GLY I 3176 -110.68 36.37 -77.18
CA GLY I 3176 -110.70 36.55 -78.62
C GLY I 3176 -109.84 37.76 -79.00
N THR I 3177 -109.68 38.69 -78.06
CA THR I 3177 -108.90 39.90 -78.29
C THR I 3177 -107.40 39.65 -78.33
N THR I 3178 -106.99 38.49 -77.82
CA THR I 3178 -105.59 38.11 -77.81
C THR I 3178 -105.31 37.08 -78.89
N LYS I 3179 -106.30 36.24 -79.16
CA LYS I 3179 -106.17 35.19 -80.17
C LYS I 3179 -106.13 35.79 -81.56
N ASN I 3180 -106.82 36.92 -81.72
CA ASN I 3180 -106.81 37.65 -82.97
C ASN I 3180 -105.46 38.35 -83.15
N THR I 3181 -104.97 38.95 -82.07
CA THR I 3181 -103.68 39.63 -82.08
C THR I 3181 -102.54 38.62 -82.22
N TYR I 3182 -102.79 37.40 -81.77
CA TYR I 3182 -101.87 36.29 -82.01
C TYR I 3182 -101.86 35.98 -83.50
N VAL I 3183 -103.05 35.97 -84.08
CA VAL I 3183 -103.20 35.68 -85.50
C VAL I 3183 -102.70 36.85 -86.34
N GLU I 3184 -102.84 38.07 -85.82
CA GLU I 3184 -102.44 39.26 -86.55
C GLU I 3184 -100.93 39.44 -86.55
N LYS I 3185 -100.24 38.70 -85.69
CA LYS I 3185 -98.80 38.65 -85.71
C LYS I 3185 -98.34 37.36 -86.42
N LEU I 3186 -99.26 36.41 -86.51
CA LEU I 3186 -98.95 35.13 -87.15
C LEU I 3186 -98.88 35.27 -88.66
N ARG I 3187 -99.86 35.96 -89.22
CA ARG I 3187 -99.96 36.12 -90.67
C ARG I 3187 -98.90 37.08 -91.21
N PRO I 3188 -98.36 37.91 -90.34
CA PRO I 3188 -97.30 38.84 -90.72
C PRO I 3188 -95.98 38.08 -90.92
N ALA I 3189 -95.87 36.92 -90.30
CA ALA I 3189 -94.69 36.07 -90.46
C ALA I 3189 -94.75 35.35 -91.81
N ALA I 3198 -112.01 41.62 -95.49
CA ALA I 3198 -112.62 42.16 -94.28
C ALA I 3198 -111.73 43.26 -93.68
N ALA I 3199 -111.15 44.06 -94.56
CA ALA I 3199 -110.24 45.13 -94.14
C ALA I 3199 -111.01 46.26 -93.45
N ALA I 3200 -112.25 46.45 -93.87
CA ALA I 3200 -113.10 47.49 -93.30
C ALA I 3200 -113.54 47.13 -91.89
N MET I 3201 -113.79 45.84 -91.67
CA MET I 3201 -114.23 45.33 -90.37
C MET I 3201 -113.11 45.47 -89.35
N PRO I 3202 -111.88 45.34 -89.84
CA PRO I 3202 -110.71 45.59 -89.02
C PRO I 3202 -110.59 47.08 -88.76
N VAL I 3203 -110.88 47.87 -89.78
CA VAL I 3203 -110.81 49.33 -89.70
C VAL I 3203 -111.93 49.87 -88.83
N ALA I 3204 -113.03 49.13 -88.78
CA ALA I 3204 -114.17 49.50 -87.94
C ALA I 3204 -113.81 49.34 -86.46
N PHE I 3205 -113.06 48.29 -86.16
CA PHE I 3205 -112.64 48.03 -84.80
C PHE I 3205 -111.54 49.01 -84.39
N LEU I 3206 -110.80 49.50 -85.38
CA LEU I 3206 -109.71 50.44 -85.14
C LEU I 3206 -110.25 51.78 -84.67
N GLU I 3207 -111.36 52.19 -85.26
CA GLU I 3207 -112.03 53.43 -84.87
C GLU I 3207 -112.69 53.23 -83.51
N PRO I 3208 -113.16 52.01 -83.26
CA PRO I 3208 -113.74 51.64 -81.99
C PRO I 3208 -112.66 51.60 -80.91
N GLN I 3209 -111.46 51.24 -81.32
CA GLN I 3209 -110.30 51.26 -80.44
C GLN I 3209 -109.88 52.70 -80.18
N LEU I 3210 -110.06 53.53 -81.19
CA LEU I 3210 -109.73 54.95 -81.08
C LEU I 3210 -110.83 55.69 -80.32
N ASN I 3211 -112.00 55.08 -80.23
CA ASN I 3211 -113.15 55.69 -79.57
C ASN I 3211 -112.97 55.73 -78.06
N GLU I 3212 -112.90 54.56 -77.44
CA GLU I 3212 -112.79 54.46 -75.99
C GLU I 3212 -111.42 54.90 -75.49
N THR I 3221 -108.53 47.37 -69.00
CA THR I 3221 -108.05 46.66 -70.18
C THR I 3221 -107.64 47.63 -71.28
N LYS I 3222 -107.05 48.75 -70.87
CA LYS I 3222 -106.63 49.78 -71.80
C LYS I 3222 -105.38 49.36 -72.56
N SER I 3223 -104.46 48.69 -71.86
CA SER I 3223 -103.22 48.24 -72.47
C SER I 3223 -103.46 47.07 -73.42
N PRO I 3224 -104.44 46.24 -73.09
CA PRO I 3224 -104.84 45.12 -73.94
C PRO I 3224 -105.53 45.66 -75.17
N ARG I 3225 -106.22 46.78 -75.00
CA ARG I 3225 -106.82 47.50 -76.11
C ARG I 3225 -105.73 48.18 -76.92
N GLU I 3226 -104.64 48.53 -76.26
CA GLU I 3226 -103.48 49.10 -76.92
C GLU I 3226 -102.63 48.00 -77.54
N ARG I 3227 -102.83 46.77 -77.07
CA ARG I 3227 -102.01 45.64 -77.50
C ARG I 3227 -102.32 45.20 -78.93
N ALA I 3228 -103.58 44.90 -79.18
CA ALA I 3228 -103.98 44.39 -80.49
C ALA I 3228 -104.05 45.49 -81.56
N ILE I 3229 -103.94 46.75 -81.11
CA ILE I 3229 -104.05 47.91 -82.00
C ILE I 3229 -102.91 47.99 -83.01
N LEU I 3230 -101.70 47.75 -82.57
CA LEU I 3230 -100.54 47.80 -83.46
C LEU I 3230 -100.43 46.55 -84.31
N GLY I 3231 -101.15 45.51 -83.91
CA GLY I 3231 -101.14 44.24 -84.62
C GLY I 3231 -101.89 44.33 -85.93
N VAL I 3269 -102.34 57.09 -92.73
CA VAL I 3269 -101.55 57.91 -93.64
C VAL I 3269 -101.46 59.34 -93.14
N ILE I 3270 -102.21 60.24 -93.76
CA ILE I 3270 -102.23 61.64 -93.37
C ILE I 3270 -102.99 61.80 -92.06
N GLU I 3271 -103.96 60.93 -91.83
CA GLU I 3271 -104.71 60.90 -90.57
C GLU I 3271 -103.81 60.45 -89.45
N ILE I 3272 -102.85 59.60 -89.80
CA ILE I 3272 -101.81 59.18 -88.85
C ILE I 3272 -100.76 60.28 -88.72
N THR I 3273 -100.51 60.98 -89.81
CA THR I 3273 -99.49 62.03 -89.85
C THR I 3273 -99.88 63.23 -89.01
N LEU I 3274 -101.18 63.54 -88.99
CA LEU I 3274 -101.70 64.63 -88.19
C LEU I 3274 -101.64 64.26 -86.72
N PRO I 3275 -101.90 62.99 -86.44
CA PRO I 3275 -101.85 62.48 -85.08
C PRO I 3275 -100.41 62.33 -84.62
N MET I 3276 -99.50 62.18 -85.57
CA MET I 3276 -98.09 62.05 -85.28
C MET I 3276 -97.52 63.35 -84.73
N LEU I 3277 -97.94 64.46 -85.33
CA LEU I 3277 -97.50 65.77 -84.86
C LEU I 3277 -98.28 66.17 -83.62
N CYS I 3278 -99.46 65.58 -83.45
CA CYS I 3278 -100.33 65.87 -82.31
C CYS I 3278 -99.72 65.35 -81.02
N SER I 3279 -99.26 64.10 -81.06
CA SER I 3279 -98.60 63.51 -79.91
C SER I 3279 -97.24 64.15 -79.70
N TYR I 3280 -96.65 64.63 -80.80
CA TYR I 3280 -95.38 65.35 -80.76
C TYR I 3280 -95.57 66.67 -80.05
N LEU I 3281 -96.74 67.27 -80.23
CA LEU I 3281 -97.10 68.48 -79.52
C LEU I 3281 -97.43 68.13 -78.07
N PRO I 3282 -97.97 66.95 -77.87
CA PRO I 3282 -98.31 66.47 -76.53
C PRO I 3282 -97.04 66.14 -75.77
N ARG I 3283 -96.03 65.69 -76.50
CA ARG I 3283 -94.72 65.43 -75.92
C ARG I 3283 -93.97 66.74 -75.75
N TRP I 3284 -94.36 67.74 -76.53
CA TRP I 3284 -93.81 69.08 -76.37
C TRP I 3284 -94.44 69.73 -75.14
N TRP I 3285 -95.62 69.26 -74.77
CA TRP I 3285 -96.29 69.72 -73.56
C TRP I 3285 -95.68 69.07 -72.32
N PRO I 3293 -103.88 57.93 -71.21
CA PRO I 3293 -104.20 56.53 -71.45
C PRO I 3293 -104.26 56.24 -72.94
N PRO I 3294 -105.00 57.08 -73.66
CA PRO I 3294 -105.11 56.94 -75.11
C PRO I 3294 -103.85 57.44 -75.79
N ALA I 3295 -103.08 58.24 -75.07
CA ALA I 3295 -101.80 58.76 -75.55
C ALA I 3295 -100.79 57.62 -75.68
N LEU I 3296 -100.91 56.62 -74.82
CA LEU I 3296 -100.03 55.46 -74.88
C LEU I 3296 -100.51 54.48 -75.94
N PRO I 3297 -101.82 54.44 -76.16
CA PRO I 3297 -102.42 53.50 -77.11
C PRO I 3297 -102.21 53.94 -78.56
N ALA I 3298 -102.25 55.25 -78.77
CA ALA I 3298 -102.15 55.81 -80.11
C ALA I 3298 -100.75 55.67 -80.68
N GLY I 3299 -99.76 55.66 -79.81
CA GLY I 3299 -98.36 55.59 -80.24
C GLY I 3299 -97.96 54.17 -80.64
N ALA I 3300 -98.78 53.20 -80.25
CA ALA I 3300 -98.49 51.79 -80.50
C ALA I 3300 -98.58 51.46 -81.99
N PRO I 3301 -99.73 51.76 -82.60
CA PRO I 3301 -99.94 51.48 -84.01
C PRO I 3301 -99.14 52.43 -84.88
N PRO I 3302 -98.81 53.59 -84.33
CA PRO I 3302 -98.01 54.58 -85.03
C PRO I 3302 -96.58 54.07 -85.21
N PRO I 3303 -96.13 53.31 -84.24
CA PRO I 3303 -94.82 52.67 -84.32
C PRO I 3303 -94.90 51.48 -85.28
N CYS I 3304 -96.09 50.92 -85.40
CA CYS I 3304 -96.32 49.78 -86.29
C CYS I 3304 -96.49 50.24 -87.74
N THR I 3305 -96.84 51.51 -87.91
CA THR I 3305 -97.11 52.04 -89.24
C THR I 3305 -95.86 52.57 -89.91
N ALA I 3306 -95.02 53.27 -89.14
CA ALA I 3306 -93.79 53.84 -89.67
C ALA I 3306 -92.77 52.74 -89.98
N VAL I 3307 -92.89 51.64 -89.26
CA VAL I 3307 -92.02 50.49 -89.46
C VAL I 3307 -92.42 49.72 -90.72
N THR I 3308 -93.68 49.87 -91.13
CA THR I 3308 -94.19 49.19 -92.31
C THR I 3308 -93.61 49.79 -93.60
N SER I 3309 -93.17 51.04 -93.51
CA SER I 3309 -92.56 51.72 -94.64
C SER I 3309 -91.17 51.16 -94.94
N LEU I 3316 -88.38 58.13 -92.78
CA LEU I 3316 -87.04 57.97 -92.22
C LEU I 3316 -86.84 58.93 -91.07
N GLY I 3317 -86.94 60.22 -91.36
CA GLY I 3317 -86.82 61.25 -90.33
C GLY I 3317 -88.10 61.33 -89.52
N ASN I 3318 -89.18 60.79 -90.09
CA ASN I 3318 -90.47 60.71 -89.41
C ASN I 3318 -90.38 59.78 -88.20
N ILE I 3319 -89.64 58.69 -88.36
CA ILE I 3319 -89.40 57.76 -87.27
C ILE I 3319 -88.39 58.37 -86.30
N LEU I 3320 -87.52 59.23 -86.82
CA LEU I 3320 -86.53 59.92 -86.00
C LEU I 3320 -87.21 60.98 -85.12
N ARG I 3321 -88.33 61.50 -85.61
CA ARG I 3321 -89.12 62.46 -84.86
C ARG I 3321 -89.95 61.74 -83.81
N ILE I 3322 -90.42 60.54 -84.15
CA ILE I 3322 -91.26 59.75 -83.28
C ILE I 3322 -90.48 59.25 -82.05
N ILE I 3323 -89.21 58.96 -82.26
CA ILE I 3323 -88.34 58.50 -81.20
C ILE I 3323 -88.05 59.65 -80.23
N VAL I 3324 -87.85 60.84 -80.80
CA VAL I 3324 -87.59 62.04 -80.00
C VAL I 3324 -88.86 62.46 -79.27
N ASN I 3325 -90.00 62.13 -79.86
CA ASN I 3325 -91.29 62.33 -79.22
C ASN I 3325 -91.44 61.34 -78.07
N ASN I 3326 -90.94 60.13 -78.30
CA ASN I 3326 -90.99 59.09 -77.29
C ASN I 3326 -89.94 59.35 -76.21
N LEU I 3327 -88.89 60.09 -76.58
CA LEU I 3327 -87.81 60.40 -75.66
C LEU I 3327 -88.26 61.37 -74.58
N GLY I 3328 -88.90 62.46 -75.00
CA GLY I 3328 -89.32 63.51 -74.07
C GLY I 3328 -90.47 63.05 -73.19
N ILE I 3329 -91.25 62.09 -73.68
CA ILE I 3329 -92.38 61.55 -72.94
C ILE I 3329 -91.90 60.77 -71.74
N ASP I 3330 -90.77 60.10 -71.91
CA ASP I 3330 -90.15 59.34 -70.83
C ASP I 3330 -89.25 60.24 -70.01
N GLU I 3331 -88.74 61.31 -70.64
CA GLU I 3331 -87.91 62.29 -69.96
C GLU I 3331 -88.76 63.06 -68.96
N ALA I 3332 -90.02 63.27 -69.33
CA ALA I 3332 -90.99 63.84 -68.42
C ALA I 3332 -91.35 62.81 -67.35
N THR I 3333 -91.56 61.57 -67.79
CA THR I 3333 -91.93 60.50 -66.88
C THR I 3333 -90.72 60.04 -66.06
N VAL I 3340 -95.60 51.33 -64.44
CA VAL I 3340 -96.45 52.10 -65.34
C VAL I 3340 -96.64 51.36 -66.66
N PHE I 3341 -96.99 52.10 -67.70
CA PHE I 3341 -97.14 51.52 -69.02
C PHE I 3341 -95.90 51.82 -69.86
N ALA I 3342 -94.78 52.00 -69.19
CA ALA I 3342 -93.52 52.28 -69.86
C ALA I 3342 -92.91 50.98 -70.40
N GLN I 3343 -93.38 49.86 -69.89
CA GLN I 3343 -92.87 48.54 -70.29
C GLN I 3343 -93.26 48.20 -71.72
N PRO I 3344 -94.55 48.32 -72.03
CA PRO I 3344 -95.03 48.07 -73.38
C PRO I 3344 -94.64 49.21 -74.30
N ILE I 3345 -94.37 50.38 -73.71
CA ILE I 3345 -93.85 51.51 -74.45
C ILE I 3345 -92.44 51.21 -74.91
N VAL I 3346 -91.69 50.52 -74.06
CA VAL I 3346 -90.31 50.15 -74.38
C VAL I 3346 -90.27 48.97 -75.35
N SER I 3347 -91.38 48.24 -75.43
CA SER I 3347 -91.48 47.08 -76.29
C SER I 3347 -91.46 47.47 -77.76
N ARG I 3348 -91.99 48.65 -78.06
CA ARG I 3348 -91.99 49.15 -79.43
C ARG I 3348 -90.75 50.01 -79.67
N ALA I 3349 -90.06 50.37 -78.58
CA ALA I 3349 -88.91 51.27 -78.65
C ALA I 3349 -87.72 50.60 -79.32
N ARG I 3350 -87.46 49.35 -78.95
CA ARG I 3350 -86.35 48.60 -79.52
C ARG I 3350 -86.73 47.99 -80.86
N PRO I 3351 -88.02 48.05 -81.18
CA PRO I 3351 -88.52 47.47 -82.42
C PRO I 3351 -88.06 48.25 -83.64
N GLU I 3352 -87.85 49.55 -83.49
CA GLU I 3352 -87.47 50.38 -84.63
C GLU I 3352 -86.49 51.49 -84.24
N LEU I 3353 -85.34 51.11 -83.71
CA LEU I 3353 -84.29 52.07 -83.42
C LEU I 3353 -83.20 51.95 -84.49
N LEU I 3354 -83.64 51.59 -85.70
CA LEU I 3354 -82.74 51.34 -86.82
C LEU I 3354 -82.11 52.63 -87.33
N HIS I 3355 -82.82 53.34 -88.19
CA HIS I 3355 -82.31 54.55 -88.79
C HIS I 3355 -82.28 55.70 -87.78
N ILE I 3359 -76.39 61.77 -86.98
CA ILE I 3359 -77.28 62.88 -87.28
C ILE I 3359 -78.53 62.79 -86.42
N PRO I 3360 -79.41 61.87 -86.78
CA PRO I 3360 -80.61 61.59 -86.00
C PRO I 3360 -80.21 60.95 -84.69
N THR I 3361 -79.14 60.17 -84.74
CA THR I 3361 -78.55 59.58 -83.55
C THR I 3361 -77.90 60.67 -82.72
N ILE I 3362 -77.31 61.67 -83.38
CA ILE I 3362 -76.63 62.76 -82.70
C ILE I 3362 -77.62 63.64 -81.96
N GLY I 3363 -78.80 63.80 -82.54
CA GLY I 3363 -79.88 64.52 -81.90
C GLY I 3363 -80.39 63.70 -80.73
N ARG I 3364 -80.37 62.38 -80.92
CA ARG I 3364 -80.73 61.45 -79.86
C ARG I 3364 -79.62 61.41 -78.82
N LEU I 3365 -78.40 61.65 -79.26
CA LEU I 3365 -77.24 61.67 -78.36
C LEU I 3365 -77.31 62.86 -77.43
N ARG I 3366 -77.68 64.01 -77.99
CA ARG I 3366 -77.82 65.23 -77.20
C ARG I 3366 -79.03 65.13 -76.28
N LYS I 3367 -80.02 64.36 -76.71
CA LYS I 3367 -81.23 64.15 -75.92
C LYS I 3367 -80.96 63.19 -74.77
N ARG I 3368 -80.34 62.05 -75.07
CA ARG I 3368 -80.17 60.99 -74.08
C ARG I 3368 -79.06 61.30 -73.08
N ALA I 3369 -78.16 62.23 -73.42
CA ALA I 3369 -77.10 62.63 -72.51
C ALA I 3369 -77.70 63.38 -71.33
N GLY I 3370 -78.76 64.12 -71.61
CA GLY I 3370 -79.50 64.81 -70.58
C GLY I 3370 -80.32 63.80 -69.78
N LYS I 3371 -80.75 62.74 -70.46
CA LYS I 3371 -81.56 61.71 -69.84
C LYS I 3371 -80.73 60.91 -68.84
N VAL I 3372 -79.46 60.70 -69.19
CA VAL I 3372 -78.56 59.94 -68.34
C VAL I 3372 -78.14 60.75 -67.12
N VAL I 3373 -77.87 62.04 -67.35
CA VAL I 3373 -77.40 62.93 -66.29
C VAL I 3373 -78.48 63.18 -65.25
N ALA I 3374 -79.73 63.21 -65.70
CA ALA I 3374 -80.86 63.35 -64.80
C ALA I 3374 -81.02 62.09 -63.98
N GLU I 3375 -80.73 60.97 -64.61
CA GLU I 3375 -80.73 59.69 -63.92
C GLU I 3375 -79.52 59.60 -63.01
N GLU I 3376 -78.43 60.22 -63.43
CA GLU I 3376 -77.19 60.24 -62.65
C GLU I 3376 -77.38 61.05 -61.38
N GLU I 3377 -78.12 62.15 -61.50
CA GLU I 3377 -78.41 63.00 -60.36
C GLU I 3377 -79.40 62.29 -59.43
N GLN I 3378 -80.30 61.52 -60.04
CA GLN I 3378 -81.28 60.75 -59.27
C GLN I 3378 -80.59 59.58 -58.57
N LEU I 3379 -79.54 59.07 -59.20
CA LEU I 3379 -78.75 58.00 -58.61
C LEU I 3379 -77.92 58.53 -57.46
N ARG I 3380 -77.35 59.71 -57.65
CA ARG I 3380 -76.48 60.34 -56.65
C ARG I 3380 -77.28 60.78 -55.44
N LEU I 3381 -78.54 61.14 -55.68
CA LEU I 3381 -79.45 61.54 -54.61
C LEU I 3381 -79.80 60.34 -53.74
N GLU I 3382 -80.02 59.21 -54.40
CA GLU I 3382 -80.31 57.96 -53.70
C GLU I 3382 -79.03 57.45 -53.03
N ALA I 3383 -77.89 57.76 -53.63
CA ALA I 3383 -76.59 57.41 -53.05
C ALA I 3383 -76.36 58.24 -51.82
N LYS I 3384 -76.77 59.50 -51.87
CA LYS I 3384 -76.70 60.40 -50.72
C LYS I 3384 -77.71 59.95 -49.68
N ALA I 3385 -78.83 59.40 -50.15
CA ALA I 3385 -79.83 58.82 -49.27
C ALA I 3385 -79.30 57.53 -48.66
N GLU I 3386 -78.45 56.84 -49.42
CA GLU I 3386 -77.81 55.62 -48.92
C GLU I 3386 -76.72 55.97 -47.93
N ALA I 3387 -76.15 57.16 -48.09
CA ALA I 3387 -75.10 57.63 -47.20
C ALA I 3387 -75.67 57.96 -45.82
N GLU I 3388 -76.94 58.35 -45.79
CA GLU I 3388 -77.62 58.65 -44.54
C GLU I 3388 -78.08 57.37 -43.84
N ARG I 3395 -89.40 53.84 -41.74
CA ARG I 3395 -88.13 54.55 -41.67
C ARG I 3395 -87.76 55.12 -43.03
N ASP I 3396 -86.60 55.78 -43.10
CA ASP I 3396 -86.12 56.35 -44.34
C ASP I 3396 -85.33 55.32 -45.13
N GLU I 3397 -85.03 54.19 -44.50
CA GLU I 3397 -84.30 53.11 -45.15
C GLU I 3397 -85.17 52.41 -46.19
N PHE I 3398 -86.43 52.17 -45.83
CA PHE I 3398 -87.38 51.52 -46.74
C PHE I 3398 -87.80 52.48 -47.84
N SER I 3399 -87.84 53.77 -47.51
CA SER I 3399 -88.22 54.80 -48.48
C SER I 3399 -87.11 54.99 -49.51
N VAL I 3400 -85.86 54.90 -49.06
CA VAL I 3400 -84.72 54.99 -49.96
C VAL I 3400 -84.66 53.73 -50.82
N LEU I 3401 -85.09 52.61 -50.25
CA LEU I 3401 -85.16 51.34 -50.97
C LEU I 3401 -86.27 51.42 -52.02
N CYS I 3402 -87.34 52.13 -51.68
CA CYS I 3402 -88.45 52.31 -52.61
C CYS I 3402 -88.06 53.27 -53.72
N ARG I 3403 -87.32 54.31 -53.35
CA ARG I 3403 -86.91 55.34 -54.30
C ARG I 3403 -85.90 54.80 -55.28
N ASP I 3404 -85.02 53.92 -54.79
CA ASP I 3404 -84.03 53.29 -55.64
C ASP I 3404 -84.72 52.28 -56.57
N LEU I 3405 -85.79 51.67 -56.08
CA LEU I 3405 -86.57 50.72 -56.86
C LEU I 3405 -87.28 51.42 -58.01
N TYR I 3406 -87.78 52.61 -57.74
CA TYR I 3406 -88.40 53.43 -58.76
C TYR I 3406 -87.34 53.92 -59.72
N ALA I 3407 -86.16 54.21 -59.18
CA ALA I 3407 -85.04 54.66 -59.98
C ALA I 3407 -84.53 53.52 -60.86
N LEU I 3408 -84.60 52.30 -60.32
CA LEU I 3408 -84.22 51.12 -61.07
C LEU I 3408 -85.26 50.81 -62.13
N TYR I 3409 -86.52 51.15 -61.83
CA TYR I 3409 -87.62 50.95 -62.75
C TYR I 3409 -87.47 51.87 -63.94
N PRO I 3410 -87.04 53.10 -63.67
CA PRO I 3410 -86.84 54.09 -64.71
C PRO I 3410 -85.60 53.76 -65.52
N LEU I 3411 -84.61 53.15 -64.86
CA LEU I 3411 -83.35 52.81 -65.51
C LEU I 3411 -83.52 51.62 -66.44
N LEU I 3412 -84.57 50.84 -66.21
CA LEU I 3412 -84.87 49.65 -67.01
C LEU I 3412 -85.24 50.03 -68.43
N ILE I 3413 -86.15 50.98 -68.57
CA ILE I 3413 -86.57 51.44 -69.88
C ILE I 3413 -85.54 52.39 -70.47
N ARG I 3414 -84.69 52.93 -69.61
CA ARG I 3414 -83.66 53.88 -70.04
C ARG I 3414 -82.57 53.18 -70.83
N TYR I 3415 -82.04 52.09 -70.29
CA TYR I 3415 -80.91 51.41 -70.91
C TYR I 3415 -81.33 50.57 -72.11
N VAL I 3416 -82.62 50.29 -72.22
CA VAL I 3416 -83.14 49.40 -73.25
C VAL I 3416 -83.01 49.99 -74.65
N ASP I 3417 -83.14 51.30 -74.75
CA ASP I 3417 -82.97 51.98 -76.02
C ASP I 3417 -81.52 52.40 -76.18
N ASN I 3418 -80.79 52.41 -75.07
CA ASN I 3418 -79.39 52.80 -75.07
C ASN I 3418 -78.53 51.75 -75.74
N ASN I 3419 -78.99 50.50 -75.72
CA ASN I 3419 -78.24 49.39 -76.29
C ASN I 3419 -78.25 49.42 -77.81
N ARG I 3420 -79.44 49.50 -78.39
CA ARG I 3420 -79.60 49.45 -79.84
C ARG I 3420 -79.07 50.71 -80.51
N ALA I 3421 -79.07 51.81 -79.77
CA ALA I 3421 -78.52 53.07 -80.26
C ALA I 3421 -77.01 52.97 -80.29
N HIS I 3422 -76.46 52.17 -79.38
CA HIS I 3422 -75.02 51.96 -79.32
C HIS I 3422 -74.57 50.99 -80.41
N TRP I 3423 -75.53 50.29 -81.01
CA TRP I 3423 -75.25 49.37 -82.10
C TRP I 3423 -75.06 50.12 -83.43
N LEU I 3424 -75.26 51.41 -83.42
CA LEU I 3424 -75.02 52.24 -84.60
C LEU I 3424 -73.92 53.26 -84.30
N THR I 3425 -73.75 53.59 -83.02
CA THR I 3425 -72.77 54.59 -82.60
C THR I 3425 -71.34 54.06 -82.78
N GLU I 3426 -71.14 52.81 -82.38
CA GLU I 3426 -69.85 52.15 -82.56
C GLU I 3426 -69.67 51.77 -84.02
N PRO I 3427 -70.79 51.58 -84.71
CA PRO I 3427 -70.78 51.33 -86.15
C PRO I 3427 -70.30 52.58 -86.86
N ASN I 3428 -70.79 53.73 -86.41
CA ASN I 3428 -70.36 55.01 -86.96
C ASN I 3428 -69.00 55.38 -86.40
N ALA I 3429 -69.01 55.91 -85.18
CA ALA I 3429 -67.80 56.38 -84.53
C ALA I 3429 -66.94 55.22 -84.05
N ASN I 3430 -65.87 54.96 -84.79
CA ASN I 3430 -64.90 53.93 -84.41
C ASN I 3430 -63.56 54.24 -85.06
N PHE I 3435 -66.35 61.20 -78.73
CA PHE I 3435 -66.96 62.50 -78.94
C PHE I 3435 -68.12 62.70 -77.97
N ARG I 3436 -69.34 62.60 -78.50
CA ARG I 3436 -70.53 62.68 -77.67
C ARG I 3436 -70.68 61.38 -76.89
N MET I 3437 -70.16 60.31 -77.48
CA MET I 3437 -70.16 59.00 -76.84
C MET I 3437 -69.18 58.98 -75.68
N VAL I 3438 -68.15 59.82 -75.76
CA VAL I 3438 -67.16 59.95 -74.69
C VAL I 3438 -67.81 60.55 -73.46
N GLY I 3439 -68.80 61.41 -73.68
CA GLY I 3439 -69.62 61.91 -72.58
C GLY I 3439 -70.55 60.80 -72.13
N GLU I 3440 -71.10 60.05 -73.09
CA GLU I 3440 -72.07 59.01 -72.81
C GLU I 3440 -71.43 57.84 -72.09
N ILE I 3441 -70.16 57.61 -72.35
CA ILE I 3441 -69.40 56.60 -71.64
C ILE I 3441 -69.15 57.09 -70.23
N PHE I 3442 -68.79 58.37 -70.12
CA PHE I 3442 -68.45 58.96 -68.83
C PHE I 3442 -69.68 59.07 -67.95
N ILE I 3443 -70.83 59.31 -68.58
CA ILE I 3443 -72.09 59.39 -67.85
C ILE I 3443 -72.51 58.03 -67.34
N TYR I 3444 -72.37 57.01 -68.19
CA TYR I 3444 -72.78 55.66 -67.83
C TYR I 3444 -71.75 54.97 -66.93
N TRP I 3445 -70.59 55.59 -66.81
CA TRP I 3445 -69.51 55.08 -65.97
C TRP I 3445 -69.91 55.10 -64.50
N SER I 3446 -70.42 56.25 -64.07
CA SER I 3446 -70.84 56.42 -62.68
C SER I 3446 -72.07 55.59 -62.37
N LYS I 3447 -72.88 55.33 -63.41
CA LYS I 3447 -74.08 54.50 -63.28
C LYS I 3447 -73.70 53.07 -62.93
N SER I 3448 -72.68 52.57 -63.59
CA SER I 3448 -72.18 51.24 -63.31
C SER I 3448 -71.45 51.24 -61.97
N HIS I 3449 -70.84 52.38 -61.65
CA HIS I 3449 -70.15 52.54 -60.38
C HIS I 3449 -71.17 52.57 -59.25
N ASN I 3450 -72.31 53.19 -59.50
CA ASN I 3450 -73.40 53.22 -58.53
C ASN I 3450 -74.07 51.86 -58.47
N PHE I 3451 -74.00 51.12 -59.57
CA PHE I 3451 -74.52 49.76 -59.61
C PHE I 3451 -73.62 48.84 -58.80
N LYS I 3452 -72.36 49.24 -58.65
CA LYS I 3452 -71.42 48.50 -57.83
C LYS I 3452 -71.57 48.89 -56.36
N GLN I 3456 -76.88 46.76 -52.17
CA GLN I 3456 -78.27 47.09 -51.90
C GLN I 3456 -78.92 47.72 -53.13
N ASN I 3457 -78.10 48.33 -53.97
CA ASN I 3457 -78.58 48.93 -55.21
C ASN I 3457 -78.99 47.83 -56.18
N PHE I 3458 -78.24 46.73 -56.14
CA PHE I 3458 -78.56 45.58 -56.96
C PHE I 3458 -79.73 44.81 -56.35
N VAL I 3459 -79.87 44.92 -55.04
CA VAL I 3459 -80.93 44.23 -54.31
C VAL I 3459 -82.29 44.77 -54.71
N VAL I 3460 -82.36 46.08 -54.91
CA VAL I 3460 -83.56 46.72 -55.39
C VAL I 3460 -83.72 46.45 -56.88
N GLN I 3461 -82.60 46.26 -57.55
CA GLN I 3461 -82.61 46.03 -58.99
C GLN I 3461 -83.11 44.64 -59.33
N ASN I 3462 -82.73 43.66 -58.52
CA ASN I 3462 -83.07 42.26 -58.76
C ASN I 3462 -84.56 42.01 -58.58
N GLU I 3463 -85.14 42.73 -57.62
CA GLU I 3463 -86.58 42.64 -57.37
C GLU I 3463 -87.34 43.29 -58.51
N ILE I 3464 -86.74 44.33 -59.08
CA ILE I 3464 -87.33 45.04 -60.21
C ILE I 3464 -87.26 44.17 -61.45
N ASN I 3465 -86.24 43.31 -61.50
CA ASN I 3465 -86.06 42.40 -62.62
C ASN I 3465 -87.13 41.33 -62.61
N ASN I 3466 -87.45 40.82 -61.43
CA ASN I 3466 -88.46 39.79 -61.27
C ASN I 3466 -89.86 40.38 -61.43
N THR I 3513 -77.41 41.64 -66.90
CA THR I 3513 -78.57 42.45 -67.25
C THR I 3513 -78.14 43.70 -68.02
N LEU I 3514 -79.04 44.68 -68.08
CA LEU I 3514 -78.80 45.91 -68.84
C LEU I 3514 -77.75 46.79 -68.18
N LYS I 3515 -77.55 46.59 -66.89
CA LYS I 3515 -76.51 47.31 -66.16
C LYS I 3515 -75.14 46.79 -66.58
N LYS I 3516 -75.10 45.53 -67.01
CA LYS I 3516 -73.85 44.92 -67.41
C LYS I 3516 -73.49 45.27 -68.86
N MET I 3517 -74.46 45.13 -69.76
CA MET I 3517 -74.23 45.29 -71.18
C MET I 3517 -73.94 46.73 -71.56
N LEU I 3518 -74.39 47.66 -70.73
CA LEU I 3518 -74.12 49.07 -70.93
C LEU I 3518 -72.63 49.34 -70.72
N PRO I 3519 -72.05 48.62 -69.76
CA PRO I 3519 -70.63 48.74 -69.46
C PRO I 3519 -69.81 48.06 -70.54
N ILE I 3520 -70.42 47.12 -71.25
CA ILE I 3520 -69.74 46.37 -72.29
C ILE I 3520 -69.47 47.23 -73.53
N GLY I 3521 -70.52 47.87 -74.03
CA GLY I 3521 -70.41 48.67 -75.24
C GLY I 3521 -69.63 49.95 -75.00
N LEU I 3522 -69.68 50.44 -73.77
CA LEU I 3522 -68.97 51.66 -73.42
C LEU I 3522 -67.48 51.41 -73.21
N ASN I 3523 -67.13 50.15 -72.97
CA ASN I 3523 -65.75 49.77 -72.70
C ASN I 3523 -64.88 49.95 -73.93
N MET I 3524 -65.46 49.66 -75.09
CA MET I 3524 -64.75 49.81 -76.35
C MET I 3524 -64.53 51.28 -76.68
N CYS I 3525 -65.52 52.09 -76.36
CA CYS I 3525 -65.46 53.52 -76.67
C CYS I 3525 -64.50 54.23 -75.73
N ALA I 3526 -64.48 53.82 -74.47
CA ALA I 3526 -63.63 54.46 -73.47
C ALA I 3526 -62.17 54.07 -73.66
N PRO I 3527 -61.96 52.90 -74.24
CA PRO I 3527 -60.61 52.44 -74.51
C PRO I 3527 -60.10 53.01 -75.83
N THR I 3528 -60.99 53.66 -76.58
CA THR I 3528 -60.61 54.28 -77.83
C THR I 3528 -59.86 55.59 -77.59
N ASP I 3529 -59.93 56.09 -76.36
CA ASP I 3529 -59.21 57.29 -75.98
C ASP I 3529 -58.06 56.95 -75.05
N MET I 3534 -49.46 53.69 -72.91
CA MET I 3534 -49.68 54.48 -71.71
C MET I 3534 -50.68 53.79 -70.78
N LEU I 3535 -50.86 52.49 -71.00
CA LEU I 3535 -51.82 51.71 -70.23
C LEU I 3535 -51.25 51.25 -68.89
N ALA I 3536 -49.95 51.44 -68.71
CA ALA I 3536 -49.29 51.08 -67.47
C ALA I 3536 -49.72 52.04 -66.36
N LYS I 3537 -49.92 53.29 -66.74
CA LYS I 3537 -50.43 54.31 -65.82
C LYS I 3537 -51.89 54.00 -65.52
N THR I 3538 -52.58 53.45 -66.52
CA THR I 3538 -53.95 53.02 -66.35
C THR I 3538 -53.99 51.78 -65.47
N ARG I 3539 -52.94 50.97 -65.55
CA ARG I 3539 -52.80 49.81 -64.70
C ARG I 3539 -52.46 50.25 -63.29
N TYR I 3540 -51.67 51.32 -63.21
CA TYR I 3540 -51.25 51.86 -61.92
C TYR I 3540 -52.42 52.54 -61.21
N ALA I 3541 -53.22 53.25 -61.98
CA ALA I 3541 -54.34 54.00 -61.40
C ALA I 3541 -55.50 53.07 -61.08
N LEU I 3542 -55.50 51.89 -61.67
CA LEU I 3542 -56.49 50.88 -61.34
C LEU I 3542 -56.14 50.29 -59.98
N LYS I 3543 -54.86 50.25 -59.67
CA LYS I 3543 -54.38 49.71 -58.41
C LYS I 3543 -54.75 50.61 -57.24
N ASP I 3544 -54.70 51.92 -57.46
CA ASP I 3544 -55.07 52.89 -56.43
C ASP I 3544 -56.57 52.94 -56.24
N THR I 3545 -57.30 52.54 -57.28
CA THR I 3545 -58.76 52.43 -57.21
C THR I 3545 -59.16 51.10 -56.61
N ASP I 3546 -58.16 50.23 -56.43
CA ASP I 3546 -58.37 48.96 -55.75
C ASP I 3546 -57.57 48.95 -54.45
N GLU I 3547 -57.09 50.13 -54.05
CA GLU I 3547 -56.36 50.27 -52.80
C GLU I 3547 -57.25 50.87 -51.72
N LEU I 3553 -59.63 60.97 -55.22
CA LEU I 3553 -58.71 60.30 -54.32
C LEU I 3553 -57.45 59.91 -55.07
N GLN I 3554 -57.62 59.08 -56.09
CA GLN I 3554 -56.50 58.62 -56.91
C GLN I 3554 -56.23 59.61 -58.04
N ASN I 3555 -57.06 60.65 -58.12
CA ASN I 3555 -56.91 61.70 -59.13
C ASN I 3555 -55.62 62.48 -58.90
N ASN I 3556 -55.25 62.61 -57.63
CA ASN I 3556 -53.98 63.23 -57.26
C ASN I 3556 -52.85 62.21 -57.45
N LEU I 3557 -53.18 60.95 -57.26
CA LEU I 3557 -52.22 59.86 -57.48
C LEU I 3557 -51.97 59.69 -58.97
N HIS I 3558 -52.97 60.05 -59.77
CA HIS I 3558 -52.83 60.07 -61.22
C HIS I 3558 -51.96 61.24 -61.64
N LEU I 3559 -52.02 62.31 -60.86
CA LEU I 3559 -51.17 63.47 -61.08
C LEU I 3559 -49.77 63.19 -60.55
N GLN I 3560 -49.68 62.23 -59.64
CA GLN I 3560 -48.40 61.83 -59.06
C GLN I 3560 -47.99 60.45 -59.56
N LEU I 3569 -44.47 46.15 -79.89
CA LEU I 3569 -45.84 46.21 -80.36
C LEU I 3569 -46.41 47.58 -80.13
N ARG I 3570 -45.76 48.32 -79.23
CA ARG I 3570 -46.15 49.68 -78.90
C ARG I 3570 -45.89 50.59 -80.07
N TRP I 3571 -44.88 50.25 -80.86
CA TRP I 3571 -44.56 50.97 -82.09
C TRP I 3571 -45.69 50.81 -83.09
N GLN I 3572 -46.31 49.64 -83.11
CA GLN I 3572 -47.47 49.41 -83.93
C GLN I 3572 -48.67 50.14 -83.34
N MET I 3573 -48.72 50.15 -82.01
CA MET I 3573 -49.82 50.77 -81.29
C MET I 3573 -49.79 52.28 -81.41
N ALA I 3574 -48.61 52.86 -81.32
CA ALA I 3574 -48.45 54.30 -81.44
C ALA I 3574 -48.66 54.74 -82.88
N LEU I 3575 -48.44 53.80 -83.81
CA LEU I 3575 -48.74 54.03 -85.21
C LEU I 3575 -50.25 54.11 -85.41
N TYR I 3576 -50.98 53.41 -84.56
CA TYR I 3576 -52.43 53.39 -84.64
C TYR I 3576 -53.07 54.52 -83.84
N ARG I 3577 -52.59 54.73 -82.62
CA ARG I 3577 -53.20 55.70 -81.71
C ARG I 3577 -53.00 57.13 -82.17
N GLY I 3578 -51.90 57.39 -82.86
CA GLY I 3578 -51.64 58.71 -83.41
C GLY I 3578 -52.42 58.90 -84.70
N LEU I 3579 -52.74 57.79 -85.35
CA LEU I 3579 -53.51 57.83 -86.59
C LEU I 3579 -54.98 58.13 -86.30
N GLU I 3590 -55.73 67.33 -70.12
CA GLU I 3590 -57.00 66.74 -69.71
C GLU I 3590 -56.85 65.23 -69.55
N LYS I 3591 -55.62 64.77 -69.74
CA LYS I 3591 -55.33 63.35 -69.70
C LYS I 3591 -55.32 62.81 -68.27
N ILE I 3592 -54.96 63.69 -67.32
CA ILE I 3592 -54.77 63.29 -65.93
C ILE I 3592 -56.06 62.88 -65.25
N VAL I 3593 -57.18 63.42 -65.72
CA VAL I 3593 -58.47 63.09 -65.16
C VAL I 3593 -59.14 61.97 -65.96
N ARG I 3594 -58.95 61.99 -67.28
CA ARG I 3594 -59.58 61.04 -68.17
C ARG I 3594 -59.02 59.65 -67.98
N ARG I 3595 -57.72 59.57 -67.71
CA ARG I 3595 -57.09 58.28 -67.42
C ARG I 3595 -57.53 57.79 -66.06
N VAL I 3596 -57.76 58.74 -65.16
CA VAL I 3596 -58.25 58.43 -63.82
C VAL I 3596 -59.70 58.00 -63.89
N GLN I 3597 -60.41 58.49 -64.91
CA GLN I 3597 -61.81 58.17 -65.12
C GLN I 3597 -61.98 56.71 -65.57
N GLU I 3598 -61.19 56.30 -66.55
CA GLU I 3598 -61.34 54.99 -67.14
C GLU I 3598 -60.79 53.89 -66.25
N VAL I 3599 -59.84 54.25 -65.39
CA VAL I 3599 -59.12 53.27 -64.58
C VAL I 3599 -59.99 52.60 -63.53
N SER I 3600 -60.77 53.41 -62.82
CA SER I 3600 -61.64 52.90 -61.77
C SER I 3600 -62.81 52.13 -62.38
N ALA I 3601 -63.16 52.48 -63.61
CA ALA I 3601 -64.21 51.79 -64.34
C ALA I 3601 -63.79 50.36 -64.64
N VAL I 3602 -62.49 50.20 -64.89
CA VAL I 3602 -61.93 48.89 -65.16
C VAL I 3602 -61.93 48.05 -63.90
N LEU I 3603 -61.52 48.65 -62.79
CA LEU I 3603 -61.42 47.96 -61.52
C LEU I 3603 -62.79 47.59 -60.99
N TYR I 3604 -63.77 48.42 -61.31
CA TYR I 3604 -65.16 48.14 -60.95
C TYR I 3604 -65.65 46.97 -61.80
N HIS I 3605 -65.24 46.97 -63.07
CA HIS I 3605 -65.60 45.90 -63.98
C HIS I 3605 -64.82 44.64 -63.62
N LEU I 3606 -63.64 44.83 -63.06
CA LEU I 3606 -62.81 43.73 -62.61
C LEU I 3606 -63.47 43.06 -61.41
N GLU I 3607 -64.02 43.88 -60.54
CA GLU I 3607 -64.73 43.37 -59.39
C GLU I 3607 -66.06 42.78 -59.83
N GLN I 3608 -66.62 43.29 -60.92
CA GLN I 3608 -67.90 42.84 -61.44
C GLN I 3608 -67.79 41.44 -62.01
N THR I 3609 -66.68 41.18 -62.69
CA THR I 3609 -66.46 39.87 -63.29
C THR I 3609 -66.02 38.86 -62.25
N GLU I 3610 -65.60 39.35 -61.10
CA GLU I 3610 -65.13 38.50 -60.01
C GLU I 3610 -66.29 37.72 -59.39
N LEU I 3623 -70.11 15.78 -42.78
CA LEU I 3623 -71.48 15.89 -43.25
C LEU I 3623 -72.46 15.34 -42.21
N LEU I 3624 -73.64 14.94 -42.67
CA LEU I 3624 -74.64 14.37 -41.78
C LEU I 3624 -74.62 12.85 -41.86
N SER I 3625 -74.67 12.21 -40.69
CA SER I 3625 -74.75 10.76 -40.65
C SER I 3625 -76.16 10.31 -41.03
N LYS I 3626 -76.28 9.00 -41.29
CA LYS I 3626 -77.51 8.44 -41.83
C LYS I 3626 -78.69 8.55 -40.87
N GLN I 3627 -78.49 8.20 -39.59
CA GLN I 3627 -79.56 8.34 -38.62
C GLN I 3627 -79.90 9.79 -38.33
N ARG I 3628 -78.95 10.72 -38.54
CA ARG I 3628 -79.26 12.12 -38.39
C ARG I 3628 -80.23 12.59 -39.45
N ARG I 3629 -80.15 12.02 -40.65
CA ARG I 3629 -81.09 12.36 -41.70
C ARG I 3629 -82.50 11.90 -41.39
N ARG I 3630 -82.68 10.70 -40.87
CA ARG I 3630 -84.03 10.30 -40.49
C ARG I 3630 -84.48 10.96 -39.20
N ALA I 3631 -83.54 11.44 -38.39
CA ALA I 3631 -83.92 12.17 -37.19
C ALA I 3631 -84.54 13.52 -37.53
N VAL I 3632 -83.92 14.25 -38.45
CA VAL I 3632 -84.41 15.58 -38.79
C VAL I 3632 -85.68 15.47 -39.62
N VAL I 3633 -85.91 14.34 -40.27
CA VAL I 3633 -87.18 14.13 -40.98
C VAL I 3633 -88.32 13.97 -39.99
N ALA I 3634 -88.18 13.06 -39.02
CA ALA I 3634 -89.23 12.81 -38.06
C ALA I 3634 -89.34 13.89 -37.00
N CYS I 3635 -88.44 14.87 -37.01
CA CYS I 3635 -88.47 15.93 -36.02
C CYS I 3635 -89.68 16.85 -36.18
N PHE I 3636 -90.31 16.82 -37.34
CA PHE I 3636 -91.41 17.74 -37.63
C PHE I 3636 -92.77 17.18 -37.27
N ARG I 3637 -92.91 15.86 -37.23
CA ARG I 3637 -94.20 15.24 -36.97
C ARG I 3637 -94.43 14.94 -35.50
N MET I 3638 -93.81 15.71 -34.61
CA MET I 3638 -93.94 15.45 -33.18
C MET I 3638 -95.30 15.89 -32.68
N THR I 3639 -96.00 14.97 -32.01
CA THR I 3639 -97.33 15.26 -31.51
C THR I 3639 -97.27 16.20 -30.31
N PRO I 3640 -98.27 17.04 -30.11
CA PRO I 3640 -98.30 17.92 -28.93
C PRO I 3640 -98.77 17.16 -27.69
N LEU I 3641 -98.64 17.84 -26.55
CA LEU I 3641 -98.94 17.23 -25.26
C LEU I 3641 -100.43 17.00 -25.05
N TYR I 3642 -101.27 17.91 -25.53
CA TYR I 3642 -102.70 17.78 -25.29
C TYR I 3642 -103.32 16.67 -26.14
N ASN I 3643 -102.62 16.22 -27.18
CA ASN I 3643 -103.04 15.06 -27.93
C ASN I 3643 -102.72 13.75 -27.21
N LEU I 3644 -101.83 13.78 -26.24
CA LEU I 3644 -101.40 12.58 -25.55
C LEU I 3644 -102.45 12.13 -24.54
N PRO I 3645 -102.53 10.83 -24.26
CA PRO I 3645 -103.30 10.38 -23.09
C PRO I 3645 -102.64 10.85 -21.81
N THR I 3646 -103.50 11.15 -20.83
CA THR I 3646 -103.06 11.88 -19.64
C THR I 3646 -102.16 11.04 -18.74
N HIS I 3647 -102.26 9.72 -18.79
CA HIS I 3647 -101.45 8.90 -17.90
C HIS I 3647 -99.99 8.89 -18.34
N ARG I 3648 -99.75 8.86 -19.64
CA ARG I 3648 -98.38 8.98 -20.12
C ARG I 3648 -97.83 10.38 -19.89
N ALA I 3649 -98.70 11.39 -19.96
CA ALA I 3649 -98.29 12.75 -19.64
C ALA I 3649 -97.86 12.91 -18.19
N CYS I 3650 -98.51 12.18 -17.28
CA CYS I 3650 -98.06 12.19 -15.90
C CYS I 3650 -96.74 11.47 -15.74
N ASN I 3651 -96.50 10.44 -16.56
CA ASN I 3651 -95.28 9.63 -16.43
C ASN I 3651 -94.03 10.43 -16.76
N MET I 3652 -94.04 11.16 -17.88
CA MET I 3652 -92.89 11.99 -18.23
C MET I 3652 -92.72 13.17 -17.28
N PHE I 3653 -93.80 13.60 -16.64
CA PHE I 3653 -93.72 14.64 -15.64
C PHE I 3653 -92.89 14.23 -14.43
N LEU I 3654 -93.10 13.01 -13.93
CA LEU I 3654 -92.33 12.52 -12.80
C LEU I 3654 -90.86 12.37 -13.16
N GLU I 3655 -90.58 11.93 -14.38
CA GLU I 3655 -89.21 11.90 -14.85
C GLU I 3655 -88.65 13.30 -15.05
N SER I 3656 -89.52 14.29 -15.20
CA SER I 3656 -89.05 15.67 -15.29
C SER I 3656 -88.99 16.32 -13.92
N TYR I 3657 -90.06 16.16 -13.12
CA TYR I 3657 -90.18 16.90 -11.86
C TYR I 3657 -89.15 16.47 -10.85
N LYS I 3658 -88.82 15.19 -10.82
CA LYS I 3658 -87.73 14.72 -9.99
C LYS I 3658 -86.40 15.25 -10.51
N ALA I 3659 -86.27 15.37 -11.82
CA ALA I 3659 -85.01 15.76 -12.42
C ALA I 3659 -84.68 17.23 -12.23
N ALA I 3660 -85.69 18.09 -12.20
CA ALA I 3660 -85.44 19.52 -12.14
C ALA I 3660 -85.73 20.14 -10.78
N TRP I 3661 -86.42 19.45 -9.90
CA TRP I 3661 -86.75 20.03 -8.60
C TRP I 3661 -86.21 19.22 -7.43
N ILE I 3662 -86.52 17.93 -7.38
CA ILE I 3662 -86.17 17.13 -6.22
C ILE I 3662 -84.69 16.80 -6.19
N LEU I 3663 -84.12 16.48 -7.35
CA LEU I 3663 -82.69 16.22 -7.42
C LEU I 3663 -81.89 17.48 -7.14
N THR I 3664 -82.40 18.62 -7.54
CA THR I 3664 -81.69 19.89 -7.36
C THR I 3664 -81.70 20.36 -5.91
N GLU I 3665 -82.53 19.77 -5.05
CA GLU I 3665 -82.72 20.29 -3.71
C GLU I 3665 -81.54 19.95 -2.82
N ASP I 3666 -81.12 20.91 -2.01
CA ASP I 3666 -80.01 20.76 -1.10
C ASP I 3666 -80.50 20.86 0.34
N HIS I 3667 -79.79 20.19 1.24
CA HIS I 3667 -80.08 20.20 2.67
C HIS I 3667 -78.84 19.73 3.41
N SER I 3668 -78.77 20.04 4.69
CA SER I 3668 -77.54 19.85 5.45
C SER I 3668 -77.74 18.91 6.62
N PHE I 3669 -78.42 17.79 6.40
CA PHE I 3669 -78.65 16.84 7.47
C PHE I 3669 -77.41 16.06 7.88
N GLU I 3670 -76.31 16.19 7.14
CA GLU I 3670 -75.16 15.35 7.39
C GLU I 3670 -74.39 15.75 8.64
N ASP I 3671 -74.60 16.98 9.13
CA ASP I 3671 -73.90 17.35 10.36
C ASP I 3671 -74.80 17.20 11.58
N ARG I 3672 -76.09 17.47 11.43
CA ARG I 3672 -76.99 17.35 12.58
C ARG I 3672 -77.37 15.91 12.87
N MET I 3673 -76.83 14.94 12.12
CA MET I 3673 -76.93 13.56 12.56
C MET I 3673 -75.75 13.18 13.44
N ILE I 3674 -74.54 13.51 13.01
CA ILE I 3674 -73.34 12.92 13.59
C ILE I 3674 -73.10 13.42 15.01
N ASP I 3675 -73.59 14.62 15.33
CA ASP I 3675 -73.49 15.15 16.68
C ASP I 3675 -74.22 14.29 17.70
N ASP I 3676 -75.47 13.94 17.43
CA ASP I 3676 -76.24 13.20 18.42
C ASP I 3676 -75.82 11.74 18.47
N LEU I 3677 -75.23 11.21 17.40
CA LEU I 3677 -74.61 9.91 17.50
C LEU I 3677 -73.32 9.96 18.28
N SER I 3678 -72.74 11.15 18.47
CA SER I 3678 -71.55 11.28 19.27
C SER I 3678 -71.85 11.75 20.69
N LYS I 3679 -72.82 12.65 20.85
CA LYS I 3679 -73.08 13.22 22.17
C LYS I 3679 -73.86 12.31 23.09
N ALA I 3680 -74.49 11.26 22.55
CA ALA I 3680 -75.38 10.45 23.35
C ALA I 3680 -74.65 9.45 24.23
N GLY I 3681 -73.32 9.36 24.13
CA GLY I 3681 -72.56 8.60 25.11
C GLY I 3681 -72.64 9.19 26.49
N GLU I 3682 -72.84 10.51 26.58
CA GLU I 3682 -73.18 11.19 27.81
C GLU I 3682 -74.61 10.84 28.19
N GLN I 3683 -74.80 10.34 29.41
CA GLN I 3683 -76.11 9.98 29.91
C GLN I 3683 -76.04 9.98 31.43
N GLU I 3684 -77.16 9.62 32.06
CA GLU I 3684 -77.21 9.52 33.50
C GLU I 3684 -76.68 8.18 33.96
N LYS I 3693 -67.28 3.30 30.31
CA LYS I 3693 -66.47 2.63 29.31
C LYS I 3693 -67.33 2.03 28.21
N LYS I 3694 -68.62 2.32 28.26
CA LYS I 3694 -69.49 1.82 27.21
C LYS I 3694 -69.31 2.63 25.93
N PRO I 3695 -69.39 2.00 24.77
CA PRO I 3695 -69.16 2.73 23.52
C PRO I 3695 -70.28 3.69 23.20
N ASP I 3696 -69.97 4.63 22.31
CA ASP I 3696 -70.91 5.64 21.89
C ASP I 3696 -71.83 5.06 20.81
N PRO I 3697 -72.96 5.73 20.55
CA PRO I 3697 -73.81 5.29 19.42
C PRO I 3697 -73.09 5.30 18.09
N LEU I 3698 -72.32 6.34 17.80
CA LEU I 3698 -71.48 6.33 16.62
C LEU I 3698 -70.39 5.28 16.74
N HIS I 3699 -69.83 5.11 17.93
CA HIS I 3699 -68.74 4.17 18.12
C HIS I 3699 -69.21 2.73 17.99
N GLN I 3700 -70.48 2.48 18.27
CA GLN I 3700 -71.04 1.15 17.98
C GLN I 3700 -71.11 0.90 16.50
N LEU I 3701 -71.40 1.94 15.72
CA LEU I 3701 -71.67 1.77 14.30
C LEU I 3701 -70.43 1.37 13.53
N VAL I 3702 -69.32 2.08 13.74
CA VAL I 3702 -68.13 1.76 12.97
C VAL I 3702 -67.47 0.50 13.50
N LEU I 3703 -67.83 0.07 14.70
CA LEU I 3703 -67.44 -1.27 15.12
C LEU I 3703 -68.16 -2.32 14.30
N HIS I 3704 -69.43 -2.09 14.00
CA HIS I 3704 -70.20 -3.07 13.25
C HIS I 3704 -69.75 -3.14 11.81
N PHE I 3705 -69.42 -2.00 11.22
CA PHE I 3705 -68.87 -2.00 9.87
C PHE I 3705 -67.48 -2.61 9.82
N SER I 3706 -66.74 -2.53 10.91
CA SER I 3706 -65.47 -3.23 10.95
C SER I 3706 -65.66 -4.73 11.02
N ARG I 3707 -66.70 -5.18 11.71
CA ARG I 3707 -66.92 -6.62 11.86
C ARG I 3707 -67.34 -7.27 10.56
N THR I 3708 -68.12 -6.58 9.74
CA THR I 3708 -68.51 -7.15 8.46
C THR I 3708 -67.40 -7.07 7.43
N ALA I 3709 -66.31 -6.38 7.73
CA ALA I 3709 -65.19 -6.33 6.80
C ALA I 3709 -64.13 -7.39 7.11
N LEU I 3710 -64.30 -8.14 8.20
CA LEU I 3710 -63.29 -9.09 8.60
C LEU I 3710 -63.70 -10.54 8.39
N THR I 3711 -64.97 -10.79 8.06
CA THR I 3711 -65.42 -12.15 7.80
C THR I 3711 -64.83 -12.64 6.48
N GLU I 3712 -64.41 -13.89 6.47
CA GLU I 3712 -63.70 -14.45 5.32
C GLU I 3712 -64.70 -14.68 4.18
N LYS I 3713 -64.63 -13.82 3.17
CA LYS I 3713 -65.37 -14.02 1.94
C LYS I 3713 -64.45 -13.69 0.79
N SER I 3714 -64.71 -14.32 -0.36
CA SER I 3714 -63.86 -14.08 -1.52
C SER I 3714 -64.06 -12.67 -2.06
N LYS I 3715 -65.30 -12.30 -2.35
CA LYS I 3715 -65.58 -10.98 -2.88
C LYS I 3715 -66.11 -10.10 -1.77
N LEU I 3716 -66.23 -8.82 -2.08
CA LEU I 3716 -66.78 -7.84 -1.15
C LEU I 3716 -68.13 -7.41 -1.65
N ASP I 3717 -69.18 -7.90 -1.01
CA ASP I 3717 -70.55 -7.65 -1.42
C ASP I 3717 -70.92 -6.18 -1.29
N GLU I 3718 -71.59 -5.67 -2.33
CA GLU I 3718 -71.90 -4.26 -2.41
C GLU I 3718 -73.10 -3.94 -1.52
N ASP I 3719 -72.82 -3.48 -0.31
CA ASP I 3719 -73.88 -3.02 0.59
C ASP I 3719 -74.23 -1.58 0.26
N TYR I 3720 -75.51 -1.33 0.04
CA TYR I 3720 -75.94 0.05 -0.16
C TYR I 3720 -75.99 0.82 1.15
N LEU I 3721 -76.17 0.11 2.27
CA LEU I 3721 -76.29 0.79 3.55
C LEU I 3721 -74.95 1.37 3.99
N TYR I 3722 -73.87 0.63 3.81
CA TYR I 3722 -72.54 1.15 4.14
C TYR I 3722 -72.17 2.32 3.26
N MET I 3723 -72.55 2.28 1.98
CA MET I 3723 -72.31 3.42 1.13
C MET I 3723 -73.22 4.58 1.49
N ALA I 3724 -74.36 4.29 2.10
CA ALA I 3724 -75.21 5.37 2.58
C ALA I 3724 -74.63 6.03 3.82
N TYR I 3725 -73.76 5.34 4.54
CA TYR I 3725 -73.11 5.94 5.69
C TYR I 3725 -71.67 6.34 5.43
N ALA I 3726 -71.11 5.92 4.29
CA ALA I 3726 -69.74 6.31 4.01
C ALA I 3726 -69.67 7.79 3.65
N ASP I 3727 -70.63 8.29 2.90
CA ASP I 3727 -70.60 9.69 2.51
C ASP I 3727 -71.03 10.62 3.64
N ILE I 3728 -71.93 10.16 4.52
CA ILE I 3728 -72.42 11.00 5.59
C ILE I 3728 -71.32 11.30 6.58
N MET I 3729 -70.52 10.29 6.93
CA MET I 3729 -69.34 10.55 7.72
C MET I 3729 -68.27 11.28 6.93
N ALA I 3730 -68.27 11.18 5.61
CA ALA I 3730 -67.30 11.91 4.82
C ALA I 3730 -67.62 13.41 4.79
N LYS I 3731 -68.91 13.75 4.74
CA LYS I 3731 -69.31 15.14 4.70
C LYS I 3731 -69.25 15.83 6.06
N SER I 3732 -68.81 15.14 7.10
CA SER I 3732 -68.66 15.80 8.39
C SER I 3732 -67.38 16.63 8.46
N CYS I 3733 -66.50 16.47 7.49
CA CYS I 3733 -65.27 17.24 7.46
C CYS I 3733 -65.18 18.19 6.27
N HIS I 3734 -66.04 18.02 5.27
CA HIS I 3734 -66.02 18.88 4.09
C HIS I 3734 -66.64 20.24 4.33
N LEU I 3735 -67.33 20.43 5.46
CA LEU I 3735 -67.78 21.77 5.81
C LEU I 3735 -66.61 22.68 6.11
N GLU I 3736 -65.53 22.12 6.67
CA GLU I 3736 -64.31 22.86 6.92
C GLU I 3736 -63.24 22.59 5.86
N GLU I 3737 -63.45 21.62 4.98
CA GLU I 3737 -62.50 21.33 3.92
C GLU I 3737 -62.84 22.12 2.65
N GLU I 3750 -59.02 37.61 0.80
CA GLU I 3750 -58.02 37.95 1.81
C GLU I 3750 -58.46 37.46 3.18
N VAL I 3751 -57.65 36.61 3.80
CA VAL I 3751 -57.96 36.04 5.10
C VAL I 3751 -56.92 36.50 6.11
N SER I 3752 -57.32 36.49 7.37
CA SER I 3752 -56.44 36.83 8.47
C SER I 3752 -55.58 35.62 8.83
N PHE I 3753 -54.81 35.75 9.92
CA PHE I 3753 -54.01 34.63 10.37
C PHE I 3753 -54.78 33.77 11.35
N GLU I 3754 -55.45 34.38 12.32
CA GLU I 3754 -56.16 33.63 13.34
C GLU I 3754 -57.39 32.93 12.79
N GLU I 3755 -58.15 33.60 11.91
CA GLU I 3755 -59.45 33.09 11.50
C GLU I 3755 -59.34 31.85 10.62
N LYS I 3756 -58.19 31.63 9.99
CA LYS I 3756 -58.01 30.39 9.26
C LYS I 3756 -57.56 29.26 10.17
N GLU I 3757 -56.99 29.59 11.33
CA GLU I 3757 -56.60 28.54 12.27
C GLU I 3757 -57.80 27.90 12.93
N MET I 3758 -58.82 28.69 13.28
CA MET I 3758 -60.07 28.11 13.75
C MET I 3758 -60.81 27.40 12.63
N GLU I 3759 -60.63 27.85 11.39
CA GLU I 3759 -61.12 27.05 10.26
C GLU I 3759 -60.27 25.81 10.08
N LYS I 3760 -59.01 25.84 10.51
CA LYS I 3760 -58.21 24.63 10.52
C LYS I 3760 -58.57 23.74 11.71
N GLN I 3761 -58.60 24.30 12.91
CA GLN I 3761 -58.75 23.46 14.10
C GLN I 3761 -60.15 22.89 14.26
N ARG I 3762 -61.17 23.52 13.67
CA ARG I 3762 -62.48 22.91 13.71
C ARG I 3762 -62.52 21.70 12.79
N LEU I 3763 -61.62 21.63 11.82
CA LEU I 3763 -61.49 20.42 11.03
C LEU I 3763 -60.76 19.35 11.81
N LEU I 3764 -59.81 19.73 12.66
CA LEU I 3764 -59.23 18.72 13.54
C LEU I 3764 -60.17 18.31 14.66
N TYR I 3765 -61.21 19.08 14.93
CA TYR I 3765 -62.23 18.62 15.85
C TYR I 3765 -63.07 17.53 15.24
N GLN I 3766 -63.56 17.76 14.02
CA GLN I 3766 -64.39 16.76 13.36
C GLN I 3766 -63.56 15.56 12.92
N GLN I 3767 -62.27 15.76 12.68
CA GLN I 3767 -61.42 14.60 12.43
C GLN I 3767 -61.18 13.80 13.69
N SER I 3768 -61.18 14.46 14.84
CA SER I 3768 -61.07 13.73 16.09
C SER I 3768 -62.36 13.02 16.43
N ARG I 3769 -63.49 13.56 15.98
CA ARG I 3769 -64.78 12.98 16.30
C ARG I 3769 -64.99 11.64 15.61
N LEU I 3770 -64.25 11.35 14.55
CA LEU I 3770 -64.29 10.04 13.94
C LEU I 3770 -63.17 9.13 14.42
N HIS I 3771 -61.92 9.57 14.32
CA HIS I 3771 -60.81 8.63 14.43
C HIS I 3771 -60.43 8.29 15.86
N THR I 3772 -61.03 8.91 16.87
CA THR I 3772 -60.88 8.35 18.19
C THR I 3772 -61.92 7.26 18.45
N ARG I 3773 -62.94 7.19 17.60
CA ARG I 3773 -63.90 6.10 17.67
C ARG I 3773 -63.50 4.94 16.79
N GLY I 3774 -62.25 4.87 16.34
CA GLY I 3774 -61.81 3.77 15.52
C GLY I 3774 -62.19 3.86 14.06
N ALA I 3775 -62.37 5.07 13.54
CA ALA I 3775 -62.69 5.22 12.12
C ALA I 3775 -61.48 5.02 11.22
N ALA I 3776 -60.27 5.03 11.78
CA ALA I 3776 -59.09 4.95 10.94
C ALA I 3776 -58.83 3.54 10.45
N GLU I 3777 -59.13 2.54 11.24
CA GLU I 3777 -58.82 1.18 10.85
C GLU I 3777 -59.97 0.52 10.11
N MET I 3778 -61.18 1.06 10.22
CA MET I 3778 -62.27 0.59 9.38
C MET I 3778 -61.97 0.87 7.91
N VAL I 3779 -61.45 2.06 7.62
CA VAL I 3779 -61.18 2.41 6.23
C VAL I 3779 -59.90 1.74 5.77
N LEU I 3780 -59.12 1.20 6.70
CA LEU I 3780 -57.94 0.46 6.28
C LEU I 3780 -58.24 -1.02 6.09
N GLN I 3781 -59.28 -1.54 6.75
CA GLN I 3781 -59.58 -2.96 6.61
C GLN I 3781 -60.29 -3.24 5.30
N MET I 3782 -61.22 -2.38 4.89
CA MET I 3782 -62.03 -2.65 3.71
C MET I 3782 -61.28 -2.54 2.41
N ILE I 3783 -60.15 -1.82 2.40
CA ILE I 3783 -59.29 -1.88 1.22
C ILE I 3783 -58.64 -3.24 1.13
N SER I 3784 -58.31 -3.85 2.27
CA SER I 3784 -57.82 -5.22 2.24
C SER I 3784 -58.95 -6.20 1.95
N ALA I 3785 -60.18 -5.82 2.27
CA ALA I 3785 -61.33 -6.65 1.98
C ALA I 3785 -61.83 -6.46 0.55
N CYS I 3786 -61.34 -5.45 -0.15
CA CYS I 3786 -61.65 -5.35 -1.58
C CYS I 3786 -60.94 -6.41 -2.38
N LYS I 3787 -59.61 -6.52 -2.20
CA LYS I 3787 -58.73 -7.35 -3.00
C LYS I 3787 -58.86 -7.04 -4.50
N GLY I 3788 -58.96 -5.76 -4.81
CA GLY I 3788 -58.80 -5.35 -6.20
C GLY I 3788 -60.07 -5.15 -6.97
N GLU I 3789 -61.22 -5.45 -6.41
CA GLU I 3789 -62.48 -5.35 -7.14
C GLU I 3789 -62.88 -3.88 -7.18
N THR I 3790 -62.54 -3.20 -8.27
CA THR I 3790 -62.77 -1.77 -8.41
C THR I 3790 -64.24 -1.43 -8.62
N GLY I 3791 -65.03 -1.67 -7.59
CA GLY I 3791 -66.46 -1.45 -7.65
C GLY I 3791 -66.88 -0.09 -7.15
N ALA I 3792 -68.14 -0.01 -6.75
CA ALA I 3792 -68.69 1.24 -6.27
C ALA I 3792 -68.38 1.50 -4.81
N MET I 3793 -68.11 0.46 -4.03
CA MET I 3793 -67.81 0.66 -2.61
C MET I 3793 -66.44 1.27 -2.40
N VAL I 3794 -65.45 0.85 -3.16
CA VAL I 3794 -64.12 1.43 -3.00
C VAL I 3794 -64.06 2.84 -3.55
N SER I 3795 -65.04 3.27 -4.34
CA SER I 3795 -65.22 4.70 -4.53
C SER I 3795 -65.67 5.36 -3.23
N SER I 3796 -66.71 4.84 -2.61
CA SER I 3796 -67.27 5.49 -1.45
C SER I 3796 -66.44 5.29 -0.20
N THR I 3797 -65.52 4.32 -0.19
CA THR I 3797 -64.69 4.21 0.99
C THR I 3797 -63.48 5.12 0.92
N LEU I 3798 -63.15 5.65 -0.26
CA LEU I 3798 -61.95 6.47 -0.31
C LEU I 3798 -62.25 7.93 -0.03
N LYS I 3799 -63.48 8.36 -0.32
CA LYS I 3799 -63.87 9.71 0.05
C LYS I 3799 -63.95 9.89 1.56
N LEU I 3800 -64.22 8.81 2.28
CA LEU I 3800 -64.07 8.87 3.73
C LEU I 3800 -62.62 8.86 4.13
N GLY I 3801 -61.78 8.13 3.38
CA GLY I 3801 -60.37 8.06 3.72
C GLY I 3801 -59.64 9.36 3.48
N ILE I 3802 -60.14 10.19 2.56
CA ILE I 3802 -59.55 11.49 2.38
C ILE I 3802 -59.99 12.45 3.46
N SER I 3803 -61.28 12.46 3.80
CA SER I 3803 -61.79 13.46 4.75
C SER I 3803 -61.35 13.19 6.18
N ILE I 3804 -60.70 12.06 6.44
CA ILE I 3804 -60.02 11.87 7.72
C ILE I 3804 -58.58 12.35 7.62
N LEU I 3805 -57.90 12.05 6.52
CA LEU I 3805 -56.51 12.44 6.36
C LEU I 3805 -56.35 13.72 5.55
N ASN I 3806 -57.40 14.53 5.43
CA ASN I 3806 -57.28 15.80 4.75
C ASN I 3806 -56.49 16.77 5.59
N GLY I 3807 -55.76 17.66 4.94
CA GLY I 3807 -54.93 18.62 5.65
C GLY I 3807 -53.66 18.07 6.24
N GLY I 3808 -53.39 16.78 6.07
CA GLY I 3808 -52.18 16.20 6.61
C GLY I 3808 -52.23 16.05 8.11
N ASN I 3809 -53.22 15.31 8.62
CA ASN I 3809 -53.25 14.99 10.03
C ASN I 3809 -52.13 14.02 10.36
N ALA I 3810 -51.64 14.10 11.59
CA ALA I 3810 -50.48 13.32 11.98
C ALA I 3810 -50.82 12.00 12.65
N GLU I 3811 -51.66 12.03 13.70
CA GLU I 3811 -51.84 10.84 14.51
C GLU I 3811 -52.70 9.78 13.84
N VAL I 3812 -53.45 10.13 12.79
CA VAL I 3812 -54.14 9.09 12.06
C VAL I 3812 -53.14 8.24 11.28
N GLN I 3813 -52.01 8.83 10.88
CA GLN I 3813 -50.94 8.04 10.30
C GLN I 3813 -50.27 7.18 11.36
N GLN I 3814 -50.14 7.71 12.58
CA GLN I 3814 -49.60 6.91 13.66
C GLN I 3814 -50.62 5.88 14.14
N LYS I 3815 -51.90 6.12 13.89
CA LYS I 3815 -52.88 5.08 14.11
C LYS I 3815 -52.94 4.11 12.94
N MET I 3816 -52.21 4.37 11.87
CA MET I 3816 -52.25 3.48 10.73
C MET I 3816 -50.99 2.66 10.55
N LEU I 3817 -49.83 3.19 10.96
CA LEU I 3817 -48.59 2.44 10.76
C LEU I 3817 -48.52 1.23 11.68
N ASP I 3818 -48.88 1.42 12.94
CA ASP I 3818 -48.92 0.33 13.91
C ASP I 3818 -49.90 -0.77 13.51
N TYR I 3819 -51.02 -0.39 12.88
CA TYR I 3819 -51.97 -1.39 12.43
C TYR I 3819 -51.40 -2.24 11.30
N LEU I 3820 -50.55 -1.66 10.46
CA LEU I 3820 -49.89 -2.44 9.43
C LEU I 3820 -48.59 -3.07 9.92
N LYS I 3821 -48.26 -2.91 11.19
CA LYS I 3821 -47.05 -3.50 11.73
C LYS I 3821 -47.31 -4.57 12.77
N ASP I 3822 -48.43 -4.50 13.50
CA ASP I 3822 -48.77 -5.62 14.36
C ASP I 3822 -49.47 -6.74 13.60
N LYS I 3823 -50.12 -6.42 12.48
CA LYS I 3823 -50.90 -7.43 11.77
C LYS I 3823 -50.09 -8.15 10.71
N LYS I 3824 -49.05 -7.48 10.18
CA LYS I 3824 -48.28 -7.94 9.01
C LYS I 3824 -49.19 -8.26 7.83
N GLU I 3825 -50.20 -7.42 7.61
CA GLU I 3825 -51.30 -7.74 6.71
C GLU I 3825 -50.87 -7.52 5.27
N VAL I 3826 -50.19 -8.51 4.71
CA VAL I 3826 -50.06 -8.58 3.26
C VAL I 3826 -51.44 -8.86 2.70
N GLY I 3827 -51.85 -8.05 1.73
CA GLY I 3827 -53.19 -8.15 1.21
C GLY I 3827 -53.77 -6.76 1.09
N PHE I 3828 -53.38 -5.89 2.02
CA PHE I 3828 -53.60 -4.46 1.80
C PHE I 3828 -52.81 -3.96 0.62
N PHE I 3829 -51.50 -4.11 0.69
CA PHE I 3829 -50.59 -3.61 -0.32
C PHE I 3829 -50.78 -4.28 -1.66
N GLN I 3830 -51.18 -5.55 -1.67
CA GLN I 3830 -51.51 -6.19 -2.92
C GLN I 3830 -52.79 -5.64 -3.50
N SER I 3831 -53.78 -5.36 -2.66
CA SER I 3831 -55.00 -4.71 -3.17
C SER I 3831 -54.73 -3.28 -3.59
N ILE I 3832 -53.75 -2.64 -2.95
CA ILE I 3832 -53.28 -1.35 -3.45
C ILE I 3832 -52.69 -1.51 -4.83
N GLN I 3833 -51.86 -2.53 -5.03
CA GLN I 3833 -51.22 -2.74 -6.32
C GLN I 3833 -52.23 -3.18 -7.36
N ALA I 3834 -53.30 -3.86 -6.93
CA ALA I 3834 -54.30 -4.29 -7.89
C ALA I 3834 -55.12 -3.12 -8.44
N LEU I 3835 -55.53 -2.19 -7.57
CA LEU I 3835 -56.24 -1.01 -8.04
C LEU I 3835 -55.39 -0.11 -8.91
N MET I 3836 -54.06 -0.15 -8.74
CA MET I 3836 -53.18 0.71 -9.51
C MET I 3836 -53.17 0.33 -10.98
N GLN I 3837 -53.10 -0.97 -11.29
CA GLN I 3837 -53.01 -1.38 -12.68
C GLN I 3837 -54.32 -1.24 -13.42
N THR I 3838 -55.45 -1.28 -12.73
CA THR I 3838 -56.75 -1.11 -13.38
C THR I 3838 -57.18 0.35 -13.37
N CYS I 3839 -56.27 1.20 -13.81
CA CYS I 3839 -56.55 2.62 -13.99
C CYS I 3839 -56.51 2.94 -15.47
N SER I 3840 -57.63 3.37 -16.01
CA SER I 3840 -57.74 3.66 -17.42
C SER I 3840 -56.90 4.87 -17.79
N VAL I 3841 -56.45 4.90 -19.04
CA VAL I 3841 -55.66 6.00 -19.57
C VAL I 3841 -56.33 6.46 -20.86
N LEU I 3842 -55.71 7.43 -21.54
CA LEU I 3842 -56.20 7.91 -22.82
C LEU I 3842 -56.10 6.79 -23.85
N ASP I 3843 -57.20 6.47 -24.52
CA ASP I 3843 -57.10 5.53 -25.62
C ASP I 3843 -57.21 6.24 -26.95
N LEU I 3844 -57.04 5.49 -28.02
CA LEU I 3844 -57.28 6.01 -29.36
C LEU I 3844 -58.27 5.16 -30.15
N ASN I 3845 -59.12 4.41 -29.45
CA ASN I 3845 -60.11 3.59 -30.13
C ASN I 3845 -61.54 3.90 -29.72
N ALA I 3846 -61.83 3.93 -28.43
CA ALA I 3846 -63.14 4.32 -27.96
C ALA I 3846 -63.38 5.81 -28.08
N PHE I 3847 -62.31 6.58 -28.26
CA PHE I 3847 -62.41 8.02 -28.43
C PHE I 3847 -63.21 8.37 -29.68
N GLU I 3848 -62.89 7.75 -30.80
CA GLU I 3848 -63.69 7.97 -32.00
C GLU I 3848 -64.99 7.20 -31.95
N ARG I 3849 -65.08 6.14 -31.15
CA ARG I 3849 -66.36 5.50 -30.92
C ARG I 3849 -67.33 6.46 -30.26
N GLN I 3850 -66.85 7.20 -29.27
CA GLN I 3850 -67.63 8.29 -28.70
C GLN I 3850 -67.92 9.36 -29.73
N ASN I 3851 -66.96 9.63 -30.60
CA ASN I 3851 -67.13 10.69 -31.58
C ASN I 3851 -68.14 10.30 -32.65
N LYS I 3852 -68.10 9.04 -33.08
CA LYS I 3852 -69.13 8.56 -33.99
C LYS I 3852 -70.48 8.46 -33.28
N ALA I 3853 -70.46 8.13 -31.99
CA ALA I 3853 -71.68 8.23 -31.20
C ALA I 3853 -72.14 9.66 -31.06
N GLU I 3854 -71.21 10.62 -31.02
CA GLU I 3854 -71.56 12.01 -30.88
C GLU I 3854 -72.21 12.59 -32.13
N GLY I 3855 -72.22 11.85 -33.24
CA GLY I 3855 -72.90 12.30 -34.44
C GLY I 3855 -74.40 12.15 -34.40
N LEU I 3856 -74.94 11.64 -33.30
CA LEU I 3856 -76.38 11.45 -33.13
C LEU I 3856 -76.82 12.31 -31.96
N GLY I 3857 -77.87 13.10 -32.17
CA GLY I 3857 -78.29 14.04 -31.14
C GLY I 3857 -79.63 13.73 -30.53
N MET I 3858 -80.55 13.17 -31.32
CA MET I 3858 -81.88 12.82 -30.82
C MET I 3858 -82.36 11.59 -31.57
N VAL I 3859 -82.84 10.62 -30.83
CA VAL I 3859 -83.22 9.32 -31.38
C VAL I 3859 -84.70 9.34 -31.73
N ASN I 3860 -85.08 8.56 -32.74
CA ASN I 3860 -86.44 8.50 -33.28
C ASN I 3860 -87.45 8.03 -32.24
N GLU I 3861 -88.72 8.31 -32.56
CA GLU I 3861 -89.90 7.81 -31.84
C GLU I 3861 -89.95 8.30 -30.40
N ASP I 3862 -89.92 9.63 -30.25
CA ASP I 3862 -90.23 10.36 -29.01
C ASP I 3862 -89.25 10.03 -27.89
N GLY I 3863 -88.06 9.59 -28.29
CA GLY I 3863 -87.03 9.29 -27.32
C GLY I 3863 -85.94 10.34 -27.37
N THR I 3864 -85.19 10.48 -26.29
CA THR I 3864 -84.05 11.39 -26.26
C THR I 3864 -82.78 10.61 -26.03
N VAL I 3865 -81.72 10.97 -26.76
CA VAL I 3865 -80.42 10.38 -26.50
C VAL I 3865 -79.90 10.91 -25.17
N ILE I 3866 -79.91 10.06 -24.16
CA ILE I 3866 -79.42 10.45 -22.85
C ILE I 3866 -77.90 10.49 -22.93
N ASN I 3867 -77.35 11.70 -23.02
CA ASN I 3867 -75.91 11.88 -23.16
C ASN I 3867 -75.16 11.50 -21.89
N ARG I 3868 -75.85 11.47 -20.75
CA ARG I 3868 -75.23 10.96 -19.53
C ARG I 3868 -75.26 9.44 -19.43
N GLN I 3869 -76.13 8.79 -20.20
CA GLN I 3869 -76.17 7.33 -20.22
C GLN I 3869 -74.91 6.77 -20.87
N ASN I 3870 -74.59 7.26 -22.06
CA ASN I 3870 -73.27 6.97 -22.65
C ASN I 3870 -72.18 7.64 -21.83
N GLY I 3871 -72.36 8.93 -21.50
CA GLY I 3871 -71.39 9.65 -20.69
C GLY I 3871 -70.07 9.80 -21.42
N GLU I 3872 -68.99 9.59 -20.68
CA GLU I 3872 -67.67 9.51 -21.26
C GLU I 3872 -67.22 8.05 -21.24
N LYS I 3873 -67.28 7.40 -22.39
CA LYS I 3873 -66.77 6.03 -22.48
C LYS I 3873 -65.26 6.01 -22.35
N VAL I 3874 -64.60 7.09 -22.72
CA VAL I 3874 -63.16 7.24 -22.56
C VAL I 3874 -62.86 7.86 -21.19
N MET I 3875 -62.09 7.12 -20.38
CA MET I 3875 -61.63 7.54 -19.07
C MET I 3875 -62.77 7.94 -18.14
N ALA I 3876 -63.73 7.02 -17.98
CA ALA I 3876 -64.73 7.18 -16.92
C ALA I 3876 -64.16 6.77 -15.57
N ASP I 3877 -62.95 6.23 -15.55
CA ASP I 3877 -62.20 5.83 -14.37
C ASP I 3877 -61.51 7.02 -13.73
N ASP I 3878 -61.71 8.23 -14.26
CA ASP I 3878 -60.88 9.41 -13.99
C ASP I 3878 -60.92 9.85 -12.54
N GLU I 3879 -62.10 10.18 -12.01
CA GLU I 3879 -62.20 10.78 -10.70
C GLU I 3879 -61.88 9.75 -9.61
N PHE I 3880 -62.08 8.47 -9.91
CA PHE I 3880 -61.68 7.45 -8.96
C PHE I 3880 -60.17 7.32 -8.90
N THR I 3881 -59.51 7.19 -10.06
CA THR I 3881 -58.06 6.99 -10.05
C THR I 3881 -57.30 8.24 -9.63
N GLN I 3882 -57.91 9.40 -9.75
CA GLN I 3882 -57.37 10.60 -9.14
C GLN I 3882 -57.50 10.55 -7.64
N ASP I 3883 -58.59 9.95 -7.17
CA ASP I 3883 -58.87 9.98 -5.75
C ASP I 3883 -57.97 9.03 -4.98
N LEU I 3884 -57.47 7.98 -5.64
CA LEU I 3884 -56.61 7.04 -4.94
C LEU I 3884 -55.23 7.64 -4.71
N PHE I 3885 -54.68 8.30 -5.72
CA PHE I 3885 -53.42 9.00 -5.55
C PHE I 3885 -53.54 10.17 -4.59
N ARG I 3886 -54.69 10.84 -4.58
CA ARG I 3886 -54.93 11.89 -3.60
C ARG I 3886 -55.00 11.30 -2.20
N PHE I 3887 -55.57 10.11 -2.06
CA PHE I 3887 -55.40 9.38 -0.81
C PHE I 3887 -53.95 9.02 -0.59
N LEU I 3888 -53.28 8.52 -1.63
CA LEU I 3888 -51.90 8.10 -1.49
C LEU I 3888 -50.94 9.25 -1.21
N GLN I 3889 -51.26 10.44 -1.68
CA GLN I 3889 -50.46 11.60 -1.34
C GLN I 3889 -50.57 11.91 0.14
N LEU I 3890 -51.77 11.72 0.71
CA LEU I 3890 -52.03 12.13 2.07
C LEU I 3890 -51.54 11.15 3.11
N LEU I 3891 -50.80 10.11 2.73
CA LEU I 3891 -50.23 9.23 3.73
C LEU I 3891 -48.85 9.68 4.16
N CYS I 3892 -48.19 10.52 3.38
CA CYS I 3892 -46.91 11.09 3.75
C CYS I 3892 -46.90 12.60 3.60
N GLU I 3893 -47.99 13.25 4.04
CA GLU I 3893 -48.10 14.69 3.89
C GLU I 3893 -47.21 15.41 4.89
N GLY I 3894 -47.18 14.96 6.13
CA GLY I 3894 -46.31 15.56 7.12
C GLY I 3894 -44.88 15.07 7.09
N HIS I 3895 -44.49 14.47 5.95
CA HIS I 3895 -43.13 13.97 5.71
C HIS I 3895 -42.74 12.91 6.72
N ASN I 3896 -43.72 12.08 7.07
CA ASN I 3896 -43.53 11.04 8.08
C ASN I 3896 -42.59 9.97 7.53
N ASN I 3897 -41.34 10.04 7.96
CA ASN I 3897 -40.24 9.33 7.30
C ASN I 3897 -40.36 7.82 7.38
N ASP I 3898 -41.09 7.30 8.37
CA ASP I 3898 -41.34 5.88 8.44
C ASP I 3898 -42.17 5.35 7.27
N PHE I 3899 -43.18 6.11 6.81
CA PHE I 3899 -43.94 5.69 5.63
C PHE I 3899 -43.10 5.79 4.37
N GLN I 3900 -42.15 6.72 4.33
CA GLN I 3900 -41.15 6.71 3.28
C GLN I 3900 -40.30 5.44 3.29
N ASN I 3901 -40.13 4.81 4.44
CA ASN I 3901 -39.46 3.52 4.45
C ASN I 3901 -40.44 2.37 4.59
N TYR I 3902 -41.74 2.67 4.67
CA TYR I 3902 -42.71 1.59 4.67
C TYR I 3902 -43.27 1.33 3.28
N LEU I 3903 -43.53 2.40 2.53
CA LEU I 3903 -44.18 2.26 1.24
C LEU I 3903 -43.26 1.70 0.17
N ARG I 3904 -41.96 1.57 0.45
CA ARG I 3904 -41.13 0.82 -0.48
C ARG I 3904 -40.71 -0.51 0.10
N THR I 3905 -40.85 -0.67 1.41
CA THR I 3905 -40.45 -1.91 2.06
C THR I 3905 -41.35 -2.16 3.26
N GLN I 3906 -42.12 -3.24 3.21
CA GLN I 3906 -42.90 -3.70 4.35
C GLN I 3906 -42.02 -4.71 5.06
N THR I 3907 -41.02 -4.21 5.77
CA THR I 3907 -39.96 -5.06 6.31
C THR I 3907 -40.43 -6.04 7.39
N GLY I 3908 -41.52 -5.73 8.09
CA GLY I 3908 -42.06 -6.68 9.04
C GLY I 3908 -42.79 -7.80 8.34
N ASN I 3909 -43.34 -7.50 7.17
CA ASN I 3909 -44.12 -8.44 6.40
C ASN I 3909 -43.22 -9.48 5.73
N THR I 3910 -43.87 -10.46 5.10
CA THR I 3910 -43.11 -11.46 4.37
C THR I 3910 -42.73 -10.99 2.98
N THR I 3911 -43.58 -10.18 2.35
CA THR I 3911 -43.46 -9.87 0.93
C THR I 3911 -43.63 -8.38 0.73
N THR I 3912 -42.59 -7.72 0.24
CA THR I 3912 -42.65 -6.31 -0.09
C THR I 3912 -43.40 -6.13 -1.41
N ILE I 3913 -43.92 -4.92 -1.61
CA ILE I 3913 -44.62 -4.57 -2.83
C ILE I 3913 -43.95 -3.40 -3.53
N ASN I 3914 -43.48 -2.41 -2.77
CA ASN I 3914 -42.82 -1.20 -3.26
C ASN I 3914 -43.72 -0.42 -4.22
N ILE I 3915 -44.78 0.13 -3.62
CA ILE I 3915 -45.77 0.96 -4.30
C ILE I 3915 -45.13 2.14 -5.00
N ILE I 3916 -44.03 2.65 -4.45
CA ILE I 3916 -43.23 3.69 -5.07
C ILE I 3916 -42.82 3.30 -6.47
N ILE I 3917 -42.36 2.07 -6.65
CA ILE I 3917 -42.08 1.57 -8.00
C ILE I 3917 -43.38 1.40 -8.78
N CYS I 3918 -44.44 0.93 -8.10
CA CYS I 3918 -45.73 0.77 -8.75
C CYS I 3918 -46.35 2.11 -9.13
N THR I 3919 -45.98 3.18 -8.44
CA THR I 3919 -46.45 4.51 -8.83
C THR I 3919 -45.75 4.97 -10.10
N VAL I 3920 -44.49 4.57 -10.27
CA VAL I 3920 -43.76 4.91 -11.48
C VAL I 3920 -44.37 4.22 -12.69
N ASP I 3921 -44.80 2.97 -12.53
CA ASP I 3921 -45.21 2.20 -13.69
C ASP I 3921 -46.56 2.63 -14.21
N TYR I 3922 -47.42 3.18 -13.36
CA TYR I 3922 -48.64 3.78 -13.89
C TYR I 3922 -48.31 5.04 -14.66
N LEU I 3923 -47.32 5.79 -14.18
CA LEU I 3923 -46.94 7.05 -14.81
C LEU I 3923 -46.39 6.83 -16.21
N LEU I 3924 -45.61 5.76 -16.41
CA LEU I 3924 -45.12 5.42 -17.74
C LEU I 3924 -46.26 5.02 -18.65
N ARG I 3925 -47.21 4.23 -18.14
CA ARG I 3925 -48.38 3.88 -18.93
C ARG I 3925 -49.23 5.11 -19.21
N LEU I 3926 -49.22 6.08 -18.32
CA LEU I 3926 -49.83 7.35 -18.65
C LEU I 3926 -49.02 8.11 -19.69
N GLN I 3927 -47.70 7.92 -19.67
CA GLN I 3927 -46.83 8.76 -20.47
C GLN I 3927 -46.95 8.47 -21.96
N GLU I 3928 -46.97 7.19 -22.33
CA GLU I 3928 -47.20 6.90 -23.73
C GLU I 3928 -48.64 7.20 -24.14
N SER I 3929 -49.58 7.06 -23.22
CA SER I 3929 -50.97 7.26 -23.53
C SER I 3929 -51.29 8.73 -23.79
N ILE I 3930 -50.56 9.63 -23.15
CA ILE I 3930 -50.76 11.03 -23.48
C ILE I 3930 -49.96 11.41 -24.72
N SER I 3931 -48.85 10.72 -24.97
CA SER I 3931 -48.01 11.08 -26.11
C SER I 3931 -48.65 10.65 -27.42
N ASP I 3932 -49.33 9.51 -27.42
CA ASP I 3932 -50.00 9.09 -28.64
C ASP I 3932 -51.26 9.91 -28.89
N PHE I 3933 -51.80 10.54 -27.85
CA PHE I 3933 -52.86 11.49 -28.09
C PHE I 3933 -52.35 12.74 -28.77
N TYR I 3934 -51.07 13.03 -28.62
CA TYR I 3934 -50.48 14.16 -29.35
C TYR I 3934 -50.33 13.83 -30.82
N TRP I 3935 -49.94 12.60 -31.14
CA TRP I 3935 -49.67 12.23 -32.52
C TRP I 3935 -50.94 12.14 -33.35
N TYR I 3936 -52.09 11.88 -32.72
CA TYR I 3936 -53.34 11.96 -33.45
C TYR I 3936 -53.66 13.39 -33.82
N TYR I 3937 -53.35 14.33 -32.94
CA TYR I 3937 -53.68 15.72 -33.15
C TYR I 3937 -52.52 16.51 -33.74
N SER I 3938 -51.38 15.86 -33.97
CA SER I 3938 -50.25 16.56 -34.55
C SER I 3938 -50.46 16.90 -36.02
N GLY I 3939 -51.42 16.27 -36.67
CA GLY I 3939 -51.73 16.62 -38.04
C GLY I 3939 -52.86 17.62 -38.13
N LYS I 3940 -53.78 17.58 -37.17
CA LYS I 3940 -54.90 18.50 -37.17
C LYS I 3940 -54.42 19.90 -36.80
N ASP I 3941 -55.20 20.90 -37.23
CA ASP I 3941 -54.83 22.28 -36.96
C ASP I 3941 -55.52 22.80 -35.70
N VAL I 3942 -56.84 22.79 -35.70
CA VAL I 3942 -57.61 23.29 -34.57
C VAL I 3942 -58.05 22.10 -33.73
N ILE I 3943 -58.48 22.39 -32.50
CA ILE I 3943 -58.98 21.39 -31.58
C ILE I 3943 -60.43 21.71 -31.26
N GLU I 3944 -61.29 20.71 -31.35
CA GLU I 3944 -62.70 20.89 -31.05
C GLU I 3944 -62.94 20.82 -29.54
N GLU I 3945 -64.22 20.85 -29.15
CA GLU I 3945 -64.58 20.91 -27.74
C GLU I 3945 -64.30 19.62 -27.00
N GLN I 3946 -64.61 18.46 -27.60
CA GLN I 3946 -64.45 17.21 -26.88
C GLN I 3946 -63.00 16.78 -26.82
N GLY I 3947 -62.16 17.30 -27.71
CA GLY I 3947 -60.75 16.96 -27.72
C GLY I 3947 -60.03 17.52 -26.51
N LYS I 3948 -60.45 18.70 -26.07
CA LYS I 3948 -59.81 19.31 -24.91
C LYS I 3948 -60.31 18.72 -23.60
N ARG I 3949 -61.59 18.35 -23.54
CA ARG I 3949 -62.16 17.80 -22.31
C ARG I 3949 -61.49 16.49 -21.93
N ASN I 3950 -61.15 15.69 -22.95
CA ASN I 3950 -60.29 14.53 -22.74
C ASN I 3950 -58.92 14.94 -22.25
N PHE I 3951 -58.35 15.99 -22.83
CA PHE I 3951 -56.98 16.32 -22.51
C PHE I 3951 -56.92 17.11 -21.21
N SER I 3952 -58.02 17.77 -20.85
CA SER I 3952 -58.12 18.36 -19.53
C SER I 3952 -58.17 17.29 -18.46
N LYS I 3953 -58.74 16.13 -18.77
CA LYS I 3953 -58.85 15.05 -17.79
C LYS I 3953 -57.48 14.47 -17.46
N ALA I 3954 -56.70 14.14 -18.50
CA ALA I 3954 -55.47 13.38 -18.31
C ALA I 3954 -54.39 14.17 -17.60
N MET I 3955 -54.38 15.49 -17.73
CA MET I 3955 -53.38 16.25 -17.01
C MET I 3955 -53.81 16.53 -15.58
N SER I 3956 -55.11 16.62 -15.33
CA SER I 3956 -55.59 16.79 -13.96
C SER I 3956 -55.27 15.57 -13.12
N VAL I 3957 -55.21 14.39 -13.74
CA VAL I 3957 -54.77 13.24 -12.97
C VAL I 3957 -53.25 13.16 -12.98
N ALA I 3958 -52.61 13.83 -13.92
CA ALA I 3958 -51.16 13.85 -13.95
C ALA I 3958 -50.60 14.77 -12.88
N LYS I 3959 -51.25 15.90 -12.64
CA LYS I 3959 -50.83 16.80 -11.57
C LYS I 3959 -51.04 16.16 -10.21
N GLN I 3960 -52.05 15.31 -10.10
CA GLN I 3960 -52.27 14.57 -8.87
C GLN I 3960 -51.16 13.58 -8.63
N VAL I 3961 -50.64 12.95 -9.67
CA VAL I 3961 -49.69 11.88 -9.41
C VAL I 3961 -48.27 12.42 -9.27
N PHE I 3962 -47.94 13.55 -9.90
CA PHE I 3962 -46.65 14.17 -9.62
C PHE I 3962 -46.61 14.72 -8.20
N ASN I 3963 -47.71 15.34 -7.76
CA ASN I 3963 -47.82 15.73 -6.37
C ASN I 3963 -47.77 14.53 -5.44
N SER I 3964 -48.36 13.41 -5.85
CA SER I 3964 -48.26 12.23 -5.01
C SER I 3964 -46.89 11.59 -5.13
N LEU I 3965 -46.19 11.84 -6.22
CA LEU I 3965 -44.80 11.40 -6.31
C LEU I 3965 -43.91 12.18 -5.34
N THR I 3966 -44.02 13.50 -5.32
CA THR I 3966 -43.03 14.28 -4.62
C THR I 3966 -43.17 14.17 -3.11
N GLU I 3967 -44.35 13.79 -2.62
CA GLU I 3967 -44.48 13.57 -1.18
C GLU I 3967 -43.83 12.27 -0.74
N TYR I 3968 -43.41 11.43 -1.68
CA TYR I 3968 -42.52 10.33 -1.32
C TYR I 3968 -41.10 10.82 -1.15
N ILE I 3969 -40.78 12.00 -1.67
CA ILE I 3969 -39.40 12.49 -1.66
C ILE I 3969 -39.29 13.92 -1.17
N GLN I 3970 -40.37 14.55 -0.69
CA GLN I 3970 -40.23 15.88 -0.10
C GLN I 3970 -39.35 15.87 1.13
N GLY I 3971 -39.52 14.88 2.00
CA GLY I 3971 -38.55 14.62 3.02
C GLY I 3971 -37.26 14.17 2.38
N PRO I 3972 -36.14 14.50 2.98
CA PRO I 3972 -34.84 14.10 2.40
C PRO I 3972 -34.48 12.66 2.69
N CYS I 3973 -35.37 11.73 2.35
CA CYS I 3973 -35.14 10.31 2.56
C CYS I 3973 -34.45 9.75 1.33
N THR I 3974 -33.28 9.15 1.51
CA THR I 3974 -32.52 8.64 0.39
C THR I 3974 -33.15 7.41 -0.22
N GLY I 3975 -33.86 6.60 0.59
CA GLY I 3975 -34.32 5.30 0.12
C GLY I 3975 -35.37 5.41 -0.96
N ASN I 3976 -36.12 6.50 -0.98
CA ASN I 3976 -36.94 6.78 -2.14
C ASN I 3976 -36.14 7.40 -3.26
N GLN I 3977 -35.16 8.24 -2.92
CA GLN I 3977 -34.43 8.94 -3.96
C GLN I 3977 -33.40 8.05 -4.62
N GLN I 3978 -33.10 6.89 -4.02
CA GLN I 3978 -32.35 5.87 -4.74
C GLN I 3978 -33.24 5.10 -5.69
N SER I 3979 -34.45 4.73 -5.26
CA SER I 3979 -35.32 3.92 -6.10
C SER I 3979 -35.85 4.72 -7.29
N LEU I 3980 -36.05 6.01 -7.10
CA LEU I 3980 -36.43 6.85 -8.24
C LEU I 3980 -35.25 7.06 -9.18
N ALA I 3981 -34.02 6.86 -8.69
CA ALA I 3981 -32.85 7.05 -9.53
C ALA I 3981 -32.52 5.79 -10.33
N HIS I 3982 -33.30 4.73 -10.19
CA HIS I 3982 -32.98 3.48 -10.86
C HIS I 3982 -34.14 2.92 -11.67
N SER I 3983 -35.28 3.58 -11.69
CA SER I 3983 -36.37 3.15 -12.54
C SER I 3983 -36.20 3.79 -13.92
N ARG I 3984 -37.27 3.75 -14.71
CA ARG I 3984 -37.31 4.46 -15.99
C ARG I 3984 -37.94 5.83 -15.82
N LEU I 3985 -37.79 6.42 -14.63
CA LEU I 3985 -38.40 7.69 -14.31
C LEU I 3985 -37.86 8.81 -15.20
N TRP I 3986 -36.57 8.79 -15.48
CA TRP I 3986 -36.01 9.72 -16.47
C TRP I 3986 -36.62 9.48 -17.83
N ASP I 3987 -36.76 8.21 -18.22
CA ASP I 3987 -37.41 7.90 -19.48
C ASP I 3987 -38.89 8.23 -19.47
N ALA I 3988 -39.50 8.29 -18.29
CA ALA I 3988 -40.83 8.87 -18.21
C ALA I 3988 -40.76 10.38 -18.39
N VAL I 3989 -39.78 11.02 -17.75
CA VAL I 3989 -39.63 12.47 -17.82
C VAL I 3989 -39.28 12.92 -19.24
N VAL I 3990 -38.43 12.15 -19.93
CA VAL I 3990 -38.04 12.46 -21.31
C VAL I 3990 -39.25 12.49 -22.22
N GLY I 3991 -40.16 11.52 -22.05
CA GLY I 3991 -41.40 11.55 -22.79
C GLY I 3991 -42.28 12.71 -22.42
N PHE I 3992 -42.27 13.10 -21.14
CA PHE I 3992 -42.99 14.31 -20.76
C PHE I 3992 -42.30 15.56 -21.29
N LEU I 3993 -40.96 15.51 -21.40
CA LEU I 3993 -40.27 16.63 -22.00
C LEU I 3993 -40.59 16.78 -23.48
N HIS I 3994 -40.80 15.66 -24.18
CA HIS I 3994 -41.07 15.76 -25.61
C HIS I 3994 -42.50 16.19 -25.87
N VAL I 3995 -43.44 15.82 -25.01
CA VAL I 3995 -44.81 16.26 -25.25
C VAL I 3995 -44.97 17.72 -24.88
N PHE I 3996 -44.16 18.24 -23.97
CA PHE I 3996 -44.34 19.62 -23.54
C PHE I 3996 -43.83 20.60 -24.58
N ALA I 3997 -42.71 20.31 -25.20
CA ALA I 3997 -42.14 21.21 -26.19
C ALA I 3997 -42.97 21.27 -27.46
N HIS I 3998 -43.79 20.27 -27.70
CA HIS I 3998 -44.56 20.27 -28.93
C HIS I 3998 -46.01 20.65 -28.73
N MET I 3999 -46.54 20.46 -27.53
CA MET I 3999 -47.92 20.85 -27.29
C MET I 3999 -48.11 22.35 -27.28
N MET I 4000 -47.20 23.08 -26.63
CA MET I 4000 -47.30 24.54 -26.55
C MET I 4000 -47.17 25.18 -27.91
N MET I 4001 -46.12 24.84 -28.65
CA MET I 4001 -45.84 25.42 -29.94
C MET I 4001 -46.86 25.06 -31.00
N LYS I 4002 -47.71 24.07 -30.75
CA LYS I 4002 -48.94 23.94 -31.48
C LYS I 4002 -50.08 24.72 -30.84
N LEU I 4003 -50.18 24.72 -29.52
CA LEU I 4003 -51.30 25.39 -28.86
C LEU I 4003 -51.15 26.90 -28.80
N ALA I 4004 -50.02 27.44 -29.21
CA ALA I 4004 -49.83 28.89 -29.16
C ALA I 4004 -50.45 29.62 -30.34
N GLN I 4005 -51.31 28.98 -31.13
CA GLN I 4005 -51.78 29.57 -32.37
C GLN I 4005 -53.26 29.88 -32.37
N ASP I 4006 -53.87 30.07 -31.20
CA ASP I 4006 -55.25 30.51 -31.14
C ASP I 4006 -55.51 31.19 -29.81
N SER I 4007 -56.52 32.05 -29.82
CA SER I 4007 -57.09 32.58 -28.60
C SER I 4007 -57.99 31.58 -27.88
N SER I 4008 -58.67 30.71 -28.61
CA SER I 4008 -59.56 29.72 -28.02
C SER I 4008 -58.82 28.45 -27.57
N GLN I 4009 -57.50 28.47 -27.52
CA GLN I 4009 -56.71 27.37 -27.00
C GLN I 4009 -56.02 27.72 -25.70
N ILE I 4010 -56.31 28.89 -25.15
CA ILE I 4010 -55.50 29.37 -24.02
C ILE I 4010 -55.96 28.75 -22.71
N GLU I 4011 -57.20 28.27 -22.64
CA GLU I 4011 -57.69 27.63 -21.42
C GLU I 4011 -56.93 26.35 -21.12
N LEU I 4012 -56.55 25.62 -22.15
CA LEU I 4012 -55.79 24.39 -21.98
C LEU I 4012 -54.35 24.65 -21.61
N LEU I 4013 -53.75 25.71 -22.14
CA LEU I 4013 -52.31 25.88 -22.03
C LEU I 4013 -51.89 26.33 -20.64
N LYS I 4014 -52.76 27.07 -19.93
CA LYS I 4014 -52.48 27.43 -18.55
C LYS I 4014 -52.38 26.20 -17.67
N GLU I 4015 -53.15 25.17 -17.99
CA GLU I 4015 -53.08 23.93 -17.24
C GLU I 4015 -51.77 23.22 -17.49
N LEU I 4016 -51.23 23.32 -18.70
CA LEU I 4016 -50.01 22.62 -19.04
C LEU I 4016 -48.80 23.22 -18.31
N LEU I 4017 -48.77 24.55 -18.19
CA LEU I 4017 -47.67 25.21 -17.49
C LEU I 4017 -47.68 24.87 -16.01
N ASP I 4018 -48.87 24.80 -15.41
CA ASP I 4018 -48.97 24.41 -14.01
C ASP I 4018 -48.61 22.95 -13.80
N LEU I 4019 -48.71 22.13 -14.84
CA LEU I 4019 -48.31 20.74 -14.70
C LEU I 4019 -46.78 20.62 -14.63
N GLN I 4020 -46.08 21.24 -15.57
CA GLN I 4020 -44.62 21.12 -15.59
C GLN I 4020 -43.96 21.95 -14.52
N LYS I 4021 -44.66 22.94 -13.95
CA LYS I 4021 -44.23 23.53 -12.70
C LYS I 4021 -44.15 22.47 -11.61
N ASP I 4022 -45.17 21.63 -11.52
CA ASP I 4022 -45.18 20.58 -10.52
C ASP I 4022 -44.23 19.45 -10.86
N MET I 4023 -43.83 19.33 -12.12
CA MET I 4023 -42.86 18.31 -12.47
C MET I 4023 -41.47 18.71 -12.04
N VAL I 4024 -41.09 19.98 -12.27
CA VAL I 4024 -39.73 20.37 -11.97
C VAL I 4024 -39.54 20.56 -10.48
N VAL I 4025 -40.61 20.78 -9.73
CA VAL I 4025 -40.46 20.85 -8.29
C VAL I 4025 -40.27 19.44 -7.73
N MET I 4026 -40.73 18.42 -8.46
CA MET I 4026 -40.37 17.06 -8.10
C MET I 4026 -38.90 16.81 -8.35
N LEU I 4027 -38.36 17.37 -9.43
CA LEU I 4027 -36.94 17.28 -9.70
C LEU I 4027 -36.12 18.01 -8.65
N LEU I 4028 -36.61 19.15 -8.18
CA LEU I 4028 -35.94 19.88 -7.12
C LEU I 4028 -35.97 19.12 -5.82
N SER I 4029 -37.15 18.59 -5.44
CA SER I 4029 -37.22 17.77 -4.24
C SER I 4029 -36.53 16.44 -4.40
N LEU I 4030 -36.32 15.97 -5.64
CA LEU I 4030 -35.41 14.86 -5.82
C LEU I 4030 -33.96 15.30 -5.61
N LEU I 4031 -33.64 16.52 -5.99
CA LEU I 4031 -32.28 17.03 -5.86
C LEU I 4031 -32.04 17.74 -4.54
N GLU I 4032 -32.80 17.43 -3.50
CA GLU I 4032 -32.47 17.95 -2.18
C GLU I 4032 -31.73 16.87 -1.41
N GLY I 4033 -30.94 17.30 -0.44
CA GLY I 4033 -29.99 16.39 0.17
C GLY I 4033 -28.88 16.04 -0.80
N ASN I 4034 -28.60 16.92 -1.76
CA ASN I 4034 -27.71 16.64 -2.87
C ASN I 4034 -26.28 17.03 -2.49
N VAL I 4035 -25.34 16.20 -2.88
CA VAL I 4035 -23.94 16.56 -2.74
C VAL I 4035 -23.55 17.35 -3.99
N VAL I 4036 -22.43 18.07 -3.91
CA VAL I 4036 -21.86 18.83 -5.01
C VAL I 4036 -21.65 18.01 -6.28
N ASN I 4037 -21.00 16.85 -6.18
CA ASN I 4037 -20.77 15.99 -7.34
C ASN I 4037 -21.36 14.63 -6.99
N GLY I 4038 -22.65 14.48 -7.22
CA GLY I 4038 -23.34 13.23 -6.97
C GLY I 4038 -24.01 12.74 -8.23
N MET I 4039 -24.24 11.42 -8.30
CA MET I 4039 -24.77 10.80 -9.50
C MET I 4039 -26.19 11.23 -9.81
N ILE I 4040 -26.97 11.63 -8.80
CA ILE I 4040 -28.30 12.19 -9.04
C ILE I 4040 -28.19 13.48 -9.83
N ALA I 4041 -27.19 14.29 -9.53
CA ALA I 4041 -26.94 15.49 -10.32
C ALA I 4041 -26.45 15.13 -11.71
N ARG I 4042 -25.65 14.06 -11.83
CA ARG I 4042 -25.14 13.68 -13.13
C ARG I 4042 -26.17 12.94 -13.95
N GLN I 4043 -27.08 12.20 -13.32
CA GLN I 4043 -28.19 11.65 -14.07
C GLN I 4043 -29.22 12.70 -14.45
N MET I 4044 -29.20 13.85 -13.77
CA MET I 4044 -30.12 14.90 -14.14
C MET I 4044 -29.68 15.62 -15.40
N VAL I 4045 -28.36 15.75 -15.60
CA VAL I 4045 -27.89 16.63 -16.67
C VAL I 4045 -27.87 15.89 -18.02
N ASP I 4046 -27.47 14.62 -18.05
CA ASP I 4046 -27.47 13.91 -19.31
C ASP I 4046 -28.86 13.57 -19.80
N MET I 4047 -29.80 13.37 -18.87
CA MET I 4047 -31.20 13.27 -19.23
C MET I 4047 -31.70 14.55 -19.89
N LEU I 4048 -31.18 15.69 -19.44
CA LEU I 4048 -31.48 16.93 -20.13
C LEU I 4048 -30.79 17.01 -21.49
N VAL I 4049 -29.65 16.35 -21.67
CA VAL I 4049 -29.00 16.37 -22.98
C VAL I 4049 -29.35 15.16 -23.82
N GLU I 4050 -29.89 14.09 -23.22
CA GLU I 4050 -30.57 13.09 -24.02
C GLU I 4050 -31.89 13.63 -24.55
N SER I 4051 -32.42 14.68 -23.92
CA SER I 4051 -33.61 15.37 -24.36
C SER I 4051 -33.25 16.80 -24.74
N SER I 4052 -32.23 16.93 -25.60
CA SER I 4052 -31.76 18.25 -25.98
C SER I 4052 -32.77 19.00 -26.83
N SER I 4053 -33.05 18.49 -28.03
CA SER I 4053 -33.61 19.28 -29.13
C SER I 4053 -35.00 19.80 -28.79
N ASN I 4054 -35.73 19.09 -27.95
CA ASN I 4054 -36.94 19.64 -27.38
C ASN I 4054 -36.70 20.62 -26.23
N VAL I 4055 -35.68 20.42 -25.39
CA VAL I 4055 -35.57 21.29 -24.22
C VAL I 4055 -35.03 22.66 -24.59
N GLU I 4056 -34.42 22.83 -25.77
CA GLU I 4056 -34.15 24.19 -26.20
C GLU I 4056 -35.38 24.81 -26.82
N MET I 4057 -36.23 24.00 -27.45
CA MET I 4057 -37.48 24.51 -27.99
C MET I 4057 -38.40 25.03 -26.91
N ILE I 4058 -38.36 24.44 -25.72
CA ILE I 4058 -39.09 25.06 -24.62
C ILE I 4058 -38.31 26.24 -24.07
N LEU I 4059 -36.97 26.18 -24.12
CA LEU I 4059 -36.16 27.30 -23.69
C LEU I 4059 -36.25 28.48 -24.61
N LYS I 4060 -36.28 28.25 -25.93
CA LYS I 4060 -36.44 29.35 -26.86
C LYS I 4060 -37.85 29.92 -26.81
N PHE I 4061 -38.84 29.12 -26.39
CA PHE I 4061 -40.18 29.65 -26.23
C PHE I 4061 -40.25 30.61 -25.05
N PHE I 4062 -39.58 30.26 -23.95
CA PHE I 4062 -39.39 31.21 -22.87
C PHE I 4062 -38.52 32.40 -23.27
N ASP I 4063 -37.57 32.19 -24.17
CA ASP I 4063 -36.65 33.25 -24.54
C ASP I 4063 -37.30 34.24 -25.50
N MET I 4064 -38.12 33.76 -26.42
CA MET I 4064 -38.78 34.65 -27.36
C MET I 4064 -39.94 35.40 -26.72
N PHE I 4065 -40.68 34.77 -25.82
CA PHE I 4065 -41.85 35.41 -25.25
C PHE I 4065 -41.52 36.27 -24.04
N LEU I 4066 -40.23 36.49 -23.77
CA LEU I 4066 -39.80 37.40 -22.72
C LEU I 4066 -39.18 38.67 -23.28
N LYS I 4067 -38.42 38.57 -24.37
CA LYS I 4067 -37.91 39.74 -25.05
C LYS I 4067 -38.99 40.47 -25.83
N LEU I 4068 -40.13 39.82 -26.07
CA LEU I 4068 -41.25 40.46 -26.74
C LEU I 4068 -41.82 41.62 -25.93
N LYS I 4069 -41.80 41.49 -24.60
CA LYS I 4069 -42.27 42.60 -23.77
C LYS I 4069 -41.23 43.72 -23.69
N ASP I 4070 -39.95 43.36 -23.67
CA ASP I 4070 -38.91 44.38 -23.59
C ASP I 4070 -38.74 45.13 -24.89
N ILE I 4071 -39.00 44.50 -26.02
CA ILE I 4071 -38.88 45.17 -27.31
C ILE I 4071 -40.03 46.15 -27.52
N VAL I 4072 -41.25 45.74 -27.18
CA VAL I 4072 -42.42 46.58 -27.41
C VAL I 4072 -42.48 47.78 -26.46
N GLY I 4073 -41.68 47.77 -25.40
CA GLY I 4073 -41.51 48.93 -24.56
C GLY I 4073 -40.69 50.04 -25.15
N SER I 4074 -40.00 49.80 -26.27
CA SER I 4074 -39.20 50.83 -26.91
C SER I 4074 -40.09 51.74 -27.75
N GLU I 4075 -39.66 53.00 -27.87
CA GLU I 4075 -40.45 54.00 -28.60
C GLU I 4075 -40.26 53.91 -30.11
N ALA I 4076 -39.33 53.07 -30.58
CA ALA I 4076 -39.05 52.95 -32.01
C ALA I 4076 -40.21 52.32 -32.76
N PHE I 4077 -41.06 51.58 -32.05
CA PHE I 4077 -42.16 50.87 -32.67
C PHE I 4077 -43.50 51.51 -32.36
N GLN I 4078 -43.60 52.23 -31.24
CA GLN I 4078 -44.71 53.16 -31.04
C GLN I 4078 -44.67 54.30 -32.03
N ASP I 4079 -43.49 54.66 -32.52
CA ASP I 4079 -43.36 55.52 -33.68
C ASP I 4079 -43.65 54.78 -34.99
N TYR I 4080 -43.50 53.46 -35.01
CA TYR I 4080 -43.80 52.72 -36.22
C TYR I 4080 -45.29 52.53 -36.42
N VAL I 4081 -46.09 52.67 -35.37
CA VAL I 4081 -47.54 52.68 -35.50
C VAL I 4081 -48.01 54.14 -35.57
N THR I 4082 -48.93 54.40 -36.49
CA THR I 4082 -49.52 55.73 -36.62
C THR I 4082 -51.02 55.69 -36.33
N ASP I 4083 -51.56 54.54 -35.96
CA ASP I 4083 -52.97 54.45 -35.64
C ASP I 4083 -53.22 55.07 -34.27
N PRO I 4084 -54.16 56.01 -34.15
CA PRO I 4084 -54.50 56.54 -32.82
C PRO I 4084 -55.23 55.52 -31.96
N ARG I 4085 -55.88 54.54 -32.57
CA ARG I 4085 -56.53 53.46 -31.83
C ARG I 4085 -55.51 52.52 -31.18
N GLY I 4086 -54.29 52.49 -31.70
CA GLY I 4086 -53.27 51.58 -31.22
C GLY I 4086 -53.16 50.31 -32.02
N LEU I 4087 -54.01 50.13 -33.01
CA LEU I 4087 -54.08 48.90 -33.80
C LEU I 4087 -52.93 48.92 -34.80
N ILE I 4088 -51.78 48.39 -34.39
CA ILE I 4088 -50.59 48.42 -35.22
C ILE I 4088 -50.73 47.44 -36.38
N SER I 4089 -50.28 47.86 -37.55
CA SER I 4089 -50.36 47.00 -38.71
C SER I 4089 -49.36 45.86 -38.62
N LYS I 4090 -49.75 44.71 -39.17
CA LYS I 4090 -48.98 43.49 -39.03
C LYS I 4090 -47.66 43.54 -39.79
N LYS I 4091 -47.69 43.92 -41.06
CA LYS I 4091 -46.45 44.06 -41.82
C LYS I 4091 -45.63 45.24 -41.31
N ASP I 4092 -46.29 46.26 -40.76
CA ASP I 4092 -45.56 47.36 -40.12
C ASP I 4092 -44.82 46.87 -38.88
N PHE I 4093 -45.51 46.10 -38.03
CA PHE I 4093 -44.84 45.52 -36.88
C PHE I 4093 -43.97 44.34 -37.25
N GLN I 4094 -44.12 43.79 -38.46
CA GLN I 4094 -43.21 42.74 -38.91
C GLN I 4094 -41.83 43.31 -39.21
N LYS I 4095 -41.78 44.43 -39.92
CA LYS I 4095 -40.51 45.11 -40.16
C LYS I 4095 -39.97 45.75 -38.90
N ALA I 4096 -40.83 45.99 -37.90
CA ALA I 4096 -40.37 46.48 -36.60
C ALA I 4096 -39.48 45.45 -35.91
N MET I 4097 -39.95 44.20 -35.83
CA MET I 4097 -39.12 43.14 -35.29
C MET I 4097 -37.95 42.81 -36.21
N ASP I 4098 -38.10 43.04 -37.51
CA ASP I 4098 -36.99 42.90 -38.44
C ASP I 4098 -35.96 44.02 -38.28
N SER I 4099 -36.37 45.16 -37.73
CA SER I 4099 -35.42 46.25 -37.50
C SER I 4099 -34.45 45.93 -36.38
N GLN I 4100 -34.94 45.41 -35.26
CA GLN I 4100 -34.06 44.94 -34.20
C GLN I 4100 -33.40 43.63 -34.64
N LYS I 4101 -32.16 43.45 -34.24
CA LYS I 4101 -31.38 42.29 -34.66
C LYS I 4101 -31.21 41.26 -33.56
N GLN I 4102 -32.23 41.02 -32.74
CA GLN I 4102 -32.13 40.00 -31.71
C GLN I 4102 -32.95 38.76 -32.04
N PHE I 4103 -34.14 38.93 -32.62
CA PHE I 4103 -35.01 37.83 -33.01
C PHE I 4103 -34.52 37.24 -34.32
N THR I 4104 -35.25 36.24 -34.82
CA THR I 4104 -34.87 35.56 -36.04
C THR I 4104 -35.93 35.75 -37.12
N GLY I 4105 -35.57 35.32 -38.33
CA GLY I 4105 -36.45 35.29 -39.47
C GLY I 4105 -37.73 34.48 -39.29
N PRO I 4106 -37.62 33.18 -38.97
CA PRO I 4106 -38.84 32.40 -38.71
C PRO I 4106 -39.61 32.84 -37.46
N GLU I 4107 -39.00 33.63 -36.58
CA GLU I 4107 -39.68 34.01 -35.34
C GLU I 4107 -40.86 34.94 -35.60
N ILE I 4108 -40.74 35.86 -36.55
CA ILE I 4108 -41.77 36.88 -36.71
C ILE I 4108 -43.04 36.31 -37.34
N GLN I 4109 -42.89 35.39 -38.28
CA GLN I 4109 -44.07 34.69 -38.80
C GLN I 4109 -44.64 33.72 -37.79
N PHE I 4110 -43.79 33.16 -36.92
CA PHE I 4110 -44.30 32.44 -35.76
C PHE I 4110 -45.05 33.39 -34.84
N LEU I 4111 -44.58 34.63 -34.71
CA LEU I 4111 -45.27 35.64 -33.91
C LEU I 4111 -46.46 36.24 -34.64
N LEU I 4112 -46.37 36.43 -35.95
CA LEU I 4112 -47.54 36.84 -36.73
C LEU I 4112 -48.65 35.82 -36.70
N SER I 4113 -48.30 34.53 -36.75
CA SER I 4113 -49.31 33.50 -36.57
C SER I 4113 -49.83 33.47 -35.14
N CYS I 4114 -48.98 33.82 -34.17
CA CYS I 4114 -49.45 33.97 -32.81
C CYS I 4114 -50.35 35.19 -32.65
N SER I 4115 -50.18 36.20 -33.49
CA SER I 4115 -51.00 37.39 -33.44
C SER I 4115 -52.36 37.13 -34.05
N GLU I 4116 -53.30 38.00 -33.74
CA GLU I 4116 -54.57 38.01 -34.45
C GLU I 4116 -54.43 38.86 -35.71
N ALA I 4117 -55.09 38.43 -36.79
CA ALA I 4117 -54.95 39.15 -38.05
C ALA I 4117 -55.73 40.46 -38.02
N ASP I 4118 -57.06 40.37 -37.91
CA ASP I 4118 -57.99 41.50 -37.76
C ASP I 4118 -57.84 42.50 -38.92
N GLU I 4119 -58.16 42.01 -40.12
CA GLU I 4119 -58.02 42.73 -41.39
C GLU I 4119 -56.57 43.14 -41.67
N ASN I 4120 -55.61 42.37 -41.11
CA ASN I 4120 -54.17 42.46 -41.39
C ASN I 4120 -53.56 43.82 -41.04
N GLU I 4121 -54.25 44.62 -40.23
CA GLU I 4121 -53.75 45.91 -39.80
C GLU I 4121 -53.79 46.08 -38.30
N MET I 4122 -54.01 45.01 -37.54
CA MET I 4122 -54.28 45.11 -36.11
C MET I 4122 -53.69 43.87 -35.44
N ILE I 4123 -52.65 44.07 -34.64
CA ILE I 4123 -52.12 42.98 -33.84
C ILE I 4123 -52.30 43.28 -32.36
N ASN I 4124 -52.48 44.57 -32.03
CA ASN I 4124 -52.71 45.07 -30.66
C ASN I 4124 -51.59 44.64 -29.72
N PHE I 4125 -50.42 45.23 -29.95
CA PHE I 4125 -49.18 44.86 -29.28
C PHE I 4125 -49.23 44.96 -27.76
N GLU I 4126 -50.14 45.76 -27.20
CA GLU I 4126 -50.23 45.89 -25.75
C GLU I 4126 -50.75 44.61 -25.10
N GLU I 4127 -51.90 44.10 -25.56
CA GLU I 4127 -52.43 42.87 -24.99
C GLU I 4127 -51.62 41.66 -25.41
N PHE I 4128 -50.93 41.74 -26.55
CA PHE I 4128 -50.09 40.65 -27.01
C PHE I 4128 -48.84 40.47 -26.16
N ALA I 4129 -48.43 41.51 -25.44
CA ALA I 4129 -47.24 41.39 -24.61
C ALA I 4129 -47.52 40.57 -23.36
N ASN I 4130 -48.58 40.93 -22.62
CA ASN I 4130 -48.85 40.35 -21.31
C ASN I 4130 -49.80 39.17 -21.35
N ARG I 4131 -50.19 38.71 -22.55
CA ARG I 4131 -51.13 37.59 -22.63
C ARG I 4131 -50.46 36.30 -22.18
N PHE I 4132 -49.24 36.05 -22.65
CA PHE I 4132 -48.53 34.82 -22.37
C PHE I 4132 -47.38 35.05 -21.40
N GLN I 4133 -47.55 36.00 -20.48
CA GLN I 4133 -46.57 36.34 -19.47
C GLN I 4133 -47.01 35.93 -18.06
N GLU I 4134 -48.19 36.38 -17.66
CA GLU I 4134 -48.71 36.02 -16.34
C GLU I 4134 -48.96 34.52 -16.16
N PRO I 4135 -49.54 33.76 -17.11
CA PRO I 4135 -49.57 32.30 -16.90
C PRO I 4135 -48.21 31.64 -16.97
N ALA I 4136 -47.27 32.21 -17.69
CA ALA I 4136 -45.93 31.63 -17.82
C ALA I 4136 -44.97 32.15 -16.76
N ARG I 4137 -45.50 32.80 -15.72
CA ARG I 4137 -44.65 33.56 -14.81
C ARG I 4137 -43.84 32.67 -13.90
N ASP I 4138 -44.53 31.85 -13.10
CA ASP I 4138 -43.87 31.05 -12.07
C ASP I 4138 -43.01 29.95 -12.67
N ILE I 4139 -43.47 29.37 -13.78
CA ILE I 4139 -42.76 28.26 -14.39
C ILE I 4139 -41.44 28.73 -15.01
N GLY I 4140 -41.44 29.92 -15.63
CA GLY I 4140 -40.21 30.46 -16.17
C GLY I 4140 -39.21 30.82 -15.09
N PHE I 4141 -39.70 31.18 -13.91
CA PHE I 4141 -38.80 31.31 -12.77
C PHE I 4141 -38.30 29.95 -12.32
N ASN I 4142 -39.20 28.98 -12.23
CA ASN I 4142 -38.88 27.65 -11.71
C ASN I 4142 -37.90 26.89 -12.57
N VAL I 4143 -37.95 27.05 -13.89
CA VAL I 4143 -36.97 26.37 -14.73
C VAL I 4143 -35.60 27.01 -14.59
N ALA I 4144 -35.55 28.31 -14.26
CA ALA I 4144 -34.28 28.97 -14.06
C ALA I 4144 -33.65 28.54 -12.74
N VAL I 4145 -34.48 28.14 -11.78
CA VAL I 4145 -33.96 27.63 -10.52
C VAL I 4145 -33.20 26.34 -10.73
N LEU I 4146 -33.81 25.39 -11.45
CA LEU I 4146 -33.19 24.09 -11.67
C LEU I 4146 -31.94 24.19 -12.50
N LEU I 4147 -31.94 25.07 -13.51
CA LEU I 4147 -30.74 25.31 -14.29
C LEU I 4147 -29.64 25.94 -13.45
N THR I 4148 -29.98 26.91 -12.60
CA THR I 4148 -28.92 27.52 -11.80
C THR I 4148 -28.59 26.68 -10.58
N ASN I 4149 -29.44 25.73 -10.20
CA ASN I 4149 -29.08 24.85 -9.10
C ASN I 4149 -28.01 23.86 -9.52
N LEU I 4150 -28.25 23.19 -10.64
CA LEU I 4150 -27.36 22.15 -11.13
C LEU I 4150 -26.02 22.73 -11.58
N SER I 4151 -26.06 23.89 -12.24
CA SER I 4151 -24.83 24.56 -12.65
C SER I 4151 -24.03 24.99 -11.44
N GLU I 4152 -24.71 25.43 -10.38
CA GLU I 4152 -24.02 25.66 -9.11
C GLU I 4152 -23.65 24.38 -8.41
N HIS I 4153 -24.33 23.27 -8.69
CA HIS I 4153 -23.97 22.04 -7.99
C HIS I 4153 -22.77 21.35 -8.63
N VAL I 4154 -22.88 20.91 -9.88
CA VAL I 4154 -21.75 20.30 -10.56
C VAL I 4154 -21.04 21.39 -11.35
N PRO I 4155 -19.72 21.45 -11.29
CA PRO I 4155 -18.98 22.33 -12.19
C PRO I 4155 -18.52 21.59 -13.43
N HIS I 4156 -18.01 22.36 -14.41
CA HIS I 4156 -17.35 21.84 -15.63
C HIS I 4156 -18.29 20.95 -16.44
N ASP I 4157 -19.43 21.50 -16.83
CA ASP I 4157 -20.34 20.84 -17.76
C ASP I 4157 -20.60 21.83 -18.89
N PRO I 4158 -19.97 21.66 -20.07
CA PRO I 4158 -20.14 22.65 -21.14
C PRO I 4158 -21.53 22.63 -21.77
N ARG I 4159 -22.24 21.52 -21.64
CA ARG I 4159 -23.64 21.46 -22.03
C ARG I 4159 -24.49 22.39 -21.18
N LEU I 4160 -24.24 22.40 -19.87
CA LEU I 4160 -24.83 23.39 -19.00
C LEU I 4160 -24.37 24.80 -19.38
N ARG I 4161 -23.08 24.94 -19.72
CA ARG I 4161 -22.59 26.20 -20.24
C ARG I 4161 -23.24 26.56 -21.56
N ASN I 4162 -23.58 25.56 -22.38
CA ASN I 4162 -24.42 25.82 -23.53
C ASN I 4162 -25.84 26.18 -23.10
N PHE I 4163 -26.34 25.56 -22.04
CA PHE I 4163 -27.70 25.81 -21.60
C PHE I 4163 -27.88 27.19 -21.00
N LEU I 4164 -26.95 27.62 -20.13
CA LEU I 4164 -27.08 28.88 -19.42
C LEU I 4164 -27.06 30.08 -20.34
N GLU I 4165 -26.23 30.07 -21.37
CA GLU I 4165 -26.26 31.16 -22.34
C GLU I 4165 -27.50 31.11 -23.20
N LEU I 4166 -28.07 29.93 -23.41
CA LEU I 4166 -29.28 29.82 -24.20
C LEU I 4166 -30.50 30.34 -23.45
N ALA I 4167 -30.43 30.39 -22.12
CA ALA I 4167 -31.53 30.84 -21.29
C ALA I 4167 -31.10 32.03 -20.47
N GLU I 4168 -30.43 32.99 -21.12
CA GLU I 4168 -29.91 34.13 -20.39
C GLU I 4168 -31.01 35.11 -20.00
N SER I 4169 -32.02 35.28 -20.85
CA SER I 4169 -33.03 36.30 -20.59
C SER I 4169 -33.96 35.88 -19.47
N ILE I 4170 -34.24 34.58 -19.37
CA ILE I 4170 -35.04 34.11 -18.24
C ILE I 4170 -34.24 34.11 -16.95
N LEU I 4171 -32.92 34.19 -17.01
CA LEU I 4171 -32.14 34.33 -15.80
C LEU I 4171 -32.24 35.75 -15.26
N GLU I 4172 -32.06 36.75 -16.13
CA GLU I 4172 -32.00 38.12 -15.64
C GLU I 4172 -33.38 38.70 -15.37
N TYR I 4173 -34.43 38.17 -15.99
CA TYR I 4173 -35.76 38.57 -15.58
C TYR I 4173 -36.14 37.92 -14.26
N PHE I 4174 -35.48 36.82 -13.91
CA PHE I 4174 -35.79 36.10 -12.68
C PHE I 4174 -34.59 35.98 -11.75
N ARG I 4175 -33.58 36.82 -11.90
CA ARG I 4175 -32.58 37.01 -10.86
C ARG I 4175 -32.98 37.97 -9.73
N PRO I 4176 -33.62 39.13 -9.98
CA PRO I 4176 -34.06 39.95 -8.82
C PRO I 4176 -35.14 39.31 -7.99
N TYR I 4177 -36.11 38.64 -8.60
CA TYR I 4177 -37.16 38.00 -7.84
C TYR I 4177 -36.69 36.74 -7.13
N LEU I 4178 -35.61 36.14 -7.59
CA LEU I 4178 -35.01 35.01 -6.90
C LEU I 4178 -34.30 35.53 -5.65
N GLY I 4179 -34.14 34.65 -4.67
CA GLY I 4179 -33.19 34.88 -3.61
C GLY I 4179 -32.49 33.60 -3.24
N ARG I 4180 -31.20 33.68 -2.98
CA ARG I 4180 -30.42 32.54 -2.52
C ARG I 4180 -30.23 32.65 -1.01
N ILE I 4181 -29.99 31.52 -0.37
CA ILE I 4181 -29.68 31.47 1.05
C ILE I 4181 -28.97 30.15 1.31
N GLU I 4182 -28.24 30.08 2.41
CA GLU I 4182 -27.47 28.90 2.77
C GLU I 4182 -27.64 28.61 4.25
N ILE I 4183 -28.29 27.50 4.56
CA ILE I 4183 -28.47 27.05 5.93
C ILE I 4183 -27.77 25.71 6.09
N MET I 4184 -27.43 25.40 7.33
CA MET I 4184 -26.77 24.13 7.64
C MET I 4184 -27.67 23.35 8.57
N GLY I 4185 -28.32 22.33 8.04
CA GLY I 4185 -29.01 21.35 8.83
C GLY I 4185 -28.77 19.98 8.25
N ALA I 4186 -29.51 19.00 8.77
CA ALA I 4186 -29.54 17.61 8.30
C ALA I 4186 -28.14 17.00 8.33
N SER I 4187 -27.63 16.87 9.56
CA SER I 4187 -26.36 16.20 9.88
C SER I 4187 -25.16 16.89 9.23
N ARG I 4188 -24.96 18.15 9.60
CA ARG I 4188 -23.73 18.91 9.39
C ARG I 4188 -23.37 19.08 7.92
N ARG I 4189 -24.25 19.68 7.14
CA ARG I 4189 -23.95 20.02 5.75
C ARG I 4189 -24.72 21.29 5.40
N ILE I 4190 -24.05 22.23 4.75
CA ILE I 4190 -24.71 23.43 4.28
C ILE I 4190 -25.10 23.23 2.82
N GLU I 4191 -26.25 23.76 2.44
CA GLU I 4191 -26.75 23.60 1.09
C GLU I 4191 -27.53 24.84 0.68
N ARG I 4192 -27.46 25.15 -0.60
CA ARG I 4192 -28.11 26.34 -1.16
C ARG I 4192 -29.61 26.10 -1.20
N ILE I 4193 -30.36 27.00 -0.61
CA ILE I 4193 -31.82 26.93 -0.62
C ILE I 4193 -32.30 28.12 -1.45
N TYR I 4194 -33.37 27.91 -2.20
CA TYR I 4194 -33.81 28.90 -3.17
C TYR I 4194 -35.28 29.14 -2.96
N PHE I 4195 -35.78 30.30 -3.41
CA PHE I 4195 -37.14 30.70 -3.10
C PHE I 4195 -37.55 31.83 -4.03
N GLU I 4196 -38.83 32.18 -3.94
CA GLU I 4196 -39.39 33.28 -4.69
C GLU I 4196 -39.55 34.47 -3.74
N ILE I 4197 -39.29 35.66 -4.27
CA ILE I 4197 -39.55 36.90 -3.56
C ILE I 4197 -40.50 37.73 -4.42
N SER I 4198 -41.60 38.16 -3.83
CA SER I 4198 -42.59 38.93 -4.57
C SER I 4198 -42.08 40.33 -4.90
N GLU I 4199 -42.81 40.99 -5.79
CA GLU I 4199 -42.60 42.42 -5.98
C GLU I 4199 -43.03 43.20 -4.75
N THR I 4200 -44.02 42.71 -4.03
CA THR I 4200 -44.56 43.43 -2.88
C THR I 4200 -43.61 43.38 -1.68
N ASN I 4201 -42.90 42.26 -1.51
CA ASN I 4201 -42.01 42.15 -0.36
C ASN I 4201 -40.74 42.99 -0.56
N ARG I 4202 -40.32 43.18 -1.80
CA ARG I 4202 -39.16 44.03 -2.04
C ARG I 4202 -39.55 45.50 -2.13
N ALA I 4203 -40.82 45.79 -2.41
CA ALA I 4203 -41.27 47.18 -2.48
C ALA I 4203 -41.30 47.82 -1.09
N GLN I 4204 -41.83 47.11 -0.10
CA GLN I 4204 -41.90 47.67 1.24
C GLN I 4204 -40.71 47.25 2.09
N TRP I 4205 -39.65 46.74 1.48
CA TRP I 4205 -38.40 46.55 2.20
C TRP I 4205 -37.47 47.74 2.01
N GLU I 4206 -37.46 48.31 0.81
CA GLU I 4206 -36.60 49.45 0.49
C GLU I 4206 -37.33 50.76 0.74
N MET I 4207 -37.80 50.90 1.97
CA MET I 4207 -38.36 52.14 2.49
C MET I 4207 -37.46 52.67 3.59
N PRO I 4208 -37.25 53.98 3.62
CA PRO I 4208 -36.33 54.54 4.62
C PRO I 4208 -36.82 54.41 6.04
N GLN I 4209 -38.15 54.43 6.25
CA GLN I 4209 -38.72 54.19 7.57
C GLN I 4209 -38.42 52.78 8.05
N VAL I 4210 -38.28 51.83 7.13
CA VAL I 4210 -37.79 50.50 7.49
C VAL I 4210 -36.28 50.53 7.61
N LYS I 4211 -35.62 51.26 6.71
CA LYS I 4211 -34.15 51.31 6.67
C LYS I 4211 -33.55 51.98 7.90
N GLU I 4212 -34.23 52.97 8.49
CA GLU I 4212 -33.70 53.64 9.68
C GLU I 4212 -33.65 52.69 10.86
N SER I 4213 -34.60 51.76 10.95
CA SER I 4213 -34.53 50.74 11.97
C SER I 4213 -33.38 49.78 11.71
N LYS I 4214 -33.07 49.55 10.43
CA LYS I 4214 -32.00 48.61 10.08
C LYS I 4214 -30.64 49.17 10.45
N ARG I 4215 -30.44 50.48 10.22
CA ARG I 4215 -29.14 51.08 10.53
C ARG I 4215 -28.89 51.12 12.03
N GLN I 4216 -29.95 51.36 12.82
CA GLN I 4216 -29.84 51.21 14.26
C GLN I 4216 -29.60 49.76 14.66
N PHE I 4217 -30.28 48.82 14.01
CA PHE I 4217 -30.15 47.42 14.36
C PHE I 4217 -28.76 46.89 14.03
N ILE I 4218 -28.14 47.41 12.97
CA ILE I 4218 -26.74 47.14 12.71
C ILE I 4218 -25.87 47.61 13.87
N PHE I 4219 -26.21 48.77 14.43
CA PHE I 4219 -25.33 49.39 15.41
C PHE I 4219 -25.34 48.63 16.74
N ASP I 4220 -26.49 48.55 17.39
CA ASP I 4220 -26.56 48.06 18.77
C ASP I 4220 -26.37 46.56 18.90
N VAL I 4221 -26.22 45.84 17.80
CA VAL I 4221 -25.99 44.40 17.84
C VAL I 4221 -24.51 44.08 17.76
N VAL I 4222 -23.81 44.68 16.80
CA VAL I 4222 -22.39 44.40 16.68
C VAL I 4222 -21.56 45.20 17.68
N ASN I 4223 -22.17 46.14 18.40
CA ASN I 4223 -21.43 46.93 19.37
C ASN I 4223 -21.51 46.33 20.76
N GLU I 4224 -22.72 46.23 21.31
CA GLU I 4224 -22.90 45.75 22.68
C GLU I 4224 -23.52 44.37 22.77
N GLY I 4225 -24.12 43.87 21.69
CA GLY I 4225 -24.69 42.54 21.72
C GLY I 4225 -23.65 41.47 21.45
N GLY I 4226 -23.72 40.41 22.25
CA GLY I 4226 -22.83 39.28 22.08
C GLY I 4226 -23.23 38.42 20.89
N GLU I 4227 -22.43 37.38 20.68
CA GLU I 4227 -22.66 36.48 19.55
C GLU I 4227 -23.85 35.57 19.76
N ALA I 4228 -24.29 35.41 21.01
CA ALA I 4228 -25.42 34.55 21.30
C ALA I 4228 -26.74 35.16 20.84
N GLU I 4229 -27.10 36.31 21.38
CA GLU I 4229 -28.37 36.95 21.06
C GLU I 4229 -28.38 37.60 19.69
N LYS I 4230 -27.24 37.62 18.99
CA LYS I 4230 -27.15 38.29 17.69
C LYS I 4230 -27.99 37.59 16.63
N MET I 4231 -28.34 36.33 16.85
CA MET I 4231 -29.36 35.71 16.03
C MET I 4231 -30.74 35.88 16.64
N GLU I 4232 -30.82 35.87 17.97
CA GLU I 4232 -32.11 36.04 18.65
C GLU I 4232 -32.65 37.45 18.47
N LEU I 4233 -31.78 38.45 18.48
CA LEU I 4233 -32.20 39.80 18.15
C LEU I 4233 -32.53 39.93 16.68
N PHE I 4234 -31.81 39.19 15.83
CA PHE I 4234 -32.01 39.23 14.40
C PHE I 4234 -33.42 38.76 14.02
N VAL I 4235 -33.84 37.62 14.55
CA VAL I 4235 -35.19 37.15 14.26
C VAL I 4235 -36.22 38.03 14.97
N SER I 4236 -35.84 38.62 16.11
CA SER I 4236 -36.69 39.62 16.72
C SER I 4236 -36.78 40.87 15.87
N PHE I 4237 -35.65 41.31 15.31
CA PHE I 4237 -35.67 42.37 14.31
C PHE I 4237 -36.43 41.94 13.07
N CYS I 4238 -36.28 40.69 12.65
CA CYS I 4238 -37.07 40.18 11.55
C CYS I 4238 -38.55 40.14 11.91
N GLU I 4239 -38.86 39.77 13.16
CA GLU I 4239 -40.24 39.87 13.62
C GLU I 4239 -40.65 41.33 13.78
N ASP I 4240 -39.71 42.21 14.07
CA ASP I 4240 -40.03 43.63 14.19
C ASP I 4240 -40.40 44.22 12.83
N THR I 4241 -39.72 43.78 11.78
CA THR I 4241 -39.93 44.35 10.46
C THR I 4241 -41.25 43.94 9.85
N ILE I 4242 -41.71 42.73 10.12
CA ILE I 4242 -42.94 42.23 9.50
C ILE I 4242 -44.14 42.98 10.05
N PHE I 4243 -44.08 43.38 11.32
CA PHE I 4243 -45.17 44.15 11.90
C PHE I 4243 -45.25 45.55 11.31
N GLU I 4244 -44.11 46.22 11.20
CA GLU I 4244 -44.12 47.57 10.66
C GLU I 4244 -44.35 47.59 9.15
N MET I 4245 -43.94 46.55 8.44
CA MET I 4245 -44.34 46.45 7.05
C MET I 4245 -45.83 46.15 6.91
N GLN I 4246 -46.40 45.38 7.85
CA GLN I 4246 -47.83 45.18 7.86
C GLN I 4246 -48.57 46.48 8.14
N ILE I 4247 -48.07 47.27 9.09
CA ILE I 4247 -48.76 48.49 9.44
C ILE I 4247 -48.51 49.58 8.40
N ALA I 4248 -47.45 49.47 7.60
CA ALA I 4248 -47.27 50.37 6.48
C ALA I 4248 -48.13 49.95 5.31
N ALA I 4249 -48.39 48.65 5.17
CA ALA I 4249 -49.38 48.19 4.22
C ALA I 4249 -50.79 48.54 4.66
N GLN I 4250 -51.01 48.72 5.97
CA GLN I 4250 -52.32 49.14 6.45
C GLN I 4250 -52.63 50.58 6.08
N ILE I 4251 -51.60 51.42 5.98
CA ILE I 4251 -51.79 52.83 5.72
C ILE I 4251 -51.45 53.20 4.28
N SER I 4252 -51.21 52.22 3.42
CA SER I 4252 -50.85 52.50 2.04
C SER I 4252 -52.06 52.97 1.25
N GLU I 4253 -51.82 53.93 0.35
CA GLU I 4253 -52.89 54.54 -0.43
C GLU I 4253 -53.38 53.61 -1.52
N TRP I 4541 -74.82 61.03 13.23
CA TRP I 4541 -74.78 60.87 11.77
C TRP I 4541 -73.84 59.72 11.41
N GLY I 4542 -73.85 59.27 10.15
CA GLY I 4542 -72.85 58.33 9.63
C GLY I 4542 -71.53 59.03 9.29
N GLU I 4543 -70.93 58.67 8.15
CA GLU I 4543 -69.66 59.21 7.65
C GLU I 4543 -68.48 58.98 8.61
N LEU I 4544 -67.88 60.03 9.19
CA LEU I 4544 -66.90 60.06 10.29
C LEU I 4544 -65.63 59.17 10.14
N GLU I 4545 -65.78 57.87 9.97
CA GLU I 4545 -64.75 56.87 9.70
C GLU I 4545 -63.85 57.31 8.54
N VAL I 4546 -64.46 57.66 7.40
CA VAL I 4546 -63.77 58.19 6.21
C VAL I 4546 -62.87 59.40 6.52
N GLN I 4547 -63.41 60.38 7.26
CA GLN I 4547 -62.68 61.58 7.64
C GLN I 4547 -61.48 61.27 8.54
N ARG I 4548 -61.72 60.49 9.61
CA ARG I 4548 -60.70 60.09 10.60
C ARG I 4548 -59.59 59.27 9.96
N VAL I 4549 -59.95 58.31 9.12
CA VAL I 4549 -59.01 57.49 8.36
C VAL I 4549 -58.18 58.36 7.41
N LYS I 4550 -58.80 59.19 6.56
CA LYS I 4550 -58.05 59.99 5.58
C LYS I 4550 -57.07 60.96 6.23
N PHE I 4551 -57.51 61.57 7.34
CA PHE I 4551 -56.72 62.47 8.17
C PHE I 4551 -55.46 61.78 8.72
N LEU I 4552 -55.62 60.68 9.47
CA LEU I 4552 -54.48 59.95 10.05
C LEU I 4552 -53.51 59.38 9.00
N ASN I 4553 -54.01 58.97 7.83
CA ASN I 4553 -53.15 58.58 6.71
C ASN I 4553 -52.26 59.73 6.20
N TYR I 4554 -52.85 60.91 5.94
CA TYR I 4554 -52.08 62.09 5.50
C TYR I 4554 -51.07 62.53 6.57
N LEU I 4555 -51.47 62.48 7.84
CA LEU I 4555 -50.61 62.87 8.96
C LEU I 4555 -49.37 61.98 9.09
N SER I 4556 -49.59 60.66 9.05
CA SER I 4556 -48.49 59.67 9.05
C SER I 4556 -47.62 59.78 7.81
N ARG I 4557 -48.22 60.08 6.64
CA ARG I 4557 -47.51 60.23 5.37
C ARG I 4557 -46.51 61.37 5.43
N ASN I 4558 -46.91 62.48 6.02
CA ASN I 4558 -45.99 63.58 6.26
C ASN I 4558 -45.00 63.15 7.34
N PHE I 4559 -45.39 63.21 8.61
CA PHE I 4559 -44.54 62.95 9.78
C PHE I 4559 -43.09 63.41 9.61
N TYR I 4560 -42.13 62.59 9.16
CA TYR I 4560 -40.79 63.09 8.83
C TYR I 4560 -40.75 64.34 7.94
N THR I 4561 -41.66 64.54 6.98
CA THR I 4561 -41.72 65.82 6.24
C THR I 4561 -42.46 66.91 7.00
N LEU I 4562 -43.48 66.58 7.80
CA LEU I 4562 -44.10 67.56 8.72
C LEU I 4562 -43.13 68.21 9.70
N LYS I 4563 -42.16 67.48 10.27
CA LYS I 4563 -41.24 68.03 11.28
C LYS I 4563 -40.37 69.19 10.79
N TYR I 4564 -39.98 69.25 9.51
CA TYR I 4564 -39.24 70.41 8.99
C TYR I 4564 -40.04 71.70 9.11
N LEU I 4565 -41.36 71.65 8.98
CA LEU I 4565 -42.20 72.82 9.15
C LEU I 4565 -42.13 73.33 10.60
N ALA I 4566 -42.13 72.45 11.60
CA ALA I 4566 -42.00 72.87 12.99
C ALA I 4566 -40.66 73.57 13.26
N LEU I 4567 -39.56 73.02 12.74
CA LEU I 4567 -38.23 73.59 12.94
C LEU I 4567 -38.10 74.95 12.26
N PHE I 4568 -38.45 75.06 10.97
CA PHE I 4568 -38.35 76.34 10.29
C PHE I 4568 -39.27 77.39 10.88
N LEU I 4569 -40.39 77.02 11.48
CA LEU I 4569 -41.21 77.97 12.24
C LEU I 4569 -40.54 78.42 13.54
N ALA I 4570 -39.90 77.52 14.29
CA ALA I 4570 -39.15 77.91 15.50
C ALA I 4570 -37.97 78.85 15.20
N PHE I 4571 -37.22 78.61 14.11
CA PHE I 4571 -36.24 79.58 13.61
C PHE I 4571 -36.88 80.92 13.28
N ALA I 4572 -37.98 80.93 12.54
CA ALA I 4572 -38.65 82.17 12.15
C ALA I 4572 -39.17 83.00 13.33
N ILE I 4573 -39.98 82.43 14.25
CA ILE I 4573 -40.41 83.16 15.45
C ILE I 4573 -39.22 83.61 16.30
N ASN I 4574 -38.22 82.74 16.54
CA ASN I 4574 -37.06 83.15 17.36
C ASN I 4574 -36.21 84.27 16.74
N PHE I 4575 -35.99 84.24 15.43
CA PHE I 4575 -35.29 85.34 14.76
C PHE I 4575 -36.04 86.67 14.92
N ILE I 4576 -37.35 86.68 14.70
CA ILE I 4576 -38.15 87.88 14.99
C ILE I 4576 -38.10 88.25 16.47
N LEU I 4577 -38.22 87.28 17.38
CA LEU I 4577 -38.23 87.52 18.82
C LEU I 4577 -36.91 88.11 19.35
N LEU I 4578 -35.80 87.96 18.63
CA LEU I 4578 -34.51 88.65 18.85
C LEU I 4578 -34.54 90.17 18.52
N PHE I 4579 -35.66 90.83 18.85
CA PHE I 4579 -35.88 92.26 18.69
C PHE I 4579 -36.66 92.90 19.86
N TYR I 4580 -37.10 92.15 20.89
CA TYR I 4580 -37.73 92.79 22.06
C TYR I 4580 -36.80 93.79 22.72
N LYS I 4581 -37.38 94.92 23.10
CA LYS I 4581 -36.71 96.00 23.81
C LYS I 4581 -37.56 96.42 25.00
N VAL I 4582 -36.86 96.88 26.02
CA VAL I 4582 -37.45 97.39 27.25
C VAL I 4582 -37.19 98.89 27.34
N SER I 4583 -38.21 99.63 27.76
CA SER I 4583 -38.12 101.05 28.12
C SER I 4583 -38.85 101.30 29.43
N ASP I 4584 -38.43 102.37 30.10
CA ASP I 4584 -39.03 102.88 31.33
C ASP I 4584 -40.44 103.43 31.08
N SER I 4585 -40.60 104.21 30.02
CA SER I 4585 -41.89 104.74 29.57
C SER I 4585 -42.41 103.97 28.35
N PRO I 4586 -43.65 103.43 28.39
CA PRO I 4586 -44.29 102.77 27.24
C PRO I 4586 -44.48 103.74 26.05
N PRO I 4587 -44.17 103.35 24.80
CA PRO I 4587 -44.40 104.20 23.64
C PRO I 4587 -45.90 104.40 23.37
N ASN I 4626 -45.21 98.98 35.46
CA ASN I 4626 -43.90 99.62 35.33
C ASN I 4626 -43.35 99.52 33.89
N MET I 4627 -42.13 98.99 33.73
CA MET I 4627 -41.51 98.76 32.43
C MET I 4627 -42.35 97.81 31.60
N VAL I 4628 -42.40 98.07 30.29
CA VAL I 4628 -43.14 97.24 29.33
C VAL I 4628 -42.19 96.58 28.34
N TYR I 4629 -42.52 95.36 27.96
CA TYR I 4629 -41.78 94.61 26.95
C TYR I 4629 -42.49 94.77 25.61
N TYR I 4630 -42.01 95.71 24.80
CA TYR I 4630 -42.53 95.97 23.46
C TYR I 4630 -41.58 95.42 22.38
N PHE I 4631 -42.05 95.44 21.14
CA PHE I 4631 -41.36 94.87 19.98
C PHE I 4631 -40.84 95.96 19.01
N LEU I 4632 -39.63 95.80 18.46
CA LEU I 4632 -38.97 96.89 17.71
C LEU I 4632 -39.57 97.19 16.31
N GLU I 4633 -39.91 96.16 15.53
CA GLU I 4633 -40.57 96.26 14.21
C GLU I 4633 -40.07 97.34 13.23
N GLU I 4634 -38.76 97.38 12.93
CA GLU I 4634 -38.15 98.43 12.08
C GLU I 4634 -38.85 98.62 10.72
N SER I 4635 -39.25 97.51 10.11
CA SER I 4635 -40.16 97.49 8.98
C SER I 4635 -41.26 96.46 9.22
N THR I 4636 -42.31 96.48 8.41
CA THR I 4636 -43.47 95.58 8.55
C THR I 4636 -44.09 95.74 9.96
N GLY I 4637 -44.83 96.82 10.23
CA GLY I 4637 -45.53 97.01 11.52
C GLY I 4637 -46.61 95.96 11.85
N TYR I 4638 -46.87 95.02 10.93
CA TYR I 4638 -47.59 93.77 11.23
C TYR I 4638 -46.65 92.59 11.59
N MET I 4639 -45.40 92.85 12.03
CA MET I 4639 -44.41 91.83 12.39
C MET I 4639 -44.70 91.16 13.74
N GLU I 4640 -45.29 91.89 14.70
CA GLU I 4640 -45.85 91.27 15.92
C GLU I 4640 -47.06 90.34 15.62
N PRO I 4641 -48.03 90.73 14.76
CA PRO I 4641 -49.04 89.81 14.22
C PRO I 4641 -48.46 88.62 13.45
N ALA I 4642 -47.32 88.80 12.77
CA ALA I 4642 -46.60 87.70 12.12
C ALA I 4642 -46.07 86.69 13.17
N LEU I 4643 -45.44 87.15 14.25
CA LEU I 4643 -45.00 86.32 15.37
C LEU I 4643 -46.18 85.56 16.01
N TRP I 4644 -47.31 86.24 16.22
CA TRP I 4644 -48.52 85.66 16.79
C TRP I 4644 -49.09 84.52 15.93
N CYS I 4645 -49.14 84.71 14.61
CA CYS I 4645 -49.52 83.67 13.66
C CYS I 4645 -48.53 82.49 13.64
N LEU I 4646 -47.22 82.78 13.68
CA LEU I 4646 -46.15 81.77 13.67
C LEU I 4646 -46.18 80.86 14.90
N SER I 4647 -46.53 81.43 16.06
CA SER I 4647 -46.74 80.66 17.31
C SER I 4647 -47.85 79.62 17.20
N LEU I 4648 -49.06 80.04 16.76
CA LEU I 4648 -50.20 79.12 16.61
C LEU I 4648 -49.84 77.95 15.70
N LEU I 4649 -49.26 78.29 14.54
CA LEU I 4649 -48.90 77.33 13.51
C LEU I 4649 -47.94 76.27 14.08
N HIS I 4650 -46.87 76.68 14.79
CA HIS I 4650 -45.99 75.71 15.45
C HIS I 4650 -46.69 74.88 16.54
N THR I 4651 -47.58 75.44 17.37
CA THR I 4651 -48.30 74.62 18.37
C THR I 4651 -49.25 73.60 17.73
N LEU I 4652 -49.99 73.98 16.69
CA LEU I 4652 -50.79 73.03 15.91
C LEU I 4652 -49.88 71.98 15.25
N VAL I 4653 -48.78 72.38 14.64
CA VAL I 4653 -47.85 71.45 13.96
C VAL I 4653 -47.26 70.44 14.94
N ALA I 4654 -46.89 70.90 16.14
CA ALA I 4654 -46.45 70.07 17.24
C ALA I 4654 -47.56 69.13 17.72
N PHE I 4655 -48.81 69.57 17.78
CA PHE I 4655 -49.97 68.71 18.04
C PHE I 4655 -50.18 67.65 16.94
N LEU I 4656 -49.99 68.04 15.68
CA LEU I 4656 -50.12 67.16 14.51
C LEU I 4656 -48.95 66.17 14.35
N ILE I 4657 -47.81 66.50 14.95
CA ILE I 4657 -46.72 65.57 15.25
C ILE I 4657 -47.09 64.65 16.42
N ILE I 4658 -47.58 65.14 17.57
CA ILE I 4658 -47.88 64.27 18.73
C ILE I 4658 -48.87 63.18 18.36
N ILE I 4659 -49.83 63.49 17.50
CA ILE I 4659 -50.88 62.57 17.08
C ILE I 4659 -50.41 61.59 15.99
N GLY I 4660 -49.56 62.05 15.06
CA GLY I 4660 -48.95 61.18 14.04
C GLY I 4660 -47.90 60.21 14.58
N TYR I 4661 -47.27 60.56 15.72
CA TYR I 4661 -46.38 59.65 16.45
C TYR I 4661 -47.15 58.44 17.03
N ASN I 4662 -48.42 58.64 17.35
CA ASN I 4662 -49.32 57.61 17.88
C ASN I 4662 -49.96 56.67 16.82
N CYS I 4663 -49.39 56.60 15.61
CA CYS I 4663 -49.78 55.65 14.55
C CYS I 4663 -48.59 55.20 13.68
N LEU I 4664 -47.36 55.42 14.16
CA LEU I 4664 -46.08 55.02 13.52
C LEU I 4664 -44.99 54.76 14.58
N LYS I 4665 -45.44 54.29 15.76
CA LYS I 4665 -44.58 54.01 16.90
C LYS I 4665 -45.25 53.15 17.96
N VAL I 4666 -46.42 53.58 18.46
CA VAL I 4666 -47.09 52.92 19.58
C VAL I 4666 -47.34 51.43 19.32
N PRO I 4667 -47.97 51.01 18.19
CA PRO I 4667 -48.09 49.59 17.84
C PRO I 4667 -46.78 48.79 17.82
N LEU I 4668 -45.66 49.38 17.38
CA LEU I 4668 -44.37 48.68 17.36
C LEU I 4668 -43.81 48.43 18.77
N VAL I 4669 -43.84 49.44 19.65
CA VAL I 4669 -43.29 49.27 21.02
C VAL I 4669 -44.18 48.40 21.91
N ILE I 4670 -45.52 48.49 21.76
CA ILE I 4670 -46.46 47.67 22.53
C ILE I 4670 -46.42 46.20 22.08
N PHE I 4671 -46.37 45.94 20.76
CA PHE I 4671 -46.15 44.60 20.20
C PHE I 4671 -44.84 44.03 20.75
N LYS I 4672 -43.77 44.84 20.77
CA LYS I 4672 -42.45 44.39 21.22
C LYS I 4672 -42.42 44.00 22.69
N ARG I 4673 -43.14 44.70 23.55
CA ARG I 4673 -43.32 44.34 24.96
C ARG I 4673 -44.19 43.10 25.11
N GLU I 4674 -45.35 43.09 24.47
CA GLU I 4674 -46.34 42.00 24.60
C GLU I 4674 -45.82 40.66 24.07
N LYS I 4675 -45.10 40.66 22.94
CA LYS I 4675 -44.40 39.45 22.45
C LYS I 4675 -43.29 38.96 23.39
N GLU I 4676 -42.56 39.92 23.97
CA GLU I 4676 -41.41 39.55 24.81
C GLU I 4676 -41.93 38.89 26.09
N LEU I 4677 -42.92 39.56 26.70
CA LEU I 4677 -43.64 39.06 27.85
C LEU I 4677 -44.29 37.70 27.61
N ALA I 4678 -45.08 37.55 26.54
CA ALA I 4678 -45.80 36.29 26.26
C ALA I 4678 -44.85 35.10 26.02
N ARG I 4679 -43.76 35.31 25.25
CA ARG I 4679 -42.77 34.27 24.97
C ARG I 4679 -41.93 33.95 26.21
N LYS I 4680 -41.36 34.97 26.86
CA LYS I 4680 -40.53 34.82 28.06
C LYS I 4680 -41.34 34.34 29.29
N LEU I 4681 -42.68 34.43 29.25
CA LEU I 4681 -43.56 33.78 30.20
C LEU I 4681 -43.85 32.30 29.86
N GLU I 4682 -44.42 32.10 28.74
CA GLU I 4682 -44.82 30.73 28.37
C GLU I 4682 -43.65 29.84 28.03
N PHE I 4683 -42.45 30.22 28.41
CA PHE I 4683 -41.29 29.39 28.14
C PHE I 4683 -40.55 29.23 29.43
N ASP I 4684 -40.06 30.34 29.98
CA ASP I 4684 -39.32 30.32 31.24
C ASP I 4684 -40.15 30.35 32.51
N GLY I 4685 -41.40 30.70 32.37
CA GLY I 4685 -42.29 30.82 33.53
C GLY I 4685 -42.04 32.02 34.41
N LEU I 4686 -42.36 33.21 33.91
CA LEU I 4686 -42.05 34.42 34.65
C LEU I 4686 -43.03 34.69 35.78
N TYR I 4687 -44.31 34.35 35.59
CA TYR I 4687 -45.34 34.73 36.55
C TYR I 4687 -46.04 33.53 37.17
N ILE I 4688 -45.58 32.31 36.92
CA ILE I 4688 -46.19 31.12 37.47
C ILE I 4688 -45.24 30.32 38.34
N THR I 4689 -43.97 30.20 37.94
CA THR I 4689 -42.97 29.51 38.73
C THR I 4689 -42.17 30.43 39.61
N GLU I 4690 -41.56 31.46 39.03
CA GLU I 4690 -40.87 32.49 39.79
C GLU I 4690 -41.74 33.74 39.82
N GLN I 4691 -41.20 34.79 40.44
CA GLN I 4691 -41.86 36.09 40.51
C GLN I 4691 -40.79 37.17 40.45
N PRO I 4692 -41.08 38.34 39.87
CA PRO I 4692 -40.11 39.44 39.91
C PRO I 4692 -40.07 40.11 41.27
N ASP I 4696 -39.02 43.63 39.26
CA ASP I 4696 -38.73 44.58 38.20
C ASP I 4696 -39.93 45.50 37.92
N VAL I 4697 -39.65 46.79 37.74
CA VAL I 4697 -40.72 47.76 37.49
C VAL I 4697 -41.31 47.58 36.10
N LYS I 4698 -40.57 46.97 35.17
CA LYS I 4698 -41.18 46.58 33.91
C LYS I 4698 -42.12 45.40 34.09
N GLY I 4699 -41.82 44.49 35.01
CA GLY I 4699 -42.71 43.38 35.28
C GLY I 4699 -43.87 43.74 36.19
N GLN I 4700 -43.60 44.51 37.25
CA GLN I 4700 -44.63 44.88 38.21
C GLN I 4700 -45.73 45.73 37.61
N TRP I 4701 -45.41 46.61 36.67
CA TRP I 4701 -46.45 47.39 36.01
C TRP I 4701 -47.21 46.54 35.00
N ASP I 4702 -46.56 45.55 34.41
CA ASP I 4702 -47.19 44.70 33.41
C ASP I 4702 -48.04 43.59 34.02
N ARG I 4703 -48.24 43.57 35.33
CA ARG I 4703 -49.15 42.60 35.93
C ARG I 4703 -50.61 42.89 35.53
N LEU I 4704 -50.95 44.14 35.30
CA LEU I 4704 -52.34 44.53 35.02
C LEU I 4704 -52.81 44.12 33.63
N VAL I 4705 -51.97 43.53 32.80
CA VAL I 4705 -52.36 43.13 31.46
C VAL I 4705 -52.66 41.63 31.39
N LEU I 4706 -52.43 40.89 32.47
CA LEU I 4706 -52.61 39.43 32.41
C LEU I 4706 -54.08 39.03 32.39
N ASN I 4707 -55.00 39.96 32.61
CA ASN I 4707 -56.41 39.63 32.68
C ASN I 4707 -57.25 40.39 31.68
N THR I 4708 -56.63 41.17 30.79
CA THR I 4708 -57.53 41.67 29.77
C THR I 4708 -57.71 40.63 28.67
N PRO I 4709 -58.91 40.52 28.12
CA PRO I 4709 -59.13 39.56 27.01
C PRO I 4709 -58.43 39.97 25.73
N SER I 4710 -58.17 41.27 25.53
CA SER I 4710 -57.46 41.74 24.34
C SER I 4710 -55.99 42.01 24.64
N PHE I 4711 -55.37 41.18 25.47
CA PHE I 4711 -53.93 41.29 25.72
C PHE I 4711 -53.08 41.10 24.46
N PRO I 4712 -53.19 40.00 23.67
CA PRO I 4712 -52.30 39.89 22.51
C PRO I 4712 -52.88 40.54 21.27
N SER I 4713 -53.82 41.48 21.44
CA SER I 4713 -54.61 42.00 20.33
C SER I 4713 -53.80 42.88 19.38
N ASN I 4714 -52.54 43.13 19.71
CA ASN I 4714 -51.73 43.87 18.77
C ASN I 4714 -50.47 43.02 18.60
N TYR I 4715 -50.74 41.77 18.27
CA TYR I 4715 -49.72 40.74 18.08
C TYR I 4715 -50.30 39.69 17.14
N TRP I 4716 -49.44 38.92 16.49
CA TRP I 4716 -49.96 37.94 15.54
C TRP I 4716 -50.45 36.69 16.24
N ASP I 4717 -49.75 36.24 17.28
CA ASP I 4717 -50.20 35.10 18.06
C ASP I 4717 -51.36 35.53 18.94
N LYS I 4718 -52.43 34.74 18.91
CA LYS I 4718 -53.56 34.93 19.79
C LYS I 4718 -53.87 33.72 20.65
N PHE I 4719 -53.12 32.62 20.50
CA PHE I 4719 -53.38 31.40 21.24
C PHE I 4719 -52.36 31.17 22.34
N VAL I 4720 -51.65 32.22 22.78
CA VAL I 4720 -50.61 32.05 23.77
C VAL I 4720 -51.20 31.80 25.16
N LYS I 4721 -52.49 32.11 25.34
CA LYS I 4721 -53.17 31.76 26.57
C LYS I 4721 -53.35 30.25 26.69
N ARG I 4722 -53.83 29.61 25.64
CA ARG I 4722 -53.95 28.15 25.64
C ARG I 4722 -52.62 27.45 25.61
N LYS I 4723 -51.56 28.12 25.14
CA LYS I 4723 -50.24 27.50 25.07
C LYS I 4723 -49.68 27.25 26.47
N VAL I 4724 -49.56 28.29 27.28
CA VAL I 4724 -48.98 28.12 28.61
C VAL I 4724 -49.96 27.46 29.57
N LEU I 4725 -51.27 27.49 29.27
CA LEU I 4725 -52.23 26.74 30.08
C LEU I 4725 -52.06 25.25 29.89
N ASP I 4726 -52.07 24.77 28.65
CA ASP I 4726 -51.89 23.36 28.37
C ASP I 4726 -50.48 22.87 28.62
N LYS I 4727 -49.52 23.77 28.85
CA LYS I 4727 -48.17 23.40 29.20
C LYS I 4727 -47.93 23.35 30.70
N HIS I 4728 -48.64 24.16 31.47
CA HIS I 4728 -48.35 24.30 32.89
C HIS I 4728 -49.60 24.18 33.76
N GLY I 4729 -50.71 23.73 33.18
CA GLY I 4729 -51.93 23.53 33.93
C GLY I 4729 -52.01 22.25 34.71
N ASP I 4730 -50.99 21.40 34.63
CA ASP I 4730 -50.94 20.17 35.40
C ASP I 4730 -50.00 20.24 36.59
N ILE I 4731 -48.93 21.02 36.48
CA ILE I 4731 -48.03 21.22 37.62
C ILE I 4731 -48.70 22.05 38.71
N PHE I 4732 -49.54 23.02 38.34
CA PHE I 4732 -50.33 23.79 39.28
C PHE I 4732 -51.79 23.55 38.98
N GLY I 4733 -52.65 24.13 39.81
CA GLY I 4733 -54.08 24.04 39.59
C GLY I 4733 -54.47 24.83 38.36
N ARG I 4734 -55.04 24.16 37.37
CA ARG I 4734 -55.44 24.86 36.15
C ARG I 4734 -56.62 25.79 36.37
N GLU I 4735 -57.38 25.62 37.45
CA GLU I 4735 -58.38 26.62 37.80
C GLU I 4735 -57.71 27.88 38.34
N ARG I 4736 -56.54 27.74 38.97
CA ARG I 4736 -55.83 28.89 39.51
C ARG I 4736 -55.20 29.72 38.39
N ILE I 4737 -54.49 29.07 37.48
CA ILE I 4737 -53.79 29.80 36.43
C ILE I 4737 -54.79 30.37 35.42
N ALA I 4738 -55.98 29.78 35.30
CA ALA I 4738 -57.03 30.39 34.49
C ALA I 4738 -57.56 31.66 35.15
N GLU I 4739 -57.68 31.65 36.47
CA GLU I 4739 -58.00 32.87 37.20
C GLU I 4739 -56.85 33.87 37.17
N LEU I 4740 -55.62 33.39 37.01
CA LEU I 4740 -54.50 34.31 36.79
C LEU I 4740 -54.59 34.96 35.42
N LEU I 4741 -55.13 34.23 34.44
CA LEU I 4741 -55.26 34.75 33.09
C LEU I 4741 -56.65 35.30 32.79
N GLY I 4742 -57.66 34.95 33.59
CA GLY I 4742 -58.99 35.46 33.34
C GLY I 4742 -59.67 34.86 32.13
N MET I 4743 -59.45 33.57 31.87
CA MET I 4743 -60.06 32.90 30.72
C MET I 4743 -61.52 32.62 31.02
N ASP I 4744 -62.39 33.46 30.48
CA ASP I 4744 -63.83 33.30 30.70
C ASP I 4744 -64.35 32.12 29.89
N LEU I 4745 -65.21 31.31 30.52
CA LEU I 4745 -65.75 30.06 29.99
C LEU I 4745 -64.62 29.12 29.56
N ALA I 4746 -63.64 29.00 30.47
CA ALA I 4746 -62.49 28.12 30.24
C ALA I 4746 -62.93 26.66 30.14
N SER I 4747 -64.01 26.31 30.83
CA SER I 4747 -64.63 25.01 30.69
C SER I 4747 -65.61 24.94 29.51
N LEU I 4748 -65.96 26.07 28.90
CA LEU I 4748 -67.04 26.10 27.94
C LEU I 4748 -66.70 26.69 26.58
N GLU I 4749 -65.87 27.74 26.51
CA GLU I 4749 -65.68 28.45 25.25
C GLU I 4749 -64.72 27.72 24.32
N ILE I 4750 -63.97 26.74 24.82
CA ILE I 4750 -63.01 26.05 23.98
C ILE I 4750 -63.70 25.08 23.02
N THR I 4751 -64.76 24.41 23.48
CA THR I 4751 -65.44 23.42 22.65
C THR I 4751 -66.45 24.07 21.71
N ALA I 4752 -66.87 25.30 21.99
CA ALA I 4752 -67.83 25.97 21.12
C ALA I 4752 -67.21 26.38 19.80
N HIS I 4753 -65.96 26.85 19.82
CA HIS I 4753 -65.24 27.15 18.58
C HIS I 4753 -64.81 25.89 17.85
N ASN I 4754 -64.70 24.76 18.57
CA ASN I 4754 -64.36 23.49 17.93
C ASN I 4754 -65.50 22.98 17.06
N GLU I 4755 -66.70 22.85 17.65
CA GLU I 4755 -67.84 22.36 16.89
C GLU I 4755 -68.36 23.42 15.93
N ARG I 4756 -68.39 24.67 16.35
CA ARG I 4756 -68.92 25.73 15.51
C ARG I 4756 -68.19 27.05 15.75
N THR I 4766 -71.18 55.21 20.71
CA THR I 4766 -70.10 54.22 20.68
C THR I 4766 -68.95 54.63 21.59
N TRP I 4767 -68.86 54.09 22.81
CA TRP I 4767 -67.81 54.44 23.78
C TRP I 4767 -66.41 54.11 23.25
N LEU I 4768 -65.70 55.10 22.70
CA LEU I 4768 -64.42 54.89 22.02
C LEU I 4768 -64.49 53.76 20.97
N MET I 4769 -65.59 53.70 20.22
CA MET I 4769 -66.05 52.55 19.41
C MET I 4769 -66.53 51.34 20.24
N SER I 4770 -65.64 50.73 21.03
CA SER I 4770 -65.94 49.56 21.86
C SER I 4770 -66.36 49.93 23.29
N ILE I 4771 -65.57 49.49 24.28
CA ILE I 4771 -65.68 49.82 25.71
C ILE I 4771 -64.37 49.49 26.49
N ASP I 4772 -63.21 49.58 25.82
CA ASP I 4772 -61.94 49.23 26.48
C ASP I 4772 -61.59 50.16 27.67
N VAL I 4773 -60.79 49.62 28.59
CA VAL I 4773 -60.46 50.23 29.89
C VAL I 4773 -59.01 49.93 30.27
N LYS I 4774 -58.75 48.89 31.08
CA LYS I 4774 -57.44 48.68 31.73
C LYS I 4774 -56.28 48.47 30.75
N TYR I 4775 -56.55 47.95 29.56
CA TYR I 4775 -55.55 47.79 28.51
C TYR I 4775 -55.14 49.11 27.84
N GLN I 4776 -56.05 50.09 27.72
CA GLN I 4776 -55.70 51.48 27.37
C GLN I 4776 -54.92 52.19 28.48
N ILE I 4777 -55.29 52.05 29.77
CA ILE I 4777 -54.49 52.65 30.87
C ILE I 4777 -53.06 52.13 30.88
N TRP I 4778 -52.88 50.83 30.59
CA TRP I 4778 -51.57 50.19 30.55
C TRP I 4778 -50.73 50.66 29.36
N LYS I 4779 -51.40 50.81 28.21
CA LYS I 4779 -50.82 51.35 26.98
C LYS I 4779 -50.33 52.79 27.18
N PHE I 4780 -51.15 53.63 27.78
CA PHE I 4780 -50.82 55.03 28.08
C PHE I 4780 -49.64 55.18 29.04
N GLY I 4781 -49.51 54.29 30.03
CA GLY I 4781 -48.30 54.23 30.86
C GLY I 4781 -47.05 53.82 30.07
N VAL I 4782 -47.10 52.73 29.29
CA VAL I 4782 -45.91 52.27 28.57
C VAL I 4782 -45.46 53.24 27.46
N ILE I 4783 -46.39 53.90 26.74
CA ILE I 4783 -46.00 54.90 25.72
C ILE I 4783 -45.45 56.18 26.34
N PHE I 4784 -45.98 56.60 27.49
CA PHE I 4784 -45.42 57.72 28.27
C PHE I 4784 -43.98 57.44 28.73
N THR I 4785 -43.65 56.17 28.94
CA THR I 4785 -42.29 55.74 29.31
C THR I 4785 -41.27 55.76 28.15
N ASP I 4786 -41.68 55.85 26.88
CA ASP I 4786 -40.74 55.89 25.76
C ASP I 4786 -39.98 57.23 25.73
N ASN I 4787 -38.65 57.18 25.82
CA ASN I 4787 -37.77 58.37 25.80
C ASN I 4787 -38.03 59.34 24.64
N SER I 4788 -38.30 58.77 23.47
CA SER I 4788 -38.60 59.60 22.27
C SER I 4788 -40.01 60.20 22.30
N PHE I 4789 -41.01 59.53 22.90
CA PHE I 4789 -42.31 60.15 23.18
C PHE I 4789 -42.22 61.23 24.24
N LEU I 4790 -41.48 60.99 25.33
CA LEU I 4790 -41.22 61.99 26.38
C LEU I 4790 -40.57 63.26 25.82
N TYR I 4791 -39.57 63.17 24.95
CA TYR I 4791 -39.02 64.34 24.29
C TYR I 4791 -40.06 65.09 23.47
N SER I 4792 -40.83 64.40 22.63
CA SER I 4792 -41.85 65.04 21.81
C SER I 4792 -42.99 65.62 22.66
N GLY I 4793 -43.28 65.03 23.81
CA GLY I 4793 -44.19 65.61 24.80
C GLY I 4793 -43.63 66.85 25.48
N TRP I 4794 -42.33 66.91 25.83
CA TRP I 4794 -41.67 68.15 26.26
C TRP I 4794 -41.76 69.24 25.20
N TYR I 4795 -41.48 68.91 23.95
CA TYR I 4795 -41.60 69.87 22.87
C TYR I 4795 -43.04 70.35 22.74
N MET I 4796 -44.04 69.49 22.79
CA MET I 4796 -45.42 69.98 22.79
C MET I 4796 -45.73 70.83 24.01
N VAL I 4797 -45.32 70.43 25.22
CA VAL I 4797 -45.62 71.18 26.47
C VAL I 4797 -45.11 72.62 26.41
N MET I 4798 -43.83 72.79 26.06
CA MET I 4798 -43.24 74.13 25.97
C MET I 4798 -43.86 75.00 24.87
N SER I 4799 -44.52 74.38 23.88
CA SER I 4799 -45.19 75.12 22.80
C SER I 4799 -46.43 75.87 23.29
N LEU I 4800 -47.28 75.17 24.04
CA LEU I 4800 -48.43 75.79 24.71
C LEU I 4800 -48.01 76.76 25.81
N LEU I 4801 -46.94 76.43 26.55
CA LEU I 4801 -46.35 77.34 27.53
C LEU I 4801 -45.77 78.61 26.86
N GLY I 4802 -45.36 78.51 25.59
CA GLY I 4802 -45.00 79.62 24.72
C GLY I 4802 -46.09 80.66 24.47
N HIS I 4803 -47.36 80.31 24.61
CA HIS I 4803 -48.45 81.31 24.61
C HIS I 4803 -48.54 82.14 25.91
N TYR I 4804 -48.02 81.67 27.06
CA TYR I 4804 -47.98 82.48 28.30
C TYR I 4804 -47.04 83.69 28.18
N ASN I 4805 -45.82 83.42 27.70
CA ASN I 4805 -44.86 84.45 27.31
C ASN I 4805 -44.19 83.94 26.04
N ASN I 4806 -44.29 84.74 24.98
CA ASN I 4806 -43.77 84.45 23.66
C ASN I 4806 -42.27 84.07 23.67
N PHE I 4807 -41.48 84.55 24.63
CA PHE I 4807 -40.06 84.19 24.75
C PHE I 4807 -39.83 82.68 25.00
N PHE I 4808 -40.79 81.91 25.52
CA PHE I 4808 -40.54 80.47 25.80
C PHE I 4808 -40.39 79.62 24.52
N PHE I 4809 -40.74 80.16 23.34
CA PHE I 4809 -40.35 79.58 22.04
C PHE I 4809 -38.83 79.56 21.77
N ALA I 4810 -38.04 80.30 22.56
CA ALA I 4810 -36.57 80.17 22.60
C ALA I 4810 -36.10 78.76 23.01
N ALA I 4811 -36.86 78.04 23.84
CA ALA I 4811 -36.52 76.65 24.21
C ALA I 4811 -36.72 75.64 23.06
N HIS I 4812 -37.59 75.94 22.10
CA HIS I 4812 -37.76 75.15 20.87
C HIS I 4812 -36.58 75.26 19.91
N LEU I 4813 -35.65 76.20 20.16
CA LEU I 4813 -34.40 76.26 19.41
C LEU I 4813 -33.46 75.09 19.69
N LEU I 4814 -33.49 74.52 20.91
CA LEU I 4814 -32.54 73.46 21.28
C LEU I 4814 -32.71 72.16 20.49
N ASP I 4815 -33.82 72.03 19.80
CA ASP I 4815 -34.07 70.91 18.92
C ASP I 4815 -32.97 70.76 17.87
N ILE I 4816 -32.30 71.86 17.52
CA ILE I 4816 -31.10 71.87 16.69
C ILE I 4816 -30.03 70.90 17.21
N ALA I 4817 -29.77 70.91 18.51
CA ALA I 4817 -28.77 70.00 19.09
C ALA I 4817 -29.23 68.54 19.13
N MET I 4818 -30.53 68.31 19.26
CA MET I 4818 -31.09 66.97 19.52
C MET I 4818 -31.20 66.08 18.27
N GLY I 4819 -31.01 66.62 17.07
CA GLY I 4819 -31.12 65.84 15.82
C GLY I 4819 -29.80 65.60 15.08
N VAL I 4820 -28.94 66.61 14.94
CA VAL I 4820 -27.80 66.57 14.00
C VAL I 4820 -26.56 65.88 14.60
N LYS I 4821 -26.63 64.55 14.72
CA LYS I 4821 -25.54 63.58 14.98
C LYS I 4821 -24.43 64.06 15.92
N THR I 4822 -23.42 64.76 15.42
CA THR I 4822 -22.33 65.37 16.18
C THR I 4822 -22.80 66.07 17.45
N LEU I 4823 -23.83 66.91 17.36
CA LEU I 4823 -24.41 67.60 18.50
C LEU I 4823 -24.88 66.60 19.57
N ARG I 4824 -25.69 65.61 19.20
CA ARG I 4824 -26.17 64.56 20.11
C ARG I 4824 -25.04 63.79 20.75
N THR I 4825 -23.94 63.59 20.02
CA THR I 4825 -22.71 62.96 20.49
C THR I 4825 -22.09 63.74 21.66
N ILE I 4826 -22.05 65.08 21.56
CA ILE I 4826 -21.51 65.96 22.61
C ILE I 4826 -22.37 65.88 23.88
N LEU I 4827 -23.70 66.00 23.76
CA LEU I 4827 -24.61 65.86 24.90
C LEU I 4827 -24.58 64.44 25.48
N SER I 4828 -24.53 63.40 24.65
CA SER I 4828 -24.36 62.03 25.16
C SER I 4828 -23.03 61.83 25.87
N SER I 4829 -21.94 62.51 25.43
CA SER I 4829 -20.66 62.50 26.13
C SER I 4829 -20.77 63.14 27.52
N VAL I 4830 -21.40 64.32 27.62
CA VAL I 4830 -21.69 64.99 28.90
C VAL I 4830 -22.52 64.10 29.84
N THR I 4831 -23.48 63.33 29.30
CA THR I 4831 -24.30 62.43 30.14
C THR I 4831 -23.67 61.08 30.51
N HIS I 4832 -22.93 60.43 29.59
CA HIS I 4832 -22.61 59.00 29.78
C HIS I 4832 -21.50 58.81 30.80
N ASN I 4833 -20.34 59.43 30.55
CA ASN I 4833 -19.21 59.52 31.48
C ASN I 4833 -19.46 60.53 32.61
N GLY I 4834 -20.39 61.46 32.42
CA GLY I 4834 -20.81 62.40 33.47
C GLY I 4834 -21.48 61.75 34.69
N LYS I 4835 -22.04 60.54 34.53
CA LYS I 4835 -22.45 59.71 35.69
C LYS I 4835 -21.27 59.33 36.59
N GLN I 4836 -20.11 59.07 35.99
CA GLN I 4836 -18.85 58.80 36.68
C GLN I 4836 -18.16 60.12 37.02
N LEU I 4837 -18.76 61.23 36.39
CA LEU I 4837 -18.17 62.52 36.68
C LEU I 4837 -18.75 63.14 37.92
N VAL I 4838 -19.96 62.74 38.32
CA VAL I 4838 -20.52 63.44 39.46
C VAL I 4838 -19.68 63.24 40.72
N MET I 4839 -18.85 62.21 40.74
CA MET I 4839 -17.99 62.00 41.89
C MET I 4839 -16.77 62.90 41.84
N THR I 4840 -16.43 63.42 40.66
CA THR I 4840 -15.33 64.36 40.58
C THR I 4840 -15.75 65.73 41.09
N VAL I 4841 -16.91 66.22 40.64
CA VAL I 4841 -17.42 67.48 41.15
C VAL I 4841 -17.91 67.35 42.58
N GLY I 4842 -18.21 66.13 43.03
CA GLY I 4842 -18.39 65.90 44.45
C GLY I 4842 -17.08 66.00 45.20
N LEU I 4843 -15.99 65.51 44.59
CA LEU I 4843 -14.67 65.68 45.18
C LEU I 4843 -14.22 67.13 45.09
N LEU I 4844 -14.60 67.83 44.01
CA LEU I 4844 -14.19 69.22 43.87
C LEU I 4844 -14.91 70.12 44.87
N ALA I 4845 -16.07 69.71 45.36
CA ALA I 4845 -16.70 70.45 46.45
C ALA I 4845 -15.91 70.28 47.74
N VAL I 4846 -15.58 69.05 48.08
CA VAL I 4846 -14.81 68.81 49.27
C VAL I 4846 -13.53 69.64 49.25
N VAL I 4847 -12.95 69.88 48.08
CA VAL I 4847 -11.67 70.60 48.03
C VAL I 4847 -11.85 72.06 48.41
N VAL I 4848 -12.67 72.78 47.67
CA VAL I 4848 -12.93 74.17 48.00
C VAL I 4848 -13.39 74.25 49.45
N TYR I 4849 -13.97 73.20 50.00
CA TYR I 4849 -14.52 73.35 51.36
C TYR I 4849 -13.45 73.27 52.42
N LEU I 4850 -12.41 72.48 52.18
CA LEU I 4850 -11.33 72.37 53.14
C LEU I 4850 -10.48 73.61 53.05
N TYR I 4851 -10.61 74.35 51.95
CA TYR I 4851 -9.89 75.59 51.80
C TYR I 4851 -10.63 76.65 52.56
N THR I 4852 -11.96 76.57 52.59
CA THR I 4852 -12.72 77.65 53.22
C THR I 4852 -12.74 77.62 54.74
N VAL I 4853 -12.15 76.59 55.32
CA VAL I 4853 -12.05 76.54 56.77
C VAL I 4853 -10.70 77.10 57.18
N VAL I 4854 -9.64 76.68 56.51
CA VAL I 4854 -8.32 77.23 56.80
C VAL I 4854 -8.39 78.73 56.88
N ALA I 4855 -9.22 79.34 56.04
CA ALA I 4855 -9.30 80.78 56.01
C ALA I 4855 -10.17 81.29 57.14
N PHE I 4856 -11.40 80.79 57.23
CA PHE I 4856 -12.31 81.21 58.29
C PHE I 4856 -11.57 81.31 59.60
N ASN I 4857 -10.88 80.24 59.96
CA ASN I 4857 -10.14 80.23 61.20
C ASN I 4857 -9.00 81.24 61.14
N PHE I 4858 -7.97 80.94 60.36
CA PHE I 4858 -6.80 81.81 60.31
C PHE I 4858 -7.01 83.04 59.42
N PHE I 4859 -6.31 83.08 58.27
CA PHE I 4859 -6.41 84.24 57.38
C PHE I 4859 -7.82 84.72 57.16
N ARG I 4860 -8.24 85.77 57.88
CA ARG I 4860 -9.56 86.34 57.65
C ARG I 4860 -9.34 87.82 57.43
N LYS I 4861 -8.35 88.38 58.12
CA LYS I 4861 -8.02 89.79 57.96
C LYS I 4861 -7.73 90.08 56.51
N PHE I 4862 -7.12 89.12 55.83
CA PHE I 4862 -6.81 89.30 54.43
C PHE I 4862 -8.10 89.39 53.64
N TYR I 4863 -8.97 88.40 53.74
CA TYR I 4863 -10.21 88.41 52.97
C TYR I 4863 -11.08 89.60 53.33
N ASN I 4864 -10.95 90.70 52.60
CA ASN I 4864 -11.82 91.86 52.85
C ASN I 4864 -12.01 92.74 51.62
N LYS I 4865 -13.23 93.21 51.42
CA LYS I 4865 -13.51 94.07 50.28
C LYS I 4865 -13.96 95.43 50.75
N SER I 4866 -13.23 95.99 51.72
CA SER I 4866 -13.59 97.30 52.25
C SER I 4866 -13.53 98.36 51.16
N GLU I 4867 -14.69 98.72 50.63
CA GLU I 4867 -14.73 99.74 49.60
C GLU I 4867 -14.08 101.03 50.07
N ASP I 4868 -14.54 101.55 51.20
CA ASP I 4868 -13.98 102.79 51.73
C ASP I 4868 -14.18 102.93 53.23
N GLU I 4869 -13.09 103.10 53.97
CA GLU I 4869 -13.18 103.28 55.42
C GLU I 4869 -14.33 102.49 56.03
N ASP I 4870 -15.33 103.19 56.57
CA ASP I 4870 -16.46 102.51 57.19
C ASP I 4870 -16.90 101.33 56.36
N GLU I 4871 -17.15 101.56 55.08
CA GLU I 4871 -17.54 100.47 54.20
C GLU I 4871 -16.46 99.39 54.20
N PRO I 4872 -16.69 98.32 54.96
CA PRO I 4872 -15.68 97.26 55.06
C PRO I 4872 -16.28 95.89 54.86
N ASP I 4873 -17.04 95.71 53.78
CA ASP I 4873 -17.67 94.42 53.52
C ASP I 4873 -16.72 93.29 53.85
N MET I 4874 -17.16 92.37 54.70
CA MET I 4874 -16.32 91.26 55.09
C MET I 4874 -16.75 89.98 54.40
N LYS I 4875 -15.86 89.01 54.27
CA LYS I 4875 -16.23 87.83 53.51
C LYS I 4875 -16.08 86.55 54.28
N CYS I 4876 -15.10 86.51 55.17
CA CYS I 4876 -14.85 85.29 55.91
C CYS I 4876 -15.40 85.40 57.32
N ASP I 4877 -16.51 86.09 57.49
CA ASP I 4877 -17.13 86.13 58.80
C ASP I 4877 -18.11 84.99 58.87
N ASP I 4878 -19.12 85.03 58.01
CA ASP I 4878 -20.08 83.93 57.97
C ASP I 4878 -19.63 82.90 56.94
N MET I 4879 -19.32 81.70 57.40
CA MET I 4879 -18.82 80.67 56.50
C MET I 4879 -19.76 80.42 55.33
N MET I 4880 -21.02 80.14 55.60
CA MET I 4880 -21.96 79.81 54.53
C MET I 4880 -21.77 80.73 53.34
N THR I 4881 -21.19 81.89 53.58
CA THR I 4881 -20.96 82.86 52.52
C THR I 4881 -19.59 82.67 51.88
N CYS I 4882 -18.57 82.40 52.69
CA CYS I 4882 -17.20 82.36 52.20
C CYS I 4882 -16.92 81.16 51.31
N TYR I 4883 -17.60 80.06 51.63
CA TYR I 4883 -17.51 78.90 50.79
C TYR I 4883 -18.07 79.43 49.51
N LEU I 4884 -19.19 80.14 49.59
CA LEU I 4884 -19.83 80.67 48.39
C LEU I 4884 -18.87 81.60 47.66
N PHE I 4885 -18.38 82.62 48.35
CA PHE I 4885 -17.41 83.53 47.75
C PHE I 4885 -16.36 82.75 46.98
N HIS I 4886 -15.73 81.82 47.68
CA HIS I 4886 -14.68 81.01 47.05
C HIS I 4886 -15.17 80.32 45.81
N MET I 4887 -16.47 80.06 45.74
CA MET I 4887 -16.98 79.34 44.59
C MET I 4887 -17.50 80.31 43.54
N TYR I 4888 -17.49 81.60 43.85
CA TYR I 4888 -17.93 82.60 42.89
C TYR I 4888 -16.75 83.33 42.30
N VAL I 4889 -15.66 83.47 43.05
CA VAL I 4889 -14.46 84.06 42.49
C VAL I 4889 -13.28 83.11 42.53
N GLY I 4890 -13.29 82.19 43.48
CA GLY I 4890 -12.21 81.23 43.62
C GLY I 4890 -12.04 80.36 42.42
N VAL I 4891 -13.04 79.54 42.11
CA VAL I 4891 -12.90 78.61 41.01
C VAL I 4891 -12.81 79.30 39.67
N ARG I 4892 -13.25 80.55 39.60
CA ARG I 4892 -13.26 81.24 38.32
C ARG I 4892 -12.52 82.57 38.44
N ALA I 4893 -11.26 82.57 38.00
CA ALA I 4893 -10.46 83.78 38.06
C ALA I 4893 -9.15 83.60 37.31
N GLY I 4894 -8.83 82.36 36.95
CA GLY I 4894 -7.61 82.10 36.22
C GLY I 4894 -6.40 82.12 37.13
N GLY I 4895 -6.35 83.11 38.02
CA GLY I 4895 -5.24 83.21 38.94
C GLY I 4895 -5.65 82.65 40.27
N GLY I 4896 -6.44 81.59 40.24
CA GLY I 4896 -6.86 80.96 41.47
C GLY I 4896 -7.49 81.95 42.40
N ILE I 4897 -7.07 82.03 43.65
CA ILE I 4897 -7.77 82.91 44.60
C ILE I 4897 -7.01 84.19 44.92
N GLY I 4898 -5.71 84.08 45.14
CA GLY I 4898 -4.94 85.24 45.49
C GLY I 4898 -5.40 86.51 44.82
N ASP I 4899 -5.73 86.44 43.55
CA ASP I 4899 -6.12 87.64 42.81
C ASP I 4899 -7.16 88.45 43.55
N GLU I 4900 -8.07 87.79 44.27
CA GLU I 4900 -9.16 88.52 44.92
C GLU I 4900 -8.98 88.69 46.42
N ILE I 4901 -7.83 89.19 46.84
CA ILE I 4901 -7.58 89.46 48.26
C ILE I 4901 -6.41 90.42 48.36
N GLU I 4902 -5.47 90.17 49.24
CA GLU I 4902 -4.42 91.18 49.44
C GLU I 4902 -3.02 90.62 49.50
N ASP I 4903 -2.07 91.42 49.08
CA ASP I 4903 -0.70 90.96 49.09
C ASP I 4903 -0.32 90.54 50.48
N PRO I 4904 0.36 89.40 50.60
CA PRO I 4904 0.82 89.00 51.92
C PRO I 4904 1.96 89.90 52.40
N ALA I 4905 1.82 91.21 52.22
CA ALA I 4905 2.85 92.15 52.64
C ALA I 4905 3.18 91.93 54.10
N GLY I 4906 2.21 92.17 54.97
CA GLY I 4906 2.43 91.94 56.39
C GLY I 4906 2.94 90.53 56.60
N ASP I 4907 4.25 90.39 56.79
CA ASP I 4907 4.85 89.07 56.93
C ASP I 4907 4.01 88.12 57.76
N GLU I 4908 3.24 88.66 58.70
CA GLU I 4908 2.37 87.83 59.50
C GLU I 4908 1.79 86.70 58.65
N TYR I 4909 2.30 85.49 58.85
CA TYR I 4909 1.78 84.33 58.12
C TYR I 4909 2.09 84.33 56.62
N GLU I 4910 2.47 85.49 56.07
CA GLU I 4910 2.74 85.59 54.65
C GLU I 4910 3.23 84.26 54.08
N LEU I 4911 4.41 83.82 54.45
CA LEU I 4911 4.92 82.60 53.85
C LEU I 4911 3.77 81.61 53.80
N TYR I 4912 3.08 81.46 54.92
CA TYR I 4912 1.95 80.57 54.97
C TYR I 4912 0.87 81.01 54.00
N ARG I 4913 0.62 82.31 53.92
CA ARG I 4913 -0.38 82.83 52.99
C ARG I 4913 -0.01 82.54 51.55
N VAL I 4914 1.27 82.68 51.23
CA VAL I 4914 1.71 82.43 49.86
C VAL I 4914 1.63 80.96 49.53
N VAL I 4915 1.80 80.10 50.54
CA VAL I 4915 1.66 78.67 50.29
C VAL I 4915 0.19 78.32 50.11
N PHE I 4916 -0.69 79.07 50.76
CA PHE I 4916 -2.13 78.83 50.65
C PHE I 4916 -2.69 79.11 49.26
N ASP I 4917 -2.09 80.03 48.52
CA ASP I 4917 -2.59 80.37 47.20
C ASP I 4917 -2.04 79.45 46.15
N ILE I 4918 -0.72 79.36 46.07
CA ILE I 4918 -0.07 78.51 45.09
C ILE I 4918 -0.60 77.08 45.21
N THR I 4919 -0.99 76.65 46.41
CA THR I 4919 -1.56 75.32 46.53
C THR I 4919 -2.96 75.32 45.96
N PHE I 4920 -3.72 76.39 46.18
CA PHE I 4920 -5.02 76.52 45.56
C PHE I 4920 -4.86 76.33 44.08
N PHE I 4921 -3.96 77.15 43.54
CA PHE I 4921 -3.79 77.15 42.10
C PHE I 4921 -3.66 75.72 41.73
N PHE I 4922 -2.45 75.22 41.66
CA PHE I 4922 -2.23 73.85 41.26
C PHE I 4922 -3.47 72.97 41.42
N PHE I 4923 -4.00 72.87 42.64
CA PHE I 4923 -5.12 71.96 42.86
C PHE I 4923 -6.38 72.31 42.10
N VAL I 4924 -7.14 73.29 42.56
CA VAL I 4924 -8.42 73.62 41.92
C VAL I 4924 -8.36 74.09 40.49
N ILE I 4925 -7.56 75.09 40.17
CA ILE I 4925 -7.57 75.65 38.81
C ILE I 4925 -6.76 74.88 37.75
N VAL I 4926 -5.60 74.33 38.10
CA VAL I 4926 -4.75 73.67 37.11
C VAL I 4926 -4.89 72.15 37.07
N ILE I 4927 -5.42 71.56 38.12
CA ILE I 4927 -5.64 70.12 38.12
C ILE I 4927 -7.11 69.76 38.00
N LEU I 4928 -7.88 70.01 39.05
CA LEU I 4928 -9.28 69.62 39.03
C LEU I 4928 -10.03 70.20 37.84
N LEU I 4929 -9.99 71.52 37.69
CA LEU I 4929 -10.74 72.16 36.60
C LEU I 4929 -10.26 71.72 35.23
N ALA I 4930 -9.29 70.83 35.19
CA ALA I 4930 -8.84 70.30 33.91
C ALA I 4930 -9.34 68.88 33.80
N ILE I 4931 -9.29 68.14 34.90
CA ILE I 4931 -9.81 66.79 34.89
C ILE I 4931 -11.21 66.85 34.35
N ILE I 4932 -12.01 67.76 34.90
CA ILE I 4932 -13.38 67.90 34.42
C ILE I 4932 -13.40 68.05 32.91
N GLN I 4933 -12.75 69.08 32.37
CA GLN I 4933 -12.71 69.19 30.91
C GLN I 4933 -12.29 67.88 30.31
N GLY I 4934 -11.25 67.28 30.89
CA GLY I 4934 -10.75 66.02 30.40
C GLY I 4934 -11.86 65.02 30.22
N LEU I 4935 -12.60 64.73 31.28
CA LEU I 4935 -13.70 63.79 31.20
C LEU I 4935 -14.53 64.04 29.94
N ILE I 4936 -15.15 65.21 29.84
CA ILE I 4936 -15.98 65.53 28.67
C ILE I 4936 -15.31 65.28 27.33
N ILE I 4937 -14.13 65.87 27.14
CA ILE I 4937 -13.43 65.69 25.87
C ILE I 4937 -13.22 64.21 25.54
N ASP I 4938 -12.72 63.43 26.50
CA ASP I 4938 -12.44 62.02 26.26
C ASP I 4938 -13.72 61.25 25.96
N ALA I 4939 -14.80 61.60 26.64
CA ALA I 4939 -16.07 60.95 26.37
C ALA I 4939 -16.43 61.19 24.92
N PHE I 4940 -16.40 62.45 24.51
CA PHE I 4940 -16.68 62.73 23.10
C PHE I 4940 -15.80 61.87 22.19
N GLY I 4941 -14.51 61.84 22.49
CA GLY I 4941 -13.59 61.06 21.69
C GLY I 4941 -13.98 59.60 21.54
N GLU I 4942 -14.29 58.94 22.65
CA GLU I 4942 -14.71 57.55 22.60
C GLU I 4942 -15.96 57.44 21.77
N LEU I 4943 -16.95 58.26 22.08
CA LEU I 4943 -18.18 58.23 21.30
C LEU I 4943 -17.81 58.15 19.82
N ARG I 4944 -16.97 59.07 19.36
CA ARG I 4944 -16.60 59.08 17.96
C ARG I 4944 -15.90 57.80 17.54
N ASP I 4945 -15.22 57.13 18.46
CA ASP I 4945 -14.48 55.92 18.15
C ASP I 4945 -15.36 54.68 18.04
N GLN I 4946 -16.41 54.60 18.84
CA GLN I 4946 -17.32 53.47 18.75
C GLN I 4946 -18.03 53.50 17.41
N GLN I 4947 -18.51 54.68 17.01
CA GLN I 4947 -19.14 54.81 15.71
C GLN I 4947 -18.16 54.30 14.68
N GLU I 4948 -16.89 54.70 14.78
CA GLU I 4948 -15.91 54.14 13.86
C GLU I 4948 -15.98 52.63 13.88
N GLN I 4949 -15.53 52.02 14.97
CA GLN I 4949 -15.55 50.56 15.09
C GLN I 4949 -16.63 49.89 14.24
N VAL I 4950 -17.88 49.94 14.67
CA VAL I 4950 -18.94 49.28 13.94
C VAL I 4950 -18.62 49.23 12.46
N LYS I 4951 -18.37 50.40 11.88
CA LYS I 4951 -18.06 50.48 10.45
C LYS I 4951 -17.06 49.42 10.05
N GLU I 4952 -15.85 49.52 10.58
CA GLU I 4952 -14.84 48.53 10.26
C GLU I 4952 -15.42 47.13 10.36
N ASP I 4953 -15.76 46.72 11.57
CA ASP I 4953 -16.33 45.39 11.77
C ASP I 4953 -17.24 44.89 10.62
N MET I 4954 -18.28 45.65 10.32
CA MET I 4954 -19.22 45.23 9.29
C MET I 4954 -18.58 45.18 7.93
N GLU I 4955 -17.42 45.82 7.80
CA GLU I 4955 -16.70 45.81 6.52
C GLU I 4955 -15.49 44.90 6.63
N THR I 4956 -15.54 43.93 7.53
CA THR I 4956 -14.43 43.02 7.70
C THR I 4956 -14.88 41.64 8.16
N LYS I 4957 -16.19 41.44 8.27
CA LYS I 4957 -16.72 40.13 8.66
C LYS I 4957 -17.98 39.80 7.86
N CYS I 4958 -18.47 38.58 8.00
CA CYS I 4958 -19.63 38.17 7.22
C CYS I 4958 -20.94 38.74 7.75
N PHE I 4959 -21.07 38.80 9.09
CA PHE I 4959 -22.21 39.10 9.96
C PHE I 4959 -23.19 37.92 10.04
N ILE I 4960 -23.01 36.91 9.18
CA ILE I 4960 -23.85 35.73 9.22
C ILE I 4960 -23.05 34.47 9.57
N CYS I 4961 -22.04 34.15 8.77
CA CYS I 4961 -21.11 33.12 9.19
C CYS I 4961 -19.98 33.77 9.96
N GLY I 4962 -19.05 32.95 10.43
CA GLY I 4962 -18.01 33.44 11.31
C GLY I 4962 -16.65 33.63 10.66
N ILE I 4963 -16.60 34.20 9.45
CA ILE I 4963 -15.35 34.34 8.71
C ILE I 4963 -15.28 35.76 8.16
N GLY I 4964 -14.13 36.41 8.37
CA GLY I 4964 -13.90 37.75 7.87
C GLY I 4964 -13.61 37.80 6.37
N SER I 4965 -13.18 38.96 5.91
CA SER I 4965 -12.82 39.08 4.51
C SER I 4965 -11.42 38.53 4.32
N ASP I 4966 -11.26 37.24 4.52
CA ASP I 4966 -9.96 36.60 4.31
C ASP I 4966 -10.13 35.41 3.39
N TYR I 4967 -10.75 34.36 3.89
CA TYR I 4967 -11.02 33.21 3.04
C TYR I 4967 -11.84 33.69 1.87
N PHE I 4968 -12.69 34.68 2.10
CA PHE I 4968 -13.50 35.23 1.03
C PHE I 4968 -12.78 36.38 0.34
N ASP I 4969 -11.48 36.49 0.59
CA ASP I 4969 -10.71 37.58 0.01
C ASP I 4969 -9.70 37.07 -1.02
N THR I 4970 -9.34 35.80 -0.93
CA THR I 4970 -8.40 35.22 -1.87
C THR I 4970 -9.02 35.05 -3.25
N THR I 4971 -9.84 36.02 -3.67
CA THR I 4971 -10.49 35.94 -4.96
C THR I 4971 -11.07 37.30 -5.33
N PRO I 4972 -11.01 37.64 -6.62
CA PRO I 4972 -11.53 38.94 -7.08
C PRO I 4972 -12.90 39.22 -6.48
N HIS I 4973 -13.09 40.43 -5.95
CA HIS I 4973 -14.36 40.79 -5.33
C HIS I 4973 -14.98 39.60 -4.62
N GLY I 4974 -14.18 38.92 -3.80
CA GLY I 4974 -14.68 37.75 -3.10
C GLY I 4974 -15.74 38.12 -2.07
N PHE I 4975 -15.38 38.97 -1.13
CA PHE I 4975 -16.32 39.34 -0.08
C PHE I 4975 -17.67 39.72 -0.67
N GLU I 4976 -17.70 40.77 -1.48
CA GLU I 4976 -18.96 41.22 -2.04
C GLU I 4976 -19.84 40.04 -2.44
N THR I 4977 -19.37 39.20 -3.34
CA THR I 4977 -20.13 38.04 -3.78
C THR I 4977 -20.64 37.23 -2.60
N HIS I 4978 -19.82 37.09 -1.56
CA HIS I 4978 -20.27 36.42 -0.34
C HIS I 4978 -21.38 37.17 0.37
N THR I 4979 -21.44 38.49 0.21
CA THR I 4979 -22.47 39.27 0.87
C THR I 4979 -23.70 39.46 0.00
N LEU I 4980 -23.50 39.96 -1.24
CA LEU I 4980 -24.64 40.34 -2.06
C LEU I 4980 -25.39 39.13 -2.58
N GLU I 4981 -24.76 37.96 -2.61
CA GLU I 4981 -25.47 36.78 -3.08
C GLU I 4981 -25.64 35.73 -2.00
N GLU I 4982 -24.54 35.30 -1.37
CA GLU I 4982 -24.62 34.20 -0.41
C GLU I 4982 -25.25 34.65 0.89
N HIS I 4983 -24.59 35.56 1.60
CA HIS I 4983 -25.01 35.94 2.93
C HIS I 4983 -25.49 37.38 2.90
N ASN I 4984 -26.74 37.60 2.56
CA ASN I 4984 -27.21 38.96 2.63
C ASN I 4984 -28.14 39.00 3.81
N LEU I 4985 -27.75 39.69 4.87
CA LEU I 4985 -28.61 39.79 6.03
C LEU I 4985 -30.03 39.96 5.53
N ALA I 4986 -30.21 40.79 4.51
CA ALA I 4986 -31.53 40.98 3.95
C ALA I 4986 -32.14 39.66 3.54
N ASN I 4987 -31.37 38.82 2.88
CA ASN I 4987 -31.87 37.52 2.45
C ASN I 4987 -32.44 36.80 3.65
N TYR I 4988 -31.61 36.53 4.65
CA TYR I 4988 -32.06 35.77 5.80
C TYR I 4988 -33.37 36.32 6.32
N MET I 4989 -33.65 37.58 6.04
CA MET I 4989 -34.93 38.15 6.43
C MET I 4989 -35.98 37.69 5.44
N PHE I 4990 -35.97 38.27 4.25
CA PHE I 4990 -36.93 37.89 3.22
C PHE I 4990 -37.36 36.44 3.37
N PHE I 4991 -36.41 35.52 3.33
CA PHE I 4991 -36.70 34.11 3.56
C PHE I 4991 -37.93 33.94 4.43
N LEU I 4992 -38.09 34.79 5.43
CA LEU I 4992 -39.06 34.50 6.48
C LEU I 4992 -40.48 34.79 6.02
N MET I 4993 -40.69 35.90 5.31
CA MET I 4993 -42.02 36.21 4.79
C MET I 4993 -42.44 35.22 3.71
N TYR I 4994 -41.47 34.53 3.15
CA TYR I 4994 -41.79 33.48 2.21
C TYR I 4994 -42.28 32.40 3.13
N LEU I 4995 -41.43 31.95 4.05
CA LEU I 4995 -41.82 30.90 4.98
C LEU I 4995 -43.18 31.20 5.58
N ILE I 4996 -43.35 32.42 6.08
CA ILE I 4996 -44.60 32.79 6.71
C ILE I 4996 -45.76 32.69 5.75
N ASN I 4997 -45.53 33.04 4.49
CA ASN I 4997 -46.62 33.05 3.51
C ASN I 4997 -46.59 31.87 2.55
N LYS I 4998 -46.96 30.70 3.03
CA LYS I 4998 -46.98 29.53 2.17
C LYS I 4998 -48.24 28.81 2.53
N ASP I 4999 -48.16 27.83 3.42
CA ASP I 4999 -49.35 27.15 3.89
C ASP I 4999 -48.95 25.99 4.77
N GLU I 5000 -47.66 25.87 5.05
CA GLU I 5000 -47.16 24.80 5.89
C GLU I 5000 -47.36 23.44 5.24
N THR I 5001 -48.22 23.36 4.23
CA THR I 5001 -48.43 22.12 3.52
C THR I 5001 -47.63 22.15 2.24
N GLU I 5002 -47.01 23.28 1.93
CA GLU I 5002 -46.23 23.41 0.71
C GLU I 5002 -44.77 23.58 1.04
N HIS I 5003 -44.45 23.70 2.33
CA HIS I 5003 -43.06 23.80 2.73
C HIS I 5003 -42.32 22.57 2.27
N THR I 5004 -41.14 22.74 1.71
CA THR I 5004 -40.34 21.58 1.31
C THR I 5004 -39.71 20.92 2.51
N GLY I 5005 -38.63 20.19 2.26
CA GLY I 5005 -37.95 19.50 3.34
C GLY I 5005 -37.30 20.52 4.21
N GLN I 5006 -36.35 21.26 3.66
CA GLN I 5006 -35.73 22.32 4.42
C GLN I 5006 -36.76 23.40 4.75
N GLU I 5007 -37.80 23.53 3.94
CA GLU I 5007 -38.72 24.62 4.24
C GLU I 5007 -39.61 24.32 5.42
N SER I 5008 -39.91 23.05 5.67
CA SER I 5008 -40.52 22.67 6.93
C SER I 5008 -39.49 22.54 8.03
N TYR I 5009 -38.25 22.19 7.69
CA TYR I 5009 -37.22 21.95 8.69
C TYR I 5009 -36.79 23.23 9.38
N VAL I 5010 -36.60 24.29 8.61
CA VAL I 5010 -36.28 25.57 9.23
C VAL I 5010 -37.50 26.15 9.94
N TRP I 5011 -38.71 25.80 9.49
CA TRP I 5011 -39.91 26.35 10.12
C TRP I 5011 -40.12 25.74 11.49
N LYS I 5012 -39.96 24.42 11.61
CA LYS I 5012 -40.25 23.79 12.88
C LYS I 5012 -39.15 24.06 13.89
N MET I 5013 -37.95 24.40 13.45
CA MET I 5013 -36.94 24.84 14.39
C MET I 5013 -37.14 26.30 14.78
N TYR I 5014 -37.68 27.10 13.88
CA TYR I 5014 -38.06 28.47 14.23
C TYR I 5014 -39.18 28.50 15.25
N GLN I 5015 -40.14 27.58 15.14
CA GLN I 5015 -41.33 27.66 15.97
C GLN I 5015 -41.09 27.22 17.41
N GLU I 5016 -39.91 26.69 17.71
CA GLU I 5016 -39.52 26.47 19.10
C GLU I 5016 -38.27 27.24 19.49
N ARG I 5017 -37.80 28.14 18.62
CA ARG I 5017 -36.75 29.12 18.89
C ARG I 5017 -35.42 28.47 19.30
N CYS I 5018 -35.01 27.50 18.48
CA CYS I 5018 -33.64 27.01 18.50
C CYS I 5018 -32.99 27.41 17.18
N TRP I 5019 -31.73 27.83 17.25
CA TRP I 5019 -31.11 28.56 16.18
C TRP I 5019 -29.82 27.90 15.72
N ASP I 5020 -29.89 26.61 15.41
CA ASP I 5020 -28.72 25.91 14.92
C ASP I 5020 -28.68 25.77 13.41
N PHE I 5021 -29.69 26.28 12.69
CA PHE I 5021 -29.64 26.21 11.24
C PHE I 5021 -28.75 27.28 10.63
N PHE I 5022 -28.39 28.30 11.40
CA PHE I 5022 -27.46 29.31 10.93
C PHE I 5022 -26.06 28.69 10.79
N PRO I 5023 -25.28 29.10 9.77
CA PRO I 5023 -24.06 28.35 9.41
C PRO I 5023 -22.98 28.32 10.48
N ALA I 5024 -22.44 29.49 10.83
CA ALA I 5024 -21.45 29.69 11.89
C ALA I 5024 -20.23 28.78 11.74
N GLY I 5025 -19.48 28.99 10.66
CA GLY I 5025 -18.24 28.27 10.43
C GLY I 5025 -17.90 27.94 8.99
N ASP I 5026 -18.87 28.00 8.10
CA ASP I 5026 -18.61 27.63 6.72
C ASP I 5026 -19.54 28.31 5.77
N CYS I 5027 -19.47 27.93 4.50
CA CYS I 5027 -20.37 28.50 3.50
C CYS I 5027 -20.08 27.86 2.17
N PHE I 5028 -20.04 26.53 2.13
CA PHE I 5028 -19.70 25.83 0.90
C PHE I 5028 -18.23 26.05 0.59
N ARG I 5029 -17.74 27.26 0.81
CA ARG I 5029 -16.34 27.54 0.58
C ARG I 5029 -15.47 26.66 1.46
N LYS I 5030 -16.08 25.92 2.37
CA LYS I 5030 -15.31 25.01 3.22
C LYS I 5030 -15.87 23.61 3.15
N GLN I 5031 -17.13 23.43 3.56
CA GLN I 5031 -17.74 22.11 3.53
C GLN I 5031 -17.43 21.42 2.20
N TYR I 5032 -17.36 22.19 1.13
CA TYR I 5032 -17.01 21.62 -0.17
C TYR I 5032 -15.73 22.26 -0.68
N GLU I 5033 -15.19 23.21 0.07
CA GLU I 5033 -13.95 23.90 -0.32
C GLU I 5033 -13.27 23.37 -1.57
N ASP I 5034 -12.64 22.20 -1.47
CA ASP I 5034 -11.90 21.65 -2.60
C ASP I 5034 -12.76 21.42 -3.83
N GLN I 5035 -13.50 20.32 -3.85
CA GLN I 5035 -14.32 19.98 -5.02
C GLN I 5035 -15.18 21.12 -5.53
N LEU I 5036 -14.63 21.96 -6.40
CA LEU I 5036 -15.38 23.07 -7.01
C LEU I 5036 -14.41 23.98 -7.76
N GLN J 12 -26.96 -3.71 -22.72
CA GLN J 12 -27.75 -4.90 -22.43
C GLN J 12 -29.14 -4.77 -22.99
N PHE J 13 -29.42 -3.61 -23.57
CA PHE J 13 -30.72 -3.35 -24.20
C PHE J 13 -30.51 -2.78 -25.58
N LEU J 14 -31.46 -3.04 -26.46
CA LEU J 14 -31.32 -2.64 -27.84
C LEU J 14 -31.63 -1.16 -28.02
N ARG J 15 -31.11 -0.59 -29.10
CA ARG J 15 -31.27 0.82 -29.38
C ARG J 15 -31.39 1.04 -30.87
N THR J 16 -31.22 2.29 -31.28
CA THR J 16 -31.23 2.66 -32.69
C THR J 16 -29.81 2.65 -33.22
N ASP J 17 -29.68 2.42 -34.53
CA ASP J 17 -28.44 2.52 -35.29
C ASP J 17 -27.36 1.56 -34.77
N ASP J 18 -27.72 0.28 -34.80
CA ASP J 18 -26.83 -0.80 -34.41
C ASP J 18 -27.34 -2.09 -35.03
N GLU J 19 -26.47 -2.75 -35.80
CA GLU J 19 -26.88 -3.84 -36.67
C GLU J 19 -27.26 -5.08 -35.86
N VAL J 20 -28.29 -5.77 -36.32
CA VAL J 20 -28.74 -7.03 -35.73
C VAL J 20 -28.85 -8.06 -36.84
N VAL J 21 -29.09 -9.30 -36.43
CA VAL J 21 -29.23 -10.43 -37.35
C VAL J 21 -30.39 -11.30 -36.88
N LEU J 22 -31.40 -11.45 -37.73
CA LEU J 22 -32.55 -12.26 -37.37
C LEU J 22 -32.22 -13.73 -37.50
N GLN J 23 -32.40 -14.50 -36.42
CA GLN J 23 -32.16 -15.93 -36.47
C GLN J 23 -33.35 -16.64 -35.84
N CYS J 24 -33.68 -17.78 -36.44
CA CYS J 24 -34.81 -18.60 -36.03
C CYS J 24 -34.30 -19.86 -35.36
N SER J 25 -35.21 -20.78 -35.07
CA SER J 25 -34.86 -22.04 -34.45
C SER J 25 -35.83 -23.12 -34.90
N ALA J 26 -35.29 -24.16 -35.54
CA ALA J 26 -36.11 -25.29 -35.99
C ALA J 26 -35.28 -26.57 -36.04
N GLU J 31 -33.93 -32.04 -35.99
CA GLU J 31 -33.43 -31.52 -34.72
C GLU J 31 -33.52 -30.00 -34.68
N GLN J 32 -33.11 -29.40 -33.55
CA GLN J 32 -33.10 -27.97 -33.41
C GLN J 32 -31.97 -27.38 -34.23
N LEU J 33 -32.24 -26.28 -34.92
CA LEU J 33 -31.32 -25.75 -35.92
C LEU J 33 -31.57 -24.25 -36.07
N LYS J 34 -30.50 -23.47 -35.99
CA LYS J 34 -30.59 -22.01 -36.04
C LYS J 34 -30.37 -21.51 -37.46
N LEU J 35 -31.42 -20.90 -38.02
CA LEU J 35 -31.39 -20.38 -39.39
C LEU J 35 -31.33 -18.87 -39.32
N CYS J 36 -30.24 -18.29 -39.82
CA CYS J 36 -30.18 -16.84 -39.97
C CYS J 36 -30.87 -16.43 -41.25
N LEU J 37 -31.35 -15.19 -41.29
CA LEU J 37 -32.16 -14.71 -42.41
C LEU J 37 -31.38 -13.65 -43.18
N ALA J 38 -31.04 -13.96 -44.42
CA ALA J 38 -30.25 -13.08 -45.26
C ALA J 38 -30.90 -12.98 -46.64
N ALA J 39 -30.46 -11.99 -47.41
CA ALA J 39 -30.98 -11.75 -48.76
C ALA J 39 -29.93 -11.06 -49.60
N GLU J 40 -29.92 -11.37 -50.89
CA GLU J 40 -28.80 -10.98 -51.75
C GLU J 40 -28.91 -9.52 -52.17
N GLY J 41 -29.94 -9.19 -52.96
CA GLY J 41 -30.04 -7.87 -53.54
C GLY J 41 -29.16 -7.68 -54.75
N PHE J 42 -29.51 -6.69 -55.59
CA PHE J 42 -28.92 -6.49 -56.93
C PHE J 42 -28.99 -7.77 -57.76
N GLY J 43 -30.21 -8.22 -58.03
CA GLY J 43 -30.42 -9.56 -58.48
C GLY J 43 -30.81 -10.38 -57.27
N ASN J 44 -31.84 -11.23 -57.43
CA ASN J 44 -32.42 -12.02 -56.34
C ASN J 44 -32.89 -11.12 -55.19
N ARG J 45 -33.94 -10.35 -55.48
CA ARG J 45 -34.48 -9.43 -54.48
C ARG J 45 -35.22 -10.16 -53.37
N LEU J 46 -35.57 -11.43 -53.56
CA LEU J 46 -36.26 -12.17 -52.52
C LEU J 46 -35.26 -12.59 -51.44
N CYS J 47 -35.79 -13.09 -50.33
CA CYS J 47 -34.93 -13.55 -49.24
C CYS J 47 -35.00 -15.05 -49.10
N PHE J 48 -33.88 -15.63 -48.65
CA PHE J 48 -33.83 -17.05 -48.33
C PHE J 48 -33.37 -17.20 -46.90
N LEU J 49 -33.08 -18.44 -46.53
CA LEU J 49 -32.54 -18.74 -45.22
C LEU J 49 -31.10 -19.20 -45.35
N GLU J 50 -30.40 -19.20 -44.23
CA GLU J 50 -29.06 -19.73 -44.16
C GLU J 50 -28.80 -20.27 -42.76
N PRO J 51 -28.34 -21.52 -42.65
CA PRO J 51 -28.11 -22.10 -41.32
C PRO J 51 -26.81 -21.60 -40.73
N THR J 52 -26.72 -21.67 -39.40
CA THR J 52 -25.52 -21.26 -38.70
C THR J 52 -25.13 -22.21 -37.57
N SER J 53 -25.93 -23.25 -37.31
CA SER J 53 -25.62 -24.19 -36.24
C SER J 53 -24.43 -25.08 -36.56
N ASN J 54 -24.08 -25.21 -37.84
CA ASN J 54 -22.93 -26.01 -38.28
C ASN J 54 -21.75 -25.13 -38.62
N ALA J 55 -21.47 -24.11 -37.80
CA ALA J 55 -20.33 -23.24 -38.05
C ALA J 55 -18.99 -23.93 -37.89
N GLN J 56 -18.94 -25.08 -37.22
CA GLN J 56 -17.69 -25.77 -36.98
C GLN J 56 -17.11 -26.39 -38.25
N ASN J 57 -17.92 -27.06 -39.05
CA ASN J 57 -17.41 -27.64 -40.28
C ASN J 57 -17.55 -26.72 -41.49
N VAL J 58 -18.49 -25.78 -41.47
CA VAL J 58 -18.62 -24.84 -42.58
C VAL J 58 -19.05 -23.47 -42.07
N PRO J 59 -18.23 -22.44 -42.28
CA PRO J 59 -18.65 -21.09 -41.91
C PRO J 59 -19.73 -20.57 -42.83
N PRO J 60 -20.90 -20.18 -42.28
CA PRO J 60 -21.91 -19.56 -43.13
C PRO J 60 -21.54 -18.13 -43.50
N ASP J 61 -22.30 -17.51 -44.39
CA ASP J 61 -21.97 -16.19 -44.90
C ASP J 61 -22.85 -15.16 -44.21
N LEU J 62 -22.20 -14.25 -43.47
CA LEU J 62 -22.87 -13.19 -42.75
C LEU J 62 -22.90 -11.88 -43.52
N ALA J 63 -22.35 -11.84 -44.73
CA ALA J 63 -22.26 -10.60 -45.49
C ALA J 63 -23.62 -10.02 -45.86
N ILE J 64 -24.61 -10.87 -46.11
CA ILE J 64 -25.91 -10.42 -46.54
C ILE J 64 -26.94 -10.54 -45.42
N CYS J 65 -26.50 -10.71 -44.19
CA CYS J 65 -27.41 -10.93 -43.06
C CYS J 65 -27.48 -9.74 -42.12
N CYS J 66 -26.60 -8.75 -42.26
CA CYS J 66 -26.58 -7.58 -41.39
C CYS J 66 -27.81 -6.73 -41.65
N PHE J 67 -28.37 -6.15 -40.58
CA PHE J 67 -29.56 -5.33 -40.67
C PHE J 67 -29.50 -4.26 -39.61
N THR J 68 -29.41 -3.00 -40.04
CA THR J 68 -29.39 -1.88 -39.13
C THR J 68 -30.81 -1.38 -38.92
N LEU J 69 -31.08 -0.96 -37.69
CA LEU J 69 -32.36 -0.35 -37.35
C LEU J 69 -32.15 1.15 -37.38
N GLU J 70 -32.52 1.79 -38.50
CA GLU J 70 -32.17 3.20 -38.60
C GLU J 70 -33.27 4.09 -38.04
N GLN J 71 -34.49 3.58 -37.91
CA GLN J 71 -35.55 4.31 -37.23
C GLN J 71 -36.44 3.36 -36.46
N SER J 72 -37.16 3.91 -35.49
CA SER J 72 -38.12 3.17 -34.69
C SER J 72 -39.11 4.14 -34.11
N LEU J 73 -40.40 3.95 -34.42
CA LEU J 73 -41.43 4.87 -34.00
C LEU J 73 -42.51 4.10 -33.26
N SER J 74 -43.45 4.83 -32.69
CA SER J 74 -44.66 4.26 -32.13
C SER J 74 -45.66 4.03 -33.26
N VAL J 75 -46.76 3.36 -32.94
CA VAL J 75 -47.70 2.95 -33.99
C VAL J 75 -48.42 4.15 -34.57
N ARG J 76 -48.91 5.04 -33.71
CA ARG J 76 -49.51 6.26 -34.22
C ARG J 76 -48.48 7.26 -34.68
N ALA J 77 -47.21 7.03 -34.37
CA ALA J 77 -46.18 8.00 -34.68
C ALA J 77 -45.89 8.08 -36.17
N LEU J 78 -45.81 6.93 -36.85
CA LEU J 78 -45.56 6.99 -38.28
C LEU J 78 -46.79 7.39 -39.07
N GLN J 79 -47.97 7.34 -38.42
CA GLN J 79 -49.21 7.71 -39.08
C GLN J 79 -49.19 9.17 -39.52
N GLU J 80 -48.47 10.01 -38.78
CA GLU J 80 -48.27 11.37 -39.24
C GLU J 80 -46.94 11.57 -39.91
N MET J 81 -46.22 10.50 -40.21
CA MET J 81 -45.14 10.62 -41.17
C MET J 81 -45.66 10.40 -42.59
N LEU J 82 -46.58 9.45 -42.75
CA LEU J 82 -47.07 9.11 -44.08
C LEU J 82 -47.96 10.18 -44.67
N ALA J 83 -48.81 10.82 -43.87
CA ALA J 83 -49.60 11.93 -44.39
C ALA J 83 -48.73 13.16 -44.60
N ASN J 84 -47.62 13.26 -43.88
CA ASN J 84 -46.69 14.36 -44.05
C ASN J 84 -45.92 14.21 -45.35
N GLY J 97 -30.70 11.14 -30.99
CA GLY J 97 -30.30 10.40 -32.17
C GLY J 97 -30.31 8.89 -31.96
N HIS J 98 -30.26 8.47 -30.70
CA HIS J 98 -30.27 7.06 -30.34
C HIS J 98 -31.40 6.81 -29.35
N ARG J 99 -32.57 6.50 -29.88
CA ARG J 99 -33.75 6.24 -29.07
C ARG J 99 -33.88 4.74 -28.88
N THR J 100 -33.92 4.30 -27.62
CA THR J 100 -34.14 2.89 -27.36
C THR J 100 -35.60 2.55 -27.65
N LEU J 101 -35.90 1.26 -27.77
CA LEU J 101 -37.17 0.85 -28.34
C LEU J 101 -37.88 -0.16 -27.47
N LEU J 102 -39.19 -0.25 -27.66
CA LEU J 102 -40.09 -1.00 -26.80
C LEU J 102 -40.90 -1.99 -27.64
N TYR J 103 -41.55 -2.92 -26.94
CA TYR J 103 -42.57 -3.73 -27.59
C TYR J 103 -43.75 -2.85 -27.95
N GLY J 104 -44.44 -3.22 -29.01
CA GLY J 104 -45.50 -2.39 -29.54
C GLY J 104 -45.00 -1.15 -30.25
N HIS J 105 -43.72 -1.07 -30.58
CA HIS J 105 -43.24 -0.01 -31.44
C HIS J 105 -43.25 -0.49 -32.89
N ALA J 106 -42.91 0.43 -33.79
CA ALA J 106 -42.69 0.10 -35.18
C ALA J 106 -41.20 0.16 -35.48
N ILE J 107 -40.81 -0.45 -36.59
CA ILE J 107 -39.39 -0.63 -36.88
C ILE J 107 -39.17 -0.56 -38.38
N LEU J 108 -37.99 -0.07 -38.77
CA LEU J 108 -37.59 0.11 -40.16
C LEU J 108 -36.18 -0.42 -40.34
N LEU J 109 -36.05 -1.60 -40.93
CA LEU J 109 -34.75 -2.23 -41.08
C LEU J 109 -34.09 -1.81 -42.37
N ARG J 110 -32.77 -1.79 -42.38
CA ARG J 110 -32.00 -1.46 -43.55
C ARG J 110 -30.98 -2.56 -43.81
N HIS J 111 -30.93 -3.02 -45.05
CA HIS J 111 -29.92 -4.00 -45.42
C HIS J 111 -28.58 -3.31 -45.63
N ALA J 112 -27.67 -3.58 -44.70
CA ALA J 112 -26.44 -2.81 -44.54
C ALA J 112 -25.49 -2.93 -45.73
N HIS J 113 -25.53 -4.04 -46.45
CA HIS J 113 -24.67 -4.15 -47.62
C HIS J 113 -25.30 -3.44 -48.81
N SER J 114 -26.57 -3.69 -49.07
CA SER J 114 -27.20 -3.21 -50.27
C SER J 114 -27.81 -1.82 -50.12
N ARG J 115 -27.76 -1.25 -48.91
CA ARG J 115 -28.26 0.10 -48.61
C ARG J 115 -29.73 0.28 -48.98
N MET J 116 -30.53 -0.76 -48.79
CA MET J 116 -31.96 -0.65 -49.01
C MET J 116 -32.70 -1.28 -47.84
N TYR J 117 -34.02 -1.27 -47.91
CA TYR J 117 -34.86 -1.61 -46.77
C TYR J 117 -35.59 -2.91 -47.00
N LEU J 118 -35.77 -3.67 -45.92
CA LEU J 118 -36.56 -4.89 -45.93
C LEU J 118 -38.02 -4.48 -46.04
N SER J 119 -38.83 -5.31 -46.67
CA SER J 119 -40.25 -5.07 -46.77
C SER J 119 -40.97 -6.38 -47.00
N CYS J 120 -42.30 -6.31 -47.10
CA CYS J 120 -43.15 -7.43 -47.43
C CYS J 120 -43.74 -7.17 -48.81
N LEU J 121 -43.62 -8.14 -49.71
CA LEU J 121 -43.88 -7.87 -51.10
C LEU J 121 -45.32 -8.19 -51.48
N THR J 122 -45.65 -7.85 -52.72
CA THR J 122 -47.01 -7.95 -53.24
C THR J 122 -47.36 -9.35 -53.73
N THR J 123 -46.42 -10.05 -54.33
CA THR J 123 -46.67 -11.33 -54.98
C THR J 123 -46.78 -12.45 -53.96
N SER J 124 -46.70 -13.68 -54.46
CA SER J 124 -46.74 -14.87 -53.61
C SER J 124 -45.84 -15.93 -54.21
N ARG J 125 -44.79 -16.30 -53.48
CA ARG J 125 -43.90 -17.39 -53.87
C ARG J 125 -44.35 -18.73 -53.33
N SER J 126 -45.63 -18.86 -52.94
CA SER J 126 -46.14 -20.12 -52.42
C SER J 126 -46.75 -20.98 -53.52
N MET J 127 -47.61 -20.37 -54.35
CA MET J 127 -48.31 -21.02 -55.46
C MET J 127 -49.14 -22.22 -55.01
N THR J 128 -49.73 -22.12 -53.82
CA THR J 128 -50.59 -23.18 -53.31
C THR J 128 -51.84 -22.64 -52.63
N ASP J 129 -52.23 -21.40 -52.93
CA ASP J 129 -53.39 -20.69 -52.34
C ASP J 129 -53.28 -20.60 -50.82
N LYS J 130 -52.06 -20.59 -50.31
CA LYS J 130 -51.82 -20.49 -48.88
C LYS J 130 -52.00 -19.08 -48.35
N LEU J 131 -52.06 -18.09 -49.25
CA LEU J 131 -52.09 -16.66 -48.93
C LEU J 131 -50.89 -16.27 -48.05
N ALA J 132 -49.75 -16.88 -48.38
CA ALA J 132 -48.50 -16.60 -47.69
C ALA J 132 -47.68 -15.66 -48.56
N PHE J 133 -47.48 -14.45 -48.08
CA PHE J 133 -46.77 -13.47 -48.89
C PHE J 133 -45.27 -13.71 -48.79
N ASP J 134 -44.54 -13.10 -49.71
CA ASP J 134 -43.12 -13.34 -49.82
C ASP J 134 -42.34 -12.10 -49.40
N VAL J 135 -41.25 -12.33 -48.68
CA VAL J 135 -40.43 -11.28 -48.10
C VAL J 135 -39.28 -10.99 -49.05
N GLY J 136 -39.11 -9.70 -49.37
CA GLY J 136 -38.05 -9.27 -50.24
C GLY J 136 -37.59 -7.89 -49.83
N LEU J 137 -36.82 -7.25 -50.70
CA LEU J 137 -36.25 -5.97 -50.36
C LEU J 137 -36.88 -4.88 -51.21
N GLN J 138 -36.63 -3.63 -50.85
CA GLN J 138 -37.22 -2.50 -51.56
C GLN J 138 -36.25 -1.34 -51.58
N GLU J 139 -36.20 -0.66 -52.72
CA GLU J 139 -35.33 0.50 -52.86
C GLU J 139 -35.99 1.78 -52.40
N ASP J 140 -37.30 1.89 -52.56
CA ASP J 140 -37.99 3.11 -52.19
C ASP J 140 -38.09 3.21 -50.68
N ALA J 141 -38.17 4.45 -50.20
CA ALA J 141 -38.32 4.73 -48.78
C ALA J 141 -39.76 5.07 -48.40
N THR J 142 -40.71 4.62 -49.21
CA THR J 142 -42.11 4.77 -48.84
C THR J 142 -42.43 3.88 -47.65
N GLY J 143 -43.44 4.29 -46.88
CA GLY J 143 -43.68 3.66 -45.61
C GLY J 143 -44.84 2.70 -45.59
N GLU J 144 -45.22 2.21 -46.77
CA GLU J 144 -46.38 1.33 -46.84
C GLU J 144 -46.06 -0.04 -46.25
N ALA J 145 -45.17 -0.78 -46.88
CA ALA J 145 -44.86 -2.14 -46.47
C ALA J 145 -43.47 -2.29 -45.90
N CYS J 146 -42.74 -1.21 -45.71
CA CYS J 146 -41.39 -1.28 -45.17
C CYS J 146 -41.36 -1.53 -43.67
N TRP J 147 -42.47 -1.30 -42.98
CA TRP J 147 -42.48 -1.23 -41.54
C TRP J 147 -43.03 -2.50 -40.91
N TRP J 148 -42.54 -2.80 -39.71
CA TRP J 148 -42.96 -3.98 -38.95
C TRP J 148 -43.21 -3.56 -37.52
N THR J 149 -44.07 -4.31 -36.82
CA THR J 149 -44.24 -4.13 -35.39
C THR J 149 -43.83 -5.41 -34.68
N MET J 150 -43.19 -5.28 -33.54
CA MET J 150 -42.82 -6.42 -32.74
C MET J 150 -43.84 -6.67 -31.66
N HIS J 151 -43.82 -7.88 -31.10
CA HIS J 151 -44.76 -8.25 -30.08
C HIS J 151 -44.09 -9.20 -29.12
N PRO J 152 -44.40 -9.12 -27.84
CA PRO J 152 -43.85 -10.09 -26.89
C PRO J 152 -44.48 -11.46 -27.08
N ALA J 153 -43.66 -12.49 -26.89
CA ALA J 153 -44.09 -13.84 -27.19
C ALA J 153 -45.06 -14.37 -26.16
N SER J 154 -44.64 -14.45 -24.91
CA SER J 154 -45.46 -14.95 -23.81
C SER J 154 -46.07 -13.77 -23.07
N LYS J 155 -46.65 -14.07 -21.92
CA LYS J 155 -47.10 -13.02 -21.01
C LYS J 155 -46.05 -12.63 -19.99
N GLN J 156 -44.77 -12.95 -20.24
CA GLN J 156 -43.72 -12.56 -19.32
C GLN J 156 -43.48 -11.05 -19.39
N ARG J 157 -43.22 -10.53 -20.58
CA ARG J 157 -43.19 -9.10 -20.81
C ARG J 157 -44.51 -8.70 -21.46
N SER J 158 -44.70 -7.40 -21.64
CA SER J 158 -45.88 -6.88 -22.32
C SER J 158 -45.54 -5.55 -22.98
N GLU J 159 -46.57 -4.80 -23.34
CA GLU J 159 -46.40 -3.53 -24.02
C GLU J 159 -45.73 -2.52 -23.11
N GLY J 160 -44.85 -1.70 -23.69
CA GLY J 160 -44.16 -0.67 -22.94
C GLY J 160 -42.80 -1.08 -22.43
N GLU J 161 -42.57 -2.36 -22.22
CA GLU J 161 -41.27 -2.84 -21.76
C GLU J 161 -40.25 -2.76 -22.88
N LYS J 162 -38.98 -2.65 -22.48
CA LYS J 162 -37.88 -2.61 -23.43
C LYS J 162 -37.64 -4.01 -23.96
N VAL J 163 -37.02 -4.09 -25.12
CA VAL J 163 -36.52 -5.36 -25.61
C VAL J 163 -35.15 -5.64 -25.03
N ARG J 164 -35.03 -6.73 -24.29
CA ARG J 164 -33.76 -7.17 -23.78
C ARG J 164 -33.01 -7.91 -24.87
N VAL J 165 -31.73 -8.14 -24.65
CA VAL J 165 -30.93 -8.90 -25.61
C VAL J 165 -31.32 -10.37 -25.52
N GLY J 166 -31.67 -10.95 -26.65
CA GLY J 166 -32.06 -12.34 -26.68
C GLY J 166 -33.42 -12.61 -26.09
N ASP J 167 -34.46 -12.05 -26.70
CA ASP J 167 -35.84 -12.31 -26.29
C ASP J 167 -36.65 -12.76 -27.51
N ASP J 168 -37.68 -13.54 -27.26
CA ASP J 168 -38.47 -14.13 -28.33
C ASP J 168 -39.44 -13.10 -28.87
N LEU J 169 -39.41 -12.89 -30.19
CA LEU J 169 -40.15 -11.82 -30.83
C LEU J 169 -41.09 -12.38 -31.89
N ILE J 170 -42.15 -11.64 -32.15
CA ILE J 170 -43.09 -11.95 -33.22
C ILE J 170 -43.23 -10.68 -34.05
N LEU J 171 -42.93 -10.76 -35.34
CA LEU J 171 -42.89 -9.59 -36.19
C LEU J 171 -44.09 -9.60 -37.14
N VAL J 172 -44.88 -8.54 -37.09
CA VAL J 172 -46.12 -8.45 -37.83
C VAL J 172 -45.97 -7.35 -38.86
N SER J 173 -46.52 -7.57 -40.05
CA SER J 173 -46.55 -6.53 -41.06
C SER J 173 -47.41 -5.35 -40.64
N VAL J 174 -47.17 -4.23 -41.29
CA VAL J 174 -47.98 -3.05 -41.07
C VAL J 174 -49.02 -3.00 -42.18
N SER J 175 -48.58 -3.20 -43.42
CA SER J 175 -49.51 -3.09 -44.53
C SER J 175 -50.33 -4.36 -44.70
N SER J 176 -49.75 -5.51 -44.38
CA SER J 176 -50.42 -6.78 -44.67
C SER J 176 -50.95 -7.47 -43.43
N GLU J 177 -50.46 -7.09 -42.24
CA GLU J 177 -50.88 -7.64 -40.96
C GLU J 177 -50.65 -9.15 -40.85
N ARG J 178 -49.64 -9.64 -41.56
CA ARG J 178 -49.23 -11.03 -41.46
C ARG J 178 -47.92 -11.12 -40.69
N TYR J 179 -47.57 -12.35 -40.31
CA TYR J 179 -46.39 -12.60 -39.49
C TYR J 179 -45.25 -13.14 -40.33
N LEU J 180 -44.06 -12.61 -40.11
CA LEU J 180 -42.85 -13.17 -40.69
C LEU J 180 -42.60 -14.51 -40.05
N HIS J 181 -42.87 -15.59 -40.77
CA HIS J 181 -42.76 -16.94 -40.22
C HIS J 181 -41.98 -17.82 -41.17
N LEU J 182 -41.41 -18.88 -40.60
CA LEU J 182 -40.74 -19.90 -41.38
C LEU J 182 -41.83 -20.82 -41.93
N SER J 183 -41.61 -21.35 -43.13
CA SER J 183 -42.55 -22.29 -43.73
C SER J 183 -41.83 -23.59 -44.06
N THR J 184 -42.47 -24.70 -43.72
CA THR J 184 -41.88 -26.03 -43.88
C THR J 184 -42.62 -26.88 -44.91
N ALA J 185 -43.65 -26.32 -45.55
CA ALA J 185 -44.53 -27.12 -46.39
C ALA J 185 -43.85 -27.50 -47.70
N SER J 186 -43.45 -26.51 -48.49
CA SER J 186 -42.91 -26.72 -49.82
C SER J 186 -41.50 -27.25 -49.74
N GLY J 187 -41.38 -28.56 -49.47
CA GLY J 187 -40.08 -29.20 -49.46
C GLY J 187 -39.20 -28.72 -48.33
N GLU J 188 -38.19 -27.92 -48.68
CA GLU J 188 -37.26 -27.37 -47.71
C GLU J 188 -37.88 -26.17 -47.00
N LEU J 189 -37.04 -25.42 -46.29
CA LEU J 189 -37.52 -24.35 -45.43
C LEU J 189 -37.33 -22.99 -46.10
N GLN J 190 -38.28 -22.10 -45.91
CA GLN J 190 -38.18 -20.73 -46.39
C GLN J 190 -38.99 -19.83 -45.46
N VAL J 191 -38.84 -18.53 -45.67
CA VAL J 191 -39.50 -17.52 -44.85
C VAL J 191 -40.61 -16.87 -45.67
N ASP J 192 -41.73 -16.59 -45.00
CA ASP J 192 -42.91 -16.07 -45.66
C ASP J 192 -43.75 -15.29 -44.67
N ALA J 193 -44.65 -14.47 -45.20
CA ALA J 193 -45.60 -13.72 -44.38
C ALA J 193 -46.97 -14.35 -44.52
N SER J 194 -47.41 -15.05 -43.48
CA SER J 194 -48.77 -15.56 -43.42
C SER J 194 -49.19 -15.63 -41.97
N PHE J 195 -50.37 -16.21 -41.75
CA PHE J 195 -51.03 -16.18 -40.44
C PHE J 195 -50.58 -17.34 -39.56
N MET J 196 -49.28 -17.48 -39.39
CA MET J 196 -48.68 -18.32 -38.37
C MET J 196 -47.59 -17.51 -37.69
N GLN J 197 -47.56 -17.51 -36.37
CA GLN J 197 -46.56 -16.74 -35.64
C GLN J 197 -45.35 -17.63 -35.39
N THR J 198 -44.17 -17.03 -35.37
CA THR J 198 -42.92 -17.77 -35.24
C THR J 198 -41.97 -16.96 -34.39
N LEU J 199 -41.35 -17.60 -33.40
CA LEU J 199 -40.42 -16.92 -32.51
C LEU J 199 -39.18 -16.51 -33.27
N TRP J 200 -38.60 -15.39 -32.87
CA TRP J 200 -37.44 -14.84 -33.54
C TRP J 200 -36.54 -14.16 -32.53
N ASN J 201 -35.26 -14.47 -32.61
CA ASN J 201 -34.25 -13.80 -31.82
C ASN J 201 -33.69 -12.64 -32.61
N MET J 202 -33.43 -11.53 -31.93
CA MET J 202 -32.96 -10.35 -32.63
C MET J 202 -31.44 -10.31 -32.72
N ASN J 203 -30.76 -10.77 -31.66
CA ASN J 203 -29.33 -11.08 -31.61
C ASN J 203 -28.43 -9.93 -32.06
N PRO J 204 -28.17 -8.96 -31.19
CA PRO J 204 -27.37 -7.78 -31.57
C PRO J 204 -25.98 -8.15 -32.05
N ILE J 205 -25.57 -7.53 -33.17
CA ILE J 205 -24.34 -7.98 -33.81
C ILE J 205 -23.25 -6.93 -33.79
N CYS J 206 -23.59 -5.65 -33.72
CA CYS J 206 -22.59 -4.59 -33.74
C CYS J 206 -23.25 -3.31 -33.23
N SER J 207 -22.78 -2.80 -32.11
CA SER J 207 -23.28 -1.53 -31.60
C SER J 207 -22.39 -0.41 -32.13
N CYS J 208 -22.53 0.78 -31.54
CA CYS J 208 -21.75 1.95 -31.95
C CYS J 208 -20.29 1.75 -31.54
N CYS J 209 -19.42 1.55 -32.53
CA CYS J 209 -18.02 1.30 -32.29
C CYS J 209 -17.25 2.62 -32.28
N GLU J 210 -16.09 2.60 -31.62
CA GLU J 210 -15.24 3.77 -31.57
C GLU J 210 -14.44 3.90 -32.85
N GLU J 211 -14.10 5.13 -33.21
CA GLU J 211 -13.33 5.37 -34.42
C GLU J 211 -11.89 4.94 -34.24
N GLY J 212 -11.28 4.45 -35.32
CA GLY J 212 -9.90 4.01 -35.30
C GLY J 212 -9.67 2.62 -34.76
N TYR J 213 -10.73 1.83 -34.56
CA TYR J 213 -10.60 0.49 -34.03
C TYR J 213 -11.30 -0.47 -34.97
N VAL J 214 -11.03 -1.76 -34.79
CA VAL J 214 -11.55 -2.76 -35.70
C VAL J 214 -12.63 -3.59 -35.00
N THR J 215 -13.64 -3.98 -35.76
CA THR J 215 -14.64 -4.94 -35.37
C THR J 215 -14.81 -5.94 -36.49
N GLY J 216 -15.65 -6.94 -36.25
CA GLY J 216 -15.97 -7.91 -37.28
C GLY J 216 -16.79 -7.25 -38.39
N GLY J 217 -16.67 -7.81 -39.58
CA GLY J 217 -17.33 -7.25 -40.74
C GLY J 217 -16.56 -6.14 -41.42
N HIS J 218 -15.42 -5.75 -40.88
CA HIS J 218 -14.61 -4.70 -41.48
C HIS J 218 -13.86 -5.23 -42.69
N VAL J 219 -14.08 -4.60 -43.84
CA VAL J 219 -13.27 -4.86 -45.02
C VAL J 219 -12.02 -4.01 -44.88
N LEU J 220 -10.86 -4.63 -45.10
CA LEU J 220 -9.61 -3.97 -44.76
C LEU J 220 -8.46 -4.55 -45.58
N ARG J 221 -7.36 -3.82 -45.56
CA ARG J 221 -6.13 -4.19 -46.25
C ARG J 221 -5.03 -4.44 -45.23
N LEU J 222 -3.92 -5.03 -45.67
CA LEU J 222 -2.97 -5.74 -44.81
C LEU J 222 -1.54 -5.33 -45.13
N PHE J 223 -1.25 -4.04 -45.14
CA PHE J 223 0.06 -3.57 -45.59
C PHE J 223 1.15 -3.80 -44.55
N HIS J 224 2.40 -3.61 -44.98
CA HIS J 224 3.56 -3.71 -44.08
C HIS J 224 4.70 -2.80 -44.55
N GLU J 229 2.66 -2.57 -49.29
CA GLU J 229 2.55 -3.85 -50.00
C GLU J 229 1.35 -4.65 -49.51
N CYS J 230 0.50 -5.04 -50.46
CA CYS J 230 -0.78 -5.63 -50.14
C CYS J 230 -0.68 -7.15 -50.08
N LEU J 231 -1.80 -7.78 -49.76
CA LEU J 231 -1.87 -9.23 -49.71
C LEU J 231 -2.86 -9.69 -50.78
N THR J 232 -2.35 -9.89 -51.99
CA THR J 232 -3.16 -10.15 -53.17
C THR J 232 -3.30 -11.65 -53.41
N ILE J 233 -4.11 -11.99 -54.40
CA ILE J 233 -4.14 -13.30 -55.02
C ILE J 233 -3.87 -13.03 -56.50
N SER J 234 -3.93 -14.06 -57.34
CA SER J 234 -3.80 -13.85 -58.77
C SER J 234 -5.17 -13.60 -59.41
N ALA J 235 -5.17 -12.83 -60.50
CA ALA J 235 -6.40 -12.47 -61.18
C ALA J 235 -6.93 -13.61 -62.02
N GLN J 241 -4.99 -22.36 -60.51
CA GLN J 241 -6.38 -21.92 -60.44
C GLN J 241 -6.58 -20.91 -59.31
N ARG J 242 -5.62 -19.99 -59.19
CA ARG J 242 -5.72 -18.80 -58.33
C ARG J 242 -5.94 -19.15 -56.86
N ARG J 243 -4.95 -19.81 -56.26
CA ARG J 243 -5.06 -20.18 -54.86
C ARG J 243 -3.88 -19.76 -54.02
N LEU J 244 -2.75 -19.47 -54.65
CA LEU J 244 -1.56 -19.09 -53.90
C LEU J 244 -1.68 -17.64 -53.43
N VAL J 245 -1.18 -17.38 -52.22
CA VAL J 245 -1.10 -16.04 -51.67
C VAL J 245 0.18 -15.43 -52.20
N TYR J 246 0.20 -14.13 -52.36
CA TYR J 246 1.38 -13.42 -52.84
C TYR J 246 1.54 -12.11 -52.07
N TYR J 247 2.40 -11.25 -52.58
CA TYR J 247 2.47 -9.85 -52.22
C TYR J 247 2.53 -9.05 -53.52
N GLU J 248 2.36 -7.74 -53.40
CA GLU J 248 2.40 -6.89 -54.57
C GLU J 248 2.82 -5.49 -54.15
N GLY J 249 2.95 -4.61 -55.14
CA GLY J 249 3.28 -3.22 -54.91
C GLY J 249 2.05 -2.41 -54.56
N GLY J 250 1.86 -1.31 -55.31
CA GLY J 250 0.73 -0.44 -55.08
C GLY J 250 -0.41 -0.57 -56.07
N ALA J 251 -0.18 -1.22 -57.21
CA ALA J 251 -1.20 -1.31 -58.24
C ALA J 251 -2.34 -2.23 -57.81
N VAL J 252 -2.01 -3.41 -57.28
CA VAL J 252 -3.05 -4.33 -56.82
C VAL J 252 -3.41 -4.00 -55.37
N CYS J 253 -2.73 -3.03 -54.78
CA CYS J 253 -3.09 -2.57 -53.44
C CYS J 253 -4.47 -1.93 -53.42
N THR J 254 -4.79 -1.10 -54.41
CA THR J 254 -6.06 -0.41 -54.44
C THR J 254 -7.19 -1.28 -54.98
N HIS J 255 -6.89 -2.26 -55.83
CA HIS J 255 -7.93 -2.91 -56.61
C HIS J 255 -8.68 -3.93 -55.78
N ALA J 256 -9.50 -4.72 -56.46
CA ALA J 256 -10.51 -5.57 -55.83
C ALA J 256 -9.94 -6.76 -55.08
N ARG J 257 -8.74 -7.21 -55.45
CA ARG J 257 -8.17 -8.41 -54.83
C ARG J 257 -7.74 -8.18 -53.39
N SER J 258 -7.17 -7.03 -53.09
CA SER J 258 -6.55 -6.77 -51.78
C SER J 258 -7.58 -6.24 -50.78
N LEU J 259 -8.67 -6.97 -50.62
CA LEU J 259 -9.74 -6.60 -49.70
C LEU J 259 -10.10 -7.82 -48.88
N TRP J 260 -9.95 -7.70 -47.57
CA TRP J 260 -10.09 -8.84 -46.67
C TRP J 260 -10.95 -8.45 -45.48
N ARG J 261 -11.80 -9.38 -45.06
CA ARG J 261 -12.74 -9.15 -43.98
C ARG J 261 -12.55 -10.22 -42.92
N LEU J 262 -12.76 -9.86 -41.66
CA LEU J 262 -12.41 -10.69 -40.52
C LEU J 262 -13.68 -11.30 -39.94
N GLU J 263 -13.62 -12.59 -39.61
CA GLU J 263 -14.80 -13.30 -39.15
C GLU J 263 -14.47 -14.14 -37.92
N PRO J 264 -14.74 -13.62 -36.73
CA PRO J 264 -14.50 -14.40 -35.50
C PRO J 264 -15.49 -15.56 -35.38
N LEU J 265 -15.14 -16.48 -34.49
CA LEU J 265 -15.83 -17.76 -34.41
C LEU J 265 -17.21 -17.62 -33.79
N ARG J 266 -17.35 -16.72 -32.82
CA ARG J 266 -18.63 -16.52 -32.17
C ARG J 266 -19.59 -15.80 -33.10
N ILE J 267 -20.83 -16.29 -33.13
CA ILE J 267 -21.83 -15.72 -34.02
C ILE J 267 -22.25 -14.35 -33.53
N SER J 268 -22.85 -14.28 -32.35
CA SER J 268 -23.39 -13.05 -31.81
C SER J 268 -22.28 -12.09 -31.41
N TRP J 269 -22.58 -10.80 -31.53
CA TRP J 269 -21.66 -9.70 -31.19
C TRP J 269 -20.35 -9.80 -31.98
N SER J 270 -20.48 -10.24 -33.22
CA SER J 270 -19.32 -10.39 -34.09
C SER J 270 -18.70 -9.05 -34.42
N GLY J 271 -19.50 -8.00 -34.46
CA GLY J 271 -18.98 -6.66 -34.65
C GLY J 271 -18.63 -5.98 -33.36
N SER J 272 -18.21 -6.75 -32.35
CA SER J 272 -17.58 -6.16 -31.19
C SER J 272 -16.12 -5.89 -31.50
N HIS J 273 -15.48 -5.11 -30.63
CA HIS J 273 -14.07 -4.78 -30.80
C HIS J 273 -13.22 -6.03 -30.66
N LEU J 274 -12.37 -6.28 -31.65
CA LEU J 274 -11.49 -7.43 -31.57
C LEU J 274 -10.34 -7.15 -30.60
N ARG J 275 -9.99 -8.18 -29.83
CA ARG J 275 -8.93 -8.09 -28.84
C ARG J 275 -7.83 -9.07 -29.24
N TRP J 276 -6.71 -8.99 -28.52
CA TRP J 276 -5.58 -9.85 -28.80
C TRP J 276 -5.88 -11.29 -28.39
N GLY J 277 -5.24 -12.22 -29.09
CA GLY J 277 -5.44 -13.62 -28.80
C GLY J 277 -6.81 -14.14 -29.19
N GLN J 278 -7.39 -13.59 -30.25
CA GLN J 278 -8.76 -13.93 -30.61
C GLN J 278 -8.78 -14.75 -31.88
N PRO J 279 -9.50 -15.86 -31.91
CA PRO J 279 -9.57 -16.67 -33.14
C PRO J 279 -10.56 -16.09 -34.12
N LEU J 280 -10.27 -16.29 -35.41
CA LEU J 280 -11.09 -15.72 -36.47
C LEU J 280 -10.77 -16.45 -37.77
N ARG J 281 -11.65 -16.26 -38.74
CA ARG J 281 -11.47 -16.77 -40.08
C ARG J 281 -11.11 -15.61 -40.99
N ILE J 282 -10.62 -15.92 -42.19
CA ILE J 282 -10.23 -14.91 -43.16
C ILE J 282 -10.98 -15.19 -44.47
N ARG J 283 -11.66 -14.17 -44.98
CA ARG J 283 -12.46 -14.28 -46.19
C ARG J 283 -11.88 -13.39 -47.28
N HIS J 284 -11.69 -13.95 -48.45
CA HIS J 284 -11.53 -13.13 -49.64
C HIS J 284 -12.91 -12.76 -50.15
N VAL J 285 -13.08 -11.50 -50.53
CA VAL J 285 -14.41 -10.99 -50.84
C VAL J 285 -14.86 -11.32 -52.25
N THR J 286 -13.99 -11.26 -53.25
CA THR J 286 -14.41 -11.45 -54.62
C THR J 286 -14.58 -12.92 -54.96
N THR J 287 -13.55 -13.72 -54.65
CA THR J 287 -13.65 -15.15 -54.86
C THR J 287 -14.62 -15.81 -53.90
N GLY J 288 -14.79 -15.26 -52.70
CA GLY J 288 -15.60 -15.90 -51.70
C GLY J 288 -14.91 -17.09 -51.08
N ARG J 289 -13.59 -17.18 -51.21
CA ARG J 289 -12.83 -18.29 -50.66
C ARG J 289 -12.34 -17.93 -49.25
N TYR J 290 -12.00 -18.96 -48.48
CA TYR J 290 -11.48 -18.82 -47.14
C TYR J 290 -9.99 -19.11 -47.15
N LEU J 291 -9.21 -18.24 -46.51
CA LEU J 291 -7.77 -18.45 -46.39
C LEU J 291 -7.50 -19.55 -45.38
N ALA J 292 -6.66 -20.51 -45.76
CA ALA J 292 -6.31 -21.60 -44.87
C ALA J 292 -4.79 -21.69 -44.68
N LEU J 299 -0.65 -22.10 -46.18
CA LEU J 299 -0.97 -20.73 -46.54
C LEU J 299 -1.58 -20.62 -47.93
N VAL J 300 -2.76 -21.23 -48.11
CA VAL J 300 -3.50 -21.18 -49.35
C VAL J 300 -4.91 -20.70 -49.05
N VAL J 301 -5.61 -20.28 -50.09
CA VAL J 301 -7.03 -19.95 -49.93
C VAL J 301 -7.84 -21.17 -50.39
N VAL J 302 -9.01 -21.35 -49.80
CA VAL J 302 -9.75 -22.58 -49.98
C VAL J 302 -11.24 -22.26 -49.92
N ASP J 303 -12.05 -23.19 -50.42
CA ASP J 303 -13.48 -22.97 -50.46
C ASP J 303 -14.08 -23.07 -49.06
N ALA J 304 -15.24 -22.44 -48.89
CA ALA J 304 -15.96 -22.42 -47.62
C ALA J 304 -16.51 -23.78 -47.23
N CYS J 305 -16.85 -24.63 -48.22
CA CYS J 305 -17.36 -25.96 -47.91
C CYS J 305 -16.27 -26.85 -47.33
N LYS J 306 -15.03 -26.65 -47.74
CA LYS J 306 -13.87 -27.32 -47.17
C LYS J 306 -13.06 -26.42 -46.27
N ALA J 307 -13.66 -25.39 -45.70
CA ALA J 307 -13.02 -24.58 -44.68
C ALA J 307 -13.46 -25.07 -43.31
N HIS J 308 -12.54 -25.64 -42.54
CA HIS J 308 -12.85 -26.21 -41.24
C HIS J 308 -12.21 -25.36 -40.16
N THR J 309 -12.80 -25.39 -38.97
CA THR J 309 -12.22 -24.68 -37.84
C THR J 309 -10.89 -25.26 -37.43
N LYS J 310 -10.71 -26.56 -37.64
CA LYS J 310 -9.40 -27.18 -37.45
C LYS J 310 -8.42 -26.78 -38.55
N ALA J 311 -8.86 -26.76 -39.80
CA ALA J 311 -7.98 -26.44 -40.91
C ALA J 311 -7.63 -24.95 -40.94
N THR J 312 -8.63 -24.09 -40.93
CA THR J 312 -8.43 -22.65 -41.00
C THR J 312 -9.04 -21.96 -39.78
N SER J 313 -8.18 -21.49 -38.91
CA SER J 313 -8.55 -20.62 -37.78
C SER J 313 -7.32 -19.84 -37.40
N PHE J 314 -7.37 -18.53 -37.57
CA PHE J 314 -6.18 -17.69 -37.48
C PHE J 314 -6.35 -16.76 -36.30
N CYS J 315 -5.31 -15.98 -36.01
CA CYS J 315 -5.35 -15.08 -34.86
C CYS J 315 -4.35 -13.95 -35.02
N PHE J 316 -4.58 -12.89 -34.26
CA PHE J 316 -3.72 -11.71 -34.21
C PHE J 316 -2.96 -11.69 -32.90
N ARG J 317 -1.65 -11.85 -32.97
CA ARG J 317 -0.81 -11.70 -31.79
C ARG J 317 0.20 -10.58 -32.07
N VAL J 318 0.69 -9.97 -31.00
CA VAL J 318 1.65 -8.88 -31.16
C VAL J 318 3.05 -9.42 -31.43
N SER J 319 3.58 -10.19 -30.49
CA SER J 319 4.83 -10.91 -30.68
C SER J 319 4.76 -12.16 -29.81
N LYS J 320 5.40 -13.23 -30.27
CA LYS J 320 5.25 -14.53 -29.62
C LYS J 320 6.12 -14.59 -28.37
N GLU J 321 5.57 -14.11 -27.27
CA GLU J 321 5.98 -14.58 -25.96
C GLU J 321 5.28 -15.90 -25.71
N LYS J 322 5.84 -16.73 -24.82
CA LYS J 322 5.33 -18.07 -24.58
C LYS J 322 4.04 -17.95 -23.77
N LEU J 323 2.95 -17.65 -24.47
CA LEU J 323 1.66 -17.45 -23.84
C LEU J 323 0.75 -18.66 -24.03
N GLY J 333 -21.10 -7.87 -24.57
CA GLY J 333 -21.65 -7.05 -25.63
C GLY J 333 -20.61 -6.61 -26.62
N MET J 334 -20.27 -5.32 -26.60
CA MET J 334 -19.15 -4.85 -27.39
C MET J 334 -17.84 -5.14 -26.66
N GLY J 335 -16.74 -4.74 -27.30
CA GLY J 335 -15.44 -4.97 -26.73
C GLY J 335 -14.73 -3.69 -26.33
N PRO J 336 -13.71 -3.82 -25.49
CA PRO J 336 -12.81 -2.70 -25.23
C PRO J 336 -12.00 -2.39 -26.47
N PRO J 337 -11.68 -1.12 -26.70
CA PRO J 337 -10.99 -0.73 -27.95
C PRO J 337 -9.52 -1.13 -27.95
N GLU J 338 -9.26 -2.37 -28.36
CA GLU J 338 -7.92 -2.94 -28.28
C GLU J 338 -7.05 -2.58 -29.47
N ILE J 339 -7.53 -2.75 -30.69
CA ILE J 339 -6.69 -2.76 -31.88
C ILE J 339 -6.82 -1.43 -32.62
N LYS J 340 -5.78 -0.61 -32.57
CA LYS J 340 -5.75 0.66 -33.27
C LYS J 340 -5.54 0.44 -34.77
N TYR J 341 -5.67 1.52 -35.53
CA TYR J 341 -5.51 1.48 -36.98
C TYR J 341 -4.16 2.09 -37.35
N GLY J 342 -3.36 1.36 -38.13
CA GLY J 342 -2.07 1.81 -38.56
C GLY J 342 -0.98 1.74 -37.50
N GLU J 343 -1.29 1.27 -36.30
CA GLU J 343 -0.39 1.36 -35.17
C GLU J 343 -0.07 0.01 -34.54
N SER J 344 -0.91 -0.99 -34.75
CA SER J 344 -0.75 -2.28 -34.08
C SER J 344 0.45 -3.08 -34.57
N LEU J 345 0.64 -3.15 -35.90
CA LEU J 345 1.80 -3.77 -36.56
C LEU J 345 1.96 -5.23 -36.15
N CYS J 346 0.86 -5.96 -36.18
CA CYS J 346 0.80 -7.32 -35.66
C CYS J 346 0.72 -8.33 -36.79
N PHE J 347 1.11 -9.57 -36.49
CA PHE J 347 1.19 -10.64 -37.47
C PHE J 347 0.00 -11.58 -37.37
N VAL J 348 0.08 -12.66 -38.13
CA VAL J 348 -0.90 -13.75 -38.07
C VAL J 348 -0.14 -15.07 -37.96
N GLN J 349 -0.78 -16.05 -37.33
CA GLN J 349 -0.33 -17.43 -37.31
C GLN J 349 -1.53 -18.31 -37.03
N HIS J 350 -1.40 -19.60 -37.35
CA HIS J 350 -2.49 -20.53 -37.10
C HIS J 350 -2.65 -20.74 -35.60
N VAL J 351 -3.89 -20.92 -35.17
CA VAL J 351 -4.15 -21.13 -33.75
C VAL J 351 -3.85 -22.57 -33.35
N ALA J 352 -3.85 -23.48 -34.33
CA ALA J 352 -3.51 -24.88 -34.12
C ALA J 352 -2.05 -25.17 -34.40
N SER J 353 -1.36 -24.28 -35.10
CA SER J 353 -0.03 -24.63 -35.61
C SER J 353 1.01 -23.59 -35.22
N GLY J 354 0.59 -22.34 -35.04
CA GLY J 354 1.51 -21.29 -34.61
C GLY J 354 2.49 -20.88 -35.70
N LEU J 355 2.10 -21.05 -36.96
CA LEU J 355 2.99 -20.88 -38.10
C LEU J 355 2.83 -19.50 -38.73
N TRP J 356 3.91 -18.73 -38.68
CA TRP J 356 3.91 -17.34 -39.12
C TRP J 356 3.94 -17.25 -40.64
N LEU J 357 2.93 -16.61 -41.21
CA LEU J 357 2.88 -16.39 -42.65
C LEU J 357 3.92 -15.33 -43.01
N THR J 358 4.88 -15.71 -43.86
CA THR J 358 5.85 -14.75 -44.37
C THR J 358 6.29 -15.13 -45.77
N TYR J 359 7.12 -14.29 -46.38
CA TYR J 359 7.45 -14.43 -47.79
C TYR J 359 8.49 -15.53 -47.99
N ALA J 360 9.06 -15.58 -49.19
CA ALA J 360 10.08 -16.56 -49.51
C ALA J 360 11.46 -15.92 -49.52
N LEU J 372 8.82 -10.20 -58.02
CA LEU J 372 8.11 -9.23 -57.19
C LEU J 372 7.06 -9.94 -56.35
N LYS J 373 6.65 -11.10 -56.82
CA LYS J 373 5.61 -11.89 -56.17
C LYS J 373 6.26 -12.68 -55.05
N LYS J 374 6.53 -12.01 -53.93
CA LYS J 374 7.11 -12.65 -52.76
C LYS J 374 6.07 -13.59 -52.15
N LYS J 375 6.23 -14.88 -52.42
CA LYS J 375 5.17 -15.84 -52.09
C LYS J 375 5.08 -16.04 -50.58
N ALA J 376 3.89 -15.74 -50.06
CA ALA J 376 3.66 -15.82 -48.62
C ALA J 376 3.49 -17.27 -48.20
N ILE J 377 4.19 -17.66 -47.15
CA ILE J 377 4.14 -19.01 -46.65
C ILE J 377 4.21 -18.98 -45.12
N LEU J 378 3.39 -19.82 -44.49
CA LEU J 378 3.47 -20.05 -43.06
C LEU J 378 4.81 -20.72 -42.77
N HIS J 379 5.67 -20.02 -42.03
CA HIS J 379 7.02 -20.49 -41.76
C HIS J 379 7.30 -20.43 -40.26
N GLN J 380 7.81 -21.54 -39.73
CA GLN J 380 8.04 -21.66 -38.30
C GLN J 380 9.27 -20.89 -37.83
N GLU J 381 10.13 -20.49 -38.76
CA GLU J 381 11.24 -19.63 -38.36
C GLU J 381 10.77 -18.20 -38.17
N GLY J 382 9.87 -17.74 -39.03
CA GLY J 382 9.45 -16.36 -39.03
C GLY J 382 10.55 -15.46 -39.55
N HIS J 383 10.36 -14.16 -39.33
CA HIS J 383 11.30 -13.15 -39.78
C HIS J 383 11.21 -11.94 -38.87
N MET J 384 11.81 -10.85 -39.31
CA MET J 384 11.62 -9.56 -38.69
C MET J 384 10.72 -8.65 -39.51
N ASP J 385 9.96 -9.21 -40.45
CA ASP J 385 9.14 -8.43 -41.37
C ASP J 385 7.67 -8.83 -41.37
N ASP J 386 7.23 -9.57 -40.36
CA ASP J 386 5.81 -9.91 -40.24
C ASP J 386 5.03 -8.91 -39.41
N ALA J 387 5.66 -7.81 -39.00
CA ALA J 387 4.98 -6.73 -38.30
C ALA J 387 4.26 -5.87 -39.33
N LEU J 388 2.98 -6.16 -39.52
CA LEU J 388 2.21 -5.56 -40.60
C LEU J 388 1.03 -4.76 -40.09
N PHE J 389 0.81 -3.58 -40.69
CA PHE J 389 -0.19 -2.63 -40.22
C PHE J 389 -1.42 -2.64 -41.13
N LEU J 390 -2.59 -2.54 -40.53
CA LEU J 390 -3.84 -2.68 -41.25
C LEU J 390 -4.43 -1.33 -41.62
N THR J 391 -5.20 -1.30 -42.70
CA THR J 391 -5.91 -0.11 -43.15
C THR J 391 -7.33 -0.49 -43.50
N ARG J 392 -8.28 0.29 -43.00
CA ARG J 392 -9.69 0.05 -43.27
C ARG J 392 -10.05 0.52 -44.68
N CYS J 393 -10.95 -0.22 -45.33
CA CYS J 393 -11.38 0.09 -46.68
C CYS J 393 -12.40 1.22 -46.70
N GLN J 394 -13.03 1.40 -47.85
CA GLN J 394 -13.98 2.48 -48.09
C GLN J 394 -15.37 1.88 -48.37
N GLN J 395 -16.41 2.62 -47.98
CA GLN J 395 -17.79 2.13 -47.98
C GLN J 395 -18.36 1.90 -49.38
N GLU J 396 -18.14 2.84 -50.30
CA GLU J 396 -18.60 2.64 -51.67
C GLU J 396 -17.85 1.54 -52.39
N GLU J 397 -16.55 1.42 -52.14
CA GLU J 397 -15.74 0.37 -52.73
C GLU J 397 -16.12 -1.01 -52.24
N SER J 398 -16.30 -1.17 -50.92
CA SER J 398 -16.61 -2.47 -50.35
C SER J 398 -18.00 -2.93 -50.75
N GLN J 399 -18.92 -2.00 -50.98
CA GLN J 399 -20.21 -2.37 -51.55
C GLN J 399 -20.05 -2.85 -52.97
N ALA J 400 -19.15 -2.23 -53.73
CA ALA J 400 -18.88 -2.67 -55.09
C ALA J 400 -18.16 -4.01 -55.10
N ALA J 401 -17.51 -4.36 -54.01
CA ALA J 401 -16.79 -5.63 -53.96
C ALA J 401 -17.71 -6.82 -53.98
N ARG J 402 -18.64 -6.90 -53.03
CA ARG J 402 -19.41 -8.12 -52.83
C ARG J 402 -20.36 -8.41 -53.97
N MET J 403 -20.76 -7.39 -54.72
CA MET J 403 -21.63 -7.66 -55.86
C MET J 403 -20.90 -8.30 -57.03
N ILE J 404 -19.57 -8.20 -57.09
CA ILE J 404 -18.82 -8.96 -58.07
C ILE J 404 -18.99 -10.44 -57.84
N HIS J 405 -18.83 -10.87 -56.60
CA HIS J 405 -19.03 -12.25 -56.21
C HIS J 405 -20.45 -12.71 -56.43
N SER J 406 -21.42 -11.82 -56.22
CA SER J 406 -22.81 -12.18 -56.41
C SER J 406 -23.12 -12.33 -57.89
N THR J 407 -22.47 -11.56 -58.75
CA THR J 407 -22.73 -11.66 -60.18
C THR J 407 -21.98 -12.79 -60.83
N ALA J 408 -20.68 -12.90 -60.57
CA ALA J 408 -19.85 -13.91 -61.23
C ALA J 408 -20.28 -15.33 -60.84
N GLY J 409 -20.74 -15.50 -59.61
CA GLY J 409 -21.33 -16.77 -59.21
C GLY J 409 -22.60 -17.10 -59.96
N LEU J 410 -23.35 -16.09 -60.38
CA LEU J 410 -24.50 -16.33 -61.22
C LEU J 410 -24.11 -16.54 -62.68
N TYR J 411 -23.14 -15.75 -63.14
CA TYR J 411 -22.81 -15.73 -64.55
C TYR J 411 -22.09 -16.98 -65.03
N ASN J 412 -21.08 -17.44 -64.29
CA ASN J 412 -20.42 -18.68 -64.67
C ASN J 412 -21.36 -19.87 -64.50
N GLN J 413 -22.27 -19.80 -63.54
CA GLN J 413 -23.36 -20.75 -63.46
C GLN J 413 -24.26 -20.66 -64.69
N PHE J 414 -24.44 -19.45 -65.21
CA PHE J 414 -25.26 -19.30 -66.40
C PHE J 414 -24.52 -19.77 -67.64
N ILE J 415 -23.19 -19.62 -67.68
CA ILE J 415 -22.44 -20.00 -68.87
C ILE J 415 -22.43 -21.51 -69.05
N LYS J 416 -22.03 -22.24 -68.02
CA LYS J 416 -21.99 -23.69 -68.11
C LYS J 416 -23.37 -24.31 -68.11
N GLY J 417 -24.38 -23.59 -67.61
CA GLY J 417 -25.75 -24.04 -67.83
C GLY J 417 -26.11 -23.97 -69.30
N LEU J 418 -25.60 -22.96 -70.00
CA LEU J 418 -25.81 -22.89 -71.44
C LEU J 418 -24.93 -23.90 -72.17
N ASP J 419 -23.72 -24.14 -71.68
CA ASP J 419 -22.79 -25.07 -72.30
C ASP J 419 -23.24 -26.53 -72.24
N SER J 420 -24.23 -26.86 -71.41
CA SER J 420 -24.69 -28.23 -71.31
C SER J 420 -25.35 -28.72 -72.59
N PHE J 421 -26.27 -27.93 -73.15
CA PHE J 421 -26.93 -28.28 -74.40
C PHE J 421 -26.34 -27.49 -75.56
N SER J 422 -25.08 -27.08 -75.42
CA SER J 422 -24.43 -26.28 -76.46
C SER J 422 -24.22 -27.08 -77.73
N GLY J 423 -24.16 -28.41 -77.62
CA GLY J 423 -24.11 -29.27 -78.79
C GLY J 423 -25.29 -30.20 -78.95
N LYS J 424 -26.07 -30.44 -77.91
CA LYS J 424 -27.13 -31.44 -77.94
C LYS J 424 -28.47 -30.77 -78.15
N PRO J 425 -29.15 -31.00 -79.27
CA PRO J 425 -30.50 -30.47 -79.45
C PRO J 425 -31.49 -31.18 -78.54
N ARG J 426 -32.59 -30.50 -78.25
CA ARG J 426 -33.64 -31.01 -77.39
C ARG J 426 -34.86 -31.38 -78.23
N GLY J 427 -35.24 -32.65 -78.19
CA GLY J 427 -36.43 -33.10 -78.87
C GLY J 427 -37.65 -32.98 -77.97
N PRO J 434 -30.97 -29.52 -65.29
CA PRO J 434 -31.31 -28.33 -64.53
C PRO J 434 -31.98 -27.28 -65.39
N ALA J 435 -32.43 -26.19 -64.77
CA ALA J 435 -32.99 -25.07 -65.51
C ALA J 435 -32.06 -23.86 -65.39
N LEU J 436 -31.80 -23.22 -66.52
CA LEU J 436 -30.87 -22.10 -66.54
C LEU J 436 -31.54 -20.88 -65.91
N PRO J 437 -30.79 -20.04 -65.17
CA PRO J 437 -31.42 -18.93 -64.42
C PRO J 437 -31.82 -17.75 -65.30
N ILE J 438 -33.00 -17.86 -65.89
CA ILE J 438 -33.47 -16.81 -66.79
C ILE J 438 -33.94 -15.59 -66.01
N GLU J 439 -34.86 -15.77 -65.07
CA GLU J 439 -35.41 -14.64 -64.34
C GLU J 439 -34.40 -14.08 -63.36
N ALA J 440 -33.45 -14.90 -62.90
CA ALA J 440 -32.42 -14.39 -62.00
C ALA J 440 -31.42 -13.49 -62.69
N VAL J 441 -31.21 -13.67 -63.99
CA VAL J 441 -30.17 -12.88 -64.63
C VAL J 441 -30.73 -11.59 -65.23
N ILE J 442 -32.03 -11.54 -65.54
CA ILE J 442 -32.62 -10.36 -66.15
C ILE J 442 -32.65 -9.20 -65.18
N LEU J 443 -33.03 -9.49 -63.94
CA LEU J 443 -33.07 -8.44 -62.93
C LEU J 443 -31.67 -8.08 -62.48
N SER J 444 -30.72 -9.00 -62.59
CA SER J 444 -29.38 -8.73 -62.11
C SER J 444 -28.61 -7.79 -63.05
N LEU J 445 -28.90 -7.84 -64.34
CA LEU J 445 -28.27 -6.88 -65.23
C LEU J 445 -28.85 -5.49 -65.04
N GLN J 446 -30.16 -5.40 -64.82
CA GLN J 446 -30.81 -4.11 -64.83
C GLN J 446 -30.40 -3.26 -63.63
N ASP J 447 -30.09 -3.90 -62.51
CA ASP J 447 -29.51 -3.15 -61.40
C ASP J 447 -28.10 -2.68 -61.74
N LEU J 448 -27.40 -3.40 -62.60
CA LEU J 448 -26.04 -3.00 -62.92
C LEU J 448 -26.03 -1.84 -63.90
N ILE J 449 -27.06 -1.72 -64.74
CA ILE J 449 -27.12 -0.58 -65.64
C ILE J 449 -27.32 0.71 -64.86
N GLY J 450 -28.28 0.69 -63.93
CA GLY J 450 -28.47 1.83 -63.06
C GLY J 450 -27.35 2.02 -62.07
N TYR J 451 -26.57 0.98 -61.81
CA TYR J 451 -25.37 1.18 -61.00
C TYR J 451 -24.34 2.01 -61.74
N PHE J 452 -24.26 1.85 -63.05
CA PHE J 452 -23.22 2.50 -63.85
C PHE J 452 -23.73 3.68 -64.63
N GLU J 453 -24.87 4.22 -64.24
CA GLU J 453 -25.52 5.22 -65.06
C GLU J 453 -24.80 6.56 -64.91
N PRO J 454 -24.49 7.24 -66.03
CA PRO J 454 -23.72 8.47 -65.93
C PRO J 454 -24.57 9.59 -65.37
N PRO J 455 -23.99 10.50 -64.59
CA PRO J 455 -24.79 11.51 -63.90
C PRO J 455 -25.31 12.56 -64.86
N SER J 456 -26.34 13.27 -64.39
CA SER J 456 -27.09 14.18 -65.25
C SER J 456 -26.28 15.43 -65.58
N GLU J 457 -26.60 16.00 -66.74
CA GLU J 457 -25.96 17.24 -67.14
C GLU J 457 -26.55 18.46 -66.47
N GLU J 458 -27.77 18.36 -65.96
CA GLU J 458 -28.40 19.47 -65.26
C GLU J 458 -27.92 19.60 -63.82
N LEU J 459 -27.04 18.72 -63.37
CA LEU J 459 -26.51 18.75 -62.03
C LEU J 459 -25.53 19.92 -61.91
N GLN J 460 -25.27 20.31 -60.66
CA GLN J 460 -24.29 21.36 -60.41
C GLN J 460 -22.89 20.86 -60.74
N HIS J 461 -22.07 21.77 -61.31
CA HIS J 461 -20.78 21.42 -61.88
C HIS J 461 -19.82 20.82 -60.85
N GLU J 462 -19.74 21.39 -59.65
CA GLU J 462 -18.81 20.87 -58.66
C GLU J 462 -19.21 19.48 -58.18
N GLU J 463 -20.49 19.16 -58.22
CA GLU J 463 -20.92 17.84 -57.81
C GLU J 463 -20.85 16.84 -58.97
N LYS J 464 -21.11 17.29 -60.20
CA LYS J 464 -20.97 16.44 -61.37
C LYS J 464 -19.55 15.92 -61.51
N GLN J 465 -18.56 16.77 -61.31
CA GLN J 465 -17.18 16.35 -61.39
C GLN J 465 -16.82 15.40 -60.26
N SER J 466 -17.41 15.59 -59.08
CA SER J 466 -17.11 14.70 -57.96
C SER J 466 -17.70 13.32 -58.17
N LYS J 467 -18.89 13.24 -58.76
CA LYS J 467 -19.51 11.95 -58.99
C LYS J 467 -18.85 11.21 -60.15
N LEU J 468 -18.17 11.93 -61.03
CA LEU J 468 -17.51 11.27 -62.14
C LEU J 468 -16.33 10.43 -61.68
N ARG J 469 -15.50 11.00 -60.80
CA ARG J 469 -14.31 10.28 -60.36
C ARG J 469 -14.65 9.09 -59.48
N SER J 470 -15.85 9.07 -58.91
CA SER J 470 -16.34 7.85 -58.28
C SER J 470 -16.66 6.81 -59.34
N LEU J 471 -17.26 7.25 -60.44
CA LEU J 471 -17.62 6.32 -61.50
C LEU J 471 -16.39 5.81 -62.23
N ARG J 472 -15.36 6.65 -62.34
CA ARG J 472 -14.12 6.22 -63.00
C ARG J 472 -13.43 5.12 -62.20
N ASN J 473 -13.55 5.14 -60.88
CA ASN J 473 -13.03 4.03 -60.09
C ASN J 473 -13.83 2.77 -60.34
N ARG J 474 -15.14 2.83 -60.13
CA ARG J 474 -15.89 1.60 -60.06
C ARG J 474 -16.29 1.05 -61.42
N GLN J 475 -15.74 1.56 -62.52
CA GLN J 475 -15.69 0.74 -63.72
C GLN J 475 -14.30 0.19 -63.98
N SER J 476 -13.25 0.93 -63.58
CA SER J 476 -11.92 0.38 -63.53
C SER J 476 -11.83 -0.74 -62.51
N LEU J 477 -12.61 -0.65 -61.44
CA LEU J 477 -12.62 -1.68 -60.42
C LEU J 477 -13.37 -2.93 -60.89
N PHE J 478 -14.10 -2.85 -61.99
CA PHE J 478 -14.72 -4.06 -62.51
C PHE J 478 -13.89 -4.69 -63.61
N GLN J 479 -13.48 -3.89 -64.60
CA GLN J 479 -12.80 -4.42 -65.77
C GLN J 479 -11.42 -4.98 -65.45
N GLU J 480 -10.77 -4.46 -64.40
CA GLU J 480 -9.55 -5.08 -63.93
C GLU J 480 -9.81 -6.46 -63.34
N GLU J 481 -10.62 -6.54 -62.30
CA GLU J 481 -10.96 -7.84 -61.72
C GLU J 481 -12.04 -8.50 -62.56
N GLY J 482 -11.58 -9.07 -63.68
CA GLY J 482 -12.42 -9.79 -64.61
C GLY J 482 -13.50 -8.93 -65.22
N MET J 483 -14.71 -9.50 -65.32
CA MET J 483 -15.97 -8.80 -65.49
C MET J 483 -16.07 -7.99 -66.76
N LEU J 484 -15.13 -8.12 -67.68
CA LEU J 484 -15.31 -7.53 -68.99
C LEU J 484 -15.38 -8.66 -69.99
N SER J 485 -14.35 -9.51 -69.98
CA SER J 485 -14.32 -10.68 -70.84
C SER J 485 -15.35 -11.70 -70.41
N LEU J 486 -15.64 -11.74 -69.10
CA LEU J 486 -16.72 -12.58 -68.59
C LEU J 486 -18.05 -12.16 -69.18
N VAL J 487 -18.24 -10.85 -69.38
CA VAL J 487 -19.40 -10.39 -70.11
C VAL J 487 -19.25 -10.68 -71.60
N LEU J 488 -18.01 -10.64 -72.11
CA LEU J 488 -17.80 -10.95 -73.52
C LEU J 488 -18.12 -12.40 -73.84
N ASN J 489 -17.87 -13.30 -72.87
CA ASN J 489 -18.17 -14.71 -73.06
C ASN J 489 -19.65 -14.98 -73.26
N CYS J 490 -20.50 -14.50 -72.34
CA CYS J 490 -21.91 -14.81 -72.41
C CYS J 490 -22.60 -14.19 -73.61
N ILE J 491 -21.97 -13.21 -74.25
CA ILE J 491 -22.36 -12.86 -75.61
C ILE J 491 -22.04 -13.99 -76.56
N ASP J 492 -20.77 -14.44 -76.58
CA ASP J 492 -20.37 -15.33 -77.66
C ASP J 492 -20.86 -16.76 -77.47
N ARG J 493 -21.39 -17.11 -76.31
CA ARG J 493 -22.16 -18.33 -76.24
C ARG J 493 -23.59 -18.13 -76.72
N LEU J 494 -24.06 -16.89 -76.78
CA LEU J 494 -25.45 -16.63 -77.11
C LEU J 494 -25.66 -16.18 -78.53
N ASN J 495 -24.66 -15.54 -79.15
CA ASN J 495 -24.82 -14.94 -80.46
C ASN J 495 -24.93 -15.96 -81.58
N VAL J 496 -24.61 -17.22 -81.30
CA VAL J 496 -24.57 -18.26 -82.33
C VAL J 496 -25.97 -18.68 -82.74
N TYR J 497 -26.98 -18.27 -82.00
CA TYR J 497 -28.35 -18.65 -82.28
C TYR J 497 -29.06 -17.49 -82.96
N THR J 498 -28.84 -17.34 -84.27
CA THR J 498 -29.38 -16.18 -84.96
C THR J 498 -30.88 -16.26 -85.20
N THR J 499 -31.40 -17.44 -85.46
CA THR J 499 -32.84 -17.63 -85.38
C THR J 499 -33.26 -17.51 -83.93
N ALA J 500 -34.13 -16.54 -83.67
CA ALA J 500 -34.44 -16.14 -82.30
C ALA J 500 -35.22 -17.20 -81.56
N ALA J 501 -35.89 -18.08 -82.27
CA ALA J 501 -36.63 -19.16 -81.65
C ALA J 501 -36.14 -20.54 -82.01
N HIS J 502 -35.84 -20.80 -83.28
CA HIS J 502 -35.49 -22.13 -83.75
C HIS J 502 -34.15 -22.57 -83.18
N PHE J 503 -33.16 -21.67 -83.20
CA PHE J 503 -31.90 -22.02 -82.57
C PHE J 503 -31.91 -21.72 -81.07
N ALA J 504 -32.99 -21.15 -80.56
CA ALA J 504 -33.22 -21.12 -79.13
C ALA J 504 -34.03 -22.32 -78.66
N GLU J 505 -34.42 -23.21 -79.58
CA GLU J 505 -35.12 -24.43 -79.20
C GLU J 505 -34.18 -25.51 -78.69
N TYR J 506 -32.87 -25.25 -78.67
CA TYR J 506 -31.95 -26.13 -77.97
C TYR J 506 -32.20 -26.12 -76.47
N ALA J 507 -32.65 -25.00 -75.93
CA ALA J 507 -33.16 -24.92 -74.57
C ALA J 507 -34.61 -25.39 -74.48
N GLY J 508 -35.45 -24.89 -75.36
CA GLY J 508 -36.86 -25.18 -75.29
C GLY J 508 -37.66 -23.94 -75.66
N GLU J 509 -38.85 -23.86 -75.08
CA GLU J 509 -39.69 -22.69 -75.29
C GLU J 509 -39.63 -21.74 -74.10
N GLU J 510 -39.09 -22.18 -72.97
CA GLU J 510 -39.07 -21.35 -71.78
C GLU J 510 -38.07 -20.22 -71.90
N ALA J 511 -36.81 -20.53 -72.17
CA ALA J 511 -35.80 -19.50 -72.33
C ALA J 511 -35.90 -18.81 -73.70
N ALA J 512 -36.67 -19.37 -74.63
CA ALA J 512 -36.74 -18.83 -75.97
C ALA J 512 -37.46 -17.49 -76.01
N GLU J 513 -38.44 -17.30 -75.14
CA GLU J 513 -39.21 -16.06 -75.15
C GLU J 513 -38.38 -14.90 -74.61
N SER J 514 -37.35 -15.17 -73.82
CA SER J 514 -36.54 -14.13 -73.22
C SER J 514 -35.19 -13.98 -73.89
N TRP J 515 -34.98 -14.62 -75.04
CA TRP J 515 -33.69 -14.50 -75.71
C TRP J 515 -33.52 -13.13 -76.32
N LYS J 516 -34.61 -12.52 -76.78
CA LYS J 516 -34.53 -11.21 -77.40
C LYS J 516 -34.16 -10.14 -76.38
N GLU J 517 -34.58 -10.31 -75.14
CA GLU J 517 -34.27 -9.31 -74.12
C GLU J 517 -32.82 -9.40 -73.68
N ILE J 518 -32.32 -10.61 -73.44
CA ILE J 518 -31.08 -10.79 -72.69
C ILE J 518 -29.88 -10.34 -73.51
N VAL J 519 -30.01 -10.33 -74.84
CA VAL J 519 -28.96 -9.76 -75.66
C VAL J 519 -28.92 -8.25 -75.54
N ASN J 520 -30.08 -7.59 -75.59
CA ASN J 520 -30.12 -6.12 -75.61
C ASN J 520 -29.61 -5.55 -74.30
N LEU J 521 -29.99 -6.16 -73.19
CA LEU J 521 -29.51 -5.70 -71.90
C LEU J 521 -28.02 -5.95 -71.74
N LEU J 522 -27.47 -6.95 -72.44
CA LEU J 522 -26.06 -7.23 -72.30
C LEU J 522 -25.21 -6.16 -72.96
N TYR J 523 -25.60 -5.73 -74.16
CA TYR J 523 -24.83 -4.69 -74.83
C TYR J 523 -24.98 -3.35 -74.16
N GLU J 524 -26.07 -3.14 -73.44
CA GLU J 524 -26.23 -1.90 -72.69
C GLU J 524 -25.25 -1.86 -71.52
N LEU J 525 -24.99 -3.01 -70.89
CA LEU J 525 -24.02 -3.07 -69.82
C LEU J 525 -22.62 -2.73 -70.30
N LEU J 526 -22.19 -3.41 -71.37
CA LEU J 526 -20.87 -3.20 -71.93
C LEU J 526 -20.68 -1.77 -72.41
N ALA J 527 -21.70 -1.20 -73.05
CA ALA J 527 -21.66 0.21 -73.41
C ALA J 527 -21.63 1.10 -72.20
N SER J 528 -22.23 0.67 -71.09
CA SER J 528 -22.16 1.48 -69.90
C SER J 528 -20.81 1.36 -69.22
N LEU J 529 -20.08 0.28 -69.49
CA LEU J 529 -18.77 0.13 -68.89
C LEU J 529 -17.74 1.08 -69.48
N ILE J 530 -17.62 1.12 -70.80
CA ILE J 530 -16.50 1.81 -71.42
C ILE J 530 -16.91 3.20 -71.86
N ARG J 531 -17.98 3.73 -71.28
CA ARG J 531 -18.38 5.10 -71.58
C ARG J 531 -17.40 6.01 -70.87
N GLY J 532 -16.82 6.95 -71.60
CA GLY J 532 -15.93 7.92 -70.99
C GLY J 532 -14.51 7.44 -70.75
N ASN J 533 -14.36 6.25 -70.19
CA ASN J 533 -13.07 5.73 -69.77
C ASN J 533 -12.16 5.47 -70.96
N ARG J 534 -10.95 6.04 -70.90
CA ARG J 534 -9.98 5.77 -71.97
C ARG J 534 -9.29 4.44 -71.78
N ALA J 535 -9.01 4.06 -70.52
CA ALA J 535 -8.22 2.87 -70.25
C ALA J 535 -8.96 1.60 -70.63
N ASN J 536 -10.26 1.54 -70.38
CA ASN J 536 -11.00 0.35 -70.79
C ASN J 536 -11.31 0.34 -72.26
N CYS J 537 -11.25 1.51 -72.92
CA CYS J 537 -11.49 1.53 -74.35
C CYS J 537 -10.35 0.90 -75.14
N ALA J 538 -9.13 0.92 -74.62
CA ALA J 538 -8.04 0.25 -75.28
C ALA J 538 -8.13 -1.27 -75.17
N LEU J 539 -9.01 -1.79 -74.32
CA LEU J 539 -9.18 -3.22 -74.18
C LEU J 539 -9.90 -3.85 -75.36
N PHE J 540 -10.38 -3.05 -76.31
CA PHE J 540 -11.01 -3.57 -77.50
C PHE J 540 -10.13 -3.44 -78.73
N SER J 541 -8.87 -3.03 -78.54
CA SER J 541 -7.95 -2.88 -79.65
C SER J 541 -7.51 -4.22 -80.22
N THR J 542 -7.71 -5.31 -79.49
CA THR J 542 -7.37 -6.63 -79.99
C THR J 542 -8.54 -7.28 -80.72
N ASN J 543 -9.75 -7.16 -80.20
CA ASN J 543 -10.91 -7.80 -80.81
C ASN J 543 -11.85 -6.76 -81.40
N LEU J 544 -11.28 -5.77 -82.06
CA LEU J 544 -12.07 -4.80 -82.82
C LEU J 544 -12.89 -5.48 -83.90
N ASP J 545 -12.29 -6.44 -84.61
CA ASP J 545 -12.98 -7.17 -85.65
C ASP J 545 -14.08 -8.07 -85.09
N TRP J 546 -13.98 -8.44 -83.81
CA TRP J 546 -15.08 -9.17 -83.19
C TRP J 546 -16.34 -8.32 -83.10
N VAL J 547 -16.18 -7.01 -82.91
CA VAL J 547 -17.31 -6.11 -82.80
C VAL J 547 -17.98 -5.89 -84.15
N VAL J 548 -17.20 -5.50 -85.16
CA VAL J 548 -17.74 -5.07 -86.43
C VAL J 548 -18.35 -6.24 -87.20
N SER J 549 -17.95 -7.46 -86.87
CA SER J 549 -18.49 -8.64 -87.53
C SER J 549 -19.92 -8.94 -87.14
N LYS J 550 -20.46 -8.28 -86.11
CA LYS J 550 -21.81 -8.55 -85.65
C LYS J 550 -22.76 -7.37 -85.87
N LEU J 551 -22.43 -6.48 -86.80
CA LEU J 551 -23.23 -5.27 -86.98
C LEU J 551 -24.55 -5.56 -87.67
N ASP J 552 -24.58 -6.51 -88.58
CA ASP J 552 -25.81 -6.85 -89.29
C ASP J 552 -26.53 -8.02 -88.62
N ARG J 553 -26.41 -8.14 -87.30
CA ARG J 553 -26.93 -9.33 -86.63
C ARG J 553 -28.44 -9.29 -86.43
N LEU J 554 -29.10 -8.17 -86.76
CA LEU J 554 -30.54 -7.97 -86.86
C LEU J 554 -31.24 -7.95 -85.49
N GLU J 555 -30.54 -8.30 -84.43
CA GLU J 555 -31.06 -8.21 -83.07
C GLU J 555 -30.13 -7.27 -82.32
N ALA J 556 -30.72 -6.25 -81.69
CA ALA J 556 -30.01 -5.19 -80.98
C ALA J 556 -28.99 -4.48 -81.87
N SER J 557 -29.43 -4.20 -83.11
CA SER J 557 -28.59 -3.48 -84.06
C SER J 557 -28.22 -2.09 -83.57
N SER J 558 -29.11 -1.42 -82.85
CA SER J 558 -28.73 -0.20 -82.18
C SER J 558 -27.79 -0.45 -81.02
N GLY J 559 -27.87 -1.63 -80.41
CA GLY J 559 -27.08 -1.94 -79.24
C GLY J 559 -25.59 -2.01 -79.51
N ILE J 560 -25.19 -2.79 -80.51
CA ILE J 560 -23.77 -2.89 -80.84
C ILE J 560 -23.26 -1.58 -81.42
N LEU J 561 -24.08 -0.93 -82.23
CA LEU J 561 -23.71 0.36 -82.81
C LEU J 561 -23.53 1.41 -81.72
N GLU J 562 -24.24 1.29 -80.62
CA GLU J 562 -23.98 2.11 -79.45
C GLU J 562 -22.60 1.82 -78.86
N VAL J 563 -22.20 0.55 -78.79
CA VAL J 563 -20.93 0.18 -78.19
C VAL J 563 -19.77 0.69 -79.04
N LEU J 564 -19.94 0.64 -80.35
CA LEU J 564 -18.89 1.10 -81.26
C LEU J 564 -18.70 2.60 -81.17
N TYR J 565 -19.76 3.34 -80.86
CA TYR J 565 -19.63 4.79 -80.85
C TYR J 565 -18.88 5.28 -79.63
N CYS J 566 -19.11 4.66 -78.48
CA CYS J 566 -18.43 5.12 -77.28
C CYS J 566 -16.96 4.69 -77.25
N VAL J 567 -16.59 3.63 -77.96
CA VAL J 567 -15.19 3.21 -77.95
C VAL J 567 -14.36 4.03 -78.94
N LEU J 568 -14.99 4.59 -79.97
CA LEU J 568 -14.27 5.31 -80.99
C LEU J 568 -14.16 6.80 -80.71
N ILE J 569 -14.37 7.23 -79.46
CA ILE J 569 -14.21 8.63 -79.11
C ILE J 569 -13.32 8.81 -77.91
N GLU J 570 -12.92 7.74 -77.24
CA GLU J 570 -12.10 7.87 -76.05
C GLU J 570 -10.64 7.52 -76.24
N SER J 571 -10.32 6.49 -77.03
CA SER J 571 -8.94 6.06 -77.22
C SER J 571 -8.61 6.14 -78.70
N PRO J 572 -7.78 7.10 -79.11
CA PRO J 572 -7.54 7.36 -80.54
C PRO J 572 -6.71 6.32 -81.24
N GLU J 573 -6.08 5.41 -80.50
CA GLU J 573 -5.29 4.35 -81.13
C GLU J 573 -6.15 3.33 -81.86
N VAL J 574 -7.45 3.32 -81.62
CA VAL J 574 -8.31 2.36 -82.28
C VAL J 574 -8.73 2.90 -83.64
N LEU J 575 -8.44 4.18 -83.93
CA LEU J 575 -8.70 4.70 -85.27
C LEU J 575 -7.80 4.10 -86.32
N ASN J 576 -6.49 4.24 -86.18
CA ASN J 576 -5.55 3.90 -87.24
C ASN J 576 -5.23 2.42 -87.32
N ILE J 577 -5.96 1.58 -86.61
CA ILE J 577 -5.89 0.14 -86.79
C ILE J 577 -7.10 -0.38 -87.56
N ILE J 578 -7.73 0.46 -88.36
CA ILE J 578 -8.94 0.11 -89.09
C ILE J 578 -8.61 0.11 -90.58
N GLN J 579 -8.91 -0.99 -91.24
CA GLN J 579 -8.64 -1.12 -92.66
C GLN J 579 -9.93 -0.95 -93.45
N GLU J 580 -9.81 -1.10 -94.77
CA GLU J 580 -10.92 -0.85 -95.68
C GLU J 580 -12.00 -1.92 -95.59
N ASN J 581 -11.69 -3.09 -95.03
CA ASN J 581 -12.72 -4.11 -94.87
C ASN J 581 -13.71 -3.74 -93.78
N HIS J 582 -13.33 -2.86 -92.85
CA HIS J 582 -14.26 -2.47 -91.79
C HIS J 582 -15.21 -1.40 -92.25
N ILE J 583 -14.70 -0.37 -92.93
CA ILE J 583 -15.52 0.75 -93.40
C ILE J 583 -16.56 0.28 -94.40
N LYS J 584 -16.22 -0.72 -95.20
CA LYS J 584 -17.18 -1.23 -96.16
C LYS J 584 -18.31 -2.00 -95.52
N SER J 585 -18.16 -2.40 -94.25
CA SER J 585 -19.31 -2.98 -93.57
C SER J 585 -20.22 -1.91 -93.01
N ILE J 586 -19.66 -0.79 -92.55
CA ILE J 586 -20.44 0.28 -91.92
C ILE J 586 -21.33 0.96 -92.94
N ILE J 587 -20.81 1.26 -94.13
CA ILE J 587 -21.66 1.76 -95.21
C ILE J 587 -22.70 0.71 -95.59
N SER J 588 -22.31 -0.57 -95.55
CA SER J 588 -23.30 -1.63 -95.77
C SER J 588 -24.28 -1.76 -94.61
N LEU J 589 -23.95 -1.22 -93.43
CA LEU J 589 -24.94 -1.17 -92.37
C LEU J 589 -25.96 -0.08 -92.64
N LEU J 590 -25.49 1.07 -93.11
CA LEU J 590 -26.37 2.20 -93.40
C LEU J 590 -27.32 1.87 -94.55
N ASP J 591 -26.86 1.13 -95.54
CA ASP J 591 -27.67 0.74 -96.68
C ASP J 591 -28.72 -0.30 -96.35
N LYS J 592 -28.64 -0.95 -95.19
CA LYS J 592 -29.61 -1.94 -94.79
C LYS J 592 -30.37 -1.59 -93.52
N HIS J 593 -30.18 -0.40 -92.97
CA HIS J 593 -30.87 -0.02 -91.75
C HIS J 593 -31.35 1.42 -91.81
N GLY J 594 -31.73 1.87 -92.99
CA GLY J 594 -32.35 3.16 -93.15
C GLY J 594 -31.37 4.30 -92.96
N ARG J 595 -31.91 5.50 -92.98
CA ARG J 595 -31.10 6.71 -92.81
C ARG J 595 -30.98 6.99 -91.32
N ASN J 596 -30.27 6.14 -90.62
CA ASN J 596 -30.04 6.32 -89.21
C ASN J 596 -29.00 7.42 -89.01
N HIS J 597 -29.35 8.39 -88.18
CA HIS J 597 -28.45 9.51 -87.95
C HIS J 597 -27.34 9.19 -86.96
N LYS J 598 -27.37 8.02 -86.33
CA LYS J 598 -26.25 7.66 -85.48
C LYS J 598 -25.06 7.15 -86.26
N VAL J 599 -25.29 6.55 -87.43
CA VAL J 599 -24.20 6.06 -88.26
C VAL J 599 -23.36 7.19 -88.79
N LEU J 600 -23.94 8.38 -88.98
CA LEU J 600 -23.12 9.49 -89.41
C LEU J 600 -22.28 10.05 -88.28
N ASP J 601 -22.63 9.74 -87.03
CA ASP J 601 -21.77 10.16 -85.93
C ASP J 601 -20.47 9.39 -85.90
N VAL J 602 -20.53 8.06 -86.03
CA VAL J 602 -19.33 7.26 -85.90
C VAL J 602 -18.40 7.49 -87.08
N LEU J 603 -18.95 7.87 -88.25
CA LEU J 603 -18.07 8.26 -89.34
C LEU J 603 -17.51 9.66 -89.12
N CYS J 604 -18.18 10.49 -88.34
CA CYS J 604 -17.62 11.79 -88.04
C CYS J 604 -16.54 11.70 -86.98
N SER J 605 -16.56 10.63 -86.18
CA SER J 605 -15.46 10.40 -85.26
C SER J 605 -14.28 9.71 -85.91
N LEU J 606 -14.49 9.13 -87.08
CA LEU J 606 -13.46 8.36 -87.75
C LEU J 606 -12.50 9.23 -88.53
N CYS J 607 -12.83 10.48 -88.78
CA CYS J 607 -11.94 11.36 -89.53
C CYS J 607 -10.80 11.86 -88.64
N VAL J 608 -11.13 12.51 -87.55
CA VAL J 608 -10.12 13.14 -86.72
C VAL J 608 -10.04 12.44 -85.39
N CYS J 609 -8.96 12.72 -84.66
CA CYS J 609 -8.84 12.35 -83.26
C CYS J 609 -7.90 13.35 -82.59
N ASN J 610 -8.41 13.98 -81.52
CA ASN J 610 -7.66 14.95 -80.71
C ASN J 610 -7.14 16.12 -81.54
N GLY J 611 -7.92 16.53 -82.53
CA GLY J 611 -7.49 17.55 -83.46
C GLY J 611 -6.46 17.09 -84.48
N VAL J 612 -6.27 15.78 -84.64
CA VAL J 612 -5.32 15.24 -85.60
C VAL J 612 -6.06 14.32 -86.55
N ALA J 613 -6.00 14.62 -87.84
CA ALA J 613 -6.75 13.88 -88.82
C ALA J 613 -5.96 12.68 -89.30
N VAL J 614 -6.67 11.75 -89.94
CA VAL J 614 -6.08 10.54 -90.47
C VAL J 614 -6.33 10.54 -91.97
N ARG J 615 -5.30 10.87 -92.74
CA ARG J 615 -5.43 10.91 -94.19
C ARG J 615 -5.68 9.55 -94.81
N SER J 616 -5.35 8.47 -94.12
CA SER J 616 -5.71 7.15 -94.64
C SER J 616 -7.18 6.88 -94.53
N ASN J 617 -7.83 7.37 -93.48
CA ASN J 617 -9.25 7.18 -93.33
C ASN J 617 -10.09 8.21 -94.05
N GLN J 618 -9.54 9.39 -94.31
CA GLN J 618 -10.33 10.43 -94.97
C GLN J 618 -10.49 10.21 -96.45
N ASP J 619 -9.90 9.16 -97.01
CA ASP J 619 -10.19 8.84 -98.39
C ASP J 619 -10.93 7.54 -98.54
N LEU J 620 -10.84 6.65 -97.55
CA LEU J 620 -11.59 5.40 -97.63
C LEU J 620 -13.08 5.63 -97.54
N ILE J 621 -13.51 6.64 -96.79
CA ILE J 621 -14.91 7.02 -96.79
C ILE J 621 -15.31 7.62 -98.12
N THR J 622 -14.49 8.54 -98.63
CA THR J 622 -14.92 9.42 -99.71
C THR J 622 -15.10 8.69 -101.03
N GLU J 623 -14.11 7.90 -101.45
CA GLU J 623 -14.25 7.17 -102.70
C GLU J 623 -15.15 5.96 -102.58
N ASN J 624 -15.70 5.68 -101.40
CA ASN J 624 -16.73 4.67 -101.26
C ASN J 624 -18.13 5.26 -101.15
N LEU J 625 -18.35 6.19 -100.23
CA LEU J 625 -19.67 6.72 -99.96
C LEU J 625 -20.19 7.63 -101.06
N LEU J 626 -19.52 8.75 -101.30
CA LEU J 626 -19.88 9.74 -102.30
C LEU J 626 -20.12 9.29 -103.75
N PRO J 627 -19.22 8.54 -104.41
CA PRO J 627 -19.23 8.55 -105.88
C PRO J 627 -20.40 7.84 -106.49
N GLY J 628 -21.01 6.90 -105.78
CA GLY J 628 -22.24 6.30 -106.26
C GLY J 628 -23.38 7.30 -106.32
N ARG J 629 -23.36 8.28 -105.40
CA ARG J 629 -24.36 9.34 -105.27
C ARG J 629 -25.77 8.78 -105.09
N GLU J 630 -25.86 7.61 -104.46
CA GLU J 630 -27.12 6.88 -104.40
C GLU J 630 -27.48 6.41 -103.01
N LEU J 631 -26.90 7.00 -101.96
CA LEU J 631 -27.27 6.68 -100.60
C LEU J 631 -27.58 7.92 -99.78
N LEU J 632 -27.03 9.06 -100.18
CA LEU J 632 -27.25 10.33 -99.49
C LEU J 632 -28.22 11.18 -100.28
N LEU J 633 -28.43 12.40 -99.79
CA LEU J 633 -29.30 13.32 -100.49
C LEU J 633 -28.46 14.25 -101.37
N GLN J 634 -29.02 14.66 -102.49
CA GLN J 634 -28.33 15.56 -103.40
C GLN J 634 -29.09 16.87 -103.50
N THR J 635 -28.36 17.96 -103.62
CA THR J 635 -28.95 19.28 -103.72
C THR J 635 -28.63 19.88 -105.07
N ASN J 636 -29.53 20.71 -105.58
CA ASN J 636 -29.32 21.37 -106.86
C ASN J 636 -30.23 22.59 -106.98
N LEU J 637 -29.78 23.56 -107.75
CA LEU J 637 -30.63 24.65 -108.17
C LEU J 637 -31.30 24.27 -109.48
N ILE J 638 -32.62 24.45 -109.56
CA ILE J 638 -33.36 24.18 -110.78
C ILE J 638 -34.31 25.34 -111.05
N ASN J 639 -34.93 25.29 -112.23
CA ASN J 639 -35.81 26.36 -112.66
C ASN J 639 -37.26 26.00 -112.35
N TYR J 640 -38.11 27.02 -112.38
CA TYR J 640 -39.55 26.84 -112.30
C TYR J 640 -40.13 26.58 -113.68
N VAL J 641 -41.23 25.83 -113.72
CA VAL J 641 -42.02 25.68 -114.93
C VAL J 641 -43.47 25.93 -114.57
N THR J 642 -44.23 26.38 -115.57
CA THR J 642 -45.67 26.45 -115.50
C THR J 642 -46.25 25.80 -116.75
N SER J 643 -47.57 25.80 -116.84
CA SER J 643 -48.25 25.25 -118.00
C SER J 643 -49.48 26.12 -118.26
N ILE J 644 -49.76 26.34 -119.54
CA ILE J 644 -50.91 27.14 -119.94
C ILE J 644 -51.66 26.41 -121.03
N ARG J 645 -52.93 26.76 -121.20
CA ARG J 645 -53.83 26.12 -122.16
C ARG J 645 -54.91 27.09 -122.57
N PRO J 646 -55.53 26.87 -123.72
CA PRO J 646 -56.83 27.45 -124.01
C PRO J 646 -57.93 26.57 -123.41
N ASN J 647 -59.18 27.00 -123.60
CA ASN J 647 -60.32 26.27 -123.05
C ASN J 647 -60.89 25.30 -124.08
N ILE J 648 -60.03 24.49 -124.66
CA ILE J 648 -60.39 23.67 -125.81
C ILE J 648 -60.22 22.22 -125.39
N PHE J 649 -61.28 21.62 -124.87
CA PHE J 649 -61.21 20.29 -124.29
C PHE J 649 -61.90 19.31 -125.23
N VAL J 650 -61.12 18.63 -126.06
CA VAL J 650 -61.64 17.70 -127.05
C VAL J 650 -61.49 16.29 -126.51
N GLY J 651 -62.58 15.53 -126.52
CA GLY J 651 -62.52 14.13 -126.17
C GLY J 651 -63.59 13.36 -126.92
N ARG J 652 -63.37 12.05 -127.02
CA ARG J 652 -64.30 11.19 -127.74
C ARG J 652 -64.88 10.15 -126.78
N ALA J 653 -66.00 9.56 -127.20
CA ALA J 653 -66.72 8.58 -126.40
C ALA J 653 -67.59 7.76 -127.34
N GLU J 654 -68.55 7.01 -126.77
CA GLU J 654 -69.56 6.37 -127.59
C GLU J 654 -70.47 7.41 -128.25
N GLY J 655 -71.20 8.17 -127.46
CA GLY J 655 -72.01 9.23 -128.02
C GLY J 655 -71.15 10.47 -128.21
N SER J 656 -70.61 10.63 -129.40
CA SER J 656 -69.60 11.64 -129.66
C SER J 656 -70.17 12.74 -130.52
N THR J 657 -70.38 13.92 -129.94
CA THR J 657 -70.74 15.10 -130.69
C THR J 657 -69.51 15.88 -131.14
N GLN J 658 -68.32 15.29 -131.05
CA GLN J 658 -67.08 15.99 -131.35
C GLN J 658 -66.38 15.36 -132.55
N TYR J 659 -65.34 16.04 -133.04
CA TYR J 659 -64.74 15.65 -134.31
C TYR J 659 -63.77 14.47 -134.13
N GLY J 660 -62.68 14.69 -133.40
CA GLY J 660 -61.72 13.63 -133.14
C GLY J 660 -60.45 13.74 -133.96
N LYS J 661 -60.22 14.84 -134.66
CA LYS J 661 -59.02 15.06 -135.46
C LYS J 661 -58.82 16.54 -135.70
N TRP J 662 -57.85 17.11 -134.99
CA TRP J 662 -57.68 18.55 -134.86
C TRP J 662 -56.26 18.95 -135.20
N TYR J 663 -56.00 20.25 -135.05
CA TYR J 663 -54.76 20.84 -135.53
C TYR J 663 -54.63 22.24 -134.95
N PHE J 664 -53.40 22.64 -134.63
CA PHE J 664 -53.11 24.02 -134.24
C PHE J 664 -51.61 24.25 -134.41
N GLU J 665 -51.23 25.53 -134.41
CA GLU J 665 -49.85 25.92 -134.67
C GLU J 665 -49.34 26.81 -133.54
N VAL J 666 -48.03 26.77 -133.34
CA VAL J 666 -47.35 27.60 -132.35
C VAL J 666 -46.11 28.20 -133.00
N MET J 667 -45.99 29.51 -132.94
CA MET J 667 -44.85 30.23 -133.51
C MET J 667 -44.00 30.79 -132.39
N VAL J 668 -42.75 30.38 -132.35
CA VAL J 668 -41.80 30.84 -131.34
C VAL J 668 -40.93 31.94 -131.92
N ASP J 669 -40.79 33.02 -131.18
CA ASP J 669 -40.10 34.19 -131.69
C ASP J 669 -39.05 34.78 -130.76
N GLU J 670 -39.01 34.40 -129.48
CA GLU J 670 -38.06 35.00 -128.56
C GLU J 670 -37.73 34.00 -127.47
N VAL J 671 -36.57 33.36 -127.55
CA VAL J 671 -36.11 32.42 -126.54
C VAL J 671 -34.65 32.71 -126.24
N VAL J 672 -34.37 33.07 -125.00
CA VAL J 672 -33.00 33.02 -124.49
C VAL J 672 -32.66 31.56 -124.19
N PRO J 673 -31.56 31.03 -124.70
CA PRO J 673 -31.24 29.63 -124.41
C PRO J 673 -30.79 29.41 -122.98
N PHE J 674 -30.06 30.38 -122.42
CA PHE J 674 -29.52 30.24 -121.07
C PHE J 674 -29.68 31.57 -120.33
N LEU J 675 -30.80 31.72 -119.64
CA LEU J 675 -30.90 32.79 -118.66
C LEU J 675 -30.38 32.32 -117.31
N THR J 676 -30.64 31.08 -116.94
CA THR J 676 -30.27 30.53 -115.66
C THR J 676 -29.09 29.59 -115.84
N ALA J 677 -28.74 28.91 -114.75
CA ALA J 677 -27.72 27.88 -114.83
C ALA J 677 -28.23 26.66 -115.56
N GLN J 678 -29.53 26.40 -115.50
CA GLN J 678 -30.09 25.23 -116.16
C GLN J 678 -30.59 25.67 -117.53
N ALA J 679 -30.83 24.69 -118.41
CA ALA J 679 -31.33 25.01 -119.74
C ALA J 679 -32.78 25.49 -119.69
N THR J 680 -33.13 26.39 -120.59
CA THR J 680 -34.45 27.00 -120.60
C THR J 680 -35.46 26.00 -121.13
N HIS J 681 -36.39 25.60 -120.26
CA HIS J 681 -37.32 24.52 -120.56
C HIS J 681 -38.47 25.05 -121.39
N LEU J 682 -38.75 24.40 -122.52
CA LEU J 682 -39.85 24.80 -123.40
C LEU J 682 -40.28 23.60 -124.24
N ARG J 683 -41.46 23.04 -123.94
CA ARG J 683 -42.01 21.92 -124.71
C ARG J 683 -43.45 22.25 -125.10
N VAL J 684 -43.94 21.54 -126.12
CA VAL J 684 -45.26 21.76 -126.69
C VAL J 684 -45.91 20.41 -126.98
N GLY J 685 -47.15 20.22 -126.54
CA GLY J 685 -47.86 19.01 -126.88
C GLY J 685 -49.29 19.01 -126.42
N TRP J 686 -49.79 17.82 -126.12
CA TRP J 686 -51.17 17.57 -125.70
C TRP J 686 -51.19 16.91 -124.34
N ALA J 687 -52.32 17.07 -123.64
CA ALA J 687 -52.44 16.57 -122.27
C ALA J 687 -53.89 16.22 -121.98
N LEU J 688 -54.07 15.26 -121.08
CA LEU J 688 -55.36 14.93 -120.51
C LEU J 688 -55.79 15.99 -119.50
N THR J 689 -57.00 15.82 -118.98
CA THR J 689 -57.53 16.77 -118.01
C THR J 689 -57.36 16.27 -116.58
N GLU J 690 -57.86 15.06 -116.31
CA GLU J 690 -57.94 14.57 -114.94
C GLU J 690 -56.60 14.13 -114.38
N GLY J 691 -55.59 13.95 -115.22
CA GLY J 691 -54.35 13.38 -114.74
C GLY J 691 -53.18 14.34 -114.66
N TYR J 692 -53.07 15.24 -115.62
CA TYR J 692 -51.91 16.14 -115.69
C TYR J 692 -52.11 17.27 -114.71
N SER J 693 -51.28 17.31 -113.67
CA SER J 693 -51.35 18.33 -112.62
C SER J 693 -49.93 18.81 -112.32
N PRO J 694 -49.45 19.82 -113.04
CA PRO J 694 -48.11 20.34 -112.79
C PRO J 694 -48.10 21.24 -111.55
N TYR J 695 -47.17 20.98 -110.66
CA TYR J 695 -47.10 21.86 -109.51
C TYR J 695 -45.79 22.65 -109.56
N PRO J 696 -45.79 23.90 -109.06
CA PRO J 696 -44.66 24.79 -109.35
C PRO J 696 -43.35 24.40 -108.69
N GLY J 697 -43.35 23.46 -107.75
CA GLY J 697 -42.11 22.95 -107.23
C GLY J 697 -42.17 21.46 -106.95
N GLY J 698 -41.03 20.80 -106.94
CA GLY J 698 -40.98 19.38 -106.64
C GLY J 698 -41.59 18.54 -107.74
N GLY J 699 -41.95 17.33 -107.38
CA GLY J 699 -42.66 16.44 -108.27
C GLY J 699 -41.81 15.27 -108.69
N GLU J 700 -42.25 14.61 -109.75
CA GLU J 700 -41.55 13.45 -110.26
C GLU J 700 -40.31 13.87 -111.03
N GLY J 701 -39.25 13.09 -110.87
CA GLY J 701 -38.00 13.41 -111.52
C GLY J 701 -37.17 14.36 -110.70
N TRP J 702 -36.20 14.99 -111.35
CA TRP J 702 -35.32 15.90 -110.64
C TRP J 702 -36.02 17.22 -110.35
N GLY J 703 -37.02 17.57 -111.12
CA GLY J 703 -37.78 18.78 -110.86
C GLY J 703 -38.00 19.57 -112.12
N GLY J 704 -38.92 20.52 -111.99
CA GLY J 704 -39.30 21.33 -113.13
C GLY J 704 -40.10 20.52 -114.13
N ASN J 705 -40.83 19.52 -113.62
CA ASN J 705 -41.61 18.63 -114.46
C ASN J 705 -42.78 19.35 -115.10
N GLY J 706 -42.97 19.12 -116.40
CA GLY J 706 -44.03 19.75 -117.16
C GLY J 706 -44.66 18.81 -118.18
N VAL J 707 -44.73 19.24 -119.43
CA VAL J 707 -45.37 18.45 -120.48
C VAL J 707 -44.50 17.25 -120.80
N GLY J 708 -45.11 16.06 -120.81
CA GLY J 708 -44.41 14.84 -121.11
C GLY J 708 -43.69 14.24 -119.94
N ASP J 709 -43.82 14.82 -118.75
CA ASP J 709 -43.05 14.40 -117.60
C ASP J 709 -43.72 13.28 -116.82
N ASP J 710 -44.83 12.75 -117.31
CA ASP J 710 -45.45 11.55 -116.77
C ASP J 710 -46.33 10.94 -117.84
N LEU J 711 -47.24 10.07 -117.40
CA LEU J 711 -48.07 9.33 -118.32
C LEU J 711 -49.34 10.07 -118.72
N TYR J 712 -49.39 11.39 -118.57
CA TYR J 712 -50.61 12.12 -118.84
C TYR J 712 -50.45 13.16 -119.92
N SER J 713 -49.26 13.35 -120.47
CA SER J 713 -49.04 14.32 -121.53
C SER J 713 -47.88 13.86 -122.40
N TYR J 714 -47.80 14.46 -123.59
CA TYR J 714 -46.85 14.02 -124.62
C TYR J 714 -46.19 15.26 -125.20
N GLY J 715 -44.88 15.39 -124.99
CA GLY J 715 -44.18 16.61 -125.30
C GLY J 715 -43.21 16.51 -126.47
N PHE J 716 -42.95 17.68 -127.06
CA PHE J 716 -41.96 17.80 -128.12
C PHE J 716 -41.23 19.12 -127.90
N ASP J 717 -39.91 19.10 -128.03
CA ASP J 717 -39.10 20.27 -127.78
C ASP J 717 -38.32 20.73 -129.00
N GLY J 718 -38.49 20.06 -130.13
CA GLY J 718 -37.65 20.35 -131.27
C GLY J 718 -36.84 19.14 -131.65
N LEU J 719 -36.34 18.38 -130.68
CA LEU J 719 -35.58 17.19 -131.01
C LEU J 719 -35.78 16.03 -130.05
N HIS J 720 -36.80 16.06 -129.21
CA HIS J 720 -37.10 14.94 -128.34
C HIS J 720 -38.60 14.77 -128.19
N LEU J 721 -39.03 13.52 -128.12
CA LEU J 721 -40.41 13.19 -127.82
C LEU J 721 -40.50 12.91 -126.32
N TRP J 722 -41.08 13.84 -125.59
CA TRP J 722 -41.19 13.73 -124.14
C TRP J 722 -42.50 13.05 -123.77
N THR J 723 -42.41 11.89 -123.13
CA THR J 723 -43.56 11.19 -122.59
C THR J 723 -43.07 10.23 -121.53
N GLY J 724 -43.85 10.09 -120.45
CA GLY J 724 -43.51 9.18 -119.38
C GLY J 724 -42.23 9.52 -118.64
N HIS J 725 -41.83 10.80 -118.64
CA HIS J 725 -40.57 11.30 -118.08
C HIS J 725 -39.35 10.59 -118.64
N VAL J 726 -39.16 10.68 -119.96
CA VAL J 726 -37.93 10.23 -120.62
C VAL J 726 -37.85 10.97 -121.95
N ALA J 727 -36.65 11.38 -122.32
CA ALA J 727 -36.41 11.95 -123.65
C ALA J 727 -36.37 10.83 -124.66
N ARG J 728 -36.86 11.10 -125.86
CA ARG J 728 -36.76 10.14 -126.97
C ARG J 728 -36.13 10.83 -128.17
N PRO J 729 -34.94 10.42 -128.58
CA PRO J 729 -34.26 11.11 -129.68
C PRO J 729 -34.95 10.84 -131.01
N VAL J 730 -35.20 11.92 -131.74
CA VAL J 730 -35.94 11.87 -132.98
C VAL J 730 -35.00 12.10 -134.15
N THR J 731 -35.49 11.86 -135.35
CA THR J 731 -34.75 12.11 -136.58
C THR J 731 -35.55 13.14 -137.36
N SER J 732 -35.23 14.41 -137.16
CA SER J 732 -35.89 15.46 -137.91
C SER J 732 -34.91 16.11 -138.87
N PRO J 733 -35.36 16.51 -140.06
CA PRO J 733 -34.49 17.23 -141.00
C PRO J 733 -34.22 18.65 -140.51
N GLY J 734 -32.94 18.94 -140.26
CA GLY J 734 -32.55 20.21 -139.71
C GLY J 734 -32.98 20.34 -138.27
N GLN J 735 -32.79 19.26 -137.50
CA GLN J 735 -33.30 19.20 -136.14
C GLN J 735 -32.50 20.10 -135.22
N HIS J 736 -33.21 20.85 -134.39
CA HIS J 736 -32.62 21.71 -133.37
C HIS J 736 -33.71 21.98 -132.34
N LEU J 737 -33.40 22.86 -131.39
CA LEU J 737 -34.38 23.21 -130.39
C LEU J 737 -35.41 24.18 -130.97
N LEU J 738 -36.31 24.64 -130.13
CA LEU J 738 -37.30 25.63 -130.56
C LEU J 738 -36.59 26.97 -130.63
N ALA J 739 -35.92 27.21 -131.76
CA ALA J 739 -35.30 28.48 -132.01
C ALA J 739 -36.36 29.53 -132.33
N PRO J 740 -36.04 30.82 -132.22
CA PRO J 740 -36.97 31.85 -132.69
C PRO J 740 -37.17 31.77 -134.19
N GLU J 741 -38.29 32.38 -134.63
CA GLU J 741 -38.79 32.31 -136.01
C GLU J 741 -38.99 30.87 -136.47
N ASP J 742 -39.56 30.05 -135.59
CA ASP J 742 -39.93 28.68 -135.91
C ASP J 742 -41.43 28.50 -135.65
N VAL J 743 -42.05 27.67 -136.48
CA VAL J 743 -43.47 27.37 -136.36
C VAL J 743 -43.62 25.87 -136.23
N VAL J 744 -44.17 25.42 -135.11
CA VAL J 744 -44.40 24.00 -134.88
C VAL J 744 -45.90 23.75 -135.04
N SER J 745 -46.25 22.51 -135.36
CA SER J 745 -47.63 22.10 -135.51
C SER J 745 -47.83 20.74 -134.84
N CYS J 746 -49.07 20.48 -134.43
CA CYS J 746 -49.40 19.24 -133.73
C CYS J 746 -50.58 18.58 -134.41
N CYS J 747 -50.33 17.48 -135.11
CA CYS J 747 -51.38 16.69 -135.69
C CYS J 747 -51.93 15.72 -134.66
N LEU J 748 -53.24 15.74 -134.47
CA LEU J 748 -53.89 14.95 -133.45
C LEU J 748 -54.98 14.09 -134.06
N ASP J 749 -55.06 12.83 -133.62
CA ASP J 749 -56.11 11.94 -134.06
C ASP J 749 -56.67 11.22 -132.84
N LEU J 750 -58.01 11.14 -132.77
CA LEU J 750 -58.68 10.41 -131.70
C LEU J 750 -59.29 9.11 -132.17
N SER J 751 -59.52 8.94 -133.47
CA SER J 751 -60.01 7.66 -133.98
C SER J 751 -58.96 6.57 -133.79
N VAL J 752 -57.82 6.73 -134.45
CA VAL J 752 -56.63 5.98 -134.10
C VAL J 752 -55.92 6.83 -133.05
N PRO J 753 -55.38 6.22 -131.99
CA PRO J 753 -54.58 7.00 -131.03
C PRO J 753 -53.28 7.43 -131.69
N SER J 754 -53.17 8.72 -132.01
CA SER J 754 -52.08 9.19 -132.84
C SER J 754 -51.83 10.67 -132.58
N ILE J 755 -50.56 11.01 -132.36
CA ILE J 755 -50.12 12.41 -132.29
C ILE J 755 -48.91 12.53 -133.18
N SER J 756 -48.95 13.48 -134.12
CA SER J 756 -47.82 13.79 -134.98
C SER J 756 -47.44 15.25 -134.85
N PHE J 757 -46.31 15.60 -135.46
CA PHE J 757 -45.78 16.94 -135.40
C PHE J 757 -45.10 17.31 -136.72
N ARG J 758 -45.21 18.59 -137.09
CA ARG J 758 -44.38 19.19 -138.12
C ARG J 758 -43.87 20.51 -137.60
N ILE J 759 -42.61 20.82 -137.90
CA ILE J 759 -41.99 22.09 -137.54
C ILE J 759 -41.56 22.78 -138.83
N ASN J 760 -42.03 24.02 -139.00
CA ASN J 760 -41.74 24.87 -140.16
C ASN J 760 -42.10 24.16 -141.47
N GLY J 761 -43.26 23.50 -141.46
CA GLY J 761 -43.71 22.73 -142.60
C GLY J 761 -43.10 21.35 -142.71
N CYS J 762 -42.08 21.03 -141.92
CA CYS J 762 -41.35 19.79 -142.09
C CYS J 762 -41.78 18.78 -141.04
N PRO J 763 -42.31 17.63 -141.45
CA PRO J 763 -42.84 16.67 -140.48
C PRO J 763 -41.75 15.91 -139.73
N VAL J 764 -42.12 15.35 -138.59
CA VAL J 764 -41.18 14.63 -137.74
C VAL J 764 -41.35 13.14 -137.96
N GLN J 765 -40.28 12.39 -137.69
CA GLN J 765 -40.26 10.95 -137.94
C GLN J 765 -40.51 10.17 -136.65
N GLY J 766 -41.71 10.35 -136.11
CA GLY J 766 -42.10 9.64 -134.90
C GLY J 766 -43.45 10.06 -134.37
N VAL J 767 -44.25 9.09 -133.92
CA VAL J 767 -45.63 9.33 -133.48
C VAL J 767 -45.94 8.47 -132.26
N PHE J 768 -46.99 8.88 -131.55
CA PHE J 768 -47.43 8.21 -130.33
C PHE J 768 -48.65 7.36 -130.64
N GLU J 769 -48.82 6.27 -129.90
CA GLU J 769 -49.92 5.34 -130.12
C GLU J 769 -50.46 4.80 -128.81
N ALA J 770 -51.67 4.24 -128.89
CA ALA J 770 -52.22 3.28 -127.94
C ALA J 770 -52.41 3.85 -126.53
N PHE J 771 -52.51 5.16 -126.43
CA PHE J 771 -52.74 5.77 -125.13
C PHE J 771 -54.21 5.64 -124.76
N ASN J 772 -54.50 5.89 -123.49
CA ASN J 772 -55.86 5.77 -123.00
C ASN J 772 -56.74 6.90 -123.54
N LEU J 773 -58.04 6.73 -123.39
CA LEU J 773 -59.01 7.70 -123.90
C LEU J 773 -60.08 8.04 -122.87
N ASP J 774 -59.75 8.01 -121.59
CA ASP J 774 -60.71 8.30 -120.53
C ASP J 774 -60.51 9.75 -120.10
N GLY J 775 -61.02 10.67 -120.89
CA GLY J 775 -60.93 12.07 -120.56
C GLY J 775 -60.77 12.91 -121.82
N LEU J 776 -60.67 14.21 -121.62
CA LEU J 776 -60.59 15.17 -122.70
C LEU J 776 -59.14 15.52 -122.97
N PHE J 777 -58.90 16.31 -124.01
CA PHE J 777 -57.56 16.71 -124.39
C PHE J 777 -57.51 18.20 -124.70
N PHE J 778 -56.41 18.84 -124.33
CA PHE J 778 -56.25 20.26 -124.62
C PHE J 778 -54.78 20.54 -124.92
N PRO J 779 -54.49 21.57 -125.71
CA PRO J 779 -53.09 21.87 -126.02
C PRO J 779 -52.38 22.47 -124.82
N VAL J 780 -51.12 22.08 -124.64
CA VAL J 780 -50.30 22.55 -123.53
C VAL J 780 -48.94 22.98 -124.05
N VAL J 781 -48.45 24.09 -123.55
CA VAL J 781 -47.06 24.46 -123.68
C VAL J 781 -46.50 24.76 -122.28
N SER J 782 -45.44 24.06 -121.93
CA SER J 782 -44.76 24.28 -120.66
C SER J 782 -43.51 25.06 -120.94
N PHE J 783 -43.28 26.12 -120.18
CA PHE J 783 -42.15 27.00 -120.43
C PHE J 783 -41.45 27.30 -119.12
N SER J 784 -40.15 27.55 -119.22
CA SER J 784 -39.39 28.15 -118.13
C SER J 784 -39.44 29.67 -118.28
N ALA J 785 -38.61 30.39 -117.54
CA ALA J 785 -38.57 31.83 -117.68
C ALA J 785 -37.84 32.20 -118.96
N GLY J 786 -38.00 33.45 -119.38
CA GLY J 786 -37.26 33.97 -120.52
C GLY J 786 -37.76 33.47 -121.86
N VAL J 787 -39.06 33.19 -121.96
CA VAL J 787 -39.65 32.66 -123.18
C VAL J 787 -40.87 33.51 -123.53
N LYS J 788 -40.87 34.06 -124.74
CA LYS J 788 -42.02 34.77 -125.29
C LYS J 788 -42.52 34.02 -126.51
N VAL J 789 -43.81 33.70 -126.53
CA VAL J 789 -44.36 32.87 -127.59
C VAL J 789 -45.82 33.26 -127.82
N ARG J 790 -46.31 32.95 -129.03
CA ARG J 790 -47.65 33.33 -129.46
C ARG J 790 -48.44 32.10 -129.87
N PHE J 791 -49.75 32.22 -129.78
CA PHE J 791 -50.67 31.15 -130.14
C PHE J 791 -51.28 31.37 -131.52
N LEU J 792 -51.39 30.29 -132.29
CA LEU J 792 -52.07 30.26 -133.58
C LEU J 792 -53.15 29.17 -133.48
N LEU J 793 -54.38 29.61 -133.24
CA LEU J 793 -55.49 28.71 -132.95
C LEU J 793 -56.38 28.47 -134.16
N GLY J 794 -56.69 29.54 -134.90
CA GLY J 794 -57.57 29.46 -136.04
C GLY J 794 -57.72 30.86 -136.62
N GLY J 795 -58.35 30.93 -137.79
CA GLY J 795 -58.32 32.15 -138.59
C GLY J 795 -59.04 33.33 -137.95
N ARG J 796 -60.00 33.06 -137.06
CA ARG J 796 -60.64 34.15 -136.34
C ARG J 796 -59.74 34.75 -135.29
N HIS J 797 -58.77 33.98 -134.79
CA HIS J 797 -57.86 34.48 -133.77
C HIS J 797 -56.41 34.51 -134.21
N GLY J 798 -55.88 33.39 -134.69
CA GLY J 798 -54.57 33.42 -135.30
C GLY J 798 -54.71 33.52 -136.80
N GLU J 799 -53.61 33.28 -137.51
CA GLU J 799 -53.64 33.12 -138.96
C GLU J 799 -52.66 32.00 -139.28
N PHE J 800 -53.19 30.87 -139.76
CA PHE J 800 -52.41 29.65 -139.91
C PHE J 800 -51.30 29.84 -140.92
N LYS J 801 -50.05 29.78 -140.45
CA LYS J 801 -48.91 29.96 -141.33
C LYS J 801 -48.65 28.76 -142.21
N PHE J 802 -49.35 27.66 -141.98
CA PHE J 802 -49.27 26.49 -142.84
C PHE J 802 -50.66 25.92 -143.02
N LEU J 803 -50.85 25.22 -144.11
CA LEU J 803 -52.12 24.58 -144.35
C LEU J 803 -52.24 23.32 -143.51
N PRO J 804 -53.36 23.12 -142.82
CA PRO J 804 -53.57 21.86 -142.12
C PRO J 804 -53.70 20.72 -143.11
N PRO J 805 -53.22 19.53 -142.75
CA PRO J 805 -53.46 18.35 -143.58
C PRO J 805 -54.95 18.02 -143.60
N PRO J 806 -55.45 17.45 -144.70
CA PRO J 806 -56.90 17.30 -144.90
C PRO J 806 -57.51 16.36 -143.88
N GLY J 807 -58.54 16.85 -143.18
CA GLY J 807 -59.14 16.13 -142.07
C GLY J 807 -58.88 16.78 -140.74
N TYR J 808 -58.21 17.92 -140.70
CA TYR J 808 -57.80 18.51 -139.44
C TYR J 808 -58.40 19.91 -139.32
N ALA J 809 -59.35 20.04 -138.41
CA ALA J 809 -60.13 21.23 -138.14
C ALA J 809 -59.28 22.29 -137.43
N PRO J 810 -59.48 23.57 -137.74
CA PRO J 810 -58.79 24.63 -136.99
C PRO J 810 -59.30 24.69 -135.58
N CYS J 811 -58.38 24.93 -134.65
CA CYS J 811 -58.62 24.64 -133.25
C CYS J 811 -59.58 25.61 -132.58
N HIS J 812 -59.91 26.73 -133.22
CA HIS J 812 -60.87 27.67 -132.66
C HIS J 812 -62.31 27.26 -132.88
N GLU J 813 -62.57 26.01 -133.27
CA GLU J 813 -63.92 25.54 -133.51
C GLU J 813 -64.52 24.79 -132.34
N ALA J 814 -63.70 24.20 -131.47
CA ALA J 814 -64.22 23.41 -130.37
C ALA J 814 -64.52 24.23 -129.13
N VAL J 815 -64.58 25.55 -129.26
CA VAL J 815 -64.97 26.40 -128.14
C VAL J 815 -66.43 26.17 -127.81
N LEU J 816 -66.71 26.11 -126.54
CA LEU J 816 -68.08 25.88 -126.12
C LEU J 816 -68.90 27.16 -126.27
N PRO J 817 -70.22 27.04 -126.48
CA PRO J 817 -71.05 28.25 -126.61
C PRO J 817 -71.14 29.07 -125.35
N ARG J 818 -70.96 28.47 -124.18
CA ARG J 818 -71.13 29.19 -122.92
C ARG J 818 -69.91 30.03 -122.56
N GLU J 819 -68.75 29.77 -123.15
CA GLU J 819 -67.55 30.45 -122.74
C GLU J 819 -66.73 30.86 -123.96
N ARG J 820 -66.25 32.10 -123.94
CA ARG J 820 -65.36 32.59 -124.99
C ARG J 820 -63.98 31.97 -124.84
N LEU J 821 -63.15 32.16 -125.86
CA LEU J 821 -61.80 31.63 -125.85
C LEU J 821 -60.96 32.45 -124.89
N ARG J 822 -60.16 31.76 -124.07
CA ARG J 822 -59.42 32.38 -122.99
C ARG J 822 -58.16 31.57 -122.73
N LEU J 823 -57.14 32.21 -122.16
CA LEU J 823 -55.87 31.57 -121.82
C LEU J 823 -55.78 31.46 -120.31
N GLU J 824 -55.35 30.29 -119.82
CA GLU J 824 -55.38 30.06 -118.39
C GLU J 824 -54.28 29.09 -117.99
N PRO J 825 -53.85 29.15 -116.73
CA PRO J 825 -53.03 28.06 -116.16
C PRO J 825 -53.92 26.88 -115.79
N ILE J 826 -53.30 25.88 -115.15
CA ILE J 826 -53.95 24.61 -114.87
C ILE J 826 -53.86 24.32 -113.38
N LYS J 827 -55.01 24.05 -112.75
CA LYS J 827 -55.11 23.43 -111.42
C LYS J 827 -54.51 24.32 -110.33
N GLU J 828 -54.52 25.62 -110.56
CA GLU J 828 -53.74 26.54 -109.74
C GLU J 828 -54.37 26.73 -108.37
N TYR J 829 -53.63 27.40 -107.50
CA TYR J 829 -54.20 27.82 -106.23
C TYR J 829 -54.01 29.29 -105.93
N ARG J 830 -52.94 29.91 -106.41
CA ARG J 830 -52.70 31.32 -106.15
C ARG J 830 -53.23 32.11 -107.33
N ARG J 831 -53.87 33.24 -107.05
CA ARG J 831 -54.32 34.14 -108.08
C ARG J 831 -54.18 35.55 -107.56
N GLU J 832 -53.27 36.32 -108.14
CA GLU J 832 -52.92 37.63 -107.60
C GLU J 832 -54.07 38.61 -107.78
N GLY J 833 -54.59 39.11 -106.67
CA GLY J 833 -55.78 39.92 -106.69
C GLY J 833 -55.51 41.38 -106.45
N PRO J 834 -56.58 42.13 -106.17
CA PRO J 834 -56.44 43.54 -105.85
C PRO J 834 -55.94 43.61 -104.42
N ARG J 835 -56.85 43.39 -103.47
CA ARG J 835 -56.51 43.41 -102.06
C ARG J 835 -55.81 42.12 -101.66
N GLY J 836 -54.54 42.02 -101.97
CA GLY J 836 -53.75 40.83 -101.64
C GLY J 836 -53.91 39.79 -102.71
N PRO J 837 -53.30 38.62 -102.50
CA PRO J 837 -53.42 37.56 -103.50
C PRO J 837 -54.59 36.72 -103.11
N HIS J 838 -55.21 36.05 -104.07
CA HIS J 838 -56.34 35.21 -103.73
C HIS J 838 -55.97 33.73 -103.77
N LEU J 839 -56.66 32.96 -102.96
CA LEU J 839 -56.53 31.51 -102.96
C LEU J 839 -57.80 30.91 -103.53
N VAL J 840 -57.64 29.96 -104.44
CA VAL J 840 -58.78 29.31 -105.06
C VAL J 840 -58.81 27.85 -104.65
N GLY J 841 -59.97 27.24 -104.79
CA GLY J 841 -60.13 25.84 -104.53
C GLY J 841 -59.87 25.06 -105.79
N PRO J 842 -60.20 23.76 -105.78
CA PRO J 842 -59.98 22.96 -106.98
C PRO J 842 -60.98 23.32 -108.08
N SER J 843 -60.49 23.31 -109.31
CA SER J 843 -61.34 23.62 -110.45
C SER J 843 -62.28 22.46 -110.70
N ARG J 844 -63.51 22.79 -111.10
CA ARG J 844 -64.49 21.77 -111.44
C ARG J 844 -64.35 21.46 -112.93
N CYS J 845 -63.84 20.28 -113.23
CA CYS J 845 -63.59 19.93 -114.61
C CYS J 845 -64.83 19.32 -115.23
N LEU J 846 -65.00 19.61 -116.53
CA LEU J 846 -66.01 18.92 -117.30
C LEU J 846 -65.60 17.46 -117.47
N SER J 847 -66.57 16.57 -117.34
CA SER J 847 -66.23 15.16 -117.36
C SER J 847 -66.01 14.68 -118.79
N HIS J 848 -65.69 13.38 -118.90
CA HIS J 848 -65.52 12.77 -120.20
C HIS J 848 -66.83 12.69 -120.96
N THR J 849 -67.87 12.18 -120.30
CA THR J 849 -69.17 11.96 -120.94
C THR J 849 -70.13 13.10 -120.70
N ASP J 850 -69.64 14.33 -120.60
CA ASP J 850 -70.51 15.49 -120.51
C ASP J 850 -70.91 16.00 -121.88
N PHE J 851 -70.62 15.25 -122.94
CA PHE J 851 -70.92 15.67 -124.30
C PHE J 851 -71.90 14.74 -124.98
N VAL J 852 -72.13 13.56 -124.43
CA VAL J 852 -73.11 12.63 -124.97
C VAL J 852 -74.51 13.09 -124.55
N PRO J 853 -75.47 13.18 -125.45
CA PRO J 853 -76.83 13.55 -125.06
C PRO J 853 -77.56 12.41 -124.36
N CYS J 854 -78.83 12.66 -124.04
CA CYS J 854 -79.62 11.68 -123.32
C CYS J 854 -81.06 11.65 -123.82
N PRO J 855 -81.72 10.48 -123.81
CA PRO J 855 -83.13 10.39 -124.16
C PRO J 855 -84.03 10.48 -122.94
N ILE J 861 -93.33 4.23 -125.35
CA ILE J 861 -94.18 3.52 -124.41
C ILE J 861 -95.64 3.61 -124.83
N VAL J 862 -96.54 3.09 -123.99
CA VAL J 862 -97.96 3.09 -124.31
C VAL J 862 -98.54 4.48 -124.13
N LEU J 863 -99.76 4.68 -124.64
CA LEU J 863 -100.41 5.98 -124.60
C LEU J 863 -101.90 5.78 -124.30
N PRO J 864 -102.43 6.45 -123.26
CA PRO J 864 -103.83 6.23 -122.87
C PRO J 864 -104.79 6.84 -123.87
N PRO J 865 -106.01 6.30 -123.99
CA PRO J 865 -106.93 6.80 -125.01
C PRO J 865 -107.51 8.18 -124.73
N HIS J 866 -107.56 8.61 -123.47
CA HIS J 866 -108.04 9.95 -123.17
C HIS J 866 -107.07 11.03 -123.65
N LEU J 867 -105.79 10.68 -123.79
CA LEU J 867 -104.82 11.55 -124.41
C LEU J 867 -104.67 11.30 -125.90
N GLU J 868 -105.27 10.23 -126.42
CA GLU J 868 -105.18 9.94 -127.85
C GLU J 868 -105.97 10.94 -128.69
N ARG J 869 -107.17 11.30 -128.25
CA ARG J 869 -107.98 12.28 -128.97
C ARG J 869 -107.45 13.70 -128.83
N ILE J 870 -106.88 14.05 -127.67
CA ILE J 870 -106.37 15.39 -127.46
C ILE J 870 -105.04 15.65 -128.14
N ARG J 871 -104.41 14.59 -128.68
CA ARG J 871 -103.12 14.74 -129.34
C ARG J 871 -103.24 15.55 -130.62
N GLU J 872 -104.27 15.31 -131.43
CA GLU J 872 -104.51 16.15 -132.60
C GLU J 872 -105.10 17.49 -132.22
N LYS J 873 -105.74 17.57 -131.05
CA LYS J 873 -106.29 18.85 -130.57
C LYS J 873 -105.20 19.84 -130.24
N LEU J 874 -104.13 19.39 -129.56
CA LEU J 874 -102.99 20.25 -129.35
C LEU J 874 -102.18 20.43 -130.63
N ALA J 875 -102.24 19.46 -131.55
CA ALA J 875 -101.55 19.59 -132.82
C ALA J 875 -102.18 20.67 -133.69
N GLU J 876 -103.51 20.73 -133.72
CA GLU J 876 -104.18 21.84 -134.39
C GLU J 876 -103.99 23.13 -133.63
N ASN J 877 -103.79 23.04 -132.30
CA ASN J 877 -103.47 24.23 -131.51
C ASN J 877 -102.07 24.73 -131.80
N ILE J 878 -101.13 23.81 -132.05
CA ILE J 878 -99.74 24.18 -132.25
C ILE J 878 -99.53 24.84 -133.60
N HIS J 879 -100.18 24.31 -134.65
CA HIS J 879 -100.06 24.92 -135.97
C HIS J 879 -100.77 26.25 -136.04
N GLU J 880 -101.92 26.38 -135.34
CA GLU J 880 -102.60 27.66 -135.27
C GLU J 880 -101.80 28.68 -134.47
N LEU J 881 -101.10 28.22 -133.43
CA LEU J 881 -100.19 29.11 -132.72
C LEU J 881 -98.95 29.42 -133.54
N TRP J 882 -98.53 28.49 -134.43
CA TRP J 882 -97.39 28.78 -135.28
C TRP J 882 -97.76 29.78 -136.37
N ALA J 883 -98.93 29.63 -136.98
CA ALA J 883 -99.36 30.57 -138.01
C ALA J 883 -99.63 31.95 -137.45
N LEU J 884 -100.06 32.04 -136.19
CA LEU J 884 -100.15 33.34 -135.52
C LEU J 884 -98.76 33.89 -135.26
N THR J 885 -97.79 33.03 -134.99
CA THR J 885 -96.40 33.45 -134.89
C THR J 885 -95.83 33.76 -136.26
N ARG J 886 -96.29 33.06 -137.29
CA ARG J 886 -95.84 33.34 -138.65
C ARG J 886 -96.40 34.66 -139.16
N ILE J 887 -97.69 34.91 -138.94
CA ILE J 887 -98.32 36.14 -139.41
C ILE J 887 -97.87 37.36 -138.62
N GLU J 888 -97.37 37.17 -137.40
CA GLU J 888 -96.93 38.30 -136.59
C GLU J 888 -95.65 38.93 -137.12
N GLN J 889 -94.79 38.14 -137.75
CA GLN J 889 -93.57 38.68 -138.35
C GLN J 889 -93.76 39.09 -139.80
N GLY J 890 -94.64 38.43 -140.53
CA GLY J 890 -94.86 38.81 -141.91
C GLY J 890 -95.03 37.66 -142.89
N TRP J 891 -95.06 36.43 -142.39
CA TRP J 891 -95.38 35.31 -143.25
C TRP J 891 -96.86 35.33 -143.61
N THR J 892 -97.13 35.14 -144.90
CA THR J 892 -98.48 35.03 -145.40
C THR J 892 -98.71 33.60 -145.88
N TYR J 893 -99.93 33.31 -146.29
CA TYR J 893 -100.22 32.02 -146.89
C TYR J 893 -99.79 32.01 -148.35
N GLY J 894 -98.77 31.22 -148.64
CA GLY J 894 -98.28 31.08 -149.99
C GLY J 894 -98.23 29.63 -150.40
N PRO J 895 -98.33 29.37 -151.70
CA PRO J 895 -98.27 27.97 -152.18
C PRO J 895 -96.88 27.39 -152.06
N VAL J 896 -95.87 28.24 -152.13
CA VAL J 896 -94.49 27.83 -151.92
C VAL J 896 -94.05 28.22 -150.53
N ARG J 897 -92.93 27.65 -150.08
CA ARG J 897 -92.34 27.95 -148.79
C ARG J 897 -91.08 28.78 -148.99
N ASP J 898 -91.22 30.10 -148.94
CA ASP J 898 -90.09 30.99 -149.13
C ASP J 898 -89.99 31.89 -147.91
N ASP J 899 -88.93 31.70 -147.11
CA ASP J 899 -88.73 32.51 -145.92
C ASP J 899 -88.24 33.91 -146.27
N ASN J 900 -87.44 34.03 -147.33
CA ASN J 900 -86.97 35.34 -147.76
C ASN J 900 -88.09 36.19 -148.33
N LYS J 901 -89.04 35.56 -149.01
CA LYS J 901 -90.27 36.23 -149.43
C LYS J 901 -91.34 36.22 -148.36
N ARG J 902 -91.04 35.63 -147.19
CA ARG J 902 -91.95 35.48 -146.06
C ARG J 902 -93.24 34.76 -146.47
N LEU J 903 -93.08 33.51 -146.89
CA LEU J 903 -94.20 32.68 -147.33
C LEU J 903 -94.32 31.49 -146.40
N HIS J 904 -95.56 31.20 -145.97
CA HIS J 904 -95.84 30.08 -145.09
C HIS J 904 -96.95 29.23 -145.69
N PRO J 905 -96.67 27.98 -146.10
CA PRO J 905 -97.74 27.14 -146.66
C PRO J 905 -98.59 26.48 -145.58
N CYS J 906 -98.26 26.72 -144.31
CA CYS J 906 -99.07 26.28 -143.18
C CYS J 906 -99.65 27.47 -142.41
N LEU J 907 -100.02 28.53 -143.12
CA LEU J 907 -100.48 29.76 -142.50
C LEU J 907 -102.00 29.89 -142.42
N VAL J 908 -102.75 28.98 -143.07
CA VAL J 908 -104.20 29.08 -143.07
C VAL J 908 -104.78 28.33 -141.88
N ASN J 909 -104.57 27.02 -141.83
CA ASN J 909 -105.08 26.19 -140.75
C ASN J 909 -104.22 24.94 -140.66
N PHE J 910 -104.49 24.12 -139.64
CA PHE J 910 -103.77 22.86 -139.50
C PHE J 910 -104.21 21.84 -140.53
N HIS J 911 -105.50 21.88 -140.91
CA HIS J 911 -105.96 21.03 -142.01
C HIS J 911 -105.41 21.53 -143.34
N SER J 912 -105.13 22.83 -143.46
CA SER J 912 -104.49 23.37 -144.64
C SER J 912 -103.00 23.08 -144.70
N LEU J 913 -102.41 22.59 -143.61
CA LEU J 913 -101.04 22.14 -143.65
C LEU J 913 -100.94 20.85 -144.46
N PRO J 914 -99.84 20.65 -145.19
CA PRO J 914 -99.71 19.42 -146.00
C PRO J 914 -99.56 18.19 -145.14
N GLU J 915 -99.83 17.04 -145.77
CA GLU J 915 -99.84 15.73 -145.12
C GLU J 915 -98.50 15.31 -144.49
N PRO J 916 -97.32 15.63 -145.06
CA PRO J 916 -96.10 15.47 -144.27
C PRO J 916 -96.03 16.41 -143.06
N GLU J 917 -96.52 17.64 -143.19
CA GLU J 917 -96.57 18.52 -142.02
C GLU J 917 -97.74 18.15 -141.10
N ARG J 918 -98.79 17.54 -141.64
CA ARG J 918 -99.90 17.08 -140.82
C ARG J 918 -99.52 15.84 -140.04
N ASN J 919 -98.72 14.95 -140.64
CA ASN J 919 -98.18 13.82 -139.90
C ASN J 919 -97.10 14.25 -138.91
N TYR J 920 -96.36 15.33 -139.22
CA TYR J 920 -95.34 15.82 -138.30
C TYR J 920 -95.96 16.43 -137.06
N ASN J 921 -97.13 17.07 -137.22
CA ASN J 921 -97.79 17.70 -136.07
C ASN J 921 -98.36 16.66 -135.13
N LEU J 922 -98.64 15.46 -135.62
CA LEU J 922 -99.15 14.40 -134.75
C LEU J 922 -98.02 13.60 -134.11
N GLN J 923 -96.94 13.33 -134.85
CA GLN J 923 -95.84 12.55 -134.28
C GLN J 923 -95.01 13.37 -133.31
N MET J 924 -95.06 14.71 -133.42
CA MET J 924 -94.48 15.55 -132.39
C MET J 924 -95.41 15.66 -131.19
N SER J 925 -96.69 15.40 -131.39
CA SER J 925 -97.63 15.39 -130.26
C SER J 925 -97.50 14.12 -129.44
N GLY J 926 -97.36 12.96 -130.10
CA GLY J 926 -97.23 11.71 -129.38
C GLY J 926 -95.89 11.54 -128.69
N GLU J 927 -94.86 12.23 -129.16
CA GLU J 927 -93.55 12.12 -128.54
C GLU J 927 -93.49 12.87 -127.21
N THR J 928 -94.02 14.09 -127.17
CA THR J 928 -93.96 14.89 -125.95
C THR J 928 -94.94 14.43 -124.89
N LEU J 929 -95.86 13.55 -125.23
CA LEU J 929 -96.80 13.01 -124.26
C LEU J 929 -96.34 11.69 -123.67
N LYS J 930 -95.70 10.83 -124.47
CA LYS J 930 -95.18 9.57 -123.96
C LYS J 930 -94.00 9.78 -123.02
N THR J 931 -93.27 10.88 -123.22
CA THR J 931 -92.22 11.26 -122.29
C THR J 931 -92.75 12.06 -121.11
N LEU J 932 -93.99 12.57 -121.18
CA LEU J 932 -94.56 13.32 -120.07
C LEU J 932 -94.94 12.39 -118.93
N LEU J 933 -95.44 11.21 -119.26
CA LEU J 933 -95.67 10.16 -118.28
C LEU J 933 -94.39 9.45 -117.88
N ALA J 934 -93.35 9.52 -118.72
CA ALA J 934 -92.13 8.76 -118.47
C ALA J 934 -91.30 9.38 -117.35
N LEU J 935 -91.41 10.68 -117.13
CA LEU J 935 -90.63 11.30 -116.07
C LEU J 935 -91.27 11.13 -114.70
N GLY J 936 -92.55 10.79 -114.66
CA GLY J 936 -93.22 10.59 -113.40
C GLY J 936 -94.37 11.55 -113.17
N CYS J 937 -94.68 12.37 -114.16
CA CYS J 937 -95.79 13.30 -114.06
C CYS J 937 -97.09 12.57 -114.36
N HIS J 938 -97.95 12.46 -113.34
CA HIS J 938 -99.24 11.81 -113.51
C HIS J 938 -100.22 12.81 -114.15
N VAL J 939 -101.01 12.33 -115.10
CA VAL J 939 -101.96 13.17 -115.82
C VAL J 939 -103.35 12.56 -115.66
N GLY J 940 -104.35 13.44 -115.59
CA GLY J 940 -105.73 13.02 -115.49
C GLY J 940 -106.64 13.93 -116.30
N MET J 941 -107.82 13.41 -116.61
CA MET J 941 -108.79 14.10 -117.43
C MET J 941 -109.91 14.61 -116.54
N ALA J 942 -110.16 15.92 -116.58
CA ALA J 942 -111.22 16.54 -115.79
C ALA J 942 -111.59 17.88 -116.41
N ASP J 943 -112.85 18.27 -116.17
CA ASP J 943 -113.40 19.60 -116.50
C ASP J 943 -113.33 19.88 -118.01
N GLU J 944 -113.91 18.97 -118.79
CA GLU J 944 -113.99 19.16 -120.24
C GLU J 944 -115.01 20.23 -120.61
N LYS J 945 -115.95 20.53 -119.72
CA LYS J 945 -116.95 21.56 -119.99
C LYS J 945 -116.32 22.96 -119.90
N ALA J 946 -115.54 23.23 -118.85
CA ALA J 946 -114.87 24.52 -118.74
C ALA J 946 -113.75 24.65 -119.77
N GLU J 947 -113.20 23.52 -120.22
CA GLU J 947 -112.24 23.56 -121.32
C GLU J 947 -112.91 23.93 -122.62
N ASP J 948 -114.07 23.37 -122.90
CA ASP J 948 -114.81 23.73 -124.10
C ASP J 948 -115.43 25.12 -123.98
N ASN J 949 -115.75 25.55 -122.76
CA ASN J 949 -116.28 26.90 -122.55
C ASN J 949 -115.23 27.97 -122.78
N LEU J 950 -113.95 27.65 -122.65
CA LEU J 950 -112.89 28.58 -123.00
C LEU J 950 -112.83 28.73 -124.51
N LYS J 951 -112.98 29.96 -124.98
CA LYS J 951 -113.00 30.25 -126.41
C LYS J 951 -111.57 30.40 -126.91
N LYS J 952 -111.44 30.88 -128.14
CA LYS J 952 -110.14 31.11 -128.73
C LYS J 952 -109.60 32.48 -128.34
N THR J 953 -108.32 32.69 -128.61
CA THR J 953 -107.72 34.00 -128.42
C THR J 953 -108.24 34.96 -129.50
N LYS J 954 -108.45 36.20 -129.09
CA LYS J 954 -109.03 37.20 -129.97
C LYS J 954 -108.02 37.64 -131.02
N LEU J 955 -108.45 37.60 -132.28
CA LEU J 955 -107.57 37.96 -133.41
C LEU J 955 -108.08 39.25 -134.02
N PRO J 956 -107.34 40.35 -133.90
CA PRO J 956 -107.81 41.62 -134.47
C PRO J 956 -107.53 41.71 -135.97
N LYS J 957 -107.80 42.88 -136.56
CA LYS J 957 -107.53 43.07 -137.98
C LYS J 957 -106.04 43.07 -138.28
N THR J 958 -105.21 43.45 -137.28
CA THR J 958 -103.76 43.32 -137.42
C THR J 958 -103.29 41.88 -137.24
N TYR J 959 -104.09 41.02 -136.62
CA TYR J 959 -103.70 39.63 -136.43
C TYR J 959 -103.92 38.80 -137.70
N MET J 960 -104.89 39.18 -138.52
CA MET J 960 -105.12 38.48 -139.78
C MET J 960 -104.05 38.85 -140.79
N MET J 961 -103.50 37.84 -141.46
CA MET J 961 -102.41 38.04 -142.40
C MET J 961 -102.96 38.52 -143.75
N SER J 962 -102.12 38.48 -144.78
CA SER J 962 -102.50 38.90 -146.12
C SER J 962 -103.53 37.97 -146.76
N ASN J 963 -103.59 36.71 -146.32
CA ASN J 963 -104.61 35.81 -146.84
C ASN J 963 -105.98 36.10 -146.23
N GLY J 964 -106.01 36.79 -145.09
CA GLY J 964 -107.26 37.11 -144.43
C GLY J 964 -107.76 36.07 -143.46
N TYR J 965 -107.13 34.90 -143.40
CA TYR J 965 -107.53 33.82 -142.51
C TYR J 965 -106.61 33.81 -141.30
N LYS J 966 -107.10 34.37 -140.19
CA LYS J 966 -106.36 34.33 -138.95
C LYS J 966 -106.70 33.05 -138.20
N PRO J 967 -105.69 32.27 -137.79
CA PRO J 967 -105.96 31.07 -137.00
C PRO J 967 -106.44 31.44 -135.60
N ALA J 968 -107.17 30.50 -134.99
CA ALA J 968 -107.80 30.70 -133.68
C ALA J 968 -107.34 29.61 -132.72
N PRO J 969 -106.16 29.76 -132.12
CA PRO J 969 -105.71 28.76 -131.14
C PRO J 969 -106.44 28.91 -129.82
N LEU J 970 -106.32 27.88 -128.99
CA LEU J 970 -107.02 27.82 -127.72
C LEU J 970 -106.43 28.83 -126.74
N ASP J 971 -107.31 29.47 -125.96
CA ASP J 971 -106.88 30.51 -125.03
C ASP J 971 -106.30 29.89 -123.78
N LEU J 972 -105.07 30.29 -123.43
CA LEU J 972 -104.39 29.84 -122.22
C LEU J 972 -104.13 30.99 -121.26
N SER J 973 -104.88 32.08 -121.36
CA SER J 973 -104.75 33.18 -120.42
C SER J 973 -105.34 32.87 -119.06
N HIS J 974 -106.22 31.86 -118.98
CA HIS J 974 -106.78 31.45 -117.70
C HIS J 974 -105.86 30.54 -116.90
N VAL J 975 -104.97 29.81 -117.57
CA VAL J 975 -104.10 28.83 -116.93
C VAL J 975 -102.78 29.50 -116.60
N ARG J 976 -102.37 29.42 -115.34
CA ARG J 976 -101.08 29.90 -114.88
C ARG J 976 -100.20 28.71 -114.51
N LEU J 977 -99.00 28.67 -115.07
CA LEU J 977 -98.11 27.54 -114.86
C LEU J 977 -97.47 27.61 -113.47
N THR J 978 -97.37 26.46 -112.84
CA THR J 978 -96.80 26.34 -111.50
C THR J 978 -95.29 26.32 -111.55
N PRO J 979 -94.61 26.63 -110.44
CA PRO J 979 -93.15 26.38 -110.39
C PRO J 979 -92.80 24.91 -110.51
N ALA J 980 -93.66 24.00 -110.07
CA ALA J 980 -93.48 22.59 -110.39
C ALA J 980 -93.61 22.35 -111.90
N GLN J 981 -94.56 23.02 -112.55
CA GLN J 981 -94.63 22.97 -114.00
C GLN J 981 -93.49 23.74 -114.66
N THR J 982 -93.02 24.82 -114.03
CA THR J 982 -91.85 25.54 -114.55
C THR J 982 -90.59 24.70 -114.41
N THR J 983 -90.57 23.78 -113.45
CA THR J 983 -89.50 22.79 -113.40
C THR J 983 -89.66 21.74 -114.48
N LEU J 984 -90.89 21.29 -114.71
CA LEU J 984 -91.14 20.22 -115.67
C LEU J 984 -91.04 20.70 -117.12
N VAL J 985 -91.24 21.99 -117.35
CA VAL J 985 -91.15 22.50 -118.72
C VAL J 985 -89.68 22.55 -119.17
N ASP J 986 -88.74 22.61 -118.24
CA ASP J 986 -87.34 22.58 -118.63
C ASP J 986 -86.86 21.16 -118.87
N ARG J 987 -87.35 20.19 -118.08
CA ARG J 987 -86.94 18.80 -118.22
C ARG J 987 -87.42 18.18 -119.52
N LEU J 988 -88.56 18.66 -120.04
CA LEU J 988 -89.03 18.16 -121.32
C LEU J 988 -88.23 18.74 -122.47
N ALA J 989 -87.97 20.06 -122.46
CA ALA J 989 -87.20 20.68 -123.52
C ALA J 989 -85.74 20.27 -123.49
N GLU J 990 -85.24 19.87 -122.31
CA GLU J 990 -83.92 19.27 -122.24
C GLU J 990 -83.89 17.91 -122.94
N ASN J 991 -84.90 17.08 -122.66
CA ASN J 991 -85.00 15.78 -123.31
C ASN J 991 -85.24 15.91 -124.81
N GLY J 992 -86.17 16.79 -125.21
CA GLY J 992 -86.51 16.89 -126.62
C GLY J 992 -85.39 17.40 -127.50
N HIS J 993 -84.63 18.38 -127.00
CA HIS J 993 -83.46 18.84 -127.73
C HIS J 993 -82.35 17.81 -127.76
N ASN J 994 -82.16 17.07 -126.67
CA ASN J 994 -81.07 16.10 -126.65
C ASN J 994 -81.43 14.83 -127.41
N VAL J 995 -82.71 14.46 -127.42
CA VAL J 995 -83.09 13.33 -128.25
C VAL J 995 -83.11 13.72 -129.72
N TRP J 996 -83.24 15.00 -130.03
CA TRP J 996 -83.13 15.46 -131.41
C TRP J 996 -81.69 15.39 -131.91
N ALA J 997 -80.77 15.92 -131.10
CA ALA J 997 -79.36 15.83 -131.43
C ALA J 997 -78.85 14.40 -131.39
N ARG J 998 -79.51 13.53 -130.61
CA ARG J 998 -79.24 12.10 -130.65
C ARG J 998 -79.54 11.53 -132.03
N ASP J 999 -80.64 11.97 -132.63
CA ASP J 999 -80.90 11.63 -134.03
C ASP J 999 -79.89 12.31 -134.96
N ARG J 1000 -79.48 13.52 -134.61
CA ARG J 1000 -78.49 14.22 -135.43
C ARG J 1000 -77.10 13.60 -135.27
N VAL J 1001 -76.79 13.09 -134.07
CA VAL J 1001 -75.51 12.39 -133.90
C VAL J 1001 -75.54 11.06 -134.64
N ALA J 1002 -76.70 10.41 -134.68
CA ALA J 1002 -76.85 9.24 -135.53
C ALA J 1002 -76.86 9.62 -137.00
N GLN J 1003 -77.18 10.87 -137.31
CA GLN J 1003 -77.13 11.35 -138.68
C GLN J 1003 -75.69 11.65 -139.12
N GLY J 1004 -74.72 11.51 -138.23
CA GLY J 1004 -73.33 11.66 -138.62
C GLY J 1004 -72.88 13.11 -138.51
N TRP J 1005 -73.24 13.76 -137.41
CA TRP J 1005 -72.95 15.17 -137.23
C TRP J 1005 -72.14 15.38 -135.95
N SER J 1006 -71.32 16.43 -135.97
CA SER J 1006 -70.48 16.78 -134.83
C SER J 1006 -70.51 18.28 -134.64
N TYR J 1007 -70.07 18.74 -133.48
CA TYR J 1007 -70.16 20.16 -133.13
C TYR J 1007 -68.99 20.92 -133.74
N SER J 1008 -69.27 22.16 -134.13
CA SER J 1008 -68.25 23.18 -134.26
C SER J 1008 -68.89 24.51 -133.89
N ALA J 1009 -68.06 25.52 -133.65
CA ALA J 1009 -68.59 26.85 -133.40
C ALA J 1009 -69.15 27.46 -134.67
N VAL J 1010 -68.49 27.25 -135.80
CA VAL J 1010 -69.02 27.67 -137.09
C VAL J 1010 -70.06 26.66 -137.53
N GLN J 1011 -70.91 27.07 -138.47
CA GLN J 1011 -72.00 26.24 -138.97
C GLN J 1011 -71.62 25.75 -140.36
N ASP J 1012 -71.20 24.49 -140.42
CA ASP J 1012 -70.82 23.85 -141.69
C ASP J 1012 -71.78 22.69 -141.93
N ILE J 1013 -72.82 22.96 -142.72
CA ILE J 1013 -73.87 21.96 -142.96
C ILE J 1013 -73.36 20.79 -143.83
N PRO J 1014 -72.68 20.99 -144.96
CA PRO J 1014 -72.13 19.81 -145.66
C PRO J 1014 -70.98 19.15 -144.92
N ALA J 1015 -70.25 19.87 -144.09
CA ALA J 1015 -69.22 19.28 -143.26
C ALA J 1015 -69.76 18.83 -141.91
N ARG J 1016 -71.08 18.72 -141.77
CA ARG J 1016 -71.77 18.12 -140.63
C ARG J 1016 -71.49 18.86 -139.32
N ARG J 1017 -71.63 20.18 -139.36
CA ARG J 1017 -71.46 21.01 -138.16
C ARG J 1017 -72.72 21.82 -137.92
N ASN J 1018 -73.27 21.69 -136.72
CA ASN J 1018 -74.41 22.49 -136.29
C ASN J 1018 -74.03 23.06 -134.93
N PRO J 1019 -74.14 24.38 -134.74
CA PRO J 1019 -73.66 25.00 -133.50
C PRO J 1019 -74.51 24.75 -132.27
N ARG J 1020 -75.52 23.88 -132.33
CA ARG J 1020 -76.28 23.51 -131.15
C ARG J 1020 -76.15 22.02 -130.84
N LEU J 1021 -75.12 21.38 -131.37
CA LEU J 1021 -74.90 19.94 -131.22
C LEU J 1021 -74.22 19.61 -129.89
N VAL J 1022 -74.79 20.07 -128.80
CA VAL J 1022 -74.29 19.77 -127.45
C VAL J 1022 -75.50 19.32 -126.64
N PRO J 1023 -75.28 18.67 -125.50
CA PRO J 1023 -76.38 18.51 -124.53
C PRO J 1023 -76.87 19.85 -124.01
N TYR J 1024 -78.07 19.79 -123.41
CA TYR J 1024 -78.90 20.97 -123.24
C TYR J 1024 -78.33 21.96 -122.23
N ARG J 1025 -77.64 21.47 -121.21
CA ARG J 1025 -77.03 22.38 -120.25
C ARG J 1025 -75.79 23.04 -120.81
N LEU J 1026 -75.19 22.49 -121.87
CA LEU J 1026 -74.07 23.12 -122.56
C LEU J 1026 -74.53 24.13 -123.58
N LEU J 1027 -75.79 24.05 -123.98
CA LEU J 1027 -76.40 25.05 -124.85
C LEU J 1027 -76.48 26.39 -124.15
N ASP J 1028 -76.25 27.46 -124.90
CA ASP J 1028 -76.40 28.79 -124.34
C ASP J 1028 -77.86 29.11 -124.08
N GLU J 1029 -78.10 30.16 -123.28
CA GLU J 1029 -79.42 30.46 -122.76
C GLU J 1029 -80.42 30.87 -123.83
N ALA J 1030 -79.94 31.43 -124.96
CA ALA J 1030 -80.84 31.95 -125.99
C ALA J 1030 -81.60 30.83 -126.67
N THR J 1031 -80.89 29.80 -127.15
CA THR J 1031 -81.57 28.65 -127.71
C THR J 1031 -82.22 27.81 -126.61
N LYS J 1032 -81.68 27.88 -125.40
CA LYS J 1032 -82.31 27.23 -124.25
C LYS J 1032 -83.67 27.85 -123.94
N ARG J 1033 -83.76 29.18 -124.04
CA ARG J 1033 -85.06 29.83 -123.88
C ARG J 1033 -85.95 29.58 -125.07
N SER J 1034 -85.37 29.42 -126.26
CA SER J 1034 -86.14 29.32 -127.50
C SER J 1034 -86.96 28.03 -127.55
N ASN J 1035 -86.35 26.91 -127.18
CA ASN J 1035 -87.14 25.69 -127.05
C ASN J 1035 -88.02 25.71 -125.82
N ARG J 1036 -87.66 26.50 -124.81
CA ARG J 1036 -88.49 26.59 -123.61
C ARG J 1036 -89.80 27.36 -123.86
N ASP J 1037 -89.73 28.50 -124.53
CA ASP J 1037 -90.97 29.21 -124.89
C ASP J 1037 -91.76 28.45 -125.94
N SER J 1038 -91.10 27.63 -126.75
CA SER J 1038 -91.78 26.72 -127.66
C SER J 1038 -92.64 25.71 -126.91
N LEU J 1039 -92.13 25.14 -125.83
CA LEU J 1039 -92.84 24.09 -125.12
C LEU J 1039 -93.78 24.62 -124.05
N CYS J 1040 -93.63 25.89 -123.66
CA CYS J 1040 -94.58 26.52 -122.75
C CYS J 1040 -95.95 26.74 -123.39
N GLN J 1041 -96.03 26.73 -124.72
CA GLN J 1041 -97.31 26.91 -125.39
C GLN J 1041 -98.20 25.69 -125.20
N ALA J 1042 -97.63 24.49 -125.29
CA ALA J 1042 -98.43 23.28 -125.20
C ALA J 1042 -98.85 22.93 -123.79
N VAL J 1043 -98.28 23.59 -122.77
CA VAL J 1043 -98.58 23.20 -121.40
C VAL J 1043 -99.91 23.77 -120.93
N ARG J 1044 -100.04 25.10 -120.96
CA ARG J 1044 -101.20 25.75 -120.37
C ARG J 1044 -102.44 25.62 -121.26
N THR J 1045 -102.28 25.34 -122.55
CA THR J 1045 -103.43 24.99 -123.38
C THR J 1045 -103.92 23.59 -123.05
N LEU J 1046 -103.00 22.67 -122.72
CA LEU J 1046 -103.42 21.37 -122.23
C LEU J 1046 -103.93 21.48 -120.80
N LEU J 1047 -103.41 22.43 -120.03
CA LEU J 1047 -104.07 22.81 -118.80
C LEU J 1047 -105.38 23.55 -119.07
N GLY J 1048 -105.46 24.28 -120.19
CA GLY J 1048 -106.72 24.82 -120.65
C GLY J 1048 -107.63 23.82 -121.30
N TYR J 1049 -107.10 22.64 -121.65
CA TYR J 1049 -107.90 21.50 -122.05
C TYR J 1049 -108.39 20.70 -120.84
N GLY J 1050 -108.07 21.15 -119.63
CA GLY J 1050 -108.57 20.55 -118.41
C GLY J 1050 -107.67 19.54 -117.76
N TYR J 1051 -106.57 19.16 -118.41
CA TYR J 1051 -105.73 18.08 -117.90
C TYR J 1051 -104.73 18.63 -116.90
N ASN J 1052 -104.66 17.97 -115.74
CA ASN J 1052 -103.78 18.36 -114.65
C ASN J 1052 -102.49 17.56 -114.67
N ILE J 1053 -101.45 18.11 -114.05
CA ILE J 1053 -100.11 17.53 -114.05
C ILE J 1053 -99.64 17.34 -112.62
N GLU J 1054 -99.34 16.10 -112.25
CA GLU J 1054 -98.74 15.90 -110.95
C GLU J 1054 -97.23 16.03 -111.04
N PRO J 1055 -96.54 16.28 -109.92
CA PRO J 1055 -95.09 16.45 -110.00
C PRO J 1055 -94.32 15.29 -109.37
N ASP J 1070 -63.64 16.79 -107.28
CA ASP J 1070 -62.49 16.23 -106.59
C ASP J 1070 -62.70 16.24 -105.08
N ARG J 1071 -61.71 16.72 -104.35
CA ARG J 1071 -61.78 16.84 -102.90
C ARG J 1071 -61.69 18.31 -102.53
N VAL J 1072 -61.53 18.57 -101.24
CA VAL J 1072 -61.49 19.93 -100.70
C VAL J 1072 -60.05 20.24 -100.29
N ARG J 1073 -59.57 21.42 -100.66
CA ARG J 1073 -58.24 21.84 -100.30
C ARG J 1073 -58.20 22.47 -98.92
N ILE J 1074 -57.16 22.18 -98.18
CA ILE J 1074 -56.99 22.67 -96.82
C ILE J 1074 -55.76 23.56 -96.80
N PHE J 1075 -55.90 24.74 -96.21
CA PHE J 1075 -54.86 25.75 -96.22
C PHE J 1075 -54.51 26.07 -94.77
N ARG J 1076 -53.22 26.21 -94.48
CA ARG J 1076 -52.80 26.62 -93.15
C ARG J 1076 -51.43 27.29 -93.21
N ALA J 1077 -50.97 27.73 -92.05
CA ALA J 1077 -49.66 28.31 -91.92
C ALA J 1077 -48.68 27.25 -91.42
N GLU J 1078 -47.38 27.55 -91.52
CA GLU J 1078 -46.34 26.59 -91.20
C GLU J 1078 -46.31 26.30 -89.71
N LYS J 1079 -45.84 25.11 -89.37
CA LYS J 1079 -45.93 24.61 -88.00
C LYS J 1079 -45.01 25.31 -87.04
N SER J 1080 -44.10 26.14 -87.52
CA SER J 1080 -43.34 27.01 -86.63
C SER J 1080 -44.20 28.08 -85.98
N TYR J 1081 -45.24 28.54 -86.65
CA TYR J 1081 -45.95 29.74 -86.27
C TYR J 1081 -47.05 29.50 -85.24
N THR J 1082 -46.98 28.39 -84.51
CA THR J 1082 -48.01 28.06 -83.53
C THR J 1082 -48.00 29.05 -82.37
N VAL J 1083 -49.15 29.19 -81.73
CA VAL J 1083 -49.30 30.09 -80.59
C VAL J 1083 -49.61 29.27 -79.35
N GLN J 1084 -49.18 29.78 -78.20
CA GLN J 1084 -49.43 29.13 -76.94
C GLN J 1084 -50.07 30.04 -75.91
N SER J 1085 -50.18 31.33 -76.18
CA SER J 1085 -50.66 32.28 -75.18
C SER J 1085 -51.17 33.52 -75.89
N GLY J 1086 -51.57 34.50 -75.10
CA GLY J 1086 -52.03 35.76 -75.62
C GLY J 1086 -53.38 35.66 -76.29
N ARG J 1087 -53.73 36.74 -76.98
CA ARG J 1087 -54.97 36.82 -77.73
C ARG J 1087 -54.64 37.28 -79.14
N TRP J 1088 -55.23 36.63 -80.12
CA TRP J 1088 -54.81 36.82 -81.50
C TRP J 1088 -56.02 37.00 -82.39
N TYR J 1089 -55.76 37.36 -83.65
CA TYR J 1089 -56.81 37.78 -84.56
C TYR J 1089 -56.28 37.77 -85.99
N PHE J 1090 -57.16 37.51 -86.95
CA PHE J 1090 -56.89 37.76 -88.34
C PHE J 1090 -58.20 38.07 -89.05
N GLU J 1091 -58.16 38.11 -90.37
CA GLU J 1091 -59.32 38.40 -91.19
C GLU J 1091 -59.34 37.51 -92.41
N PHE J 1092 -60.49 37.43 -93.05
CA PHE J 1092 -60.67 36.55 -94.20
C PHE J 1092 -61.82 37.04 -95.06
N GLU J 1093 -61.51 37.57 -96.24
CA GLU J 1093 -62.54 37.95 -97.19
C GLU J 1093 -62.97 36.71 -97.96
N ALA J 1094 -64.26 36.62 -98.23
CA ALA J 1094 -64.86 35.52 -98.98
C ALA J 1094 -65.50 36.13 -100.23
N VAL J 1095 -64.94 35.83 -101.39
CA VAL J 1095 -65.40 36.53 -102.58
C VAL J 1095 -66.68 35.90 -103.12
N THR J 1096 -66.64 34.63 -103.49
CA THR J 1096 -67.81 33.93 -103.99
C THR J 1096 -68.21 32.88 -102.96
N THR J 1097 -69.40 33.05 -102.37
CA THR J 1097 -69.79 32.18 -101.27
C THR J 1097 -70.12 30.77 -101.75
N GLY J 1098 -70.41 29.91 -100.80
CA GLY J 1098 -70.57 28.50 -101.06
C GLY J 1098 -69.92 27.70 -99.93
N GLU J 1099 -69.32 26.59 -100.32
CA GLU J 1099 -68.68 25.70 -99.34
C GLU J 1099 -67.27 26.22 -99.08
N MET J 1100 -67.09 26.89 -97.95
CA MET J 1100 -65.79 27.26 -97.41
C MET J 1100 -65.84 27.07 -95.91
N ARG J 1101 -64.66 27.06 -95.30
CA ARG J 1101 -64.53 26.79 -93.87
C ARG J 1101 -63.29 27.51 -93.35
N VAL J 1102 -63.44 28.31 -92.29
CA VAL J 1102 -62.29 28.95 -91.67
C VAL J 1102 -62.40 28.80 -90.17
N GLY J 1103 -61.25 28.77 -89.51
CA GLY J 1103 -61.21 28.65 -88.06
C GLY J 1103 -59.79 28.49 -87.54
N TRP J 1104 -59.67 27.63 -86.53
CA TRP J 1104 -58.39 27.39 -85.88
C TRP J 1104 -58.19 25.88 -85.73
N ALA J 1105 -56.95 25.43 -85.83
CA ALA J 1105 -56.67 24.01 -85.79
C ALA J 1105 -55.45 23.71 -84.95
N ARG J 1106 -55.43 22.50 -84.41
CA ARG J 1106 -54.29 21.89 -83.76
C ARG J 1106 -53.17 21.68 -84.77
N PRO J 1107 -51.91 21.68 -84.34
CA PRO J 1107 -50.81 21.59 -85.31
C PRO J 1107 -50.69 20.25 -85.98
N GLU J 1108 -50.99 19.16 -85.29
CA GLU J 1108 -50.86 17.83 -85.89
C GLU J 1108 -52.09 17.46 -86.71
N LEU J 1109 -52.43 18.30 -87.69
CA LEU J 1109 -53.66 18.13 -88.43
C LEU J 1109 -53.44 17.21 -89.63
N ARG J 1110 -54.23 16.15 -89.69
CA ARG J 1110 -54.31 15.20 -90.78
C ARG J 1110 -54.99 15.82 -91.99
N PRO J 1111 -54.43 15.67 -93.19
CA PRO J 1111 -55.05 16.26 -94.37
C PRO J 1111 -56.08 15.38 -95.03
N ASP J 1112 -56.38 14.21 -94.48
CA ASP J 1112 -57.34 13.32 -95.10
C ASP J 1112 -58.76 13.70 -94.71
N VAL J 1113 -58.94 14.15 -93.48
CA VAL J 1113 -60.27 14.31 -92.89
C VAL J 1113 -60.91 15.59 -93.38
N GLU J 1114 -62.23 15.64 -93.33
CA GLU J 1114 -62.98 16.87 -93.48
C GLU J 1114 -62.62 17.81 -92.32
N LEU J 1115 -62.44 19.09 -92.63
CA LEU J 1115 -61.95 20.07 -91.66
C LEU J 1115 -62.98 20.27 -90.56
N GLY J 1116 -62.66 19.76 -89.38
CA GLY J 1116 -63.51 19.90 -88.21
C GLY J 1116 -64.22 18.63 -87.81
N ALA J 1117 -64.17 17.58 -88.60
CA ALA J 1117 -64.83 16.33 -88.25
C ALA J 1117 -64.15 15.61 -87.10
N ASP J 1118 -62.85 15.74 -86.97
CA ASP J 1118 -62.11 15.13 -85.88
C ASP J 1118 -61.89 16.18 -84.80
N GLU J 1119 -61.14 15.80 -83.76
CA GLU J 1119 -60.91 16.65 -82.60
C GLU J 1119 -59.72 17.56 -82.77
N LEU J 1120 -59.32 17.89 -84.00
CA LEU J 1120 -58.12 18.67 -84.24
C LEU J 1120 -58.41 20.05 -84.76
N ALA J 1121 -59.67 20.40 -84.98
CA ALA J 1121 -59.99 21.69 -85.58
C ALA J 1121 -61.16 22.31 -84.86
N TYR J 1122 -61.22 23.64 -84.93
CA TYR J 1122 -62.38 24.42 -84.53
C TYR J 1122 -62.63 25.40 -85.67
N VAL J 1123 -63.76 25.27 -86.34
CA VAL J 1123 -63.94 25.92 -87.63
C VAL J 1123 -65.41 26.20 -87.89
N PHE J 1124 -65.68 27.44 -88.26
CA PHE J 1124 -67.01 27.91 -88.61
C PHE J 1124 -67.25 27.62 -90.09
N ASN J 1125 -68.50 27.34 -90.45
CA ASN J 1125 -68.92 27.15 -91.83
C ASN J 1125 -69.85 28.26 -92.27
N GLY J 1126 -69.48 28.90 -93.38
CA GLY J 1126 -70.22 30.06 -93.91
C GLY J 1126 -71.24 29.72 -94.97
N HIS J 1127 -71.47 28.43 -95.25
CA HIS J 1127 -72.47 28.12 -96.26
C HIS J 1127 -73.87 28.17 -95.67
N ARG J 1128 -74.08 27.49 -94.54
CA ARG J 1128 -75.37 27.47 -93.88
C ARG J 1128 -75.31 28.07 -92.48
N GLY J 1129 -74.17 28.61 -92.08
CA GLY J 1129 -74.06 29.25 -90.78
C GLY J 1129 -74.03 28.28 -89.62
N GLN J 1130 -72.98 27.47 -89.53
CA GLN J 1130 -72.85 26.53 -88.44
C GLN J 1130 -71.39 26.31 -88.10
N ARG J 1131 -71.14 25.93 -86.85
CA ARG J 1131 -69.78 25.63 -86.42
C ARG J 1131 -69.51 24.14 -86.57
N TRP J 1132 -68.25 23.81 -86.86
CA TRP J 1132 -67.81 22.44 -87.06
C TRP J 1132 -66.77 22.11 -86.00
N HIS J 1133 -67.09 21.19 -85.10
CA HIS J 1133 -66.10 20.51 -84.28
C HIS J 1133 -66.75 19.25 -83.76
N LEU J 1134 -66.24 18.08 -84.20
CA LEU J 1134 -66.79 16.76 -83.87
C LEU J 1134 -68.26 16.65 -84.23
N GLY J 1135 -68.65 17.31 -85.31
CA GLY J 1135 -70.04 17.43 -85.68
C GLY J 1135 -70.38 18.87 -85.94
N SER J 1136 -71.66 19.19 -85.86
CA SER J 1136 -72.12 20.52 -86.24
C SER J 1136 -73.17 21.02 -85.27
N GLU J 1137 -73.34 22.34 -85.24
CA GLU J 1137 -74.34 23.03 -84.47
C GLU J 1137 -74.54 24.37 -85.15
N PRO J 1138 -75.78 24.81 -85.34
CA PRO J 1138 -76.02 26.02 -86.15
C PRO J 1138 -75.56 27.27 -85.42
N PHE J 1139 -74.99 28.19 -86.20
CA PHE J 1139 -74.27 29.32 -85.61
C PHE J 1139 -74.27 30.49 -86.58
N GLY J 1140 -75.15 31.45 -86.32
CA GLY J 1140 -75.05 32.70 -87.04
C GLY J 1140 -75.58 32.63 -88.47
N ARG J 1141 -75.47 33.76 -89.16
CA ARG J 1141 -76.02 33.96 -90.48
C ARG J 1141 -75.09 33.41 -91.55
N PRO J 1142 -75.64 32.86 -92.63
CA PRO J 1142 -74.81 32.53 -93.79
C PRO J 1142 -74.33 33.76 -94.53
N TRP J 1143 -73.64 33.51 -95.64
CA TRP J 1143 -72.78 34.50 -96.26
C TRP J 1143 -73.48 35.34 -97.31
N GLN J 1144 -72.76 36.37 -97.74
CA GLN J 1144 -73.02 37.12 -98.95
C GLN J 1144 -71.75 37.04 -99.79
N SER J 1145 -71.67 37.81 -100.86
CA SER J 1145 -70.49 37.79 -101.72
C SER J 1145 -69.70 39.07 -101.50
N GLY J 1146 -68.71 39.02 -100.63
CA GLY J 1146 -67.84 40.17 -100.43
C GLY J 1146 -67.81 40.66 -99.01
N ASP J 1147 -68.12 39.78 -98.07
CA ASP J 1147 -68.14 40.10 -96.66
C ASP J 1147 -66.93 39.52 -95.94
N VAL J 1148 -66.50 40.21 -94.90
CA VAL J 1148 -65.30 39.88 -94.15
C VAL J 1148 -65.69 39.02 -92.96
N VAL J 1149 -65.06 37.85 -92.83
CA VAL J 1149 -65.27 36.96 -91.71
C VAL J 1149 -64.00 36.92 -90.89
N GLY J 1150 -63.97 37.68 -89.80
CA GLY J 1150 -62.83 37.65 -88.90
C GLY J 1150 -62.88 36.39 -88.05
N CYS J 1151 -61.74 36.08 -87.44
CA CYS J 1151 -61.65 35.05 -86.42
C CYS J 1151 -60.71 35.57 -85.35
N MET J 1152 -60.96 35.21 -84.11
CA MET J 1152 -60.08 35.61 -83.02
C MET J 1152 -60.10 34.55 -81.93
N ILE J 1153 -58.98 34.46 -81.22
CA ILE J 1153 -58.81 33.49 -80.15
C ILE J 1153 -58.19 34.22 -78.97
N ASP J 1154 -58.51 33.74 -77.77
CA ASP J 1154 -57.92 34.28 -76.55
C ASP J 1154 -57.53 33.10 -75.68
N LEU J 1155 -56.25 32.73 -75.72
CA LEU J 1155 -55.75 31.59 -74.97
C LEU J 1155 -55.77 31.78 -73.48
N THR J 1156 -55.88 33.02 -73.00
CA THR J 1156 -55.87 33.25 -71.57
C THR J 1156 -57.19 32.83 -70.93
N GLU J 1157 -58.21 32.59 -71.73
CA GLU J 1157 -59.53 32.23 -71.22
C GLU J 1157 -60.17 31.08 -71.97
N ASN J 1158 -59.44 30.46 -72.91
CA ASN J 1158 -59.86 29.28 -73.67
C ASN J 1158 -61.14 29.54 -74.45
N THR J 1159 -61.12 30.63 -75.21
CA THR J 1159 -62.30 31.08 -75.92
C THR J 1159 -62.00 31.18 -77.40
N ILE J 1160 -63.04 31.02 -78.22
CA ILE J 1160 -62.96 31.24 -79.66
C ILE J 1160 -64.17 32.08 -80.06
N ILE J 1161 -63.91 33.19 -80.75
CA ILE J 1161 -64.93 34.17 -81.10
C ILE J 1161 -64.88 34.37 -82.60
N PHE J 1162 -66.04 34.34 -83.25
CA PHE J 1162 -66.15 34.65 -84.67
C PHE J 1162 -66.92 35.94 -84.85
N THR J 1163 -66.35 36.86 -85.62
CA THR J 1163 -66.97 38.14 -85.91
C THR J 1163 -67.29 38.18 -87.39
N LEU J 1164 -68.48 38.66 -87.74
CA LEU J 1164 -68.87 38.83 -89.15
C LEU J 1164 -69.12 40.30 -89.42
N ASN J 1165 -68.35 40.84 -90.37
CA ASN J 1165 -68.49 42.21 -90.87
C ASN J 1165 -68.29 43.25 -89.76
N GLY J 1166 -67.45 42.91 -88.79
CA GLY J 1166 -67.28 43.72 -87.61
C GLY J 1166 -68.29 43.46 -86.52
N GLU J 1167 -69.37 42.75 -86.82
CA GLU J 1167 -70.38 42.42 -85.82
C GLU J 1167 -70.11 41.03 -85.28
N VAL J 1168 -70.28 40.85 -83.97
CA VAL J 1168 -69.94 39.59 -83.34
C VAL J 1168 -71.10 38.60 -83.48
N LEU J 1169 -70.80 37.42 -84.01
CA LEU J 1169 -71.81 36.39 -84.16
C LEU J 1169 -72.15 35.79 -82.80
N MET J 1170 -73.40 35.39 -82.63
CA MET J 1170 -73.87 34.76 -81.41
C MET J 1170 -74.45 33.39 -81.70
N SER J 1171 -74.59 32.61 -80.64
CA SER J 1171 -75.13 31.26 -80.74
C SER J 1171 -76.65 31.31 -80.80
N ASP J 1172 -77.28 30.14 -80.71
CA ASP J 1172 -78.73 30.12 -80.51
C ASP J 1172 -79.09 30.58 -79.12
N SER J 1173 -78.20 30.38 -78.14
CA SER J 1173 -78.43 30.82 -76.78
C SER J 1173 -78.05 32.28 -76.55
N GLY J 1174 -77.66 33.00 -77.60
CA GLY J 1174 -77.24 34.38 -77.48
C GLY J 1174 -75.78 34.57 -77.13
N SER J 1175 -75.08 33.51 -76.74
CA SER J 1175 -73.69 33.61 -76.34
C SER J 1175 -72.81 33.86 -77.55
N GLU J 1176 -71.84 34.77 -77.41
CA GLU J 1176 -70.93 35.08 -78.50
C GLU J 1176 -69.79 34.07 -78.58
N THR J 1177 -69.32 33.56 -77.44
CA THR J 1177 -68.21 32.62 -77.42
C THR J 1177 -68.62 31.31 -78.04
N ALA J 1178 -68.07 31.03 -79.22
CA ALA J 1178 -68.43 29.86 -79.99
C ALA J 1178 -67.99 28.57 -79.31
N PHE J 1179 -66.81 28.56 -78.71
CA PHE J 1179 -66.32 27.40 -77.98
C PHE J 1179 -65.61 27.87 -76.71
N ARG J 1180 -65.92 27.22 -75.60
CA ARG J 1180 -65.27 27.49 -74.33
C ARG J 1180 -64.57 26.24 -73.85
N GLU J 1181 -63.70 26.43 -72.85
CA GLU J 1181 -63.04 25.36 -72.11
C GLU J 1181 -62.20 24.46 -73.00
N ILE J 1182 -61.59 25.05 -74.02
CA ILE J 1182 -60.69 24.30 -74.90
C ILE J 1182 -59.34 24.16 -74.22
N GLU J 1183 -58.79 22.95 -74.26
CA GLU J 1183 -57.45 22.74 -73.74
C GLU J 1183 -56.44 23.40 -74.66
N ILE J 1184 -55.41 24.01 -74.04
CA ILE J 1184 -54.39 24.72 -74.79
C ILE J 1184 -53.54 23.71 -75.55
N GLY J 1185 -52.89 22.83 -74.81
CA GLY J 1185 -52.10 21.75 -75.39
C GLY J 1185 -50.90 22.25 -76.15
N ASP J 1186 -50.62 21.63 -77.29
CA ASP J 1186 -49.48 22.00 -78.11
C ASP J 1186 -49.67 23.33 -78.83
N GLY J 1187 -50.90 23.78 -79.01
CA GLY J 1187 -51.13 25.10 -79.54
C GLY J 1187 -52.15 25.10 -80.68
N PHE J 1188 -52.23 26.25 -81.33
CA PHE J 1188 -53.14 26.45 -82.44
C PHE J 1188 -52.45 27.29 -83.51
N LEU J 1189 -53.05 27.29 -84.70
CA LEU J 1189 -52.53 28.03 -85.84
C LEU J 1189 -53.66 28.16 -86.85
N PRO J 1190 -53.74 29.26 -87.58
CA PRO J 1190 -54.95 29.53 -88.39
C PRO J 1190 -55.05 28.61 -89.58
N VAL J 1191 -56.28 28.35 -90.00
CA VAL J 1191 -56.55 27.35 -91.02
C VAL J 1191 -57.73 27.81 -91.85
N CYS J 1192 -57.67 27.56 -93.15
CA CYS J 1192 -58.77 27.84 -94.05
C CYS J 1192 -59.14 26.57 -94.80
N SER J 1193 -60.18 26.64 -95.60
CA SER J 1193 -60.62 25.52 -96.43
C SER J 1193 -61.48 26.01 -97.56
N LEU J 1194 -61.13 25.61 -98.77
CA LEU J 1194 -61.84 26.06 -99.96
C LEU J 1194 -62.44 24.87 -100.69
N GLY J 1195 -63.74 24.95 -100.94
CA GLY J 1195 -64.41 23.97 -101.76
C GLY J 1195 -64.17 24.24 -103.23
N PRO J 1196 -64.83 23.48 -104.10
CA PRO J 1196 -64.59 23.64 -105.55
C PRO J 1196 -65.22 24.94 -106.03
N GLY J 1197 -64.47 25.65 -106.87
CA GLY J 1197 -64.93 26.91 -107.42
C GLY J 1197 -64.75 28.11 -106.53
N GLN J 1198 -64.72 27.93 -105.22
CA GLN J 1198 -64.71 29.03 -104.26
C GLN J 1198 -63.40 29.80 -104.30
N VAL J 1199 -63.51 31.12 -104.23
CA VAL J 1199 -62.37 32.01 -104.30
C VAL J 1199 -62.43 32.92 -103.08
N GLY J 1200 -61.31 33.03 -102.36
CA GLY J 1200 -61.26 33.94 -101.23
C GLY J 1200 -59.86 34.12 -100.72
N HIS J 1201 -59.44 35.36 -100.45
CA HIS J 1201 -58.09 35.57 -99.98
C HIS J 1201 -58.07 35.69 -98.47
N LEU J 1202 -56.89 35.45 -97.91
CA LEU J 1202 -56.72 35.28 -96.48
C LEU J 1202 -55.75 36.36 -96.00
N ASN J 1203 -56.29 37.46 -95.51
CA ASN J 1203 -55.46 38.52 -94.94
C ASN J 1203 -55.01 38.07 -93.55
N LEU J 1204 -53.80 37.56 -93.45
CA LEU J 1204 -53.27 37.11 -92.18
C LEU J 1204 -52.84 38.26 -91.29
N GLY J 1205 -52.79 39.48 -91.82
CA GLY J 1205 -52.55 40.64 -90.99
C GLY J 1205 -51.09 41.04 -90.88
N GLN J 1206 -50.43 41.24 -92.02
CA GLN J 1206 -49.11 41.83 -91.96
C GLN J 1206 -49.19 43.33 -91.75
N ASP J 1207 -49.86 44.04 -92.65
CA ASP J 1207 -50.09 45.47 -92.52
C ASP J 1207 -51.39 45.70 -91.77
N VAL J 1208 -51.32 46.46 -90.69
CA VAL J 1208 -52.49 46.68 -89.85
C VAL J 1208 -53.53 47.53 -90.57
N SER J 1209 -53.07 48.51 -91.34
CA SER J 1209 -53.98 49.33 -92.12
C SER J 1209 -54.60 48.55 -93.27
N SER J 1210 -53.97 47.47 -93.72
CA SER J 1210 -54.57 46.64 -94.76
C SER J 1210 -55.78 45.87 -94.26
N LEU J 1211 -55.91 45.68 -92.95
CA LEU J 1211 -57.12 45.11 -92.39
C LEU J 1211 -58.25 46.11 -92.46
N ARG J 1212 -59.49 45.63 -92.36
CA ARG J 1212 -60.63 46.52 -92.54
C ARG J 1212 -61.43 46.68 -91.26
N PHE J 1213 -61.87 45.56 -90.67
CA PHE J 1213 -62.84 45.60 -89.58
C PHE J 1213 -62.18 45.31 -88.24
N PHE J 1214 -60.85 45.33 -88.20
CA PHE J 1214 -60.14 45.09 -86.96
C PHE J 1214 -60.30 46.26 -86.01
N ALA J 1215 -60.33 47.48 -86.56
CA ALA J 1215 -60.56 48.66 -85.73
C ALA J 1215 -61.97 48.71 -85.16
N ILE J 1216 -62.94 48.10 -85.86
CA ILE J 1216 -64.31 48.08 -85.35
C ILE J 1216 -64.41 47.16 -84.14
N CYS J 1217 -63.86 45.94 -84.26
CA CYS J 1217 -63.87 45.01 -83.15
C CYS J 1217 -62.57 44.23 -83.17
N GLY J 1218 -61.99 44.02 -81.98
CA GLY J 1218 -60.72 43.36 -81.85
C GLY J 1218 -59.57 44.28 -81.46
N LEU J 1219 -59.59 45.53 -81.90
CA LEU J 1219 -58.53 46.47 -81.61
C LEU J 1219 -58.50 46.86 -80.14
N GLN J 1220 -59.57 47.46 -79.65
CA GLN J 1220 -59.57 47.93 -78.28
C GLN J 1220 -59.94 46.85 -77.29
N GLU J 1221 -60.34 45.68 -77.79
CA GLU J 1221 -60.49 44.53 -76.92
C GLU J 1221 -59.16 44.05 -76.37
N GLY J 1222 -58.11 44.07 -77.18
CA GLY J 1222 -56.79 43.63 -76.78
C GLY J 1222 -56.15 42.67 -77.75
N PHE J 1223 -56.85 42.25 -78.79
CA PHE J 1223 -56.32 41.25 -79.71
C PHE J 1223 -55.28 41.85 -80.63
N GLU J 1224 -54.12 41.23 -80.67
CA GLU J 1224 -53.15 41.61 -81.68
C GLU J 1224 -53.37 40.81 -82.94
N PRO J 1225 -53.02 41.34 -84.11
CA PRO J 1225 -53.06 40.53 -85.33
C PRO J 1225 -51.94 39.50 -85.34
N PHE J 1226 -51.93 38.68 -86.39
CA PHE J 1226 -51.01 37.55 -86.40
C PHE J 1226 -49.62 37.99 -86.82
N ALA J 1227 -49.49 38.57 -88.00
CA ALA J 1227 -48.19 39.01 -88.51
C ALA J 1227 -47.95 40.48 -88.15
N ILE J 1228 -47.92 40.75 -86.85
CA ILE J 1228 -47.83 42.13 -86.41
C ILE J 1228 -46.40 42.67 -86.56
N ASN J 1229 -45.40 41.88 -86.19
CA ASN J 1229 -44.00 42.28 -86.38
C ASN J 1229 -43.29 41.14 -87.07
N MET J 1230 -43.42 41.09 -88.40
CA MET J 1230 -42.76 40.10 -89.22
C MET J 1230 -42.42 40.75 -90.55
N GLN J 1231 -41.14 40.92 -90.83
CA GLN J 1231 -40.74 41.59 -92.07
C GLN J 1231 -40.88 40.69 -93.29
N ARG J 1232 -41.15 39.40 -93.08
CA ARG J 1232 -41.39 38.47 -94.17
C ARG J 1232 -42.77 37.86 -94.02
N PRO J 1233 -43.45 37.54 -95.11
CA PRO J 1233 -44.78 36.95 -95.00
C PRO J 1233 -44.71 35.52 -94.48
N VAL J 1234 -45.81 35.10 -93.86
CA VAL J 1234 -45.87 33.77 -93.27
C VAL J 1234 -46.05 32.75 -94.38
N THR J 1235 -45.19 31.74 -94.40
CA THR J 1235 -45.25 30.70 -95.41
C THR J 1235 -46.47 29.83 -95.18
N THR J 1236 -47.11 29.43 -96.27
CA THR J 1236 -48.37 28.70 -96.21
C THR J 1236 -48.20 27.29 -96.72
N TRP J 1237 -48.90 26.35 -96.09
CA TRP J 1237 -48.83 24.94 -96.45
C TRP J 1237 -50.19 24.48 -96.94
N PHE J 1238 -50.25 24.02 -98.17
CA PHE J 1238 -51.49 23.50 -98.69
C PHE J 1238 -51.44 21.99 -98.83
N SER J 1239 -52.61 21.37 -98.79
CA SER J 1239 -52.73 19.95 -98.99
C SER J 1239 -52.81 19.62 -100.48
N LYS J 1240 -51.95 18.71 -100.90
CA LYS J 1240 -51.89 18.29 -102.28
C LYS J 1240 -53.07 17.40 -102.63
N SER J 1241 -53.12 17.01 -103.90
CA SER J 1241 -54.05 15.98 -104.36
C SER J 1241 -53.32 14.77 -104.90
N LEU J 1242 -52.04 14.90 -105.19
CA LEU J 1242 -51.27 13.82 -105.78
C LEU J 1242 -50.97 12.79 -104.71
N PRO J 1243 -51.40 11.55 -104.85
CA PRO J 1243 -51.09 10.54 -103.84
C PRO J 1243 -49.65 10.11 -103.95
N GLN J 1244 -49.01 9.94 -102.80
CA GLN J 1244 -47.64 9.48 -102.75
C GLN J 1244 -47.53 8.34 -101.76
N PHE J 1245 -46.49 7.55 -101.90
CA PHE J 1245 -46.33 6.40 -101.03
C PHE J 1245 -45.80 6.83 -99.68
N GLU J 1246 -46.06 6.01 -98.67
CA GLU J 1246 -45.68 6.27 -97.29
C GLU J 1246 -45.70 4.95 -96.56
N PRO J 1247 -44.84 4.76 -95.55
CA PRO J 1247 -44.86 3.52 -94.79
C PRO J 1247 -46.11 3.44 -93.93
N VAL J 1248 -46.55 2.22 -93.69
CA VAL J 1248 -47.78 2.02 -92.93
C VAL J 1248 -47.50 2.25 -91.45
N PRO J 1249 -48.31 3.06 -90.76
CA PRO J 1249 -48.06 3.30 -89.34
C PRO J 1249 -48.41 2.05 -88.54
N PRO J 1250 -47.62 1.73 -87.51
CA PRO J 1250 -47.89 0.51 -86.75
C PRO J 1250 -49.12 0.64 -85.88
N GLU J 1251 -49.54 1.84 -85.54
CA GLU J 1251 -50.81 2.07 -84.87
C GLU J 1251 -51.90 2.39 -85.89
N HIS J 1252 -52.02 1.53 -86.88
CA HIS J 1252 -53.10 1.74 -87.82
C HIS J 1252 -54.31 0.94 -87.39
N PRO J 1253 -55.52 1.50 -87.43
CA PRO J 1253 -56.67 0.81 -86.84
C PRO J 1253 -57.17 -0.37 -87.64
N HIS J 1254 -56.84 -0.48 -88.92
CA HIS J 1254 -57.37 -1.55 -89.74
C HIS J 1254 -56.30 -2.48 -90.27
N TYR J 1255 -55.18 -1.93 -90.70
CA TYR J 1255 -54.15 -2.70 -91.36
C TYR J 1255 -53.00 -2.91 -90.40
N GLU J 1256 -52.33 -4.05 -90.52
CA GLU J 1256 -51.13 -4.31 -89.74
C GLU J 1256 -50.29 -5.33 -90.48
N VAL J 1257 -48.98 -5.21 -90.32
CA VAL J 1257 -48.03 -6.09 -90.99
C VAL J 1257 -47.23 -6.83 -89.94
N ALA J 1258 -46.51 -7.84 -90.39
CA ALA J 1258 -45.68 -8.64 -89.49
C ALA J 1258 -44.59 -9.29 -90.31
N ARG J 1259 -43.35 -8.86 -90.11
CA ARG J 1259 -42.20 -9.43 -90.81
C ARG J 1259 -41.83 -10.71 -90.06
N MET J 1260 -42.13 -11.85 -90.66
CA MET J 1260 -41.88 -13.13 -90.00
C MET J 1260 -40.51 -13.65 -90.38
N ASP J 1261 -39.94 -14.47 -89.48
CA ASP J 1261 -38.60 -15.00 -89.61
C ASP J 1261 -38.53 -16.02 -90.76
N GLY J 1262 -37.33 -16.17 -91.31
CA GLY J 1262 -37.08 -17.14 -92.37
C GLY J 1262 -36.52 -18.42 -91.78
N THR J 1263 -37.18 -19.53 -92.07
CA THR J 1263 -36.83 -20.82 -91.51
C THR J 1263 -36.10 -21.65 -92.55
N VAL J 1264 -35.86 -22.94 -92.23
CA VAL J 1264 -35.38 -23.87 -93.24
C VAL J 1264 -36.50 -24.27 -94.18
N ASP J 1265 -37.76 -24.18 -93.73
CA ASP J 1265 -38.91 -24.49 -94.56
C ASP J 1265 -39.52 -23.25 -95.20
N THR J 1266 -39.22 -22.07 -94.68
CA THR J 1266 -39.87 -20.86 -95.14
C THR J 1266 -38.83 -19.77 -95.37
N PRO J 1267 -38.93 -19.02 -96.46
CA PRO J 1267 -38.06 -17.86 -96.65
C PRO J 1267 -38.41 -16.76 -95.66
N PRO J 1268 -37.55 -15.74 -95.51
CA PRO J 1268 -37.95 -14.53 -94.79
C PRO J 1268 -39.14 -13.88 -95.48
N CYS J 1269 -40.14 -13.52 -94.69
CA CYS J 1269 -41.43 -13.15 -95.24
C CYS J 1269 -42.13 -12.14 -94.35
N LEU J 1270 -43.08 -11.44 -94.96
CA LEU J 1270 -43.90 -10.45 -94.26
C LEU J 1270 -45.32 -10.48 -94.82
N ARG J 1271 -46.28 -10.32 -93.92
CA ARG J 1271 -47.69 -10.53 -94.24
C ARG J 1271 -48.48 -9.25 -94.03
N LEU J 1272 -49.74 -9.30 -94.45
CA LEU J 1272 -50.69 -8.23 -94.20
C LEU J 1272 -52.01 -8.83 -93.77
N ALA J 1273 -52.37 -8.63 -92.51
CA ALA J 1273 -53.58 -9.20 -91.96
C ALA J 1273 -54.52 -8.07 -91.56
N HIS J 1274 -55.80 -8.22 -91.89
CA HIS J 1274 -56.79 -7.24 -91.52
C HIS J 1274 -57.09 -7.33 -90.04
N ARG J 1275 -57.09 -6.19 -89.36
CA ARG J 1275 -57.43 -6.19 -87.94
C ARG J 1275 -58.93 -6.39 -87.74
N THR J 1276 -59.73 -5.46 -88.27
CA THR J 1276 -61.16 -5.46 -88.04
C THR J 1276 -61.84 -6.01 -89.29
N TRP J 1277 -61.86 -7.33 -89.39
CA TRP J 1277 -62.62 -7.95 -90.46
C TRP J 1277 -64.00 -8.40 -90.01
N GLY J 1278 -64.25 -8.38 -88.69
CA GLY J 1278 -65.57 -8.69 -88.19
C GLY J 1278 -66.51 -7.51 -88.30
N SER J 1279 -67.25 -7.24 -87.22
CA SER J 1279 -68.16 -6.11 -87.21
C SER J 1279 -67.46 -4.87 -86.66
N GLN J 1280 -68.25 -3.85 -86.30
CA GLN J 1280 -67.81 -2.61 -85.69
C GLN J 1280 -66.85 -1.85 -86.62
N ASN J 1281 -67.43 -1.35 -87.70
CA ASN J 1281 -66.81 -0.41 -88.65
C ASN J 1281 -65.62 -1.06 -89.37
N SER J 1282 -65.90 -2.22 -89.96
CA SER J 1282 -64.91 -2.91 -90.78
C SER J 1282 -64.76 -2.17 -92.09
N LEU J 1283 -63.68 -1.42 -92.23
CA LEU J 1283 -63.39 -0.66 -93.44
C LEU J 1283 -62.70 -1.59 -94.43
N VAL J 1284 -63.09 -1.51 -95.69
CA VAL J 1284 -62.50 -2.32 -96.74
C VAL J 1284 -62.57 -1.53 -98.04
N GLU J 1285 -61.41 -1.36 -98.68
CA GLU J 1285 -61.29 -0.75 -99.99
C GLU J 1285 -59.96 -1.18 -100.58
N MET J 1286 -59.81 -0.98 -101.88
CA MET J 1286 -58.66 -1.53 -102.58
C MET J 1286 -57.42 -0.73 -102.26
N LEU J 1287 -56.53 -1.31 -101.45
CA LEU J 1287 -55.30 -0.66 -101.04
C LEU J 1287 -54.16 -1.17 -101.90
N PHE J 1288 -53.11 -0.37 -102.00
CA PHE J 1288 -52.01 -0.61 -102.94
C PHE J 1288 -50.72 -0.73 -102.16
N LEU J 1289 -50.09 -1.89 -102.23
CA LEU J 1289 -48.86 -2.14 -101.51
C LEU J 1289 -47.67 -2.05 -102.45
N ARG J 1290 -46.74 -1.17 -102.12
CA ARG J 1290 -45.48 -1.06 -102.81
C ARG J 1290 -44.39 -1.37 -101.81
N LEU J 1291 -43.32 -2.03 -102.26
CA LEU J 1291 -42.20 -2.17 -101.36
C LEU J 1291 -41.33 -0.93 -101.39
N SER J 1292 -40.26 -0.96 -100.59
CA SER J 1292 -39.51 0.25 -100.32
C SER J 1292 -38.23 0.36 -101.11
N LEU J 1293 -37.77 -0.72 -101.70
CA LEU J 1293 -36.51 -0.56 -102.41
C LEU J 1293 -36.69 -0.95 -103.86
N PRO J 1294 -36.15 -0.18 -104.79
CA PRO J 1294 -36.26 -0.52 -106.19
C PRO J 1294 -35.20 -1.53 -106.61
N VAL J 1295 -35.44 -2.13 -107.77
CA VAL J 1295 -34.41 -2.86 -108.50
C VAL J 1295 -34.03 -2.01 -109.69
N GLN J 1296 -32.81 -2.20 -110.18
CA GLN J 1296 -32.28 -1.32 -111.20
C GLN J 1296 -31.89 -2.15 -112.42
N PHE J 1297 -32.42 -1.80 -113.58
CA PHE J 1297 -31.99 -2.45 -114.79
C PHE J 1297 -30.67 -1.85 -115.26
N HIS J 1298 -29.85 -2.69 -115.86
CA HIS J 1298 -28.48 -2.32 -116.20
C HIS J 1298 -28.45 -1.28 -117.31
N GLN J 1299 -27.29 -0.66 -117.46
CA GLN J 1299 -27.16 0.50 -118.34
C GLN J 1299 -27.26 0.14 -119.80
N HIS J 1300 -26.63 -0.95 -120.22
CA HIS J 1300 -26.76 -1.45 -121.58
C HIS J 1300 -27.19 -2.90 -121.49
N PHE J 1301 -28.01 -3.33 -122.44
CA PHE J 1301 -28.50 -4.69 -122.38
C PHE J 1301 -27.46 -5.65 -122.95
N ARG J 1302 -27.76 -6.95 -122.82
CA ARG J 1302 -26.86 -7.98 -123.31
C ARG J 1302 -26.81 -8.00 -124.83
N CYS J 1303 -27.94 -7.71 -125.47
CA CYS J 1303 -28.10 -7.61 -126.94
C CYS J 1303 -27.69 -8.87 -127.66
N ASP J 1422 -28.36 -25.55 -106.73
CA ASP J 1422 -27.81 -24.91 -107.92
C ASP J 1422 -26.32 -25.16 -108.05
N ASP J 1423 -25.81 -25.03 -109.27
CA ASP J 1423 -24.38 -25.04 -109.45
C ASP J 1423 -23.79 -23.71 -109.01
N PRO J 1424 -22.60 -23.73 -108.40
CA PRO J 1424 -21.95 -22.46 -108.05
C PRO J 1424 -21.46 -21.68 -109.25
N GLU J 1425 -21.39 -22.28 -110.44
CA GLU J 1425 -21.05 -21.52 -111.64
C GLU J 1425 -22.23 -20.68 -112.10
N ILE J 1426 -23.41 -21.28 -112.21
CA ILE J 1426 -24.56 -20.57 -112.75
C ILE J 1426 -25.09 -19.53 -111.78
N ILE J 1427 -25.00 -19.76 -110.47
CA ILE J 1427 -25.61 -18.85 -109.51
C ILE J 1427 -24.73 -17.64 -109.24
N LEU J 1428 -23.47 -17.67 -109.67
CA LEU J 1428 -22.60 -16.52 -109.47
C LEU J 1428 -22.43 -15.71 -110.74
N ASN J 1429 -23.16 -16.04 -111.80
CA ASN J 1429 -23.13 -15.29 -113.04
C ASN J 1429 -24.50 -14.84 -113.50
N THR J 1430 -25.55 -15.38 -112.88
CA THR J 1430 -26.92 -15.13 -113.31
C THR J 1430 -27.35 -13.70 -113.05
N THR J 1431 -28.11 -13.14 -113.99
CA THR J 1431 -28.82 -11.89 -113.80
C THR J 1431 -30.29 -12.15 -114.11
N THR J 1432 -30.98 -12.75 -113.14
CA THR J 1432 -32.43 -12.89 -113.12
C THR J 1432 -32.85 -13.29 -111.72
N TYR J 1433 -33.93 -12.67 -111.25
CA TYR J 1433 -34.29 -12.70 -109.85
C TYR J 1433 -35.73 -13.12 -109.67
N TYR J 1434 -36.03 -13.57 -108.46
CA TYR J 1434 -37.35 -14.12 -108.14
C TYR J 1434 -37.82 -13.58 -106.80
N TYR J 1435 -39.07 -13.15 -106.76
CA TYR J 1435 -39.78 -12.96 -105.51
C TYR J 1435 -41.12 -13.67 -105.63
N SER J 1436 -41.85 -13.72 -104.51
CA SER J 1436 -43.03 -14.55 -104.45
C SER J 1436 -44.06 -13.96 -103.50
N VAL J 1437 -45.31 -14.08 -103.89
CA VAL J 1437 -46.43 -13.78 -103.02
C VAL J 1437 -47.32 -15.01 -102.97
N ARG J 1438 -48.04 -15.18 -101.88
CA ARG J 1438 -48.97 -16.28 -101.72
C ARG J 1438 -50.29 -15.72 -101.23
N VAL J 1439 -51.32 -15.82 -102.05
CA VAL J 1439 -52.65 -15.42 -101.66
C VAL J 1439 -53.23 -16.50 -100.77
N PHE J 1440 -53.63 -16.12 -99.56
CA PHE J 1440 -54.18 -17.07 -98.62
C PHE J 1440 -55.58 -17.49 -99.02
N ALA J 1441 -56.08 -18.51 -98.33
CA ALA J 1441 -57.46 -18.93 -98.51
C ALA J 1441 -58.39 -17.85 -97.96
N GLY J 1442 -59.61 -17.81 -98.49
CA GLY J 1442 -60.54 -16.77 -98.15
C GLY J 1442 -60.31 -15.47 -98.87
N GLN J 1443 -59.29 -15.38 -99.71
CA GLN J 1443 -59.09 -14.20 -100.55
C GLN J 1443 -59.22 -14.61 -102.01
N GLU J 1444 -60.04 -13.89 -102.74
CA GLU J 1444 -60.27 -14.22 -104.13
C GLU J 1444 -59.14 -13.67 -104.99
N PRO J 1445 -58.53 -14.50 -105.84
CA PRO J 1445 -57.59 -13.99 -106.84
C PRO J 1445 -58.22 -13.12 -107.91
N SER J 1446 -59.55 -13.11 -108.01
CA SER J 1446 -60.25 -12.18 -108.88
C SER J 1446 -60.01 -10.73 -108.48
N CYS J 1447 -59.81 -10.47 -107.18
CA CYS J 1447 -59.54 -9.14 -106.67
C CYS J 1447 -58.11 -8.99 -106.17
N VAL J 1448 -57.15 -9.58 -106.87
CA VAL J 1448 -55.74 -9.52 -106.51
C VAL J 1448 -54.96 -9.21 -107.78
N TRP J 1449 -54.11 -8.20 -107.71
CA TRP J 1449 -53.24 -7.85 -108.82
C TRP J 1449 -51.80 -7.86 -108.31
N VAL J 1450 -50.92 -8.56 -109.01
CA VAL J 1450 -49.54 -8.75 -108.58
C VAL J 1450 -48.62 -8.33 -109.73
N GLY J 1451 -47.59 -7.55 -109.41
CA GLY J 1451 -46.56 -7.27 -110.40
C GLY J 1451 -45.57 -6.20 -110.01
N TRP J 1452 -45.34 -5.24 -110.91
CA TRP J 1452 -44.27 -4.27 -110.76
C TRP J 1452 -44.77 -2.88 -111.10
N VAL J 1453 -44.18 -1.88 -110.43
CA VAL J 1453 -44.62 -0.49 -110.51
C VAL J 1453 -43.40 0.42 -110.47
N THR J 1454 -43.32 1.35 -111.44
CA THR J 1454 -42.31 2.39 -111.50
C THR J 1454 -42.76 3.61 -110.67
N PRO J 1455 -41.82 4.42 -110.17
CA PRO J 1455 -42.19 5.53 -109.26
C PRO J 1455 -43.18 6.55 -109.79
N ASP J 1456 -43.24 6.82 -111.09
CA ASP J 1456 -44.21 7.81 -111.59
C ASP J 1456 -45.56 7.15 -111.86
N TYR J 1457 -46.21 6.73 -110.78
CA TYR J 1457 -47.52 6.09 -110.83
C TYR J 1457 -48.30 6.56 -109.63
N HIS J 1458 -49.39 7.30 -109.86
CA HIS J 1458 -50.20 7.86 -108.79
C HIS J 1458 -51.69 7.71 -109.07
N GLN J 1459 -52.13 6.51 -109.42
CA GLN J 1459 -53.56 6.24 -109.62
C GLN J 1459 -54.14 5.64 -108.36
N HIS J 1460 -54.90 6.44 -107.62
CA HIS J 1460 -55.56 6.02 -106.39
C HIS J 1460 -57.05 6.00 -106.67
N ASP J 1461 -57.57 4.82 -107.00
CA ASP J 1461 -58.99 4.67 -107.27
C ASP J 1461 -59.45 3.32 -106.74
N MET J 1462 -60.73 3.24 -106.38
CA MET J 1462 -61.31 1.99 -105.93
C MET J 1462 -61.94 1.19 -107.04
N ASN J 1463 -61.93 1.70 -108.28
CA ASN J 1463 -62.56 1.01 -109.38
C ASN J 1463 -61.50 0.53 -110.37
N PHE J 1464 -60.32 0.22 -109.87
CA PHE J 1464 -59.21 -0.11 -110.74
C PHE J 1464 -59.35 -1.51 -111.33
N ASP J 1465 -59.29 -1.57 -112.65
CA ASP J 1465 -59.10 -2.83 -113.37
C ASP J 1465 -57.90 -2.63 -114.29
N LEU J 1466 -57.44 -3.73 -114.88
CA LEU J 1466 -56.25 -3.69 -115.74
C LEU J 1466 -56.44 -2.85 -117.00
N SER J 1467 -57.68 -2.55 -117.38
CA SER J 1467 -57.92 -1.57 -118.44
C SER J 1467 -57.55 -0.16 -117.99
N LYS J 1468 -57.61 0.11 -116.70
CA LYS J 1468 -57.28 1.44 -116.18
C LYS J 1468 -55.79 1.55 -115.85
N VAL J 1469 -54.94 1.18 -116.80
CA VAL J 1469 -53.50 1.27 -116.65
C VAL J 1469 -52.99 2.16 -117.77
N ARG J 1470 -52.18 3.15 -117.42
CA ARG J 1470 -51.60 4.02 -118.44
C ARG J 1470 -50.57 3.22 -119.24
N ALA J 1471 -50.64 3.37 -120.56
CA ALA J 1471 -49.72 2.71 -121.47
C ALA J 1471 -49.66 3.53 -122.75
N VAL J 1472 -48.47 3.99 -123.10
CA VAL J 1472 -48.27 4.86 -124.25
C VAL J 1472 -47.26 4.19 -125.16
N THR J 1473 -47.64 4.00 -126.42
CA THR J 1473 -46.80 3.33 -127.41
C THR J 1473 -46.12 4.40 -128.25
N VAL J 1474 -44.78 4.38 -128.26
CA VAL J 1474 -43.99 5.30 -129.06
C VAL J 1474 -43.39 4.52 -130.23
N THR J 1475 -43.64 5.00 -131.44
CA THR J 1475 -43.07 4.42 -132.64
C THR J 1475 -42.30 5.51 -133.38
N MET J 1476 -41.21 5.11 -134.02
CA MET J 1476 -40.42 6.01 -134.84
C MET J 1476 -40.03 5.30 -136.12
N GLY J 1477 -39.90 6.06 -137.20
CA GLY J 1477 -39.49 5.50 -138.47
C GLY J 1477 -38.56 6.39 -139.25
N ASP J 1478 -38.36 6.07 -140.51
CA ASP J 1478 -37.52 6.88 -141.38
C ASP J 1478 -38.37 7.93 -142.08
N GLU J 1479 -37.75 8.71 -142.96
CA GLU J 1479 -38.47 9.61 -143.84
C GLU J 1479 -39.29 8.87 -144.88
N GLN J 1480 -38.95 7.61 -145.17
CA GLN J 1480 -39.76 6.79 -146.06
C GLN J 1480 -41.07 6.37 -145.42
N GLY J 1481 -41.18 6.44 -144.10
CA GLY J 1481 -42.37 6.04 -143.38
C GLY J 1481 -42.31 4.66 -142.79
N ASN J 1482 -41.36 3.83 -143.22
CA ASN J 1482 -41.17 2.51 -142.64
C ASN J 1482 -40.63 2.64 -141.22
N VAL J 1483 -41.24 1.90 -140.30
CA VAL J 1483 -40.95 2.07 -138.89
C VAL J 1483 -39.58 1.49 -138.55
N HIS J 1484 -39.01 1.96 -137.45
CA HIS J 1484 -37.73 1.51 -136.95
C HIS J 1484 -37.81 0.86 -135.58
N SER J 1485 -38.72 1.34 -134.74
CA SER J 1485 -38.88 0.84 -133.39
C SER J 1485 -40.30 1.13 -132.94
N SER J 1486 -40.76 0.34 -131.98
CA SER J 1486 -42.09 0.51 -131.40
C SER J 1486 -41.99 0.26 -129.91
N LEU J 1487 -41.82 1.33 -129.14
CA LEU J 1487 -41.60 1.23 -127.70
C LEU J 1487 -42.91 1.50 -126.98
N LYS J 1488 -43.17 0.73 -125.93
CA LYS J 1488 -44.33 0.92 -125.08
C LYS J 1488 -43.89 1.17 -123.65
N CYS J 1489 -44.15 2.37 -123.15
CA CYS J 1489 -43.91 2.70 -121.76
C CYS J 1489 -45.22 2.55 -121.00
N SER J 1490 -45.19 1.84 -119.90
CA SER J 1490 -46.32 1.75 -118.99
C SER J 1490 -45.86 2.09 -117.59
N ASN J 1491 -46.77 2.68 -116.82
CA ASN J 1491 -46.45 3.01 -115.44
C ASN J 1491 -46.73 1.87 -114.48
N CYS J 1492 -46.96 0.66 -114.99
CA CYS J 1492 -47.41 -0.47 -114.20
C CYS J 1492 -47.18 -1.73 -114.99
N TYR J 1493 -46.61 -2.75 -114.34
CA TYR J 1493 -46.33 -4.04 -114.97
C TYR J 1493 -46.84 -5.14 -114.05
N MET J 1494 -48.08 -5.53 -114.23
CA MET J 1494 -48.70 -6.53 -113.38
C MET J 1494 -49.45 -7.57 -114.21
N VAL J 1495 -49.95 -8.59 -113.50
CA VAL J 1495 -50.83 -9.60 -114.04
C VAL J 1495 -52.10 -9.61 -113.21
N TRP J 1496 -53.07 -10.40 -113.65
CA TRP J 1496 -54.28 -10.62 -112.87
C TRP J 1496 -54.24 -12.01 -112.26
N GLY J 1497 -54.42 -12.08 -110.94
CA GLY J 1497 -54.54 -13.35 -110.28
C GLY J 1497 -55.79 -14.11 -110.63
N GLY J 1498 -56.84 -13.41 -111.06
CA GLY J 1498 -58.05 -14.06 -111.53
C GLY J 1498 -57.91 -14.69 -112.90
N ASP J 1499 -56.79 -14.43 -113.60
CA ASP J 1499 -56.54 -15.07 -114.88
C ASP J 1499 -55.91 -16.45 -114.75
N PHE J 1500 -55.79 -16.98 -113.54
CA PHE J 1500 -55.26 -18.33 -113.37
C PHE J 1500 -56.24 -19.22 -112.62
N VAL J 1501 -56.94 -18.68 -111.63
CA VAL J 1501 -57.93 -19.44 -110.90
C VAL J 1501 -59.31 -18.90 -111.23
N ILE J 1509 -65.19 -20.79 -104.32
CA ILE J 1509 -64.61 -21.09 -103.02
C ILE J 1509 -63.46 -22.09 -103.18
N SER J 1510 -62.24 -21.57 -103.21
CA SER J 1510 -61.06 -22.41 -103.32
C SER J 1510 -60.43 -22.58 -101.94
N HIS J 1511 -60.15 -23.82 -101.56
CA HIS J 1511 -59.49 -24.12 -100.30
C HIS J 1511 -57.97 -24.22 -100.43
N THR J 1512 -57.40 -23.68 -101.51
CA THR J 1512 -55.98 -23.75 -101.75
C THR J 1512 -55.42 -22.36 -102.06
N ASP J 1513 -54.11 -22.25 -102.00
CA ASP J 1513 -53.43 -20.96 -102.08
C ASP J 1513 -52.77 -20.77 -103.43
N LEU J 1514 -53.28 -19.82 -104.21
CA LEU J 1514 -52.68 -19.44 -105.48
C LEU J 1514 -51.39 -18.68 -105.20
N VAL J 1515 -50.26 -19.26 -105.59
CA VAL J 1515 -48.96 -18.67 -105.36
C VAL J 1515 -48.45 -18.13 -106.67
N ILE J 1516 -48.23 -16.82 -106.74
CA ILE J 1516 -47.77 -16.17 -107.96
C ILE J 1516 -46.34 -15.69 -107.73
N GLY J 1517 -45.43 -16.10 -108.60
CA GLY J 1517 -44.06 -15.65 -108.56
C GLY J 1517 -43.66 -15.01 -109.87
N CYS J 1518 -42.77 -14.02 -109.79
CA CYS J 1518 -42.38 -13.24 -110.95
C CYS J 1518 -40.90 -13.37 -111.20
N LEU J 1519 -40.49 -13.11 -112.43
CA LEU J 1519 -39.12 -13.30 -112.87
C LEU J 1519 -38.68 -12.09 -113.67
N VAL J 1520 -37.59 -11.45 -113.23
CA VAL J 1520 -37.08 -10.26 -113.88
C VAL J 1520 -35.61 -10.46 -114.21
N ASP J 1521 -35.27 -10.32 -115.48
CA ASP J 1521 -33.92 -10.55 -115.99
C ASP J 1521 -33.28 -9.20 -116.26
N LEU J 1522 -32.30 -8.83 -115.43
CA LEU J 1522 -31.75 -7.47 -115.43
C LEU J 1522 -30.92 -7.14 -116.64
N ALA J 1523 -30.14 -8.08 -117.16
CA ALA J 1523 -29.27 -7.73 -118.28
C ALA J 1523 -30.02 -7.69 -119.61
N THR J 1524 -31.27 -8.13 -119.63
CA THR J 1524 -32.09 -8.04 -120.83
C THR J 1524 -33.30 -7.15 -120.64
N GLY J 1525 -33.71 -6.90 -119.40
CA GLY J 1525 -34.93 -6.17 -119.17
C GLY J 1525 -36.18 -6.98 -119.47
N LEU J 1526 -36.06 -8.29 -119.51
CA LEU J 1526 -37.18 -9.17 -119.83
C LEU J 1526 -37.84 -9.62 -118.53
N MET J 1527 -39.17 -9.45 -118.47
CA MET J 1527 -39.93 -9.80 -117.28
C MET J 1527 -40.98 -10.84 -117.61
N THR J 1528 -40.96 -11.94 -116.86
CA THR J 1528 -41.93 -13.01 -117.02
C THR J 1528 -42.54 -13.34 -115.66
N PHE J 1529 -43.63 -14.11 -115.67
CA PHE J 1529 -44.41 -14.38 -114.48
C PHE J 1529 -44.82 -15.85 -114.47
N THR J 1530 -44.63 -16.50 -113.32
CA THR J 1530 -44.94 -17.91 -113.17
C THR J 1530 -46.12 -18.09 -112.24
N ALA J 1531 -47.04 -18.98 -112.63
CA ALA J 1531 -48.22 -19.26 -111.83
C ALA J 1531 -48.12 -20.71 -111.34
N ASN J 1532 -47.79 -20.85 -110.05
CA ASN J 1532 -47.62 -22.15 -109.38
C ASN J 1532 -46.60 -23.03 -110.09
N GLY J 1533 -45.53 -22.42 -110.59
CA GLY J 1533 -44.54 -23.14 -111.36
C GLY J 1533 -44.91 -23.40 -112.80
N LYS J 1534 -46.11 -23.01 -113.23
CA LYS J 1534 -46.53 -23.11 -114.62
C LYS J 1534 -46.47 -21.72 -115.22
N GLU J 1535 -45.67 -21.57 -116.27
CA GLU J 1535 -45.42 -20.26 -116.86
C GLU J 1535 -46.68 -19.74 -117.56
N SER J 1536 -46.95 -18.46 -117.36
CA SER J 1536 -48.09 -17.79 -117.96
C SER J 1536 -47.70 -17.35 -119.36
N ASN J 1537 -48.72 -17.02 -120.14
CA ASN J 1537 -48.52 -16.59 -121.52
C ASN J 1537 -47.90 -15.20 -121.63
N THR J 1538 -48.09 -14.36 -120.63
CA THR J 1538 -47.66 -12.97 -120.74
C THR J 1538 -46.16 -12.85 -120.45
N PHE J 1539 -45.63 -11.68 -120.81
CA PHE J 1539 -44.23 -11.34 -120.65
C PHE J 1539 -44.10 -9.85 -120.85
N PHE J 1540 -42.95 -9.29 -120.43
CA PHE J 1540 -42.74 -7.86 -120.52
C PHE J 1540 -41.27 -7.54 -120.74
N GLN J 1541 -41.02 -6.51 -121.54
CA GLN J 1541 -39.67 -6.06 -121.84
C GLN J 1541 -39.62 -4.55 -121.78
N VAL J 1542 -38.55 -4.01 -121.18
CA VAL J 1542 -38.49 -2.59 -120.86
C VAL J 1542 -37.28 -1.91 -121.47
N GLU J 1543 -37.15 -0.61 -121.21
CA GLU J 1543 -36.01 0.19 -121.64
C GLU J 1543 -34.76 -0.20 -120.85
N PRO J 1544 -33.56 0.20 -121.33
CA PRO J 1544 -32.34 -0.14 -120.56
C PRO J 1544 -32.25 0.49 -119.18
N ASN J 1545 -32.28 1.82 -119.09
CA ASN J 1545 -32.05 2.47 -117.80
C ASN J 1545 -33.39 2.82 -117.18
N THR J 1546 -33.98 1.86 -116.49
CA THR J 1546 -35.20 2.12 -115.74
C THR J 1546 -35.19 1.28 -114.48
N LYS J 1547 -35.98 1.70 -113.51
CA LYS J 1547 -36.09 1.01 -112.23
C LYS J 1547 -37.51 0.50 -112.07
N LEU J 1548 -37.71 -0.31 -111.04
CA LEU J 1548 -39.00 -0.94 -110.80
C LEU J 1548 -39.17 -1.24 -109.33
N PHE J 1549 -40.34 -1.03 -108.83
CA PHE J 1549 -40.64 -1.49 -107.48
C PHE J 1549 -41.52 -2.72 -107.55
N PRO J 1550 -41.30 -3.70 -106.69
CA PRO J 1550 -42.24 -4.82 -106.61
C PRO J 1550 -43.57 -4.34 -106.06
N ALA J 1551 -44.67 -4.84 -106.59
CA ALA J 1551 -45.98 -4.27 -106.28
C ALA J 1551 -47.05 -5.36 -106.17
N VAL J 1552 -47.98 -5.14 -105.24
CA VAL J 1552 -49.16 -5.98 -105.08
C VAL J 1552 -50.34 -5.04 -104.82
N PHE J 1553 -51.39 -5.18 -105.61
CA PHE J 1553 -52.61 -4.42 -105.39
C PHE J 1553 -53.69 -5.42 -104.99
N VAL J 1554 -54.49 -5.08 -103.98
CA VAL J 1554 -55.44 -6.03 -103.45
C VAL J 1554 -56.61 -5.29 -102.83
N LEU J 1555 -57.80 -5.85 -103.03
CA LEU J 1555 -58.95 -5.55 -102.20
C LEU J 1555 -59.16 -6.73 -101.27
N PRO J 1556 -59.03 -6.56 -99.95
CA PRO J 1556 -58.98 -7.72 -99.05
C PRO J 1556 -60.37 -8.24 -98.76
N THR J 1557 -60.50 -9.57 -98.60
CA THR J 1557 -61.77 -10.20 -98.23
C THR J 1557 -61.58 -11.30 -97.20
N HIS J 1558 -60.62 -11.16 -96.28
CA HIS J 1558 -60.39 -12.19 -95.28
C HIS J 1558 -59.75 -11.56 -94.06
N GLN J 1559 -59.62 -12.34 -92.99
CA GLN J 1559 -58.84 -11.89 -91.84
C GLN J 1559 -57.36 -11.91 -92.16
N ASN J 1560 -56.92 -12.88 -92.95
CA ASN J 1560 -55.53 -12.96 -93.41
C ASN J 1560 -55.54 -12.91 -94.92
N VAL J 1561 -54.76 -12.00 -95.50
CA VAL J 1561 -54.96 -11.76 -96.93
C VAL J 1561 -53.82 -12.28 -97.78
N ILE J 1562 -52.64 -11.67 -97.68
CA ILE J 1562 -51.51 -12.01 -98.54
C ILE J 1562 -50.26 -12.17 -97.69
N GLN J 1563 -49.19 -12.65 -98.32
CA GLN J 1563 -47.90 -12.74 -97.66
C GLN J 1563 -46.83 -12.51 -98.70
N PHE J 1564 -45.98 -11.51 -98.48
CA PHE J 1564 -44.81 -11.31 -99.31
C PHE J 1564 -43.75 -12.33 -98.90
N GLU J 1565 -43.34 -13.19 -99.84
CA GLU J 1565 -42.37 -14.25 -99.57
C GLU J 1565 -41.09 -13.97 -100.35
N LEU J 1566 -40.01 -13.69 -99.61
CA LEU J 1566 -38.75 -13.28 -100.22
C LEU J 1566 -37.84 -14.49 -100.37
N GLY J 1567 -38.15 -15.31 -101.37
CA GLY J 1567 -37.44 -16.54 -101.58
C GLY J 1567 -36.79 -16.66 -102.94
N LYS J 1568 -35.99 -17.71 -103.09
CA LYS J 1568 -35.27 -17.98 -104.33
C LYS J 1568 -35.74 -19.30 -104.92
N GLN J 1569 -35.58 -19.45 -106.22
CA GLN J 1569 -35.89 -20.70 -106.90
C GLN J 1569 -34.62 -21.53 -107.04
N LYS J 1570 -34.66 -22.55 -107.90
CA LYS J 1570 -33.67 -23.63 -107.87
C LYS J 1570 -32.30 -23.17 -108.34
N ASN J 1571 -32.24 -22.15 -109.20
CA ASN J 1571 -30.93 -21.74 -109.71
C ASN J 1571 -30.80 -20.23 -109.88
N ILE J 1572 -31.56 -19.43 -109.14
CA ILE J 1572 -31.54 -17.98 -109.28
C ILE J 1572 -31.56 -17.33 -107.91
N MET J 1573 -30.92 -16.17 -107.81
CA MET J 1573 -30.68 -15.54 -106.52
C MET J 1573 -31.89 -14.71 -106.09
N PRO J 1574 -32.17 -14.64 -104.78
CA PRO J 1574 -33.38 -13.96 -104.32
C PRO J 1574 -33.24 -12.45 -104.34
N LEU J 1575 -34.30 -11.77 -103.93
CA LEU J 1575 -34.39 -10.32 -104.06
C LEU J 1575 -33.45 -9.57 -103.11
N SER J 1576 -32.92 -10.24 -102.08
CA SER J 1576 -31.94 -9.63 -101.22
C SER J 1576 -30.67 -9.26 -101.96
N ALA J 1577 -30.21 -10.10 -102.88
CA ALA J 1577 -28.99 -9.80 -103.61
C ALA J 1577 -29.19 -8.70 -104.64
N ALA J 1578 -30.43 -8.45 -105.04
CA ALA J 1578 -30.69 -7.47 -106.09
C ALA J 1578 -30.54 -6.04 -105.61
N MET J 1579 -30.89 -5.76 -104.36
CA MET J 1579 -31.09 -4.39 -103.93
C MET J 1579 -30.06 -3.91 -102.93
N PHE J 1580 -29.06 -4.73 -102.60
CA PHE J 1580 -28.02 -4.32 -101.69
C PHE J 1580 -26.68 -4.67 -102.29
N LEU J 1581 -25.93 -3.64 -102.67
CA LEU J 1581 -24.69 -3.79 -103.42
C LEU J 1581 -23.61 -4.54 -102.67
N SER J 1582 -23.68 -4.56 -101.34
CA SER J 1582 -22.72 -5.33 -100.58
C SER J 1582 -23.03 -6.82 -100.60
N GLU J 1583 -24.21 -7.22 -101.06
CA GLU J 1583 -24.63 -8.61 -100.96
C GLU J 1583 -25.09 -9.17 -102.31
N ARG J 1584 -24.50 -8.70 -103.40
CA ARG J 1584 -24.91 -9.19 -104.72
C ARG J 1584 -24.45 -10.62 -104.95
N LYS J 1585 -23.43 -11.06 -104.23
CA LYS J 1585 -22.88 -12.39 -104.41
C LYS J 1585 -23.46 -13.41 -103.46
N ASN J 1586 -24.24 -12.96 -102.47
CA ASN J 1586 -24.83 -13.86 -101.50
C ASN J 1586 -26.17 -14.34 -102.03
N PRO J 1587 -26.40 -15.65 -102.14
CA PRO J 1587 -27.73 -16.13 -102.50
C PRO J 1587 -28.60 -16.46 -101.30
N ALA J 1588 -28.16 -16.17 -100.10
CA ALA J 1588 -29.04 -16.43 -98.96
C ALA J 1588 -30.06 -15.31 -98.84
N PRO J 1589 -31.36 -15.64 -98.80
CA PRO J 1589 -32.38 -14.60 -98.72
C PRO J 1589 -32.40 -13.93 -97.36
N GLN J 1590 -32.39 -12.60 -97.36
CA GLN J 1590 -32.38 -11.81 -96.14
C GLN J 1590 -33.50 -10.78 -96.20
N CYS J 1591 -33.83 -10.21 -95.04
CA CYS J 1591 -34.79 -9.12 -94.96
C CYS J 1591 -34.33 -8.14 -93.89
N PRO J 1592 -33.46 -7.20 -94.26
CA PRO J 1592 -33.02 -6.19 -93.30
C PRO J 1592 -34.10 -5.16 -93.09
N PRO J 1593 -34.08 -4.39 -91.99
CA PRO J 1593 -35.22 -3.53 -91.65
C PRO J 1593 -35.39 -2.33 -92.56
N ARG J 1594 -34.44 -2.01 -93.43
CA ARG J 1594 -34.66 -0.94 -94.39
C ARG J 1594 -35.74 -1.34 -95.39
N LEU J 1595 -35.85 -2.63 -95.68
CA LEU J 1595 -36.96 -3.12 -96.51
C LEU J 1595 -38.21 -3.12 -95.65
N GLU J 1596 -39.28 -2.55 -96.17
CA GLU J 1596 -40.60 -2.67 -95.56
C GLU J 1596 -41.68 -2.44 -96.61
N VAL J 1597 -42.92 -2.57 -96.17
CA VAL J 1597 -44.07 -2.43 -97.05
C VAL J 1597 -44.67 -1.04 -96.93
N GLN J 1598 -44.65 -0.32 -98.04
CA GLN J 1598 -45.27 1.00 -98.12
C GLN J 1598 -46.74 0.82 -98.45
N MET J 1599 -47.47 1.92 -98.50
CA MET J 1599 -48.80 1.93 -99.06
C MET J 1599 -49.09 3.33 -99.58
N LEU J 1600 -50.25 3.50 -100.19
CA LEU J 1600 -50.55 4.71 -100.96
C LEU J 1600 -51.60 5.53 -100.23
N MET J 1601 -51.14 6.52 -99.50
CA MET J 1601 -52.06 7.47 -98.89
C MET J 1601 -52.53 8.49 -99.93
N PRO J 1602 -53.74 9.03 -99.79
CA PRO J 1602 -54.30 9.80 -100.90
C PRO J 1602 -53.77 11.23 -101.00
N VAL J 1603 -53.52 11.91 -99.89
CA VAL J 1603 -53.05 13.28 -99.95
C VAL J 1603 -51.89 13.45 -98.99
N SER J 1604 -51.22 14.60 -99.08
CA SER J 1604 -50.08 14.89 -98.24
C SER J 1604 -49.89 16.39 -98.19
N TRP J 1605 -49.25 16.85 -97.12
CA TRP J 1605 -49.00 18.26 -96.89
C TRP J 1605 -47.75 18.69 -97.63
N SER J 1606 -47.89 19.65 -98.53
CA SER J 1606 -46.72 20.24 -99.18
C SER J 1606 -46.66 21.71 -98.82
N ARG J 1607 -45.71 22.41 -99.41
CA ARG J 1607 -45.40 23.77 -99.04
C ARG J 1607 -45.50 24.69 -100.25
N MET J 1608 -46.23 25.79 -100.09
CA MET J 1608 -46.28 26.78 -101.15
C MET J 1608 -44.96 27.49 -101.27
N PRO J 1609 -44.54 27.85 -102.47
CA PRO J 1609 -43.37 28.71 -102.61
C PRO J 1609 -43.72 30.15 -102.28
N ASN J 1610 -42.69 30.96 -102.10
CA ASN J 1610 -42.87 32.35 -101.71
C ASN J 1610 -43.02 33.30 -102.89
N HIS J 1611 -42.65 32.88 -104.11
CA HIS J 1611 -42.86 33.69 -105.30
C HIS J 1611 -43.27 32.78 -106.43
N PHE J 1612 -43.91 33.35 -107.44
CA PHE J 1612 -44.40 32.60 -108.58
C PHE J 1612 -43.99 33.29 -109.87
N LEU J 1613 -44.17 32.59 -110.98
CA LEU J 1613 -43.85 33.13 -112.28
C LEU J 1613 -44.84 34.21 -112.67
N GLN J 1614 -44.34 35.39 -113.02
CA GLN J 1614 -45.18 36.46 -113.53
C GLN J 1614 -45.45 36.21 -115.00
N VAL J 1615 -46.68 35.87 -115.33
CA VAL J 1615 -47.07 35.52 -116.69
C VAL J 1615 -47.87 36.66 -117.29
N GLU J 1616 -47.53 37.04 -118.52
CA GLU J 1616 -48.21 38.11 -119.23
C GLU J 1616 -48.88 37.51 -120.45
N THR J 1617 -50.18 37.24 -120.36
CA THR J 1617 -50.95 36.68 -121.46
C THR J 1617 -51.84 37.77 -122.03
N ARG J 1618 -51.78 37.95 -123.35
CA ARG J 1618 -52.60 38.97 -124.01
C ARG J 1618 -52.72 38.60 -125.48
N ARG J 1619 -53.96 38.61 -125.98
CA ARG J 1619 -54.19 38.45 -127.41
C ARG J 1619 -53.80 39.73 -128.11
N ALA J 1620 -52.94 39.61 -129.11
CA ALA J 1620 -52.49 40.75 -129.91
C ALA J 1620 -52.85 40.45 -131.36
N GLY J 1621 -53.76 41.25 -131.91
CA GLY J 1621 -54.13 41.12 -133.31
C GLY J 1621 -55.09 39.96 -133.54
N GLU J 1622 -56.00 40.16 -134.50
CA GLU J 1622 -56.96 39.13 -134.88
C GLU J 1622 -56.36 38.09 -135.80
N ARG J 1623 -55.09 38.23 -136.18
CA ARG J 1623 -54.39 37.24 -136.99
C ARG J 1623 -53.07 36.80 -136.41
N LEU J 1624 -52.45 37.61 -135.53
CA LEU J 1624 -51.29 37.11 -134.83
C LEU J 1624 -51.70 36.16 -133.71
N GLY J 1625 -52.72 36.53 -132.94
CA GLY J 1625 -53.32 35.64 -131.98
C GLY J 1625 -53.00 36.01 -130.55
N TRP J 1626 -52.88 34.97 -129.73
CA TRP J 1626 -52.72 35.12 -128.30
C TRP J 1626 -51.25 35.00 -127.92
N ALA J 1627 -50.72 36.04 -127.28
CA ALA J 1627 -49.31 36.07 -126.91
C ALA J 1627 -49.14 35.80 -125.42
N VAL J 1628 -47.99 35.25 -125.07
CA VAL J 1628 -47.69 34.93 -123.68
C VAL J 1628 -46.18 34.98 -123.49
N GLN J 1629 -45.75 35.57 -122.39
CA GLN J 1629 -44.33 35.79 -122.17
C GLN J 1629 -44.01 35.84 -120.69
N CYS J 1630 -42.72 35.72 -120.38
CA CYS J 1630 -42.19 35.90 -119.05
C CYS J 1630 -40.69 36.16 -119.18
N GLN J 1631 -40.15 37.00 -118.31
CA GLN J 1631 -38.75 37.39 -118.42
C GLN J 1631 -37.92 37.18 -117.16
N ASP J 1632 -38.47 37.45 -115.99
CA ASP J 1632 -37.71 37.34 -114.75
C ASP J 1632 -37.54 35.88 -114.34
N PRO J 1633 -36.33 35.44 -114.00
CA PRO J 1633 -36.13 34.03 -113.62
C PRO J 1633 -36.30 33.83 -112.12
N LEU J 1634 -36.82 32.67 -111.74
CA LEU J 1634 -37.00 32.33 -110.34
C LEU J 1634 -36.62 30.87 -110.12
N THR J 1635 -35.71 30.64 -109.18
CA THR J 1635 -35.12 29.32 -108.97
C THR J 1635 -35.32 28.89 -107.53
N MET J 1636 -35.03 27.63 -107.27
CA MET J 1636 -35.15 27.07 -105.94
C MET J 1636 -34.13 25.97 -105.76
N MET J 1637 -33.94 25.56 -104.52
CA MET J 1637 -33.07 24.44 -104.18
C MET J 1637 -33.94 23.20 -104.07
N ALA J 1638 -33.35 22.03 -104.32
CA ALA J 1638 -34.16 20.83 -104.31
C ALA J 1638 -33.35 19.64 -103.82
N LEU J 1639 -33.94 18.88 -102.90
CA LEU J 1639 -33.38 17.59 -102.54
C LEU J 1639 -33.84 16.54 -103.53
N HIS J 1640 -33.33 15.32 -103.39
CA HIS J 1640 -33.67 14.33 -104.39
C HIS J 1640 -34.33 13.06 -103.86
N ILE J 1641 -33.82 12.51 -102.76
CA ILE J 1641 -34.13 11.16 -102.26
C ILE J 1641 -33.98 10.17 -103.40
N PRO J 1642 -32.75 9.77 -103.74
CA PRO J 1642 -32.49 9.09 -105.02
C PRO J 1642 -33.11 7.71 -105.14
N GLU J 1643 -33.46 7.08 -104.03
CA GLU J 1643 -34.11 5.78 -104.08
C GLU J 1643 -35.52 5.84 -104.64
N GLU J 1644 -36.13 7.02 -104.67
CA GLU J 1644 -37.49 7.16 -105.15
C GLU J 1644 -37.64 8.16 -106.29
N ASN J 1645 -36.59 8.90 -106.62
CA ASN J 1645 -36.55 9.84 -107.75
C ASN J 1645 -37.61 10.93 -107.62
N ARG J 1646 -37.96 11.25 -106.38
CA ARG J 1646 -39.01 12.22 -106.08
C ARG J 1646 -38.38 13.40 -105.38
N CYS J 1647 -38.17 14.48 -106.12
CA CYS J 1647 -37.53 15.68 -105.59
C CYS J 1647 -38.53 16.46 -104.77
N MET J 1648 -38.01 17.34 -103.91
CA MET J 1648 -38.85 18.19 -103.09
C MET J 1648 -38.10 19.48 -102.78
N ASP J 1649 -38.87 20.51 -102.44
CA ASP J 1649 -38.27 21.78 -102.06
C ASP J 1649 -37.60 21.66 -100.71
N ILE J 1650 -36.45 22.32 -100.57
CA ILE J 1650 -35.64 22.12 -99.38
C ILE J 1650 -36.21 22.86 -98.20
N LEU J 1651 -37.06 23.86 -98.44
CA LEU J 1651 -37.68 24.58 -97.34
C LEU J 1651 -38.68 23.73 -96.58
N GLU J 1652 -39.15 22.63 -97.18
CA GLU J 1652 -40.02 21.68 -96.52
C GLU J 1652 -39.37 20.96 -95.36
N LEU J 1653 -38.05 20.99 -95.27
CA LEU J 1653 -37.38 20.43 -94.11
C LEU J 1653 -37.69 21.18 -92.82
N SER J 1654 -38.19 22.42 -92.91
CA SER J 1654 -38.52 23.17 -91.72
C SER J 1654 -39.65 22.55 -90.92
N GLU J 1655 -40.50 21.75 -91.54
CA GLU J 1655 -41.52 21.01 -90.82
C GLU J 1655 -41.36 19.52 -90.93
N ARG J 1656 -40.42 19.04 -91.75
CA ARG J 1656 -40.24 17.59 -91.88
C ARG J 1656 -39.66 17.00 -90.61
N LEU J 1657 -38.67 17.70 -90.03
CA LEU J 1657 -38.11 17.46 -88.70
C LEU J 1657 -37.45 16.10 -88.53
N ASP J 1658 -37.34 15.30 -89.58
CA ASP J 1658 -36.53 14.10 -89.53
C ASP J 1658 -35.47 14.12 -90.61
N LEU J 1659 -35.85 14.42 -91.84
CA LEU J 1659 -34.84 14.58 -92.87
C LEU J 1659 -34.14 15.93 -92.78
N GLN J 1660 -34.63 16.83 -91.94
CA GLN J 1660 -33.79 17.96 -91.55
C GLN J 1660 -32.58 17.46 -90.78
N ARG J 1661 -32.80 16.57 -89.83
CA ARG J 1661 -31.73 16.09 -88.98
C ARG J 1661 -30.71 15.26 -89.73
N PHE J 1662 -31.19 14.35 -90.59
CA PHE J 1662 -30.27 13.49 -91.31
C PHE J 1662 -29.55 14.26 -92.40
N HIS J 1663 -30.13 15.34 -92.89
CA HIS J 1663 -29.36 16.18 -93.79
C HIS J 1663 -28.55 17.21 -93.02
N SER J 1664 -28.80 17.38 -91.73
CA SER J 1664 -27.88 18.18 -90.94
C SER J 1664 -26.63 17.41 -90.61
N HIS J 1665 -26.78 16.16 -90.21
CA HIS J 1665 -25.62 15.36 -89.83
C HIS J 1665 -24.80 14.95 -91.03
N THR J 1666 -25.38 14.98 -92.22
CA THR J 1666 -24.57 14.81 -93.43
C THR J 1666 -23.63 15.98 -93.60
N LEU J 1667 -24.06 17.18 -93.24
CA LEU J 1667 -23.18 18.33 -93.34
C LEU J 1667 -22.06 18.29 -92.31
N ARG J 1668 -22.23 17.53 -91.23
CA ARG J 1668 -21.10 17.33 -90.35
C ARG J 1668 -20.11 16.37 -90.96
N LEU J 1669 -20.59 15.39 -91.72
CA LEU J 1669 -19.67 14.50 -92.41
C LEU J 1669 -18.97 15.20 -93.55
N TYR J 1670 -19.60 16.20 -94.16
CA TYR J 1670 -18.91 16.95 -95.19
C TYR J 1670 -17.84 17.85 -94.61
N ARG J 1671 -18.07 18.46 -93.46
CA ARG J 1671 -17.03 19.29 -92.89
C ARG J 1671 -15.91 18.45 -92.29
N ALA J 1672 -16.23 17.25 -91.80
CA ALA J 1672 -15.20 16.43 -91.18
C ALA J 1672 -14.31 15.73 -92.20
N VAL J 1673 -14.79 15.51 -93.42
CA VAL J 1673 -13.95 14.84 -94.40
C VAL J 1673 -12.91 15.80 -94.94
N CYS J 1674 -13.31 17.00 -95.34
CA CYS J 1674 -12.32 17.97 -95.80
C CYS J 1674 -11.77 18.80 -94.64
N ALA J 1675 -11.39 18.15 -93.56
CA ALA J 1675 -10.96 18.86 -92.37
C ALA J 1675 -9.44 18.87 -92.32
N LEU J 1676 -8.91 19.98 -91.81
CA LEU J 1676 -7.50 20.19 -91.57
C LEU J 1676 -6.70 20.12 -92.88
N GLY J 1677 -7.12 20.91 -93.85
CA GLY J 1677 -6.32 21.10 -95.04
C GLY J 1677 -6.25 19.94 -96.00
N ASN J 1678 -7.17 18.99 -95.91
CA ASN J 1678 -7.22 17.88 -96.86
C ASN J 1678 -7.73 18.45 -98.18
N ASN J 1679 -6.82 18.87 -99.03
CA ASN J 1679 -7.24 19.63 -100.19
C ASN J 1679 -7.40 18.80 -101.44
N ARG J 1680 -6.94 17.56 -101.45
CA ARG J 1680 -7.29 16.70 -102.58
C ARG J 1680 -8.76 16.32 -102.51
N VAL J 1681 -9.27 16.12 -101.29
CA VAL J 1681 -10.68 15.82 -101.16
C VAL J 1681 -11.51 17.09 -101.20
N ALA J 1682 -10.88 18.25 -101.01
CA ALA J 1682 -11.65 19.49 -101.01
C ALA J 1682 -12.09 19.87 -102.41
N HIS J 1683 -11.40 19.38 -103.44
CA HIS J 1683 -11.94 19.50 -104.78
C HIS J 1683 -13.09 18.52 -104.98
N ALA J 1684 -13.01 17.36 -104.33
CA ALA J 1684 -14.02 16.33 -104.56
C ALA J 1684 -15.37 16.72 -103.99
N LEU J 1685 -15.39 17.52 -102.93
CA LEU J 1685 -16.68 18.01 -102.46
C LEU J 1685 -17.21 19.14 -103.31
N CYS J 1686 -16.33 19.85 -104.04
CA CYS J 1686 -16.78 20.99 -104.83
C CYS J 1686 -17.61 20.55 -106.02
N SER J 1687 -17.60 19.27 -106.36
CA SER J 1687 -18.58 18.75 -107.31
C SER J 1687 -19.94 18.60 -106.67
N HIS J 1688 -20.02 18.00 -105.48
CA HIS J 1688 -21.29 17.60 -104.90
C HIS J 1688 -22.10 18.79 -104.43
N VAL J 1689 -21.45 19.84 -103.97
CA VAL J 1689 -22.11 21.07 -103.59
C VAL J 1689 -21.48 22.21 -104.38
N ASP J 1690 -22.22 22.70 -105.37
CA ASP J 1690 -21.66 23.59 -106.38
C ASP J 1690 -21.35 24.97 -105.80
N GLN J 1691 -20.81 25.82 -106.67
CA GLN J 1691 -20.39 27.14 -106.20
C GLN J 1691 -21.56 28.10 -106.09
N ALA J 1692 -22.50 28.07 -107.02
CA ALA J 1692 -23.59 29.05 -106.97
C ALA J 1692 -24.59 28.68 -105.90
N GLN J 1693 -24.92 27.40 -105.78
CA GLN J 1693 -25.93 26.98 -104.83
C GLN J 1693 -25.43 27.08 -103.40
N LEU J 1694 -24.13 27.23 -103.19
CA LEU J 1694 -23.64 27.53 -101.87
C LEU J 1694 -23.76 29.02 -101.60
N LEU J 1695 -23.41 29.85 -102.58
CA LEU J 1695 -23.65 31.27 -102.48
C LEU J 1695 -25.11 31.63 -102.48
N HIS J 1696 -25.97 30.80 -103.06
CA HIS J 1696 -27.40 31.10 -102.97
C HIS J 1696 -27.92 30.83 -101.57
N ALA J 1697 -27.39 29.81 -100.91
CA ALA J 1697 -27.91 29.45 -99.59
C ALA J 1697 -27.42 30.35 -98.48
N LEU J 1698 -26.66 31.39 -98.79
CA LEU J 1698 -26.17 32.26 -97.72
C LEU J 1698 -27.23 33.27 -97.31
N GLU J 1699 -28.24 33.50 -98.14
CA GLU J 1699 -29.18 34.58 -97.91
C GLU J 1699 -30.63 34.15 -98.05
N ASP J 1700 -30.89 32.89 -98.39
CA ASP J 1700 -32.27 32.40 -98.43
C ASP J 1700 -32.74 32.28 -96.99
N ALA J 1701 -33.45 33.30 -96.53
CA ALA J 1701 -33.78 33.46 -95.12
C ALA J 1701 -34.75 32.41 -94.60
N HIS J 1702 -35.49 31.76 -95.48
CA HIS J 1702 -36.50 30.80 -95.05
C HIS J 1702 -35.91 29.42 -94.77
N LEU J 1703 -34.59 29.29 -94.80
CA LEU J 1703 -33.96 28.04 -94.40
C LEU J 1703 -34.17 27.82 -92.90
N PRO J 1704 -34.19 26.58 -92.46
CA PRO J 1704 -34.38 26.33 -91.03
C PRO J 1704 -33.16 26.63 -90.19
N GLY J 1705 -33.21 26.24 -88.93
CA GLY J 1705 -32.17 26.57 -87.97
C GLY J 1705 -30.84 25.89 -88.22
N PRO J 1706 -30.75 24.59 -87.94
CA PRO J 1706 -29.44 23.93 -88.01
C PRO J 1706 -28.95 23.68 -89.40
N LEU J 1707 -29.75 24.02 -90.41
CA LEU J 1707 -29.28 23.85 -91.77
C LEU J 1707 -28.62 25.13 -92.27
N ARG J 1708 -28.90 26.26 -91.63
CA ARG J 1708 -28.22 27.48 -92.02
C ARG J 1708 -26.81 27.50 -91.48
N ALA J 1709 -26.63 27.01 -90.24
CA ALA J 1709 -25.29 26.97 -89.66
C ALA J 1709 -24.46 25.87 -90.27
N GLY J 1710 -25.08 24.94 -90.99
CA GLY J 1710 -24.30 24.00 -91.77
C GLY J 1710 -23.75 24.60 -93.04
N TYR J 1711 -24.60 25.21 -93.87
CA TYR J 1711 -24.16 25.71 -95.17
C TYR J 1711 -23.27 26.92 -95.07
N TYR J 1712 -23.25 27.61 -93.94
CA TYR J 1712 -22.21 28.59 -93.78
C TYR J 1712 -20.91 27.94 -93.37
N ASP J 1713 -20.96 27.01 -92.42
CA ASP J 1713 -19.73 26.41 -91.96
C ASP J 1713 -19.18 25.38 -92.94
N LEU J 1714 -20.01 24.89 -93.86
CA LEU J 1714 -19.46 24.09 -94.95
C LEU J 1714 -18.60 24.95 -95.86
N LEU J 1715 -19.01 26.20 -96.08
CA LEU J 1715 -18.33 27.06 -97.03
C LEU J 1715 -16.91 27.35 -96.60
N ILE J 1716 -16.70 27.71 -95.34
CA ILE J 1716 -15.35 28.01 -94.91
C ILE J 1716 -14.51 26.74 -94.80
N SER J 1717 -15.14 25.59 -94.59
CA SER J 1717 -14.35 24.38 -94.44
C SER J 1717 -13.94 23.77 -95.77
N ILE J 1718 -14.40 24.33 -96.89
CA ILE J 1718 -13.86 23.88 -98.17
C ILE J 1718 -13.13 25.00 -98.91
N HIS J 1719 -13.24 26.23 -98.47
CA HIS J 1719 -12.58 27.30 -99.18
C HIS J 1719 -11.71 28.19 -98.33
N LEU J 1720 -12.13 28.50 -97.11
CA LEU J 1720 -11.50 29.55 -96.34
C LEU J 1720 -10.94 28.99 -95.04
N GLU J 1721 -10.37 27.80 -95.10
CA GLU J 1721 -9.74 27.24 -93.92
C GLU J 1721 -8.28 26.95 -94.14
N SER J 1722 -7.93 26.36 -95.29
CA SER J 1722 -6.54 26.07 -95.60
C SER J 1722 -5.71 27.33 -95.71
N ALA J 1723 -6.31 28.41 -96.18
CA ALA J 1723 -5.65 29.70 -96.13
C ALA J 1723 -5.77 30.35 -94.77
N CYS J 1724 -6.76 29.98 -93.97
CA CYS J 1724 -6.99 30.66 -92.70
C CYS J 1724 -5.91 30.33 -91.68
N ARG J 1725 -5.58 29.04 -91.53
CA ARG J 1725 -4.62 28.62 -90.52
C ARG J 1725 -3.22 29.10 -90.84
N SER J 1726 -2.86 29.17 -92.12
CA SER J 1726 -1.50 29.54 -92.47
C SER J 1726 -1.25 31.02 -92.25
N ARG J 1727 -2.25 31.87 -92.46
CA ARG J 1727 -2.01 33.28 -92.20
C ARG J 1727 -2.10 33.60 -90.71
N ARG J 1728 -3.02 32.95 -89.98
CA ARG J 1728 -3.12 33.17 -88.54
C ARG J 1728 -1.86 32.73 -87.83
N SER J 1729 -1.18 31.72 -88.34
CA SER J 1729 0.13 31.33 -87.84
C SER J 1729 1.16 32.44 -87.97
N MET J 1730 1.20 33.14 -89.10
CA MET J 1730 2.20 34.19 -89.30
C MET J 1730 1.80 35.53 -88.70
N LEU J 1731 0.70 35.59 -87.96
CA LEU J 1731 0.32 36.86 -87.37
C LEU J 1731 1.12 37.20 -86.12
N SER J 1732 1.60 36.20 -85.38
CA SER J 1732 2.22 36.49 -84.10
C SER J 1732 3.63 37.05 -84.27
N GLU J 1733 4.21 36.89 -85.45
CA GLU J 1733 5.54 37.39 -85.73
C GLU J 1733 5.46 38.52 -86.73
N TYR J 1734 6.39 39.46 -86.62
CA TYR J 1734 6.35 40.71 -87.37
C TYR J 1734 7.68 40.88 -88.08
N ILE J 1735 7.64 40.80 -89.40
CA ILE J 1735 8.83 40.88 -90.23
C ILE J 1735 8.63 42.07 -91.17
N VAL J 1736 9.37 43.14 -90.93
CA VAL J 1736 9.19 44.40 -91.64
C VAL J 1736 10.41 44.65 -92.52
N PRO J 1737 10.24 45.03 -93.77
CA PRO J 1737 11.37 45.44 -94.60
C PRO J 1737 11.57 46.94 -94.55
N LEU J 1738 12.70 47.39 -95.10
CA LEU J 1738 13.02 48.81 -95.18
C LEU J 1738 12.69 49.36 -96.57
N THR J 1739 11.41 49.35 -96.88
CA THR J 1739 10.97 50.19 -97.98
C THR J 1739 10.72 51.61 -97.45
N PRO J 1740 10.78 52.63 -98.32
CA PRO J 1740 10.39 53.97 -97.88
C PRO J 1740 8.93 54.10 -97.50
N GLU J 1741 8.06 53.21 -97.99
CA GLU J 1741 6.69 53.17 -97.50
C GLU J 1741 6.64 52.81 -96.02
N THR J 1742 7.52 51.92 -95.59
CA THR J 1742 7.68 51.63 -94.17
C THR J 1742 8.18 52.84 -93.41
N ARG J 1743 9.15 53.57 -93.99
CA ARG J 1743 9.81 54.69 -93.34
C ARG J 1743 8.86 55.82 -92.94
N ALA J 1744 7.75 55.99 -93.65
CA ALA J 1744 6.74 56.97 -93.27
C ALA J 1744 5.60 56.23 -92.60
N ILE J 1745 5.78 55.89 -91.32
CA ILE J 1745 4.73 55.32 -90.49
C ILE J 1745 4.87 55.93 -89.10
N THR J 1746 3.83 56.62 -88.64
CA THR J 1746 3.84 57.24 -87.33
C THR J 1746 2.88 56.51 -86.41
N LEU J 1747 2.97 56.82 -85.12
CA LEU J 1747 1.96 56.34 -84.19
C LEU J 1747 0.64 57.05 -84.43
N PHE J 1748 0.61 58.36 -84.29
CA PHE J 1748 -0.61 59.09 -84.51
C PHE J 1748 -0.67 59.56 -85.96
N PRO J 1749 -1.85 59.60 -86.56
CA PRO J 1749 -1.97 60.17 -87.91
C PRO J 1749 -1.77 61.67 -87.87
N PRO J 1750 -1.10 62.23 -88.89
CA PRO J 1750 -0.82 63.66 -88.88
C PRO J 1750 -2.06 64.49 -89.21
N GLY J 1751 -2.33 65.45 -88.34
CA GLY J 1751 -3.47 66.33 -88.50
C GLY J 1751 -3.74 67.17 -87.27
N ARG J 1758 -2.83 64.83 -81.95
CA ARG J 1758 -2.92 63.90 -80.83
C ARG J 1758 -4.25 63.13 -80.87
N ARG J 1759 -4.91 63.18 -82.01
CA ARG J 1759 -6.16 62.46 -82.22
C ARG J 1759 -5.83 61.02 -82.59
N HIS J 1760 -6.41 60.08 -81.85
CA HIS J 1760 -6.07 58.68 -82.01
C HIS J 1760 -6.67 58.13 -83.31
N GLY J 1761 -5.82 57.46 -84.10
CA GLY J 1761 -6.24 56.96 -85.39
C GLY J 1761 -7.16 55.75 -85.28
N LEU J 1762 -7.73 55.39 -86.43
CA LEU J 1762 -8.66 54.27 -86.48
C LEU J 1762 -7.91 52.94 -86.49
N PRO J 1763 -8.37 51.96 -85.72
CA PRO J 1763 -7.68 50.66 -85.71
C PRO J 1763 -7.95 49.89 -86.99
N GLY J 1764 -6.91 49.24 -87.49
CA GLY J 1764 -7.02 48.43 -88.68
C GLY J 1764 -7.03 49.20 -89.99
N VAL J 1765 -7.07 50.52 -89.94
CA VAL J 1765 -7.15 51.35 -91.13
C VAL J 1765 -5.78 51.95 -91.37
N GLY J 1766 -5.30 51.85 -92.59
CA GLY J 1766 -4.02 52.40 -92.94
C GLY J 1766 -3.24 51.41 -93.77
N VAL J 1767 -1.91 51.54 -93.71
CA VAL J 1767 -0.99 50.70 -94.46
C VAL J 1767 -0.11 49.93 -93.48
N THR J 1768 -0.09 48.61 -93.65
CA THR J 1768 0.84 47.75 -92.93
C THR J 1768 1.83 47.17 -93.93
N THR J 1769 2.98 46.73 -93.42
CA THR J 1769 4.08 46.33 -94.28
C THR J 1769 4.67 44.98 -93.88
N SER J 1770 4.10 44.32 -92.86
CA SER J 1770 4.64 43.06 -92.40
C SER J 1770 4.39 41.98 -93.44
N LEU J 1771 5.36 41.10 -93.61
CA LEU J 1771 5.33 40.15 -94.72
C LEU J 1771 4.35 39.03 -94.41
N ARG J 1772 3.57 38.66 -95.41
CA ARG J 1772 2.68 37.52 -95.36
C ARG J 1772 2.66 36.86 -96.73
N PRO J 1773 2.59 35.54 -96.78
CA PRO J 1773 2.55 34.87 -98.07
C PRO J 1773 1.21 35.04 -98.74
N PRO J 1774 1.18 35.04 -100.07
CA PRO J 1774 -0.10 34.96 -100.77
C PRO J 1774 -0.73 33.58 -100.63
N HIS J 1775 -1.96 33.48 -101.08
CA HIS J 1775 -2.79 32.36 -100.66
C HIS J 1775 -2.72 31.17 -101.59
N HIS J 1776 -2.50 31.40 -102.89
CA HIS J 1776 -2.35 30.36 -103.92
C HIS J 1776 -3.58 29.45 -104.00
N PHE J 1777 -4.69 30.06 -104.38
CA PHE J 1777 -5.84 29.25 -104.70
C PHE J 1777 -5.71 28.67 -106.10
N SER J 1778 -6.45 27.59 -106.35
CA SER J 1778 -6.48 27.00 -107.68
C SER J 1778 -7.94 26.76 -108.01
N PRO J 1779 -8.37 27.05 -109.23
CA PRO J 1779 -9.77 26.88 -109.59
C PRO J 1779 -10.09 25.41 -109.80
N PRO J 1780 -11.29 24.98 -109.41
CA PRO J 1780 -11.64 23.58 -109.55
C PRO J 1780 -12.00 23.23 -110.98
N CYS J 1781 -11.72 21.99 -111.34
CA CYS J 1781 -12.12 21.45 -112.63
C CYS J 1781 -12.31 19.96 -112.45
N PHE J 1782 -12.95 19.31 -113.41
CA PHE J 1782 -13.15 17.87 -113.31
C PHE J 1782 -12.94 17.17 -114.64
N VAL J 1783 -12.59 17.89 -115.69
CA VAL J 1783 -12.29 17.29 -116.97
C VAL J 1783 -10.81 17.22 -117.24
N ALA J 1784 -9.99 17.77 -116.36
CA ALA J 1784 -8.55 17.68 -116.51
C ALA J 1784 -8.09 16.23 -116.31
N ALA J 1785 -7.09 15.83 -117.08
CA ALA J 1785 -6.64 14.45 -117.08
C ALA J 1785 -5.87 14.13 -115.81
N LEU J 1786 -5.90 12.87 -115.40
CA LEU J 1786 -5.21 12.47 -114.19
C LEU J 1786 -3.74 12.18 -114.47
N PRO J 1787 -2.81 12.82 -113.76
CA PRO J 1787 -1.42 12.37 -113.81
C PRO J 1787 -1.14 11.32 -112.75
N ALA J 1788 -0.16 10.47 -113.02
CA ALA J 1788 0.31 9.40 -112.14
C ALA J 1788 -0.79 8.46 -111.66
N GLU J 1793 3.84 10.25 -107.60
CA GLU J 1793 3.24 11.00 -106.51
C GLU J 1793 3.00 12.45 -106.90
N ALA J 1794 1.78 12.92 -106.69
CA ALA J 1794 1.45 14.31 -106.95
C ALA J 1794 2.13 15.20 -105.91
N PRO J 1795 2.52 16.43 -106.27
CA PRO J 1795 3.14 17.33 -105.28
C PRO J 1795 2.19 17.72 -104.16
N ALA J 1796 1.07 18.33 -104.51
CA ALA J 1796 0.06 18.82 -103.56
C ALA J 1796 -1.15 19.26 -104.35
N ARG J 1797 -2.22 19.53 -103.62
CA ARG J 1797 -3.39 20.21 -104.17
C ARG J 1797 -3.62 21.46 -103.36
N LEU J 1798 -3.87 22.56 -104.04
CA LEU J 1798 -4.20 23.78 -103.33
C LEU J 1798 -5.63 23.73 -102.83
N SER J 1799 -6.00 24.74 -102.07
CA SER J 1799 -7.40 24.90 -101.71
C SER J 1799 -8.20 25.35 -102.93
N PRO J 1800 -9.37 24.75 -103.18
CA PRO J 1800 -10.17 25.15 -104.34
C PRO J 1800 -10.72 26.56 -104.18
N ALA J 1801 -10.85 27.25 -105.30
CA ALA J 1801 -11.01 28.69 -105.27
C ALA J 1801 -12.47 29.10 -105.32
N ILE J 1802 -12.71 30.39 -105.09
CA ILE J 1802 -14.03 31.01 -105.07
C ILE J 1802 -13.79 32.52 -105.18
N PRO J 1803 -14.55 33.24 -106.00
CA PRO J 1803 -14.23 34.66 -106.25
C PRO J 1803 -14.45 35.56 -105.05
N LEU J 1804 -13.35 36.03 -104.47
CA LEU J 1804 -13.38 36.73 -103.20
C LEU J 1804 -13.91 38.15 -103.29
N GLU J 1805 -13.58 38.89 -104.35
CA GLU J 1805 -14.07 40.25 -104.47
C GLU J 1805 -15.58 40.30 -104.66
N ALA J 1806 -16.15 39.28 -105.27
CA ALA J 1806 -17.59 39.11 -105.25
C ALA J 1806 -18.10 38.74 -103.86
N LEU J 1807 -17.30 38.03 -103.08
CA LEU J 1807 -17.79 37.50 -101.82
C LEU J 1807 -17.87 38.57 -100.74
N ARG J 1808 -16.96 39.52 -100.74
CA ARG J 1808 -16.95 40.52 -99.68
C ARG J 1808 -18.13 41.47 -99.77
N ASP J 1809 -18.63 41.74 -100.97
CA ASP J 1809 -19.81 42.57 -101.11
C ASP J 1809 -21.06 41.85 -100.63
N LYS J 1810 -21.11 40.53 -100.83
CA LYS J 1810 -22.27 39.78 -100.38
C LYS J 1810 -22.26 39.63 -98.87
N ALA J 1811 -21.08 39.40 -98.29
CA ALA J 1811 -20.99 39.18 -96.85
C ALA J 1811 -21.24 40.46 -96.06
N LEU J 1812 -20.77 41.60 -96.58
CA LEU J 1812 -21.06 42.88 -95.95
C LEU J 1812 -22.53 43.21 -95.97
N ARG J 1813 -23.22 42.85 -97.06
CA ARG J 1813 -24.63 43.14 -97.21
C ARG J 1813 -25.48 42.35 -96.22
N MET J 1814 -25.17 41.07 -96.04
CA MET J 1814 -25.95 40.25 -95.13
C MET J 1814 -25.72 40.62 -93.68
N LEU J 1815 -24.53 41.11 -93.34
CA LEU J 1815 -24.35 41.71 -92.04
C LEU J 1815 -25.10 43.03 -91.94
N GLY J 1816 -25.03 43.84 -93.00
CA GLY J 1816 -25.58 45.18 -92.96
C GLY J 1816 -27.09 45.23 -92.81
N GLU J 1817 -27.78 44.24 -93.35
CA GLU J 1817 -29.21 44.16 -93.10
C GLU J 1817 -29.49 43.64 -91.70
N ALA J 1818 -28.62 42.78 -91.16
CA ALA J 1818 -28.94 42.07 -89.94
C ALA J 1818 -28.87 42.97 -88.73
N VAL J 1819 -27.91 43.90 -88.71
CA VAL J 1819 -27.88 44.89 -87.65
C VAL J 1819 -29.02 45.87 -87.79
N ARG J 1820 -29.53 46.06 -89.01
CA ARG J 1820 -30.67 46.94 -89.19
C ARG J 1820 -31.99 46.23 -88.91
N ASP J 1821 -32.14 45.00 -89.38
CA ASP J 1821 -33.35 44.24 -89.11
C ASP J 1821 -33.48 43.83 -87.67
N GLY J 1822 -32.37 43.68 -86.95
CA GLY J 1822 -32.43 43.36 -85.54
C GLY J 1822 -32.97 44.47 -84.67
N GLY J 1823 -32.91 45.70 -85.14
CA GLY J 1823 -33.47 46.81 -84.40
C GLY J 1823 -34.98 46.83 -84.49
N GLN J 1824 -35.51 46.20 -85.53
CA GLN J 1824 -36.96 46.19 -85.72
C GLN J 1824 -37.67 45.27 -84.74
N HIS J 1825 -36.92 44.37 -84.08
CA HIS J 1825 -37.43 43.43 -83.07
C HIS J 1825 -38.55 42.57 -83.62
N ALA J 1826 -38.31 42.01 -84.80
CA ALA J 1826 -39.31 41.21 -85.47
C ALA J 1826 -39.53 39.89 -84.73
N ARG J 1827 -40.77 39.43 -84.76
CA ARG J 1827 -41.13 38.19 -84.10
C ARG J 1827 -40.65 36.95 -84.83
N ASP J 1828 -40.42 37.04 -86.14
CA ASP J 1828 -39.93 35.92 -86.93
C ASP J 1828 -38.55 36.27 -87.46
N PRO J 1829 -37.51 35.99 -86.69
CA PRO J 1829 -36.15 36.26 -87.14
C PRO J 1829 -35.74 35.25 -88.20
N VAL J 1830 -34.66 35.57 -88.90
CA VAL J 1830 -34.15 34.72 -89.96
C VAL J 1830 -33.56 33.46 -89.32
N GLY J 1831 -34.00 32.30 -89.77
CA GLY J 1831 -33.45 31.06 -89.33
C GLY J 1831 -33.94 30.58 -87.98
N GLY J 1832 -34.92 31.23 -87.41
CA GLY J 1832 -35.62 30.70 -86.26
C GLY J 1832 -35.17 31.23 -84.92
N SER J 1833 -34.15 32.09 -84.88
CA SER J 1833 -33.71 32.71 -83.64
C SER J 1833 -32.90 33.94 -83.99
N VAL J 1834 -32.50 34.67 -82.95
CA VAL J 1834 -31.48 35.69 -83.16
C VAL J 1834 -30.09 35.06 -83.06
N GLU J 1835 -30.02 33.85 -82.50
CA GLU J 1835 -28.76 33.14 -82.41
C GLU J 1835 -28.29 32.68 -83.79
N PHE J 1836 -29.18 32.07 -84.56
CA PHE J 1836 -28.80 31.63 -85.89
C PHE J 1836 -28.79 32.77 -86.90
N GLN J 1837 -29.19 33.96 -86.52
CA GLN J 1837 -29.15 35.04 -87.50
C GLN J 1837 -27.76 35.66 -87.57
N PHE J 1838 -26.96 35.50 -86.52
CA PHE J 1838 -25.70 36.22 -86.45
C PHE J 1838 -24.47 35.34 -86.32
N VAL J 1839 -24.59 34.19 -85.65
CA VAL J 1839 -23.47 33.27 -85.49
C VAL J 1839 -22.97 32.74 -86.84
N PRO J 1840 -23.81 32.35 -87.80
CA PRO J 1840 -23.24 32.02 -89.11
C PRO J 1840 -23.04 33.22 -90.01
N VAL J 1841 -23.03 34.45 -89.51
CA VAL J 1841 -22.59 35.52 -90.39
C VAL J 1841 -21.40 36.24 -89.78
N LEU J 1842 -21.21 36.11 -88.47
CA LEU J 1842 -20.01 36.69 -87.89
C LEU J 1842 -18.80 35.82 -88.14
N LYS J 1843 -18.95 34.51 -87.94
CA LYS J 1843 -17.81 33.61 -88.08
C LYS J 1843 -17.40 33.42 -89.53
N LEU J 1844 -18.17 33.95 -90.48
CA LEU J 1844 -17.64 34.14 -91.81
C LEU J 1844 -16.95 35.49 -91.94
N VAL J 1845 -17.53 36.53 -91.34
CA VAL J 1845 -16.93 37.85 -91.46
C VAL J 1845 -15.65 37.92 -90.65
N SER J 1846 -15.63 37.23 -89.51
CA SER J 1846 -14.40 37.14 -88.72
C SER J 1846 -13.30 36.40 -89.46
N THR J 1847 -13.65 35.41 -90.27
CA THR J 1847 -12.60 34.69 -90.97
C THR J 1847 -12.33 35.26 -92.36
N LEU J 1848 -13.15 36.22 -92.81
CA LEU J 1848 -12.67 37.05 -93.91
C LEU J 1848 -11.97 38.30 -93.42
N LEU J 1849 -12.04 38.59 -92.13
CA LEU J 1849 -11.29 39.74 -91.65
C LEU J 1849 -9.87 39.36 -91.25
N VAL J 1850 -9.67 38.11 -90.81
CA VAL J 1850 -8.33 37.69 -90.47
C VAL J 1850 -7.52 37.35 -91.71
N MET J 1851 -8.18 37.06 -92.84
CA MET J 1851 -7.43 36.81 -94.06
C MET J 1851 -7.05 38.09 -94.77
N GLY J 1852 -7.47 39.23 -94.25
CA GLY J 1852 -7.00 40.52 -94.74
C GLY J 1852 -7.49 40.91 -96.12
N ILE J 1853 -8.50 40.20 -96.63
CA ILE J 1853 -8.96 40.46 -97.99
C ILE J 1853 -9.97 41.60 -98.05
N PHE J 1854 -10.25 42.25 -96.93
CA PHE J 1854 -11.14 43.40 -96.96
C PHE J 1854 -10.36 44.67 -97.24
N GLY J 1855 -10.96 45.56 -98.02
CA GLY J 1855 -10.43 46.90 -98.18
C GLY J 1855 -10.60 47.70 -96.90
N ASP J 1856 -9.84 48.79 -96.82
CA ASP J 1856 -9.92 49.63 -95.63
C ASP J 1856 -11.23 50.39 -95.57
N GLU J 1857 -11.79 50.74 -96.72
CA GLU J 1857 -13.11 51.37 -96.73
C GLU J 1857 -14.19 50.38 -96.35
N ASP J 1858 -13.93 49.08 -96.55
CA ASP J 1858 -14.88 48.07 -96.10
C ASP J 1858 -14.88 47.97 -94.59
N VAL J 1859 -13.70 47.93 -93.97
CA VAL J 1859 -13.64 47.87 -92.53
C VAL J 1859 -13.97 49.21 -91.90
N LYS J 1860 -13.94 50.29 -92.68
CA LYS J 1860 -14.52 51.54 -92.22
C LYS J 1860 -16.02 51.40 -92.04
N GLN J 1861 -16.67 50.66 -92.93
CA GLN J 1861 -18.09 50.38 -92.76
C GLN J 1861 -18.35 49.41 -91.63
N ILE J 1862 -17.45 48.45 -91.42
CA ILE J 1862 -17.61 47.48 -90.34
C ILE J 1862 -17.48 48.17 -88.99
N LEU J 1863 -16.60 49.17 -88.91
CA LEU J 1863 -16.49 49.96 -87.68
C LEU J 1863 -17.76 50.75 -87.40
N LYS J 1864 -18.43 51.21 -88.45
CA LYS J 1864 -19.71 51.87 -88.26
C LYS J 1864 -20.77 50.88 -87.79
N MET J 1865 -20.72 49.64 -88.27
CA MET J 1865 -21.75 48.67 -87.94
C MET J 1865 -21.59 48.07 -86.55
N ILE J 1866 -20.52 48.42 -85.85
CA ILE J 1866 -20.35 47.93 -84.48
C ILE J 1866 -20.85 48.96 -83.48
N GLU J 1867 -20.29 50.17 -83.54
CA GLU J 1867 -20.75 51.27 -82.71
C GLU J 1867 -20.41 52.54 -83.47
N PRO J 1868 -21.35 53.10 -84.23
CA PRO J 1868 -21.03 54.24 -85.09
C PRO J 1868 -20.82 55.54 -84.34
N GLU J 1869 -21.20 55.61 -83.06
CA GLU J 1869 -21.00 56.81 -82.27
C GLU J 1869 -19.53 57.07 -81.97
N VAL J 1870 -18.70 56.03 -82.00
CA VAL J 1870 -17.30 56.20 -81.68
C VAL J 1870 -16.45 56.31 -82.94
N PHE J 1871 -16.60 55.37 -83.86
CA PHE J 1871 -15.65 55.22 -84.95
C PHE J 1871 -16.00 56.06 -86.17
N THR J 1872 -16.90 57.02 -86.04
CA THR J 1872 -17.22 57.90 -87.15
C THR J 1872 -16.13 58.93 -87.31
N GLU J 1873 -15.61 59.07 -88.53
CA GLU J 1873 -14.55 60.02 -88.83
C GLU J 1873 -15.03 61.46 -88.74
N GLU J 1923 -28.51 54.69 -86.94
CA GLU J 1923 -28.93 53.39 -86.44
C GLU J 1923 -28.35 53.13 -85.08
N GLU J 1924 -28.86 52.12 -84.39
CA GLU J 1924 -28.35 51.71 -83.09
C GLU J 1924 -27.09 50.87 -83.27
N GLY J 1925 -26.13 51.06 -82.38
CA GLY J 1925 -24.90 50.29 -82.43
C GLY J 1925 -25.13 48.83 -82.08
N LEU J 1926 -24.21 47.99 -82.55
CA LEU J 1926 -24.35 46.55 -82.37
C LEU J 1926 -24.10 46.12 -80.94
N LEU J 1927 -23.21 46.81 -80.23
CA LEU J 1927 -22.89 46.43 -78.85
C LEU J 1927 -24.05 46.72 -77.91
N GLN J 1928 -24.87 47.72 -78.20
CA GLN J 1928 -26.00 48.03 -77.34
C GLN J 1928 -27.12 47.01 -77.48
N MET J 1929 -27.12 46.24 -78.56
CA MET J 1929 -28.19 45.28 -78.79
C MET J 1929 -28.08 44.13 -77.81
N LYS J 1930 -29.23 43.72 -77.29
CA LYS J 1930 -29.29 42.56 -76.40
C LYS J 1930 -28.97 41.30 -77.18
N LEU J 1931 -27.93 40.60 -76.74
CA LEU J 1931 -27.43 39.46 -77.48
C LEU J 1931 -27.41 38.24 -76.59
N PRO J 1932 -27.74 37.07 -77.12
CA PRO J 1932 -27.55 35.83 -76.37
C PRO J 1932 -26.07 35.48 -76.32
N GLU J 1933 -25.75 34.51 -75.46
CA GLU J 1933 -24.38 34.29 -75.00
C GLU J 1933 -23.41 33.90 -76.10
N SER J 1934 -23.82 33.06 -77.04
CA SER J 1934 -22.89 32.59 -78.06
C SER J 1934 -22.59 33.68 -79.07
N VAL J 1935 -23.48 34.65 -79.21
CA VAL J 1935 -23.23 35.71 -80.18
C VAL J 1935 -22.25 36.72 -79.59
N LYS J 1936 -22.15 36.77 -78.26
CA LYS J 1936 -21.10 37.56 -77.63
C LYS J 1936 -19.72 36.97 -77.92
N LEU J 1937 -19.66 35.66 -78.13
CA LEU J 1937 -18.38 34.98 -78.30
C LEU J 1937 -17.73 35.37 -79.61
N GLN J 1938 -18.50 35.41 -80.69
CA GLN J 1938 -17.94 35.86 -81.96
C GLN J 1938 -17.65 37.34 -81.97
N MET J 1939 -18.32 38.11 -81.12
CA MET J 1939 -17.92 39.50 -80.93
C MET J 1939 -16.53 39.63 -80.34
N CYS J 1940 -16.18 38.73 -79.43
CA CYS J 1940 -14.82 38.74 -78.89
C CYS J 1940 -13.81 38.32 -79.95
N ASN J 1941 -14.14 37.31 -80.76
CA ASN J 1941 -13.22 36.92 -81.82
C ASN J 1941 -13.21 37.94 -82.95
N LEU J 1942 -14.22 38.79 -83.06
CA LEU J 1942 -14.08 39.90 -83.97
C LEU J 1942 -13.24 41.00 -83.38
N LEU J 1943 -13.46 41.32 -82.10
CA LEU J 1943 -12.72 42.38 -81.47
C LEU J 1943 -11.26 42.04 -81.21
N GLU J 1944 -10.93 40.75 -81.08
CA GLU J 1944 -9.54 40.37 -80.90
C GLU J 1944 -8.69 40.66 -82.12
N TYR J 1945 -9.29 40.68 -83.32
CA TYR J 1945 -8.53 41.06 -84.49
C TYR J 1945 -8.15 42.53 -84.44
N PHE J 1946 -9.02 43.35 -83.86
CA PHE J 1946 -8.81 44.79 -83.96
C PHE J 1946 -7.73 45.28 -83.01
N CYS J 1947 -7.63 44.71 -81.82
CA CYS J 1947 -6.56 45.11 -80.92
C CYS J 1947 -5.21 44.68 -81.42
N ASP J 1948 -5.14 43.59 -82.19
CA ASP J 1948 -3.88 43.21 -82.78
C ASP J 1948 -3.48 44.13 -83.91
N GLN J 1949 -4.45 44.69 -84.62
CA GLN J 1949 -4.10 45.66 -85.65
C GLN J 1949 -3.64 46.97 -85.05
N GLU J 1950 -4.03 47.25 -83.80
CA GLU J 1950 -3.41 48.35 -83.09
C GLU J 1950 -1.98 48.03 -82.71
N LEU J 1951 -1.73 46.77 -82.33
CA LEU J 1951 -0.42 46.40 -81.85
C LEU J 1951 0.56 46.25 -83.01
N GLN J 1952 0.11 45.64 -84.11
CA GLN J 1952 1.00 45.46 -85.26
C GLN J 1952 1.30 46.79 -85.93
N HIS J 1953 0.37 47.74 -85.83
CA HIS J 1953 0.67 49.08 -86.30
C HIS J 1953 1.66 49.77 -85.37
N ARG J 1954 1.56 49.51 -84.05
CA ARG J 1954 2.48 50.11 -83.11
C ARG J 1954 3.91 49.62 -83.29
N VAL J 1955 4.08 48.32 -83.54
CA VAL J 1955 5.40 47.78 -83.80
C VAL J 1955 5.95 48.32 -85.10
N GLU J 1956 5.11 48.36 -86.15
CA GLU J 1956 5.54 48.90 -87.42
C GLU J 1956 5.76 50.41 -87.36
N SER J 1957 5.19 51.08 -86.37
CA SER J 1957 5.57 52.45 -86.11
C SER J 1957 6.97 52.53 -85.50
N LEU J 1958 7.26 51.64 -84.56
CA LEU J 1958 8.55 51.71 -83.87
C LEU J 1958 9.68 51.26 -84.77
N ALA J 1959 9.41 50.34 -85.69
CA ALA J 1959 10.41 49.98 -86.68
C ALA J 1959 10.68 51.13 -87.65
N ALA J 1960 9.66 51.93 -87.94
CA ALA J 1960 9.87 53.10 -88.77
C ALA J 1960 10.66 54.17 -88.04
N PHE J 1961 10.54 54.21 -86.71
CA PHE J 1961 11.25 55.22 -85.93
C PHE J 1961 12.73 54.92 -85.88
N ALA J 1962 13.10 53.63 -85.82
CA ALA J 1962 14.48 53.26 -85.54
C ALA J 1962 15.38 53.51 -86.75
N GLU J 1963 14.90 53.20 -87.94
CA GLU J 1963 15.71 53.41 -89.14
C GLU J 1963 15.89 54.89 -89.44
N ARG J 1964 14.94 55.72 -89.00
CA ARG J 1964 15.18 57.16 -88.98
C ARG J 1964 16.15 57.57 -87.89
N TYR J 1965 16.24 56.79 -86.82
CA TYR J 1965 17.06 57.14 -85.67
C TYR J 1965 18.50 56.69 -85.81
N VAL J 1966 18.73 55.43 -86.21
CA VAL J 1966 20.10 54.94 -86.30
C VAL J 1966 20.84 55.43 -87.52
N ASP J 1967 20.12 55.85 -88.58
CA ASP J 1967 20.80 56.56 -89.66
C ASP J 1967 21.28 57.92 -89.19
N LYS J 1968 20.53 58.54 -88.27
CA LYS J 1968 20.97 59.76 -87.61
C LYS J 1968 22.04 59.50 -86.57
N LEU J 1969 22.18 58.26 -86.10
CA LEU J 1969 23.11 57.99 -85.02
C LEU J 1969 24.49 57.59 -85.52
N GLN J 1970 24.57 56.94 -86.68
CA GLN J 1970 25.86 56.53 -87.21
C GLN J 1970 26.72 57.71 -87.65
N ALA J 1971 26.12 58.70 -88.32
CA ALA J 1971 26.87 59.88 -88.71
C ALA J 1971 27.29 60.71 -87.51
N ASN J 1972 26.53 60.64 -86.41
CA ASN J 1972 26.93 61.31 -85.18
C ASN J 1972 28.15 60.66 -84.56
N GLN J 1973 28.22 59.32 -84.59
CA GLN J 1973 29.37 58.64 -84.04
C GLN J 1973 30.60 58.82 -84.91
N ARG J 1974 30.46 58.68 -86.23
CA ARG J 1974 31.61 58.74 -87.13
C ARG J 1974 32.18 60.16 -87.21
N SER J 1975 31.34 61.18 -87.01
CA SER J 1975 31.88 62.52 -86.86
C SER J 1975 32.57 62.71 -85.53
N ARG J 1976 32.00 62.14 -84.45
CA ARG J 1976 32.60 62.20 -83.14
C ARG J 1976 33.90 61.41 -83.07
N TYR J 1977 33.97 60.29 -83.78
CA TYR J 1977 35.19 59.51 -83.79
C TYR J 1977 36.30 60.20 -84.59
N ALA J 1978 35.94 60.90 -85.67
CA ALA J 1978 36.93 61.66 -86.42
C ALA J 1978 37.46 62.83 -85.60
N LEU J 1979 36.60 63.45 -84.78
CA LEU J 1979 37.07 64.44 -83.83
C LEU J 1979 37.91 63.81 -82.74
N LEU J 1980 37.59 62.56 -82.37
CA LEU J 1980 38.47 61.82 -81.48
C LEU J 1980 39.76 61.42 -82.18
N MET J 1981 39.70 61.20 -83.49
CA MET J 1981 40.88 60.83 -84.26
C MET J 1981 41.87 61.98 -84.42
N ARG J 1982 41.43 63.22 -84.23
CA ARG J 1982 42.30 64.37 -84.37
C ARG J 1982 42.61 65.04 -83.04
N ALA J 1983 42.11 64.48 -81.94
CA ALA J 1983 42.30 65.04 -80.61
C ALA J 1983 43.55 64.43 -79.99
N PHE J 1984 44.53 65.26 -79.65
CA PHE J 1984 45.76 64.82 -79.03
C PHE J 1984 45.99 65.51 -77.69
N THR J 1985 44.97 66.20 -77.18
CA THR J 1985 45.09 67.00 -75.97
C THR J 1985 45.11 66.16 -74.71
N MET J 1986 44.80 64.86 -74.79
CA MET J 1986 44.80 64.01 -73.63
C MET J 1986 45.20 62.61 -74.05
N SER J 1987 45.73 61.84 -73.10
CA SER J 1987 46.10 60.45 -73.34
C SER J 1987 45.49 59.49 -72.33
N ALA J 1988 45.47 59.84 -71.04
CA ALA J 1988 44.86 58.97 -70.05
C ALA J 1988 43.34 59.03 -70.11
N ALA J 1989 42.79 60.19 -70.46
CA ALA J 1989 41.36 60.32 -70.67
C ALA J 1989 40.96 60.00 -72.10
N GLU J 1990 41.92 59.88 -73.02
CA GLU J 1990 41.60 59.55 -74.40
C GLU J 1990 41.15 58.10 -74.53
N THR J 1991 41.77 57.19 -73.78
CA THR J 1991 41.38 55.79 -73.83
C THR J 1991 40.05 55.53 -73.12
N ALA J 1992 39.65 56.40 -72.19
CA ALA J 1992 38.31 56.32 -71.65
C ALA J 1992 37.27 56.75 -72.68
N ARG J 1993 37.67 57.55 -73.67
CA ARG J 1993 36.83 57.80 -74.82
C ARG J 1993 37.04 56.77 -75.92
N ARG J 1994 38.09 55.96 -75.82
CA ARG J 1994 38.39 54.96 -76.83
C ARG J 1994 37.95 53.56 -76.42
N THR J 1995 37.43 53.38 -75.20
CA THR J 1995 36.90 52.08 -74.82
C THR J 1995 35.62 51.76 -75.58
N ARG J 1996 34.91 52.79 -76.02
CA ARG J 1996 33.63 52.61 -76.67
C ARG J 1996 33.79 52.43 -78.18
N GLU J 1997 34.82 53.05 -78.77
CA GLU J 1997 34.86 53.22 -80.21
C GLU J 1997 35.21 51.92 -80.92
N PHE J 1998 36.30 51.29 -80.54
CA PHE J 1998 36.69 50.02 -81.14
C PHE J 1998 37.06 48.96 -80.13
N ARG J 1999 36.99 49.28 -78.83
CA ARG J 1999 37.36 48.31 -77.82
C ARG J 1999 36.14 47.54 -77.32
N SER J 2000 34.97 48.15 -77.38
CA SER J 2000 33.77 47.46 -76.92
C SER J 2000 33.08 46.78 -78.09
N PRO J 2001 32.31 45.72 -77.85
CA PRO J 2001 31.51 45.14 -78.93
C PRO J 2001 30.36 46.07 -79.31
N PRO J 2002 29.86 45.97 -80.55
CA PRO J 2002 28.78 46.89 -80.98
C PRO J 2002 27.48 46.71 -80.22
N GLN J 2003 27.25 45.53 -79.64
CA GLN J 2003 26.13 45.36 -78.75
C GLN J 2003 26.30 46.21 -77.50
N GLU J 2004 27.52 46.27 -76.96
CA GLU J 2004 27.77 47.08 -75.78
C GLU J 2004 27.79 48.56 -76.09
N GLN J 2005 27.96 48.93 -77.35
CA GLN J 2005 27.93 50.35 -77.71
C GLN J 2005 26.54 50.92 -77.55
N ILE J 2006 25.53 50.24 -78.11
CA ILE J 2006 24.16 50.75 -78.08
C ILE J 2006 23.60 50.72 -76.67
N ASN J 2007 24.02 49.75 -75.86
CA ASN J 2007 23.66 49.74 -74.45
C ASN J 2007 24.24 50.93 -73.72
N MET J 2008 25.49 51.30 -74.04
CA MET J 2008 26.10 52.47 -73.45
C MET J 2008 25.57 53.76 -74.04
N LEU J 2009 25.22 53.76 -75.32
CA LEU J 2009 24.73 54.98 -75.96
C LEU J 2009 23.35 55.39 -75.47
N LEU J 2010 22.53 54.45 -75.02
CA LEU J 2010 21.12 54.70 -74.75
C LEU J 2010 20.84 54.83 -73.27
N HIS J 2011 21.71 55.50 -72.52
CA HIS J 2011 21.62 55.50 -71.08
C HIS J 2011 20.99 56.77 -70.52
N PHE J 2012 20.57 57.70 -71.38
CA PHE J 2012 20.24 59.04 -70.91
C PHE J 2012 18.79 59.17 -70.46
N LYS J 2013 18.36 58.27 -69.58
CA LYS J 2013 17.13 58.45 -68.84
C LYS J 2013 17.49 58.62 -67.38
N ASP J 2014 17.04 59.75 -66.81
CA ASP J 2014 17.32 60.18 -65.42
C ASP J 2014 18.81 60.21 -65.09
N ASP J 2020 26.82 60.16 -68.44
CA ASP J 2020 27.98 59.54 -69.04
C ASP J 2020 27.69 59.11 -70.47
N CYS J 2021 26.97 59.96 -71.21
CA CYS J 2021 26.54 59.63 -72.56
C CYS J 2021 27.23 60.54 -73.56
N PRO J 2022 27.85 60.00 -74.61
CA PRO J 2022 28.53 60.84 -75.61
C PRO J 2022 27.61 61.50 -76.62
N LEU J 2023 26.32 61.50 -76.38
CA LEU J 2023 25.42 62.01 -77.42
C LEU J 2023 25.04 63.46 -77.11
N PRO J 2024 24.85 64.28 -78.14
CA PRO J 2024 24.42 65.66 -77.92
C PRO J 2024 22.97 65.71 -77.44
N GLU J 2025 22.60 66.87 -76.90
CA GLU J 2025 21.26 67.07 -76.37
C GLU J 2025 20.20 67.20 -77.45
N ASP J 2026 20.59 67.43 -78.71
CA ASP J 2026 19.63 67.55 -79.79
C ASP J 2026 18.99 66.21 -80.15
N ILE J 2027 19.79 65.16 -80.31
CA ILE J 2027 19.28 63.87 -80.72
C ILE J 2027 19.12 62.93 -79.53
N ARG J 2028 19.27 63.45 -78.31
CA ARG J 2028 18.91 62.70 -77.12
C ARG J 2028 17.53 63.08 -76.58
N GLN J 2029 16.98 64.19 -77.04
CA GLN J 2029 15.67 64.63 -76.57
C GLN J 2029 14.54 64.10 -77.41
N ASP J 2030 14.73 63.95 -78.72
CA ASP J 2030 13.65 63.52 -79.61
C ASP J 2030 13.26 62.07 -79.35
N LEU J 2031 14.19 61.27 -78.83
CA LEU J 2031 13.85 59.94 -78.36
C LEU J 2031 12.88 60.00 -77.19
N GLN J 2032 13.17 60.87 -76.22
CA GLN J 2032 12.23 61.10 -75.13
C GLN J 2032 10.94 61.76 -75.61
N ASP J 2033 11.04 62.61 -76.65
CA ASP J 2033 9.83 63.11 -77.29
C ASP J 2033 9.07 62.00 -77.98
N PHE J 2034 9.78 61.07 -78.61
CA PHE J 2034 9.15 59.88 -79.15
C PHE J 2034 8.57 58.99 -78.07
N HIS J 2035 9.28 58.89 -76.94
CA HIS J 2035 8.86 57.99 -75.88
C HIS J 2035 7.58 58.49 -75.22
N GLN J 2036 7.40 59.80 -75.16
CA GLN J 2036 6.12 60.31 -74.70
C GLN J 2036 5.03 60.17 -75.74
N ASP J 2037 5.39 60.01 -77.01
CA ASP J 2037 4.37 59.79 -78.04
C ASP J 2037 3.84 58.37 -77.99
N LEU J 2038 4.56 57.47 -77.33
CA LEU J 2038 4.16 56.07 -77.36
C LEU J 2038 3.33 55.69 -76.14
N LEU J 2039 3.68 56.22 -74.97
CA LEU J 2039 2.90 55.90 -73.77
C LEU J 2039 1.52 56.51 -73.85
N ALA J 2040 1.41 57.72 -74.38
CA ALA J 2040 0.10 58.31 -74.65
C ALA J 2040 -0.65 57.56 -75.73
N HIS J 2041 0.07 56.97 -76.69
CA HIS J 2041 -0.58 56.08 -77.65
C HIS J 2041 -1.12 54.84 -76.97
N CYS J 2042 -0.46 54.39 -75.91
CA CYS J 2042 -0.98 53.31 -75.10
C CYS J 2042 -1.92 53.89 -74.05
N GLY J 2043 -2.40 53.04 -73.14
CA GLY J 2043 -3.40 53.44 -72.18
C GLY J 2043 -2.93 54.37 -71.07
N ILE J 2044 -1.62 54.52 -70.90
CA ILE J 2044 -1.11 55.42 -69.87
C ILE J 2044 -1.35 56.86 -70.30
N GLN J 2045 -2.04 57.62 -69.45
CA GLN J 2045 -2.32 59.01 -69.77
C GLN J 2045 -1.06 59.86 -69.74
N LEU J 2046 -0.12 59.50 -68.84
CA LEU J 2046 1.24 60.04 -68.80
C LEU J 2046 1.26 61.56 -68.58
N GLU J 2047 0.69 61.99 -67.45
CA GLU J 2047 0.68 63.40 -67.10
C GLU J 2047 2.06 63.87 -66.67
N PRO J 2091 -17.20 57.70 -74.87
CA PRO J 2091 -15.91 57.02 -74.98
C PRO J 2091 -15.29 57.22 -76.35
N GLN J 2092 -14.26 58.06 -76.42
CA GLN J 2092 -13.61 58.38 -77.70
C GLN J 2092 -12.40 57.51 -77.96
N SER J 2093 -12.21 56.43 -77.21
CA SER J 2093 -11.05 55.58 -77.38
C SER J 2093 -11.52 54.12 -77.47
N LEU J 2094 -10.71 53.30 -78.13
CA LEU J 2094 -11.04 51.89 -78.29
C LEU J 2094 -10.94 51.15 -76.97
N GLN J 2095 -9.87 51.37 -76.22
CA GLN J 2095 -9.74 50.72 -74.92
C GLN J 2095 -10.71 51.29 -73.91
N GLU J 2096 -11.11 52.54 -74.08
CA GLU J 2096 -12.22 53.07 -73.31
C GLU J 2096 -13.53 52.37 -73.65
N LEU J 2097 -13.70 51.98 -74.91
CA LEU J 2097 -14.93 51.31 -75.32
C LEU J 2097 -14.98 49.89 -74.78
N VAL J 2098 -13.89 49.15 -74.91
CA VAL J 2098 -13.87 47.75 -74.55
C VAL J 2098 -14.02 47.58 -73.04
N SER J 2099 -13.30 48.40 -72.27
CA SER J 2099 -13.33 48.30 -70.81
C SER J 2099 -14.70 48.66 -70.26
N HIS J 2100 -15.42 49.54 -70.93
CA HIS J 2100 -16.81 49.74 -70.61
C HIS J 2100 -17.65 48.53 -70.99
N MET J 2101 -17.44 48.01 -72.20
CA MET J 2101 -18.36 47.03 -72.76
C MET J 2101 -18.21 45.68 -72.08
N VAL J 2102 -16.98 45.29 -71.75
CA VAL J 2102 -16.76 43.96 -71.22
C VAL J 2102 -17.26 43.87 -69.78
N VAL J 2103 -17.01 44.91 -69.00
CA VAL J 2103 -17.48 44.94 -67.62
C VAL J 2103 -19.00 44.97 -67.56
N ARG J 2104 -19.63 45.74 -68.45
CA ARG J 2104 -21.09 45.81 -68.50
C ARG J 2104 -21.71 44.49 -68.89
N TRP J 2105 -20.99 43.67 -69.66
CA TRP J 2105 -21.47 42.34 -69.99
C TRP J 2105 -21.51 41.46 -68.75
N ALA J 2106 -20.63 41.69 -67.79
CA ALA J 2106 -20.70 40.93 -66.56
C ALA J 2106 -21.85 41.39 -65.70
N GLN J 2107 -22.23 42.65 -65.79
CA GLN J 2107 -23.38 43.13 -65.03
C GLN J 2107 -24.70 42.73 -65.65
N GLU J 2108 -24.69 42.24 -66.89
CA GLU J 2108 -25.93 41.84 -67.53
C GLU J 2108 -26.50 40.58 -66.89
N ASP J 2109 -25.70 39.53 -66.81
CA ASP J 2109 -26.17 38.27 -66.25
C ASP J 2109 -25.01 37.49 -65.70
N TYR J 2110 -25.32 36.32 -65.15
CA TYR J 2110 -24.29 35.41 -64.68
C TYR J 2110 -23.94 34.44 -65.79
N VAL J 2111 -22.82 34.67 -66.46
CA VAL J 2111 -22.47 33.92 -67.66
C VAL J 2111 -22.02 32.51 -67.27
N GLN J 2112 -22.55 31.50 -67.94
CA GLN J 2112 -22.27 30.12 -67.60
C GLN J 2112 -21.30 29.44 -68.56
N SER J 2113 -21.21 29.89 -69.80
CA SER J 2113 -20.36 29.25 -70.78
C SER J 2113 -18.91 29.59 -70.47
N PRO J 2114 -18.09 28.61 -70.10
CA PRO J 2114 -16.73 28.93 -69.66
C PRO J 2114 -15.83 29.41 -70.77
N GLU J 2115 -16.20 29.18 -72.03
CA GLU J 2115 -15.40 29.71 -73.13
C GLU J 2115 -15.49 31.22 -73.21
N LEU J 2116 -16.69 31.77 -73.05
CA LEU J 2116 -16.87 33.20 -73.18
C LEU J 2116 -16.20 33.96 -72.04
N VAL J 2117 -16.22 33.38 -70.83
CA VAL J 2117 -15.63 34.07 -69.69
C VAL J 2117 -14.11 34.10 -69.81
N ARG J 2118 -13.54 33.18 -70.57
CA ARG J 2118 -12.11 33.27 -70.82
C ARG J 2118 -11.80 34.29 -71.90
N ALA J 2119 -12.63 34.33 -72.94
CA ALA J 2119 -12.38 35.28 -74.00
C ALA J 2119 -12.72 36.70 -73.62
N MET J 2120 -13.55 36.88 -72.58
CA MET J 2120 -13.78 38.23 -72.09
C MET J 2120 -12.55 38.76 -71.37
N PHE J 2121 -12.13 38.06 -70.32
CA PHE J 2121 -11.11 38.58 -69.43
C PHE J 2121 -9.74 38.65 -70.08
N SER J 2122 -9.48 37.77 -71.05
CA SER J 2122 -8.25 37.88 -71.80
C SER J 2122 -8.25 39.10 -72.69
N LEU J 2123 -9.42 39.54 -73.13
CA LEU J 2123 -9.49 40.78 -73.88
C LEU J 2123 -9.30 41.98 -72.96
N LEU J 2124 -9.85 41.90 -71.74
CA LEU J 2124 -9.85 43.06 -70.86
C LEU J 2124 -8.47 43.34 -70.31
N HIS J 2125 -7.74 42.29 -69.92
CA HIS J 2125 -6.37 42.45 -69.44
C HIS J 2125 -5.46 42.96 -70.54
N ARG J 2126 -5.79 42.69 -71.81
CA ARG J 2126 -4.99 43.14 -72.93
C ARG J 2126 -5.02 44.66 -73.08
N GLN J 2127 -6.05 45.33 -72.58
CA GLN J 2127 -6.12 46.77 -72.78
C GLN J 2127 -5.47 47.52 -71.64
N TYR J 2128 -5.58 47.01 -70.42
CA TYR J 2128 -5.11 47.76 -69.27
C TYR J 2128 -3.60 47.71 -69.15
N ASP J 2129 -3.01 46.53 -69.37
CA ASP J 2129 -1.55 46.40 -69.42
C ASP J 2129 -1.14 46.46 -70.90
N GLY J 2130 -1.50 47.57 -71.54
CA GLY J 2130 -1.20 47.78 -72.94
C GLY J 2130 0.29 47.94 -73.19
N LEU J 2131 1.01 48.38 -72.16
CA LEU J 2131 2.47 48.39 -72.23
C LEU J 2131 3.02 46.98 -72.28
N GLY J 2132 2.58 46.11 -71.36
CA GLY J 2132 3.07 44.74 -71.37
C GLY J 2132 2.60 43.94 -72.55
N GLU J 2133 1.46 44.32 -73.13
CA GLU J 2133 1.03 43.70 -74.38
C GLU J 2133 1.97 44.03 -75.51
N LEU J 2134 2.53 45.25 -75.51
CA LEU J 2134 3.53 45.60 -76.50
C LEU J 2134 4.83 44.86 -76.24
N LEU J 2135 5.15 44.65 -74.97
CA LEU J 2135 6.43 44.06 -74.61
C LEU J 2135 6.53 42.60 -75.04
N ARG J 2136 5.50 41.81 -74.75
CA ARG J 2136 5.57 40.37 -74.99
C ARG J 2136 5.61 40.01 -76.47
N ALA J 2137 5.18 40.91 -77.35
CA ALA J 2137 5.31 40.67 -78.77
C ALA J 2137 6.69 40.99 -79.30
N LEU J 2138 7.37 41.95 -78.69
CA LEU J 2138 8.65 42.47 -79.16
C LEU J 2138 9.81 41.48 -79.32
N PRO J 2139 9.89 40.37 -78.59
CA PRO J 2139 10.85 39.33 -78.98
C PRO J 2139 10.56 38.72 -80.34
N ARG J 2140 9.32 38.74 -80.81
CA ARG J 2140 9.02 38.26 -82.15
C ARG J 2140 9.12 39.36 -83.18
N ALA J 2141 9.80 40.46 -82.88
CA ALA J 2141 10.00 41.54 -83.82
C ALA J 2141 11.38 41.41 -84.41
N TYR J 2142 11.47 41.43 -85.74
CA TYR J 2142 12.73 41.36 -86.44
C TYR J 2142 12.70 42.27 -87.65
N THR J 2143 13.88 42.67 -88.10
CA THR J 2143 13.98 43.70 -89.13
C THR J 2143 14.97 43.25 -90.18
N ILE J 2144 14.56 43.20 -91.45
CA ILE J 2144 15.40 42.68 -92.51
C ILE J 2144 15.64 43.78 -93.54
N SER J 2145 16.51 43.47 -94.50
CA SER J 2145 16.88 44.30 -95.62
C SER J 2145 15.88 44.15 -96.77
N PRO J 2146 15.57 45.25 -97.48
CA PRO J 2146 14.61 45.16 -98.58
C PRO J 2146 15.10 44.39 -99.79
N SER J 2147 16.39 44.10 -99.88
CA SER J 2147 16.89 43.26 -100.95
C SER J 2147 16.75 41.78 -100.64
N SER J 2148 16.32 41.43 -99.43
CA SER J 2148 16.19 40.03 -99.03
C SER J 2148 14.75 39.55 -99.02
N VAL J 2149 13.79 40.43 -99.34
CA VAL J 2149 12.38 40.08 -99.26
C VAL J 2149 12.00 39.08 -100.33
N GLU J 2150 12.63 39.16 -101.51
CA GLU J 2150 12.29 38.28 -102.62
C GLU J 2150 12.68 36.82 -102.34
N ASP J 2151 13.58 36.58 -101.39
CA ASP J 2151 13.85 35.23 -100.93
C ASP J 2151 13.19 34.91 -99.60
N THR J 2152 12.83 35.91 -98.81
CA THR J 2152 12.28 35.65 -97.48
C THR J 2152 10.87 35.12 -97.56
N MET J 2153 10.04 35.69 -98.43
CA MET J 2153 8.69 35.16 -98.58
C MET J 2153 8.69 33.82 -99.29
N SER J 2154 9.74 33.53 -100.09
CA SER J 2154 9.91 32.19 -100.60
C SER J 2154 10.30 31.22 -99.50
N LEU J 2155 10.93 31.71 -98.45
CA LEU J 2155 11.23 30.86 -97.30
C LEU J 2155 9.96 30.56 -96.51
N LEU J 2156 9.16 31.59 -96.23
CA LEU J 2156 8.02 31.46 -95.34
C LEU J 2156 6.94 30.54 -95.86
N GLU J 2157 6.74 30.48 -97.18
CA GLU J 2157 5.84 29.49 -97.74
C GLU J 2157 6.37 28.09 -97.54
N CYS J 2158 7.68 27.91 -97.63
CA CYS J 2158 8.27 26.62 -97.34
C CYS J 2158 8.33 26.35 -95.85
N LEU J 2159 8.11 27.37 -95.03
CA LEU J 2159 7.92 27.13 -93.60
C LEU J 2159 6.51 26.63 -93.31
N GLY J 2160 5.51 27.21 -93.98
CA GLY J 2160 4.12 26.94 -93.67
C GLY J 2160 3.68 25.53 -93.91
N GLN J 2161 4.33 24.82 -94.86
CA GLN J 2161 3.96 23.45 -95.14
C GLN J 2161 4.30 22.54 -93.96
N ILE J 2162 5.29 22.94 -93.17
CA ILE J 2162 5.66 22.13 -92.02
C ILE J 2162 4.61 22.25 -90.93
N ARG J 2163 4.15 23.47 -90.67
CA ARG J 2163 3.15 23.69 -89.65
C ARG J 2163 1.80 23.11 -90.04
N SER J 2164 1.52 23.05 -91.32
CA SER J 2164 0.37 22.27 -91.77
C SER J 2164 0.55 20.79 -91.54
N LEU J 2165 1.78 20.30 -91.57
CA LEU J 2165 2.04 18.92 -91.25
C LEU J 2165 2.25 18.68 -89.77
N LEU J 2166 2.11 19.70 -88.94
CA LEU J 2166 2.14 19.48 -87.51
C LEU J 2166 0.88 18.76 -87.04
N ILE J 2167 -0.26 19.05 -87.66
CA ILE J 2167 -1.57 18.65 -87.14
C ILE J 2167 -2.14 17.42 -87.83
N VAL J 2168 -1.46 16.86 -88.81
CA VAL J 2168 -1.95 15.67 -89.49
C VAL J 2168 -1.03 14.51 -89.13
N GLN J 2169 -1.64 13.36 -88.83
CA GLN J 2169 -0.89 12.16 -88.54
C GLN J 2169 -0.14 11.73 -89.79
N MET J 2170 1.15 11.41 -89.61
CA MET J 2170 2.06 11.32 -90.74
C MET J 2170 1.87 10.03 -91.51
N GLY J 2171 1.72 10.16 -92.83
CA GLY J 2171 1.64 9.02 -93.70
C GLY J 2171 2.77 9.05 -94.71
N PRO J 2172 2.81 8.06 -95.61
CA PRO J 2172 3.97 7.91 -96.49
C PRO J 2172 4.06 8.95 -97.59
N GLN J 2173 3.03 9.76 -97.82
CA GLN J 2173 3.14 10.79 -98.84
C GLN J 2173 3.72 12.09 -98.32
N GLU J 2174 3.16 12.63 -97.25
CA GLU J 2174 3.57 13.91 -96.70
C GLU J 2174 4.97 13.87 -96.12
N GLU J 2175 5.47 12.68 -95.80
CA GLU J 2175 6.88 12.50 -95.54
C GLU J 2175 7.72 13.05 -96.69
N ASN J 2176 7.35 12.71 -97.93
CA ASN J 2176 8.05 13.25 -99.08
C ASN J 2176 7.76 14.73 -99.27
N LEU J 2177 6.67 15.22 -98.70
CA LEU J 2177 6.48 16.67 -98.65
C LEU J 2177 7.38 17.30 -97.61
N MET J 2178 7.62 16.61 -96.49
CA MET J 2178 8.43 17.20 -95.45
C MET J 2178 9.90 17.26 -95.82
N ILE J 2179 10.41 16.17 -96.42
CA ILE J 2179 11.81 16.12 -96.82
C ILE J 2179 12.09 17.13 -97.91
N GLN J 2180 11.20 17.23 -98.90
CA GLN J 2180 11.35 18.20 -99.96
C GLN J 2180 11.17 19.62 -99.45
N SER J 2181 10.40 19.79 -98.38
CA SER J 2181 10.35 21.10 -97.73
C SER J 2181 11.69 21.43 -97.07
N ILE J 2182 12.16 20.55 -96.18
CA ILE J 2182 13.37 20.77 -95.42
C ILE J 2182 14.58 20.91 -96.32
N GLY J 2183 14.67 20.07 -97.35
CA GLY J 2183 15.70 20.21 -98.37
C GLY J 2183 15.61 21.48 -99.18
N ASN J 2184 14.49 22.19 -99.12
CA ASN J 2184 14.41 23.50 -99.74
C ASN J 2184 14.61 24.63 -98.74
N ILE J 2185 14.63 24.33 -97.44
CA ILE J 2185 14.98 25.36 -96.48
C ILE J 2185 16.48 25.57 -96.40
N MET J 2186 17.26 24.48 -96.34
CA MET J 2186 18.66 24.56 -96.00
C MET J 2186 19.54 25.04 -97.14
N ASN J 2187 18.96 25.42 -98.27
CA ASN J 2187 19.71 26.08 -99.34
C ASN J 2187 18.95 27.31 -99.79
N ASN J 2188 18.50 28.10 -98.83
CA ASN J 2188 17.72 29.30 -99.11
C ASN J 2188 18.39 30.57 -98.63
N LYS J 2189 19.59 30.48 -98.07
CA LYS J 2189 20.60 31.51 -97.85
C LYS J 2189 20.23 32.55 -96.80
N VAL J 2190 18.99 32.59 -96.32
CA VAL J 2190 18.64 33.57 -95.30
C VAL J 2190 18.57 32.90 -93.95
N PHE J 2191 18.35 31.59 -93.95
CA PHE J 2191 18.42 30.75 -92.76
C PHE J 2191 19.76 30.87 -92.05
N TYR J 2192 20.84 31.14 -92.78
CA TYR J 2192 22.13 31.37 -92.17
C TYR J 2192 22.37 32.80 -91.72
N GLN J 2193 22.10 33.79 -92.57
CA GLN J 2193 22.56 35.13 -92.26
C GLN J 2193 21.69 35.86 -91.25
N HIS J 2194 20.63 35.24 -90.73
CA HIS J 2194 19.85 35.80 -89.63
C HIS J 2194 19.47 34.69 -88.69
N PRO J 2195 20.41 34.19 -87.87
CA PRO J 2195 20.08 33.08 -86.99
C PRO J 2195 19.22 33.46 -85.82
N ASN J 2196 19.14 34.75 -85.50
CA ASN J 2196 18.17 35.20 -84.51
C ASN J 2196 16.75 35.06 -85.03
N LEU J 2197 16.52 35.36 -86.30
CA LEU J 2197 15.19 35.30 -86.89
C LEU J 2197 14.66 33.88 -87.01
N MET J 2198 15.49 32.93 -87.43
CA MET J 2198 15.07 31.54 -87.49
C MET J 2198 14.75 31.01 -86.11
N ARG J 2199 15.49 31.47 -85.11
CA ARG J 2199 15.14 31.14 -83.73
C ARG J 2199 13.88 31.87 -83.29
N ALA J 2200 13.68 33.09 -83.79
CA ALA J 2200 12.52 33.88 -83.42
C ALA J 2200 11.22 33.30 -83.97
N LEU J 2201 11.27 32.66 -85.14
CA LEU J 2201 10.05 32.09 -85.70
C LEU J 2201 9.70 30.75 -85.11
N GLY J 2202 10.49 30.24 -84.18
CA GLY J 2202 10.21 28.95 -83.60
C GLY J 2202 10.41 27.81 -84.57
N MET J 2203 11.24 28.01 -85.59
CA MET J 2203 11.51 26.96 -86.56
C MET J 2203 12.23 25.80 -85.90
N HIS J 2204 13.14 26.08 -84.98
CA HIS J 2204 13.85 25.02 -84.28
C HIS J 2204 12.92 24.27 -83.35
N GLU J 2205 11.87 24.91 -82.87
CA GLU J 2205 10.90 24.17 -82.08
C GLU J 2205 10.05 23.26 -82.96
N THR J 2206 9.64 23.75 -84.13
CA THR J 2206 8.69 23.04 -84.98
C THR J 2206 9.24 21.72 -85.49
N VAL J 2207 10.53 21.68 -85.84
CA VAL J 2207 11.09 20.45 -86.38
C VAL J 2207 11.29 19.43 -85.28
N MET J 2208 11.30 19.86 -84.02
CA MET J 2208 11.41 18.90 -82.95
C MET J 2208 10.13 18.08 -82.78
N GLU J 2209 8.96 18.73 -82.82
CA GLU J 2209 7.73 18.00 -82.53
C GLU J 2209 7.34 17.02 -83.63
N VAL J 2210 7.76 17.26 -84.87
CA VAL J 2210 7.51 16.25 -85.87
C VAL J 2210 8.48 15.08 -85.71
N MET J 2211 9.58 15.26 -84.99
CA MET J 2211 10.35 14.10 -84.57
C MET J 2211 9.78 13.47 -83.31
N VAL J 2212 8.98 14.21 -82.54
CA VAL J 2212 8.36 13.61 -81.36
C VAL J 2212 7.29 12.62 -81.79
N ASN J 2213 6.45 13.02 -82.74
CA ASN J 2213 5.27 12.23 -83.08
C ASN J 2213 5.63 10.93 -83.78
N VAL J 2214 6.77 10.88 -84.44
CA VAL J 2214 7.14 9.68 -85.16
C VAL J 2214 7.77 8.64 -84.24
N LEU J 2215 8.61 9.07 -83.30
CA LEU J 2215 9.19 8.12 -82.37
C LEU J 2215 8.18 7.61 -81.36
N GLY J 2216 7.11 8.36 -81.12
CA GLY J 2216 6.10 7.94 -80.17
C GLY J 2216 6.56 8.08 -78.73
N GLU J 2222 9.09 0.36 -82.62
CA GLU J 2222 9.59 0.20 -83.98
C GLU J 2222 9.43 1.48 -84.77
N ILE J 2223 10.43 1.79 -85.60
CA ILE J 2223 10.45 3.02 -86.38
C ILE J 2223 9.56 2.86 -87.59
N ARG J 2224 8.57 3.74 -87.72
CA ARG J 2224 7.69 3.72 -88.88
C ARG J 2224 8.34 4.29 -90.12
N PHE J 2225 8.97 5.48 -90.01
CA PHE J 2225 9.46 6.21 -91.17
C PHE J 2225 10.88 6.68 -90.91
N PRO J 2226 11.87 5.83 -91.13
CA PRO J 2226 13.25 6.19 -90.79
C PRO J 2226 13.88 7.20 -91.73
N LYS J 2227 13.42 7.24 -92.98
CA LYS J 2227 14.01 8.18 -93.93
C LYS J 2227 13.62 9.60 -93.60
N MET J 2228 12.53 9.79 -92.87
CA MET J 2228 12.18 11.11 -92.38
C MET J 2228 13.10 11.53 -91.24
N VAL J 2229 13.25 10.65 -90.23
CA VAL J 2229 13.84 11.05 -88.97
C VAL J 2229 15.33 11.35 -89.11
N THR J 2230 15.98 10.84 -90.15
CA THR J 2230 17.36 11.22 -90.40
C THR J 2230 17.45 12.66 -90.89
N SER J 2231 16.61 13.03 -91.86
CA SER J 2231 16.74 14.35 -92.45
C SER J 2231 16.28 15.45 -91.49
N CYS J 2232 15.46 15.10 -90.50
CA CYS J 2232 15.15 16.08 -89.48
C CYS J 2232 16.33 16.27 -88.53
N CYS J 2233 16.91 15.18 -88.04
CA CYS J 2233 18.03 15.35 -87.11
C CYS J 2233 19.28 15.82 -87.85
N ARG J 2234 19.35 15.58 -89.17
CA ARG J 2234 20.41 16.20 -89.95
C ARG J 2234 20.24 17.70 -90.01
N PHE J 2235 18.99 18.17 -90.05
CA PHE J 2235 18.75 19.60 -90.09
C PHE J 2235 19.15 20.27 -88.79
N LEU J 2236 18.85 19.62 -87.66
CA LEU J 2236 19.22 20.20 -86.38
C LEU J 2236 20.72 20.23 -86.15
N CYS J 2237 21.43 19.21 -86.60
CA CYS J 2237 22.88 19.21 -86.48
C CYS J 2237 23.50 20.30 -87.33
N TYR J 2238 22.95 20.54 -88.52
CA TYR J 2238 23.40 21.68 -89.30
C TYR J 2238 22.86 22.99 -88.77
N PHE J 2239 21.88 22.94 -87.88
CA PHE J 2239 21.40 24.18 -87.29
C PHE J 2239 22.25 24.59 -86.10
N CYS J 2240 22.75 23.62 -85.33
CA CYS J 2240 23.41 23.90 -84.07
C CYS J 2240 24.74 24.63 -84.22
N ARG J 2241 25.33 24.64 -85.41
CA ARG J 2241 26.61 25.30 -85.63
C ARG J 2241 26.45 26.60 -86.40
N ILE J 2242 25.24 27.12 -86.53
CA ILE J 2242 25.09 28.40 -87.21
C ILE J 2242 25.45 29.55 -86.28
N SER J 2243 24.89 29.55 -85.09
CA SER J 2243 25.34 30.48 -84.06
C SER J 2243 25.40 29.72 -82.74
N ARG J 2244 26.14 30.28 -81.81
CA ARG J 2244 26.32 29.61 -80.52
C ARG J 2244 25.06 29.65 -79.67
N GLN J 2245 24.32 30.75 -79.74
CA GLN J 2245 23.09 30.85 -78.96
C GLN J 2245 21.98 29.97 -79.51
N ASN J 2246 22.05 29.59 -80.78
CA ASN J 2246 21.11 28.59 -81.27
C ASN J 2246 21.42 27.23 -80.68
N GLN J 2247 22.70 26.91 -80.55
CA GLN J 2247 23.10 25.72 -79.81
C GLN J 2247 22.69 25.80 -78.35
N ARG J 2248 22.70 27.00 -77.77
CA ARG J 2248 22.21 27.18 -76.42
C ARG J 2248 20.73 26.82 -76.30
N SER J 2249 19.93 27.19 -77.27
CA SER J 2249 18.51 26.85 -77.24
C SER J 2249 18.29 25.37 -77.44
N MET J 2250 18.95 24.75 -78.41
CA MET J 2250 18.79 23.33 -78.68
C MET J 2250 19.29 22.46 -77.54
N PHE J 2251 20.21 22.98 -76.73
CA PHE J 2251 20.68 22.30 -75.54
C PHE J 2251 19.58 22.03 -74.53
N ASP J 2252 18.55 22.87 -74.49
CA ASP J 2252 17.57 22.82 -73.41
C ASP J 2252 16.65 21.61 -73.52
N HIS J 2253 16.55 20.98 -74.69
CA HIS J 2253 15.73 19.80 -74.84
C HIS J 2253 16.53 18.52 -74.69
N LEU J 2254 17.58 18.54 -73.87
CA LEU J 2254 18.52 17.43 -73.80
C LEU J 2254 17.91 16.17 -73.22
N SER J 2255 17.20 16.28 -72.09
CA SER J 2255 16.68 15.11 -71.41
C SER J 2255 15.65 14.38 -72.23
N TYR J 2256 14.86 15.10 -73.02
CA TYR J 2256 13.99 14.45 -73.98
C TYR J 2256 14.77 13.78 -75.09
N LEU J 2257 15.74 14.50 -75.67
CA LEU J 2257 16.62 13.92 -76.68
C LEU J 2257 17.39 12.73 -76.16
N LEU J 2258 17.72 12.73 -74.87
CA LEU J 2258 18.39 11.62 -74.25
C LEU J 2258 17.50 10.43 -74.04
N GLU J 2259 16.19 10.64 -73.89
CA GLU J 2259 15.28 9.53 -73.59
C GLU J 2259 15.05 8.64 -74.80
N ASN J 2260 15.41 9.12 -75.99
CA ASN J 2260 15.22 8.38 -77.22
C ASN J 2260 16.53 8.12 -77.95
N SER J 2261 17.54 7.63 -77.24
CA SER J 2261 18.79 7.24 -77.89
C SER J 2261 18.61 6.05 -78.81
N GLY J 2262 17.65 5.17 -78.51
CA GLY J 2262 17.39 4.01 -79.33
C GLY J 2262 16.73 4.33 -80.66
N MET J 2267 21.07 1.94 -85.47
CA MET J 2267 20.64 2.00 -86.86
C MET J 2267 21.53 2.90 -87.69
N GLN J 2268 21.55 2.67 -89.01
CA GLN J 2268 22.45 3.40 -89.90
C GLN J 2268 21.97 4.82 -90.12
N GLY J 2269 22.79 5.61 -90.79
CA GLY J 2269 22.50 7.02 -90.99
C GLY J 2269 22.68 7.81 -89.72
N SER J 2270 22.11 9.01 -89.65
CA SER J 2270 22.20 9.81 -88.44
C SER J 2270 21.20 9.34 -87.39
N THR J 2271 21.03 10.15 -86.36
CA THR J 2271 20.35 9.71 -85.16
C THR J 2271 19.93 10.93 -84.34
N PRO J 2272 18.93 10.78 -83.46
CA PRO J 2272 18.65 11.84 -82.48
C PRO J 2272 19.78 12.11 -81.52
N LEU J 2273 20.67 11.15 -81.30
CA LEU J 2273 21.73 11.36 -80.33
C LEU J 2273 22.81 12.26 -80.87
N ASP J 2274 23.05 12.25 -82.18
CA ASP J 2274 24.06 13.15 -82.73
C ASP J 2274 23.59 14.58 -82.74
N VAL J 2275 22.28 14.80 -82.63
CA VAL J 2275 21.78 16.12 -82.30
C VAL J 2275 22.26 16.54 -80.92
N ALA J 2276 22.14 15.63 -79.95
CA ALA J 2276 22.56 15.94 -78.59
C ALA J 2276 24.06 16.12 -78.48
N ALA J 2277 24.82 15.42 -79.32
CA ALA J 2277 26.26 15.61 -79.34
C ALA J 2277 26.64 16.97 -79.90
N ALA J 2278 26.02 17.40 -81.00
CA ALA J 2278 26.31 18.71 -81.56
C ALA J 2278 25.65 19.84 -80.79
N SER J 2279 24.96 19.54 -79.70
CA SER J 2279 24.42 20.59 -78.84
C SER J 2279 25.37 20.96 -77.71
N VAL J 2280 26.46 20.23 -77.51
CA VAL J 2280 27.34 20.50 -76.38
C VAL J 2280 28.80 20.65 -76.83
N ILE J 2281 29.06 20.51 -78.11
CA ILE J 2281 30.43 20.54 -78.62
C ILE J 2281 30.91 21.98 -78.61
N ASP J 2282 32.22 22.15 -78.41
CA ASP J 2282 32.94 23.40 -78.67
C ASP J 2282 32.50 24.56 -77.77
N ASN J 2283 31.98 24.27 -76.58
CA ASN J 2283 31.40 25.32 -75.75
C ASN J 2283 31.60 25.00 -74.28
N ASN J 2284 32.38 25.84 -73.60
CA ASN J 2284 32.59 25.68 -72.18
C ASN J 2284 31.38 26.03 -71.35
N GLU J 2285 30.52 26.91 -71.83
CA GLU J 2285 29.34 27.32 -71.06
C GLU J 2285 28.40 26.16 -70.84
N LEU J 2286 28.02 25.47 -71.91
CA LEU J 2286 27.13 24.34 -71.77
C LEU J 2286 27.78 23.17 -71.04
N ALA J 2287 29.05 22.91 -71.31
CA ALA J 2287 29.71 21.77 -70.69
C ALA J 2287 29.87 21.97 -69.20
N LEU J 2288 30.05 23.22 -68.76
CA LEU J 2288 30.04 23.50 -67.34
C LEU J 2288 28.66 23.41 -66.74
N ALA J 2289 27.62 23.71 -67.51
CA ALA J 2289 26.26 23.73 -67.01
C ALA J 2289 25.53 22.41 -67.24
N LEU J 2290 26.22 21.41 -67.77
CA LEU J 2290 25.62 20.11 -68.00
C LEU J 2290 25.30 19.43 -66.67
N GLN J 2291 24.09 18.91 -66.57
CA GLN J 2291 23.62 18.33 -65.32
C GLN J 2291 24.32 17.01 -65.02
N GLU J 2292 24.14 16.55 -63.78
CA GLU J 2292 24.61 15.22 -63.40
C GLU J 2292 23.56 14.15 -63.69
N GLN J 2293 22.28 14.46 -63.48
CA GLN J 2293 21.22 13.53 -63.84
C GLN J 2293 21.15 13.32 -65.34
N ASP J 2294 21.55 14.31 -66.13
CA ASP J 2294 21.68 14.13 -67.56
C ASP J 2294 22.90 13.32 -67.94
N LEU J 2295 23.79 13.03 -67.01
CA LEU J 2295 24.93 12.18 -67.31
C LEU J 2295 24.67 10.71 -67.00
N GLU J 2296 23.98 10.41 -65.91
CA GLU J 2296 23.74 9.03 -65.52
C GLU J 2296 22.81 8.29 -66.46
N LYS J 2297 22.02 9.01 -67.25
CA LYS J 2297 21.23 8.34 -68.27
C LYS J 2297 22.11 7.84 -69.40
N VAL J 2298 23.23 8.51 -69.66
CA VAL J 2298 24.07 8.12 -70.77
C VAL J 2298 24.80 6.83 -70.46
N VAL J 2299 25.21 6.64 -69.21
CA VAL J 2299 25.93 5.42 -68.87
C VAL J 2299 24.99 4.24 -68.68
N SER J 2300 23.72 4.48 -68.40
CA SER J 2300 22.78 3.38 -68.27
C SER J 2300 22.46 2.75 -69.62
N TYR J 2301 22.52 3.54 -70.70
CA TYR J 2301 22.42 2.93 -72.02
C TYR J 2301 23.75 2.31 -72.42
N LEU J 2302 24.84 2.83 -71.87
CA LEU J 2302 26.12 2.14 -71.97
C LEU J 2302 26.14 0.91 -71.08
N ALA J 2303 25.28 0.85 -70.06
CA ALA J 2303 25.20 -0.34 -69.23
C ALA J 2303 24.56 -1.52 -69.93
N GLY J 2304 23.82 -1.29 -71.02
CA GLY J 2304 23.17 -2.39 -71.70
C GLY J 2304 24.03 -3.07 -72.74
N CYS J 2305 24.82 -2.29 -73.49
CA CYS J 2305 25.48 -2.77 -74.68
C CYS J 2305 26.55 -3.82 -74.41
N GLY J 2306 27.17 -3.80 -73.24
CA GLY J 2306 28.18 -4.80 -72.94
C GLY J 2306 27.64 -6.18 -72.61
N LEU J 2307 26.32 -6.30 -72.46
CA LEU J 2307 25.71 -7.55 -72.04
C LEU J 2307 24.96 -8.25 -73.16
N GLN J 2308 24.42 -7.51 -74.13
CA GLN J 2308 23.68 -8.09 -75.23
C GLN J 2308 24.30 -7.73 -76.56
N SER J 2309 23.82 -8.38 -77.61
CA SER J 2309 24.32 -8.19 -78.96
C SER J 2309 23.43 -7.21 -79.70
N CYS J 2310 23.74 -6.99 -80.98
CA CYS J 2310 22.82 -6.29 -81.86
C CYS J 2310 21.86 -7.31 -82.47
N PRO J 2311 20.55 -7.21 -82.20
CA PRO J 2311 19.61 -8.17 -82.78
C PRO J 2311 19.49 -8.05 -84.29
N MET J 2312 19.77 -6.88 -84.84
CA MET J 2312 19.81 -6.71 -86.28
C MET J 2312 21.00 -7.43 -86.92
N LEU J 2313 22.08 -7.61 -86.17
CA LEU J 2313 23.29 -8.21 -86.74
C LEU J 2313 23.16 -9.72 -86.82
N LEU J 2314 22.56 -10.33 -85.80
CA LEU J 2314 22.29 -11.76 -85.88
C LEU J 2314 21.11 -12.07 -86.77
N ALA J 2315 20.22 -11.09 -86.98
CA ALA J 2315 19.25 -11.19 -88.07
C ALA J 2315 19.92 -11.13 -89.43
N LYS J 2316 21.08 -10.47 -89.52
CA LYS J 2316 21.83 -10.43 -90.77
C LYS J 2316 22.65 -11.68 -91.01
N GLY J 2317 22.68 -12.61 -90.06
CA GLY J 2317 23.39 -13.86 -90.25
C GLY J 2317 24.84 -13.79 -89.85
N TYR J 2318 25.17 -12.84 -89.00
CA TYR J 2318 26.54 -12.65 -88.56
C TYR J 2318 26.87 -13.67 -87.47
N PRO J 2319 28.14 -13.86 -87.15
CA PRO J 2319 28.49 -14.60 -85.93
C PRO J 2319 28.03 -13.88 -84.68
N ASP J 2320 27.84 -14.63 -83.61
CA ASP J 2320 27.31 -14.10 -82.37
C ASP J 2320 28.44 -13.58 -81.49
N ILE J 2321 28.29 -12.35 -81.00
CA ILE J 2321 29.20 -11.75 -80.02
C ILE J 2321 28.34 -11.14 -78.92
N GLY J 2322 28.59 -11.55 -77.68
CA GLY J 2322 27.70 -11.28 -76.56
C GLY J 2322 27.58 -9.82 -76.16
N TRP J 2323 28.46 -8.94 -76.62
CA TRP J 2323 28.43 -7.52 -76.29
C TRP J 2323 28.24 -6.73 -77.58
N ASN J 2324 28.37 -5.41 -77.50
CA ASN J 2324 28.05 -4.59 -78.67
C ASN J 2324 29.25 -3.79 -79.13
N PRO J 2325 30.03 -4.28 -80.08
CA PRO J 2325 31.13 -3.48 -80.63
C PRO J 2325 30.69 -2.38 -81.58
N CYS J 2326 29.42 -2.34 -81.95
CA CYS J 2326 28.96 -1.28 -82.83
C CYS J 2326 28.00 -0.33 -82.13
N GLY J 2327 27.12 -0.86 -81.29
CA GLY J 2327 26.11 -0.01 -80.66
C GLY J 2327 26.66 0.81 -79.51
N GLY J 2328 27.51 0.20 -78.68
CA GLY J 2328 28.12 0.90 -77.58
C GLY J 2328 29.05 2.03 -77.96
N GLU J 2329 29.60 1.98 -79.17
CA GLU J 2329 30.44 3.07 -79.66
C GLU J 2329 29.63 4.29 -80.06
N ARG J 2330 28.29 4.21 -80.03
CA ARG J 2330 27.48 5.39 -80.30
C ARG J 2330 27.22 6.20 -79.04
N TYR J 2331 27.84 5.85 -77.91
CA TYR J 2331 27.76 6.70 -76.75
C TYR J 2331 29.09 7.35 -76.38
N LEU J 2332 30.20 6.67 -76.63
CA LEU J 2332 31.48 7.20 -76.17
C LEU J 2332 31.96 8.33 -77.06
N ASP J 2333 31.60 8.31 -78.33
CA ASP J 2333 31.83 9.46 -79.19
C ASP J 2333 31.02 10.67 -78.76
N PHE J 2334 29.89 10.47 -78.09
CA PHE J 2334 29.20 11.57 -77.45
C PHE J 2334 29.95 12.05 -76.22
N LEU J 2335 30.27 11.13 -75.30
CA LEU J 2335 30.89 11.49 -74.03
C LEU J 2335 32.30 12.00 -74.18
N ARG J 2336 32.99 11.72 -75.30
CA ARG J 2336 34.28 12.34 -75.51
C ARG J 2336 34.13 13.77 -76.01
N PHE J 2337 32.90 14.20 -76.29
CA PHE J 2337 32.64 15.63 -76.40
C PHE J 2337 32.13 16.20 -75.10
N ALA J 2338 31.89 15.36 -74.10
CA ALA J 2338 31.32 15.84 -72.85
C ALA J 2338 32.37 16.31 -71.86
N VAL J 2339 33.63 15.87 -72.01
CA VAL J 2339 34.66 16.25 -71.06
C VAL J 2339 35.86 16.93 -71.70
N PHE J 2340 35.98 16.91 -73.03
CA PHE J 2340 37.14 17.47 -73.70
C PHE J 2340 36.67 18.54 -74.68
N VAL J 2341 37.08 19.78 -74.45
CA VAL J 2341 36.66 20.92 -75.26
C VAL J 2341 37.84 21.83 -75.50
N ASN J 2342 37.94 22.36 -76.73
CA ASN J 2342 38.95 23.34 -77.15
C ASN J 2342 40.37 22.82 -76.96
N GLY J 2343 40.55 21.51 -77.09
CA GLY J 2343 41.83 20.91 -76.80
C GLY J 2343 42.21 20.94 -75.33
N GLU J 2344 41.25 20.85 -74.43
CA GLU J 2344 41.52 20.89 -73.00
C GLU J 2344 40.47 20.04 -72.29
N SER J 2345 40.84 19.52 -71.14
CA SER J 2345 39.90 18.72 -70.35
C SER J 2345 39.17 19.60 -69.35
N VAL J 2346 37.91 19.30 -69.10
CA VAL J 2346 37.22 19.93 -67.99
C VAL J 2346 37.58 19.20 -66.71
N GLU J 2347 37.21 19.81 -65.60
CA GLU J 2347 37.42 19.19 -64.30
C GLU J 2347 36.17 18.61 -63.69
N GLU J 2348 35.10 19.41 -63.61
CA GLU J 2348 33.92 19.02 -62.84
C GLU J 2348 33.15 17.88 -63.48
N ASN J 2349 33.22 17.73 -64.80
CA ASN J 2349 32.58 16.58 -65.42
C ASN J 2349 33.48 15.35 -65.38
N ALA J 2350 34.79 15.55 -65.54
CA ALA J 2350 35.72 14.44 -65.53
C ALA J 2350 35.79 13.78 -64.16
N ASN J 2351 35.59 14.56 -63.11
CA ASN J 2351 35.64 13.98 -61.77
C ASN J 2351 34.33 13.29 -61.41
N VAL J 2352 33.34 13.29 -62.29
CA VAL J 2352 32.07 12.64 -61.96
C VAL J 2352 31.65 11.61 -63.00
N VAL J 2353 32.23 11.65 -64.20
CA VAL J 2353 31.99 10.55 -65.12
C VAL J 2353 32.72 9.28 -64.67
N VAL J 2354 33.92 9.41 -64.11
CA VAL J 2354 34.71 8.23 -63.79
C VAL J 2354 34.30 7.68 -62.45
N ARG J 2355 33.76 8.52 -61.57
CA ARG J 2355 33.17 8.03 -60.33
C ARG J 2355 31.93 7.21 -60.60
N LEU J 2356 31.26 7.48 -61.71
CA LEU J 2356 30.04 6.79 -62.06
C LEU J 2356 30.28 5.63 -63.01
N LEU J 2357 31.34 5.71 -63.82
CA LEU J 2357 31.69 4.64 -64.75
C LEU J 2357 32.19 3.40 -64.02
N ILE J 2358 32.63 3.53 -62.77
CA ILE J 2358 33.10 2.39 -62.02
C ILE J 2358 32.04 1.83 -61.09
N ARG J 2359 30.82 2.33 -61.14
CA ARG J 2359 29.75 1.69 -60.39
C ARG J 2359 29.17 0.51 -61.13
N LYS J 2360 29.26 0.50 -62.45
CA LYS J 2360 28.83 -0.63 -63.26
C LYS J 2360 30.01 -1.09 -64.10
N PRO J 2361 30.86 -1.97 -63.58
CA PRO J 2361 32.06 -2.38 -64.34
C PRO J 2361 31.76 -3.22 -65.57
N GLU J 2362 30.51 -3.62 -65.78
CA GLU J 2362 30.11 -4.20 -67.06
C GLU J 2362 30.19 -3.20 -68.21
N CYS J 2363 30.19 -1.90 -67.91
CA CYS J 2363 30.25 -0.90 -68.97
C CYS J 2363 31.58 -0.91 -69.71
N PHE J 2364 32.65 -1.35 -69.07
CA PHE J 2364 33.89 -1.54 -69.80
C PHE J 2364 33.77 -2.77 -70.69
N GLY J 2365 34.65 -2.87 -71.67
CA GLY J 2365 34.69 -4.03 -72.53
C GLY J 2365 35.14 -5.26 -71.77
N PRO J 2366 34.41 -6.37 -71.94
CA PRO J 2366 34.57 -7.51 -71.02
C PRO J 2366 35.88 -8.26 -71.17
N ALA J 2367 36.67 -8.00 -72.21
CA ALA J 2367 37.99 -8.60 -72.32
C ALA J 2367 38.94 -8.02 -71.27
N LEU J 2368 38.63 -6.81 -70.78
CA LEU J 2368 39.38 -6.23 -69.67
C LEU J 2368 38.52 -6.05 -68.43
N ARG J 2369 37.56 -6.91 -68.19
CA ARG J 2369 36.70 -6.81 -67.02
C ARG J 2369 36.88 -8.00 -66.09
N GLY J 2373 39.50 -11.59 -67.24
CA GLY J 2373 39.83 -10.68 -68.32
C GLY J 2373 41.04 -11.10 -69.12
N SER J 2374 40.98 -10.87 -70.43
CA SER J 2374 42.09 -11.23 -71.31
C SER J 2374 43.02 -10.05 -71.51
N GLY J 2375 44.04 -10.26 -72.33
CA GLY J 2375 44.99 -9.21 -72.61
C GLY J 2375 44.45 -8.18 -73.59
N LEU J 2376 44.84 -6.93 -73.36
CA LEU J 2376 44.38 -5.83 -74.22
C LEU J 2376 45.00 -5.91 -75.60
N LEU J 2377 46.30 -6.19 -75.70
CA LEU J 2377 46.86 -6.54 -77.00
C LEU J 2377 46.30 -7.87 -77.49
N ALA J 2378 46.02 -8.79 -76.57
CA ALA J 2378 45.41 -10.05 -76.95
C ALA J 2378 43.97 -9.90 -77.41
N ALA J 2379 43.25 -8.89 -76.88
CA ALA J 2379 41.91 -8.62 -77.36
C ALA J 2379 41.92 -8.15 -78.81
N ILE J 2380 42.87 -7.26 -79.15
CA ILE J 2380 43.05 -6.88 -80.55
C ILE J 2380 43.65 -8.02 -81.34
N GLU J 2381 44.50 -8.85 -80.71
CA GLU J 2381 44.98 -10.06 -81.38
C GLU J 2381 43.84 -11.05 -81.61
N GLU J 2382 42.90 -11.14 -80.66
CA GLU J 2382 41.66 -11.88 -80.90
C GLU J 2382 40.80 -11.26 -81.99
N ALA J 2383 41.01 -9.98 -82.28
CA ALA J 2383 40.22 -9.33 -83.32
C ALA J 2383 40.80 -9.57 -84.71
N ILE J 2384 42.12 -9.69 -84.81
CA ILE J 2384 42.74 -9.80 -86.13
C ILE J 2384 42.40 -11.14 -86.77
N ARG J 2385 42.31 -12.22 -85.99
CA ARG J 2385 41.92 -13.51 -86.56
C ARG J 2385 40.47 -13.50 -87.03
N ILE J 2386 39.57 -12.97 -86.21
CA ILE J 2386 38.16 -12.97 -86.60
C ILE J 2386 37.86 -11.90 -87.64
N SER J 2387 38.77 -10.95 -87.86
CA SER J 2387 38.59 -10.02 -88.98
C SER J 2387 39.24 -10.54 -90.25
N GLU J 2388 40.39 -11.21 -90.16
CA GLU J 2388 41.01 -11.73 -91.36
C GLU J 2388 40.31 -12.99 -91.86
N ASP J 2389 39.81 -13.82 -90.95
CA ASP J 2389 39.04 -14.98 -91.39
C ASP J 2389 37.60 -14.57 -91.68
N PRO J 2390 37.10 -14.83 -92.89
CA PRO J 2390 35.73 -14.39 -93.22
C PRO J 2390 34.65 -15.19 -92.53
N ALA J 2391 34.93 -16.44 -92.13
CA ALA J 2391 33.95 -17.24 -91.43
C ALA J 2391 33.67 -16.71 -90.04
N ARG J 2392 34.72 -16.30 -89.33
CA ARG J 2392 34.53 -15.64 -88.04
C ARG J 2392 34.15 -14.18 -88.18
N ASP J 2393 34.21 -13.63 -89.39
CA ASP J 2393 33.79 -12.26 -89.64
C ASP J 2393 32.30 -12.21 -89.94
N GLY J 2394 31.73 -11.02 -89.88
CA GLY J 2394 30.31 -10.83 -90.09
C GLY J 2394 29.92 -10.88 -91.55
N PRO J 2395 29.21 -11.95 -91.95
CA PRO J 2395 28.72 -12.10 -93.31
C PRO J 2395 27.21 -12.28 -93.37
N ASN J 2414 26.29 -6.59 -94.60
CA ASN J 2414 27.56 -6.72 -95.30
C ASN J 2414 28.48 -5.56 -94.94
N ARG J 2415 27.88 -4.42 -94.59
CA ARG J 2415 28.66 -3.26 -94.20
C ARG J 2415 29.26 -3.40 -92.82
N VAL J 2416 28.75 -4.32 -92.00
CA VAL J 2416 29.22 -4.47 -90.63
C VAL J 2416 30.08 -5.72 -90.54
N HIS J 2417 31.37 -5.53 -90.30
CA HIS J 2417 32.27 -6.60 -89.92
C HIS J 2417 32.51 -6.50 -88.43
N LEU J 2418 32.41 -7.63 -87.73
CA LEU J 2418 32.55 -7.61 -86.27
C LEU J 2418 33.97 -7.29 -85.87
N GLY J 2419 34.95 -7.74 -86.66
CA GLY J 2419 36.35 -7.50 -86.35
C GLY J 2419 36.76 -6.06 -86.48
N HIS J 2420 36.08 -5.28 -87.31
CA HIS J 2420 36.40 -3.88 -87.44
C HIS J 2420 35.75 -3.03 -86.36
N ALA J 2421 34.75 -3.57 -85.67
CA ALA J 2421 34.04 -2.78 -84.67
C ALA J 2421 34.57 -3.03 -83.27
N ILE J 2422 35.21 -4.16 -83.04
CA ILE J 2422 35.77 -4.43 -81.73
C ILE J 2422 37.03 -3.59 -81.49
N MET J 2423 37.90 -3.47 -82.49
CA MET J 2423 39.05 -2.59 -82.38
C MET J 2423 38.62 -1.12 -82.38
N SER J 2424 37.51 -0.81 -83.04
CA SER J 2424 37.01 0.55 -83.03
C SER J 2424 36.35 0.88 -81.70
N PHE J 2425 35.72 -0.10 -81.05
CA PHE J 2425 35.13 0.15 -79.73
C PHE J 2425 36.20 0.39 -78.70
N TYR J 2426 37.27 -0.41 -78.72
CA TYR J 2426 38.34 -0.21 -77.76
C TYR J 2426 39.18 1.01 -78.12
N ALA J 2427 39.11 1.45 -79.38
CA ALA J 2427 39.62 2.77 -79.71
C ALA J 2427 38.79 3.88 -79.08
N ALA J 2428 37.55 3.58 -78.69
CA ALA J 2428 36.73 4.59 -78.03
C ALA J 2428 36.84 4.56 -76.52
N LEU J 2429 36.98 3.37 -75.93
CA LEU J 2429 37.11 3.28 -74.48
C LEU J 2429 38.46 3.81 -74.01
N ILE J 2430 39.47 3.77 -74.87
CA ILE J 2430 40.78 4.27 -74.48
C ILE J 2430 40.80 5.79 -74.51
N ASP J 2431 40.46 6.41 -75.64
CA ASP J 2431 40.70 7.84 -75.78
C ASP J 2431 39.69 8.69 -75.03
N LEU J 2432 38.60 8.07 -74.56
CA LEU J 2432 37.74 8.76 -73.60
C LEU J 2432 38.49 9.02 -72.31
N LEU J 2433 39.05 7.95 -71.72
CA LEU J 2433 39.73 8.10 -70.44
C LEU J 2433 41.02 8.90 -70.55
N GLY J 2434 41.62 8.94 -71.74
CA GLY J 2434 42.72 9.83 -71.99
C GLY J 2434 42.24 11.27 -71.92
N ARG J 2435 41.03 11.51 -72.41
CA ARG J 2435 40.48 12.86 -72.35
C ARG J 2435 39.75 13.13 -71.05
N CYS J 2436 39.81 12.23 -70.07
CA CYS J 2436 39.39 12.57 -68.72
C CYS J 2436 40.56 12.64 -67.76
N ALA J 2437 41.79 12.46 -68.25
CA ALA J 2437 42.99 12.57 -67.45
C ALA J 2437 43.18 14.00 -66.97
N PRO J 2438 43.39 14.20 -65.67
CA PRO J 2438 43.60 15.55 -65.13
C PRO J 2438 44.87 16.17 -65.71
N GLU J 2439 44.79 17.47 -65.94
CA GLU J 2439 45.84 18.17 -66.66
C GLU J 2439 47.09 18.30 -65.79
N MET J 2440 48.21 18.56 -66.47
CA MET J 2440 49.53 18.48 -65.88
C MET J 2440 49.76 19.51 -64.80
N HIS J 2441 49.27 20.74 -64.99
CA HIS J 2441 49.45 21.80 -64.02
C HIS J 2441 48.71 21.53 -62.72
N LEU J 2442 47.65 20.74 -62.74
CA LEU J 2442 47.03 20.31 -61.50
C LEU J 2442 47.79 19.16 -60.86
N ILE J 2443 48.67 18.50 -61.61
CA ILE J 2443 49.49 17.46 -61.01
C ILE J 2443 50.70 18.08 -60.33
N GLN J 2444 51.18 19.21 -60.85
CA GLN J 2444 52.24 19.96 -60.18
C GLN J 2444 51.79 20.50 -58.84
N ALA J 2445 50.52 20.86 -58.71
CA ALA J 2445 49.96 21.14 -57.41
C ALA J 2445 49.57 19.83 -56.74
N GLY J 2446 49.43 19.87 -55.43
CA GLY J 2446 49.11 18.66 -54.69
C GLY J 2446 47.64 18.44 -54.51
N LYS J 2447 46.87 18.55 -55.59
CA LYS J 2447 45.44 18.29 -55.52
C LYS J 2447 45.22 16.79 -55.36
N GLY J 2448 44.93 16.37 -54.13
CA GLY J 2448 44.79 14.97 -53.80
C GLY J 2448 43.64 14.27 -54.49
N GLU J 2449 42.54 14.99 -54.73
CA GLU J 2449 41.46 14.45 -55.55
C GLU J 2449 41.91 14.24 -56.98
N ALA J 2450 42.63 15.21 -57.54
CA ALA J 2450 43.05 15.12 -58.94
C ALA J 2450 44.09 14.03 -59.13
N LEU J 2451 44.91 13.76 -58.12
CA LEU J 2451 45.86 12.67 -58.25
C LEU J 2451 45.26 11.34 -57.86
N ARG J 2452 44.11 11.34 -57.19
CA ARG J 2452 43.40 10.09 -56.93
C ARG J 2452 42.89 9.49 -58.23
N ILE J 2453 42.39 10.33 -59.12
CA ILE J 2453 41.92 9.86 -60.42
C ILE J 2453 43.07 9.35 -61.27
N ARG J 2454 44.21 10.08 -61.23
CA ARG J 2454 45.37 9.67 -62.04
C ARG J 2454 45.97 8.39 -61.53
N ALA J 2455 45.71 8.03 -60.27
CA ALA J 2455 46.01 6.69 -59.81
C ALA J 2455 45.13 5.66 -60.47
N ILE J 2456 43.83 5.94 -60.58
CA ILE J 2456 42.85 4.92 -60.97
C ILE J 2456 43.02 4.52 -62.43
N LEU J 2457 43.17 5.52 -63.31
CA LEU J 2457 43.36 5.24 -64.73
C LEU J 2457 44.68 4.53 -65.01
N ARG J 2458 45.73 4.86 -64.26
CA ARG J 2458 46.99 4.15 -64.41
C ARG J 2458 46.89 2.75 -63.80
N SER J 2459 46.08 2.60 -62.75
CA SER J 2459 45.86 1.30 -62.14
C SER J 2459 45.10 0.34 -63.04
N LEU J 2460 44.23 0.85 -63.90
CA LEU J 2460 43.38 -0.03 -64.70
C LEU J 2460 44.16 -0.72 -65.81
N VAL J 2461 45.03 0.02 -66.48
CA VAL J 2461 45.60 -0.42 -67.75
C VAL J 2461 47.08 -0.72 -67.55
N PRO J 2462 47.57 -1.86 -67.99
CA PRO J 2462 49.02 -2.10 -68.02
C PRO J 2462 49.65 -1.37 -69.20
N LEU J 2463 50.83 -0.83 -68.93
CA LEU J 2463 51.52 0.00 -69.91
C LEU J 2463 52.05 -0.84 -71.07
N ASP J 2464 52.54 -2.04 -70.79
CA ASP J 2464 53.17 -2.84 -71.83
C ASP J 2464 52.13 -3.46 -72.77
N ASP J 2465 50.85 -3.47 -72.38
CA ASP J 2465 49.80 -3.85 -73.31
C ASP J 2465 49.72 -2.87 -74.46
N LEU J 2466 49.91 -1.58 -74.17
CA LEU J 2466 49.91 -0.55 -75.19
C LEU J 2466 51.07 -0.68 -76.16
N VAL J 2467 52.21 -1.15 -75.66
CA VAL J 2467 53.44 -1.15 -76.46
C VAL J 2467 53.36 -2.20 -77.57
N GLY J 2468 52.73 -3.35 -77.31
CA GLY J 2468 52.49 -4.28 -78.38
C GLY J 2468 51.43 -3.78 -79.35
N ILE J 2469 50.52 -2.95 -78.86
CA ILE J 2469 49.53 -2.34 -79.74
C ILE J 2469 50.15 -1.22 -80.55
N ILE J 2470 51.05 -0.45 -79.92
CA ILE J 2470 51.66 0.69 -80.61
C ILE J 2470 52.70 0.26 -81.63
N SER J 2471 53.06 -1.01 -81.66
CA SER J 2471 54.15 -1.48 -82.51
C SER J 2471 53.75 -2.57 -83.50
N LEU J 2472 52.47 -2.89 -83.59
CA LEU J 2472 52.05 -3.97 -84.48
C LEU J 2472 52.01 -3.48 -85.92
N PRO J 2473 52.68 -4.16 -86.84
CA PRO J 2473 52.76 -3.65 -88.22
C PRO J 2473 51.48 -3.90 -89.02
N LEU J 2474 51.34 -3.17 -90.12
CA LEU J 2474 50.08 -3.10 -90.85
C LEU J 2474 50.27 -3.51 -92.31
N GLN J 2475 49.15 -3.88 -92.93
CA GLN J 2475 49.15 -4.26 -94.34
C GLN J 2475 49.24 -3.01 -95.20
N ILE J 2476 50.46 -2.58 -95.49
CA ILE J 2476 50.73 -1.41 -96.31
C ILE J 2476 50.28 -1.69 -97.74
N PRO J 2477 49.64 -0.73 -98.42
CA PRO J 2477 49.21 -0.97 -99.80
C PRO J 2477 50.33 -0.73 -100.80
N THR J 2478 50.55 -1.70 -101.67
CA THR J 2478 51.49 -1.58 -102.78
C THR J 2478 51.03 -2.53 -103.89
N LEU J 2479 51.88 -2.73 -104.88
CA LEU J 2479 51.57 -3.63 -105.98
C LEU J 2479 52.02 -5.05 -105.66
N VAL J 2486 47.88 -3.52 -105.05
CA VAL J 2486 46.72 -4.01 -104.33
C VAL J 2486 46.44 -3.04 -103.16
N GLN J 2487 45.16 -2.92 -102.77
CA GLN J 2487 44.75 -2.06 -101.68
C GLN J 2487 43.89 -2.87 -100.72
N PRO J 2488 44.26 -2.97 -99.44
CA PRO J 2488 43.47 -3.73 -98.48
C PRO J 2488 42.20 -2.98 -98.10
N LYS J 2489 41.36 -3.63 -97.31
CA LYS J 2489 40.06 -3.08 -96.94
C LYS J 2489 40.15 -2.31 -95.65
N MET J 2490 39.64 -1.08 -95.66
CA MET J 2490 39.69 -0.22 -94.49
C MET J 2490 38.74 -0.69 -93.39
N SER J 2491 37.52 -1.06 -93.74
CA SER J 2491 36.52 -1.40 -92.74
C SER J 2491 36.50 -2.89 -92.40
N ALA J 2492 37.62 -3.58 -92.58
CA ALA J 2492 37.74 -4.94 -92.07
C ALA J 2492 39.12 -5.22 -91.49
N SER J 2493 40.00 -4.22 -91.43
CA SER J 2493 41.39 -4.45 -91.04
C SER J 2493 41.80 -3.36 -90.06
N PHE J 2494 43.09 -3.35 -89.72
CA PHE J 2494 43.63 -2.39 -88.77
C PHE J 2494 43.72 -1.01 -89.40
N VAL J 2495 43.34 0.02 -88.66
CA VAL J 2495 43.42 1.38 -89.17
C VAL J 2495 44.43 2.15 -88.33
N PRO J 2496 45.02 3.22 -88.85
CA PRO J 2496 45.90 4.05 -88.01
C PRO J 2496 45.15 4.80 -86.92
N ASP J 2497 43.83 4.94 -87.07
CA ASP J 2497 43.02 5.54 -86.02
C ASP J 2497 42.88 4.64 -84.81
N HIS J 2498 43.14 3.34 -84.95
CA HIS J 2498 43.21 2.47 -83.78
C HIS J 2498 44.45 2.80 -82.95
N LYS J 2499 45.57 3.08 -83.62
CA LYS J 2499 46.77 3.48 -82.91
C LYS J 2499 46.66 4.89 -82.34
N ALA J 2500 45.87 5.74 -82.99
CA ALA J 2500 45.76 7.13 -82.57
C ALA J 2500 45.07 7.30 -81.23
N SER J 2501 44.24 6.35 -80.83
CA SER J 2501 43.61 6.43 -79.52
C SER J 2501 44.59 6.10 -78.41
N MET J 2502 45.46 5.13 -78.66
CA MET J 2502 46.33 4.62 -77.60
C MET J 2502 47.43 5.61 -77.23
N VAL J 2503 48.00 6.29 -78.22
CA VAL J 2503 49.09 7.23 -77.98
C VAL J 2503 48.63 8.41 -77.14
N LEU J 2504 47.35 8.79 -77.26
CA LEU J 2504 46.80 9.85 -76.42
C LEU J 2504 46.66 9.40 -74.97
N PHE J 2505 46.53 8.09 -74.72
CA PHE J 2505 46.34 7.65 -73.35
C PHE J 2505 47.64 7.70 -72.57
N LEU J 2506 48.72 7.17 -73.15
CA LEU J 2506 49.99 7.14 -72.44
C LEU J 2506 50.59 8.54 -72.32
N ASP J 2507 50.37 9.40 -73.31
CA ASP J 2507 50.90 10.74 -73.27
C ASP J 2507 50.11 11.68 -72.37
N ARG J 2508 49.11 11.18 -71.66
CA ARG J 2508 48.30 12.03 -70.80
C ARG J 2508 48.11 11.49 -69.40
N VAL J 2509 48.34 10.21 -69.16
CA VAL J 2509 48.18 9.70 -67.80
C VAL J 2509 49.41 8.93 -67.31
N TYR J 2510 50.24 8.42 -68.23
CA TYR J 2510 51.42 7.66 -67.82
C TYR J 2510 52.69 8.49 -67.98
N GLY J 2511 52.94 9.05 -69.16
CA GLY J 2511 54.02 9.99 -69.32
C GLY J 2511 55.32 9.38 -69.75
N ILE J 2512 56.13 10.16 -70.47
CA ILE J 2512 57.45 9.76 -70.91
C ILE J 2512 58.48 10.46 -70.04
N GLU J 2513 59.17 9.70 -69.20
CA GLU J 2513 60.08 10.29 -68.22
C GLU J 2513 61.53 10.26 -68.64
N ASN J 2514 62.10 9.07 -68.85
CA ASN J 2514 63.51 8.85 -69.03
C ASN J 2514 63.84 8.58 -70.50
N GLN J 2515 65.12 8.64 -70.83
CA GLN J 2515 65.56 8.51 -72.21
C GLN J 2515 65.48 7.10 -72.74
N ASP J 2516 65.65 6.09 -71.90
CA ASP J 2516 65.63 4.71 -72.38
C ASP J 2516 64.22 4.26 -72.77
N PHE J 2517 63.23 4.57 -71.94
CA PHE J 2517 61.86 4.17 -72.22
C PHE J 2517 61.28 4.99 -73.38
N LEU J 2518 61.79 6.21 -73.56
CA LEU J 2518 61.55 6.94 -74.80
C LEU J 2518 62.08 6.17 -76.00
N LEU J 2519 63.35 5.76 -75.93
CA LEU J 2519 63.93 5.00 -77.03
C LEU J 2519 63.50 3.55 -77.02
N HIS J 2520 62.82 3.07 -75.97
CA HIS J 2520 62.33 1.71 -75.95
C HIS J 2520 61.23 1.50 -76.99
N VAL J 2521 60.17 2.30 -76.93
CA VAL J 2521 59.09 2.12 -77.89
C VAL J 2521 59.39 2.78 -79.22
N LEU J 2522 60.49 3.53 -79.30
CA LEU J 2522 60.76 4.34 -80.49
C LEU J 2522 61.11 3.51 -81.70
N ASP J 2523 62.03 2.55 -81.56
CA ASP J 2523 62.47 1.78 -82.71
C ASP J 2523 61.47 0.68 -83.04
N VAL J 2524 60.72 0.23 -82.03
CA VAL J 2524 59.81 -0.89 -82.23
C VAL J 2524 58.55 -0.47 -82.97
N GLY J 2525 57.98 0.68 -82.66
CA GLY J 2525 56.71 1.04 -83.23
C GLY J 2525 56.76 1.78 -84.54
N PHE J 2526 57.49 2.88 -84.56
CA PHE J 2526 57.21 3.96 -85.48
C PHE J 2526 58.13 4.04 -86.68
N LEU J 2527 59.42 3.77 -86.49
CA LEU J 2527 60.34 3.56 -87.60
C LEU J 2527 59.98 2.38 -88.51
N PRO J 2528 59.26 1.33 -88.05
CA PRO J 2528 58.55 0.49 -89.01
C PRO J 2528 57.52 1.23 -89.83
N ASP J 2529 56.76 2.12 -89.20
CA ASP J 2529 55.66 2.78 -89.87
C ASP J 2529 56.13 3.98 -90.69
N MET J 2530 57.14 4.70 -90.18
CA MET J 2530 57.69 5.87 -90.86
C MET J 2530 58.26 5.53 -92.23
N ARG J 2531 59.07 4.49 -92.32
CA ARG J 2531 59.59 4.09 -93.61
C ARG J 2531 58.54 3.35 -94.43
N ALA J 2532 57.52 2.78 -93.78
CA ALA J 2532 56.35 2.33 -94.53
C ALA J 2532 55.60 3.53 -95.10
N ALA J 2533 55.57 4.64 -94.36
CA ALA J 2533 55.01 5.87 -94.90
C ALA J 2533 55.95 6.53 -95.88
N ALA J 2534 57.27 6.48 -95.64
CA ALA J 2534 58.24 7.04 -96.57
C ALA J 2534 58.35 6.21 -97.84
N SER J 2535 57.85 4.98 -97.84
CA SER J 2535 57.85 4.14 -99.02
C SER J 2535 56.93 4.66 -100.12
N LEU J 2536 55.74 5.16 -99.76
CA LEU J 2536 54.72 5.46 -100.74
C LEU J 2536 54.77 6.90 -101.24
N ASP J 2537 55.90 7.58 -101.06
CA ASP J 2537 56.04 8.95 -101.54
C ASP J 2537 56.23 8.99 -103.06
N THR J 2544 47.43 7.54 -102.84
CA THR J 2544 47.39 6.22 -102.23
C THR J 2544 46.50 6.28 -100.98
N GLU J 2545 45.69 5.24 -100.77
CA GLU J 2545 44.55 5.34 -99.87
C GLU J 2545 44.94 5.32 -98.39
N MET J 2546 45.55 4.24 -97.90
CA MET J 2546 45.89 4.21 -96.48
C MET J 2546 47.15 5.00 -96.18
N ALA J 2547 47.86 5.43 -97.23
CA ALA J 2547 48.92 6.41 -97.05
C ALA J 2547 48.39 7.72 -96.49
N LEU J 2548 47.20 8.13 -96.92
CA LEU J 2548 46.57 9.32 -96.36
C LEU J 2548 45.76 9.02 -95.12
N ALA J 2549 45.50 7.74 -94.82
CA ALA J 2549 44.94 7.39 -93.53
C ALA J 2549 45.99 7.36 -92.45
N LEU J 2550 47.26 7.35 -92.84
CA LEU J 2550 48.35 7.26 -91.90
C LEU J 2550 49.22 8.51 -91.89
N ASN J 2551 49.23 9.28 -92.98
CA ASN J 2551 49.93 10.56 -93.00
C ASN J 2551 49.38 11.51 -91.95
N ARG J 2552 48.06 11.67 -91.91
CA ARG J 2552 47.44 12.51 -90.88
C ARG J 2552 47.52 11.88 -89.50
N TYR J 2553 47.66 10.55 -89.42
CA TYR J 2553 47.82 9.93 -88.12
C TYR J 2553 49.16 10.27 -87.51
N LEU J 2554 50.22 10.26 -88.33
CA LEU J 2554 51.54 10.59 -87.81
C LEU J 2554 51.65 12.05 -87.43
N CYS J 2555 51.12 12.93 -88.27
CA CYS J 2555 51.25 14.37 -88.04
C CYS J 2555 50.33 14.90 -86.95
N LEU J 2556 49.48 14.06 -86.36
CA LEU J 2556 48.56 14.50 -85.32
C LEU J 2556 48.67 13.70 -84.03
N ALA J 2557 49.43 12.61 -84.01
CA ALA J 2557 49.49 11.80 -82.81
C ALA J 2557 50.90 11.62 -82.25
N VAL J 2558 51.86 11.26 -83.10
CA VAL J 2558 53.18 10.89 -82.59
C VAL J 2558 54.20 12.03 -82.73
N LEU J 2559 54.30 12.71 -83.86
CA LEU J 2559 55.23 13.82 -84.05
C LEU J 2559 55.05 14.99 -83.07
N PRO J 2560 53.84 15.24 -82.51
CA PRO J 2560 53.80 16.01 -81.26
C PRO J 2560 54.53 15.36 -80.10
N LEU J 2561 54.34 14.06 -79.88
CA LEU J 2561 54.89 13.40 -78.70
C LEU J 2561 56.41 13.30 -78.79
N ILE J 2562 56.95 13.23 -80.01
CA ILE J 2562 58.39 13.34 -80.20
C ILE J 2562 58.88 14.71 -79.77
N THR J 2563 58.19 15.76 -80.22
CA THR J 2563 58.58 17.11 -79.85
C THR J 2563 58.27 17.44 -78.40
N LYS J 2564 57.49 16.59 -77.71
CA LYS J 2564 57.39 16.73 -76.26
C LYS J 2564 58.66 16.26 -75.58
N CYS J 2565 59.40 15.34 -76.21
CA CYS J 2565 60.58 14.74 -75.60
C CYS J 2565 61.85 14.99 -76.41
N ALA J 2566 61.88 16.08 -77.15
CA ALA J 2566 63.05 16.38 -77.98
C ALA J 2566 64.28 16.82 -77.18
N PRO J 2567 64.18 17.58 -76.07
CA PRO J 2567 65.38 17.72 -75.22
C PRO J 2567 65.68 16.50 -74.38
N LEU J 2568 64.86 15.46 -74.41
CA LEU J 2568 65.25 14.22 -73.76
C LEU J 2568 66.23 13.42 -74.61
N PHE J 2569 66.44 13.80 -75.88
CA PHE J 2569 67.41 13.15 -76.75
C PHE J 2569 68.83 13.67 -76.59
N ALA J 2570 69.16 14.30 -75.47
CA ALA J 2570 70.48 14.89 -75.30
C ALA J 2570 71.50 13.79 -75.01
N GLY J 2571 72.57 13.77 -75.80
CA GLY J 2571 73.66 12.85 -75.55
C GLY J 2571 73.37 11.41 -75.88
N THR J 2572 73.18 11.09 -77.16
CA THR J 2572 72.97 9.70 -77.57
C THR J 2572 74.26 9.05 -78.03
N GLU J 2573 75.18 8.86 -77.09
CA GLU J 2573 76.27 7.92 -77.26
C GLU J 2573 75.84 6.49 -76.95
N HIS J 2574 74.61 6.31 -76.45
CA HIS J 2574 74.05 4.98 -76.29
C HIS J 2574 73.87 4.30 -77.64
N ARG J 2575 73.46 5.06 -78.63
CA ARG J 2575 73.07 4.50 -79.93
C ARG J 2575 73.11 5.63 -80.95
N ALA J 2576 73.64 5.34 -82.13
CA ALA J 2576 73.77 6.35 -83.18
C ALA J 2576 73.40 5.84 -84.56
N ILE J 2577 72.84 4.63 -84.67
CA ILE J 2577 72.43 4.08 -85.95
C ILE J 2577 70.93 4.24 -86.17
N MET J 2578 70.11 3.87 -85.18
CA MET J 2578 68.66 4.09 -85.23
C MET J 2578 68.33 5.56 -85.38
N VAL J 2579 69.05 6.44 -84.70
CA VAL J 2579 68.82 7.87 -84.86
C VAL J 2579 69.37 8.35 -86.20
N ASP J 2580 70.29 7.60 -86.81
CA ASP J 2580 70.80 8.00 -88.12
C ASP J 2580 69.80 7.65 -89.21
N SER J 2581 69.14 6.50 -89.08
CA SER J 2581 68.07 6.13 -90.00
C SER J 2581 66.83 6.98 -89.78
N MET J 2582 66.51 7.29 -88.54
CA MET J 2582 65.33 8.10 -88.24
C MET J 2582 65.50 9.54 -88.73
N LEU J 2583 66.71 10.09 -88.64
CA LEU J 2583 66.97 11.43 -89.13
C LEU J 2583 66.87 11.53 -90.65
N HIS J 2584 67.08 10.43 -91.36
CA HIS J 2584 66.94 10.47 -92.81
C HIS J 2584 65.50 10.37 -93.26
N THR J 2585 64.72 9.45 -92.67
CA THR J 2585 63.34 9.25 -93.12
C THR J 2585 62.43 10.40 -92.74
N VAL J 2586 62.83 11.22 -91.78
CA VAL J 2586 62.14 12.47 -91.53
C VAL J 2586 62.31 13.41 -92.72
N TYR J 2587 63.54 13.61 -93.17
CA TYR J 2587 63.76 14.47 -94.32
C TYR J 2587 63.35 13.79 -95.62
N ARG J 2588 63.22 12.47 -95.62
CA ARG J 2588 62.55 11.81 -96.73
C ARG J 2588 61.07 12.17 -96.76
N LEU J 2589 60.45 12.31 -95.60
CA LEU J 2589 59.06 12.74 -95.53
C LEU J 2589 58.92 14.26 -95.59
N SER J 2590 60.02 15.00 -95.69
CA SER J 2590 59.96 16.45 -95.75
C SER J 2590 59.34 16.94 -97.05
N ARG J 2591 59.78 16.43 -98.19
CA ARG J 2591 59.19 16.76 -99.48
C ARG J 2591 58.43 15.54 -99.96
N GLY J 2592 57.23 15.76 -100.48
CA GLY J 2592 56.39 14.66 -100.91
C GLY J 2592 55.20 15.19 -101.69
N ARG J 2593 54.50 14.28 -102.37
CA ARG J 2593 53.36 14.68 -103.17
C ARG J 2593 52.04 14.58 -102.41
N SER J 2594 51.97 13.72 -101.40
CA SER J 2594 50.72 13.43 -100.72
C SER J 2594 50.62 14.10 -99.34
N LEU J 2595 51.09 15.33 -99.20
CA LEU J 2595 51.02 16.04 -97.93
C LEU J 2595 50.65 17.50 -98.16
N THR J 2596 50.00 18.09 -97.16
CA THR J 2596 49.54 19.47 -97.25
C THR J 2596 50.49 20.43 -96.54
N LYS J 2597 50.11 21.70 -96.52
CA LYS J 2597 50.81 22.71 -95.76
C LYS J 2597 50.76 22.43 -94.26
N ALA J 2598 49.63 21.90 -93.78
CA ALA J 2598 49.46 21.65 -92.36
C ALA J 2598 50.30 20.48 -91.89
N GLN J 2599 50.28 19.37 -92.61
CA GLN J 2599 50.99 18.18 -92.16
C GLN J 2599 52.50 18.35 -92.28
N ARG J 2600 52.96 19.05 -93.32
CA ARG J 2600 54.40 19.27 -93.49
C ARG J 2600 54.94 20.27 -92.47
N ASP J 2601 54.11 21.19 -91.98
CA ASP J 2601 54.59 22.13 -90.99
C ASP J 2601 54.76 21.47 -89.62
N VAL J 2602 54.08 20.35 -89.39
CA VAL J 2602 54.33 19.56 -88.19
C VAL J 2602 55.70 18.92 -88.26
N ILE J 2603 56.05 18.39 -89.44
CA ILE J 2603 57.30 17.66 -89.60
C ILE J 2603 58.48 18.61 -89.62
N GLU J 2604 58.34 19.74 -90.33
CA GLU J 2604 59.42 20.71 -90.40
C GLU J 2604 59.67 21.37 -89.05
N ASP J 2605 58.64 21.45 -88.20
CA ASP J 2605 58.87 21.85 -86.83
C ASP J 2605 59.40 20.70 -85.98
N CYS J 2606 59.09 19.47 -86.37
CA CYS J 2606 59.64 18.31 -85.66
C CYS J 2606 61.10 18.10 -86.02
N LEU J 2607 61.50 18.54 -87.21
CA LEU J 2607 62.89 18.36 -87.64
C LEU J 2607 63.84 19.27 -86.90
N MET J 2608 63.55 20.58 -86.87
CA MET J 2608 64.44 21.54 -86.23
C MET J 2608 64.40 21.39 -84.71
N ALA J 2609 63.33 20.79 -84.19
CA ALA J 2609 63.30 20.42 -82.78
C ALA J 2609 64.23 19.24 -82.49
N LEU J 2610 64.57 18.47 -83.52
CA LEU J 2610 65.54 17.40 -83.34
C LEU J 2610 66.93 17.80 -83.81
N CYS J 2611 67.05 18.86 -84.61
CA CYS J 2611 68.36 19.40 -84.96
C CYS J 2611 69.09 19.95 -83.74
N ARG J 2612 68.35 20.40 -82.73
CA ARG J 2612 68.90 20.76 -81.44
C ARG J 2612 68.76 19.56 -80.50
N TYR J 2613 69.37 19.68 -79.32
CA TYR J 2613 69.32 18.71 -78.23
C TYR J 2613 69.96 17.38 -78.62
N ILE J 2614 71.00 17.45 -79.44
CA ILE J 2614 71.83 16.31 -79.79
C ILE J 2614 73.17 16.86 -80.27
N ARG J 2615 74.26 16.14 -79.96
CA ARG J 2615 75.59 16.63 -80.23
C ARG J 2615 75.88 16.65 -81.73
N PRO J 2616 76.64 17.63 -82.23
CA PRO J 2616 76.94 17.69 -83.67
C PRO J 2616 77.88 16.61 -84.20
N SER J 2617 78.24 15.62 -83.39
CA SER J 2617 78.84 14.40 -83.91
C SER J 2617 77.92 13.69 -84.88
N MET J 2618 76.68 13.41 -84.48
CA MET J 2618 75.74 12.69 -85.34
C MET J 2618 75.01 13.58 -86.33
N LEU J 2619 75.15 14.90 -86.22
CA LEU J 2619 74.51 15.85 -87.14
C LEU J 2619 75.00 15.74 -88.57
N GLN J 2620 76.26 15.38 -88.80
CA GLN J 2620 76.79 15.40 -90.17
C GLN J 2620 76.33 14.21 -90.99
N HIS J 2621 75.57 13.29 -90.38
CA HIS J 2621 75.04 12.15 -91.11
C HIS J 2621 74.03 12.56 -92.18
N LEU J 2622 73.31 13.66 -91.96
CA LEU J 2622 72.41 14.17 -92.98
C LEU J 2622 72.98 15.38 -93.70
N LEU J 2623 73.94 16.07 -93.08
CA LEU J 2623 74.54 17.25 -93.68
C LEU J 2623 75.35 16.91 -94.92
N ARG J 2624 75.84 15.67 -95.00
CA ARG J 2624 76.42 15.17 -96.24
C ARG J 2624 75.36 15.05 -97.33
N ARG J 2625 74.10 14.80 -96.95
CA ARG J 2625 73.06 14.55 -97.92
C ARG J 2625 72.37 15.84 -98.34
N LEU J 2626 72.34 16.84 -97.46
CA LEU J 2626 71.65 18.09 -97.77
C LEU J 2626 72.43 18.92 -98.80
N VAL J 2627 73.73 19.11 -98.58
CA VAL J 2627 74.55 19.91 -99.50
C VAL J 2627 74.72 19.25 -100.85
N PHE J 2628 74.40 17.97 -100.96
CA PHE J 2628 74.21 17.34 -102.26
C PHE J 2628 73.05 17.96 -103.04
N ASP J 2629 71.96 18.30 -102.35
CA ASP J 2629 70.71 18.65 -103.01
C ASP J 2629 70.47 20.15 -103.13
N VAL J 2630 70.42 20.87 -102.02
CA VAL J 2630 69.91 22.24 -102.00
C VAL J 2630 70.78 23.32 -102.65
N PRO J 2631 72.07 23.50 -102.33
CA PRO J 2631 72.67 24.83 -102.49
C PRO J 2631 72.94 25.27 -103.93
N ILE J 2632 72.75 24.37 -104.90
CA ILE J 2632 72.89 24.72 -106.31
C ILE J 2632 71.65 25.39 -106.87
N LEU J 2633 70.51 25.29 -106.19
CA LEU J 2633 69.24 25.77 -106.70
C LEU J 2633 68.68 26.83 -105.77
N ASN J 2634 68.04 27.84 -106.35
CA ASN J 2634 67.43 28.91 -105.57
C ASN J 2634 65.99 28.56 -105.21
N LYS J 2638 60.27 22.83 -99.14
CA LYS J 2638 61.27 22.20 -100.00
C LYS J 2638 62.63 22.88 -99.83
N MET J 2639 62.77 24.05 -100.44
CA MET J 2639 64.03 24.77 -100.45
C MET J 2639 64.38 25.35 -99.08
N PRO J 2640 63.43 26.06 -98.48
CA PRO J 2640 63.66 26.72 -97.20
C PRO J 2640 63.72 25.73 -96.04
N LEU J 2641 63.20 24.53 -96.26
CA LEU J 2641 63.25 23.48 -95.25
C LEU J 2641 64.68 22.99 -95.03
N LYS J 2642 65.48 23.11 -96.09
CA LYS J 2642 66.89 22.82 -96.01
C LYS J 2642 67.64 23.97 -95.34
N LEU J 2643 67.32 25.18 -95.78
CA LEU J 2643 68.02 26.39 -95.35
C LEU J 2643 67.77 26.70 -93.87
N LEU J 2644 66.63 26.25 -93.36
CA LEU J 2644 66.30 26.49 -91.97
C LEU J 2644 67.11 25.57 -91.05
N THR J 2645 67.15 24.28 -91.39
CA THR J 2645 67.83 23.29 -90.58
C THR J 2645 69.34 23.46 -90.64
N ASN J 2646 69.80 24.05 -91.74
CA ASN J 2646 71.22 24.28 -91.95
C ASN J 2646 71.74 25.33 -90.98
N HIS J 2647 71.02 26.44 -90.86
CA HIS J 2647 71.46 27.56 -90.06
C HIS J 2647 71.34 27.29 -88.56
N TYR J 2648 70.62 26.25 -88.20
CA TYR J 2648 70.44 25.92 -86.79
C TYR J 2648 71.45 24.87 -86.33
N GLU J 2649 72.43 24.58 -87.19
CA GLU J 2649 73.44 23.58 -86.89
C GLU J 2649 74.83 24.16 -87.08
N ARG J 2650 74.93 25.14 -87.96
CA ARG J 2650 76.21 25.78 -88.25
C ARG J 2650 76.50 26.86 -87.21
N CYS J 2651 75.47 27.27 -86.48
CA CYS J 2651 75.64 28.21 -85.38
C CYS J 2651 75.49 27.46 -84.07
N TRP J 2652 75.84 26.17 -84.11
CA TRP J 2652 75.66 25.28 -82.97
C TRP J 2652 76.98 24.73 -82.46
N LYS J 2653 78.08 25.17 -83.07
CA LYS J 2653 79.40 24.69 -82.68
C LYS J 2653 80.50 25.67 -83.05
N TYR J 2654 80.11 26.88 -83.45
CA TYR J 2654 81.07 27.90 -83.90
C TYR J 2654 81.83 28.54 -82.75
N TYR J 2655 81.41 28.24 -81.53
CA TYR J 2655 82.15 28.64 -80.34
C TYR J 2655 82.47 27.39 -79.53
N ALA J 2662 86.18 16.69 -93.75
CA ALA J 2662 85.07 15.79 -94.03
C ALA J 2662 83.86 16.58 -94.52
N ASN J 2663 83.00 16.96 -93.60
CA ASN J 2663 81.80 17.72 -93.93
C ASN J 2663 82.11 19.19 -94.17
N PHE J 2664 83.28 19.62 -93.70
CA PHE J 2664 83.71 21.00 -93.83
C PHE J 2664 83.98 21.37 -95.29
N GLY J 2665 84.47 20.40 -96.04
CA GLY J 2665 84.72 20.61 -97.46
C GLY J 2665 83.39 20.62 -98.21
N VAL J 2666 82.42 19.88 -97.69
CA VAL J 2666 81.10 19.81 -98.28
C VAL J 2666 80.36 21.13 -98.08
N THR J 2667 80.66 21.79 -96.97
CA THR J 2667 80.04 23.07 -96.65
C THR J 2667 80.60 24.17 -97.54
N SER J 2668 81.91 24.12 -97.77
CA SER J 2668 82.58 25.08 -98.64
C SER J 2668 82.18 24.85 -100.08
N GLU J 2669 81.85 23.60 -100.40
CA GLU J 2669 81.30 23.25 -101.69
C GLU J 2669 79.91 23.86 -101.84
N GLU J 2670 79.16 23.82 -100.74
CA GLU J 2670 77.84 24.42 -100.70
C GLU J 2670 77.94 25.94 -100.66
N GLU J 2671 79.02 26.44 -100.06
CA GLU J 2671 79.24 27.88 -99.90
C GLU J 2671 79.49 28.54 -101.25
N LEU J 2672 80.16 27.83 -102.14
CA LEU J 2672 80.39 28.34 -103.49
C LEU J 2672 79.16 28.07 -104.34
N HIS J 2673 78.41 27.03 -103.99
CA HIS J 2673 77.19 26.68 -104.72
C HIS J 2673 76.12 27.72 -104.49
N LEU J 2674 76.06 28.22 -103.27
CA LEU J 2674 75.12 29.27 -102.91
C LEU J 2674 75.55 30.58 -103.54
N THR J 2675 76.85 30.74 -103.71
CA THR J 2675 77.40 31.90 -104.39
C THR J 2675 77.06 31.82 -105.87
N ARG J 2676 76.98 30.59 -106.39
CA ARG J 2676 76.58 30.35 -107.76
C ARG J 2676 75.09 30.60 -107.92
N LYS J 2677 74.35 30.40 -106.83
CA LYS J 2677 72.94 30.74 -106.81
C LYS J 2677 72.77 32.25 -106.70
N LEU J 2678 73.77 32.90 -106.11
CA LEU J 2678 73.76 34.35 -105.98
C LEU J 2678 74.56 35.01 -107.10
N LEU J 2686 62.85 38.20 -100.57
CA LEU J 2686 62.07 37.01 -100.91
C LEU J 2686 62.87 35.75 -100.64
N ALA J 2687 63.15 34.99 -101.69
CA ALA J 2687 63.97 33.80 -101.57
C ALA J 2687 65.43 34.22 -101.47
N HIS J 2688 65.73 35.40 -101.99
CA HIS J 2688 67.06 35.97 -101.94
C HIS J 2688 67.46 36.37 -100.51
N LYS J 2689 66.47 36.72 -99.70
CA LYS J 2689 66.73 37.11 -98.31
C LYS J 2689 66.68 35.89 -97.40
N LYS J 2690 66.20 34.77 -97.93
CA LYS J 2690 66.08 33.55 -97.15
C LYS J 2690 67.35 32.71 -97.24
N TYR J 2691 68.32 33.21 -98.00
CA TYR J 2691 69.52 32.45 -98.27
C TYR J 2691 70.74 32.96 -97.50
N ASP J 2692 70.87 34.28 -97.40
CA ASP J 2692 72.06 34.92 -96.84
C ASP J 2692 72.22 34.67 -95.34
N GLN J 2693 71.11 34.38 -94.67
CA GLN J 2693 71.14 34.08 -93.25
C GLN J 2693 71.76 32.73 -93.01
N GLU J 2694 71.32 31.74 -93.79
CA GLU J 2694 71.83 30.38 -93.67
C GLU J 2694 73.25 30.26 -94.22
N LEU J 2695 73.58 31.17 -95.15
CA LEU J 2695 74.90 31.16 -95.77
C LEU J 2695 75.96 31.72 -94.84
N TYR J 2696 75.64 32.87 -94.22
CA TYR J 2696 76.60 33.54 -93.34
C TYR J 2696 76.73 32.82 -92.00
N ARG J 2697 75.75 31.98 -91.68
CA ARG J 2697 75.80 31.19 -90.46
C ARG J 2697 76.78 30.04 -90.63
N MET J 2698 77.00 29.62 -91.87
CA MET J 2698 77.92 28.54 -92.16
C MET J 2698 79.30 29.11 -92.49
N ALA J 2699 79.48 30.40 -92.30
CA ALA J 2699 80.73 31.07 -92.65
C ALA J 2699 81.77 31.03 -91.51
N MET J 2700 81.71 29.99 -90.68
CA MET J 2700 82.65 29.80 -89.59
C MET J 2700 82.73 28.33 -89.21
N GLU J 2741 84.25 5.00 -119.81
CA GLU J 2741 84.10 3.73 -120.51
C GLU J 2741 85.18 2.74 -120.06
N THR J 2742 84.73 1.55 -119.64
CA THR J 2742 85.64 0.49 -119.22
C THR J 2742 85.50 -0.78 -120.05
N LEU J 2743 84.34 -1.02 -120.65
CA LEU J 2743 84.18 -2.18 -121.53
C LEU J 2743 84.61 -1.87 -122.96
N ASN J 2744 84.55 -0.60 -123.36
CA ASN J 2744 84.97 -0.17 -124.69
C ASN J 2744 86.34 0.49 -124.68
N VAL J 2745 87.03 0.45 -123.54
CA VAL J 2745 88.40 0.96 -123.43
C VAL J 2745 89.37 -0.16 -123.73
N ILE J 2746 90.32 0.10 -124.61
CA ILE J 2746 91.24 -0.93 -125.07
C ILE J 2746 92.28 -1.20 -124.00
N ILE J 2747 92.64 -2.48 -123.86
CA ILE J 2747 93.68 -2.89 -122.93
C ILE J 2747 94.99 -3.07 -123.70
N PRO J 2748 96.09 -2.49 -123.24
CA PRO J 2748 97.37 -2.66 -123.94
C PRO J 2748 97.98 -4.02 -123.65
N GLU J 2749 99.22 -4.20 -124.15
CA GLU J 2749 99.91 -5.47 -123.96
C GLU J 2749 100.28 -5.72 -122.51
N LYS J 2750 100.84 -4.71 -121.83
CA LYS J 2750 101.12 -4.85 -120.41
C LYS J 2750 99.87 -4.80 -119.55
N LEU J 2751 98.77 -4.24 -120.07
CA LEU J 2751 97.52 -4.21 -119.33
C LEU J 2751 96.89 -5.60 -119.21
N ASP J 2752 97.14 -6.48 -120.17
CA ASP J 2752 96.76 -7.88 -119.99
C ASP J 2752 97.73 -8.59 -119.05
N SER J 2753 98.97 -8.11 -118.98
CA SER J 2753 99.93 -8.60 -118.00
C SER J 2753 99.72 -7.99 -116.62
N PHE J 2754 99.13 -6.80 -116.55
CA PHE J 2754 98.80 -6.19 -115.27
C PHE J 2754 97.47 -6.68 -114.71
N ILE J 2755 96.54 -7.10 -115.58
CA ILE J 2755 95.28 -7.64 -115.08
C ILE J 2755 95.48 -9.02 -114.48
N ASN J 2756 96.53 -9.72 -114.88
CA ASN J 2756 96.91 -10.97 -114.23
C ASN J 2756 97.80 -10.74 -113.02
N LYS J 2757 98.66 -9.71 -113.06
CA LYS J 2757 99.55 -9.43 -111.94
C LYS J 2757 98.82 -8.76 -110.78
N PHE J 2758 97.86 -7.88 -111.07
CA PHE J 2758 97.04 -7.32 -110.00
C PHE J 2758 96.00 -8.34 -109.53
N ALA J 2759 95.80 -9.42 -110.29
CA ALA J 2759 95.07 -10.57 -109.78
C ALA J 2759 95.98 -11.50 -108.99
N GLU J 2760 97.26 -11.60 -109.37
CA GLU J 2760 98.20 -12.44 -108.64
C GLU J 2760 98.64 -11.79 -107.34
N TYR J 2761 98.85 -10.47 -107.36
CA TYR J 2761 99.22 -9.76 -106.13
C TYR J 2761 98.03 -9.64 -105.18
N THR J 2762 96.81 -9.70 -105.72
CA THR J 2762 95.63 -9.74 -104.86
C THR J 2762 95.52 -11.09 -104.14
N HIS J 2763 95.84 -12.19 -104.83
CA HIS J 2763 95.89 -13.49 -104.17
C HIS J 2763 97.14 -13.62 -103.31
N GLU J 2764 98.16 -12.81 -103.57
CA GLU J 2764 99.37 -12.82 -102.74
C GLU J 2764 99.16 -12.06 -101.44
N LYS J 2765 98.27 -11.07 -101.42
CA LYS J 2765 98.00 -10.34 -100.19
C LYS J 2765 96.89 -10.97 -99.37
N TRP J 2766 95.94 -11.64 -100.02
CA TRP J 2766 94.78 -12.19 -99.30
C TRP J 2766 95.14 -13.43 -98.51
N ALA J 2767 96.02 -14.28 -99.06
CA ALA J 2767 96.47 -15.45 -98.31
C ALA J 2767 97.44 -15.05 -97.19
N PHE J 2768 98.08 -13.88 -97.31
CA PHE J 2768 98.92 -13.39 -96.24
C PHE J 2768 98.10 -12.90 -95.05
N ASP J 2769 96.86 -12.47 -95.30
CA ASP J 2769 96.04 -11.89 -94.23
C ASP J 2769 95.21 -12.94 -93.50
N LYS J 2770 94.60 -13.87 -94.23
CA LYS J 2770 93.71 -14.87 -93.63
C LYS J 2770 94.46 -15.89 -92.79
N ILE J 2771 95.63 -16.34 -93.23
CA ILE J 2771 96.35 -17.40 -92.53
C ILE J 2771 96.94 -16.91 -91.21
N GLN J 2772 97.09 -15.59 -91.05
CA GLN J 2772 97.51 -15.03 -89.78
C GLN J 2772 96.44 -15.18 -88.70
N ASN J 2773 95.17 -15.23 -89.08
CA ASN J 2773 94.08 -15.41 -88.13
C ASN J 2773 93.62 -16.86 -88.04
N ASN J 2774 94.52 -17.82 -88.33
CA ASN J 2774 94.28 -19.26 -88.27
C ASN J 2774 93.13 -19.67 -89.20
N TRP J 2775 93.34 -19.45 -90.49
CA TRP J 2775 92.41 -19.88 -91.53
C TRP J 2775 92.83 -21.25 -92.03
N SER J 2776 91.95 -22.24 -91.89
CA SER J 2776 92.24 -23.60 -92.31
C SER J 2776 92.07 -23.72 -93.82
N TYR J 2777 92.44 -24.89 -94.34
CA TYR J 2777 92.34 -25.19 -95.77
C TYR J 2777 91.24 -26.23 -95.99
N GLY J 2778 90.19 -25.82 -96.72
CA GLY J 2778 89.11 -26.72 -97.03
C GLY J 2778 88.75 -26.65 -98.50
N GLU J 2779 88.27 -27.78 -99.02
CA GLU J 2779 87.80 -27.82 -100.40
C GLU J 2779 86.52 -27.00 -100.57
N ASN J 2780 85.68 -26.99 -99.55
CA ASN J 2780 84.54 -26.08 -99.47
C ASN J 2780 84.85 -24.99 -98.46
N VAL J 2781 84.58 -23.74 -98.84
CA VAL J 2781 84.88 -22.60 -98.00
C VAL J 2781 83.85 -22.53 -96.87
N ASP J 2782 84.28 -22.85 -95.66
CA ASP J 2782 83.41 -22.83 -94.49
C ASP J 2782 83.81 -21.67 -93.60
N GLU J 2783 82.81 -21.03 -92.99
CA GLU J 2783 83.06 -19.87 -92.14
C GLU J 2783 83.50 -20.27 -90.75
N GLU J 2784 82.93 -21.34 -90.19
CA GLU J 2784 83.37 -21.81 -88.88
C GLU J 2784 84.73 -22.48 -88.94
N LEU J 2785 85.07 -23.03 -90.10
CA LEU J 2785 86.39 -23.61 -90.32
C LEU J 2785 87.39 -22.60 -90.89
N LYS J 2786 86.92 -21.41 -91.28
CA LYS J 2786 87.73 -20.35 -91.91
C LYS J 2786 88.47 -20.86 -93.15
N THR J 2787 87.77 -21.66 -93.96
CA THR J 2787 88.41 -22.31 -95.10
C THR J 2787 88.53 -21.33 -96.27
N HIS J 2788 89.71 -21.35 -96.91
CA HIS J 2788 89.96 -20.54 -98.08
C HIS J 2788 90.42 -21.48 -99.19
N PRO J 2789 89.52 -21.96 -100.04
CA PRO J 2789 89.93 -22.85 -101.14
C PRO J 2789 90.67 -22.15 -102.26
N MET J 2790 90.72 -20.83 -102.27
CA MET J 2790 91.52 -20.06 -103.21
C MET J 2790 92.91 -19.75 -102.67
N LEU J 2791 93.43 -20.60 -101.78
CA LEU J 2791 94.75 -20.42 -101.18
C LEU J 2791 95.81 -20.92 -102.15
N ARG J 2792 95.97 -20.17 -103.24
CA ARG J 2792 96.94 -20.47 -104.29
C ARG J 2792 97.18 -19.21 -105.10
N PRO J 2793 98.14 -19.23 -106.01
CA PRO J 2793 98.38 -18.05 -106.85
C PRO J 2793 97.41 -18.00 -108.03
N TYR J 2794 97.44 -16.88 -108.73
CA TYR J 2794 96.66 -16.75 -109.96
C TYR J 2794 97.27 -17.55 -111.11
N LYS J 2795 98.57 -17.82 -111.05
CA LYS J 2795 99.20 -18.70 -112.02
C LYS J 2795 98.97 -20.18 -111.71
N THR J 2796 98.54 -20.50 -110.49
CA THR J 2796 98.10 -21.84 -110.14
C THR J 2796 96.58 -21.96 -110.20
N PHE J 2797 95.89 -20.94 -110.68
CA PHE J 2797 94.45 -20.94 -110.83
C PHE J 2797 94.06 -21.04 -112.31
N SER J 2798 92.98 -21.77 -112.56
CA SER J 2798 92.45 -21.97 -113.90
C SER J 2798 91.46 -20.85 -114.21
N GLU J 2799 90.70 -21.03 -115.30
CA GLU J 2799 89.69 -20.05 -115.66
C GLU J 2799 88.49 -20.09 -114.71
N LYS J 2800 88.32 -21.18 -113.97
CA LYS J 2800 87.28 -21.27 -112.96
C LYS J 2800 87.71 -20.71 -111.61
N ASP J 2801 89.02 -20.57 -111.37
CA ASP J 2801 89.52 -20.05 -110.11
C ASP J 2801 90.21 -18.70 -110.25
N LYS J 2802 90.30 -18.15 -111.46
CA LYS J 2802 90.75 -16.78 -111.66
C LYS J 2802 89.66 -15.88 -112.24
N GLU J 2803 88.44 -16.42 -112.43
CA GLU J 2803 87.32 -15.61 -112.89
C GLU J 2803 86.82 -14.65 -111.82
N ILE J 2804 87.15 -14.90 -110.55
CA ILE J 2804 86.83 -13.97 -109.49
C ILE J 2804 87.69 -12.71 -109.53
N TYR J 2805 88.83 -12.75 -110.23
CA TYR J 2805 89.70 -11.59 -110.35
C TYR J 2805 90.06 -11.29 -111.81
N ARG J 2806 89.16 -11.60 -112.73
CA ARG J 2806 89.41 -11.36 -114.15
C ARG J 2806 88.85 -10.00 -114.60
N TRP J 2807 87.55 -9.79 -114.39
CA TRP J 2807 86.88 -8.56 -114.79
C TRP J 2807 87.30 -7.39 -113.92
N PRO J 2808 87.65 -7.62 -112.65
CA PRO J 2808 87.97 -6.49 -111.77
C PRO J 2808 89.33 -5.86 -112.04
N ILE J 2809 90.35 -6.66 -112.35
CA ILE J 2809 91.66 -6.10 -112.64
C ILE J 2809 91.81 -5.67 -114.10
N LYS J 2810 90.82 -5.98 -114.94
CA LYS J 2810 90.83 -5.55 -116.33
C LYS J 2810 90.01 -4.29 -116.56
N GLU J 2811 88.91 -4.12 -115.81
CA GLU J 2811 88.12 -2.89 -115.93
C GLU J 2811 88.77 -1.72 -115.22
N SER J 2812 89.49 -1.98 -114.13
CA SER J 2812 90.20 -0.90 -113.44
C SER J 2812 91.40 -0.41 -114.25
N LEU J 2813 92.09 -1.31 -114.93
CA LEU J 2813 93.14 -0.91 -115.86
C LEU J 2813 92.56 -0.21 -117.08
N LYS J 2814 91.33 -0.57 -117.49
CA LYS J 2814 90.66 0.15 -118.56
C LYS J 2814 90.13 1.49 -118.09
N ALA J 2815 89.71 1.58 -116.84
CA ALA J 2815 89.29 2.87 -116.29
C ALA J 2815 90.49 3.78 -116.05
N MET J 2816 91.65 3.20 -115.72
CA MET J 2816 92.87 4.00 -115.62
C MET J 2816 93.37 4.43 -116.99
N ILE J 2817 93.08 3.65 -118.03
CA ILE J 2817 93.51 4.02 -119.37
C ILE J 2817 92.55 5.01 -120.01
N ALA J 2818 91.25 4.90 -119.71
CA ALA J 2818 90.28 5.85 -120.24
C ALA J 2818 90.38 7.21 -119.55
N TRP J 2819 90.89 7.24 -118.32
CA TRP J 2819 91.13 8.50 -117.64
C TRP J 2819 92.40 9.16 -118.14
N GLU J 2820 93.49 8.40 -118.22
CA GLU J 2820 94.75 8.89 -118.74
C GLU J 2820 95.38 7.78 -119.58
N TRP J 2821 95.53 8.02 -120.88
CA TRP J 2821 95.98 6.98 -121.81
C TRP J 2821 97.48 6.75 -121.64
N THR J 2822 97.82 6.06 -120.55
CA THR J 2822 99.20 5.67 -120.25
C THR J 2822 99.16 4.24 -119.71
N ILE J 2823 99.25 3.27 -120.63
CA ILE J 2823 99.34 1.86 -120.27
C ILE J 2823 100.54 1.29 -121.02
N GLU J 2824 101.71 1.35 -120.40
CA GLU J 2824 102.94 0.85 -120.98
C GLU J 2824 103.94 0.62 -119.86
N LYS J 2825 104.93 -0.23 -120.14
CA LYS J 2825 105.96 -0.57 -119.16
C LYS J 2825 107.11 0.41 -119.29
N ALA J 2826 107.43 1.10 -118.19
CA ALA J 2826 108.53 2.06 -118.16
C ALA J 2826 109.50 1.79 -117.01
N ARG J 2827 109.32 0.71 -116.27
CA ARG J 2827 110.18 0.37 -115.15
C ARG J 2827 110.19 -1.14 -114.98
N GLU J 2828 111.13 -1.63 -114.17
CA GLU J 2828 111.27 -3.06 -113.95
C GLU J 2828 110.18 -3.55 -112.99
N GLY J 2829 110.09 -4.89 -112.89
CA GLY J 2829 109.08 -5.48 -112.02
C GLY J 2829 109.45 -5.35 -110.56
N GLU J 2830 108.44 -5.58 -109.70
CA GLU J 2830 108.63 -5.49 -108.27
C GLU J 2830 107.69 -6.45 -107.52
N TYR J 2855 99.09 -23.05 -98.83
CA TYR J 2855 100.00 -22.08 -99.43
C TYR J 2855 99.97 -20.76 -98.68
N ASN J 2856 101.16 -20.20 -98.43
CA ASN J 2856 101.31 -18.94 -97.71
C ASN J 2856 101.82 -17.88 -98.67
N PRO J 2857 100.95 -17.33 -99.52
CA PRO J 2857 101.37 -16.27 -100.44
C PRO J 2857 101.53 -14.96 -99.70
N GLN J 2858 102.62 -14.24 -100.00
CA GLN J 2858 102.92 -12.97 -99.33
C GLN J 2858 103.07 -11.87 -100.37
N PRO J 2859 102.43 -10.73 -100.21
CA PRO J 2859 102.61 -9.63 -101.16
C PRO J 2859 103.90 -8.89 -100.89
N PRO J 2860 104.48 -8.27 -101.91
CA PRO J 2860 105.78 -7.60 -101.73
C PRO J 2860 105.63 -6.24 -101.07
N ASP J 2861 106.78 -5.59 -100.86
CA ASP J 2861 106.84 -4.27 -100.24
C ASP J 2861 106.42 -3.24 -101.28
N LEU J 2862 105.12 -3.10 -101.49
CA LEU J 2862 104.60 -2.14 -102.45
C LEU J 2862 104.59 -0.72 -101.92
N SER J 2863 104.78 -0.53 -100.61
CA SER J 2863 104.81 0.80 -100.00
C SER J 2863 106.24 1.32 -99.85
N GLY J 2864 107.14 0.92 -100.75
CA GLY J 2864 108.51 1.42 -100.73
C GLY J 2864 108.58 2.87 -101.16
N VAL J 2865 107.80 3.24 -102.17
CA VAL J 2865 107.67 4.62 -102.61
C VAL J 2865 106.25 5.09 -102.33
N THR J 2866 106.13 6.27 -101.72
CA THR J 2866 104.83 6.82 -101.39
C THR J 2866 104.20 7.52 -102.59
N LEU J 2867 103.14 8.26 -102.32
CA LEU J 2867 102.43 8.97 -103.38
C LEU J 2867 102.94 10.41 -103.49
N SER J 2868 103.32 10.81 -104.70
CA SER J 2868 103.81 12.16 -104.98
C SER J 2868 102.62 13.06 -105.28
N ARG J 2869 102.88 14.26 -105.81
CA ARG J 2869 101.80 15.17 -106.19
C ARG J 2869 100.99 14.66 -107.37
N GLU J 2870 101.59 13.87 -108.26
CA GLU J 2870 100.88 13.27 -109.39
C GLU J 2870 100.41 11.85 -109.09
N LEU J 2871 101.00 11.20 -108.08
CA LEU J 2871 100.58 9.85 -107.74
C LEU J 2871 99.41 9.84 -106.77
N GLN J 2872 99.36 10.78 -105.83
CA GLN J 2872 98.24 10.86 -104.90
C GLN J 2872 96.98 11.36 -105.60
N ALA J 2873 97.13 12.27 -106.57
CA ALA J 2873 96.01 12.70 -107.39
C ALA J 2873 95.51 11.57 -108.30
N MET J 2874 96.41 10.74 -108.81
CA MET J 2874 96.00 9.56 -109.58
C MET J 2874 95.39 8.50 -108.67
N ALA J 2875 95.87 8.38 -107.43
CA ALA J 2875 95.24 7.48 -106.47
C ALA J 2875 93.90 8.03 -106.02
N GLU J 2876 93.75 9.35 -106.00
CA GLU J 2876 92.45 9.96 -105.80
C GLU J 2876 91.56 9.78 -107.02
N GLN J 2877 92.17 9.69 -108.21
CA GLN J 2877 91.39 9.42 -109.41
C GLN J 2877 91.02 7.96 -109.53
N LEU J 2878 91.75 7.07 -108.86
CA LEU J 2878 91.44 5.65 -108.94
C LEU J 2878 90.35 5.24 -107.95
N ALA J 2879 90.24 5.97 -106.84
CA ALA J 2879 89.18 5.67 -105.87
C ALA J 2879 87.83 6.14 -106.38
N GLU J 2880 87.77 7.33 -106.99
CA GLU J 2880 86.52 7.84 -107.53
C GLU J 2880 86.07 7.07 -108.76
N ASN J 2881 87.01 6.60 -109.58
CA ASN J 2881 86.65 5.79 -110.74
C ASN J 2881 86.16 4.41 -110.32
N TYR J 2882 86.76 3.84 -109.27
CA TYR J 2882 86.22 2.62 -108.68
C TYR J 2882 84.88 2.88 -107.99
N HIS J 2883 84.67 4.10 -107.51
CA HIS J 2883 83.38 4.47 -106.97
C HIS J 2883 82.39 4.84 -108.07
N ASN J 2884 82.89 5.29 -109.23
CA ASN J 2884 81.99 5.63 -110.34
C ASN J 2884 81.44 4.39 -111.03
N THR J 2885 82.29 3.38 -111.25
CA THR J 2885 81.83 2.16 -111.91
C THR J 2885 80.96 1.32 -110.98
N TRP J 2886 81.33 1.21 -109.71
CA TRP J 2886 80.48 0.49 -108.76
C TRP J 2886 79.24 1.30 -108.40
N GLY J 2887 79.33 2.63 -108.44
CA GLY J 2887 78.18 3.46 -108.18
C GLY J 2887 77.17 3.46 -109.30
N ARG J 2888 77.66 3.43 -110.55
CA ARG J 2888 76.75 3.28 -111.69
C ARG J 2888 76.19 1.86 -111.74
N LYS J 2889 76.92 0.88 -111.20
CA LYS J 2889 76.40 -0.47 -111.09
C LYS J 2889 75.28 -0.54 -110.06
N LYS J 2890 75.38 0.25 -108.99
CA LYS J 2890 74.32 0.27 -107.99
C LYS J 2890 73.10 1.04 -108.48
N LYS J 2891 73.31 2.07 -109.31
CA LYS J 2891 72.18 2.83 -109.85
C LYS J 2891 71.46 2.07 -110.94
N GLN J 2892 72.13 1.08 -111.55
CA GLN J 2892 71.48 0.27 -112.57
C GLN J 2892 70.80 -0.96 -111.97
N GLU J 2893 71.39 -1.56 -110.93
CA GLU J 2893 70.85 -2.80 -110.38
C GLU J 2893 69.60 -2.56 -109.54
N LEU J 2894 69.63 -1.59 -108.63
CA LEU J 2894 68.48 -1.32 -107.77
C LEU J 2894 67.31 -0.71 -108.55
N GLU J 2895 67.58 -0.01 -109.64
CA GLU J 2895 66.51 0.50 -110.48
C GLU J 2895 65.86 -0.61 -111.30
N ALA J 2896 66.62 -1.66 -111.63
CA ALA J 2896 66.08 -2.78 -112.39
C ALA J 2896 65.62 -3.89 -111.46
N LEU J 2905 74.50 5.02 -102.27
CA LEU J 2905 74.67 6.08 -103.26
C LEU J 2905 75.51 7.21 -102.70
N VAL J 2906 76.72 6.89 -102.25
CA VAL J 2906 77.61 7.87 -101.62
C VAL J 2906 78.75 8.20 -102.57
N PRO J 2907 79.02 9.47 -102.83
CA PRO J 2907 80.16 9.83 -103.68
C PRO J 2907 81.48 9.76 -102.93
N TYR J 2908 82.54 10.16 -103.63
CA TYR J 2908 83.89 10.04 -103.07
C TYR J 2908 84.31 11.28 -102.28
N ASP J 2909 84.08 12.47 -102.83
CA ASP J 2909 84.55 13.69 -102.17
C ASP J 2909 83.70 14.04 -100.95
N THR J 2910 82.39 13.77 -101.02
CA THR J 2910 81.49 13.99 -99.90
C THR J 2910 81.25 12.71 -99.10
N LEU J 2911 82.21 11.80 -99.10
CA LEU J 2911 82.09 10.57 -98.33
C LEU J 2911 82.31 10.84 -96.84
N THR J 2912 82.00 9.82 -96.04
CA THR J 2912 82.13 9.93 -94.60
C THR J 2912 83.60 9.84 -94.17
N ALA J 2913 83.82 10.06 -92.87
CA ALA J 2913 85.15 9.81 -92.31
C ALA J 2913 85.39 8.32 -92.12
N LYS J 2914 84.33 7.50 -92.09
CA LYS J 2914 84.49 6.07 -91.97
C LYS J 2914 84.31 5.35 -93.31
N GLU J 2915 83.49 5.91 -94.20
CA GLU J 2915 83.27 5.29 -95.51
C GLU J 2915 84.45 5.49 -96.44
N LYS J 2916 85.13 6.64 -96.36
CA LYS J 2916 86.29 6.89 -97.20
C LYS J 2916 87.53 6.16 -96.72
N ALA J 2917 87.51 5.59 -95.52
CA ALA J 2917 88.65 4.83 -95.04
C ALA J 2917 88.70 3.43 -95.64
N ARG J 2918 87.53 2.88 -95.99
CA ARG J 2918 87.47 1.55 -96.58
C ARG J 2918 87.53 1.58 -98.10
N ASP J 2919 87.16 2.71 -98.71
CA ASP J 2919 87.17 2.80 -100.17
C ASP J 2919 88.53 3.20 -100.72
N ARG J 2920 89.34 3.91 -99.93
CA ARG J 2920 90.65 4.37 -100.38
C ARG J 2920 91.67 3.24 -100.46
N GLU J 2921 91.44 2.12 -99.77
CA GLU J 2921 92.38 1.00 -99.85
C GLU J 2921 92.21 0.24 -101.16
N LYS J 2922 91.11 0.46 -101.88
CA LYS J 2922 90.94 -0.14 -103.19
C LYS J 2922 91.72 0.61 -104.27
N ALA J 2923 92.18 1.82 -103.98
CA ALA J 2923 92.96 2.58 -104.94
C ALA J 2923 94.43 2.69 -104.54
N GLN J 2924 94.73 2.76 -103.24
CA GLN J 2924 96.11 2.83 -102.81
C GLN J 2924 96.83 1.50 -102.99
N GLU J 2925 96.08 0.39 -102.99
CA GLU J 2925 96.67 -0.90 -103.30
C GLU J 2925 96.67 -1.17 -104.80
N LEU J 2926 95.75 -0.57 -105.54
CA LEU J 2926 95.73 -0.77 -106.99
C LEU J 2926 96.78 0.07 -107.70
N LEU J 2927 97.01 1.30 -107.24
CA LEU J 2927 98.09 2.11 -107.79
C LEU J 2927 99.46 1.58 -107.39
N LYS J 2928 99.54 0.91 -106.24
CA LYS J 2928 100.77 0.21 -105.89
C LYS J 2928 100.92 -1.08 -106.69
N PHE J 2929 99.81 -1.69 -107.09
CA PHE J 2929 99.87 -2.85 -107.99
C PHE J 2929 100.12 -2.43 -109.43
N LEU J 2930 99.62 -1.27 -109.83
CA LEU J 2930 99.92 -0.73 -111.15
C LEU J 2930 101.36 -0.23 -111.26
N GLN J 2931 101.96 0.19 -110.13
CA GLN J 2931 103.33 0.72 -110.18
C GLN J 2931 104.35 -0.37 -110.46
N MET J 2932 104.02 -1.62 -110.14
CA MET J 2932 104.88 -2.74 -110.54
C MET J 2932 104.80 -2.94 -112.05
N ASN J 2933 105.90 -3.46 -112.62
CA ASN J 2933 106.11 -3.69 -114.05
C ASN J 2933 105.97 -2.43 -114.90
N GLY J 2934 106.16 -1.25 -114.29
CA GLY J 2934 106.25 -0.01 -115.03
C GLY J 2934 104.94 0.59 -115.52
N TYR J 2935 103.80 -0.01 -115.21
CA TYR J 2935 102.52 0.44 -115.76
C TYR J 2935 101.85 1.50 -114.87
N ALA J 2936 102.58 2.54 -114.52
CA ALA J 2936 102.06 3.60 -113.65
C ALA J 2936 101.37 4.64 -114.52
N VAL J 2937 100.04 4.70 -114.43
CA VAL J 2937 99.26 5.65 -115.21
C VAL J 2937 99.41 7.02 -114.55
N THR J 2938 100.29 7.86 -115.11
CA THR J 2938 100.60 9.17 -114.56
C THR J 2938 100.23 10.22 -115.60
N ARG J 2939 99.25 11.05 -115.28
CA ARG J 2939 98.81 12.10 -116.19
C ARG J 2939 99.78 13.26 -116.20
N ILE J 2951 92.44 27.88 -97.90
CA ILE J 2951 91.04 27.61 -98.16
C ILE J 2951 90.25 28.91 -98.29
N GLU J 2952 90.58 29.88 -97.44
CA GLU J 2952 89.87 31.15 -97.40
C GLU J 2952 90.34 32.10 -98.50
N LYS J 2953 91.52 31.81 -99.06
CA LYS J 2953 92.09 32.64 -100.11
C LYS J 2953 91.34 32.45 -101.43
N ARG J 2954 90.72 31.28 -101.58
CA ARG J 2954 89.90 30.98 -102.75
C ARG J 2954 88.64 31.82 -102.71
N PHE J 2955 88.14 32.05 -101.51
CA PHE J 2955 86.98 32.91 -101.31
C PHE J 2955 87.40 34.37 -101.55
N ALA J 2956 88.60 34.70 -101.11
CA ALA J 2956 89.13 36.05 -101.25
C ALA J 2956 89.45 36.38 -102.70
N PHE J 2957 89.79 35.35 -103.47
CA PHE J 2957 90.09 35.51 -104.88
C PHE J 2957 88.81 35.85 -105.64
N GLY J 2958 87.73 35.15 -105.31
CA GLY J 2958 86.43 35.43 -105.91
C GLY J 2958 85.88 36.74 -105.40
N PHE J 2959 86.26 37.11 -104.18
CA PHE J 2959 85.84 38.36 -103.57
C PHE J 2959 86.44 39.56 -104.30
N LEU J 2960 87.71 39.43 -104.65
CA LEU J 2960 88.37 40.48 -105.43
C LEU J 2960 87.87 40.45 -106.86
N GLN J 2961 87.47 39.26 -107.31
CA GLN J 2961 86.91 39.08 -108.64
C GLN J 2961 85.55 39.75 -108.71
N GLN J 2962 84.81 39.68 -107.60
CA GLN J 2962 83.54 40.35 -107.51
C GLN J 2962 83.74 41.85 -107.31
N LEU J 2963 84.85 42.20 -106.67
CA LEU J 2963 85.17 43.61 -106.38
C LEU J 2963 85.50 44.38 -107.64
N LEU J 2964 86.02 43.69 -108.64
CA LEU J 2964 86.35 44.30 -109.92
C LEU J 2964 85.10 44.60 -110.72
N ARG J 2965 84.18 43.63 -110.75
CA ARG J 2965 82.94 43.76 -111.49
C ARG J 2965 81.97 44.71 -110.81
N TRP J 2966 82.16 44.89 -109.50
CA TRP J 2966 81.32 45.80 -108.71
C TRP J 2966 81.60 47.25 -109.08
N MET J 2967 82.88 47.63 -109.03
CA MET J 2967 83.30 48.99 -109.35
C MET J 2967 83.15 49.28 -110.84
N ASP J 2968 83.17 48.23 -111.66
CA ASP J 2968 82.90 48.36 -113.08
C ASP J 2968 81.43 48.68 -113.30
N ILE J 2969 80.56 48.03 -112.52
CA ILE J 2969 79.13 48.27 -112.62
C ILE J 2969 78.74 49.54 -111.88
N SER J 2970 79.56 49.93 -110.90
CA SER J 2970 79.30 51.14 -110.12
C SER J 2970 79.49 52.38 -110.96
N GLN J 2971 80.46 52.32 -111.88
CA GLN J 2971 80.70 53.40 -112.80
C GLN J 2971 79.73 53.30 -113.98
N GLU J 2972 79.18 52.11 -114.19
CA GLU J 2972 78.20 51.89 -115.26
C GLU J 2972 76.88 52.56 -114.93
N PHE J 2973 76.59 52.65 -113.63
CA PHE J 2973 75.39 53.33 -113.16
C PHE J 2973 75.69 54.81 -112.90
N ILE J 2974 76.96 55.12 -112.68
CA ILE J 2974 77.39 56.49 -112.45
C ILE J 2974 77.38 57.28 -113.76
N ALA J 2975 77.54 56.56 -114.86
CA ALA J 2975 77.49 57.16 -116.19
C ALA J 2975 76.07 57.59 -116.52
N HIS J 2976 75.10 56.76 -116.12
CA HIS J 2976 73.70 57.05 -116.38
C HIS J 2976 73.19 58.14 -115.45
N LYS J 2996 70.09 42.57 -110.45
CA LYS J 2996 70.59 41.20 -110.37
C LYS J 2996 71.88 41.13 -109.56
N PHE J 2997 72.95 41.71 -110.10
CA PHE J 2997 74.24 41.71 -109.45
C PHE J 2997 74.29 42.65 -108.25
N PHE J 2998 73.41 43.65 -108.25
CA PHE J 2998 73.33 44.61 -107.16
C PHE J 2998 72.80 43.94 -105.90
N ALA J 2999 71.88 43.01 -106.08
CA ALA J 2999 71.36 42.22 -104.97
C ALA J 2999 72.43 41.23 -104.53
N LYS J 3000 73.22 40.76 -105.49
CA LYS J 3000 74.33 39.86 -105.21
C LYS J 3000 75.44 40.61 -104.51
N ILE J 3001 75.55 41.90 -104.82
CA ILE J 3001 76.51 42.77 -104.14
C ILE J 3001 76.06 43.00 -102.71
N LEU J 3002 74.75 43.09 -102.53
CA LEU J 3002 74.17 43.22 -101.20
C LEU J 3002 74.30 41.91 -100.45
N LEU J 3003 74.23 40.81 -101.19
CA LEU J 3003 74.37 39.49 -100.61
C LEU J 3003 75.82 39.23 -100.22
N PRO J 3004 76.75 39.83 -100.94
CA PRO J 3004 78.17 39.65 -100.68
C PRO J 3004 78.64 40.51 -99.51
N LEU J 3005 78.15 41.75 -99.46
CA LEU J 3005 78.56 42.72 -98.45
C LEU J 3005 78.09 42.31 -97.06
N ILE J 3006 76.96 41.62 -97.02
CA ILE J 3006 76.44 41.09 -95.77
C ILE J 3006 77.31 39.94 -95.30
N ASN J 3007 77.77 39.13 -96.25
CA ASN J 3007 78.69 38.05 -95.96
C ASN J 3007 80.07 38.61 -95.66
N GLN J 3008 80.37 39.76 -96.26
CA GLN J 3008 81.62 40.46 -96.01
C GLN J 3008 81.63 41.02 -94.60
N TYR J 3009 80.48 41.50 -94.17
CA TYR J 3009 80.32 41.99 -92.80
C TYR J 3009 80.25 40.83 -91.83
N PHE J 3010 79.85 39.67 -92.34
CA PHE J 3010 79.78 38.46 -91.55
C PHE J 3010 81.18 37.91 -91.27
N THR J 3011 81.96 37.76 -92.34
CA THR J 3011 83.28 37.13 -92.24
C THR J 3011 84.29 38.02 -91.52
N ASN J 3012 84.09 39.33 -91.60
CA ASN J 3012 84.97 40.28 -90.92
C ASN J 3012 84.77 40.19 -89.41
N HIS J 3013 83.52 39.97 -89.02
CA HIS J 3013 83.19 39.80 -87.61
C HIS J 3013 83.50 38.37 -87.18
N CYS J 3014 83.49 37.45 -88.14
CA CYS J 3014 83.80 36.06 -87.85
C CYS J 3014 85.30 35.92 -87.62
N LEU J 3015 86.06 36.78 -88.27
CA LEU J 3015 87.51 36.78 -88.13
C LEU J 3015 87.93 37.32 -86.77
N LEU J 3025 100.44 37.21 -97.38
CA LEU J 3025 99.82 36.64 -98.56
C LEU J 3025 98.33 36.97 -98.59
N GLY J 3026 97.59 36.38 -97.65
CA GLY J 3026 96.16 36.59 -97.54
C GLY J 3026 95.87 37.97 -97.00
N SER J 3027 96.82 38.51 -96.24
CA SER J 3027 96.67 39.84 -95.63
C SER J 3027 96.71 40.93 -96.70
N GLY J 3028 97.44 40.67 -97.78
CA GLY J 3028 97.54 41.61 -98.87
C GLY J 3028 96.26 41.59 -99.70
N GLY J 3029 95.67 40.40 -99.84
CA GLY J 3029 94.49 40.20 -100.68
C GLY J 3029 93.28 40.91 -100.10
N HIS J 3030 93.20 40.95 -98.78
CA HIS J 3030 92.16 41.68 -98.09
C HIS J 3030 92.44 43.16 -98.23
N ALA J 3031 93.71 43.51 -98.17
CA ALA J 3031 94.15 44.91 -98.30
C ALA J 3031 93.96 45.39 -99.72
N SER J 3032 94.04 44.45 -100.66
CA SER J 3032 93.79 44.75 -102.08
C SER J 3032 92.32 45.07 -102.27
N ASN J 3033 91.46 44.32 -101.59
CA ASN J 3033 90.03 44.56 -101.66
C ASN J 3033 89.67 45.80 -100.85
N LYS J 3034 90.50 46.10 -99.85
CA LYS J 3034 90.27 47.26 -98.98
C LYS J 3034 90.47 48.56 -99.74
N GLU J 3035 91.43 48.56 -100.66
CA GLU J 3035 91.68 49.73 -101.48
C GLU J 3035 90.77 49.73 -102.71
N LYS J 3036 90.23 48.57 -103.02
CA LYS J 3036 89.35 48.41 -104.18
C LYS J 3036 87.99 49.05 -103.92
N GLU J 3037 87.52 48.90 -102.69
CA GLU J 3037 86.20 49.39 -102.33
C GLU J 3037 86.20 50.88 -102.02
N MET J 3038 87.36 51.39 -101.60
CA MET J 3038 87.47 52.77 -101.16
C MET J 3038 87.31 53.76 -102.31
N ILE J 3039 87.72 53.36 -103.50
CA ILE J 3039 87.60 54.21 -104.68
C ILE J 3039 86.17 54.20 -105.21
N THR J 3040 85.44 53.13 -104.89
CA THR J 3040 84.04 53.01 -105.28
C THR J 3040 83.18 53.95 -104.46
N SER J 3041 83.67 54.31 -103.28
CA SER J 3041 83.00 55.27 -102.42
C SER J 3041 83.39 56.69 -102.83
N LEU J 3042 84.52 56.81 -103.50
CA LEU J 3042 85.01 58.11 -103.93
C LEU J 3042 84.21 58.62 -105.13
N LEU J 3049 76.32 53.09 -96.69
CA LEU J 3049 75.90 52.71 -95.35
C LEU J 3049 76.13 51.22 -95.11
N VAL J 3050 75.53 50.40 -95.96
CA VAL J 3050 75.66 48.95 -95.87
C VAL J 3050 77.07 48.52 -96.19
N ARG J 3051 77.65 49.17 -97.19
CA ARG J 3051 79.04 48.93 -97.53
C ARG J 3051 79.94 49.62 -96.52
N HIS J 3052 79.47 50.76 -96.01
CA HIS J 3052 80.23 51.57 -95.06
C HIS J 3052 80.37 50.87 -93.73
N ARG J 3053 79.36 50.08 -93.38
CA ARG J 3053 79.41 49.24 -92.19
C ARG J 3053 80.41 48.13 -92.40
N VAL J 3054 80.44 47.60 -93.63
CA VAL J 3054 81.43 46.60 -93.99
C VAL J 3054 82.80 47.24 -94.10
N SER J 3055 82.83 48.51 -94.49
CA SER J 3055 84.06 49.27 -94.57
C SER J 3055 84.59 49.56 -93.18
N LEU J 3056 83.68 49.81 -92.25
CA LEU J 3056 84.05 50.03 -90.85
C LEU J 3056 84.51 48.72 -90.24
N PHE J 3057 83.95 47.62 -90.74
CA PHE J 3057 84.32 46.29 -90.30
C PHE J 3057 85.71 45.93 -90.82
N GLY J 3058 85.94 46.25 -92.08
CA GLY J 3058 87.22 45.94 -92.73
C GLY J 3058 88.32 46.82 -92.18
N THR J 3059 87.96 48.04 -91.75
CA THR J 3059 88.93 48.93 -91.11
C THR J 3059 89.20 48.43 -89.70
N ASP J 3060 88.23 47.73 -89.12
CA ASP J 3060 88.39 47.12 -87.82
C ASP J 3060 89.14 45.79 -87.94
N ALA J 3061 89.19 45.25 -89.16
CA ALA J 3061 89.94 44.03 -89.42
C ALA J 3061 91.44 44.33 -89.42
N PRO J 3062 91.79 45.59 -89.68
CA PRO J 3062 93.17 46.02 -89.64
C PRO J 3062 93.67 46.12 -88.20
N THR J 3141 101.04 51.27 -101.39
CA THR J 3141 99.92 51.10 -102.31
C THR J 3141 98.70 51.87 -101.84
N THR J 3142 98.35 51.69 -100.58
CA THR J 3142 97.17 52.34 -100.01
C THR J 3142 97.48 53.76 -99.55
N LEU J 3143 98.77 54.07 -99.48
CA LEU J 3143 99.23 55.39 -99.03
C LEU J 3143 98.87 56.47 -100.06
N PHE J 3144 98.86 56.07 -101.33
CA PHE J 3144 98.43 56.97 -102.39
C PHE J 3144 96.93 57.19 -102.29
N GLN J 3145 96.21 56.13 -101.92
CA GLN J 3145 94.77 56.21 -101.73
C GLN J 3145 94.45 57.03 -100.48
N HIS J 3146 95.35 56.96 -99.50
CA HIS J 3146 95.20 57.71 -98.27
C HIS J 3146 95.47 59.19 -98.51
N ILE J 3147 96.50 59.47 -99.31
CA ILE J 3147 96.90 60.84 -99.59
C ILE J 3147 95.88 61.53 -100.50
N ALA J 3148 95.29 60.74 -101.40
CA ALA J 3148 94.27 61.26 -102.30
C ALA J 3148 93.01 61.58 -101.52
N GLN J 3149 92.75 60.77 -100.51
CA GLN J 3149 91.62 60.99 -99.62
C GLN J 3149 91.89 62.21 -98.75
N HIS J 3150 93.14 62.34 -98.30
CA HIS J 3150 93.54 63.45 -97.46
C HIS J 3150 93.55 64.76 -98.25
N GLN J 3151 93.83 64.65 -99.54
CA GLN J 3151 93.75 65.79 -100.44
C GLN J 3151 92.30 66.14 -100.69
N PHE J 3152 91.46 65.11 -100.78
CA PHE J 3152 90.03 65.31 -100.98
C PHE J 3152 89.38 65.85 -99.72
N GLY J 3153 89.97 65.51 -98.58
CA GLY J 3153 89.50 65.99 -97.29
C GLY J 3153 89.76 67.48 -97.14
N ASP J 3154 90.97 67.89 -97.48
CA ASP J 3154 91.37 69.29 -97.37
C ASP J 3154 90.63 70.15 -98.39
N ASP J 3155 90.33 69.54 -99.53
CA ASP J 3155 89.54 70.20 -100.57
C ASP J 3155 88.11 70.36 -100.10
N VAL J 3156 87.64 69.35 -99.37
CA VAL J 3156 86.33 69.43 -98.75
C VAL J 3156 86.38 70.42 -97.60
N ILE J 3157 87.54 70.49 -96.93
CA ILE J 3157 87.75 71.44 -95.85
C ILE J 3157 87.81 72.86 -96.41
N LEU J 3158 88.27 72.98 -97.64
CA LEU J 3158 88.23 74.25 -98.35
C LEU J 3158 86.78 74.59 -98.68
N ASP J 3159 86.00 73.57 -99.00
CA ASP J 3159 84.58 73.73 -99.28
C ASP J 3159 83.81 73.96 -97.99
N ASP J 3160 84.31 73.39 -96.89
CA ASP J 3160 83.69 73.56 -95.59
C ASP J 3160 83.94 74.98 -95.07
N VAL J 3161 85.11 75.51 -95.40
CA VAL J 3161 85.45 76.88 -95.06
C VAL J 3161 84.69 77.84 -95.98
N GLN J 3162 84.35 77.35 -97.17
CA GLN J 3162 83.58 78.14 -98.12
C GLN J 3162 82.11 78.21 -97.70
N LEU J 3169 79.52 65.00 -102.12
CA LEU J 3169 79.90 66.31 -101.61
C LEU J 3169 80.18 66.24 -100.12
N CYS J 3170 79.25 66.77 -99.31
CA CYS J 3170 79.41 66.78 -97.86
C CYS J 3170 79.10 65.40 -97.29
N SER J 3171 78.23 64.66 -97.97
CA SER J 3171 77.82 63.34 -97.51
C SER J 3171 78.91 62.30 -97.74
N ILE J 3172 79.60 62.41 -98.87
CA ILE J 3172 80.66 61.48 -99.22
C ILE J 3172 81.92 61.75 -98.41
N TYR J 3173 82.02 62.95 -97.85
CA TYR J 3173 83.17 63.35 -97.06
C TYR J 3173 82.97 63.04 -95.57
N SER J 3174 81.73 63.18 -95.10
CA SER J 3174 81.42 62.96 -93.69
C SER J 3174 81.54 61.49 -93.31
N LEU J 3175 81.22 60.61 -94.24
CA LEU J 3175 81.35 59.18 -94.02
C LEU J 3175 82.82 58.79 -94.10
N GLY J 3176 83.57 59.56 -94.88
CA GLY J 3176 85.01 59.36 -94.99
C GLY J 3176 85.71 59.95 -93.77
N THR J 3177 85.06 60.92 -93.13
CA THR J 3177 85.63 61.60 -91.96
C THR J 3177 85.60 60.73 -90.71
N THR J 3178 84.79 59.66 -90.75
CA THR J 3178 84.70 58.74 -89.63
C THR J 3178 85.44 57.46 -89.93
N LYS J 3179 85.46 57.07 -91.21
CA LYS J 3179 86.14 55.86 -91.65
C LYS J 3179 87.65 56.02 -91.53
N ASN J 3180 88.11 57.26 -91.73
CA ASN J 3180 89.52 57.58 -91.55
C ASN J 3180 89.88 57.57 -90.08
N THR J 3181 89.02 58.14 -89.26
CA THR J 3181 89.23 58.20 -87.82
C THR J 3181 89.10 56.80 -87.21
N TYR J 3182 88.31 55.95 -87.87
CA TYR J 3182 88.24 54.54 -87.52
C TYR J 3182 89.59 53.89 -87.83
N VAL J 3183 90.14 54.23 -88.98
CA VAL J 3183 91.42 53.70 -89.41
C VAL J 3183 92.56 54.29 -88.59
N GLU J 3184 92.39 55.54 -88.16
CA GLU J 3184 93.42 56.24 -87.40
C GLU J 3184 93.48 55.73 -85.96
N LYS J 3185 92.46 55.01 -85.53
CA LYS J 3185 92.46 54.36 -84.24
C LYS J 3185 92.79 52.87 -84.44
N LEU J 3186 92.62 52.40 -85.67
CA LEU J 3186 92.88 51.00 -86.00
C LEU J 3186 94.37 50.72 -86.05
N ARG J 3187 95.10 51.60 -86.74
CA ARG J 3187 96.53 51.42 -86.94
C ARG J 3187 97.31 51.66 -85.66
N PRO J 3188 96.72 52.38 -84.72
CA PRO J 3188 97.34 52.64 -83.43
C PRO J 3188 97.34 51.38 -82.57
N ALA J 3189 96.42 50.46 -82.87
CA ALA J 3189 96.36 49.19 -82.18
C ALA J 3189 97.44 48.24 -82.68
N ALA J 3198 102.60 60.12 -96.21
CA ALA J 3198 101.59 61.17 -96.38
C ALA J 3198 101.33 61.89 -95.06
N ALA J 3199 102.39 62.13 -94.31
CA ALA J 3199 102.30 62.78 -93.01
C ALA J 3199 101.95 64.25 -93.15
N ALA J 3200 102.39 64.84 -94.25
CA ALA J 3200 102.13 66.25 -94.52
C ALA J 3200 100.67 66.47 -94.90
N MET J 3201 100.10 65.50 -95.63
CA MET J 3201 98.72 65.58 -96.06
C MET J 3201 97.78 65.47 -94.86
N PRO J 3202 98.21 64.71 -93.87
CA PRO J 3202 97.50 64.65 -92.61
C PRO J 3202 97.66 65.96 -91.86
N VAL J 3203 98.87 66.51 -91.93
CA VAL J 3203 99.19 67.76 -91.26
C VAL J 3203 98.50 68.93 -91.94
N ALA J 3204 98.24 68.77 -93.23
CA ALA J 3204 97.53 69.79 -94.01
C ALA J 3204 96.07 69.86 -93.56
N PHE J 3205 95.49 68.70 -93.29
CA PHE J 3205 94.12 68.64 -92.83
C PHE J 3205 94.00 69.12 -91.40
N LEU J 3206 95.08 68.98 -90.65
CA LEU J 3206 95.13 69.40 -89.25
C LEU J 3206 95.05 70.91 -89.13
N GLU J 3207 95.72 71.59 -90.05
CA GLU J 3207 95.68 73.05 -90.10
C GLU J 3207 94.31 73.50 -90.61
N PRO J 3208 93.74 72.69 -91.50
CA PRO J 3208 92.41 72.95 -92.02
C PRO J 3208 91.37 72.72 -90.92
N GLN J 3209 91.68 71.78 -90.03
CA GLN J 3209 90.84 71.54 -88.87
C GLN J 3209 90.99 72.68 -87.87
N LEU J 3210 92.19 73.23 -87.82
CA LEU J 3210 92.48 74.35 -86.93
C LEU J 3210 91.95 75.64 -87.53
N ASN J 3211 91.69 75.63 -88.83
CA ASN J 3211 91.21 76.82 -89.53
C ASN J 3211 89.77 77.16 -89.17
N GLU J 3212 88.85 76.26 -89.50
CA GLU J 3212 87.42 76.49 -89.27
C GLU J 3212 87.09 76.41 -87.79
N THR J 3221 78.78 70.24 -87.44
CA THR J 3221 79.72 69.12 -87.44
C THR J 3221 81.04 69.53 -86.80
N LYS J 3222 80.96 70.36 -85.77
CA LYS J 3222 82.15 70.84 -85.08
C LYS J 3222 82.77 69.74 -84.22
N SER J 3223 81.93 68.96 -83.57
CA SER J 3223 82.38 67.87 -82.70
C SER J 3223 82.97 66.73 -83.52
N PRO J 3224 82.41 66.50 -84.71
CA PRO J 3224 82.92 65.48 -85.62
C PRO J 3224 84.26 65.95 -86.18
N ARG J 3225 84.39 67.26 -86.33
CA ARG J 3225 85.66 67.86 -86.71
C ARG J 3225 86.63 67.78 -85.55
N GLU J 3226 86.10 67.79 -84.34
CA GLU J 3226 86.91 67.63 -83.14
C GLU J 3226 87.20 66.16 -82.89
N ARG J 3227 86.40 65.29 -83.52
CA ARG J 3227 86.50 63.85 -83.30
C ARG J 3227 87.74 63.24 -83.93
N ALA J 3228 87.91 63.46 -85.23
CA ALA J 3228 89.02 62.86 -85.96
C ALA J 3228 90.34 63.58 -85.70
N ILE J 3229 90.27 64.73 -85.04
CA ILE J 3229 91.44 65.57 -84.77
C ILE J 3229 92.45 64.91 -83.84
N LEU J 3230 91.96 64.29 -82.78
CA LEU J 3230 92.84 63.63 -81.82
C LEU J 3230 93.30 62.27 -82.34
N GLY J 3231 92.63 61.78 -83.35
CA GLY J 3231 92.96 60.49 -83.96
C GLY J 3231 94.25 60.57 -84.76
N VAL J 3269 104.31 70.16 -80.81
CA VAL J 3269 105.42 70.32 -79.87
C VAL J 3269 105.32 71.65 -79.15
N ILE J 3270 106.18 72.59 -79.54
CA ILE J 3270 106.19 73.92 -78.94
C ILE J 3270 104.98 74.71 -79.40
N GLU J 3271 104.49 74.42 -80.60
CA GLU J 3271 103.28 75.03 -81.13
C GLU J 3271 102.09 74.53 -80.36
N ILE J 3272 102.19 73.30 -79.88
CA ILE J 3272 101.17 72.73 -79.00
C ILE J 3272 101.35 73.27 -77.58
N THR J 3273 102.60 73.50 -77.21
CA THR J 3273 102.93 73.97 -75.87
C THR J 3273 102.46 75.39 -75.62
N LEU J 3274 102.52 76.21 -76.67
CA LEU J 3274 102.05 77.59 -76.59
C LEU J 3274 100.54 77.60 -76.51
N PRO J 3275 99.91 76.68 -77.22
CA PRO J 3275 98.46 76.56 -77.23
C PRO J 3275 97.98 75.92 -75.93
N MET J 3276 98.87 75.17 -75.29
CA MET J 3276 98.56 74.53 -74.02
C MET J 3276 98.39 75.56 -72.91
N LEU J 3277 99.27 76.55 -72.91
CA LEU J 3277 99.19 77.62 -71.92
C LEU J 3277 98.10 78.61 -72.31
N CYS J 3278 97.77 78.64 -73.60
CA CYS J 3278 96.75 79.54 -74.13
C CYS J 3278 95.37 79.15 -73.63
N SER J 3279 95.05 77.86 -73.72
CA SER J 3279 93.79 77.34 -73.23
C SER J 3279 93.78 77.38 -71.71
N TYR J 3280 94.98 77.27 -71.12
CA TYR J 3280 95.15 77.37 -69.67
C TYR J 3280 94.82 78.78 -69.22
N LEU J 3281 95.16 79.75 -70.06
CA LEU J 3281 94.81 81.13 -69.80
C LEU J 3281 93.32 81.33 -70.06
N PRO J 3282 92.79 80.58 -71.02
CA PRO J 3282 91.37 80.64 -71.34
C PRO J 3282 90.57 80.00 -70.23
N ARG J 3283 91.15 79.00 -69.59
CA ARG J 3283 90.53 78.35 -68.44
C ARG J 3283 90.72 79.23 -67.21
N TRP J 3284 91.75 80.07 -67.25
CA TRP J 3284 91.97 81.04 -66.19
C TRP J 3284 90.98 82.18 -66.34
N TRP J 3285 90.47 82.36 -67.56
CA TRP J 3285 89.43 83.35 -67.82
C TRP J 3285 88.06 82.83 -67.38
N PRO J 3293 83.86 76.91 -79.20
CA PRO J 3293 83.69 75.76 -80.09
C PRO J 3293 85.05 75.17 -80.45
N PRO J 3294 85.97 76.03 -80.86
CA PRO J 3294 87.33 75.59 -81.21
C PRO J 3294 88.13 75.33 -79.94
N ALA J 3295 87.66 75.88 -78.82
CA ALA J 3295 88.26 75.65 -77.52
C ALA J 3295 88.09 74.21 -77.08
N LEU J 3296 86.98 73.60 -77.49
CA LEU J 3296 86.72 72.20 -77.18
C LEU J 3296 87.47 71.28 -78.14
N PRO J 3297 87.67 71.76 -79.37
CA PRO J 3297 88.31 70.96 -80.41
C PRO J 3297 89.81 70.90 -80.23
N ALA J 3298 90.39 72.00 -79.75
CA ALA J 3298 91.84 72.11 -79.61
C ALA J 3298 92.35 71.24 -78.46
N GLY J 3299 91.52 71.04 -77.45
CA GLY J 3299 91.92 70.27 -76.28
C GLY J 3299 91.92 68.77 -76.54
N ALA J 3300 91.26 68.37 -77.63
CA ALA J 3300 91.12 66.96 -77.98
C ALA J 3300 92.45 66.33 -78.38
N PRO J 3301 93.11 66.94 -79.36
CA PRO J 3301 94.39 66.42 -79.84
C PRO J 3301 95.50 66.70 -78.84
N PRO J 3302 95.29 67.70 -78.00
CA PRO J 3302 96.25 68.06 -76.96
C PRO J 3302 96.29 66.96 -75.90
N PRO J 3303 95.14 66.34 -75.68
CA PRO J 3303 95.04 65.21 -74.77
C PRO J 3303 95.63 63.97 -75.44
N CYS J 3304 95.59 63.96 -76.76
CA CYS J 3304 96.13 62.85 -77.53
C CYS J 3304 97.65 62.96 -77.68
N THR J 3305 98.16 64.17 -77.51
CA THR J 3305 99.59 64.43 -77.70
C THR J 3305 100.38 64.18 -76.44
N ALA J 3306 99.84 64.62 -75.30
CA ALA J 3306 100.52 64.46 -74.02
C ALA J 3306 100.52 63.00 -73.58
N VAL J 3307 99.52 62.26 -74.05
CA VAL J 3307 99.41 60.85 -73.76
C VAL J 3307 100.39 60.03 -74.59
N THR J 3308 100.82 60.60 -75.72
CA THR J 3308 101.77 59.93 -76.59
C THR J 3308 103.17 59.88 -75.99
N SER J 3309 103.44 60.80 -75.07
CA SER J 3309 104.71 60.86 -74.38
C SER J 3309 104.86 59.70 -73.39
N LEU J 3316 104.73 65.12 -67.76
CA LEU J 3316 104.16 64.55 -66.55
C LEU J 3316 103.31 65.59 -65.83
N GLY J 3317 103.96 66.68 -65.42
CA GLY J 3317 103.26 67.78 -64.77
C GLY J 3317 102.49 68.59 -65.80
N ASN J 3318 102.87 68.44 -67.07
CA ASN J 3318 102.19 69.09 -68.19
C ASN J 3318 100.78 68.55 -68.32
N ILE J 3319 100.64 67.24 -68.12
CA ILE J 3319 99.33 66.61 -68.15
C ILE J 3319 98.57 66.95 -66.87
N LEU J 3320 99.31 67.20 -65.80
CA LEU J 3320 98.73 67.58 -64.53
C LEU J 3320 98.18 69.00 -64.59
N ARG J 3321 98.78 69.81 -65.46
CA ARG J 3321 98.32 71.18 -65.68
C ARG J 3321 97.10 71.16 -66.60
N ILE J 3322 97.11 70.23 -67.55
CA ILE J 3322 96.03 70.11 -68.53
C ILE J 3322 94.73 69.66 -67.88
N ILE J 3323 94.86 68.81 -66.87
CA ILE J 3323 93.70 68.31 -66.14
C ILE J 3323 93.11 69.43 -65.29
N VAL J 3324 93.97 70.23 -64.69
CA VAL J 3324 93.54 71.36 -63.87
C VAL J 3324 92.95 72.45 -64.76
N ASN J 3325 93.42 72.50 -66.01
CA ASN J 3325 92.85 73.38 -67.00
C ASN J 3325 91.48 72.87 -67.40
N ASN J 3326 91.36 71.55 -67.47
CA ASN J 3326 90.10 70.92 -67.81
C ASN J 3326 89.14 70.97 -66.63
N LEU J 3327 89.71 71.08 -65.43
CA LEU J 3327 88.92 71.11 -64.20
C LEU J 3327 88.14 72.42 -64.08
N GLY J 3328 88.85 73.53 -64.27
CA GLY J 3328 88.25 74.85 -64.11
C GLY J 3328 87.27 75.17 -65.22
N ILE J 3329 87.46 74.54 -66.38
CA ILE J 3329 86.59 74.74 -67.54
C ILE J 3329 85.22 74.14 -67.27
N ASP J 3330 85.21 73.03 -66.54
CA ASP J 3330 83.97 72.39 -66.16
C ASP J 3330 83.44 72.99 -64.87
N GLU J 3331 84.34 73.55 -64.07
CA GLU J 3331 83.96 74.20 -62.82
C GLU J 3331 83.23 75.50 -63.14
N ALA J 3332 83.61 76.11 -64.26
CA ALA J 3332 82.90 77.26 -64.79
C ALA J 3332 81.58 76.78 -65.40
N THR J 3333 81.66 75.69 -66.16
CA THR J 3333 80.49 75.12 -66.81
C THR J 3333 79.58 74.43 -65.80
N VAL J 3340 75.58 69.33 -73.56
CA VAL J 3340 76.65 70.13 -74.13
C VAL J 3340 77.71 69.24 -74.78
N PHE J 3341 78.92 69.78 -74.90
CA PHE J 3341 80.03 69.00 -75.45
C PHE J 3341 80.92 68.53 -74.31
N ALA J 3342 80.33 68.38 -73.13
CA ALA J 3342 81.06 67.91 -71.96
C ALA J 3342 81.23 66.40 -72.01
N GLN J 3343 80.42 65.74 -72.84
CA GLN J 3343 80.44 64.28 -72.96
C GLN J 3343 81.72 63.79 -73.62
N PRO J 3344 82.03 64.37 -74.77
CA PRO J 3344 83.26 64.03 -75.48
C PRO J 3344 84.47 64.62 -74.77
N ILE J 3345 84.22 65.66 -73.99
CA ILE J 3345 85.25 66.25 -73.13
C ILE J 3345 85.61 65.27 -72.04
N VAL J 3346 84.62 64.55 -71.54
CA VAL J 3346 84.82 63.57 -70.48
C VAL J 3346 85.43 62.29 -71.05
N SER J 3347 85.30 62.11 -72.36
CA SER J 3347 85.81 60.92 -73.03
C SER J 3347 87.33 60.89 -73.03
N ARG J 3348 87.94 62.06 -73.08
CA ARG J 3348 89.39 62.15 -73.03
C ARG J 3348 89.86 62.33 -71.59
N ALA J 3349 88.93 62.61 -70.68
CA ALA J 3349 89.25 62.88 -69.29
C ALA J 3349 89.71 61.63 -68.56
N ARG J 3350 89.02 60.53 -68.80
CA ARG J 3350 89.36 59.27 -68.16
C ARG J 3350 90.48 58.56 -68.91
N PRO J 3351 90.80 59.08 -70.10
CA PRO J 3351 91.82 58.48 -70.95
C PRO J 3351 93.22 58.66 -70.36
N GLU J 3352 93.43 59.73 -69.62
CA GLU J 3352 94.75 60.01 -69.08
C GLU J 3352 94.69 60.66 -67.70
N LEU J 3353 94.08 59.97 -66.75
CA LEU J 3353 94.09 60.44 -65.36
C LEU J 3353 95.09 59.60 -64.57
N LEU J 3354 96.14 59.17 -65.25
CA LEU J 3354 97.15 58.29 -64.67
C LEU J 3354 98.01 59.02 -63.65
N HIS J 3355 99.02 59.73 -64.12
CA HIS J 3355 99.95 60.42 -63.23
C HIS J 3355 99.30 61.65 -62.60
N ILE J 3359 100.25 64.64 -54.70
CA ILE J 3359 100.83 65.90 -55.10
C ILE J 3359 99.98 66.57 -56.16
N PRO J 3360 100.06 66.05 -57.38
CA PRO J 3360 99.23 66.52 -58.47
C PRO J 3360 97.79 66.11 -58.22
N THR J 3361 97.64 64.96 -57.57
CA THR J 3361 96.34 64.50 -57.13
C THR J 3361 95.83 65.37 -55.99
N ILE J 3362 96.75 65.82 -55.14
CA ILE J 3362 96.41 66.65 -54.00
C ILE J 3362 95.93 68.03 -54.44
N GLY J 3363 96.53 68.52 -55.52
CA GLY J 3363 96.10 69.77 -56.12
C GLY J 3363 94.75 69.56 -56.77
N ARG J 3364 94.56 68.36 -57.33
CA ARG J 3364 93.29 67.97 -57.90
C ARG J 3364 92.29 67.72 -56.77
N LEU J 3365 92.79 67.30 -55.62
CA LEU J 3365 91.93 67.04 -54.46
C LEU J 3365 91.38 68.35 -53.92
N ARG J 3366 92.23 69.36 -53.85
CA ARG J 3366 91.80 70.68 -53.39
C ARG J 3366 90.89 71.33 -54.41
N LYS J 3367 91.08 70.98 -55.68
CA LYS J 3367 90.26 71.50 -56.76
C LYS J 3367 88.87 70.84 -56.76
N ARG J 3368 88.86 69.52 -56.71
CA ARG J 3368 87.61 68.77 -56.85
C ARG J 3368 86.75 68.81 -55.59
N ALA J 3369 87.33 69.15 -54.45
CA ALA J 3369 86.58 69.27 -53.22
C ALA J 3369 85.65 70.48 -53.30
N GLY J 3370 86.12 71.50 -54.00
CA GLY J 3370 85.31 72.68 -54.26
C GLY J 3370 84.26 72.34 -55.31
N LYS J 3371 84.62 71.44 -56.22
CA LYS J 3371 83.72 71.04 -57.30
C LYS J 3371 82.55 70.23 -56.75
N VAL J 3372 82.84 69.43 -55.72
CA VAL J 3372 81.81 68.60 -55.12
C VAL J 3372 80.88 69.43 -54.25
N VAL J 3373 81.45 70.37 -53.53
CA VAL J 3373 80.69 71.21 -52.59
C VAL J 3373 79.75 72.14 -53.34
N ALA J 3374 80.18 72.59 -54.52
CA ALA J 3374 79.36 73.43 -55.37
C ALA J 3374 78.20 72.60 -55.92
N GLU J 3375 78.50 71.34 -56.20
CA GLU J 3375 77.49 70.40 -56.65
C GLU J 3375 76.59 70.03 -55.47
N GLU J 3376 77.17 70.01 -54.27
CA GLU J 3376 76.44 69.68 -53.06
C GLU J 3376 75.44 70.80 -52.74
N GLU J 3377 75.86 72.03 -52.97
CA GLU J 3377 75.00 73.18 -52.76
C GLU J 3377 73.91 73.22 -53.82
N GLN J 3378 74.27 72.78 -55.02
CA GLN J 3378 73.31 72.71 -56.13
C GLN J 3378 72.32 71.58 -55.90
N LEU J 3379 72.79 70.53 -55.22
CA LEU J 3379 71.93 69.41 -54.89
C LEU J 3379 70.97 69.80 -53.77
N ARG J 3380 71.50 70.53 -52.79
CA ARG J 3380 70.71 70.96 -51.64
C ARG J 3380 69.67 71.99 -52.03
N LEU J 3381 69.98 72.78 -53.04
CA LEU J 3381 69.06 73.78 -53.57
C LEU J 3381 67.89 73.10 -54.27
N GLU J 3382 68.21 72.05 -55.02
CA GLU J 3382 67.19 71.26 -55.69
C GLU J 3382 66.41 70.43 -54.67
N ALA J 3383 67.08 70.07 -53.58
CA ALA J 3383 66.44 69.36 -52.49
C ALA J 3383 65.48 70.28 -51.77
N LYS J 3384 65.89 71.55 -51.65
CA LYS J 3384 65.03 72.57 -51.07
C LYS J 3384 63.89 72.89 -52.05
N ALA J 3385 64.19 72.75 -53.33
CA ALA J 3385 63.17 72.90 -54.37
C ALA J 3385 62.23 71.70 -54.34
N GLU J 3386 62.78 70.55 -53.95
CA GLU J 3386 61.97 69.35 -53.81
C GLU J 3386 61.12 69.42 -52.55
N ALA J 3387 61.60 70.18 -51.56
CA ALA J 3387 60.88 70.37 -50.31
C ALA J 3387 59.65 71.24 -50.53
N GLU J 3388 59.72 72.12 -51.52
CA GLU J 3388 58.60 72.99 -51.85
C GLU J 3388 57.57 72.25 -52.71
N ARG J 3395 54.50 74.51 -64.13
CA ARG J 3395 54.63 74.61 -62.68
C ARG J 3395 56.10 74.61 -62.28
N ASP J 3396 56.36 74.67 -60.98
CA ASP J 3396 57.72 74.65 -60.46
C ASP J 3396 58.20 73.22 -60.27
N GLU J 3397 57.28 72.27 -60.38
CA GLU J 3397 57.61 70.85 -60.24
C GLU J 3397 58.42 70.37 -61.43
N PHE J 3398 57.99 70.78 -62.62
CA PHE J 3398 58.67 70.40 -63.85
C PHE J 3398 60.00 71.13 -63.99
N SER J 3399 60.04 72.35 -63.46
CA SER J 3399 61.24 73.16 -63.50
C SER J 3399 62.31 72.61 -62.55
N VAL J 3400 61.85 72.10 -61.41
CA VAL J 3400 62.74 71.48 -60.45
C VAL J 3400 63.22 70.14 -61.00
N LEU J 3401 62.36 69.49 -61.77
CA LEU J 3401 62.70 68.25 -62.44
C LEU J 3401 63.72 68.51 -63.55
N CYS J 3402 63.60 69.67 -64.19
CA CYS J 3402 64.53 70.07 -65.24
C CYS J 3402 65.86 70.47 -64.63
N ARG J 3403 65.80 71.15 -63.50
CA ARG J 3403 67.00 71.64 -62.82
C ARG J 3403 67.80 70.49 -62.24
N ASP J 3404 67.10 69.47 -61.75
CA ASP J 3404 67.73 68.29 -61.21
C ASP J 3404 68.34 67.48 -62.35
N LEU J 3405 67.70 67.52 -63.51
CA LEU J 3405 68.17 66.83 -64.70
C LEU J 3405 69.47 67.45 -65.20
N TYR J 3406 69.54 68.77 -65.14
CA TYR J 3406 70.75 69.49 -65.50
C TYR J 3406 71.82 69.24 -64.45
N ALA J 3407 71.39 69.12 -63.20
CA ALA J 3407 72.28 68.83 -62.09
C ALA J 3407 72.80 67.41 -62.22
N LEU J 3408 71.95 66.52 -62.71
CA LEU J 3408 72.35 65.13 -62.92
C LEU J 3408 73.27 65.05 -64.12
N TYR J 3409 73.06 65.94 -65.09
CA TYR J 3409 73.89 66.01 -66.28
C TYR J 3409 75.29 66.46 -65.93
N PRO J 3410 75.37 67.41 -65.01
CA PRO J 3410 76.65 67.93 -64.54
C PRO J 3410 77.35 66.91 -63.66
N LEU J 3411 76.55 66.13 -62.93
CA LEU J 3411 77.09 65.14 -62.02
C LEU J 3411 77.65 63.94 -62.77
N LEU J 3412 77.20 63.77 -64.01
CA LEU J 3412 77.64 62.66 -64.85
C LEU J 3412 79.12 62.79 -65.20
N ILE J 3413 79.50 63.98 -65.67
CA ILE J 3413 80.89 64.22 -66.02
C ILE J 3413 81.72 64.47 -64.77
N ARG J 3414 81.05 64.79 -63.67
CA ARG J 3414 81.74 65.07 -62.41
C ARG J 3414 82.30 63.80 -61.80
N TYR J 3415 81.48 62.75 -61.70
CA TYR J 3415 81.91 61.53 -61.03
C TYR J 3415 82.82 60.68 -61.90
N VAL J 3416 82.85 60.96 -63.20
CA VAL J 3416 83.59 60.14 -64.17
C VAL J 3416 85.10 60.27 -63.98
N ASP J 3417 85.54 61.43 -63.57
CA ASP J 3417 86.95 61.63 -63.30
C ASP J 3417 87.24 61.34 -61.83
N ASN J 3418 86.17 61.30 -61.03
CA ASN J 3418 86.30 61.07 -59.60
C ASN J 3418 86.66 59.61 -59.33
N ASN J 3419 86.29 58.73 -60.26
CA ASN J 3419 86.53 57.31 -60.10
C ASN J 3419 88.00 56.95 -60.29
N ARG J 3420 88.57 57.39 -61.41
CA ARG J 3420 89.95 57.05 -61.75
C ARG J 3420 90.93 57.75 -60.84
N ALA J 3421 90.53 58.90 -60.31
CA ALA J 3421 91.36 59.63 -59.35
C ALA J 3421 91.37 58.90 -58.02
N HIS J 3422 90.28 58.19 -57.74
CA HIS J 3422 90.16 57.40 -56.52
C HIS J 3422 90.96 56.11 -56.64
N TRP J 3423 91.34 55.76 -57.86
CA TRP J 3423 92.13 54.57 -58.13
C TRP J 3423 93.61 54.81 -57.82
N LEU J 3424 93.96 56.02 -57.47
CA LEU J 3424 95.32 56.35 -57.05
C LEU J 3424 95.32 56.84 -55.61
N THR J 3425 94.19 57.37 -55.16
CA THR J 3425 94.07 57.92 -53.81
C THR J 3425 94.10 56.81 -52.77
N GLU J 3426 93.38 55.74 -53.04
CA GLU J 3426 93.37 54.57 -52.16
C GLU J 3426 94.67 53.80 -52.33
N PRO J 3427 95.28 53.95 -53.51
CA PRO J 3427 96.58 53.38 -53.78
C PRO J 3427 97.62 54.07 -52.92
N ASN J 3428 97.49 55.39 -52.85
CA ASN J 3428 98.39 56.18 -52.00
C ASN J 3428 97.96 56.07 -50.55
N ALA J 3429 96.93 56.83 -50.20
CA ALA J 3429 96.45 56.89 -48.83
C ALA J 3429 95.67 55.64 -48.46
N ASN J 3430 96.31 54.77 -47.69
CA ASN J 3430 95.67 53.56 -47.19
C ASN J 3430 96.39 53.09 -45.94
N PHE J 3435 92.22 61.91 -44.84
CA PHE J 3435 92.78 63.25 -44.89
C PHE J 3435 91.91 64.16 -45.73
N ARG J 3436 92.37 64.46 -46.94
CA ARG J 3436 91.59 65.24 -47.88
C ARG J 3436 90.48 64.37 -48.45
N MET J 3437 90.75 63.07 -48.50
CA MET J 3437 89.77 62.09 -48.95
C MET J 3437 88.65 61.95 -47.93
N VAL J 3438 88.97 62.22 -46.67
CA VAL J 3438 87.99 62.17 -45.58
C VAL J 3438 86.97 63.28 -45.77
N GLY J 3439 87.41 64.40 -46.35
CA GLY J 3439 86.50 65.45 -46.75
C GLY J 3439 85.74 64.99 -47.99
N GLU J 3440 86.47 64.33 -48.90
CA GLU J 3440 85.90 63.90 -50.17
C GLU J 3440 84.88 62.81 -49.98
N ILE J 3441 85.09 62.00 -48.95
CA ILE J 3441 84.12 60.98 -48.60
C ILE J 3441 82.90 61.64 -47.99
N PHE J 3442 83.15 62.63 -47.13
CA PHE J 3442 82.08 63.32 -46.43
C PHE J 3442 81.25 64.16 -47.40
N ILE J 3443 81.91 64.69 -48.41
CA ILE J 3443 81.23 65.49 -49.42
C ILE J 3443 80.36 64.60 -50.30
N TYR J 3444 80.89 63.45 -50.68
CA TYR J 3444 80.17 62.54 -51.57
C TYR J 3444 79.13 61.73 -50.81
N TRP J 3445 79.19 61.80 -49.48
CA TRP J 3445 78.25 61.11 -48.62
C TRP J 3445 76.85 61.66 -48.78
N SER J 3446 76.74 62.98 -48.74
CA SER J 3446 75.45 63.66 -48.87
C SER J 3446 74.91 63.52 -50.29
N LYS J 3447 75.83 63.39 -51.25
CA LYS J 3447 75.47 63.22 -52.65
C LYS J 3447 74.74 61.90 -52.86
N SER J 3448 75.24 60.87 -52.21
CA SER J 3448 74.60 59.56 -52.26
C SER J 3448 73.33 59.59 -51.43
N HIS J 3449 73.33 60.39 -50.39
CA HIS J 3449 72.16 60.56 -49.54
C HIS J 3449 71.08 61.29 -50.31
N ASN J 3450 71.49 62.25 -51.12
CA ASN J 3450 70.57 62.99 -51.97
C ASN J 3450 70.12 62.11 -53.13
N PHE J 3451 70.97 61.16 -53.50
CA PHE J 3451 70.62 60.19 -54.52
C PHE J 3451 69.60 59.20 -53.98
N LYS J 3452 69.57 59.06 -52.67
CA LYS J 3452 68.58 58.22 -52.01
C LYS J 3452 67.29 58.99 -51.80
N GLN J 3456 62.63 60.42 -56.97
CA GLN J 3456 62.46 61.37 -58.06
C GLN J 3456 63.81 61.89 -58.54
N ASN J 3457 64.79 61.87 -57.65
CA ASN J 3457 66.15 62.28 -58.00
C ASN J 3457 66.76 61.27 -58.94
N PHE J 3458 66.43 60.01 -58.71
CA PHE J 3458 66.89 58.92 -59.56
C PHE J 3458 66.10 58.90 -60.85
N VAL J 3459 64.86 59.39 -60.79
CA VAL J 3459 63.96 59.41 -61.94
C VAL J 3459 64.49 60.37 -62.99
N VAL J 3460 65.04 61.49 -62.54
CA VAL J 3460 65.68 62.44 -63.43
C VAL J 3460 67.03 61.89 -63.87
N GLN J 3461 67.64 61.09 -63.02
CA GLN J 3461 68.95 60.54 -63.28
C GLN J 3461 68.89 59.46 -64.36
N ASN J 3462 67.84 58.65 -64.31
CA ASN J 3462 67.69 57.52 -65.22
C ASN J 3462 67.43 57.98 -66.64
N GLU J 3463 66.71 59.08 -66.77
CA GLU J 3463 66.42 59.67 -68.06
C GLU J 3463 67.70 60.28 -68.63
N ILE J 3464 68.53 60.80 -67.73
CA ILE J 3464 69.81 61.37 -68.12
C ILE J 3464 70.77 60.28 -68.55
N ASN J 3465 70.58 59.09 -67.99
CA ASN J 3465 71.41 57.94 -68.34
C ASN J 3465 71.09 57.47 -69.75
N ASN J 3466 69.81 57.47 -70.10
CA ASN J 3466 69.38 57.03 -71.42
C ASN J 3466 69.69 58.10 -72.46
N THR J 3513 75.36 52.54 -61.35
CA THR J 3513 75.92 53.66 -62.11
C THR J 3513 77.00 54.37 -61.32
N LEU J 3514 77.33 55.58 -61.73
CA LEU J 3514 78.40 56.36 -61.11
C LEU J 3514 78.02 56.85 -59.72
N LYS J 3515 76.72 56.92 -59.46
CA LYS J 3515 76.23 57.27 -58.15
C LYS J 3515 76.50 56.14 -57.16
N LYS J 3516 76.55 54.92 -57.69
CA LYS J 3516 76.78 53.74 -56.86
C LYS J 3516 78.27 53.55 -56.57
N MET J 3517 79.09 53.61 -57.62
CA MET J 3517 80.51 53.30 -57.51
C MET J 3517 81.28 54.33 -56.71
N LEU J 3518 80.73 55.54 -56.65
CA LEU J 3518 81.31 56.60 -55.84
C LEU J 3518 81.19 56.25 -54.37
N PRO J 3519 80.07 55.61 -54.02
CA PRO J 3519 79.84 55.20 -52.64
C PRO J 3519 80.69 53.99 -52.30
N ILE J 3520 81.10 53.25 -53.33
CA ILE J 3520 81.91 52.05 -53.14
C ILE J 3520 83.32 52.38 -52.71
N GLY J 3521 83.98 53.26 -53.46
CA GLY J 3521 85.38 53.59 -53.18
C GLY J 3521 85.50 54.45 -51.93
N LEU J 3522 84.45 55.20 -51.62
CA LEU J 3522 84.45 56.05 -50.44
C LEU J 3522 84.20 55.25 -49.17
N ASN J 3523 83.61 54.06 -49.33
CA ASN J 3523 83.26 53.21 -48.20
C ASN J 3523 84.50 52.69 -47.49
N MET J 3524 85.53 52.40 -48.28
CA MET J 3524 86.78 51.91 -47.73
C MET J 3524 87.52 53.01 -46.98
N CYS J 3525 87.42 54.23 -47.51
CA CYS J 3525 88.11 55.36 -46.91
C CYS J 3525 87.42 55.81 -45.63
N ALA J 3526 86.09 55.76 -45.62
CA ALA J 3526 85.32 56.20 -44.48
C ALA J 3526 85.40 55.19 -43.34
N PRO J 3527 85.64 53.94 -43.69
CA PRO J 3527 85.77 52.90 -42.69
C PRO J 3527 87.20 52.85 -42.16
N THR J 3528 88.09 53.60 -42.79
CA THR J 3528 89.48 53.67 -42.34
C THR J 3528 89.62 54.56 -41.11
N ASP J 3529 88.57 55.32 -40.81
CA ASP J 3529 88.54 56.16 -39.63
C ASP J 3529 87.55 55.60 -38.61
N MET J 3534 84.65 49.64 -31.89
CA MET J 3534 83.71 50.72 -31.62
C MET J 3534 82.62 50.77 -32.69
N LEU J 3535 82.47 49.67 -33.41
CA LEU J 3535 81.51 49.59 -34.51
C LEU J 3535 80.11 49.27 -34.01
N ALA J 3536 80.00 48.93 -32.73
CA ALA J 3536 78.70 48.65 -32.13
C ALA J 3536 77.90 49.94 -31.99
N LYS J 3537 78.61 51.02 -31.70
CA LYS J 3537 78.01 52.35 -31.64
C LYS J 3537 77.62 52.77 -33.05
N THR J 3538 78.42 52.35 -34.02
CA THR J 3538 78.14 52.60 -35.42
C THR J 3538 76.94 51.75 -35.85
N ARG J 3539 76.81 50.58 -35.25
CA ARG J 3539 75.67 49.72 -35.48
C ARG J 3539 74.45 50.32 -34.82
N TYR J 3540 74.66 50.93 -33.66
CA TYR J 3540 73.58 51.54 -32.90
C TYR J 3540 73.08 52.81 -33.59
N ALA J 3541 74.00 53.58 -34.13
CA ALA J 3541 73.65 54.84 -34.76
C ALA J 3541 73.07 54.62 -36.15
N LEU J 3542 73.31 53.43 -36.71
CA LEU J 3542 72.71 53.06 -37.96
C LEU J 3542 71.24 52.74 -37.73
N LYS J 3543 70.95 52.24 -36.54
CA LYS J 3543 69.58 51.87 -36.17
C LYS J 3543 68.71 53.11 -36.00
N ASP J 3544 69.29 54.17 -35.45
CA ASP J 3544 68.57 55.43 -35.25
C ASP J 3544 68.38 56.15 -36.58
N THR J 3545 69.27 55.87 -37.53
CA THR J 3545 69.16 56.41 -38.88
C THR J 3545 68.21 55.56 -39.71
N ASP J 3546 67.81 54.42 -39.15
CA ASP J 3546 66.80 53.58 -39.76
C ASP J 3546 65.55 53.55 -38.88
N GLU J 3547 65.50 54.47 -37.92
CA GLU J 3547 64.34 54.59 -37.05
C GLU J 3547 63.46 55.77 -37.47
N LEU J 3553 69.62 64.70 -35.96
CA LEU J 3553 68.57 63.94 -35.28
C LEU J 3553 69.19 62.88 -34.39
N GLN J 3554 69.94 61.98 -35.01
CA GLN J 3554 70.61 60.91 -34.28
C GLN J 3554 71.97 61.36 -33.79
N ASN J 3555 72.33 62.61 -34.10
CA ASN J 3555 73.59 63.19 -33.67
C ASN J 3555 73.59 63.39 -32.16
N ASN J 3556 72.41 63.66 -31.61
CA ASN J 3556 72.24 63.75 -30.17
C ASN J 3556 72.15 62.34 -29.58
N LEU J 3557 71.60 61.43 -30.37
CA LEU J 3557 71.52 60.02 -29.97
C LEU J 3557 72.91 59.39 -30.00
N HIS J 3558 73.78 59.93 -30.86
CA HIS J 3558 75.17 59.53 -30.91
C HIS J 3558 75.90 60.08 -29.69
N LEU J 3559 75.44 61.23 -29.21
CA LEU J 3559 76.00 61.81 -27.99
C LEU J 3559 75.42 61.11 -26.78
N GLN J 3560 74.27 60.47 -26.97
CA GLN J 3560 73.61 59.71 -25.91
C GLN J 3560 73.70 58.22 -26.16
N LEU J 3569 89.28 39.22 -31.30
CA LEU J 3569 89.75 39.73 -32.58
C LEU J 3569 89.91 41.24 -32.51
N ARG J 3570 89.26 41.82 -31.51
CA ARG J 3570 89.31 43.25 -31.27
C ARG J 3570 90.70 43.65 -30.81
N TRP J 3571 91.37 42.72 -30.12
CA TRP J 3571 92.74 42.91 -29.70
C TRP J 3571 93.66 43.00 -30.91
N GLN J 3572 93.35 42.24 -31.95
CA GLN J 3572 94.06 42.33 -33.20
C GLN J 3572 93.69 43.61 -33.91
N MET J 3573 92.41 43.98 -33.78
CA MET J 3573 91.88 45.16 -34.44
C MET J 3573 92.43 46.44 -33.81
N ALA J 3574 92.50 46.46 -32.50
CA ALA J 3574 93.02 47.62 -31.78
C ALA J 3574 94.53 47.72 -31.97
N LEU J 3575 95.16 46.59 -32.27
CA LEU J 3575 96.57 46.58 -32.62
C LEU J 3575 96.77 47.23 -33.98
N TYR J 3576 95.75 47.14 -34.82
CA TYR J 3576 95.82 47.72 -36.15
C TYR J 3576 95.36 49.17 -36.17
N ARG J 3577 94.25 49.46 -35.50
CA ARG J 3577 93.64 50.79 -35.55
C ARG J 3577 94.48 51.84 -34.84
N GLY J 3578 95.22 51.42 -33.82
CA GLY J 3578 96.11 52.32 -33.12
C GLY J 3578 97.41 52.49 -33.91
N LEU J 3579 97.72 51.51 -34.73
CA LEU J 3579 98.91 51.57 -35.56
C LEU J 3579 98.71 52.51 -36.73
N GLU J 3590 85.72 64.88 -31.68
CA GLU J 3590 85.15 65.00 -33.01
C GLU J 3590 84.58 63.66 -33.46
N LYS J 3591 84.65 62.69 -32.57
CA LYS J 3591 84.21 61.34 -32.88
C LYS J 3591 82.69 61.22 -32.91
N ILE J 3592 82.02 62.07 -32.12
CA ILE J 3592 80.58 61.98 -31.93
C ILE J 3592 79.81 62.35 -33.18
N VAL J 3593 80.40 63.18 -34.02
CA VAL J 3593 79.76 63.58 -35.26
C VAL J 3593 80.21 62.69 -36.43
N ARG J 3594 81.49 62.30 -36.40
CA ARG J 3594 82.07 61.52 -37.47
C ARG J 3594 81.51 60.12 -37.51
N ARG J 3595 81.23 59.55 -36.33
CA ARG J 3595 80.61 58.25 -36.24
C ARG J 3595 79.16 58.35 -36.68
N VAL J 3596 78.55 59.49 -36.38
CA VAL J 3596 77.18 59.77 -36.80
C VAL J 3596 77.12 60.00 -38.30
N GLN J 3597 78.23 60.46 -38.86
CA GLN J 3597 78.33 60.73 -40.28
C GLN J 3597 78.36 59.42 -41.08
N GLU J 3598 79.19 58.49 -40.66
CA GLU J 3598 79.41 57.26 -41.40
C GLU J 3598 78.23 56.29 -41.24
N VAL J 3599 77.51 56.42 -40.13
CA VAL J 3599 76.47 55.46 -39.77
C VAL J 3599 75.27 55.50 -40.71
N SER J 3600 74.81 56.71 -41.00
CA SER J 3600 73.66 56.90 -41.86
C SER J 3600 74.01 56.58 -43.30
N ALA J 3601 75.29 56.72 -43.63
CA ALA J 3601 75.80 56.39 -44.95
C ALA J 3601 75.69 54.89 -45.19
N VAL J 3602 75.89 54.13 -44.11
CA VAL J 3602 75.79 52.69 -44.18
C VAL J 3602 74.35 52.27 -44.37
N LEU J 3603 73.45 52.91 -43.61
CA LEU J 3603 72.04 52.56 -43.64
C LEU J 3603 71.42 52.97 -44.98
N TYR J 3604 71.95 54.03 -45.56
CA TYR J 3604 71.54 54.46 -46.88
C TYR J 3604 72.02 53.45 -47.91
N HIS J 3605 73.23 52.96 -47.69
CA HIS J 3605 73.80 51.94 -48.57
C HIS J 3605 73.12 50.61 -48.34
N LEU J 3606 72.64 50.42 -47.11
CA LEU J 3606 71.90 49.21 -46.76
C LEU J 3606 70.58 49.20 -47.47
N GLU J 3607 69.96 50.37 -47.55
CA GLU J 3607 68.70 50.52 -48.26
C GLU J 3607 68.95 50.46 -49.76
N GLN J 3608 70.14 50.87 -50.17
CA GLN J 3608 70.51 50.90 -51.58
C GLN J 3608 70.66 49.49 -52.13
N THR J 3609 71.25 48.61 -51.32
CA THR J 3609 71.48 47.24 -51.71
C THR J 3609 70.19 46.42 -51.61
N GLU J 3610 69.22 46.97 -50.88
CA GLU J 3610 67.95 46.29 -50.68
C GLU J 3610 67.12 46.27 -51.95
N LEU J 3623 45.06 32.93 -62.30
CA LEU J 3623 45.53 33.49 -63.55
C LEU J 3623 44.38 33.69 -64.53
N LEU J 3624 44.70 33.73 -65.82
CA LEU J 3624 43.68 33.87 -66.85
C LEU J 3624 43.34 32.53 -67.46
N SER J 3625 42.03 32.28 -67.61
CA SER J 3625 41.59 31.07 -68.27
C SER J 3625 41.82 31.17 -69.78
N LYS J 3626 41.70 30.02 -70.46
CA LYS J 3626 42.07 29.93 -71.87
C LYS J 3626 41.16 30.76 -72.76
N GLN J 3627 39.84 30.69 -72.56
CA GLN J 3627 38.94 31.52 -73.37
C GLN J 3627 39.06 32.99 -73.04
N ARG J 3628 39.53 33.33 -71.84
CA ARG J 3628 39.77 34.73 -71.52
C ARG J 3628 40.91 35.29 -72.35
N ARG J 3629 41.90 34.46 -72.66
CA ARG J 3629 43.01 34.89 -73.50
C ARG J 3629 42.57 35.17 -74.92
N ARG J 3630 41.73 34.33 -75.50
CA ARG J 3630 41.25 34.64 -76.84
C ARG J 3630 40.19 35.74 -76.83
N ALA J 3631 39.55 35.96 -75.68
CA ALA J 3631 38.60 37.06 -75.57
C ALA J 3631 39.30 38.40 -75.64
N VAL J 3632 40.39 38.54 -74.87
CA VAL J 3632 41.08 39.82 -74.83
C VAL J 3632 41.85 40.07 -76.13
N VAL J 3633 42.15 39.02 -76.88
CA VAL J 3633 42.76 39.19 -78.19
C VAL J 3633 41.76 39.79 -79.18
N ALA J 3634 40.58 39.18 -79.28
CA ALA J 3634 39.58 39.65 -80.23
C ALA J 3634 38.86 40.90 -79.76
N CYS J 3635 39.15 41.38 -78.54
CA CYS J 3635 38.48 42.54 -78.01
C CYS J 3635 38.89 43.82 -78.75
N PHE J 3636 39.99 43.79 -79.48
CA PHE J 3636 40.52 44.98 -80.14
C PHE J 3636 40.01 45.16 -81.55
N ARG J 3637 39.61 44.09 -82.21
CA ARG J 3637 39.18 44.14 -83.60
C ARG J 3637 37.68 44.35 -83.75
N MET J 3638 37.03 44.98 -82.77
CA MET J 3638 35.59 45.16 -82.81
C MET J 3638 35.22 46.25 -83.80
N THR J 3639 34.33 45.91 -84.72
CA THR J 3639 33.93 46.86 -85.75
C THR J 3639 33.02 47.94 -85.17
N PRO J 3640 33.06 49.15 -85.70
CA PRO J 3640 32.17 50.22 -85.23
C PRO J 3640 30.77 50.07 -85.80
N LEU J 3641 29.86 50.90 -85.28
CA LEU J 3641 28.45 50.81 -85.64
C LEU J 3641 28.18 51.30 -87.05
N TYR J 3642 28.88 52.33 -87.50
CA TYR J 3642 28.61 52.88 -88.82
C TYR J 3642 29.12 51.97 -89.93
N ASN J 3643 29.99 51.03 -89.61
CA ASN J 3643 30.38 50.00 -90.57
C ASN J 3643 29.33 48.92 -90.71
N LEU J 3644 28.42 48.79 -89.77
CA LEU J 3644 27.43 47.73 -89.79
C LEU J 3644 26.33 48.05 -90.80
N PRO J 3645 25.69 47.02 -91.37
CA PRO J 3645 24.45 47.24 -92.10
C PRO J 3645 23.34 47.70 -91.16
N THR J 3646 22.48 48.56 -91.69
CA THR J 3646 21.54 49.30 -90.85
C THR J 3646 20.45 48.42 -90.26
N HIS J 3647 20.13 47.29 -90.90
CA HIS J 3647 19.05 46.46 -90.39
C HIS J 3647 19.48 45.72 -89.13
N ARG J 3648 20.72 45.26 -89.08
CA ARG J 3648 21.22 44.67 -87.85
C ARG J 3648 21.40 45.72 -86.75
N ALA J 3649 21.74 46.95 -87.13
CA ALA J 3649 21.81 48.04 -86.17
C ALA J 3649 20.46 48.35 -85.54
N CYS J 3650 19.38 48.21 -86.32
CA CYS J 3650 18.06 48.38 -85.74
C CYS J 3650 17.72 47.23 -84.81
N ASN J 3651 18.22 46.02 -85.12
CA ASN J 3651 17.89 44.84 -84.33
C ASN J 3651 18.43 44.92 -82.91
N MET J 3652 19.71 45.29 -82.76
CA MET J 3652 20.28 45.44 -81.43
C MET J 3652 19.70 46.62 -80.68
N PHE J 3653 19.19 47.61 -81.40
CA PHE J 3653 18.52 48.73 -80.78
C PHE J 3653 17.25 48.32 -80.04
N LEU J 3654 16.43 47.48 -80.67
CA LEU J 3654 15.21 47.00 -80.02
C LEU J 3654 15.52 46.15 -78.81
N GLU J 3655 16.57 45.35 -78.88
CA GLU J 3655 17.03 44.62 -77.71
C GLU J 3655 17.62 45.56 -76.66
N SER J 3656 18.03 46.75 -77.07
CA SER J 3656 18.50 47.73 -76.09
C SER J 3656 17.36 48.60 -75.60
N TYR J 3657 16.55 49.12 -76.53
CA TYR J 3657 15.55 50.13 -76.19
C TYR J 3657 14.46 49.56 -75.31
N LYS J 3658 14.08 48.32 -75.53
CA LYS J 3658 13.15 47.65 -74.62
C LYS J 3658 13.81 47.42 -73.28
N ALA J 3659 15.10 47.15 -73.27
CA ALA J 3659 15.79 46.79 -72.04
C ALA J 3659 16.03 47.98 -71.12
N ALA J 3660 16.22 49.17 -71.68
CA ALA J 3660 16.57 50.32 -70.87
C ALA J 3660 15.43 51.32 -70.71
N TRP J 3661 14.39 51.24 -71.51
CA TRP J 3661 13.30 52.20 -71.41
C TRP J 3661 11.96 51.56 -71.10
N ILE J 3662 11.55 50.58 -71.90
CA ILE J 3662 10.20 50.02 -71.77
C ILE J 3662 10.10 49.12 -70.57
N LEU J 3663 11.13 48.31 -70.31
CA LEU J 3663 11.13 47.46 -69.14
C LEU J 3663 11.22 48.27 -67.87
N THR J 3664 11.93 49.39 -67.91
CA THR J 3664 12.09 50.24 -66.73
C THR J 3664 10.83 51.01 -66.37
N GLU J 3665 9.85 51.07 -67.26
CA GLU J 3665 8.69 51.93 -67.05
C GLU J 3665 7.75 51.35 -66.01
N ASP J 3666 7.25 52.22 -65.14
CA ASP J 3666 6.33 51.84 -64.08
C ASP J 3666 4.97 52.49 -64.30
N HIS J 3667 3.92 51.83 -63.83
CA HIS J 3667 2.56 52.32 -63.91
C HIS J 3667 1.72 51.56 -62.88
N SER J 3668 0.58 52.13 -62.54
CA SER J 3668 -0.19 51.62 -61.42
C SER J 3668 -1.58 51.18 -61.83
N PHE J 3669 -1.68 50.44 -62.92
CA PHE J 3669 -2.98 49.98 -63.39
C PHE J 3669 -3.58 48.88 -62.53
N GLU J 3670 -2.83 48.33 -61.58
CA GLU J 3670 -3.30 47.17 -60.85
C GLU J 3670 -4.38 47.51 -59.83
N ASP J 3671 -4.51 48.79 -59.46
CA ASP J 3671 -5.58 49.12 -58.54
C ASP J 3671 -6.80 49.66 -59.26
N ARG J 3672 -6.59 50.43 -60.33
CA ARG J 3672 -7.73 50.98 -61.06
C ARG J 3672 -8.41 49.96 -61.95
N MET J 3673 -7.97 48.71 -61.94
CA MET J 3673 -8.77 47.65 -62.54
C MET J 3673 -9.71 47.04 -61.53
N ILE J 3674 -9.20 46.71 -60.35
CA ILE J 3674 -9.91 45.83 -59.43
C ILE J 3674 -11.14 46.51 -58.83
N ASP J 3675 -11.12 47.84 -58.75
CA ASP J 3675 -12.26 48.60 -58.27
C ASP J 3675 -13.49 48.41 -59.16
N ASP J 3676 -13.33 48.58 -60.47
CA ASP J 3676 -14.49 48.50 -61.34
C ASP J 3676 -14.94 47.07 -61.56
N LEU J 3677 -14.05 46.10 -61.37
CA LEU J 3677 -14.50 44.72 -61.32
C LEU J 3677 -15.24 44.41 -60.03
N SER J 3678 -15.08 45.24 -59.01
CA SER J 3678 -15.82 45.05 -57.77
C SER J 3678 -17.04 45.95 -57.68
N LYS J 3679 -16.96 47.18 -58.17
CA LYS J 3679 -18.07 48.11 -58.01
C LYS J 3679 -19.21 47.87 -58.98
N ALA J 3680 -18.99 47.10 -60.04
CA ALA J 3680 -19.99 46.98 -61.07
C ALA J 3680 -21.11 46.01 -60.71
N GLY J 3681 -21.03 45.34 -59.56
CA GLY J 3681 -22.16 44.59 -59.06
C GLY J 3681 -23.33 45.50 -58.72
N GLU J 3682 -23.05 46.74 -58.36
CA GLU J 3682 -24.05 47.79 -58.23
C GLU J 3682 -24.52 48.19 -59.62
N GLN J 3683 -25.83 48.13 -59.84
CA GLN J 3683 -26.42 48.50 -61.11
C GLN J 3683 -27.88 48.86 -60.87
N GLU J 3684 -28.59 49.17 -61.94
CA GLU J 3684 -30.01 49.46 -61.85
C GLU J 3684 -30.82 48.18 -61.86
N LYS J 3693 -28.60 39.04 -55.80
CA LYS J 3693 -27.83 37.86 -55.46
C LYS J 3693 -26.94 37.44 -56.62
N LYS J 3694 -26.92 38.24 -57.67
CA LYS J 3694 -26.06 37.91 -58.79
C LYS J 3694 -24.60 38.24 -58.44
N PRO J 3695 -23.66 37.43 -58.92
CA PRO J 3695 -22.26 37.65 -58.56
C PRO J 3695 -21.67 38.88 -59.23
N ASP J 3696 -20.56 39.35 -58.68
CA ASP J 3696 -19.88 40.52 -59.17
C ASP J 3696 -19.02 40.15 -60.38
N PRO J 3697 -18.58 41.14 -61.16
CA PRO J 3697 -17.62 40.83 -62.24
C PRO J 3697 -16.34 40.21 -61.76
N LEU J 3698 -15.77 40.73 -60.67
CA LEU J 3698 -14.64 40.06 -60.05
C LEU J 3698 -15.04 38.70 -59.49
N HIS J 3699 -16.23 38.62 -58.90
CA HIS J 3699 -16.67 37.38 -58.27
C HIS J 3699 -16.94 36.29 -59.29
N GLN J 3700 -17.29 36.68 -60.52
CA GLN J 3700 -17.39 35.71 -61.59
C GLN J 3700 -16.03 35.14 -61.94
N LEU J 3701 -14.98 35.97 -61.87
CA LEU J 3701 -13.68 35.60 -62.37
C LEU J 3701 -13.03 34.53 -61.50
N VAL J 3702 -13.04 34.72 -60.18
CA VAL J 3702 -12.38 33.74 -59.34
C VAL J 3702 -13.23 32.49 -59.18
N LEU J 3703 -14.51 32.57 -59.54
CA LEU J 3703 -15.27 31.35 -59.67
C LEU J 3703 -14.79 30.54 -60.85
N HIS J 3704 -14.45 31.21 -61.94
CA HIS J 3704 -14.01 30.50 -63.14
C HIS J 3704 -12.64 29.87 -62.94
N PHE J 3705 -11.74 30.59 -62.25
CA PHE J 3705 -10.44 30.01 -61.93
C PHE J 3705 -10.57 28.89 -60.91
N SER J 3706 -11.58 28.91 -60.09
CA SER J 3706 -11.81 27.78 -59.21
C SER J 3706 -12.28 26.57 -59.99
N ARG J 3707 -13.10 26.79 -61.02
CA ARG J 3707 -13.63 25.67 -61.78
C ARG J 3707 -12.56 24.96 -62.59
N THR J 3708 -11.59 25.69 -63.12
CA THR J 3708 -10.52 25.04 -63.85
C THR J 3708 -9.50 24.38 -62.95
N ALA J 3709 -9.60 24.58 -61.64
CA ALA J 3709 -8.69 23.91 -60.73
C ALA J 3709 -9.26 22.63 -60.17
N LEU J 3710 -10.52 22.32 -60.48
CA LEU J 3710 -11.17 21.16 -59.91
C LEU J 3710 -11.36 20.03 -60.90
N THR J 3711 -11.12 20.26 -62.18
CA THR J 3711 -11.26 19.20 -63.18
C THR J 3711 -10.12 18.21 -63.02
N GLU J 3712 -10.45 16.93 -63.14
CA GLU J 3712 -9.50 15.86 -62.87
C GLU J 3712 -8.48 15.80 -64.00
N LYS J 3713 -7.26 16.26 -63.71
CA LYS J 3713 -6.15 16.10 -64.62
C LYS J 3713 -4.94 15.71 -63.79
N SER J 3714 -4.01 14.99 -64.42
CA SER J 3714 -2.83 14.54 -63.71
C SER J 3714 -1.92 15.72 -63.38
N LYS J 3715 -1.55 16.50 -64.38
CA LYS J 3715 -0.67 17.63 -64.17
C LYS J 3715 -1.50 18.91 -64.15
N LEU J 3716 -0.85 19.99 -63.78
CA LEU J 3716 -1.47 21.31 -63.75
C LEU J 3716 -0.88 22.14 -64.87
N ASP J 3717 -1.64 22.31 -65.94
CA ASP J 3717 -1.18 23.00 -67.13
C ASP J 3717 -0.90 24.48 -66.85
N GLU J 3718 0.23 24.94 -67.38
CA GLU J 3718 0.71 26.29 -67.09
C GLU J 3718 -0.07 27.30 -67.94
N ASP J 3719 -1.10 27.89 -67.36
CA ASP J 3719 -1.85 28.95 -68.01
C ASP J 3719 -1.13 30.27 -67.78
N TYR J 3720 -0.85 30.99 -68.87
CA TYR J 3720 -0.29 32.32 -68.72
C TYR J 3720 -1.34 33.33 -68.29
N LEU J 3721 -2.61 33.08 -68.60
CA LEU J 3721 -3.64 34.03 -68.27
C LEU J 3721 -3.90 34.08 -66.78
N TYR J 3722 -3.92 32.92 -66.12
CA TYR J 3722 -4.10 32.90 -64.66
C TYR J 3722 -2.92 33.54 -63.95
N MET J 3723 -1.71 33.34 -64.47
CA MET J 3723 -0.56 34.03 -63.89
C MET J 3723 -0.61 35.51 -64.21
N ALA J 3724 -1.27 35.89 -65.28
CA ALA J 3724 -1.44 37.32 -65.55
C ALA J 3724 -2.45 37.95 -64.61
N TYR J 3725 -3.33 37.16 -64.01
CA TYR J 3725 -4.26 37.70 -63.03
C TYR J 3725 -3.88 37.37 -61.61
N ALA J 3726 -2.91 36.48 -61.41
CA ALA J 3726 -2.51 36.17 -60.05
C ALA J 3726 -1.77 37.33 -59.42
N ASP J 3727 -0.91 37.99 -60.18
CA ASP J 3727 -0.14 39.10 -59.63
C ASP J 3727 -0.97 40.36 -59.50
N ILE J 3728 -1.95 40.56 -60.39
CA ILE J 3728 -2.74 41.78 -60.36
C ILE J 3728 -3.62 41.82 -59.12
N MET J 3729 -4.22 40.69 -58.78
CA MET J 3729 -4.91 40.60 -57.49
C MET J 3729 -3.94 40.59 -56.33
N ALA J 3730 -2.70 40.17 -56.53
CA ALA J 3730 -1.72 40.20 -55.45
C ALA J 3730 -1.29 41.63 -55.15
N LYS J 3731 -1.15 42.46 -56.18
CA LYS J 3731 -0.73 43.84 -55.98
C LYS J 3731 -1.84 44.74 -55.46
N SER J 3732 -3.04 44.22 -55.22
CA SER J 3732 -4.09 45.05 -54.66
C SER J 3732 -3.92 45.25 -53.15
N CYS J 3733 -3.02 44.49 -52.54
CA CYS J 3733 -2.77 44.63 -51.12
C CYS J 3733 -1.37 45.13 -50.81
N HIS J 3734 -0.46 45.10 -51.78
CA HIS J 3734 0.91 45.54 -51.55
C HIS J 3734 1.06 47.04 -51.52
N LEU J 3735 0.02 47.78 -51.93
CA LEU J 3735 0.06 49.23 -51.76
C LEU J 3735 0.02 49.59 -50.29
N GLU J 3736 -0.66 48.79 -49.48
CA GLU J 3736 -0.69 48.97 -48.03
C GLU J 3736 0.26 48.03 -47.31
N GLU J 3737 0.84 47.05 -48.00
CA GLU J 3737 1.78 46.13 -47.39
C GLU J 3737 3.21 46.65 -47.52
N GLU J 3750 9.31 58.04 -38.00
CA GLU J 3750 8.45 58.17 -36.83
C GLU J 3750 6.99 58.27 -37.25
N VAL J 3751 6.17 57.33 -36.79
CA VAL J 3751 4.76 57.29 -37.14
C VAL J 3751 3.92 57.50 -35.88
N SER J 3752 2.71 57.97 -36.10
CA SER J 3752 1.74 58.17 -35.03
C SER J 3752 1.06 56.84 -34.70
N PHE J 3753 0.08 56.90 -33.82
CA PHE J 3753 -0.67 55.69 -33.49
C PHE J 3753 -1.87 55.51 -34.42
N GLU J 3754 -2.62 56.58 -34.65
CA GLU J 3754 -3.82 56.48 -35.48
C GLU J 3754 -3.49 56.25 -36.95
N GLU J 3755 -2.46 56.94 -37.46
CA GLU J 3755 -2.23 56.95 -38.90
C GLU J 3755 -1.71 55.61 -39.42
N LYS J 3756 -1.16 54.77 -38.54
CA LYS J 3756 -0.81 53.43 -38.98
C LYS J 3756 -2.00 52.48 -38.92
N GLU J 3757 -3.01 52.81 -38.12
CA GLU J 3757 -4.21 51.97 -38.08
C GLU J 3757 -5.03 52.09 -39.35
N MET J 3758 -5.15 53.29 -39.90
CA MET J 3758 -5.76 53.44 -41.21
C MET J 3758 -4.89 52.86 -42.31
N GLU J 3759 -3.58 52.87 -42.13
CA GLU J 3759 -2.72 52.10 -43.02
C GLU J 3759 -2.88 50.61 -42.78
N LYS J 3760 -3.28 50.21 -41.58
CA LYS J 3760 -3.62 48.82 -41.34
C LYS J 3760 -5.01 48.49 -41.89
N GLN J 3761 -6.01 49.29 -41.54
CA GLN J 3761 -7.38 48.92 -41.86
C GLN J 3761 -7.70 49.06 -43.35
N ARG J 3762 -6.97 49.90 -44.08
CA ARG J 3762 -7.19 49.93 -45.52
C ARG J 3762 -6.65 48.66 -46.16
N LEU J 3763 -5.72 47.98 -45.49
CA LEU J 3763 -5.30 46.68 -45.96
C LEU J 3763 -6.33 45.63 -45.64
N LEU J 3764 -7.04 45.77 -44.52
CA LEU J 3764 -8.17 44.86 -44.30
C LEU J 3764 -9.36 45.18 -45.18
N TYR J 3765 -9.41 46.36 -45.78
CA TYR J 3765 -10.43 46.63 -46.77
C TYR J 3765 -10.15 45.88 -48.05
N GLN J 3766 -8.92 45.99 -48.55
CA GLN J 3766 -8.57 45.31 -49.78
C GLN J 3766 -8.48 43.80 -49.58
N GLN J 3767 -8.18 43.36 -48.37
CA GLN J 3767 -8.26 41.93 -48.10
C GLN J 3767 -9.69 41.45 -48.06
N SER J 3768 -10.61 42.31 -47.65
CA SER J 3768 -12.01 41.92 -47.69
C SER J 3768 -12.54 41.95 -49.10
N ARG J 3769 -11.98 42.79 -49.96
CA ARG J 3769 -12.44 42.92 -51.33
C ARG J 3769 -12.16 41.66 -52.15
N LEU J 3770 -11.21 40.84 -51.72
CA LEU J 3770 -10.99 39.56 -52.36
C LEU J 3770 -11.69 38.41 -51.66
N HIS J 3771 -11.47 38.24 -50.36
CA HIS J 3771 -11.82 36.97 -49.74
C HIS J 3771 -13.29 36.86 -49.35
N THR J 3772 -14.09 37.92 -49.52
CA THR J 3772 -15.53 37.69 -49.45
C THR J 3772 -16.07 37.26 -50.79
N ARG J 3773 -15.29 37.41 -51.86
CA ARG J 3773 -15.66 36.90 -53.15
C ARG J 3773 -15.13 35.49 -53.38
N GLY J 3774 -14.71 34.79 -52.33
CA GLY J 3774 -14.23 33.44 -52.48
C GLY J 3774 -12.80 33.33 -52.96
N ALA J 3775 -11.96 34.32 -52.71
CA ALA J 3775 -10.57 34.23 -53.10
C ALA J 3775 -9.76 33.32 -52.20
N ALA J 3776 -10.28 32.95 -51.04
CA ALA J 3776 -9.49 32.17 -50.10
C ALA J 3776 -9.40 30.71 -50.50
N GLU J 3777 -10.45 30.17 -51.08
CA GLU J 3777 -10.44 28.76 -51.41
C GLU J 3777 -9.93 28.48 -52.81
N MET J 3778 -9.89 29.50 -53.67
CA MET J 3778 -9.21 29.34 -54.94
C MET J 3778 -7.73 29.10 -54.74
N VAL J 3779 -7.12 29.83 -53.83
CA VAL J 3779 -5.69 29.67 -53.61
C VAL J 3779 -5.41 28.44 -52.78
N LEU J 3780 -6.45 27.86 -52.17
CA LEU J 3780 -6.26 26.62 -51.47
C LEU J 3780 -6.49 25.41 -52.36
N GLN J 3781 -7.26 25.57 -53.43
CA GLN J 3781 -7.52 24.43 -54.30
C GLN J 3781 -6.34 24.15 -55.22
N MET J 3782 -5.72 25.19 -55.76
CA MET J 3782 -4.67 25.01 -56.75
C MET J 3782 -3.38 24.47 -56.18
N ILE J 3783 -3.17 24.60 -54.87
CA ILE J 3783 -2.06 23.89 -54.27
C ILE J 3783 -2.34 22.40 -54.25
N SER J 3784 -3.60 22.03 -54.05
CA SER J 3784 -3.95 20.62 -54.17
C SER J 3784 -3.96 20.18 -55.62
N ALA J 3785 -4.15 21.11 -56.54
CA ALA J 3785 -4.11 20.80 -57.96
C ALA J 3785 -2.70 20.82 -58.52
N CYS J 3786 -1.73 21.32 -57.74
CA CYS J 3786 -0.35 21.18 -58.16
C CYS J 3786 0.15 19.76 -58.05
N LYS J 3787 -0.05 19.15 -56.87
CA LYS J 3787 0.50 17.85 -56.51
C LYS J 3787 2.02 17.81 -56.68
N GLY J 3788 2.68 18.88 -56.29
CA GLY J 3788 4.12 18.82 -56.15
C GLY J 3788 4.92 19.35 -57.32
N GLU J 3789 4.28 19.71 -58.41
CA GLU J 3789 5.00 20.15 -59.60
C GLU J 3789 5.45 21.59 -59.37
N THR J 3790 6.69 21.77 -58.92
CA THR J 3790 7.21 23.08 -58.55
C THR J 3790 7.51 23.95 -59.77
N GLY J 3791 6.44 24.33 -60.46
CA GLY J 3791 6.55 25.11 -61.68
C GLY J 3791 6.44 26.60 -61.44
N ALA J 3792 6.08 27.31 -62.50
CA ALA J 3792 5.96 28.75 -62.42
C ALA J 3792 4.62 29.21 -61.86
N MET J 3793 3.58 28.38 -61.95
CA MET J 3793 2.29 28.78 -61.42
C MET J 3793 2.26 28.78 -59.90
N VAL J 3794 2.88 27.80 -59.26
CA VAL J 3794 2.89 27.78 -57.82
C VAL J 3794 3.82 28.85 -57.24
N SER J 3795 4.68 29.44 -58.06
CA SER J 3795 5.26 30.71 -57.67
C SER J 3795 4.20 31.80 -57.63
N SER J 3796 3.46 31.95 -58.72
CA SER J 3796 2.51 33.04 -58.82
C SER J 3796 1.27 32.83 -57.99
N THR J 3797 0.99 31.60 -57.56
CA THR J 3797 -0.16 31.43 -56.70
C THR J 3797 0.16 31.69 -55.24
N LEU J 3798 1.44 31.73 -54.87
CA LEU J 3798 1.73 31.92 -53.46
C LEU J 3798 1.85 33.38 -53.11
N LYS J 3799 2.24 34.21 -54.08
CA LYS J 3799 2.27 35.64 -53.84
C LYS J 3799 0.86 36.20 -53.65
N LEU J 3800 -0.13 35.56 -54.24
CA LEU J 3800 -1.51 35.91 -53.91
C LEU J 3800 -1.89 35.38 -52.54
N GLY J 3801 -1.36 34.20 -52.17
CA GLY J 3801 -1.69 33.63 -50.89
C GLY J 3801 -1.11 34.39 -49.73
N ILE J 3802 0.00 35.09 -49.95
CA ILE J 3802 0.55 35.93 -48.90
C ILE J 3802 -0.23 37.22 -48.78
N SER J 3803 -0.56 37.86 -49.90
CA SER J 3803 -1.20 39.18 -49.85
C SER J 3803 -2.64 39.12 -49.38
N ILE J 3804 -3.20 37.93 -49.22
CA ILE J 3804 -4.47 37.80 -48.53
C ILE J 3804 -4.24 37.57 -47.04
N LEU J 3805 -3.26 36.74 -46.68
CA LEU J 3805 -2.99 36.45 -45.28
C LEU J 3805 -1.86 37.30 -44.72
N ASN J 3806 -1.53 38.42 -45.36
CA ASN J 3806 -0.52 39.30 -44.81
C ASN J 3806 -1.05 40.02 -43.59
N GLY J 3807 -0.17 40.32 -42.65
CA GLY J 3807 -0.58 40.98 -41.43
C GLY J 3807 -1.30 40.10 -40.43
N GLY J 3808 -1.49 38.83 -40.72
CA GLY J 3808 -2.17 37.94 -39.80
C GLY J 3808 -3.66 38.21 -39.73
N ASN J 3809 -4.35 38.11 -40.86
CA ASN J 3809 -5.79 38.20 -40.85
C ASN J 3809 -6.38 36.96 -40.18
N ALA J 3810 -7.53 37.12 -39.55
CA ALA J 3810 -8.11 36.04 -38.77
C ALA J 3810 -9.12 35.22 -39.55
N GLU J 3811 -10.13 35.85 -40.16
CA GLU J 3811 -11.24 35.10 -40.70
C GLU J 3811 -10.89 34.37 -42.01
N VAL J 3812 -9.79 34.74 -42.66
CA VAL J 3812 -9.37 33.94 -43.79
C VAL J 3812 -8.87 32.59 -43.33
N GLN J 3813 -8.32 32.52 -42.12
CA GLN J 3813 -7.97 31.23 -41.55
C GLN J 3813 -9.23 30.47 -41.16
N GLN J 3814 -10.24 31.18 -40.69
CA GLN J 3814 -11.50 30.52 -40.38
C GLN J 3814 -12.26 30.17 -41.66
N LYS J 3815 -11.95 30.87 -42.76
CA LYS J 3815 -12.46 30.43 -44.04
C LYS J 3815 -11.61 29.31 -44.64
N MET J 3816 -10.50 28.96 -44.00
CA MET J 3816 -9.64 27.92 -44.54
C MET J 3816 -9.70 26.63 -43.75
N LEU J 3817 -9.94 26.71 -42.43
CA LEU J 3817 -9.95 25.48 -41.65
C LEU J 3817 -11.17 24.62 -41.96
N ASP J 3818 -12.32 25.26 -42.06
CA ASP J 3818 -13.56 24.57 -42.42
C ASP J 3818 -13.49 23.93 -43.80
N TYR J 3819 -12.79 24.57 -44.74
CA TYR J 3819 -12.62 24.00 -46.07
C TYR J 3819 -11.78 22.74 -46.03
N LEU J 3820 -10.80 22.67 -45.13
CA LEU J 3820 -10.04 21.45 -44.98
C LEU J 3820 -10.67 20.48 -44.00
N LYS J 3821 -11.85 20.79 -43.47
CA LYS J 3821 -12.52 19.90 -42.56
C LYS J 3821 -13.82 19.32 -43.10
N ASP J 3822 -14.50 20.05 -43.98
CA ASP J 3822 -15.65 19.43 -44.65
C ASP J 3822 -15.23 18.56 -45.83
N LYS J 3823 -14.06 18.83 -46.43
CA LYS J 3823 -13.68 18.12 -47.63
C LYS J 3823 -12.85 16.88 -47.32
N LYS J 3824 -12.15 16.89 -46.18
CA LYS J 3824 -11.15 15.88 -45.81
C LYS J 3824 -10.10 15.70 -46.92
N GLU J 3825 -9.68 16.80 -47.50
CA GLU J 3825 -8.90 16.77 -48.74
C GLU J 3825 -7.45 16.41 -48.44
N VAL J 3826 -7.18 15.12 -48.30
CA VAL J 3826 -5.80 14.65 -48.39
C VAL J 3826 -5.35 14.85 -49.83
N GLY J 3827 -4.20 15.49 -49.98
CA GLY J 3827 -3.74 15.84 -51.30
C GLY J 3827 -3.24 17.27 -51.27
N PHE J 3828 -3.88 18.10 -50.45
CA PHE J 3828 -3.29 19.37 -50.09
C PHE J 3828 -2.01 19.18 -49.32
N PHE J 3829 -2.10 18.51 -48.19
CA PHE J 3829 -0.99 18.31 -47.29
C PHE J 3829 0.11 17.47 -47.90
N GLN J 3830 -0.24 16.53 -48.78
CA GLN J 3830 0.78 15.80 -49.49
C GLN J 3830 1.49 16.68 -50.50
N SER J 3831 0.76 17.56 -51.18
CA SER J 3831 1.41 18.51 -52.08
C SER J 3831 2.21 19.54 -51.30
N ILE J 3832 1.79 19.84 -50.08
CA ILE J 3832 2.62 20.64 -49.19
C ILE J 3832 3.91 19.91 -48.89
N GLN J 3833 3.82 18.62 -48.57
CA GLN J 3833 5.00 17.85 -48.24
C GLN J 3833 5.88 17.63 -49.46
N ALA J 3834 5.28 17.60 -50.65
CA ALA J 3834 6.07 17.42 -51.85
C ALA J 3834 6.91 18.65 -52.19
N LEU J 3835 6.34 19.84 -52.07
CA LEU J 3835 7.11 21.05 -52.30
C LEU J 3835 8.20 21.26 -51.26
N MET J 3836 8.02 20.70 -50.06
CA MET J 3836 9.01 20.89 -49.01
C MET J 3836 10.33 20.18 -49.33
N GLN J 3837 10.26 18.96 -49.84
CA GLN J 3837 11.48 18.21 -50.09
C GLN J 3837 12.23 18.70 -51.32
N THR J 3838 11.55 19.33 -52.27
CA THR J 3838 12.21 19.86 -53.46
C THR J 3838 12.59 21.32 -53.25
N CYS J 3839 13.27 21.56 -52.13
CA CYS J 3839 13.82 22.86 -51.83
C CYS J 3839 15.33 22.76 -51.84
N SER J 3840 15.96 23.48 -52.76
CA SER J 3840 17.40 23.41 -52.91
C SER J 3840 18.10 24.03 -51.71
N VAL J 3841 19.31 23.55 -51.44
CA VAL J 3841 20.13 24.04 -50.34
C VAL J 3841 21.50 24.40 -50.91
N LEU J 3842 22.42 24.81 -50.04
CA LEU J 3842 23.79 25.12 -50.46
C LEU J 3842 24.46 23.85 -50.94
N ASP J 3843 25.02 23.88 -52.14
CA ASP J 3843 25.81 22.74 -52.58
C ASP J 3843 27.29 23.08 -52.55
N LEU J 3844 28.11 22.08 -52.84
CA LEU J 3844 29.53 22.30 -53.01
C LEU J 3844 30.04 21.79 -54.35
N ASN J 3845 29.17 21.67 -55.34
CA ASN J 3845 29.59 21.21 -56.66
C ASN J 3845 29.27 22.20 -57.77
N ALA J 3846 28.04 22.66 -57.85
CA ALA J 3846 27.68 23.68 -58.83
C ALA J 3846 28.21 25.04 -58.46
N PHE J 3847 28.59 25.22 -57.19
CA PHE J 3847 29.17 26.46 -56.72
C PHE J 3847 30.46 26.80 -57.44
N GLU J 3848 31.37 25.83 -57.55
CA GLU J 3848 32.57 26.07 -58.34
C GLU J 3848 32.31 25.97 -59.83
N ARG J 3849 31.24 25.28 -60.24
CA ARG J 3849 30.84 25.33 -61.63
C ARG J 3849 30.47 26.75 -62.04
N GLN J 3850 29.72 27.44 -61.18
CA GLN J 3850 29.47 28.86 -61.36
C GLN J 3850 30.75 29.66 -61.32
N ASN J 3851 31.67 29.26 -60.44
CA ASN J 3851 32.91 30.02 -60.28
C ASN J 3851 33.81 29.83 -61.49
N LYS J 3852 33.89 28.63 -62.03
CA LYS J 3852 34.61 28.42 -63.27
C LYS J 3852 33.90 29.06 -64.44
N ALA J 3853 32.57 29.11 -64.40
CA ALA J 3853 31.84 29.90 -65.36
C ALA J 3853 32.08 31.39 -65.18
N GLU J 3854 32.31 31.82 -63.94
CA GLU J 3854 32.57 33.23 -63.68
C GLU J 3854 33.93 33.69 -64.19
N GLY J 3855 34.79 32.77 -64.63
CA GLY J 3855 36.06 33.16 -65.21
C GLY J 3855 35.98 33.68 -66.63
N LEU J 3856 34.77 33.73 -67.19
CA LEU J 3856 34.55 34.21 -68.54
C LEU J 3856 33.66 35.46 -68.45
N GLY J 3857 34.07 36.54 -69.10
CA GLY J 3857 33.34 37.79 -68.96
C GLY J 3857 32.66 38.23 -70.24
N MET J 3858 33.25 37.95 -71.39
CA MET J 3858 32.68 38.34 -72.67
C MET J 3858 33.05 37.28 -73.70
N VAL J 3859 32.07 36.83 -74.44
CA VAL J 3859 32.24 35.72 -75.38
C VAL J 3859 32.56 36.29 -76.76
N ASN J 3860 33.32 35.51 -77.54
CA ASN J 3860 33.81 35.91 -78.85
C ASN J 3860 32.67 36.19 -79.84
N GLU J 3861 33.05 36.88 -80.93
CA GLU J 3861 32.21 37.12 -82.10
C GLU J 3861 30.96 37.93 -81.77
N ASP J 3862 31.19 39.12 -81.18
CA ASP J 3862 30.20 40.19 -81.02
C ASP J 3862 29.04 39.76 -80.12
N GLY J 3863 29.31 38.79 -79.26
CA GLY J 3863 28.30 38.32 -78.34
C GLY J 3863 28.64 38.76 -76.93
N THR J 3864 27.65 38.82 -76.07
CA THR J 3864 27.89 39.14 -74.67
C THR J 3864 27.45 37.98 -73.81
N VAL J 3865 28.26 37.66 -72.79
CA VAL J 3865 27.85 36.66 -71.82
C VAL J 3865 26.74 37.23 -70.97
N ILE J 3866 25.52 36.74 -71.20
CA ILE J 3866 24.38 37.20 -70.43
C ILE J 3866 24.47 36.57 -69.05
N ASN J 3867 24.91 37.37 -68.07
CA ASN J 3867 25.09 36.87 -66.72
C ASN J 3867 23.77 36.54 -66.03
N ARG J 3868 22.65 37.09 -66.53
CA ARG J 3868 21.35 36.70 -66.02
C ARG J 3868 20.84 35.42 -66.66
N GLN J 3869 21.39 35.02 -67.81
CA GLN J 3869 21.00 33.76 -68.43
C GLN J 3869 21.48 32.57 -67.61
N ASN J 3870 22.77 32.57 -67.26
CA ASN J 3870 23.25 31.62 -66.26
C ASN J 3870 22.66 31.94 -64.89
N GLY J 3871 22.70 33.20 -64.49
CA GLY J 3871 22.12 33.62 -63.23
C GLY J 3871 22.87 33.02 -62.07
N GLU J 3872 22.12 32.56 -61.08
CA GLU J 3872 22.67 31.78 -59.99
C GLU J 3872 22.24 30.33 -60.17
N LYS J 3873 23.16 29.50 -60.64
CA LYS J 3873 22.87 28.07 -60.75
C LYS J 3873 22.74 27.44 -59.37
N VAL J 3874 23.41 28.01 -58.37
CA VAL J 3874 23.29 27.57 -56.99
C VAL J 3874 22.17 28.32 -56.30
N MET J 3875 21.19 27.55 -55.80
CA MET J 3875 20.04 28.04 -55.04
C MET J 3875 19.26 29.10 -55.81
N ALA J 3876 18.84 28.77 -57.03
CA ALA J 3876 17.86 29.58 -57.74
C ALA J 3876 16.44 29.33 -57.22
N ASP J 3877 16.30 28.34 -56.35
CA ASP J 3877 15.05 27.98 -55.68
C ASP J 3877 14.76 28.88 -54.49
N ASP J 3878 15.61 29.88 -54.25
CA ASP J 3878 15.68 30.61 -52.99
C ASP J 3878 14.41 31.38 -52.67
N GLU J 3879 14.00 32.30 -53.53
CA GLU J 3879 12.89 33.18 -53.22
C GLU J 3879 11.58 32.42 -53.21
N PHE J 3880 11.51 31.32 -53.95
CA PHE J 3880 10.31 30.51 -53.88
C PHE J 3880 10.23 29.76 -52.56
N THR J 3881 11.31 29.08 -52.16
CA THR J 3881 11.25 28.29 -50.94
C THR J 3881 11.20 29.15 -49.69
N GLN J 3882 11.63 30.40 -49.77
CA GLN J 3882 11.39 31.36 -48.71
C GLN J 3882 9.93 31.75 -48.68
N ASP J 3883 9.30 31.81 -49.85
CA ASP J 3883 7.94 32.30 -49.92
C ASP J 3883 6.94 31.29 -49.39
N LEU J 3884 7.29 30.00 -49.45
CA LEU J 3884 6.37 28.99 -48.97
C LEU J 3884 6.32 28.98 -47.45
N PHE J 3885 7.48 29.07 -46.81
CA PHE J 3885 7.50 29.18 -45.36
C PHE J 3885 6.91 30.49 -44.87
N ARG J 3886 7.09 31.57 -45.64
CA ARG J 3886 6.43 32.83 -45.31
C ARG J 3886 4.92 32.69 -45.44
N PHE J 3887 4.45 31.93 -46.42
CA PHE J 3887 3.05 31.54 -46.41
C PHE J 3887 2.74 30.66 -45.22
N LEU J 3888 3.61 29.68 -44.94
CA LEU J 3888 3.37 28.77 -43.85
C LEU J 3888 3.42 29.42 -42.48
N GLN J 3889 4.22 30.48 -42.34
CA GLN J 3889 4.21 31.23 -41.10
C GLN J 3889 2.87 31.92 -40.90
N LEU J 3890 2.27 32.41 -41.98
CA LEU J 3890 1.06 33.22 -41.88
C LEU J 3890 -0.20 32.41 -41.71
N LEU J 3891 -0.11 31.09 -41.51
CA LEU J 3891 -1.32 30.33 -41.24
C LEU J 3891 -1.61 30.25 -39.75
N CYS J 3892 -0.61 30.51 -38.90
CA CYS J 3892 -0.81 30.54 -37.47
C CYS J 3892 -0.24 31.82 -36.87
N GLU J 3893 -0.48 32.95 -37.53
CA GLU J 3893 0.06 34.22 -37.06
C GLU J 3893 -0.70 34.72 -35.84
N GLY J 3894 -2.02 34.62 -35.84
CA GLY J 3894 -2.80 35.03 -34.69
C GLY J 3894 -2.90 33.98 -33.60
N HIS J 3895 -1.97 33.00 -33.63
CA HIS J 3895 -1.86 31.93 -32.64
C HIS J 3895 -3.12 31.10 -32.58
N ASN J 3896 -3.70 30.87 -33.77
CA ASN J 3896 -4.95 30.14 -33.89
C ASN J 3896 -4.72 28.68 -33.54
N ASN J 3897 -5.11 28.30 -32.33
CA ASN J 3897 -4.66 27.06 -31.71
C ASN J 3897 -5.16 25.81 -32.42
N ASP J 3898 -6.25 25.92 -33.17
CA ASP J 3898 -6.72 24.81 -33.98
C ASP J 3898 -5.75 24.42 -35.08
N PHE J 3899 -5.10 25.39 -35.74
CA PHE J 3899 -4.09 25.05 -36.75
C PHE J 3899 -2.84 24.46 -36.10
N GLN J 3900 -2.55 24.86 -34.87
CA GLN J 3900 -1.53 24.16 -34.10
C GLN J 3900 -1.89 22.71 -33.84
N ASN J 3901 -3.17 22.36 -33.80
CA ASN J 3901 -3.53 20.96 -33.72
C ASN J 3901 -3.99 20.42 -35.06
N TYR J 3902 -3.99 21.24 -36.10
CA TYR J 3902 -4.30 20.72 -37.43
C TYR J 3902 -3.04 20.39 -38.21
N LEU J 3903 -2.03 21.25 -38.09
CA LEU J 3903 -0.83 21.08 -38.90
C LEU J 3903 0.05 19.93 -38.43
N ARG J 3904 -0.25 19.33 -37.28
CA ARG J 3904 0.45 18.11 -36.94
C ARG J 3904 -0.48 16.91 -37.03
N THR J 3905 -1.79 17.15 -37.06
CA THR J 3905 -2.76 16.06 -37.13
C THR J 3905 -3.98 16.53 -37.89
N GLN J 3906 -4.22 15.91 -39.03
CA GLN J 3906 -5.45 16.12 -39.78
C GLN J 3906 -6.41 15.05 -39.32
N THR J 3907 -6.96 15.23 -38.12
CA THR J 3907 -7.70 14.17 -37.44
C THR J 3907 -9.00 13.79 -38.13
N GLY J 3908 -9.60 14.69 -38.90
CA GLY J 3908 -10.78 14.33 -39.66
C GLY J 3908 -10.44 13.50 -40.86
N ASN J 3909 -9.22 13.70 -41.38
CA ASN J 3909 -8.75 13.02 -42.58
C ASN J 3909 -8.40 11.57 -42.26
N THR J 3910 -8.06 10.84 -43.32
CA THR J 3910 -7.63 9.45 -43.13
C THR J 3910 -6.16 9.37 -42.77
N THR J 3911 -5.34 10.27 -43.29
CA THR J 3911 -3.90 10.14 -43.23
C THR J 3911 -3.28 11.46 -42.80
N THR J 3912 -2.63 11.47 -41.65
CA THR J 3912 -1.91 12.63 -41.17
C THR J 3912 -0.60 12.78 -41.94
N ILE J 3913 -0.08 14.01 -41.95
CA ILE J 3913 1.19 14.31 -42.59
C ILE J 3913 2.20 14.86 -41.58
N ASN J 3914 1.74 15.72 -40.66
CA ASN J 3914 2.55 16.36 -39.62
C ASN J 3914 3.68 17.19 -40.25
N ILE J 3915 3.24 18.27 -40.91
CA ILE J 3915 4.13 19.24 -41.55
C ILE J 3915 5.13 19.83 -40.58
N ILE J 3916 4.75 19.94 -39.31
CA ILE J 3916 5.65 20.36 -38.24
C ILE J 3916 6.89 19.49 -38.20
N ILE J 3917 6.72 18.17 -38.30
CA ILE J 3917 7.87 17.29 -38.42
C ILE J 3917 8.56 17.50 -39.77
N CYS J 3918 7.78 17.71 -40.83
CA CYS J 3918 8.35 17.95 -42.14
C CYS J 3918 9.08 19.29 -42.21
N THR J 3919 8.72 20.24 -41.35
CA THR J 3919 9.47 21.49 -41.29
C THR J 3919 10.81 21.29 -40.62
N VAL J 3920 10.87 20.35 -39.67
CA VAL J 3920 12.14 20.04 -39.01
C VAL J 3920 13.10 19.39 -40.00
N ASP J 3921 12.60 18.53 -40.88
CA ASP J 3921 13.49 17.74 -41.71
C ASP J 3921 14.11 18.57 -42.82
N TYR J 3922 13.44 19.63 -43.26
CA TYR J 3922 14.11 20.53 -44.18
C TYR J 3922 15.20 21.31 -43.46
N LEU J 3923 14.96 21.66 -42.21
CA LEU J 3923 15.91 22.42 -41.43
C LEU J 3923 17.20 21.65 -41.20
N LEU J 3924 17.09 20.35 -40.95
CA LEU J 3924 18.28 19.51 -40.82
C LEU J 3924 19.05 19.41 -42.12
N ARG J 3925 18.33 19.25 -43.23
CA ARG J 3925 18.97 19.25 -44.54
C ARG J 3925 19.59 20.61 -44.84
N LEU J 3926 19.00 21.68 -44.32
CA LEU J 3926 19.66 22.97 -44.40
C LEU J 3926 20.87 23.02 -43.49
N GLN J 3927 20.81 22.30 -42.37
CA GLN J 3927 21.82 22.46 -41.32
C GLN J 3927 23.16 21.89 -41.75
N GLU J 3928 23.17 20.70 -42.33
CA GLU J 3928 24.43 20.18 -42.84
C GLU J 3928 24.90 20.96 -44.05
N SER J 3929 23.97 21.47 -44.85
CA SER J 3929 24.31 22.16 -46.08
C SER J 3929 24.97 23.51 -45.80
N ILE J 3930 24.62 24.14 -44.68
CA ILE J 3930 25.32 25.37 -44.34
C ILE J 3930 26.61 25.04 -43.62
N SER J 3931 26.67 23.90 -42.93
CA SER J 3931 27.87 23.58 -42.16
C SER J 3931 29.01 23.15 -43.07
N ASP J 3932 28.70 22.45 -44.15
CA ASP J 3932 29.75 22.07 -45.08
C ASP J 3932 30.20 23.24 -45.91
N PHE J 3933 29.38 24.28 -46.01
CA PHE J 3933 29.87 25.51 -46.62
C PHE J 3933 30.87 26.21 -45.73
N TYR J 3934 30.81 25.95 -44.43
CA TYR J 3934 31.82 26.51 -43.54
C TYR J 3934 33.15 25.79 -43.72
N TRP J 3935 33.11 24.47 -43.90
CA TRP J 3935 34.34 23.68 -43.98
C TRP J 3935 35.11 23.95 -45.26
N TYR J 3936 34.42 24.37 -46.33
CA TYR J 3936 35.15 24.79 -47.52
C TYR J 3936 35.90 26.08 -47.28
N TYR J 3937 35.30 26.98 -46.51
CA TYR J 3937 35.89 28.28 -46.26
C TYR J 3937 36.69 28.33 -44.97
N SER J 3938 36.74 27.22 -44.23
CA SER J 3938 37.49 27.20 -42.99
C SER J 3938 38.99 27.22 -43.22
N GLY J 3939 39.45 26.92 -44.43
CA GLY J 3939 40.85 27.02 -44.74
C GLY J 3939 41.21 28.35 -45.36
N LYS J 3940 40.27 28.94 -46.09
CA LYS J 3940 40.52 30.22 -46.74
C LYS J 3940 40.55 31.33 -45.69
N ASP J 3941 41.24 32.42 -46.04
CA ASP J 3941 41.36 33.53 -45.10
C ASP J 3941 40.29 34.59 -45.37
N VAL J 3942 40.29 35.14 -46.57
CA VAL J 3942 39.33 36.18 -46.92
C VAL J 3942 38.19 35.55 -47.70
N ILE J 3943 37.10 36.29 -47.81
CA ILE J 3943 35.92 35.86 -48.56
C ILE J 3943 35.69 36.83 -49.70
N GLU J 3944 35.50 36.30 -50.89
CA GLU J 3944 35.25 37.14 -52.07
C GLU J 3944 33.78 37.55 -52.13
N GLU J 3945 33.41 38.23 -53.22
CA GLU J 3945 32.07 38.78 -53.35
C GLU J 3945 31.00 37.72 -53.53
N GLN J 3946 31.25 36.70 -54.36
CA GLN J 3946 30.22 35.71 -54.64
C GLN J 3946 30.05 34.73 -53.49
N GLY J 3947 31.06 34.62 -52.62
CA GLY J 3947 30.97 33.72 -51.49
C GLY J 3947 29.97 34.20 -50.46
N LYS J 3948 29.87 35.52 -50.30
CA LYS J 3948 28.93 36.06 -49.34
C LYS J 3948 27.51 36.08 -49.86
N ARG J 3949 27.33 36.32 -51.16
CA ARG J 3949 26.00 36.39 -51.76
C ARG J 3949 25.29 35.06 -51.64
N ASN J 3950 26.03 33.97 -51.78
CA ASN J 3950 25.51 32.65 -51.44
C ASN J 3950 25.17 32.53 -49.98
N PHE J 3951 26.03 33.06 -49.11
CA PHE J 3951 25.81 32.85 -47.70
C PHE J 3951 24.78 33.84 -47.16
N SER J 3952 24.63 34.97 -47.84
CA SER J 3952 23.51 35.85 -47.53
C SER J 3952 22.18 35.20 -47.87
N LYS J 3953 22.16 34.37 -48.90
CA LYS J 3953 20.92 33.72 -49.31
C LYS J 3953 20.45 32.70 -48.28
N ALA J 3954 21.35 31.83 -47.82
CA ALA J 3954 20.97 30.69 -47.01
C ALA J 3954 20.52 31.09 -45.61
N MET J 3955 21.01 32.21 -45.09
CA MET J 3955 20.53 32.63 -43.78
C MET J 3955 19.23 33.40 -43.88
N SER J 3956 19.01 34.11 -44.99
CA SER J 3956 17.75 34.79 -45.19
C SER J 3956 16.60 33.81 -45.30
N VAL J 3957 16.86 32.60 -45.79
CA VAL J 3957 15.80 31.61 -45.77
C VAL J 3957 15.80 30.89 -44.43
N ALA J 3958 16.90 30.97 -43.69
CA ALA J 3958 16.94 30.35 -42.38
C ALA J 3958 16.17 31.18 -41.37
N LYS J 3959 16.25 32.51 -41.46
CA LYS J 3959 15.48 33.36 -40.58
C LYS J 3959 13.99 33.24 -40.87
N GLN J 3960 13.65 32.97 -42.11
CA GLN J 3960 12.25 32.72 -42.46
C GLN J 3960 11.75 31.44 -41.81
N VAL J 3961 12.59 30.42 -41.74
CA VAL J 3961 12.04 29.14 -41.29
C VAL J 3961 12.07 29.05 -39.76
N PHE J 3962 13.00 29.74 -39.08
CA PHE J 3962 12.89 29.78 -37.63
C PHE J 3962 11.68 30.61 -37.19
N ASN J 3963 11.43 31.72 -37.89
CA ASN J 3963 10.20 32.45 -37.65
C ASN J 3963 8.98 31.63 -37.97
N SER J 3964 9.05 30.80 -39.02
CA SER J 3964 7.92 29.93 -39.31
C SER J 3964 7.86 28.77 -38.34
N LEU J 3965 9.00 28.41 -37.74
CA LEU J 3965 8.95 27.42 -36.67
C LEU J 3965 8.25 27.95 -35.44
N THR J 3966 8.59 29.16 -35.00
CA THR J 3966 8.15 29.60 -33.69
C THR J 3966 6.67 29.94 -33.67
N GLU J 3967 6.08 30.23 -34.84
CA GLU J 3967 4.64 30.45 -34.87
C GLU J 3967 3.86 29.15 -34.76
N TYR J 3968 4.53 28.00 -34.84
CA TYR J 3968 3.88 26.76 -34.43
C TYR J 3968 3.87 26.62 -32.93
N ILE J 3969 4.70 27.38 -32.22
CA ILE J 3969 4.83 27.23 -30.77
C ILE J 3969 4.76 28.55 -30.01
N GLN J 3970 4.46 29.67 -30.69
CA GLN J 3970 4.27 30.91 -29.95
C GLN J 3970 3.08 30.83 -29.00
N GLY J 3971 1.98 30.26 -29.45
CA GLY J 3971 0.93 29.89 -28.55
C GLY J 3971 1.43 28.78 -27.65
N PRO J 3972 0.95 28.74 -26.42
CA PRO J 3972 1.40 27.70 -25.48
C PRO J 3972 0.73 26.36 -25.72
N CYS J 3973 0.79 25.84 -26.94
CA CYS J 3973 0.20 24.56 -27.28
C CYS J 3973 1.23 23.47 -27.04
N THR J 3974 0.89 22.51 -26.20
CA THR J 3974 1.83 21.46 -25.86
C THR J 3974 2.08 20.50 -27.01
N GLY J 3975 1.07 20.30 -27.88
CA GLY J 3975 1.15 19.25 -28.88
C GLY J 3975 2.22 19.52 -29.93
N ASN J 3976 2.53 20.78 -30.16
CA ASN J 3976 3.72 21.09 -30.93
C ASN J 3976 4.98 21.00 -30.09
N GLN J 3977 4.89 21.41 -28.82
CA GLN J 3977 6.09 21.45 -28.00
C GLN J 3977 6.47 20.06 -27.51
N GLN J 3978 5.58 19.09 -27.64
CA GLN J 3978 5.99 17.71 -27.46
C GLN J 3978 6.70 17.16 -28.70
N SER J 3979 6.17 17.47 -29.89
CA SER J 3979 6.75 16.93 -31.11
C SER J 3979 8.10 17.55 -31.42
N LEU J 3980 8.29 18.81 -31.05
CA LEU J 3980 9.60 19.42 -31.19
C LEU J 3980 10.57 18.85 -30.16
N ALA J 3981 10.05 18.29 -29.06
CA ALA J 3981 10.92 17.74 -28.04
C ALA J 3981 11.34 16.32 -28.34
N HIS J 3982 10.91 15.76 -29.46
CA HIS J 3982 11.20 14.37 -29.77
C HIS J 3982 11.83 14.16 -31.14
N SER J 3983 12.02 15.22 -31.91
CA SER J 3983 12.72 15.10 -33.17
C SER J 3983 14.21 15.25 -32.93
N ARG J 3984 14.96 15.47 -34.01
CA ARG J 3984 16.38 15.78 -33.92
C ARG J 3984 16.60 17.29 -33.91
N LEU J 3985 15.62 18.02 -33.38
CA LEU J 3985 15.67 19.48 -33.37
C LEU J 3985 16.82 20.01 -32.55
N TRP J 3986 17.10 19.37 -31.41
CA TRP J 3986 18.31 19.69 -30.66
C TRP J 3986 19.55 19.39 -31.47
N ASP J 3987 19.57 18.27 -32.17
CA ASP J 3987 20.70 17.95 -33.04
C ASP J 3987 20.76 18.87 -34.24
N ALA J 3988 19.64 19.48 -34.63
CA ALA J 3988 19.71 20.57 -35.57
C ALA J 3988 20.31 21.80 -34.93
N VAL J 3989 19.89 22.11 -33.70
CA VAL J 3989 20.36 23.28 -32.98
C VAL J 3989 21.84 23.17 -32.66
N VAL J 3990 22.30 21.97 -32.28
CA VAL J 3990 23.71 21.74 -31.97
C VAL J 3990 24.58 22.05 -33.18
N GLY J 3991 24.14 21.63 -34.36
CA GLY J 3991 24.86 22.00 -35.57
C GLY J 3991 24.81 23.49 -35.85
N PHE J 3992 23.70 24.14 -35.53
CA PHE J 3992 23.67 25.58 -35.63
C PHE J 3992 24.53 26.24 -34.57
N LEU J 3993 24.63 25.61 -33.39
CA LEU J 3993 25.53 26.14 -32.38
C LEU J 3993 26.97 26.04 -32.80
N HIS J 3994 27.33 24.98 -33.52
CA HIS J 3994 28.74 24.82 -33.91
C HIS J 3994 29.11 25.74 -35.06
N VAL J 3995 28.17 26.04 -35.96
CA VAL J 3995 28.50 26.94 -37.04
C VAL J 3995 28.55 28.38 -36.55
N PHE J 3996 27.83 28.71 -35.49
CA PHE J 3996 27.80 30.09 -35.04
C PHE J 3996 29.07 30.47 -34.31
N ALA J 3997 29.59 29.57 -33.48
CA ALA J 3997 30.80 29.88 -32.73
C ALA J 3997 32.03 29.97 -33.61
N HIS J 3998 31.98 29.39 -34.79
CA HIS J 3998 33.16 29.41 -35.64
C HIS J 3998 33.06 30.41 -36.77
N MET J 3999 31.84 30.77 -37.17
CA MET J 3999 31.72 31.75 -38.25
C MET J 3999 32.14 33.13 -37.80
N MET J 4000 31.70 33.55 -36.60
CA MET J 4000 32.04 34.87 -36.09
C MET J 4000 33.53 35.04 -35.88
N MET J 4001 34.14 34.12 -35.15
CA MET J 4001 35.55 34.18 -34.82
C MET J 4001 36.46 34.04 -36.02
N LYS J 4002 35.93 33.60 -37.16
CA LYS J 4002 36.60 33.83 -38.43
C LYS J 4002 36.19 35.16 -39.06
N LEU J 4003 34.92 35.52 -38.97
CA LEU J 4003 34.47 36.74 -39.64
C LEU J 4003 34.82 38.01 -38.89
N ALA J 4004 35.39 37.90 -37.69
CA ALA J 4004 35.74 39.09 -36.93
C ALA J 4004 37.07 39.70 -37.34
N GLN J 4005 37.64 39.31 -38.47
CA GLN J 4005 39.00 39.71 -38.80
C GLN J 4005 39.08 40.62 -40.02
N ASP J 4006 38.00 41.33 -40.35
CA ASP J 4006 38.06 42.32 -41.41
C ASP J 4006 36.97 43.35 -41.20
N SER J 4007 37.20 44.52 -41.77
CA SER J 4007 36.17 45.54 -41.93
C SER J 4007 35.20 45.22 -43.05
N SER J 4008 35.67 44.57 -44.12
CA SER J 4008 34.81 44.23 -45.25
C SER J 4008 34.03 42.94 -45.05
N GLN J 4009 33.99 42.40 -43.84
CA GLN J 4009 33.19 41.23 -43.51
C GLN J 4009 32.04 41.57 -42.58
N ILE J 4010 31.84 42.85 -42.28
CA ILE J 4010 30.90 43.20 -41.23
C ILE J 4010 29.46 43.18 -41.72
N GLU J 4011 29.25 43.30 -43.04
CA GLU J 4011 27.90 43.26 -43.60
C GLU J 4011 27.27 41.91 -43.38
N LEU J 4012 28.06 40.85 -43.47
CA LEU J 4012 27.55 39.50 -43.27
C LEU J 4012 27.29 39.20 -41.81
N LEU J 4013 28.09 39.75 -40.90
CA LEU J 4013 28.03 39.30 -39.51
C LEU J 4013 26.83 39.87 -38.78
N LYS J 4014 26.35 41.05 -39.18
CA LYS J 4014 25.12 41.59 -38.61
C LYS J 4014 23.93 40.70 -38.90
N GLU J 4015 23.95 40.06 -40.07
CA GLU J 4015 22.89 39.12 -40.42
C GLU J 4015 22.93 37.87 -39.55
N LEU J 4016 24.13 37.45 -39.17
CA LEU J 4016 24.27 36.23 -38.38
C LEU J 4016 23.76 36.42 -36.96
N LEU J 4017 24.00 37.59 -36.37
CA LEU J 4017 23.52 37.87 -35.03
C LEU J 4017 22.00 37.96 -35.00
N ASP J 4018 21.40 38.54 -36.03
CA ASP J 4018 19.94 38.60 -36.10
C ASP J 4018 19.34 37.23 -36.34
N LEU J 4019 20.11 36.29 -36.90
CA LEU J 4019 19.59 34.94 -37.07
C LEU J 4019 19.50 34.22 -35.74
N GLN J 4020 20.58 34.21 -34.97
CA GLN J 4020 20.57 33.50 -33.70
C GLN J 4020 19.78 34.20 -32.63
N LYS J 4021 19.51 35.50 -32.80
CA LYS J 4021 18.48 36.13 -32.01
C LYS J 4021 17.13 35.46 -32.23
N ASP J 4022 16.81 35.18 -33.49
CA ASP J 4022 15.55 34.52 -33.80
C ASP J 4022 15.57 33.05 -33.44
N MET J 4023 16.75 32.46 -33.29
CA MET J 4023 16.81 31.07 -32.86
C MET J 4023 16.52 30.94 -31.38
N VAL J 4024 17.10 31.82 -30.56
CA VAL J 4024 16.92 31.66 -29.13
C VAL J 4024 15.54 32.12 -28.70
N VAL J 4025 14.87 32.95 -29.49
CA VAL J 4025 13.51 33.30 -29.15
C VAL J 4025 12.58 32.14 -29.48
N MET J 4026 13.00 31.27 -30.39
CA MET J 4026 12.28 30.01 -30.58
C MET J 4026 12.46 29.10 -29.38
N LEU J 4027 13.65 29.09 -28.81
CA LEU J 4027 13.90 28.34 -27.58
C LEU J 4027 13.09 28.90 -26.42
N LEU J 4028 12.96 30.22 -26.34
CA LEU J 4028 12.15 30.83 -25.31
C LEU J 4028 10.69 30.49 -25.49
N SER J 4029 10.17 30.62 -26.71
CA SER J 4029 8.79 30.25 -26.97
C SER J 4029 8.58 28.75 -26.91
N LEU J 4030 9.63 27.95 -27.05
CA LEU J 4030 9.51 26.55 -26.70
C LEU J 4030 9.43 26.37 -25.20
N LEU J 4031 10.14 27.20 -24.45
CA LEU J 4031 10.17 27.10 -23.00
C LEU J 4031 9.09 27.94 -22.32
N GLU J 4032 8.01 28.26 -23.01
CA GLU J 4032 6.89 28.89 -22.34
C GLU J 4032 5.85 27.83 -22.02
N GLY J 4033 5.04 28.11 -21.01
CA GLY J 4033 4.21 27.06 -20.43
C GLY J 4033 5.06 26.04 -19.70
N ASN J 4034 6.22 26.46 -19.21
CA ASN J 4034 7.20 25.56 -18.65
C ASN J 4034 6.97 25.39 -17.16
N VAL J 4035 7.12 24.17 -16.69
CA VAL J 4035 7.10 23.91 -15.26
C VAL J 4035 8.51 24.13 -14.73
N VAL J 4036 8.64 24.30 -13.41
CA VAL J 4036 9.92 24.45 -12.73
C VAL J 4036 10.91 23.33 -13.02
N ASN J 4037 10.50 22.07 -12.90
CA ASN J 4037 11.38 20.93 -13.19
C ASN J 4037 10.65 20.07 -14.22
N GLY J 4038 10.83 20.45 -15.49
CA GLY J 4038 10.24 19.72 -16.59
C GLY J 4038 11.31 19.25 -17.56
N MET J 4039 11.00 18.20 -18.30
CA MET J 4039 11.98 17.58 -19.18
C MET J 4039 12.39 18.48 -20.34
N ILE J 4040 11.52 19.41 -20.75
CA ILE J 4040 11.90 20.40 -21.76
C ILE J 4040 13.02 21.29 -21.23
N ALA J 4041 12.96 21.64 -19.95
CA ALA J 4041 14.06 22.37 -19.34
C ALA J 4041 15.30 21.51 -19.22
N ARG J 4042 15.12 20.22 -18.95
CA ARG J 4042 16.27 19.35 -18.80
C ARG J 4042 16.85 18.92 -20.14
N GLN J 4043 16.03 18.83 -21.18
CA GLN J 4043 16.60 18.63 -22.50
C GLN J 4043 17.23 19.90 -23.05
N MET J 4044 16.92 21.05 -22.49
CA MET J 4044 17.56 22.28 -22.93
C MET J 4044 18.96 22.40 -22.39
N VAL J 4045 19.20 21.90 -21.18
CA VAL J 4045 20.47 22.19 -20.52
C VAL J 4045 21.56 21.21 -20.97
N ASP J 4046 21.24 19.93 -21.13
CA ASP J 4046 22.25 18.99 -21.57
C ASP J 4046 22.62 19.17 -23.03
N MET J 4047 21.66 19.63 -23.84
CA MET J 4047 21.97 20.05 -25.20
C MET J 4047 22.96 21.20 -25.21
N LEU J 4048 22.85 22.09 -24.23
CA LEU J 4048 23.85 23.13 -24.08
C LEU J 4048 25.19 22.56 -23.59
N VAL J 4049 25.18 21.45 -22.84
CA VAL J 4049 26.45 20.88 -22.41
C VAL J 4049 26.92 19.76 -23.33
N GLU J 4050 26.05 19.21 -24.17
CA GLU J 4050 26.53 18.43 -25.29
C GLU J 4050 27.18 19.33 -26.34
N SER J 4051 26.87 20.61 -26.31
CA SER J 4051 27.49 21.63 -27.16
C SER J 4051 28.23 22.62 -26.29
N SER J 4052 29.10 22.09 -25.43
CA SER J 4052 29.84 22.94 -24.51
C SER J 4052 30.86 23.81 -25.22
N SER J 4053 31.87 23.18 -25.84
CA SER J 4053 33.13 23.84 -26.15
C SER J 4053 32.95 24.97 -27.17
N ASN J 4054 31.94 24.86 -28.00
CA ASN J 4054 31.54 26.00 -28.82
C ASN J 4054 30.71 27.04 -28.05
N VAL J 4055 29.85 26.64 -27.10
CA VAL J 4055 28.97 27.64 -26.51
C VAL J 4055 29.71 28.51 -25.50
N GLU J 4056 30.89 28.10 -25.02
CA GLU J 4056 31.68 29.07 -24.28
C GLU J 4056 32.44 29.98 -25.21
N MET J 4057 32.82 29.48 -26.39
CA MET J 4057 33.47 30.31 -27.38
C MET J 4057 32.58 31.43 -27.88
N ILE J 4058 31.27 31.20 -27.94
CA ILE J 4058 30.38 32.33 -28.21
C ILE J 4058 30.17 33.15 -26.94
N LEU J 4059 30.23 32.52 -25.77
CA LEU J 4059 30.12 33.25 -24.52
C LEU J 4059 31.34 34.10 -24.24
N LYS J 4060 32.53 33.57 -24.52
CA LYS J 4060 33.74 34.37 -24.35
C LYS J 4060 33.83 35.47 -25.38
N PHE J 4061 33.21 35.30 -26.54
CA PHE J 4061 33.19 36.38 -27.52
C PHE J 4061 32.33 37.53 -27.05
N PHE J 4062 31.18 37.22 -26.45
CA PHE J 4062 30.40 38.23 -25.75
C PHE J 4062 31.13 38.80 -24.54
N ASP J 4063 31.94 37.99 -23.86
CA ASP J 4063 32.59 38.43 -22.65
C ASP J 4063 33.78 39.34 -22.95
N MET J 4064 34.53 39.03 -24.01
CA MET J 4064 35.67 39.86 -24.36
C MET J 4064 35.26 41.16 -25.03
N PHE J 4065 34.22 41.15 -25.84
CA PHE J 4065 33.83 42.34 -26.56
C PHE J 4065 32.92 43.25 -25.76
N LEU J 4066 32.73 42.96 -24.48
CA LEU J 4066 31.98 43.84 -23.59
C LEU J 4066 32.87 44.54 -22.59
N LYS J 4067 33.89 43.85 -22.06
CA LYS J 4067 34.87 44.49 -21.21
C LYS J 4067 35.82 45.39 -22.00
N LEU J 4068 35.86 45.25 -23.32
CA LEU J 4068 36.68 46.11 -24.15
C LEU J 4068 36.21 47.57 -24.10
N LYS J 4069 34.90 47.78 -23.97
CA LYS J 4069 34.41 49.15 -23.84
C LYS J 4069 34.64 49.70 -22.44
N ASP J 4070 34.54 48.85 -21.42
CA ASP J 4070 34.75 49.33 -20.05
C ASP J 4070 36.22 49.58 -19.74
N ILE J 4071 37.13 48.85 -20.39
CA ILE J 4071 38.55 49.07 -20.16
C ILE J 4071 39.01 50.36 -20.83
N VAL J 4072 38.56 50.60 -22.06
CA VAL J 4072 39.00 51.78 -22.81
C VAL J 4072 38.43 53.07 -22.24
N GLY J 4073 37.41 52.98 -21.39
CA GLY J 4073 36.93 54.14 -20.67
C GLY J 4073 37.82 54.61 -19.54
N SER J 4074 38.81 53.82 -19.15
CA SER J 4074 39.73 54.22 -18.10
C SER J 4074 40.79 55.19 -18.63
N GLU J 4075 41.26 56.06 -17.75
CA GLU J 4075 42.22 57.09 -18.14
C GLU J 4075 43.64 56.55 -18.20
N ALA J 4076 43.88 55.32 -17.74
CA ALA J 4076 45.22 54.74 -17.72
C ALA J 4076 45.75 54.50 -19.13
N PHE J 4077 44.86 54.39 -20.11
CA PHE J 4077 45.26 54.09 -21.47
C PHE J 4077 45.12 55.30 -22.38
N GLN J 4078 44.25 56.24 -22.04
CA GLN J 4078 44.30 57.57 -22.64
C GLN J 4078 45.58 58.30 -22.26
N ASP J 4079 46.16 57.98 -21.10
CA ASP J 4079 47.50 58.39 -20.78
C ASP J 4079 48.55 57.54 -21.51
N TYR J 4080 48.21 56.32 -21.91
CA TYR J 4080 49.16 55.50 -22.64
C TYR J 4080 49.30 55.92 -24.09
N VAL J 4081 48.33 56.66 -24.63
CA VAL J 4081 48.44 57.26 -25.95
C VAL J 4081 48.91 58.70 -25.79
N THR J 4082 49.87 59.09 -26.63
CA THR J 4082 50.35 60.46 -26.65
C THR J 4082 50.05 61.14 -27.97
N ASP J 4083 49.38 60.46 -28.89
CA ASP J 4083 49.04 61.07 -30.16
C ASP J 4083 47.90 62.05 -29.97
N PRO J 4084 48.04 63.29 -30.42
CA PRO J 4084 46.90 64.23 -30.34
C PRO J 4084 45.78 63.87 -31.30
N ARG J 4085 46.09 63.13 -32.37
CA ARG J 4085 45.08 62.67 -33.30
C ARG J 4085 44.20 61.57 -32.70
N GLY J 4086 44.68 60.90 -31.66
CA GLY J 4086 43.98 59.79 -31.06
C GLY J 4086 44.41 58.43 -31.56
N LEU J 4087 45.31 58.39 -32.54
CA LEU J 4087 45.73 57.16 -33.20
C LEU J 4087 46.69 56.44 -32.28
N ILE J 4088 46.16 55.59 -31.40
CA ILE J 4088 46.97 54.90 -30.40
C ILE J 4088 47.82 53.83 -31.08
N SER J 4089 49.06 53.71 -30.64
CA SER J 4089 49.94 52.70 -31.22
C SER J 4089 49.54 51.31 -30.75
N LYS J 4090 49.74 50.35 -31.65
CA LYS J 4090 49.28 48.98 -31.44
C LYS J 4090 50.03 48.27 -30.31
N LYS J 4091 51.36 48.30 -30.34
CA LYS J 4091 52.13 47.72 -29.24
C LYS J 4091 51.98 48.51 -27.96
N ASP J 4092 51.72 49.81 -28.08
CA ASP J 4092 51.42 50.62 -26.90
C ASP J 4092 50.10 50.20 -26.27
N PHE J 4093 49.06 50.03 -27.09
CA PHE J 4093 47.80 49.53 -26.58
C PHE J 4093 47.83 48.03 -26.32
N GLN J 4094 48.84 47.32 -26.83
CA GLN J 4094 48.98 45.91 -26.50
C GLN J 4094 49.44 45.74 -25.06
N LYS J 4095 50.43 46.52 -24.63
CA LYS J 4095 50.86 46.50 -23.24
C LYS J 4095 49.83 47.16 -22.33
N ALA J 4096 48.92 47.97 -22.89
CA ALA J 4096 47.83 48.52 -22.11
C ALA J 4096 46.88 47.42 -21.65
N MET J 4097 46.46 46.55 -22.57
CA MET J 4097 45.65 45.41 -22.19
C MET J 4097 46.44 44.39 -21.37
N ASP J 4098 47.76 44.34 -21.58
CA ASP J 4098 48.62 43.52 -20.74
C ASP J 4098 48.78 44.09 -19.35
N SER J 4099 48.56 45.40 -19.17
CA SER J 4099 48.65 46.00 -17.85
C SER J 4099 47.49 45.58 -16.96
N GLN J 4100 46.27 45.62 -17.47
CA GLN J 4100 45.13 45.10 -16.74
C GLN J 4100 45.19 43.58 -16.74
N LYS J 4101 44.77 42.99 -15.62
CA LYS J 4101 44.86 41.54 -15.45
C LYS J 4101 43.51 40.85 -15.58
N GLN J 4102 42.65 41.27 -16.50
CA GLN J 4102 41.37 40.60 -16.70
C GLN J 4102 41.35 39.78 -17.99
N PHE J 4103 41.95 40.30 -19.06
CA PHE J 4103 42.01 39.61 -20.34
C PHE J 4103 43.11 38.57 -20.32
N THR J 4104 43.30 37.88 -21.43
CA THR J 4104 44.29 36.82 -21.52
C THR J 4104 45.37 37.17 -22.53
N GLY J 4105 46.42 36.35 -22.54
CA GLY J 4105 47.49 36.41 -23.48
C GLY J 4105 47.10 36.29 -24.94
N PRO J 4106 46.43 35.20 -25.34
CA PRO J 4106 45.95 35.09 -26.73
C PRO J 4106 44.87 36.11 -27.09
N GLU J 4107 44.25 36.77 -26.12
CA GLU J 4107 43.16 37.70 -26.42
C GLU J 4107 43.66 38.94 -27.14
N ILE J 4108 44.82 39.45 -26.77
CA ILE J 4108 45.25 40.75 -27.30
C ILE J 4108 45.69 40.63 -28.76
N GLN J 4109 46.35 39.53 -29.13
CA GLN J 4109 46.64 39.30 -30.53
C GLN J 4109 45.40 38.94 -31.32
N PHE J 4110 44.41 38.32 -30.67
CA PHE J 4110 43.10 38.19 -31.29
C PHE J 4110 42.47 39.57 -31.47
N LEU J 4111 42.70 40.47 -30.53
CA LEU J 4111 42.20 41.85 -30.64
C LEU J 4111 43.06 42.70 -31.56
N LEU J 4112 44.37 42.50 -31.56
CA LEU J 4112 45.22 43.16 -32.54
C LEU J 4112 44.91 42.75 -33.97
N SER J 4113 44.60 41.47 -34.18
CA SER J 4113 44.13 41.04 -35.49
C SER J 4113 42.75 41.58 -35.79
N CYS J 4114 41.92 41.77 -34.77
CA CYS J 4114 40.65 42.45 -34.96
C CYS J 4114 40.83 43.93 -35.25
N SER J 4115 41.92 44.52 -34.79
CA SER J 4115 42.20 45.92 -35.05
C SER J 4115 42.72 46.12 -36.47
N GLU J 4116 42.65 47.37 -36.92
CA GLU J 4116 43.33 47.74 -38.15
C GLU J 4116 44.77 48.10 -37.84
N ALA J 4117 45.68 47.74 -38.74
CA ALA J 4117 47.09 47.99 -38.48
C ALA J 4117 47.42 49.47 -38.65
N ASP J 4118 47.28 49.98 -39.87
CA ASP J 4118 47.45 51.40 -40.24
C ASP J 4118 48.84 51.92 -39.84
N GLU J 4119 49.86 51.33 -40.48
CA GLU J 4119 51.28 51.58 -40.21
C GLU J 4119 51.67 51.25 -38.77
N ASN J 4120 50.92 50.32 -38.15
CA ASN J 4120 51.23 49.71 -36.84
C ASN J 4120 51.27 50.73 -35.69
N GLU J 4121 50.71 51.91 -35.89
CA GLU J 4121 50.66 52.92 -34.85
C GLU J 4121 49.26 53.47 -34.63
N MET J 4122 48.23 52.81 -35.17
CA MET J 4122 46.89 53.37 -35.21
C MET J 4122 45.90 52.21 -35.10
N ILE J 4123 45.20 52.14 -33.98
CA ILE J 4123 44.13 51.16 -33.84
C ILE J 4123 42.79 51.87 -33.70
N ASN J 4124 42.82 53.15 -33.29
CA ASN J 4124 41.65 54.03 -33.13
C ASN J 4124 40.62 53.41 -32.17
N PHE J 4125 41.03 53.37 -30.90
CA PHE J 4125 40.29 52.68 -29.84
C PHE J 4125 38.85 53.17 -29.67
N GLU J 4126 38.54 54.39 -30.10
CA GLU J 4126 37.18 54.90 -29.95
C GLU J 4126 36.20 54.18 -30.85
N GLU J 4127 36.49 54.10 -32.16
CA GLU J 4127 35.60 53.40 -33.06
C GLU J 4127 35.67 51.90 -32.87
N PHE J 4128 36.79 51.40 -32.36
CA PHE J 4128 36.94 49.97 -32.11
C PHE J 4128 36.08 49.49 -30.95
N ALA J 4129 35.67 50.40 -30.06
CA ALA J 4129 34.85 50.00 -28.94
C ALA J 4129 33.42 49.72 -29.37
N ASN J 4130 32.81 50.67 -30.08
CA ASN J 4130 31.39 50.60 -30.40
C ASN J 4130 31.09 49.97 -31.75
N ARG J 4131 32.11 49.44 -32.44
CA ARG J 4131 31.87 48.84 -33.74
C ARG J 4131 31.08 47.55 -33.62
N PHE J 4132 31.47 46.70 -32.68
CA PHE J 4132 30.86 45.39 -32.50
C PHE J 4132 30.01 45.34 -31.23
N GLN J 4133 29.38 46.47 -30.90
CA GLN J 4133 28.50 46.59 -29.74
C GLN J 4133 27.05 46.78 -30.13
N GLU J 4134 26.77 47.78 -30.96
CA GLU J 4134 25.41 48.01 -31.43
C GLU J 4134 24.81 46.85 -32.24
N PRO J 4135 25.51 46.19 -33.19
CA PRO J 4135 24.90 45.01 -33.79
C PRO J 4135 24.79 43.83 -32.84
N ALA J 4136 25.66 43.74 -31.83
CA ALA J 4136 25.62 42.64 -30.89
C ALA J 4136 24.76 42.95 -29.67
N ARG J 4137 23.94 43.99 -29.75
CA ARG J 4137 23.28 44.53 -28.56
C ARG J 4137 22.16 43.62 -28.09
N ASP J 4138 21.16 43.41 -28.94
CA ASP J 4138 19.96 42.68 -28.54
C ASP J 4138 20.23 41.21 -28.30
N ILE J 4139 21.13 40.63 -29.07
CA ILE J 4139 21.42 39.21 -28.96
C ILE J 4139 22.15 38.91 -27.66
N GLY J 4140 23.07 39.78 -27.25
CA GLY J 4140 23.75 39.60 -25.98
C GLY J 4140 22.82 39.75 -24.80
N PHE J 4141 21.78 40.57 -24.94
CA PHE J 4141 20.74 40.58 -23.93
C PHE J 4141 19.92 39.30 -23.98
N ASN J 4142 19.56 38.85 -25.18
CA ASN J 4142 18.70 37.69 -25.37
C ASN J 4142 19.31 36.39 -24.89
N VAL J 4143 20.63 36.23 -25.03
CA VAL J 4143 21.24 35.02 -24.53
C VAL J 4143 21.31 35.03 -23.01
N ALA J 4144 21.35 36.22 -22.40
CA ALA J 4144 21.34 36.30 -20.95
C ALA J 4144 19.97 35.99 -20.40
N VAL J 4145 18.92 36.23 -21.19
CA VAL J 4145 17.57 35.88 -20.77
C VAL J 4145 17.42 34.39 -20.64
N LEU J 4146 17.85 33.64 -21.66
CA LEU J 4146 17.70 32.19 -21.67
C LEU J 4146 18.54 31.54 -20.59
N LEU J 4147 19.75 32.05 -20.35
CA LEU J 4147 20.57 31.55 -19.26
C LEU J 4147 19.94 31.85 -17.92
N THR J 4148 19.40 33.04 -17.72
CA THR J 4148 18.80 33.32 -16.43
C THR J 4148 17.40 32.76 -16.31
N ASN J 4149 16.76 32.39 -17.42
CA ASN J 4149 15.46 31.74 -17.31
C ASN J 4149 15.61 30.32 -16.81
N LEU J 4150 16.50 29.56 -17.43
CA LEU J 4150 16.67 28.15 -17.10
C LEU J 4150 17.29 27.98 -15.72
N SER J 4151 18.24 28.84 -15.36
CA SER J 4151 18.83 28.79 -14.02
C SER J 4151 17.79 29.13 -12.96
N GLU J 4152 16.89 30.06 -13.29
CA GLU J 4152 15.74 30.29 -12.40
C GLU J 4152 14.70 29.18 -12.51
N HIS J 4153 14.67 28.43 -13.60
CA HIS J 4153 13.66 27.40 -13.70
C HIS J 4153 14.09 26.13 -12.97
N VAL J 4154 15.17 25.49 -13.41
CA VAL J 4154 15.65 24.30 -12.72
C VAL J 4154 16.72 24.75 -11.73
N PRO J 4155 16.69 24.25 -10.50
CA PRO J 4155 17.81 24.48 -9.59
C PRO J 4155 18.80 23.33 -9.61
N HIS J 4156 19.95 23.54 -8.97
CA HIS J 4156 20.97 22.51 -8.74
C HIS J 4156 21.50 21.93 -10.04
N ASP J 4157 22.03 22.80 -10.90
CA ASP J 4157 22.74 22.38 -12.11
C ASP J 4157 24.10 23.07 -12.09
N PRO J 4158 25.17 22.36 -11.73
CA PRO J 4158 26.47 23.03 -11.61
C PRO J 4158 27.06 23.45 -12.94
N ARG J 4159 26.63 22.81 -14.03
CA ARG J 4159 26.99 23.26 -15.37
C ARG J 4159 26.42 24.64 -15.65
N LEU J 4160 25.17 24.87 -15.27
CA LEU J 4160 24.61 26.20 -15.29
C LEU J 4160 25.36 27.13 -14.34
N ARG J 4161 25.73 26.62 -13.16
CA ARG J 4161 26.59 27.39 -12.27
C ARG J 4161 27.96 27.64 -12.87
N ASN J 4162 28.46 26.71 -13.68
CA ASN J 4162 29.63 27.01 -14.48
C ASN J 4162 29.31 28.04 -15.57
N PHE J 4163 28.12 27.97 -16.14
CA PHE J 4163 27.76 28.88 -17.22
C PHE J 4163 27.56 30.30 -16.74
N LEU J 4164 26.86 30.50 -15.63
CA LEU J 4164 26.52 31.83 -15.14
C LEU J 4164 27.73 32.64 -14.75
N GLU J 4165 28.73 32.01 -14.13
CA GLU J 4165 29.95 32.73 -13.82
C GLU J 4165 30.77 33.01 -15.08
N LEU J 4166 30.64 32.16 -16.09
CA LEU J 4166 31.35 32.39 -17.34
C LEU J 4166 30.77 33.55 -18.14
N ALA J 4167 29.51 33.89 -17.89
CA ALA J 4167 28.83 34.96 -18.60
C ALA J 4167 28.37 36.02 -17.62
N GLU J 4168 29.26 36.41 -16.71
CA GLU J 4168 28.88 37.37 -15.67
C GLU J 4168 28.79 38.78 -16.23
N SER J 4169 29.64 39.15 -17.18
CA SER J 4169 29.66 40.53 -17.65
C SER J 4169 28.47 40.83 -18.53
N ILE J 4170 28.00 39.85 -19.30
CA ILE J 4170 26.78 40.06 -20.07
C ILE J 4170 25.54 40.03 -19.20
N LEU J 4171 25.64 39.53 -17.97
CA LEU J 4171 24.51 39.63 -17.06
C LEU J 4171 24.39 41.04 -16.50
N GLU J 4172 25.50 41.61 -16.04
CA GLU J 4172 25.43 42.91 -15.37
C GLU J 4172 25.32 44.06 -16.34
N TYR J 4173 25.75 43.89 -17.58
CA TYR J 4173 25.46 44.90 -18.58
C TYR J 4173 24.01 44.83 -19.02
N PHE J 4174 23.37 43.68 -18.83
CA PHE J 4174 21.99 43.49 -19.24
C PHE J 4174 21.06 43.11 -18.10
N ARG J 4175 21.46 43.37 -16.86
CA ARG J 4175 20.51 43.37 -15.75
C ARG J 4175 19.69 44.66 -15.58
N PRO J 4176 20.25 45.88 -15.72
CA PRO J 4176 19.37 47.06 -15.64
C PRO J 4176 18.39 47.18 -16.78
N TYR J 4177 18.78 46.85 -18.00
CA TYR J 4177 17.86 46.94 -19.12
C TYR J 4177 16.83 45.81 -19.12
N LEU J 4178 17.12 44.71 -18.44
CA LEU J 4178 16.14 43.65 -18.26
C LEU J 4178 15.10 44.11 -17.26
N GLY J 4179 13.91 43.51 -17.35
CA GLY J 4179 12.96 43.58 -16.27
C GLY J 4179 12.25 42.27 -16.12
N ARG J 4180 12.03 41.84 -14.87
CA ARG J 4180 11.27 40.64 -14.58
C ARG J 4180 9.86 41.03 -14.18
N ILE J 4181 8.93 40.10 -14.33
CA ILE J 4181 7.55 40.27 -13.91
C ILE J 4181 6.93 38.89 -13.78
N GLU J 4182 5.86 38.80 -13.00
CA GLU J 4182 5.20 37.53 -12.75
C GLU J 4182 3.70 37.72 -12.84
N ILE J 4183 3.08 37.10 -13.84
CA ILE J 4183 1.64 37.14 -14.01
C ILE J 4183 1.12 35.72 -13.91
N MET J 4184 -0.15 35.60 -13.57
CA MET J 4184 -0.79 34.30 -13.45
C MET J 4184 -1.92 34.22 -14.47
N GLY J 4185 -1.68 33.48 -15.54
CA GLY J 4185 -2.73 33.13 -16.46
C GLY J 4185 -2.54 31.68 -16.88
N ALA J 4186 -3.33 31.27 -17.88
CA ALA J 4186 -3.26 29.97 -18.52
C ALA J 4186 -3.44 28.84 -17.51
N SER J 4187 -4.66 28.82 -16.95
CA SER J 4187 -5.15 27.77 -16.04
C SER J 4187 -4.32 27.70 -14.75
N ARG J 4188 -4.33 28.82 -14.01
CA ARG J 4188 -3.91 28.89 -12.61
C ARG J 4188 -2.45 28.53 -12.40
N ARG J 4189 -1.53 29.22 -13.05
CA ARG J 4189 -0.10 29.06 -12.81
C ARG J 4189 0.58 30.39 -13.03
N ILE J 4190 1.46 30.75 -12.12
CA ILE J 4190 2.24 31.96 -12.29
C ILE J 4190 3.60 31.60 -12.90
N GLU J 4191 4.10 32.45 -13.78
CA GLU J 4191 5.36 32.19 -14.46
C GLU J 4191 6.09 33.50 -14.71
N ARG J 4192 7.40 33.43 -14.67
CA ARG J 4192 8.26 34.59 -14.85
C ARG J 4192 8.22 35.01 -16.30
N ILE J 4193 7.90 36.27 -16.55
CA ILE J 4193 7.89 36.82 -17.90
C ILE J 4193 9.00 37.85 -17.96
N TYR J 4194 9.67 37.95 -19.10
CA TYR J 4194 10.88 38.75 -19.21
C TYR J 4194 10.73 39.64 -20.42
N PHE J 4195 11.47 40.74 -20.44
CA PHE J 4195 11.28 41.75 -21.48
C PHE J 4195 12.49 42.67 -21.52
N GLU J 4196 12.49 43.55 -22.52
CA GLU J 4196 13.50 44.56 -22.67
C GLU J 4196 12.93 45.89 -22.21
N ILE J 4197 13.76 46.70 -21.56
CA ILE J 4197 13.43 48.06 -21.20
C ILE J 4197 14.47 48.97 -21.83
N SER J 4198 14.03 49.96 -22.58
CA SER J 4198 14.94 50.86 -23.26
C SER J 4198 15.64 51.77 -22.26
N GLU J 4199 16.68 52.45 -22.76
CA GLU J 4199 17.27 53.55 -22.01
C GLU J 4199 16.31 54.73 -21.93
N THR J 4200 15.46 54.90 -22.94
CA THR J 4200 14.55 56.04 -22.99
C THR J 4200 13.40 55.88 -22.01
N ASN J 4201 12.92 54.66 -21.80
CA ASN J 4201 11.80 54.46 -20.89
C ASN J 4201 12.23 54.60 -19.44
N ARG J 4202 13.48 54.27 -19.12
CA ARG J 4202 13.94 54.48 -17.76
C ARG J 4202 14.44 55.89 -17.52
N ALA J 4203 14.78 56.62 -18.59
CA ALA J 4203 15.23 58.00 -18.44
C ALA J 4203 14.09 58.91 -18.03
N GLN J 4204 12.93 58.78 -18.68
CA GLN J 4204 11.79 59.62 -18.35
C GLN J 4204 10.86 58.97 -17.34
N TRP J 4205 11.31 57.90 -16.66
CA TRP J 4205 10.57 57.40 -15.52
C TRP J 4205 11.10 57.99 -14.22
N GLU J 4206 12.40 58.19 -14.12
CA GLU J 4206 13.03 58.73 -12.92
C GLU J 4206 13.16 60.25 -13.02
N MET J 4207 12.01 60.87 -13.23
CA MET J 4207 11.86 62.31 -13.18
C MET J 4207 10.95 62.66 -12.01
N PRO J 4208 11.28 63.73 -11.28
CA PRO J 4208 10.48 64.07 -10.09
C PRO J 4208 9.08 64.53 -10.42
N GLN J 4209 8.87 65.16 -11.58
CA GLN J 4209 7.54 65.51 -12.04
C GLN J 4209 6.69 64.28 -12.29
N VAL J 4210 7.31 63.16 -12.66
CA VAL J 4210 6.59 61.90 -12.70
C VAL J 4210 6.50 61.31 -11.31
N LYS J 4211 7.57 61.44 -10.52
CA LYS J 4211 7.63 60.85 -9.19
C LYS J 4211 6.64 61.47 -8.22
N GLU J 4212 6.35 62.78 -8.35
CA GLU J 4212 5.39 63.42 -7.45
C GLU J 4212 3.98 62.88 -7.66
N SER J 4213 3.64 62.49 -8.88
CA SER J 4213 2.38 61.82 -9.10
C SER J 4213 2.37 60.44 -8.49
N LYS J 4214 3.54 59.78 -8.46
CA LYS J 4214 3.62 58.43 -7.92
C LYS J 4214 3.43 58.42 -6.42
N ARG J 4215 4.01 59.41 -5.73
CA ARG J 4215 3.89 59.47 -4.27
C ARG J 4215 2.46 59.77 -3.84
N GLN J 4216 1.77 60.62 -4.60
CA GLN J 4216 0.34 60.80 -4.38
C GLN J 4216 -0.45 59.55 -4.71
N PHE J 4217 -0.08 58.85 -5.79
CA PHE J 4217 -0.81 57.66 -6.20
C PHE J 4217 -0.63 56.53 -5.20
N ILE J 4218 0.54 56.47 -4.55
CA ILE J 4218 0.72 55.56 -3.43
C ILE J 4218 -0.26 55.88 -2.31
N PHE J 4219 -0.48 57.18 -2.07
CA PHE J 4219 -1.25 57.59 -0.91
C PHE J 4219 -2.73 57.26 -1.06
N ASP J 4220 -3.38 57.85 -2.06
CA ASP J 4220 -4.84 57.80 -2.14
C ASP J 4220 -5.39 56.44 -2.57
N VAL J 4221 -4.53 55.47 -2.86
CA VAL J 4221 -4.97 54.14 -3.24
C VAL J 4221 -4.96 53.21 -2.04
N VAL J 4222 -3.87 53.18 -1.28
CA VAL J 4222 -3.83 52.31 -0.12
C VAL J 4222 -4.56 52.90 1.08
N ASN J 4223 -5.00 54.16 0.98
CA ASN J 4223 -5.70 54.78 2.11
C ASN J 4223 -7.21 54.64 1.97
N GLU J 4224 -7.78 55.20 0.89
CA GLU J 4224 -9.22 55.21 0.71
C GLU J 4224 -9.69 54.28 -0.41
N GLY J 4225 -8.80 53.84 -1.28
CA GLY J 4225 -9.20 52.93 -2.34
C GLY J 4225 -9.23 51.48 -1.87
N GLY J 4226 -10.30 50.79 -2.27
CA GLY J 4226 -10.44 49.39 -1.94
C GLY J 4226 -9.54 48.51 -2.80
N GLU J 4227 -9.62 47.22 -2.53
CA GLU J 4227 -8.79 46.25 -3.23
C GLU J 4227 -9.25 46.02 -4.66
N ALA J 4228 -10.50 46.38 -4.96
CA ALA J 4228 -11.02 46.17 -6.31
C ALA J 4228 -10.41 47.16 -7.30
N GLU J 4229 -10.62 48.45 -7.09
CA GLU J 4229 -10.15 49.46 -8.03
C GLU J 4229 -8.65 49.69 -7.94
N LYS J 4230 -7.96 49.06 -6.98
CA LYS J 4230 -6.52 49.27 -6.79
C LYS J 4230 -5.71 48.76 -7.96
N MET J 4231 -6.27 47.86 -8.77
CA MET J 4231 -5.66 47.55 -10.05
C MET J 4231 -6.21 48.45 -11.15
N GLU J 4232 -7.49 48.80 -11.07
CA GLU J 4232 -8.09 49.66 -12.08
C GLU J 4232 -7.54 51.08 -12.02
N LEU J 4233 -7.27 51.58 -10.81
CA LEU J 4233 -6.58 52.86 -10.69
C LEU J 4233 -5.13 52.73 -11.11
N PHE J 4234 -4.52 51.58 -10.87
CA PHE J 4234 -3.13 51.33 -11.21
C PHE J 4234 -2.91 51.44 -12.72
N VAL J 4235 -3.74 50.75 -13.50
CA VAL J 4235 -3.60 50.85 -14.95
C VAL J 4235 -4.04 52.23 -15.44
N SER J 4236 -4.97 52.87 -14.71
CA SER J 4236 -5.28 54.26 -15.00
C SER J 4236 -4.11 55.16 -14.68
N PHE J 4237 -3.45 54.92 -13.55
CA PHE J 4237 -2.20 55.60 -13.26
C PHE J 4237 -1.13 55.26 -14.28
N CYS J 4238 -1.08 54.00 -14.70
CA CYS J 4238 -0.16 53.61 -15.76
C CYS J 4238 -0.53 54.30 -17.06
N GLU J 4239 -1.84 54.41 -17.34
CA GLU J 4239 -2.26 55.21 -18.50
C GLU J 4239 -2.01 56.69 -18.26
N ASP J 4240 -2.04 57.13 -17.01
CA ASP J 4240 -1.77 58.52 -16.70
C ASP J 4240 -0.30 58.86 -16.97
N THR J 4241 0.60 57.93 -16.66
CA THR J 4241 2.02 58.18 -16.78
C THR J 4241 2.49 58.25 -18.23
N ILE J 4242 1.89 57.44 -19.10
CA ILE J 4242 2.34 57.39 -20.48
C ILE J 4242 2.01 58.70 -21.20
N PHE J 4243 0.90 59.32 -20.82
CA PHE J 4243 0.55 60.60 -21.43
C PHE J 4243 1.51 61.70 -21.00
N GLU J 4244 1.80 61.78 -19.71
CA GLU J 4244 2.70 62.83 -19.24
C GLU J 4244 4.15 62.56 -19.63
N MET J 4245 4.55 61.30 -19.77
CA MET J 4245 5.85 61.04 -20.34
C MET J 4245 5.90 61.37 -21.83
N GLN J 4246 4.79 61.18 -22.53
CA GLN J 4246 4.70 61.62 -23.92
C GLN J 4246 4.79 63.14 -24.02
N ILE J 4247 4.11 63.84 -23.12
CA ILE J 4247 4.10 65.29 -23.21
C ILE J 4247 5.40 65.87 -22.67
N ALA J 4248 6.14 65.12 -21.85
CA ALA J 4248 7.47 65.56 -21.46
C ALA J 4248 8.48 65.27 -22.56
N ALA J 4249 8.25 64.22 -23.34
CA ALA J 4249 9.03 64.00 -24.54
C ALA J 4249 8.69 65.00 -25.63
N GLN J 4250 7.49 65.59 -25.57
CA GLN J 4250 7.13 66.62 -26.54
C GLN J 4250 7.88 67.92 -26.28
N ILE J 4251 8.22 68.19 -25.02
CA ILE J 4251 8.87 69.44 -24.64
C ILE J 4251 10.35 69.26 -24.37
N SER J 4252 10.90 68.09 -24.65
CA SER J 4252 12.31 67.84 -24.39
C SER J 4252 13.19 68.57 -25.38
N GLU J 4253 14.32 69.08 -24.89
CA GLU J 4253 15.23 69.86 -25.71
C GLU J 4253 16.03 68.98 -26.66
N TRP J 4541 3.78 88.23 -41.22
CA TRP J 4541 5.13 87.71 -41.43
C TRP J 4541 5.17 86.23 -41.08
N GLY J 4542 6.25 85.52 -41.44
CA GLY J 4542 6.49 84.15 -40.99
C GLY J 4542 7.03 84.11 -39.55
N GLU J 4543 8.02 83.25 -39.29
CA GLU J 4543 8.67 83.07 -37.98
C GLU J 4543 7.70 82.60 -36.90
N LEU J 4544 7.43 83.41 -35.85
CA LEU J 4544 6.39 83.28 -34.81
C LEU J 4544 6.28 81.93 -34.05
N GLU J 4545 6.08 80.82 -34.73
CA GLU J 4545 6.08 79.45 -34.24
C GLU J 4545 7.32 79.16 -33.40
N VAL J 4546 8.51 79.44 -33.93
CA VAL J 4546 9.80 79.31 -33.24
C VAL J 4546 9.84 80.06 -31.91
N GLN J 4547 9.40 81.32 -31.90
CA GLN J 4547 9.38 82.16 -30.70
C GLN J 4547 8.43 81.60 -29.63
N ARG J 4548 7.18 81.29 -30.04
CA ARG J 4548 6.13 80.75 -29.16
C ARG J 4548 6.52 79.41 -28.55
N VAL J 4549 7.07 78.52 -29.38
CA VAL J 4549 7.57 77.21 -28.96
C VAL J 4549 8.73 77.39 -27.97
N LYS J 4550 9.78 78.16 -28.30
CA LYS J 4550 10.94 78.29 -27.42
C LYS J 4550 10.59 78.89 -26.05
N PHE J 4551 9.69 79.87 -26.07
CA PHE J 4551 9.14 80.52 -24.88
C PHE J 4551 8.44 79.52 -23.96
N LEU J 4552 7.41 78.82 -24.46
CA LEU J 4552 6.66 77.85 -23.66
C LEU J 4552 7.51 76.69 -23.13
N ASN J 4553 8.52 76.24 -23.90
CA ASN J 4553 9.49 75.26 -23.41
C ASN J 4553 10.31 75.76 -22.20
N TYR J 4554 10.89 76.97 -22.29
CA TYR J 4554 11.63 77.55 -21.17
C TYR J 4554 10.73 77.79 -19.94
N LEU J 4555 9.50 78.23 -20.16
CA LEU J 4555 8.54 78.48 -19.08
C LEU J 4555 8.18 77.20 -18.31
N SER J 4556 7.84 76.14 -19.06
CA SER J 4556 7.58 74.82 -18.46
C SER J 4556 8.81 74.22 -17.78
N ARG J 4557 10.01 74.45 -18.35
CA ARG J 4557 11.28 73.97 -17.80
C ARG J 4557 11.54 74.54 -16.43
N ASN J 4558 11.28 75.83 -16.26
CA ASN J 4558 11.36 76.45 -14.96
C ASN J 4558 10.21 75.93 -14.10
N PHE J 4559 8.99 76.47 -14.28
CA PHE J 4559 7.80 76.16 -13.47
C PHE J 4559 8.10 75.91 -11.99
N TYR J 4560 8.32 74.67 -11.50
CA TYR J 4560 8.79 74.45 -10.13
C TYR J 4560 9.99 75.31 -9.69
N THR J 4561 10.96 75.63 -10.55
CA THR J 4561 12.03 76.58 -10.18
C THR J 4561 11.58 78.04 -10.31
N LEU J 4562 10.73 78.38 -11.27
CA LEU J 4562 10.11 79.72 -11.33
C LEU J 4562 9.36 80.13 -10.05
N LYS J 4563 8.62 79.21 -9.41
CA LYS J 4563 7.80 79.56 -8.23
C LYS J 4563 8.60 80.06 -7.03
N TYR J 4564 9.84 79.64 -6.80
CA TYR J 4564 10.66 80.20 -5.73
C TYR J 4564 10.90 81.70 -5.91
N LEU J 4565 11.02 82.17 -7.14
CA LEU J 4565 11.17 83.60 -7.41
C LEU J 4565 9.92 84.37 -6.96
N ALA J 4566 8.71 83.85 -7.20
CA ALA J 4566 7.49 84.52 -6.73
C ALA J 4566 7.44 84.62 -5.20
N LEU J 4567 7.80 83.54 -4.49
CA LEU J 4567 7.76 83.52 -3.04
C LEU J 4567 8.81 84.47 -2.45
N PHE J 4568 10.06 84.41 -2.88
CA PHE J 4568 11.07 85.31 -2.34
C PHE J 4568 10.80 86.77 -2.68
N LEU J 4569 10.10 87.07 -3.78
CA LEU J 4569 9.63 88.43 -4.03
C LEU J 4569 8.53 88.86 -3.08
N ALA J 4570 7.54 87.99 -2.77
CA ALA J 4570 6.50 88.31 -1.79
C ALA J 4570 7.06 88.56 -0.37
N PHE J 4571 8.03 87.76 0.07
CA PHE J 4571 8.79 88.05 1.29
C PHE J 4571 9.49 89.41 1.22
N ALA J 4572 10.19 89.69 0.14
CA ALA J 4572 10.90 90.97 -0.02
C ALA J 4572 9.99 92.22 0.00
N ILE J 4573 8.96 92.28 -0.85
CA ILE J 4573 8.00 93.40 -0.80
C ILE J 4573 7.31 93.49 0.57
N ASN J 4574 6.85 92.38 1.15
CA ASN J 4574 6.18 92.43 2.47
C ASN J 4574 7.09 92.90 3.61
N PHE J 4575 8.34 92.46 3.64
CA PHE J 4575 9.29 92.95 4.64
C PHE J 4575 9.51 94.46 4.52
N ILE J 4576 9.71 94.98 3.31
CA ILE J 4576 9.77 96.43 3.12
C ILE J 4576 8.45 97.11 3.49
N LEU J 4577 7.30 96.53 3.10
CA LEU J 4577 5.98 97.10 3.37
C LEU J 4577 5.64 97.19 4.87
N LEU J 4578 6.30 96.41 5.73
CA LEU J 4578 6.29 96.51 7.19
C LEU J 4578 7.03 97.76 7.75
N PHE J 4579 6.89 98.90 7.05
CA PHE J 4579 7.44 100.20 7.42
C PHE J 4579 6.48 101.38 7.11
N TYR J 4580 5.28 101.17 6.53
CA TYR J 4580 4.34 102.28 6.36
C TYR J 4580 3.97 102.92 7.69
N LYS J 4581 3.94 104.26 7.67
CA LYS J 4581 3.56 105.08 8.80
C LYS J 4581 2.53 106.10 8.36
N VAL J 4582 1.68 106.46 9.31
CA VAL J 4582 0.63 107.46 9.13
C VAL J 4582 0.96 108.68 9.99
N SER J 4583 0.75 109.86 9.42
CA SER J 4583 0.81 111.14 10.13
C SER J 4583 -0.40 111.99 9.73
N ASP J 4584 -0.74 112.91 10.62
CA ASP J 4584 -1.79 113.92 10.44
C ASP J 4584 -1.40 114.94 9.36
N SER J 4585 -0.15 115.43 9.40
CA SER J 4585 0.42 116.32 8.40
C SER J 4585 1.36 115.56 7.45
N PRO J 4586 1.17 115.63 6.11
CA PRO J 4586 2.09 115.05 5.14
C PRO J 4586 3.50 115.68 5.21
N PRO J 4587 4.59 114.89 5.16
CA PRO J 4587 5.95 115.44 5.17
C PRO J 4587 6.26 116.19 3.87
N ASN J 4626 -6.87 114.18 3.77
CA ASN J 4626 -6.56 114.15 5.20
C ASN J 4626 -5.20 113.47 5.48
N MET J 4627 -5.19 112.45 6.34
CA MET J 4627 -3.99 111.67 6.66
C MET J 4627 -3.46 110.99 5.41
N VAL J 4628 -2.14 110.92 5.31
CA VAL J 4628 -1.45 110.26 4.18
C VAL J 4628 -0.67 109.05 4.66
N TYR J 4629 -0.65 108.02 3.81
CA TYR J 4629 0.11 106.80 4.04
C TYR J 4629 1.45 106.93 3.30
N TYR J 4630 2.49 107.32 4.03
CA TYR J 4630 3.85 107.45 3.49
C TYR J 4630 4.73 106.29 4.00
N PHE J 4631 5.93 106.19 3.42
CA PHE J 4631 6.89 105.13 3.67
C PHE J 4631 8.13 105.61 4.45
N LEU J 4632 8.62 104.83 5.43
CA LEU J 4632 9.65 105.30 6.36
C LEU J 4632 11.07 105.47 5.78
N GLU J 4633 11.53 104.52 4.96
CA GLU J 4633 12.82 104.56 4.23
C GLU J 4633 14.07 105.05 5.01
N GLU J 4634 14.38 104.44 6.18
CA GLU J 4634 15.48 104.90 7.05
C GLU J 4634 16.84 105.01 6.33
N SER J 4635 17.12 104.07 5.44
CA SER J 4635 18.19 104.16 4.46
C SER J 4635 17.67 103.78 3.08
N THR J 4636 18.45 104.06 2.03
CA THR J 4636 18.05 103.80 0.64
C THR J 4636 16.74 104.54 0.31
N GLY J 4637 16.78 105.87 0.12
CA GLY J 4637 15.59 106.66 -0.27
C GLY J 4637 14.96 106.28 -1.64
N TYR J 4638 15.59 105.35 -2.37
CA TYR J 4638 14.96 104.64 -3.49
C TYR J 4638 14.29 103.30 -3.08
N MET J 4639 13.94 103.10 -1.79
CA MET J 4639 13.32 101.88 -1.26
C MET J 4639 11.84 101.77 -1.63
N GLU J 4640 11.11 102.89 -1.75
CA GLU J 4640 9.76 102.89 -2.36
C GLU J 4640 9.79 102.52 -3.86
N PRO J 4641 10.71 103.06 -4.70
CA PRO J 4641 10.97 102.55 -6.05
C PRO J 4641 11.38 101.07 -6.11
N ALA J 4642 12.09 100.57 -5.09
CA ALA J 4642 12.41 99.16 -4.96
C ALA J 4642 11.13 98.31 -4.77
N LEU J 4643 10.23 98.72 -3.87
CA LEU J 4643 8.92 98.08 -3.69
C LEU J 4643 8.08 98.09 -4.97
N TRP J 4644 8.07 99.22 -5.69
CA TRP J 4644 7.35 99.35 -6.96
C TRP J 4644 7.86 98.39 -8.05
N CYS J 4645 9.18 98.25 -8.17
CA CYS J 4645 9.81 97.28 -9.05
C CYS J 4645 9.51 95.82 -8.64
N LEU J 4646 9.54 95.53 -7.33
CA LEU J 4646 9.29 94.20 -6.77
C LEU J 4646 7.85 93.72 -7.03
N SER J 4647 6.89 94.64 -6.97
CA SER J 4647 5.48 94.39 -7.31
C SER J 4647 5.29 93.93 -8.76
N LEU J 4648 5.81 94.70 -9.74
CA LEU J 4648 5.70 94.34 -11.16
C LEU J 4648 6.26 92.94 -11.42
N LEU J 4649 7.46 92.70 -10.90
CA LEU J 4649 8.18 91.45 -11.09
C LEU J 4649 7.35 90.28 -10.59
N HIS J 4650 6.79 90.35 -9.37
CA HIS J 4650 5.90 89.30 -8.87
C HIS J 4650 4.62 89.14 -9.71
N THR J 4651 3.96 90.22 -10.19
CA THR J 4651 2.78 90.05 -11.06
C THR J 4651 3.10 89.41 -12.41
N LEU J 4652 4.19 89.81 -13.05
CA LEU J 4652 4.68 89.11 -14.26
C LEU J 4652 5.02 87.65 -13.95
N VAL J 4653 5.74 87.38 -12.85
CA VAL J 4653 6.12 86.01 -12.48
C VAL J 4653 4.91 85.12 -12.24
N ALA J 4654 3.89 85.67 -11.58
CA ALA J 4654 2.61 85.03 -11.38
C ALA J 4654 1.88 84.79 -12.70
N PHE J 4655 1.94 85.73 -13.64
CA PHE J 4655 1.44 85.54 -15.01
C PHE J 4655 2.19 84.43 -15.77
N LEU J 4656 3.52 84.37 -15.59
CA LEU J 4656 4.40 83.38 -16.21
C LEU J 4656 4.28 81.98 -15.59
N ILE J 4657 3.81 81.93 -14.34
CA ILE J 4657 3.27 80.73 -13.69
C ILE J 4657 1.88 80.37 -14.26
N ILE J 4658 0.92 81.30 -14.36
CA ILE J 4658 -0.44 80.96 -14.84
C ILE J 4658 -0.40 80.33 -16.23
N ILE J 4659 0.51 80.82 -17.08
CA ILE J 4659 0.64 80.34 -18.46
C ILE J 4659 1.43 79.02 -18.56
N GLY J 4660 2.45 78.82 -17.72
CA GLY J 4660 3.20 77.56 -17.64
C GLY J 4660 2.41 76.41 -17.02
N TYR J 4661 1.43 76.72 -16.17
CA TYR J 4661 0.48 75.73 -15.65
C TYR J 4661 -0.42 75.16 -16.76
N ASN J 4662 -0.68 75.95 -17.81
CA ASN J 4662 -1.48 75.57 -18.96
C ASN J 4662 -0.73 74.75 -20.05
N CYS J 4663 0.41 74.15 -19.71
CA CYS J 4663 1.17 73.23 -20.58
C CYS J 4663 1.88 72.11 -19.80
N LEU J 4664 1.49 71.90 -18.54
CA LEU J 4664 2.01 70.84 -17.62
C LEU J 4664 0.91 70.42 -16.62
N LYS J 4665 -0.34 70.50 -17.07
CA LYS J 4665 -1.52 70.18 -16.25
C LYS J 4665 -2.77 69.97 -17.10
N VAL J 4666 -3.14 70.97 -17.90
CA VAL J 4666 -4.40 70.97 -18.65
C VAL J 4666 -4.57 69.70 -19.51
N PRO J 4667 -3.61 69.32 -20.39
CA PRO J 4667 -3.66 68.06 -21.12
C PRO J 4667 -3.86 66.80 -20.26
N LEU J 4668 -3.27 66.72 -19.07
CA LEU J 4668 -3.43 65.56 -18.18
C LEU J 4668 -4.85 65.45 -17.61
N VAL J 4669 -5.42 66.56 -17.12
CA VAL J 4669 -6.77 66.53 -16.51
C VAL J 4669 -7.87 66.36 -17.57
N ILE J 4670 -7.72 66.97 -18.75
CA ILE J 4670 -8.69 66.85 -19.85
C ILE J 4670 -8.66 65.45 -20.48
N PHE J 4671 -7.48 64.87 -20.69
CA PHE J 4671 -7.31 63.47 -21.11
C PHE J 4671 -7.98 62.55 -20.09
N LYS J 4672 -7.77 62.81 -18.79
CA LYS J 4672 -8.32 61.96 -17.72
C LYS J 4672 -9.84 61.98 -17.67
N ARG J 4673 -10.47 63.12 -17.92
CA ARG J 4673 -11.93 63.22 -18.06
C ARG J 4673 -12.43 62.55 -19.33
N GLU J 4674 -11.82 62.88 -20.48
CA GLU J 4674 -12.25 62.38 -21.79
C GLU J 4674 -12.11 60.86 -21.93
N LYS J 4675 -11.01 60.28 -21.43
CA LYS J 4675 -10.88 58.80 -21.34
C LYS J 4675 -11.92 58.14 -20.42
N GLU J 4676 -12.20 58.81 -19.30
CA GLU J 4676 -13.11 58.21 -18.30
C GLU J 4676 -14.52 58.17 -18.88
N LEU J 4677 -14.93 59.33 -19.43
CA LEU J 4677 -16.18 59.49 -20.15
C LEU J 4677 -16.33 58.51 -21.32
N ALA J 4678 -15.34 58.46 -22.23
CA ALA J 4678 -15.42 57.60 -23.41
C ALA J 4678 -15.53 56.10 -23.07
N ARG J 4679 -14.72 55.63 -22.11
CA ARG J 4679 -14.74 54.23 -21.66
C ARG J 4679 -16.01 53.91 -20.88
N LYS J 4680 -16.35 54.71 -19.88
CA LYS J 4680 -17.54 54.53 -19.03
C LYS J 4680 -18.85 54.76 -19.81
N LEU J 4681 -18.80 55.39 -20.99
CA LEU J 4681 -19.90 55.44 -21.93
C LEU J 4681 -19.99 54.19 -22.85
N GLU J 4682 -18.97 53.97 -23.58
CA GLU J 4682 -18.99 52.87 -24.53
C GLU J 4682 -18.91 51.51 -23.90
N PHE J 4683 -19.16 51.42 -22.60
CA PHE J 4683 -19.12 50.13 -21.93
C PHE J 4683 -20.40 50.01 -21.15
N ASP J 4684 -20.63 50.91 -20.19
CA ASP J 4684 -21.83 50.88 -19.38
C ASP J 4684 -23.05 51.57 -19.96
N GLY J 4685 -22.83 52.39 -20.98
CA GLY J 4685 -23.90 53.14 -21.58
C GLY J 4685 -24.43 54.31 -20.76
N LEU J 4686 -23.62 55.35 -20.62
CA LEU J 4686 -23.99 56.47 -19.75
C LEU J 4686 -25.00 57.40 -20.40
N TYR J 4687 -24.92 57.60 -21.71
CA TYR J 4687 -25.74 58.60 -22.37
C TYR J 4687 -26.67 58.01 -23.42
N ILE J 4688 -26.78 56.69 -23.52
CA ILE J 4688 -27.64 56.05 -24.50
C ILE J 4688 -28.69 55.17 -23.86
N THR J 4689 -28.33 54.43 -22.81
CA THR J 4689 -29.27 53.59 -22.09
C THR J 4689 -29.86 54.28 -20.87
N GLU J 4690 -29.01 54.76 -19.97
CA GLU J 4690 -29.45 55.56 -18.83
C GLU J 4690 -29.13 57.02 -19.12
N GLN J 4691 -29.44 57.87 -18.13
CA GLN J 4691 -29.16 59.29 -18.17
C GLN J 4691 -28.79 59.76 -16.77
N PRO J 4692 -27.91 60.76 -16.64
CA PRO J 4692 -27.63 61.32 -15.32
C PRO J 4692 -28.75 62.22 -14.83
N ASP J 4696 -25.83 64.34 -12.70
CA ASP J 4696 -24.55 64.78 -12.18
C ASP J 4696 -24.04 66.00 -12.92
N VAL J 4697 -23.50 66.98 -12.17
CA VAL J 4697 -23.01 68.21 -12.76
C VAL J 4697 -21.73 67.96 -13.55
N LYS J 4698 -20.99 66.89 -13.25
CA LYS J 4698 -19.89 66.49 -14.10
C LYS J 4698 -20.40 65.91 -15.42
N GLY J 4699 -21.54 65.22 -15.40
CA GLY J 4699 -22.10 64.70 -16.64
C GLY J 4699 -22.88 65.73 -17.42
N GLN J 4700 -23.69 66.54 -16.74
CA GLN J 4700 -24.52 67.55 -17.39
C GLN J 4700 -23.71 68.61 -18.12
N TRP J 4701 -22.56 69.00 -17.58
CA TRP J 4701 -21.72 69.95 -18.30
C TRP J 4701 -20.99 69.29 -19.45
N ASP J 4702 -20.69 68.01 -19.34
CA ASP J 4702 -19.97 67.29 -20.37
C ASP J 4702 -20.87 66.83 -21.52
N ARG J 4703 -22.14 67.23 -21.54
CA ARG J 4703 -22.98 66.92 -22.69
C ARG J 4703 -22.54 67.69 -23.94
N LEU J 4704 -21.96 68.88 -23.78
CA LEU J 4704 -21.60 69.73 -24.90
C LEU J 4704 -20.38 69.23 -25.68
N VAL J 4705 -19.74 68.15 -25.24
CA VAL J 4705 -18.57 67.62 -25.93
C VAL J 4705 -18.91 66.44 -26.83
N LEU J 4706 -20.16 65.96 -26.80
CA LEU J 4706 -20.50 64.76 -27.55
C LEU J 4706 -20.60 65.03 -29.05
N ASN J 4707 -20.57 66.28 -29.47
CA ASN J 4707 -20.74 66.61 -30.88
C ASN J 4707 -19.57 67.39 -31.46
N THR J 4708 -18.49 67.58 -30.68
CA THR J 4708 -17.38 68.14 -31.42
C THR J 4708 -16.61 67.04 -32.14
N PRO J 4709 -16.12 67.32 -33.35
CA PRO J 4709 -15.33 66.30 -34.05
C PRO J 4709 -13.98 66.04 -33.42
N SER J 4710 -13.43 67.01 -32.68
CA SER J 4710 -12.15 66.82 -31.99
C SER J 4710 -12.34 66.51 -30.51
N PHE J 4711 -13.38 65.73 -30.18
CA PHE J 4711 -13.58 65.26 -28.82
C PHE J 4711 -12.41 64.44 -28.28
N PRO J 4712 -11.95 63.33 -28.92
CA PRO J 4712 -10.87 62.56 -28.31
C PRO J 4712 -9.49 63.07 -28.71
N SER J 4713 -9.41 64.33 -29.16
CA SER J 4713 -8.20 64.83 -29.80
C SER J 4713 -7.04 65.03 -28.83
N ASN J 4714 -7.28 64.80 -27.56
CA ASN J 4714 -6.17 64.85 -26.63
C ASN J 4714 -6.23 63.54 -25.86
N TYR J 4715 -6.25 62.48 -26.64
CA TYR J 4715 -6.36 61.10 -26.17
C TYR J 4715 -5.75 60.21 -27.24
N TRP J 4716 -5.34 59.00 -26.85
CA TRP J 4716 -4.70 58.14 -27.84
C TRP J 4716 -5.72 57.43 -28.70
N ASP J 4717 -6.84 57.00 -28.13
CA ASP J 4717 -7.91 56.39 -28.90
C ASP J 4717 -8.65 57.48 -29.67
N LYS J 4718 -8.83 57.24 -30.97
CA LYS J 4718 -9.64 58.11 -31.80
C LYS J 4718 -10.80 57.40 -32.46
N PHE J 4719 -10.95 56.09 -32.26
CA PHE J 4719 -12.01 55.32 -32.89
C PHE J 4719 -13.12 54.96 -31.92
N VAL J 4720 -13.24 55.69 -30.81
CA VAL J 4720 -14.25 55.33 -29.81
C VAL J 4720 -15.64 55.72 -30.28
N LYS J 4721 -15.75 56.58 -31.30
CA LYS J 4721 -17.04 56.86 -31.90
C LYS J 4721 -17.57 55.66 -32.67
N ARG J 4722 -16.74 55.04 -33.49
CA ARG J 4722 -17.13 53.83 -34.20
C ARG J 4722 -17.29 52.63 -33.27
N LYS J 4723 -16.65 52.66 -32.10
CA LYS J 4723 -16.76 51.54 -31.16
C LYS J 4723 -18.16 51.42 -30.59
N VAL J 4724 -18.66 52.49 -29.95
CA VAL J 4724 -19.97 52.42 -29.34
C VAL J 4724 -21.09 52.51 -30.39
N LEU J 4725 -20.79 53.02 -31.58
CA LEU J 4725 -21.78 52.97 -32.65
C LEU J 4725 -22.02 51.55 -33.14
N ASP J 4726 -20.95 50.84 -33.49
CA ASP J 4726 -21.07 49.46 -33.95
C ASP J 4726 -21.45 48.49 -32.83
N LYS J 4727 -21.41 48.93 -31.58
CA LYS J 4727 -21.84 48.12 -30.45
C LYS J 4727 -23.30 48.35 -30.07
N HIS J 4728 -23.82 49.55 -30.29
CA HIS J 4728 -25.15 49.91 -29.80
C HIS J 4728 -26.01 50.54 -30.88
N GLY J 4729 -25.59 50.47 -32.13
CA GLY J 4729 -26.37 51.01 -33.23
C GLY J 4729 -27.48 50.13 -33.72
N ASP J 4730 -27.64 48.92 -33.15
CA ASP J 4730 -28.71 48.03 -33.52
C ASP J 4730 -29.83 47.99 -32.48
N ILE J 4731 -29.51 48.19 -31.21
CA ILE J 4731 -30.54 48.26 -30.18
C ILE J 4731 -31.36 49.54 -30.31
N PHE J 4732 -30.74 50.65 -30.72
CA PHE J 4732 -31.44 51.88 -31.00
C PHE J 4732 -31.22 52.23 -32.47
N GLY J 4733 -31.87 53.30 -32.90
CA GLY J 4733 -31.69 53.78 -34.26
C GLY J 4733 -30.30 54.33 -34.44
N ARG J 4734 -29.52 53.74 -35.36
CA ARG J 4734 -28.17 54.21 -35.58
C ARG J 4734 -28.11 55.58 -36.25
N GLU J 4735 -29.20 56.01 -36.87
CA GLU J 4735 -29.27 57.41 -37.31
C GLU J 4735 -29.44 58.34 -36.13
N ARG J 4736 -30.08 57.88 -35.06
CA ARG J 4736 -30.27 58.73 -33.88
C ARG J 4736 -28.97 58.91 -33.12
N ILE J 4737 -28.26 57.80 -32.84
CA ILE J 4737 -27.04 57.88 -32.05
C ILE J 4737 -25.92 58.55 -32.83
N ALA J 4738 -25.99 58.52 -34.18
CA ALA J 4738 -25.05 59.29 -34.97
C ALA J 4738 -25.32 60.78 -34.85
N GLU J 4739 -26.60 61.16 -34.80
CA GLU J 4739 -26.96 62.54 -34.50
C GLU J 4739 -26.64 62.90 -33.07
N LEU J 4740 -26.62 61.93 -32.16
CA LEU J 4740 -26.15 62.20 -30.80
C LEU J 4740 -24.65 62.45 -30.79
N LEU J 4741 -23.91 61.81 -31.69
CA LEU J 4741 -22.48 61.98 -31.77
C LEU J 4741 -22.05 62.97 -32.84
N GLY J 4742 -22.91 63.30 -33.80
CA GLY J 4742 -22.54 64.25 -34.83
C GLY J 4742 -21.55 63.71 -35.83
N MET J 4743 -21.66 62.44 -36.20
CA MET J 4743 -20.73 61.82 -37.15
C MET J 4743 -21.12 62.28 -38.55
N ASP J 4744 -20.37 63.25 -39.08
CA ASP J 4744 -20.63 63.77 -40.42
C ASP J 4744 -20.18 62.77 -41.46
N LEU J 4745 -21.01 62.59 -42.49
CA LEU J 4745 -20.87 61.59 -43.56
C LEU J 4745 -20.70 60.19 -42.96
N ALA J 4746 -21.60 59.89 -42.01
CA ALA J 4746 -21.63 58.59 -41.37
C ALA J 4746 -21.93 57.48 -42.37
N SER J 4747 -22.70 57.80 -43.41
CA SER J 4747 -22.93 56.90 -44.52
C SER J 4747 -21.82 56.96 -45.56
N LEU J 4748 -20.92 57.94 -45.49
CA LEU J 4748 -19.99 58.18 -46.60
C LEU J 4748 -18.52 58.22 -46.20
N GLU J 4749 -18.18 58.75 -45.04
CA GLU J 4749 -16.75 58.97 -44.74
C GLU J 4749 -16.06 57.70 -44.27
N ILE J 4750 -16.81 56.65 -43.94
CA ILE J 4750 -16.18 55.44 -43.45
C ILE J 4750 -15.54 54.66 -44.59
N THR J 4751 -16.17 54.63 -45.76
CA THR J 4751 -15.64 53.86 -46.88
C THR J 4751 -14.57 54.61 -47.65
N ALA J 4752 -14.50 55.94 -47.50
CA ALA J 4752 -13.49 56.72 -48.20
C ALA J 4752 -12.10 56.47 -47.64
N HIS J 4753 -11.98 56.36 -46.32
CA HIS J 4753 -10.70 56.00 -45.70
C HIS J 4753 -10.35 54.54 -45.90
N ASN J 4754 -11.35 53.69 -46.18
CA ASN J 4754 -11.09 52.29 -46.46
C ASN J 4754 -10.41 52.12 -47.81
N GLU J 4755 -11.02 52.65 -48.87
CA GLU J 4755 -10.43 52.52 -50.20
C GLU J 4755 -9.22 53.42 -50.37
N ARG J 4756 -9.27 54.64 -49.83
CA ARG J 4756 -8.17 55.58 -49.97
C ARG J 4756 -8.03 56.47 -48.75
N THR J 4766 -5.00 83.48 -39.37
CA THR J 4766 -5.24 82.15 -38.81
C THR J 4766 -6.00 82.25 -37.48
N TRP J 4767 -7.32 82.04 -37.47
CA TRP J 4767 -8.14 82.14 -36.26
C TRP J 4767 -7.72 81.12 -35.19
N LEU J 4768 -6.91 81.55 -34.21
CA LEU J 4768 -6.30 80.65 -33.23
C LEU J 4768 -5.62 79.44 -33.88
N MET J 4769 -4.92 79.67 -35.00
CA MET J 4769 -4.46 78.66 -35.97
C MET J 4769 -5.59 78.01 -36.79
N SER J 4770 -6.52 77.31 -36.15
CA SER J 4770 -7.64 76.61 -36.80
C SER J 4770 -8.92 77.48 -36.85
N ILE J 4771 -9.99 77.01 -36.19
CA ILE J 4771 -11.27 77.69 -35.97
C ILE J 4771 -12.09 77.05 -34.83
N ASP J 4772 -11.42 76.47 -33.82
CA ASP J 4772 -12.15 75.78 -32.74
C ASP J 4772 -13.03 76.74 -31.89
N VAL J 4773 -14.06 76.16 -31.27
CA VAL J 4773 -15.14 76.86 -30.57
C VAL J 4773 -15.57 76.09 -29.32
N LYS J 4774 -16.64 75.26 -29.42
CA LYS J 4774 -17.32 74.70 -28.24
C LYS J 4774 -16.43 73.78 -27.39
N TYR J 4775 -15.43 73.14 -28.01
CA TYR J 4775 -14.46 72.32 -27.29
C TYR J 4775 -13.45 73.12 -26.46
N GLN J 4776 -13.06 74.33 -26.90
CA GLN J 4776 -12.34 75.30 -26.05
C GLN J 4776 -13.20 75.87 -24.93
N ILE J 4777 -14.48 76.22 -25.16
CA ILE J 4777 -15.37 76.69 -24.07
C ILE J 4777 -15.52 75.62 -22.97
N TRP J 4778 -15.59 74.34 -23.39
CA TRP J 4778 -15.73 73.22 -22.46
C TRP J 4778 -14.45 72.97 -21.65
N LYS J 4779 -13.31 73.10 -22.34
CA LYS J 4779 -11.97 73.02 -21.74
C LYS J 4779 -11.76 74.12 -20.70
N PHE J 4780 -12.11 75.35 -21.03
CA PHE J 4780 -12.00 76.49 -20.12
C PHE J 4780 -12.88 76.36 -18.86
N GLY J 4781 -14.07 75.77 -18.99
CA GLY J 4781 -14.88 75.42 -17.82
C GLY J 4781 -14.23 74.33 -16.94
N VAL J 4782 -13.79 73.22 -17.55
CA VAL J 4782 -13.21 72.12 -16.74
C VAL J 4782 -11.87 72.50 -16.07
N ILE J 4783 -11.01 73.29 -16.73
CA ILE J 4783 -9.75 73.74 -16.09
C ILE J 4783 -9.98 74.78 -15.00
N PHE J 4784 -10.98 75.65 -15.16
CA PHE J 4784 -11.41 76.58 -14.11
C PHE J 4784 -11.92 75.84 -12.86
N THR J 4785 -12.47 74.64 -13.05
CA THR J 4785 -12.94 73.78 -11.95
C THR J 4785 -11.82 73.08 -11.17
N ASP J 4786 -10.57 73.02 -11.67
CA ASP J 4786 -9.48 72.37 -10.92
C ASP J 4786 -9.07 73.21 -9.70
N ASN J 4787 -9.16 72.62 -8.50
CA ASN J 4787 -8.81 73.29 -7.23
C ASN J 4787 -7.44 73.94 -7.21
N SER J 4788 -6.46 73.27 -7.83
CA SER J 4788 -5.09 73.82 -7.91
C SER J 4788 -4.96 74.96 -8.95
N PHE J 4789 -5.73 74.94 -10.04
CA PHE J 4789 -5.82 76.10 -10.93
C PHE J 4789 -6.54 77.28 -10.27
N LEU J 4790 -7.66 77.02 -9.57
CA LEU J 4790 -8.39 78.04 -8.80
C LEU J 4790 -7.49 78.74 -7.77
N TYR J 4791 -6.68 78.00 -7.00
CA TYR J 4791 -5.70 78.63 -6.11
C TYR J 4791 -4.72 79.53 -6.84
N SER J 4792 -4.11 79.04 -7.93
CA SER J 4792 -3.15 79.83 -8.69
C SER J 4792 -3.81 81.02 -9.38
N GLY J 4793 -5.09 80.92 -9.75
CA GLY J 4793 -5.87 82.06 -10.21
C GLY J 4793 -6.18 83.08 -9.12
N TRP J 4794 -6.50 82.66 -7.88
CA TRP J 4794 -6.56 83.57 -6.72
C TRP J 4794 -5.24 84.30 -6.48
N TYR J 4795 -4.13 83.57 -6.52
CA TYR J 4795 -2.83 84.18 -6.37
C TYR J 4795 -2.57 85.18 -7.49
N MET J 4796 -2.87 84.88 -8.74
CA MET J 4796 -2.75 85.90 -9.79
C MET J 4796 -3.69 87.07 -9.57
N VAL J 4797 -4.95 86.84 -9.22
CA VAL J 4797 -5.94 87.93 -9.03
C VAL J 4797 -5.48 88.95 -8.00
N MET J 4798 -5.09 88.47 -6.80
CA MET J 4798 -4.64 89.37 -5.73
C MET J 4798 -3.34 90.11 -6.08
N SER J 4799 -2.56 89.61 -7.05
CA SER J 4799 -1.33 90.26 -7.49
C SER J 4799 -1.59 91.57 -8.25
N LEU J 4800 -2.52 91.51 -9.20
CA LEU J 4800 -2.99 92.70 -9.91
C LEU J 4800 -3.78 93.64 -9.00
N LEU J 4801 -4.57 93.08 -8.07
CA LEU J 4801 -5.26 93.88 -7.05
C LEU J 4801 -4.26 94.57 -6.09
N GLY J 4802 -3.07 93.98 -5.92
CA GLY J 4802 -1.92 94.58 -5.24
C GLY J 4802 -1.39 95.89 -5.83
N HIS J 4803 -1.64 96.16 -7.13
CA HIS J 4803 -1.37 97.49 -7.69
C HIS J 4803 -2.38 98.57 -7.28
N TYR J 4804 -3.61 98.24 -6.86
CA TYR J 4804 -4.58 99.22 -6.35
C TYR J 4804 -4.13 99.84 -5.01
N ASN J 4805 -3.73 98.99 -4.07
CA ASN J 4805 -3.07 99.36 -2.84
C ASN J 4805 -1.99 98.32 -2.59
N ASN J 4806 -0.74 98.80 -2.49
CA ASN J 4806 0.45 98.00 -2.29
C ASN J 4806 0.34 97.02 -1.10
N PHE J 4807 -0.45 97.36 -0.06
CA PHE J 4807 -0.65 96.46 1.08
C PHE J 4807 -1.30 95.11 0.70
N PHE J 4808 -2.03 94.97 -0.41
CA PHE J 4808 -2.69 93.70 -0.72
C PHE J 4808 -1.70 92.56 -1.10
N PHE J 4809 -0.41 92.89 -1.34
CA PHE J 4809 0.67 91.90 -1.38
C PHE J 4809 0.93 91.17 -0.05
N ALA J 4810 0.38 91.67 1.06
CA ALA J 4810 0.33 90.95 2.33
C ALA J 4810 -0.46 89.62 2.25
N ALA J 4811 -1.47 89.52 1.36
CA ALA J 4811 -2.20 88.26 1.15
C ALA J 4811 -1.38 87.18 0.42
N HIS J 4812 -0.38 87.58 -0.36
CA HIS J 4812 0.58 86.65 -1.00
C HIS J 4812 1.54 86.00 0.00
N LEU J 4813 1.57 86.49 1.25
CA LEU J 4813 2.31 85.83 2.33
C LEU J 4813 1.73 84.48 2.73
N LEU J 4814 0.40 84.30 2.62
CA LEU J 4814 -0.25 83.06 3.09
C LEU J 4814 0.14 81.81 2.32
N ASP J 4815 0.77 81.99 1.17
CA ASP J 4815 1.30 80.91 0.38
C ASP J 4815 2.28 80.04 1.19
N ILE J 4816 2.93 80.63 2.20
CA ILE J 4816 3.74 79.92 3.19
C ILE J 4816 2.97 78.76 3.82
N ALA J 4817 1.72 78.97 4.22
CA ALA J 4817 0.93 77.91 4.83
C ALA J 4817 0.47 76.84 3.81
N MET J 4818 0.27 77.22 2.56
CA MET J 4818 -0.34 76.36 1.55
C MET J 4818 0.60 75.33 0.93
N GLY J 4819 1.91 75.41 1.18
CA GLY J 4819 2.89 74.48 0.61
C GLY J 4819 3.55 73.53 1.60
N VAL J 4820 3.97 74.00 2.78
CA VAL J 4820 4.86 73.23 3.68
C VAL J 4820 4.11 72.26 4.60
N LYS J 4821 3.61 71.17 4.00
CA LYS J 4821 3.11 69.92 4.63
C LYS J 4821 2.34 70.10 5.94
N THR J 4822 3.02 70.16 7.09
CA THR J 4822 2.47 70.42 8.42
C THR J 4822 1.44 71.54 8.42
N LEU J 4823 1.75 72.69 7.83
CA LEU J 4823 0.84 73.82 7.72
C LEU J 4823 -0.47 73.41 7.02
N ARG J 4824 -0.39 72.80 5.84
CA ARG J 4824 -1.54 72.32 5.09
C ARG J 4824 -2.38 71.33 5.89
N THR J 4825 -1.72 70.50 6.70
CA THR J 4825 -2.35 69.55 7.62
C THR J 4825 -3.24 70.25 8.64
N ILE J 4826 -2.78 71.38 9.21
CA ILE J 4826 -3.54 72.18 10.19
C ILE J 4826 -4.79 72.78 9.53
N LEU J 4827 -4.65 73.43 8.37
CA LEU J 4827 -5.79 73.98 7.62
C LEU J 4827 -6.74 72.88 7.14
N SER J 4828 -6.22 71.73 6.66
CA SER J 4828 -7.10 70.60 6.32
C SER J 4828 -7.82 70.04 7.54
N SER J 4829 -7.21 70.05 8.74
CA SER J 4829 -7.88 69.69 9.98
C SER J 4829 -9.03 70.62 10.31
N VAL J 4830 -8.81 71.95 10.23
CA VAL J 4830 -9.85 72.97 10.40
C VAL J 4830 -11.00 72.78 9.41
N THR J 4831 -10.71 72.38 8.16
CA THR J 4831 -11.77 72.16 7.15
C THR J 4831 -12.49 70.81 7.23
N HIS J 4832 -11.78 69.70 7.51
CA HIS J 4832 -12.37 68.38 7.24
C HIS J 4832 -13.39 67.98 8.30
N ASN J 4833 -12.96 67.96 9.57
CA ASN J 4833 -13.83 67.79 10.74
C ASN J 4833 -14.64 69.06 11.07
N GLY J 4834 -14.21 70.23 10.58
CA GLY J 4834 -14.96 71.48 10.72
C GLY J 4834 -16.30 71.50 10.00
N LYS J 4835 -16.50 70.64 8.98
CA LYS J 4835 -17.84 70.39 8.40
C LYS J 4835 -18.81 69.78 9.43
N GLN J 4836 -18.30 68.91 10.29
CA GLN J 4836 -19.03 68.32 11.42
C GLN J 4836 -18.97 69.25 12.62
N LEU J 4837 -18.08 70.32 12.44
CA LEU J 4837 -17.99 71.26 13.55
C LEU J 4837 -19.02 72.36 13.43
N VAL J 4838 -19.50 72.63 12.22
CA VAL J 4838 -20.42 73.75 12.13
C VAL J 4838 -21.68 73.53 12.97
N MET J 4839 -21.97 72.29 13.31
CA MET J 4839 -23.14 72.02 14.14
C MET J 4839 -22.83 72.29 15.61
N THR J 4840 -21.56 72.29 15.98
CA THR J 4840 -21.21 72.63 17.35
C THR J 4840 -21.32 74.13 17.59
N VAL J 4841 -20.76 74.93 16.67
CA VAL J 4841 -20.90 76.37 16.80
C VAL J 4841 -22.32 76.82 16.48
N GLY J 4842 -23.08 76.00 15.75
CA GLY J 4842 -24.52 76.22 15.68
C GLY J 4842 -25.20 75.94 17.00
N LEU J 4843 -24.74 74.91 17.70
CA LEU J 4843 -25.25 74.64 19.04
C LEU J 4843 -24.76 75.68 20.04
N LEU J 4844 -23.54 76.17 19.84
CA LEU J 4844 -23.01 77.18 20.75
C LEU J 4844 -23.73 78.52 20.61
N ALA J 4845 -24.32 78.78 19.44
CA ALA J 4845 -25.16 79.96 19.32
C ALA J 4845 -26.45 79.80 20.12
N VAL J 4846 -27.11 78.67 19.95
CA VAL J 4846 -28.32 78.43 20.71
C VAL J 4846 -28.07 78.60 22.20
N VAL J 4847 -26.86 78.28 22.67
CA VAL J 4847 -26.62 78.34 24.12
C VAL J 4847 -26.58 79.78 24.60
N VAL J 4848 -25.66 80.58 24.05
CA VAL J 4848 -25.61 81.98 24.42
C VAL J 4848 -26.97 82.60 24.23
N TYR J 4849 -27.79 82.08 23.33
CA TYR J 4849 -29.06 82.78 23.07
C TYR J 4849 -30.11 82.52 24.14
N LEU J 4850 -30.09 81.32 24.73
CA LEU J 4850 -31.03 81.01 25.78
C LEU J 4850 -30.59 81.71 27.03
N TYR J 4851 -29.33 82.13 27.08
CA TYR J 4851 -28.84 82.86 28.23
C TYR J 4851 -29.27 84.29 28.08
N THR J 4852 -29.35 84.80 26.86
CA THR J 4852 -29.65 86.23 26.67
C THR J 4852 -31.11 86.57 26.84
N VAL J 4853 -31.96 85.58 27.02
CA VAL J 4853 -33.36 85.85 27.28
C VAL J 4853 -33.60 85.87 28.77
N VAL J 4854 -33.05 84.88 29.48
CA VAL J 4854 -33.17 84.87 30.93
C VAL J 4854 -32.83 86.23 31.50
N ALA J 4855 -31.87 86.90 30.89
CA ALA J 4855 -31.44 88.19 31.39
C ALA J 4855 -32.39 89.28 30.95
N PHE J 4856 -32.63 89.38 29.65
CA PHE J 4856 -33.53 90.41 29.12
C PHE J 4856 -34.75 90.50 29.99
N ASN J 4857 -35.39 89.36 30.22
CA ASN J 4857 -36.57 89.34 31.06
C ASN J 4857 -36.24 89.73 32.48
N PHE J 4858 -35.57 88.83 33.21
CA PHE J 4858 -35.26 89.08 34.61
C PHE J 4858 -34.07 90.02 34.81
N PHE J 4859 -32.96 89.48 35.31
CA PHE J 4859 -31.78 90.30 35.59
C PHE J 4859 -31.45 91.27 34.47
N ARG J 4860 -31.84 92.53 34.62
CA ARG J 4860 -31.48 93.53 33.63
C ARG J 4860 -30.85 94.67 34.40
N LYS J 4861 -31.35 94.91 35.60
CA LYS J 4861 -30.80 95.96 36.45
C LYS J 4861 -29.32 95.72 36.67
N PHE J 4862 -28.93 94.47 36.74
CA PHE J 4862 -27.54 94.14 36.91
C PHE J 4862 -26.76 94.58 35.70
N TYR J 4863 -27.14 94.11 34.51
CA TYR J 4863 -26.41 94.46 33.30
C TYR J 4863 -26.41 95.95 33.04
N ASN J 4864 -25.42 96.67 33.51
CA ASN J 4864 -25.35 98.11 33.23
C ASN J 4864 -23.93 98.64 33.27
N LYS J 4865 -23.61 99.53 32.34
CA LYS J 4865 -22.27 100.11 32.29
C LYS J 4865 -22.35 101.61 32.50
N SER J 4866 -23.12 102.03 33.49
CA SER J 4866 -23.26 103.45 33.79
C SER J 4866 -21.93 104.07 34.12
N GLU J 4867 -21.32 104.74 33.16
CA GLU J 4867 -20.05 105.40 33.40
C GLU J 4867 -20.15 106.35 34.58
N ASP J 4868 -21.09 107.29 34.51
CA ASP J 4868 -21.25 108.26 35.60
C ASP J 4868 -22.65 108.83 35.65
N GLU J 4869 -23.31 108.72 36.80
CA GLU J 4869 -24.65 109.26 36.96
C GLU J 4869 -25.47 109.21 35.68
N ASP J 4870 -25.79 110.38 35.13
CA ASP J 4870 -26.58 110.44 33.90
C ASP J 4870 -26.12 109.38 32.93
N GLU J 4871 -24.82 109.37 32.63
CA GLU J 4871 -24.29 108.37 31.74
C GLU J 4871 -24.58 106.97 32.27
N PRO J 4872 -25.61 106.32 31.72
CA PRO J 4872 -25.99 105.00 32.22
C PRO J 4872 -26.18 104.01 31.08
N ASP J 4873 -25.21 103.91 30.20
CA ASP J 4873 -25.31 103.00 29.06
C ASP J 4873 -25.93 101.68 29.50
N MET J 4874 -27.01 101.29 28.83
CA MET J 4874 -27.69 100.05 29.19
C MET J 4874 -27.39 98.95 28.20
N LYS J 4875 -27.52 97.70 28.60
CA LYS J 4875 -27.11 96.64 27.68
C LYS J 4875 -28.22 95.65 27.40
N CYS J 4876 -29.08 95.42 28.38
CA CYS J 4876 -30.13 94.45 28.19
C CYS J 4876 -31.45 95.12 27.92
N ASP J 4877 -31.43 96.24 27.20
CA ASP J 4877 -32.69 96.87 26.82
C ASP J 4877 -33.07 96.31 25.48
N ASP J 4878 -32.25 96.55 24.47
CA ASP J 4878 -32.51 95.99 23.16
C ASP J 4878 -31.81 94.66 23.02
N MET J 4879 -32.58 93.58 22.87
CA MET J 4879 -31.99 92.26 22.79
C MET J 4879 -30.95 92.15 21.70
N MET J 4880 -31.30 92.51 20.48
CA MET J 4880 -30.37 92.35 19.35
C MET J 4880 -28.97 92.78 19.76
N THR J 4881 -28.87 93.60 20.79
CA THR J 4881 -27.58 94.08 21.26
C THR J 4881 -27.01 93.17 22.34
N CYS J 4882 -27.86 92.70 23.26
CA CYS J 4882 -27.39 91.97 24.42
C CYS J 4882 -26.86 90.58 24.07
N TYR J 4883 -27.48 90.00 23.04
CA TYR J 4883 -26.99 88.75 22.55
C TYR J 4883 -25.62 89.14 22.10
N LEU J 4884 -25.51 90.24 21.39
CA LEU J 4884 -24.21 90.67 20.88
C LEU J 4884 -23.26 90.89 22.04
N PHE J 4885 -23.63 91.74 22.98
CA PHE J 4885 -22.79 91.97 24.15
C PHE J 4885 -22.27 90.66 24.69
N HIS J 4886 -23.18 89.74 24.98
CA HIS J 4886 -22.81 88.45 25.52
C HIS J 4886 -21.81 87.73 24.63
N MET J 4887 -21.81 88.05 23.35
CA MET J 4887 -20.91 87.35 22.45
C MET J 4887 -19.64 88.16 22.24
N TYR J 4888 -19.58 89.35 22.81
CA TYR J 4888 -18.37 90.17 22.70
C TYR J 4888 -17.61 90.15 24.00
N VAL J 4889 -18.29 90.00 25.13
CA VAL J 4889 -17.56 89.88 26.39
C VAL J 4889 -17.87 88.55 27.08
N GLY J 4890 -19.04 87.99 26.82
CA GLY J 4890 -19.43 86.73 27.42
C GLY J 4890 -18.51 85.60 27.06
N VAL J 4891 -18.45 85.25 25.79
CA VAL J 4891 -17.66 84.09 25.39
C VAL J 4891 -16.18 84.32 25.60
N ARG J 4892 -15.77 85.58 25.70
CA ARG J 4892 -14.34 85.86 25.82
C ARG J 4892 -14.07 86.73 27.04
N ALA J 4893 -13.65 86.10 28.12
CA ALA J 4893 -13.38 86.82 29.36
C ALA J 4893 -12.70 85.92 30.37
N GLY J 4894 -12.69 84.62 30.11
CA GLY J 4894 -12.06 83.68 31.01
C GLY J 4894 -12.91 83.43 32.24
N GLY J 4895 -13.49 84.47 32.80
CA GLY J 4895 -14.34 84.33 33.95
C GLY J 4895 -15.78 84.34 33.52
N GLY J 4896 -16.04 83.74 32.37
CA GLY J 4896 -17.40 83.69 31.87
C GLY J 4896 -18.03 85.05 31.83
N ILE J 4897 -19.21 85.24 32.40
CA ILE J 4897 -19.87 86.54 32.24
C ILE J 4897 -19.83 87.42 33.48
N GLY J 4898 -20.05 86.83 34.64
CA GLY J 4898 -20.07 87.59 35.86
C GLY J 4898 -19.08 88.73 35.88
N ASP J 4899 -17.88 88.48 35.39
CA ASP J 4899 -16.84 89.51 35.44
C ASP J 4899 -17.34 90.85 34.92
N GLU J 4900 -18.20 90.84 33.91
CA GLU J 4900 -18.64 92.09 33.30
C GLU J 4900 -20.03 92.54 33.72
N ILE J 4901 -20.29 92.60 35.02
CA ILE J 4901 -21.57 93.07 35.52
C ILE J 4901 -21.39 93.44 36.99
N GLU J 4902 -22.31 93.04 37.85
CA GLU J 4902 -22.21 93.52 39.23
C GLU J 4902 -22.42 92.46 40.27
N ASP J 4903 -21.79 92.64 41.42
CA ASP J 4903 -21.90 91.67 42.47
C ASP J 4903 -23.37 91.48 42.80
N PRO J 4904 -23.80 90.23 42.98
CA PRO J 4904 -25.17 90.01 43.40
C PRO J 4904 -25.36 90.42 44.86
N ALA J 4905 -24.83 91.58 45.23
CA ALA J 4905 -24.97 92.06 46.59
C ALA J 4905 -26.43 92.10 46.99
N GLY J 4906 -27.21 92.93 46.32
CA GLY J 4906 -28.64 93.00 46.59
C GLY J 4906 -29.21 91.60 46.52
N ASP J 4907 -29.43 90.98 47.67
CA ASP J 4907 -29.94 89.60 47.69
C ASP J 4907 -31.00 89.35 46.64
N GLU J 4908 -31.76 90.37 46.28
CA GLU J 4908 -32.76 90.22 45.24
C GLU J 4908 -32.26 89.27 44.18
N TYR J 4909 -32.78 88.05 44.16
CA TYR J 4909 -32.41 87.08 43.13
C TYR J 4909 -30.97 86.58 43.23
N GLU J 4910 -30.12 87.29 43.97
CA GLU J 4910 -28.72 86.90 44.09
C GLU J 4910 -28.54 85.40 43.91
N LEU J 4911 -29.02 84.60 44.85
CA LEU J 4911 -28.78 83.18 44.74
C LEU J 4911 -29.01 82.80 43.29
N TYR J 4912 -30.13 83.25 42.74
CA TYR J 4912 -30.43 82.95 41.35
C TYR J 4912 -29.37 83.56 40.44
N ARG J 4913 -28.94 84.77 40.74
CA ARG J 4913 -27.92 85.42 39.93
C ARG J 4913 -26.61 84.64 39.97
N VAL J 4914 -26.25 84.15 41.14
CA VAL J 4914 -25.00 83.41 41.28
C VAL J 4914 -25.10 82.07 40.56
N VAL J 4915 -26.30 81.50 40.49
CA VAL J 4915 -26.46 80.26 39.75
C VAL J 4915 -26.39 80.54 38.26
N PHE J 4916 -26.81 81.73 37.85
CA PHE J 4916 -26.78 82.09 36.43
C PHE J 4916 -25.38 82.25 35.85
N ASP J 4917 -24.41 82.59 36.69
CA ASP J 4917 -23.05 82.78 36.22
C ASP J 4917 -22.29 81.48 36.21
N ILE J 4918 -22.22 80.83 37.35
CA ILE J 4918 -21.52 79.57 37.46
C ILE J 4918 -22.03 78.57 36.43
N THR J 4919 -23.30 78.66 36.05
CA THR J 4919 -23.80 77.78 35.00
C THR J 4919 -23.25 78.24 33.66
N PHE J 4920 -23.18 79.55 33.45
CA PHE J 4920 -22.56 80.07 32.24
C PHE J 4920 -21.18 79.46 32.12
N PHE J 4921 -20.42 79.65 33.20
CA PHE J 4921 -19.05 79.22 33.18
C PHE J 4921 -19.08 77.83 32.67
N PHE J 4922 -19.15 76.86 33.56
CA PHE J 4922 -19.14 75.47 33.14
C PHE J 4922 -19.55 75.28 31.70
N PHE J 4923 -20.75 75.71 31.32
CA PHE J 4923 -21.23 75.45 29.96
C PHE J 4923 -20.41 76.11 28.87
N VAL J 4924 -20.58 77.41 28.65
CA VAL J 4924 -19.90 78.07 27.54
C VAL J 4924 -18.37 78.10 27.60
N ILE J 4925 -17.79 78.55 28.70
CA ILE J 4925 -16.32 78.69 28.75
C ILE J 4925 -15.52 77.42 29.04
N VAL J 4926 -16.00 76.55 29.90
CA VAL J 4926 -15.22 75.36 30.28
C VAL J 4926 -15.61 74.09 29.54
N ILE J 4927 -16.78 74.06 28.93
CA ILE J 4927 -17.19 72.89 28.16
C ILE J 4927 -17.18 73.18 26.67
N LEU J 4928 -18.12 73.98 26.20
CA LEU J 4928 -18.23 74.25 24.76
C LEU J 4928 -16.94 74.77 24.18
N LEU J 4929 -16.41 75.86 24.73
CA LEU J 4929 -15.19 76.47 24.18
C LEU J 4929 -14.00 75.54 24.26
N ALA J 4930 -14.19 74.33 24.78
CA ALA J 4930 -13.11 73.36 24.82
C ALA J 4930 -13.41 72.32 23.77
N ILE J 4931 -14.66 71.93 23.66
CA ILE J 4931 -15.04 70.98 22.63
C ILE J 4931 -14.51 71.49 21.32
N ILE J 4932 -14.78 72.75 21.02
CA ILE J 4932 -14.29 73.34 19.78
C ILE J 4932 -12.80 73.10 19.66
N GLN J 4933 -11.99 73.59 20.58
CA GLN J 4933 -10.56 73.31 20.49
C GLN J 4933 -10.35 71.83 20.26
N GLY J 4934 -11.07 71.03 21.03
CA GLY J 4934 -10.94 69.58 20.91
C GLY J 4934 -11.05 69.14 19.47
N LEU J 4935 -12.16 69.46 18.82
CA LEU J 4935 -12.34 69.09 17.43
C LEU J 4935 -11.07 69.35 16.63
N ILE J 4936 -10.65 70.61 16.52
CA ILE J 4936 -9.45 70.96 15.75
C ILE J 4936 -8.21 70.12 16.11
N ILE J 4937 -7.87 70.09 17.39
CA ILE J 4937 -6.70 69.32 17.80
C ILE J 4937 -6.79 67.85 17.34
N ASP J 4938 -7.92 67.21 17.59
CA ASP J 4938 -8.08 65.80 17.23
C ASP J 4938 -8.02 65.59 15.73
N ALA J 4939 -8.57 66.52 14.98
CA ALA J 4939 -8.51 66.44 13.53
C ALA J 4939 -7.05 66.44 13.12
N PHE J 4940 -6.29 67.41 13.61
CA PHE J 4940 -4.87 67.44 13.30
C PHE J 4940 -4.24 66.09 13.64
N GLY J 4941 -4.52 65.58 14.83
CA GLY J 4941 -3.96 64.30 15.25
C GLY J 4941 -4.23 63.17 14.29
N GLU J 4942 -5.48 63.01 13.87
CA GLU J 4942 -5.83 61.97 12.92
C GLU J 4942 -5.06 62.19 11.64
N LEU J 4943 -5.13 63.40 11.10
CA LEU J 4943 -4.40 63.71 9.90
C LEU J 4943 -3.01 63.12 10.01
N ARG J 4944 -2.31 63.45 11.09
CA ARG J 4944 -0.94 62.94 11.26
C ARG J 4944 -0.89 61.42 11.31
N ASP J 4945 -1.97 60.79 11.77
CA ASP J 4945 -2.01 59.34 11.91
C ASP J 4945 -2.24 58.60 10.59
N GLN J 4946 -3.04 59.18 9.71
CA GLN J 4946 -3.27 58.56 8.42
C GLN J 4946 -1.97 58.57 7.62
N GLN J 4947 -1.28 59.70 7.62
CA GLN J 4947 0.02 59.75 6.95
C GLN J 4947 0.87 58.63 7.49
N GLU J 4948 0.88 58.47 8.81
CA GLU J 4948 1.63 57.34 9.36
C GLU J 4948 1.18 56.06 8.68
N GLN J 4949 -0.03 55.59 8.98
CA GLN J 4949 -0.55 54.37 8.38
C GLN J 4949 0.08 54.03 7.03
N VAL J 4950 -0.33 54.71 5.97
CA VAL J 4950 0.18 54.40 4.65
C VAL J 4950 1.59 53.87 4.74
N LYS J 4951 2.47 54.64 5.37
CA LYS J 4951 3.86 54.22 5.51
C LYS J 4951 3.97 52.76 5.93
N GLU J 4952 3.49 52.46 7.13
CA GLU J 4952 3.53 51.10 7.61
C GLU J 4952 3.04 50.16 6.52
N ASP J 4953 1.77 50.25 6.18
CA ASP J 4953 1.20 49.38 5.16
C ASP J 4953 2.16 49.05 4.00
N MET J 4954 2.65 50.07 3.32
CA MET J 4954 3.52 49.84 2.17
C MET J 4954 4.82 49.20 2.57
N GLU J 4955 5.13 49.22 3.86
CA GLU J 4955 6.35 48.59 4.35
C GLU J 4955 6.01 47.31 5.09
N THR J 4956 4.87 46.71 4.76
CA THR J 4956 4.46 45.48 5.41
C THR J 4956 3.64 44.60 4.50
N LYS J 4957 3.46 45.01 3.25
CA LYS J 4957 2.72 44.20 2.29
C LYS J 4957 3.39 44.24 0.92
N CYS J 4958 2.92 43.43 -0.01
CA CYS J 4958 3.55 43.37 -1.33
C CYS J 4958 3.18 44.54 -2.22
N PHE J 4959 1.92 44.99 -2.15
CA PHE J 4959 1.16 45.95 -2.95
C PHE J 4959 0.76 45.36 -4.30
N ILE J 4960 1.29 44.20 -4.65
CA ILE J 4960 0.92 43.53 -5.90
C ILE J 4960 0.25 42.19 -5.63
N CYS J 4961 0.93 41.28 -4.95
CA CYS J 4961 0.25 40.09 -4.48
C CYS J 4961 -0.31 40.36 -3.10
N GLY J 4962 -0.98 39.38 -2.53
CA GLY J 4962 -1.67 39.58 -1.28
C GLY J 4962 -1.00 39.00 -0.06
N ILE J 4963 0.32 39.17 0.07
CA ILE J 4963 1.07 38.58 1.17
C ILE J 4963 2.00 39.66 1.75
N GLY J 4964 1.99 39.78 3.08
CA GLY J 4964 2.84 40.72 3.77
C GLY J 4964 4.29 40.27 3.87
N SER J 4965 5.06 40.99 4.67
CA SER J 4965 6.44 40.59 4.87
C SER J 4965 6.49 39.47 5.89
N ASP J 4966 5.93 38.32 5.53
CA ASP J 4966 5.96 37.17 6.43
C ASP J 4966 6.52 35.97 5.68
N TYR J 4967 5.75 35.43 4.75
CA TYR J 4967 6.24 34.35 3.93
C TYR J 4967 7.50 34.82 3.23
N PHE J 4968 7.54 36.10 2.90
CA PHE J 4968 8.72 36.67 2.26
C PHE J 4968 9.69 37.17 3.30
N ASP J 4969 9.50 36.79 4.55
CA ASP J 4969 10.37 37.27 5.62
C ASP J 4969 11.22 36.14 6.19
N THR J 4970 10.78 34.90 6.01
CA THR J 4970 11.53 33.76 6.51
C THR J 4970 12.81 33.54 5.71
N THR J 4971 13.46 34.62 5.32
CA THR J 4971 14.68 34.52 4.53
C THR J 4971 15.42 35.85 4.53
N PRO J 4972 16.75 35.80 4.55
CA PRO J 4972 17.54 37.04 4.55
C PRO J 4972 17.04 38.01 3.50
N HIS J 4973 16.86 39.28 3.88
CA HIS J 4973 16.36 40.28 2.96
C HIS J 4973 15.34 39.69 2.00
N GLY J 4974 14.38 38.96 2.54
CA GLY J 4974 13.37 38.33 1.70
C GLY J 4974 12.48 39.36 1.02
N PHE J 4975 11.81 40.19 1.81
CA PHE J 4975 10.90 41.16 1.25
C PHE J 4975 11.57 41.92 0.11
N GLU J 4976 12.63 42.64 0.41
CA GLU J 4976 13.29 43.44 -0.62
C GLU J 4976 13.34 42.68 -1.94
N THR J 4977 13.99 41.53 -1.97
CA THR J 4977 14.07 40.73 -3.19
C THR J 4977 12.71 40.54 -3.84
N HIS J 4978 11.68 40.33 -3.03
CA HIS J 4978 10.33 40.24 -3.55
C HIS J 4978 9.84 41.54 -4.16
N THR J 4979 10.36 42.68 -3.70
CA THR J 4979 9.93 43.96 -4.23
C THR J 4979 10.83 44.43 -5.37
N LEU J 4980 12.14 44.47 -5.15
CA LEU J 4980 13.03 45.08 -6.12
C LEU J 4980 13.19 44.22 -7.36
N GLU J 4981 12.90 42.93 -7.27
CA GLU J 4981 13.02 42.09 -8.45
C GLU J 4981 11.68 41.51 -8.90
N GLU J 4982 10.98 40.82 -8.00
CA GLU J 4982 9.75 40.14 -8.40
C GLU J 4982 8.62 41.13 -8.62
N HIS J 4983 8.19 41.81 -7.57
CA HIS J 4983 7.01 42.65 -7.64
C HIS J 4983 7.44 44.10 -7.48
N ASN J 4984 7.81 44.74 -8.56
CA ASN J 4984 8.12 46.15 -8.43
C ASN J 4984 7.00 46.87 -9.11
N LEU J 4985 6.17 47.56 -8.35
CA LEU J 4985 5.08 48.30 -8.94
C LEU J 4985 5.61 48.92 -10.22
N ALA J 4986 6.81 49.47 -10.17
CA ALA J 4986 7.39 50.06 -11.35
C ALA J 4986 7.41 49.07 -12.50
N ASN J 4987 7.82 47.84 -12.22
CA ASN J 4987 7.87 46.83 -13.26
C ASN J 4987 6.52 46.73 -13.92
N TYR J 4988 5.49 46.39 -13.15
CA TYR J 4988 4.16 46.21 -13.73
C TYR J 4988 3.82 47.39 -14.62
N MET J 4989 4.43 48.53 -14.40
CA MET J 4989 4.20 49.66 -15.28
C MET J 4989 5.02 49.45 -16.54
N PHE J 4990 6.33 49.67 -16.44
CA PHE J 4990 7.21 49.48 -17.59
C PHE J 4990 6.66 48.44 -18.55
N PHE J 4991 6.45 47.22 -18.07
CA PHE J 4991 5.84 46.18 -18.88
C PHE J 4991 4.93 46.77 -19.96
N LEU J 4992 4.21 47.83 -19.63
CA LEU J 4992 3.12 48.26 -20.50
C LEU J 4992 3.63 49.01 -21.72
N MET J 4993 4.63 49.88 -21.54
CA MET J 4993 5.21 50.58 -22.69
C MET J 4993 5.95 49.64 -23.61
N TYR J 4994 6.31 48.47 -23.08
CA TYR J 4994 6.92 47.47 -23.91
C TYR J 4994 5.73 46.97 -24.69
N LEU J 4995 4.74 46.43 -23.98
CA LEU J 4995 3.55 45.92 -24.64
C LEU J 4995 3.05 46.92 -25.67
N ILE J 4996 2.90 48.17 -25.27
CA ILE J 4996 2.39 49.18 -26.17
C ILE J 4996 3.28 49.35 -27.38
N ASN J 4997 4.58 49.25 -27.19
CA ASN J 4997 5.51 49.47 -28.30
C ASN J 4997 6.12 48.19 -28.87
N LYS J 4998 5.33 47.44 -29.62
CA LYS J 4998 5.83 46.23 -30.22
C LYS J 4998 5.28 46.23 -31.61
N ASP J 4999 4.16 45.56 -31.82
CA ASP J 4999 3.50 45.60 -33.12
C ASP J 4999 2.34 44.64 -33.12
N GLU J 5000 2.05 44.06 -31.96
CA GLU J 5000 0.94 43.11 -31.85
C GLU J 5000 1.20 41.85 -32.66
N THR J 5001 2.14 41.90 -33.59
CA THR J 5001 2.47 40.73 -34.38
C THR J 5001 3.72 40.09 -33.80
N GLU J 5002 4.33 40.75 -32.82
CA GLU J 5002 5.53 40.23 -32.21
C GLU J 5002 5.27 39.83 -30.78
N HIS J 5003 4.08 40.12 -30.29
CA HIS J 5003 3.73 39.72 -28.94
C HIS J 5003 3.82 38.21 -28.83
N THR J 5004 4.42 37.71 -27.76
CA THR J 5004 4.48 36.28 -27.55
C THR J 5004 3.16 35.72 -27.10
N GLY J 5005 3.21 34.58 -26.45
CA GLY J 5005 1.99 33.94 -25.99
C GLY J 5005 1.42 34.78 -24.88
N GLN J 5006 2.18 34.89 -23.78
CA GLN J 5006 1.74 35.73 -22.69
C GLN J 5006 1.72 37.18 -23.15
N GLU J 5007 2.53 37.55 -24.13
CA GLU J 5007 2.54 38.96 -24.48
C GLU J 5007 1.31 39.37 -25.27
N SER J 5008 0.72 38.45 -26.02
CA SER J 5008 -0.60 38.70 -26.57
C SER J 5008 -1.70 38.41 -25.56
N TYR J 5009 -1.45 37.50 -24.62
CA TYR J 5009 -2.48 37.10 -23.68
C TYR J 5009 -2.78 38.20 -22.67
N VAL J 5010 -1.74 38.85 -22.16
CA VAL J 5010 -1.99 39.98 -21.28
C VAL J 5010 -2.51 41.18 -22.05
N TRP J 5011 -2.18 41.28 -23.35
CA TRP J 5011 -2.65 42.42 -24.13
C TRP J 5011 -4.13 42.33 -24.42
N LYS J 5012 -4.60 41.14 -24.78
CA LYS J 5012 -6.01 41.03 -25.15
C LYS J 5012 -6.91 41.05 -23.92
N MET J 5013 -6.37 40.73 -22.74
CA MET J 5013 -7.15 40.91 -21.54
C MET J 5013 -7.12 42.36 -21.07
N TYR J 5014 -6.04 43.08 -21.34
CA TYR J 5014 -5.99 44.51 -21.09
C TYR J 5014 -6.97 45.26 -21.97
N GLN J 5015 -7.13 44.85 -23.22
CA GLN J 5015 -7.92 45.62 -24.17
C GLN J 5015 -9.42 45.50 -23.95
N GLU J 5016 -9.85 44.62 -23.06
CA GLU J 5016 -11.24 44.60 -22.63
C GLU J 5016 -11.39 44.84 -21.13
N ARG J 5017 -10.30 45.20 -20.45
CA ARG J 5017 -10.28 45.68 -19.07
C ARG J 5017 -10.84 44.65 -18.09
N CYS J 5018 -10.33 43.43 -18.20
CA CYS J 5018 -10.47 42.42 -17.15
C CYS J 5018 -9.10 42.16 -16.56
N TRP J 5019 -9.04 42.01 -15.26
CA TRP J 5019 -7.79 42.11 -14.52
C TRP J 5019 -7.53 40.88 -13.68
N ASP J 5020 -7.59 39.72 -14.31
CA ASP J 5020 -7.31 38.47 -13.59
C ASP J 5020 -5.89 37.96 -13.80
N PHE J 5021 -5.07 38.65 -14.59
CA PHE J 5021 -3.70 38.21 -14.77
C PHE J 5021 -2.81 38.62 -13.59
N PHE J 5022 -3.26 39.54 -12.76
CA PHE J 5022 -2.52 39.90 -11.56
C PHE J 5022 -2.55 38.74 -10.56
N PRO J 5023 -1.45 38.50 -9.82
CA PRO J 5023 -1.31 37.24 -9.07
C PRO J 5023 -2.33 37.03 -7.96
N ALA J 5024 -2.34 37.92 -6.95
CA ALA J 5024 -3.31 37.92 -5.85
C ALA J 5024 -3.41 36.57 -5.14
N GLY J 5025 -2.30 36.17 -4.50
CA GLY J 5025 -2.28 34.96 -3.70
C GLY J 5025 -0.98 34.18 -3.70
N ASP J 5026 -0.11 34.40 -4.68
CA ASP J 5026 1.11 33.64 -4.76
C ASP J 5026 2.21 34.40 -5.44
N CYS J 5027 3.32 33.72 -5.69
CA CYS J 5027 4.43 34.33 -6.40
C CYS J 5027 5.54 33.33 -6.55
N PHE J 5028 5.21 32.14 -7.06
CA PHE J 5028 6.20 31.09 -7.19
C PHE J 5028 6.56 30.58 -5.82
N ARG J 5029 6.68 31.48 -4.85
CA ARG J 5029 7.00 31.07 -3.49
C ARG J 5029 5.91 30.15 -2.96
N LYS J 5030 4.83 29.99 -3.70
CA LYS J 5030 3.76 29.09 -3.27
C LYS J 5030 3.44 28.08 -4.36
N GLN J 5031 3.00 28.56 -5.51
CA GLN J 5031 2.65 27.67 -6.61
C GLN J 5031 3.73 26.61 -6.78
N TYR J 5032 4.98 26.98 -6.53
CA TYR J 5032 6.07 26.01 -6.61
C TYR J 5032 6.75 25.90 -5.25
N GLU J 5033 6.29 26.68 -4.28
CA GLU J 5033 6.86 26.65 -2.94
C GLU J 5033 7.92 25.59 -2.69
N ASP J 5034 7.51 24.34 -2.57
CA ASP J 5034 8.45 23.27 -2.27
C ASP J 5034 9.56 23.13 -3.30
N GLN J 5035 9.27 22.47 -4.41
CA GLN J 5035 10.28 22.24 -5.44
C GLN J 5035 11.10 23.47 -5.81
N LEU J 5036 12.17 23.75 -5.07
CA LEU J 5036 13.05 24.89 -5.38
C LEU J 5036 14.02 25.08 -4.23
N GLN K 12 20.62 2.70 -28.71
CA GLN K 12 20.00 2.06 -29.87
C GLN K 12 20.59 2.64 -31.15
N PHE K 13 21.46 3.63 -31.01
CA PHE K 13 22.12 4.23 -32.15
C PHE K 13 23.60 4.30 -31.90
N LEU K 14 24.37 4.26 -32.98
CA LEU K 14 25.82 4.20 -32.86
C LEU K 14 26.39 5.57 -32.57
N ARG K 15 27.59 5.59 -31.99
CA ARG K 15 28.25 6.81 -31.60
C ARG K 15 29.74 6.67 -31.80
N THR K 16 30.49 7.59 -31.19
CA THR K 16 31.94 7.56 -31.22
C THR K 16 32.46 6.82 -30.00
N ASP K 17 33.66 6.23 -30.14
CA ASP K 17 34.42 5.61 -29.07
C ASP K 17 33.66 4.44 -28.43
N ASP K 18 33.33 3.47 -29.27
CA ASP K 18 32.66 2.25 -28.86
C ASP K 18 32.89 1.19 -29.92
N GLU K 19 33.44 0.06 -29.50
CA GLU K 19 33.97 -0.93 -30.43
C GLU K 19 32.86 -1.64 -31.17
N VAL K 20 33.10 -1.93 -32.44
CA VAL K 20 32.18 -2.68 -33.29
C VAL K 20 32.96 -3.81 -33.95
N VAL K 21 32.21 -4.68 -34.62
CA VAL K 21 32.78 -5.84 -35.32
C VAL K 21 32.09 -5.98 -36.67
N LEU K 22 32.85 -5.90 -37.74
CA LEU K 22 32.28 -6.02 -39.07
C LEU K 22 31.99 -7.48 -39.39
N GLN K 23 30.75 -7.79 -39.73
CA GLN K 23 30.38 -9.14 -40.10
C GLN K 23 29.59 -9.11 -41.40
N CYS K 24 29.83 -10.10 -42.23
CA CYS K 24 29.20 -10.23 -43.53
C CYS K 24 28.21 -11.39 -43.50
N SER K 25 27.67 -11.72 -44.67
CA SER K 25 26.73 -12.82 -44.79
C SER K 25 26.86 -13.46 -46.16
N ALA K 26 27.19 -14.75 -46.17
CA ALA K 26 27.30 -15.50 -47.43
C ALA K 26 26.99 -16.97 -47.20
N GLU K 31 25.43 -22.29 -48.21
CA GLU K 31 24.35 -21.73 -47.38
C GLU K 31 24.74 -20.36 -46.84
N GLN K 32 23.82 -19.74 -46.10
CA GLN K 32 24.09 -18.45 -45.48
C GLN K 32 25.05 -18.63 -44.30
N LEU K 33 26.02 -17.74 -44.20
CA LEU K 33 27.13 -17.90 -43.27
C LEU K 33 27.69 -16.55 -42.91
N LYS K 34 27.84 -16.29 -41.61
CA LYS K 34 28.29 -15.01 -41.11
C LYS K 34 29.80 -15.01 -40.89
N LEU K 35 30.51 -14.18 -41.64
CA LEU K 35 31.96 -14.08 -41.58
C LEU K 35 32.31 -12.77 -40.90
N CYS K 36 32.96 -12.85 -39.73
CA CYS K 36 33.50 -11.66 -39.11
C CYS K 36 34.86 -11.32 -39.73
N LEU K 37 35.23 -10.05 -39.67
CA LEU K 37 36.44 -9.57 -40.35
C LEU K 37 37.46 -9.17 -39.30
N ALA K 38 38.57 -9.91 -39.27
CA ALA K 38 39.64 -9.69 -38.30
C ALA K 38 40.99 -9.67 -39.02
N ALA K 39 42.01 -9.18 -38.31
CA ALA K 39 43.35 -9.09 -38.85
C ALA K 39 44.38 -9.15 -37.73
N GLU K 40 45.53 -9.75 -38.00
CA GLU K 40 46.45 -10.09 -36.93
C GLU K 40 47.28 -8.88 -36.50
N GLY K 41 48.12 -8.36 -37.39
CA GLY K 41 49.04 -7.30 -37.00
C GLY K 41 50.27 -7.82 -36.29
N PHE K 42 51.35 -7.02 -36.31
CA PHE K 42 52.69 -7.43 -35.87
C PHE K 42 53.12 -8.72 -36.55
N GLY K 43 53.25 -8.65 -37.86
CA GLY K 43 53.32 -9.85 -38.66
C GLY K 43 51.93 -10.09 -39.20
N ASN K 44 51.83 -10.43 -40.49
CA ASN K 44 50.56 -10.60 -41.21
C ASN K 44 49.71 -9.32 -41.12
N ARG K 45 50.19 -8.28 -41.79
CA ARG K 45 49.49 -7.01 -41.79
C ARG K 45 48.22 -7.04 -42.62
N LEU K 46 48.04 -8.05 -43.46
CA LEU K 46 46.82 -8.14 -44.26
C LEU K 46 45.68 -8.67 -43.41
N CYS K 47 44.46 -8.60 -43.95
CA CYS K 47 43.31 -9.09 -43.22
C CYS K 47 42.74 -10.33 -43.88
N PHE K 48 42.16 -11.20 -43.05
CA PHE K 48 41.47 -12.37 -43.54
C PHE K 48 40.04 -12.35 -43.00
N LEU K 49 39.35 -13.45 -43.20
CA LEU K 49 38.01 -13.62 -42.68
C LEU K 49 38.02 -14.67 -41.58
N GLU K 50 36.94 -14.68 -40.80
CA GLU K 50 36.74 -15.70 -39.80
C GLU K 50 35.25 -15.93 -39.61
N PRO K 51 34.79 -17.18 -39.69
CA PRO K 51 33.36 -17.45 -39.55
C PRO K 51 32.93 -17.42 -38.09
N THR K 52 31.64 -17.19 -37.88
CA THR K 52 31.08 -17.17 -36.54
C THR K 52 29.74 -17.88 -36.44
N SER K 53 29.20 -18.38 -37.55
CA SER K 53 27.91 -19.06 -37.52
C SER K 53 27.98 -20.42 -36.84
N ASN K 54 29.18 -21.00 -36.73
CA ASN K 54 29.37 -22.30 -36.08
C ASN K 54 29.96 -22.12 -34.69
N ALA K 55 29.46 -21.15 -33.92
CA ALA K 55 29.95 -20.94 -32.57
C ALA K 55 29.60 -22.08 -31.61
N GLN K 56 28.64 -22.93 -31.97
CA GLN K 56 28.23 -24.00 -31.08
C GLN K 56 29.27 -25.10 -30.96
N ASN K 57 29.85 -25.54 -32.08
CA ASN K 57 30.88 -26.56 -32.00
C ASN K 57 32.29 -26.01 -31.90
N VAL K 58 32.54 -24.79 -32.37
CA VAL K 58 33.86 -24.19 -32.24
C VAL K 58 33.75 -22.69 -32.00
N PRO K 59 34.25 -22.19 -30.87
CA PRO K 59 34.25 -20.75 -30.65
C PRO K 59 35.28 -20.07 -31.54
N PRO K 60 34.86 -19.09 -32.36
CA PRO K 60 35.83 -18.33 -33.13
C PRO K 60 36.59 -17.34 -32.26
N ASP K 61 37.62 -16.70 -32.81
CA ASP K 61 38.49 -15.81 -32.03
C ASP K 61 38.09 -14.38 -32.32
N LEU K 62 37.65 -13.68 -31.27
CA LEU K 62 37.24 -12.29 -31.36
C LEU K 62 38.34 -11.33 -30.95
N ALA K 63 39.53 -11.84 -30.58
CA ALA K 63 40.60 -10.99 -30.09
C ALA K 63 41.10 -10.00 -31.14
N ILE K 64 41.09 -10.37 -32.40
CA ILE K 64 41.64 -9.53 -33.45
C ILE K 64 40.52 -8.92 -34.29
N CYS K 65 39.29 -8.95 -33.82
CA CYS K 65 38.14 -8.47 -34.58
C CYS K 65 37.57 -7.17 -34.05
N CYS K 66 37.99 -6.72 -32.86
CA CYS K 66 37.48 -5.50 -32.26
C CYS K 66 37.95 -4.29 -33.06
N PHE K 67 37.10 -3.29 -33.20
CA PHE K 67 37.39 -2.09 -33.96
C PHE K 67 36.68 -0.91 -33.33
N THR K 68 37.44 0.02 -32.79
CA THR K 68 36.88 1.22 -32.20
C THR K 68 36.80 2.32 -33.25
N LEU K 69 35.74 3.12 -33.18
CA LEU K 69 35.57 4.27 -34.04
C LEU K 69 36.02 5.47 -33.25
N GLU K 70 37.27 5.90 -33.46
CA GLU K 70 37.77 6.96 -32.60
C GLU K 70 37.47 8.34 -33.15
N GLN K 71 37.19 8.45 -34.44
CA GLN K 71 36.74 9.70 -35.02
C GLN K 71 35.74 9.44 -36.12
N SER K 72 34.95 10.48 -36.42
CA SER K 72 33.96 10.44 -37.49
C SER K 72 33.68 11.86 -37.93
N LEU K 73 33.91 12.15 -39.20
CA LEU K 73 33.76 13.50 -39.72
C LEU K 73 32.82 13.48 -40.91
N SER K 74 32.48 14.66 -41.40
CA SER K 74 31.77 14.82 -42.65
C SER K 74 32.79 14.76 -43.78
N VAL K 75 32.29 14.73 -45.03
CA VAL K 75 33.18 14.50 -46.17
C VAL K 75 34.06 15.71 -46.41
N ARG K 76 33.48 16.90 -46.38
CA ARG K 76 34.31 18.09 -46.48
C ARG K 76 35.03 18.41 -45.20
N ALA K 77 34.68 17.74 -44.10
CA ALA K 77 35.25 18.08 -42.81
C ALA K 77 36.70 17.65 -42.71
N LEU K 78 37.04 16.45 -43.18
CA LEU K 78 38.43 16.03 -43.12
C LEU K 78 39.29 16.72 -44.16
N GLN K 79 38.65 17.33 -45.17
CA GLN K 79 39.38 18.02 -46.22
C GLN K 79 40.21 19.17 -45.66
N GLU K 80 39.74 19.78 -44.59
CA GLU K 80 40.56 20.77 -43.91
C GLU K 80 41.27 20.20 -42.70
N MET K 81 41.26 18.89 -42.52
CA MET K 81 42.22 18.29 -41.61
C MET K 81 43.52 17.97 -42.35
N LEU K 82 43.41 17.50 -43.59
CA LEU K 82 44.58 17.08 -44.34
C LEU K 82 45.45 18.24 -44.78
N ALA K 83 44.85 19.35 -45.19
CA ALA K 83 45.65 20.53 -45.51
C ALA K 83 46.20 21.17 -44.25
N ASN K 84 45.54 20.96 -43.12
CA ASN K 84 46.01 21.49 -41.85
C ASN K 84 47.23 20.71 -41.38
N GLY K 97 32.69 15.14 -27.07
CA GLY K 97 33.61 14.02 -27.17
C GLY K 97 32.99 12.78 -27.76
N HIS K 98 31.66 12.71 -27.72
CA HIS K 98 30.92 11.57 -28.26
C HIS K 98 29.90 12.08 -29.27
N ARG K 99 30.31 12.18 -30.53
CA ARG K 99 29.45 12.66 -31.59
C ARG K 99 28.85 11.46 -32.29
N THR K 100 27.52 11.40 -32.35
CA THR K 100 26.87 10.34 -33.10
C THR K 100 27.04 10.59 -34.59
N LEU K 101 26.80 9.57 -35.40
CA LEU K 101 27.23 9.61 -36.79
C LEU K 101 26.10 9.24 -37.74
N LEU K 102 26.26 9.69 -38.99
CA LEU K 102 25.23 9.62 -40.00
C LEU K 102 25.73 8.90 -41.23
N TYR K 103 24.80 8.55 -42.12
CA TYR K 103 25.20 8.11 -43.45
C TYR K 103 25.78 9.29 -44.21
N GLY K 104 26.70 8.99 -45.11
CA GLY K 104 27.43 10.03 -45.79
C GLY K 104 28.46 10.72 -44.94
N HIS K 105 28.80 10.17 -43.78
CA HIS K 105 29.93 10.68 -43.03
C HIS K 105 31.19 9.90 -43.40
N ALA K 106 32.30 10.32 -42.83
CA ALA K 106 33.55 9.60 -42.94
C ALA K 106 33.87 8.94 -41.61
N ILE K 107 34.78 7.96 -41.63
CA ILE K 107 35.00 7.14 -40.46
C ILE K 107 36.47 6.73 -40.42
N LEU K 108 36.98 6.55 -39.20
CA LEU K 108 38.38 6.18 -38.94
C LEU K 108 38.40 5.08 -37.90
N LEU K 109 38.65 3.85 -38.34
CA LEU K 109 38.61 2.71 -37.44
C LEU K 109 39.99 2.49 -36.82
N ARG K 110 39.99 1.94 -35.63
CA ARG K 110 41.22 1.59 -34.94
C ARG K 110 41.16 0.15 -34.50
N HIS K 111 42.24 -0.59 -34.79
CA HIS K 111 42.33 -1.96 -34.33
C HIS K 111 42.72 -1.99 -32.86
N ALA K 112 41.76 -2.37 -32.03
CA ALA K 112 41.84 -2.19 -30.58
C ALA K 112 42.94 -2.99 -29.92
N HIS K 113 43.32 -4.12 -30.50
CA HIS K 113 44.43 -4.87 -29.91
C HIS K 113 45.76 -4.29 -30.33
N SER K 114 45.94 -4.03 -31.61
CA SER K 114 47.22 -3.64 -32.15
C SER K 114 47.46 -2.14 -32.12
N ARG K 115 46.46 -1.36 -31.69
CA ARG K 115 46.54 0.09 -31.54
C ARG K 115 46.94 0.79 -32.85
N MET K 116 46.47 0.28 -33.97
CA MET K 116 46.69 0.93 -35.24
C MET K 116 45.39 0.99 -36.03
N TYR K 117 45.45 1.54 -37.23
CA TYR K 117 44.26 1.88 -37.98
C TYR K 117 44.11 1.00 -39.21
N LEU K 118 42.87 0.69 -39.54
CA LEU K 118 42.53 -0.03 -40.76
C LEU K 118 42.74 0.92 -41.92
N SER K 119 43.10 0.38 -43.08
CA SER K 119 43.26 1.17 -44.28
C SER K 119 43.11 0.28 -45.49
N CYS K 120 43.21 0.89 -46.68
CA CYS K 120 43.22 0.18 -47.94
C CYS K 120 44.61 0.32 -48.54
N LEU K 121 45.20 -0.80 -48.94
CA LEU K 121 46.61 -0.80 -49.23
C LEU K 121 46.88 -0.57 -50.71
N THR K 122 48.16 -0.43 -51.03
CA THR K 122 48.63 -0.07 -52.37
C THR K 122 48.71 -1.26 -53.31
N THR K 123 49.09 -2.43 -52.83
CA THR K 123 49.36 -3.59 -53.66
C THR K 123 48.07 -4.28 -54.08
N SER K 124 48.21 -5.50 -54.58
CA SER K 124 47.06 -6.31 -54.98
C SER K 124 47.35 -7.76 -54.68
N ARG K 125 46.54 -8.34 -53.79
CA ARG K 125 46.62 -9.76 -53.47
C ARG K 125 45.73 -10.61 -54.36
N SER K 126 45.30 -10.07 -55.51
CA SER K 126 44.45 -10.83 -56.43
C SER K 126 45.27 -11.59 -57.48
N MET K 127 46.23 -10.90 -58.10
CA MET K 127 47.11 -11.44 -59.14
C MET K 127 46.34 -12.02 -60.32
N THR K 128 45.22 -11.38 -60.68
CA THR K 128 44.42 -11.82 -61.82
C THR K 128 43.92 -10.65 -62.65
N ASP K 129 44.55 -9.46 -62.53
CA ASP K 129 44.18 -8.22 -63.22
C ASP K 129 42.74 -7.81 -62.90
N LYS K 130 42.27 -8.19 -61.72
CA LYS K 130 40.92 -7.85 -61.29
C LYS K 130 40.81 -6.41 -60.81
N LEU K 131 41.94 -5.75 -60.57
CA LEU K 131 42.04 -4.41 -59.97
C LEU K 131 41.30 -4.37 -58.63
N ALA K 132 41.45 -5.45 -57.88
CA ALA K 132 40.89 -5.59 -56.55
C ALA K 132 41.98 -5.33 -55.54
N PHE K 133 41.87 -4.23 -54.81
CA PHE K 133 42.90 -3.89 -53.86
C PHE K 133 42.76 -4.72 -52.60
N ASP K 134 43.82 -4.73 -51.79
CA ASP K 134 43.87 -5.56 -50.62
C ASP K 134 43.80 -4.71 -49.36
N VAL K 135 43.05 -5.20 -48.38
CA VAL K 135 42.80 -4.49 -47.14
C VAL K 135 43.80 -4.96 -46.09
N GLY K 136 44.47 -4.00 -45.45
CA GLY K 136 45.43 -4.30 -44.42
C GLY K 136 45.43 -3.18 -43.40
N LEU K 137 46.45 -3.18 -42.55
CA LEU K 137 46.48 -2.21 -41.46
C LEU K 137 47.60 -1.21 -41.70
N GLN K 138 47.60 -0.14 -40.91
CA GLN K 138 48.59 0.91 -41.08
C GLN K 138 48.94 1.52 -39.73
N GLU K 139 50.23 1.79 -39.55
CA GLU K 139 50.69 2.39 -38.31
C GLU K 139 50.60 3.90 -38.33
N ASP K 140 50.77 4.52 -39.49
CA ASP K 140 50.75 5.96 -39.57
C ASP K 140 49.33 6.48 -39.43
N ALA K 141 49.22 7.71 -38.94
CA ALA K 141 47.93 8.36 -38.79
C ALA K 141 47.66 9.36 -39.90
N THR K 142 48.30 9.17 -41.05
CA THR K 142 47.98 9.99 -42.21
C THR K 142 46.58 9.66 -42.71
N GLY K 143 45.96 10.63 -43.37
CA GLY K 143 44.56 10.51 -43.68
C GLY K 143 44.27 10.17 -45.11
N GLU K 144 45.26 9.61 -45.81
CA GLU K 144 45.07 9.33 -47.22
C GLU K 144 44.13 8.14 -47.42
N ALA K 145 44.53 6.96 -46.98
CA ALA K 145 43.76 5.76 -47.21
C ALA K 145 43.18 5.17 -45.95
N CYS K 146 43.31 5.86 -44.82
CA CYS K 146 42.77 5.34 -43.56
C CYS K 146 41.27 5.49 -43.45
N TRP K 147 40.66 6.33 -44.28
CA TRP K 147 39.29 6.76 -44.08
C TRP K 147 38.34 6.04 -45.02
N TRP K 148 37.09 5.88 -44.55
CA TRP K 148 36.05 5.23 -45.32
C TRP K 148 34.77 6.05 -45.19
N THR K 149 33.90 5.94 -46.18
CA THR K 149 32.57 6.52 -46.10
C THR K 149 31.53 5.41 -46.16
N MET K 150 30.48 5.54 -45.38
CA MET K 150 29.40 4.58 -45.41
C MET K 150 28.28 5.08 -46.30
N HIS K 151 27.41 4.15 -46.71
CA HIS K 151 26.32 4.50 -47.59
C HIS K 151 25.14 3.61 -47.24
N PRO K 152 23.92 4.13 -47.33
CA PRO K 152 22.74 3.30 -47.12
C PRO K 152 22.55 2.33 -48.27
N ALA K 153 22.08 1.13 -47.93
CA ALA K 153 22.00 0.06 -48.90
C ALA K 153 20.84 0.27 -49.86
N SER K 154 19.62 0.33 -49.36
CA SER K 154 18.42 0.53 -50.16
C SER K 154 18.04 1.99 -50.14
N LYS K 155 16.84 2.27 -50.64
CA LYS K 155 16.26 3.60 -50.52
C LYS K 155 15.40 3.74 -49.28
N GLN K 156 15.55 2.85 -48.29
CA GLN K 156 14.79 2.98 -47.06
C GLN K 156 15.28 4.18 -46.24
N ARG K 157 16.57 4.21 -45.94
CA ARG K 157 17.19 5.39 -45.37
C ARG K 157 17.92 6.15 -46.47
N SER K 158 18.45 7.31 -46.13
CA SER K 158 19.24 8.10 -47.07
C SER K 158 20.25 8.93 -46.30
N GLU K 159 20.79 9.94 -46.98
CA GLU K 159 21.81 10.81 -46.40
C GLU K 159 21.21 11.63 -45.26
N GLY K 160 22.00 11.82 -44.22
CA GLY K 160 21.57 12.61 -43.07
C GLY K 160 20.99 11.80 -41.94
N GLU K 161 20.42 10.64 -42.22
CA GLU K 161 19.85 9.79 -41.19
C GLU K 161 20.96 9.14 -40.37
N LYS K 162 20.62 8.79 -39.14
CA LYS K 162 21.54 8.11 -38.24
C LYS K 162 21.66 6.66 -38.65
N VAL K 163 22.76 6.05 -38.26
CA VAL K 163 22.88 4.61 -38.40
C VAL K 163 22.25 3.93 -37.19
N ARG K 164 21.25 3.11 -37.45
CA ARG K 164 20.63 2.32 -36.41
C ARG K 164 21.48 1.08 -36.17
N VAL K 165 21.21 0.39 -35.07
CA VAL K 165 21.93 -0.85 -34.78
C VAL K 165 21.42 -1.93 -35.73
N GLY K 166 22.35 -2.58 -36.41
CA GLY K 166 21.99 -3.63 -37.34
C GLY K 166 21.34 -3.14 -38.61
N ASP K 167 22.07 -2.36 -39.40
CA ASP K 167 21.61 -1.90 -40.69
C ASP K 167 22.63 -2.25 -41.76
N ASP K 168 22.17 -2.43 -42.98
CA ASP K 168 23.04 -2.87 -44.06
C ASP K 168 23.85 -1.69 -44.59
N LEU K 169 25.16 -1.85 -44.64
CA LEU K 169 26.07 -0.76 -44.96
C LEU K 169 26.92 -1.12 -46.16
N ILE K 170 27.37 -0.08 -46.86
CA ILE K 170 28.31 -0.22 -47.96
C ILE K 170 29.46 0.72 -47.68
N LEU K 171 30.67 0.21 -47.61
CA LEU K 171 31.82 1.00 -47.20
C LEU K 171 32.72 1.26 -48.40
N VAL K 172 32.97 2.53 -48.67
CA VAL K 172 33.70 2.96 -49.86
C VAL K 172 35.00 3.59 -49.40
N SER K 173 36.08 3.34 -50.13
CA SER K 173 37.34 4.00 -49.86
C SER K 173 37.24 5.50 -50.10
N VAL K 174 38.19 6.22 -49.51
CA VAL K 174 38.30 7.63 -49.74
C VAL K 174 39.38 7.85 -50.79
N SER K 175 40.51 7.18 -50.63
CA SER K 175 41.60 7.38 -51.57
C SER K 175 41.40 6.59 -52.85
N SER K 176 40.79 5.42 -52.75
CA SER K 176 40.70 4.54 -53.91
C SER K 176 39.32 4.47 -54.52
N GLU K 177 38.29 4.88 -53.78
CA GLU K 177 36.89 4.91 -54.22
C GLU K 177 36.38 3.53 -54.61
N ARG K 178 36.92 2.49 -53.99
CA ARG K 178 36.44 1.14 -54.18
C ARG K 178 35.69 0.69 -52.93
N TYR K 179 34.98 -0.43 -53.06
CA TYR K 179 34.13 -0.95 -51.99
C TYR K 179 34.79 -2.12 -51.29
N LEU K 180 34.74 -2.10 -49.97
CA LEU K 180 35.15 -3.25 -49.17
C LEU K 180 34.16 -4.37 -49.41
N HIS K 181 34.55 -5.37 -50.18
CA HIS K 181 33.65 -6.45 -50.56
C HIS K 181 34.32 -7.79 -50.33
N LEU K 182 33.49 -8.81 -50.18
CA LEU K 182 33.96 -10.17 -50.09
C LEU K 182 34.21 -10.65 -51.52
N SER K 183 35.22 -11.50 -51.68
CA SER K 183 35.53 -12.07 -52.99
C SER K 183 35.48 -13.59 -52.91
N THR K 184 34.85 -14.20 -53.91
CA THR K 184 34.63 -15.65 -53.93
C THR K 184 35.38 -16.33 -55.07
N ALA K 185 36.14 -15.57 -55.86
CA ALA K 185 36.72 -16.09 -57.08
C ALA K 185 37.88 -17.04 -56.79
N SER K 186 38.91 -16.54 -56.12
CA SER K 186 40.14 -17.29 -55.88
C SER K 186 39.92 -18.33 -54.81
N GLY K 187 39.29 -19.45 -55.20
CA GLY K 187 39.12 -20.57 -54.28
C GLY K 187 38.17 -20.23 -53.15
N GLU K 188 38.74 -20.06 -51.96
CA GLU K 188 37.97 -19.73 -50.77
C GLU K 188 37.63 -18.24 -50.75
N LEU K 189 37.15 -17.77 -49.60
CA LEU K 189 36.62 -16.42 -49.49
C LEU K 189 37.64 -15.51 -48.84
N GLN K 190 37.71 -14.27 -49.32
CA GLN K 190 38.54 -13.24 -48.74
C GLN K 190 37.90 -11.89 -48.98
N VAL K 191 38.47 -10.87 -48.34
CA VAL K 191 37.96 -9.50 -48.44
C VAL K 191 38.91 -8.66 -49.27
N ASP K 192 38.34 -7.78 -50.08
CA ASP K 192 39.11 -6.98 -51.02
C ASP K 192 38.36 -5.71 -51.35
N ALA K 193 39.10 -4.75 -51.89
CA ALA K 193 38.53 -3.48 -52.34
C ALA K 193 38.47 -3.48 -53.86
N SER K 194 37.27 -3.64 -54.41
CA SER K 194 37.07 -3.49 -55.84
C SER K 194 35.65 -3.02 -56.07
N PHE K 195 35.27 -2.96 -57.35
CA PHE K 195 34.02 -2.33 -57.77
C PHE K 195 32.85 -3.30 -57.72
N MET K 196 32.65 -3.94 -56.59
CA MET K 196 31.44 -4.67 -56.26
C MET K 196 31.03 -4.26 -54.86
N GLN K 197 29.76 -3.95 -54.67
CA GLN K 197 29.28 -3.53 -53.36
C GLN K 197 28.80 -4.75 -52.60
N THR K 198 28.94 -4.73 -51.28
CA THR K 198 28.62 -5.87 -50.44
C THR K 198 28.05 -5.35 -49.13
N LEU K 199 26.92 -5.92 -48.73
CA LEU K 199 26.26 -5.51 -47.49
C LEU K 199 27.11 -5.87 -46.29
N TRP K 200 27.05 -5.03 -45.26
CA TRP K 200 27.84 -5.22 -44.07
C TRP K 200 27.07 -4.76 -42.86
N ASN K 201 27.07 -5.61 -41.83
CA ASN K 201 26.51 -5.25 -40.55
C ASN K 201 27.60 -4.68 -39.67
N MET K 202 27.25 -3.65 -38.89
CA MET K 202 28.26 -2.99 -38.07
C MET K 202 28.36 -3.64 -36.70
N ASN K 203 27.22 -4.06 -36.14
CA ASN K 203 27.09 -4.92 -34.96
C ASN K 203 27.85 -4.42 -33.74
N PRO K 204 27.28 -3.47 -33.00
CA PRO K 204 27.98 -2.88 -31.84
C PRO K 204 28.35 -3.91 -30.79
N ILE K 205 29.60 -3.83 -30.31
CA ILE K 205 30.10 -4.90 -29.46
C ILE K 205 30.38 -4.45 -28.04
N CYS K 206 30.66 -3.16 -27.82
CA CYS K 206 30.99 -2.68 -26.48
C CYS K 206 30.86 -1.16 -26.50
N SER K 207 29.92 -0.63 -25.72
CA SER K 207 29.78 0.81 -25.60
C SER K 207 30.61 1.28 -24.40
N CYS K 208 30.37 2.52 -23.97
CA CYS K 208 31.09 3.09 -22.84
C CYS K 208 30.66 2.40 -21.56
N CYS K 209 31.56 1.62 -20.96
CA CYS K 209 31.27 0.86 -19.77
C CYS K 209 31.62 1.67 -18.53
N GLU K 210 30.99 1.34 -17.41
CA GLU K 210 31.27 2.01 -16.16
C GLU K 210 32.55 1.46 -15.54
N GLU K 211 33.24 2.30 -14.77
CA GLU K 211 34.47 1.87 -14.13
C GLU K 211 34.19 0.92 -12.98
N GLY K 212 35.09 -0.03 -12.77
CA GLY K 212 34.96 -1.00 -11.69
C GLY K 212 34.06 -2.17 -11.99
N TYR K 213 33.63 -2.34 -13.23
CA TYR K 213 32.76 -3.45 -13.60
C TYR K 213 33.38 -4.22 -14.75
N VAL K 214 32.85 -5.40 -15.00
CA VAL K 214 33.45 -6.27 -16.00
C VAL K 214 32.53 -6.36 -17.22
N THR K 215 33.16 -6.47 -18.39
CA THR K 215 32.50 -6.78 -19.64
C THR K 215 33.30 -7.86 -20.34
N GLY K 216 32.78 -8.31 -21.48
CA GLY K 216 33.50 -9.27 -22.28
C GLY K 216 34.74 -8.63 -22.90
N GLY K 217 35.73 -9.46 -23.17
CA GLY K 217 37.00 -8.98 -23.68
C GLY K 217 37.97 -8.52 -22.61
N HIS K 218 37.56 -8.52 -21.35
CA HIS K 218 38.45 -8.11 -20.26
C HIS K 218 39.46 -9.19 -19.96
N VAL K 219 40.73 -8.83 -20.04
CA VAL K 219 41.80 -9.70 -19.56
C VAL K 219 41.92 -9.47 -18.07
N LEU K 220 41.96 -10.55 -17.30
CA LEU K 220 41.82 -10.42 -15.86
C LEU K 220 42.45 -11.61 -15.16
N ARG K 221 42.65 -11.44 -13.85
CA ARG K 221 43.21 -12.46 -12.98
C ARG K 221 42.17 -12.89 -11.95
N LEU K 222 42.44 -13.99 -11.26
CA LEU K 222 41.42 -14.79 -10.57
C LEU K 222 41.85 -15.14 -9.15
N PHE K 223 42.22 -14.13 -8.36
CA PHE K 223 42.79 -14.39 -7.05
C PHE K 223 41.74 -14.80 -6.02
N HIS K 224 42.21 -15.28 -4.87
CA HIS K 224 41.33 -15.63 -3.75
C HIS K 224 42.04 -15.44 -2.41
N GLU K 229 46.64 -15.56 -4.75
CA GLU K 229 46.96 -16.80 -5.44
C GLU K 229 46.27 -16.86 -6.80
N CYS K 230 47.06 -17.08 -7.84
CA CYS K 230 46.58 -16.97 -9.21
C CYS K 230 46.11 -18.31 -9.73
N LEU K 231 45.61 -18.31 -10.96
CA LEU K 231 45.16 -19.53 -11.61
C LEU K 231 46.05 -19.77 -12.82
N THR K 232 47.16 -20.46 -12.60
CA THR K 232 48.22 -20.65 -13.58
C THR K 232 48.03 -21.94 -14.35
N ILE K 233 48.88 -22.13 -15.34
CA ILE K 233 49.12 -23.43 -15.98
C ILE K 233 50.60 -23.67 -15.81
N SER K 234 51.13 -24.75 -16.38
CA SER K 234 52.57 -24.99 -16.36
C SER K 234 53.23 -24.34 -17.57
N ALA K 235 54.49 -23.95 -17.39
CA ALA K 235 55.24 -23.27 -18.44
C ALA K 235 55.74 -24.25 -19.49
N GLN K 241 51.85 -32.31 -21.12
CA GLN K 241 51.90 -31.32 -22.19
C GLN K 241 51.10 -30.08 -21.83
N ARG K 242 51.24 -29.65 -20.56
CA ARG K 242 50.75 -28.36 -20.06
C ARG K 242 49.23 -28.20 -20.22
N ARG K 243 48.48 -29.05 -19.52
CA ARG K 243 47.03 -28.97 -19.60
C ARG K 243 46.35 -28.91 -18.24
N LEU K 244 47.04 -29.30 -17.18
CA LEU K 244 46.44 -29.28 -15.86
C LEU K 244 46.38 -27.86 -15.31
N VAL K 245 45.31 -27.53 -14.62
CA VAL K 245 45.15 -26.26 -13.93
C VAL K 245 45.83 -26.42 -12.58
N TYR K 246 46.35 -25.32 -12.06
CA TYR K 246 47.02 -25.33 -10.76
C TYR K 246 46.64 -24.06 -9.99
N TYR K 247 47.38 -23.82 -8.92
CA TYR K 247 47.43 -22.54 -8.25
C TYR K 247 48.89 -22.19 -8.02
N GLU K 248 49.14 -20.94 -7.63
CA GLU K 248 50.52 -20.51 -7.39
C GLU K 248 50.50 -19.37 -6.39
N GLY K 249 51.69 -18.91 -6.03
CA GLY K 249 51.87 -17.78 -5.14
C GLY K 249 51.75 -16.48 -5.87
N GLY K 250 52.77 -15.62 -5.70
CA GLY K 250 52.78 -14.32 -6.34
C GLY K 250 53.69 -14.20 -7.54
N ALA K 251 54.60 -15.16 -7.73
CA ALA K 251 55.55 -15.05 -8.83
C ALA K 251 54.88 -15.26 -10.19
N VAL K 252 54.05 -16.30 -10.30
CA VAL K 252 53.35 -16.54 -11.55
C VAL K 252 52.05 -15.74 -11.57
N CYS K 253 51.75 -15.03 -10.48
CA CYS K 253 50.59 -14.15 -10.46
C CYS K 253 50.74 -12.99 -11.45
N THR K 254 51.91 -12.38 -11.50
CA THR K 254 52.13 -11.25 -12.40
C THR K 254 52.40 -11.65 -13.83
N HIS K 255 52.95 -12.85 -14.06
CA HIS K 255 53.51 -13.18 -15.36
C HIS K 255 52.42 -13.53 -16.37
N ALA K 256 52.85 -14.04 -17.52
CA ALA K 256 52.00 -14.19 -18.69
C ALA K 256 50.96 -15.29 -18.56
N ARG K 257 51.19 -16.28 -17.71
CA ARG K 257 50.26 -17.40 -17.61
C ARG K 257 48.94 -17.03 -16.95
N SER K 258 48.97 -16.20 -15.92
CA SER K 258 47.80 -15.91 -15.10
C SER K 258 46.99 -14.76 -15.69
N LEU K 259 46.61 -14.89 -16.95
CA LEU K 259 45.84 -13.88 -17.65
C LEU K 259 44.70 -14.58 -18.38
N TRP K 260 43.47 -14.23 -18.02
CA TRP K 260 42.30 -14.92 -18.50
C TRP K 260 41.25 -13.93 -18.97
N ARG K 261 40.59 -14.27 -20.08
CA ARG K 261 39.60 -13.40 -20.70
C ARG K 261 38.29 -14.15 -20.83
N LEU K 262 37.19 -13.43 -20.72
CA LEU K 262 35.85 -14.00 -20.60
C LEU K 262 35.13 -13.85 -21.92
N GLU K 263 34.45 -14.92 -22.35
CA GLU K 263 33.80 -14.93 -23.66
C GLU K 263 32.40 -15.48 -23.54
N PRO K 264 31.38 -14.62 -23.43
CA PRO K 264 30.00 -15.10 -23.38
C PRO K 264 29.55 -15.65 -24.73
N LEU K 265 28.43 -16.39 -24.68
CA LEU K 265 28.00 -17.18 -25.82
C LEU K 265 27.44 -16.32 -26.93
N ARG K 266 26.75 -15.24 -26.57
CA ARG K 266 26.17 -14.35 -27.56
C ARG K 266 27.26 -13.55 -28.26
N ILE K 267 27.14 -13.45 -29.59
CA ILE K 267 28.16 -12.75 -30.36
C ILE K 267 28.07 -11.26 -30.12
N SER K 268 26.95 -10.65 -30.50
CA SER K 268 26.77 -9.22 -30.42
C SER K 268 26.66 -8.76 -28.97
N TRP K 269 27.13 -7.54 -28.73
CA TRP K 269 27.13 -6.89 -27.41
C TRP K 269 27.86 -7.73 -26.36
N SER K 270 28.93 -8.37 -26.81
CA SER K 270 29.73 -9.21 -25.93
C SER K 270 30.42 -8.38 -24.86
N GLY K 271 30.75 -7.14 -25.16
CA GLY K 271 31.31 -6.25 -24.17
C GLY K 271 30.25 -5.48 -23.42
N SER K 272 29.07 -6.08 -23.23
CA SER K 272 28.13 -5.55 -22.27
C SER K 272 28.52 -6.01 -20.88
N HIS K 273 27.90 -5.38 -19.88
CA HIS K 273 28.16 -5.74 -18.49
C HIS K 273 27.68 -7.16 -18.21
N LEU K 274 28.56 -7.98 -17.66
CA LEU K 274 28.17 -9.34 -17.33
C LEU K 274 27.33 -9.34 -16.06
N ARG K 275 26.32 -10.19 -16.06
CA ARG K 275 25.39 -10.32 -14.94
C ARG K 275 25.51 -11.73 -14.39
N TRP K 276 24.84 -11.97 -13.26
CA TRP K 276 24.88 -13.26 -12.63
C TRP K 276 24.09 -14.28 -13.43
N GLY K 277 24.50 -15.54 -13.32
CA GLY K 277 23.82 -16.61 -14.04
C GLY K 277 24.06 -16.57 -15.53
N GLN K 278 25.23 -16.10 -15.96
CA GLN K 278 25.45 -15.90 -17.38
C GLN K 278 26.45 -16.93 -17.89
N PRO K 279 26.17 -17.60 -19.01
CA PRO K 279 27.12 -18.58 -19.55
C PRO K 279 28.22 -17.90 -20.34
N LEU K 280 29.40 -18.52 -20.30
CA LEU K 280 30.58 -17.95 -20.95
C LEU K 280 31.62 -19.03 -21.12
N ARG K 281 32.60 -18.74 -21.97
CA ARG K 281 33.75 -19.59 -22.17
C ARG K 281 34.96 -18.96 -21.48
N ILE K 282 36.02 -19.74 -21.32
CA ILE K 282 37.24 -19.27 -20.68
C ILE K 282 38.40 -19.52 -21.63
N ARG K 283 39.18 -18.48 -21.89
CA ARG K 283 40.30 -18.54 -22.81
C ARG K 283 41.60 -18.27 -22.06
N HIS K 284 42.57 -19.13 -22.26
CA HIS K 284 43.95 -18.78 -21.93
C HIS K 284 44.53 -18.00 -23.09
N VAL K 285 45.25 -16.93 -22.77
CA VAL K 285 45.67 -16.00 -23.80
C VAL K 285 46.94 -16.45 -24.53
N THR K 286 47.91 -17.01 -23.83
CA THR K 286 49.18 -17.34 -24.47
C THR K 286 49.09 -18.64 -25.26
N THR K 287 48.58 -19.69 -24.63
CA THR K 287 48.37 -20.95 -25.32
C THR K 287 47.27 -20.87 -26.35
N GLY K 288 46.27 -20.01 -26.12
CA GLY K 288 45.12 -19.98 -26.99
C GLY K 288 44.20 -21.16 -26.78
N ARG K 289 44.30 -21.83 -25.64
CA ARG K 289 43.47 -22.97 -25.33
C ARG K 289 42.23 -22.51 -24.57
N TYR K 290 41.21 -23.38 -24.59
CA TYR K 290 39.96 -23.14 -23.88
C TYR K 290 39.89 -24.02 -22.65
N LEU K 291 39.54 -23.44 -21.53
CA LEU K 291 39.37 -24.20 -20.29
C LEU K 291 38.10 -25.02 -20.37
N ALA K 292 38.19 -26.31 -20.04
CA ALA K 292 37.03 -27.18 -20.06
C ALA K 292 36.84 -27.86 -18.71
N LEU K 299 38.19 -30.35 -15.31
CA LEU K 299 38.92 -29.11 -15.08
C LEU K 299 40.27 -29.12 -15.77
N VAL K 300 40.26 -29.19 -17.09
CA VAL K 300 41.47 -29.13 -17.91
C VAL K 300 41.31 -28.03 -18.95
N VAL K 301 42.42 -27.63 -19.54
CA VAL K 301 42.35 -26.72 -20.67
C VAL K 301 42.45 -27.53 -21.95
N VAL K 302 41.82 -27.05 -23.01
CA VAL K 302 41.64 -27.84 -24.21
C VAL K 302 41.68 -26.91 -25.41
N ASP K 303 41.89 -27.50 -26.59
CA ASP K 303 41.97 -26.72 -27.81
C ASP K 303 40.61 -26.20 -28.21
N ALA K 304 40.62 -25.11 -28.98
CA ALA K 304 39.40 -24.48 -29.46
C ALA K 304 38.63 -25.33 -30.47
N CYS K 305 39.34 -26.16 -31.24
CA CYS K 305 38.68 -27.03 -32.20
C CYS K 305 37.86 -28.12 -31.51
N LYS K 306 38.34 -28.58 -30.36
CA LYS K 306 37.61 -29.52 -29.52
C LYS K 306 36.99 -28.86 -28.30
N ALA K 307 36.73 -27.55 -28.36
CA ALA K 307 35.98 -26.87 -27.33
C ALA K 307 34.52 -26.76 -27.75
N HIS K 308 33.64 -27.46 -27.05
CA HIS K 308 32.23 -27.50 -27.41
C HIS K 308 31.43 -26.77 -26.35
N THR K 309 30.27 -26.24 -26.75
CA THR K 309 29.38 -25.59 -25.79
C THR K 309 28.84 -26.56 -24.78
N LYS K 310 28.68 -27.83 -25.16
CA LYS K 310 28.34 -28.87 -24.20
C LYS K 310 29.50 -29.21 -23.30
N ALA K 311 30.72 -29.32 -23.84
CA ALA K 311 31.87 -29.69 -23.05
C ALA K 311 32.32 -28.56 -22.13
N THR K 312 32.54 -27.38 -22.69
CA THR K 312 33.02 -26.23 -21.93
C THR K 312 32.03 -25.07 -22.05
N SER K 313 31.32 -24.80 -20.96
CA SER K 313 30.49 -23.62 -20.82
C SER K 313 30.35 -23.36 -19.33
N PHE K 314 30.88 -22.24 -18.86
CA PHE K 314 31.03 -21.99 -17.44
C PHE K 314 30.15 -20.82 -17.06
N CYS K 315 30.09 -20.51 -15.77
CA CYS K 315 29.24 -19.42 -15.30
C CYS K 315 29.71 -18.91 -13.95
N PHE K 316 29.28 -17.69 -13.63
CA PHE K 316 29.58 -17.04 -12.37
C PHE K 316 28.32 -17.00 -11.52
N ARG K 317 28.34 -17.71 -10.40
CA ARG K 317 27.27 -17.65 -9.42
C ARG K 317 27.85 -17.18 -8.10
N VAL K 318 27.00 -16.58 -7.27
CA VAL K 318 27.46 -16.09 -5.98
C VAL K 318 27.58 -17.22 -4.97
N SER K 319 26.47 -17.89 -4.69
CA SER K 319 26.45 -19.09 -3.88
C SER K 319 25.27 -19.93 -4.34
N LYS K 320 25.41 -21.24 -4.25
CA LYS K 320 24.43 -22.15 -4.83
C LYS K 320 23.22 -22.26 -3.92
N GLU K 321 22.29 -21.34 -4.08
CA GLU K 321 20.91 -21.58 -3.74
C GLU K 321 20.29 -22.38 -4.88
N LYS K 322 19.22 -23.11 -4.59
CA LYS K 322 18.60 -24.00 -5.58
C LYS K 322 17.85 -23.16 -6.60
N LEU K 323 18.60 -22.60 -7.55
CA LEU K 323 18.05 -21.72 -8.55
C LEU K 323 17.88 -22.44 -9.89
N GLY K 333 21.27 -3.87 -25.33
CA GLY K 333 22.52 -3.19 -25.63
C GLY K 333 23.61 -3.50 -24.63
N MET K 334 23.95 -2.52 -23.80
CA MET K 334 24.84 -2.78 -22.68
C MET K 334 24.07 -3.41 -21.53
N GLY K 335 24.79 -3.69 -20.45
CA GLY K 335 24.20 -4.31 -19.30
C GLY K 335 24.17 -3.40 -18.09
N PRO K 336 23.33 -3.74 -17.12
CA PRO K 336 23.40 -3.07 -15.82
C PRO K 336 24.69 -3.46 -15.10
N PRO K 337 25.27 -2.55 -14.34
CA PRO K 337 26.58 -2.82 -13.70
C PRO K 337 26.47 -3.80 -12.53
N GLU K 338 26.52 -5.09 -12.85
CA GLU K 338 26.29 -6.13 -11.86
C GLU K 338 27.55 -6.48 -11.07
N ILE K 339 28.67 -6.74 -11.73
CA ILE K 339 29.81 -7.39 -11.11
C ILE K 339 30.89 -6.37 -10.79
N LYS K 340 31.07 -6.09 -9.51
CA LYS K 340 32.10 -5.17 -9.05
C LYS K 340 33.48 -5.82 -9.13
N TYR K 341 34.52 -5.01 -8.91
CA TYR K 341 35.90 -5.48 -8.95
C TYR K 341 36.43 -5.62 -7.53
N GLY K 342 36.97 -6.79 -7.21
CA GLY K 342 37.52 -7.05 -5.91
C GLY K 342 36.50 -7.31 -4.81
N GLU K 343 35.21 -7.29 -5.14
CA GLU K 343 34.15 -7.31 -4.15
C GLU K 343 33.18 -8.47 -4.33
N SER K 344 33.09 -9.04 -5.53
CA SER K 344 32.09 -10.06 -5.82
C SER K 344 32.35 -11.38 -5.13
N LEU K 345 33.61 -11.86 -5.15
CA LEU K 345 34.06 -13.06 -4.43
C LEU K 345 33.27 -14.29 -4.83
N CYS K 346 33.08 -14.47 -6.14
CA CYS K 346 32.21 -15.50 -6.67
C CYS K 346 33.01 -16.62 -7.30
N PHE K 347 32.39 -17.79 -7.41
CA PHE K 347 33.03 -19.00 -7.90
C PHE K 347 32.66 -19.28 -9.35
N VAL K 348 33.09 -20.45 -9.81
CA VAL K 348 32.73 -20.97 -11.12
C VAL K 348 32.26 -22.41 -10.97
N GLN K 349 31.37 -22.83 -11.87
CA GLN K 349 30.96 -24.21 -12.02
C GLN K 349 30.46 -24.41 -13.43
N HIS K 350 30.41 -25.65 -13.87
CA HIS K 350 29.90 -25.93 -15.20
C HIS K 350 28.39 -25.68 -15.25
N VAL K 351 27.92 -25.20 -16.39
CA VAL K 351 26.50 -24.92 -16.53
C VAL K 351 25.72 -26.20 -16.81
N ALA K 352 26.40 -27.23 -17.30
CA ALA K 352 25.82 -28.54 -17.53
C ALA K 352 26.02 -29.49 -16.37
N SER K 353 26.94 -29.19 -15.46
CA SER K 353 27.33 -30.18 -14.47
C SER K 353 27.26 -29.62 -13.05
N GLY K 354 27.43 -28.31 -12.90
CA GLY K 354 27.32 -27.69 -11.59
C GLY K 354 28.48 -28.01 -10.67
N LEU K 355 29.65 -28.31 -11.24
CA LEU K 355 30.80 -28.83 -10.52
C LEU K 355 31.77 -27.71 -10.17
N TRP K 356 31.95 -27.49 -8.87
CA TRP K 356 32.76 -26.40 -8.38
C TRP K 356 34.24 -26.71 -8.50
N LEU K 357 34.97 -25.86 -9.21
CA LEU K 357 36.41 -26.01 -9.34
C LEU K 357 37.06 -25.63 -8.02
N THR K 358 37.77 -26.58 -7.42
CA THR K 358 38.54 -26.28 -6.21
C THR K 358 39.78 -27.15 -6.14
N TYR K 359 40.61 -26.92 -5.13
CA TYR K 359 41.91 -27.54 -5.06
C TYR K 359 41.81 -28.99 -4.58
N ALA K 360 42.95 -29.57 -4.24
CA ALA K 360 42.99 -30.94 -3.76
C ALA K 360 43.19 -30.97 -2.25
N LEU K 372 52.94 -26.98 -3.36
CA LEU K 372 52.40 -25.64 -3.50
C LEU K 372 51.39 -25.60 -4.63
N LYS K 373 51.52 -26.56 -5.54
CA LYS K 373 50.67 -26.63 -6.72
C LYS K 373 49.38 -27.33 -6.32
N LYS K 374 48.49 -26.57 -5.66
CA LYS K 374 47.19 -27.08 -5.25
C LYS K 374 46.34 -27.31 -6.49
N LYS K 375 46.23 -28.56 -6.92
CA LYS K 375 45.65 -28.87 -8.22
C LYS K 375 44.15 -28.63 -8.21
N ALA K 376 43.72 -27.73 -9.09
CA ALA K 376 42.31 -27.33 -9.16
C ALA K 376 41.51 -28.42 -9.85
N ILE K 377 40.39 -28.79 -9.24
CA ILE K 377 39.52 -29.83 -9.77
C ILE K 377 38.08 -29.44 -9.50
N LEU K 378 37.23 -29.68 -10.50
CA LEU K 378 35.78 -29.54 -10.36
C LEU K 378 35.34 -30.63 -9.37
N HIS K 379 34.82 -30.20 -8.23
CA HIS K 379 34.44 -31.12 -7.16
C HIS K 379 33.01 -30.81 -6.70
N GLN K 380 32.20 -31.87 -6.62
CA GLN K 380 30.79 -31.69 -6.29
C GLN K 380 30.57 -31.44 -4.81
N GLU K 381 31.57 -31.69 -3.98
CA GLU K 381 31.45 -31.32 -2.57
C GLU K 381 31.66 -29.83 -2.39
N GLY K 382 32.59 -29.26 -3.13
CA GLY K 382 32.99 -27.88 -2.94
C GLY K 382 33.74 -27.69 -1.64
N HIS K 383 33.88 -26.43 -1.27
CA HIS K 383 34.61 -26.07 -0.05
C HIS K 383 34.07 -24.75 0.46
N MET K 384 34.80 -24.17 1.40
CA MET K 384 34.57 -22.80 1.83
C MET K 384 35.60 -21.83 1.29
N ASP K 385 36.34 -22.24 0.25
CA ASP K 385 37.45 -21.44 -0.28
C ASP K 385 37.32 -21.17 -1.77
N ASP K 386 36.14 -21.36 -2.36
CA ASP K 386 35.91 -21.03 -3.76
C ASP K 386 35.39 -19.61 -3.95
N ALA K 387 35.31 -18.82 -2.88
CA ALA K 387 34.94 -17.41 -2.97
C ALA K 387 36.17 -16.62 -3.40
N LEU K 388 36.26 -16.37 -4.70
CA LEU K 388 37.46 -15.80 -5.29
C LEU K 388 37.18 -14.46 -5.97
N PHE K 389 38.08 -13.50 -5.76
CA PHE K 389 37.90 -12.13 -6.22
C PHE K 389 38.76 -11.85 -7.45
N LEU K 390 38.20 -11.10 -8.40
CA LEU K 390 38.85 -10.88 -9.67
C LEU K 390 39.58 -9.54 -9.69
N THR K 391 40.62 -9.46 -10.52
CA THR K 391 41.37 -8.23 -10.74
C THR K 391 41.59 -8.05 -12.23
N ARG K 392 41.32 -6.84 -12.70
CA ARG K 392 41.51 -6.52 -14.11
C ARG K 392 42.99 -6.31 -14.41
N CYS K 393 43.40 -6.72 -15.61
CA CYS K 393 44.79 -6.62 -16.04
C CYS K 393 45.11 -5.20 -16.51
N GLN K 394 46.27 -5.06 -17.15
CA GLN K 394 46.79 -3.78 -17.60
C GLN K 394 46.88 -3.78 -19.12
N GLN K 395 46.70 -2.60 -19.72
CA GLN K 395 46.57 -2.43 -21.17
C GLN K 395 47.83 -2.74 -21.94
N GLU K 396 48.98 -2.25 -21.49
CA GLU K 396 50.24 -2.56 -22.16
C GLU K 396 50.63 -4.02 -22.01
N GLU K 397 50.36 -4.62 -20.86
CA GLU K 397 50.64 -6.03 -20.62
C GLU K 397 49.79 -6.94 -21.46
N SER K 398 48.48 -6.67 -21.52
CA SER K 398 47.56 -7.53 -22.27
C SER K 398 47.81 -7.44 -23.76
N GLN K 399 48.28 -6.30 -24.25
CA GLN K 399 48.72 -6.21 -25.64
C GLN K 399 49.96 -7.05 -25.87
N ALA K 400 50.86 -7.08 -24.88
CA ALA K 400 52.05 -7.92 -24.99
C ALA K 400 51.69 -9.39 -24.89
N ALA K 401 50.54 -9.71 -24.31
CA ALA K 401 50.16 -11.10 -24.16
C ALA K 401 49.83 -11.75 -25.49
N ARG K 402 48.88 -11.19 -26.24
CA ARG K 402 48.36 -11.87 -27.41
C ARG K 402 49.37 -12.01 -28.53
N MET K 403 50.37 -11.15 -28.56
CA MET K 403 51.37 -11.28 -29.61
C MET K 403 52.33 -12.44 -29.35
N ILE K 404 52.42 -12.94 -28.11
CA ILE K 404 53.17 -14.17 -27.86
C ILE K 404 52.52 -15.32 -28.61
N HIS K 405 51.21 -15.46 -28.47
CA HIS K 405 50.45 -16.47 -29.17
C HIS K 405 50.53 -16.31 -30.67
N SER K 406 50.57 -15.08 -31.16
CA SER K 406 50.66 -14.85 -32.58
C SER K 406 52.03 -15.22 -33.12
N THR K 407 53.07 -15.04 -32.30
CA THR K 407 54.41 -15.37 -32.77
C THR K 407 54.72 -16.84 -32.63
N ALA K 408 54.45 -17.43 -31.47
CA ALA K 408 54.81 -18.82 -31.22
C ALA K 408 54.04 -19.77 -32.12
N GLY K 409 52.80 -19.41 -32.47
CA GLY K 409 52.07 -20.17 -33.46
C GLY K 409 52.68 -20.10 -34.84
N LEU K 410 53.36 -19.01 -35.17
CA LEU K 410 54.09 -18.94 -36.41
C LEU K 410 55.43 -19.65 -36.31
N TYR K 411 56.11 -19.49 -35.18
CA TYR K 411 57.47 -19.97 -35.04
C TYR K 411 57.58 -21.48 -34.96
N ASN K 412 56.75 -22.13 -34.14
CA ASN K 412 56.77 -23.58 -34.09
C ASN K 412 56.28 -24.18 -35.41
N GLN K 413 55.36 -23.48 -36.08
CA GLN K 413 55.02 -23.84 -37.45
C GLN K 413 56.22 -23.67 -38.36
N PHE K 414 57.06 -22.67 -38.12
CA PHE K 414 58.24 -22.49 -38.93
C PHE K 414 59.31 -23.53 -38.62
N ILE K 415 59.40 -23.96 -37.36
CA ILE K 415 60.44 -24.92 -36.98
C ILE K 415 60.18 -26.28 -37.61
N LYS K 416 58.99 -26.82 -37.41
CA LYS K 416 58.68 -28.12 -37.98
C LYS K 416 58.50 -28.07 -39.49
N GLY K 417 58.22 -26.90 -40.05
CA GLY K 417 58.29 -26.76 -41.49
C GLY K 417 59.72 -26.91 -41.98
N LEU K 418 60.67 -26.43 -41.19
CA LEU K 418 62.07 -26.65 -41.52
C LEU K 418 62.50 -28.07 -41.24
N ASP K 419 61.96 -28.67 -40.18
CA ASP K 419 62.31 -30.04 -39.79
C ASP K 419 61.84 -31.10 -40.77
N SER K 420 60.95 -30.75 -41.71
CA SER K 420 60.46 -31.72 -42.67
C SER K 420 61.56 -32.18 -43.62
N PHE K 421 62.31 -31.25 -44.21
CA PHE K 421 63.41 -31.60 -45.10
C PHE K 421 64.74 -31.44 -44.39
N SER K 422 64.73 -31.59 -43.06
CA SER K 422 65.95 -31.42 -42.28
C SER K 422 66.96 -32.54 -42.57
N GLY K 423 66.49 -33.68 -43.05
CA GLY K 423 67.37 -34.73 -43.50
C GLY K 423 67.26 -35.09 -44.97
N LYS K 424 66.18 -34.70 -45.64
CA LYS K 424 65.92 -35.13 -47.01
C LYS K 424 66.30 -34.03 -47.98
N PRO K 425 67.31 -34.23 -48.81
CA PRO K 425 67.62 -33.23 -49.85
C PRO K 425 66.55 -33.21 -50.92
N ARG K 426 66.46 -32.07 -51.61
CA ARG K 426 65.48 -31.85 -52.65
C ARG K 426 66.17 -31.86 -54.01
N GLY K 427 65.78 -32.79 -54.87
CA GLY K 427 66.30 -32.85 -56.22
C GLY K 427 65.46 -32.00 -57.15
N PRO K 434 54.28 -28.68 -48.13
CA PRO K 434 53.88 -27.30 -47.87
C PRO K 434 55.00 -26.31 -48.14
N ALA K 435 54.71 -25.02 -48.03
CA ALA K 435 55.73 -23.99 -48.17
C ALA K 435 55.96 -23.31 -46.82
N LEU K 436 57.21 -23.16 -46.46
CA LEU K 436 57.56 -22.57 -45.18
C LEU K 436 57.30 -21.07 -45.20
N PRO K 437 56.82 -20.47 -44.10
CA PRO K 437 56.41 -19.05 -44.12
C PRO K 437 57.57 -18.07 -44.11
N ILE K 438 58.11 -17.81 -45.29
CA ILE K 438 59.26 -16.92 -45.41
C ILE K 438 58.85 -15.47 -45.23
N GLU K 439 57.88 -15.00 -46.03
CA GLU K 439 57.49 -13.60 -45.97
C GLU K 439 56.71 -13.30 -44.70
N ALA K 440 56.06 -14.30 -44.12
CA ALA K 440 55.33 -14.08 -42.88
C ALA K 440 56.26 -13.88 -41.69
N VAL K 441 57.46 -14.46 -41.73
CA VAL K 441 58.30 -14.37 -40.55
C VAL K 441 59.23 -13.17 -40.61
N ILE K 442 59.53 -12.65 -41.80
CA ILE K 442 60.44 -11.53 -41.93
C ILE K 442 59.83 -10.26 -41.35
N LEU K 443 58.57 -10.03 -41.67
CA LEU K 443 57.89 -8.85 -41.16
C LEU K 443 57.56 -9.02 -39.67
N SER K 444 57.42 -10.26 -39.21
CA SER K 444 57.04 -10.47 -37.83
C SER K 444 58.20 -10.22 -36.88
N LEU K 445 59.44 -10.47 -37.32
CA LEU K 445 60.57 -10.12 -36.46
C LEU K 445 60.75 -8.61 -36.39
N GLN K 446 60.57 -7.92 -37.51
CA GLN K 446 60.93 -6.51 -37.58
C GLN K 446 60.02 -5.66 -36.72
N ASP K 447 58.77 -6.06 -36.55
CA ASP K 447 57.91 -5.40 -35.58
C ASP K 447 58.37 -5.66 -34.16
N LEU K 448 59.01 -6.80 -33.94
CA LEU K 448 59.44 -7.12 -32.58
C LEU K 448 60.70 -6.35 -32.22
N ILE K 449 61.53 -6.02 -33.20
CA ILE K 449 62.71 -5.23 -32.91
C ILE K 449 62.32 -3.83 -32.47
N GLY K 450 61.42 -3.20 -33.23
CA GLY K 450 60.90 -1.91 -32.83
C GLY K 450 60.00 -1.98 -31.62
N TYR K 451 59.47 -3.15 -31.30
CA TYR K 451 58.76 -3.28 -30.04
C TYR K 451 59.70 -3.18 -28.86
N PHE K 452 60.92 -3.69 -28.99
CA PHE K 452 61.87 -3.77 -27.91
C PHE K 452 62.95 -2.71 -27.98
N GLU K 453 62.71 -1.67 -28.74
CA GLU K 453 63.78 -0.71 -29.03
C GLU K 453 64.02 0.18 -27.81
N PRO K 454 65.27 0.36 -27.39
CA PRO K 454 65.53 1.13 -26.18
C PRO K 454 65.30 2.59 -26.42
N PRO K 455 64.82 3.34 -25.43
CA PRO K 455 64.42 4.73 -25.65
C PRO K 455 65.63 5.63 -25.81
N SER K 456 65.38 6.80 -26.40
CA SER K 456 66.44 7.69 -26.81
C SER K 456 67.12 8.35 -25.62
N GLU K 457 68.38 8.70 -25.82
CA GLU K 457 69.13 9.40 -24.78
C GLU K 457 68.82 10.89 -24.73
N GLU K 458 68.30 11.44 -25.82
CA GLU K 458 67.93 12.85 -25.84
C GLU K 458 66.58 13.12 -25.18
N LEU K 459 65.91 12.08 -24.70
CA LEU K 459 64.63 12.23 -24.03
C LEU K 459 64.85 12.86 -22.65
N GLN K 460 63.77 13.40 -22.10
CA GLN K 460 63.81 13.96 -20.76
C GLN K 460 64.01 12.85 -19.74
N HIS K 461 64.81 13.15 -18.69
CA HIS K 461 65.27 12.15 -17.73
C HIS K 461 64.12 11.47 -16.98
N GLU K 462 63.13 12.24 -16.54
CA GLU K 462 62.03 11.63 -15.79
C GLU K 462 61.18 10.72 -16.65
N GLU K 463 61.12 10.98 -17.95
CA GLU K 463 60.37 10.10 -18.83
C GLU K 463 61.19 8.91 -19.31
N LYS K 464 62.50 9.12 -19.51
CA LYS K 464 63.40 8.03 -19.88
C LYS K 464 63.38 6.92 -18.83
N GLN K 465 63.45 7.31 -17.55
CA GLN K 465 63.41 6.33 -16.47
C GLN K 465 62.06 5.63 -16.42
N SER K 466 60.98 6.34 -16.72
CA SER K 466 59.67 5.72 -16.67
C SER K 466 59.48 4.71 -17.79
N LYS K 467 60.00 5.01 -18.98
CA LYS K 467 59.86 4.09 -20.09
C LYS K 467 60.77 2.88 -19.94
N LEU K 468 61.82 2.99 -19.14
CA LEU K 468 62.71 1.86 -18.96
C LEU K 468 62.04 0.75 -18.16
N ARG K 469 61.36 1.10 -17.07
CA ARG K 469 60.75 0.08 -16.23
C ARG K 469 59.57 -0.58 -16.92
N SER K 470 59.00 0.05 -17.94
CA SER K 470 58.06 -0.65 -18.80
C SER K 470 58.79 -1.68 -19.65
N LEU K 471 59.97 -1.32 -20.15
CA LEU K 471 60.71 -2.25 -20.99
C LEU K 471 61.28 -3.38 -20.17
N ARG K 472 61.64 -3.13 -18.90
CA ARG K 472 62.14 -4.19 -18.05
C ARG K 472 61.09 -5.25 -17.77
N ASN K 473 59.81 -4.84 -17.71
CA ASN K 473 58.76 -5.83 -17.58
C ASN K 473 58.63 -6.65 -18.85
N ARG K 474 58.44 -5.99 -19.99
CA ARG K 474 58.03 -6.73 -21.17
C ARG K 474 59.18 -7.36 -21.92
N GLN K 475 60.38 -7.43 -21.35
CA GLN K 475 61.30 -8.47 -21.78
C GLN K 475 61.41 -9.60 -20.77
N SER K 476 61.24 -9.30 -19.49
CA SER K 476 61.04 -10.34 -18.50
C SER K 476 59.76 -11.09 -18.75
N LEU K 477 58.75 -10.42 -19.28
CA LEU K 477 57.48 -11.05 -19.59
C LEU K 477 57.59 -11.94 -20.82
N PHE K 478 58.66 -11.84 -21.60
CA PHE K 478 58.81 -12.75 -22.72
C PHE K 478 59.70 -13.93 -22.36
N GLN K 479 60.88 -13.66 -21.79
CA GLN K 479 61.85 -14.71 -21.52
C GLN K 479 61.40 -15.69 -20.47
N GLU K 480 60.54 -15.26 -19.55
CA GLU K 480 59.93 -16.20 -18.62
C GLU K 480 58.98 -17.14 -19.35
N GLU K 481 57.94 -16.60 -20.00
CA GLU K 481 57.02 -17.44 -20.75
C GLU K 481 57.64 -17.77 -22.10
N GLY K 482 58.56 -18.74 -22.05
CA GLY K 482 59.25 -19.24 -23.22
C GLY K 482 60.07 -18.18 -23.93
N MET K 483 59.99 -18.19 -25.26
CA MET K 483 60.35 -17.09 -26.15
C MET K 483 61.80 -16.66 -26.06
N LEU K 484 62.64 -17.40 -25.37
CA LEU K 484 64.06 -17.13 -25.47
C LEU K 484 64.70 -18.34 -26.12
N SER K 485 64.47 -19.51 -25.52
CA SER K 485 64.98 -20.76 -26.09
C SER K 485 64.26 -21.11 -27.37
N LEU K 486 63.00 -20.70 -27.49
CA LEU K 486 62.27 -20.83 -28.75
C LEU K 486 62.95 -20.04 -29.86
N VAL K 487 63.49 -18.87 -29.52
CA VAL K 487 64.32 -18.16 -30.48
C VAL K 487 65.67 -18.85 -30.63
N LEU K 488 66.18 -19.48 -29.56
CA LEU K 488 67.45 -20.17 -29.68
C LEU K 488 67.34 -21.38 -30.58
N ASN K 489 66.18 -22.03 -30.62
CA ASN K 489 65.96 -23.18 -31.48
C ASN K 489 66.06 -22.84 -32.95
N CYS K 490 65.31 -21.83 -33.41
CA CYS K 490 65.27 -21.51 -34.82
C CYS K 490 66.60 -20.98 -35.35
N ILE K 491 67.50 -20.55 -34.46
CA ILE K 491 68.90 -20.42 -34.84
C ILE K 491 69.50 -21.78 -35.12
N ASP K 492 69.40 -22.71 -34.16
CA ASP K 492 70.18 -23.94 -34.29
C ASP K 492 69.60 -24.92 -35.29
N ARG K 493 68.39 -24.71 -35.78
CA ARG K 493 67.98 -25.42 -36.97
C ARG K 493 68.48 -24.76 -38.24
N LEU K 494 68.89 -23.50 -38.16
CA LEU K 494 69.26 -22.76 -39.35
C LEU K 494 70.77 -22.64 -39.53
N ASN K 495 71.53 -22.66 -38.44
CA ASN K 495 72.96 -22.40 -38.50
C ASN K 495 73.75 -23.52 -39.16
N VAL K 496 73.13 -24.68 -39.36
CA VAL K 496 73.83 -25.85 -39.87
C VAL K 496 74.10 -25.73 -41.36
N TYR K 497 73.50 -24.75 -42.02
CA TYR K 497 73.65 -24.57 -43.45
C TYR K 497 74.63 -23.43 -43.69
N THR K 498 75.92 -23.72 -43.61
CA THR K 498 76.91 -22.66 -43.70
C THR K 498 77.10 -22.15 -45.11
N THR K 499 77.03 -23.03 -46.11
CA THR K 499 76.89 -22.55 -47.47
C THR K 499 75.52 -21.91 -47.62
N ALA K 500 75.54 -20.63 -47.98
CA ALA K 500 74.34 -19.81 -47.92
C ALA K 500 73.31 -20.21 -48.97
N ALA K 501 73.75 -20.87 -50.03
CA ALA K 501 72.85 -21.34 -51.07
C ALA K 501 72.82 -22.84 -51.22
N HIS K 502 73.97 -23.50 -51.22
CA HIS K 502 74.05 -24.94 -51.50
C HIS K 502 73.39 -25.74 -50.39
N PHE K 503 73.65 -25.39 -49.14
CA PHE K 503 72.96 -26.07 -48.06
C PHE K 503 71.62 -25.42 -47.76
N ALA K 504 71.27 -24.34 -48.44
CA ALA K 504 69.90 -23.87 -48.47
C ALA K 504 69.11 -24.45 -49.63
N GLU K 505 69.75 -25.28 -50.45
CA GLU K 505 69.05 -25.96 -51.54
C GLU K 505 68.26 -27.17 -51.07
N TYR K 506 68.31 -27.49 -49.77
CA TYR K 506 67.40 -28.48 -49.21
C TYR K 506 65.97 -27.99 -49.24
N ALA K 507 65.76 -26.68 -49.13
CA ALA K 507 64.47 -26.06 -49.40
C ALA K 507 64.24 -25.83 -50.87
N GLY K 508 65.22 -25.25 -51.55
CA GLY K 508 65.07 -24.89 -52.94
C GLY K 508 65.76 -23.56 -53.20
N GLU K 509 65.22 -22.84 -54.17
CA GLU K 509 65.74 -21.52 -54.48
C GLU K 509 64.87 -20.41 -53.90
N GLU K 510 63.66 -20.75 -53.45
CA GLU K 510 62.74 -19.75 -52.93
C GLU K 510 63.18 -19.21 -51.58
N ALA K 511 63.37 -20.09 -50.60
CA ALA K 511 63.83 -19.64 -49.30
C ALA K 511 65.31 -19.36 -49.27
N ALA K 512 66.04 -19.75 -50.31
CA ALA K 512 67.50 -19.58 -50.32
C ALA K 512 67.90 -18.12 -50.44
N GLU K 513 67.11 -17.32 -51.14
CA GLU K 513 67.46 -15.92 -51.32
C GLU K 513 67.28 -15.12 -50.04
N SER K 514 66.44 -15.61 -49.12
CA SER K 514 66.16 -14.89 -47.89
C SER K 514 66.85 -15.50 -46.69
N TRP K 515 67.77 -16.44 -46.90
CA TRP K 515 68.46 -17.05 -45.77
C TRP K 515 69.43 -16.08 -45.12
N LYS K 516 70.03 -15.20 -45.92
CA LYS K 516 71.00 -14.25 -45.40
C LYS K 516 70.32 -13.23 -44.49
N GLU K 517 69.08 -12.88 -44.79
CA GLU K 517 68.37 -11.90 -43.98
C GLU K 517 67.94 -12.47 -42.65
N ILE K 518 67.38 -13.68 -42.67
CA ILE K 518 66.61 -14.18 -41.53
C ILE K 518 67.53 -14.50 -40.34
N VAL K 519 68.81 -14.77 -40.63
CA VAL K 519 69.77 -14.93 -39.55
C VAL K 519 70.07 -13.60 -38.89
N ASN K 520 70.31 -12.55 -39.67
CA ASN K 520 70.72 -11.27 -39.11
C ASN K 520 69.63 -10.65 -38.26
N LEU K 521 68.39 -10.74 -38.71
CA LEU K 521 67.28 -10.23 -37.92
C LEU K 521 67.07 -11.03 -36.66
N LEU K 522 67.46 -12.30 -36.66
CA LEU K 522 67.27 -13.13 -35.47
C LEU K 522 68.20 -12.72 -34.36
N TYR K 523 69.47 -12.49 -34.68
CA TYR K 523 70.41 -12.08 -33.64
C TYR K 523 70.13 -10.68 -33.15
N GLU K 524 69.49 -9.84 -33.97
CA GLU K 524 69.11 -8.52 -33.51
C GLU K 524 68.02 -8.61 -32.46
N LEU K 525 67.10 -9.57 -32.61
CA LEU K 525 66.04 -9.76 -31.62
C LEU K 525 66.62 -10.18 -30.29
N LEU K 526 67.46 -11.21 -30.31
CA LEU K 526 68.07 -11.74 -29.10
C LEU K 526 68.93 -10.69 -28.41
N ALA K 527 69.69 -9.92 -29.17
CA ALA K 527 70.43 -8.81 -28.61
C ALA K 527 69.52 -7.74 -28.07
N SER K 528 68.33 -7.59 -28.65
CA SER K 528 67.40 -6.61 -28.10
C SER K 528 66.73 -7.12 -26.85
N LEU K 529 66.70 -8.44 -26.66
CA LEU K 529 66.08 -8.98 -25.46
C LEU K 529 66.92 -8.74 -24.22
N ILE K 530 68.20 -9.08 -24.25
CA ILE K 530 68.99 -9.11 -23.03
C ILE K 530 69.80 -7.84 -22.90
N ARG K 531 69.40 -6.78 -23.58
CA ARG K 531 70.06 -5.49 -23.42
C ARG K 531 69.62 -4.94 -22.07
N GLY K 532 70.60 -4.55 -21.26
CA GLY K 532 70.29 -3.93 -19.98
C GLY K 532 69.93 -4.89 -18.86
N ASN K 533 69.06 -5.86 -19.14
CA ASN K 533 68.52 -6.75 -18.13
C ASN K 533 69.60 -7.66 -17.56
N ARG K 534 69.71 -7.67 -16.23
CA ARG K 534 70.67 -8.58 -15.60
C ARG K 534 70.11 -9.99 -15.48
N ALA K 535 68.81 -10.12 -15.23
CA ALA K 535 68.22 -11.42 -14.97
C ALA K 535 68.23 -12.32 -16.20
N ASN K 536 67.96 -11.75 -17.37
CA ASN K 536 68.01 -12.57 -18.57
C ASN K 536 69.43 -12.81 -19.05
N CYS K 537 70.39 -11.99 -18.60
CA CYS K 537 71.77 -12.23 -18.98
C CYS K 537 72.35 -13.46 -18.32
N ALA K 538 71.87 -13.81 -17.13
CA ALA K 538 72.33 -15.05 -16.49
C ALA K 538 71.80 -16.29 -17.19
N LEU K 539 70.83 -16.15 -18.09
CA LEU K 539 70.28 -17.30 -18.81
C LEU K 539 71.24 -17.83 -19.86
N PHE K 540 72.37 -17.17 -20.09
CA PHE K 540 73.37 -17.66 -21.02
C PHE K 540 74.59 -18.22 -20.32
N SER K 541 74.53 -18.35 -19.00
CA SER K 541 75.65 -18.89 -18.24
C SER K 541 75.83 -20.39 -18.46
N THR K 542 74.81 -21.06 -18.97
CA THR K 542 74.94 -22.48 -19.28
C THR K 542 75.44 -22.73 -20.69
N ASN K 543 74.97 -21.97 -21.67
CA ASN K 543 75.37 -22.19 -23.05
C ASN K 543 76.21 -21.04 -23.56
N LEU K 544 77.13 -20.58 -22.71
CA LEU K 544 78.12 -19.60 -23.13
C LEU K 544 78.97 -20.11 -24.29
N ASP K 545 79.39 -21.37 -24.21
CA ASP K 545 80.18 -21.97 -25.28
C ASP K 545 79.38 -22.15 -26.56
N TRP K 546 78.06 -22.19 -26.48
CA TRP K 546 77.25 -22.20 -27.68
C TRP K 546 77.38 -20.91 -28.46
N VAL K 547 77.57 -19.80 -27.76
CA VAL K 547 77.72 -18.50 -28.41
C VAL K 547 79.07 -18.35 -29.09
N VAL K 548 80.15 -18.61 -28.35
CA VAL K 548 81.49 -18.31 -28.83
C VAL K 548 81.89 -19.27 -29.95
N SER K 549 81.24 -20.42 -30.03
CA SER K 549 81.54 -21.38 -31.09
C SER K 549 81.07 -20.93 -32.47
N LYS K 550 80.28 -19.87 -32.56
CA LYS K 550 79.73 -19.41 -33.83
C LYS K 550 80.27 -18.04 -34.23
N LEU K 551 81.42 -17.65 -33.68
CA LEU K 551 81.91 -16.30 -33.94
C LEU K 551 82.49 -16.15 -35.34
N ASP K 552 83.11 -17.19 -35.87
CA ASP K 552 83.68 -17.14 -37.21
C ASP K 552 82.72 -17.69 -38.26
N ARG K 553 81.42 -17.52 -38.04
CA ARG K 553 80.44 -18.15 -38.90
C ARG K 553 80.25 -17.43 -40.22
N LEU K 554 80.88 -16.26 -40.40
CA LEU K 554 81.01 -15.49 -41.65
C LEU K 554 79.70 -14.84 -42.10
N GLU K 555 78.57 -15.18 -41.47
CA GLU K 555 77.30 -14.54 -41.74
C GLU K 555 76.85 -13.93 -40.42
N ALA K 556 76.53 -12.64 -40.46
CA ALA K 556 76.14 -11.83 -39.30
C ALA K 556 77.21 -11.88 -38.21
N SER K 557 78.46 -11.75 -38.64
CA SER K 557 79.59 -11.73 -37.71
C SER K 557 79.50 -10.55 -36.74
N SER K 558 79.00 -9.42 -37.18
CA SER K 558 78.70 -8.34 -36.24
C SER K 558 77.52 -8.67 -35.36
N GLY K 559 76.60 -9.51 -35.83
CA GLY K 559 75.39 -9.83 -35.10
C GLY K 559 75.65 -10.58 -33.82
N ILE K 560 76.40 -11.68 -33.90
CA ILE K 560 76.68 -12.46 -32.70
C ILE K 560 77.61 -11.69 -31.78
N LEU K 561 78.57 -10.96 -32.35
CA LEU K 561 79.48 -10.14 -31.56
C LEU K 561 78.74 -9.03 -30.83
N GLU K 562 77.63 -8.57 -31.40
CA GLU K 562 76.74 -7.67 -30.67
C GLU K 562 76.11 -8.36 -29.48
N VAL K 563 75.68 -9.63 -29.63
CA VAL K 563 75.01 -10.33 -28.55
C VAL K 563 75.98 -10.59 -27.41
N LEU K 564 77.23 -10.89 -27.74
CA LEU K 564 78.23 -11.17 -26.72
C LEU K 564 78.56 -9.93 -25.91
N TYR K 565 78.47 -8.75 -26.53
CA TYR K 565 78.86 -7.54 -25.83
C TYR K 565 77.83 -7.14 -24.80
N CYS K 566 76.56 -7.29 -25.10
CA CYS K 566 75.53 -6.89 -24.16
C CYS K 566 75.40 -7.86 -23.01
N VAL K 567 75.77 -9.12 -23.18
CA VAL K 567 75.67 -10.08 -22.08
C VAL K 567 76.85 -9.97 -21.14
N LEU K 568 77.99 -9.48 -21.59
CA LEU K 568 79.18 -9.41 -20.77
C LEU K 568 79.33 -8.09 -20.03
N ILE K 569 78.25 -7.32 -19.89
CA ILE K 569 78.29 -6.08 -19.15
C ILE K 569 77.19 -5.99 -18.11
N GLU K 570 76.26 -6.94 -18.09
CA GLU K 570 75.15 -6.88 -17.17
C GLU K 570 75.25 -7.85 -16.01
N SER K 571 75.72 -9.07 -16.24
CA SER K 571 75.79 -10.08 -15.19
C SER K 571 77.24 -10.53 -15.03
N PRO K 572 77.91 -10.14 -13.95
CA PRO K 572 79.35 -10.37 -13.80
C PRO K 572 79.75 -11.81 -13.56
N GLU K 573 78.79 -12.69 -13.27
CA GLU K 573 79.10 -14.10 -13.07
C GLU K 573 79.50 -14.81 -14.35
N VAL K 574 79.26 -14.20 -15.51
CA VAL K 574 79.62 -14.84 -16.74
C VAL K 574 81.09 -14.52 -17.08
N LEU K 575 81.71 -13.61 -16.33
CA LEU K 575 83.14 -13.38 -16.53
C LEU K 575 83.99 -14.55 -16.09
N ASN K 576 83.91 -14.95 -14.82
CA ASN K 576 84.83 -15.91 -14.23
C ASN K 576 84.51 -17.35 -14.56
N ILE K 577 83.58 -17.59 -15.49
CA ILE K 577 83.35 -18.92 -16.03
C ILE K 577 83.94 -19.06 -17.43
N ILE K 578 84.94 -18.25 -17.75
CA ILE K 578 85.54 -18.23 -19.08
C ILE K 578 86.97 -18.74 -18.97
N GLN K 579 87.30 -19.73 -19.77
CA GLN K 579 88.63 -20.31 -19.75
C GLN K 579 89.42 -19.82 -20.95
N GLU K 580 90.64 -20.32 -21.07
CA GLU K 580 91.59 -19.87 -22.08
C GLU K 580 91.20 -20.31 -23.49
N ASN K 581 90.34 -21.32 -23.61
CA ASN K 581 89.89 -21.73 -24.93
C ASN K 581 88.94 -20.70 -25.55
N HIS K 582 88.29 -19.88 -24.73
CA HIS K 582 87.38 -18.88 -25.28
C HIS K 582 88.11 -17.65 -25.76
N ILE K 583 89.05 -17.14 -24.97
CA ILE K 583 89.81 -15.94 -25.31
C ILE K 583 90.63 -16.16 -26.57
N LYS K 584 91.13 -17.37 -26.76
CA LYS K 584 91.91 -17.65 -27.96
C LYS K 584 91.06 -17.67 -29.23
N SER K 585 89.74 -17.76 -29.09
CA SER K 585 88.91 -17.62 -30.27
C SER K 585 88.67 -16.15 -30.59
N ILE K 586 88.54 -15.31 -29.57
CA ILE K 586 88.23 -13.89 -29.76
C ILE K 586 89.40 -13.16 -30.43
N ILE K 587 90.63 -13.43 -29.98
CA ILE K 587 91.79 -12.90 -30.68
C ILE K 587 91.86 -13.47 -32.09
N SER K 588 91.47 -14.73 -32.26
CA SER K 588 91.37 -15.29 -33.60
C SER K 588 90.22 -14.69 -34.40
N LEU K 589 89.24 -14.07 -33.73
CA LEU K 589 88.23 -13.34 -34.49
C LEU K 589 88.79 -12.03 -34.99
N LEU K 590 89.57 -11.34 -34.16
CA LEU K 590 90.15 -10.06 -34.54
C LEU K 590 91.16 -10.22 -35.67
N ASP K 591 91.90 -11.32 -35.68
CA ASP K 591 92.89 -11.60 -36.71
C ASP K 591 92.27 -11.97 -38.05
N LYS K 592 90.98 -12.27 -38.08
CA LYS K 592 90.31 -12.62 -39.32
C LYS K 592 89.18 -11.68 -39.70
N HIS K 593 89.00 -10.58 -38.99
CA HIS K 593 87.92 -9.66 -39.29
C HIS K 593 88.37 -8.23 -39.16
N GLY K 594 89.64 -7.96 -39.47
CA GLY K 594 90.14 -6.61 -39.51
C GLY K 594 90.28 -5.99 -38.14
N ARG K 595 90.64 -4.73 -38.15
CA ARG K 595 90.81 -3.98 -36.90
C ARG K 595 89.47 -3.40 -36.50
N ASN K 596 88.54 -4.29 -36.12
CA ASN K 596 87.25 -3.86 -35.66
C ASN K 596 87.37 -3.30 -34.24
N HIS K 597 86.85 -2.10 -34.06
CA HIS K 597 86.94 -1.46 -32.76
C HIS K 597 85.91 -1.95 -31.77
N LYS K 598 84.98 -2.80 -32.18
CA LYS K 598 84.06 -3.38 -31.23
C LYS K 598 84.69 -4.52 -30.45
N VAL K 599 85.64 -5.24 -31.05
CA VAL K 599 86.30 -6.35 -30.37
C VAL K 599 87.14 -5.84 -29.21
N LEU K 600 87.64 -4.62 -29.27
CA LEU K 600 88.37 -4.10 -28.12
C LEU K 600 87.44 -3.69 -27.00
N ASP K 601 86.15 -3.50 -27.28
CA ASP K 601 85.22 -3.23 -26.20
C ASP K 601 84.99 -4.44 -25.34
N VAL K 602 84.74 -5.60 -25.95
CA VAL K 602 84.40 -6.79 -25.17
C VAL K 602 85.61 -7.27 -24.39
N LEU K 603 86.83 -7.00 -24.86
CA LEU K 603 87.99 -7.31 -24.06
C LEU K 603 88.17 -6.28 -22.94
N CYS K 604 87.65 -5.07 -23.13
CA CYS K 604 87.73 -4.10 -22.04
C CYS K 604 86.69 -4.38 -20.98
N SER K 605 85.63 -5.11 -21.32
CA SER K 605 84.68 -5.54 -20.31
C SER K 605 85.13 -6.80 -19.61
N LEU K 606 86.09 -7.51 -20.19
CA LEU K 606 86.52 -8.78 -19.65
C LEU K 606 87.52 -8.64 -18.51
N CYS K 607 88.10 -7.46 -18.34
CA CYS K 607 89.07 -7.28 -17.26
C CYS K 607 88.38 -7.10 -15.92
N VAL K 608 87.50 -6.11 -15.82
CA VAL K 608 86.89 -5.79 -14.54
C VAL K 608 85.41 -6.11 -14.60
N CYS K 609 84.80 -6.13 -13.41
CA CYS K 609 83.35 -6.15 -13.28
C CYS K 609 82.99 -5.53 -11.95
N ASN K 610 82.14 -4.49 -12.00
CA ASN K 610 81.63 -3.77 -10.84
C ASN K 610 82.76 -3.18 -9.99
N GLY K 611 83.82 -2.74 -10.66
CA GLY K 611 84.99 -2.27 -9.96
C GLY K 611 85.84 -3.35 -9.35
N VAL K 612 85.65 -4.62 -9.74
CA VAL K 612 86.42 -5.73 -9.22
C VAL K 612 87.07 -6.45 -10.38
N ALA K 613 88.40 -6.54 -10.35
CA ALA K 613 89.13 -7.11 -11.45
C ALA K 613 89.26 -8.62 -11.30
N VAL K 614 89.61 -9.28 -12.39
CA VAL K 614 89.79 -10.72 -12.42
C VAL K 614 91.22 -10.99 -12.83
N ARG K 615 92.06 -11.33 -11.86
CA ARG K 615 93.46 -11.60 -12.13
C ARG K 615 93.68 -12.83 -12.99
N SER K 616 92.72 -13.74 -13.06
CA SER K 616 92.84 -14.86 -13.97
C SER K 616 92.65 -14.45 -15.41
N ASN K 617 91.79 -13.47 -15.66
CA ASN K 617 91.57 -13.00 -17.01
C ASN K 617 92.56 -11.94 -17.43
N GLN K 618 93.14 -11.19 -16.49
CA GLN K 618 94.05 -10.12 -16.85
C GLN K 618 95.42 -10.62 -17.29
N ASP K 619 95.66 -11.92 -17.24
CA ASP K 619 96.90 -12.42 -17.81
C ASP K 619 96.67 -13.27 -19.04
N LEU K 620 95.47 -13.84 -19.19
CA LEU K 620 95.19 -14.63 -20.38
C LEU K 620 95.17 -13.77 -21.63
N ILE K 621 94.73 -12.52 -21.50
CA ILE K 621 94.81 -11.59 -22.62
C ILE K 621 96.26 -11.24 -22.90
N THR K 622 97.01 -10.90 -21.85
CA THR K 622 98.29 -10.23 -22.01
C THR K 622 99.35 -11.12 -22.64
N GLU K 623 99.55 -12.33 -22.12
CA GLU K 623 100.55 -13.22 -22.69
C GLU K 623 100.08 -13.86 -23.99
N ASN K 624 98.87 -13.58 -24.45
CA ASN K 624 98.45 -13.98 -25.79
C ASN K 624 98.50 -12.85 -26.79
N LEU K 625 97.88 -11.70 -26.49
CA LEU K 625 97.75 -10.61 -27.44
C LEU K 625 99.06 -9.89 -27.68
N LEU K 626 99.60 -9.26 -26.64
CA LEU K 626 100.85 -8.49 -26.70
C LEU K 626 102.10 -9.14 -27.27
N PRO K 627 102.54 -10.34 -26.84
CA PRO K 627 103.96 -10.69 -27.03
C PRO K 627 104.33 -10.97 -28.46
N GLY K 628 103.39 -11.34 -29.30
CA GLY K 628 103.67 -11.46 -30.72
C GLY K 628 103.99 -10.12 -31.35
N ARG K 629 103.39 -9.06 -30.82
CA ARG K 629 103.56 -7.67 -31.28
C ARG K 629 103.21 -7.52 -32.75
N GLU K 630 102.29 -8.33 -33.25
CA GLU K 630 102.02 -8.42 -34.67
C GLU K 630 100.55 -8.33 -35.02
N LEU K 631 99.71 -7.80 -34.13
CA LEU K 631 98.31 -7.57 -34.41
C LEU K 631 97.87 -6.16 -34.09
N LEU K 632 98.56 -5.50 -33.18
CA LEU K 632 98.26 -4.14 -32.77
C LEU K 632 99.25 -3.17 -33.40
N LEU K 633 99.12 -1.91 -33.04
CA LEU K 633 100.05 -0.91 -33.53
C LEU K 633 101.15 -0.68 -32.52
N GLN K 634 102.35 -0.36 -32.99
CA GLN K 634 103.46 -0.10 -32.11
C GLN K 634 103.92 1.34 -32.28
N THR K 635 104.35 1.94 -31.17
CA THR K 635 104.81 3.32 -31.20
C THR K 635 106.28 3.37 -30.82
N ASN K 636 106.99 4.35 -31.36
CA ASN K 636 108.40 4.51 -31.06
C ASN K 636 108.85 5.92 -31.40
N LEU K 637 109.87 6.38 -30.69
CA LEU K 637 110.57 7.59 -31.08
C LEU K 637 111.71 7.23 -31.99
N ILE K 638 111.83 7.92 -33.13
CA ILE K 638 112.93 7.70 -34.06
C ILE K 638 113.50 9.04 -34.49
N ASN K 639 114.61 8.97 -35.20
CA ASN K 639 115.32 10.16 -35.62
C ASN K 639 114.92 10.54 -37.04
N TYR K 640 115.22 11.78 -37.39
CA TYR K 640 115.09 12.27 -38.76
C TYR K 640 116.34 11.94 -39.56
N VAL K 641 116.15 11.75 -40.87
CA VAL K 641 117.27 11.65 -41.80
C VAL K 641 116.99 12.58 -42.97
N THR K 642 118.07 13.04 -43.59
CA THR K 642 118.01 13.73 -44.86
C THR K 642 119.02 13.10 -45.80
N SER K 643 119.10 13.64 -47.01
CA SER K 643 120.06 13.17 -47.99
C SER K 643 120.56 14.36 -48.78
N ILE K 644 121.84 14.37 -49.11
CA ILE K 644 122.43 15.45 -49.87
C ILE K 644 123.28 14.86 -51.00
N ARG K 645 123.54 15.66 -52.00
CA ARG K 645 124.27 15.26 -53.19
C ARG K 645 124.93 16.46 -53.84
N PRO K 646 125.97 16.23 -54.62
CA PRO K 646 126.39 17.23 -55.61
C PRO K 646 125.57 17.09 -56.89
N ASN K 647 125.86 17.94 -57.86
CA ASN K 647 125.12 17.93 -59.12
C ASN K 647 125.84 17.08 -60.17
N ILE K 648 126.18 15.86 -59.79
CA ILE K 648 127.05 15.00 -60.58
C ILE K 648 126.24 13.77 -60.97
N PHE K 649 125.57 13.84 -62.11
CA PHE K 649 124.65 12.80 -62.53
C PHE K 649 125.26 12.00 -63.66
N VAL K 650 125.89 10.88 -63.33
CA VAL K 650 126.57 10.04 -64.30
C VAL K 650 125.65 8.89 -64.67
N GLY K 651 125.45 8.68 -65.97
CA GLY K 651 124.73 7.52 -66.45
C GLY K 651 125.23 7.12 -67.82
N ARG K 652 124.96 5.87 -68.17
CA ARG K 652 125.39 5.33 -69.45
C ARG K 652 124.19 4.92 -70.29
N ALA K 653 124.41 4.77 -71.58
CA ALA K 653 123.37 4.43 -72.53
C ALA K 653 124.04 3.85 -73.78
N GLU K 654 123.29 3.75 -74.87
CA GLU K 654 123.88 3.42 -76.16
C GLU K 654 124.80 4.54 -76.63
N GLY K 655 124.25 5.72 -76.89
CA GLY K 655 125.08 6.84 -77.25
C GLY K 655 125.62 7.51 -76.01
N SER K 656 126.81 7.12 -75.59
CA SER K 656 127.34 7.50 -74.29
C SER K 656 128.48 8.48 -74.48
N THR K 657 128.23 9.74 -74.11
CA THR K 657 129.29 10.73 -74.04
C THR K 657 129.95 10.79 -72.67
N GLN K 658 129.71 9.79 -71.82
CA GLN K 658 130.19 9.79 -70.45
C GLN K 658 131.17 8.64 -70.22
N TYR K 659 131.84 8.67 -69.07
CA TYR K 659 132.95 7.76 -68.84
C TYR K 659 132.48 6.37 -68.43
N GLY K 660 131.83 6.28 -67.27
CA GLY K 660 131.29 5.02 -66.78
C GLY K 660 132.11 4.35 -65.69
N LYS K 661 133.09 5.05 -65.13
CA LYS K 661 133.93 4.52 -64.05
C LYS K 661 134.57 5.67 -63.29
N TRP K 662 134.05 5.93 -62.10
CA TRP K 662 134.33 7.14 -61.35
C TRP K 662 134.78 6.81 -59.94
N TYR K 663 135.01 7.85 -59.15
CA TYR K 663 135.64 7.72 -57.85
C TYR K 663 135.46 9.03 -57.09
N PHE K 664 135.28 8.94 -55.78
CA PHE K 664 135.29 10.09 -54.90
C PHE K 664 135.53 9.62 -53.47
N GLU K 665 135.89 10.57 -52.61
CA GLU K 665 136.26 10.26 -51.23
C GLU K 665 135.41 11.10 -50.27
N VAL K 666 135.23 10.56 -49.07
CA VAL K 666 134.51 11.23 -48.00
C VAL K 666 135.31 11.06 -46.71
N MET K 667 135.62 12.18 -46.06
CA MET K 667 136.37 12.17 -44.81
C MET K 667 135.46 12.58 -43.67
N VAL K 668 135.31 11.71 -42.70
CA VAL K 668 134.48 11.95 -41.53
C VAL K 668 135.34 12.39 -40.37
N ASP K 669 134.93 13.46 -39.70
CA ASP K 669 135.76 14.05 -38.67
C ASP K 669 135.03 14.35 -37.37
N GLU K 670 133.70 14.31 -37.32
CA GLU K 670 132.99 14.67 -36.10
C GLU K 670 131.66 13.93 -36.08
N VAL K 671 131.58 12.86 -35.30
CA VAL K 671 130.34 12.10 -35.14
C VAL K 671 130.14 11.81 -33.67
N VAL K 672 129.05 12.30 -33.12
CA VAL K 672 128.56 11.80 -31.83
C VAL K 672 127.87 10.47 -32.08
N PRO K 673 128.21 9.41 -31.37
CA PRO K 673 127.55 8.12 -31.61
C PRO K 673 126.12 8.10 -31.11
N PHE K 674 125.85 8.77 -29.99
CA PHE K 674 124.52 8.76 -29.39
C PHE K 674 124.18 10.17 -28.90
N LEU K 675 123.55 10.95 -29.78
CA LEU K 675 122.90 12.17 -29.32
C LEU K 675 121.49 11.88 -28.85
N THR K 676 120.79 11.00 -29.56
CA THR K 676 119.40 10.69 -29.28
C THR K 676 119.31 9.33 -28.61
N ALA K 677 118.09 8.85 -28.43
CA ALA K 677 117.88 7.50 -27.95
C ALA K 677 118.24 6.47 -29.00
N GLN K 678 118.10 6.80 -30.27
CA GLN K 678 118.40 5.87 -31.34
C GLN K 678 119.84 6.12 -31.79
N ALA K 679 120.41 5.15 -32.51
CA ALA K 679 121.77 5.31 -33.00
C ALA K 679 121.85 6.36 -34.10
N THR K 680 122.97 7.07 -34.16
CA THR K 680 123.13 8.16 -35.11
C THR K 680 123.36 7.59 -36.50
N HIS K 681 122.41 7.85 -37.40
CA HIS K 681 122.39 7.23 -38.71
C HIS K 681 123.33 7.98 -39.64
N LEU K 682 124.23 7.25 -40.31
CA LEU K 682 125.17 7.84 -41.25
C LEU K 682 125.65 6.77 -42.22
N ARG K 683 125.20 6.86 -43.48
CA ARG K 683 125.62 5.93 -44.53
C ARG K 683 126.07 6.73 -45.75
N VAL K 684 126.86 6.07 -46.61
CA VAL K 684 127.45 6.69 -47.79
C VAL K 684 127.35 5.71 -48.96
N GLY K 685 126.88 6.19 -50.10
CA GLY K 685 126.86 5.35 -51.28
C GLY K 685 126.40 6.08 -52.52
N TRP K 686 125.78 5.32 -53.42
CA TRP K 686 125.31 5.80 -54.71
C TRP K 686 123.81 5.58 -54.83
N ALA K 687 123.18 6.37 -55.70
CA ALA K 687 121.73 6.33 -55.84
C ALA K 687 121.34 6.71 -57.26
N LEU K 688 120.20 6.19 -57.71
CA LEU K 688 119.56 6.59 -58.94
C LEU K 688 118.88 7.94 -58.77
N THR K 689 118.32 8.44 -59.87
CA THR K 689 117.66 9.74 -59.84
C THR K 689 116.15 9.58 -59.72
N GLU K 690 115.55 8.82 -60.63
CA GLU K 690 114.10 8.77 -60.72
C GLU K 690 113.45 7.95 -59.62
N GLY K 691 114.20 7.15 -58.89
CA GLY K 691 113.59 6.24 -57.94
C GLY K 691 113.79 6.59 -56.48
N TYR K 692 114.96 7.11 -56.13
CA TYR K 692 115.28 7.37 -54.73
C TYR K 692 114.66 8.68 -54.32
N SER K 693 113.67 8.63 -53.43
CA SER K 693 112.96 9.80 -52.95
C SER K 693 112.81 9.70 -51.43
N PRO K 694 113.78 10.18 -50.68
CA PRO K 694 113.69 10.14 -49.21
C PRO K 694 112.76 11.22 -48.70
N TYR K 695 111.83 10.82 -47.85
CA TYR K 695 110.98 11.85 -47.28
C TYR K 695 111.25 11.96 -45.79
N PRO K 696 111.13 13.17 -45.20
CA PRO K 696 111.66 13.39 -43.85
C PRO K 696 110.91 12.66 -42.74
N GLY K 697 109.75 12.07 -43.02
CA GLY K 697 109.11 11.23 -42.04
C GLY K 697 108.43 10.04 -42.67
N GLY K 698 108.24 8.98 -41.90
CA GLY K 698 107.56 7.80 -42.41
C GLY K 698 108.39 7.05 -43.43
N GLY K 699 107.69 6.24 -44.20
CA GLY K 699 108.30 5.56 -45.33
C GLY K 699 108.38 4.06 -45.07
N GLU K 700 109.22 3.41 -45.87
CA GLU K 700 109.38 1.98 -45.77
C GLU K 700 110.24 1.62 -44.57
N GLY K 701 109.89 0.53 -43.92
CA GLY K 701 110.61 0.11 -42.74
C GLY K 701 110.08 0.80 -41.49
N TRP K 702 110.90 0.76 -40.44
CA TRP K 702 110.47 1.37 -39.18
C TRP K 702 110.55 2.88 -39.25
N GLY K 703 111.39 3.42 -40.12
CA GLY K 703 111.46 4.85 -40.27
C GLY K 703 112.89 5.32 -40.31
N GLY K 704 113.04 6.57 -40.73
CA GLY K 704 114.36 7.16 -40.90
C GLY K 704 115.08 6.55 -42.07
N ASN K 705 114.31 6.11 -43.06
CA ASN K 705 114.87 5.46 -44.24
C ASN K 705 115.67 6.42 -45.08
N GLY K 706 116.86 5.98 -45.51
CA GLY K 706 117.76 6.78 -46.31
C GLY K 706 118.46 5.98 -47.39
N VAL K 707 119.80 6.08 -47.43
CA VAL K 707 120.57 5.40 -48.46
C VAL K 707 120.54 3.90 -48.21
N GLY K 708 120.23 3.14 -49.25
CA GLY K 708 120.18 1.70 -49.15
C GLY K 708 118.89 1.16 -48.59
N ASP K 709 117.91 2.01 -48.33
CA ASP K 709 116.69 1.61 -47.66
C ASP K 709 115.62 1.12 -48.62
N ASP K 710 115.95 1.00 -49.90
CA ASP K 710 115.09 0.36 -50.88
C ASP K 710 115.94 -0.07 -52.06
N LEU K 711 115.27 -0.32 -53.18
CA LEU K 711 115.94 -0.84 -54.36
C LEU K 711 116.52 0.24 -55.25
N TYR K 712 116.73 1.45 -54.74
CA TYR K 712 117.20 2.53 -55.58
C TYR K 712 118.54 3.11 -55.15
N SER K 713 119.12 2.62 -54.05
CA SER K 713 120.40 3.11 -53.60
C SER K 713 121.12 2.01 -52.84
N TYR K 714 122.43 2.18 -52.67
CA TYR K 714 123.31 1.15 -52.12
C TYR K 714 124.21 1.79 -51.09
N GLY K 715 124.06 1.40 -49.82
CA GLY K 715 124.69 2.09 -48.73
C GLY K 715 125.79 1.30 -48.04
N PHE K 716 126.69 2.06 -47.41
CA PHE K 716 127.75 1.48 -46.59
C PHE K 716 127.91 2.37 -45.37
N ASP K 717 128.05 1.76 -44.19
CA ASP K 717 128.13 2.50 -42.95
C ASP K 717 129.44 2.26 -42.21
N GLY K 718 130.33 1.47 -42.78
CA GLY K 718 131.50 1.07 -42.04
C GLY K 718 131.54 -0.43 -41.85
N LEU K 719 130.39 -1.04 -41.58
CA LEU K 719 130.40 -2.49 -41.42
C LEU K 719 129.15 -3.17 -41.96
N HIS K 720 128.34 -2.50 -42.76
CA HIS K 720 127.19 -3.13 -43.39
C HIS K 720 126.99 -2.61 -44.79
N LEU K 721 126.57 -3.50 -45.68
CA LEU K 721 126.18 -3.11 -47.03
C LEU K 721 124.67 -2.95 -47.03
N TRP K 722 124.22 -1.71 -47.10
CA TRP K 722 122.80 -1.40 -47.06
C TRP K 722 122.25 -1.33 -48.47
N THR K 723 121.31 -2.23 -48.78
CA THR K 723 120.59 -2.20 -50.04
C THR K 723 119.30 -2.99 -49.87
N GLY K 724 118.22 -2.51 -50.48
CA GLY K 724 116.94 -3.18 -50.41
C GLY K 724 116.33 -3.25 -49.03
N HIS K 725 116.70 -2.31 -48.15
CA HIS K 725 116.30 -2.26 -46.74
C HIS K 725 116.66 -3.54 -45.99
N VAL K 726 117.94 -3.88 -45.94
CA VAL K 726 118.46 -4.95 -45.09
C VAL K 726 119.94 -4.68 -44.89
N ALA K 727 120.43 -4.92 -43.68
CA ALA K 727 121.85 -4.86 -43.39
C ALA K 727 122.52 -6.11 -43.94
N ARG K 728 123.75 -5.96 -44.42
CA ARG K 728 124.54 -7.11 -44.86
C ARG K 728 125.89 -7.08 -44.17
N PRO K 729 126.18 -8.04 -43.30
CA PRO K 729 127.43 -8.01 -42.54
C PRO K 729 128.63 -8.28 -43.43
N VAL K 730 129.63 -7.41 -43.31
CA VAL K 730 130.80 -7.46 -44.17
C VAL K 730 131.99 -7.96 -43.35
N THR K 731 133.07 -8.26 -44.05
CA THR K 731 134.34 -8.65 -43.43
C THR K 731 135.37 -7.61 -43.84
N SER K 732 135.53 -6.60 -42.99
CA SER K 732 136.54 -5.59 -43.26
C SER K 732 137.65 -5.67 -42.22
N PRO K 733 138.89 -5.43 -42.62
CA PRO K 733 140.00 -5.41 -41.66
C PRO K 733 139.93 -4.18 -40.78
N GLY K 734 139.79 -4.41 -39.47
CA GLY K 734 139.61 -3.32 -38.53
C GLY K 734 138.26 -2.67 -38.67
N GLN K 735 137.23 -3.50 -38.86
CA GLN K 735 135.90 -3.00 -39.17
C GLN K 735 135.27 -2.31 -37.96
N HIS K 736 134.67 -1.16 -38.21
CA HIS K 736 133.94 -0.41 -37.20
C HIS K 736 133.02 0.55 -37.94
N LEU K 737 132.35 1.41 -37.18
CA LEU K 737 131.49 2.40 -37.81
C LEU K 737 132.31 3.52 -38.41
N LEU K 738 131.61 4.53 -38.94
CA LEU K 738 132.30 5.69 -39.48
C LEU K 738 132.75 6.55 -38.31
N ALA K 739 133.89 6.19 -37.74
CA ALA K 739 134.50 6.96 -36.69
C ALA K 739 135.09 8.25 -37.27
N PRO K 740 135.35 9.26 -36.43
CA PRO K 740 136.08 10.43 -36.92
C PRO K 740 137.50 10.08 -37.32
N GLU K 741 138.08 10.97 -38.13
CA GLU K 741 139.39 10.78 -38.79
C GLU K 741 139.41 9.50 -39.61
N ASP K 742 138.35 9.25 -40.35
CA ASP K 742 138.28 8.14 -41.29
C ASP K 742 137.96 8.68 -42.68
N VAL K 743 138.52 8.01 -43.68
CA VAL K 743 138.33 8.39 -45.08
C VAL K 743 137.78 7.18 -45.80
N VAL K 744 136.58 7.29 -46.35
CA VAL K 744 135.95 6.22 -47.11
C VAL K 744 136.04 6.60 -48.59
N SER K 745 135.98 5.59 -49.45
CA SER K 745 136.00 5.79 -50.88
C SER K 745 134.99 4.86 -51.53
N CYS K 746 134.51 5.25 -52.71
CA CYS K 746 133.49 4.50 -53.43
C CYS K 746 133.96 4.25 -54.85
N CYS K 747 134.32 3.01 -55.16
CA CYS K 747 134.66 2.63 -56.51
C CYS K 747 133.38 2.28 -57.27
N LEU K 748 133.21 2.91 -58.42
CA LEU K 748 131.99 2.75 -59.21
C LEU K 748 132.34 2.31 -60.61
N ASP K 749 131.57 1.36 -61.14
CA ASP K 749 131.73 0.93 -62.52
C ASP K 749 130.35 0.84 -63.17
N LEU K 750 130.26 1.35 -64.40
CA LEU K 750 129.03 1.27 -65.17
C LEU K 750 129.10 0.28 -66.31
N SER K 751 130.31 -0.10 -66.75
CA SER K 751 130.45 -1.12 -67.77
C SER K 751 129.96 -2.47 -67.25
N VAL K 752 130.65 -2.99 -66.23
CA VAL K 752 130.11 -4.06 -65.42
C VAL K 752 129.33 -3.35 -64.31
N PRO K 753 128.15 -3.85 -63.93
CA PRO K 753 127.46 -3.28 -62.76
C PRO K 753 128.22 -3.62 -61.50
N SER K 754 128.88 -2.62 -60.91
CA SER K 754 129.82 -2.87 -59.83
C SER K 754 129.99 -1.64 -58.97
N ILE K 755 129.87 -1.82 -57.66
CA ILE K 755 130.19 -0.78 -56.69
C ILE K 755 131.10 -1.42 -55.65
N SER K 756 132.26 -0.80 -55.42
CA SER K 756 133.18 -1.22 -54.38
C SER K 756 133.47 -0.08 -53.42
N PHE K 757 134.16 -0.42 -52.33
CA PHE K 757 134.48 0.54 -51.29
C PHE K 757 135.85 0.25 -50.70
N ARG K 758 136.56 1.31 -50.32
CA ARG K 758 137.72 1.22 -49.45
C ARG K 758 137.59 2.28 -48.38
N ILE K 759 137.98 1.94 -47.16
CA ILE K 759 137.99 2.87 -46.04
C ILE K 759 139.42 2.97 -45.52
N ASN K 760 139.93 4.20 -45.46
CA ASN K 760 141.29 4.51 -45.00
C ASN K 760 142.33 3.74 -45.78
N GLY K 761 142.14 3.66 -47.09
CA GLY K 761 143.01 2.89 -47.96
C GLY K 761 142.74 1.40 -47.98
N CYS K 762 141.91 0.90 -47.09
CA CYS K 762 141.72 -0.54 -46.96
C CYS K 762 140.43 -0.98 -47.63
N PRO K 763 140.49 -1.85 -48.63
CA PRO K 763 139.29 -2.21 -49.38
C PRO K 763 138.38 -3.15 -48.61
N VAL K 764 137.12 -3.20 -49.03
CA VAL K 764 136.12 -4.01 -48.37
C VAL K 764 135.91 -5.30 -49.16
N GLN K 765 135.44 -6.33 -48.46
CA GLN K 765 135.28 -7.65 -49.05
C GLN K 765 133.82 -7.90 -49.44
N GLY K 766 133.34 -7.11 -50.39
CA GLY K 766 132.00 -7.25 -50.88
C GLY K 766 131.58 -6.18 -51.87
N VAL K 767 130.87 -6.57 -52.93
CA VAL K 767 130.52 -5.66 -54.02
C VAL K 767 129.10 -5.97 -54.50
N PHE K 768 128.52 -5.00 -55.20
CA PHE K 768 127.16 -5.08 -55.72
C PHE K 768 127.22 -5.38 -57.21
N GLU K 769 126.20 -6.08 -57.72
CA GLU K 769 126.15 -6.48 -59.12
C GLU K 769 124.74 -6.38 -59.66
N ALA K 770 124.65 -6.38 -61.00
CA ALA K 770 123.47 -6.75 -61.77
C ALA K 770 122.27 -5.82 -61.54
N PHE K 771 122.53 -4.60 -61.07
CA PHE K 771 121.46 -3.65 -60.88
C PHE K 771 121.05 -3.04 -62.22
N ASN K 772 119.90 -2.39 -62.21
CA ASN K 772 119.39 -1.79 -63.44
C ASN K 772 120.21 -0.57 -63.83
N LEU K 773 120.02 -0.13 -65.07
CA LEU K 773 120.77 1.01 -65.60
C LEU K 773 119.88 2.01 -66.31
N ASP K 774 118.64 2.16 -65.86
CA ASP K 774 117.70 3.09 -66.48
C ASP K 774 117.68 4.37 -65.66
N GLY K 775 118.70 5.20 -65.84
CA GLY K 775 118.78 6.46 -65.15
C GLY K 775 120.22 6.80 -64.82
N LEU K 776 120.39 7.94 -64.17
CA LEU K 776 121.70 8.48 -63.85
C LEU K 776 122.06 8.10 -62.42
N PHE K 777 123.28 8.42 -62.01
CA PHE K 777 123.76 8.10 -60.68
C PHE K 777 124.49 9.30 -60.07
N PHE K 778 124.32 9.49 -58.77
CA PHE K 778 124.99 10.57 -58.08
C PHE K 778 125.36 10.12 -56.68
N PRO K 779 126.41 10.69 -56.09
CA PRO K 779 126.80 10.29 -54.73
C PRO K 779 125.80 10.80 -53.71
N VAL K 780 125.54 9.97 -52.70
CA VAL K 780 124.62 10.29 -51.63
C VAL K 780 125.24 9.96 -50.29
N VAL K 781 125.06 10.85 -49.34
CA VAL K 781 125.31 10.56 -47.93
C VAL K 781 124.05 10.92 -47.14
N SER K 782 123.52 9.94 -46.42
CA SER K 782 122.37 10.16 -45.57
C SER K 782 122.87 10.25 -44.14
N PHE K 783 122.43 11.26 -43.41
CA PHE K 783 122.92 11.48 -42.07
C PHE K 783 121.75 11.77 -41.14
N SER K 784 121.92 11.41 -39.88
CA SER K 784 121.05 11.88 -38.81
C SER K 784 121.62 13.19 -38.26
N ALA K 785 121.11 13.64 -37.13
CA ALA K 785 121.65 14.84 -36.52
C ALA K 785 122.99 14.55 -35.86
N GLY K 786 123.74 15.59 -35.54
CA GLY K 786 124.98 15.43 -34.81
C GLY K 786 126.12 14.89 -35.64
N VAL K 787 126.13 15.16 -36.94
CA VAL K 787 127.16 14.65 -37.84
C VAL K 787 127.73 15.81 -38.63
N LYS K 788 129.04 15.99 -38.56
CA LYS K 788 129.76 16.96 -39.38
C LYS K 788 130.72 16.22 -40.29
N VAL K 789 130.65 16.50 -41.60
CA VAL K 789 131.43 15.74 -42.55
C VAL K 789 131.75 16.64 -43.74
N ARG K 790 132.81 16.29 -44.46
CA ARG K 790 133.33 17.07 -45.58
C ARG K 790 133.37 16.24 -46.85
N PHE K 791 133.31 16.93 -47.98
CA PHE K 791 133.35 16.30 -49.29
C PHE K 791 134.75 16.40 -49.92
N LEU K 792 135.17 15.31 -50.56
CA LEU K 792 136.40 15.25 -51.34
C LEU K 792 135.99 14.80 -52.74
N LEU K 793 135.88 15.75 -53.65
CA LEU K 793 135.35 15.52 -54.99
C LEU K 793 136.43 15.39 -56.04
N GLY K 794 137.44 16.26 -55.98
CA GLY K 794 138.51 16.29 -56.94
C GLY K 794 139.45 17.42 -56.59
N GLY K 795 140.59 17.45 -57.27
CA GLY K 795 141.69 18.31 -56.85
C GLY K 795 141.41 19.80 -56.93
N ARG K 796 140.47 20.20 -57.80
CA ARG K 796 140.09 21.60 -57.85
C ARG K 796 139.25 22.00 -56.66
N HIS K 797 138.56 21.04 -56.04
CA HIS K 797 137.71 21.34 -54.89
C HIS K 797 138.16 20.64 -53.61
N GLY K 798 138.31 19.33 -53.65
CA GLY K 798 138.91 18.64 -52.52
C GLY K 798 140.38 18.41 -52.80
N GLU K 799 141.01 17.56 -51.99
CA GLU K 799 142.35 17.07 -52.26
C GLU K 799 142.35 15.60 -51.86
N PHE K 800 142.50 14.72 -52.87
CA PHE K 800 142.31 13.28 -52.68
C PHE K 800 143.34 12.72 -51.72
N LYS K 801 142.88 12.27 -50.56
CA LYS K 801 143.78 11.72 -49.56
C LYS K 801 144.30 10.34 -49.92
N PHE K 802 143.77 9.74 -50.98
CA PHE K 802 144.26 8.48 -51.49
C PHE K 802 144.26 8.52 -53.00
N LEU K 803 145.12 7.72 -53.59
CA LEU K 803 145.16 7.65 -55.03
C LEU K 803 144.01 6.80 -55.55
N PRO K 804 143.28 7.27 -56.56
CA PRO K 804 142.25 6.45 -57.17
C PRO K 804 142.88 5.27 -57.88
N PRO K 805 142.21 4.12 -57.89
CA PRO K 805 142.68 3.00 -58.69
C PRO K 805 142.60 3.33 -60.17
N PRO K 806 143.49 2.78 -61.00
CA PRO K 806 143.63 3.22 -62.39
C PRO K 806 142.39 2.91 -63.20
N GLY K 807 141.84 3.94 -63.84
CA GLY K 807 140.58 3.86 -64.54
C GLY K 807 139.48 4.65 -63.88
N TYR K 808 139.76 5.36 -62.80
CA TYR K 808 138.72 6.02 -62.03
C TYR K 808 138.99 7.51 -61.99
N ALA K 809 138.14 8.27 -62.68
CA ALA K 809 138.22 9.70 -62.87
C ALA K 809 137.83 10.43 -61.58
N PRO K 810 138.49 11.55 -61.29
CA PRO K 810 138.07 12.36 -60.14
C PRO K 810 136.72 13.00 -60.40
N CYS K 811 135.91 13.04 -59.35
CA CYS K 811 134.48 13.23 -59.51
C CYS K 811 134.10 14.66 -59.90
N HIS K 812 135.02 15.61 -59.83
CA HIS K 812 134.74 16.98 -60.24
C HIS K 812 134.83 17.17 -61.74
N GLU K 813 134.85 16.10 -62.53
CA GLU K 813 134.95 16.21 -63.98
C GLU K 813 133.61 16.11 -64.68
N ALA K 814 132.62 15.46 -64.08
CA ALA K 814 131.34 15.27 -64.73
C ALA K 814 130.37 16.42 -64.51
N VAL K 815 130.87 17.57 -64.05
CA VAL K 815 130.02 18.75 -63.91
C VAL K 815 129.63 19.25 -65.28
N LEU K 816 128.39 19.64 -65.40
CA LEU K 816 127.93 20.12 -66.69
C LEU K 816 128.42 21.54 -66.92
N PRO K 817 128.57 21.96 -68.19
CA PRO K 817 129.04 23.32 -68.47
C PRO K 817 128.05 24.40 -68.05
N ARG K 818 126.76 24.09 -67.98
CA ARG K 818 125.75 25.10 -67.69
C ARG K 818 125.65 25.41 -66.20
N GLU K 819 126.15 24.52 -65.34
CA GLU K 819 125.95 24.72 -63.91
C GLU K 819 127.24 24.43 -63.16
N ARG K 820 127.57 25.30 -62.22
CA ARG K 820 128.72 25.09 -61.35
C ARG K 820 128.41 24.00 -60.33
N LEU K 821 129.45 23.56 -59.65
CA LEU K 821 129.31 22.52 -58.63
C LEU K 821 128.60 23.11 -57.41
N ARG K 822 127.63 22.38 -56.87
CA ARG K 822 126.78 22.87 -55.81
C ARG K 822 126.30 21.69 -54.97
N LEU K 823 125.94 21.96 -53.73
CA LEU K 823 125.46 20.94 -52.78
C LEU K 823 123.97 21.18 -52.56
N GLU K 824 123.18 20.12 -52.59
CA GLU K 824 121.74 20.27 -52.53
C GLU K 824 121.09 19.07 -51.87
N PRO K 825 119.90 19.24 -51.31
CA PRO K 825 119.06 18.10 -50.94
C PRO K 825 118.37 17.54 -52.18
N ILE K 826 117.47 16.57 -51.95
CA ILE K 826 116.85 15.81 -53.03
C ILE K 826 115.33 15.89 -52.87
N LYS K 827 114.65 16.30 -53.94
CA LYS K 827 113.20 16.15 -54.12
C LYS K 827 112.40 16.92 -53.08
N GLU K 828 112.99 18.01 -52.59
CA GLU K 828 112.47 18.68 -51.42
C GLU K 828 111.19 19.46 -51.73
N TYR K 829 110.55 19.95 -50.68
CA TYR K 829 109.45 20.87 -50.88
C TYR K 829 109.57 22.13 -50.06
N ARG K 830 110.20 22.10 -48.91
CA ARG K 830 110.35 23.29 -48.09
C ARG K 830 111.70 23.91 -48.38
N ARG K 831 111.74 25.22 -48.46
CA ARG K 831 112.99 25.95 -48.63
C ARG K 831 112.87 27.26 -47.87
N GLU K 832 113.66 27.39 -46.81
CA GLU K 832 113.51 28.51 -45.90
C GLU K 832 113.94 29.81 -46.55
N GLY K 833 113.01 30.74 -46.69
CA GLY K 833 113.25 31.95 -47.44
C GLY K 833 113.43 33.16 -46.56
N PRO K 834 113.36 34.33 -47.18
CA PRO K 834 113.45 35.59 -46.44
C PRO K 834 112.09 35.80 -45.80
N ARG K 835 111.11 36.22 -46.58
CA ARG K 835 109.77 36.46 -46.08
C ARG K 835 109.02 35.14 -45.94
N GLY K 836 109.30 34.42 -44.86
CA GLY K 836 108.67 33.15 -44.60
C GLY K 836 109.40 32.02 -45.29
N PRO K 837 108.88 30.80 -45.20
CA PRO K 837 109.54 29.70 -45.86
C PRO K 837 108.92 29.56 -47.22
N HIS K 838 109.66 28.99 -48.16
CA HIS K 838 109.09 28.83 -49.49
C HIS K 838 108.72 27.37 -49.76
N LEU K 839 107.72 27.20 -50.60
CA LEU K 839 107.31 25.88 -51.07
C LEU K 839 107.70 25.76 -52.52
N VAL K 840 108.30 24.63 -52.90
CA VAL K 840 108.71 24.41 -54.26
C VAL K 840 107.90 23.25 -54.83
N GLY K 841 107.86 23.19 -56.16
CA GLY K 841 107.22 22.10 -56.83
C GLY K 841 108.21 20.99 -57.07
N PRO K 842 107.85 20.01 -57.89
CA PRO K 842 108.78 18.91 -58.17
C PRO K 842 109.91 19.36 -59.07
N SER K 843 111.11 18.85 -58.77
CA SER K 843 112.27 19.20 -59.56
C SER K 843 112.20 18.53 -60.92
N ARG K 844 112.67 19.25 -61.95
CA ARG K 844 112.70 18.68 -63.29
C ARG K 844 114.05 17.99 -63.47
N CYS K 845 114.00 16.67 -63.53
CA CYS K 845 115.23 15.90 -63.62
C CYS K 845 115.66 15.74 -65.06
N LEU K 846 116.98 15.75 -65.26
CA LEU K 846 117.52 15.38 -66.55
C LEU K 846 117.28 13.91 -66.79
N SER K 847 116.90 13.57 -68.02
CA SER K 847 116.53 12.19 -68.30
C SER K 847 117.78 11.32 -68.46
N HIS K 848 117.52 10.04 -68.71
CA HIS K 848 118.61 9.10 -68.97
C HIS K 848 119.29 9.41 -70.29
N THR K 849 118.52 9.57 -71.36
CA THR K 849 119.05 9.78 -72.69
C THR K 849 119.14 11.25 -73.08
N ASP K 850 119.38 12.12 -72.11
CA ASP K 850 119.62 13.52 -72.41
C ASP K 850 121.08 13.79 -72.75
N PHE K 851 121.88 12.75 -72.92
CA PHE K 851 123.30 12.90 -73.18
C PHE K 851 123.70 12.34 -74.53
N VAL K 852 122.83 11.55 -75.16
CA VAL K 852 123.10 11.03 -76.50
C VAL K 852 122.80 12.13 -77.51
N PRO K 853 123.69 12.39 -78.46
CA PRO K 853 123.42 13.39 -79.50
C PRO K 853 122.41 12.89 -80.53
N CYS K 854 122.17 13.72 -81.54
CA CYS K 854 121.20 13.38 -82.56
C CYS K 854 121.67 13.85 -83.93
N PRO K 855 121.33 13.11 -85.00
CA PRO K 855 121.64 13.54 -86.37
C PRO K 855 120.48 14.32 -87.00
N ILE K 861 121.00 12.24 -98.25
CA ILE K 861 119.88 12.21 -99.20
C ILE K 861 120.31 12.81 -100.53
N VAL K 862 119.35 12.94 -101.45
CA VAL K 862 119.64 13.47 -102.78
C VAL K 862 119.86 14.98 -102.72
N LEU K 863 120.40 15.53 -103.80
CA LEU K 863 120.72 16.95 -103.86
C LEU K 863 120.36 17.49 -105.24
N PRO K 864 119.56 18.56 -105.32
CA PRO K 864 119.10 19.07 -106.64
C PRO K 864 120.23 19.76 -107.38
N PRO K 865 120.18 19.77 -108.72
CA PRO K 865 121.30 20.35 -109.48
C PRO K 865 121.42 21.86 -109.40
N HIS K 866 120.32 22.57 -109.11
CA HIS K 866 120.41 24.02 -108.96
C HIS K 866 121.16 24.42 -107.71
N LEU K 867 121.22 23.55 -106.72
CA LEU K 867 122.06 23.73 -105.55
C LEU K 867 123.42 23.07 -105.70
N GLU K 868 123.62 22.27 -106.75
CA GLU K 868 124.91 21.62 -106.96
C GLU K 868 125.99 22.61 -107.37
N ARG K 869 125.66 23.56 -108.25
CA ARG K 869 126.62 24.56 -108.69
C ARG K 869 126.89 25.61 -107.60
N ILE K 870 125.88 25.96 -106.81
CA ILE K 870 126.05 26.98 -105.77
C ILE K 870 126.78 26.45 -104.55
N ARG K 871 127.01 25.13 -104.47
CA ARG K 871 127.69 24.55 -103.33
C ARG K 871 129.15 24.97 -103.26
N GLU K 872 129.84 25.01 -104.40
CA GLU K 872 131.20 25.55 -104.41
C GLU K 872 131.21 27.06 -104.35
N LYS K 873 130.10 27.71 -104.75
CA LYS K 873 130.01 29.15 -104.68
C LYS K 873 129.98 29.64 -103.23
N LEU K 874 129.21 28.97 -102.38
CA LEU K 874 129.24 29.28 -100.96
C LEU K 874 130.52 28.77 -100.31
N ALA K 875 131.14 27.73 -100.88
CA ALA K 875 132.40 27.23 -100.36
C ALA K 875 133.53 28.22 -100.59
N GLU K 876 133.57 28.82 -101.78
CA GLU K 876 134.51 29.91 -102.03
C GLU K 876 134.14 31.15 -101.23
N ASN K 877 132.85 31.32 -100.91
CA ASN K 877 132.43 32.41 -100.06
C ASN K 877 132.84 32.17 -98.61
N ILE K 878 132.83 30.90 -98.17
CA ILE K 878 133.14 30.60 -96.78
C ILE K 878 134.63 30.74 -96.50
N HIS K 879 135.48 30.29 -97.42
CA HIS K 879 136.91 30.44 -97.23
C HIS K 879 137.35 31.89 -97.35
N GLU K 880 136.71 32.65 -98.24
CA GLU K 880 137.00 34.09 -98.33
C GLU K 880 136.50 34.83 -97.10
N LEU K 881 135.38 34.39 -96.52
CA LEU K 881 134.96 34.96 -95.24
C LEU K 881 135.86 34.50 -94.10
N TRP K 882 136.44 33.30 -94.20
CA TRP K 882 137.35 32.84 -93.16
C TRP K 882 138.67 33.59 -93.22
N ALA K 883 139.21 33.81 -94.42
CA ALA K 883 140.46 34.54 -94.55
C ALA K 883 140.30 36.01 -94.16
N LEU K 884 139.11 36.59 -94.37
CA LEU K 884 138.82 37.91 -93.83
C LEU K 884 138.74 37.87 -92.31
N THR K 885 138.24 36.77 -91.75
CA THR K 885 138.28 36.57 -90.31
C THR K 885 139.69 36.26 -89.83
N ARG K 886 140.49 35.59 -90.67
CA ARG K 886 141.87 35.29 -90.32
C ARG K 886 142.71 36.57 -90.35
N ILE K 887 142.56 37.39 -91.39
CA ILE K 887 143.35 38.60 -91.52
C ILE K 887 142.94 39.66 -90.51
N GLU K 888 141.71 39.60 -89.99
CA GLU K 888 141.25 40.60 -89.03
C GLU K 888 141.95 40.46 -87.68
N GLN K 889 142.34 39.26 -87.30
CA GLN K 889 143.07 39.05 -86.05
C GLN K 889 144.58 39.13 -86.23
N GLY K 890 145.10 38.75 -87.40
CA GLY K 890 146.53 38.83 -87.61
C GLY K 890 147.14 37.66 -88.35
N TRP K 891 146.32 36.72 -88.81
CA TRP K 891 146.83 35.67 -89.67
C TRP K 891 147.18 36.22 -91.04
N THR K 892 148.36 35.85 -91.52
CA THR K 892 148.80 36.21 -92.86
C THR K 892 148.86 34.93 -93.70
N TYR K 893 149.17 35.11 -94.98
CA TYR K 893 149.38 33.96 -95.84
C TYR K 893 150.77 33.40 -95.64
N GLY K 894 150.85 32.21 -95.07
CA GLY K 894 152.11 31.55 -94.85
C GLY K 894 152.10 30.15 -95.45
N PRO K 895 153.28 29.65 -95.80
CA PRO K 895 153.35 28.29 -96.37
C PRO K 895 153.07 27.22 -95.34
N VAL K 896 153.39 27.52 -94.08
CA VAL K 896 153.08 26.62 -92.98
C VAL K 896 151.85 27.13 -92.25
N ARG K 897 151.28 26.26 -91.41
CA ARG K 897 150.12 26.60 -90.61
C ARG K 897 150.56 26.72 -89.15
N ASP K 898 150.88 27.95 -88.73
CA ASP K 898 151.30 28.20 -87.37
C ASP K 898 150.39 29.24 -86.76
N ASP K 899 149.58 28.82 -85.78
CA ASP K 899 148.65 29.74 -85.12
C ASP K 899 149.38 30.66 -84.15
N ASN K 900 150.44 30.15 -83.51
CA ASN K 900 151.23 30.98 -82.60
C ASN K 900 152.00 32.06 -83.35
N LYS K 901 152.48 31.75 -84.56
CA LYS K 901 153.06 32.75 -85.44
C LYS K 901 152.02 33.47 -86.27
N ARG K 902 150.73 33.12 -86.10
CA ARG K 902 149.60 33.66 -86.85
C ARG K 902 149.79 33.48 -88.36
N LEU K 903 149.84 32.22 -88.77
CA LEU K 903 150.03 31.85 -90.18
C LEU K 903 148.79 31.11 -90.66
N HIS K 904 148.30 31.49 -91.84
CA HIS K 904 147.14 30.86 -92.44
C HIS K 904 147.47 30.44 -93.87
N PRO K 905 147.53 29.13 -94.17
CA PRO K 905 147.81 28.71 -95.55
C PRO K 905 146.58 28.77 -96.46
N CYS K 906 145.44 29.16 -95.91
CA CYS K 906 144.22 29.41 -96.68
C CYS K 906 143.82 30.88 -96.62
N LEU K 907 144.79 31.78 -96.61
CA LEU K 907 144.53 33.21 -96.46
C LEU K 907 144.49 33.97 -97.76
N VAL K 908 144.85 33.35 -98.89
CA VAL K 908 144.86 34.06 -100.16
C VAL K 908 143.51 33.95 -100.85
N ASN K 909 143.10 32.73 -101.18
CA ASN K 909 141.83 32.49 -101.86
C ASN K 909 141.40 31.06 -101.57
N PHE K 910 140.19 30.72 -102.02
CA PHE K 910 139.70 29.35 -101.86
C PHE K 910 140.41 28.40 -102.81
N HIS K 911 140.77 28.88 -104.00
CA HIS K 911 141.59 28.06 -104.90
C HIS K 911 143.02 27.93 -104.37
N SER K 912 143.49 28.91 -103.61
CA SER K 912 144.78 28.81 -102.95
C SER K 912 144.77 27.92 -101.72
N LEU K 913 143.59 27.51 -101.25
CA LEU K 913 143.52 26.53 -100.20
C LEU K 913 143.93 25.16 -100.74
N PRO K 914 144.58 24.33 -99.92
CA PRO K 914 145.03 23.01 -100.40
C PRO K 914 143.85 22.08 -100.66
N GLU K 915 144.14 21.05 -101.45
CA GLU K 915 143.14 20.08 -101.91
C GLU K 915 142.44 19.30 -100.79
N PRO K 916 143.08 18.92 -99.67
CA PRO K 916 142.27 18.47 -98.52
C PRO K 916 141.38 19.55 -97.94
N GLU K 917 141.84 20.80 -97.89
CA GLU K 917 140.96 21.87 -97.44
C GLU K 917 139.98 22.29 -98.53
N ARG K 918 140.32 22.06 -99.79
CA ARG K 918 139.38 22.34 -100.88
C ARG K 918 138.29 21.30 -100.95
N ASN K 919 138.63 20.04 -100.66
CA ASN K 919 137.61 19.01 -100.54
C ASN K 919 136.79 19.17 -99.27
N TYR K 920 137.39 19.71 -98.20
CA TYR K 920 136.65 19.94 -96.96
C TYR K 920 135.62 21.05 -97.11
N ASN K 921 135.94 22.06 -97.93
CA ASN K 921 135.02 23.17 -98.13
C ASN K 921 133.81 22.75 -98.95
N LEU K 922 133.95 21.71 -99.77
CA LEU K 922 132.82 21.21 -100.54
C LEU K 922 131.99 20.20 -99.76
N GLN K 923 132.63 19.32 -98.99
CA GLN K 923 131.87 18.32 -98.24
C GLN K 923 131.18 18.92 -97.03
N MET K 924 131.66 20.06 -96.55
CA MET K 924 130.90 20.81 -95.55
C MET K 924 129.77 21.60 -96.20
N SER K 925 129.88 21.88 -97.51
CA SER K 925 128.80 22.55 -98.21
C SER K 925 127.65 21.59 -98.50
N GLY K 926 127.96 20.36 -98.94
CA GLY K 926 126.92 19.40 -99.23
C GLY K 926 126.23 18.84 -98.00
N GLU K 927 126.87 18.89 -96.85
CA GLU K 927 126.26 18.39 -95.63
C GLU K 927 125.19 19.35 -95.12
N THR K 928 125.49 20.65 -95.08
CA THR K 928 124.54 21.62 -94.55
C THR K 928 123.37 21.90 -95.50
N LEU K 929 123.47 21.45 -96.74
CA LEU K 929 122.37 21.61 -97.69
C LEU K 929 121.43 20.41 -97.73
N LYS K 930 121.97 19.20 -97.61
CA LYS K 930 121.13 18.01 -97.59
C LYS K 930 120.31 17.94 -96.32
N THR K 931 120.80 18.53 -95.23
CA THR K 931 120.01 18.65 -94.02
C THR K 931 119.11 19.87 -94.02
N LEU K 932 119.31 20.80 -94.95
CA LEU K 932 118.45 21.98 -95.00
C LEU K 932 117.09 21.62 -95.59
N LEU K 933 117.08 20.72 -96.57
CA LEU K 933 115.85 20.15 -97.08
C LEU K 933 115.27 19.09 -96.15
N ALA K 934 116.10 18.50 -95.30
CA ALA K 934 115.66 17.39 -94.48
C ALA K 934 114.75 17.84 -93.33
N LEU K 935 114.91 19.09 -92.87
CA LEU K 935 114.07 19.55 -91.77
C LEU K 935 112.71 20.01 -92.26
N GLY K 936 112.56 20.27 -93.56
CA GLY K 936 111.29 20.70 -94.09
C GLY K 936 111.32 22.09 -94.70
N CYS K 937 112.51 22.69 -94.77
CA CYS K 937 112.66 23.99 -95.39
C CYS K 937 112.74 23.84 -96.90
N HIS K 938 111.72 24.36 -97.60
CA HIS K 938 111.70 24.31 -99.05
C HIS K 938 112.58 25.43 -99.60
N VAL K 939 113.36 25.11 -100.63
CA VAL K 939 114.27 26.06 -101.24
C VAL K 939 113.94 26.17 -102.72
N GLY K 940 114.12 27.38 -103.27
CA GLY K 940 113.90 27.61 -104.68
C GLY K 940 114.92 28.60 -105.22
N MET K 941 115.07 28.57 -106.55
CA MET K 941 116.05 29.39 -107.25
C MET K 941 115.32 30.53 -107.94
N ALA K 942 115.72 31.76 -107.63
CA ALA K 942 115.13 32.94 -108.24
C ALA K 942 116.10 34.11 -108.11
N ASP K 943 115.97 35.06 -109.06
CA ASP K 943 116.66 36.35 -109.07
C ASP K 943 118.19 36.19 -109.07
N GLU K 944 118.68 35.45 -110.07
CA GLU K 944 120.11 35.29 -110.23
C GLU K 944 120.77 36.56 -110.77
N LYS K 945 119.99 37.45 -111.39
CA LYS K 945 120.53 38.70 -111.89
C LYS K 945 120.84 39.67 -110.76
N ALA K 946 119.91 39.84 -109.81
CA ALA K 946 120.17 40.69 -108.67
C ALA K 946 121.19 40.08 -107.72
N GLU K 947 121.32 38.75 -107.73
CA GLU K 947 122.39 38.09 -106.99
C GLU K 947 123.75 38.38 -107.60
N ASP K 948 123.85 38.33 -108.93
CA ASP K 948 125.10 38.65 -109.60
C ASP K 948 125.37 40.16 -109.58
N ASN K 949 124.31 40.97 -109.53
CA ASN K 949 124.48 42.42 -109.43
C ASN K 949 125.01 42.85 -108.08
N LEU K 950 124.79 42.05 -107.04
CA LEU K 950 125.40 42.32 -105.74
C LEU K 950 126.90 42.05 -105.81
N LYS K 951 127.69 43.07 -105.52
CA LYS K 951 129.14 42.97 -105.58
C LYS K 951 129.68 42.37 -104.29
N LYS K 952 131.00 42.43 -104.14
CA LYS K 952 131.62 41.93 -102.93
C LYS K 952 131.64 42.98 -101.84
N THR K 953 131.95 42.55 -100.63
CA THR K 953 132.15 43.48 -99.53
C THR K 953 133.44 44.26 -99.74
N LYS K 954 133.40 45.55 -99.38
CA LYS K 954 134.52 46.45 -99.60
C LYS K 954 135.66 46.13 -98.64
N LEU K 955 136.86 45.96 -99.20
CA LEU K 955 138.04 45.62 -98.41
C LEU K 955 138.99 46.81 -98.41
N PRO K 956 139.18 47.48 -97.29
CA PRO K 956 140.09 48.64 -97.26
C PRO K 956 141.54 48.22 -97.16
N LYS K 957 142.44 49.21 -96.99
CA LYS K 957 143.86 48.91 -96.85
C LYS K 957 144.15 48.21 -95.53
N THR K 958 143.31 48.42 -94.51
CA THR K 958 143.41 47.65 -93.27
C THR K 958 142.84 46.25 -93.40
N TYR K 959 142.00 46.00 -94.40
CA TYR K 959 141.44 44.67 -94.60
C TYR K 959 142.42 43.73 -95.29
N MET K 960 143.31 44.26 -96.11
CA MET K 960 144.32 43.44 -96.76
C MET K 960 145.41 43.06 -95.76
N MET K 961 145.77 41.78 -95.75
CA MET K 961 146.74 41.25 -94.81
C MET K 961 148.15 41.56 -95.28
N SER K 962 149.14 40.92 -94.66
CA SER K 962 150.55 41.11 -95.00
C SER K 962 150.89 40.58 -96.39
N ASN K 963 150.12 39.62 -96.91
CA ASN K 963 150.35 39.14 -98.26
C ASN K 963 149.84 40.12 -99.31
N GLY K 964 148.95 41.02 -98.91
CA GLY K 964 148.40 42.01 -99.82
C GLY K 964 147.17 41.55 -100.59
N TYR K 965 146.79 40.28 -100.48
CA TYR K 965 145.63 39.74 -101.18
C TYR K 965 144.47 39.63 -100.20
N LYS K 966 143.56 40.60 -100.27
CA LYS K 966 142.36 40.56 -99.47
C LYS K 966 141.28 39.79 -100.20
N PRO K 967 140.68 38.79 -99.56
CA PRO K 967 139.58 38.05 -100.19
C PRO K 967 138.34 38.92 -100.31
N ALA K 968 137.48 38.57 -101.27
CA ALA K 968 136.28 39.34 -101.60
C ALA K 968 135.07 38.43 -101.51
N PRO K 969 134.53 38.21 -100.31
CA PRO K 969 133.31 37.39 -100.18
C PRO K 969 132.08 38.17 -100.62
N LEU K 970 131.00 37.41 -100.83
CA LEU K 970 129.76 37.99 -101.33
C LEU K 970 129.10 38.86 -100.26
N ASP K 971 128.53 39.98 -100.69
CA ASP K 971 127.93 40.93 -99.77
C ASP K 971 126.55 40.46 -99.34
N LEU K 972 126.34 40.38 -98.02
CA LEU K 972 125.05 40.00 -97.45
C LEU K 972 124.44 41.12 -96.62
N SER K 973 124.86 42.37 -96.87
CA SER K 973 124.26 43.50 -96.18
C SER K 973 122.86 43.82 -96.68
N HIS K 974 122.49 43.35 -97.87
CA HIS K 974 121.15 43.55 -98.40
C HIS K 974 120.14 42.56 -97.83
N VAL K 975 120.58 41.38 -97.41
CA VAL K 975 119.68 40.32 -96.94
C VAL K 975 119.57 40.42 -95.42
N ARG K 976 118.34 40.49 -94.94
CA ARG K 976 118.05 40.47 -93.51
C ARG K 976 117.36 39.16 -93.16
N LEU K 977 117.90 38.46 -92.15
CA LEU K 977 117.39 37.16 -91.77
C LEU K 977 116.08 37.30 -91.00
N THR K 978 115.14 36.41 -91.30
CA THR K 978 113.83 36.41 -90.68
C THR K 978 113.89 35.72 -89.31
N PRO K 979 112.90 35.97 -88.44
CA PRO K 979 112.79 35.15 -87.22
C PRO K 979 112.50 33.69 -87.51
N ALA K 980 111.83 33.39 -88.62
CA ALA K 980 111.75 32.00 -89.07
C ALA K 980 113.12 31.47 -89.46
N GLN K 981 113.93 32.30 -90.13
CA GLN K 981 115.31 31.92 -90.39
C GLN K 981 116.16 31.94 -89.12
N THR K 982 115.87 32.84 -88.18
CA THR K 982 116.57 32.84 -86.91
C THR K 982 116.20 31.60 -86.08
N THR K 983 115.03 31.03 -86.31
CA THR K 983 114.71 29.73 -85.74
C THR K 983 115.46 28.62 -86.46
N LEU K 984 115.55 28.70 -87.79
CA LEU K 984 116.16 27.63 -88.57
C LEU K 984 117.68 27.64 -88.46
N VAL K 985 118.28 28.79 -88.13
CA VAL K 985 119.73 28.86 -88.01
C VAL K 985 120.19 28.16 -86.73
N ASP K 986 119.32 28.05 -85.73
CA ASP K 986 119.69 27.33 -84.53
C ASP K 986 119.52 25.82 -84.71
N ARG K 987 118.50 25.39 -85.44
CA ARG K 987 118.25 23.97 -85.64
C ARG K 987 119.31 23.31 -86.51
N LEU K 988 119.94 24.08 -87.40
CA LEU K 988 121.03 23.53 -88.19
C LEU K 988 122.31 23.40 -87.37
N ALA K 989 122.66 24.44 -86.61
CA ALA K 989 123.86 24.40 -85.78
C ALA K 989 123.73 23.42 -84.63
N GLU K 990 122.48 23.15 -84.19
CA GLU K 990 122.25 22.08 -83.23
C GLU K 990 122.55 20.73 -83.84
N ASN K 991 122.05 20.49 -85.05
CA ASN K 991 122.31 19.24 -85.75
C ASN K 991 123.78 19.09 -86.12
N GLY K 992 124.40 20.14 -86.64
CA GLY K 992 125.79 20.03 -87.09
C GLY K 992 126.77 19.78 -85.97
N HIS K 993 126.57 20.42 -84.83
CA HIS K 993 127.41 20.15 -83.66
C HIS K 993 127.17 18.77 -83.10
N ASN K 994 125.91 18.31 -83.08
CA ASN K 994 125.62 17.01 -82.48
C ASN K 994 125.99 15.88 -83.42
N VAL K 995 125.89 16.10 -84.74
CA VAL K 995 126.37 15.07 -85.65
C VAL K 995 127.89 15.04 -85.69
N TRP K 996 128.56 16.15 -85.33
CA TRP K 996 130.01 16.15 -85.20
C TRP K 996 130.47 15.36 -83.99
N ALA K 997 129.85 15.62 -82.83
CA ALA K 997 130.16 14.85 -81.64
C ALA K 997 129.72 13.40 -81.76
N ARG K 998 128.72 13.13 -82.61
CA ARG K 998 128.36 11.75 -82.96
C ARG K 998 129.52 11.05 -83.63
N ASP K 999 130.22 11.74 -84.52
CA ASP K 999 131.46 11.20 -85.06
C ASP K 999 132.55 11.14 -83.99
N ARG K 1000 132.56 12.11 -83.08
CA ARG K 1000 133.55 12.08 -82.01
C ARG K 1000 133.23 11.00 -80.98
N VAL K 1001 131.94 10.72 -80.76
CA VAL K 1001 131.58 9.61 -79.87
C VAL K 1001 131.92 8.29 -80.52
N ALA K 1002 131.78 8.19 -81.84
CA ALA K 1002 132.26 7.03 -82.57
C ALA K 1002 133.79 7.00 -82.60
N GLN K 1003 134.43 8.15 -82.42
CA GLN K 1003 135.88 8.21 -82.34
C GLN K 1003 136.40 7.75 -80.98
N GLY K 1004 135.51 7.43 -80.04
CA GLY K 1004 135.92 6.88 -78.78
C GLY K 1004 136.23 7.96 -77.77
N TRP K 1005 135.35 8.96 -77.69
CA TRP K 1005 135.57 10.10 -76.83
C TRP K 1005 134.41 10.26 -75.85
N SER K 1006 134.73 10.83 -74.69
CA SER K 1006 133.73 11.06 -73.64
C SER K 1006 133.98 12.42 -73.03
N TYR K 1007 132.99 12.92 -72.30
CA TYR K 1007 133.05 14.28 -71.76
C TYR K 1007 133.85 14.30 -70.47
N SER K 1008 134.57 15.40 -70.27
CA SER K 1008 134.99 15.82 -68.95
C SER K 1008 134.99 17.33 -68.94
N ALA K 1009 135.06 17.92 -67.74
CA ALA K 1009 135.18 19.36 -67.65
C ALA K 1009 136.57 19.82 -68.07
N VAL K 1010 137.59 19.07 -67.69
CA VAL K 1010 138.94 19.34 -68.16
C VAL K 1010 139.08 18.80 -69.57
N GLN K 1011 140.10 19.29 -70.29
CA GLN K 1011 140.34 18.90 -71.67
C GLN K 1011 141.53 17.96 -71.71
N ASP K 1012 141.25 16.67 -71.85
CA ASP K 1012 142.29 15.64 -71.92
C ASP K 1012 142.20 14.98 -73.29
N ILE K 1013 143.01 15.46 -74.22
CA ILE K 1013 142.97 14.97 -75.60
C ILE K 1013 143.47 13.52 -75.74
N PRO K 1014 144.62 13.12 -75.16
CA PRO K 1014 144.98 11.69 -75.24
C PRO K 1014 144.08 10.81 -74.38
N ALA K 1015 143.49 11.34 -73.33
CA ALA K 1015 142.53 10.59 -72.53
C ALA K 1015 141.10 10.76 -73.02
N ARG K 1016 140.95 11.27 -74.26
CA ARG K 1016 139.67 11.32 -74.99
C ARG K 1016 138.62 12.17 -74.26
N ARG K 1017 139.02 13.38 -73.86
CA ARG K 1017 138.11 14.33 -73.22
C ARG K 1017 138.09 15.62 -74.00
N ASN K 1018 136.89 16.05 -74.40
CA ASN K 1018 136.71 17.33 -75.05
C ASN K 1018 135.56 18.01 -74.32
N PRO K 1019 135.74 19.24 -73.85
CA PRO K 1019 134.73 19.89 -73.00
C PRO K 1019 133.47 20.34 -73.72
N ARG K 1020 133.28 20.00 -75.00
CA ARG K 1020 132.04 20.30 -75.69
C ARG K 1020 131.33 19.02 -76.15
N LEU K 1021 131.67 17.90 -75.53
CA LEU K 1021 131.11 16.59 -75.91
C LEU K 1021 129.76 16.34 -75.26
N VAL K 1022 128.83 17.26 -75.45
CA VAL K 1022 127.46 17.12 -74.97
C VAL K 1022 126.55 17.45 -76.14
N PRO K 1023 125.27 17.07 -76.06
CA PRO K 1023 124.29 17.64 -77.00
C PRO K 1023 124.16 19.15 -76.83
N TYR K 1024 123.56 19.75 -77.87
CA TYR K 1024 123.71 21.18 -78.12
C TYR K 1024 123.03 22.05 -77.08
N ARG K 1025 121.91 21.59 -76.53
CA ARG K 1025 121.25 22.35 -75.48
C ARG K 1025 121.99 22.26 -74.15
N LEU K 1026 122.84 21.27 -73.97
CA LEU K 1026 123.69 21.16 -72.78
C LEU K 1026 124.95 21.98 -72.92
N LEU K 1027 125.31 22.35 -74.14
CA LEU K 1027 126.42 23.25 -74.39
C LEU K 1027 126.12 24.63 -73.83
N ASP K 1028 127.14 25.28 -73.29
CA ASP K 1028 126.97 26.64 -72.80
C ASP K 1028 126.80 27.61 -73.97
N GLU K 1029 126.32 28.81 -73.65
CA GLU K 1029 125.90 29.77 -74.66
C GLU K 1029 127.05 30.30 -75.53
N ALA K 1030 128.28 30.29 -75.01
CA ALA K 1030 129.41 30.86 -75.74
C ALA K 1030 129.74 30.04 -76.98
N THR K 1031 129.92 28.74 -76.81
CA THR K 1031 130.14 27.87 -77.96
C THR K 1031 128.85 27.71 -78.75
N LYS K 1032 127.69 27.83 -78.09
CA LYS K 1032 126.41 27.82 -78.78
C LYS K 1032 126.28 29.02 -79.71
N ARG K 1033 126.74 30.19 -79.27
CA ARG K 1033 126.76 31.35 -80.15
C ARG K 1033 127.84 31.21 -81.23
N SER K 1034 128.94 30.53 -80.90
CA SER K 1034 130.09 30.45 -81.79
C SER K 1034 129.78 29.67 -83.06
N ASN K 1035 129.12 28.52 -82.93
CA ASN K 1035 128.65 27.84 -84.12
C ASN K 1035 127.47 28.54 -84.76
N ARG K 1036 126.72 29.33 -83.99
CA ARG K 1036 125.59 30.06 -84.55
C ARG K 1036 126.03 31.21 -85.45
N ASP K 1037 127.00 32.02 -85.01
CA ASP K 1037 127.52 33.06 -85.88
C ASP K 1037 128.32 32.48 -87.05
N SER K 1038 128.88 31.29 -86.88
CA SER K 1038 129.49 30.56 -87.98
C SER K 1038 128.48 30.24 -89.08
N LEU K 1039 127.29 29.80 -88.71
CA LEU K 1039 126.32 29.36 -89.70
C LEU K 1039 125.42 30.48 -90.19
N CYS K 1040 125.39 31.63 -89.49
CA CYS K 1040 124.69 32.80 -89.98
C CYS K 1040 125.37 33.42 -91.20
N GLN K 1041 126.64 33.11 -91.45
CA GLN K 1041 127.32 33.64 -92.62
C GLN K 1041 126.80 33.02 -93.90
N ALA K 1042 126.54 31.70 -93.88
CA ALA K 1042 126.13 31.01 -95.09
C ALA K 1042 124.66 31.24 -95.43
N VAL K 1043 123.88 31.82 -94.54
CA VAL K 1043 122.45 31.95 -94.78
C VAL K 1043 122.16 33.14 -95.69
N ARG K 1044 122.55 34.34 -95.27
CA ARG K 1044 122.16 35.55 -96.00
C ARG K 1044 122.97 35.74 -97.29
N THR K 1045 124.13 35.10 -97.41
CA THR K 1045 124.82 35.08 -98.69
C THR K 1045 124.12 34.15 -99.66
N LEU K 1046 123.55 33.04 -99.17
CA LEU K 1046 122.72 32.21 -100.02
C LEU K 1046 121.37 32.87 -100.26
N LEU K 1047 120.90 33.69 -99.31
CA LEU K 1047 119.81 34.60 -99.59
C LEU K 1047 120.27 35.74 -100.51
N GLY K 1048 121.55 36.11 -100.42
CA GLY K 1048 122.13 37.02 -101.40
C GLY K 1048 122.48 36.37 -102.71
N TYR K 1049 122.49 35.03 -102.75
CA TYR K 1049 122.54 34.29 -104.00
C TYR K 1049 121.16 34.09 -104.61
N GLY K 1050 120.12 34.66 -104.00
CA GLY K 1050 118.78 34.66 -104.55
C GLY K 1050 117.88 33.55 -104.05
N TYR K 1051 118.41 32.60 -103.29
CA TYR K 1051 117.63 31.42 -102.91
C TYR K 1051 116.81 31.72 -101.66
N ASN K 1052 115.53 31.40 -101.71
CA ASN K 1052 114.58 31.65 -100.64
C ASN K 1052 114.40 30.39 -99.79
N ILE K 1053 113.95 30.58 -98.55
CA ILE K 1053 113.81 29.51 -97.57
C ILE K 1053 112.39 29.50 -97.04
N GLU K 1054 111.69 28.39 -97.24
CA GLU K 1054 110.38 28.27 -96.62
C GLU K 1054 110.52 27.73 -95.19
N PRO K 1055 109.51 27.94 -94.33
CA PRO K 1055 109.64 27.44 -92.96
C PRO K 1055 108.72 26.26 -92.67
N ASP K 1070 107.32 15.02 -64.03
CA ASP K 1070 106.50 14.22 -63.13
C ASP K 1070 105.06 14.70 -63.14
N ARG K 1071 104.50 14.88 -61.96
CA ARG K 1071 103.14 15.37 -61.79
C ARG K 1071 103.19 16.71 -61.07
N VAL K 1072 102.03 17.19 -60.65
CA VAL K 1072 101.89 18.49 -60.00
C VAL K 1072 101.58 18.25 -58.51
N ARG K 1073 102.27 18.99 -57.65
CA ARG K 1073 102.06 18.86 -56.22
C ARG K 1073 100.92 19.74 -55.77
N ILE K 1074 100.13 19.22 -54.84
CA ILE K 1074 98.95 19.93 -54.33
C ILE K 1074 99.19 20.18 -52.85
N PHE K 1075 98.95 21.42 -52.42
CA PHE K 1075 99.26 21.85 -51.06
C PHE K 1075 97.95 22.34 -50.45
N ARG K 1076 97.71 21.98 -49.18
CA ARG K 1076 96.55 22.49 -48.46
C ARG K 1076 96.81 22.48 -46.97
N ALA K 1077 95.82 22.97 -46.23
CA ALA K 1077 95.86 22.93 -44.78
C ALA K 1077 95.09 21.72 -44.27
N GLU K 1078 95.28 21.40 -42.99
CA GLU K 1078 94.71 20.20 -42.39
C GLU K 1078 93.20 20.31 -42.31
N LYS K 1079 92.55 19.16 -42.32
CA LYS K 1079 91.10 19.10 -42.44
C LYS K 1079 90.36 19.56 -41.19
N SER K 1080 91.07 19.78 -40.10
CA SER K 1080 90.46 20.43 -38.95
C SER K 1080 90.12 21.88 -39.20
N TYR K 1081 90.90 22.57 -40.05
CA TYR K 1081 90.86 24.02 -40.15
C TYR K 1081 89.80 24.51 -41.12
N THR K 1082 88.79 23.71 -41.41
CA THR K 1082 87.75 24.11 -42.35
C THR K 1082 86.92 25.26 -41.81
N VAL K 1083 86.32 26.03 -42.71
CA VAL K 1083 85.48 27.15 -42.34
C VAL K 1083 84.06 26.88 -42.80
N GLN K 1084 83.11 27.43 -42.06
CA GLN K 1084 81.71 27.29 -42.39
C GLN K 1084 80.97 28.61 -42.47
N SER K 1085 81.58 29.71 -42.08
CA SER K 1085 80.89 30.99 -42.01
C SER K 1085 81.91 32.11 -42.05
N GLY K 1086 81.42 33.32 -41.92
CA GLY K 1086 82.28 34.49 -41.88
C GLY K 1086 82.88 34.81 -43.23
N ARG K 1087 83.84 35.73 -43.19
CA ARG K 1087 84.58 36.14 -44.37
C ARG K 1087 86.06 36.05 -44.06
N TRP K 1088 86.82 35.48 -44.98
CA TRP K 1088 88.20 35.13 -44.69
C TRP K 1088 89.10 35.58 -45.82
N TYR K 1089 90.41 35.47 -45.59
CA TYR K 1089 91.40 36.05 -46.49
C TYR K 1089 92.76 35.46 -46.19
N PHE K 1090 93.60 35.37 -47.22
CA PHE K 1090 95.03 35.12 -47.03
C PHE K 1090 95.77 35.77 -48.19
N GLU K 1091 97.05 35.46 -48.29
CA GLU K 1091 97.91 36.01 -49.33
C GLU K 1091 98.83 34.92 -49.86
N PHE K 1092 99.42 35.20 -51.02
CA PHE K 1092 100.29 34.21 -51.68
C PHE K 1092 101.24 34.93 -52.62
N GLU K 1093 102.52 34.95 -52.26
CA GLU K 1093 103.53 35.48 -53.17
C GLU K 1093 103.93 34.40 -54.16
N ALA K 1094 104.15 34.80 -55.40
CA ALA K 1094 104.56 33.91 -56.47
C ALA K 1094 105.92 34.41 -56.96
N VAL K 1095 106.97 33.62 -56.73
CA VAL K 1095 108.30 34.12 -57.01
C VAL K 1095 108.64 33.98 -58.49
N THR K 1096 108.64 32.77 -59.01
CA THR K 1096 108.90 32.54 -60.43
C THR K 1096 107.63 32.05 -61.08
N THR K 1097 107.10 32.84 -62.01
CA THR K 1097 105.80 32.53 -62.59
C THR K 1097 105.87 31.33 -63.52
N GLY K 1098 104.70 30.95 -64.01
CA GLY K 1098 104.56 29.71 -64.76
C GLY K 1098 103.27 29.03 -64.36
N GLU K 1099 103.32 27.70 -64.32
CA GLU K 1099 102.14 26.90 -63.98
C GLU K 1099 102.05 26.82 -62.47
N MET K 1100 101.16 27.62 -61.89
CA MET K 1100 100.75 27.52 -60.50
C MET K 1100 99.25 27.74 -60.42
N ARG K 1101 98.66 27.40 -59.29
CA ARG K 1101 97.22 27.46 -59.10
C ARG K 1101 96.94 27.69 -57.62
N VAL K 1102 96.14 28.70 -57.30
CA VAL K 1102 95.72 28.93 -55.93
C VAL K 1102 94.24 29.23 -55.89
N GLY K 1103 93.61 28.87 -54.78
CA GLY K 1103 92.19 29.11 -54.62
C GLY K 1103 91.64 28.50 -53.35
N TRP K 1104 90.44 27.94 -53.44
CA TRP K 1104 89.75 27.36 -52.31
C TRP K 1104 89.19 26.00 -52.73
N ALA K 1105 89.17 25.05 -51.79
CA ALA K 1105 88.74 23.70 -52.12
C ALA K 1105 87.85 23.14 -51.04
N ARG K 1106 86.99 22.21 -51.45
CA ARG K 1106 86.21 21.36 -50.59
C ARG K 1106 87.13 20.45 -49.78
N PRO K 1107 86.72 20.01 -48.58
CA PRO K 1107 87.64 19.23 -47.74
C PRO K 1107 87.90 17.84 -48.27
N GLU K 1108 86.94 17.19 -48.90
CA GLU K 1108 87.14 15.83 -49.40
C GLU K 1108 87.82 15.83 -50.75
N LEU K 1109 88.99 16.45 -50.86
CA LEU K 1109 89.66 16.66 -52.12
C LEU K 1109 90.54 15.46 -52.45
N ARG K 1110 90.31 14.87 -53.61
CA ARG K 1110 91.08 13.79 -54.20
C ARG K 1110 92.42 14.31 -54.70
N PRO K 1111 93.53 13.64 -54.41
CA PRO K 1111 94.84 14.13 -54.88
C PRO K 1111 95.21 13.65 -56.26
N ASP K 1112 94.35 12.89 -56.92
CA ASP K 1112 94.70 12.37 -58.25
C ASP K 1112 94.42 13.40 -59.33
N VAL K 1113 93.36 14.19 -59.15
CA VAL K 1113 92.84 15.02 -60.21
C VAL K 1113 93.65 16.31 -60.33
N GLU K 1114 93.61 16.91 -61.51
CA GLU K 1114 94.09 18.27 -61.68
C GLU K 1114 93.25 19.22 -60.84
N LEU K 1115 93.91 20.18 -60.20
CA LEU K 1115 93.24 21.06 -59.24
C LEU K 1115 92.23 21.94 -59.94
N GLY K 1116 90.96 21.66 -59.71
CA GLY K 1116 89.88 22.43 -60.29
C GLY K 1116 89.12 21.74 -61.39
N ALA K 1117 89.60 20.60 -61.88
CA ALA K 1117 88.91 19.89 -62.94
C ALA K 1117 87.62 19.26 -62.48
N ASP K 1118 87.53 18.84 -61.22
CA ASP K 1118 86.31 18.27 -60.67
C ASP K 1118 85.57 19.36 -59.90
N GLU K 1119 84.47 18.97 -59.26
CA GLU K 1119 83.60 19.90 -58.57
C GLU K 1119 84.02 20.15 -57.12
N LEU K 1120 85.28 19.96 -56.80
CA LEU K 1120 85.74 20.07 -55.43
C LEU K 1120 86.64 21.26 -55.18
N ALA K 1121 86.94 22.05 -56.21
CA ALA K 1121 87.87 23.15 -56.05
C ALA K 1121 87.35 24.38 -56.77
N TYR K 1122 87.78 25.54 -56.28
CA TYR K 1122 87.60 26.81 -56.97
C TYR K 1122 88.97 27.48 -56.92
N VAL K 1123 89.57 27.69 -58.10
CA VAL K 1123 90.99 28.00 -58.15
C VAL K 1123 91.31 28.80 -59.40
N PHE K 1124 92.01 29.91 -59.18
CA PHE K 1124 92.47 30.81 -60.24
C PHE K 1124 93.81 30.29 -60.75
N ASN K 1125 94.06 30.48 -62.06
CA ASN K 1125 95.33 30.15 -62.67
C ASN K 1125 96.07 31.40 -63.12
N GLY K 1126 97.31 31.52 -62.67
CA GLY K 1126 98.14 32.70 -62.92
C GLY K 1126 99.05 32.59 -64.12
N HIS K 1127 98.97 31.49 -64.88
CA HIS K 1127 99.84 31.40 -66.05
C HIS K 1127 99.27 32.19 -67.21
N ARG K 1128 98.01 31.96 -67.54
CA ARG K 1128 97.36 32.67 -68.63
C ARG K 1128 96.17 33.50 -68.17
N GLY K 1129 95.94 33.60 -66.86
CA GLY K 1129 94.88 34.43 -66.35
C GLY K 1129 93.50 33.85 -66.56
N GLN K 1130 93.19 32.73 -65.92
CA GLN K 1130 91.88 32.12 -66.07
C GLN K 1130 91.50 31.40 -64.79
N ARG K 1131 90.20 31.27 -64.55
CA ARG K 1131 89.72 30.54 -63.41
C ARG K 1131 89.44 29.09 -63.78
N TRP K 1132 89.65 28.20 -62.81
CA TRP K 1132 89.45 26.77 -63.01
C TRP K 1132 88.35 26.30 -62.05
N HIS K 1133 87.22 25.86 -62.62
CA HIS K 1133 86.25 25.05 -61.89
C HIS K 1133 85.40 24.36 -62.93
N LEU K 1134 85.50 23.03 -62.99
CA LEU K 1134 84.81 22.19 -64.00
C LEU K 1134 85.12 22.63 -65.42
N GLY K 1135 86.33 23.10 -65.64
CA GLY K 1135 86.71 23.70 -66.89
C GLY K 1135 87.36 25.04 -66.64
N SER K 1136 87.37 25.89 -67.66
CA SER K 1136 88.10 27.13 -67.59
C SER K 1136 87.30 28.27 -68.21
N GLU K 1137 87.65 29.49 -67.82
CA GLU K 1137 87.08 30.71 -68.34
C GLU K 1137 88.11 31.78 -68.06
N PRO K 1138 88.41 32.65 -69.03
CA PRO K 1138 89.52 33.60 -68.86
C PRO K 1138 89.18 34.68 -67.85
N PHE K 1139 90.18 35.04 -67.05
CA PHE K 1139 89.93 35.86 -65.86
C PHE K 1139 91.19 36.63 -65.51
N GLY K 1140 91.21 37.91 -65.87
CA GLY K 1140 92.24 38.79 -65.37
C GLY K 1140 93.59 38.59 -66.05
N ARG K 1141 94.57 39.34 -65.57
CA ARG K 1141 95.89 39.43 -66.16
C ARG K 1141 96.78 38.28 -65.68
N PRO K 1142 97.66 37.78 -66.53
CA PRO K 1142 98.68 36.84 -66.05
C PRO K 1142 99.74 37.52 -65.22
N TRP K 1143 100.74 36.73 -64.83
CA TRP K 1143 101.62 37.08 -63.73
C TRP K 1143 102.86 37.85 -64.15
N GLN K 1144 103.57 38.31 -63.12
CA GLN K 1144 104.94 38.79 -63.21
C GLN K 1144 105.72 37.97 -62.21
N SER K 1145 106.97 38.32 -61.94
CA SER K 1145 107.79 37.60 -60.98
C SER K 1145 107.94 38.43 -59.73
N GLY K 1146 107.10 38.18 -58.73
CA GLY K 1146 107.23 38.86 -57.47
C GLY K 1146 106.00 39.63 -57.06
N ASP K 1147 104.85 39.22 -57.57
CA ASP K 1147 103.58 39.88 -57.29
C ASP K 1147 102.75 39.03 -56.35
N VAL K 1148 101.94 39.71 -55.54
CA VAL K 1148 101.13 39.09 -54.51
C VAL K 1148 99.74 38.81 -55.05
N VAL K 1149 99.31 37.56 -54.95
CA VAL K 1149 97.98 37.15 -55.37
C VAL K 1149 97.20 36.78 -54.13
N GLY K 1150 96.35 37.70 -53.66
CA GLY K 1150 95.48 37.42 -52.54
C GLY K 1150 94.32 36.56 -52.98
N CYS K 1151 93.65 35.96 -52.00
CA CYS K 1151 92.39 35.26 -52.21
C CYS K 1151 91.50 35.58 -51.01
N MET K 1152 90.21 35.70 -51.24
CA MET K 1152 89.28 35.95 -50.14
C MET K 1152 87.95 35.29 -50.44
N ILE K 1153 87.25 34.92 -49.39
CA ILE K 1153 85.96 34.27 -49.50
C ILE K 1153 85.02 34.93 -48.50
N ASP K 1154 83.74 34.96 -48.83
CA ASP K 1154 82.72 35.47 -47.92
C ASP K 1154 81.55 34.50 -47.95
N LEU K 1155 81.50 33.63 -46.95
CA LEU K 1155 80.47 32.60 -46.86
C LEU K 1155 79.08 33.16 -46.62
N THR K 1156 78.97 34.40 -46.15
CA THR K 1156 77.65 34.96 -45.88
C THR K 1156 76.91 35.31 -47.16
N GLU K 1157 77.61 35.34 -48.29
CA GLU K 1157 77.01 35.71 -49.56
C GLU K 1157 77.41 34.79 -50.70
N ASN K 1158 78.14 33.71 -50.41
CA ASN K 1158 78.54 32.67 -51.36
C ASN K 1158 79.36 33.25 -52.51
N THR K 1159 80.39 34.00 -52.15
CA THR K 1159 81.20 34.71 -53.12
C THR K 1159 82.66 34.31 -52.99
N ILE K 1160 83.38 34.40 -54.09
CA ILE K 1160 84.83 34.20 -54.12
C ILE K 1160 85.43 35.35 -54.90
N ILE K 1161 86.41 36.03 -54.31
CA ILE K 1161 87.02 37.23 -54.88
C ILE K 1161 88.52 37.01 -54.94
N PHE K 1162 89.11 37.32 -56.09
CA PHE K 1162 90.56 37.27 -56.22
C PHE K 1162 91.10 38.68 -56.42
N THR K 1163 92.08 39.05 -55.61
CA THR K 1163 92.73 40.36 -55.70
C THR K 1163 94.16 40.15 -56.15
N LEU K 1164 94.63 40.99 -57.08
CA LEU K 1164 96.00 40.95 -57.54
C LEU K 1164 96.68 42.27 -57.19
N ASN K 1165 97.76 42.18 -56.41
CA ASN K 1165 98.62 43.30 -56.02
C ASN K 1165 97.84 44.39 -55.28
N GLY K 1166 96.82 43.98 -54.55
CA GLY K 1166 95.91 44.91 -53.92
C GLY K 1166 94.78 45.40 -54.81
N GLU K 1167 94.87 45.17 -56.11
CA GLU K 1167 93.81 45.55 -57.03
C GLU K 1167 92.90 44.35 -57.28
N VAL K 1168 91.60 44.60 -57.36
CA VAL K 1168 90.64 43.53 -57.48
C VAL K 1168 90.50 43.12 -58.95
N LEU K 1169 90.68 41.84 -59.22
CA LEU K 1169 90.52 41.33 -60.59
C LEU K 1169 89.05 41.29 -60.96
N MET K 1170 88.77 41.51 -62.24
CA MET K 1170 87.42 41.47 -62.75
C MET K 1170 87.31 40.46 -63.89
N SER K 1171 86.07 40.11 -64.20
CA SER K 1171 85.79 39.14 -65.25
C SER K 1171 85.86 39.82 -66.61
N ASP K 1172 85.44 39.09 -67.65
CA ASP K 1172 85.24 39.73 -68.94
C ASP K 1172 84.02 40.64 -68.91
N SER K 1173 83.04 40.33 -68.06
CA SER K 1173 81.85 41.15 -67.92
C SER K 1173 82.04 42.30 -66.96
N GLY K 1174 83.24 42.51 -66.44
CA GLY K 1174 83.52 43.56 -65.48
C GLY K 1174 83.24 43.19 -64.04
N SER K 1175 82.58 42.06 -63.79
CA SER K 1175 82.23 41.67 -62.44
C SER K 1175 83.47 41.20 -61.70
N GLU K 1176 83.59 41.62 -60.43
CA GLU K 1176 84.72 41.22 -59.62
C GLU K 1176 84.53 39.84 -59.01
N THR K 1177 83.31 39.48 -58.65
CA THR K 1177 83.02 38.20 -58.02
C THR K 1177 83.26 37.07 -59.01
N ALA K 1178 84.31 36.31 -58.76
CA ALA K 1178 84.72 35.25 -59.67
C ALA K 1178 83.72 34.11 -59.71
N PHE K 1179 83.14 33.75 -58.57
CA PHE K 1179 82.12 32.72 -58.50
C PHE K 1179 81.04 33.14 -57.51
N ARG K 1180 79.79 32.98 -57.93
CA ARG K 1180 78.65 33.26 -57.07
C ARG K 1180 77.84 32.00 -56.88
N GLU K 1181 76.94 32.04 -55.89
CA GLU K 1181 75.92 31.01 -55.64
C GLU K 1181 76.55 29.65 -55.36
N ILE K 1182 77.69 29.64 -54.69
CA ILE K 1182 78.33 28.39 -54.30
C ILE K 1182 77.65 27.86 -53.04
N GLU K 1183 77.36 26.57 -53.04
CA GLU K 1183 76.80 25.95 -51.85
C GLU K 1183 77.88 25.86 -50.77
N ILE K 1184 77.46 26.10 -49.54
CA ILE K 1184 78.39 26.10 -48.41
C ILE K 1184 78.83 24.68 -48.15
N GLY K 1185 77.87 23.81 -47.82
CA GLY K 1185 78.16 22.40 -47.62
C GLY K 1185 79.02 22.11 -46.42
N ASP K 1186 79.95 21.19 -46.56
CA ASP K 1186 80.84 20.82 -45.48
C ASP K 1186 81.91 21.87 -45.21
N GLY K 1187 82.20 22.74 -46.15
CA GLY K 1187 83.08 23.86 -45.89
C GLY K 1187 84.15 24.01 -46.95
N PHE K 1188 85.11 24.88 -46.64
CA PHE K 1188 86.23 25.17 -47.52
C PHE K 1188 87.49 25.33 -46.70
N LEU K 1189 88.63 25.30 -47.37
CA LEU K 1189 89.94 25.43 -46.75
C LEU K 1189 90.93 25.77 -47.84
N PRO K 1190 91.95 26.58 -47.56
CA PRO K 1190 92.77 27.13 -48.63
C PRO K 1190 93.67 26.08 -49.25
N VAL K 1191 93.99 26.26 -50.52
CA VAL K 1191 94.69 25.25 -51.30
C VAL K 1191 95.62 25.95 -52.28
N CYS K 1192 96.80 25.37 -52.49
CA CYS K 1192 97.72 25.88 -53.49
C CYS K 1192 98.08 24.74 -54.42
N SER K 1193 98.87 25.04 -55.45
CA SER K 1193 99.34 24.04 -56.40
C SER K 1193 100.57 24.55 -57.13
N LEU K 1194 101.62 23.76 -57.12
CA LEU K 1194 102.88 24.15 -57.73
C LEU K 1194 103.25 23.19 -58.83
N GLY K 1195 103.50 23.74 -60.02
CA GLY K 1195 104.02 22.98 -61.12
C GLY K 1195 105.51 22.74 -60.98
N PRO K 1196 106.12 22.15 -61.99
CA PRO K 1196 107.55 21.82 -61.89
C PRO K 1196 108.39 23.10 -61.98
N GLY K 1197 109.39 23.19 -61.12
CA GLY K 1197 110.27 24.34 -61.09
C GLY K 1197 109.75 25.54 -60.34
N GLN K 1198 108.44 25.71 -60.22
CA GLN K 1198 107.83 26.89 -59.65
C GLN K 1198 108.08 26.99 -58.15
N VAL K 1199 108.39 28.20 -57.71
CA VAL K 1199 108.70 28.47 -56.31
C VAL K 1199 107.79 29.59 -55.84
N GLY K 1200 107.13 29.39 -54.71
CA GLY K 1200 106.31 30.44 -54.14
C GLY K 1200 105.86 30.13 -52.74
N HIS K 1201 105.97 31.09 -51.83
CA HIS K 1201 105.58 30.82 -50.45
C HIS K 1201 104.16 31.29 -50.20
N LEU K 1202 103.57 30.74 -49.17
CA LEU K 1202 102.14 30.86 -48.89
C LEU K 1202 101.99 31.50 -47.52
N ASN K 1203 101.82 32.82 -47.50
CA ASN K 1203 101.57 33.52 -46.25
C ASN K 1203 100.12 33.30 -45.86
N LEU K 1204 99.88 32.36 -44.95
CA LEU K 1204 98.54 32.06 -44.50
C LEU K 1204 98.01 33.10 -43.53
N GLY K 1205 98.85 34.00 -43.06
CA GLY K 1205 98.38 35.12 -42.26
C GLY K 1205 98.40 34.88 -40.77
N GLN K 1206 99.56 34.49 -40.23
CA GLN K 1206 99.67 34.45 -38.78
C GLN K 1206 99.88 35.85 -38.23
N ASP K 1207 100.95 36.52 -38.65
CA ASP K 1207 101.21 37.90 -38.26
C ASP K 1207 100.55 38.83 -39.26
N VAL K 1208 99.73 39.74 -38.74
CA VAL K 1208 98.97 40.63 -39.61
C VAL K 1208 99.90 41.63 -40.29
N SER K 1209 100.92 42.10 -39.58
CA SER K 1209 101.88 43.00 -40.17
C SER K 1209 102.78 42.30 -41.19
N SER K 1210 102.91 40.99 -41.10
CA SER K 1210 103.66 40.25 -42.11
C SER K 1210 102.96 40.23 -43.46
N LEU K 1211 101.65 40.45 -43.49
CA LEU K 1211 100.95 40.60 -44.76
C LEU K 1211 101.30 41.94 -45.38
N ARG K 1212 101.05 42.07 -46.68
CA ARG K 1212 101.46 43.29 -47.37
C ARG K 1212 100.28 44.08 -47.88
N PHE K 1213 99.41 43.45 -48.65
CA PHE K 1213 98.36 44.17 -49.37
C PHE K 1213 96.99 43.97 -48.74
N PHE K 1214 96.98 43.43 -47.52
CA PHE K 1214 95.71 43.22 -46.81
C PHE K 1214 95.12 44.55 -46.37
N ALA K 1215 95.98 45.49 -45.97
CA ALA K 1215 95.52 46.82 -45.60
C ALA K 1215 94.98 47.60 -46.79
N ILE K 1216 95.48 47.32 -47.99
CA ILE K 1216 94.97 48.00 -49.18
C ILE K 1216 93.55 47.54 -49.48
N CYS K 1217 93.34 46.24 -49.51
CA CYS K 1217 92.01 45.70 -49.76
C CYS K 1217 91.82 44.46 -48.90
N GLY K 1218 90.63 44.33 -48.32
CA GLY K 1218 90.32 43.24 -47.42
C GLY K 1218 90.20 43.65 -45.96
N LEU K 1219 90.98 44.63 -45.53
CA LEU K 1219 90.97 45.07 -44.14
C LEU K 1219 89.67 45.78 -43.77
N GLN K 1220 89.36 46.88 -44.43
CA GLN K 1220 88.17 47.63 -44.08
C GLN K 1220 86.92 47.07 -44.73
N GLU K 1221 87.06 46.12 -45.62
CA GLU K 1221 85.91 45.39 -46.13
C GLU K 1221 85.25 44.56 -45.05
N GLY K 1222 86.05 43.91 -44.20
CA GLY K 1222 85.55 43.07 -43.13
C GLY K 1222 86.21 41.72 -43.05
N PHE K 1223 87.09 41.39 -43.99
CA PHE K 1223 87.70 40.07 -44.03
C PHE K 1223 88.76 39.92 -42.96
N GLU K 1224 88.64 38.87 -42.17
CA GLU K 1224 89.70 38.55 -41.26
C GLU K 1224 90.70 37.62 -41.94
N PRO K 1225 91.98 37.64 -41.55
CA PRO K 1225 92.91 36.66 -42.08
C PRO K 1225 92.65 35.28 -41.48
N PHE K 1226 93.42 34.30 -41.94
CA PHE K 1226 93.14 32.92 -41.56
C PHE K 1226 93.67 32.60 -40.17
N ALA K 1227 94.96 32.76 -39.97
CA ALA K 1227 95.58 32.47 -38.68
C ALA K 1227 95.65 33.73 -37.82
N ILE K 1228 94.47 34.28 -37.52
CA ILE K 1228 94.44 35.55 -36.82
C ILE K 1228 94.73 35.37 -35.34
N ASN K 1229 94.17 34.35 -34.69
CA ASN K 1229 94.46 34.06 -33.30
C ASN K 1229 94.83 32.58 -33.20
N MET K 1230 96.08 32.27 -33.49
CA MET K 1230 96.60 30.92 -33.41
C MET K 1230 98.06 31.01 -33.01
N GLN K 1231 98.38 30.55 -31.81
CA GLN K 1231 99.76 30.65 -31.34
C GLN K 1231 100.68 29.61 -31.97
N ARG K 1232 100.12 28.66 -32.71
CA ARG K 1232 100.91 27.69 -33.44
C ARG K 1232 100.58 27.79 -34.93
N PRO K 1233 101.54 27.52 -35.81
CA PRO K 1233 101.26 27.60 -37.24
C PRO K 1233 100.37 26.46 -37.70
N VAL K 1234 99.64 26.72 -38.77
CA VAL K 1234 98.71 25.74 -39.31
C VAL K 1234 99.49 24.63 -40.02
N THR K 1235 99.23 23.39 -39.65
CA THR K 1235 99.91 22.27 -40.26
C THR K 1235 99.45 22.08 -41.70
N THR K 1236 100.37 21.74 -42.57
CA THR K 1236 100.10 21.66 -44.00
C THR K 1236 100.20 20.23 -44.49
N TRP K 1237 99.33 19.86 -45.41
CA TRP K 1237 99.28 18.52 -45.96
C TRP K 1237 99.61 18.58 -47.44
N PHE K 1238 100.67 17.89 -47.85
CA PHE K 1238 101.01 17.85 -49.25
C PHE K 1238 100.72 16.46 -49.83
N SER K 1239 100.52 16.44 -51.13
CA SER K 1239 100.30 15.20 -51.86
C SER K 1239 101.64 14.58 -52.23
N LYS K 1240 101.80 13.32 -51.88
CA LYS K 1240 103.02 12.58 -52.17
C LYS K 1240 103.09 12.21 -53.64
N SER K 1241 104.20 11.58 -54.02
CA SER K 1241 104.35 10.98 -55.32
C SER K 1241 104.53 9.48 -55.24
N LEU K 1242 104.86 8.97 -54.05
CA LEU K 1242 105.13 7.55 -53.86
C LEU K 1242 103.81 6.80 -53.88
N PRO K 1243 103.60 5.87 -54.80
CA PRO K 1243 102.36 5.11 -54.80
C PRO K 1243 102.35 4.10 -53.68
N GLN K 1244 101.20 3.96 -53.03
CA GLN K 1244 101.03 2.99 -51.97
C GLN K 1244 99.76 2.21 -52.22
N PHE K 1245 99.68 1.03 -51.61
CA PHE K 1245 98.53 0.19 -51.83
C PHE K 1245 97.35 0.67 -51.00
N GLU K 1246 96.15 0.31 -51.45
CA GLU K 1246 94.90 0.73 -50.83
C GLU K 1246 93.83 -0.23 -51.29
N PRO K 1247 92.82 -0.50 -50.47
CA PRO K 1247 91.75 -1.39 -50.91
C PRO K 1247 90.89 -0.71 -51.95
N VAL K 1248 90.31 -1.52 -52.81
CA VAL K 1248 89.52 -0.98 -53.92
C VAL K 1248 88.16 -0.53 -53.40
N PRO K 1249 87.72 0.69 -53.71
CA PRO K 1249 86.43 1.14 -53.21
C PRO K 1249 85.30 0.40 -53.93
N PRO K 1250 84.23 0.04 -53.22
CA PRO K 1250 83.15 -0.70 -53.87
C PRO K 1250 82.35 0.14 -54.83
N GLU K 1251 82.36 1.46 -54.66
CA GLU K 1251 81.77 2.36 -55.65
C GLU K 1251 82.84 2.84 -56.63
N HIS K 1252 83.55 1.90 -57.20
CA HIS K 1252 84.51 2.32 -58.22
C HIS K 1252 83.86 2.24 -59.58
N PRO K 1253 84.04 3.24 -60.45
CA PRO K 1253 83.28 3.27 -61.70
C PRO K 1253 83.72 2.25 -62.74
N HIS K 1254 84.91 1.70 -62.63
CA HIS K 1254 85.40 0.79 -63.66
C HIS K 1254 85.67 -0.61 -63.14
N TYR K 1255 86.24 -0.72 -61.95
CA TYR K 1255 86.66 -1.99 -61.41
C TYR K 1255 85.69 -2.42 -60.33
N GLU K 1256 85.48 -3.73 -60.22
CA GLU K 1256 84.68 -4.27 -59.14
C GLU K 1256 85.10 -5.70 -58.88
N VAL K 1257 84.99 -6.12 -57.64
CA VAL K 1257 85.39 -7.45 -57.22
C VAL K 1257 84.18 -8.17 -56.66
N ALA K 1258 84.34 -9.47 -56.47
CA ALA K 1258 83.26 -10.29 -55.93
C ALA K 1258 83.87 -11.53 -55.31
N ARG K 1259 83.80 -11.62 -54.00
CA ARG K 1259 84.32 -12.79 -53.29
C ARG K 1259 83.26 -13.88 -53.36
N MET K 1260 83.51 -14.89 -54.18
CA MET K 1260 82.53 -15.94 -54.40
C MET K 1260 82.74 -17.08 -53.41
N ASP K 1261 81.67 -17.80 -53.12
CA ASP K 1261 81.65 -18.86 -52.14
C ASP K 1261 82.46 -20.07 -52.62
N GLY K 1262 82.96 -20.85 -51.67
CA GLY K 1262 83.71 -22.06 -51.98
C GLY K 1262 82.79 -23.28 -51.91
N THR K 1263 82.75 -24.01 -53.01
CA THR K 1263 81.86 -25.15 -53.14
C THR K 1263 82.64 -26.46 -52.94
N VAL K 1264 81.97 -27.59 -53.21
CA VAL K 1264 82.68 -28.86 -53.28
C VAL K 1264 83.47 -28.96 -54.58
N ASP K 1265 83.06 -28.23 -55.62
CA ASP K 1265 83.76 -28.22 -56.89
C ASP K 1265 84.71 -27.05 -57.03
N THR K 1266 84.54 -26.02 -56.21
CA THR K 1266 85.32 -24.81 -56.36
C THR K 1266 85.85 -24.36 -55.01
N PRO K 1267 87.10 -23.93 -54.93
CA PRO K 1267 87.61 -23.34 -53.68
C PRO K 1267 86.97 -21.98 -53.43
N PRO K 1268 87.11 -21.43 -52.22
CA PRO K 1268 86.76 -20.02 -52.01
C PRO K 1268 87.59 -19.13 -52.91
N CYS K 1269 86.92 -18.19 -53.56
CA CYS K 1269 87.55 -17.46 -54.65
C CYS K 1269 86.97 -16.06 -54.76
N LEU K 1270 87.74 -15.19 -55.40
CA LEU K 1270 87.35 -13.82 -55.65
C LEU K 1270 87.86 -13.38 -57.02
N ARG K 1271 87.05 -12.60 -57.72
CA ARG K 1271 87.28 -12.27 -59.11
C ARG K 1271 87.44 -10.76 -59.28
N LEU K 1272 87.82 -10.37 -60.49
CA LEU K 1272 87.87 -8.98 -60.88
C LEU K 1272 87.28 -8.84 -62.27
N ALA K 1273 86.12 -8.20 -62.36
CA ALA K 1273 85.42 -8.02 -63.63
C ALA K 1273 85.36 -6.55 -63.97
N HIS K 1274 85.62 -6.22 -65.22
CA HIS K 1274 85.53 -4.84 -65.67
C HIS K 1274 84.09 -4.43 -65.80
N ARG K 1275 83.75 -3.26 -65.26
CA ARG K 1275 82.38 -2.76 -65.38
C ARG K 1275 82.12 -2.25 -66.79
N THR K 1276 82.88 -1.25 -67.20
CA THR K 1276 82.67 -0.57 -68.47
C THR K 1276 83.69 -1.08 -69.46
N TRP K 1277 83.42 -2.24 -70.03
CA TRP K 1277 84.28 -2.73 -71.10
C TRP K 1277 83.71 -2.41 -72.47
N GLY K 1278 82.46 -1.97 -72.53
CA GLY K 1278 81.88 -1.55 -73.78
C GLY K 1278 82.30 -0.14 -74.17
N SER K 1279 81.35 0.68 -74.60
CA SER K 1279 81.64 2.05 -74.96
C SER K 1279 81.45 2.97 -73.76
N GLN K 1280 81.40 4.28 -74.02
CA GLN K 1280 81.15 5.33 -73.03
C GLN K 1280 82.26 5.35 -71.96
N ASN K 1281 83.44 5.75 -72.43
CA ASN K 1281 84.61 6.06 -71.60
C ASN K 1281 85.13 4.82 -70.88
N SER K 1282 85.38 3.79 -71.67
CA SER K 1282 85.98 2.56 -71.16
C SER K 1282 87.45 2.81 -70.89
N LEU K 1283 87.79 2.96 -69.62
CA LEU K 1283 89.17 3.20 -69.20
C LEU K 1283 89.85 1.85 -69.08
N VAL K 1284 91.09 1.77 -69.56
CA VAL K 1284 91.88 0.55 -69.48
C VAL K 1284 93.35 0.95 -69.39
N GLU K 1285 94.01 0.45 -68.35
CA GLU K 1285 95.44 0.60 -68.14
C GLU K 1285 95.89 -0.49 -67.19
N MET K 1286 97.20 -0.72 -67.14
CA MET K 1286 97.74 -1.85 -66.42
C MET K 1286 97.66 -1.61 -64.91
N LEU K 1287 96.72 -2.28 -64.25
CA LEU K 1287 96.52 -2.14 -62.83
C LEU K 1287 97.21 -3.28 -62.10
N PHE K 1288 97.54 -3.06 -60.84
CA PHE K 1288 98.37 -3.97 -60.07
C PHE K 1288 97.60 -4.43 -58.84
N LEU K 1289 97.35 -5.73 -58.76
CA LEU K 1289 96.59 -6.29 -57.66
C LEU K 1289 97.53 -6.95 -56.65
N ARG K 1290 97.46 -6.49 -55.43
CA ARG K 1290 98.16 -7.12 -54.32
C ARG K 1290 97.12 -7.60 -53.33
N LEU K 1291 97.38 -8.74 -52.69
CA LEU K 1291 96.48 -9.11 -51.63
C LEU K 1291 96.86 -8.41 -50.34
N SER K 1292 96.10 -8.68 -49.29
CA SER K 1292 96.18 -7.89 -48.08
C SER K 1292 96.97 -8.54 -46.97
N LEU K 1293 97.23 -9.82 -47.06
CA LEU K 1293 97.97 -10.39 -45.95
C LEU K 1293 99.26 -11.02 -46.45
N PRO K 1294 100.37 -10.81 -45.76
CA PRO K 1294 101.62 -11.41 -46.19
C PRO K 1294 101.74 -12.84 -45.68
N VAL K 1295 102.69 -13.56 -46.28
CA VAL K 1295 103.19 -14.81 -45.74
C VAL K 1295 104.58 -14.52 -45.19
N GLN K 1296 105.01 -15.33 -44.23
CA GLN K 1296 106.24 -15.05 -43.52
C GLN K 1296 107.16 -16.24 -43.65
N PHE K 1297 108.38 -15.99 -44.14
CA PHE K 1297 109.37 -17.05 -44.16
C PHE K 1297 109.99 -17.20 -42.79
N HIS K 1298 110.33 -18.44 -42.46
CA HIS K 1298 110.77 -18.79 -41.11
C HIS K 1298 112.13 -18.18 -40.80
N GLN K 1299 112.47 -18.16 -39.51
CA GLN K 1299 113.63 -17.43 -39.03
C GLN K 1299 114.93 -18.06 -39.45
N HIS K 1300 115.03 -19.38 -39.37
CA HIS K 1300 116.19 -20.10 -39.86
C HIS K 1300 115.70 -21.16 -40.83
N PHE K 1301 116.49 -21.42 -41.87
CA PHE K 1301 116.05 -22.38 -42.86
C PHE K 1301 116.33 -23.80 -42.38
N ARG K 1302 115.85 -24.77 -43.17
CA ARG K 1302 116.03 -26.17 -42.83
C ARG K 1302 117.48 -26.59 -42.98
N CYS K 1303 118.19 -26.01 -43.96
CA CYS K 1303 119.61 -26.22 -44.25
C CYS K 1303 119.97 -27.69 -44.49
N ASP K 1422 95.21 -36.66 -49.29
CA ASP K 1422 96.54 -36.65 -48.68
C ASP K 1422 96.60 -37.53 -47.45
N ASP K 1423 97.80 -37.94 -47.09
CA ASP K 1423 98.00 -38.61 -45.82
C ASP K 1423 97.95 -37.60 -44.69
N PRO K 1424 97.35 -37.96 -43.55
CA PRO K 1424 97.38 -37.04 -42.39
C PRO K 1424 98.75 -36.87 -41.77
N GLU K 1425 99.72 -37.72 -42.11
CA GLU K 1425 101.08 -37.50 -41.65
C GLU K 1425 101.77 -36.39 -42.43
N ILE K 1426 101.70 -36.44 -43.75
CA ILE K 1426 102.40 -35.46 -44.57
C ILE K 1426 101.76 -34.09 -44.50
N ILE K 1427 100.43 -34.01 -44.35
CA ILE K 1427 99.76 -32.72 -44.42
C ILE K 1427 99.85 -31.97 -43.10
N LEU K 1428 100.25 -32.64 -42.02
CA LEU K 1428 100.40 -31.96 -40.75
C LEU K 1428 101.84 -31.64 -40.41
N ASN K 1429 102.76 -31.89 -41.34
CA ASN K 1429 104.16 -31.56 -41.16
C ASN K 1429 104.71 -30.70 -42.27
N THR K 1430 103.97 -30.56 -43.36
CA THR K 1430 104.44 -29.87 -44.56
C THR K 1430 104.58 -28.38 -44.33
N THR K 1431 105.65 -27.80 -44.90
CA THR K 1431 105.79 -26.37 -45.02
C THR K 1431 106.01 -26.04 -46.49
N THR K 1432 104.91 -26.03 -47.24
CA THR K 1432 104.85 -25.53 -48.61
C THR K 1432 103.39 -25.35 -48.98
N TYR K 1433 103.10 -24.24 -49.65
CA TYR K 1433 101.74 -23.75 -49.80
C TYR K 1433 101.45 -23.46 -51.26
N TYR K 1434 100.15 -23.42 -51.57
CA TYR K 1434 99.70 -23.27 -52.94
C TYR K 1434 98.56 -22.25 -52.98
N TYR K 1435 98.64 -21.35 -53.95
CA TYR K 1435 97.48 -20.55 -54.35
C TYR K 1435 97.38 -20.63 -55.86
N SER K 1436 96.30 -20.09 -56.40
CA SER K 1436 95.99 -20.30 -57.81
C SER K 1436 95.24 -19.11 -58.37
N VAL K 1437 95.58 -18.76 -59.61
CA VAL K 1437 94.81 -17.82 -60.39
C VAL K 1437 94.42 -18.51 -61.68
N ARG K 1438 93.32 -18.06 -62.27
CA ARG K 1438 92.86 -18.58 -63.54
C ARG K 1438 92.53 -17.41 -64.45
N VAL K 1439 93.29 -17.28 -65.52
CA VAL K 1439 93.02 -16.26 -66.51
C VAL K 1439 91.85 -16.73 -67.36
N PHE K 1440 90.80 -15.92 -67.43
CA PHE K 1440 89.63 -16.28 -68.20
C PHE K 1440 89.88 -16.16 -69.68
N ALA K 1441 88.94 -16.66 -70.47
CA ALA K 1441 88.98 -16.48 -71.91
C ALA K 1441 88.75 -15.01 -72.25
N GLY K 1442 89.26 -14.59 -73.39
CA GLY K 1442 89.22 -13.20 -73.77
C GLY K 1442 90.27 -12.33 -73.12
N GLN K 1443 91.11 -12.90 -72.27
CA GLN K 1443 92.24 -12.18 -71.70
C GLN K 1443 93.53 -12.84 -72.17
N GLU K 1444 94.44 -12.05 -72.71
CA GLU K 1444 95.68 -12.58 -73.23
C GLU K 1444 96.66 -12.81 -72.09
N PRO K 1445 97.25 -13.99 -71.97
CA PRO K 1445 98.35 -14.20 -71.03
C PRO K 1445 99.62 -13.45 -71.40
N SER K 1446 99.72 -12.90 -72.61
CA SER K 1446 100.81 -12.00 -72.96
C SER K 1446 100.82 -10.76 -72.11
N CYS K 1447 99.65 -10.28 -71.66
CA CYS K 1447 99.54 -9.11 -70.81
C CYS K 1447 99.11 -9.47 -69.39
N VAL K 1448 99.62 -10.57 -68.85
CA VAL K 1448 99.29 -11.02 -67.50
C VAL K 1448 100.61 -11.39 -66.83
N TRP K 1449 100.83 -10.87 -65.63
CA TRP K 1449 102.00 -11.22 -64.84
C TRP K 1449 101.52 -11.70 -63.49
N VAL K 1450 101.99 -12.87 -63.07
CA VAL K 1450 101.54 -13.51 -61.83
C VAL K 1450 102.76 -13.83 -60.98
N GLY K 1451 102.69 -13.50 -59.70
CA GLY K 1451 103.71 -13.94 -58.77
C GLY K 1451 103.64 -13.33 -57.38
N TRP K 1452 104.78 -12.83 -56.90
CA TRP K 1452 104.92 -12.41 -55.52
C TRP K 1452 105.63 -11.06 -55.44
N VAL K 1453 105.26 -10.28 -54.42
CA VAL K 1453 105.72 -8.89 -54.27
C VAL K 1453 105.95 -8.62 -52.79
N THR K 1454 107.13 -8.09 -52.45
CA THR K 1454 107.49 -7.62 -51.12
C THR K 1454 107.03 -6.17 -50.93
N PRO K 1455 106.79 -5.74 -49.69
CA PRO K 1455 106.21 -4.39 -49.46
C PRO K 1455 107.00 -3.21 -50.00
N ASP K 1456 108.32 -3.27 -50.11
CA ASP K 1456 109.07 -2.14 -50.65
C ASP K 1456 109.14 -2.19 -52.16
N TYR K 1457 107.99 -2.01 -52.79
CA TYR K 1457 107.85 -2.02 -54.24
C TYR K 1457 106.82 -0.98 -54.61
N HIS K 1458 107.25 0.06 -55.34
CA HIS K 1458 106.37 1.16 -55.69
C HIS K 1458 106.58 1.60 -57.14
N GLN K 1459 106.58 0.66 -58.08
CA GLN K 1459 106.69 0.97 -59.49
C GLN K 1459 105.31 1.03 -60.12
N HIS K 1460 104.82 2.23 -60.37
CA HIS K 1460 103.51 2.45 -60.99
C HIS K 1460 103.76 2.99 -62.39
N ASP K 1461 103.75 2.10 -63.38
CA ASP K 1461 103.96 2.50 -64.76
C ASP K 1461 103.08 1.68 -65.67
N MET K 1462 102.71 2.24 -66.81
CA MET K 1462 101.91 1.50 -67.78
C MET K 1462 102.75 0.79 -68.82
N ASN K 1463 104.08 0.93 -68.76
CA ASN K 1463 104.95 0.32 -69.74
C ASN K 1463 105.78 -0.79 -69.11
N PHE K 1464 105.21 -1.45 -68.11
CA PHE K 1464 105.97 -2.43 -67.34
C PHE K 1464 106.13 -3.72 -68.11
N ASP K 1465 107.39 -4.14 -68.24
CA ASP K 1465 107.73 -5.48 -68.67
C ASP K 1465 108.67 -6.05 -67.62
N LEU K 1466 108.95 -7.35 -67.73
CA LEU K 1466 109.79 -8.04 -66.74
C LEU K 1466 111.22 -7.54 -66.72
N SER K 1467 111.67 -6.85 -67.77
CA SER K 1467 112.95 -6.16 -67.72
C SER K 1467 112.92 -4.98 -66.75
N LYS K 1468 111.75 -4.39 -66.53
CA LYS K 1468 111.62 -3.25 -65.63
C LYS K 1468 111.35 -3.71 -64.20
N VAL K 1469 112.17 -4.62 -63.70
CA VAL K 1469 112.06 -5.12 -62.34
C VAL K 1469 113.38 -4.85 -61.66
N ARG K 1470 113.33 -4.23 -60.48
CA ARG K 1470 114.55 -4.00 -59.72
C ARG K 1470 115.11 -5.32 -59.23
N ALA K 1471 116.41 -5.49 -59.38
CA ALA K 1471 117.11 -6.68 -58.93
C ALA K 1471 118.57 -6.31 -58.70
N VAL K 1472 119.04 -6.51 -57.48
CA VAL K 1472 120.38 -6.12 -57.09
C VAL K 1472 121.08 -7.37 -56.57
N THR K 1473 122.24 -7.68 -57.14
CA THR K 1473 123.01 -8.86 -56.77
C THR K 1473 124.12 -8.45 -55.83
N VAL K 1474 124.12 -9.02 -54.63
CA VAL K 1474 125.15 -8.77 -53.64
C VAL K 1474 126.06 -9.98 -53.55
N THR K 1475 127.36 -9.77 -53.73
CA THR K 1475 128.36 -10.81 -53.60
C THR K 1475 129.38 -10.38 -52.56
N MET K 1476 129.88 -11.35 -51.81
CA MET K 1476 130.93 -11.12 -50.82
C MET K 1476 131.96 -12.21 -50.93
N GLY K 1477 133.21 -11.88 -50.63
CA GLY K 1477 134.27 -12.86 -50.66
C GLY K 1477 135.27 -12.67 -49.54
N ASP K 1478 136.40 -13.35 -49.64
CA ASP K 1478 137.47 -13.22 -48.67
C ASP K 1478 138.43 -12.12 -49.10
N GLU K 1479 139.49 -11.93 -48.31
CA GLU K 1479 140.59 -11.05 -48.72
C GLU K 1479 141.37 -11.61 -49.90
N GLN K 1480 141.30 -12.92 -50.13
CA GLN K 1480 141.93 -13.52 -51.31
C GLN K 1480 141.18 -13.16 -52.59
N GLY K 1481 139.94 -12.73 -52.49
CA GLY K 1481 139.12 -12.38 -53.64
C GLY K 1481 138.17 -13.47 -54.06
N ASN K 1482 138.37 -14.70 -53.61
CA ASN K 1482 137.44 -15.79 -53.90
C ASN K 1482 136.12 -15.55 -53.18
N VAL K 1483 135.02 -15.70 -53.93
CA VAL K 1483 133.71 -15.32 -53.41
C VAL K 1483 133.23 -16.33 -52.37
N HIS K 1484 132.32 -15.88 -51.53
CA HIS K 1484 131.71 -16.70 -50.49
C HIS K 1484 130.22 -16.88 -50.66
N SER K 1485 129.55 -15.87 -51.19
CA SER K 1485 128.10 -15.89 -51.36
C SER K 1485 127.73 -14.93 -52.47
N SER K 1486 126.59 -15.19 -53.10
CA SER K 1486 126.08 -14.33 -54.15
C SER K 1486 124.58 -14.21 -53.97
N LEU K 1487 124.13 -13.16 -53.30
CA LEU K 1487 122.73 -12.98 -52.96
C LEU K 1487 122.11 -12.01 -53.94
N LYS K 1488 120.88 -12.31 -54.37
CA LYS K 1488 120.11 -11.43 -55.24
C LYS K 1488 118.81 -11.05 -54.56
N CYS K 1489 118.66 -9.77 -54.23
CA CYS K 1489 117.42 -9.24 -53.71
C CYS K 1489 116.65 -8.62 -54.86
N SER K 1490 115.37 -8.98 -54.99
CA SER K 1490 114.49 -8.35 -55.95
C SER K 1490 113.24 -7.90 -55.22
N ASN K 1491 112.65 -6.80 -55.70
CA ASN K 1491 111.42 -6.31 -55.11
C ASN K 1491 110.18 -6.95 -55.70
N CYS K 1492 110.33 -8.02 -56.47
CA CYS K 1492 109.26 -8.61 -57.25
C CYS K 1492 109.67 -10.02 -57.64
N TYR K 1493 108.76 -10.98 -57.47
CA TYR K 1493 109.02 -12.37 -57.81
C TYR K 1493 107.81 -12.88 -58.60
N MET K 1494 107.87 -12.74 -59.92
CA MET K 1494 106.77 -13.14 -60.77
C MET K 1494 107.27 -13.92 -61.98
N VAL K 1495 106.31 -14.43 -62.75
CA VAL K 1495 106.54 -15.07 -64.03
C VAL K 1495 105.74 -14.33 -65.08
N TRP K 1496 105.93 -14.72 -66.34
CA TRP K 1496 105.11 -14.20 -67.42
C TRP K 1496 104.13 -15.26 -67.87
N GLY K 1497 102.85 -14.91 -67.91
CA GLY K 1497 101.86 -15.81 -68.45
C GLY K 1497 101.97 -16.02 -69.94
N GLY K 1498 102.58 -15.07 -70.65
CA GLY K 1498 102.84 -15.24 -72.07
C GLY K 1498 103.98 -16.20 -72.37
N ASP K 1499 104.73 -16.62 -71.34
CA ASP K 1499 105.78 -17.60 -71.53
C ASP K 1499 105.28 -19.03 -71.51
N PHE K 1500 103.96 -19.24 -71.47
CA PHE K 1500 103.43 -20.60 -71.51
C PHE K 1500 102.45 -20.77 -72.67
N VAL K 1501 101.66 -19.76 -72.95
CA VAL K 1501 100.73 -19.81 -74.07
C VAL K 1501 101.19 -18.84 -75.14
N ILE K 1509 94.00 -16.27 -80.38
CA ILE K 1509 92.67 -16.44 -79.81
C ILE K 1509 92.54 -17.83 -79.20
N SER K 1510 92.74 -17.92 -77.88
CA SER K 1510 92.60 -19.17 -77.17
C SER K 1510 91.24 -19.24 -76.49
N HIS K 1511 90.53 -20.35 -76.71
CA HIS K 1511 89.25 -20.56 -76.08
C HIS K 1511 89.35 -21.33 -74.77
N THR K 1512 90.53 -21.38 -74.17
CA THR K 1512 90.76 -22.11 -72.92
C THR K 1512 91.45 -21.21 -71.90
N ASP K 1513 91.43 -21.66 -70.65
CA ASP K 1513 91.86 -20.85 -69.52
C ASP K 1513 93.23 -21.31 -69.02
N LEU K 1514 94.23 -20.46 -69.19
CA LEU K 1514 95.56 -20.69 -68.65
C LEU K 1514 95.52 -20.52 -67.14
N VAL K 1515 95.73 -21.60 -66.41
CA VAL K 1515 95.68 -21.58 -64.95
C VAL K 1515 97.10 -21.66 -64.44
N ILE K 1516 97.53 -20.63 -63.71
CA ILE K 1516 98.89 -20.57 -63.18
C ILE K 1516 98.81 -20.70 -61.66
N GLY K 1517 99.54 -21.65 -61.11
CA GLY K 1517 99.63 -21.84 -59.68
C GLY K 1517 101.07 -21.77 -59.23
N CYS K 1518 101.27 -21.28 -58.01
CA CYS K 1518 102.61 -21.05 -57.48
C CYS K 1518 102.82 -21.87 -56.23
N LEU K 1519 104.08 -22.11 -55.90
CA LEU K 1519 104.45 -22.98 -54.79
C LEU K 1519 105.57 -22.31 -54.00
N VAL K 1520 105.33 -22.11 -52.72
CA VAL K 1520 106.28 -21.44 -51.83
C VAL K 1520 106.54 -22.33 -50.63
N ASP K 1521 107.82 -22.68 -50.43
CA ASP K 1521 108.24 -23.58 -49.36
C ASP K 1521 108.88 -22.74 -48.25
N LEU K 1522 108.19 -22.64 -47.12
CA LEU K 1522 108.58 -21.68 -46.08
C LEU K 1522 109.85 -22.04 -45.33
N ALA K 1523 110.09 -23.33 -45.08
CA ALA K 1523 111.26 -23.68 -44.29
C ALA K 1523 112.54 -23.66 -45.11
N THR K 1524 112.43 -23.51 -46.43
CA THR K 1524 113.60 -23.37 -47.27
C THR K 1524 113.66 -22.05 -47.99
N GLY K 1525 112.55 -21.35 -48.11
CA GLY K 1525 112.50 -20.13 -48.89
C GLY K 1525 112.57 -20.37 -50.37
N LEU K 1526 112.24 -21.58 -50.82
CA LEU K 1526 112.30 -21.95 -52.23
C LEU K 1526 110.93 -21.73 -52.84
N MET K 1527 110.90 -21.01 -53.96
CA MET K 1527 109.65 -20.68 -54.65
C MET K 1527 109.68 -21.23 -56.06
N THR K 1528 108.66 -22.00 -56.41
CA THR K 1528 108.50 -22.56 -57.74
C THR K 1528 107.09 -22.25 -58.25
N PHE K 1529 106.89 -22.46 -59.55
CA PHE K 1529 105.67 -22.07 -60.23
C PHE K 1529 105.25 -23.15 -61.20
N THR K 1530 103.97 -23.53 -61.14
CA THR K 1530 103.42 -24.58 -61.97
C THR K 1530 102.48 -23.99 -63.01
N ALA K 1531 102.59 -24.48 -64.24
CA ALA K 1531 101.74 -24.04 -65.33
C ALA K 1531 100.87 -25.20 -65.77
N ASN K 1532 99.59 -25.15 -65.37
CA ASN K 1532 98.58 -26.19 -65.66
C ASN K 1532 99.03 -27.56 -65.19
N GLY K 1533 99.69 -27.61 -64.03
CA GLY K 1533 100.23 -28.85 -63.52
C GLY K 1533 101.54 -29.27 -64.14
N LYS K 1534 102.05 -28.53 -65.12
CA LYS K 1534 103.36 -28.79 -65.71
C LYS K 1534 104.32 -27.75 -65.17
N GLU K 1535 105.38 -28.22 -64.51
CA GLU K 1535 106.31 -27.34 -63.84
C GLU K 1535 107.12 -26.52 -64.84
N SER K 1536 107.28 -25.25 -64.54
CA SER K 1536 108.04 -24.33 -65.38
C SER K 1536 109.51 -24.46 -65.02
N ASN K 1537 110.35 -23.94 -65.91
CA ASN K 1537 111.79 -24.00 -65.71
C ASN K 1537 112.28 -23.07 -64.60
N THR K 1538 111.56 -22.01 -64.31
CA THR K 1538 112.05 -21.03 -63.37
C THR K 1538 111.81 -21.48 -61.92
N PHE K 1539 112.49 -20.77 -61.02
CA PHE K 1539 112.44 -21.04 -59.58
C PHE K 1539 113.05 -19.84 -58.88
N PHE K 1540 112.81 -19.75 -57.57
CA PHE K 1540 113.29 -18.61 -56.80
C PHE K 1540 113.60 -19.01 -55.37
N GLN K 1541 114.66 -18.43 -54.82
CA GLN K 1541 115.08 -18.69 -53.46
C GLN K 1541 115.44 -17.37 -52.79
N VAL K 1542 115.03 -17.21 -51.53
CA VAL K 1542 115.12 -15.92 -50.86
C VAL K 1542 115.91 -16.00 -49.56
N GLU K 1543 116.00 -14.86 -48.88
CA GLU K 1543 116.65 -14.74 -47.58
C GLU K 1543 115.80 -15.43 -46.50
N PRO K 1544 116.37 -15.70 -45.33
CA PRO K 1544 115.55 -16.33 -44.25
C PRO K 1544 114.41 -15.48 -43.74
N ASN K 1545 114.67 -14.29 -43.22
CA ASN K 1545 113.62 -13.50 -42.59
C ASN K 1545 113.12 -12.47 -43.58
N THR K 1546 112.17 -12.88 -44.42
CA THR K 1546 111.53 -11.95 -45.32
C THR K 1546 110.08 -12.37 -45.50
N LYS K 1547 109.27 -11.42 -45.93
CA LYS K 1547 107.85 -11.66 -46.15
C LYS K 1547 107.54 -11.45 -47.62
N LEU K 1548 106.33 -11.82 -48.00
CA LEU K 1548 105.91 -11.75 -49.40
C LEU K 1548 104.42 -11.59 -49.49
N PHE K 1549 103.98 -10.77 -50.40
CA PHE K 1549 102.56 -10.70 -50.69
C PHE K 1549 102.28 -11.42 -51.99
N PRO K 1550 101.18 -12.16 -52.09
CA PRO K 1550 100.77 -12.70 -53.39
C PRO K 1550 100.38 -11.59 -54.33
N ALA K 1551 100.75 -11.68 -55.60
CA ALA K 1551 100.60 -10.56 -56.52
C ALA K 1551 100.18 -11.02 -57.90
N VAL K 1552 99.35 -10.20 -58.55
CA VAL K 1552 98.95 -10.39 -59.94
C VAL K 1552 98.95 -9.01 -60.58
N PHE K 1553 99.67 -8.87 -61.69
CA PHE K 1553 99.66 -7.64 -62.46
C PHE K 1553 98.99 -7.95 -63.79
N VAL K 1554 98.12 -7.06 -64.26
CA VAL K 1554 97.34 -7.36 -65.44
C VAL K 1554 96.94 -6.06 -66.13
N LEU K 1555 96.97 -6.08 -67.46
CA LEU K 1555 96.25 -5.12 -68.27
C LEU K 1555 95.02 -5.83 -68.82
N PRO K 1556 93.80 -5.41 -68.47
CA PRO K 1556 92.62 -6.22 -68.79
C PRO K 1556 92.17 -6.00 -70.23
N THR K 1557 91.66 -7.07 -70.85
CA THR K 1557 91.12 -6.98 -72.21
C THR K 1557 89.83 -7.77 -72.36
N HIS K 1558 88.98 -7.82 -71.33
CA HIS K 1558 87.74 -8.57 -71.41
C HIS K 1558 86.75 -7.98 -70.42
N GLN K 1559 85.50 -8.44 -70.50
CA GLN K 1559 84.53 -8.10 -69.47
C GLN K 1559 84.83 -8.83 -68.17
N ASN K 1560 85.33 -10.06 -68.27
CA ASN K 1560 85.75 -10.83 -67.10
C ASN K 1560 87.23 -11.17 -67.27
N VAL K 1561 88.04 -10.84 -66.27
CA VAL K 1561 89.48 -10.91 -66.52
C VAL K 1561 90.16 -12.06 -65.81
N ILE K 1562 90.24 -12.01 -64.48
CA ILE K 1562 90.97 -13.00 -63.71
C ILE K 1562 90.12 -13.46 -62.53
N GLN K 1563 90.60 -14.48 -61.85
CA GLN K 1563 89.94 -14.96 -60.63
C GLN K 1563 91.03 -15.47 -59.68
N PHE K 1564 91.08 -14.90 -58.49
CA PHE K 1564 91.94 -15.44 -57.45
C PHE K 1564 91.29 -16.68 -56.87
N GLU K 1565 91.94 -17.82 -56.95
CA GLU K 1565 91.39 -19.09 -56.47
C GLU K 1565 92.23 -19.59 -55.30
N LEU K 1566 91.61 -19.62 -54.12
CA LEU K 1566 92.32 -19.96 -52.88
C LEU K 1566 92.12 -21.44 -52.58
N GLY K 1567 92.85 -22.27 -53.32
CA GLY K 1567 92.71 -23.70 -53.20
C GLY K 1567 93.99 -24.42 -52.82
N LYS K 1568 93.85 -25.70 -52.54
CA LYS K 1568 94.97 -26.55 -52.17
C LYS K 1568 95.16 -27.65 -53.20
N GLN K 1569 96.37 -28.17 -53.28
CA GLN K 1569 96.68 -29.29 -54.15
C GLN K 1569 96.59 -30.59 -53.35
N LYS K 1570 97.13 -31.68 -53.91
CA LYS K 1570 96.80 -33.03 -53.46
C LYS K 1570 97.39 -33.34 -52.08
N ASN K 1571 98.51 -32.68 -51.72
CA ASN K 1571 99.12 -33.02 -50.44
C ASN K 1571 99.70 -31.80 -49.72
N ILE K 1572 99.21 -30.59 -49.99
CA ILE K 1572 99.76 -29.38 -49.40
C ILE K 1572 98.62 -28.46 -48.98
N MET K 1573 98.84 -27.70 -47.92
CA MET K 1573 97.77 -26.93 -47.29
C MET K 1573 97.59 -25.59 -47.98
N PRO K 1574 96.35 -25.09 -48.05
CA PRO K 1574 96.09 -23.85 -48.80
C PRO K 1574 96.53 -22.61 -48.07
N LEU K 1575 96.33 -21.46 -48.70
CA LEU K 1575 96.85 -20.20 -48.21
C LEU K 1575 96.16 -19.71 -46.94
N SER K 1576 94.98 -20.26 -46.61
CA SER K 1576 94.33 -19.93 -45.36
C SER K 1576 95.15 -20.34 -44.15
N ALA K 1577 95.81 -21.49 -44.20
CA ALA K 1577 96.60 -21.92 -43.06
C ALA K 1577 97.89 -21.14 -42.91
N ALA K 1578 98.34 -20.49 -43.99
CA ALA K 1578 99.62 -19.80 -43.95
C ALA K 1578 99.56 -18.50 -43.18
N MET K 1579 98.43 -17.80 -43.22
CA MET K 1579 98.40 -16.41 -42.79
C MET K 1579 97.58 -16.19 -41.54
N PHE K 1580 97.04 -17.23 -40.94
CA PHE K 1580 96.28 -17.10 -39.71
C PHE K 1580 96.77 -18.13 -38.71
N LEU K 1581 97.42 -17.64 -37.66
CA LEU K 1581 98.12 -18.49 -36.69
C LEU K 1581 97.19 -19.42 -35.93
N SER K 1582 95.92 -19.07 -35.83
CA SER K 1582 94.97 -19.97 -35.20
C SER K 1582 94.57 -21.13 -36.07
N GLU K 1583 94.90 -21.08 -37.37
CA GLU K 1583 94.41 -22.10 -38.30
C GLU K 1583 95.54 -22.72 -39.11
N ARG K 1584 96.73 -22.83 -38.52
CA ARG K 1584 97.86 -23.41 -39.25
C ARG K 1584 97.68 -24.91 -39.45
N LYS K 1585 96.88 -25.55 -38.61
CA LYS K 1585 96.69 -26.98 -38.69
C LYS K 1585 95.47 -27.38 -39.51
N ASN K 1586 94.65 -26.42 -39.90
CA ASN K 1586 93.47 -26.71 -40.68
C ASN K 1586 93.84 -26.69 -42.16
N PRO K 1587 93.58 -27.75 -42.92
CA PRO K 1587 93.77 -27.70 -44.36
C PRO K 1587 92.52 -27.31 -45.14
N ALA K 1588 91.45 -26.95 -44.47
CA ALA K 1588 90.29 -26.51 -45.22
C ALA K 1588 90.48 -25.07 -45.69
N PRO K 1589 90.34 -24.81 -46.98
CA PRO K 1589 90.55 -23.44 -47.48
C PRO K 1589 89.42 -22.51 -47.05
N GLN K 1590 89.80 -21.35 -46.50
CA GLN K 1590 88.84 -20.37 -46.02
C GLN K 1590 89.18 -19.01 -46.62
N CYS K 1591 88.22 -18.10 -46.54
CA CYS K 1591 88.44 -16.71 -46.96
C CYS K 1591 87.70 -15.78 -46.01
N PRO K 1592 88.30 -15.43 -44.88
CA PRO K 1592 87.68 -14.51 -43.96
C PRO K 1592 87.76 -13.09 -44.50
N PRO K 1593 86.91 -12.16 -44.01
CA PRO K 1593 86.82 -10.84 -44.67
C PRO K 1593 88.03 -9.95 -44.43
N ARG K 1594 88.96 -10.29 -43.55
CA ARG K 1594 90.18 -9.51 -43.45
C ARG K 1594 91.03 -9.66 -44.69
N LEU K 1595 90.94 -10.78 -45.37
CA LEU K 1595 91.59 -10.95 -46.66
C LEU K 1595 90.76 -10.21 -47.69
N GLU K 1596 91.41 -9.39 -48.51
CA GLU K 1596 90.78 -8.77 -49.65
C GLU K 1596 91.84 -8.37 -50.67
N VAL K 1597 91.38 -7.86 -51.79
CA VAL K 1597 92.26 -7.46 -52.88
C VAL K 1597 92.52 -5.96 -52.84
N GLN K 1598 93.80 -5.63 -52.69
CA GLN K 1598 94.24 -4.24 -52.71
C GLN K 1598 94.50 -3.86 -54.15
N MET K 1599 94.85 -2.59 -54.36
CA MET K 1599 95.39 -2.16 -55.64
C MET K 1599 96.27 -0.95 -55.40
N LEU K 1600 96.89 -0.46 -56.46
CA LEU K 1600 97.95 0.53 -56.33
C LEU K 1600 97.48 1.87 -56.85
N MET K 1601 97.07 2.72 -55.95
CA MET K 1601 96.73 4.09 -56.32
C MET K 1601 98.01 4.91 -56.45
N PRO K 1602 98.02 5.93 -57.32
CA PRO K 1602 99.30 6.57 -57.64
C PRO K 1602 99.80 7.56 -56.60
N VAL K 1603 98.93 8.32 -55.94
CA VAL K 1603 99.37 9.30 -54.97
C VAL K 1603 98.49 9.19 -53.73
N SER K 1604 98.91 9.88 -52.68
CA SER K 1604 98.19 9.87 -51.41
C SER K 1604 98.56 11.10 -50.63
N TRP K 1605 97.66 11.49 -49.72
CA TRP K 1605 97.84 12.67 -48.89
C TRP K 1605 98.69 12.33 -47.68
N SER K 1606 99.82 13.00 -47.52
CA SER K 1606 100.61 12.85 -46.32
C SER K 1606 100.67 14.19 -45.61
N ARG K 1607 101.44 14.24 -44.54
CA ARG K 1607 101.46 15.40 -43.66
C ARG K 1607 102.88 15.94 -43.54
N MET K 1608 103.03 17.24 -43.73
CA MET K 1608 104.33 17.86 -43.51
C MET K 1608 104.64 17.89 -42.02
N PRO K 1609 105.90 17.72 -41.65
CA PRO K 1609 106.28 17.93 -40.25
C PRO K 1609 106.36 19.42 -39.95
N ASN K 1610 106.42 19.73 -38.66
CA ASN K 1610 106.44 21.11 -38.21
C ASN K 1610 107.83 21.70 -38.11
N HIS K 1611 108.88 20.88 -38.09
CA HIS K 1611 110.25 21.38 -38.10
C HIS K 1611 111.08 20.48 -38.98
N PHE K 1612 112.20 20.99 -39.47
CA PHE K 1612 113.09 20.26 -40.34
C PHE K 1612 114.52 20.37 -39.85
N LEU K 1613 115.39 19.56 -40.43
CA LEU K 1613 116.79 19.57 -40.09
C LEU K 1613 117.47 20.84 -40.60
N GLN K 1614 118.14 21.55 -39.71
CA GLN K 1614 118.92 22.72 -40.08
C GLN K 1614 120.26 22.25 -40.62
N VAL K 1615 120.47 22.40 -41.92
CA VAL K 1615 121.67 21.92 -42.58
C VAL K 1615 122.57 23.10 -42.91
N GLU K 1616 123.85 22.98 -42.60
CA GLU K 1616 124.83 24.03 -42.88
C GLU K 1616 125.83 23.48 -43.87
N THR K 1617 125.65 23.82 -45.15
CA THR K 1617 126.57 23.39 -46.21
C THR K 1617 127.40 24.57 -46.64
N ARG K 1618 128.73 24.38 -46.68
CA ARG K 1618 129.63 25.43 -47.09
C ARG K 1618 130.95 24.81 -47.53
N ARG K 1619 131.42 25.21 -48.71
CA ARG K 1619 132.74 24.81 -49.16
C ARG K 1619 133.79 25.59 -48.37
N ALA K 1620 134.71 24.86 -47.77
CA ALA K 1620 135.80 25.47 -46.99
C ALA K 1620 137.11 25.00 -47.62
N GLY K 1621 137.86 25.94 -48.18
CA GLY K 1621 139.15 25.65 -48.76
C GLY K 1621 139.05 24.98 -50.12
N GLU K 1622 140.02 25.31 -50.98
CA GLU K 1622 140.09 24.73 -52.31
C GLU K 1622 140.69 23.33 -52.30
N ARG K 1623 141.10 22.82 -51.15
CA ARG K 1623 141.61 21.46 -51.01
C ARG K 1623 140.93 20.66 -49.92
N LEU K 1624 140.32 21.31 -48.94
CA LEU K 1624 139.50 20.57 -48.00
C LEU K 1624 138.17 20.20 -48.62
N GLY K 1625 137.54 21.14 -49.29
CA GLY K 1625 136.36 20.86 -50.09
C GLY K 1625 135.09 21.41 -49.46
N TRP K 1626 134.01 20.66 -49.67
CA TRP K 1626 132.68 21.09 -49.29
C TRP K 1626 132.29 20.44 -47.97
N ALA K 1627 131.97 21.27 -46.98
CA ALA K 1627 131.63 20.79 -45.65
C ALA K 1627 130.13 20.87 -45.42
N VAL K 1628 129.63 19.98 -44.56
CA VAL K 1628 128.22 19.92 -44.25
C VAL K 1628 128.07 19.37 -42.83
N GLN K 1629 127.17 19.97 -42.07
CA GLN K 1629 127.04 19.62 -40.66
C GLN K 1629 125.62 19.89 -40.18
N CYS K 1630 125.31 19.32 -39.02
CA CYS K 1630 124.07 19.59 -38.29
C CYS K 1630 124.28 19.14 -36.85
N GLN K 1631 123.69 19.86 -35.91
CA GLN K 1631 123.91 19.57 -34.50
C GLN K 1631 122.65 19.35 -33.68
N ASP K 1632 121.60 20.11 -33.93
CA ASP K 1632 120.37 20.00 -33.13
C ASP K 1632 119.57 18.76 -33.52
N PRO K 1633 119.13 17.95 -32.56
CA PRO K 1633 118.38 16.73 -32.90
C PRO K 1633 116.89 17.00 -32.95
N LEU K 1634 116.19 16.31 -33.85
CA LEU K 1634 114.75 16.44 -33.98
C LEU K 1634 114.13 15.07 -34.20
N THR K 1635 113.18 14.71 -33.35
CA THR K 1635 112.61 13.37 -33.33
C THR K 1635 111.11 13.43 -33.51
N MET K 1636 110.51 12.27 -33.72
CA MET K 1636 109.07 12.19 -33.90
C MET K 1636 108.60 10.83 -33.40
N MET K 1637 107.29 10.70 -33.24
CA MET K 1637 106.66 9.45 -32.87
C MET K 1637 106.20 8.75 -34.15
N ALA K 1638 106.12 7.43 -34.12
CA ALA K 1638 105.77 6.72 -35.34
C ALA K 1638 104.98 5.47 -35.04
N LEU K 1639 103.88 5.29 -35.76
CA LEU K 1639 103.17 4.03 -35.74
C LEU K 1639 103.83 3.06 -36.70
N HIS K 1640 103.35 1.82 -36.73
CA HIS K 1640 104.04 0.85 -37.56
C HIS K 1640 103.17 0.16 -38.61
N ILE K 1641 101.96 -0.26 -38.23
CA ILE K 1641 101.12 -1.17 -39.01
C ILE K 1641 101.94 -2.39 -39.42
N PRO K 1642 102.15 -3.34 -38.50
CA PRO K 1642 103.19 -4.36 -38.72
C PRO K 1642 102.92 -5.33 -39.84
N GLU K 1643 101.68 -5.44 -40.29
CA GLU K 1643 101.37 -6.32 -41.41
C GLU K 1643 101.91 -5.80 -42.72
N GLU K 1644 102.26 -4.53 -42.80
CA GLU K 1644 102.75 -3.95 -44.03
C GLU K 1644 104.11 -3.30 -43.91
N ASN K 1645 104.66 -3.19 -42.69
CA ASN K 1645 106.00 -2.66 -42.41
C ASN K 1645 106.17 -1.23 -42.91
N ARG K 1646 105.07 -0.49 -42.94
CA ARG K 1646 105.04 0.87 -43.46
C ARG K 1646 104.71 1.80 -42.32
N CYS K 1647 105.72 2.47 -41.79
CA CYS K 1647 105.55 3.37 -40.66
C CYS K 1647 104.97 4.68 -41.14
N MET K 1648 104.40 5.44 -40.21
CA MET K 1648 103.84 6.74 -40.51
C MET K 1648 103.91 7.62 -39.28
N ASP K 1649 103.86 8.92 -39.50
CA ASP K 1649 103.85 9.87 -38.40
C ASP K 1649 102.52 9.81 -37.67
N ILE K 1650 102.59 9.94 -36.35
CA ILE K 1650 101.39 9.71 -35.56
C ILE K 1650 100.45 10.91 -35.61
N LEU K 1651 100.96 12.07 -36.01
CA LEU K 1651 100.10 13.23 -36.14
C LEU K 1651 99.13 13.11 -37.29
N GLU K 1652 99.39 12.21 -38.24
CA GLU K 1652 98.49 11.92 -39.34
C GLU K 1652 97.19 11.29 -38.90
N LEU K 1653 97.10 10.79 -37.67
CA LEU K 1653 95.84 10.31 -37.16
C LEU K 1653 94.81 11.42 -36.98
N SER K 1654 95.24 12.67 -36.93
CA SER K 1654 94.31 13.78 -36.79
C SER K 1654 93.37 13.92 -37.96
N GLU K 1655 93.74 13.42 -39.13
CA GLU K 1655 92.82 13.39 -40.25
C GLU K 1655 92.51 12.00 -40.74
N ARG K 1656 93.17 10.97 -40.18
CA ARG K 1656 92.90 9.61 -40.63
C ARG K 1656 91.51 9.17 -40.18
N LEU K 1657 91.16 9.50 -38.94
CA LEU K 1657 89.81 9.38 -38.37
C LEU K 1657 89.28 7.96 -38.30
N ASP K 1658 90.07 6.96 -38.66
CA ASP K 1658 89.69 5.59 -38.40
C ASP K 1658 90.73 4.87 -37.57
N LEU K 1659 92.00 4.99 -37.94
CA LEU K 1659 93.04 4.45 -37.09
C LEU K 1659 93.34 5.34 -35.90
N GLN K 1660 92.78 6.55 -35.86
CA GLN K 1660 92.72 7.27 -34.60
C GLN K 1660 91.87 6.52 -33.61
N ARG K 1661 90.69 6.07 -34.06
CA ARG K 1661 89.74 5.41 -33.17
C ARG K 1661 90.24 4.06 -32.70
N PHE K 1662 90.80 3.26 -33.59
CA PHE K 1662 91.27 1.94 -33.21
C PHE K 1662 92.54 2.03 -32.38
N HIS K 1663 93.30 3.10 -32.51
CA HIS K 1663 94.40 3.27 -31.59
C HIS K 1663 93.96 4.02 -30.35
N SER K 1664 92.77 4.59 -30.34
CA SER K 1664 92.23 5.09 -29.09
C SER K 1664 91.71 3.97 -28.22
N HIS K 1665 90.97 3.05 -28.83
CA HIS K 1665 90.40 1.95 -28.06
C HIS K 1665 91.44 0.95 -27.63
N THR K 1666 92.60 0.92 -28.29
CA THR K 1666 93.70 0.14 -27.78
C THR K 1666 94.21 0.70 -26.47
N LEU K 1667 94.19 2.03 -26.32
CA LEU K 1667 94.61 2.62 -25.07
C LEU K 1667 93.62 2.37 -23.95
N ARG K 1668 92.37 2.06 -24.28
CA ARG K 1668 91.47 1.61 -23.22
C ARG K 1668 91.80 0.21 -22.79
N LEU K 1669 92.25 -0.63 -23.71
CA LEU K 1669 92.67 -1.97 -23.34
C LEU K 1669 93.96 -1.94 -22.55
N TYR K 1670 94.82 -0.95 -22.80
CA TYR K 1670 96.02 -0.85 -21.99
C TYR K 1670 95.73 -0.38 -20.59
N ARG K 1671 94.79 0.53 -20.41
CA ARG K 1671 94.48 0.95 -19.05
C ARG K 1671 93.68 -0.10 -18.31
N ALA K 1672 92.88 -0.89 -19.02
CA ALA K 1672 92.06 -1.89 -18.35
C ALA K 1672 92.85 -3.13 -17.95
N VAL K 1673 93.94 -3.42 -18.64
CA VAL K 1673 94.72 -4.60 -18.28
C VAL K 1673 95.50 -4.34 -17.00
N CYS K 1674 96.23 -3.23 -16.93
CA CYS K 1674 96.93 -2.93 -15.69
C CYS K 1674 96.07 -2.15 -14.72
N ALA K 1675 94.84 -2.60 -14.50
CA ALA K 1675 93.90 -1.87 -13.68
C ALA K 1675 93.86 -2.50 -12.29
N LEU K 1676 93.69 -1.63 -11.30
CA LEU K 1676 93.52 -2.00 -9.90
C LEU K 1676 94.76 -2.72 -9.37
N GLY K 1677 95.91 -2.10 -9.56
CA GLY K 1677 97.12 -2.56 -8.90
C GLY K 1677 97.73 -3.85 -9.43
N ASN K 1678 97.36 -4.26 -10.64
CA ASN K 1678 97.97 -5.44 -11.25
C ASN K 1678 99.38 -5.06 -11.64
N ASN K 1679 100.33 -5.30 -10.75
CA ASN K 1679 101.64 -4.74 -10.96
C ASN K 1679 102.62 -5.71 -11.61
N ARG K 1680 102.28 -6.99 -11.70
CA ARG K 1680 103.12 -7.86 -12.50
C ARG K 1680 102.94 -7.54 -13.97
N VAL K 1681 101.71 -7.21 -14.37
CA VAL K 1681 101.50 -6.84 -15.76
C VAL K 1681 101.89 -5.38 -16.00
N ALA K 1682 102.03 -4.59 -14.93
CA ALA K 1682 102.38 -3.19 -15.11
C ALA K 1682 103.81 -3.03 -15.54
N HIS K 1683 104.66 -4.00 -15.24
CA HIS K 1683 105.99 -3.99 -15.85
C HIS K 1683 105.90 -4.41 -17.30
N ALA K 1684 104.95 -5.28 -17.63
CA ALA K 1684 104.88 -5.82 -18.99
C ALA K 1684 104.43 -4.76 -19.98
N LEU K 1685 103.63 -3.79 -19.54
CA LEU K 1685 103.32 -2.70 -20.44
C LEU K 1685 104.45 -1.70 -20.57
N CYS K 1686 105.34 -1.63 -19.59
CA CYS K 1686 106.41 -0.65 -19.63
C CYS K 1686 107.45 -0.97 -20.70
N SER K 1687 107.40 -2.18 -21.25
CA SER K 1687 108.17 -2.46 -22.47
C SER K 1687 107.51 -1.85 -23.68
N HIS K 1688 106.19 -2.03 -23.85
CA HIS K 1688 105.52 -1.70 -25.09
C HIS K 1688 105.39 -0.20 -25.29
N VAL K 1689 105.25 0.54 -24.20
CA VAL K 1689 105.22 2.00 -24.27
C VAL K 1689 106.29 2.52 -23.32
N ASP K 1690 107.38 3.02 -23.91
CA ASP K 1690 108.61 3.30 -23.17
C ASP K 1690 108.44 4.50 -22.25
N GLN K 1691 109.51 4.80 -21.53
CA GLN K 1691 109.43 5.89 -20.55
C GLN K 1691 109.58 7.25 -21.20
N ALA K 1692 110.47 7.39 -22.18
CA ALA K 1692 110.69 8.71 -22.76
C ALA K 1692 109.55 9.09 -23.68
N GLN K 1693 109.09 8.15 -24.50
CA GLN K 1693 108.03 8.44 -25.46
C GLN K 1693 106.69 8.69 -24.79
N LEU K 1694 106.54 8.31 -23.53
CA LEU K 1694 105.36 8.70 -22.79
C LEU K 1694 105.52 10.12 -22.27
N LEU K 1695 106.69 10.43 -21.73
CA LEU K 1695 106.99 11.81 -21.36
C LEU K 1695 107.08 12.74 -22.54
N HIS K 1696 107.40 12.23 -23.72
CA HIS K 1696 107.39 13.11 -24.88
C HIS K 1696 105.97 13.46 -25.29
N ALA K 1697 105.05 12.52 -25.14
CA ALA K 1697 103.69 12.73 -25.59
C ALA K 1697 102.87 13.61 -24.65
N LEU K 1698 103.47 14.11 -23.56
CA LEU K 1698 102.68 14.92 -22.65
C LEU K 1698 102.56 16.35 -23.13
N GLU K 1699 103.41 16.77 -24.06
CA GLU K 1699 103.48 18.17 -24.45
C GLU K 1699 103.49 18.38 -25.95
N ASP K 1700 103.47 17.31 -26.75
CA ASP K 1700 103.36 17.46 -28.19
C ASP K 1700 101.95 17.91 -28.49
N ALA K 1701 101.78 19.22 -28.66
CA ALA K 1701 100.48 19.85 -28.72
C ALA K 1701 99.68 19.49 -29.96
N HIS K 1702 100.33 19.02 -31.01
CA HIS K 1702 99.64 18.71 -32.25
C HIS K 1702 98.99 17.33 -32.25
N LEU K 1703 98.98 16.65 -31.11
CA LEU K 1703 98.27 15.39 -30.99
C LEU K 1703 96.76 15.67 -31.09
N PRO K 1704 95.99 14.71 -31.56
CA PRO K 1704 94.55 14.93 -31.66
C PRO K 1704 93.84 14.88 -30.32
N GLY K 1705 92.51 14.88 -30.38
CA GLY K 1705 91.70 14.96 -29.19
C GLY K 1705 91.75 13.74 -28.28
N PRO K 1706 91.12 12.63 -28.70
CA PRO K 1706 91.01 11.49 -27.79
C PRO K 1706 92.29 10.72 -27.63
N LEU K 1707 93.34 11.10 -28.33
CA LEU K 1707 94.60 10.42 -28.15
C LEU K 1707 95.44 11.12 -27.08
N ARG K 1708 95.14 12.39 -26.80
CA ARG K 1708 95.85 13.07 -25.74
C ARG K 1708 95.34 12.61 -24.38
N ALA K 1709 94.03 12.42 -24.27
CA ALA K 1709 93.47 11.96 -23.00
C ALA K 1709 93.74 10.49 -22.78
N GLY K 1710 94.18 9.77 -23.80
CA GLY K 1710 94.67 8.43 -23.58
C GLY K 1710 96.06 8.40 -22.99
N TYR K 1711 97.02 9.09 -23.62
CA TYR K 1711 98.41 9.00 -23.18
C TYR K 1711 98.66 9.70 -21.86
N TYR K 1712 97.77 10.58 -21.43
CA TYR K 1712 97.89 11.04 -20.06
C TYR K 1712 97.32 10.01 -19.11
N ASP K 1713 96.16 9.46 -19.41
CA ASP K 1713 95.55 8.52 -18.49
C ASP K 1713 96.21 7.16 -18.53
N LEU K 1714 96.95 6.85 -19.59
CA LEU K 1714 97.78 5.65 -19.56
C LEU K 1714 98.90 5.80 -18.55
N LEU K 1715 99.46 7.01 -18.44
CA LEU K 1715 100.62 7.23 -17.58
C LEU K 1715 100.30 6.99 -16.12
N ILE K 1716 99.18 7.53 -15.63
CA ILE K 1716 98.86 7.31 -14.23
C ILE K 1716 98.41 5.88 -13.98
N SER K 1717 97.88 5.21 -14.99
CA SER K 1717 97.40 3.86 -14.75
C SER K 1717 98.51 2.83 -14.79
N ILE K 1718 99.75 3.22 -15.12
CA ILE K 1718 100.85 2.29 -14.98
C ILE K 1718 101.88 2.76 -13.96
N HIS K 1719 101.79 3.99 -13.50
CA HIS K 1719 102.78 4.45 -12.55
C HIS K 1719 102.22 5.06 -11.29
N LEU K 1720 101.13 5.83 -11.39
CA LEU K 1720 100.68 6.66 -10.30
C LEU K 1720 99.29 6.26 -9.87
N GLU K 1721 99.01 4.98 -9.85
CA GLU K 1721 97.73 4.51 -9.35
C GLU K 1721 97.87 3.57 -8.17
N SER K 1722 98.81 2.63 -8.24
CA SER K 1722 99.04 1.70 -7.15
C SER K 1722 99.50 2.43 -5.90
N ALA K 1723 100.25 3.50 -6.05
CA ALA K 1723 100.56 4.35 -4.92
C ALA K 1723 99.44 5.31 -4.59
N CYS K 1724 98.56 5.60 -5.55
CA CYS K 1724 97.53 6.62 -5.32
C CYS K 1724 96.46 6.12 -4.35
N ARG K 1725 95.97 4.90 -4.56
CA ARG K 1725 94.89 4.38 -3.73
C ARG K 1725 95.34 4.12 -2.31
N SER K 1726 96.59 3.71 -2.12
CA SER K 1726 97.04 3.36 -0.79
C SER K 1726 97.23 4.60 0.08
N ARG K 1727 97.67 5.70 -0.50
CA ARG K 1727 97.81 6.90 0.32
C ARG K 1727 96.47 7.59 0.55
N ARG K 1728 95.59 7.60 -0.46
CA ARG K 1728 94.26 8.20 -0.28
C ARG K 1728 93.45 7.45 0.77
N SER K 1729 93.68 6.15 0.91
CA SER K 1729 93.09 5.39 2.00
C SER K 1729 93.53 5.89 3.37
N MET K 1730 94.82 6.18 3.55
CA MET K 1730 95.31 6.62 4.85
C MET K 1730 95.09 8.10 5.12
N LEU K 1731 94.40 8.81 4.25
CA LEU K 1731 94.17 10.23 4.48
C LEU K 1731 93.07 10.49 5.50
N SER K 1732 92.10 9.61 5.61
CA SER K 1732 90.94 9.90 6.46
C SER K 1732 91.28 9.75 7.94
N GLU K 1733 92.37 9.07 8.25
CA GLU K 1733 92.78 8.88 9.62
C GLU K 1733 94.07 9.65 9.88
N TYR K 1734 94.22 10.09 11.12
CA TYR K 1734 95.28 11.01 11.50
C TYR K 1734 96.03 10.42 12.69
N ILE K 1735 97.28 10.03 12.47
CA ILE K 1735 98.11 9.39 13.47
C ILE K 1735 99.33 10.27 13.66
N VAL K 1736 99.40 10.95 14.79
CA VAL K 1736 100.44 11.94 15.05
C VAL K 1736 101.36 11.41 16.15
N PRO K 1737 102.67 11.51 15.99
CA PRO K 1737 103.59 11.18 17.07
C PRO K 1737 103.96 12.42 17.88
N LEU K 1738 104.61 12.19 19.02
CA LEU K 1738 105.10 13.26 19.87
C LEU K 1738 106.58 13.55 19.62
N THR K 1739 106.87 14.00 18.43
CA THR K 1739 108.15 14.64 18.24
C THR K 1739 108.04 16.11 18.65
N PRO K 1740 109.15 16.75 19.02
CA PRO K 1740 109.10 18.20 19.26
C PRO K 1740 108.78 19.03 18.04
N GLU K 1741 108.99 18.50 16.83
CA GLU K 1741 108.50 19.18 15.63
C GLU K 1741 106.98 19.25 15.63
N THR K 1742 106.31 18.22 16.12
CA THR K 1742 104.88 18.24 16.32
C THR K 1742 104.49 19.27 17.36
N ARG K 1743 105.25 19.36 18.45
CA ARG K 1743 104.94 20.21 19.60
C ARG K 1743 104.87 21.69 19.25
N ALA K 1744 105.59 22.14 18.23
CA ALA K 1744 105.49 23.51 17.75
C ALA K 1744 104.64 23.52 16.49
N ILE K 1745 103.32 23.47 16.69
CA ILE K 1745 102.35 23.63 15.60
C ILE K 1745 101.19 24.45 16.15
N THR K 1746 100.93 25.59 15.55
CA THR K 1746 99.84 26.46 15.98
C THR K 1746 98.76 26.47 14.92
N LEU K 1747 97.60 27.02 15.29
CA LEU K 1747 96.57 27.26 14.29
C LEU K 1747 96.98 28.38 13.35
N PHE K 1748 97.21 29.57 13.89
CA PHE K 1748 97.63 30.67 13.05
C PHE K 1748 99.15 30.74 13.00
N PRO K 1749 99.73 31.13 11.88
CA PRO K 1749 101.18 31.34 11.83
C PRO K 1749 101.57 32.57 12.64
N PRO K 1750 102.69 32.52 13.34
CA PRO K 1750 103.09 33.65 14.17
C PRO K 1750 103.63 34.81 13.35
N GLY K 1751 103.06 35.98 13.62
CA GLY K 1751 103.46 37.19 12.91
C GLY K 1751 102.51 38.34 13.17
N ARG K 1758 96.75 37.24 13.70
CA ARG K 1758 95.41 36.76 13.37
C ARG K 1758 95.23 36.64 11.86
N ARG K 1759 96.34 36.69 11.13
CA ARG K 1759 96.33 36.54 9.68
C ARG K 1759 96.28 35.05 9.35
N HIS K 1760 95.31 34.67 8.53
CA HIS K 1760 95.07 33.25 8.24
C HIS K 1760 96.17 32.71 7.33
N GLY K 1761 96.74 31.58 7.72
CA GLY K 1761 97.84 31.00 6.98
C GLY K 1761 97.40 30.37 5.67
N LEU K 1762 98.39 30.01 4.86
CA LEU K 1762 98.13 29.42 3.55
C LEU K 1762 97.77 27.94 3.69
N PRO K 1763 96.76 27.47 2.97
CA PRO K 1763 96.39 26.05 3.07
C PRO K 1763 97.39 25.18 2.35
N GLY K 1764 97.70 24.04 2.97
CA GLY K 1764 98.63 23.09 2.40
C GLY K 1764 100.09 23.44 2.52
N VAL K 1765 100.41 24.61 3.05
CA VAL K 1765 101.79 25.07 3.16
C VAL K 1765 102.19 24.96 4.61
N GLY K 1766 103.33 24.35 4.85
CA GLY K 1766 103.83 24.20 6.20
C GLY K 1766 104.36 22.80 6.40
N VAL K 1767 104.34 22.36 7.66
CA VAL K 1767 104.84 21.06 8.05
C VAL K 1767 103.69 20.25 8.65
N THR K 1768 103.48 19.05 8.12
CA THR K 1768 102.56 18.09 8.69
C THR K 1768 103.36 16.91 9.24
N THR K 1769 102.75 16.17 10.16
CA THR K 1769 103.48 15.13 10.89
C THR K 1769 102.71 13.81 10.92
N SER K 1770 101.56 13.74 10.26
CA SER K 1770 100.77 12.52 10.29
C SER K 1770 101.47 11.43 9.49
N LEU K 1771 101.38 10.22 10.00
CA LEU K 1771 102.18 9.13 9.45
C LEU K 1771 101.57 8.65 8.14
N ARG K 1772 102.43 8.40 7.16
CA ARG K 1772 102.05 7.80 5.90
C ARG K 1772 103.18 6.89 5.44
N PRO K 1773 102.87 5.77 4.83
CA PRO K 1773 103.92 4.87 4.37
C PRO K 1773 104.59 5.43 3.13
N PRO K 1774 105.87 5.11 2.94
CA PRO K 1774 106.53 5.41 1.67
C PRO K 1774 105.99 4.51 0.56
N HIS K 1775 106.38 4.84 -0.66
CA HIS K 1775 105.68 4.32 -1.81
C HIS K 1775 106.24 3.02 -2.34
N HIS K 1776 107.55 2.80 -2.22
CA HIS K 1776 108.25 1.57 -2.64
C HIS K 1776 108.06 1.30 -4.13
N PHE K 1777 108.60 2.20 -4.93
CA PHE K 1777 108.67 1.91 -6.35
C PHE K 1777 109.85 1.00 -6.64
N SER K 1778 109.78 0.31 -7.78
CA SER K 1778 110.90 -0.53 -8.20
C SER K 1778 111.14 -0.19 -9.67
N PRO K 1779 112.39 -0.07 -10.09
CA PRO K 1779 112.68 0.30 -11.47
C PRO K 1779 112.47 -0.89 -12.38
N PRO K 1780 111.97 -0.66 -13.60
CA PRO K 1780 111.71 -1.77 -14.51
C PRO K 1780 112.99 -2.27 -15.14
N CYS K 1781 112.99 -3.56 -15.44
CA CYS K 1781 114.07 -4.18 -16.18
C CYS K 1781 113.48 -5.36 -16.94
N PHE K 1782 114.21 -5.89 -17.90
CA PHE K 1782 113.72 -7.04 -18.66
C PHE K 1782 114.81 -8.07 -18.92
N VAL K 1783 116.01 -7.84 -18.43
CA VAL K 1783 117.07 -8.82 -18.58
C VAL K 1783 117.33 -9.56 -17.29
N ALA K 1784 116.64 -9.21 -16.21
CA ALA K 1784 116.77 -9.96 -14.97
C ALA K 1784 116.17 -11.35 -15.12
N ALA K 1785 116.81 -12.32 -14.47
CA ALA K 1785 116.42 -13.72 -14.63
C ALA K 1785 115.12 -14.00 -13.90
N LEU K 1786 114.38 -14.98 -14.38
CA LEU K 1786 113.11 -15.33 -13.78
C LEU K 1786 113.31 -16.28 -12.61
N PRO K 1787 112.81 -15.93 -11.42
CA PRO K 1787 112.75 -16.93 -10.34
C PRO K 1787 111.43 -17.69 -10.39
N ALA K 1788 111.46 -18.93 -9.89
CA ALA K 1788 110.32 -19.84 -9.78
C ALA K 1788 109.59 -20.08 -11.11
N GLU K 1793 106.22 -19.47 -5.68
CA GLU K 1793 105.37 -18.28 -5.78
C GLU K 1793 106.16 -17.02 -5.45
N ALA K 1794 106.07 -16.04 -6.34
CA ALA K 1794 106.71 -14.76 -6.10
C ALA K 1794 105.96 -14.01 -5.00
N PRO K 1795 106.66 -13.20 -4.19
CA PRO K 1795 105.96 -12.43 -3.15
C PRO K 1795 104.98 -11.41 -3.70
N ALA K 1796 105.48 -10.49 -4.51
CA ALA K 1796 104.71 -9.40 -5.10
C ALA K 1796 105.57 -8.68 -6.12
N ARG K 1797 104.94 -7.82 -6.89
CA ARG K 1797 105.65 -6.87 -7.74
C ARG K 1797 105.23 -5.49 -7.34
N LEU K 1798 106.18 -4.59 -7.20
CA LEU K 1798 105.83 -3.21 -6.91
C LEU K 1798 105.34 -2.52 -8.17
N SER K 1799 104.89 -1.29 -8.00
CA SER K 1799 104.57 -0.47 -9.15
C SER K 1799 105.86 -0.04 -9.84
N PRO K 1800 105.93 -0.12 -11.17
CA PRO K 1800 107.15 0.27 -11.88
C PRO K 1800 107.39 1.76 -11.78
N ALA K 1801 108.66 2.15 -11.77
CA ALA K 1801 109.03 3.47 -11.31
C ALA K 1801 109.18 4.44 -12.47
N ILE K 1802 109.33 5.72 -12.14
CA ILE K 1802 109.47 6.83 -13.08
C ILE K 1802 110.00 8.01 -12.26
N PRO K 1803 110.98 8.77 -12.76
CA PRO K 1803 111.61 9.80 -11.92
C PRO K 1803 110.71 10.97 -11.60
N LEU K 1804 110.30 11.06 -10.35
CA LEU K 1804 109.26 12.00 -9.92
C LEU K 1804 109.74 13.43 -9.84
N GLU K 1805 110.97 13.67 -9.38
CA GLU K 1805 111.47 15.04 -9.27
C GLU K 1805 111.65 15.68 -10.64
N ALA K 1806 111.95 14.87 -11.66
CA ALA K 1806 111.87 15.35 -13.02
C ALA K 1806 110.44 15.59 -13.46
N LEU K 1807 109.48 14.82 -12.93
CA LEU K 1807 108.12 14.89 -13.44
C LEU K 1807 107.38 16.12 -12.95
N ARG K 1808 107.65 16.56 -11.73
CA ARG K 1808 106.92 17.69 -11.17
C ARG K 1808 107.26 19.00 -11.87
N ASP K 1809 108.49 19.13 -12.36
CA ASP K 1809 108.85 20.34 -13.11
C ASP K 1809 108.17 20.36 -14.47
N LYS K 1810 108.00 19.18 -15.08
CA LYS K 1810 107.35 19.14 -16.38
C LYS K 1810 105.85 19.38 -16.24
N ALA K 1811 105.24 18.81 -15.20
CA ALA K 1811 103.80 18.96 -15.04
C ALA K 1811 103.40 20.37 -14.64
N LEU K 1812 104.21 21.03 -13.81
CA LEU K 1812 103.97 22.42 -13.47
C LEU K 1812 104.09 23.34 -14.67
N ARG K 1813 105.01 23.03 -15.58
CA ARG K 1813 105.22 23.86 -16.75
C ARG K 1813 104.06 23.78 -17.72
N MET K 1814 103.53 22.57 -17.93
CA MET K 1814 102.42 22.41 -18.88
C MET K 1814 101.13 23.01 -18.33
N LEU K 1815 100.95 23.01 -17.02
CA LEU K 1815 99.86 23.79 -16.44
C LEU K 1815 100.13 25.27 -16.57
N GLY K 1816 101.37 25.69 -16.30
CA GLY K 1816 101.71 27.10 -16.25
C GLY K 1816 101.56 27.81 -17.58
N GLU K 1817 101.81 27.11 -18.68
CA GLU K 1817 101.53 27.71 -19.98
C GLU K 1817 100.04 27.74 -20.26
N ALA K 1818 99.30 26.75 -19.76
CA ALA K 1818 97.92 26.57 -20.20
C ALA K 1818 97.01 27.64 -19.61
N VAL K 1819 97.26 28.03 -18.37
CA VAL K 1819 96.51 29.14 -17.80
C VAL K 1819 96.92 30.45 -18.46
N ARG K 1820 98.13 30.53 -18.98
CA ARG K 1820 98.55 31.73 -19.67
C ARG K 1820 98.08 31.75 -21.12
N ASP K 1821 98.19 30.62 -21.82
CA ASP K 1821 97.71 30.55 -23.20
C ASP K 1821 96.19 30.60 -23.29
N GLY K 1822 95.48 30.17 -22.26
CA GLY K 1822 94.04 30.28 -22.28
C GLY K 1822 93.50 31.68 -22.21
N GLY K 1823 94.30 32.62 -21.71
CA GLY K 1823 93.88 34.01 -21.68
C GLY K 1823 93.98 34.65 -23.04
N GLN K 1824 94.80 34.07 -23.91
CA GLN K 1824 94.97 34.62 -25.24
C GLN K 1824 93.75 34.37 -26.13
N HIS K 1825 92.89 33.44 -25.75
CA HIS K 1825 91.65 33.08 -26.46
C HIS K 1825 91.93 32.68 -27.91
N ALA K 1826 92.92 31.80 -28.05
CA ALA K 1826 93.32 31.36 -29.37
C ALA K 1826 92.25 30.48 -30.01
N ARG K 1827 92.14 30.60 -31.33
CA ARG K 1827 91.15 29.85 -32.09
C ARG K 1827 91.52 28.38 -32.24
N ASP K 1828 92.80 28.04 -32.15
CA ASP K 1828 93.25 26.65 -32.27
C ASP K 1828 93.86 26.24 -30.93
N PRO K 1829 93.05 25.74 -30.02
CA PRO K 1829 93.57 25.29 -28.73
C PRO K 1829 94.31 23.97 -28.90
N VAL K 1830 95.08 23.62 -27.88
CA VAL K 1830 95.85 22.39 -27.90
C VAL K 1830 94.90 21.22 -27.80
N GLY K 1831 95.01 20.28 -28.74
CA GLY K 1831 94.24 19.07 -28.68
C GLY K 1831 92.82 19.19 -29.15
N GLY K 1832 92.44 20.33 -29.71
CA GLY K 1832 91.18 20.45 -30.42
C GLY K 1832 90.05 21.05 -29.62
N SER K 1833 90.26 21.37 -28.35
CA SER K 1833 89.24 22.03 -27.54
C SER K 1833 89.92 22.68 -26.35
N VAL K 1834 89.13 23.39 -25.55
CA VAL K 1834 89.61 23.80 -24.24
C VAL K 1834 89.35 22.68 -23.25
N GLU K 1835 88.49 21.74 -23.59
CA GLU K 1835 88.21 20.61 -22.72
C GLU K 1835 89.40 19.67 -22.66
N PHE K 1836 89.96 19.31 -23.81
CA PHE K 1836 91.13 18.45 -23.81
C PHE K 1836 92.42 19.18 -23.47
N GLN K 1837 92.38 20.48 -23.29
CA GLN K 1837 93.62 21.16 -22.94
C GLN K 1837 93.86 21.09 -21.45
N PHE K 1838 92.82 20.87 -20.65
CA PHE K 1838 92.95 20.98 -19.20
C PHE K 1838 92.59 19.71 -18.45
N VAL K 1839 91.64 18.93 -18.93
CA VAL K 1839 91.22 17.70 -18.26
C VAL K 1839 92.37 16.69 -18.20
N PRO K 1840 93.18 16.47 -19.24
CA PRO K 1840 94.37 15.62 -19.02
C PRO K 1840 95.56 16.35 -18.47
N VAL K 1841 95.42 17.54 -17.90
CA VAL K 1841 96.57 18.06 -17.17
C VAL K 1841 96.20 18.33 -15.73
N LEU K 1842 94.90 18.47 -15.43
CA LEU K 1842 94.52 18.61 -14.05
C LEU K 1842 94.52 17.26 -13.34
N LYS K 1843 93.96 16.24 -13.98
CA LYS K 1843 93.85 14.94 -13.33
C LYS K 1843 95.19 14.24 -13.23
N LEU K 1844 96.24 14.81 -13.82
CA LEU K 1844 97.58 14.39 -13.42
C LEU K 1844 98.08 15.25 -12.28
N VAL K 1845 97.80 16.55 -12.31
CA VAL K 1845 98.28 17.41 -11.23
C VAL K 1845 97.53 17.13 -9.95
N SER K 1846 96.24 16.81 -10.06
CA SER K 1846 95.47 16.41 -8.89
C SER K 1846 95.98 15.10 -8.30
N THR K 1847 96.47 14.19 -9.12
CA THR K 1847 96.96 12.94 -8.54
C THR K 1847 98.45 12.99 -8.24
N LEU K 1848 99.14 14.05 -8.63
CA LEU K 1848 100.43 14.30 -8.01
C LEU K 1848 100.31 15.19 -6.80
N LEU K 1849 99.16 15.81 -6.58
CA LEU K 1849 99.02 16.61 -5.37
C LEU K 1849 98.54 15.77 -4.21
N VAL K 1850 97.78 14.71 -4.47
CA VAL K 1850 97.33 13.86 -3.39
C VAL K 1850 98.44 12.91 -2.96
N MET K 1851 99.44 12.66 -3.80
CA MET K 1851 100.54 11.81 -3.38
C MET K 1851 101.58 12.58 -2.60
N GLY K 1852 101.40 13.89 -2.45
CA GLY K 1852 102.23 14.68 -1.56
C GLY K 1852 103.66 14.89 -2.03
N ILE K 1853 103.95 14.57 -3.28
CA ILE K 1853 105.32 14.66 -3.77
C ILE K 1853 105.69 16.06 -4.22
N PHE K 1854 104.81 17.04 -4.08
CA PHE K 1854 105.14 18.41 -4.42
C PHE K 1854 105.77 19.10 -3.22
N GLY K 1855 106.76 19.93 -3.50
CA GLY K 1855 107.30 20.83 -2.49
C GLY K 1855 106.30 21.92 -2.16
N ASP K 1856 106.52 22.57 -1.02
CA ASP K 1856 105.61 23.63 -0.60
C ASP K 1856 105.75 24.86 -1.47
N GLU K 1857 106.95 25.11 -1.98
CA GLU K 1857 107.13 26.23 -2.92
C GLU K 1857 106.49 25.92 -4.26
N ASP K 1858 106.31 24.63 -4.57
CA ASP K 1858 105.59 24.27 -5.79
C ASP K 1858 104.11 24.57 -5.65
N VAL K 1859 103.52 24.17 -4.53
CA VAL K 1859 102.11 24.46 -4.30
C VAL K 1859 101.88 25.93 -3.98
N LYS K 1860 102.94 26.66 -3.60
CA LYS K 1860 102.84 28.10 -3.56
C LYS K 1860 102.62 28.67 -4.96
N GLN K 1861 103.26 28.07 -5.97
CA GLN K 1861 103.02 28.47 -7.34
C GLN K 1861 101.66 28.03 -7.83
N ILE K 1862 101.19 26.86 -7.37
CA ILE K 1862 99.89 26.36 -7.78
C ILE K 1862 98.78 27.24 -7.21
N LEU K 1863 98.98 27.75 -6.00
CA LEU K 1863 98.02 28.69 -5.44
C LEU K 1863 97.97 29.99 -6.23
N LYS K 1864 99.10 30.42 -6.78
CA LYS K 1864 99.10 31.58 -7.65
C LYS K 1864 98.36 31.30 -8.94
N MET K 1865 98.47 30.07 -9.46
CA MET K 1865 97.89 29.75 -10.75
C MET K 1865 96.39 29.51 -10.67
N ILE K 1866 95.81 29.54 -9.48
CA ILE K 1866 94.37 29.38 -9.36
C ILE K 1866 93.69 30.74 -9.26
N GLU K 1867 94.08 31.53 -8.27
CA GLU K 1867 93.59 32.90 -8.14
C GLU K 1867 94.67 33.67 -7.40
N PRO K 1868 95.55 34.36 -8.13
CA PRO K 1868 96.70 35.00 -7.48
C PRO K 1868 96.34 36.23 -6.67
N GLU K 1869 95.14 36.77 -6.82
CA GLU K 1869 94.71 37.93 -6.06
C GLU K 1869 94.51 37.60 -4.58
N VAL K 1870 94.26 36.33 -4.26
CA VAL K 1870 93.99 35.97 -2.87
C VAL K 1870 95.23 35.39 -2.22
N PHE K 1871 95.87 34.40 -2.85
CA PHE K 1871 96.88 33.60 -2.19
C PHE K 1871 98.29 34.17 -2.31
N THR K 1872 98.41 35.43 -2.72
CA THR K 1872 99.72 36.04 -2.80
C THR K 1872 100.18 36.44 -1.40
N GLU K 1873 101.39 36.04 -1.03
CA GLU K 1873 101.94 36.33 0.28
C GLU K 1873 102.26 37.81 0.44
N GLU K 1923 98.57 38.11 -14.29
CA GLU K 1923 97.73 37.29 -15.14
C GLU K 1923 96.33 37.15 -14.54
N GLU K 1924 95.39 36.66 -15.35
CA GLU K 1924 94.04 36.42 -14.87
C GLU K 1924 93.98 35.10 -14.11
N GLY K 1925 93.18 35.08 -13.06
CA GLY K 1925 93.02 33.88 -12.27
C GLY K 1925 92.28 32.79 -13.02
N LEU K 1926 92.50 31.56 -12.57
CA LEU K 1926 91.93 30.41 -13.28
C LEU K 1926 90.44 30.28 -13.05
N LEU K 1927 89.96 30.67 -11.88
CA LEU K 1927 88.53 30.56 -11.57
C LEU K 1927 87.69 31.54 -12.38
N GLN K 1928 88.25 32.69 -12.75
CA GLN K 1928 87.50 33.65 -13.54
C GLN K 1928 87.35 33.21 -14.98
N MET K 1929 88.16 32.27 -15.44
CA MET K 1929 88.11 31.83 -16.82
C MET K 1929 86.84 31.02 -17.07
N LYS K 1930 86.22 31.29 -18.22
CA LYS K 1930 85.05 30.53 -18.63
C LYS K 1930 85.45 29.10 -18.94
N LEU K 1931 84.85 28.16 -18.25
CA LEU K 1931 85.24 26.77 -18.34
C LEU K 1931 84.04 25.91 -18.71
N PRO K 1932 84.22 24.92 -19.56
CA PRO K 1932 83.16 23.95 -19.80
C PRO K 1932 83.03 23.02 -18.59
N GLU K 1933 81.93 22.25 -18.59
CA GLU K 1933 81.43 21.60 -17.38
C GLU K 1933 82.38 20.57 -16.80
N SER K 1934 83.06 19.78 -17.63
CA SER K 1934 83.90 18.72 -17.10
C SER K 1934 85.19 19.29 -16.52
N VAL K 1935 85.59 20.48 -16.94
CA VAL K 1935 86.81 21.04 -16.40
C VAL K 1935 86.53 21.65 -15.04
N LYS K 1936 85.27 21.99 -14.76
CA LYS K 1936 84.89 22.38 -13.40
C LYS K 1936 85.01 21.21 -12.44
N LEU K 1937 84.85 19.99 -12.94
CA LEU K 1937 84.83 18.82 -12.08
C LEU K 1937 86.20 18.55 -11.49
N GLN K 1938 87.25 18.65 -12.31
CA GLN K 1938 88.59 18.48 -11.79
C GLN K 1938 89.02 19.65 -10.92
N MET K 1939 88.41 20.81 -11.10
CA MET K 1939 88.62 21.90 -10.16
C MET K 1939 88.10 21.56 -8.77
N CYS K 1940 86.97 20.85 -8.69
CA CYS K 1940 86.47 20.42 -7.40
C CYS K 1940 87.38 19.37 -6.79
N ASN K 1941 87.87 18.43 -7.59
CA ASN K 1941 88.79 17.44 -7.06
C ASN K 1941 90.16 18.03 -6.76
N LEU K 1942 90.49 19.17 -7.34
CA LEU K 1942 91.68 19.85 -6.88
C LEU K 1942 91.42 20.60 -5.60
N LEU K 1943 90.28 21.29 -5.52
CA LEU K 1943 89.97 22.06 -4.33
C LEU K 1943 89.64 21.20 -3.13
N GLU K 1944 89.16 19.98 -3.34
CA GLU K 1944 88.89 19.10 -2.20
C GLU K 1944 90.14 18.68 -1.48
N TYR K 1945 91.29 18.65 -2.16
CA TYR K 1945 92.54 18.37 -1.46
C TYR K 1945 92.90 19.50 -0.51
N PHE K 1946 92.56 20.72 -0.88
CA PHE K 1946 93.05 21.86 -0.13
C PHE K 1946 92.30 22.06 1.17
N CYS K 1947 90.99 21.83 1.17
CA CYS K 1947 90.24 21.95 2.41
C CYS K 1947 90.61 20.86 3.41
N ASP K 1948 91.05 19.71 2.92
CA ASP K 1948 91.52 18.68 3.84
C ASP K 1948 92.86 19.03 4.44
N GLN K 1949 93.69 19.76 3.70
CA GLN K 1949 94.95 20.19 4.27
C GLN K 1949 94.74 21.29 5.30
N GLU K 1950 93.62 22.01 5.22
CA GLU K 1950 93.26 22.89 6.32
C GLU K 1950 92.79 22.08 7.53
N LEU K 1951 92.09 20.99 7.28
CA LEU K 1951 91.55 20.22 8.38
C LEU K 1951 92.61 19.38 9.06
N GLN K 1952 93.49 18.76 8.28
CA GLN K 1952 94.55 17.94 8.87
C GLN K 1952 95.57 18.81 9.59
N HIS K 1953 95.75 20.04 9.15
CA HIS K 1953 96.55 20.98 9.91
C HIS K 1953 95.86 21.39 11.19
N ARG K 1954 94.53 21.53 11.17
CA ARG K 1954 93.79 21.90 12.37
C ARG K 1954 93.84 20.82 13.43
N VAL K 1955 93.72 19.56 13.02
CA VAL K 1955 93.82 18.46 13.97
C VAL K 1955 95.24 18.36 14.52
N GLU K 1956 96.24 18.50 13.65
CA GLU K 1956 97.63 18.46 14.11
C GLU K 1956 97.99 19.70 14.92
N SER K 1957 97.20 20.77 14.80
CA SER K 1957 97.34 21.87 15.74
C SER K 1957 96.79 21.49 17.10
N LEU K 1958 95.65 20.83 17.14
CA LEU K 1958 95.01 20.52 18.41
C LEU K 1958 95.74 19.41 19.14
N ALA K 1959 96.38 18.49 18.40
CA ALA K 1959 97.24 17.51 19.05
C ALA K 1959 98.49 18.16 19.63
N ALA K 1960 98.98 19.22 19.00
CA ALA K 1960 100.12 19.94 19.56
C ALA K 1960 99.71 20.71 20.81
N PHE K 1961 98.45 21.14 20.87
CA PHE K 1961 97.99 21.90 22.02
C PHE K 1961 97.86 21.02 23.26
N ALA K 1962 97.45 19.77 23.07
CA ALA K 1962 97.08 18.93 24.21
C ALA K 1962 98.31 18.45 24.97
N GLU K 1963 99.38 18.08 24.26
CA GLU K 1963 100.59 17.63 24.93
C GLU K 1963 101.28 18.77 25.65
N ARG K 1964 101.09 20.00 25.19
CA ARG K 1964 101.48 21.16 25.99
C ARG K 1964 100.55 21.37 27.17
N TYR K 1965 99.31 20.93 27.07
CA TYR K 1965 98.30 21.16 28.10
C TYR K 1965 98.32 20.12 29.21
N VAL K 1966 98.36 18.83 28.85
CA VAL K 1966 98.31 17.80 29.88
C VAL K 1966 99.63 17.61 30.59
N ASP K 1967 100.75 18.01 29.99
CA ASP K 1967 101.99 18.07 30.74
C ASP K 1967 101.92 19.17 31.79
N LYS K 1968 101.21 20.25 31.49
CA LYS K 1968 100.92 21.29 32.45
C LYS K 1968 99.85 20.87 33.46
N LEU K 1969 99.06 19.86 33.14
CA LEU K 1969 97.94 19.49 33.99
C LEU K 1969 98.33 18.43 35.03
N GLN K 1970 99.27 17.54 34.68
CA GLN K 1970 99.66 16.50 35.63
C GLN K 1970 100.42 17.06 36.83
N ALA K 1971 101.34 18.00 36.61
CA ALA K 1971 102.05 18.61 37.72
C ALA K 1971 101.12 19.46 38.58
N ASN K 1972 100.04 19.98 38.00
CA ASN K 1972 99.07 20.72 38.79
C ASN K 1972 98.29 19.78 39.71
N GLN K 1973 97.94 18.59 39.21
CA GLN K 1973 97.22 17.63 40.05
C GLN K 1973 98.12 17.05 41.14
N ARG K 1974 99.35 16.67 40.79
CA ARG K 1974 100.23 16.01 41.74
C ARG K 1974 100.72 16.96 42.81
N SER K 1975 100.80 18.26 42.50
CA SER K 1975 101.04 19.24 43.55
C SER K 1975 99.81 19.43 44.41
N ARG K 1976 98.62 19.46 43.79
CA ARG K 1976 97.37 19.58 44.55
C ARG K 1976 97.10 18.36 45.40
N TYR K 1977 97.46 17.17 44.92
CA TYR K 1977 97.27 15.96 45.71
C TYR K 1977 98.23 15.91 46.89
N ALA K 1978 99.47 16.39 46.72
CA ALA K 1978 100.40 16.45 47.83
C ALA K 1978 99.95 17.45 48.89
N LEU K 1979 99.34 18.55 48.46
CA LEU K 1979 98.70 19.46 49.41
C LEU K 1979 97.47 18.82 50.04
N LEU K 1980 96.76 17.96 49.30
CA LEU K 1980 95.71 17.17 49.90
C LEU K 1980 96.28 16.10 50.81
N MET K 1981 97.48 15.60 50.52
CA MET K 1981 98.13 14.58 51.33
C MET K 1981 98.61 15.11 52.67
N ARG K 1982 98.76 16.42 52.81
CA ARG K 1982 99.23 17.04 54.04
C ARG K 1982 98.13 17.81 54.75
N ALA K 1983 96.91 17.81 54.22
CA ALA K 1983 95.80 18.56 54.78
C ALA K 1983 95.04 17.64 55.74
N PHE K 1984 94.96 18.04 57.00
CA PHE K 1984 94.24 17.27 58.01
C PHE K 1984 93.16 18.12 58.67
N THR K 1985 92.85 19.28 58.10
CA THR K 1985 91.90 20.22 58.69
C THR K 1985 90.45 19.81 58.51
N MET K 1986 90.18 18.79 57.69
CA MET K 1986 88.82 18.33 57.48
C MET K 1986 88.84 16.83 57.22
N SER K 1987 87.72 16.19 57.51
CA SER K 1987 87.56 14.76 57.26
C SER K 1987 86.32 14.43 56.43
N ALA K 1988 85.19 15.07 56.72
CA ALA K 1988 83.98 14.82 55.93
C ALA K 1988 84.04 15.50 54.59
N ALA K 1989 84.70 16.66 54.51
CA ALA K 1989 84.93 17.33 53.25
C ALA K 1989 86.22 16.86 52.56
N GLU K 1990 87.07 16.12 53.28
CA GLU K 1990 88.30 15.62 52.67
C GLU K 1990 88.02 14.52 51.66
N THR K 1991 87.05 13.66 51.96
CA THR K 1991 86.69 12.60 51.03
C THR K 1991 85.95 13.11 49.81
N ALA K 1992 85.29 14.26 49.92
CA ALA K 1992 84.74 14.91 48.73
C ALA K 1992 85.84 15.47 47.83
N ARG K 1993 87.02 15.74 48.40
CA ARG K 1993 88.19 16.03 47.60
C ARG K 1993 88.96 14.78 47.24
N ARG K 1994 88.63 13.64 47.87
CA ARG K 1994 89.33 12.39 47.61
C ARG K 1994 88.55 11.46 46.70
N THR K 1995 87.33 11.84 46.30
CA THR K 1995 86.59 11.03 45.33
C THR K 1995 87.22 11.10 43.96
N ARG K 1996 87.94 12.19 43.68
CA ARG K 1996 88.51 12.41 42.36
C ARG K 1996 89.89 11.81 42.25
N GLU K 1997 90.64 11.77 43.36
CA GLU K 1997 92.08 11.53 43.29
C GLU K 1997 92.40 10.08 42.97
N PHE K 1998 91.86 9.16 43.76
CA PHE K 1998 92.09 7.75 43.53
C PHE K 1998 90.82 6.92 43.55
N ARG K 1999 89.66 7.55 43.79
CA ARG K 1999 88.42 6.80 43.84
C ARG K 1999 87.73 6.78 42.49
N SER K 2000 87.94 7.79 41.68
CA SER K 2000 87.30 7.81 40.37
C SER K 2000 88.24 7.23 39.31
N PRO K 2001 87.71 6.69 38.21
CA PRO K 2001 88.58 6.26 37.12
C PRO K 2001 89.19 7.47 36.41
N PRO K 2002 90.34 7.28 35.75
CA PRO K 2002 91.01 8.43 35.12
C PRO K 2002 90.23 9.02 33.96
N GLN K 2003 89.35 8.23 33.34
CA GLN K 2003 88.42 8.78 32.36
C GLN K 2003 87.46 9.76 33.02
N GLU K 2004 86.98 9.43 34.21
CA GLU K 2004 86.06 10.32 34.91
C GLU K 2004 86.77 11.52 35.50
N GLN K 2005 88.10 11.46 35.66
CA GLN K 2005 88.84 12.62 36.16
C GLN K 2005 88.84 13.75 35.15
N ILE K 2006 89.17 13.45 33.89
CA ILE K 2006 89.27 14.47 32.86
C ILE K 2006 87.90 15.04 32.53
N ASN K 2007 86.86 14.22 32.60
CA ASN K 2007 85.51 14.73 32.45
C ASN K 2007 85.14 15.69 33.56
N MET K 2008 85.56 15.40 34.78
CA MET K 2008 85.31 16.30 35.89
C MET K 2008 86.23 17.51 35.85
N LEU K 2009 87.47 17.34 35.39
CA LEU K 2009 88.42 18.45 35.36
C LEU K 2009 88.06 19.51 34.34
N LEU K 2010 87.36 19.16 33.27
CA LEU K 2010 87.16 20.04 32.13
C LEU K 2010 85.77 20.64 32.11
N HIS K 2011 85.25 21.04 33.27
CA HIS K 2011 83.86 21.44 33.37
C HIS K 2011 83.68 22.95 33.40
N PHE K 2012 84.76 23.72 33.27
CA PHE K 2012 84.68 25.15 33.57
C PHE K 2012 84.27 25.99 32.38
N LYS K 2013 83.18 25.61 31.73
CA LYS K 2013 82.51 26.47 30.78
C LYS K 2013 81.16 26.84 31.36
N ASP K 2014 80.92 28.15 31.48
CA ASP K 2014 79.71 28.74 32.07
C ASP K 2014 79.40 28.23 33.49
N ASP K 2020 82.65 23.95 40.29
CA ASP K 2020 83.07 22.76 41.03
C ASP K 2020 84.32 22.15 40.41
N CYS K 2021 85.25 23.01 40.01
CA CYS K 2021 86.46 22.57 39.32
C CYS K 2021 87.69 22.81 40.19
N PRO K 2022 88.54 21.82 40.41
CA PRO K 2022 89.73 22.01 41.24
C PRO K 2022 90.89 22.72 40.54
N LEU K 2023 90.66 23.34 39.40
CA LEU K 2023 91.78 23.90 38.68
C LEU K 2023 91.89 25.40 38.94
N PRO K 2024 93.10 25.93 38.99
CA PRO K 2024 93.28 27.38 39.18
C PRO K 2024 92.83 28.17 37.96
N GLU K 2025 92.63 29.45 38.17
CA GLU K 2025 92.16 30.34 37.10
C GLU K 2025 93.23 30.62 36.05
N ASP K 2026 94.50 30.34 36.35
CA ASP K 2026 95.57 30.59 35.40
C ASP K 2026 95.54 29.61 34.23
N ILE K 2027 95.41 28.32 34.50
CA ILE K 2027 95.44 27.30 33.47
C ILE K 2027 94.03 26.86 33.08
N ARG K 2028 93.01 27.55 33.59
CA ARG K 2028 91.65 27.34 33.08
C ARG K 2028 91.23 28.40 32.08
N GLN K 2029 91.98 29.48 31.97
CA GLN K 2029 91.64 30.54 31.03
C GLN K 2029 92.30 30.35 29.67
N ASP K 2030 93.52 29.82 29.63
CA ASP K 2030 94.23 29.68 28.37
C ASP K 2030 93.59 28.65 27.46
N LEU K 2031 92.88 27.69 28.04
CA LEU K 2031 92.05 26.79 27.24
C LEU K 2031 90.94 27.55 26.53
N GLN K 2032 90.24 28.43 27.27
CA GLN K 2032 89.25 29.30 26.64
C GLN K 2032 89.90 30.30 25.70
N ASP K 2033 91.12 30.74 26.00
CA ASP K 2033 91.87 31.53 25.04
C ASP K 2033 92.22 30.72 23.80
N PHE K 2034 92.56 29.44 23.99
CA PHE K 2034 92.77 28.55 22.86
C PHE K 2034 91.47 28.29 22.12
N HIS K 2035 90.36 28.17 22.85
CA HIS K 2035 89.08 27.84 22.23
C HIS K 2035 88.58 28.98 21.36
N GLN K 2036 88.89 30.22 21.74
CA GLN K 2036 88.59 31.32 20.86
C GLN K 2036 89.54 31.40 19.68
N ASP K 2037 90.72 30.79 19.78
CA ASP K 2037 91.62 30.78 18.65
C ASP K 2037 91.18 29.79 17.59
N LEU K 2038 90.30 28.86 17.95
CA LEU K 2038 89.94 27.79 17.02
C LEU K 2038 88.67 28.12 16.27
N LEU K 2039 87.69 28.74 16.94
CA LEU K 2039 86.45 29.08 16.25
C LEU K 2039 86.68 30.18 15.24
N ALA K 2040 87.53 31.15 15.57
CA ALA K 2040 87.94 32.15 14.60
C ALA K 2040 88.77 31.55 13.49
N HIS K 2041 89.52 30.49 13.76
CA HIS K 2041 90.19 29.76 12.71
C HIS K 2041 89.19 29.08 11.79
N CYS K 2042 88.05 28.66 12.33
CA CYS K 2042 86.97 28.15 11.52
C CYS K 2042 86.12 29.31 11.05
N GLY K 2043 85.02 29.01 10.38
CA GLY K 2043 84.20 30.03 9.75
C GLY K 2043 83.40 30.90 10.69
N ILE K 2044 83.27 30.53 11.96
CA ILE K 2044 82.54 31.35 12.92
C ILE K 2044 83.35 32.60 13.23
N GLN K 2045 82.74 33.76 13.02
CA GLN K 2045 83.43 35.02 13.29
C GLN K 2045 83.65 35.22 14.78
N LEU K 2046 82.69 34.73 15.61
CA LEU K 2046 82.81 34.63 17.07
C LEU K 2046 83.02 36.00 17.73
N GLU K 2047 82.06 36.89 17.53
CA GLU K 2047 82.11 38.22 18.12
C GLU K 2047 81.85 38.15 19.62
N PRO K 2091 87.88 38.92 -1.34
CA PRO K 2091 87.80 37.76 -0.45
C PRO K 2091 89.17 37.33 0.03
N GLN K 2092 89.49 37.61 1.29
CA GLN K 2092 90.79 37.29 1.84
C GLN K 2092 90.82 35.96 2.56
N SER K 2093 89.81 35.12 2.37
CA SER K 2093 89.73 33.84 3.05
C SER K 2093 89.40 32.75 2.03
N LEU K 2094 89.83 31.53 2.34
CA LEU K 2094 89.58 30.41 1.45
C LEU K 2094 88.11 30.04 1.40
N GLN K 2095 87.45 29.97 2.55
CA GLN K 2095 86.03 29.67 2.58
C GLN K 2095 85.21 30.82 2.03
N GLU K 2096 85.71 32.05 2.17
CA GLU K 2096 85.11 33.17 1.48
C GLU K 2096 85.24 33.04 -0.02
N LEU K 2097 86.35 32.47 -0.50
CA LEU K 2097 86.54 32.30 -1.94
C LEU K 2097 85.63 31.22 -2.50
N VAL K 2098 85.56 30.08 -1.81
CA VAL K 2098 84.81 28.94 -2.34
C VAL K 2098 83.32 29.23 -2.35
N SER K 2099 82.81 29.83 -1.27
CA SER K 2099 81.38 30.12 -1.16
C SER K 2099 80.95 31.15 -2.18
N HIS K 2100 81.84 32.06 -2.55
CA HIS K 2100 81.57 32.90 -3.70
C HIS K 2100 81.60 32.11 -4.99
N MET K 2101 82.61 31.27 -5.17
CA MET K 2101 82.86 30.67 -6.46
C MET K 2101 81.83 29.60 -6.79
N VAL K 2102 81.42 28.82 -5.80
CA VAL K 2102 80.54 27.70 -6.08
C VAL K 2102 79.14 28.20 -6.40
N VAL K 2103 78.68 29.20 -5.65
CA VAL K 2103 77.35 29.77 -5.89
C VAL K 2103 77.30 30.45 -7.24
N ARG K 2104 78.37 31.16 -7.61
CA ARG K 2104 78.42 31.84 -8.91
C ARG K 2104 78.43 30.85 -10.06
N TRP K 2105 78.94 29.65 -9.83
CA TRP K 2105 78.87 28.61 -10.85
C TRP K 2105 77.46 28.16 -11.09
N ALA K 2106 76.60 28.24 -10.08
CA ALA K 2106 75.20 27.91 -10.30
C ALA K 2106 74.49 29.01 -11.06
N GLN K 2107 74.93 30.26 -10.89
CA GLN K 2107 74.33 31.34 -11.64
C GLN K 2107 74.80 31.40 -13.07
N GLU K 2108 75.86 30.67 -13.42
CA GLU K 2108 76.36 30.69 -14.78
C GLU K 2108 75.39 30.00 -15.73
N ASP K 2109 75.01 28.76 -15.42
CA ASP K 2109 74.13 28.01 -16.30
C ASP K 2109 73.39 26.96 -15.50
N TYR K 2110 72.53 26.23 -16.19
CA TYR K 2110 71.84 25.11 -15.57
C TYR K 2110 72.64 23.83 -15.78
N VAL K 2111 73.35 23.39 -14.76
CA VAL K 2111 74.29 22.29 -14.90
C VAL K 2111 73.53 20.98 -15.00
N GLN K 2112 73.89 20.15 -15.98
CA GLN K 2112 73.18 18.91 -16.26
C GLN K 2112 73.92 17.67 -15.76
N SER K 2113 75.24 17.72 -15.66
CA SER K 2113 76.00 16.55 -15.27
C SER K 2113 75.82 16.31 -13.79
N PRO K 2114 75.18 15.20 -13.39
CA PRO K 2114 74.86 15.00 -11.97
C PRO K 2114 76.07 14.77 -11.11
N GLU K 2115 77.21 14.41 -11.69
CA GLU K 2115 78.41 14.24 -10.89
C GLU K 2115 78.91 15.59 -10.37
N LEU K 2116 78.90 16.62 -11.21
CA LEU K 2116 79.42 17.91 -10.80
C LEU K 2116 78.55 18.57 -9.75
N VAL K 2117 77.23 18.37 -9.84
CA VAL K 2117 76.33 19.01 -8.90
C VAL K 2117 76.45 18.35 -7.52
N ARG K 2118 76.94 17.12 -7.47
CA ARG K 2118 77.20 16.52 -6.17
C ARG K 2118 78.53 17.02 -5.62
N ALA K 2119 79.54 17.15 -6.48
CA ALA K 2119 80.83 17.59 -6.00
C ALA K 2119 80.85 19.08 -5.68
N MET K 2120 79.90 19.84 -6.22
CA MET K 2120 79.80 21.24 -5.83
C MET K 2120 79.26 21.36 -4.41
N PHE K 2121 78.07 20.83 -4.18
CA PHE K 2121 77.36 21.06 -2.94
C PHE K 2121 78.02 20.38 -1.75
N SER K 2122 78.70 19.26 -1.98
CA SER K 2122 79.47 18.65 -0.91
C SER K 2122 80.66 19.49 -0.54
N LEU K 2123 81.20 20.26 -1.48
CA LEU K 2123 82.26 21.18 -1.12
C LEU K 2123 81.71 22.37 -0.36
N LEU K 2124 80.52 22.84 -0.73
CA LEU K 2124 79.98 24.06 -0.16
C LEU K 2124 79.54 23.87 1.28
N HIS K 2125 78.89 22.74 1.57
CA HIS K 2125 78.48 22.41 2.92
C HIS K 2125 79.69 22.19 3.83
N ARG K 2126 80.82 21.79 3.25
CA ARG K 2126 82.03 21.56 4.03
C ARG K 2126 82.60 22.85 4.61
N GLN K 2127 82.30 23.99 3.99
CA GLN K 2127 82.88 25.23 4.49
C GLN K 2127 82.00 25.89 5.53
N TYR K 2128 80.70 25.79 5.37
CA TYR K 2128 79.81 26.54 6.25
C TYR K 2128 79.68 25.88 7.62
N ASP K 2129 79.56 24.55 7.64
CA ASP K 2129 79.60 23.80 8.90
C ASP K 2129 81.03 23.31 9.10
N GLY K 2130 81.95 24.27 9.16
CA GLY K 2130 83.36 23.97 9.35
C GLY K 2130 83.65 23.41 10.72
N LEU K 2131 82.79 23.75 11.68
CA LEU K 2131 82.86 23.13 12.99
C LEU K 2131 82.53 21.64 12.93
N GLY K 2132 81.40 21.31 12.29
CA GLY K 2132 81.02 19.91 12.16
C GLY K 2132 81.94 19.11 11.26
N GLU K 2133 82.59 19.78 10.31
CA GLU K 2133 83.61 19.11 9.52
C GLU K 2133 84.81 18.72 10.38
N LEU K 2134 85.14 19.55 11.37
CA LEU K 2134 86.20 19.18 12.30
C LEU K 2134 85.75 18.05 13.21
N LEU K 2135 84.47 18.04 13.57
CA LEU K 2135 83.98 17.08 14.52
C LEU K 2135 83.98 15.66 13.96
N ARG K 2136 83.47 15.47 12.75
CA ARG K 2136 83.30 14.13 12.20
C ARG K 2136 84.62 13.44 11.90
N ALA K 2137 85.71 14.18 11.78
CA ALA K 2137 87.01 13.56 11.61
C ALA K 2137 87.61 13.11 12.93
N LEU K 2138 87.31 13.82 14.01
CA LEU K 2138 87.91 13.62 15.33
C LEU K 2138 87.80 12.23 15.94
N PRO K 2139 86.77 11.40 15.66
CA PRO K 2139 86.89 9.99 16.05
C PRO K 2139 88.01 9.24 15.38
N ARG K 2140 88.47 9.67 14.20
CA ARG K 2140 89.61 9.05 13.57
C ARG K 2140 90.92 9.71 13.98
N ALA K 2141 90.93 10.44 15.09
CA ALA K 2141 92.14 11.07 15.59
C ALA K 2141 92.68 10.22 16.71
N TYR K 2142 93.95 9.86 16.63
CA TYR K 2142 94.62 9.09 17.67
C TYR K 2142 96.04 9.59 17.85
N THR K 2143 96.59 9.34 19.02
CA THR K 2143 97.86 9.92 19.41
C THR K 2143 98.75 8.84 20.00
N ILE K 2144 99.95 8.67 19.44
CA ILE K 2144 100.84 7.59 19.86
C ILE K 2144 102.12 8.18 20.40
N SER K 2145 102.97 7.29 20.93
CA SER K 2145 104.27 7.59 21.48
C SER K 2145 105.33 7.60 20.37
N PRO K 2146 106.31 8.50 20.44
CA PRO K 2146 107.35 8.57 19.41
C PRO K 2146 108.29 7.38 19.39
N SER K 2147 108.31 6.56 20.42
CA SER K 2147 109.10 5.34 20.40
C SER K 2147 108.39 4.20 19.71
N SER K 2148 107.14 4.39 19.32
CA SER K 2148 106.36 3.32 18.69
C SER K 2148 106.21 3.51 17.19
N VAL K 2149 106.75 4.61 16.64
CA VAL K 2149 106.57 4.92 15.23
C VAL K 2149 107.32 3.95 14.35
N GLU K 2150 108.48 3.47 14.81
CA GLU K 2150 109.29 2.55 14.00
C GLU K 2150 108.63 1.20 13.79
N ASP K 2151 107.64 0.85 14.63
CA ASP K 2151 106.83 -0.33 14.38
C ASP K 2151 105.46 0.00 13.82
N THR K 2152 104.98 1.22 14.00
CA THR K 2152 103.63 1.56 13.56
C THR K 2152 103.54 1.68 12.05
N MET K 2153 104.54 2.31 11.43
CA MET K 2153 104.52 2.39 9.98
C MET K 2153 104.84 1.04 9.35
N SER K 2154 105.52 0.15 10.07
CA SER K 2154 105.65 -1.22 9.62
C SER K 2154 104.32 -1.95 9.70
N LEU K 2155 103.45 -1.53 10.61
CA LEU K 2155 102.12 -2.11 10.67
C LEU K 2155 101.26 -1.64 9.51
N LEU K 2156 101.28 -0.33 9.24
CA LEU K 2156 100.38 0.27 8.26
C LEU K 2156 100.62 -0.21 6.84
N GLU K 2157 101.87 -0.49 6.48
CA GLU K 2157 102.12 -1.11 5.18
C GLU K 2157 101.54 -2.51 5.12
N CYS K 2158 101.59 -3.25 6.22
CA CYS K 2158 100.96 -4.55 6.26
C CYS K 2158 99.45 -4.45 6.40
N LEU K 2159 98.94 -3.26 6.72
CA LEU K 2159 97.50 -3.03 6.62
C LEU K 2159 97.07 -2.78 5.19
N GLY K 2160 97.87 -2.03 4.43
CA GLY K 2160 97.49 -1.59 3.10
C GLY K 2160 97.33 -2.69 2.10
N GLN K 2161 98.04 -3.81 2.27
CA GLN K 2161 97.92 -4.93 1.34
C GLN K 2161 96.55 -5.56 1.44
N ILE K 2162 95.90 -5.45 2.59
CA ILE K 2162 94.58 -6.02 2.74
C ILE K 2162 93.55 -5.20 1.98
N ARG K 2163 93.65 -3.87 2.08
CA ARG K 2163 92.72 -3.00 1.40
C ARG K 2163 92.92 -3.02 -0.10
N SER K 2164 94.13 -3.28 -0.55
CA SER K 2164 94.35 -3.57 -1.95
C SER K 2164 93.71 -4.89 -2.37
N LEU K 2165 93.62 -5.84 -1.45
CA LEU K 2165 92.92 -7.08 -1.76
C LEU K 2165 91.43 -7.01 -1.49
N LEU K 2166 90.92 -5.84 -1.09
CA LEU K 2166 89.48 -5.70 -0.97
C LEU K 2166 88.83 -5.67 -2.34
N ILE K 2167 89.50 -5.09 -3.33
CA ILE K 2167 88.88 -4.76 -4.61
C ILE K 2167 89.18 -5.76 -5.72
N VAL K 2168 89.98 -6.76 -5.45
CA VAL K 2168 90.29 -7.76 -6.46
C VAL K 2168 89.64 -9.08 -6.07
N GLN K 2169 89.02 -9.74 -7.05
CA GLN K 2169 88.41 -11.04 -6.82
C GLN K 2169 89.50 -12.05 -6.47
N MET K 2170 89.25 -12.82 -5.42
CA MET K 2170 90.31 -13.57 -4.76
C MET K 2170 90.69 -14.81 -5.56
N GLY K 2171 91.98 -14.95 -5.81
CA GLY K 2171 92.52 -16.13 -6.44
C GLY K 2171 93.50 -16.84 -5.55
N PRO K 2172 94.08 -17.94 -6.02
CA PRO K 2172 94.90 -18.78 -5.13
C PRO K 2172 96.24 -18.20 -4.77
N GLN K 2173 96.68 -17.11 -5.40
CA GLN K 2173 97.95 -16.51 -5.01
C GLN K 2173 97.81 -15.50 -3.89
N GLU K 2174 96.94 -14.52 -4.05
CA GLU K 2174 96.77 -13.44 -3.08
C GLU K 2174 96.20 -13.93 -1.76
N GLU K 2175 95.58 -15.10 -1.75
CA GLU K 2175 95.28 -15.80 -0.51
C GLU K 2175 96.55 -15.96 0.33
N ASN K 2176 97.64 -16.41 -0.30
CA ASN K 2176 98.90 -16.53 0.41
C ASN K 2176 99.49 -15.16 0.73
N LEU K 2177 99.07 -14.12 0.01
CA LEU K 2177 99.43 -12.78 0.43
C LEU K 2177 98.60 -12.35 1.63
N MET K 2178 97.34 -12.77 1.71
CA MET K 2178 96.51 -12.34 2.82
C MET K 2178 96.90 -13.02 4.11
N ILE K 2179 97.17 -14.32 4.07
CA ILE K 2179 97.55 -15.06 5.27
C ILE K 2179 98.88 -14.58 5.79
N GLN K 2180 99.85 -14.36 4.90
CA GLN K 2180 101.14 -13.84 5.30
C GLN K 2180 101.04 -12.41 5.78
N SER K 2181 100.05 -11.65 5.29
CA SER K 2181 99.80 -10.34 5.85
C SER K 2181 99.27 -10.45 7.27
N ILE K 2182 98.17 -11.20 7.45
CA ILE K 2182 97.50 -11.33 8.74
C ILE K 2182 98.43 -11.95 9.78
N GLY K 2183 99.18 -12.97 9.39
CA GLY K 2183 100.20 -13.55 10.25
C GLY K 2183 101.33 -12.61 10.59
N ASN K 2184 101.46 -11.50 9.87
CA ASN K 2184 102.42 -10.48 10.25
C ASN K 2184 101.78 -9.34 11.03
N ILE K 2185 100.46 -9.28 11.08
CA ILE K 2185 99.81 -8.28 11.94
C ILE K 2185 99.81 -8.73 13.39
N MET K 2186 99.44 -9.98 13.66
CA MET K 2186 99.16 -10.44 15.00
C MET K 2186 100.39 -10.68 15.84
N ASN K 2187 101.58 -10.38 15.34
CA ASN K 2187 102.78 -10.39 16.14
C ASN K 2187 103.57 -9.12 15.91
N ASN K 2188 102.86 -7.99 15.94
CA ASN K 2188 103.45 -6.69 15.69
C ASN K 2188 103.36 -5.75 16.88
N LYS K 2189 102.79 -6.20 18.00
CA LYS K 2189 102.88 -5.67 19.35
C LYS K 2189 102.15 -4.36 19.57
N VAL K 2190 101.70 -3.67 18.53
CA VAL K 2190 101.00 -2.42 18.74
C VAL K 2190 99.50 -2.63 18.57
N PHE K 2191 99.14 -3.67 17.82
CA PHE K 2191 97.76 -4.14 17.70
C PHE K 2191 97.12 -4.42 19.06
N TYR K 2192 97.91 -4.83 20.05
CA TYR K 2192 97.40 -5.04 21.39
C TYR K 2192 97.37 -3.77 22.24
N GLN K 2193 98.45 -3.02 22.29
CA GLN K 2193 98.53 -1.96 23.30
C GLN K 2193 97.77 -0.71 22.92
N HIS K 2194 97.09 -0.67 21.78
CA HIS K 2194 96.18 0.44 21.44
C HIS K 2194 94.95 -0.15 20.76
N PRO K 2195 94.04 -0.77 21.51
CA PRO K 2195 92.88 -1.38 20.86
C PRO K 2195 91.86 -0.38 20.39
N ASN K 2196 91.91 0.85 20.89
CA ASN K 2196 91.08 1.90 20.31
C ASN K 2196 91.53 2.25 18.90
N LEU K 2197 92.84 2.30 18.65
CA LEU K 2197 93.38 2.66 17.35
C LEU K 2197 93.09 1.63 16.28
N MET K 2198 93.24 0.34 16.59
CA MET K 2198 92.90 -0.70 15.64
C MET K 2198 91.42 -0.69 15.31
N ARG K 2199 90.59 -0.36 16.29
CA ARG K 2199 89.19 -0.15 16.02
C ARG K 2199 88.96 1.13 15.23
N ALA K 2200 89.77 2.15 15.48
CA ALA K 2200 89.63 3.43 14.79
C ALA K 2200 89.99 3.34 13.32
N LEU K 2201 90.94 2.47 12.95
CA LEU K 2201 91.31 2.35 11.56
C LEU K 2201 90.36 1.49 10.75
N GLY K 2202 89.32 0.94 11.39
CA GLY K 2202 88.41 0.08 10.67
C GLY K 2202 89.04 -1.23 10.27
N MET K 2203 90.08 -1.67 10.98
CA MET K 2203 90.71 -2.94 10.67
C MET K 2203 89.76 -4.10 10.93
N HIS K 2204 88.97 -4.01 11.98
CA HIS K 2204 88.00 -5.06 12.27
C HIS K 2204 86.88 -5.09 11.25
N GLU K 2205 86.59 -3.96 10.63
CA GLU K 2205 85.63 -3.99 9.54
C GLU K 2205 86.22 -4.64 8.30
N THR K 2206 87.47 -4.33 7.98
CA THR K 2206 88.08 -4.76 6.73
C THR K 2206 88.21 -6.27 6.63
N VAL K 2207 88.55 -6.94 7.72
CA VAL K 2207 88.73 -8.37 7.67
C VAL K 2207 87.38 -9.07 7.56
N MET K 2208 86.30 -8.39 7.91
CA MET K 2208 84.99 -9.01 7.75
C MET K 2208 84.60 -9.13 6.27
N GLU K 2209 84.80 -8.09 5.48
CA GLU K 2209 84.33 -8.12 4.10
C GLU K 2209 85.11 -9.09 3.23
N VAL K 2210 86.37 -9.36 3.55
CA VAL K 2210 87.04 -10.39 2.79
C VAL K 2210 86.58 -11.78 3.20
N MET K 2211 85.94 -11.91 4.36
CA MET K 2211 85.21 -13.13 4.63
C MET K 2211 83.82 -13.13 4.02
N VAL K 2212 83.29 -11.96 3.69
CA VAL K 2212 81.99 -11.92 3.03
C VAL K 2212 82.11 -12.43 1.61
N ASN K 2213 83.13 -11.97 0.89
CA ASN K 2213 83.23 -12.23 -0.54
C ASN K 2213 83.54 -13.68 -0.83
N VAL K 2214 84.17 -14.39 0.10
CA VAL K 2214 84.53 -15.77 -0.15
C VAL K 2214 83.36 -16.70 0.12
N LEU K 2215 82.58 -16.45 1.17
CA LEU K 2215 81.43 -17.29 1.43
C LEU K 2215 80.31 -17.06 0.43
N GLY K 2216 80.28 -15.90 -0.22
CA GLY K 2216 79.24 -15.59 -1.17
C GLY K 2216 77.91 -15.30 -0.52
N GLU K 2222 79.51 -24.06 -1.86
CA GLU K 2222 80.77 -24.76 -1.64
C GLU K 2222 81.89 -23.78 -1.36
N ILE K 2223 82.77 -24.13 -0.44
CA ILE K 2223 83.86 -23.27 -0.02
C ILE K 2223 84.98 -23.34 -1.04
N ARG K 2224 85.34 -22.18 -1.59
CA ARG K 2224 86.44 -22.11 -2.54
C ARG K 2224 87.80 -22.19 -1.87
N PHE K 2225 88.02 -21.42 -0.80
CA PHE K 2225 89.35 -21.26 -0.20
C PHE K 2225 89.23 -21.40 1.31
N PRO K 2226 89.22 -22.62 1.82
CA PRO K 2226 89.00 -22.81 3.26
C PRO K 2226 90.19 -22.44 4.13
N LYS K 2227 91.39 -22.51 3.57
CA LYS K 2227 92.57 -22.18 4.37
C LYS K 2227 92.66 -20.69 4.64
N MET K 2228 92.00 -19.89 3.83
CA MET K 2228 91.89 -18.47 4.11
C MET K 2228 90.92 -18.21 5.24
N VAL K 2229 89.71 -18.79 5.15
CA VAL K 2229 88.60 -18.38 6.01
C VAL K 2229 88.83 -18.78 7.45
N THR K 2230 89.70 -19.76 7.71
CA THR K 2230 90.06 -20.08 9.08
C THR K 2230 90.93 -18.99 9.68
N SER K 2231 91.95 -18.56 8.96
CA SER K 2231 92.89 -17.61 9.55
C SER K 2231 92.27 -16.22 9.69
N CYS K 2232 91.22 -15.93 8.93
CA CYS K 2232 90.51 -14.69 9.18
C CYS K 2232 89.66 -14.77 10.43
N CYS K 2233 88.88 -15.85 10.58
CA CYS K 2233 88.05 -15.96 11.77
C CYS K 2233 88.89 -16.27 13.00
N ARG K 2234 90.08 -16.83 12.82
CA ARG K 2234 91.02 -16.94 13.93
C ARG K 2234 91.50 -15.58 14.37
N PHE K 2235 91.66 -14.65 13.43
CA PHE K 2235 92.10 -13.31 13.79
C PHE K 2235 91.04 -12.57 14.58
N LEU K 2236 89.78 -12.73 14.19
CA LEU K 2236 88.70 -12.05 14.92
C LEU K 2236 88.50 -12.61 16.32
N CYS K 2237 88.66 -13.93 16.49
CA CYS K 2237 88.55 -14.51 17.82
C CYS K 2237 89.67 -14.02 18.72
N TYR K 2238 90.87 -13.89 18.17
CA TYR K 2238 91.95 -13.28 18.93
C TYR K 2238 91.79 -11.78 19.05
N PHE K 2239 90.93 -11.18 18.26
CA PHE K 2239 90.69 -9.75 18.40
C PHE K 2239 89.67 -9.47 19.48
N CYS K 2240 88.67 -10.33 19.64
CA CYS K 2240 87.54 -10.06 20.51
C CYS K 2240 87.90 -10.01 21.98
N ARG K 2241 89.05 -10.56 22.37
CA ARG K 2241 89.44 -10.58 23.77
C ARG K 2241 90.55 -9.58 24.07
N ILE K 2242 90.81 -8.64 23.17
CA ILE K 2242 91.82 -7.63 23.46
C ILE K 2242 91.25 -6.57 24.37
N SER K 2243 90.10 -6.02 24.02
CA SER K 2243 89.37 -5.15 24.94
C SER K 2243 87.91 -5.50 24.84
N ARG K 2244 87.16 -5.09 25.85
CA ARG K 2244 85.75 -5.44 25.91
C ARG K 2244 84.94 -4.65 24.88
N GLN K 2245 85.29 -3.39 24.65
CA GLN K 2245 84.57 -2.59 23.68
C GLN K 2245 84.85 -3.02 22.26
N ASN K 2246 85.96 -3.70 22.00
CA ASN K 2246 86.15 -4.29 20.69
C ASN K 2246 85.21 -5.46 20.49
N GLN K 2247 85.00 -6.25 21.53
CA GLN K 2247 83.96 -7.27 21.50
C GLN K 2247 82.58 -6.66 21.34
N ARG K 2248 82.35 -5.48 21.89
CA ARG K 2248 81.10 -4.77 21.69
C ARG K 2248 80.87 -4.43 20.24
N SER K 2249 81.92 -4.01 19.54
CA SER K 2249 81.78 -3.70 18.13
C SER K 2249 81.55 -4.93 17.28
N MET K 2250 82.31 -6.00 17.53
CA MET K 2250 82.18 -7.24 16.77
C MET K 2250 80.83 -7.92 17.00
N PHE K 2251 80.21 -7.65 18.14
CA PHE K 2251 78.88 -8.15 18.45
C PHE K 2251 77.84 -7.67 17.46
N ASP K 2252 78.03 -6.48 16.87
CA ASP K 2252 76.97 -5.85 16.09
C ASP K 2252 76.73 -6.52 14.76
N HIS K 2253 77.67 -7.32 14.28
CA HIS K 2253 77.49 -8.04 13.03
C HIS K 2253 76.98 -9.46 13.25
N LEU K 2254 76.22 -9.68 14.32
CA LEU K 2254 75.85 -11.02 14.71
C LEU K 2254 74.93 -11.72 13.73
N SER K 2255 73.88 -11.04 13.27
CA SER K 2255 72.89 -11.67 12.41
C SER K 2255 73.48 -12.07 11.06
N TYR K 2256 74.43 -11.30 10.56
CA TYR K 2256 75.16 -11.74 9.38
C TYR K 2256 76.04 -12.93 9.68
N LEU K 2257 76.82 -12.87 10.77
CA LEU K 2257 77.63 -13.99 11.22
C LEU K 2257 76.79 -15.22 11.48
N LEU K 2258 75.56 -15.04 11.95
CA LEU K 2258 74.67 -16.14 12.19
C LEU K 2258 74.12 -16.74 10.90
N GLU K 2259 74.02 -15.96 9.84
CA GLU K 2259 73.43 -16.47 8.60
C GLU K 2259 74.34 -17.45 7.88
N ASN K 2260 75.61 -17.48 8.24
CA ASN K 2260 76.59 -18.36 7.63
C ASN K 2260 77.23 -19.31 8.62
N SER K 2261 76.41 -20.00 9.42
CA SER K 2261 76.94 -21.02 10.30
C SER K 2261 77.49 -22.22 9.53
N GLY K 2262 76.94 -22.50 8.35
CA GLY K 2262 77.42 -23.61 7.54
C GLY K 2262 78.78 -23.38 6.91
N MET K 2267 82.76 -28.51 9.27
CA MET K 2267 84.10 -28.61 8.72
C MET K 2267 85.17 -28.41 9.80
N GLN K 2268 86.36 -28.95 9.55
CA GLN K 2268 87.42 -28.93 10.56
C GLN K 2268 88.04 -27.54 10.67
N GLY K 2269 88.89 -27.37 11.67
CA GLY K 2269 89.48 -26.06 11.94
C GLY K 2269 88.48 -25.14 12.59
N SER K 2270 88.74 -23.85 12.57
CA SER K 2270 87.81 -22.88 13.13
C SER K 2270 86.67 -22.60 12.17
N THR K 2271 85.89 -21.56 12.47
CA THR K 2271 84.61 -21.36 11.82
C THR K 2271 84.16 -19.92 12.04
N PRO K 2272 83.28 -19.40 11.19
CA PRO K 2272 82.63 -18.11 11.49
C PRO K 2272 81.79 -18.12 12.73
N LEU K 2273 81.31 -19.28 13.18
CA LEU K 2273 80.44 -19.31 14.34
C LEU K 2273 81.22 -19.12 15.63
N ASP K 2274 82.48 -19.57 15.67
CA ASP K 2274 83.27 -19.35 16.88
C ASP K 2274 83.67 -17.90 17.03
N VAL K 2275 83.61 -17.12 15.96
CA VAL K 2275 83.67 -15.68 16.09
C VAL K 2275 82.46 -15.18 16.85
N ALA K 2276 81.27 -15.67 16.51
CA ALA K 2276 80.05 -15.25 17.17
C ALA K 2276 80.01 -15.70 18.62
N ALA K 2277 80.63 -16.84 18.92
CA ALA K 2277 80.71 -17.29 20.30
C ALA K 2277 81.63 -16.41 21.12
N ALA K 2278 82.79 -16.04 20.59
CA ALA K 2278 83.69 -15.17 21.33
C ALA K 2278 83.27 -13.71 21.28
N SER K 2279 82.14 -13.41 20.67
CA SER K 2279 81.60 -12.06 20.72
C SER K 2279 80.63 -11.86 21.88
N VAL K 2280 80.24 -12.91 22.59
CA VAL K 2280 79.24 -12.77 23.64
C VAL K 2280 79.72 -13.35 24.95
N ILE K 2281 80.91 -13.91 24.98
CA ILE K 2281 81.41 -14.59 26.16
C ILE K 2281 81.80 -13.55 27.19
N ASP K 2282 81.67 -13.91 28.47
CA ASP K 2282 82.27 -13.19 29.60
C ASP K 2282 81.73 -11.77 29.77
N ASN K 2283 80.50 -11.50 29.33
CA ASN K 2283 80.00 -10.13 29.34
C ASN K 2283 78.50 -10.15 29.58
N ASN K 2284 78.08 -9.57 30.71
CA ASN K 2284 76.68 -9.44 31.02
C ASN K 2284 75.96 -8.42 30.17
N GLU K 2285 76.68 -7.39 29.69
CA GLU K 2285 76.04 -6.35 28.89
C GLU K 2285 75.49 -6.91 27.58
N LEU K 2286 76.34 -7.61 26.82
CA LEU K 2286 75.87 -8.18 25.57
C LEU K 2286 74.85 -9.28 25.77
N ALA K 2287 75.04 -10.13 26.79
CA ALA K 2287 74.14 -11.24 27.00
C ALA K 2287 72.76 -10.76 27.40
N LEU K 2288 72.69 -9.66 28.13
CA LEU K 2288 71.40 -9.06 28.42
C LEU K 2288 70.79 -8.38 27.19
N ALA K 2289 71.61 -7.88 26.29
CA ALA K 2289 71.14 -7.16 25.13
C ALA K 2289 70.98 -8.05 23.91
N LEU K 2290 71.21 -9.35 24.06
CA LEU K 2290 71.06 -10.28 22.96
C LEU K 2290 69.60 -10.40 22.55
N GLN K 2291 69.34 -10.31 21.25
CA GLN K 2291 67.99 -10.31 20.75
C GLN K 2291 67.33 -11.67 20.89
N GLU K 2292 66.01 -11.69 20.69
CA GLU K 2292 65.28 -12.94 20.61
C GLU K 2292 65.25 -13.50 19.20
N GLN K 2293 65.14 -12.64 18.19
CA GLN K 2293 65.22 -13.09 16.80
C GLN K 2293 66.59 -13.62 16.47
N ASP K 2294 67.63 -13.12 17.14
CA ASP K 2294 68.96 -13.69 17.01
C ASP K 2294 69.11 -15.01 17.73
N LEU K 2295 68.13 -15.41 18.53
CA LEU K 2295 68.18 -16.70 19.19
C LEU K 2295 67.48 -17.79 18.39
N GLU K 2296 66.34 -17.48 17.78
CA GLU K 2296 65.59 -18.49 17.04
C GLU K 2296 66.28 -18.97 15.78
N LYS K 2297 67.23 -18.21 15.26
CA LYS K 2297 68.02 -18.71 14.15
C LYS K 2297 68.98 -19.80 14.60
N VAL K 2298 69.42 -19.76 15.85
CA VAL K 2298 70.38 -20.73 16.33
C VAL K 2298 69.71 -22.09 16.50
N VAL K 2299 68.46 -22.11 16.94
CA VAL K 2299 67.80 -23.39 17.15
C VAL K 2299 67.29 -23.98 15.84
N SER K 2300 67.09 -23.15 14.81
CA SER K 2300 66.65 -23.68 13.53
C SER K 2300 67.77 -24.44 12.83
N TYR K 2301 69.02 -24.05 13.06
CA TYR K 2301 70.13 -24.86 12.56
C TYR K 2301 70.34 -26.06 13.45
N LEU K 2302 69.96 -25.94 14.73
CA LEU K 2302 69.88 -27.11 15.58
C LEU K 2302 68.68 -27.96 15.22
N ALA K 2303 67.68 -27.40 14.54
CA ALA K 2303 66.55 -28.18 14.09
C ALA K 2303 66.88 -29.11 12.94
N GLY K 2304 67.98 -28.87 12.24
CA GLY K 2304 68.32 -29.73 11.11
C GLY K 2304 69.15 -30.94 11.49
N CYS K 2305 70.08 -30.78 12.42
CA CYS K 2305 71.11 -31.78 12.67
C CYS K 2305 70.57 -33.08 13.24
N GLY K 2306 69.45 -33.04 13.97
CA GLY K 2306 68.89 -34.26 14.51
C GLY K 2306 68.19 -35.15 13.50
N LEU K 2307 68.00 -34.66 12.28
CA LEU K 2307 67.25 -35.38 11.26
C LEU K 2307 68.12 -35.94 10.15
N GLN K 2308 69.26 -35.32 9.86
CA GLN K 2308 70.14 -35.78 8.80
C GLN K 2308 71.52 -36.06 9.36
N SER K 2309 72.34 -36.69 8.52
CA SER K 2309 73.69 -37.07 8.89
C SER K 2309 74.69 -36.03 8.39
N CYS K 2310 75.96 -36.28 8.61
CA CYS K 2310 77.00 -35.50 7.94
C CYS K 2310 77.30 -36.14 6.59
N PRO K 2311 77.06 -35.42 5.48
CA PRO K 2311 77.34 -36.00 4.16
C PRO K 2311 78.82 -36.22 3.92
N MET K 2312 79.69 -35.46 4.59
CA MET K 2312 81.12 -35.69 4.51
C MET K 2312 81.54 -36.98 5.21
N LEU K 2313 80.77 -37.41 6.21
CA LEU K 2313 81.17 -38.58 6.98
C LEU K 2313 80.81 -39.86 6.23
N LEU K 2314 79.66 -39.90 5.58
CA LEU K 2314 79.34 -41.05 4.75
C LEU K 2314 80.10 -41.02 3.44
N ALA K 2315 80.57 -39.86 3.00
CA ALA K 2315 81.57 -39.80 1.95
C ALA K 2315 82.91 -40.36 2.42
N LYS K 2316 83.19 -40.31 3.71
CA LYS K 2316 84.40 -40.90 4.25
C LYS K 2316 84.29 -42.41 4.46
N GLY K 2317 83.12 -42.99 4.23
CA GLY K 2317 82.95 -44.42 4.34
C GLY K 2317 82.60 -44.88 5.73
N TYR K 2318 82.05 -43.98 6.51
CA TYR K 2318 81.68 -44.28 7.88
C TYR K 2318 80.36 -45.05 7.91
N PRO K 2319 80.00 -45.67 9.03
CA PRO K 2319 78.63 -46.17 9.18
C PRO K 2319 77.63 -45.02 9.22
N ASP K 2320 76.38 -45.34 8.88
CA ASP K 2320 75.34 -44.33 8.77
C ASP K 2320 74.65 -44.14 10.11
N ILE K 2321 74.51 -42.89 10.54
CA ILE K 2321 73.76 -42.51 11.72
C ILE K 2321 72.87 -41.34 11.34
N GLY K 2322 71.56 -41.50 11.55
CA GLY K 2322 70.56 -40.60 10.99
C GLY K 2322 70.58 -39.17 11.52
N TRP K 2323 71.27 -38.90 12.62
CA TRP K 2323 71.35 -37.57 13.21
C TRP K 2323 72.80 -37.12 13.19
N ASN K 2324 73.10 -36.01 13.87
CA ASN K 2324 74.44 -35.46 13.76
C ASN K 2324 75.12 -35.39 15.12
N PRO K 2325 75.91 -36.39 15.51
CA PRO K 2325 76.65 -36.29 16.77
C PRO K 2325 77.87 -35.38 16.70
N CYS K 2326 78.23 -34.91 15.51
CA CYS K 2326 79.38 -34.01 15.43
C CYS K 2326 78.96 -32.59 15.03
N GLY K 2327 77.99 -32.46 14.12
CA GLY K 2327 77.62 -31.15 13.63
C GLY K 2327 76.75 -30.38 14.61
N GLY K 2328 75.79 -31.06 15.23
CA GLY K 2328 74.92 -30.43 16.20
C GLY K 2328 75.62 -29.95 17.46
N GLU K 2329 76.77 -30.53 17.79
CA GLU K 2329 77.54 -30.06 18.93
C GLU K 2329 78.26 -28.75 18.64
N ARG K 2330 78.20 -28.25 17.41
CA ARG K 2330 78.79 -26.94 17.11
C ARG K 2330 77.80 -25.81 17.36
N TYR K 2331 76.63 -26.10 17.92
CA TYR K 2331 75.74 -25.03 18.35
C TYR K 2331 75.58 -24.94 19.85
N LEU K 2332 75.64 -26.06 20.56
CA LEU K 2332 75.35 -26.04 21.98
C LEU K 2332 76.52 -25.47 22.77
N ASP K 2333 77.73 -25.66 22.28
CA ASP K 2333 78.89 -24.97 22.84
C ASP K 2333 78.80 -23.47 22.67
N PHE K 2334 78.10 -23.00 21.64
CA PHE K 2334 77.79 -21.58 21.55
C PHE K 2334 76.74 -21.19 22.57
N LEU K 2335 75.61 -21.89 22.59
CA LEU K 2335 74.49 -21.53 23.45
C LEU K 2335 74.78 -21.72 24.93
N ARG K 2336 75.78 -22.53 25.29
CA ARG K 2336 76.16 -22.60 26.69
C ARG K 2336 77.05 -21.41 27.08
N PHE K 2337 77.43 -20.59 26.11
CA PHE K 2337 77.92 -19.26 26.44
C PHE K 2337 76.84 -18.22 26.36
N ALA K 2338 75.64 -18.59 25.94
CA ALA K 2338 74.57 -17.62 25.77
C ALA K 2338 73.75 -17.42 27.04
N VAL K 2339 73.79 -18.37 27.97
CA VAL K 2339 72.98 -18.24 29.19
C VAL K 2339 73.80 -18.33 30.47
N PHE K 2340 75.06 -18.72 30.39
CA PHE K 2340 75.87 -18.90 31.59
C PHE K 2340 77.10 -18.02 31.49
N VAL K 2341 77.24 -17.05 32.39
CA VAL K 2341 78.33 -16.09 32.36
C VAL K 2341 78.83 -15.86 33.79
N ASN K 2342 80.15 -15.73 33.93
CA ASN K 2342 80.83 -15.42 35.20
C ASN K 2342 80.51 -16.43 36.30
N GLY K 2343 80.28 -17.68 35.91
CA GLY K 2343 79.83 -18.67 36.85
C GLY K 2343 78.45 -18.45 37.39
N GLU K 2344 77.54 -17.89 36.59
CA GLU K 2344 76.19 -17.61 37.03
C GLU K 2344 75.27 -17.73 35.84
N SER K 2345 74.00 -18.05 36.09
CA SER K 2345 73.04 -18.15 35.01
C SER K 2345 72.30 -16.82 34.85
N VAL K 2346 71.98 -16.48 33.60
CA VAL K 2346 71.08 -15.37 33.38
C VAL K 2346 69.64 -15.83 33.56
N GLU K 2347 68.75 -14.86 33.61
CA GLU K 2347 67.33 -15.18 33.72
C GLU K 2347 66.58 -14.99 32.41
N GLU K 2348 66.71 -13.82 31.78
CA GLU K 2348 65.86 -13.47 30.66
C GLU K 2348 66.15 -14.30 29.41
N ASN K 2349 67.38 -14.79 29.26
CA ASN K 2349 67.64 -15.67 28.14
C ASN K 2349 67.27 -17.11 28.45
N ALA K 2350 67.49 -17.53 29.70
CA ALA K 2350 67.17 -18.89 30.09
C ALA K 2350 65.68 -19.15 30.04
N ASN K 2351 64.88 -18.13 30.32
CA ASN K 2351 63.44 -18.31 30.29
C ASN K 2351 62.88 -18.26 28.88
N VAL K 2352 63.73 -18.07 27.86
CA VAL K 2352 63.22 -18.00 26.50
C VAL K 2352 63.93 -18.99 25.57
N VAL K 2353 65.09 -19.50 25.95
CA VAL K 2353 65.68 -20.58 25.19
C VAL K 2353 64.89 -21.89 25.38
N VAL K 2354 64.40 -22.15 26.59
CA VAL K 2354 63.77 -23.43 26.86
C VAL K 2354 62.32 -23.40 26.42
N ARG K 2355 61.71 -22.21 26.39
CA ARG K 2355 60.38 -22.08 25.82
C ARG K 2355 60.41 -22.33 24.32
N LEU K 2356 61.54 -22.09 23.69
CA LEU K 2356 61.68 -22.26 22.25
C LEU K 2356 62.27 -23.62 21.90
N LEU K 2357 63.08 -24.20 22.79
CA LEU K 2357 63.67 -25.50 22.55
C LEU K 2357 62.63 -26.62 22.58
N ILE K 2358 61.48 -26.37 23.19
CA ILE K 2358 60.43 -27.39 23.24
C ILE K 2358 59.37 -27.18 22.17
N ARG K 2359 59.56 -26.24 21.26
CA ARG K 2359 58.66 -26.15 20.12
C ARG K 2359 59.03 -27.12 19.03
N LYS K 2360 60.29 -27.50 18.95
CA LYS K 2360 60.75 -28.49 17.99
C LYS K 2360 61.44 -29.60 18.76
N PRO K 2361 60.69 -30.61 19.25
CA PRO K 2361 61.31 -31.66 20.07
C PRO K 2361 62.27 -32.57 19.31
N GLU K 2362 62.35 -32.45 17.99
CA GLU K 2362 63.41 -33.10 17.23
C GLU K 2362 64.80 -32.56 17.57
N CYS K 2363 64.88 -31.35 18.13
CA CYS K 2363 66.17 -30.76 18.47
C CYS K 2363 66.89 -31.52 19.58
N PHE K 2364 66.15 -32.20 20.45
CA PHE K 2364 66.81 -33.08 21.40
C PHE K 2364 67.32 -34.32 20.67
N GLY K 2365 68.24 -35.03 21.31
CA GLY K 2365 68.74 -36.27 20.77
C GLY K 2365 67.67 -37.33 20.76
N PRO K 2366 67.52 -38.04 19.63
CA PRO K 2366 66.32 -38.86 19.42
C PRO K 2366 66.26 -40.11 20.28
N ALA K 2367 67.35 -40.48 20.97
CA ALA K 2367 67.29 -41.59 21.92
C ALA K 2367 66.45 -41.23 23.13
N LEU K 2368 66.31 -39.93 23.41
CA LEU K 2368 65.42 -39.46 24.46
C LEU K 2368 64.27 -38.62 23.92
N ARG K 2369 63.80 -38.91 22.71
CA ARG K 2369 62.70 -38.15 22.13
C ARG K 2369 61.47 -39.04 21.92
N GLY K 2373 61.59 -43.56 22.69
CA GLY K 2373 62.88 -43.18 23.23
C GLY K 2373 63.54 -44.26 24.05
N SER K 2374 64.86 -44.36 23.93
CA SER K 2374 65.62 -45.37 24.67
C SER K 2374 66.14 -44.79 25.98
N GLY K 2375 66.88 -45.62 26.71
CA GLY K 2375 67.45 -45.17 27.97
C GLY K 2375 68.66 -44.29 27.77
N LEU K 2376 68.80 -43.32 28.67
CA LEU K 2376 69.92 -42.38 28.59
C LEU K 2376 71.24 -43.05 28.94
N LEU K 2377 71.26 -43.89 29.99
CA LEU K 2377 72.41 -44.75 30.20
C LEU K 2377 72.51 -45.78 29.10
N ALA K 2378 71.37 -46.24 28.58
CA ALA K 2378 71.38 -47.18 27.46
C ALA K 2378 71.86 -46.53 26.17
N ALA K 2379 71.61 -45.23 25.99
CA ALA K 2379 72.16 -44.53 24.82
C ALA K 2379 73.68 -44.50 24.85
N ILE K 2380 74.25 -44.22 26.03
CA ILE K 2380 75.71 -44.30 26.17
C ILE K 2380 76.16 -45.75 26.15
N GLU K 2381 75.33 -46.67 26.67
CA GLU K 2381 75.62 -48.10 26.52
C GLU K 2381 75.57 -48.53 25.06
N GLU K 2382 74.62 -47.98 24.28
CA GLU K 2382 74.64 -48.16 22.83
C GLU K 2382 75.85 -47.52 22.18
N ALA K 2383 76.49 -46.56 22.84
CA ALA K 2383 77.66 -45.92 22.27
C ALA K 2383 78.93 -46.72 22.53
N ILE K 2384 79.02 -47.41 23.66
CA ILE K 2384 80.25 -48.12 24.01
C ILE K 2384 80.49 -49.29 23.08
N ARG K 2385 79.43 -49.99 22.66
CA ARG K 2385 79.62 -51.08 21.71
C ARG K 2385 80.06 -50.58 20.34
N ILE K 2386 79.43 -49.53 19.84
CA ILE K 2386 79.79 -49.03 18.52
C ILE K 2386 81.08 -48.23 18.55
N SER K 2387 81.56 -47.85 19.74
CA SER K 2387 82.89 -47.24 19.82
C SER K 2387 83.97 -48.28 20.03
N GLU K 2388 83.71 -49.33 20.82
CA GLU K 2388 84.72 -50.36 21.01
C GLU K 2388 84.85 -51.27 19.80
N ASP K 2389 83.74 -51.56 19.12
CA ASP K 2389 83.83 -52.35 17.90
C ASP K 2389 84.22 -51.45 16.73
N PRO K 2390 85.30 -51.76 16.02
CA PRO K 2390 85.73 -50.89 14.92
C PRO K 2390 84.84 -50.96 13.70
N ALA K 2391 84.10 -52.05 13.50
CA ALA K 2391 83.21 -52.16 12.37
C ALA K 2391 82.02 -51.23 12.51
N ARG K 2392 81.45 -51.14 13.71
CA ARG K 2392 80.40 -50.17 13.96
C ARG K 2392 80.94 -48.77 14.20
N ASP K 2393 82.26 -48.61 14.33
CA ASP K 2393 82.87 -47.31 14.48
C ASP K 2393 83.17 -46.71 13.11
N GLY K 2394 83.44 -45.41 13.09
CA GLY K 2394 83.68 -44.70 11.86
C GLY K 2394 85.07 -44.95 11.29
N PRO K 2395 85.15 -45.66 10.17
CA PRO K 2395 86.42 -45.93 9.50
C PRO K 2395 86.42 -45.45 8.04
N ASN K 2414 89.18 -40.42 9.38
CA ASN K 2414 89.82 -41.25 10.40
C ASN K 2414 89.81 -40.54 11.74
N ARG K 2415 89.79 -39.21 11.71
CA ARG K 2415 89.74 -38.44 12.93
C ARG K 2415 88.37 -38.47 13.60
N VAL K 2416 87.33 -38.85 12.86
CA VAL K 2416 85.97 -38.84 13.39
C VAL K 2416 85.53 -40.27 13.67
N HIS K 2417 85.38 -40.59 14.95
CA HIS K 2417 84.71 -41.81 15.38
C HIS K 2417 83.31 -41.45 15.82
N LEU K 2418 82.32 -42.21 15.34
CA LEU K 2418 80.93 -41.89 15.66
C LEU K 2418 80.64 -42.12 17.14
N GLY K 2419 81.27 -43.13 17.73
CA GLY K 2419 81.06 -43.44 19.13
C GLY K 2419 81.59 -42.39 20.09
N HIS K 2420 82.60 -41.64 19.67
CA HIS K 2420 83.12 -40.57 20.53
C HIS K 2420 82.31 -39.30 20.42
N ALA K 2421 81.51 -39.16 19.37
CA ALA K 2421 80.75 -37.93 19.17
C ALA K 2421 79.35 -38.02 19.74
N ILE K 2422 78.81 -39.23 19.88
CA ILE K 2422 77.47 -39.37 20.44
C ILE K 2422 77.48 -39.11 21.95
N MET K 2423 78.49 -39.63 22.66
CA MET K 2423 78.64 -39.31 24.08
C MET K 2423 79.04 -37.87 24.29
N SER K 2424 79.75 -37.28 23.32
CA SER K 2424 80.11 -35.89 23.43
C SER K 2424 78.93 -34.99 23.13
N PHE K 2425 78.03 -35.41 22.24
CA PHE K 2425 76.83 -34.62 21.98
C PHE K 2425 75.91 -34.60 23.17
N TYR K 2426 75.72 -35.75 23.81
CA TYR K 2426 74.85 -35.80 24.98
C TYR K 2426 75.55 -35.19 26.18
N ALA K 2427 76.87 -35.08 26.14
CA ALA K 2427 77.56 -34.24 27.11
C ALA K 2427 77.26 -32.77 26.89
N ALA K 2428 76.80 -32.39 25.69
CA ALA K 2428 76.45 -31.00 25.45
C ALA K 2428 74.98 -30.71 25.72
N LEU K 2429 74.09 -31.65 25.42
CA LEU K 2429 72.67 -31.42 25.69
C LEU K 2429 72.37 -31.42 27.19
N ILE K 2430 73.19 -32.09 27.97
CA ILE K 2430 72.98 -32.12 29.41
C ILE K 2430 73.41 -30.82 30.06
N ASP K 2431 74.68 -30.42 29.84
CA ASP K 2431 75.21 -29.32 30.64
C ASP K 2431 74.71 -27.96 30.16
N LEU K 2432 74.10 -27.91 28.98
CA LEU K 2432 73.35 -26.71 28.60
C LEU K 2432 72.19 -26.48 29.54
N LEU K 2433 71.33 -27.49 29.70
CA LEU K 2433 70.15 -27.34 30.53
C LEU K 2433 70.50 -27.21 32.00
N GLY K 2434 71.65 -27.73 32.42
CA GLY K 2434 72.14 -27.48 33.75
C GLY K 2434 72.47 -26.02 33.91
N ARG K 2435 72.99 -25.41 32.85
CA ARG K 2435 73.30 -23.99 32.91
C ARG K 2435 72.13 -23.12 32.52
N CYS K 2436 70.95 -23.68 32.33
CA CYS K 2436 69.74 -22.87 32.25
C CYS K 2436 68.85 -23.07 33.45
N ALA K 2437 69.28 -23.87 34.43
CA ALA K 2437 68.54 -24.09 35.67
C ALA K 2437 68.48 -22.80 36.48
N PRO K 2438 67.29 -22.40 36.91
CA PRO K 2438 67.16 -21.19 37.72
C PRO K 2438 67.88 -21.32 39.04
N GLU K 2439 68.47 -20.21 39.48
CA GLU K 2439 69.37 -20.23 40.63
C GLU K 2439 68.58 -20.43 41.91
N MET K 2440 69.30 -20.87 42.94
CA MET K 2440 68.71 -21.35 44.19
C MET K 2440 67.97 -20.27 44.95
N HIS K 2441 68.50 -19.05 44.97
CA HIS K 2441 67.86 -17.96 45.69
C HIS K 2441 66.53 -17.56 45.08
N LEU K 2442 66.32 -17.79 43.79
CA LEU K 2442 65.01 -17.59 43.22
C LEU K 2442 64.07 -18.76 43.51
N ILE K 2443 64.62 -19.90 43.95
CA ILE K 2443 63.75 -21.00 44.34
C ILE K 2443 63.29 -20.80 45.77
N GLN K 2444 64.11 -20.16 46.60
CA GLN K 2444 63.69 -19.79 47.94
C GLN K 2444 62.54 -18.79 47.92
N ALA K 2445 62.51 -17.90 46.94
CA ALA K 2445 61.34 -17.09 46.71
C ALA K 2445 60.32 -17.91 45.91
N GLY K 2446 59.07 -17.49 45.95
CA GLY K 2446 58.02 -18.21 45.27
C GLY K 2446 57.78 -17.74 43.86
N LYS K 2447 58.85 -17.57 43.09
CA LYS K 2447 58.70 -17.19 41.69
C LYS K 2447 58.12 -18.34 40.90
N GLY K 2448 56.82 -18.29 40.63
CA GLY K 2448 56.12 -19.36 39.96
C GLY K 2448 56.58 -19.65 38.55
N GLU K 2449 57.00 -18.62 37.82
CA GLU K 2449 57.62 -18.83 36.53
C GLU K 2449 58.95 -19.57 36.67
N ALA K 2450 59.77 -19.18 37.65
CA ALA K 2450 61.08 -19.78 37.82
C ALA K 2450 60.97 -21.22 38.29
N LEU K 2451 59.93 -21.54 39.04
CA LEU K 2451 59.76 -22.93 39.44
C LEU K 2451 59.00 -23.73 38.41
N ARG K 2452 58.36 -23.07 37.45
CA ARG K 2452 57.75 -23.79 36.33
C ARG K 2452 58.83 -24.44 35.46
N ILE K 2453 59.92 -23.71 35.23
CA ILE K 2453 61.03 -24.23 34.46
C ILE K 2453 61.71 -25.38 35.20
N ARG K 2454 61.89 -25.23 36.52
CA ARG K 2454 62.54 -26.26 37.30
C ARG K 2454 61.71 -27.53 37.40
N ALA K 2455 60.40 -27.40 37.17
CA ALA K 2455 59.58 -28.58 36.96
C ALA K 2455 59.94 -29.28 35.64
N ILE K 2456 60.11 -28.50 34.57
CA ILE K 2456 60.18 -29.06 33.23
C ILE K 2456 61.47 -29.85 33.04
N LEU K 2457 62.60 -29.27 33.47
CA LEU K 2457 63.90 -29.94 33.36
C LEU K 2457 63.96 -31.19 34.21
N ARG K 2458 63.34 -31.16 35.40
CA ARG K 2458 63.30 -32.36 36.22
C ARG K 2458 62.33 -33.38 35.65
N SER K 2459 61.27 -32.91 34.98
CA SER K 2459 60.32 -33.80 34.33
C SER K 2459 60.91 -34.53 33.14
N LEU K 2460 61.88 -33.93 32.45
CA LEU K 2460 62.40 -34.52 31.22
C LEU K 2460 63.27 -35.74 31.52
N VAL K 2461 64.13 -35.63 32.52
CA VAL K 2461 65.23 -36.56 32.70
C VAL K 2461 64.97 -37.41 33.94
N PRO K 2462 65.06 -38.73 33.87
CA PRO K 2462 65.04 -39.56 35.07
C PRO K 2462 66.38 -39.49 35.80
N LEU K 2463 66.28 -39.45 37.12
CA LEU K 2463 67.46 -39.28 37.96
C LEU K 2463 68.35 -40.52 37.95
N ASP K 2464 67.73 -41.69 37.95
CA ASP K 2464 68.52 -42.92 38.05
C ASP K 2464 69.24 -43.25 36.75
N ASP K 2465 68.85 -42.62 35.64
CA ASP K 2465 69.64 -42.73 34.42
C ASP K 2465 71.01 -42.13 34.60
N LEU K 2466 71.09 -41.02 35.33
CA LEU K 2466 72.37 -40.37 35.62
C LEU K 2466 73.26 -41.22 36.50
N VAL K 2467 72.66 -42.00 37.41
CA VAL K 2467 73.43 -42.73 38.41
C VAL K 2467 74.21 -43.88 37.78
N GLY K 2468 73.64 -44.54 36.78
CA GLY K 2468 74.41 -45.52 36.03
C GLY K 2468 75.47 -44.88 35.17
N ILE K 2469 75.22 -43.64 34.75
CA ILE K 2469 76.23 -42.91 33.99
C ILE K 2469 77.32 -42.40 34.91
N ILE K 2470 76.94 -41.96 36.11
CA ILE K 2470 77.92 -41.40 37.04
C ILE K 2470 78.80 -42.46 37.67
N SER K 2471 78.47 -43.74 37.49
CA SER K 2471 79.16 -44.82 38.17
C SER K 2471 79.79 -45.84 37.25
N LEU K 2472 79.80 -45.59 35.94
CA LEU K 2472 80.34 -46.58 35.02
C LEU K 2472 81.86 -46.50 35.00
N PRO K 2473 82.57 -47.61 35.21
CA PRO K 2473 84.03 -47.55 35.33
C PRO K 2473 84.71 -47.42 33.97
N LEU K 2474 85.98 -47.00 34.00
CA LEU K 2474 86.69 -46.58 32.80
C LEU K 2474 87.97 -47.38 32.62
N GLN K 2475 88.46 -47.39 31.38
CA GLN K 2475 89.71 -48.07 31.05
C GLN K 2475 90.89 -47.23 31.54
N ILE K 2476 91.30 -47.45 32.78
CA ILE K 2476 92.41 -46.74 33.41
C ILE K 2476 93.71 -47.16 32.70
N PRO K 2477 94.61 -46.23 32.42
CA PRO K 2477 95.87 -46.59 31.76
C PRO K 2477 96.91 -47.10 32.76
N THR K 2478 97.48 -48.27 32.45
CA THR K 2478 98.58 -48.83 33.21
C THR K 2478 99.38 -49.74 32.27
N LEU K 2479 100.28 -50.52 32.84
CA LEU K 2479 101.08 -51.45 32.05
C LEU K 2479 100.39 -52.80 31.93
N VAL K 2486 100.21 -49.55 28.88
CA VAL K 2486 99.36 -49.30 27.72
C VAL K 2486 98.52 -48.05 28.00
N GLN K 2487 98.17 -47.31 26.95
CA GLN K 2487 97.36 -46.11 27.05
C GLN K 2487 96.19 -46.22 26.07
N PRO K 2488 94.95 -46.14 26.52
CA PRO K 2488 93.81 -46.22 25.61
C PRO K 2488 93.65 -44.92 24.82
N LYS K 2489 92.70 -44.94 23.90
CA LYS K 2489 92.49 -43.83 22.99
C LYS K 2489 91.46 -42.86 23.54
N MET K 2490 91.82 -41.58 23.58
CA MET K 2490 90.93 -40.56 24.12
C MET K 2490 89.73 -40.29 23.20
N SER K 2491 89.96 -40.18 21.91
CA SER K 2491 88.90 -39.80 20.98
C SER K 2491 88.16 -40.99 20.41
N ALA K 2492 88.14 -42.11 21.11
CA ALA K 2492 87.28 -43.23 20.74
C ALA K 2492 86.64 -43.91 21.95
N SER K 2493 86.88 -43.40 23.15
CA SER K 2493 86.45 -44.10 24.36
C SER K 2493 85.81 -43.08 25.30
N PHE K 2494 85.50 -43.54 26.51
CA PHE K 2494 84.85 -42.70 27.51
C PHE K 2494 85.84 -41.70 28.08
N VAL K 2495 85.41 -40.45 28.24
CA VAL K 2495 86.29 -39.42 28.79
C VAL K 2495 85.70 -38.98 30.13
N PRO K 2496 86.50 -38.42 31.05
CA PRO K 2496 85.94 -37.87 32.28
C PRO K 2496 85.09 -36.63 32.04
N ASP K 2497 85.27 -35.99 30.89
CA ASP K 2497 84.42 -34.85 30.53
C ASP K 2497 83.00 -35.28 30.17
N HIS K 2498 82.78 -36.55 29.86
CA HIS K 2498 81.41 -37.04 29.73
C HIS K 2498 80.72 -37.07 31.08
N LYS K 2499 81.44 -37.48 32.13
CA LYS K 2499 80.87 -37.47 33.47
C LYS K 2499 80.72 -36.06 34.01
N ALA K 2500 81.58 -35.13 33.56
CA ALA K 2500 81.57 -33.77 34.09
C ALA K 2500 80.32 -33.00 33.70
N SER K 2501 79.67 -33.37 32.60
CA SER K 2501 78.43 -32.70 32.23
C SER K 2501 77.28 -33.13 33.11
N MET K 2502 77.25 -34.41 33.48
CA MET K 2502 76.10 -34.96 34.19
C MET K 2502 76.01 -34.48 35.63
N VAL K 2503 77.17 -34.38 36.31
CA VAL K 2503 77.21 -33.96 37.71
C VAL K 2503 76.73 -32.52 37.87
N LEU K 2504 76.94 -31.68 36.86
CA LEU K 2504 76.43 -30.32 36.89
C LEU K 2504 74.91 -30.29 36.76
N PHE K 2505 74.31 -31.30 36.14
CA PHE K 2505 72.87 -31.26 35.97
C PHE K 2505 72.13 -31.58 37.26
N LEU K 2506 72.54 -32.65 37.94
CA LEU K 2506 71.86 -33.04 39.18
C LEU K 2506 72.13 -32.05 40.29
N ASP K 2507 73.34 -31.46 40.33
CA ASP K 2507 73.67 -30.49 41.37
C ASP K 2507 73.07 -29.12 41.13
N ARG K 2508 72.24 -28.96 40.11
CA ARG K 2508 71.64 -27.66 39.84
C ARG K 2508 70.15 -27.70 39.62
N VAL K 2509 69.55 -28.85 39.33
CA VAL K 2509 68.11 -28.89 39.15
C VAL K 2509 67.44 -29.96 40.01
N TYR K 2510 68.17 -30.98 40.44
CA TYR K 2510 67.58 -32.04 41.25
C TYR K 2510 67.97 -31.90 42.72
N GLY K 2511 69.26 -31.81 43.02
CA GLY K 2511 69.68 -31.49 44.36
C GLY K 2511 69.93 -32.69 45.25
N ILE K 2512 70.84 -32.53 46.20
CA ILE K 2512 71.17 -33.56 47.18
C ILE K 2512 70.54 -33.17 48.49
N GLU K 2513 69.52 -33.91 48.92
CA GLU K 2513 68.75 -33.54 50.10
C GLU K 2513 69.16 -34.29 51.36
N ASN K 2514 69.03 -35.61 51.35
CA ASN K 2514 69.15 -36.45 52.52
C ASN K 2514 70.49 -37.20 52.52
N GLN K 2515 70.83 -37.77 53.67
CA GLN K 2515 72.12 -38.42 53.85
C GLN K 2515 72.24 -39.75 53.13
N ASP K 2516 71.15 -40.49 52.98
CA ASP K 2516 71.22 -41.80 52.34
C ASP K 2516 71.46 -41.69 50.83
N PHE K 2517 70.75 -40.79 50.16
CA PHE K 2517 70.91 -40.62 48.73
C PHE K 2517 72.23 -39.95 48.39
N LEU K 2518 72.75 -39.14 49.32
CA LEU K 2518 74.15 -38.72 49.25
C LEU K 2518 75.08 -39.92 49.28
N LEU K 2519 74.92 -40.79 50.26
CA LEU K 2519 75.76 -41.97 50.33
C LEU K 2519 75.35 -43.07 49.36
N HIS K 2520 74.20 -42.92 48.68
CA HIS K 2520 73.80 -43.90 47.69
C HIS K 2520 74.74 -43.87 46.49
N VAL K 2521 74.89 -42.71 45.85
CA VAL K 2521 75.75 -42.64 44.68
C VAL K 2521 77.22 -42.52 45.05
N LEU K 2522 77.51 -42.36 46.34
CA LEU K 2522 78.87 -42.06 46.78
C LEU K 2522 79.82 -43.25 46.61
N ASP K 2523 79.42 -44.43 47.07
CA ASP K 2523 80.31 -45.58 46.99
C ASP K 2523 80.31 -46.18 45.60
N VAL K 2524 79.21 -46.01 44.87
CA VAL K 2524 79.09 -46.65 43.58
C VAL K 2524 79.91 -45.94 42.51
N GLY K 2525 79.92 -44.61 42.51
CA GLY K 2525 80.58 -43.90 41.43
C GLY K 2525 82.04 -43.61 41.61
N PHE K 2526 82.37 -42.97 42.72
CA PHE K 2526 83.55 -42.13 42.80
C PHE K 2526 84.72 -42.75 43.51
N LEU K 2527 84.48 -43.49 44.58
CA LEU K 2527 85.49 -44.34 45.20
C LEU K 2527 86.03 -45.44 44.28
N PRO K 2528 85.29 -45.94 43.26
CA PRO K 2528 85.98 -46.61 42.16
C PRO K 2528 86.95 -45.72 41.42
N ASP K 2529 86.60 -44.47 41.17
CA ASP K 2529 87.43 -43.59 40.36
C ASP K 2529 88.55 -42.95 41.17
N MET K 2530 88.27 -42.63 42.43
CA MET K 2530 89.24 -42.03 43.33
C MET K 2530 90.47 -42.89 43.55
N ARG K 2531 90.27 -44.17 43.85
CA ARG K 2531 91.40 -45.07 43.99
C ARG K 2531 91.98 -45.47 42.64
N ALA K 2532 91.20 -45.37 41.56
CA ALA K 2532 91.78 -45.43 40.23
C ALA K 2532 92.65 -44.23 39.96
N ALA K 2533 92.26 -43.06 40.48
CA ALA K 2533 93.11 -41.89 40.41
C ALA K 2533 94.26 -41.96 41.41
N ALA K 2534 94.00 -42.51 42.61
CA ALA K 2534 95.06 -42.66 43.60
C ALA K 2534 96.06 -43.75 43.21
N SER K 2535 95.70 -44.61 42.25
CA SER K 2535 96.61 -45.63 41.76
C SER K 2535 97.79 -45.05 41.01
N LEU K 2536 97.59 -44.03 40.18
CA LEU K 2536 98.61 -43.58 39.26
C LEU K 2536 99.49 -42.47 39.83
N ASP K 2537 99.51 -42.32 41.15
CA ASP K 2537 100.36 -41.30 41.78
C ASP K 2537 101.82 -41.73 41.78
N THR K 2544 101.15 -39.19 33.25
CA THR K 2544 100.20 -40.16 32.75
C THR K 2544 99.02 -39.43 32.12
N GLU K 2545 98.53 -39.93 30.99
CA GLU K 2545 97.68 -39.14 30.12
C GLU K 2545 96.26 -38.95 30.64
N MET K 2546 95.48 -40.02 30.80
CA MET K 2546 94.11 -39.84 31.29
C MET K 2546 94.06 -39.62 32.79
N ALA K 2547 95.18 -39.81 33.47
CA ALA K 2547 95.29 -39.37 34.86
C ALA K 2547 95.11 -37.86 34.98
N LEU K 2548 95.63 -37.10 34.01
CA LEU K 2548 95.43 -35.67 34.00
C LEU K 2548 94.14 -35.26 33.29
N ALA K 2549 93.51 -36.19 32.58
CA ALA K 2549 92.16 -35.93 32.09
C ALA K 2549 91.11 -36.14 33.16
N LEU K 2550 91.50 -36.78 34.25
CA LEU K 2550 90.57 -37.09 35.33
C LEU K 2550 90.92 -36.37 36.62
N ASN K 2551 92.18 -35.97 36.80
CA ASN K 2551 92.57 -35.16 37.96
C ASN K 2551 91.81 -33.84 37.98
N ARG K 2552 91.81 -33.13 36.86
CA ARG K 2552 91.07 -31.89 36.76
C ARG K 2552 89.56 -32.13 36.75
N TYR K 2553 89.10 -33.31 36.35
CA TYR K 2553 87.68 -33.61 36.38
C TYR K 2553 87.20 -33.72 37.83
N LEU K 2554 88.00 -34.38 38.67
CA LEU K 2554 87.60 -34.54 40.07
C LEU K 2554 87.64 -33.21 40.81
N CYS K 2555 88.69 -32.43 40.59
CA CYS K 2555 88.87 -31.18 41.31
C CYS K 2555 87.96 -30.07 40.84
N LEU K 2556 87.15 -30.28 39.80
CA LEU K 2556 86.27 -29.25 39.28
C LEU K 2556 84.81 -29.67 39.21
N ALA K 2557 84.49 -30.93 39.46
CA ALA K 2557 83.11 -31.37 39.33
C ALA K 2557 82.54 -31.98 40.59
N VAL K 2558 83.26 -32.90 41.22
CA VAL K 2558 82.68 -33.66 42.33
C VAL K 2558 83.13 -33.15 43.70
N LEU K 2559 84.41 -32.88 43.92
CA LEU K 2559 84.90 -32.35 45.19
C LEU K 2559 84.29 -31.01 45.62
N PRO K 2560 83.82 -30.15 44.71
CA PRO K 2560 82.83 -29.14 45.14
C PRO K 2560 81.55 -29.74 45.68
N LEU K 2561 80.97 -30.73 45.00
CA LEU K 2561 79.66 -31.24 45.38
C LEU K 2561 79.72 -32.01 46.70
N ILE K 2562 80.88 -32.60 47.01
CA ILE K 2562 81.09 -33.17 48.34
C ILE K 2562 81.07 -32.07 49.39
N THR K 2563 81.78 -30.97 49.13
CA THR K 2563 81.81 -29.87 50.08
C THR K 2563 80.51 -29.09 50.11
N LYS K 2564 79.61 -29.33 49.16
CA LYS K 2564 78.25 -28.80 49.30
C LYS K 2564 77.48 -29.58 50.35
N CYS K 2565 77.82 -30.85 50.56
CA CYS K 2565 77.09 -31.72 51.45
C CYS K 2565 77.94 -32.25 52.59
N ALA K 2566 78.96 -31.50 52.99
CA ALA K 2566 79.85 -31.94 54.06
C ALA K 2566 79.21 -31.88 55.45
N PRO K 2567 78.35 -30.91 55.82
CA PRO K 2567 77.57 -31.08 57.05
C PRO K 2567 76.42 -32.06 56.93
N LEU K 2568 76.16 -32.63 55.76
CA LEU K 2568 75.20 -33.72 55.70
C LEU K 2568 75.80 -35.04 56.16
N PHE K 2569 77.13 -35.11 56.35
CA PHE K 2569 77.78 -36.31 56.84
C PHE K 2569 77.78 -36.42 58.36
N ALA K 2570 76.88 -35.73 59.05
CA ALA K 2570 76.89 -35.73 60.51
C ALA K 2570 76.32 -37.06 61.02
N GLY K 2571 77.08 -37.73 61.88
CA GLY K 2571 76.60 -38.93 62.54
C GLY K 2571 76.50 -40.15 61.64
N THR K 2572 77.64 -40.65 61.18
CA THR K 2572 77.65 -41.87 60.37
C THR K 2572 77.92 -43.11 61.22
N GLU K 2573 76.96 -43.43 62.08
CA GLU K 2573 76.88 -44.75 62.67
C GLU K 2573 76.18 -45.73 61.74
N HIS K 2574 75.64 -45.24 60.62
CA HIS K 2574 75.10 -46.12 59.58
C HIS K 2574 76.21 -46.97 58.98
N ARG K 2575 77.39 -46.39 58.78
CA ARG K 2575 78.46 -47.02 58.05
C ARG K 2575 79.76 -46.32 58.42
N ALA K 2576 80.82 -47.09 58.63
CA ALA K 2576 82.10 -46.53 59.03
C ALA K 2576 83.29 -47.17 58.31
N ILE K 2577 83.05 -48.01 57.31
CA ILE K 2577 84.13 -48.62 56.55
C ILE K 2577 84.37 -47.90 55.23
N MET K 2578 83.32 -47.63 54.46
CA MET K 2578 83.41 -46.83 53.24
C MET K 2578 83.97 -45.45 53.52
N VAL K 2579 83.55 -44.82 54.62
CA VAL K 2579 84.12 -43.52 54.96
C VAL K 2579 85.53 -43.67 55.50
N ASP K 2580 85.91 -44.87 55.95
CA ASP K 2580 87.29 -45.06 56.41
C ASP K 2580 88.23 -45.21 55.22
N SER K 2581 87.78 -45.91 54.18
CA SER K 2581 88.55 -46.00 52.95
C SER K 2581 88.59 -44.68 52.19
N MET K 2582 87.46 -43.96 52.18
CA MET K 2582 87.40 -42.67 51.48
C MET K 2582 88.27 -41.63 52.16
N LEU K 2583 88.34 -41.63 53.49
CA LEU K 2583 89.19 -40.69 54.21
C LEU K 2583 90.67 -40.95 53.97
N HIS K 2584 91.05 -42.18 53.62
CA HIS K 2584 92.46 -42.45 53.34
C HIS K 2584 92.86 -42.04 51.94
N THR K 2585 92.03 -42.35 50.93
CA THR K 2585 92.39 -42.05 49.55
C THR K 2585 92.34 -40.57 49.24
N VAL K 2586 91.65 -39.79 50.05
CA VAL K 2586 91.75 -38.34 49.96
C VAL K 2586 93.16 -37.90 50.35
N TYR K 2587 93.66 -38.36 51.50
CA TYR K 2587 95.00 -37.98 51.91
C TYR K 2587 96.06 -38.72 51.09
N ARG K 2588 95.68 -39.82 50.44
CA ARG K 2588 96.57 -40.39 49.43
C ARG K 2588 96.70 -39.46 48.23
N LEU K 2589 95.62 -38.78 47.87
CA LEU K 2589 95.66 -37.79 46.80
C LEU K 2589 96.14 -36.43 47.28
N SER K 2590 96.45 -36.28 48.57
CA SER K 2590 96.91 -35.00 49.09
C SER K 2590 98.29 -34.63 48.57
N ARG K 2591 99.24 -35.55 48.62
CA ARG K 2591 100.57 -35.33 48.06
C ARG K 2591 100.69 -36.20 46.81
N GLY K 2592 101.24 -35.63 45.76
CA GLY K 2592 101.35 -36.33 44.49
C GLY K 2592 102.23 -35.56 43.54
N ARG K 2593 102.63 -36.23 42.45
CA ARG K 2593 103.50 -35.59 41.48
C ARG K 2593 102.74 -34.92 40.35
N SER K 2594 101.52 -35.39 40.06
CA SER K 2594 100.78 -34.93 38.89
C SER K 2594 99.64 -33.97 39.24
N LEU K 2595 99.85 -33.07 40.18
CA LEU K 2595 98.84 -32.10 40.57
C LEU K 2595 99.45 -30.73 40.80
N THR K 2596 98.66 -29.69 40.57
CA THR K 2596 99.13 -28.32 40.71
C THR K 2596 98.71 -27.71 42.05
N LYS K 2597 99.06 -26.44 42.21
CA LYS K 2597 98.60 -25.67 43.37
C LYS K 2597 97.09 -25.51 43.38
N ALA K 2598 96.47 -25.38 42.21
CA ALA K 2598 95.04 -25.17 42.13
C ALA K 2598 94.26 -26.43 42.47
N GLN K 2599 94.64 -27.57 41.91
CA GLN K 2599 93.88 -28.79 42.13
C GLN K 2599 94.06 -29.32 43.55
N ARG K 2600 95.25 -29.15 44.12
CA ARG K 2600 95.48 -29.62 45.49
C ARG K 2600 94.79 -28.73 46.51
N ASP K 2601 94.58 -27.45 46.20
CA ASP K 2601 93.88 -26.59 47.14
C ASP K 2601 92.39 -26.90 47.19
N VAL K 2602 91.85 -27.52 46.15
CA VAL K 2602 90.48 -28.02 46.20
C VAL K 2602 90.38 -29.18 47.17
N ILE K 2603 91.37 -30.08 47.13
CA ILE K 2603 91.31 -31.28 47.94
C ILE K 2603 91.62 -30.97 49.40
N GLU K 2604 92.61 -30.11 49.64
CA GLU K 2604 92.95 -29.73 51.01
C GLU K 2604 91.84 -28.92 51.67
N ASP K 2605 91.04 -28.22 50.88
CA ASP K 2605 89.84 -27.61 51.42
C ASP K 2605 88.71 -28.63 51.53
N CYS K 2606 88.73 -29.67 50.69
CA CYS K 2606 87.73 -30.73 50.81
C CYS K 2606 88.02 -31.62 52.00
N LEU K 2607 89.29 -31.71 52.40
CA LEU K 2607 89.67 -32.57 53.52
C LEU K 2607 89.22 -31.98 54.86
N MET K 2608 89.55 -30.73 55.12
CA MET K 2608 89.21 -30.11 56.40
C MET K 2608 87.71 -29.83 56.49
N ALA K 2609 87.03 -29.77 55.34
CA ALA K 2609 85.58 -29.74 55.35
C ALA K 2609 84.97 -31.08 55.73
N LEU K 2610 85.74 -32.16 55.61
CA LEU K 2610 85.28 -33.45 56.07
C LEU K 2610 85.86 -33.82 57.43
N CYS K 2611 86.92 -33.14 57.87
CA CYS K 2611 87.41 -33.32 59.24
C CYS K 2611 86.41 -32.85 60.26
N ARG K 2612 85.56 -31.89 59.91
CA ARG K 2612 84.42 -31.49 60.72
C ARG K 2612 83.18 -32.24 60.22
N TYR K 2613 82.08 -32.10 60.97
CA TYR K 2613 80.77 -32.65 60.66
C TYR K 2613 80.78 -34.18 60.64
N ILE K 2614 81.59 -34.76 61.50
CA ILE K 2614 81.61 -36.20 61.76
C ILE K 2614 82.23 -36.41 63.13
N ARG K 2615 81.74 -37.42 63.86
CA ARG K 2615 82.15 -37.62 65.24
C ARG K 2615 83.59 -38.12 65.32
N PRO K 2616 84.35 -37.71 66.35
CA PRO K 2616 85.76 -38.14 66.46
C PRO K 2616 85.96 -39.62 66.81
N SER K 2617 84.92 -40.43 66.82
CA SER K 2617 85.07 -41.87 66.81
C SER K 2617 85.81 -42.35 65.56
N MET K 2618 85.34 -41.95 64.38
CA MET K 2618 85.96 -42.40 63.13
C MET K 2618 87.15 -41.56 62.71
N LEU K 2619 87.42 -40.45 63.39
CA LEU K 2619 88.56 -39.57 63.08
C LEU K 2619 89.91 -40.22 63.30
N GLN K 2620 90.04 -41.15 64.27
CA GLN K 2620 91.35 -41.69 64.59
C GLN K 2620 91.81 -42.74 63.58
N HIS K 2621 90.96 -43.05 62.60
CA HIS K 2621 91.34 -44.00 61.56
C HIS K 2621 92.48 -43.48 60.69
N LEU K 2622 92.58 -42.17 60.51
CA LEU K 2622 93.68 -41.60 59.77
C LEU K 2622 94.72 -40.96 60.69
N LEU K 2623 94.33 -40.61 61.92
CA LEU K 2623 95.23 -40.00 62.87
C LEU K 2623 96.34 -40.95 63.30
N ARG K 2624 96.07 -42.25 63.24
CA ARG K 2624 97.12 -43.25 63.41
C ARG K 2624 98.13 -43.18 62.26
N ARG K 2625 97.68 -42.76 61.07
CA ARG K 2625 98.55 -42.78 59.91
C ARG K 2625 99.30 -41.47 59.75
N LEU K 2626 98.73 -40.36 60.24
CA LEU K 2626 99.38 -39.07 60.09
C LEU K 2626 100.60 -38.92 61.00
N VAL K 2627 100.45 -39.25 62.29
CA VAL K 2627 101.56 -39.15 63.24
C VAL K 2627 102.67 -40.13 62.96
N PHE K 2628 102.43 -41.13 62.13
CA PHE K 2628 103.49 -41.92 61.54
C PHE K 2628 104.40 -41.08 60.65
N ASP K 2629 103.84 -40.16 59.89
CA ASP K 2629 104.56 -39.48 58.82
C ASP K 2629 105.08 -38.11 59.20
N VAL K 2630 104.22 -37.18 59.58
CA VAL K 2630 104.58 -35.77 59.67
C VAL K 2630 105.52 -35.37 60.83
N PRO K 2631 105.27 -35.67 62.11
CA PRO K 2631 105.80 -34.81 63.17
C PRO K 2631 107.30 -34.91 63.42
N ILE K 2632 107.99 -35.85 62.76
CA ILE K 2632 109.43 -35.94 62.86
C ILE K 2632 110.16 -34.99 61.93
N LEU K 2633 109.46 -34.42 60.95
CA LEU K 2633 110.08 -33.58 59.93
C LEU K 2633 109.48 -32.18 59.98
N ASN K 2634 110.31 -31.18 59.73
CA ASN K 2634 109.86 -29.80 59.71
C ASN K 2634 109.41 -29.40 58.31
N LYS K 2638 101.95 -30.43 51.56
CA LYS K 2638 102.60 -31.62 52.10
C LYS K 2638 102.63 -31.56 53.62
N MET K 2639 103.55 -30.76 54.15
CA MET K 2639 103.77 -30.67 55.59
C MET K 2639 102.60 -29.98 56.30
N PRO K 2640 102.22 -28.81 55.81
CA PRO K 2640 101.19 -28.01 56.45
C PRO K 2640 99.80 -28.61 56.24
N LEU K 2641 99.65 -29.48 55.26
CA LEU K 2641 98.39 -30.18 54.99
C LEU K 2641 98.07 -31.14 56.12
N LYS K 2642 99.12 -31.64 56.77
CA LYS K 2642 98.97 -32.48 57.93
C LYS K 2642 98.66 -31.63 59.15
N LEU K 2643 99.42 -30.55 59.31
CA LEU K 2643 99.34 -29.70 60.48
C LEU K 2643 98.01 -28.95 60.57
N LEU K 2644 97.39 -28.72 59.42
CA LEU K 2644 96.11 -28.04 59.39
C LEU K 2644 94.98 -28.94 59.86
N THR K 2645 94.95 -30.16 59.33
CA THR K 2645 93.89 -31.11 59.64
C THR K 2645 94.02 -31.63 61.06
N ASN K 2646 95.24 -31.59 61.59
CA ASN K 2646 95.50 -32.04 62.95
C ASN K 2646 94.88 -31.11 63.96
N HIS K 2647 95.07 -29.81 63.76
CA HIS K 2647 94.61 -28.82 64.73
C HIS K 2647 93.09 -28.62 64.70
N TYR K 2648 92.45 -29.14 63.67
CA TYR K 2648 91.00 -29.00 63.54
C TYR K 2648 90.28 -30.23 64.08
N GLU K 2649 91.03 -31.10 64.75
CA GLU K 2649 90.46 -32.32 65.30
C GLU K 2649 90.82 -32.47 66.77
N ARG K 2650 91.94 -31.87 67.15
CA ARG K 2650 92.39 -31.94 68.52
C ARG K 2650 91.71 -30.86 69.35
N CYS K 2651 91.11 -29.88 68.68
CA CYS K 2651 90.33 -28.86 69.35
C CYS K 2651 88.85 -29.13 69.08
N TRP K 2652 88.53 -30.41 68.87
CA TRP K 2652 87.19 -30.81 68.48
C TRP K 2652 86.56 -31.72 69.52
N LYS K 2653 87.27 -31.97 70.62
CA LYS K 2653 86.76 -32.85 71.67
C LYS K 2653 87.40 -32.55 73.02
N TYR K 2654 88.12 -31.44 73.10
CA TYR K 2654 88.84 -31.08 74.33
C TYR K 2654 87.92 -30.55 75.42
N TYR K 2655 86.67 -30.33 75.07
CA TYR K 2655 85.65 -30.01 76.05
C TYR K 2655 84.52 -31.02 75.93
N ALA K 2662 95.20 -45.46 73.16
CA ALA K 2662 95.23 -45.83 71.76
C ALA K 2662 95.91 -44.76 70.93
N ASN K 2663 95.12 -43.83 70.42
CA ASN K 2663 95.64 -42.74 69.60
C ASN K 2663 96.29 -41.66 70.45
N PHE K 2664 95.96 -41.67 71.74
CA PHE K 2664 96.48 -40.67 72.68
C PHE K 2664 97.98 -40.84 72.88
N GLY K 2665 98.44 -42.08 72.85
CA GLY K 2665 99.86 -42.35 72.98
C GLY K 2665 100.57 -41.97 71.69
N VAL K 2666 99.86 -42.07 70.58
CA VAL K 2666 100.40 -41.71 69.27
C VAL K 2666 100.57 -40.20 69.17
N THR K 2667 99.69 -39.48 69.84
CA THR K 2667 99.74 -38.02 69.85
C THR K 2667 100.91 -37.52 70.69
N SER K 2668 101.12 -38.18 71.82
CA SER K 2668 102.22 -37.85 72.72
C SER K 2668 103.55 -38.25 72.08
N GLU K 2669 103.50 -39.26 71.23
CA GLU K 2669 104.65 -39.67 70.43
C GLU K 2669 104.94 -38.58 69.41
N GLU K 2670 103.87 -38.01 68.85
CA GLU K 2670 103.99 -36.92 67.90
C GLU K 2670 104.37 -35.63 68.62
N GLU K 2671 103.95 -35.51 69.88
CA GLU K 2671 104.20 -34.32 70.68
C GLU K 2671 105.67 -34.17 71.01
N LEU K 2672 106.34 -35.29 71.22
CA LEU K 2672 107.77 -35.30 71.46
C LEU K 2672 108.52 -35.21 70.13
N HIS K 2673 107.88 -35.71 69.07
CA HIS K 2673 108.48 -35.69 67.74
C HIS K 2673 108.55 -34.27 67.22
N LEU K 2674 107.50 -33.51 67.53
CA LEU K 2674 107.45 -32.10 67.15
C LEU K 2674 108.42 -31.30 67.99
N THR K 2675 108.64 -31.76 69.21
CA THR K 2675 109.62 -31.15 70.09
C THR K 2675 111.02 -31.45 69.57
N ARG K 2676 111.17 -32.61 68.94
CA ARG K 2676 112.41 -32.99 68.30
C ARG K 2676 112.62 -32.18 67.04
N LYS K 2677 111.53 -31.76 66.42
CA LYS K 2677 111.58 -30.86 65.28
C LYS K 2677 111.90 -29.45 65.76
N LEU K 2678 111.53 -29.16 67.01
CA LEU K 2678 111.80 -27.86 67.60
C LEU K 2678 113.06 -27.90 68.46
N LEU K 2686 107.62 -18.53 59.97
CA LEU K 2686 107.61 -19.30 58.74
C LEU K 2686 107.00 -20.68 58.98
N ALA K 2687 107.80 -21.72 58.80
CA ALA K 2687 107.35 -23.08 59.07
C ALA K 2687 107.38 -23.31 60.57
N HIS K 2688 108.21 -22.53 61.26
CA HIS K 2688 108.33 -22.59 62.71
C HIS K 2688 107.08 -22.07 63.40
N LYS K 2689 106.39 -21.13 62.76
CA LYS K 2689 105.17 -20.56 63.30
C LYS K 2689 103.95 -21.37 62.89
N LYS K 2690 104.14 -22.27 61.93
CA LYS K 2690 103.06 -23.09 61.42
C LYS K 2690 102.92 -24.39 62.22
N TYR K 2691 103.78 -24.56 63.21
CA TYR K 2691 103.84 -25.80 63.95
C TYR K 2691 103.26 -25.67 65.36
N ASP K 2692 103.53 -24.55 66.02
CA ASP K 2692 103.16 -24.36 67.43
C ASP K 2692 101.67 -24.27 67.66
N GLN K 2693 100.94 -23.89 66.62
CA GLN K 2693 99.48 -23.81 66.70
C GLN K 2693 98.89 -25.19 66.74
N GLU K 2694 99.35 -26.06 65.85
CA GLU K 2694 98.86 -27.42 65.78
C GLU K 2694 99.37 -28.27 66.93
N LEU K 2695 100.51 -27.86 67.49
CA LEU K 2695 101.11 -28.58 68.60
C LEU K 2695 100.38 -28.30 69.90
N TYR K 2696 100.10 -27.02 70.16
CA TYR K 2696 99.45 -26.62 71.41
C TYR K 2696 97.98 -26.97 71.40
N ARG K 2697 97.43 -27.20 70.21
CA ARG K 2697 96.03 -27.62 70.09
C ARG K 2697 95.88 -29.07 70.49
N MET K 2698 96.96 -29.83 70.36
CA MET K 2698 96.94 -31.24 70.72
C MET K 2698 97.42 -31.42 72.15
N ALA K 2699 97.60 -30.31 72.87
CA ALA K 2699 98.13 -30.36 74.23
C ALA K 2699 97.04 -30.55 75.30
N MET K 2700 95.95 -31.23 74.92
CA MET K 2700 94.85 -31.51 75.83
C MET K 2700 94.08 -32.74 75.35
N GLU K 2741 116.97 -61.31 63.43
CA GLU K 2741 117.29 -62.53 62.69
C GLU K 2741 116.58 -63.73 63.31
N THR K 2742 115.84 -64.47 62.48
CA THR K 2742 115.16 -65.68 62.91
C THR K 2742 115.60 -66.93 62.17
N LEU K 2743 116.10 -66.80 60.94
CA LEU K 2743 116.62 -67.95 60.23
C LEU K 2743 118.08 -68.22 60.56
N ASN K 2744 118.82 -67.20 60.98
CA ASN K 2744 120.22 -67.33 61.36
C ASN K 2744 120.40 -67.34 62.88
N VAL K 2745 119.31 -67.39 63.64
CA VAL K 2745 119.35 -67.48 65.09
C VAL K 2745 119.33 -68.96 65.46
N ILE K 2746 120.26 -69.35 66.33
CA ILE K 2746 120.42 -70.76 66.69
C ILE K 2746 119.32 -71.17 67.65
N ILE K 2747 118.83 -72.39 67.47
CA ILE K 2747 117.82 -72.96 68.37
C ILE K 2747 118.53 -73.87 69.37
N PRO K 2748 118.26 -73.73 70.66
CA PRO K 2748 118.89 -74.59 71.66
C PRO K 2748 118.24 -75.97 71.70
N GLU K 2749 118.66 -76.77 72.68
CA GLU K 2749 118.14 -78.12 72.83
C GLU K 2749 116.67 -78.14 73.24
N LYS K 2750 116.31 -77.32 74.22
CA LYS K 2750 114.90 -77.22 74.61
C LYS K 2750 114.09 -76.42 73.60
N LEU K 2751 114.73 -75.60 72.76
CA LEU K 2751 114.02 -74.86 71.74
C LEU K 2751 113.52 -75.76 70.63
N ASP K 2752 114.20 -76.88 70.36
CA ASP K 2752 113.64 -77.89 69.48
C ASP K 2752 112.54 -78.68 70.19
N SER K 2753 112.61 -78.77 71.51
CA SER K 2753 111.54 -79.37 72.30
C SER K 2753 110.39 -78.40 72.52
N PHE K 2754 110.64 -77.10 72.48
CA PHE K 2754 109.58 -76.11 72.60
C PHE K 2754 108.90 -75.82 71.27
N ILE K 2755 109.60 -76.02 70.14
CA ILE K 2755 108.98 -75.82 68.84
C ILE K 2755 108.02 -76.96 68.54
N ASN K 2756 108.22 -78.12 69.16
CA ASN K 2756 107.24 -79.20 69.07
C ASN K 2756 106.14 -79.07 70.13
N LYS K 2757 106.48 -78.55 71.31
CA LYS K 2757 105.49 -78.40 72.37
C LYS K 2757 104.56 -77.23 72.12
N PHE K 2758 105.07 -76.12 71.58
CA PHE K 2758 104.20 -75.02 71.19
C PHE K 2758 103.46 -75.34 69.90
N ALA K 2759 103.88 -76.40 69.18
CA ALA K 2759 103.07 -76.95 68.12
C ALA K 2759 102.05 -77.95 68.66
N GLU K 2760 102.41 -78.68 69.73
CA GLU K 2760 101.47 -79.63 70.32
C GLU K 2760 100.41 -78.93 71.16
N TYR K 2761 100.80 -77.87 71.88
CA TYR K 2761 99.82 -77.11 72.65
C TYR K 2761 98.93 -76.26 71.74
N THR K 2762 99.41 -75.92 70.55
CA THR K 2762 98.56 -75.24 69.56
C THR K 2762 97.51 -76.20 69.01
N HIS K 2763 97.87 -77.46 68.77
CA HIS K 2763 96.87 -78.44 68.36
C HIS K 2763 96.01 -78.87 69.54
N GLU K 2764 96.50 -78.67 70.78
CA GLU K 2764 95.72 -78.97 71.96
C GLU K 2764 94.67 -77.91 72.24
N LYS K 2765 94.92 -76.67 71.84
CA LYS K 2765 93.94 -75.61 72.06
C LYS K 2765 92.97 -75.47 70.89
N TRP K 2766 93.40 -75.81 69.67
CA TRP K 2766 92.56 -75.63 68.49
C TRP K 2766 91.45 -76.66 68.42
N ALA K 2767 91.74 -77.91 68.79
CA ALA K 2767 90.69 -78.94 68.83
C ALA K 2767 89.74 -78.72 69.99
N PHE K 2768 90.18 -78.00 71.03
CA PHE K 2768 89.29 -77.67 72.14
C PHE K 2768 88.29 -76.60 71.74
N ASP K 2769 88.64 -75.75 70.76
CA ASP K 2769 87.78 -74.64 70.39
C ASP K 2769 86.77 -75.01 69.30
N LYS K 2770 87.21 -75.74 68.27
CA LYS K 2770 86.35 -76.08 67.14
C LYS K 2770 85.26 -77.08 67.50
N ILE K 2771 85.57 -78.09 68.33
CA ILE K 2771 84.60 -79.14 68.63
C ILE K 2771 83.48 -78.62 69.53
N GLN K 2772 83.69 -77.51 70.22
CA GLN K 2772 82.63 -76.88 70.99
C GLN K 2772 81.55 -76.28 70.10
N ASN K 2773 81.88 -75.88 68.88
CA ASN K 2773 80.92 -75.34 67.93
C ASN K 2773 80.43 -76.38 66.94
N ASN K 2774 80.44 -77.67 67.33
CA ASN K 2774 79.99 -78.81 66.53
C ASN K 2774 80.75 -78.91 65.21
N TRP K 2775 82.07 -79.12 65.33
CA TRP K 2775 82.93 -79.36 64.18
C TRP K 2775 83.03 -80.86 63.94
N SER K 2776 82.61 -81.30 62.76
CA SER K 2776 82.64 -82.72 62.42
C SER K 2776 84.06 -83.13 62.03
N TYR K 2777 84.24 -84.43 61.82
CA TYR K 2777 85.52 -85.00 61.43
C TYR K 2777 85.44 -85.50 59.99
N GLY K 2778 86.25 -84.88 59.11
CA GLY K 2778 86.28 -85.29 57.73
C GLY K 2778 87.71 -85.43 57.25
N GLU K 2779 87.90 -86.35 56.29
CA GLU K 2779 89.20 -86.53 55.68
C GLU K 2779 89.59 -85.31 54.83
N ASN K 2780 88.60 -84.68 54.20
CA ASN K 2780 88.78 -83.39 53.55
C ASN K 2780 88.10 -82.32 54.40
N VAL K 2781 88.83 -81.22 54.61
CA VAL K 2781 88.33 -80.14 55.45
C VAL K 2781 87.27 -79.37 54.69
N ASP K 2782 86.02 -79.51 55.10
CA ASP K 2782 84.89 -78.84 54.48
C ASP K 2782 84.36 -77.77 55.42
N GLU K 2783 83.96 -76.64 54.84
CA GLU K 2783 83.46 -75.53 55.65
C GLU K 2783 82.01 -75.71 56.06
N GLU K 2784 81.18 -76.26 55.17
CA GLU K 2784 79.79 -76.53 55.54
C GLU K 2784 79.67 -77.71 56.49
N LEU K 2785 80.63 -78.62 56.43
CA LEU K 2785 80.70 -79.74 57.36
C LEU K 2785 81.52 -79.43 58.61
N LYS K 2786 82.23 -78.30 58.62
CA LYS K 2786 83.14 -77.88 59.71
C LYS K 2786 84.18 -78.96 60.02
N THR K 2787 84.74 -79.55 58.96
CA THR K 2787 85.66 -80.66 59.13
C THR K 2787 87.05 -80.16 59.50
N HIS K 2788 87.67 -80.83 60.47
CA HIS K 2788 89.02 -80.54 60.89
C HIS K 2788 89.83 -81.82 60.78
N PRO K 2789 90.51 -82.07 59.66
CA PRO K 2789 91.32 -83.29 59.53
C PRO K 2789 92.59 -83.28 60.35
N MET K 2790 92.97 -82.15 60.93
CA MET K 2790 94.09 -82.06 61.85
C MET K 2790 93.66 -82.24 63.31
N LEU K 2791 92.58 -82.99 63.53
CA LEU K 2791 92.06 -83.24 64.88
C LEU K 2791 92.87 -84.36 65.51
N ARG K 2792 94.12 -84.06 65.84
CA ARG K 2792 95.04 -85.00 66.46
C ARG K 2792 96.16 -84.20 67.09
N PRO K 2793 97.05 -84.85 67.83
CA PRO K 2793 98.19 -84.14 68.42
C PRO K 2793 99.32 -83.98 67.41
N TYR K 2794 100.32 -83.19 67.82
CA TYR K 2794 101.52 -83.05 67.02
C TYR K 2794 102.41 -84.29 67.10
N LYS K 2795 102.28 -85.07 68.18
CA LYS K 2795 102.98 -86.36 68.27
C LYS K 2795 102.27 -87.45 67.50
N THR K 2796 101.00 -87.25 67.12
CA THR K 2796 100.29 -88.14 66.22
C THR K 2796 100.30 -87.61 64.79
N PHE K 2797 101.05 -86.55 64.53
CA PHE K 2797 101.18 -85.97 63.20
C PHE K 2797 102.57 -86.27 62.63
N SER K 2798 102.61 -86.50 61.32
CA SER K 2798 103.83 -86.78 60.59
C SER K 2798 104.44 -85.46 60.12
N GLU K 2799 105.42 -85.56 59.21
CA GLU K 2799 106.04 -84.37 58.66
C GLU K 2799 105.12 -83.66 57.67
N LYS K 2800 104.10 -84.35 57.18
CA LYS K 2800 103.10 -83.74 56.31
C LYS K 2800 101.95 -83.10 57.10
N ASP K 2801 101.77 -83.48 58.37
CA ASP K 2801 100.71 -82.92 59.19
C ASP K 2801 101.22 -82.07 60.35
N LYS K 2802 102.54 -81.94 60.51
CA LYS K 2802 103.12 -80.99 61.45
C LYS K 2802 103.91 -79.89 60.76
N GLU K 2803 103.94 -79.88 59.42
CA GLU K 2803 104.60 -78.82 58.68
C GLU K 2803 103.84 -77.51 58.75
N ILE K 2804 102.54 -77.54 59.10
CA ILE K 2804 101.78 -76.32 59.32
C ILE K 2804 102.18 -75.61 60.60
N TYR K 2805 102.86 -76.30 61.53
CA TYR K 2805 103.29 -75.71 62.78
C TYR K 2805 104.78 -75.95 63.04
N ARG K 2806 105.58 -76.07 61.98
CA ARG K 2806 107.01 -76.31 62.13
C ARG K 2806 107.81 -75.02 62.12
N TRP K 2807 107.67 -74.22 61.06
CA TRP K 2807 108.39 -72.97 60.90
C TRP K 2807 107.88 -71.92 61.87
N PRO K 2808 106.60 -71.95 62.25
CA PRO K 2808 106.07 -70.89 63.12
C PRO K 2808 106.52 -70.99 64.55
N ILE K 2809 106.59 -72.19 65.13
CA ILE K 2809 107.04 -72.33 66.51
C ILE K 2809 108.55 -72.39 66.62
N LYS K 2810 109.28 -72.45 65.50
CA LYS K 2810 110.73 -72.42 65.51
C LYS K 2810 111.30 -71.03 65.25
N GLU K 2811 110.62 -70.22 64.42
CA GLU K 2811 111.07 -68.86 64.20
C GLU K 2811 110.73 -67.94 65.36
N SER K 2812 109.60 -68.20 66.04
CA SER K 2812 109.24 -67.39 67.20
C SER K 2812 110.16 -67.67 68.38
N LEU K 2813 110.58 -68.92 68.55
CA LEU K 2813 111.59 -69.24 69.55
C LEU K 2813 112.96 -68.69 69.16
N LYS K 2814 113.23 -68.59 67.86
CA LYS K 2814 114.46 -67.95 67.41
C LYS K 2814 114.38 -66.44 67.54
N ALA K 2815 113.19 -65.86 67.34
CA ALA K 2815 113.03 -64.43 67.56
C ALA K 2815 113.06 -64.08 69.04
N MET K 2816 112.60 -65.00 69.89
CA MET K 2816 112.72 -64.80 71.33
C MET K 2816 114.15 -64.98 71.79
N ILE K 2817 114.93 -65.80 71.08
CA ILE K 2817 116.33 -66.00 71.46
C ILE K 2817 117.21 -64.88 70.91
N ALA K 2818 116.89 -64.36 69.72
CA ALA K 2818 117.66 -63.24 69.18
C ALA K 2818 117.37 -61.94 69.91
N TRP K 2819 116.20 -61.81 70.53
CA TRP K 2819 115.90 -60.64 71.34
C TRP K 2819 116.57 -60.75 72.71
N GLU K 2820 116.44 -61.90 73.37
CA GLU K 2820 117.09 -62.13 74.65
C GLU K 2820 117.59 -63.57 74.66
N TRP K 2821 118.90 -63.76 74.73
CA TRP K 2821 119.52 -65.08 74.60
C TRP K 2821 119.29 -65.87 75.88
N THR K 2822 118.06 -66.35 76.05
CA THR K 2822 117.68 -67.21 77.17
C THR K 2822 116.76 -68.30 76.62
N ILE K 2823 117.36 -69.41 76.20
CA ILE K 2823 116.63 -70.58 75.75
C ILE K 2823 117.20 -71.78 76.51
N GLU K 2824 116.62 -72.07 77.67
CA GLU K 2824 117.05 -73.18 78.51
C GLU K 2824 115.91 -73.52 79.45
N LYS K 2825 115.95 -74.74 79.97
CA LYS K 2825 114.93 -75.24 80.88
C LYS K 2825 115.33 -74.90 82.31
N ALA K 2826 114.48 -74.16 83.02
CA ALA K 2826 114.72 -73.80 84.40
C ALA K 2826 113.55 -74.15 85.31
N ARG K 2827 112.53 -74.83 84.80
CA ARG K 2827 111.36 -75.21 85.58
C ARG K 2827 110.78 -76.48 84.99
N GLU K 2828 109.88 -77.11 85.74
CA GLU K 2828 109.26 -78.36 85.32
C GLU K 2828 108.20 -78.09 84.25
N GLY K 2829 107.73 -79.17 83.64
CA GLY K 2829 106.72 -79.06 82.60
C GLY K 2829 105.35 -78.73 83.15
N GLU K 2830 104.46 -78.30 82.26
CA GLU K 2830 103.10 -77.93 82.64
C GLU K 2830 102.13 -78.18 81.50
N TYR K 2855 89.10 -86.79 68.03
CA TYR K 2855 89.95 -86.48 69.17
C TYR K 2855 89.60 -85.13 69.77
N ASN K 2856 89.52 -85.09 71.11
CA ASN K 2856 89.18 -83.88 71.85
C ASN K 2856 90.41 -83.42 72.63
N PRO K 2857 91.36 -82.78 71.95
CA PRO K 2857 92.56 -82.27 72.65
C PRO K 2857 92.20 -81.01 73.44
N GLN K 2858 92.69 -80.92 74.67
CA GLN K 2858 92.41 -79.79 75.53
C GLN K 2858 93.71 -79.15 75.99
N PRO K 2859 93.87 -77.83 75.90
CA PRO K 2859 95.10 -77.19 76.39
C PRO K 2859 95.05 -77.03 77.90
N PRO K 2860 96.20 -76.99 78.56
CA PRO K 2860 96.23 -76.93 80.01
C PRO K 2860 95.97 -75.51 80.52
N ASP K 2861 95.96 -75.39 81.84
CA ASP K 2861 95.73 -74.10 82.51
C ASP K 2861 97.02 -73.29 82.44
N LEU K 2862 97.25 -72.66 81.28
CA LEU K 2862 98.43 -71.85 81.08
C LEU K 2862 98.32 -70.47 81.71
N SER K 2863 97.12 -70.07 82.13
CA SER K 2863 96.90 -68.78 82.78
C SER K 2863 96.91 -68.89 84.31
N GLY K 2864 97.67 -69.84 84.84
CA GLY K 2864 97.80 -69.99 86.28
C GLY K 2864 98.62 -68.87 86.88
N VAL K 2865 99.68 -68.46 86.20
CA VAL K 2865 100.49 -67.33 86.59
C VAL K 2865 100.34 -66.24 85.54
N THR K 2866 100.09 -65.01 85.98
CA THR K 2866 99.91 -63.89 85.07
C THR K 2866 101.26 -63.31 84.64
N LEU K 2867 101.21 -62.14 84.01
CA LEU K 2867 102.42 -61.49 83.53
C LEU K 2867 102.91 -60.49 84.57
N SER K 2868 104.19 -60.60 84.92
CA SER K 2868 104.84 -59.71 85.87
C SER K 2868 105.38 -58.49 85.13
N ARG K 2869 106.23 -57.69 85.79
CA ARG K 2869 106.83 -56.54 85.13
C ARG K 2869 107.82 -56.93 84.04
N GLU K 2870 108.46 -58.09 84.16
CA GLU K 2870 109.36 -58.59 83.13
C GLU K 2870 108.68 -59.55 82.17
N LEU K 2871 107.54 -60.12 82.56
CA LEU K 2871 106.82 -61.03 81.68
C LEU K 2871 105.88 -60.30 80.73
N GLN K 2872 105.24 -59.23 81.19
CA GLN K 2872 104.37 -58.45 80.32
C GLN K 2872 105.18 -57.66 79.30
N ALA K 2873 106.36 -57.17 79.68
CA ALA K 2873 107.25 -56.52 78.74
C ALA K 2873 107.81 -57.51 77.71
N MET K 2874 108.08 -58.75 78.13
CA MET K 2874 108.48 -59.78 77.18
C MET K 2874 107.32 -60.22 76.31
N ALA K 2875 106.10 -60.23 76.85
CA ALA K 2875 104.92 -60.51 76.03
C ALA K 2875 104.64 -59.34 75.10
N GLU K 2876 104.97 -58.12 75.52
CA GLU K 2876 104.94 -56.98 74.61
C GLU K 2876 106.07 -57.07 73.58
N GLN K 2877 107.18 -57.71 73.93
CA GLN K 2877 108.27 -57.91 72.98
C GLN K 2877 107.97 -59.06 72.03
N LEU K 2878 107.08 -59.97 72.41
CA LEU K 2878 106.76 -61.10 71.55
C LEU K 2878 105.68 -60.73 70.52
N ALA K 2879 104.82 -59.77 70.85
CA ALA K 2879 103.80 -59.35 69.89
C ALA K 2879 104.41 -58.49 68.79
N GLU K 2880 105.32 -57.59 69.15
CA GLU K 2880 105.97 -56.74 68.16
C GLU K 2880 106.94 -57.53 67.28
N ASN K 2881 107.62 -58.54 67.85
CA ASN K 2881 108.50 -59.38 67.04
C ASN K 2881 107.71 -60.26 66.10
N TYR K 2882 106.54 -60.75 66.53
CA TYR K 2882 105.63 -61.44 65.61
C TYR K 2882 105.03 -60.47 64.60
N HIS K 2883 104.91 -59.20 64.97
CA HIS K 2883 104.48 -58.19 64.01
C HIS K 2883 105.65 -57.72 63.14
N ASN K 2884 106.89 -57.84 63.63
CA ASN K 2884 108.03 -57.44 62.82
C ASN K 2884 108.35 -58.46 61.73
N THR K 2885 108.29 -59.74 62.06
CA THR K 2885 108.57 -60.77 61.06
C THR K 2885 107.44 -60.90 60.05
N TRP K 2886 106.20 -60.84 60.49
CA TRP K 2886 105.08 -60.87 59.55
C TRP K 2886 104.95 -59.55 58.80
N GLY K 2887 105.36 -58.44 59.43
CA GLY K 2887 105.33 -57.16 58.74
C GLY K 2887 106.40 -57.02 57.70
N ARG K 2888 107.60 -57.55 57.97
CA ARG K 2888 108.64 -57.59 56.94
C ARG K 2888 108.30 -58.59 55.85
N LYS K 2889 107.51 -59.62 56.19
CA LYS K 2889 107.02 -60.55 55.17
C LYS K 2889 106.00 -59.87 54.26
N LYS K 2890 105.20 -58.96 54.80
CA LYS K 2890 104.24 -58.24 53.98
C LYS K 2890 104.92 -57.18 53.13
N LYS K 2891 106.00 -56.58 53.63
CA LYS K 2891 106.72 -55.57 52.85
C LYS K 2891 107.56 -56.21 51.75
N GLN K 2892 107.86 -57.50 51.88
CA GLN K 2892 108.62 -58.19 50.84
C GLN K 2892 107.70 -58.81 49.80
N GLU K 2893 106.54 -59.32 50.23
CA GLU K 2893 105.65 -60.04 49.30
C GLU K 2893 104.92 -59.09 48.36
N LEU K 2894 104.31 -58.02 48.89
CA LEU K 2894 103.55 -57.09 48.07
C LEU K 2894 104.46 -56.26 47.17
N GLU K 2895 105.70 -56.03 47.57
CA GLU K 2895 106.65 -55.35 46.70
C GLU K 2895 107.12 -56.24 45.56
N ALA K 2896 107.15 -57.55 45.78
CA ALA K 2896 107.56 -58.49 44.75
C ALA K 2896 106.36 -59.03 43.99
N LEU K 2905 100.08 -52.77 56.79
CA LEU K 2905 101.32 -52.16 57.24
C LEU K 2905 101.09 -51.39 58.54
N VAL K 2906 100.59 -52.08 59.56
CA VAL K 2906 100.26 -51.44 60.84
C VAL K 2906 101.27 -51.88 61.89
N PRO K 2907 101.88 -50.96 62.62
CA PRO K 2907 102.80 -51.34 63.69
C PRO K 2907 102.07 -51.78 64.95
N TYR K 2908 102.86 -52.06 65.99
CA TYR K 2908 102.30 -52.60 67.23
C TYR K 2908 101.89 -51.50 68.21
N ASP K 2909 102.74 -50.50 68.43
CA ASP K 2909 102.45 -49.47 69.42
C ASP K 2909 101.38 -48.51 68.95
N THR K 2910 101.36 -48.20 67.65
CA THR K 2910 100.33 -47.35 67.06
C THR K 2910 99.22 -48.16 66.42
N LEU K 2911 98.96 -49.36 66.92
CA LEU K 2911 97.88 -50.19 66.40
C LEU K 2911 96.53 -49.68 66.89
N THR K 2912 95.47 -50.22 66.30
CA THR K 2912 94.12 -49.82 66.64
C THR K 2912 93.69 -50.42 67.99
N ALA K 2913 92.51 -50.01 68.43
CA ALA K 2913 91.90 -50.64 69.60
C ALA K 2913 91.31 -51.99 69.25
N LYS K 2914 91.05 -52.25 67.96
CA LYS K 2914 90.53 -53.54 67.54
C LYS K 2914 91.62 -54.41 66.91
N GLU K 2915 92.63 -53.80 66.29
CA GLU K 2915 93.70 -54.57 65.67
C GLU K 2915 94.67 -55.13 66.70
N LYS K 2916 94.92 -54.40 67.80
CA LYS K 2916 95.80 -54.88 68.85
C LYS K 2916 95.15 -55.94 69.73
N ALA K 2917 93.83 -56.12 69.64
CA ALA K 2917 93.16 -57.15 70.42
C ALA K 2917 93.35 -58.53 69.81
N ARG K 2918 93.52 -58.61 68.48
CA ARG K 2918 93.72 -59.88 67.82
C ARG K 2918 95.19 -60.26 67.70
N ASP K 2919 96.10 -59.28 67.74
CA ASP K 2919 97.52 -59.56 67.62
C ASP K 2919 98.15 -59.94 68.94
N ARG K 2920 97.61 -59.46 70.05
CA ARG K 2920 98.18 -59.74 71.37
C ARG K 2920 97.94 -61.18 71.83
N GLU K 2921 96.96 -61.88 71.25
CA GLU K 2921 96.74 -63.27 71.62
C GLU K 2921 97.78 -64.19 71.01
N LYS K 2922 98.53 -63.71 70.01
CA LYS K 2922 99.62 -64.48 69.44
C LYS K 2922 100.87 -64.43 70.32
N ALA K 2923 100.92 -63.50 71.26
CA ALA K 2923 102.07 -63.41 72.17
C ALA K 2923 101.73 -63.85 73.58
N GLN K 2924 100.50 -63.59 74.04
CA GLN K 2924 100.11 -64.01 75.39
C GLN K 2924 99.92 -65.51 75.47
N GLU K 2925 99.60 -66.16 74.34
CA GLU K 2925 99.55 -67.61 74.31
C GLU K 2925 100.90 -68.22 74.02
N LEU K 2926 101.79 -67.49 73.33
CA LEU K 2926 103.12 -68.02 73.04
C LEU K 2926 104.05 -67.92 74.25
N LEU K 2927 103.94 -66.82 75.03
CA LEU K 2927 104.71 -66.72 76.26
C LEU K 2927 104.19 -67.66 77.33
N LYS K 2928 102.89 -68.00 77.28
CA LYS K 2928 102.37 -69.04 78.14
C LYS K 2928 102.78 -70.42 77.66
N PHE K 2929 102.99 -70.59 76.35
CA PHE K 2929 103.52 -71.84 75.83
C PHE K 2929 105.02 -71.94 76.05
N LEU K 2930 105.73 -70.81 76.02
CA LEU K 2930 107.15 -70.81 76.34
C LEU K 2930 107.40 -71.01 77.83
N GLN K 2931 106.45 -70.62 78.69
CA GLN K 2931 106.64 -70.75 80.13
C GLN K 2931 106.61 -72.21 80.58
N MET K 2932 105.96 -73.08 79.82
CA MET K 2932 106.04 -74.50 80.09
C MET K 2932 107.43 -75.03 79.74
N ASN K 2933 107.83 -76.09 80.46
CA ASN K 2933 109.15 -76.74 80.37
C ASN K 2933 110.32 -75.79 80.66
N GLY K 2934 110.06 -74.69 81.38
CA GLY K 2934 111.12 -73.84 81.88
C GLY K 2934 111.74 -72.88 80.89
N TYR K 2935 111.27 -72.84 79.64
CA TYR K 2935 111.92 -72.04 78.60
C TYR K 2935 111.37 -70.61 78.53
N ALA K 2936 111.32 -69.93 79.67
CA ALA K 2936 110.77 -68.58 79.74
C ALA K 2936 111.89 -67.59 79.43
N VAL K 2937 111.82 -66.96 78.25
CA VAL K 2937 112.82 -65.99 77.85
C VAL K 2937 112.58 -64.70 78.63
N THR K 2938 113.36 -64.49 79.69
CA THR K 2938 113.19 -63.33 80.56
C THR K 2938 114.47 -62.52 80.54
N ARG K 2939 114.39 -61.30 80.03
CA ARG K 2939 115.56 -60.43 79.94
C ARG K 2939 115.91 -59.84 81.30
N ILE K 2951 102.35 -39.43 82.87
CA ILE K 2951 102.52 -39.13 81.46
C ILE K 2951 103.00 -37.69 81.26
N GLU K 2952 102.46 -36.78 82.06
CA GLU K 2952 102.77 -35.36 81.94
C GLU K 2952 104.09 -35.02 82.62
N LYS K 2953 104.56 -35.90 83.49
CA LYS K 2953 105.81 -35.70 84.22
C LYS K 2953 107.00 -35.87 83.30
N ARG K 2954 106.82 -36.66 82.24
CA ARG K 2954 107.85 -36.86 81.23
C ARG K 2954 108.05 -35.58 80.44
N PHE K 2955 106.96 -34.88 80.23
CA PHE K 2955 107.00 -33.58 79.56
C PHE K 2955 107.63 -32.55 80.50
N ALA K 2956 107.31 -32.66 81.78
CA ALA K 2956 107.83 -31.75 82.79
C ALA K 2956 109.31 -31.96 83.04
N PHE K 2957 109.77 -33.19 82.82
CA PHE K 2957 111.17 -33.54 82.98
C PHE K 2957 111.99 -32.88 81.88
N GLY K 2958 111.47 -32.95 80.66
CA GLY K 2958 112.12 -32.31 79.51
C GLY K 2958 111.99 -30.80 79.61
N PHE K 2959 110.92 -30.34 80.27
CA PHE K 2959 110.67 -28.92 80.47
C PHE K 2959 111.71 -28.31 81.41
N LEU K 2960 112.04 -29.05 82.46
CA LEU K 2960 113.07 -28.61 83.39
C LEU K 2960 114.43 -28.79 82.74
N GLN K 2961 114.53 -29.77 81.85
CA GLN K 2961 115.75 -30.01 81.10
C GLN K 2961 116.00 -28.87 80.13
N GLN K 2962 114.92 -28.35 79.57
CA GLN K 2962 115.00 -27.19 78.70
C GLN K 2962 115.23 -25.93 79.52
N LEU K 2963 114.72 -25.93 80.76
CA LEU K 2963 114.83 -24.77 81.64
C LEU K 2963 116.27 -24.55 82.11
N LEU K 2964 117.04 -25.63 82.17
CA LEU K 2964 118.44 -25.55 82.57
C LEU K 2964 119.28 -24.96 81.44
N ARG K 2965 119.03 -25.42 80.23
CA ARG K 2965 119.78 -24.96 79.06
C ARG K 2965 119.37 -23.56 78.65
N TRP K 2966 118.17 -23.15 79.06
CA TRP K 2966 117.67 -21.81 78.77
C TRP K 2966 118.43 -20.76 79.57
N MET K 2967 118.49 -20.96 80.88
CA MET K 2967 119.18 -20.04 81.78
C MET K 2967 120.69 -20.09 81.58
N ASP K 2968 121.18 -21.22 81.07
CA ASP K 2968 122.58 -21.35 80.70
C ASP K 2968 122.87 -20.49 79.47
N ILE K 2969 121.94 -20.49 78.52
CA ILE K 2969 122.09 -19.70 77.31
C ILE K 2969 121.73 -18.24 77.57
N SER K 2970 120.91 -18.01 78.59
CA SER K 2970 120.48 -16.66 78.94
C SER K 2970 121.65 -15.87 79.53
N GLN K 2971 122.51 -16.57 80.24
CA GLN K 2971 123.71 -15.96 80.79
C GLN K 2971 124.81 -15.91 79.73
N GLU K 2972 124.67 -16.77 78.72
CA GLU K 2972 125.63 -16.82 77.63
C GLU K 2972 125.48 -15.59 76.74
N PHE K 2973 124.27 -15.06 76.67
CA PHE K 2973 124.00 -13.84 75.93
C PHE K 2973 124.17 -12.62 76.83
N ILE K 2974 124.04 -12.85 78.13
CA ILE K 2974 124.21 -11.77 79.11
C ILE K 2974 125.68 -11.41 79.25
N ALA K 2975 126.55 -12.38 78.97
CA ALA K 2975 127.99 -12.17 79.01
C ALA K 2975 128.42 -11.27 77.85
N HIS K 2976 127.80 -11.48 76.70
CA HIS K 2976 128.12 -10.69 75.51
C HIS K 2976 127.53 -9.29 75.60
N LYS K 2996 118.36 -20.28 67.09
CA LYS K 2996 117.91 -21.66 66.98
C LYS K 2996 117.12 -22.06 68.22
N PHE K 2997 117.80 -22.14 69.35
CA PHE K 2997 117.18 -22.55 70.61
C PHE K 2997 116.30 -21.44 71.18
N PHE K 2998 116.57 -20.20 70.79
CA PHE K 2998 115.79 -19.05 71.25
C PHE K 2998 114.39 -19.09 70.65
N ALA K 2999 114.30 -19.56 69.42
CA ALA K 2999 113.01 -19.75 68.77
C ALA K 2999 112.32 -20.95 69.38
N LYS K 3000 113.12 -21.95 69.78
CA LYS K 3000 112.61 -23.13 70.45
C LYS K 3000 112.15 -22.77 71.86
N ILE K 3001 112.81 -21.77 72.44
CA ILE K 3001 112.41 -21.26 73.75
C ILE K 3001 111.09 -20.51 73.61
N LEU K 3002 110.93 -19.83 72.49
CA LEU K 3002 109.68 -19.12 72.19
C LEU K 3002 108.60 -20.14 71.86
N LEU K 3003 109.00 -21.25 71.25
CA LEU K 3003 108.08 -22.32 70.91
C LEU K 3003 107.63 -23.05 72.17
N PRO K 3004 108.51 -23.12 73.16
CA PRO K 3004 108.21 -23.82 74.41
C PRO K 3004 107.34 -22.97 75.33
N LEU K 3005 107.63 -21.68 75.40
CA LEU K 3005 106.94 -20.75 76.29
C LEU K 3005 105.48 -20.57 75.87
N ILE K 3006 105.24 -20.67 74.57
CA ILE K 3006 103.89 -20.60 74.03
C ILE K 3006 103.13 -21.85 74.42
N ASN K 3007 103.82 -22.98 74.39
CA ASN K 3007 103.24 -24.24 74.82
C ASN K 3007 103.11 -24.27 76.33
N GLN K 3008 104.02 -23.54 77.00
CA GLN K 3008 103.98 -23.41 78.44
C GLN K 3008 102.78 -22.57 78.86
N TYR K 3009 102.49 -21.55 78.06
CA TYR K 3009 101.33 -20.72 78.29
C TYR K 3009 100.06 -21.46 77.87
N PHE K 3010 100.23 -22.43 76.97
CA PHE K 3010 99.12 -23.25 76.52
C PHE K 3010 98.72 -24.25 77.58
N THR K 3011 99.70 -24.99 78.10
CA THR K 3011 99.45 -26.07 79.06
C THR K 3011 99.00 -25.54 80.42
N ASN K 3012 99.44 -24.34 80.76
CA ASN K 3012 99.06 -23.72 82.03
C ASN K 3012 97.59 -23.33 81.99
N HIS K 3013 97.13 -22.90 80.82
CA HIS K 3013 95.74 -22.56 80.63
C HIS K 3013 94.93 -23.82 80.39
N CYS K 3014 95.58 -24.85 79.88
CA CYS K 3014 94.93 -26.13 79.63
C CYS K 3014 94.68 -26.83 80.96
N LEU K 3015 95.54 -26.56 81.93
CA LEU K 3015 95.42 -27.15 83.25
C LEU K 3015 94.27 -26.52 84.02
N LEU K 3025 104.50 -34.59 93.98
CA LEU K 3025 105.48 -35.11 93.03
C LEU K 3025 105.58 -34.20 91.81
N GLY K 3026 104.51 -34.17 91.04
CA GLY K 3026 104.47 -33.35 89.84
C GLY K 3026 104.32 -31.88 90.20
N SER K 3027 103.75 -31.63 91.37
CA SER K 3027 103.54 -30.26 91.85
C SER K 3027 104.86 -29.60 92.20
N GLY K 3028 105.82 -30.40 92.62
CA GLY K 3028 107.14 -29.90 92.95
C GLY K 3028 107.92 -29.58 91.68
N GLY K 3029 107.73 -30.40 90.66
CA GLY K 3029 108.46 -30.28 89.40
C GLY K 3029 108.10 -29.00 88.66
N HIS K 3030 106.84 -28.61 88.77
CA HIS K 3030 106.38 -27.36 88.22
C HIS K 3030 106.93 -26.22 89.06
N ALA K 3031 106.97 -26.44 90.36
CA ALA K 3031 107.50 -25.44 91.30
C ALA K 3031 108.99 -25.30 91.15
N SER K 3032 109.64 -26.38 90.73
CA SER K 3032 111.07 -26.37 90.44
C SER K 3032 111.35 -25.52 89.22
N ASN K 3033 110.47 -25.64 88.22
CA ASN K 3033 110.59 -24.83 87.02
C ASN K 3033 110.16 -23.40 87.30
N LYS K 3034 109.29 -23.24 88.29
CA LYS K 3034 108.77 -21.92 88.67
C LYS K 3034 109.87 -21.06 89.28
N GLU K 3035 110.77 -21.70 90.04
CA GLU K 3035 111.88 -20.98 90.64
C GLU K 3035 113.04 -20.92 89.67
N LYS K 3036 113.03 -21.78 88.66
CA LYS K 3036 114.09 -21.82 87.67
C LYS K 3036 114.00 -20.62 86.72
N GLU K 3037 112.79 -20.24 86.39
CA GLU K 3037 112.56 -19.17 85.44
C GLU K 3037 112.68 -17.80 86.08
N MET K 3038 112.43 -17.74 87.39
CA MET K 3038 112.39 -16.47 88.12
C MET K 3038 113.76 -15.83 88.23
N ILE K 3039 114.81 -16.66 88.28
CA ILE K 3039 116.17 -16.16 88.38
C ILE K 3039 116.67 -15.69 87.02
N THR K 3040 116.06 -16.23 85.96
CA THR K 3040 116.39 -15.85 84.60
C THR K 3040 115.87 -14.44 84.30
N SER K 3041 114.84 -14.05 85.03
CA SER K 3041 114.27 -12.71 84.93
C SER K 3041 115.06 -11.74 85.81
N LEU K 3042 115.75 -12.29 86.80
CA LEU K 3042 116.54 -11.48 87.72
C LEU K 3042 117.81 -10.99 87.05
N LEU K 3049 108.12 -10.34 78.70
CA LEU K 3049 106.72 -10.15 78.34
C LEU K 3049 106.08 -11.49 77.97
N VAL K 3050 106.66 -12.16 76.98
CA VAL K 3050 106.17 -13.45 76.52
C VAL K 3050 106.37 -14.51 77.58
N ARG K 3051 107.51 -14.44 78.25
CA ARG K 3051 107.78 -15.32 79.37
C ARG K 3051 107.01 -14.84 80.60
N HIS K 3052 106.84 -13.53 80.69
CA HIS K 3052 106.16 -12.93 81.83
C HIS K 3052 104.68 -13.26 81.83
N ARG K 3053 104.12 -13.42 80.64
CA ARG K 3053 102.75 -13.87 80.50
C ARG K 3053 102.64 -15.33 80.92
N VAL K 3054 103.68 -16.10 80.58
CA VAL K 3054 103.75 -17.49 81.01
C VAL K 3054 104.05 -17.54 82.51
N SER K 3055 104.77 -16.54 83.00
CA SER K 3055 105.07 -16.43 84.42
C SER K 3055 103.81 -16.05 85.18
N LEU K 3056 102.98 -15.21 84.58
CA LEU K 3056 101.70 -14.83 85.17
C LEU K 3056 100.75 -16.01 85.13
N PHE K 3057 100.92 -16.86 84.11
CA PHE K 3057 100.14 -18.06 83.97
C PHE K 3057 100.54 -19.10 85.01
N GLY K 3058 101.85 -19.24 85.20
CA GLY K 3058 102.40 -20.20 86.15
C GLY K 3058 102.11 -19.77 87.57
N THR K 3059 102.04 -18.46 87.80
CA THR K 3059 101.68 -17.94 89.10
C THR K 3059 100.18 -18.13 89.33
N ASP K 3060 99.43 -18.17 88.24
CA ASP K 3060 98.01 -18.46 88.29
C ASP K 3060 97.76 -19.96 88.41
N ALA K 3061 98.79 -20.75 88.10
CA ALA K 3061 98.69 -22.19 88.24
C ALA K 3061 98.79 -22.58 89.71
N PRO K 3062 99.39 -21.71 90.51
CA PRO K 3062 99.49 -21.90 91.95
C PRO K 3062 98.13 -21.66 92.62
N THR K 3141 112.27 -23.61 99.74
CA THR K 3141 113.11 -23.52 98.55
C THR K 3141 112.86 -22.21 97.82
N THR K 3142 111.60 -21.91 97.58
CA THR K 3142 111.22 -20.70 96.85
C THR K 3142 111.18 -19.49 97.78
N LEU K 3143 111.21 -19.73 99.09
CA LEU K 3143 111.15 -18.68 100.08
C LEU K 3143 112.43 -17.84 100.07
N PHE K 3144 113.54 -18.50 99.73
CA PHE K 3144 114.81 -17.80 99.58
C PHE K 3144 114.76 -16.95 98.34
N GLN K 3145 114.11 -17.47 97.30
CA GLN K 3145 113.94 -16.74 96.05
C GLN K 3145 112.97 -15.58 96.25
N HIS K 3146 112.01 -15.78 97.15
CA HIS K 3146 111.04 -14.75 97.48
C HIS K 3146 111.69 -13.65 98.29
N ILE K 3147 112.53 -14.04 99.24
CA ILE K 3147 113.20 -13.08 100.12
C ILE K 3147 114.24 -12.28 99.37
N ALA K 3148 114.90 -12.93 98.41
CA ALA K 3148 115.90 -12.27 97.58
C ALA K 3148 115.22 -11.26 96.66
N GLN K 3149 114.02 -11.61 96.22
CA GLN K 3149 113.22 -10.71 95.40
C GLN K 3149 112.74 -9.55 96.26
N HIS K 3150 112.35 -9.86 97.49
CA HIS K 3150 111.85 -8.86 98.42
C HIS K 3150 112.97 -7.92 98.85
N GLN K 3151 114.18 -8.45 98.90
CA GLN K 3151 115.36 -7.65 99.19
C GLN K 3151 115.68 -6.79 97.98
N PHE K 3152 115.48 -7.34 96.79
CA PHE K 3152 115.73 -6.62 95.55
C PHE K 3152 114.67 -5.56 95.34
N GLY K 3153 113.48 -5.82 95.88
CA GLY K 3153 112.37 -4.88 95.80
C GLY K 3153 112.64 -3.66 96.67
N ASP K 3154 113.09 -3.89 97.89
CA ASP K 3154 113.38 -2.82 98.84
C ASP K 3154 114.59 -2.02 98.38
N ASP K 3155 115.53 -2.70 97.74
CA ASP K 3155 116.70 -2.05 97.16
C ASP K 3155 116.28 -1.19 95.99
N VAL K 3156 115.30 -1.68 95.24
CA VAL K 3156 114.70 -0.90 94.17
C VAL K 3156 113.88 0.22 94.76
N ILE K 3157 113.27 -0.04 95.92
CA ILE K 3157 112.50 0.97 96.63
C ILE K 3157 113.42 2.03 97.19
N LEU K 3158 114.65 1.63 97.50
CA LEU K 3158 115.68 2.58 97.89
C LEU K 3158 116.08 3.41 96.68
N ASP K 3159 116.10 2.77 95.52
CA ASP K 3159 116.41 3.45 94.27
C ASP K 3159 115.23 4.30 93.83
N ASP K 3160 114.02 3.86 94.18
CA ASP K 3160 112.80 4.60 93.85
C ASP K 3160 112.71 5.85 94.72
N VAL K 3161 113.18 5.74 95.95
CA VAL K 3161 113.24 6.87 96.86
C VAL K 3161 114.38 7.80 96.45
N GLN K 3162 115.38 7.23 95.79
CA GLN K 3162 116.52 8.00 95.30
C GLN K 3162 116.13 8.80 94.06
N LEU K 3169 116.68 -2.70 85.79
CA LEU K 3169 116.55 -1.59 86.72
C LEU K 3169 115.10 -1.40 87.13
N CYS K 3170 114.48 -0.34 86.61
CA CYS K 3170 113.08 -0.05 86.93
C CYS K 3170 112.14 -0.96 86.17
N SER K 3171 112.59 -1.41 84.99
CA SER K 3171 111.77 -2.27 84.13
C SER K 3171 111.71 -3.69 84.68
N ILE K 3172 112.83 -4.16 85.20
CA ILE K 3172 112.91 -5.53 85.73
C ILE K 3172 112.22 -5.62 87.09
N TYR K 3173 112.02 -4.48 87.72
CA TYR K 3173 111.38 -4.43 89.03
C TYR K 3173 109.86 -4.24 88.91
N SER K 3174 109.43 -3.47 87.91
CA SER K 3174 108.01 -3.17 87.72
C SER K 3174 107.24 -4.41 87.27
N LEU K 3175 107.89 -5.28 86.50
CA LEU K 3175 107.28 -6.53 86.06
C LEU K 3175 107.26 -7.50 87.23
N GLY K 3176 108.22 -7.34 88.13
CA GLY K 3176 108.28 -8.16 89.34
C GLY K 3176 107.29 -7.64 90.36
N THR K 3177 106.94 -6.36 90.24
CA THR K 3177 106.00 -5.72 91.18
C THR K 3177 104.56 -6.16 90.95
N THR K 3178 104.30 -6.74 89.79
CA THR K 3178 102.97 -7.22 89.47
C THR K 3178 102.90 -8.74 89.57
N LYS K 3179 104.02 -9.40 89.27
CA LYS K 3179 104.10 -10.85 89.35
C LYS K 3179 104.06 -11.32 90.80
N ASN K 3180 104.58 -10.49 91.68
CA ASN K 3180 104.52 -10.77 93.12
C ASN K 3180 103.11 -10.57 93.62
N THR K 3181 102.46 -9.49 93.17
CA THR K 3181 101.10 -9.18 93.56
C THR K 3181 100.13 -10.19 92.94
N TYR K 3182 100.52 -10.76 91.81
CA TYR K 3182 99.79 -11.87 91.22
C TYR K 3182 99.92 -13.07 92.13
N VAL K 3183 101.13 -13.30 92.63
CA VAL K 3183 101.39 -14.42 93.52
C VAL K 3183 100.77 -14.18 94.89
N GLU K 3184 100.70 -12.92 95.30
CA GLU K 3184 100.17 -12.56 96.62
C GLU K 3184 98.65 -12.66 96.64
N LYS K 3185 98.04 -12.74 95.47
CA LYS K 3185 96.61 -13.01 95.37
C LYS K 3185 96.40 -14.48 95.04
N LEU K 3186 97.44 -15.13 94.54
CA LEU K 3186 97.37 -16.53 94.16
C LEU K 3186 97.36 -17.42 95.39
N ARG K 3187 98.26 -17.14 96.33
CA ARG K 3187 98.41 -17.97 97.52
C ARG K 3187 97.26 -17.76 98.49
N PRO K 3188 96.55 -16.65 98.35
CA PRO K 3188 95.39 -16.37 99.19
C PRO K 3188 94.21 -17.25 98.78
N ALA K 3189 94.24 -17.73 97.53
CA ALA K 3189 93.21 -18.64 97.04
C ALA K 3189 93.44 -20.05 97.57
N ALA K 3198 109.77 -15.28 105.41
CA ALA K 3198 110.22 -14.00 104.90
C ALA K 3198 109.16 -12.93 105.12
N ALA K 3199 108.51 -12.98 106.27
CA ALA K 3199 107.44 -12.05 106.61
C ALA K 3199 107.99 -10.66 106.88
N ALA K 3200 109.21 -10.60 107.38
CA ALA K 3200 109.86 -9.33 107.69
C ALA K 3200 110.27 -8.62 106.41
N MET K 3201 110.70 -9.39 105.41
CA MET K 3201 111.13 -8.85 104.14
C MET K 3201 109.95 -8.24 103.39
N PRO K 3202 108.78 -8.84 103.60
CA PRO K 3202 107.55 -8.29 103.08
C PRO K 3202 107.19 -7.02 103.86
N VAL K 3203 107.42 -7.08 105.16
CA VAL K 3203 107.13 -5.96 106.05
C VAL K 3203 108.11 -4.82 105.81
N ALA K 3204 109.31 -5.17 105.35
CA ALA K 3204 110.32 -4.18 105.03
C ALA K 3204 109.92 -3.38 103.80
N PHE K 3205 109.31 -4.07 102.84
CA PHE K 3205 108.85 -3.43 101.62
C PHE K 3205 107.61 -2.60 101.89
N LEU K 3206 106.85 -2.99 102.90
CA LEU K 3206 105.64 -2.30 103.28
C LEU K 3206 105.94 -0.92 103.85
N GLU K 3207 107.02 -0.84 104.62
CA GLU K 3207 107.48 0.43 105.16
C GLU K 3207 108.08 1.27 104.06
N PRO K 3208 108.69 0.60 103.09
CA PRO K 3208 109.27 1.25 101.92
C PRO K 3208 108.15 1.77 101.03
N GLN K 3209 107.03 1.05 101.04
CA GLN K 3209 105.83 1.48 100.33
C GLN K 3209 105.20 2.66 101.05
N LEU K 3210 105.31 2.64 102.37
CA LEU K 3210 104.77 3.71 103.19
C LEU K 3210 105.70 4.91 103.17
N ASN K 3211 106.95 4.69 102.76
CA ASN K 3211 107.95 5.75 102.73
C ASN K 3211 107.69 6.75 101.62
N GLU K 3212 107.74 6.27 100.37
CA GLU K 3212 107.58 7.14 99.20
C GLU K 3212 106.13 7.58 99.05
N THR K 3221 104.03 5.84 89.07
CA THR K 3221 103.73 4.47 89.46
C THR K 3221 103.23 4.42 90.90
N LYS K 3222 102.48 5.43 91.29
CA LYS K 3222 101.95 5.52 92.64
C LYS K 3222 100.82 4.51 92.87
N SER K 3223 99.97 4.35 91.86
CA SER K 3223 98.84 3.43 91.95
C SER K 3223 99.31 1.98 91.91
N PRO K 3224 100.38 1.73 91.17
CA PRO K 3224 100.98 0.40 91.10
C PRO K 3224 101.66 0.09 92.42
N ARG K 3225 102.17 1.13 93.06
CA ARG K 3225 102.71 1.03 94.41
C ARG K 3225 101.58 0.83 95.40
N GLU K 3226 100.41 1.38 95.07
CA GLU K 3226 99.22 1.18 95.88
C GLU K 3226 98.58 -0.16 95.58
N ARG K 3227 98.93 -0.73 94.43
CA ARG K 3227 98.31 -1.97 93.97
C ARG K 3227 98.76 -3.18 94.76
N ALA K 3228 100.07 -3.38 94.84
CA ALA K 3228 100.61 -4.57 95.50
C ALA K 3228 100.57 -4.44 97.03
N ILE K 3229 100.26 -3.24 97.52
CA ILE K 3229 100.24 -2.94 98.94
C ILE K 3229 99.17 -3.72 99.71
N LEU K 3230 97.97 -3.78 99.14
CA LEU K 3230 96.87 -4.49 99.79
C LEU K 3230 96.99 -5.99 99.59
N GLY K 3231 97.83 -6.40 98.64
CA GLY K 3231 98.04 -7.81 98.35
C GLY K 3231 98.86 -8.49 99.45
N VAL K 3269 97.80 -3.44 112.96
CA VAL K 3269 96.95 -3.54 114.13
C VAL K 3269 96.62 -2.16 114.69
N ILE K 3270 97.26 -1.81 115.79
CA ILE K 3270 97.06 -0.50 116.41
C ILE K 3270 97.71 0.60 115.58
N GLU K 3271 98.79 0.23 114.88
CA GLU K 3271 99.46 1.15 113.97
C GLU K 3271 98.57 1.42 112.77
N ILE K 3272 97.77 0.43 112.42
CA ILE K 3272 96.76 0.59 111.38
C ILE K 3272 95.55 1.32 111.94
N THR K 3273 95.26 1.10 113.22
CA THR K 3273 94.10 1.69 113.87
C THR K 3273 94.27 3.19 114.06
N LEU K 3274 95.49 3.62 114.31
CA LEU K 3274 95.79 5.03 114.45
C LEU K 3274 95.72 5.72 113.09
N PRO K 3275 96.15 4.99 112.06
CA PRO K 3275 96.10 5.50 110.70
C PRO K 3275 94.68 5.48 110.18
N MET K 3276 93.85 4.62 110.75
CA MET K 3276 92.45 4.49 110.37
C MET K 3276 91.68 5.74 110.77
N LEU K 3277 91.95 6.24 111.97
CA LEU K 3277 91.31 7.45 112.46
C LEU K 3277 91.95 8.67 111.83
N CYS K 3278 93.20 8.52 111.38
CA CYS K 3278 93.95 9.60 110.77
C CYS K 3278 93.35 9.98 109.41
N SER K 3279 93.08 8.97 108.60
CA SER K 3279 92.45 9.17 107.31
C SER K 3279 91.00 9.59 107.50
N TYR K 3280 90.41 9.14 108.60
CA TYR K 3280 89.05 9.51 108.98
C TYR K 3280 89.00 10.99 109.32
N LEU K 3281 90.08 11.48 109.91
CA LEU K 3281 90.22 12.89 110.19
C LEU K 3281 90.51 13.63 108.89
N PRO K 3282 91.22 12.97 107.99
CA PRO K 3282 91.54 13.55 106.68
C PRO K 3282 90.29 13.61 105.83
N ARG K 3283 89.40 12.64 106.03
CA ARG K 3283 88.11 12.64 105.35
C ARG K 3283 87.18 13.62 106.04
N TRP K 3284 87.46 13.91 107.31
CA TRP K 3284 86.71 14.93 108.04
C TRP K 3284 87.16 16.31 107.58
N TRP K 3285 88.38 16.37 107.04
CA TRP K 3285 88.91 17.60 106.48
C TRP K 3285 88.34 17.84 105.08
N PRO K 3293 98.01 11.53 97.40
CA PRO K 3293 98.54 10.38 96.67
C PRO K 3293 98.74 9.20 97.61
N PRO K 3294 99.36 9.45 98.75
CA PRO K 3294 99.59 8.42 99.74
C PRO K 3294 98.31 8.15 100.53
N ALA K 3295 97.38 9.12 100.46
CA ALA K 3295 96.07 8.99 101.08
C ALA K 3295 95.25 7.92 100.38
N LEU K 3296 95.46 7.76 99.08
CA LEU K 3296 94.77 6.73 98.31
C LEU K 3296 95.45 5.37 98.51
N PRO K 3297 96.75 5.39 98.72
CA PRO K 3297 97.54 4.17 98.84
C PRO K 3297 97.35 3.52 100.21
N ALA K 3298 97.21 4.34 101.24
CA ALA K 3298 97.11 3.86 102.61
C ALA K 3298 95.77 3.17 102.87
N GLY K 3299 94.74 3.60 102.16
CA GLY K 3299 93.40 3.06 102.35
C GLY K 3299 93.24 1.70 101.70
N ALA K 3300 94.16 1.35 100.81
CA ALA K 3300 94.10 0.09 100.07
C ALA K 3300 94.32 -1.12 100.96
N PRO K 3301 95.43 -1.11 101.68
CA PRO K 3301 95.77 -2.22 102.57
C PRO K 3301 94.89 -2.21 103.81
N PRO K 3302 94.36 -1.04 104.15
CA PRO K 3302 93.46 -0.88 105.28
C PRO K 3302 92.14 -1.58 105.00
N PRO K 3303 91.74 -1.58 103.73
CA PRO K 3303 90.55 -2.30 103.30
C PRO K 3303 90.87 -3.80 103.25
N CYS K 3304 92.13 -4.12 103.04
CA CYS K 3304 92.57 -5.50 102.98
C CYS K 3304 92.75 -6.09 104.37
N THR K 3305 92.92 -5.21 105.36
CA THR K 3305 93.18 -5.65 106.72
C THR K 3305 91.90 -5.88 107.50
N ALA K 3306 90.93 -4.99 107.33
CA ALA K 3306 89.66 -5.09 108.04
C ALA K 3306 88.84 -6.26 107.49
N VAL K 3307 89.08 -6.59 106.24
CA VAL K 3307 88.39 -7.70 105.60
C VAL K 3307 88.97 -9.03 106.05
N THR K 3308 90.22 -9.00 106.54
CA THR K 3308 90.88 -10.21 107.01
C THR K 3308 90.30 -10.69 108.33
N SER K 3309 89.67 -9.77 109.06
CA SER K 3309 89.03 -10.10 110.33
C SER K 3309 87.76 -10.92 110.12
N LEU K 3316 83.86 -4.75 112.90
CA LEU K 3316 82.54 -4.70 112.30
C LEU K 3316 82.12 -3.26 112.05
N GLY K 3317 82.05 -2.48 113.12
CA GLY K 3317 81.72 -1.06 113.01
C GLY K 3317 82.93 -0.28 112.53
N ASN K 3318 84.11 -0.89 112.66
CA ASN K 3318 85.36 -0.33 112.17
C ASN K 3318 85.34 -0.23 110.65
N ILE K 3319 84.78 -1.26 110.01
CA ILE K 3319 84.61 -1.25 108.56
C ILE K 3319 83.48 -0.31 108.18
N LEU K 3320 82.52 -0.15 109.09
CA LEU K 3320 81.41 0.76 108.87
C LEU K 3320 81.86 2.21 108.94
N ARG K 3321 82.92 2.44 109.71
CA ARG K 3321 83.51 3.76 109.82
C ARG K 3321 84.38 4.04 108.60
N ILE K 3322 85.04 2.99 108.10
CA ILE K 3322 85.94 3.11 106.96
C ILE K 3322 85.18 3.43 105.69
N ILE K 3323 83.98 2.89 105.57
CA ILE K 3323 83.13 3.12 104.42
C ILE K 3323 82.62 4.57 104.43
N VAL K 3324 82.27 5.04 105.63
CA VAL K 3324 81.80 6.42 105.80
C VAL K 3324 82.95 7.39 105.60
N ASN K 3325 84.16 6.92 105.89
CA ASN K 3325 85.36 7.69 105.61
C ASN K 3325 85.60 7.73 104.10
N ASN K 3326 85.29 6.61 103.45
CA ASN K 3326 85.43 6.51 102.01
C ASN K 3326 84.30 7.26 101.32
N LEU K 3327 83.19 7.41 102.02
CA LEU K 3327 82.02 8.09 101.47
C LEU K 3327 82.26 9.58 101.32
N GLY K 3328 82.76 10.20 102.39
CA GLY K 3328 82.97 11.64 102.40
C GLY K 3328 84.12 12.06 101.50
N ILE K 3329 85.06 11.14 101.28
CA ILE K 3329 86.21 11.39 100.43
C ILE K 3329 85.79 11.52 98.98
N ASP K 3330 84.78 10.75 98.61
CA ASP K 3330 84.22 10.81 97.28
C ASP K 3330 83.15 11.89 97.19
N GLU K 3331 82.53 12.18 98.34
CA GLU K 3331 81.52 13.24 98.42
C GLU K 3331 82.20 14.59 98.24
N ALA K 3332 83.43 14.67 98.71
CA ALA K 3332 84.26 15.85 98.46
C ALA K 3332 84.70 15.83 97.00
N THR K 3333 85.11 14.66 96.52
CA THR K 3333 85.59 14.51 95.15
C THR K 3333 84.42 14.55 94.18
N VAL K 3340 90.43 9.88 87.51
CA VAL K 3340 91.21 9.98 88.74
C VAL K 3340 91.58 8.59 89.26
N PHE K 3341 91.86 8.51 90.54
CA PHE K 3341 92.17 7.23 91.18
C PHE K 3341 90.96 6.72 91.93
N ALA K 3342 89.77 7.13 91.47
CA ALA K 3342 88.53 6.71 92.09
C ALA K 3342 88.16 5.31 91.63
N GLN K 3343 88.76 4.87 90.52
CA GLN K 3343 88.46 3.57 89.93
C GLN K 3343 88.98 2.43 90.80
N PRO K 3344 90.25 2.51 91.19
CA PRO K 3344 90.84 1.51 92.07
C PRO K 3344 90.33 1.69 93.49
N ILE K 3345 89.86 2.90 93.79
CA ILE K 3345 89.22 3.18 95.06
C ILE K 3345 87.90 2.44 95.13
N VAL K 3346 87.20 2.38 93.99
CA VAL K 3346 85.92 1.70 93.92
C VAL K 3346 86.12 0.19 93.88
N SER K 3347 87.32 -0.25 93.53
CA SER K 3347 87.64 -1.66 93.42
C SER K 3347 87.63 -2.34 94.78
N ARG K 3348 88.01 -1.58 95.80
CA ARG K 3348 88.00 -2.11 97.15
C ARG K 3348 86.66 -1.80 97.83
N ALA K 3349 85.88 -0.93 97.21
CA ALA K 3349 84.62 -0.49 97.79
C ALA K 3349 83.56 -1.59 97.79
N ARG K 3350 83.48 -2.31 96.68
CA ARG K 3350 82.52 -3.40 96.55
C ARG K 3350 83.06 -4.67 97.18
N PRO K 3351 84.34 -4.65 97.54
CA PRO K 3351 84.99 -5.82 98.11
C PRO K 3351 84.49 -6.12 99.51
N GLU K 3352 84.08 -5.09 100.25
CA GLU K 3352 83.64 -5.27 101.62
C GLU K 3352 82.50 -4.34 102.00
N LEU K 3353 81.38 -4.44 101.29
CA LEU K 3353 80.18 -3.70 101.66
C LEU K 3353 79.20 -4.65 102.32
N LEU K 3354 79.75 -5.64 103.02
CA LEU K 3354 78.96 -6.68 103.64
C LEU K 3354 78.17 -6.17 104.83
N HIS K 3355 78.83 -6.10 105.99
CA HIS K 3355 78.17 -5.67 107.22
C HIS K 3355 77.91 -4.16 107.22
N ILE K 3359 71.16 0.00 110.26
CA ILE K 3359 71.90 0.75 111.26
C ILE K 3359 73.09 1.44 110.62
N PRO K 3360 74.12 0.64 110.34
CA PRO K 3360 75.30 1.13 109.64
C PRO K 3360 74.93 1.45 108.20
N THR K 3361 73.99 0.67 107.67
CA THR K 3361 73.43 0.94 106.36
C THR K 3361 72.58 2.20 106.41
N ILE K 3362 71.90 2.41 107.53
CA ILE K 3362 71.02 3.56 107.70
C ILE K 3362 71.83 4.85 107.77
N GLY K 3363 73.01 4.76 108.38
CA GLY K 3363 73.93 5.88 108.42
C GLY K 3363 74.49 6.10 107.03
N ARG K 3364 74.68 5.00 106.32
CA ARG K 3364 75.11 5.07 104.93
C ARG K 3364 73.96 5.55 104.06
N LEU K 3365 72.73 5.26 104.48
CA LEU K 3365 71.55 5.69 103.75
C LEU K 3365 71.39 7.20 103.84
N ARG K 3366 71.61 7.74 105.03
CA ARG K 3366 71.52 9.18 105.25
C ARG K 3366 72.69 9.88 104.56
N LYS K 3367 73.81 9.18 104.43
CA LYS K 3367 74.99 9.71 103.76
C LYS K 3367 74.80 9.72 102.25
N ARG K 3368 74.37 8.60 101.70
CA ARG K 3368 74.30 8.44 100.24
C ARG K 3368 73.10 9.16 99.63
N ALA K 3369 72.10 9.49 100.45
CA ALA K 3369 70.94 10.22 99.96
C ALA K 3369 71.35 11.65 99.61
N GLY K 3370 72.31 12.16 100.37
CA GLY K 3370 72.88 13.46 100.07
C GLY K 3370 73.79 13.36 98.85
N LYS K 3371 74.41 12.20 98.70
CA LYS K 3371 75.34 11.96 97.59
C LYS K 3371 74.57 11.89 96.28
N VAL K 3372 73.37 11.33 96.33
CA VAL K 3372 72.54 11.19 95.15
C VAL K 3372 71.95 12.52 94.74
N VAL K 3373 71.51 13.29 95.73
CA VAL K 3373 70.84 14.57 95.50
C VAL K 3373 71.82 15.59 94.94
N ALA K 3374 73.07 15.50 95.37
CA ALA K 3374 74.12 16.38 94.85
C ALA K 3374 74.41 16.00 93.41
N GLU K 3375 74.33 14.72 93.13
CA GLU K 3375 74.50 14.21 91.77
C GLU K 3375 73.25 14.58 90.96
N GLU K 3376 72.10 14.60 91.63
CA GLU K 3376 70.84 14.94 90.98
C GLU K 3376 70.83 16.40 90.57
N GLU K 3377 71.41 17.24 91.43
CA GLU K 3377 71.52 18.67 91.14
C GLU K 3377 72.54 18.90 90.03
N GLN K 3378 73.57 18.06 90.03
CA GLN K 3378 74.62 18.13 89.01
C GLN K 3378 74.07 17.63 87.68
N LEU K 3379 73.14 16.69 87.75
CA LEU K 3379 72.49 16.16 86.56
C LEU K 3379 71.52 17.18 86.00
N ARG K 3380 70.79 17.84 86.89
CA ARG K 3380 69.79 18.84 86.49
C ARG K 3380 70.46 20.08 85.91
N LEU K 3381 71.65 20.38 86.40
CA LEU K 3381 72.43 21.51 85.91
C LEU K 3381 72.90 21.24 84.50
N GLU K 3382 73.33 20.01 84.25
CA GLU K 3382 73.75 19.59 82.92
C GLU K 3382 72.54 19.45 82.01
N ALA K 3383 71.39 19.12 82.61
CA ALA K 3383 70.14 19.05 81.88
C ALA K 3383 69.70 20.45 81.47
N LYS K 3384 69.94 21.40 82.36
CA LYS K 3384 69.67 22.80 82.09
C LYS K 3384 70.68 23.31 81.06
N ALA K 3385 71.89 22.75 81.12
CA ALA K 3385 72.92 23.06 80.13
C ALA K 3385 72.54 22.42 78.80
N GLU K 3386 71.85 21.29 78.86
CA GLU K 3386 71.38 20.62 77.66
C GLU K 3386 70.18 21.36 77.08
N ALA K 3387 69.45 22.05 77.95
CA ALA K 3387 68.30 22.84 77.52
C ALA K 3387 68.74 24.07 76.73
N GLU K 3388 69.94 24.56 77.04
CA GLU K 3388 70.50 25.71 76.33
C GLU K 3388 71.11 25.28 75.01
N ARG K 3395 82.69 25.72 71.72
CA ARG K 3395 81.33 26.10 72.06
C ARG K 3395 80.94 25.57 73.45
N ASP K 3396 79.71 25.85 73.86
CA ASP K 3396 79.22 25.39 75.14
C ASP K 3396 78.64 23.98 75.03
N GLU K 3397 78.47 23.51 73.79
CA GLU K 3397 77.94 22.18 73.53
C GLU K 3397 78.96 21.11 73.91
N PHE K 3398 80.22 21.35 73.54
CA PHE K 3398 81.30 20.42 73.85
C PHE K 3398 81.64 20.47 75.34
N SER K 3399 81.47 21.64 75.94
CA SER K 3399 81.75 21.83 77.36
C SER K 3399 80.69 21.13 78.20
N VAL K 3400 79.44 21.17 77.73
CA VAL K 3400 78.35 20.48 78.41
C VAL K 3400 78.51 18.98 78.22
N LEU K 3401 79.07 18.59 77.08
CA LEU K 3401 79.37 17.19 76.80
C LEU K 3401 80.52 16.71 77.69
N CYS K 3402 81.44 17.61 77.97
CA CYS K 3402 82.57 17.31 78.84
C CYS K 3402 82.11 17.23 80.30
N ARG K 3403 81.21 18.13 80.66
CA ARG K 3403 80.70 18.22 82.02
C ARG K 3403 79.83 17.03 82.36
N ASP K 3404 79.07 16.56 81.36
CA ASP K 3404 78.23 15.39 81.53
C ASP K 3404 79.11 14.15 81.61
N LEU K 3405 80.22 14.17 80.89
CA LEU K 3405 81.18 13.07 80.90
C LEU K 3405 81.84 12.93 82.26
N TYR K 3406 82.15 14.07 82.87
CA TYR K 3406 82.70 14.09 84.21
C TYR K 3406 81.63 13.67 85.20
N ALA K 3407 80.39 14.07 84.92
CA ALA K 3407 79.26 13.70 85.75
C ALA K 3407 78.98 12.22 85.62
N LEU K 3408 79.19 11.67 84.44
CA LEU K 3408 79.02 10.25 84.20
C LEU K 3408 80.16 9.49 84.86
N TYR K 3409 81.33 10.12 84.92
CA TYR K 3409 82.50 9.52 85.54
C TYR K 3409 82.29 9.40 87.04
N PRO K 3410 81.67 10.43 87.61
CA PRO K 3410 81.38 10.45 89.02
C PRO K 3410 80.25 9.49 89.36
N LEU K 3411 79.34 9.33 88.41
CA LEU K 3411 78.18 8.46 88.61
C LEU K 3411 78.57 7.00 88.54
N LEU K 3412 79.71 6.72 87.91
CA LEU K 3412 80.21 5.37 87.75
C LEU K 3412 80.60 4.77 89.08
N ILE K 3413 81.38 5.51 89.86
CA ILE K 3413 81.79 5.06 91.18
C ILE K 3413 80.67 5.22 92.18
N ARG K 3414 79.70 6.07 91.85
CA ARG K 3414 78.57 6.33 92.73
C ARG K 3414 77.63 5.14 92.81
N TYR K 3415 77.25 4.61 91.66
CA TYR K 3415 76.26 3.53 91.61
C TYR K 3415 76.87 2.17 91.99
N VAL K 3416 78.19 2.09 91.96
CA VAL K 3416 78.89 0.83 92.18
C VAL K 3416 78.75 0.33 93.62
N ASP K 3417 78.69 1.26 94.56
CA ASP K 3417 78.50 0.90 95.95
C ASP K 3417 77.01 0.89 96.26
N ASN K 3418 76.23 1.51 95.39
CA ASN K 3418 74.79 1.60 95.58
C ASN K 3418 74.12 0.26 95.34
N ASN K 3419 74.76 -0.58 94.53
CA ASN K 3419 74.22 -1.88 94.19
C ASN K 3419 74.30 -2.86 95.35
N ARG K 3420 75.51 -3.00 95.91
CA ARG K 3420 75.74 -3.97 96.97
C ARG K 3420 75.08 -3.55 98.28
N ALA K 3421 74.88 -2.25 98.45
CA ALA K 3421 74.18 -1.73 99.61
C ALA K 3421 72.69 -2.04 99.48
N HIS K 3422 72.21 -2.12 98.24
CA HIS K 3422 70.82 -2.45 97.97
C HIS K 3422 70.58 -3.94 98.14
N TRP K 3423 71.66 -4.71 98.19
CA TRP K 3423 71.60 -6.15 98.39
C TRP K 3423 71.37 -6.50 99.87
N LEU K 3424 71.38 -5.50 100.73
CA LEU K 3424 71.07 -5.70 102.13
C LEU K 3424 69.83 -4.91 102.52
N THR K 3425 69.54 -3.86 101.76
CA THR K 3425 68.39 -2.99 102.05
C THR K 3425 67.08 -3.70 101.76
N GLU K 3426 67.04 -4.40 100.62
CA GLU K 3426 65.87 -5.19 100.26
C GLU K 3426 65.84 -6.45 101.10
N PRO K 3427 67.00 -6.88 101.55
CA PRO K 3427 67.11 -8.01 102.47
C PRO K 3427 66.49 -7.62 103.80
N ASN K 3428 66.78 -6.40 104.24
CA ASN K 3428 66.20 -5.89 105.47
C ASN K 3428 64.77 -5.43 105.21
N ALA K 3429 64.64 -4.24 104.65
CA ALA K 3429 63.33 -3.65 104.39
C ALA K 3429 62.62 -4.31 103.23
N ASN K 3430 61.65 -5.16 103.54
CA ASN K 3430 60.83 -5.80 102.54
C ASN K 3430 59.49 -6.21 103.16
N PHE K 3435 60.88 3.51 103.10
CA PHE K 3435 61.30 4.43 104.15
C PHE K 3435 62.36 5.38 103.63
N ARG K 3436 63.61 5.14 104.02
CA ARG K 3436 64.72 5.92 103.51
C ARG K 3436 65.02 5.49 102.09
N MET K 3437 64.70 4.23 101.80
CA MET K 3437 64.86 3.68 100.47
C MET K 3437 63.83 4.29 99.52
N VAL K 3438 62.70 4.70 100.07
CA VAL K 3438 61.65 5.35 99.30
C VAL K 3438 62.12 6.71 98.80
N GLY K 3439 62.99 7.34 99.58
CA GLY K 3439 63.66 8.54 99.14
C GLY K 3439 64.72 8.16 98.11
N GLU K 3440 65.42 7.06 98.38
CA GLU K 3440 66.52 6.60 97.54
C GLU K 3440 66.03 6.13 96.19
N ILE K 3441 64.81 5.60 96.18
CA ILE K 3441 64.18 5.21 94.94
C ILE K 3441 63.77 6.46 94.17
N PHE K 3442 63.22 7.42 94.90
CA PHE K 3442 62.73 8.67 94.31
C PHE K 3442 63.89 9.49 93.79
N ILE K 3443 65.02 9.42 94.47
CA ILE K 3443 66.20 10.16 94.06
C ILE K 3443 66.80 9.54 92.80
N TYR K 3444 66.85 8.21 92.76
CA TYR K 3444 67.44 7.51 91.63
C TYR K 3444 66.48 7.44 90.46
N TRP K 3445 65.22 7.81 90.70
CA TRP K 3445 64.19 7.82 89.67
C TRP K 3445 64.49 8.85 88.61
N SER K 3446 64.82 10.05 89.05
CA SER K 3446 65.13 11.16 88.16
C SER K 3446 66.46 10.92 87.43
N LYS K 3447 67.34 10.17 88.08
CA LYS K 3447 68.64 9.83 87.52
C LYS K 3447 68.47 8.95 86.29
N SER K 3448 67.56 7.98 86.41
CA SER K 3448 67.24 7.11 85.29
C SER K 3448 66.45 7.88 84.25
N HIS K 3449 65.67 8.84 84.72
CA HIS K 3449 64.89 9.70 83.83
C HIS K 3449 65.83 10.60 83.05
N ASN K 3450 66.89 11.06 83.72
CA ASN K 3450 67.90 11.88 83.07
C ASN K 3450 68.75 11.02 82.17
N PHE K 3451 68.86 9.73 82.50
CA PHE K 3451 69.58 8.78 81.67
C PHE K 3451 68.77 8.50 80.40
N LYS K 3452 67.46 8.71 80.49
CA LYS K 3452 66.59 8.57 79.34
C LYS K 3452 66.60 9.84 78.49
N GLN K 3456 71.93 11.79 74.23
CA GLN K 3456 73.24 12.41 74.32
C GLN K 3456 73.86 12.16 75.69
N ASN K 3457 73.00 11.95 76.69
CA ASN K 3457 73.45 11.65 78.04
C ASN K 3457 74.08 10.26 78.07
N PHE K 3458 73.51 9.37 77.28
CA PHE K 3458 74.03 8.02 77.15
C PHE K 3458 75.26 8.01 76.26
N VAL K 3459 75.32 8.98 75.35
CA VAL K 3459 76.43 9.10 74.41
C VAL K 3459 77.71 9.44 75.14
N VAL K 3460 77.59 10.29 76.16
CA VAL K 3460 78.72 10.63 77.00
C VAL K 3460 78.99 9.47 77.95
N GLN K 3461 77.96 8.72 78.28
CA GLN K 3461 78.07 7.62 79.21
C GLN K 3461 78.79 6.44 78.58
N ASN K 3462 78.51 6.19 77.31
CA ASN K 3462 79.07 5.04 76.60
C ASN K 3462 80.57 5.20 76.37
N GLU K 3463 80.98 6.44 76.15
CA GLU K 3463 82.40 6.75 75.98
C GLU K 3463 83.12 6.60 77.32
N ILE K 3464 82.41 6.90 78.39
CA ILE K 3464 82.95 6.78 79.73
C ILE K 3464 83.07 5.30 80.11
N ASN K 3465 82.20 4.49 79.52
CA ASN K 3465 82.22 3.05 79.75
C ASN K 3465 83.44 2.43 79.10
N ASN K 3466 83.75 2.87 77.90
CA ASN K 3466 84.90 2.36 77.17
C ASN K 3466 86.20 2.89 77.75
N THR K 3513 74.02 -1.59 82.00
CA THR K 3513 75.06 -1.04 82.85
C THR K 3513 74.51 -0.69 84.23
N LEU K 3514 75.25 0.13 84.96
CA LEU K 3514 74.88 0.50 86.33
C LEU K 3514 73.67 1.43 86.35
N LYS K 3515 73.43 2.11 85.24
CA LYS K 3515 72.26 2.96 85.11
C LYS K 3515 71.00 2.10 85.00
N LYS K 3516 71.16 0.89 84.50
CA LYS K 3516 70.05 -0.02 84.33
C LYS K 3516 69.72 -0.76 85.63
N MET K 3517 70.75 -1.31 86.27
CA MET K 3517 70.57 -2.16 87.43
C MET K 3517 70.10 -1.39 88.65
N LEU K 3518 70.37 -0.09 88.65
CA LEU K 3518 69.89 0.79 89.72
C LEU K 3518 68.39 0.90 89.64
N PRO K 3519 67.86 0.91 88.42
CA PRO K 3519 66.43 1.00 88.21
C PRO K 3519 65.77 -0.34 88.52
N ILE K 3520 66.55 -1.41 88.48
CA ILE K 3520 66.05 -2.75 88.73
C ILE K 3520 65.72 -2.97 90.20
N GLY K 3521 66.69 -2.67 91.06
CA GLY K 3521 66.53 -2.89 92.49
C GLY K 3521 65.57 -1.89 93.12
N LEU K 3522 65.47 -0.71 92.50
CA LEU K 3522 64.58 0.32 93.00
C LEU K 3522 63.13 0.05 92.60
N ASN K 3523 62.96 -0.78 91.57
CA ASN K 3523 61.63 -1.09 91.04
C ASN K 3523 60.81 -1.88 92.03
N MET K 3524 61.48 -2.78 92.76
CA MET K 3524 60.83 -3.59 93.76
C MET K 3524 60.42 -2.77 94.96
N CYS K 3525 61.26 -1.80 95.31
CA CYS K 3525 61.02 -0.95 96.46
C CYS K 3525 59.91 0.05 96.19
N ALA K 3526 59.88 0.57 94.96
CA ALA K 3526 58.89 1.58 94.59
C ALA K 3526 57.51 0.94 94.39
N PRO K 3527 57.51 -0.34 94.04
CA PRO K 3527 56.26 -1.04 93.87
C PRO K 3527 55.75 -1.56 95.21
N THR K 3528 56.57 -1.45 96.25
CA THR K 3528 56.16 -1.86 97.59
C THR K 3528 55.23 -0.84 98.23
N ASP K 3529 55.16 0.34 97.62
CA ASP K 3529 54.25 1.37 98.09
C ASP K 3529 53.11 1.57 97.09
N MET K 3534 44.98 -0.71 92.87
CA MET K 3534 45.02 0.70 92.49
C MET K 3534 46.05 0.93 91.40
N LEU K 3535 46.43 -0.14 90.72
CA LEU K 3535 47.45 -0.06 89.68
C LEU K 3535 46.88 0.38 88.35
N ALA K 3536 45.55 0.45 88.26
CA ALA K 3536 44.89 0.90 87.05
C ALA K 3536 45.11 2.41 86.87
N LYS K 3537 45.15 3.11 87.99
CA LYS K 3537 45.45 4.53 87.99
C LYS K 3537 46.92 4.72 87.64
N THR K 3538 47.74 3.77 88.07
CA THR K 3538 49.15 3.75 87.74
C THR K 3538 49.32 3.42 86.26
N ARG K 3539 48.41 2.61 85.75
CA ARG K 3539 48.40 2.29 84.33
C ARG K 3539 47.92 3.49 83.55
N TYR K 3540 46.97 4.23 84.13
CA TYR K 3540 46.41 5.41 83.49
C TYR K 3540 47.42 6.55 83.48
N ALA K 3541 48.16 6.69 84.57
CA ALA K 3541 49.13 7.78 84.68
C ALA K 3541 50.38 7.48 83.89
N LEU K 3542 50.60 6.22 83.57
CA LEU K 3542 51.70 5.84 82.71
C LEU K 3542 51.36 6.24 81.27
N LYS K 3543 50.08 6.23 80.95
CA LYS K 3543 49.62 6.58 79.62
C LYS K 3543 49.79 8.07 79.35
N ASP K 3544 49.56 8.89 80.37
CA ASP K 3544 49.72 10.33 80.25
C ASP K 3544 51.20 10.71 80.22
N THR K 3545 52.03 9.84 80.78
CA THR K 3545 53.48 10.03 80.74
C THR K 3545 54.03 9.49 79.43
N ASP K 3546 53.18 8.82 78.68
CA ASP K 3546 53.53 8.35 77.34
C ASP K 3546 52.66 9.08 76.32
N GLU K 3547 52.00 10.15 76.76
CA GLU K 3547 51.19 10.96 75.87
C GLU K 3547 51.92 12.24 75.50
N LEU K 3553 52.99 17.78 84.90
CA LEU K 3553 52.12 17.74 83.72
C LEU K 3553 50.97 16.77 83.96
N GLN K 3554 51.32 15.51 84.20
CA GLN K 3554 50.32 14.48 84.46
C GLN K 3554 49.98 14.42 85.93
N ASN K 3555 50.64 15.26 86.72
CA ASN K 3555 50.39 15.35 88.17
C ASN K 3555 49.00 15.90 88.43
N ASN K 3556 48.54 16.77 87.54
CA ASN K 3556 47.17 17.27 87.60
C ASN K 3556 46.22 16.24 87.02
N LEU K 3557 46.72 15.47 86.05
CA LEU K 3557 45.94 14.39 85.46
C LEU K 3557 45.81 13.25 86.45
N HIS K 3558 46.78 13.13 87.35
CA HIS K 3558 46.72 12.18 88.44
C HIS K 3558 45.72 12.65 89.48
N LEU K 3559 45.58 13.96 89.59
CA LEU K 3559 44.57 14.54 90.48
C LEU K 3559 43.21 14.48 89.82
N GLN K 3560 43.21 14.36 88.50
CA GLN K 3560 41.98 14.24 87.72
C GLN K 3560 41.80 12.84 87.17
N LEU K 3569 41.54 -11.60 92.90
CA LEU K 3569 42.92 -11.67 93.36
C LEU K 3569 43.27 -10.40 94.13
N ARG K 3570 42.46 -9.38 93.90
CA ARG K 3570 42.63 -8.09 94.56
C ARG K 3570 42.30 -8.22 96.03
N TRP K 3571 41.39 -9.15 96.34
CA TRP K 3571 41.05 -9.46 97.73
C TRP K 3571 42.24 -10.08 98.44
N GLN K 3572 43.02 -10.86 97.71
CA GLN K 3572 44.26 -11.40 98.25
C GLN K 3572 45.29 -10.30 98.34
N MET K 3573 45.26 -9.41 97.36
CA MET K 3573 46.22 -8.31 97.27
C MET K 3573 45.98 -7.29 98.36
N ALA K 3574 44.72 -6.96 98.60
CA ALA K 3574 44.37 -6.00 99.64
C ALA K 3574 44.58 -6.60 101.02
N LEU K 3575 44.55 -7.93 101.08
CA LEU K 3575 44.90 -8.63 102.31
C LEU K 3575 46.38 -8.48 102.59
N TYR K 3576 47.16 -8.33 101.53
CA TYR K 3576 48.60 -8.20 101.66
C TYR K 3576 49.02 -6.74 101.84
N ARG K 3577 48.45 -5.84 101.03
CA ARG K 3577 48.86 -4.44 101.01
C ARG K 3577 48.48 -3.71 102.29
N GLY K 3578 47.40 -4.15 102.92
CA GLY K 3578 46.98 -3.55 104.18
C GLY K 3578 47.78 -4.15 105.33
N LEU K 3579 48.31 -5.35 105.10
CA LEU K 3579 49.13 -6.02 106.11
C LEU K 3579 50.51 -5.41 106.17
N GLU K 3590 49.02 12.14 100.07
CA GLU K 3590 50.33 12.16 99.44
C GLU K 3590 50.39 11.13 98.32
N LYS K 3591 49.26 10.47 98.09
CA LYS K 3591 49.19 9.41 97.11
C LYS K 3591 49.17 9.95 95.69
N ILE K 3592 48.63 11.16 95.53
CA ILE K 3592 48.43 11.75 94.20
C ILE K 3592 49.73 12.08 93.50
N VAL K 3593 50.77 12.34 94.27
CA VAL K 3593 52.07 12.65 93.70
C VAL K 3593 52.94 11.40 93.61
N ARG K 3594 52.82 10.53 94.61
CA ARG K 3594 53.64 9.32 94.69
C ARG K 3594 53.27 8.34 93.60
N ARG K 3595 51.99 8.27 93.27
CA ARG K 3595 51.52 7.41 92.18
C ARG K 3595 51.97 8.00 90.85
N VAL K 3596 52.01 9.33 90.81
CA VAL K 3596 52.46 10.05 89.62
C VAL K 3596 53.97 9.90 89.48
N GLN K 3597 54.64 9.70 90.60
CA GLN K 3597 56.08 9.52 90.62
C GLN K 3597 56.49 8.19 90.02
N GLU K 3598 55.83 7.12 90.45
CA GLU K 3598 56.20 5.77 90.04
C GLU K 3598 55.77 5.47 88.62
N VAL K 3599 54.73 6.16 88.15
CA VAL K 3599 54.12 5.86 86.87
C VAL K 3599 55.02 6.18 85.68
N SER K 3600 55.63 7.36 85.71
CA SER K 3600 56.51 7.80 84.64
C SER K 3600 57.81 7.01 84.65
N ALA K 3601 58.17 6.50 85.83
CA ALA K 3601 59.35 5.66 85.98
C ALA K 3601 59.16 4.36 85.25
N VAL K 3602 57.92 3.88 85.26
CA VAL K 3602 57.57 2.64 84.58
C VAL K 3602 57.63 2.85 83.07
N LEU K 3603 57.07 3.96 82.62
CA LEU K 3603 57.00 4.27 81.19
C LEU K 3603 58.38 4.56 80.63
N TYR K 3604 59.25 5.10 81.48
CA TYR K 3604 60.64 5.33 81.11
C TYR K 3604 61.34 3.99 81.01
N HIS K 3605 61.00 3.09 81.93
CA HIS K 3605 61.58 1.75 81.93
C HIS K 3605 60.97 0.94 80.79
N LEU K 3606 59.74 1.28 80.43
CA LEU K 3606 59.05 0.63 79.32
C LEU K 3606 59.74 1.01 78.02
N GLU K 3607 60.12 2.28 77.94
CA GLU K 3607 60.84 2.77 76.77
C GLU K 3607 62.26 2.23 76.78
N GLN K 3608 62.78 1.98 77.97
CA GLN K 3608 64.15 1.49 78.15
C GLN K 3608 64.28 0.06 77.65
N THR K 3609 63.27 -0.74 77.92
CA THR K 3609 63.27 -2.14 77.51
C THR K 3609 62.92 -2.27 76.04
N GLU K 3610 62.37 -1.21 75.47
CA GLU K 3610 61.98 -1.20 74.06
C GLU K 3610 63.20 -1.19 73.15
N LEU K 3623 69.28 -5.98 46.47
CA LEU K 3623 70.65 -6.01 46.97
C LEU K 3623 71.63 -5.59 45.89
N LEU K 3624 72.88 -6.01 46.03
CA LEU K 3624 73.90 -5.71 45.04
C LEU K 3624 74.12 -6.88 44.10
N SER K 3625 74.19 -6.58 42.81
CA SER K 3625 74.48 -7.61 41.83
C SER K 3625 75.96 -7.99 41.89
N LYS K 3626 76.29 -9.11 41.23
CA LYS K 3626 77.62 -9.71 41.34
C LYS K 3626 78.71 -8.82 40.76
N GLN K 3627 78.49 -8.27 39.56
CA GLN K 3627 79.47 -7.37 38.98
C GLN K 3627 79.57 -6.05 39.74
N ARG K 3628 78.52 -5.65 40.44
CA ARG K 3628 78.61 -4.46 41.27
C ARG K 3628 79.57 -4.66 42.43
N ARG K 3629 79.64 -5.90 42.96
CA ARG K 3629 80.56 -6.20 44.02
C ARG K 3629 82.02 -6.12 43.57
N ARG K 3630 82.33 -6.64 42.39
CA ARG K 3630 83.70 -6.50 41.92
C ARG K 3630 83.98 -5.10 41.41
N ALA K 3631 82.94 -4.34 41.06
CA ALA K 3631 83.14 -2.96 40.66
C ALA K 3631 83.58 -2.10 41.84
N VAL K 3632 82.90 -2.25 42.97
CA VAL K 3632 83.21 -1.42 44.12
C VAL K 3632 84.53 -1.85 44.75
N VAL K 3633 84.96 -3.08 44.52
CA VAL K 3633 86.28 -3.52 44.97
C VAL K 3633 87.38 -2.82 44.19
N ALA K 3634 87.31 -2.87 42.86
CA ALA K 3634 88.34 -2.28 42.03
C ALA K 3634 88.23 -0.76 41.94
N CYS K 3635 87.20 -0.17 42.56
CA CYS K 3635 87.01 1.26 42.49
C CYS K 3635 88.08 2.01 43.28
N PHE K 3636 88.77 1.33 44.18
CA PHE K 3636 89.74 1.97 45.06
C PHE K 3636 91.15 1.99 44.50
N ARG K 3637 91.48 1.07 43.61
CA ARG K 3637 92.82 0.96 43.08
C ARG K 3637 93.02 1.74 41.78
N MET K 3638 92.24 2.80 41.58
CA MET K 3638 92.33 3.57 40.35
C MET K 3638 93.59 4.43 40.33
N THR K 3639 94.37 4.29 39.28
CA THR K 3639 95.62 5.02 39.16
C THR K 3639 95.35 6.49 38.85
N PRO K 3640 96.21 7.40 39.32
CA PRO K 3640 96.05 8.82 39.01
C PRO K 3640 96.54 9.14 37.61
N LEU K 3641 96.27 10.38 37.19
CA LEU K 3641 96.57 10.81 35.84
C LEU K 3641 98.07 11.00 35.61
N TYR K 3642 98.79 11.49 36.61
CA TYR K 3642 100.20 11.76 36.43
C TYR K 3642 101.03 10.47 36.38
N ASN K 3643 100.46 9.35 36.83
CA ASN K 3643 101.10 8.06 36.64
C ASN K 3643 100.93 7.52 35.23
N LEU K 3644 99.99 8.05 34.47
CA LEU K 3644 99.71 7.54 33.14
C LEU K 3644 100.75 8.02 32.14
N PRO K 3645 101.00 7.27 31.08
CA PRO K 3645 101.77 7.81 29.95
C PRO K 3645 100.98 8.90 29.26
N THR K 3646 101.72 9.89 28.77
CA THR K 3646 101.12 11.15 28.32
C THR K 3646 100.31 10.99 27.04
N HIS K 3647 100.60 9.99 26.22
CA HIS K 3647 99.86 9.85 24.97
C HIS K 3647 98.46 9.34 25.21
N ARG K 3648 98.29 8.43 26.16
CA ARG K 3648 96.95 8.00 26.52
C ARG K 3648 96.19 9.11 27.24
N ALA K 3649 96.90 9.95 28.00
CA ALA K 3649 96.28 11.10 28.64
C ALA K 3649 95.75 12.10 27.61
N CYS K 3650 96.45 12.25 26.49
CA CYS K 3650 95.93 13.11 25.43
C CYS K 3650 94.72 12.47 24.77
N ASN K 3651 94.68 11.14 24.70
CA ASN K 3651 93.59 10.45 24.01
C ASN K 3651 92.26 10.64 24.71
N MET K 3652 92.21 10.45 26.03
CA MET K 3652 90.98 10.67 26.77
C MET K 3652 90.59 12.14 26.83
N PHE K 3653 91.56 13.04 26.67
CA PHE K 3653 91.27 14.45 26.61
C PHE K 3653 90.45 14.81 25.38
N LEU K 3654 90.80 14.28 24.21
CA LEU K 3654 90.05 14.54 23.00
C LEU K 3654 88.64 13.98 23.09
N GLU K 3655 88.49 12.81 23.70
CA GLU K 3655 87.17 12.27 23.97
C GLU K 3655 86.42 13.10 25.00
N SER K 3656 87.14 13.86 25.82
CA SER K 3656 86.48 14.75 26.75
C SER K 3656 86.26 16.13 26.15
N TYR K 3657 87.28 16.69 25.50
CA TYR K 3657 87.24 18.09 25.05
C TYR K 3657 86.22 18.28 23.94
N LYS K 3658 86.08 17.29 23.06
CA LYS K 3658 85.02 17.34 22.07
C LYS K 3658 83.67 17.18 22.74
N ALA K 3659 83.60 16.40 23.80
CA ALA K 3659 82.32 16.11 24.43
C ALA K 3659 81.78 17.27 25.23
N ALA K 3660 82.64 18.09 25.83
CA ALA K 3660 82.18 19.14 26.71
C ALA K 3660 82.30 20.53 26.11
N TRP K 3661 83.04 20.71 25.03
CA TRP K 3661 83.20 22.02 24.45
C TRP K 3661 82.72 22.11 23.01
N ILE K 3662 83.22 21.24 22.15
CA ILE K 3662 82.93 21.36 20.73
C ILE K 3662 81.52 20.92 20.41
N LEU K 3663 81.06 19.83 21.04
CA LEU K 3663 79.70 19.39 20.84
C LEU K 3663 78.69 20.38 21.41
N THR K 3664 79.06 21.04 22.50
CA THR K 3664 78.17 22.00 23.14
C THR K 3664 78.02 23.30 22.36
N GLU K 3665 78.89 23.55 21.38
CA GLU K 3665 78.92 24.84 20.72
C GLU K 3665 77.75 25.00 19.76
N ASP K 3666 77.16 26.19 19.76
CA ASP K 3666 76.02 26.51 18.90
C ASP K 3666 76.42 27.60 17.91
N HIS K 3667 75.76 27.58 16.76
CA HIS K 3667 75.97 28.57 15.71
C HIS K 3667 74.78 28.53 14.78
N SER K 3668 74.59 29.60 14.01
CA SER K 3668 73.36 29.76 13.26
C SER K 3668 73.63 29.87 11.76
N PHE K 3669 74.47 28.99 11.23
CA PHE K 3669 74.79 29.03 9.81
C PHE K 3669 73.66 28.53 8.93
N GLU K 3670 72.60 27.99 9.50
CA GLU K 3670 71.56 27.35 8.70
C GLU K 3670 70.68 28.37 7.98
N ASP K 3671 70.68 29.62 8.42
CA ASP K 3671 69.87 30.60 7.71
C ASP K 3671 70.71 31.42 6.75
N ARG K 3672 71.95 31.72 7.10
CA ARG K 3672 72.79 32.50 6.22
C ARG K 3672 73.36 31.68 5.07
N MET K 3673 73.01 30.41 4.96
CA MET K 3673 73.28 29.68 3.74
C MET K 3673 72.14 29.80 2.75
N ILE K 3674 70.92 29.60 3.23
CA ILE K 3674 69.79 29.36 2.34
C ILE K 3674 69.39 30.63 1.58
N ASP K 3675 69.67 31.79 2.16
CA ASP K 3675 69.42 33.06 1.48
C ASP K 3675 70.22 33.20 0.19
N ASP K 3676 71.53 32.95 0.23
CA ASP K 3676 72.34 33.15 -0.95
C ASP K 3676 72.14 32.05 -1.96
N LEU K 3677 71.70 30.87 -1.53
CA LEU K 3677 71.26 29.87 -2.51
C LEU K 3677 69.93 30.24 -3.14
N SER K 3678 69.18 31.16 -2.52
CA SER K 3678 67.94 31.61 -3.12
C SER K 3678 68.09 32.93 -3.85
N LYS K 3679 68.91 33.84 -3.33
CA LYS K 3679 69.01 35.17 -3.93
C LYS K 3679 69.86 35.20 -5.19
N ALA K 3680 70.67 34.18 -5.42
CA ALA K 3680 71.62 34.23 -6.52
C ALA K 3680 71.00 33.96 -7.88
N GLY K 3681 69.70 33.63 -7.92
CA GLY K 3681 69.02 33.60 -9.20
C GLY K 3681 68.93 34.96 -9.85
N GLU K 3682 68.93 36.02 -9.05
CA GLU K 3682 69.09 37.39 -9.51
C GLU K 3682 70.54 37.58 -9.94
N GLN K 3683 70.73 38.03 -11.17
CA GLN K 3683 72.05 38.30 -11.72
C GLN K 3683 71.90 39.29 -12.86
N GLU K 3684 73.02 39.58 -13.51
CA GLU K 3684 73.01 40.48 -14.66
C GLU K 3684 72.65 39.70 -15.92
N LYS K 3693 64.30 32.31 -16.89
CA LYS K 3693 63.64 31.04 -16.63
C LYS K 3693 64.64 30.01 -16.14
N LYS K 3694 65.88 30.44 -15.92
CA LYS K 3694 66.87 29.50 -15.40
C LYS K 3694 66.64 29.26 -13.92
N PRO K 3695 66.87 28.03 -13.46
CA PRO K 3695 66.60 27.71 -12.06
C PRO K 3695 67.59 28.37 -11.11
N ASP K 3696 67.20 28.44 -9.85
CA ASP K 3696 67.99 29.05 -8.81
C ASP K 3696 69.06 28.06 -8.34
N PRO K 3697 70.09 28.54 -7.63
CA PRO K 3697 71.05 27.60 -7.02
C PRO K 3697 70.42 26.63 -6.05
N LEU K 3698 69.52 27.10 -5.20
CA LEU K 3698 68.75 26.19 -4.37
C LEU K 3698 67.82 25.33 -5.21
N HIS K 3699 67.23 25.91 -6.25
CA HIS K 3699 66.28 25.18 -7.07
C HIS K 3699 66.96 24.09 -7.89
N GLN K 3700 68.23 24.28 -8.20
CA GLN K 3700 68.99 23.20 -8.82
C GLN K 3700 69.19 22.04 -7.86
N LEU K 3701 69.35 22.34 -6.57
CA LEU K 3701 69.73 21.32 -5.61
C LEU K 3701 68.60 20.35 -5.34
N VAL K 3702 67.39 20.84 -5.11
CA VAL K 3702 66.31 19.92 -4.81
C VAL K 3702 65.81 19.24 -6.07
N LEU K 3703 66.16 19.76 -7.24
CA LEU K 3703 65.95 19.00 -8.44
C LEU K 3703 66.86 17.78 -8.48
N HIS K 3704 68.10 17.95 -8.03
CA HIS K 3704 69.05 16.84 -8.07
C HIS K 3704 68.69 15.77 -7.05
N PHE K 3705 68.23 16.18 -5.88
CA PHE K 3705 67.77 15.21 -4.90
C PHE K 3705 66.49 14.53 -5.33
N SER K 3706 65.69 15.19 -6.14
CA SER K 3706 64.53 14.52 -6.70
C SER K 3706 64.94 13.48 -7.72
N ARG K 3707 65.99 13.76 -8.49
CA ARG K 3707 66.41 12.82 -9.53
C ARG K 3707 67.00 11.55 -8.95
N THR K 3708 67.71 11.64 -7.84
CA THR K 3708 68.24 10.44 -7.23
C THR K 3708 67.19 9.65 -6.47
N ALA K 3709 65.99 10.19 -6.30
CA ALA K 3709 64.93 9.46 -5.63
C ALA K 3709 64.04 8.72 -6.61
N LEU K 3710 64.24 8.91 -7.92
CA LEU K 3710 63.37 8.32 -8.91
C LEU K 3710 64.00 7.17 -9.67
N THR K 3711 65.30 6.95 -9.51
CA THR K 3711 65.95 5.84 -10.18
C THR K 3711 65.53 4.53 -9.54
N GLU K 3712 65.29 3.52 -10.37
CA GLU K 3712 64.73 2.25 -9.92
C GLU K 3712 65.81 1.49 -9.16
N LYS K 3713 65.67 1.45 -7.84
CA LYS K 3713 66.52 0.61 -7.00
C LYS K 3713 65.61 -0.04 -5.97
N SER K 3714 66.02 -1.22 -5.51
CA SER K 3714 65.22 -1.94 -4.53
C SER K 3714 65.24 -1.22 -3.18
N LYS K 3715 66.42 -0.95 -2.64
CA LYS K 3715 66.54 -0.28 -1.37
C LYS K 3715 66.87 1.18 -1.61
N LEU K 3716 66.82 1.94 -0.52
CA LEU K 3716 67.15 3.35 -0.54
C LEU K 3716 68.47 3.55 0.20
N ASP K 3717 69.54 3.76 -0.56
CA ASP K 3717 70.88 3.87 0.00
C ASP K 3717 71.02 5.10 0.89
N GLU K 3718 71.65 4.90 2.03
CA GLU K 3718 71.77 5.93 3.03
C GLU K 3718 72.86 6.92 2.64
N ASP K 3719 72.46 8.03 2.02
CA ASP K 3719 73.37 9.11 1.70
C ASP K 3719 73.52 10.00 2.91
N TYR K 3720 74.77 10.24 3.32
CA TYR K 3720 74.99 11.19 4.40
C TYR K 3720 74.86 12.62 3.90
N LEU K 3721 75.09 12.86 2.61
CA LEU K 3721 75.02 14.23 2.10
C LEU K 3721 73.60 14.75 2.08
N TYR K 3722 72.65 13.92 1.67
CA TYR K 3722 71.25 14.33 1.69
C TYR K 3722 70.75 14.57 3.10
N MET K 3723 71.20 13.75 4.05
CA MET K 3723 70.84 14.00 5.43
C MET K 3723 71.55 15.23 5.97
N ALA K 3724 72.69 15.58 5.39
CA ALA K 3724 73.34 16.81 5.78
C ALA K 3724 72.60 18.03 5.25
N TYR K 3725 71.80 17.87 4.20
CA TYR K 3725 71.01 18.98 3.69
C TYR K 3725 69.56 18.88 4.08
N ALA K 3726 69.12 17.75 4.61
CA ALA K 3726 67.74 17.64 5.02
C ALA K 3726 67.45 18.49 6.25
N ASP K 3727 68.37 18.52 7.21
CA ASP K 3727 68.16 19.30 8.41
C ASP K 3727 68.39 20.79 8.20
N ILE K 3728 69.29 21.16 7.29
CA ILE K 3728 69.60 22.56 7.06
C ILE K 3728 68.41 23.26 6.44
N MET K 3729 67.76 22.62 5.47
CA MET K 3729 66.51 23.16 4.97
C MET K 3729 65.38 23.03 6.00
N ALA K 3730 65.48 22.09 6.92
CA ALA K 3730 64.45 21.97 7.95
C ALA K 3730 64.55 23.10 8.96
N LYS K 3731 65.78 23.51 9.29
CA LYS K 3731 65.97 24.59 10.26
C LYS K 3731 65.72 25.97 9.70
N SER K 3732 65.34 26.08 8.43
CA SER K 3732 65.02 27.40 7.88
C SER K 3732 63.64 27.86 8.30
N CYS K 3733 62.83 26.98 8.89
CA CYS K 3733 61.52 27.35 9.34
C CYS K 3733 61.36 27.26 10.85
N HIS K 3734 62.29 26.61 11.54
CA HIS K 3734 62.20 26.46 12.98
C HIS K 3734 62.60 27.72 13.74
N LEU K 3735 63.18 28.70 13.05
CA LEU K 3735 63.43 29.98 13.69
C LEU K 3735 62.12 30.69 13.99
N GLU K 3736 61.11 30.48 13.14
CA GLU K 3736 59.77 31.01 13.38
C GLU K 3736 58.82 29.97 13.94
N GLU K 3737 59.22 28.70 13.98
CA GLU K 3737 58.37 27.65 14.53
C GLU K 3737 58.66 27.45 16.02
N GLU K 3750 52.72 37.14 27.37
CA GLU K 3750 51.63 37.91 26.78
C GLU K 3750 52.06 38.52 25.44
N VAL K 3751 51.35 38.17 24.38
CA VAL K 3751 51.67 38.65 23.05
C VAL K 3751 50.51 39.50 22.53
N SER K 3752 50.83 40.37 21.59
CA SER K 3752 49.86 41.23 20.94
C SER K 3752 49.18 40.44 19.82
N PHE K 3753 48.33 41.13 19.06
CA PHE K 3753 47.68 40.48 17.93
C PHE K 3753 48.51 40.60 16.66
N GLU K 3754 49.04 41.79 16.38
CA GLU K 3754 49.79 42.00 15.16
C GLU K 3754 51.14 41.30 15.19
N GLU K 3755 51.84 41.33 16.33
CA GLU K 3755 53.22 40.88 16.37
C GLU K 3755 53.34 39.37 16.23
N LYS K 3756 52.26 38.63 16.49
CA LYS K 3756 52.32 37.20 16.21
C LYS K 3756 51.98 36.90 14.75
N GLU K 3757 51.30 37.82 14.07
CA GLU K 3757 51.03 37.60 12.65
C GLU K 3757 52.28 37.74 11.79
N MET K 3758 53.14 38.70 12.11
CA MET K 3758 54.43 38.77 11.46
C MET K 3758 55.33 37.61 11.87
N GLU K 3759 55.17 37.10 13.08
CA GLU K 3759 55.81 35.85 13.44
C GLU K 3759 55.18 34.68 12.71
N LYS K 3760 53.90 34.81 12.34
CA LYS K 3760 53.28 33.79 11.49
C LYS K 3760 53.71 33.97 10.03
N GLN K 3761 53.59 35.18 9.50
CA GLN K 3761 53.79 35.36 8.07
C GLN K 3761 55.25 35.24 7.65
N ARG K 3762 56.20 35.48 8.56
CA ARG K 3762 57.58 35.23 8.20
C ARG K 3762 57.85 33.74 8.10
N LEU K 3763 57.03 32.92 8.74
CA LEU K 3763 57.12 31.50 8.53
C LEU K 3763 56.51 31.10 7.19
N LEU K 3764 55.47 31.81 6.76
CA LEU K 3764 54.99 31.56 5.40
C LEU K 3764 55.93 32.11 4.34
N TYR K 3765 56.83 33.02 4.71
CA TYR K 3765 57.85 33.43 3.76
C TYR K 3765 58.87 32.35 3.55
N GLN K 3766 59.40 31.79 4.65
CA GLN K 3766 60.39 30.74 4.53
C GLN K 3766 59.77 29.44 4.03
N GLN K 3767 58.49 29.23 4.27
CA GLN K 3767 57.83 28.09 3.66
C GLN K 3767 57.64 28.29 2.17
N SER K 3768 57.48 29.54 1.74
CA SER K 3768 57.40 29.79 0.31
C SER K 3768 58.77 29.69 -0.34
N ARG K 3769 59.84 29.96 0.41
CA ARG K 3769 61.18 29.92 -0.14
C ARG K 3769 61.62 28.51 -0.49
N LEU K 3770 60.98 27.49 0.09
CA LEU K 3770 61.25 26.12 -0.31
C LEU K 3770 60.25 25.61 -1.33
N HIS K 3771 58.96 25.68 -1.04
CA HIS K 3771 57.99 24.90 -1.80
C HIS K 3771 57.59 25.52 -3.12
N THR K 3772 58.03 26.74 -3.44
CA THR K 3772 57.90 27.16 -4.82
C THR K 3772 59.06 26.68 -5.65
N ARG K 3773 60.13 26.22 -5.02
CA ARG K 3773 61.24 25.60 -5.72
C ARG K 3773 61.06 24.10 -5.84
N GLY K 3774 59.86 23.58 -5.62
CA GLY K 3774 59.64 22.15 -5.75
C GLY K 3774 60.07 21.33 -4.57
N ALA K 3775 60.10 21.90 -3.37
CA ALA K 3775 60.48 21.13 -2.20
C ALA K 3775 59.36 20.21 -1.73
N ALA K 3776 58.14 20.41 -2.20
CA ALA K 3776 57.02 19.64 -1.68
C ALA K 3776 57.00 18.23 -2.25
N GLU K 3777 57.40 18.06 -3.50
CA GLU K 3777 57.31 16.73 -4.10
C GLU K 3777 58.59 15.93 -3.92
N MET K 3778 59.70 16.58 -3.58
CA MET K 3778 60.89 15.84 -3.19
C MET K 3778 60.64 15.05 -1.93
N VAL K 3779 59.97 15.66 -0.95
CA VAL K 3779 59.72 14.97 0.30
C VAL K 3779 58.58 13.97 0.15
N LEU K 3780 57.83 14.08 -0.95
CA LEU K 3780 56.80 13.08 -1.20
C LEU K 3780 57.32 11.91 -2.01
N GLN K 3781 58.39 12.11 -2.78
CA GLN K 3781 58.91 11.01 -3.58
C GLN K 3781 59.72 10.04 -2.74
N MET K 3782 60.54 10.54 -1.82
CA MET K 3782 61.44 9.69 -1.07
C MET K 3782 60.75 8.82 -0.05
N ILE K 3783 59.53 9.16 0.36
CA ILE K 3783 58.76 8.23 1.16
C ILE K 3783 58.32 7.06 0.30
N SER K 3784 58.03 7.31 -0.98
CA SER K 3784 57.74 6.21 -1.89
C SER K 3784 59.02 5.46 -2.25
N ALA K 3785 60.16 6.13 -2.16
CA ALA K 3785 61.44 5.49 -2.43
C ALA K 3785 61.98 4.77 -1.20
N CYS K 3786 61.39 4.98 -0.03
CA CYS K 3786 61.75 4.17 1.12
C CYS K 3786 61.25 2.75 0.99
N LYS K 3787 59.96 2.60 0.71
CA LYS K 3787 59.24 1.32 0.72
C LYS K 3787 59.41 0.59 2.05
N GLY K 3788 59.34 1.34 3.15
CA GLY K 3788 59.20 0.72 4.44
C GLY K 3788 60.47 0.55 5.23
N GLU K 3789 61.62 0.85 4.67
CA GLU K 3789 62.88 0.65 5.36
C GLU K 3789 63.06 1.76 6.37
N THR K 3790 62.68 1.49 7.62
CA THR K 3790 62.71 2.50 8.68
C THR K 3790 64.13 2.83 9.15
N GLY K 3791 64.89 3.45 8.25
CA GLY K 3791 66.27 3.76 8.52
C GLY K 3791 66.45 5.16 9.05
N ALA K 3792 67.67 5.68 8.88
CA ALA K 3792 68.00 7.01 9.38
C ALA K 3792 67.57 8.11 8.42
N MET K 3793 67.42 7.81 7.14
CA MET K 3793 67.03 8.84 6.19
C MET K 3793 65.57 9.24 6.36
N VAL K 3794 64.68 8.27 6.59
CA VAL K 3794 63.28 8.62 6.77
C VAL K 3794 63.03 9.29 8.11
N SER K 3795 63.99 9.24 9.04
CA SER K 3795 63.97 10.20 10.12
C SER K 3795 64.24 11.59 9.62
N SER K 3796 65.32 11.77 8.87
CA SER K 3796 65.72 13.10 8.44
C SER K 3796 64.85 13.64 7.33
N THR K 3797 64.09 12.81 6.65
CA THR K 3797 63.21 13.37 5.63
C THR K 3797 61.89 13.82 6.22
N LEU K 3798 61.54 13.40 7.43
CA LEU K 3798 60.25 13.79 7.95
C LEU K 3798 60.32 15.10 8.69
N LYS K 3799 61.48 15.41 9.27
CA LYS K 3799 61.65 16.71 9.90
C LYS K 3799 61.61 17.84 8.89
N LEU K 3800 62.00 17.56 7.64
CA LEU K 3800 61.77 18.53 6.58
C LEU K 3800 60.30 18.57 6.21
N GLY K 3801 59.63 17.42 6.24
CA GLY K 3801 58.23 17.38 5.86
C GLY K 3801 57.33 18.09 6.85
N ILE K 3802 57.75 18.16 8.11
CA ILE K 3802 56.98 18.92 9.08
C ILE K 3802 57.22 20.42 8.91
N SER K 3803 58.48 20.84 8.74
CA SER K 3803 58.79 22.26 8.70
C SER K 3803 58.32 22.94 7.43
N ILE K 3804 57.82 22.18 6.45
CA ILE K 3804 57.11 22.77 5.34
C ILE K 3804 55.62 22.85 5.64
N LEU K 3805 55.04 21.81 6.24
CA LEU K 3805 53.63 21.79 6.54
C LEU K 3805 53.33 22.19 7.97
N ASN K 3806 54.25 22.86 8.65
CA ASN K 3806 53.99 23.34 9.99
C ASN K 3806 53.01 24.49 9.95
N GLY K 3807 52.20 24.61 10.99
CA GLY K 3807 51.20 25.66 11.04
C GLY K 3807 50.00 25.46 10.15
N GLY K 3808 49.92 24.35 9.42
CA GLY K 3808 48.79 24.11 8.57
C GLY K 3808 48.78 24.98 7.33
N ASN K 3809 49.83 24.91 6.53
CA ASN K 3809 49.84 25.61 5.26
C ASN K 3809 48.85 24.94 4.31
N ALA K 3810 48.29 25.73 3.41
CA ALA K 3810 47.23 25.24 2.54
C ALA K 3810 47.73 24.76 1.19
N GLU K 3811 48.50 25.58 0.47
CA GLU K 3811 48.80 25.26 -0.91
C GLU K 3811 49.85 24.17 -1.05
N VAL K 3812 50.59 23.85 0.00
CA VAL K 3812 51.46 22.70 -0.08
C VAL K 3812 50.64 21.42 -0.12
N GLN K 3813 49.46 21.43 0.51
CA GLN K 3813 48.56 20.30 0.37
C GLN K 3813 47.96 20.27 -1.03
N GLN K 3814 47.70 21.44 -1.60
CA GLN K 3814 47.22 21.47 -2.97
C GLN K 3814 48.34 21.18 -3.96
N LYS K 3815 49.59 21.38 -3.54
CA LYS K 3815 50.71 20.89 -4.33
C LYS K 3815 50.97 19.42 -4.09
N MET K 3816 50.26 18.80 -3.15
CA MET K 3816 50.49 17.39 -2.86
C MET K 3816 49.38 16.49 -3.34
N LEU K 3817 48.13 16.97 -3.37
CA LEU K 3817 47.04 16.11 -3.78
C LEU K 3817 47.10 15.81 -5.27
N ASP K 3818 47.36 16.83 -6.07
CA ASP K 3818 47.50 16.66 -7.52
C ASP K 3818 48.65 15.74 -7.88
N TYR K 3819 49.74 15.76 -7.09
CA TYR K 3819 50.85 14.86 -7.35
C TYR K 3819 50.47 13.41 -7.09
N LEU K 3820 49.59 13.17 -6.12
CA LEU K 3820 49.10 11.82 -5.91
C LEU K 3820 47.89 11.49 -6.76
N LYS K 3821 47.47 12.39 -7.63
CA LYS K 3821 46.34 12.12 -8.50
C LYS K 3821 46.70 12.05 -9.96
N ASP K 3822 47.75 12.74 -10.40
CA ASP K 3822 48.20 12.53 -11.77
C ASP K 3822 49.10 11.31 -11.89
N LYS K 3823 49.75 10.90 -10.80
CA LYS K 3823 50.71 9.80 -10.90
C LYS K 3823 50.07 8.45 -10.61
N LYS K 3824 48.98 8.45 -9.83
CA LYS K 3824 48.35 7.24 -9.29
C LYS K 3824 49.36 6.36 -8.56
N GLU K 3825 50.25 6.99 -7.79
CA GLU K 3825 51.43 6.32 -7.25
C GLU K 3825 51.05 5.47 -6.05
N VAL K 3826 50.56 4.27 -6.31
CA VAL K 3826 50.52 3.25 -5.27
C VAL K 3826 51.96 2.87 -4.96
N GLY K 3827 52.29 2.90 -3.68
CA GLY K 3827 53.67 2.68 -3.28
C GLY K 3827 54.04 3.72 -2.24
N PHE K 3828 53.47 4.91 -2.39
CA PHE K 3828 53.49 5.86 -1.29
C PHE K 3828 52.71 5.34 -0.11
N PHE K 3829 51.42 5.08 -0.33
CA PHE K 3829 50.51 4.66 0.71
C PHE K 3829 50.87 3.31 1.28
N GLN K 3830 51.44 2.42 0.47
CA GLN K 3830 51.95 1.17 1.02
C GLN K 3830 53.16 1.39 1.89
N SER K 3831 54.05 2.29 1.50
CA SER K 3831 55.18 2.62 2.37
C SER K 3831 54.73 3.37 3.61
N ILE K 3832 53.64 4.11 3.50
CA ILE K 3832 53.01 4.67 4.68
C ILE K 3832 52.52 3.57 5.60
N GLN K 3833 51.85 2.56 5.02
CA GLN K 3833 51.33 1.46 5.82
C GLN K 3833 52.46 0.60 6.38
N ALA K 3834 53.58 0.53 5.67
CA ALA K 3834 54.70 -0.27 6.16
C ALA K 3834 55.35 0.36 7.38
N LEU K 3835 55.58 1.68 7.37
CA LEU K 3835 56.14 2.34 8.53
C LEU K 3835 55.21 2.31 9.74
N MET K 3836 53.90 2.21 9.49
CA MET K 3836 52.94 2.20 10.60
C MET K 3836 53.06 0.96 11.45
N GLN K 3837 53.21 -0.21 10.83
CA GLN K 3837 53.26 -1.43 11.61
C GLN K 3837 54.58 -1.63 12.33
N THR K 3838 55.65 -1.04 11.84
CA THR K 3838 56.94 -1.15 12.51
C THR K 3838 57.16 0.00 13.49
N CYS K 3839 56.16 0.21 14.33
CA CYS K 3839 56.24 1.18 15.40
C CYS K 3839 56.22 0.44 16.73
N SER K 3840 57.31 0.57 17.48
CA SER K 3840 57.45 -0.13 18.74
C SER K 3840 56.47 0.40 19.77
N VAL K 3841 56.08 -0.46 20.70
CA VAL K 3841 55.17 -0.11 21.78
C VAL K 3841 55.83 -0.51 23.09
N LEU K 3842 55.11 -0.35 24.20
CA LEU K 3842 55.60 -0.76 25.51
C LEU K 3842 55.71 -2.27 25.54
N ASP K 3843 56.88 -2.78 25.90
CA ASP K 3843 56.98 -4.22 26.10
C ASP K 3843 57.07 -4.55 27.58
N LEU K 3844 57.08 -5.84 27.88
CA LEU K 3844 57.30 -6.29 29.25
C LEU K 3844 58.44 -7.29 29.33
N ASN K 3845 59.36 -7.26 28.37
CA ASN K 3845 60.50 -8.17 28.39
C ASN K 3845 61.84 -7.46 28.37
N ALA K 3846 62.06 -6.54 27.44
CA ALA K 3846 63.28 -5.76 27.40
C ALA K 3846 63.29 -4.70 28.49
N PHE K 3847 62.13 -4.41 29.07
CA PHE K 3847 62.03 -3.44 30.15
C PHE K 3847 62.83 -3.89 31.36
N GLU K 3848 62.67 -5.13 31.78
CA GLU K 3848 63.50 -5.63 32.87
C GLU K 3848 64.89 -5.99 32.41
N ARG K 3849 65.08 -6.22 31.11
CA ARG K 3849 66.44 -6.36 30.59
C ARG K 3849 67.21 -5.08 30.78
N GLN K 3850 66.58 -3.94 30.48
CA GLN K 3850 67.15 -2.65 30.81
C GLN K 3850 67.33 -2.49 32.31
N ASN K 3851 66.39 -3.00 33.09
CA ASN K 3851 66.46 -2.83 34.54
C ASN K 3851 67.58 -3.68 35.13
N LYS K 3852 67.76 -4.90 34.64
CA LYS K 3852 68.89 -5.70 35.05
C LYS K 3852 70.19 -5.12 34.53
N ALA K 3853 70.15 -4.50 33.34
CA ALA K 3853 71.30 -3.74 32.89
C ALA K 3853 71.54 -2.52 33.74
N GLU K 3854 70.47 -1.93 34.29
CA GLU K 3854 70.61 -0.75 35.12
C GLU K 3854 71.24 -1.04 36.47
N GLY K 3855 71.41 -2.32 36.83
CA GLY K 3855 72.08 -2.68 38.07
C GLY K 3855 73.59 -2.54 38.01
N LEU K 3856 74.14 -2.11 36.88
CA LEU K 3856 75.57 -1.94 36.70
C LEU K 3856 75.83 -0.46 36.41
N GLY K 3857 76.76 0.14 37.15
CA GLY K 3857 76.97 1.57 37.01
C GLY K 3857 78.32 1.93 36.43
N MET K 3858 79.34 1.14 36.71
CA MET K 3858 80.67 1.40 36.18
C MET K 3858 81.37 0.07 35.96
N VAL K 3859 81.96 -0.09 34.79
CA VAL K 3859 82.55 -1.36 34.38
C VAL K 3859 84.03 -1.35 34.74
N ASN K 3860 84.57 -2.54 35.00
CA ASN K 3860 85.94 -2.74 35.46
C ASN K 3860 86.96 -2.25 34.42
N GLU K 3861 88.20 -2.08 34.90
CA GLU K 3861 89.39 -1.81 34.10
C GLU K 3861 89.29 -0.49 33.34
N ASP K 3862 89.06 0.59 34.11
CA ASP K 3862 89.19 1.99 33.67
C ASP K 3862 88.21 2.34 32.54
N GLY K 3863 87.12 1.59 32.50
CA GLY K 3863 86.09 1.85 31.52
C GLY K 3863 84.86 2.43 32.17
N THR K 3864 84.04 3.12 31.41
CA THR K 3864 82.79 3.65 31.93
C THR K 3864 81.63 3.04 31.16
N VAL K 3865 80.57 2.67 31.89
CA VAL K 3865 79.36 2.22 31.24
C VAL K 3865 78.70 3.40 30.56
N ILE K 3866 78.77 3.44 29.24
CA ILE K 3866 78.16 4.52 28.49
C ILE K 3866 76.67 4.27 28.49
N ASN K 3867 75.94 5.03 29.32
CA ASN K 3867 74.51 4.85 29.46
C ASN K 3867 73.75 5.30 28.22
N ARG K 3868 74.36 6.12 27.37
CA ARG K 3868 73.76 6.46 26.09
C ARG K 3868 74.02 5.40 25.02
N GLN K 3869 75.02 4.54 25.23
CA GLN K 3869 75.26 3.45 24.28
C GLN K 3869 74.14 2.42 24.34
N ASN K 3870 73.81 1.96 25.54
CA ASN K 3870 72.59 1.18 25.71
C ASN K 3870 71.36 2.05 25.47
N GLY K 3871 71.34 3.23 26.08
CA GLY K 3871 70.23 4.16 25.89
C GLY K 3871 68.94 3.60 26.47
N GLU K 3872 67.86 3.78 25.71
CA GLU K 3872 66.60 3.13 26.02
C GLU K 3872 66.38 2.01 25.02
N LYS K 3873 66.60 0.77 25.46
CA LYS K 3873 66.30 -0.37 24.61
C LYS K 3873 64.80 -0.52 24.41
N VAL K 3874 64.01 -0.07 25.36
CA VAL K 3874 62.56 -0.05 25.26
C VAL K 3874 62.10 1.25 24.62
N MET K 3875 61.40 1.13 23.49
CA MET K 3875 60.80 2.24 22.74
C MET K 3875 61.83 3.30 22.37
N ALA K 3876 62.90 2.87 21.70
CA ALA K 3876 63.80 3.82 21.06
C ALA K 3876 63.22 4.33 19.74
N ASP K 3877 62.11 3.76 19.31
CA ASP K 3877 61.36 4.14 18.12
C ASP K 3877 60.47 5.35 18.37
N ASP K 3878 60.52 5.91 19.58
CA ASP K 3878 59.53 6.83 20.10
C ASP K 3878 59.41 8.12 19.30
N GLU K 3879 60.50 8.88 19.19
CA GLU K 3879 60.44 10.20 18.59
C GLU K 3879 60.21 10.11 17.09
N PHE K 3880 60.61 8.99 16.49
CA PHE K 3880 60.31 8.81 15.08
C PHE K 3880 58.83 8.52 14.87
N THR K 3881 58.26 7.57 15.61
CA THR K 3881 56.88 7.21 15.39
C THR K 3881 55.92 8.30 15.86
N GLN K 3882 56.35 9.18 16.75
CA GLN K 3882 55.59 10.38 17.04
C GLN K 3882 55.66 11.35 15.89
N ASP K 3883 56.80 11.38 15.20
CA ASP K 3883 57.00 12.37 14.16
C ASP K 3883 56.20 12.04 12.92
N LEU K 3884 55.90 10.77 12.69
CA LEU K 3884 55.14 10.40 11.51
C LEU K 3884 53.68 10.79 11.64
N PHE K 3885 53.09 10.53 12.81
CA PHE K 3885 51.74 10.98 13.06
C PHE K 3885 51.63 12.49 13.12
N ARG K 3886 52.67 13.16 13.63
CA ARG K 3886 52.71 14.62 13.58
C ARG K 3886 52.79 15.11 12.15
N PHE K 3887 53.51 14.41 11.28
CA PHE K 3887 53.39 14.66 9.86
C PHE K 3887 51.99 14.32 9.37
N LEU K 3888 51.46 13.18 9.79
CA LEU K 3888 50.15 12.75 9.33
C LEU K 3888 49.02 13.64 9.82
N GLN K 3889 49.18 14.26 10.99
CA GLN K 3889 48.20 15.23 11.45
C GLN K 3889 48.19 16.44 10.54
N LEU K 3890 49.37 16.85 10.06
CA LEU K 3890 49.48 18.10 9.31
C LEU K 3890 49.08 17.98 7.86
N LEU K 3891 48.53 16.84 7.43
CA LEU K 3891 48.05 16.77 6.06
C LEU K 3891 46.59 17.19 5.95
N CYS K 3892 45.86 17.19 7.05
CA CYS K 3892 44.49 17.67 7.07
C CYS K 3892 44.28 18.69 8.18
N GLU K 3893 45.23 19.60 8.34
CA GLU K 3893 45.12 20.60 9.40
C GLU K 3893 44.10 21.66 9.08
N GLY K 3894 44.06 22.13 7.84
CA GLY K 3894 43.06 23.10 7.44
C GLY K 3894 41.72 22.51 7.06
N HIS K 3895 41.48 21.27 7.50
CA HIS K 3895 40.23 20.53 7.29
C HIS K 3895 39.94 20.36 5.80
N ASN K 3896 41.00 20.11 5.05
CA ASN K 3896 40.92 19.97 3.60
C ASN K 3896 40.18 18.69 3.26
N ASN K 3897 38.91 18.83 2.90
CA ASN K 3897 37.97 17.72 2.88
C ASN K 3897 38.30 16.67 1.83
N ASP K 3898 39.04 17.05 0.79
CA ASP K 3898 39.50 16.07 -0.18
C ASP K 3898 40.46 15.04 0.40
N PHE K 3899 41.37 15.45 1.30
CA PHE K 3899 42.25 14.47 1.95
C PHE K 3899 41.48 13.59 2.92
N GLN K 3900 40.40 14.11 3.51
CA GLN K 3900 39.47 13.27 4.24
C GLN K 3900 38.81 12.22 3.35
N ASN K 3901 38.68 12.48 2.06
CA ASN K 3901 38.21 11.43 1.17
C ASN K 3901 39.34 10.82 0.37
N TYR K 3902 40.57 11.28 0.57
CA TYR K 3902 41.69 10.62 -0.09
C TYR K 3902 42.36 9.61 0.82
N LEU K 3903 42.49 9.94 2.10
CA LEU K 3903 43.23 9.09 3.02
C LEU K 3903 42.47 7.84 3.41
N ARG K 3904 41.20 7.73 3.04
CA ARG K 3904 40.53 6.45 3.21
C ARG K 3904 40.27 5.79 1.88
N THR K 3905 40.36 6.54 0.78
CA THR K 3905 40.12 5.99 -0.55
C THR K 3905 40.97 6.72 -1.55
N GLN K 3906 41.89 6.00 -2.17
CA GLN K 3906 42.67 6.53 -3.29
C GLN K 3906 41.91 6.12 -4.54
N THR K 3907 40.81 6.81 -4.81
CA THR K 3907 39.86 6.37 -5.83
C THR K 3907 40.41 6.43 -7.25
N GLY K 3908 41.40 7.27 -7.52
CA GLY K 3908 42.02 7.28 -8.83
C GLY K 3908 42.94 6.09 -9.00
N ASN K 3909 43.50 5.62 -7.89
CA ASN K 3909 44.46 4.55 -7.89
C ASN K 3909 43.77 3.20 -8.12
N THR K 3910 44.57 2.16 -8.24
CA THR K 3910 44.02 0.82 -8.39
C THR K 3910 43.65 0.21 -7.06
N THR K 3911 44.40 0.52 -6.01
CA THR K 3911 44.32 -0.20 -4.75
C THR K 3911 44.28 0.79 -3.60
N THR K 3912 43.17 0.81 -2.86
CA THR K 3912 43.05 1.64 -1.68
C THR K 3912 43.83 1.02 -0.53
N ILE K 3913 44.18 1.87 0.44
CA ILE K 3913 44.89 1.42 1.63
C ILE K 3913 44.10 1.73 2.90
N ASN K 3914 43.45 2.90 2.94
CA ASN K 3914 42.63 3.37 4.07
C ASN K 3914 43.47 3.45 5.34
N ILE K 3915 44.40 4.41 5.31
CA ILE K 3915 45.29 4.72 6.43
C ILE K 3915 44.53 5.04 7.70
N ILE K 3916 43.34 5.62 7.55
CA ILE K 3916 42.43 5.87 8.67
C ILE K 3916 42.16 4.59 9.44
N ILE K 3917 41.89 3.50 8.74
CA ILE K 3917 41.77 2.21 9.41
C ILE K 3917 43.13 1.76 9.95
N CYS K 3918 44.20 2.01 9.19
CA CYS K 3918 45.53 1.66 9.65
C CYS K 3918 45.97 2.49 10.84
N THR K 3919 45.40 3.69 11.02
CA THR K 3919 45.70 4.47 12.21
C THR K 3919 45.00 3.88 13.42
N VAL K 3920 43.83 3.29 13.22
CA VAL K 3920 43.13 2.64 14.31
C VAL K 3920 43.90 1.42 14.81
N ASP K 3921 44.50 0.67 13.89
CA ASP K 3921 45.08 -0.60 14.28
C ASP K 3921 46.39 -0.43 15.03
N TYR K 3922 47.10 0.67 14.80
CA TYR K 3922 48.24 0.94 15.66
C TYR K 3922 47.77 1.32 17.05
N LEU K 3923 46.66 2.05 17.13
CA LEU K 3923 46.13 2.50 18.40
C LEU K 3923 45.71 1.34 19.28
N LEU K 3924 45.10 0.31 18.68
CA LEU K 3924 44.74 -0.88 19.43
C LEU K 3924 45.98 -1.63 19.92
N ARG K 3925 46.99 -1.73 19.08
CA ARG K 3925 48.25 -2.33 19.50
C ARG K 3925 48.92 -1.49 20.57
N LEU K 3926 48.72 -0.18 20.54
CA LEU K 3926 49.16 0.64 21.65
C LEU K 3926 48.31 0.40 22.87
N GLN K 3927 47.03 0.07 22.68
CA GLN K 3927 46.08 0.05 23.78
C GLN K 3927 46.33 -1.13 24.71
N GLU K 3928 46.56 -2.32 24.16
CA GLU K 3928 46.92 -3.43 25.02
C GLU K 3928 48.30 -3.25 25.61
N SER K 3929 49.20 -2.61 24.89
CA SER K 3929 50.57 -2.46 25.33
C SER K 3929 50.69 -1.50 26.51
N ILE K 3930 49.79 -0.52 26.58
CA ILE K 3930 49.81 0.33 27.75
C ILE K 3930 49.04 -0.33 28.88
N SER K 3931 48.05 -1.17 28.56
CA SER K 3931 47.23 -1.77 29.60
C SER K 3931 47.99 -2.84 30.35
N ASP K 3932 48.84 -3.60 29.64
CA ASP K 3932 49.63 -4.61 30.33
C ASP K 3932 50.76 -3.98 31.11
N PHE K 3933 51.13 -2.75 30.78
CA PHE K 3933 52.07 -2.05 31.64
C PHE K 3933 51.41 -1.65 32.95
N TYR K 3934 50.09 -1.51 32.95
CA TYR K 3934 49.39 -1.25 34.20
C TYR K 3934 49.38 -2.49 35.09
N TRP K 3935 49.18 -3.66 34.49
CA TRP K 3935 49.05 -4.88 35.28
C TRP K 3935 50.36 -5.30 35.91
N TYR K 3936 51.50 -4.91 35.34
CA TYR K 3936 52.77 -5.15 36.01
C TYR K 3936 52.89 -4.29 37.25
N TYR K 3937 52.39 -3.06 37.17
CA TYR K 3937 52.53 -2.11 38.27
C TYR K 3937 51.31 -2.09 39.16
N SER K 3938 50.29 -2.88 38.85
CA SER K 3938 49.10 -2.92 39.68
C SER K 3938 49.33 -3.59 41.02
N GLY K 3939 50.41 -4.36 41.16
CA GLY K 3939 50.74 -4.95 42.43
C GLY K 3939 51.72 -4.09 43.22
N LYS K 3940 52.58 -3.37 42.52
CA LYS K 3940 53.55 -2.52 43.19
C LYS K 3940 52.85 -1.31 43.80
N ASP K 3941 53.50 -0.73 44.82
CA ASP K 3941 52.92 0.41 45.50
C ASP K 3941 53.45 1.71 44.94
N VAL K 3942 54.75 1.91 45.00
CA VAL K 3942 55.38 3.13 44.52
C VAL K 3942 55.95 2.88 43.13
N ILE K 3943 56.26 3.95 42.43
CA ILE K 3943 56.84 3.89 41.09
C ILE K 3943 58.21 4.55 41.15
N GLU K 3944 59.21 3.88 40.61
CA GLU K 3944 60.56 4.41 40.58
C GLU K 3944 60.73 5.38 39.41
N GLU K 3945 61.97 5.85 39.21
CA GLU K 3945 62.24 6.87 38.21
C GLU K 3945 62.11 6.36 36.78
N GLN K 3946 62.62 5.16 36.50
CA GLN K 3946 62.61 4.68 35.13
C GLN K 3946 61.24 4.18 34.72
N GLY K 3947 60.38 3.86 35.69
CA GLY K 3947 59.03 3.41 35.38
C GLY K 3947 58.17 4.50 34.80
N LYS K 3948 58.38 5.72 35.27
CA LYS K 3948 57.61 6.85 34.77
C LYS K 3948 58.11 7.34 33.42
N ARG K 3949 59.43 7.31 33.19
CA ARG K 3949 60.01 7.78 31.95
C ARG K 3949 59.51 6.95 30.76
N ASN K 3950 59.35 5.66 30.97
CA ASN K 3950 58.66 4.81 30.03
C ASN K 3950 57.21 5.22 29.85
N PHE K 3951 56.54 5.53 30.93
CA PHE K 3951 55.12 5.79 30.83
C PHE K 3951 54.87 7.22 30.38
N SER K 3952 55.84 8.10 30.60
CA SER K 3952 55.79 9.42 29.99
C SER K 3952 55.92 9.34 28.48
N LYS K 3953 56.67 8.37 27.99
CA LYS K 3953 56.88 8.23 26.56
C LYS K 3953 55.61 7.81 25.85
N ALA K 3954 54.93 6.77 26.37
CA ALA K 3954 53.83 6.15 25.66
C ALA K 3954 52.59 7.04 25.59
N MET K 3955 52.41 7.94 26.55
CA MET K 3955 51.26 8.82 26.44
C MET K 3955 51.56 10.03 25.58
N SER K 3956 52.83 10.45 25.52
CA SER K 3956 53.20 11.54 24.64
C SER K 3956 53.02 11.15 23.18
N VAL K 3957 53.17 9.86 22.86
CA VAL K 3957 52.86 9.45 21.50
C VAL K 3957 51.38 9.16 21.38
N ALA K 3958 50.69 8.95 22.50
CA ALA K 3958 49.26 8.72 22.44
C ALA K 3958 48.52 10.02 22.21
N LYS K 3959 48.98 11.11 22.81
CA LYS K 3959 48.36 12.41 22.57
C LYS K 3959 48.59 12.86 21.15
N GLN K 3960 49.71 12.47 20.57
CA GLN K 3960 49.97 12.76 19.16
C GLN K 3960 48.99 12.03 18.26
N VAL K 3961 48.64 10.79 18.61
CA VAL K 3961 47.85 10.03 17.66
C VAL K 3961 46.36 10.31 17.83
N PHE K 3962 45.90 10.69 19.03
CA PHE K 3962 44.52 11.14 19.14
C PHE K 3962 44.32 12.47 18.43
N ASN K 3963 45.29 13.38 18.58
CA ASN K 3963 45.27 14.60 17.79
C ASN K 3963 45.34 14.32 16.31
N SER K 3964 46.11 13.31 15.91
CA SER K 3964 46.14 12.97 14.49
C SER K 3964 44.88 12.22 14.09
N LEU K 3965 44.22 11.58 15.04
CA LEU K 3965 42.91 11.00 14.73
C LEU K 3965 41.87 12.07 14.47
N THR K 3966 41.79 13.08 15.32
CA THR K 3966 40.65 13.98 15.26
C THR K 3966 40.73 14.91 14.06
N GLU K 3967 41.92 15.12 13.50
CA GLU K 3967 42.01 15.91 12.28
C GLU K 3967 41.53 15.15 11.06
N TYR K 3968 41.29 13.84 11.19
CA TYR K 3968 40.55 13.14 10.15
C TYR K 3968 39.06 13.40 10.26
N ILE K 3969 38.60 13.88 11.41
CA ILE K 3969 37.17 14.06 11.65
C ILE K 3969 36.82 15.43 12.21
N GLN K 3970 37.77 16.36 12.33
CA GLN K 3970 37.40 17.71 12.76
C GLN K 3970 36.47 18.38 11.76
N GLY K 3971 36.74 18.25 10.48
CA GLY K 3971 35.76 18.58 9.49
C GLY K 3971 34.59 17.64 9.60
N PRO K 3972 33.39 18.11 9.30
CA PRO K 3972 32.21 17.24 9.40
C PRO K 3972 32.05 16.32 8.21
N CYS K 3973 33.08 15.53 7.91
CA CYS K 3973 33.05 14.58 6.81
C CYS K 3973 32.52 13.26 7.33
N THR K 3974 31.44 12.78 6.74
CA THR K 3974 30.83 11.55 7.19
C THR K 3974 31.67 10.32 6.89
N GLY K 3975 32.43 10.36 5.79
CA GLY K 3975 33.11 9.16 5.31
C GLY K 3975 34.19 8.68 6.25
N ASN K 3976 34.78 9.59 7.03
CA ASN K 3976 35.61 9.15 8.14
C ASN K 3976 34.79 8.76 9.33
N GLN K 3977 33.68 9.46 9.58
CA GLN K 3977 32.91 9.19 10.78
C GLN K 3977 32.05 7.94 10.63
N GLN K 3978 31.90 7.45 9.41
CA GLN K 3978 31.35 6.11 9.24
C GLN K 3978 32.39 5.03 9.50
N SER K 3979 33.61 5.21 9.00
CA SER K 3979 34.64 4.20 9.15
C SER K 3979 35.11 4.09 10.59
N LEU K 3980 35.11 5.20 11.32
CA LEU K 3980 35.42 5.13 12.73
C LEU K 3980 34.28 4.49 13.51
N ALA K 3981 33.07 4.49 12.95
CA ALA K 3981 31.93 3.90 13.64
C ALA K 3981 31.83 2.41 13.41
N HIS K 3982 32.75 1.82 12.64
CA HIS K 3982 32.67 0.41 12.31
C HIS K 3982 33.92 -0.37 12.62
N SER K 3983 34.96 0.28 13.13
CA SER K 3983 36.15 -0.45 13.55
C SER K 3983 35.97 -0.90 14.99
N ARG K 3984 37.07 -1.29 15.63
CA ARG K 3984 37.08 -1.60 17.05
C ARG K 3984 37.49 -0.38 17.87
N LEU K 3985 37.18 0.81 17.34
CA LEU K 3985 37.57 2.06 17.98
C LEU K 3985 36.94 2.23 19.34
N TRP K 3986 35.67 1.84 19.48
CA TRP K 3986 35.05 1.79 20.79
C TRP K 3986 35.76 0.81 21.71
N ASP K 3987 36.11 -0.36 21.17
CA ASP K 3987 36.86 -1.33 21.95
C ASP K 3987 38.26 -0.86 22.23
N ALA K 3988 38.80 0.05 21.42
CA ALA K 3988 40.02 0.74 21.81
C ALA K 3988 39.74 1.71 22.94
N VAL K 3989 38.65 2.47 22.83
CA VAL K 3989 38.28 3.46 23.82
C VAL K 3989 37.96 2.82 25.16
N VAL K 3990 37.26 1.67 25.13
CA VAL K 3990 36.90 0.95 26.35
C VAL K 3990 38.16 0.55 27.12
N GLY K 3991 39.17 0.08 26.41
CA GLY K 3991 40.44 -0.21 27.05
C GLY K 3991 41.12 1.03 27.58
N PHE K 3992 40.99 2.16 26.88
CA PHE K 3992 41.50 3.40 27.43
C PHE K 3992 40.66 3.87 28.60
N LEU K 3993 39.36 3.57 28.59
CA LEU K 3993 38.53 3.90 29.74
C LEU K 3993 38.92 3.08 30.95
N HIS K 3994 39.33 1.84 30.76
CA HIS K 3994 39.65 1.01 31.92
C HIS K 3994 41.02 1.36 32.48
N VAL K 3995 41.96 1.79 31.64
CA VAL K 3995 43.26 2.16 32.18
C VAL K 3995 43.19 3.52 32.87
N PHE K 3996 42.25 4.39 32.48
CA PHE K 3996 42.21 5.71 33.07
C PHE K 3996 41.62 5.69 34.47
N ALA K 3997 40.58 4.89 34.67
CA ALA K 3997 39.94 4.83 35.99
C ALA K 3997 40.82 4.16 37.03
N HIS K 3998 41.80 3.37 36.60
CA HIS K 3998 42.62 2.68 37.58
C HIS K 3998 43.99 3.31 37.75
N MET K 3999 44.47 4.04 36.75
CA MET K 3999 45.78 4.68 36.90
C MET K 3999 45.73 5.82 37.89
N MET K 4000 44.70 6.67 37.82
CA MET K 4000 44.58 7.79 38.73
C MET K 4000 44.43 7.37 40.17
N MET K 4001 43.48 6.48 40.44
CA MET K 4001 43.18 6.03 41.78
C MET K 4001 44.30 5.21 42.40
N LYS K 4002 45.27 4.76 41.60
CA LYS K 4002 46.56 4.37 42.14
C LYS K 4002 47.53 5.53 42.23
N LEU K 4003 47.54 6.41 41.24
CA LEU K 4003 48.52 7.50 41.25
C LEU K 4003 48.15 8.64 42.18
N ALA K 4004 46.97 8.61 42.80
CA ALA K 4004 46.57 9.69 43.69
C ALA K 4004 47.15 9.55 45.09
N GLN K 4005 48.13 8.68 45.31
CA GLN K 4005 48.57 8.37 46.66
C GLN K 4005 49.99 8.81 46.94
N ASP K 4006 50.50 9.81 46.22
CA ASP K 4006 51.80 10.38 46.55
C ASP K 4006 51.88 11.79 46.00
N SER K 4007 52.75 12.58 46.63
CA SER K 4007 53.17 13.85 46.08
C SER K 4007 54.16 13.72 44.94
N SER K 4008 55.00 12.68 44.96
CA SER K 4008 55.99 12.47 43.91
C SER K 4008 55.44 11.73 42.71
N GLN K 4009 54.12 11.58 42.61
CA GLN K 4009 53.47 10.99 41.45
C GLN K 4009 52.66 12.00 40.65
N ILE K 4010 52.75 13.27 41.02
CA ILE K 4010 51.82 14.24 40.45
C ILE K 4010 52.29 14.71 39.08
N GLU K 4011 53.58 14.58 38.77
CA GLU K 4011 54.09 14.98 37.47
C GLU K 4011 53.51 14.13 36.37
N LEU K 4012 53.30 12.84 36.65
CA LEU K 4012 52.73 11.95 35.66
C LEU K 4012 51.24 12.16 35.48
N LEU K 4013 50.53 12.52 36.55
CA LEU K 4013 49.08 12.50 36.48
C LEU K 4013 48.53 13.68 35.71
N LYS K 4014 49.23 14.82 35.71
CA LYS K 4014 48.82 15.96 34.89
C LYS K 4014 48.85 15.60 33.42
N GLU K 4015 49.78 14.75 33.02
CA GLU K 4015 49.86 14.31 31.64
C GLU K 4015 48.68 13.42 31.28
N LEU K 4016 48.20 12.64 32.24
CA LEU K 4016 47.11 11.72 31.97
C LEU K 4016 45.79 12.45 31.76
N LEU K 4017 45.56 13.52 32.53
CA LEU K 4017 44.34 14.30 32.37
C LEU K 4017 44.32 15.02 31.04
N ASP K 4018 45.47 15.53 30.60
CA ASP K 4018 45.55 16.18 29.30
C ASP K 4018 45.39 15.19 28.16
N LEU K 4019 45.67 13.91 28.41
CA LEU K 4019 45.47 12.91 27.38
C LEU K 4019 43.98 12.65 27.16
N GLN K 4020 43.25 12.39 28.23
CA GLN K 4020 41.83 12.08 28.09
C GLN K 4020 40.98 13.30 27.79
N LYS K 4021 41.52 14.50 28.05
CA LYS K 4021 40.92 15.69 27.47
C LYS K 4021 40.95 15.62 25.96
N ASP K 4022 42.07 15.20 25.40
CA ASP K 4022 42.17 15.08 23.95
C ASP K 4022 41.42 13.89 23.42
N MET K 4023 41.13 12.90 24.26
CA MET K 4023 40.32 11.78 23.79
C MET K 4023 38.87 12.16 23.67
N VAL K 4024 38.33 12.88 24.64
CA VAL K 4024 36.90 13.17 24.60
C VAL K 4024 36.60 14.27 23.59
N VAL K 4025 37.60 15.08 23.23
CA VAL K 4025 37.35 16.05 22.18
C VAL K 4025 37.35 15.35 20.83
N MET K 4026 37.98 14.19 20.74
CA MET K 4026 37.82 13.35 19.55
C MET K 4026 36.40 12.78 19.49
N LEU K 4027 35.86 12.41 20.64
CA LEU K 4027 34.48 11.97 20.71
C LEU K 4027 33.51 13.07 20.35
N LEU K 4028 33.80 14.30 20.78
CA LEU K 4028 32.96 15.44 20.42
C LEU K 4028 33.05 15.73 18.93
N SER K 4029 34.25 15.76 18.38
CA SER K 4029 34.39 15.95 16.94
C SER K 4029 33.91 14.76 16.15
N LEU K 4030 33.83 13.58 16.76
CA LEU K 4030 33.11 12.49 16.11
C LEU K 4030 31.61 12.75 16.15
N LEU K 4031 31.12 13.35 17.23
CA LEU K 4031 29.70 13.62 17.39
C LEU K 4031 29.28 14.98 16.85
N GLU K 4032 30.02 15.54 15.91
CA GLU K 4032 29.56 16.74 15.23
C GLU K 4032 28.93 16.34 13.91
N GLY K 4033 28.03 17.17 13.42
CA GLY K 4033 27.19 16.76 12.31
C GLY K 4033 26.21 15.71 12.75
N ASN K 4034 25.86 15.68 14.04
CA ASN K 4034 25.08 14.62 14.62
C ASN K 4034 23.60 14.95 14.54
N VAL K 4035 22.80 13.95 14.23
CA VAL K 4035 21.36 14.08 14.28
C VAL K 4035 20.92 13.81 15.72
N VAL K 4036 19.70 14.22 16.06
CA VAL K 4036 19.09 13.98 17.37
C VAL K 4036 19.08 12.51 17.77
N ASN K 4037 18.61 11.62 16.90
CA ASN K 4037 18.57 10.19 17.19
C ASN K 4037 19.32 9.49 16.06
N GLY K 4038 20.63 9.42 16.21
CA GLY K 4038 21.49 8.77 15.25
C GLY K 4038 22.30 7.66 15.91
N MET K 4039 22.71 6.69 15.11
CA MET K 4039 23.39 5.52 15.63
C MET K 4039 24.76 5.83 16.23
N ILE K 4040 25.41 6.91 15.77
CA ILE K 4040 26.65 7.36 16.39
C ILE K 4040 26.41 7.78 17.83
N ALA K 4041 25.27 8.44 18.08
CA ALA K 4041 24.90 8.76 19.45
C ALA K 4041 24.54 7.51 20.23
N ARG K 4042 23.93 6.54 19.57
CA ARG K 4042 23.54 5.33 20.28
C ARG K 4042 24.72 4.38 20.47
N GLN K 4043 25.69 4.38 19.55
CA GLN K 4043 26.90 3.64 19.82
C GLN K 4043 27.79 4.33 20.85
N MET K 4044 27.56 5.61 21.09
CA MET K 4044 28.34 6.30 22.11
C MET K 4044 27.86 5.93 23.51
N VAL K 4045 26.55 5.70 23.67
CA VAL K 4045 26.02 5.58 25.03
C VAL K 4045 26.19 4.15 25.56
N ASP K 4046 25.97 3.13 24.72
CA ASP K 4046 26.15 1.77 25.21
C ASP K 4046 27.60 1.41 25.43
N MET K 4047 28.51 2.01 24.65
CA MET K 4047 29.93 1.90 24.93
C MET K 4047 30.26 2.50 26.29
N LEU K 4048 29.56 3.56 26.68
CA LEU K 4048 29.71 4.07 28.02
C LEU K 4048 29.11 3.13 29.07
N VAL K 4049 28.07 2.36 28.70
CA VAL K 4049 27.50 1.42 29.67
C VAL K 4049 28.08 0.02 29.53
N GLU K 4050 28.73 -0.30 28.41
CA GLU K 4050 29.59 -1.47 28.38
C GLU K 4050 30.85 -1.21 29.21
N SER K 4051 31.18 0.04 29.46
CA SER K 4051 32.28 0.46 30.31
C SER K 4051 31.73 1.20 31.51
N SER K 4052 30.76 0.60 32.18
CA SER K 4052 30.11 1.24 33.31
C SER K 4052 31.04 1.39 34.50
N SER K 4053 31.47 0.26 35.08
CA SER K 4053 31.97 0.21 36.46
C SER K 4053 33.24 1.03 36.63
N ASN K 4054 34.02 1.16 35.57
CA ASN K 4054 35.11 2.11 35.56
C ASN K 4054 34.66 3.56 35.34
N VAL K 4055 33.64 3.81 34.51
CA VAL K 4055 33.34 5.21 34.19
C VAL K 4055 32.62 5.90 35.34
N GLU K 4056 32.05 5.16 36.30
CA GLU K 4056 31.62 5.85 37.51
C GLU K 4056 32.77 6.08 38.45
N MET K 4057 33.76 5.19 38.44
CA MET K 4057 34.95 5.40 39.25
C MET K 4057 35.73 6.63 38.83
N ILE K 4058 35.72 6.97 37.55
CA ILE K 4058 36.28 8.26 37.17
C ILE K 4058 35.30 9.37 37.48
N LEU K 4059 34.00 9.10 37.40
CA LEU K 4059 33.00 10.10 37.76
C LEU K 4059 32.98 10.37 39.25
N LYS K 4060 33.11 9.34 40.08
CA LYS K 4060 33.16 9.57 41.51
C LYS K 4060 34.46 10.23 41.93
N PHE K 4061 35.53 10.06 41.15
CA PHE K 4061 36.77 10.76 41.45
C PHE K 4061 36.64 12.25 41.19
N PHE K 4062 35.96 12.61 40.10
CA PHE K 4062 35.57 14.00 39.90
C PHE K 4062 34.57 14.48 40.93
N ASP K 4063 33.70 13.61 41.42
CA ASP K 4063 32.66 14.01 42.34
C ASP K 4063 33.21 14.22 43.75
N MET K 4064 34.13 13.37 44.17
CA MET K 4064 34.72 13.52 45.50
C MET K 4064 35.72 14.65 45.58
N PHE K 4065 36.49 14.88 44.52
CA PHE K 4065 37.52 15.91 44.57
C PHE K 4065 36.99 17.29 44.22
N LEU K 4066 35.68 17.44 44.09
CA LEU K 4066 35.06 18.74 43.87
C LEU K 4066 34.30 19.22 45.09
N LYS K 4067 33.62 18.32 45.79
CA LYS K 4067 32.98 18.67 47.05
C LYS K 4067 33.99 18.86 48.18
N LEU K 4068 35.22 18.39 48.00
CA LEU K 4068 36.27 18.58 48.99
C LEU K 4068 36.61 20.06 49.16
N LYS K 4069 36.55 20.84 48.08
CA LYS K 4069 36.80 22.27 48.21
C LYS K 4069 35.61 22.99 48.81
N ASP K 4070 34.39 22.55 48.50
CA ASP K 4070 33.22 23.21 49.05
C ASP K 4070 33.00 22.89 50.53
N ILE K 4071 33.42 21.71 50.97
CA ILE K 4071 33.27 21.35 52.38
C ILE K 4071 34.27 22.11 53.24
N VAL K 4072 35.53 22.21 52.77
CA VAL K 4072 36.57 22.85 53.56
C VAL K 4072 36.38 24.36 53.64
N GLY K 4073 35.54 24.93 52.78
CA GLY K 4073 35.17 26.32 52.91
C GLY K 4073 34.22 26.64 54.04
N SER K 4074 33.63 25.63 54.68
CA SER K 4074 32.73 25.84 55.80
C SER K 4074 33.52 26.09 57.08
N GLU K 4075 32.92 26.89 57.97
CA GLU K 4075 33.59 27.26 59.21
C GLU K 4075 33.50 26.18 60.28
N ALA K 4076 32.73 25.12 60.04
CA ALA K 4076 32.55 24.05 61.03
C ALA K 4076 33.84 23.26 61.23
N PHE K 4077 34.74 23.31 60.26
CA PHE K 4077 35.97 22.53 60.34
C PHE K 4077 37.18 23.41 60.59
N GLN K 4078 37.11 24.69 60.23
CA GLN K 4078 38.06 25.67 60.74
C GLN K 4078 37.90 25.86 62.24
N ASP K 4079 36.71 25.62 62.77
CA ASP K 4079 36.53 25.49 64.20
C ASP K 4079 36.98 24.13 64.71
N TYR K 4080 37.03 23.11 63.85
CA TYR K 4080 37.51 21.81 64.29
C TYR K 4080 39.02 21.75 64.41
N VAL K 4081 39.73 22.68 63.77
CA VAL K 4081 41.17 22.82 63.94
C VAL K 4081 41.42 23.91 64.97
N THR K 4082 42.34 23.63 65.90
CA THR K 4082 42.74 24.61 66.89
C THR K 4082 44.21 25.00 66.74
N ASP K 4083 44.89 24.46 65.73
CA ASP K 4083 46.28 24.82 65.52
C ASP K 4083 46.36 26.22 64.91
N PRO K 4084 47.14 27.13 65.48
CA PRO K 4084 47.32 28.44 64.83
C PRO K 4084 48.14 28.36 63.57
N ARG K 4085 48.96 27.32 63.42
CA ARG K 4085 49.73 27.12 62.19
C ARG K 4085 48.83 26.69 61.03
N GLY K 4086 47.65 26.16 61.32
CA GLY K 4086 46.76 25.64 60.31
C GLY K 4086 46.86 24.15 60.07
N LEU K 4087 47.80 23.49 60.76
CA LEU K 4087 48.09 22.07 60.55
C LEU K 4087 47.01 21.26 61.24
N ILE K 4088 45.93 20.98 60.53
CA ILE K 4088 44.78 20.27 61.10
C ILE K 4088 45.14 18.82 61.35
N SER K 4089 44.70 18.29 62.48
CA SER K 4089 44.96 16.91 62.79
C SER K 4089 44.14 15.97 61.92
N LYS K 4090 44.73 14.83 61.59
CA LYS K 4090 44.14 13.89 60.65
C LYS K 4090 42.86 13.24 61.18
N LYS K 4091 42.91 12.69 62.39
CA LYS K 4091 41.70 12.12 62.98
C LYS K 4091 40.69 13.20 63.33
N ASP K 4092 41.16 14.42 63.61
CA ASP K 4092 40.25 15.54 63.82
C ASP K 4092 39.52 15.89 62.53
N PHE K 4093 40.27 15.98 61.42
CA PHE K 4093 39.63 16.21 60.14
C PHE K 4093 38.96 14.95 59.59
N GLN K 4094 39.25 13.78 60.15
CA GLN K 4094 38.54 12.58 59.75
C GLN K 4094 37.11 12.60 60.27
N LYS K 4095 36.94 12.95 61.54
CA LYS K 4095 35.60 13.10 62.09
C LYS K 4095 34.90 14.34 61.53
N ALA K 4096 35.66 15.30 60.98
CA ALA K 4096 35.05 16.44 60.31
C ALA K 4096 34.29 16.00 59.06
N MET K 4097 34.92 15.20 58.21
CA MET K 4097 34.24 14.64 57.05
C MET K 4097 33.19 13.63 57.46
N ASP K 4098 33.38 12.96 58.61
CA ASP K 4098 32.34 12.09 59.16
C ASP K 4098 31.16 12.86 59.71
N SER K 4099 31.36 14.14 60.05
CA SER K 4099 30.26 14.95 60.55
C SER K 4099 29.28 15.30 59.44
N GLN K 4100 29.78 15.74 58.29
CA GLN K 4100 28.92 15.95 57.13
C GLN K 4100 28.49 14.60 56.57
N LYS K 4101 27.26 14.54 56.08
CA LYS K 4101 26.69 13.30 55.59
C LYS K 4101 26.61 13.23 54.08
N GLN K 4102 27.60 13.74 53.37
CA GLN K 4102 27.61 13.64 51.91
C GLN K 4102 28.61 12.63 51.40
N PHE K 4103 29.79 12.55 52.02
CA PHE K 4103 30.83 11.60 51.63
C PHE K 4103 30.52 10.23 52.21
N THR K 4104 31.41 9.28 51.96
CA THR K 4104 31.20 7.91 52.41
C THR K 4104 32.28 7.50 53.41
N GLY K 4105 32.05 6.35 54.03
CA GLY K 4105 32.99 5.71 54.91
C GLY K 4105 34.36 5.40 54.32
N PRO K 4106 34.43 4.63 53.21
CA PRO K 4106 35.72 4.41 52.56
C PRO K 4106 36.35 5.67 51.96
N GLU K 4107 35.59 6.74 51.79
CA GLU K 4107 36.14 7.93 51.14
C GLU K 4107 37.18 8.62 52.00
N ILE K 4108 36.98 8.67 53.32
CA ILE K 4108 37.85 9.48 54.17
C ILE K 4108 39.22 8.82 54.34
N GLN K 4109 39.27 7.49 54.43
CA GLN K 4109 40.56 6.82 54.43
C GLN K 4109 41.21 6.84 53.06
N PHE K 4110 40.41 6.88 52.00
CA PHE K 4110 40.96 7.17 50.68
C PHE K 4110 41.51 8.59 50.65
N LEU K 4111 40.86 9.52 51.34
CA LEU K 4111 41.34 10.90 51.43
C LEU K 4111 42.46 11.05 52.45
N LEU K 4112 42.42 10.31 53.55
CA LEU K 4112 43.56 10.27 54.47
C LEU K 4112 44.80 9.70 53.84
N SER K 4113 44.65 8.66 53.01
CA SER K 4113 45.79 8.16 52.26
C SER K 4113 46.23 9.14 51.20
N CYS K 4114 45.28 9.92 50.64
CA CYS K 4114 45.65 11.00 49.74
C CYS K 4114 46.35 12.14 50.48
N SER K 4115 46.08 12.30 51.76
CA SER K 4115 46.72 13.34 52.55
C SER K 4115 48.14 12.95 52.92
N GLU K 4116 48.92 13.94 53.31
CA GLU K 4116 50.21 13.67 53.93
C GLU K 4116 50.02 13.45 55.42
N ALA K 4117 50.79 12.52 55.98
CA ALA K 4117 50.62 12.19 57.39
C ALA K 4117 51.19 13.30 58.28
N ASP K 4118 52.52 13.51 58.20
CA ASP K 4118 53.26 14.57 58.89
C ASP K 4118 53.03 14.53 60.41
N GLU K 4119 53.49 13.43 61.01
CA GLU K 4119 53.31 13.10 62.43
C GLU K 4119 51.83 13.02 62.83
N ASN K 4120 50.97 12.68 61.85
CA ASN K 4120 49.55 12.35 62.04
C ASN K 4120 48.73 13.50 62.64
N GLU K 4121 49.24 14.72 62.59
CA GLU K 4121 48.53 15.88 63.08
C GLU K 4121 48.46 17.00 62.06
N MET K 4122 48.80 16.74 60.80
CA MET K 4122 48.97 17.78 59.81
C MET K 4122 48.54 17.22 58.46
N ILE K 4123 47.43 17.75 57.93
CA ILE K 4123 47.03 17.38 56.58
C ILE K 4123 47.08 18.61 55.67
N ASN K 4124 47.04 19.80 56.28
CA ASN K 4124 47.13 21.10 55.59
C ASN K 4124 46.03 21.24 54.53
N PHE K 4125 44.80 21.36 55.04
CA PHE K 4125 43.58 21.34 54.22
C PHE K 4125 43.55 22.42 53.14
N GLU K 4126 44.30 23.51 53.29
CA GLU K 4126 44.29 24.57 52.30
C GLU K 4126 44.95 24.12 51.01
N GLU K 4127 46.19 23.61 51.08
CA GLU K 4127 46.86 23.15 49.87
C GLU K 4127 46.25 21.86 49.34
N PHE K 4128 45.63 21.07 50.22
CA PHE K 4128 44.99 19.83 49.80
C PHE K 4128 43.74 20.08 48.97
N ALA K 4129 43.14 21.26 49.09
CA ALA K 4129 41.93 21.55 48.32
C ALA K 4129 42.26 21.81 46.85
N ASN K 4130 43.21 22.71 46.60
CA ASN K 4130 43.48 23.18 45.25
C ASN K 4130 44.61 22.42 44.56
N ARG K 4131 45.12 21.35 45.18
CA ARG K 4131 46.22 20.61 44.55
C ARG K 4131 45.72 19.85 43.33
N PHE K 4132 44.58 19.18 43.46
CA PHE K 4132 44.05 18.34 42.39
C PHE K 4132 42.82 18.98 41.76
N GLN K 4133 42.81 20.31 41.70
CA GLN K 4133 41.73 21.08 41.09
C GLN K 4133 42.14 21.76 39.80
N GLU K 4134 43.22 22.54 39.86
CA GLU K 4134 43.73 23.21 38.66
C GLU K 4134 44.17 22.25 37.54
N PRO K 4135 44.91 21.15 37.78
CA PRO K 4135 45.14 20.22 36.68
C PRO K 4135 43.90 19.49 36.22
N ALA K 4136 42.91 19.29 37.09
CA ALA K 4136 41.70 18.58 36.73
C ALA K 4136 40.61 19.52 36.22
N ARG K 4137 40.99 20.76 35.89
CA ARG K 4137 39.99 21.80 35.67
C ARG K 4137 39.26 21.61 34.35
N ASP K 4138 40.02 21.63 33.25
CA ASP K 4138 39.42 21.62 31.91
C ASP K 4138 38.78 20.28 31.59
N ILE K 4139 39.38 19.20 32.08
CA ILE K 4139 38.87 17.88 31.77
C ILE K 4139 37.54 17.63 32.47
N GLY K 4140 37.40 18.09 33.71
CA GLY K 4140 36.13 17.97 34.41
C GLY K 4140 35.03 18.78 33.77
N PHE K 4141 35.39 19.90 33.15
CA PHE K 4141 34.42 20.61 32.32
C PHE K 4141 34.11 19.83 31.07
N ASN K 4142 35.13 19.29 30.41
CA ASN K 4142 34.98 18.61 29.14
C ASN K 4142 34.16 17.34 29.23
N VAL K 4143 34.26 16.60 30.33
CA VAL K 4143 33.44 15.40 30.45
C VAL K 4143 32.00 15.78 30.70
N ALA K 4144 31.74 16.93 31.30
CA ALA K 4144 30.37 17.37 31.50
C ALA K 4144 29.74 17.83 30.21
N VAL K 4145 30.55 18.28 29.26
CA VAL K 4145 30.05 18.66 27.95
C VAL K 4145 29.51 17.45 27.22
N LEU K 4146 30.29 16.37 27.18
CA LEU K 4146 29.89 15.17 26.46
C LEU K 4146 28.67 14.51 27.08
N LEU K 4147 28.60 14.51 28.41
CA LEU K 4147 27.42 13.99 29.09
C LEU K 4147 26.20 14.85 28.80
N THR K 4148 26.35 16.18 28.82
CA THR K 4148 25.18 17.00 28.56
C THR K 4148 24.90 17.13 27.07
N ASN K 4149 25.86 16.80 26.21
CA ASN K 4149 25.56 16.82 24.78
C ASN K 4149 24.69 15.65 24.39
N LEU K 4150 25.08 14.45 24.82
CA LEU K 4150 24.38 13.23 24.44
C LEU K 4150 23.00 13.16 25.09
N SER K 4151 22.90 13.60 26.36
CA SER K 4151 21.61 13.64 27.02
C SER K 4151 20.68 14.64 26.36
N GLU K 4152 21.24 15.76 25.88
CA GLU K 4152 20.45 16.66 25.05
C GLU K 4152 20.23 16.12 23.65
N HIS K 4153 21.08 15.21 23.18
CA HIS K 4153 20.88 14.70 21.83
C HIS K 4153 19.83 13.60 21.79
N VAL K 4154 20.07 12.48 22.45
CA VAL K 4154 19.08 11.42 22.49
C VAL K 4154 18.26 11.59 23.76
N PRO K 4155 16.95 11.48 23.69
CA PRO K 4155 16.14 11.44 24.91
C PRO K 4155 15.84 10.01 25.33
N HIS K 4156 15.29 9.86 26.54
CA HIS K 4156 14.79 8.59 27.07
C HIS K 4156 15.89 7.51 27.15
N ASP K 4157 16.96 7.84 27.88
CA ASP K 4157 18.00 6.88 28.20
C ASP K 4157 18.18 6.90 29.71
N PRO K 4158 17.65 5.92 30.44
CA PRO K 4158 17.73 5.98 31.90
C PRO K 4158 19.13 5.75 32.44
N ARG K 4159 19.99 5.11 31.66
CA ARG K 4159 21.41 5.02 32.00
C ARG K 4159 22.06 6.39 32.01
N LEU K 4160 21.75 7.22 31.02
CA LEU K 4160 22.14 8.62 31.06
C LEU K 4160 21.49 9.33 32.23
N ARG K 4161 20.22 9.04 32.50
CA ARG K 4161 19.57 9.56 33.70
C ARG K 4161 20.24 9.04 34.96
N ASN K 4162 20.75 7.82 34.95
CA ASN K 4162 21.62 7.38 36.03
C ASN K 4162 22.94 8.13 36.02
N PHE K 4163 23.47 8.44 34.84
CA PHE K 4163 24.75 9.12 34.75
C PHE K 4163 24.70 10.56 35.22
N LEU K 4164 23.67 11.31 34.79
CA LEU K 4164 23.57 12.73 35.08
C LEU K 4164 23.43 13.02 36.57
N GLU K 4165 22.66 12.20 37.29
CA GLU K 4165 22.58 12.38 38.73
C GLU K 4165 23.87 11.97 39.43
N LEU K 4166 24.61 11.03 38.83
CA LEU K 4166 25.87 10.62 39.42
C LEU K 4166 26.95 11.67 39.27
N ALA K 4167 26.81 12.57 38.30
CA ALA K 4167 27.78 13.61 38.03
C ALA K 4167 27.14 14.97 38.17
N GLU K 4168 26.37 15.16 39.24
CA GLU K 4168 25.65 16.40 39.42
C GLU K 4168 26.57 17.54 39.83
N SER K 4169 27.59 17.26 40.65
CA SER K 4169 28.42 18.33 41.17
C SER K 4169 29.34 18.89 40.11
N ILE K 4170 29.80 18.04 39.18
CA ILE K 4170 30.60 18.54 38.06
C ILE K 4170 29.74 19.27 37.05
N LEU K 4171 28.43 19.09 37.09
CA LEU K 4171 27.57 19.89 36.22
C LEU K 4171 27.43 21.31 36.75
N GLU K 4172 27.16 21.45 38.05
CA GLU K 4172 26.87 22.77 38.57
C GLU K 4172 28.13 23.59 38.83
N TYR K 4173 29.27 22.93 39.00
CA TYR K 4173 30.51 23.70 39.03
C TYR K 4173 30.90 24.14 37.64
N PHE K 4174 30.39 23.46 36.61
CA PHE K 4174 30.74 23.77 35.23
C PHE K 4174 29.53 24.12 34.38
N ARG K 4175 28.41 24.49 35.01
CA ARG K 4175 27.34 25.17 34.28
C ARG K 4175 27.53 26.68 34.09
N PRO K 4176 28.01 27.48 35.07
CA PRO K 4176 28.25 28.90 34.77
C PRO K 4176 29.38 29.14 33.77
N TYR K 4177 30.46 28.37 33.85
CA TYR K 4177 31.55 28.56 32.91
C TYR K 4177 31.23 28.03 31.53
N LEU K 4178 30.27 27.12 31.42
CA LEU K 4178 29.80 26.65 30.12
C LEU K 4178 28.96 27.74 29.48
N GLY K 4179 28.87 27.71 28.17
CA GLY K 4179 27.85 28.45 27.47
C GLY K 4179 27.32 27.64 26.31
N ARG K 4180 26.02 27.67 26.10
CA ARG K 4180 25.40 27.02 24.95
C ARG K 4180 25.12 28.07 23.88
N ILE K 4181 25.00 27.61 22.64
CA ILE K 4181 24.62 28.46 21.52
C ILE K 4181 24.11 27.55 20.42
N GLU K 4182 23.33 28.12 19.50
CA GLU K 4182 22.74 27.36 18.42
C GLU K 4182 22.86 28.15 17.12
N ILE K 4183 23.65 27.62 16.20
CA ILE K 4183 23.81 28.22 14.88
C ILE K 4183 23.31 27.23 13.84
N MET K 4184 22.95 27.75 12.69
CA MET K 4184 22.47 26.92 11.59
C MET K 4184 23.43 27.09 10.42
N GLY K 4185 24.24 26.07 10.20
CA GLY K 4185 25.03 25.97 8.99
C GLY K 4185 25.02 24.54 8.51
N ALA K 4186 25.87 24.27 7.52
CA ALA K 4186 26.12 22.94 6.97
C ALA K 4186 24.83 22.29 6.47
N SER K 4187 24.29 22.93 5.43
CA SER K 4187 23.11 22.46 4.68
C SER K 4187 21.86 22.37 5.55
N ARG K 4188 21.46 23.53 6.09
CA ARG K 4188 20.14 23.76 6.68
C ARG K 4188 19.84 22.87 7.88
N ARG K 4189 20.66 22.92 8.91
CA ARG K 4189 20.39 22.23 10.16
C ARG K 4189 20.98 23.05 11.30
N ILE K 4190 20.23 23.21 12.36
CA ILE K 4190 20.73 23.89 13.54
C ILE K 4190 21.22 22.85 14.54
N GLU K 4191 22.30 23.16 15.23
CA GLU K 4191 22.88 22.23 16.18
C GLU K 4191 23.50 22.99 17.33
N ARG K 4192 23.45 22.37 18.50
CA ARG K 4192 23.95 22.97 19.72
C ARG K 4192 25.47 23.00 19.69
N ILE K 4193 26.05 24.17 19.87
CA ILE K 4193 27.49 24.32 19.93
C ILE K 4193 27.84 24.72 21.34
N TYR K 4194 28.97 24.24 21.84
CA TYR K 4194 29.32 24.39 23.24
C TYR K 4194 30.73 24.93 23.33
N PHE K 4195 31.07 25.56 24.44
CA PHE K 4195 32.33 26.26 24.56
C PHE K 4195 32.63 26.55 26.02
N GLU K 4196 33.83 27.05 26.25
CA GLU K 4196 34.27 27.46 27.57
C GLU K 4196 34.20 28.98 27.65
N ILE K 4197 33.80 29.49 28.81
CA ILE K 4197 33.83 30.91 29.11
C ILE K 4197 34.70 31.09 30.35
N SER K 4198 35.69 31.97 30.24
CA SER K 4198 36.60 32.18 31.36
C SER K 4198 35.90 32.93 32.49
N GLU K 4199 36.58 32.95 33.64
CA GLU K 4199 36.16 33.84 34.71
C GLU K 4199 36.41 35.29 34.33
N THR K 4200 37.43 35.56 33.51
CA THR K 4200 37.78 36.92 33.15
C THR K 4200 36.79 37.52 32.16
N ASN K 4201 36.25 36.71 31.26
CA ASN K 4201 35.31 37.24 30.28
C ASN K 4201 33.96 37.54 30.90
N ARG K 4202 33.57 36.81 31.94
CA ARG K 4202 32.32 37.13 32.61
C ARG K 4202 32.49 38.21 33.67
N ALA K 4203 33.72 38.42 34.14
CA ALA K 4203 33.96 39.47 35.13
C ALA K 4203 33.82 40.86 34.51
N GLN K 4204 34.40 41.07 33.33
CA GLN K 4204 34.30 42.37 32.68
C GLN K 4204 33.14 42.45 31.71
N TRP K 4205 32.20 41.51 31.77
CA TRP K 4205 30.96 41.67 31.03
C TRP K 4205 29.89 42.27 31.91
N GLU K 4206 29.86 41.91 33.18
CA GLU K 4206 28.85 42.42 34.12
C GLU K 4206 29.37 43.66 34.84
N MET K 4207 29.74 44.64 34.02
CA MET K 4207 30.09 45.97 34.49
C MET K 4207 29.06 46.96 33.95
N PRO K 4208 28.66 47.92 34.77
CA PRO K 4208 27.61 48.86 34.33
C PRO K 4208 28.04 49.76 33.21
N GLN K 4209 29.33 50.11 33.14
CA GLN K 4209 29.86 50.88 32.03
C GLN K 4209 29.75 50.11 30.71
N VAL K 4210 29.80 48.78 30.78
CA VAL K 4210 29.48 47.97 29.61
C VAL K 4210 27.98 47.84 29.45
N LYS K 4211 27.27 47.70 30.57
CA LYS K 4211 25.83 47.50 30.56
C LYS K 4211 25.07 48.71 30.03
N GLU K 4212 25.55 49.93 30.29
CA GLU K 4212 24.86 51.12 29.79
C GLU K 4212 24.90 51.20 28.28
N SER K 4213 25.97 50.70 27.66
CA SER K 4213 25.98 50.60 26.21
C SER K 4213 25.01 49.56 25.72
N LYS K 4214 24.81 48.50 26.51
CA LYS K 4214 23.91 47.42 26.10
C LYS K 4214 22.46 47.87 26.12
N ARG K 4215 22.07 48.66 27.12
CA ARG K 4215 20.69 49.12 27.23
C ARG K 4215 20.36 50.10 26.10
N GLN K 4216 21.33 50.95 25.72
CA GLN K 4216 21.16 51.76 24.53
C GLN K 4216 21.11 50.93 23.27
N PHE K 4217 21.96 49.90 23.18
CA PHE K 4217 22.02 49.07 21.99
C PHE K 4217 20.74 48.25 21.81
N ILE K 4218 20.12 47.86 22.92
CA ILE K 4218 18.78 47.27 22.86
C ILE K 4218 17.79 48.26 22.25
N PHE K 4219 17.91 49.54 22.60
CA PHE K 4219 16.91 50.51 22.22
C PHE K 4219 16.96 50.82 20.73
N ASP K 4220 18.07 51.36 20.25
CA ASP K 4220 18.14 51.91 18.91
C ASP K 4220 18.16 50.85 17.80
N VAL K 4221 18.18 49.58 18.15
CA VAL K 4221 18.16 48.51 17.16
C VAL K 4221 16.75 48.00 16.93
N VAL K 4222 16.03 47.70 18.00
CA VAL K 4222 14.66 47.21 17.84
C VAL K 4222 13.68 48.35 17.56
N ASN K 4223 14.11 49.60 17.66
CA ASN K 4223 13.21 50.72 17.42
C ASN K 4223 13.29 51.19 15.97
N GLU K 4224 14.47 51.66 15.57
CA GLU K 4224 14.65 52.23 14.23
C GLU K 4224 15.45 51.36 13.29
N GLY K 4225 16.18 50.37 13.82
CA GLY K 4225 16.93 49.48 12.96
C GLY K 4225 16.09 48.36 12.39
N GLY K 4226 16.27 48.11 11.09
CA GLY K 4226 15.56 47.03 10.43
C GLY K 4226 16.15 45.68 10.78
N GLU K 4227 15.52 44.64 10.22
CA GLU K 4227 15.94 43.27 10.49
C GLU K 4227 17.24 42.91 9.80
N ALA K 4228 17.63 43.68 8.79
CA ALA K 4228 18.86 43.39 8.07
C ALA K 4228 20.09 43.74 8.89
N GLU K 4229 20.25 45.00 9.25
CA GLU K 4229 21.43 45.45 9.97
C GLU K 4229 21.42 45.04 11.44
N LYS K 4230 20.33 44.43 11.93
CA LYS K 4230 20.22 44.05 13.33
C LYS K 4230 21.20 42.96 13.72
N MET K 4231 21.72 42.22 12.75
CA MET K 4231 22.87 41.38 13.00
C MET K 4231 24.17 42.11 12.74
N GLU K 4232 24.19 42.99 11.73
CA GLU K 4232 25.39 43.75 11.41
C GLU K 4232 25.73 44.75 12.50
N LEU K 4233 24.72 45.37 13.10
CA LEU K 4233 24.95 46.22 14.25
C LEU K 4233 25.33 45.39 15.47
N PHE K 4234 24.78 44.18 15.58
CA PHE K 4234 25.05 43.29 16.69
C PHE K 4234 26.53 42.92 16.75
N VAL K 4235 27.09 42.47 15.63
CA VAL K 4235 28.51 42.14 15.61
C VAL K 4235 29.35 43.40 15.71
N SER K 4236 28.83 44.54 15.23
CA SER K 4236 29.50 45.82 15.46
C SER K 4236 29.44 46.18 16.93
N PHE K 4237 28.30 45.97 17.58
CA PHE K 4237 28.21 46.10 19.02
C PHE K 4237 29.10 45.10 19.73
N CYS K 4238 29.15 43.88 19.20
CA CYS K 4238 30.07 42.88 19.74
C CYS K 4238 31.52 43.31 19.53
N GLU K 4239 31.81 43.89 18.36
CA GLU K 4239 33.13 44.47 18.16
C GLU K 4239 33.32 45.72 19.02
N ASP K 4240 32.24 46.43 19.32
CA ASP K 4240 32.34 47.60 20.18
C ASP K 4240 32.69 47.20 21.60
N THR K 4241 32.15 46.09 22.08
CA THR K 4241 32.34 45.67 23.46
C THR K 4241 33.75 45.16 23.72
N ILE K 4242 34.37 44.50 22.74
CA ILE K 4242 35.68 43.92 22.97
C ILE K 4242 36.72 45.02 23.11
N PHE K 4243 36.54 46.12 22.40
CA PHE K 4243 37.47 47.24 22.53
C PHE K 4243 37.38 47.89 23.90
N GLU K 4244 36.16 48.16 24.36
CA GLU K 4244 36.00 48.81 25.66
C GLU K 4244 36.31 47.86 26.81
N MET K 4245 36.10 46.56 26.65
CA MET K 4245 36.59 45.63 27.65
C MET K 4245 38.10 45.54 27.64
N GLN K 4246 38.72 45.67 26.46
CA GLN K 4246 40.17 45.74 26.40
C GLN K 4246 40.68 46.99 27.08
N ILE K 4247 40.03 48.13 26.86
CA ILE K 4247 40.51 49.37 27.44
C ILE K 4247 40.16 49.45 28.92
N ALA K 4248 39.17 48.69 29.39
CA ALA K 4248 38.92 48.60 30.81
C ALA K 4248 39.91 47.65 31.47
N ALA K 4249 40.35 46.63 30.73
CA ALA K 4249 41.46 45.81 31.20
C ALA K 4249 42.78 46.56 31.17
N GLN K 4250 42.89 47.59 30.33
CA GLN K 4250 44.10 48.40 30.30
C GLN K 4250 44.21 49.27 31.55
N ILE K 4251 43.08 49.67 32.12
CA ILE K 4251 43.07 50.59 33.25
C ILE K 4251 42.76 49.86 34.56
N SER K 4252 42.72 48.53 34.55
CA SER K 4252 42.39 47.78 35.75
C SER K 4252 43.56 47.80 36.72
N GLU K 4253 43.24 47.89 38.01
CA GLU K 4253 44.25 47.97 39.06
C GLU K 4253 44.93 46.63 39.30
N TRP K 4541 64.20 64.96 34.26
CA TRP K 4541 64.27 63.87 35.25
C TRP K 4541 63.51 62.65 34.71
N GLY K 4542 63.66 61.50 35.36
CA GLY K 4542 62.84 60.30 35.08
C GLY K 4542 61.46 60.41 35.73
N GLU K 4543 60.98 59.31 36.31
CA GLU K 4543 59.67 59.19 36.97
C GLU K 4543 58.50 59.48 36.04
N LEU K 4544 57.72 60.55 36.26
CA LEU K 4544 56.68 61.14 35.38
C LEU K 4544 55.57 60.20 34.85
N GLU K 4545 55.91 59.15 34.13
CA GLU K 4545 55.06 58.09 33.63
C GLU K 4545 54.17 57.51 34.74
N VAL K 4546 54.78 57.12 35.86
CA VAL K 4546 54.08 56.62 37.06
C VAL K 4546 53.01 57.60 37.57
N GLN K 4547 53.35 58.88 37.68
CA GLN K 4547 52.43 59.91 38.15
C GLN K 4547 51.25 60.11 37.19
N ARG K 4548 51.54 60.27 35.90
CA ARG K 4548 50.54 60.47 34.83
C ARG K 4548 49.59 59.27 34.72
N VAL K 4549 50.14 58.07 34.74
CA VAL K 4549 49.37 56.82 34.72
C VAL K 4549 48.48 56.72 35.96
N LYS K 4550 49.02 56.87 37.18
CA LYS K 4550 48.21 56.70 38.40
C LYS K 4550 47.07 57.72 38.50
N PHE K 4551 47.35 58.95 38.07
CA PHE K 4551 46.39 60.05 37.99
C PHE K 4551 45.22 59.71 37.06
N LEU K 4552 45.50 59.41 35.78
CA LEU K 4552 44.46 59.08 34.80
C LEU K 4552 43.62 57.84 35.17
N ASN K 4553 44.24 56.83 35.80
CA ASN K 4553 43.51 55.68 36.35
C ASN K 4553 42.50 56.08 37.44
N TYR K 4554 42.93 56.86 38.44
CA TYR K 4554 42.02 57.34 39.50
C TYR K 4554 40.89 58.22 38.93
N LEU K 4555 41.22 59.08 37.96
CA LEU K 4555 40.25 59.97 37.33
C LEU K 4555 39.15 59.20 36.58
N SER K 4556 39.56 58.23 35.75
CA SER K 4556 38.62 57.35 35.04
C SER K 4556 37.81 56.48 36.00
N ARG K 4557 38.43 56.03 37.11
CA ARG K 4557 37.78 55.20 38.14
C ARG K 4557 36.62 55.93 38.78
N ASN K 4558 36.82 57.22 39.08
CA ASN K 4558 35.74 58.05 39.57
C ASN K 4558 34.76 58.29 38.43
N PHE K 4559 35.07 59.23 37.52
CA PHE K 4559 34.21 59.68 36.42
C PHE K 4559 32.71 59.69 36.77
N TYR K 4560 31.91 58.65 36.52
CA TYR K 4560 30.53 58.61 37.02
C TYR K 4560 30.35 58.95 38.52
N THR K 4561 31.28 58.59 39.41
CA THR K 4561 31.19 59.05 40.82
C THR K 4561 31.72 60.48 41.00
N LEU K 4562 32.74 60.91 40.24
CA LEU K 4562 33.16 62.32 40.22
C LEU K 4562 32.03 63.31 39.87
N LYS K 4563 31.16 62.99 38.90
CA LYS K 4563 30.12 63.93 38.45
C LYS K 4563 29.11 64.34 39.52
N TYR K 4564 28.79 63.49 40.51
CA TYR K 4564 27.91 63.90 41.62
C TYR K 4564 28.50 65.05 42.42
N LEU K 4565 29.83 65.12 42.56
CA LEU K 4565 30.48 66.23 43.25
C LEU K 4565 30.26 67.53 42.49
N ALA K 4566 30.32 67.55 41.16
CA ALA K 4566 30.06 68.75 40.38
C ALA K 4566 28.62 69.25 40.56
N LEU K 4567 27.64 68.34 40.53
CA LEU K 4567 26.24 68.70 40.67
C LEU K 4567 25.94 69.23 42.08
N PHE K 4568 26.35 68.52 43.14
CA PHE K 4568 26.09 69.01 44.49
C PHE K 4568 26.82 70.32 44.78
N LEU K 4569 27.95 70.59 44.15
CA LEU K 4569 28.57 71.91 44.25
C LEU K 4569 27.76 73.00 43.53
N ALA K 4570 27.22 72.74 42.33
CA ALA K 4570 26.36 73.71 41.64
C ALA K 4570 25.08 74.03 42.42
N PHE K 4571 24.43 73.04 43.03
CA PHE K 4571 23.34 73.27 43.99
C PHE K 4571 23.79 74.15 45.16
N ALA K 4572 24.92 73.83 45.78
CA ALA K 4572 25.44 74.60 46.92
C ALA K 4572 25.76 76.07 46.61
N ILE K 4573 26.59 76.35 45.59
CA ILE K 4573 26.85 77.75 45.18
C ILE K 4573 25.55 78.46 44.77
N ASN K 4574 24.68 77.84 43.98
CA ASN K 4574 23.43 78.49 43.55
C ASN K 4574 22.46 78.80 44.70
N PHE K 4575 22.32 77.89 45.67
CA PHE K 4575 21.50 78.16 46.86
C PHE K 4575 22.03 79.35 47.65
N ILE K 4576 23.34 79.42 47.89
CA ILE K 4576 23.94 80.60 48.52
C ILE K 4576 23.75 81.84 47.63
N LEU K 4577 23.96 81.74 46.32
CA LEU K 4577 23.86 82.86 45.40
C LEU K 4577 22.45 83.47 45.30
N LEU K 4578 21.41 82.72 45.69
CA LEU K 4578 20.02 83.18 45.90
C LEU K 4578 19.85 84.09 47.15
N PHE K 4579 20.83 84.96 47.40
CA PHE K 4579 20.85 85.95 48.47
C PHE K 4579 21.47 87.30 48.04
N TYR K 4580 21.95 87.49 46.80
CA TYR K 4580 22.42 88.82 46.38
C TYR K 4580 21.31 89.86 46.48
N LYS K 4581 21.71 91.03 46.99
CA LYS K 4581 20.84 92.19 47.12
C LYS K 4581 21.54 93.41 46.54
N VAL K 4582 20.74 94.32 46.04
CA VAL K 4582 21.18 95.59 45.48
C VAL K 4582 20.70 96.73 46.38
N SER K 4583 21.57 97.70 46.60
CA SER K 4583 21.25 98.97 47.27
C SER K 4583 21.86 100.12 46.46
N ASP K 4584 21.26 101.29 46.64
CA ASP K 4584 21.71 102.56 46.09
C ASP K 4584 23.04 103.02 46.71
N SER K 4585 23.14 102.92 48.05
CA SER K 4585 24.35 103.21 48.81
C SER K 4585 25.06 101.91 49.23
N PRO K 4586 26.36 101.72 48.92
CA PRO K 4586 27.13 100.57 49.39
C PRO K 4586 27.25 100.53 50.94
N PRO K 4587 27.08 99.38 51.60
CA PRO K 4587 27.24 99.28 53.05
C PRO K 4587 28.70 99.47 53.47
N ASN K 4626 28.15 103.29 40.77
CA ASN K 4626 26.77 103.49 41.21
C ASN K 4626 26.33 102.40 42.20
N MET K 4627 25.21 101.71 41.91
CA MET K 4627 24.69 100.61 42.70
C MET K 4627 25.71 99.47 42.75
N VAL K 4628 25.80 98.81 43.90
CA VAL K 4628 26.70 97.68 44.13
C VAL K 4628 25.92 96.40 44.39
N TYR K 4629 26.44 95.29 43.89
CA TYR K 4629 25.87 93.97 44.12
C TYR K 4629 26.63 93.32 45.27
N TYR K 4630 26.05 93.41 46.47
CA TYR K 4630 26.61 92.80 47.68
C TYR K 4630 25.82 91.54 48.07
N PHE K 4631 26.34 90.81 49.05
CA PHE K 4631 25.81 89.54 49.51
C PHE K 4631 25.20 89.62 50.93
N LEU K 4632 24.05 88.97 51.17
CA LEU K 4632 23.29 89.18 52.42
C LEU K 4632 23.90 88.58 53.70
N GLU K 4633 24.43 87.36 53.63
CA GLU K 4633 25.15 86.65 54.72
C GLU K 4633 24.54 86.75 56.14
N GLU K 4634 23.26 86.38 56.32
CA GLU K 4634 22.55 86.52 57.62
C GLU K 4634 23.29 85.87 58.80
N SER K 4635 23.88 84.69 58.55
CA SER K 4635 24.85 84.08 59.45
C SER K 4635 26.07 83.63 58.64
N THR K 4636 27.15 83.27 59.33
CA THR K 4636 28.42 82.87 58.69
C THR K 4636 28.93 84.00 57.78
N GLY K 4637 29.49 85.08 58.32
CA GLY K 4637 30.08 86.18 57.52
C GLY K 4637 31.28 85.76 56.64
N TYR K 4638 31.73 84.51 56.73
CA TYR K 4638 32.60 83.88 55.73
C TYR K 4638 31.82 83.12 54.63
N MET K 4639 30.54 83.40 54.40
CA MET K 4639 29.69 82.74 53.41
C MET K 4639 30.00 83.18 51.97
N GLU K 4640 30.42 84.43 51.75
CA GLU K 4640 31.00 84.86 50.47
C GLU K 4640 32.34 84.15 50.14
N PRO K 4641 33.30 84.03 51.09
CA PRO K 4641 34.45 83.13 50.94
C PRO K 4641 34.10 81.65 50.73
N ALA K 4642 32.98 81.17 51.28
CA ALA K 4642 32.48 79.84 51.01
C ALA K 4642 32.05 79.70 49.53
N LEU K 4643 31.29 80.66 49.00
CA LEU K 4643 30.92 80.71 47.57
C LEU K 4643 32.16 80.74 46.67
N TRP K 4644 33.16 81.55 47.03
CA TRP K 4644 34.41 81.66 46.27
C TRP K 4644 35.19 80.34 46.20
N CYS K 4645 35.28 79.62 47.33
CA CYS K 4645 35.86 78.28 47.38
C CYS K 4645 35.05 77.25 46.57
N LEU K 4646 33.72 77.31 46.65
CA LEU K 4646 32.81 76.40 45.94
C LEU K 4646 32.91 76.53 44.42
N SER K 4647 33.11 77.76 43.92
CA SER K 4647 33.36 78.05 42.51
C SER K 4647 34.62 77.36 41.96
N LEU K 4648 35.77 77.57 42.62
CA LEU K 4648 37.04 76.95 42.21
C LEU K 4648 36.91 75.44 42.11
N LEU K 4649 36.34 74.85 43.16
CA LEU K 4649 36.19 73.40 43.29
C LEU K 4649 35.36 72.87 42.12
N HIS K 4650 34.22 73.47 41.80
CA HIS K 4650 33.45 73.05 40.62
C HIS K 4650 34.19 73.26 39.29
N THR K 4651 34.94 74.35 39.08
CA THR K 4651 35.74 74.49 37.83
C THR K 4651 36.85 73.46 37.68
N LEU K 4652 37.59 73.17 38.77
CA LEU K 4652 38.55 72.07 38.77
C LEU K 4652 37.85 70.73 38.53
N VAL K 4653 36.73 70.46 39.19
CA VAL K 4653 35.99 69.20 39.04
C VAL K 4653 35.50 69.00 37.61
N ALA K 4654 35.01 70.08 36.99
CA ALA K 4654 34.63 70.12 35.59
C ALA K 4654 35.84 69.89 34.67
N PHE K 4655 37.00 70.45 34.98
CA PHE K 4655 38.26 70.15 34.29
C PHE K 4655 38.69 68.68 34.43
N LEU K 4656 38.51 68.11 35.63
CA LEU K 4656 38.84 66.71 35.94
C LEU K 4656 37.84 65.70 35.34
N ILE K 4657 36.63 66.17 35.05
CA ILE K 4657 35.67 65.52 34.15
C ILE K 4657 36.10 65.66 32.68
N ILE K 4658 36.46 66.85 32.17
CA ILE K 4658 36.81 67.01 30.74
C ILE K 4658 37.98 66.10 30.36
N ILE K 4659 38.92 65.91 31.27
CA ILE K 4659 40.13 65.11 31.03
C ILE K 4659 39.85 63.61 31.18
N GLY K 4660 39.00 63.20 32.14
CA GLY K 4660 38.57 61.80 32.31
C GLY K 4660 37.66 61.29 31.20
N TYR K 4661 36.92 62.20 30.55
CA TYR K 4661 36.14 61.87 29.34
C TYR K 4661 37.04 61.48 28.16
N ASN K 4662 38.26 62.02 28.12
CA ASN K 4662 39.26 61.73 27.09
C ASN K 4662 40.08 60.44 27.32
N CYS K 4663 39.60 59.51 28.14
CA CYS K 4663 40.18 58.16 28.34
C CYS K 4663 39.12 57.09 28.63
N LEU K 4664 37.84 57.38 28.35
CA LEU K 4664 36.69 56.48 28.50
C LEU K 4664 35.59 56.83 27.46
N LYS K 4665 36.04 57.32 26.29
CA LYS K 4665 35.16 57.74 25.20
C LYS K 4665 35.89 57.88 23.88
N VAL K 4666 36.95 58.71 23.86
CA VAL K 4666 37.66 59.06 22.61
C VAL K 4666 38.14 57.81 21.85
N PRO K 4667 38.88 56.86 22.44
CA PRO K 4667 39.22 55.60 21.80
C PRO K 4667 38.06 54.80 21.21
N LEU K 4668 36.89 54.77 21.87
CA LEU K 4668 35.72 54.05 21.35
C LEU K 4668 35.12 54.71 20.10
N VAL K 4669 34.95 56.04 20.09
CA VAL K 4669 34.36 56.73 18.93
C VAL K 4669 35.32 56.80 17.74
N ILE K 4670 36.62 56.97 17.99
CA ILE K 4670 37.65 57.00 16.92
C ILE K 4670 37.85 55.62 16.28
N PHE K 4671 37.90 54.55 17.10
CA PHE K 4671 37.91 53.15 16.63
C PHE K 4671 36.67 52.90 15.78
N LYS K 4672 35.50 53.37 16.23
CA LYS K 4672 34.23 53.13 15.53
C LYS K 4672 34.18 53.79 14.16
N ARG K 4673 34.73 55.00 14.02
CA ARG K 4673 34.88 55.68 12.73
C ARG K 4673 35.92 54.99 11.84
N GLU K 4674 37.12 54.73 12.38
CA GLU K 4674 38.24 54.16 11.63
C GLU K 4674 37.95 52.74 11.12
N LYS K 4675 37.30 51.88 11.93
CA LYS K 4675 36.82 50.57 11.47
C LYS K 4675 35.75 50.65 10.38
N GLU K 4676 34.84 51.64 10.53
CA GLU K 4676 33.72 51.75 9.59
C GLU K 4676 34.26 52.18 8.22
N LEU K 4677 35.11 53.21 8.26
CA LEU K 4677 35.83 53.72 7.11
C LEU K 4677 36.68 52.64 6.43
N ALA K 4678 37.54 51.94 7.17
CA ALA K 4678 38.45 50.94 6.61
C ALA K 4678 37.70 49.76 5.96
N ARG K 4679 36.64 49.25 6.61
CA ARG K 4679 35.82 48.14 6.08
C ARG K 4679 34.98 48.59 4.89
N LYS K 4680 34.23 49.70 5.04
CA LYS K 4680 33.37 50.25 4.00
C LYS K 4680 34.17 50.81 2.80
N LEU K 4681 35.47 51.05 2.96
CA LEU K 4681 36.40 51.32 1.86
C LEU K 4681 36.92 50.05 1.17
N GLU K 4682 37.57 49.25 1.91
CA GLU K 4682 38.18 48.07 1.32
C GLU K 4682 37.19 47.00 0.92
N PHE K 4683 35.92 47.35 0.81
CA PHE K 4683 34.92 46.39 0.41
C PHE K 4683 34.12 47.02 -0.71
N ASP K 4684 33.46 48.12 -0.42
CA ASP K 4684 32.65 48.83 -1.42
C ASP K 4684 33.40 49.80 -2.31
N GLY K 4685 34.60 50.16 -1.92
CA GLY K 4685 35.39 51.13 -2.66
C GLY K 4685 34.92 52.57 -2.55
N LEU K 4686 35.09 53.16 -1.37
CA LEU K 4686 34.56 54.50 -1.15
C LEU K 4686 35.42 55.58 -1.77
N TYR K 4687 36.75 55.40 -1.77
CA TYR K 4687 37.66 56.46 -2.20
C TYR K 4687 38.50 56.08 -3.41
N ILE K 4688 38.23 54.95 -4.04
CA ILE K 4688 38.98 54.52 -5.20
C ILE K 4688 38.11 54.35 -6.44
N THR K 4689 36.90 53.83 -6.28
CA THR K 4689 35.97 53.67 -7.39
C THR K 4689 34.99 54.83 -7.49
N GLU K 4690 34.27 55.11 -6.42
CA GLU K 4690 33.39 56.27 -6.34
C GLU K 4690 34.06 57.34 -5.50
N GLN K 4691 33.36 58.45 -5.31
CA GLN K 4691 33.80 59.56 -4.48
C GLN K 4691 32.59 60.16 -3.79
N PRO K 4692 32.75 60.69 -2.56
CA PRO K 4692 31.62 61.38 -1.92
C PRO K 4692 31.41 62.77 -2.51
N ASP K 4696 29.97 63.90 1.27
CA ASP K 4696 29.59 63.86 2.68
C ASP K 4696 30.66 64.54 3.54
N VAL K 4697 30.20 65.34 4.51
CA VAL K 4697 31.13 66.05 5.39
C VAL K 4697 31.82 65.09 6.35
N LYS K 4698 31.23 63.92 6.61
CA LYS K 4698 31.95 62.89 7.34
C LYS K 4698 33.05 62.28 6.48
N GLY K 4699 32.84 62.17 5.17
CA GLY K 4699 33.87 61.65 4.30
C GLY K 4699 34.90 62.67 3.91
N GLN K 4700 34.47 63.89 3.61
CA GLN K 4700 35.37 64.97 3.18
C GLN K 4700 36.37 65.36 4.24
N TRP K 4701 35.98 65.34 5.51
CA TRP K 4701 36.93 65.64 6.57
C TRP K 4701 37.87 64.46 6.82
N ASP K 4702 37.39 63.25 6.58
CA ASP K 4702 38.20 62.06 6.81
C ASP K 4702 39.16 61.75 5.68
N ARG K 4703 39.29 62.63 4.68
CA ARG K 4703 40.31 62.44 3.66
C ARG K 4703 41.72 62.61 4.21
N LEU K 4704 41.89 63.44 5.23
CA LEU K 4704 43.22 63.74 5.79
C LEU K 4704 43.82 62.59 6.58
N VAL K 4705 43.12 61.49 6.78
CA VAL K 4705 43.64 60.36 7.53
C VAL K 4705 44.16 59.26 6.63
N LEU K 4706 43.99 59.37 5.32
CA LEU K 4706 44.38 58.30 4.42
C LEU K 4706 45.89 58.19 4.25
N ASN K 4707 46.65 59.16 4.73
CA ASN K 4707 48.09 59.17 4.55
C ASN K 4707 48.87 59.20 5.85
N THR K 4708 48.18 59.11 7.00
CA THR K 4708 49.05 58.94 8.15
C THR K 4708 49.44 57.47 8.30
N PRO K 4709 50.69 57.20 8.71
CA PRO K 4709 51.09 55.81 8.93
C PRO K 4709 50.41 55.16 10.12
N SER K 4710 49.98 55.95 11.10
CA SER K 4710 49.27 55.42 12.27
C SER K 4710 47.76 55.60 12.15
N PHE K 4711 47.23 55.44 10.93
CA PHE K 4711 45.78 55.47 10.74
C PHE K 4711 45.04 54.38 11.52
N PRO K 4712 45.36 53.06 11.40
CA PRO K 4712 44.56 52.09 12.15
C PRO K 4712 45.10 51.85 13.55
N SER K 4713 45.87 52.80 14.08
CA SER K 4713 46.64 52.55 15.30
C SER K 4713 45.77 52.47 16.55
N ASN K 4714 44.47 52.69 16.40
CA ASN K 4714 43.60 52.49 17.54
C ASN K 4714 42.50 51.58 17.05
N TYR K 4715 42.96 50.46 16.49
CA TYR K 4715 42.12 49.44 15.90
C TYR K 4715 42.90 48.13 15.94
N TRP K 4716 42.19 47.00 15.88
CA TRP K 4716 42.90 45.73 15.98
C TRP K 4716 43.53 45.33 14.66
N ASP K 4717 42.85 45.58 13.55
CA ASP K 4717 43.42 45.31 12.23
C ASP K 4717 44.45 46.38 11.92
N LYS K 4718 45.63 45.94 11.49
CA LYS K 4718 46.68 46.83 11.02
C LYS K 4718 47.10 46.54 9.58
N PHE K 4719 46.54 45.50 8.95
CA PHE K 4719 46.93 45.14 7.60
C PHE K 4719 45.90 45.54 6.56
N VAL K 4720 45.03 46.50 6.89
CA VAL K 4720 43.96 46.86 5.96
C VAL K 4720 44.52 47.68 4.79
N LYS K 4721 45.73 48.22 4.93
CA LYS K 4721 46.37 48.86 3.80
C LYS K 4721 46.78 47.86 2.73
N ARG K 4722 47.40 46.75 3.13
CA ARG K 4722 47.74 45.69 2.19
C ARG K 4722 46.52 44.95 1.68
N LYS K 4723 45.40 44.99 2.41
CA LYS K 4723 44.19 44.30 1.98
C LYS K 4723 43.60 44.93 0.74
N VAL K 4724 43.28 46.22 0.79
CA VAL K 4724 42.66 46.89 -0.34
C VAL K 4724 43.69 47.18 -1.45
N LEU K 4725 44.98 47.20 -1.13
CA LEU K 4725 45.99 47.31 -2.17
C LEU K 4725 46.06 46.05 -3.03
N ASP K 4726 46.20 44.89 -2.39
CA ASP K 4726 46.25 43.63 -3.12
C ASP K 4726 44.91 43.23 -3.72
N LYS K 4727 43.83 43.91 -3.36
CA LYS K 4727 42.51 43.66 -3.93
C LYS K 4727 42.22 44.57 -5.11
N HIS K 4728 42.75 45.79 -5.12
CA HIS K 4728 42.37 46.79 -6.11
C HIS K 4728 43.58 47.44 -6.77
N GLY K 4729 44.77 46.88 -6.57
CA GLY K 4729 45.96 47.41 -7.19
C GLY K 4729 46.19 46.99 -8.62
N ASP K 4730 45.31 46.15 -9.18
CA ASP K 4730 45.40 45.74 -10.56
C ASP K 4730 44.39 46.45 -11.46
N ILE K 4731 43.22 46.80 -10.93
CA ILE K 4731 42.24 47.56 -11.71
C ILE K 4731 42.73 48.98 -11.94
N PHE K 4732 43.42 49.58 -10.98
CA PHE K 4732 44.04 50.88 -11.14
C PHE K 4732 45.55 50.73 -10.99
N GLY K 4733 46.26 51.83 -11.19
CA GLY K 4733 47.70 51.82 -11.01
C GLY K 4733 48.03 51.67 -9.54
N ARG K 4734 48.76 50.60 -9.20
CA ARG K 4734 49.10 50.37 -7.81
C ARG K 4734 50.12 51.37 -7.28
N GLU K 4735 50.84 52.07 -8.17
CA GLU K 4735 51.66 53.19 -7.73
C GLU K 4735 50.79 54.38 -7.35
N ARG K 4736 49.62 54.52 -7.98
CA ARG K 4736 48.72 55.62 -7.67
C ARG K 4736 48.04 55.42 -6.31
N ILE K 4737 47.48 54.23 -6.10
CA ILE K 4737 46.74 53.97 -4.86
C ILE K 4737 47.70 53.88 -3.66
N ALA K 4738 48.97 53.54 -3.91
CA ALA K 4738 49.95 53.62 -2.84
C ALA K 4738 50.25 55.06 -2.47
N GLU K 4739 50.31 55.94 -3.46
CA GLU K 4739 50.40 57.37 -3.19
C GLU K 4739 49.12 57.92 -2.58
N LEU K 4740 47.98 57.28 -2.84
CA LEU K 4740 46.76 57.65 -2.14
C LEU K 4740 46.82 57.24 -0.68
N LEU K 4741 47.51 56.14 -0.39
CA LEU K 4741 47.65 55.67 0.98
C LEU K 4741 48.95 56.08 1.64
N GLY K 4742 49.96 56.49 0.86
CA GLY K 4742 51.21 56.89 1.46
C GLY K 4742 52.03 55.76 2.02
N MET K 4743 52.02 54.60 1.35
CA MET K 4743 52.79 53.44 1.82
C MET K 4743 54.26 53.65 1.49
N ASP K 4744 55.03 54.03 2.49
CA ASP K 4744 56.45 54.27 2.31
C ASP K 4744 57.19 52.95 2.17
N LEU K 4745 58.12 52.89 1.21
CA LEU K 4745 58.87 51.70 0.81
C LEU K 4745 57.90 50.55 0.46
N ALA K 4746 56.91 50.92 -0.34
CA ALA K 4746 55.93 49.95 -0.83
C ALA K 4746 56.57 48.87 -1.67
N SER K 4747 57.65 49.21 -2.37
CA SER K 4747 58.47 48.24 -3.08
C SER K 4747 59.50 47.57 -2.19
N LEU K 4748 59.71 48.05 -0.96
CA LEU K 4748 60.84 47.60 -0.16
C LEU K 4748 60.48 47.10 1.23
N GLU K 4749 59.52 47.72 1.91
CA GLU K 4749 59.30 47.38 3.32
C GLU K 4749 58.50 46.09 3.49
N ILE K 4750 57.88 45.58 2.43
CA ILE K 4750 57.08 44.37 2.56
C ILE K 4750 57.95 43.13 2.68
N THR K 4751 59.08 43.09 1.96
CA THR K 4751 59.94 41.92 1.98
C THR K 4751 60.90 41.93 3.16
N ALA K 4752 61.11 43.08 3.78
CA ALA K 4752 62.02 43.16 4.92
C ALA K 4752 61.41 42.49 6.15
N HIS K 4753 60.11 42.67 6.38
CA HIS K 4753 59.43 41.98 7.46
C HIS K 4753 59.22 40.50 7.16
N ASN K 4754 59.24 40.12 5.88
CA ASN K 4754 59.12 38.71 5.51
C ASN K 4754 60.38 37.94 5.89
N GLU K 4755 61.54 38.40 5.42
CA GLU K 4755 62.78 37.71 5.74
C GLU K 4755 63.21 37.93 7.18
N ARG K 4756 63.02 39.14 7.69
CA ARG K 4756 63.44 39.46 9.06
C ARG K 4756 62.50 40.48 9.70
N THR K 4766 61.04 65.02 24.60
CA THR K 4766 60.13 64.10 23.91
C THR K 4766 58.87 64.85 23.44
N TRP K 4767 58.80 65.23 22.16
CA TRP K 4767 57.67 65.97 21.61
C TRP K 4767 56.36 65.17 21.69
N LEU K 4768 55.55 65.45 22.72
CA LEU K 4768 54.35 64.65 23.04
C LEU K 4768 54.64 63.13 23.08
N MET K 4769 55.79 62.76 23.67
CA MET K 4769 56.44 61.45 23.55
C MET K 4769 57.04 61.16 22.16
N SER K 4770 56.21 61.10 21.11
CA SER K 4770 56.64 60.82 19.74
C SER K 4770 56.93 62.09 18.93
N ILE K 4771 56.15 62.31 17.85
CA ILE K 4771 56.13 63.50 17.00
C ILE K 4771 54.84 63.58 16.13
N ASP K 4772 53.73 63.05 16.62
CA ASP K 4772 52.48 63.03 15.82
C ASP K 4772 51.94 64.45 15.51
N VAL K 4773 51.17 64.53 14.43
CA VAL K 4773 50.68 65.79 13.84
C VAL K 4773 49.27 65.60 13.27
N LYS K 4774 49.12 65.32 11.97
CA LYS K 4774 47.82 65.40 11.26
C LYS K 4774 46.76 64.44 11.81
N TYR K 4775 47.19 63.31 12.37
CA TYR K 4775 46.27 62.35 13.00
C TYR K 4775 45.71 62.84 14.34
N GLN K 4776 46.46 63.61 15.13
CA GLN K 4776 45.93 64.36 16.28
C GLN K 4776 45.01 65.50 15.88
N ILE K 4777 45.31 66.29 14.83
CA ILE K 4777 44.39 67.34 14.36
C ILE K 4777 43.04 66.75 13.91
N TRP K 4778 43.08 65.57 13.29
CA TRP K 4778 41.88 64.89 12.81
C TRP K 4778 41.04 64.33 13.97
N LYS K 4779 41.74 63.78 14.97
CA LYS K 4779 41.16 63.30 16.23
C LYS K 4779 40.46 64.41 16.99
N PHE K 4780 41.12 65.56 17.13
CA PHE K 4780 40.56 66.73 17.82
C PHE K 4780 39.31 67.30 17.12
N GLY K 4781 39.26 67.27 15.79
CA GLY K 4781 38.04 67.60 15.05
C GLY K 4781 36.90 66.60 15.30
N VAL K 4782 37.17 65.28 15.18
CA VAL K 4782 36.09 64.29 15.37
C VAL K 4782 35.57 64.22 16.80
N ILE K 4783 36.42 64.38 17.83
CA ILE K 4783 35.94 64.38 19.23
C ILE K 4783 35.18 65.65 19.58
N PHE K 4784 35.57 66.81 19.01
CA PHE K 4784 34.82 68.05 19.13
C PHE K 4784 33.42 67.95 18.52
N THR K 4785 33.25 67.09 17.52
CA THR K 4785 31.95 66.82 16.87
C THR K 4785 31.02 65.92 17.70
N ASP K 4786 31.49 65.21 18.74
CA ASP K 4786 30.60 64.37 19.56
C ASP K 4786 29.67 65.23 20.42
N ASN K 4787 28.34 65.07 20.24
CA ASN K 4787 27.31 65.80 20.99
C ASN K 4787 27.48 65.79 22.51
N SER K 4788 27.90 64.64 23.03
CA SER K 4788 28.14 64.51 24.50
C SER K 4788 29.45 65.19 24.95
N PHE K 4789 30.50 65.23 24.11
CA PHE K 4789 31.68 66.05 24.38
C PHE K 4789 31.36 67.55 24.28
N LEU K 4790 30.61 67.98 23.27
CA LEU K 4790 30.14 69.37 23.12
C LEU K 4790 29.35 69.85 24.34
N TYR K 4791 28.42 69.05 24.88
CA TYR K 4791 27.74 69.41 26.12
C TYR K 4791 28.71 69.59 27.28
N SER K 4792 29.60 68.64 27.50
CA SER K 4792 30.58 68.72 28.59
C SER K 4792 31.57 69.87 28.40
N GLY K 4793 31.88 70.22 27.16
CA GLY K 4793 32.63 71.44 26.85
C GLY K 4793 31.87 72.73 27.12
N TRP K 4794 30.56 72.81 26.83
CA TRP K 4794 29.70 73.92 27.27
C TRP K 4794 29.68 74.04 28.79
N TYR K 4795 29.52 72.93 29.50
CA TYR K 4795 29.56 72.95 30.95
C TYR K 4795 30.92 73.43 31.45
N MET K 4796 32.04 72.97 30.90
CA MET K 4796 33.32 73.55 31.29
C MET K 4796 33.43 75.02 30.95
N VAL K 4797 33.02 75.46 29.76
CA VAL K 4797 33.14 76.87 29.33
C VAL K 4797 32.43 77.82 30.28
N MET K 4798 31.16 77.54 30.59
CA MET K 4798 30.38 78.38 31.50
C MET K 4798 30.93 78.39 32.93
N SER K 4799 31.72 77.38 33.31
CA SER K 4799 32.34 77.32 34.65
C SER K 4799 33.43 78.37 34.84
N LEU K 4800 34.32 78.48 33.86
CA LEU K 4800 35.33 79.54 33.83
C LEU K 4800 34.71 80.92 33.61
N LEU K 4801 33.66 81.00 32.78
CA LEU K 4801 32.90 82.24 32.61
C LEU K 4801 32.17 82.66 33.91
N GLY K 4802 31.86 81.69 34.78
CA GLY K 4802 31.38 81.88 36.15
C GLY K 4802 32.32 82.65 37.08
N HIS K 4803 33.63 82.67 36.80
CA HIS K 4803 34.54 83.57 37.52
C HIS K 4803 34.45 85.05 37.10
N TYR K 4804 33.93 85.38 35.90
CA TYR K 4804 33.71 86.78 35.50
C TYR K 4804 32.61 87.46 36.33
N ASN K 4805 31.48 86.78 36.44
CA ASN K 4805 30.40 87.13 37.35
C ASN K 4805 29.88 85.82 37.93
N ASN K 4806 29.92 85.74 39.27
CA ASN K 4806 29.52 84.58 40.05
C ASN K 4806 28.10 84.08 39.69
N PHE K 4807 27.19 84.96 39.25
CA PHE K 4807 25.84 84.56 38.84
C PHE K 4807 25.81 83.57 37.66
N PHE K 4808 26.84 83.48 36.80
CA PHE K 4808 26.79 82.57 35.65
C PHE K 4808 26.84 81.07 36.04
N PHE K 4809 27.18 80.75 37.30
CA PHE K 4809 26.94 79.42 37.88
C PHE K 4809 25.46 79.00 37.98
N ALA K 4810 24.53 79.95 37.82
CA ALA K 4810 23.11 79.66 37.63
C ALA K 4810 22.81 78.82 36.38
N ALA K 4811 23.63 78.94 35.31
CA ALA K 4811 23.47 78.10 34.11
C ALA K 4811 23.88 76.63 34.32
N HIS K 4812 24.75 76.36 35.30
CA HIS K 4812 25.11 74.99 35.71
C HIS K 4812 23.98 74.26 36.43
N LEU K 4813 22.91 74.98 36.81
CA LEU K 4813 21.70 74.36 37.35
C LEU K 4813 20.93 73.54 36.32
N LEU K 4814 20.97 73.92 35.04
CA LEU K 4814 20.18 73.24 34.00
C LEU K 4814 20.57 71.79 33.74
N ASP K 4815 21.73 71.39 34.24
CA ASP K 4815 22.19 70.03 34.19
C ASP K 4815 21.18 69.06 34.82
N ILE K 4816 20.37 69.55 35.77
CA ILE K 4816 19.23 68.83 36.33
C ILE K 4816 18.29 68.30 35.25
N ALA K 4817 17.96 69.12 34.25
CA ALA K 4817 17.08 68.69 33.18
C ALA K 4817 17.75 67.70 32.21
N MET K 4818 19.06 67.80 32.02
CA MET K 4818 19.79 67.07 30.99
C MET K 4818 20.10 65.61 31.35
N GLY K 4819 19.89 65.18 32.59
CA GLY K 4819 20.19 63.81 33.03
C GLY K 4819 18.97 62.95 33.36
N VAL K 4820 17.97 63.48 34.08
CA VAL K 4820 16.90 62.66 34.68
C VAL K 4820 15.75 62.36 33.72
N LYS K 4821 16.01 61.47 32.76
CA LYS K 4821 15.06 60.76 31.87
C LYS K 4821 13.84 61.57 31.42
N THR K 4822 12.77 61.61 32.21
CA THR K 4822 11.56 62.41 31.97
C THR K 4822 11.85 63.82 31.48
N LEU K 4823 12.74 64.54 32.17
CA LEU K 4823 13.15 65.89 31.79
C LEU K 4823 13.71 65.92 30.35
N ARG K 4824 14.68 65.05 30.04
CA ARG K 4824 15.26 64.94 28.69
C ARG K 4824 14.20 64.64 27.64
N THR K 4825 13.20 63.84 28.00
CA THR K 4825 12.05 63.51 27.15
C THR K 4825 11.26 64.76 26.76
N ILE K 4826 11.03 65.68 27.71
CA ILE K 4826 10.31 66.95 27.46
C ILE K 4826 11.10 67.84 26.50
N LEU K 4827 12.40 68.04 26.76
CA LEU K 4827 13.26 68.83 25.84
C LEU K 4827 13.41 68.15 24.48
N SER K 4828 13.55 66.82 24.42
CA SER K 4828 13.56 66.12 23.13
C SER K 4828 12.22 66.24 22.39
N SER K 4829 11.09 66.30 23.10
CA SER K 4829 9.78 66.56 22.50
C SER K 4829 9.73 67.96 21.88
N VAL K 4830 10.17 69.00 22.62
CA VAL K 4830 10.28 70.38 22.11
C VAL K 4830 11.18 70.44 20.86
N THR K 4831 12.27 69.67 20.82
CA THR K 4831 13.17 69.67 19.63
C THR K 4831 12.72 68.82 18.45
N HIS K 4832 12.14 67.62 18.66
CA HIS K 4832 12.02 66.66 17.56
C HIS K 4832 10.89 67.01 16.61
N ASN K 4833 9.66 67.14 17.14
CA ASN K 4833 8.49 67.65 16.44
C ASN K 4833 8.53 69.17 16.26
N GLY K 4834 9.33 69.88 17.06
CA GLY K 4834 9.54 71.33 16.92
C GLY K 4834 10.23 71.74 15.62
N LYS K 4835 10.97 70.83 14.96
CA LYS K 4835 11.44 71.03 13.57
C LYS K 4835 10.28 71.16 12.57
N GLN K 4836 9.20 70.42 12.80
CA GLN K 4836 7.96 70.48 12.03
C GLN K 4836 7.06 71.58 12.61
N LEU K 4837 7.54 72.07 13.83
CA LEU K 4837 6.73 73.13 14.44
C LEU K 4837 7.15 74.50 13.93
N VAL K 4838 8.39 74.63 13.45
CA VAL K 4838 8.78 75.98 13.08
C VAL K 4838 7.90 76.53 11.96
N MET K 4839 7.23 75.66 11.22
CA MET K 4839 6.35 76.13 10.16
C MET K 4839 5.01 76.60 10.72
N THR K 4840 4.67 76.15 11.93
CA THR K 4840 3.45 76.64 12.55
C THR K 4840 3.63 78.05 13.09
N VAL K 4841 4.74 78.29 13.80
CA VAL K 4841 5.02 79.63 14.28
C VAL K 4841 5.45 80.54 13.14
N GLY K 4842 5.90 79.97 12.02
CA GLY K 4842 6.03 80.76 10.81
C GLY K 4842 4.68 81.13 10.24
N LEU K 4843 3.72 80.21 10.32
CA LEU K 4843 2.35 80.54 9.92
C LEU K 4843 1.70 81.48 10.91
N LEU K 4844 2.03 81.35 12.19
CA LEU K 4844 1.43 82.22 13.19
C LEU K 4844 1.94 83.65 13.07
N ALA K 4845 3.13 83.84 12.50
CA ALA K 4845 3.58 85.20 12.20
C ALA K 4845 2.75 85.80 11.07
N VAL K 4846 2.60 85.07 9.98
CA VAL K 4846 1.80 85.56 8.90
C VAL K 4846 0.41 85.97 9.38
N VAL K 4847 -0.12 85.29 10.40
CA VAL K 4847 -1.49 85.61 10.82
C VAL K 4847 -1.55 86.96 11.51
N VAL K 4848 -0.80 87.13 12.59
CA VAL K 4848 -0.77 88.43 13.26
C VAL K 4848 -0.41 89.49 12.25
N TYR K 4849 0.29 89.16 11.18
CA TYR K 4849 0.73 90.23 10.28
C TYR K 4849 -0.37 90.73 9.37
N LEU K 4850 -1.26 89.83 8.98
CA LEU K 4850 -2.37 90.22 8.12
C LEU K 4850 -3.38 90.96 8.96
N TYR K 4851 -3.30 90.80 10.27
CA TYR K 4851 -4.20 91.51 11.16
C TYR K 4851 -3.66 92.90 11.33
N THR K 4852 -2.34 93.07 11.32
CA THR K 4852 -1.78 94.39 11.60
C THR K 4852 -1.84 95.36 10.44
N VAL K 4853 -2.30 94.90 9.29
CA VAL K 4853 -2.47 95.80 8.16
C VAL K 4853 -3.91 96.28 8.15
N VAL K 4854 -4.86 95.37 8.33
CA VAL K 4854 -6.25 95.78 8.39
C VAL K 4854 -6.42 96.95 9.32
N ALA K 4855 -5.64 96.97 10.39
CA ALA K 4855 -5.77 98.04 11.37
C ALA K 4855 -5.05 99.29 10.90
N PHE K 4856 -3.76 99.15 10.57
CA PHE K 4856 -2.98 100.29 10.10
C PHE K 4856 -3.80 101.11 9.14
N ASN K 4857 -4.34 100.45 8.13
CA ASN K 4857 -5.15 101.15 7.15
C ASN K 4857 -6.42 101.69 7.79
N PHE K 4858 -7.36 100.81 8.12
CA PHE K 4858 -8.63 101.25 8.67
C PHE K 4858 -8.55 101.60 10.16
N PHE K 4859 -9.18 100.78 11.01
CA PHE K 4859 -9.21 101.07 12.45
C PHE K 4859 -7.87 101.49 13.00
N ARG K 4860 -7.65 102.79 13.17
CA ARG K 4860 -6.43 103.27 13.80
C ARG K 4860 -6.85 104.17 14.92
N LYS K 4861 -7.94 104.90 14.71
CA LYS K 4861 -8.46 105.79 15.74
C LYS K 4861 -8.72 105.02 17.00
N PHE K 4862 -9.13 103.76 16.86
CA PHE K 4862 -9.39 102.93 18.00
C PHE K 4862 -8.09 102.68 18.74
N TYR K 4863 -7.08 102.14 18.06
CA TYR K 4863 -5.81 101.82 18.72
C TYR K 4863 -5.15 103.06 19.27
N ASN K 4864 -5.41 103.39 20.54
CA ASN K 4864 -4.74 104.53 21.15
C ASN K 4864 -4.61 104.40 22.66
N LYS K 4865 -3.47 104.80 23.20
CA LYS K 4865 -3.25 104.73 24.63
C LYS K 4865 -3.03 106.12 25.20
N SER K 4866 -3.88 107.06 24.80
CA SER K 4866 -3.76 108.43 25.28
C SER K 4866 -3.91 108.48 26.78
N GLU K 4867 -2.78 108.57 27.49
CA GLU K 4867 -2.83 108.66 28.94
C GLU K 4867 -3.70 109.82 29.39
N ASP K 4868 -3.38 111.02 28.91
CA ASP K 4868 -4.15 112.21 29.29
C ASP K 4868 -4.04 113.32 28.26
N GLU K 4869 -5.18 113.77 27.76
CA GLU K 4869 -5.20 114.87 26.78
C GLU K 4869 -3.99 114.85 25.88
N ASP K 4870 -3.14 115.87 25.99
CA ASP K 4870 -1.95 115.94 25.14
C ASP K 4870 -1.30 114.59 25.01
N GLU K 4871 -1.02 113.95 26.14
CA GLU K 4871 -0.43 112.62 26.11
C GLU K 4871 -1.33 111.68 25.34
N PRO K 4872 -0.99 111.41 24.07
CA PRO K 4872 -1.84 110.54 23.25
C PRO K 4872 -1.03 109.49 22.53
N ASP K 4873 -0.20 108.76 23.27
CA ASP K 4873 0.63 107.73 22.66
C ASP K 4873 -0.16 106.96 21.62
N MET K 4874 0.36 106.91 20.40
CA MET K 4874 -0.33 106.22 19.32
C MET K 4874 0.32 104.88 19.03
N LYS K 4875 -0.40 103.94 18.45
CA LYS K 4875 0.19 102.62 18.27
C LYS K 4875 0.17 102.16 16.83
N CYS K 4876 -0.84 102.57 16.08
CA CYS K 4876 -0.94 102.12 14.71
C CYS K 4876 -0.51 103.21 13.76
N ASP K 4877 0.49 103.99 14.14
CA ASP K 4877 1.02 104.98 13.21
C ASP K 4877 2.15 104.32 12.47
N ASP K 4878 3.20 103.93 13.19
CA ASP K 4878 4.30 103.23 12.56
C ASP K 4878 4.07 101.73 12.63
N MET K 4879 3.92 101.10 11.48
CA MET K 4879 3.63 99.67 11.46
C MET K 4879 4.65 98.86 12.23
N MET K 4880 5.93 99.01 11.90
CA MET K 4880 6.96 98.21 12.55
C MET K 4880 6.69 98.08 14.03
N THR K 4881 5.94 99.00 14.59
CA THR K 4881 5.63 98.99 16.01
C THR K 4881 4.34 98.23 16.28
N CYS K 4882 3.32 98.42 15.44
CA CYS K 4882 2.01 97.86 15.71
C CYS K 4882 1.96 96.34 15.58
N TYR K 4883 2.78 95.84 14.66
CA TYR K 4883 2.91 94.42 14.53
C TYR K 4883 3.44 94.06 15.87
N LEU K 4884 4.45 94.80 16.32
CA LEU K 4884 5.06 94.50 17.62
C LEU K 4884 4.02 94.57 18.72
N PHE K 4885 3.35 95.70 18.84
CA PHE K 4885 2.30 95.84 19.84
C PHE K 4885 1.42 94.61 19.85
N HIS K 4886 0.88 94.27 18.68
CA HIS K 4886 0.00 93.12 18.56
C HIS K 4886 0.66 91.86 19.06
N MET K 4887 1.98 91.80 19.03
CA MET K 4887 2.66 90.60 19.45
C MET K 4887 3.09 90.70 20.90
N TYR K 4888 2.87 91.87 21.51
CA TYR K 4888 3.21 92.03 22.92
C TYR K 4888 1.96 92.02 23.77
N VAL K 4889 0.84 92.46 23.24
CA VAL K 4889 -0.41 92.34 23.99
C VAL K 4889 -1.44 91.50 23.26
N GLY K 4890 -1.35 91.44 21.95
CA GLY K 4890 -2.28 90.67 21.15
C GLY K 4890 -2.25 89.20 21.48
N VAL K 4891 -1.13 88.55 21.23
CA VAL K 4891 -1.06 87.11 21.43
C VAL K 4891 -1.18 86.73 22.89
N ARG K 4892 -0.93 87.67 23.78
CA ARG K 4892 -0.96 87.35 25.21
C ARG K 4892 -1.89 88.30 25.95
N ALA K 4893 -3.10 87.83 26.20
CA ALA K 4893 -4.08 88.65 26.91
C ALA K 4893 -5.30 87.83 27.28
N GLY K 4894 -5.41 86.63 26.73
CA GLY K 4894 -6.55 85.78 27.03
C GLY K 4894 -7.79 86.22 26.30
N GLY K 4895 -8.04 87.51 26.28
CA GLY K 4895 -9.20 88.04 25.58
C GLY K 4895 -8.78 88.56 24.24
N GLY K 4896 -7.84 87.87 23.61
CA GLY K 4896 -7.40 88.27 22.30
C GLY K 4896 -6.97 89.71 22.28
N ILE K 4897 -7.48 90.52 21.36
CA ILE K 4897 -6.97 91.90 21.28
C ILE K 4897 -7.92 92.94 21.82
N GLY K 4898 -9.19 92.82 21.52
CA GLY K 4898 -10.16 93.79 21.97
C GLY K 4898 -9.85 94.36 23.33
N ASP K 4899 -9.44 93.52 24.27
CA ASP K 4899 -9.19 93.99 25.62
C ASP K 4899 -8.33 95.23 25.65
N GLU K 4900 -7.37 95.33 24.74
CA GLU K 4900 -6.43 96.47 24.79
C GLU K 4900 -6.72 97.55 23.76
N ILE K 4901 -7.95 98.03 23.71
CA ILE K 4901 -8.32 99.11 22.80
C ILE K 4901 -9.61 99.73 23.29
N GLU K 4902 -10.56 99.98 22.41
CA GLU K 4902 -11.75 100.71 22.86
C GLU K 4902 -13.05 100.13 22.37
N ASP K 4903 -14.09 100.31 23.17
CA ASP K 4903 -15.38 99.77 22.78
C ASP K 4903 -15.76 100.31 21.43
N PRO K 4904 -16.27 99.45 20.56
CA PRO K 4904 -16.75 99.95 19.27
C PRO K 4904 -18.03 100.75 19.44
N ALA K 4905 -18.07 101.63 20.45
CA ALA K 4905 -19.25 102.45 20.69
C ALA K 4905 -19.63 103.21 19.43
N GLY K 4906 -18.75 104.10 18.97
CA GLY K 4906 -19.01 104.82 17.75
C GLY K 4906 -19.32 103.84 16.65
N ASP K 4907 -20.61 103.67 16.34
CA ASP K 4907 -21.02 102.69 15.33
C ASP K 4907 -20.08 102.66 14.13
N GLU K 4908 -19.45 103.79 13.82
CA GLU K 4908 -18.52 103.83 12.71
C GLU K 4908 -17.75 102.52 12.65
N TYR K 4909 -18.07 101.68 11.69
CA TYR K 4909 -17.35 100.42 11.50
C TYR K 4909 -17.57 99.39 12.61
N GLU K 4910 -18.08 99.84 13.75
CA GLU K 4910 -18.30 98.93 14.88
C GLU K 4910 -18.55 97.50 14.41
N LEU K 4911 -19.68 97.25 13.77
CA LEU K 4911 -19.96 95.88 13.40
C LEU K 4911 -18.68 95.28 12.85
N TYR K 4912 -18.03 96.01 11.95
CA TYR K 4912 -16.78 95.54 11.39
C TYR K 4912 -15.73 95.38 12.48
N ARG K 4913 -15.68 96.34 13.40
CA ARG K 4913 -14.72 96.26 14.49
C ARG K 4913 -14.97 95.05 15.36
N VAL K 4914 -16.22 94.74 15.63
CA VAL K 4914 -16.55 93.61 16.47
C VAL K 4914 -16.24 92.31 15.75
N VAL K 4915 -16.34 92.31 14.43
CA VAL K 4915 -15.96 91.12 13.68
C VAL K 4915 -14.46 90.95 13.67
N PHE K 4916 -13.74 92.06 13.73
CA PHE K 4916 -12.27 92.01 13.72
C PHE K 4916 -11.68 91.41 14.99
N ASP K 4917 -12.37 91.50 16.11
CA ASP K 4917 -11.85 90.97 17.36
C ASP K 4917 -12.20 89.51 17.51
N ILE K 4918 -13.49 89.20 17.44
CA ILE K 4918 -13.94 87.83 17.58
C ILE K 4918 -13.22 86.93 16.59
N THR K 4919 -12.84 87.45 15.43
CA THR K 4919 -12.09 86.64 14.49
C THR K 4919 -10.67 86.47 15.01
N PHE K 4920 -10.10 87.51 15.57
CA PHE K 4920 -8.79 87.40 16.20
C PHE K 4920 -8.84 86.26 17.18
N PHE K 4921 -9.82 86.38 18.08
CA PHE K 4921 -9.91 85.41 19.15
C PHE K 4921 -9.80 84.09 18.50
N PHE K 4922 -10.93 83.49 18.15
CA PHE K 4922 -10.92 82.18 17.54
C PHE K 4922 -9.58 81.82 16.91
N PHE K 4923 -9.11 82.62 15.95
CA PHE K 4923 -7.87 82.26 15.24
C PHE K 4923 -6.64 82.20 16.12
N VAL K 4924 -6.07 83.35 16.47
CA VAL K 4924 -4.82 83.36 17.22
C VAL K 4924 -4.85 82.75 18.61
N ILE K 4925 -5.78 83.17 19.46
CA ILE K 4925 -5.78 82.69 20.84
C ILE K 4925 -6.41 81.32 21.10
N VAL K 4926 -7.49 80.97 20.41
CA VAL K 4926 -8.17 79.71 20.68
C VAL K 4926 -7.82 78.57 19.72
N ILE K 4927 -7.26 78.89 18.57
CA ILE K 4927 -6.83 77.87 17.64
C ILE K 4927 -5.33 77.74 17.57
N LEU K 4928 -4.65 78.72 16.98
CA LEU K 4928 -3.21 78.63 16.82
C LEU K 4928 -2.50 78.39 18.13
N LEU K 4929 -2.71 79.26 19.12
CA LEU K 4929 -2.02 79.13 20.40
C LEU K 4929 -2.34 77.84 21.11
N ALA K 4930 -3.18 77.00 20.51
CA ALA K 4930 -3.48 75.70 21.10
C ALA K 4930 -2.76 74.66 20.28
N ILE K 4931 -2.77 74.83 18.97
CA ILE K 4931 -2.05 73.90 18.12
C ILE K 4931 -0.64 73.79 18.64
N ILE K 4932 -0.01 74.94 18.87
CA ILE K 4932 1.35 74.93 19.40
C ILE K 4932 1.42 74.05 20.63
N GLN K 4933 0.67 74.36 21.69
CA GLN K 4933 0.69 73.49 22.85
C GLN K 4933 0.49 72.06 22.41
N GLY K 4934 -0.48 71.86 21.53
CA GLY K 4934 -0.76 70.52 21.04
C GLY K 4934 0.50 69.82 20.58
N LEU K 4935 1.21 70.41 19.63
CA LEU K 4935 2.44 69.82 19.15
C LEU K 4935 3.29 69.31 20.30
N ILE K 4936 3.75 70.19 21.18
CA ILE K 4936 4.58 69.79 22.31
C ILE K 4936 4.01 68.62 23.13
N ILE K 4937 2.79 68.76 23.59
CA ILE K 4937 2.19 67.70 24.38
C ILE K 4937 2.22 66.36 23.65
N ASP K 4938 1.78 66.33 22.39
CA ASP K 4938 1.74 65.08 21.63
C ASP K 4938 3.12 64.51 21.41
N ALA K 4939 4.10 65.36 21.20
CA ALA K 4939 5.46 64.90 21.05
C ALA K 4939 5.87 64.18 22.31
N PHE K 4940 5.67 64.84 23.46
CA PHE K 4940 5.98 64.16 24.72
C PHE K 4940 5.29 62.80 24.78
N GLY K 4941 4.01 62.78 24.46
CA GLY K 4941 3.25 61.54 24.50
C GLY K 4941 3.86 60.43 23.68
N GLU K 4942 4.21 60.71 22.43
CA GLU K 4942 4.83 59.72 21.57
C GLU K 4942 6.12 59.27 22.21
N LEU K 4943 6.97 60.21 22.56
CA LEU K 4943 8.22 59.87 23.20
C LEU K 4943 7.96 58.78 24.24
N ARG K 4944 7.02 59.05 25.14
CA ARG K 4944 6.72 58.07 26.19
C ARG K 4944 6.25 56.74 25.62
N ASP K 4945 5.63 56.76 24.45
CA ASP K 4945 5.09 55.55 23.84
C ASP K 4945 6.14 54.68 23.16
N GLN K 4946 7.15 55.31 22.57
CA GLN K 4946 8.21 54.55 21.94
C GLN K 4946 8.98 53.80 23.02
N GLN K 4947 9.30 54.48 24.12
CA GLN K 4947 9.98 53.81 25.21
C GLN K 4947 9.15 52.61 25.60
N GLU K 4948 7.84 52.79 25.71
CA GLU K 4948 6.99 51.63 25.99
C GLU K 4948 7.29 50.52 24.99
N GLN K 4949 6.87 50.72 23.74
CA GLN K 4949 7.10 49.72 22.68
C GLN K 4949 8.30 48.83 22.95
N VAL K 4950 9.52 49.34 22.73
CA VAL K 4950 10.70 48.52 22.91
C VAL K 4950 10.47 47.47 23.98
N LYS K 4951 10.08 47.93 25.17
CA LYS K 4951 9.85 47.00 26.27
C LYS K 4951 9.03 45.80 25.82
N GLU K 4952 7.80 46.04 25.42
CA GLU K 4952 6.95 44.95 24.95
C GLU K 4952 7.74 44.07 24.00
N ASP K 4953 8.07 44.61 22.84
CA ASP K 4953 8.81 43.84 21.84
C ASP K 4953 9.84 42.86 22.43
N MET K 4954 10.78 43.36 23.21
CA MET K 4954 11.82 42.52 23.76
C MET K 4954 11.27 41.49 24.73
N GLU K 4955 10.03 41.71 25.18
CA GLU K 4955 9.41 40.76 26.08
C GLU K 4955 8.33 39.97 25.35
N THR K 4956 8.48 39.86 24.03
CA THR K 4956 7.50 39.13 23.24
C THR K 4956 8.13 38.48 22.02
N LYS K 4957 9.44 38.61 21.88
CA LYS K 4957 10.14 37.96 20.76
C LYS K 4957 11.47 37.38 21.21
N CYS K 4958 12.13 36.64 20.33
CA CYS K 4958 13.38 35.99 20.71
C CYS K 4958 14.56 36.95 20.76
N PHE K 4959 14.61 37.89 19.79
CA PHE K 4959 15.65 38.86 19.41
C PHE K 4959 16.77 38.17 18.63
N ILE K 4960 16.80 36.85 18.60
CA ILE K 4960 17.80 36.11 17.84
C ILE K 4960 17.17 35.30 16.72
N CYS K 4961 16.26 34.39 17.05
CA CYS K 4961 15.48 33.75 16.01
C CYS K 4961 14.22 34.58 15.79
N GLY K 4962 13.40 34.16 14.84
CA GLY K 4962 12.25 34.93 14.45
C GLY K 4962 10.91 34.45 14.98
N ILE K 4963 10.85 34.07 16.26
CA ILE K 4963 9.63 33.51 16.84
C ILE K 4963 9.38 34.20 18.18
N GLY K 4964 8.14 34.63 18.39
CA GLY K 4964 7.74 35.27 19.63
C GLY K 4964 7.53 34.28 20.77
N SER K 4965 6.97 34.78 21.87
CA SER K 4965 6.66 33.89 22.98
C SER K 4965 5.38 33.15 22.69
N ASP K 4966 5.40 32.30 21.66
CA ASP K 4966 4.22 31.51 21.33
C ASP K 4966 4.61 30.05 21.26
N TYR K 4967 5.35 29.68 20.23
CA TYR K 4967 5.84 28.31 20.14
C TYR K 4967 6.65 28.02 21.37
N PHE K 4968 7.33 29.03 21.89
CA PHE K 4968 8.10 28.86 23.11
C PHE K 4968 7.25 29.14 24.33
N ASP K 4969 5.94 29.21 24.15
CA ASP K 4969 5.05 29.52 25.27
C ASP K 4969 4.20 28.32 25.64
N THR K 4970 4.02 27.38 24.72
CA THR K 4970 3.23 26.19 25.00
C THR K 4970 3.95 25.26 25.96
N THR K 4971 4.62 25.82 26.95
CA THR K 4971 5.36 25.02 27.92
C THR K 4971 5.74 25.86 29.11
N PRO K 4972 5.71 25.26 30.31
CA PRO K 4972 6.06 26.00 31.53
C PRO K 4972 7.34 26.80 31.34
N HIS K 4973 7.31 28.06 31.73
CA HIS K 4973 8.48 28.91 31.59
C HIS K 4973 9.23 28.59 30.31
N GLY K 4974 8.50 28.52 29.20
CA GLY K 4974 9.13 28.20 27.93
C GLY K 4974 10.06 29.28 27.46
N PHE K 4975 9.53 30.49 27.28
CA PHE K 4975 10.34 31.59 26.80
C PHE K 4975 11.65 31.69 27.57
N GLU K 4976 11.57 31.93 28.87
CA GLU K 4976 12.78 32.08 29.65
C GLU K 4976 13.85 31.08 29.22
N THR K 4977 13.55 29.79 29.33
CA THR K 4977 14.50 28.75 28.94
C THR K 4977 15.06 29.00 27.55
N HIS K 4978 14.22 29.46 26.63
CA HIS K 4978 14.68 29.83 25.30
C HIS K 4978 15.63 31.02 25.32
N THR K 4979 15.51 31.90 26.30
CA THR K 4979 16.37 33.06 26.38
C THR K 4979 17.61 32.80 27.23
N LEU K 4980 17.40 32.33 28.47
CA LEU K 4980 18.52 32.25 29.41
C LEU K 4980 19.48 31.12 29.04
N GLU K 4981 19.02 30.14 28.26
CA GLU K 4981 19.92 29.06 27.88
C GLU K 4981 20.19 29.02 26.39
N GLU K 4982 19.13 28.95 25.57
CA GLU K 4982 19.32 28.77 24.13
C GLU K 4982 19.80 30.06 23.48
N HIS K 4983 18.97 31.10 23.51
CA HIS K 4983 19.26 32.32 22.78
C HIS K 4983 19.52 33.44 23.78
N ASN K 4984 20.74 33.56 24.24
CA ASN K 4984 21.00 34.69 25.11
C ASN K 4984 21.86 35.62 24.29
N LEU K 4985 21.31 36.77 23.94
CA LEU K 4985 22.08 37.73 23.18
C LEU K 4985 23.49 37.74 23.74
N ALA K 4986 23.59 37.70 25.05
CA ALA K 4986 24.90 37.68 25.68
C ALA K 4986 25.72 36.51 25.15
N ASN K 4987 25.11 35.34 25.06
CA ASN K 4987 25.83 34.18 24.56
C ASN K 4987 26.44 34.52 23.21
N TYR K 4988 25.59 34.85 22.24
CA TYR K 4988 26.09 35.11 20.89
C TYR K 4988 27.28 36.06 20.94
N MET K 4989 27.38 36.85 22.00
CA MET K 4989 28.54 37.70 22.14
C MET K 4989 29.69 36.87 22.64
N PHE K 4990 29.67 36.52 23.93
CA PHE K 4990 30.74 35.70 24.50
C PHE K 4990 31.36 34.79 23.46
N PHE K 4991 30.55 33.94 22.83
CA PHE K 4991 31.04 33.09 21.75
C PHE K 4991 32.23 33.70 21.05
N LEU K 4992 32.20 35.03 20.86
CA LEU K 4992 33.15 35.64 19.95
C LEU K 4992 34.53 35.77 20.56
N MET K 4993 34.62 36.15 21.84
CA MET K 4993 35.91 36.23 22.50
C MET K 4993 36.54 34.86 22.69
N TYR K 4994 35.71 33.82 22.60
CA TYR K 4994 36.23 32.49 22.63
C TYR K 4994 36.83 32.36 21.27
N LEU K 4995 36.01 32.51 20.24
CA LEU K 4995 36.48 32.40 18.87
C LEU K 4995 37.74 33.21 18.70
N ILE K 4996 37.71 34.47 19.12
CA ILE K 4996 38.86 35.35 18.95
C ILE K 4996 40.08 34.80 19.68
N ASN K 4997 39.86 34.21 20.85
CA ASN K 4997 41.00 33.73 21.64
C ASN K 4997 41.19 32.22 21.60
N LYS K 4998 41.70 31.72 20.49
CA LYS K 4998 41.93 30.29 20.36
C LYS K 4998 43.27 30.19 19.69
N ASP K 4999 43.28 30.03 18.38
CA ASP K 4999 44.54 30.02 17.65
C ASP K 4999 44.26 29.67 16.20
N GLU K 5000 42.98 29.58 15.84
CA GLU K 5000 42.61 29.26 14.47
C GLU K 5000 43.04 27.85 14.09
N THR K 5001 43.96 27.26 14.84
CA THR K 5001 44.39 25.91 14.57
C THR K 5001 43.66 24.97 15.51
N GLU K 5002 42.91 25.51 16.46
CA GLU K 5002 42.18 24.70 17.40
C GLU K 5002 40.69 24.84 17.19
N HIS K 5003 40.30 25.71 16.29
CA HIS K 5003 38.89 25.85 15.98
C HIS K 5003 38.37 24.53 15.46
N THR K 5004 37.19 24.11 15.93
CA THR K 5004 36.59 22.88 15.43
C THR K 5004 36.01 23.06 14.06
N GLY K 5005 35.05 22.21 13.71
CA GLY K 5005 34.43 22.31 12.41
C GLY K 5005 33.59 23.55 12.38
N GLN K 5006 32.58 23.59 13.23
CA GLN K 5006 31.76 24.79 13.31
C GLN K 5006 32.60 25.95 13.84
N GLU K 5007 33.65 25.66 14.60
CA GLU K 5007 34.38 26.81 15.13
C GLU K 5007 35.25 27.49 14.09
N SER K 5008 35.71 26.76 13.09
CA SER K 5008 36.30 27.40 11.93
C SER K 5008 35.25 27.87 10.95
N TYR K 5009 34.09 27.20 10.92
CA TYR K 5009 33.06 27.53 9.94
C TYR K 5009 32.41 28.86 10.24
N VAL K 5010 32.10 29.12 11.51
CA VAL K 5010 31.56 30.42 11.85
C VAL K 5010 32.64 31.50 11.78
N TRP K 5011 33.92 31.12 11.96
CA TRP K 5011 34.98 32.12 11.91
C TRP K 5011 35.21 32.60 10.48
N LYS K 5012 35.23 31.68 9.52
CA LYS K 5012 35.54 32.08 8.16
C LYS K 5012 34.37 32.79 7.52
N MET K 5013 33.15 32.57 8.01
CA MET K 5013 32.04 33.37 7.53
C MET K 5013 32.00 34.73 8.21
N TYR K 5014 32.46 34.82 9.44
CA TYR K 5014 32.63 36.12 10.10
C TYR K 5014 33.67 36.97 9.41
N GLN K 5015 34.76 36.36 8.94
CA GLN K 5015 35.87 37.14 8.43
C GLN K 5015 35.62 37.71 7.05
N GLU K 5016 34.52 37.36 6.41
CA GLU K 5016 34.09 38.04 5.20
C GLU K 5016 32.72 38.69 5.35
N ARG K 5017 32.17 38.71 6.56
CA ARG K 5017 30.97 39.46 6.94
C ARG K 5017 29.74 39.05 6.14
N CYS K 5018 29.51 37.75 6.10
CA CYS K 5018 28.23 37.19 5.68
C CYS K 5018 27.60 36.52 6.90
N TRP K 5019 26.30 36.70 7.05
CA TRP K 5019 25.63 36.44 8.31
C TRP K 5019 24.48 35.46 8.15
N ASP K 5020 24.76 34.31 7.54
CA ASP K 5020 23.73 33.30 7.38
C ASP K 5020 23.80 32.20 8.42
N PHE K 5021 24.76 32.25 9.35
CA PHE K 5021 24.81 31.24 10.40
C PHE K 5021 23.80 31.51 11.51
N PHE K 5022 23.25 32.71 11.58
CA PHE K 5022 22.21 33.01 12.55
C PHE K 5022 20.93 32.26 12.17
N PRO K 5023 20.15 31.77 13.16
CA PRO K 5023 19.08 30.82 12.86
C PRO K 5023 17.95 31.33 11.98
N ALA K 5024 17.23 32.35 12.47
CA ALA K 5024 16.16 33.04 11.74
C ALA K 5024 15.11 32.10 11.19
N GLY K 5025 14.39 31.44 12.10
CA GLY K 5025 13.29 30.57 11.73
C GLY K 5025 13.08 29.34 12.58
N ASP K 5026 14.08 28.93 13.34
CA ASP K 5026 13.95 27.71 14.12
C ASP K 5026 14.82 27.73 15.33
N CYS K 5027 14.88 26.60 16.04
CA CYS K 5027 15.73 26.50 17.21
C CYS K 5027 15.62 25.11 17.78
N PHE K 5028 15.77 24.09 16.94
CA PHE K 5028 15.61 22.72 17.38
C PHE K 5028 14.15 22.46 17.67
N ARG K 5029 13.47 23.43 18.27
CA ARG K 5029 12.06 23.29 18.56
C ARG K 5029 11.27 23.09 17.27
N LYS K 5030 11.94 23.22 16.13
CA LYS K 5030 11.27 23.00 14.86
C LYS K 5030 12.03 21.99 14.01
N GLN K 5031 13.27 22.31 13.67
CA GLN K 5031 14.08 21.40 12.85
C GLN K 5031 13.95 19.98 13.38
N TYR K 5032 13.83 19.83 14.70
CA TYR K 5032 13.62 18.51 15.27
C TYR K 5032 12.30 18.46 16.02
N GLU K 5033 11.59 19.57 16.03
CA GLU K 5033 10.29 19.65 16.71
C GLU K 5033 9.76 18.33 17.27
N ASP K 5034 9.30 17.45 16.39
CA ASP K 5034 8.71 16.19 16.85
C ASP K 5034 9.66 15.34 17.67
N GLN K 5035 10.56 14.62 17.01
CA GLN K 5035 11.48 13.72 17.69
C GLN K 5035 12.20 14.35 18.88
N LEU K 5036 11.57 14.33 20.06
CA LEU K 5036 12.18 14.86 21.28
C LEU K 5036 11.13 14.91 22.39
N GLN L 12 28.43 -13.65 16.17
CA GLN L 12 29.36 -14.23 15.23
C GLN L 12 30.76 -14.30 15.82
N PHE L 13 30.90 -13.78 17.02
CA PHE L 13 32.17 -13.81 17.73
C PHE L 13 31.96 -14.31 19.14
N LEU L 14 32.99 -14.95 19.68
CA LEU L 14 32.86 -15.59 20.98
C LEU L 14 32.96 -14.55 22.10
N ARG L 15 32.43 -14.91 23.25
CA ARG L 15 32.39 -14.02 24.40
C ARG L 15 32.55 -14.84 25.68
N THR L 16 32.23 -14.20 26.80
CA THR L 16 32.26 -14.84 28.09
C THR L 16 30.89 -15.41 28.41
N ASP L 17 30.87 -16.47 29.24
CA ASP L 17 29.66 -17.06 29.81
C ASP L 17 28.73 -17.60 28.73
N ASP L 18 29.26 -18.51 27.93
CA ASP L 18 28.52 -19.19 26.88
C ASP L 18 29.24 -20.47 26.53
N GLU L 19 28.53 -21.59 26.62
CA GLU L 19 29.16 -22.90 26.59
C GLU L 19 29.66 -23.24 25.19
N VAL L 20 30.81 -23.91 25.14
CA VAL L 20 31.41 -24.38 23.89
C VAL L 20 31.73 -25.86 24.05
N VAL L 21 32.14 -26.47 22.94
CA VAL L 21 32.49 -27.89 22.90
C VAL L 21 33.74 -28.06 22.05
N LEU L 22 34.80 -28.57 22.65
CA LEU L 22 36.04 -28.77 21.91
C LEU L 22 35.92 -30.00 21.02
N GLN L 23 36.15 -29.82 19.72
CA GLN L 23 36.13 -30.94 18.80
C GLN L 23 37.39 -30.89 17.93
N CYS L 24 37.91 -32.07 17.64
CA CYS L 24 39.12 -32.24 16.86
C CYS L 24 38.77 -32.81 15.51
N SER L 25 39.80 -33.17 14.73
CA SER L 25 39.60 -33.75 13.42
C SER L 25 40.74 -34.71 13.10
N ALA L 26 40.40 -35.97 12.88
CA ALA L 26 41.39 -36.98 12.52
C ALA L 26 40.77 -38.08 11.67
N GLU L 31 40.24 -42.29 7.97
CA GLU L 31 39.61 -41.15 7.32
C GLU L 31 39.46 -39.98 8.30
N GLN L 32 38.92 -38.87 7.82
CA GLN L 32 38.68 -37.71 8.65
C GLN L 32 37.51 -37.98 9.59
N LEU L 33 37.67 -37.59 10.85
CA LEU L 33 36.72 -37.97 11.90
C LEU L 33 36.76 -36.94 13.01
N LYS L 34 35.58 -36.46 13.40
CA LYS L 34 35.46 -35.41 14.39
C LYS L 34 35.26 -36.00 15.79
N LEU L 35 36.22 -35.75 16.67
CA LEU L 35 36.21 -36.27 18.04
C LEU L 35 35.91 -35.11 18.97
N CYS L 36 34.78 -35.18 19.67
CA CYS L 36 34.51 -34.21 20.72
C CYS L 36 35.20 -34.65 22.00
N LEU L 37 35.51 -33.69 22.87
CA LEU L 37 36.30 -33.95 24.08
C LEU L 37 35.41 -33.77 25.30
N ALA L 38 35.18 -34.88 26.01
CA ALA L 38 34.33 -34.90 27.18
C ALA L 38 35.02 -35.62 28.32
N ALA L 39 34.48 -35.47 29.53
CA ALA L 39 35.04 -36.10 30.72
C ALA L 39 33.95 -36.29 31.76
N GLU L 40 34.06 -37.38 32.53
CA GLU L 40 32.94 -37.79 33.36
C GLU L 40 32.87 -36.99 34.64
N GLY L 41 33.86 -37.11 35.50
CA GLY L 41 33.80 -36.48 36.82
C GLY L 41 32.98 -37.28 37.81
N PHE L 42 33.22 -37.06 39.11
CA PHE L 42 32.69 -37.87 40.21
C PHE L 42 32.99 -39.35 39.99
N GLY L 43 34.27 -39.67 39.97
CA GLY L 43 34.71 -40.94 39.45
C GLY L 43 35.15 -40.70 38.03
N ASN L 44 36.29 -41.27 37.64
CA ASN L 44 36.93 -41.05 36.33
C ASN L 44 37.18 -39.57 36.09
N ARG L 45 38.12 -39.02 36.87
CA ARG L 45 38.47 -37.62 36.75
C ARG L 45 39.25 -37.31 35.48
N LEU L 46 39.79 -38.32 34.81
CA LEU L 46 40.52 -38.09 33.57
C LEU L 46 39.54 -37.85 32.43
N CYS L 47 40.08 -37.41 31.29
CA CYS L 47 39.23 -37.16 30.14
C CYS L 47 39.52 -38.17 29.04
N PHE L 48 38.48 -38.47 28.27
CA PHE L 48 38.62 -39.31 27.10
C PHE L 48 38.10 -38.56 25.88
N LEU L 49 37.98 -39.28 24.78
CA LEU L 49 37.42 -38.72 23.56
C LEU L 49 36.08 -39.36 23.28
N GLU L 50 35.32 -38.71 22.39
CA GLU L 50 34.07 -39.27 21.92
C GLU L 50 33.81 -38.79 20.50
N PRO L 51 33.53 -39.71 19.57
CA PRO L 51 33.33 -39.30 18.18
C PRO L 51 31.93 -38.73 17.99
N THR L 52 31.78 -37.93 16.94
CA THR L 52 30.50 -37.34 16.61
C THR L 52 30.20 -37.35 15.12
N SER L 53 31.11 -37.85 14.28
CA SER L 53 30.89 -37.88 12.84
C SER L 53 29.86 -38.92 12.44
N ASN L 54 29.60 -39.91 13.30
CA ASN L 54 28.62 -40.95 13.04
C ASN L 54 27.33 -40.71 13.80
N ALA L 55 26.87 -39.46 13.84
CA ALA L 55 25.64 -39.15 14.54
C ALA L 55 24.40 -39.74 13.88
N GLN L 56 24.49 -40.17 12.62
CA GLN L 56 23.33 -40.71 11.92
C GLN L 56 22.93 -42.09 12.43
N ASN L 57 23.87 -42.99 12.64
CA ASN L 57 23.53 -44.30 13.17
C ASN L 57 23.60 -44.39 14.68
N VAL L 58 24.38 -43.54 15.34
CA VAL L 58 24.42 -43.55 16.80
C VAL L 58 24.62 -42.14 17.34
N PRO L 59 23.68 -41.64 18.13
CA PRO L 59 23.86 -40.34 18.75
C PRO L 59 24.91 -40.39 19.84
N PRO L 60 25.96 -39.58 19.76
CA PRO L 60 26.94 -39.52 20.86
C PRO L 60 26.38 -38.75 22.05
N ASP L 61 27.08 -38.77 23.18
CA ASP L 61 26.59 -38.18 24.42
C ASP L 61 27.26 -36.83 24.61
N LEU L 62 26.44 -35.78 24.61
CA LEU L 62 26.92 -34.42 24.81
C LEU L 62 26.80 -33.95 26.24
N ALA L 63 26.31 -34.79 27.15
CA ALA L 63 26.08 -34.39 28.53
C ALA L 63 27.36 -34.00 29.26
N ILE L 64 28.47 -34.65 28.95
CA ILE L 64 29.72 -34.40 29.65
C ILE L 64 30.69 -33.60 28.78
N CYS L 65 30.21 -32.99 27.71
CA CYS L 65 31.07 -32.28 26.78
C CYS L 65 30.92 -30.77 26.86
N CYS L 66 29.91 -30.26 27.56
CA CYS L 66 29.66 -28.82 27.68
C CYS L 66 30.78 -28.18 28.49
N PHE L 67 31.17 -26.98 28.10
CA PHE L 67 32.24 -26.25 28.77
C PHE L 67 31.96 -24.76 28.67
N THR L 68 31.71 -24.14 29.81
CA THR L 68 31.47 -22.71 29.87
C THR L 68 32.78 -21.98 30.12
N LEU L 69 32.93 -20.82 29.49
CA LEU L 69 34.08 -19.97 29.69
C LEU L 69 33.66 -18.91 30.70
N GLU L 70 33.99 -19.12 31.96
CA GLU L 70 33.45 -18.19 32.95
C GLU L 70 34.37 -17.00 33.18
N GLN L 71 35.64 -17.11 32.82
CA GLN L 71 36.54 -15.97 32.85
C GLN L 71 37.52 -16.04 31.69
N SER L 72 38.10 -14.90 31.36
CA SER L 72 39.10 -14.77 30.31
C SER L 72 39.91 -13.52 30.59
N LEU L 73 41.21 -13.68 30.76
CA LEU L 73 42.08 -12.56 31.11
C LEU L 73 43.22 -12.48 30.10
N SER L 74 44.01 -11.43 30.22
CA SER L 74 45.27 -11.31 29.47
C SER L 74 46.34 -12.07 30.22
N VAL L 75 47.52 -12.20 29.62
CA VAL L 75 48.56 -13.05 30.19
C VAL L 75 49.13 -12.44 31.46
N ARG L 76 49.42 -11.16 31.42
CA ARG L 76 49.86 -10.50 32.64
C ARG L 76 48.72 -10.21 33.58
N ALA L 77 47.48 -10.37 33.12
CA ALA L 77 46.34 -9.99 33.94
C ALA L 77 46.13 -10.96 35.09
N LEU L 78 46.25 -12.26 34.85
CA LEU L 78 46.08 -13.20 35.95
C LEU L 78 47.29 -13.22 36.87
N GLN L 79 48.41 -12.68 36.42
CA GLN L 79 49.62 -12.64 37.23
C GLN L 79 49.41 -11.86 38.51
N GLU L 80 48.54 -10.86 38.47
CA GLU L 80 48.18 -10.18 39.70
C GLU L 80 46.85 -10.66 40.26
N MET L 81 46.32 -11.76 39.73
CA MET L 81 45.29 -12.47 40.48
C MET L 81 45.92 -13.48 41.43
N LEU L 82 46.97 -14.15 40.99
CA LEU L 82 47.58 -15.20 41.79
C LEU L 82 48.33 -14.67 42.99
N ALA L 83 49.05 -13.54 42.84
CA ALA L 83 49.68 -12.94 44.01
C ALA L 83 48.65 -12.30 44.93
N ASN L 84 47.50 -11.93 44.39
CA ASN L 84 46.43 -11.36 45.19
C ASN L 84 45.77 -12.44 46.02
N GLY L 97 30.39 -7.54 32.36
CA GLY L 97 30.17 -8.92 32.73
C GLY L 97 30.39 -9.90 31.58
N HIS L 98 30.33 -9.38 30.37
CA HIS L 98 30.53 -10.20 29.16
C HIS L 98 31.63 -9.56 28.33
N ARG L 99 32.86 -9.96 28.59
CA ARG L 99 34.02 -9.45 27.86
C ARG L 99 34.36 -10.42 26.75
N THR L 100 34.39 -9.92 25.52
CA THR L 100 34.81 -10.75 24.41
C THR L 100 36.31 -10.97 24.48
N LEU L 101 36.80 -11.96 23.74
CA LEU L 101 38.15 -12.46 23.97
C LEU L 101 38.97 -12.54 22.69
N LEU L 102 40.28 -12.52 22.85
CA LEU L 102 41.23 -12.39 21.77
C LEU L 102 42.22 -13.55 21.78
N TYR L 103 42.96 -13.68 20.69
CA TYR L 103 44.12 -14.56 20.70
C TYR L 103 45.18 -13.96 21.61
N GLY L 104 45.97 -14.84 22.21
CA GLY L 104 46.92 -14.41 23.21
C GLY L 104 46.30 -14.03 24.53
N HIS L 105 45.03 -14.38 24.76
CA HIS L 105 44.46 -14.23 26.08
C HIS L 105 44.60 -15.53 26.86
N ALA L 106 44.18 -15.49 28.11
CA ALA L 106 44.10 -16.69 28.94
C ALA L 106 42.63 -17.05 29.12
N ILE L 107 42.40 -18.30 29.54
CA ILE L 107 41.04 -18.82 29.55
C ILE L 107 40.89 -19.79 30.72
N LEU L 108 39.69 -19.86 31.26
CA LEU L 108 39.34 -20.70 32.40
C LEU L 108 38.03 -21.42 32.11
N LEU L 109 38.12 -22.70 31.77
CA LEU L 109 36.94 -23.46 31.40
C LEU L 109 36.29 -24.08 32.62
N ARG L 110 34.98 -24.26 32.56
CA ARG L 110 34.23 -24.92 33.61
C ARG L 110 33.41 -26.04 33.03
N HIS L 111 33.49 -27.21 33.66
CA HIS L 111 32.67 -28.33 33.25
C HIS L 111 31.26 -28.16 33.77
N ALA L 112 30.34 -27.87 32.85
CA ALA L 112 29.00 -27.39 33.17
C ALA L 112 28.15 -28.39 33.92
N HIS L 113 28.39 -29.67 33.74
CA HIS L 113 27.63 -30.66 34.50
C HIS L 113 28.20 -30.81 35.90
N SER L 114 29.50 -30.98 36.00
CA SER L 114 30.14 -31.32 37.26
C SER L 114 30.53 -30.11 38.09
N ARG L 115 30.33 -28.90 37.55
CA ARG L 115 30.59 -27.63 38.24
C ARG L 115 32.03 -27.52 38.71
N MET L 116 32.97 -28.05 37.93
CA MET L 116 34.38 -27.89 38.26
C MET L 116 35.13 -27.49 37.00
N TYR L 117 36.45 -27.33 37.13
CA TYR L 117 37.25 -26.71 36.10
C TYR L 117 38.20 -27.72 35.46
N LEU L 118 38.41 -27.55 34.17
CA LEU L 118 39.38 -28.34 33.42
C LEU L 118 40.77 -27.88 33.85
N SER L 119 41.72 -28.79 33.81
CA SER L 119 43.10 -28.47 34.13
C SER L 119 44.03 -29.49 33.48
N CYS L 120 45.32 -29.30 33.68
CA CYS L 120 46.35 -30.23 33.24
C CYS L 120 46.96 -30.84 34.48
N LEU L 121 47.04 -32.17 34.51
CA LEU L 121 47.33 -32.86 35.76
C LEU L 121 48.83 -33.13 35.91
N THR L 122 49.18 -33.64 37.09
CA THR L 122 50.56 -33.85 37.48
C THR L 122 51.14 -35.16 36.95
N THR L 123 50.34 -36.21 36.90
CA THR L 123 50.82 -37.55 36.56
C THR L 123 51.03 -37.69 35.06
N SER L 124 51.18 -38.94 34.62
CA SER L 124 51.33 -39.26 33.22
C SER L 124 50.63 -40.58 32.92
N ARG L 125 49.61 -40.52 32.06
CA ARG L 125 48.92 -41.70 31.59
C ARG L 125 49.54 -42.28 30.33
N SER L 126 50.79 -41.93 30.02
CA SER L 126 51.44 -42.45 28.84
C SER L 126 52.24 -43.71 29.13
N MET L 127 53.05 -43.68 30.21
CA MET L 127 53.89 -44.80 30.66
C MET L 127 54.87 -45.26 29.57
N THR L 128 55.38 -44.32 28.79
CA THR L 128 56.34 -44.65 27.74
C THR L 128 57.47 -43.62 27.67
N ASP L 129 57.68 -42.82 28.72
CA ASP L 129 58.68 -41.75 28.81
C ASP L 129 58.49 -40.70 27.71
N LYS L 130 57.24 -40.53 27.27
CA LYS L 130 56.91 -39.56 26.24
C LYS L 130 56.85 -38.14 26.79
N LEU L 131 56.82 -37.99 28.11
CA LEU L 131 56.61 -36.72 28.81
C LEU L 131 55.33 -36.04 28.34
N ALA L 132 54.31 -36.86 28.12
CA ALA L 132 52.99 -36.40 27.72
C ALA L 132 52.10 -36.39 28.94
N PHE L 133 51.70 -35.20 29.38
CA PHE L 133 50.90 -35.11 30.57
C PHE L 133 49.46 -35.46 30.26
N ASP L 134 48.69 -35.71 31.30
CA ASP L 134 47.33 -36.17 31.16
C ASP L 134 46.35 -35.09 31.61
N VAL L 135 45.27 -34.95 30.85
CA VAL L 135 44.28 -33.92 31.07
C VAL L 135 43.14 -34.49 31.91
N GLY L 136 42.80 -33.78 32.98
CA GLY L 136 41.73 -34.18 33.87
C GLY L 136 41.06 -32.96 34.44
N LEU L 137 40.25 -33.17 35.46
CA LEU L 137 39.47 -32.09 36.01
C LEU L 137 39.99 -31.74 37.41
N GLN L 138 39.53 -30.62 37.94
CA GLN L 138 39.98 -30.17 39.25
C GLN L 138 38.86 -29.46 39.97
N GLU L 139 38.77 -29.71 41.27
CA GLU L 139 37.76 -29.08 42.10
C GLU L 139 38.19 -27.73 42.62
N ASP L 140 39.47 -27.56 42.89
CA ASP L 140 39.96 -26.31 43.45
C ASP L 140 39.97 -25.23 42.38
N ALA L 141 39.83 -23.98 42.84
CA ALA L 141 39.85 -22.83 41.97
C ALA L 141 41.20 -22.12 41.99
N THR L 142 42.26 -22.84 42.34
CA THR L 142 43.59 -22.28 42.25
C THR L 142 43.98 -22.10 40.79
N GLY L 143 44.86 -21.16 40.54
CA GLY L 143 45.12 -20.74 39.18
C GLY L 143 46.42 -21.28 38.60
N GLU L 144 46.93 -22.36 39.19
CA GLU L 144 48.20 -22.88 38.72
C GLU L 144 48.06 -23.55 37.36
N ALA L 145 47.32 -24.65 37.31
CA ALA L 145 47.20 -25.42 36.09
C ALA L 145 45.81 -25.37 35.48
N CYS L 146 44.92 -24.55 36.01
CA CYS L 146 43.58 -24.46 35.47
C CYS L 146 43.50 -23.65 34.19
N TRP L 147 44.53 -22.87 33.87
CA TRP L 147 44.43 -21.87 32.83
C TRP L 147 45.13 -22.32 31.55
N TRP L 148 44.64 -21.82 30.43
CA TRP L 148 45.18 -22.13 29.12
C TRP L 148 45.27 -20.86 28.32
N THR L 149 46.19 -20.81 27.35
CA THR L 149 46.27 -19.73 26.40
C THR L 149 46.02 -20.28 25.01
N MET L 150 45.29 -19.51 24.20
CA MET L 150 45.05 -19.90 22.82
C MET L 150 46.04 -19.21 21.91
N HIS L 151 46.16 -19.74 20.70
CA HIS L 151 47.10 -19.21 19.74
C HIS L 151 46.52 -19.39 18.36
N PRO L 152 46.75 -18.44 17.45
CA PRO L 152 46.29 -18.62 16.07
C PRO L 152 47.13 -19.66 15.36
N ALA L 153 46.46 -20.41 14.49
CA ALA L 153 47.09 -21.56 13.86
C ALA L 153 48.08 -21.13 12.78
N SER L 154 47.59 -20.43 11.76
CA SER L 154 48.41 -19.95 10.67
C SER L 154 48.80 -18.50 10.91
N LYS L 155 49.35 -17.88 9.87
CA LYS L 155 49.60 -16.44 9.90
C LYS L 155 48.44 -15.64 9.33
N GLN L 156 47.25 -16.24 9.23
CA GLN L 156 46.09 -15.49 8.75
C GLN L 156 45.64 -14.46 9.78
N ARG L 157 45.37 -14.90 11.00
CA ARG L 157 45.16 -14.00 12.12
C ARG L 157 46.43 -13.92 12.94
N SER L 158 46.44 -13.05 13.93
CA SER L 158 47.56 -12.94 14.85
C SER L 158 47.06 -12.44 16.21
N GLU L 159 48.00 -11.97 17.02
CA GLU L 159 47.68 -11.50 18.37
C GLU L 159 46.82 -10.25 18.30
N GLY L 160 45.87 -10.15 19.22
CA GLY L 160 44.99 -9.01 19.30
C GLY L 160 43.67 -9.17 18.58
N GLU L 161 43.61 -10.02 17.55
CA GLU L 161 42.38 -10.26 16.82
C GLU L 161 41.41 -11.09 17.67
N LYS L 162 40.14 -10.94 17.37
CA LYS L 162 39.09 -11.69 18.03
C LYS L 162 39.09 -13.11 17.50
N VAL L 163 38.55 -14.01 18.29
CA VAL L 163 38.28 -15.36 17.81
C VAL L 163 36.92 -15.38 17.11
N ARG L 164 36.94 -15.73 15.84
CA ARG L 164 35.72 -15.90 15.08
C ARG L 164 35.16 -17.28 15.39
N VAL L 165 33.90 -17.49 14.98
CA VAL L 165 33.28 -18.79 15.17
C VAL L 165 33.88 -19.77 14.16
N GLY L 166 34.38 -20.90 14.65
CA GLY L 166 34.96 -21.89 13.78
C GLY L 166 36.32 -21.50 13.24
N ASP L 167 37.29 -21.33 14.12
CA ASP L 167 38.67 -21.05 13.73
C ASP L 167 39.60 -22.06 14.38
N ASP L 168 40.73 -22.33 13.74
CA ASP L 168 41.65 -23.35 14.21
C ASP L 168 42.49 -22.79 15.36
N LEU L 169 42.51 -23.50 16.47
CA LEU L 169 43.11 -23.02 17.70
C LEU L 169 44.17 -23.99 18.18
N ILE L 170 45.14 -23.46 18.92
CA ILE L 170 46.15 -24.25 19.58
C ILE L 170 46.17 -23.84 21.04
N LEU L 171 45.95 -24.79 21.93
CA LEU L 171 45.79 -24.48 23.35
C LEU L 171 47.03 -24.94 24.12
N VAL L 172 47.63 -24.00 24.83
CA VAL L 172 48.90 -24.24 25.51
C VAL L 172 48.64 -24.13 27.00
N SER L 173 49.28 -24.99 27.79
CA SER L 173 49.22 -24.88 29.23
C SER L 173 49.86 -23.60 29.72
N VAL L 174 49.49 -23.23 30.94
CA VAL L 174 50.11 -22.10 31.60
C VAL L 174 51.19 -22.62 32.52
N SER L 175 50.86 -23.65 33.30
CA SER L 175 51.81 -24.18 34.26
C SER L 175 52.83 -25.10 33.60
N SER L 176 52.41 -25.83 32.58
CA SER L 176 53.27 -26.85 31.99
C SER L 176 53.84 -26.48 30.64
N GLU L 177 53.22 -25.50 29.97
CA GLU L 177 53.66 -24.98 28.66
C GLU L 177 53.64 -26.07 27.59
N ARG L 178 52.76 -27.04 27.73
CA ARG L 178 52.56 -28.07 26.72
C ARG L 178 51.23 -27.83 26.01
N TYR L 179 51.03 -28.54 24.91
CA TYR L 179 49.87 -28.37 24.05
C TYR L 179 48.87 -29.49 24.27
N LEU L 180 47.60 -29.12 24.39
CA LEU L 180 46.52 -30.09 24.39
C LEU L 180 46.43 -30.71 23.00
N HIS L 181 46.90 -31.95 22.87
CA HIS L 181 46.95 -32.59 21.56
C HIS L 181 46.38 -33.98 21.64
N LEU L 182 45.94 -34.48 20.50
CA LEU L 182 45.48 -35.85 20.38
C LEU L 182 46.71 -36.73 20.24
N SER L 183 46.65 -37.94 20.79
CA SER L 183 47.74 -38.88 20.67
C SER L 183 47.25 -40.17 20.03
N THR L 184 48.02 -40.68 19.07
CA THR L 184 47.65 -41.85 18.29
C THR L 184 48.56 -43.05 18.56
N ALA L 185 49.53 -42.89 19.46
CA ALA L 185 50.57 -43.91 19.62
C ALA L 185 50.03 -45.15 20.32
N SER L 186 49.53 -44.99 21.54
CA SER L 186 49.10 -46.11 22.37
C SER L 186 47.77 -46.66 21.88
N GLY L 187 47.83 -47.45 20.81
CA GLY L 187 46.64 -48.13 20.31
C GLY L 187 45.64 -47.15 19.73
N GLU L 188 44.55 -46.94 20.46
CA GLU L 188 43.49 -46.04 20.04
C GLU L 188 43.89 -44.58 20.33
N LEU L 189 42.92 -43.70 20.24
CA LEU L 189 43.18 -42.27 20.32
C LEU L 189 42.82 -41.74 21.70
N GLN L 190 43.63 -40.81 22.20
CA GLN L 190 43.35 -40.12 23.45
C GLN L 190 43.95 -38.73 23.39
N VAL L 191 43.63 -37.92 24.39
CA VAL L 191 44.10 -36.54 24.48
C VAL L 191 45.14 -36.43 25.58
N ASP L 192 46.16 -35.61 25.32
CA ASP L 192 47.28 -35.50 26.23
C ASP L 192 47.95 -34.14 26.03
N ALA L 193 48.75 -33.75 27.02
CA ALA L 193 49.52 -32.52 26.96
C ALA L 193 50.98 -32.88 26.73
N SER L 194 51.46 -32.64 25.50
CA SER L 194 52.88 -32.78 25.21
C SER L 194 53.22 -31.82 24.07
N PHE L 195 54.45 -31.92 23.60
CA PHE L 195 55.03 -30.95 22.68
C PHE L 195 54.72 -31.29 21.23
N MET L 196 53.43 -31.48 20.94
CA MET L 196 52.91 -31.52 19.58
C MET L 196 51.68 -30.64 19.55
N GLN L 197 51.57 -29.78 18.54
CA GLN L 197 50.42 -28.89 18.45
C GLN L 197 49.36 -29.55 17.60
N THR L 198 48.10 -29.27 17.92
CA THR L 198 46.98 -29.91 17.27
C THR L 198 45.86 -28.89 17.11
N LEU L 199 45.30 -28.81 15.90
CA LEU L 199 44.23 -27.87 15.63
C LEU L 199 42.98 -28.24 16.41
N TRP L 200 42.23 -27.23 16.81
CA TRP L 200 41.03 -27.45 17.61
C TRP L 200 39.98 -26.41 17.25
N ASN L 201 38.77 -26.89 17.02
CA ASN L 201 37.62 -26.01 16.81
C ASN L 201 36.94 -25.76 18.15
N MET L 202 36.49 -24.52 18.35
CA MET L 202 35.88 -24.18 19.63
C MET L 202 34.39 -24.44 19.63
N ASN L 203 33.73 -24.18 18.49
CA ASN L 203 32.36 -24.58 18.17
C ASN L 203 31.32 -24.17 19.21
N PRO L 204 30.87 -22.91 19.18
CA PRO L 204 29.93 -22.41 20.19
C PRO L 204 28.63 -23.20 20.24
N ILE L 205 28.21 -23.55 21.46
CA ILE L 205 27.10 -24.48 21.58
C ILE L 205 25.85 -23.85 22.19
N CYS L 206 26.01 -22.80 22.99
CA CYS L 206 24.86 -22.18 23.66
C CYS L 206 25.29 -20.81 24.14
N SER L 207 24.69 -19.76 23.61
CA SER L 207 24.97 -18.41 24.09
C SER L 207 23.95 -18.05 25.17
N CYS L 208 23.88 -16.77 25.52
CA CYS L 208 22.96 -16.29 26.54
C CYS L 208 21.54 -16.39 26.03
N CYS L 209 20.76 -17.31 26.60
CA CYS L 209 19.39 -17.55 26.18
C CYS L 209 18.44 -16.68 26.98
N GLU L 210 17.26 -16.42 26.40
CA GLU L 210 16.24 -15.64 27.09
C GLU L 210 15.51 -16.52 28.10
N GLU L 211 15.01 -15.89 29.15
CA GLU L 211 14.28 -16.63 30.19
C GLU L 211 12.91 -17.04 29.68
N GLY L 212 12.44 -18.20 30.14
CA GLY L 212 11.15 -18.73 29.77
C GLY L 212 11.09 -19.43 28.43
N TYR L 213 12.25 -19.71 27.82
CA TYR L 213 12.28 -20.39 26.53
C TYR L 213 13.18 -21.61 26.64
N VAL L 214 13.09 -22.48 25.66
CA VAL L 214 13.81 -23.74 25.72
C VAL L 214 14.94 -23.74 24.70
N THR L 215 16.04 -24.38 25.08
CA THR L 215 17.15 -24.68 24.20
C THR L 215 17.54 -26.14 24.40
N GLY L 216 18.50 -26.60 23.61
CA GLY L 216 19.01 -27.95 23.78
C GLY L 216 19.79 -28.06 25.08
N GLY L 217 19.82 -29.28 25.61
CA GLY L 217 20.45 -29.52 26.88
C GLY L 217 19.56 -29.26 28.08
N HIS L 218 18.34 -28.78 27.86
CA HIS L 218 17.43 -28.53 28.97
C HIS L 218 16.84 -29.82 29.48
N VAL L 219 17.03 -30.07 30.77
CA VAL L 219 16.33 -31.16 31.44
C VAL L 219 14.95 -30.63 31.83
N LEU L 220 13.91 -31.39 31.52
CA LEU L 220 12.57 -30.87 31.62
C LEU L 220 11.57 -32.01 31.79
N ARG L 221 10.36 -31.62 32.21
CA ARG L 221 9.24 -32.53 32.40
C ARG L 221 8.14 -32.20 31.41
N LEU L 222 7.15 -33.10 31.31
CA LEU L 222 6.28 -33.19 30.14
C LEU L 222 4.81 -33.32 30.56
N PHE L 223 4.34 -32.41 31.40
CA PHE L 223 3.00 -32.55 31.98
C PHE L 223 1.91 -32.20 30.98
N HIS L 224 0.67 -32.52 31.36
CA HIS L 224 -0.50 -32.18 30.55
C HIS L 224 -1.75 -31.99 31.44
N GLU L 229 0.51 -34.62 35.27
CA GLU L 229 0.83 -36.01 34.97
C GLU L 229 2.11 -36.12 34.15
N CYS L 230 3.06 -36.89 34.65
CA CYS L 230 4.40 -36.94 34.10
C CYS L 230 4.51 -38.03 33.05
N LEU L 231 5.70 -38.13 32.46
CA LEU L 231 5.97 -39.16 31.47
C LEU L 231 7.08 -40.05 32.03
N THR L 232 6.68 -41.07 32.78
CA THR L 232 7.58 -41.92 33.54
C THR L 232 7.95 -43.16 32.74
N ILE L 233 8.87 -43.94 33.32
CA ILE L 233 9.12 -45.32 32.92
C ILE L 233 8.90 -46.13 34.21
N SER L 234 9.15 -47.43 34.17
CA SER L 234 9.08 -48.24 35.37
C SER L 234 10.42 -48.26 36.09
N ALA L 235 10.36 -48.41 37.41
CA ALA L 235 11.56 -48.40 38.23
C ALA L 235 12.31 -49.73 38.15
N GLN L 241 11.61 -55.49 31.16
CA GLN L 241 12.91 -54.92 31.48
C GLN L 241 12.90 -53.41 31.30
N ARG L 242 11.80 -52.78 31.76
CA ARG L 242 11.67 -51.33 31.90
C ARG L 242 11.86 -50.58 30.57
N ARG L 243 10.96 -50.83 29.63
CA ARG L 243 11.03 -50.17 28.34
C ARG L 243 9.75 -49.48 27.91
N LEU L 244 8.63 -49.85 28.51
CA LEU L 244 7.36 -49.25 28.14
C LEU L 244 7.23 -47.85 28.74
N VAL L 245 6.64 -46.94 27.98
CA VAL L 245 6.34 -45.60 28.44
C VAL L 245 5.00 -45.68 29.16
N TYR L 246 4.81 -44.82 30.14
CA TYR L 246 3.56 -44.79 30.90
C TYR L 246 3.17 -43.34 31.16
N TYR L 247 2.21 -43.17 32.06
CA TYR L 247 1.92 -41.90 32.72
C TYR L 247 1.82 -42.17 34.21
N GLU L 248 1.80 -41.10 34.99
CA GLU L 248 1.68 -41.24 36.43
C GLU L 248 1.04 -39.99 37.01
N GLY L 249 0.84 -40.01 38.32
CA GLY L 249 0.29 -38.88 39.04
C GLY L 249 1.36 -37.87 39.38
N GLY L 250 1.43 -37.52 40.67
CA GLY L 250 2.41 -36.55 41.13
C GLY L 250 3.61 -37.13 41.86
N ALA L 251 3.54 -38.40 42.27
CA ALA L 251 4.63 -38.99 43.05
C ALA L 251 5.85 -39.22 42.18
N VAL L 252 5.67 -39.79 40.99
CA VAL L 252 6.81 -40.01 40.10
C VAL L 252 7.04 -38.78 39.24
N CYS L 253 6.19 -37.77 39.40
CA CYS L 253 6.40 -36.50 38.71
C CYS L 253 7.67 -35.81 39.20
N THR L 254 7.91 -35.78 40.50
CA THR L 254 9.08 -35.11 41.05
C THR L 254 10.36 -35.94 40.95
N HIS L 255 10.25 -37.27 40.93
CA HIS L 255 11.41 -38.11 41.15
C HIS L 255 12.26 -38.22 39.89
N ALA L 256 13.23 -39.13 39.93
CA ALA L 256 14.31 -39.18 38.96
C ALA L 256 13.87 -39.66 37.59
N ARG L 257 12.78 -40.42 37.49
CA ARG L 257 12.36 -40.97 36.21
C ARG L 257 11.83 -39.93 35.26
N SER L 258 11.07 -38.96 35.75
CA SER L 258 10.36 -38.00 34.90
C SER L 258 11.23 -36.80 34.56
N LEU L 259 12.42 -37.07 34.02
CA LEU L 259 13.37 -36.04 33.63
C LEU L 259 13.85 -36.35 32.23
N TRP L 260 13.61 -35.43 31.31
CA TRP L 260 13.86 -35.65 29.89
C TRP L 260 14.59 -34.46 29.30
N ARG L 261 15.54 -34.75 28.43
CA ARG L 261 16.37 -33.73 27.81
C ARG L 261 16.29 -33.86 26.30
N LEU L 262 16.37 -32.73 25.60
CA LEU L 262 16.09 -32.65 24.18
C LEU L 262 17.40 -32.53 23.42
N GLU L 263 17.51 -33.27 22.33
CA GLU L 263 18.76 -33.33 21.57
C GLU L 263 18.49 -33.18 20.08
N PRO L 264 18.62 -31.99 19.54
CA PRO L 264 18.43 -31.80 18.10
C PRO L 264 19.56 -32.42 17.29
N LEU L 265 19.31 -32.57 16.00
CA LEU L 265 20.17 -33.37 15.13
C LEU L 265 21.48 -32.65 14.83
N ARG L 266 21.43 -31.33 14.71
CA ARG L 266 22.62 -30.56 14.42
C ARG L 266 23.52 -30.50 15.64
N ILE L 267 24.82 -30.70 15.41
CA ILE L 267 25.77 -30.71 16.52
C ILE L 267 25.96 -29.32 17.09
N SER L 268 26.48 -28.41 16.27
CA SER L 268 26.80 -27.06 16.69
C SER L 268 25.54 -26.26 16.96
N TRP L 269 25.64 -25.33 17.92
CA TRP L 269 24.56 -24.43 18.34
C TRP L 269 23.33 -25.21 18.78
N SER L 270 23.58 -26.33 19.45
CA SER L 270 22.50 -27.18 19.92
C SER L 270 21.71 -26.50 21.03
N GLY L 271 22.35 -25.63 21.79
CA GLY L 271 21.65 -24.85 22.78
C GLY L 271 21.13 -23.54 22.23
N SER L 272 20.78 -23.52 20.94
CA SER L 272 20.01 -22.41 20.43
C SER L 272 18.53 -22.63 20.76
N HIS L 273 17.74 -21.57 20.58
CA HIS L 273 16.31 -21.65 20.84
C HIS L 273 15.66 -22.62 19.86
N LEU L 274 14.91 -23.57 20.40
CA LEU L 274 14.20 -24.49 19.53
C LEU L 274 12.98 -23.82 18.93
N ARG L 275 12.73 -24.14 17.66
CA ARG L 275 11.62 -23.58 16.90
C ARG L 275 10.70 -24.72 16.50
N TRP L 276 9.55 -24.36 15.95
CA TRP L 276 8.58 -25.35 15.54
C TRP L 276 9.06 -26.10 14.31
N GLY L 277 8.60 -27.34 14.18
CA GLY L 277 9.00 -28.16 13.05
C GLY L 277 10.44 -28.60 13.08
N GLN L 278 11.00 -28.80 14.27
CA GLN L 278 12.41 -29.08 14.39
C GLN L 278 12.62 -30.52 14.81
N PRO L 279 13.51 -31.26 14.15
CA PRO L 279 13.75 -32.64 14.55
C PRO L 279 14.71 -32.72 15.72
N LEU L 280 14.52 -33.75 16.55
CA LEU L 280 15.30 -33.92 17.76
C LEU L 280 15.17 -35.35 18.24
N ARG L 281 16.07 -35.72 19.15
CA ARG L 281 16.04 -37.00 19.82
C ARG L 281 15.55 -36.80 21.25
N ILE L 282 15.19 -37.88 21.91
CA ILE L 282 14.72 -37.83 23.29
C ILE L 282 15.56 -38.78 24.12
N ARG L 283 16.10 -38.27 25.21
CA ARG L 283 16.98 -39.02 26.10
C ARG L 283 16.34 -39.16 27.46
N HIS L 284 16.31 -40.37 27.98
CA HIS L 284 16.10 -40.57 29.41
C HIS L 284 17.43 -40.42 30.10
N VAL L 285 17.42 -39.71 31.23
CA VAL L 285 18.68 -39.34 31.87
C VAL L 285 19.26 -40.45 32.75
N THR L 286 18.43 -41.18 33.48
CA THR L 286 18.96 -42.17 34.41
C THR L 286 19.36 -43.45 33.70
N THR L 287 18.46 -44.00 32.90
CA THR L 287 18.77 -45.18 32.12
C THR L 287 19.77 -44.89 31.01
N GLY L 288 19.80 -43.67 30.49
CA GLY L 288 20.63 -43.37 29.35
C GLY L 288 20.09 -43.95 28.07
N ARG L 289 18.81 -44.29 28.03
CA ARG L 289 18.19 -44.86 26.84
C ARG L 289 17.58 -43.74 26.00
N TYR L 290 17.36 -44.07 24.73
CA TYR L 290 16.73 -43.15 23.79
C TYR L 290 15.31 -43.59 23.51
N LEU L 291 14.38 -42.65 23.56
CA LEU L 291 12.99 -42.93 23.25
C LEU L 291 12.82 -43.13 21.76
N ALA L 292 12.15 -44.20 21.36
CA ALA L 292 11.92 -44.48 19.96
C ALA L 292 10.42 -44.65 19.67
N LEU L 299 6.48 -46.55 20.31
CA LEU L 299 6.60 -45.72 21.49
C LEU L 299 7.28 -46.46 22.64
N VAL L 300 8.54 -46.85 22.44
CA VAL L 300 9.33 -47.52 23.45
C VAL L 300 10.64 -46.76 23.62
N VAL L 301 11.33 -47.03 24.72
CA VAL L 301 12.67 -46.48 24.89
C VAL L 301 13.67 -47.56 24.49
N VAL L 302 14.82 -47.13 23.97
CA VAL L 302 15.75 -48.05 23.35
C VAL L 302 17.16 -47.55 23.61
N ASP L 303 18.13 -48.44 23.42
CA ASP L 303 19.52 -48.10 23.66
C ASP L 303 20.05 -47.16 22.58
N ALA L 304 21.09 -46.41 22.94
CA ALA L 304 21.72 -45.47 22.03
C ALA L 304 22.44 -46.14 20.88
N CYS L 305 22.95 -47.35 21.08
CA CYS L 305 23.64 -48.07 20.00
C CYS L 305 22.67 -48.50 18.91
N LYS L 306 21.43 -48.81 19.30
CA LYS L 306 20.37 -49.11 18.36
C LYS L 306 19.37 -47.97 18.23
N ALA L 307 19.79 -46.75 18.51
CA ALA L 307 18.97 -45.57 18.24
C ALA L 307 19.41 -44.96 16.91
N HIS L 308 18.54 -45.01 15.91
CA HIS L 308 18.87 -44.55 14.57
C HIS L 308 18.04 -43.30 14.28
N THR L 309 18.57 -42.45 13.40
CA THR L 309 17.82 -41.26 12.98
C THR L 309 16.57 -41.63 12.20
N LYS L 310 16.59 -42.76 11.51
CA LYS L 310 15.38 -43.29 10.90
C LYS L 310 14.41 -43.85 11.92
N ALA L 311 14.92 -44.59 12.90
CA ALA L 311 14.06 -45.22 13.90
C ALA L 311 13.50 -44.19 14.88
N THR L 312 14.36 -43.39 15.49
CA THR L 312 13.95 -42.40 16.48
C THR L 312 14.39 -41.00 16.05
N SER L 313 13.41 -40.21 15.65
CA SER L 313 13.60 -38.77 15.39
C SER L 313 12.24 -38.12 15.55
N PHE L 314 12.10 -37.26 16.54
CA PHE L 314 10.80 -36.76 16.95
C PHE L 314 10.77 -35.27 16.69
N CYS L 315 9.60 -34.65 16.92
CA CYS L 315 9.45 -33.23 16.64
C CYS L 315 8.30 -32.65 17.45
N PHE L 316 8.33 -31.32 17.59
CA PHE L 316 7.30 -30.56 18.29
C PHE L 316 6.49 -29.79 17.26
N ARG L 317 5.22 -30.14 17.14
CA ARG L 317 4.29 -29.37 16.32
C ARG L 317 3.16 -28.89 17.19
N VAL L 318 2.51 -27.81 16.76
CA VAL L 318 1.42 -27.24 17.54
C VAL L 318 0.14 -28.02 17.32
N SER L 319 -0.33 -28.07 16.07
CA SER L 319 -1.45 -28.90 15.67
C SER L 319 -1.25 -29.25 14.20
N LYS L 320 -1.69 -30.44 13.81
CA LYS L 320 -1.38 -30.95 12.48
C LYS L 320 -2.30 -30.31 11.44
N GLU L 321 -1.90 -29.15 10.96
CA GLU L 321 -2.31 -28.69 9.65
C GLU L 321 -1.42 -29.41 8.63
N LYS L 322 -1.91 -29.52 7.39
CA LYS L 322 -1.23 -30.27 6.36
C LYS L 322 -0.02 -29.47 5.89
N LEU L 323 1.05 -29.54 6.68
CA LEU L 323 2.27 -28.78 6.41
C LEU L 323 3.35 -29.67 5.80
N GLY L 333 23.36 -18.81 14.51
CA GLY L 333 23.84 -18.81 15.88
C GLY L 333 22.80 -19.30 16.87
N MET L 334 22.28 -18.38 17.67
CA MET L 334 21.14 -18.71 18.52
C MET L 334 19.85 -18.65 17.71
N GLY L 335 18.75 -18.93 18.39
CA GLY L 335 17.47 -18.92 17.74
C GLY L 335 16.56 -17.82 18.22
N PRO L 336 15.52 -17.52 17.45
CA PRO L 336 14.46 -16.64 17.94
C PRO L 336 13.67 -17.35 19.03
N PRO L 337 13.19 -16.62 20.03
CA PRO L 337 12.51 -17.25 21.17
C PRO L 337 11.11 -17.75 20.83
N GLU L 338 11.07 -18.97 20.31
CA GLU L 338 9.84 -19.54 19.81
C GLU L 338 8.97 -20.19 20.88
N ILE L 339 9.54 -21.05 21.72
CA ILE L 339 8.78 -21.96 22.57
C ILE L 339 8.76 -21.44 24.00
N LYS L 340 7.61 -20.95 24.44
CA LYS L 340 7.43 -20.48 25.81
C LYS L 340 7.33 -21.65 26.78
N TYR L 341 7.35 -21.33 28.06
CA TYR L 341 7.27 -22.34 29.13
C TYR L 341 5.88 -22.33 29.73
N GLY L 342 5.25 -23.50 29.78
CA GLY L 342 3.92 -23.64 30.33
C GLY L 342 2.80 -23.16 29.43
N GLU L 343 3.11 -22.67 28.23
CA GLU L 343 2.13 -22.00 27.40
C GLU L 343 1.98 -22.64 26.02
N SER L 344 2.97 -23.39 25.56
CA SER L 344 2.97 -23.93 24.21
C SER L 344 1.93 -25.02 23.99
N LEU L 345 1.83 -25.97 24.93
CA LEU L 345 0.81 -27.03 24.95
C LEU L 345 0.85 -27.86 23.67
N CYS L 346 2.05 -28.27 23.28
CA CYS L 346 2.27 -28.92 21.99
C CYS L 346 2.58 -30.40 22.19
N PHE L 347 2.36 -31.17 21.13
CA PHE L 347 2.48 -32.62 21.16
C PHE L 347 3.79 -33.08 20.54
N VAL L 348 3.92 -34.39 20.40
CA VAL L 348 5.03 -35.01 19.68
C VAL L 348 4.48 -36.03 18.70
N GLN L 349 5.23 -36.24 17.62
CA GLN L 349 4.97 -37.32 16.67
C GLN L 349 6.29 -37.61 15.95
N HIS L 350 6.35 -38.79 15.35
CA HIS L 350 7.56 -39.15 14.60
C HIS L 350 7.66 -38.30 13.33
N VAL L 351 8.89 -37.97 12.97
CA VAL L 351 9.09 -37.14 11.78
C VAL L 351 8.99 -38.00 10.52
N ALA L 352 9.19 -39.31 10.65
CA ALA L 352 9.04 -40.27 9.56
C ALA L 352 7.66 -40.88 9.50
N SER L 353 6.88 -40.79 10.57
CA SER L 353 5.66 -41.57 10.64
C SER L 353 4.45 -40.70 10.99
N GLY L 354 4.67 -39.60 11.69
CA GLY L 354 3.58 -38.68 12.01
C GLY L 354 2.61 -39.23 13.05
N LEU L 355 3.09 -40.12 13.90
CA LEU L 355 2.26 -40.88 14.82
C LEU L 355 2.24 -40.25 16.21
N TRP L 356 1.06 -39.81 16.61
CA TRP L 356 0.89 -39.07 17.86
C TRP L 356 0.92 -40.00 19.05
N LEU L 357 1.85 -39.75 19.96
CA LEU L 357 1.95 -40.53 21.19
C LEU L 357 0.78 -40.13 22.10
N THR L 358 -0.06 -41.11 22.44
CA THR L 358 -1.13 -40.89 23.39
C THR L 358 -1.43 -42.14 24.18
N TYR L 359 -2.34 -42.05 25.15
CA TYR L 359 -2.56 -43.13 26.09
C TYR L 359 -3.42 -44.22 25.47
N ALA L 360 -3.90 -45.13 26.30
CA ALA L 360 -4.75 -46.22 25.84
C ALA L 360 -6.21 -45.96 26.20
N LEU L 372 -3.96 -46.90 36.50
CA LEU L 372 -3.46 -45.54 36.55
C LEU L 372 -2.37 -45.35 35.50
N LYS L 373 -1.76 -46.47 35.11
CA LYS L 373 -0.66 -46.46 34.17
C LYS L 373 -1.24 -46.41 32.77
N LYS L 374 -1.67 -45.22 32.36
CA LYS L 374 -2.22 -45.01 31.02
C LYS L 374 -1.09 -45.16 30.01
N LYS L 375 -1.03 -46.31 29.35
CA LYS L 375 0.13 -46.65 28.53
C LYS L 375 0.18 -45.81 27.27
N ALA L 376 1.26 -45.05 27.14
CA ALA L 376 1.44 -44.14 26.02
C ALA L 376 1.78 -44.91 24.77
N ILE L 377 1.10 -44.61 23.68
CA ILE L 377 1.32 -45.27 22.40
C ILE L 377 1.16 -44.26 21.29
N LEU L 378 2.05 -44.35 20.30
CA LEU L 378 1.93 -43.59 19.07
C LEU L 378 0.69 -44.09 18.34
N HIS L 379 -0.30 -43.22 18.19
CA HIS L 379 -1.58 -43.59 17.60
C HIS L 379 -1.95 -42.60 16.50
N GLN L 380 -2.33 -43.15 15.34
CA GLN L 380 -2.60 -42.32 14.18
C GLN L 380 -3.95 -41.64 14.26
N GLU L 381 -4.82 -42.08 15.17
CA GLU L 381 -6.06 -41.35 15.38
C GLU L 381 -5.82 -40.10 16.20
N GLY L 382 -4.94 -40.18 17.19
CA GLY L 382 -4.75 -39.10 18.12
C GLY L 382 -5.94 -38.94 19.04
N HIS L 383 -5.95 -37.81 19.74
CA HIS L 383 -7.00 -37.49 20.69
C HIS L 383 -7.14 -35.99 20.80
N MET L 384 -7.87 -35.56 21.82
CA MET L 384 -7.91 -34.17 22.21
C MET L 384 -7.10 -33.90 23.47
N ASP L 385 -6.22 -34.82 23.86
CA ASP L 385 -5.48 -34.72 25.12
C ASP L 385 -3.97 -34.80 24.92
N ASP L 386 -3.48 -34.62 23.70
CA ASP L 386 -2.04 -34.58 23.46
C ASP L 386 -1.46 -33.18 23.54
N ALA L 387 -2.27 -32.19 23.92
CA ALA L 387 -1.79 -30.83 24.14
C ALA L 387 -1.15 -30.77 25.52
N LEU L 388 0.17 -30.91 25.54
CA LEU L 388 0.89 -31.07 26.79
C LEU L 388 1.91 -29.96 27.00
N PHE L 389 1.99 -29.45 28.23
CA PHE L 389 2.82 -28.30 28.57
C PHE L 389 4.08 -28.72 29.32
N LEU L 390 5.19 -28.07 28.99
CA LEU L 390 6.49 -28.47 29.52
C LEU L 390 6.88 -27.63 30.71
N THR L 391 7.70 -28.20 31.58
CA THR L 391 8.25 -27.50 32.74
C THR L 391 9.73 -27.81 32.83
N ARG L 392 10.54 -26.76 33.02
CA ARG L 392 11.97 -26.91 33.14
C ARG L 392 12.33 -27.43 34.53
N CYS L 393 13.36 -28.27 34.59
CA CYS L 393 13.81 -28.87 35.83
C CYS L 393 14.66 -27.89 36.65
N GLN L 394 15.32 -28.42 37.67
CA GLN L 394 16.11 -27.64 38.61
C GLN L 394 17.59 -28.05 38.50
N GLN L 395 18.49 -27.10 38.75
CA GLN L 395 19.92 -27.26 38.51
C GLN L 395 20.59 -28.26 39.44
N GLU L 396 20.30 -28.21 40.74
CA GLU L 396 20.86 -29.18 41.67
C GLU L 396 20.31 -30.58 41.44
N GLU L 397 19.03 -30.69 41.10
CA GLU L 397 18.42 -31.98 40.81
C GLU L 397 18.97 -32.62 39.56
N SER L 398 19.10 -31.85 38.48
CA SER L 398 19.57 -32.39 37.21
C SER L 398 21.03 -32.79 37.29
N GLN L 399 21.81 -32.12 38.12
CA GLN L 399 23.17 -32.57 38.37
C GLN L 399 23.17 -33.89 39.12
N ALA L 400 22.23 -34.05 40.05
CA ALA L 400 22.11 -35.31 40.77
C ALA L 400 21.58 -36.42 39.87
N ALA L 401 20.93 -36.06 38.77
CA ALA L 401 20.41 -37.08 37.87
C ALA L 401 21.50 -37.83 37.14
N ARG L 402 22.37 -37.13 36.43
CA ARG L 402 23.31 -37.79 35.52
C ARG L 402 24.35 -38.61 36.24
N MET L 403 24.63 -38.30 37.51
CA MET L 403 25.59 -39.11 38.23
C MET L 403 25.04 -40.46 38.65
N ILE L 404 23.71 -40.62 38.69
CA ILE L 404 23.14 -41.93 38.89
C ILE L 404 23.51 -42.86 37.75
N HIS L 405 23.35 -42.39 36.52
CA HIS L 405 23.72 -43.12 35.33
C HIS L 405 25.22 -43.39 35.28
N SER L 406 26.02 -42.45 35.76
CA SER L 406 27.45 -42.65 35.76
C SER L 406 27.89 -43.68 36.79
N THR L 407 27.16 -43.77 37.90
CA THR L 407 27.52 -44.74 38.92
C THR L 407 26.98 -46.12 38.63
N ALA L 408 25.69 -46.22 38.28
CA ALA L 408 25.08 -47.52 38.07
C ALA L 408 25.68 -48.25 36.88
N GLY L 409 26.09 -47.50 35.86
CA GLY L 409 26.84 -48.09 34.76
C GLY L 409 28.18 -48.64 35.18
N LEU L 410 28.80 -48.06 36.20
CA LEU L 410 30.02 -48.62 36.74
C LEU L 410 29.74 -49.78 37.68
N TYR L 411 28.70 -49.65 38.50
CA TYR L 411 28.44 -50.61 39.55
C TYR L 411 27.94 -51.95 39.04
N ASN L 412 26.98 -51.96 38.13
CA ASN L 412 26.53 -53.23 37.56
C ASN L 412 27.61 -53.86 36.71
N GLN L 413 28.45 -53.03 36.08
CA GLN L 413 29.66 -53.53 35.46
C GLN L 413 30.60 -54.13 36.49
N PHE L 414 30.63 -53.55 37.69
CA PHE L 414 31.49 -54.10 38.73
C PHE L 414 30.91 -55.38 39.32
N ILE L 415 29.57 -55.48 39.37
CA ILE L 415 28.94 -56.66 39.98
C ILE L 415 29.17 -57.89 39.11
N LYS L 416 28.83 -57.81 37.84
CA LYS L 416 29.00 -58.95 36.95
C LYS L 416 30.47 -59.21 36.62
N GLY L 417 31.33 -58.21 36.78
CA GLY L 417 32.76 -58.47 36.73
C GLY L 417 33.19 -59.33 37.90
N LEU L 418 32.58 -59.12 39.06
CA LEU L 418 32.84 -59.99 40.20
C LEU L 418 32.18 -61.35 40.04
N ASP L 419 30.99 -61.37 39.43
CA ASP L 419 30.24 -62.60 39.24
C ASP L 419 30.88 -63.58 38.27
N SER L 420 31.88 -63.13 37.49
CA SER L 420 32.52 -64.01 36.53
C SER L 420 33.32 -65.12 37.22
N PHE L 421 34.15 -64.77 38.21
CA PHE L 421 34.91 -65.76 38.95
C PHE L 421 34.28 -66.01 40.31
N SER L 422 32.96 -65.80 40.41
CA SER L 422 32.27 -65.99 41.68
C SER L 422 32.24 -67.46 42.10
N GLY L 423 32.38 -68.37 41.14
CA GLY L 423 32.53 -69.77 41.46
C GLY L 423 33.84 -70.40 41.03
N LYS L 424 34.58 -69.77 40.13
CA LYS L 424 35.78 -70.38 39.55
C LYS L 424 37.02 -69.82 40.23
N PRO L 425 37.77 -70.63 40.95
CA PRO L 425 39.05 -70.15 41.52
C PRO L 425 40.08 -69.94 40.43
N ARG L 426 41.05 -69.08 40.72
CA ARG L 426 42.11 -68.75 39.79
C ARG L 426 43.41 -69.38 40.25
N GLY L 427 43.97 -70.25 39.40
CA GLY L 427 45.27 -70.84 39.68
C GLY L 427 46.39 -69.98 39.16
N PRO L 434 38.57 -60.10 31.51
CA PRO L 434 38.70 -58.66 31.72
C PRO L 434 39.25 -58.34 33.11
N ALA L 435 39.50 -57.07 33.38
CA ALA L 435 39.92 -56.64 34.70
C ALA L 435 38.82 -55.81 35.36
N LEU L 436 38.53 -56.11 36.61
CA LEU L 436 37.46 -55.43 37.31
C LEU L 436 37.90 -54.02 37.68
N PRO L 437 37.00 -53.03 37.63
CA PRO L 437 37.40 -51.62 37.83
C PRO L 437 37.67 -51.26 39.28
N ILE L 438 38.90 -51.56 39.73
CA ILE L 438 39.25 -51.30 41.12
C ILE L 438 39.49 -49.81 41.36
N GLU L 439 40.39 -49.20 40.58
CA GLU L 439 40.71 -47.80 40.80
C GLU L 439 39.57 -46.89 40.37
N ALA L 440 38.73 -47.34 39.44
CA ALA L 440 37.60 -46.52 39.04
C ALA L 440 36.52 -46.45 40.10
N VAL L 441 36.40 -47.48 40.94
CA VAL L 441 35.29 -47.47 41.89
C VAL L 441 35.68 -46.82 43.22
N ILE L 442 36.97 -46.80 43.55
CA ILE L 442 37.42 -46.24 44.82
C ILE L 442 37.22 -44.73 44.85
N LEU L 443 37.58 -44.08 43.76
CA LEU L 443 37.41 -42.63 43.68
C LEU L 443 35.94 -42.28 43.50
N SER L 444 35.15 -43.18 42.93
CA SER L 444 33.75 -42.86 42.67
C SER L 444 32.92 -42.89 43.94
N LEU L 445 33.28 -43.74 44.90
CA LEU L 445 32.57 -43.70 46.18
C LEU L 445 32.92 -42.45 46.97
N GLN L 446 34.19 -42.06 46.93
CA GLN L 446 34.63 -41.00 47.83
C GLN L 446 34.05 -39.65 47.47
N ASP L 447 33.76 -39.44 46.18
CA ASP L 447 33.02 -38.24 45.80
C ASP L 447 31.59 -38.32 46.28
N LEU L 448 31.05 -39.52 46.42
CA LEU L 448 29.66 -39.64 46.86
C LEU L 448 29.53 -39.42 48.34
N ILE L 449 30.57 -39.73 49.12
CA ILE L 449 30.53 -39.47 50.55
C ILE L 449 30.48 -37.98 50.81
N GLY L 450 31.38 -37.24 50.16
CA GLY L 450 31.35 -35.80 50.26
C GLY L 450 30.17 -35.17 49.58
N TYR L 451 29.53 -35.88 48.65
CA TYR L 451 28.28 -35.39 48.11
C TYR L 451 27.18 -35.41 49.15
N PHE L 452 27.18 -36.40 50.03
CA PHE L 452 26.11 -36.60 50.99
C PHE L 452 26.50 -36.16 52.39
N GLU L 453 27.51 -35.33 52.51
CA GLU L 453 28.05 -35.03 53.82
C GLU L 453 27.13 -34.06 54.56
N PRO L 454 26.79 -34.32 55.82
CA PRO L 454 25.85 -33.47 56.51
C PRO L 454 26.48 -32.15 56.86
N PRO L 455 25.72 -31.05 56.85
CA PRO L 455 26.33 -29.73 57.04
C PRO L 455 26.75 -29.50 58.47
N SER L 456 27.63 -28.52 58.65
CA SER L 456 28.28 -28.30 59.92
C SER L 456 27.32 -27.71 60.95
N GLU L 457 27.61 -27.99 62.21
CA GLU L 457 26.82 -27.44 63.31
C GLU L 457 27.19 -26.01 63.62
N GLU L 458 28.37 -25.57 63.25
CA GLU L 458 28.80 -24.19 63.48
C GLU L 458 28.22 -23.23 62.46
N LEU L 459 27.46 -23.73 61.49
CA LEU L 459 26.86 -22.89 60.48
C LEU L 459 25.71 -22.08 61.09
N GLN L 460 25.32 -21.02 60.40
CA GLN L 460 24.19 -20.22 60.83
C GLN L 460 22.90 -21.01 60.69
N HIS L 461 21.99 -20.83 61.66
CA HIS L 461 20.79 -21.66 61.79
C HIS L 461 19.87 -21.58 60.57
N GLU L 462 19.65 -20.38 60.03
CA GLU L 462 18.75 -20.25 58.89
C GLU L 462 19.32 -20.90 57.64
N GLU L 463 20.64 -20.97 57.54
CA GLU L 463 21.24 -21.63 56.39
C GLU L 463 21.38 -23.12 56.60
N LYS L 464 21.64 -23.56 57.83
CA LYS L 464 21.69 -24.99 58.16
C LYS L 464 20.37 -25.68 57.84
N GLN L 465 19.26 -25.06 58.20
CA GLN L 465 17.96 -25.62 57.90
C GLN L 465 17.69 -25.64 56.40
N SER L 466 18.17 -24.64 55.67
CA SER L 466 17.94 -24.61 54.24
C SER L 466 18.74 -25.68 53.52
N LYS L 467 19.97 -25.94 53.97
CA LYS L 467 20.78 -26.96 53.33
C LYS L 467 20.30 -28.37 53.68
N LEU L 468 19.57 -28.51 54.78
CA LEU L 468 19.09 -29.84 55.14
C LEU L 468 18.02 -30.32 54.18
N ARG L 469 17.06 -29.45 53.85
CA ARG L 469 15.97 -29.87 52.98
C ARG L 469 16.43 -30.11 51.55
N SER L 470 17.59 -29.57 51.18
CA SER L 470 18.22 -30.00 49.94
C SER L 470 18.74 -31.41 50.07
N LEU L 471 19.34 -31.72 51.22
CA LEU L 471 19.89 -33.06 51.42
C LEU L 471 18.78 -34.09 51.57
N ARG L 472 17.65 -33.71 52.15
CA ARG L 472 16.53 -34.64 52.28
C ARG L 472 15.96 -35.03 50.93
N ASN L 473 16.01 -34.12 49.95
CA ASN L 473 15.61 -34.51 48.61
C ASN L 473 16.60 -35.48 48.01
N ARG L 474 17.87 -35.10 47.96
CA ARG L 474 18.80 -35.86 47.15
C ARG L 474 19.36 -37.09 47.83
N GLN L 475 18.79 -37.53 48.96
CA GLN L 475 18.93 -38.94 49.32
C GLN L 475 17.65 -39.70 49.08
N SER L 476 16.50 -39.05 49.21
CA SER L 476 15.24 -39.63 48.74
C SER L 476 15.27 -39.80 47.23
N LEU L 477 15.96 -38.92 46.53
CA LEU L 477 16.08 -39.01 45.09
C LEU L 477 17.02 -40.13 44.66
N PHE L 478 17.80 -40.69 45.58
CA PHE L 478 18.61 -41.83 45.21
C PHE L 478 17.94 -43.14 45.58
N GLN L 479 17.49 -43.27 46.84
CA GLN L 479 16.95 -44.52 47.32
C GLN L 479 15.66 -44.92 46.64
N GLU L 480 14.88 -43.96 46.15
CA GLU L 480 13.73 -44.28 45.33
C GLU L 480 14.16 -44.88 43.99
N GLU L 481 14.92 -44.14 43.20
CA GLU L 481 15.42 -44.66 41.93
C GLU L 481 16.63 -45.55 42.19
N GLY L 482 16.31 -46.76 42.63
CA GLY L 482 17.30 -47.78 42.91
C GLY L 482 18.28 -47.40 43.99
N MET L 483 19.56 -47.71 43.76
CA MET L 483 20.72 -47.12 44.41
C MET L 483 20.77 -47.32 45.91
N LEU L 484 19.91 -48.16 46.46
CA LEU L 484 20.07 -48.56 47.84
C LEU L 484 20.36 -50.04 47.86
N SER L 485 19.47 -50.82 47.24
CA SER L 485 19.67 -52.25 47.12
C SER L 485 20.81 -52.58 46.17
N LEU L 486 21.03 -51.71 45.18
CA LEU L 486 22.19 -51.83 44.31
C LEU L 486 23.48 -51.70 45.11
N VAL L 487 23.49 -50.84 46.12
CA VAL L 487 24.61 -50.81 47.04
C VAL L 487 24.57 -52.02 47.96
N LEU L 488 23.37 -52.52 48.30
CA LEU L 488 23.30 -53.69 49.16
C LEU L 488 23.83 -54.93 48.46
N ASN L 489 23.68 -55.00 47.13
CA ASN L 489 24.19 -56.12 46.36
C ASN L 489 25.69 -56.24 46.41
N CYS L 490 26.41 -55.16 46.09
CA CYS L 490 27.86 -55.22 46.01
C CYS L 490 28.52 -55.44 47.36
N ILE L 491 27.77 -55.23 48.45
CA ILE L 491 28.19 -55.80 49.72
C ILE L 491 28.09 -57.31 49.69
N ASP L 492 26.91 -57.85 49.34
CA ASP L 492 26.70 -59.27 49.54
C ASP L 492 27.39 -60.14 48.49
N ARG L 493 27.91 -59.55 47.42
CA ARG L 493 28.85 -60.30 46.61
C ARG L 493 30.25 -60.25 47.17
N LEU L 494 30.53 -59.31 48.06
CA LEU L 494 31.88 -59.12 48.55
C LEU L 494 32.10 -59.69 49.94
N ASN L 495 31.05 -59.77 50.76
CA ASN L 495 31.19 -60.17 52.15
C ASN L 495 31.52 -61.64 52.33
N VAL L 496 31.38 -62.44 51.27
CA VAL L 496 31.54 -63.88 51.36
C VAL L 496 33.02 -64.26 51.47
N TYR L 497 33.91 -63.31 51.24
CA TYR L 497 35.34 -63.59 51.28
C TYR L 497 35.89 -63.07 52.59
N THR L 498 35.74 -63.84 53.66
CA THR L 498 36.13 -63.36 54.97
C THR L 498 37.64 -63.35 55.17
N THR L 499 38.35 -64.33 54.64
CA THR L 499 39.79 -64.19 54.54
C THR L 499 40.10 -63.10 53.54
N ALA L 500 40.80 -62.07 54.04
CA ALA L 500 40.97 -60.83 53.29
C ALA L 500 41.85 -61.02 52.07
N ALA L 501 42.69 -62.04 52.06
CA ALA L 501 43.56 -62.32 50.93
C ALA L 501 43.28 -63.65 50.27
N HIS L 502 43.11 -64.72 51.05
CA HIS L 502 42.97 -66.07 50.50
C HIS L 502 41.69 -66.22 49.71
N PHE L 503 40.58 -65.72 50.25
CA PHE L 503 39.35 -65.73 49.48
C PHE L 503 39.24 -64.54 48.56
N ALA L 504 40.19 -63.62 48.61
CA ALA L 504 40.34 -62.62 47.55
C ALA L 504 41.28 -63.09 46.46
N GLU L 505 41.85 -64.28 46.59
CA GLU L 505 42.69 -64.84 45.55
C GLU L 505 41.90 -65.45 44.40
N TYR L 506 40.57 -65.43 44.48
CA TYR L 506 39.75 -65.76 43.33
C TYR L 506 39.91 -64.73 42.22
N ALA L 507 40.16 -63.48 42.57
CA ALA L 507 40.57 -62.46 41.63
C ALA L 507 42.07 -62.53 41.33
N GLY L 508 42.88 -62.61 42.38
CA GLY L 508 44.32 -62.57 42.21
C GLY L 508 44.94 -61.78 43.35
N GLU L 509 46.07 -61.16 43.03
CA GLU L 509 46.74 -60.31 44.00
C GLU L 509 46.48 -58.83 43.73
N GLU L 510 45.94 -58.51 42.55
CA GLU L 510 45.72 -57.11 42.20
C GLU L 510 44.58 -56.49 42.98
N ALA L 511 43.40 -57.09 42.91
CA ALA L 511 42.27 -56.58 43.67
C ALA L 511 42.33 -56.95 45.14
N ALA L 512 43.22 -57.86 45.51
CA ALA L 512 43.29 -58.34 46.90
C ALA L 512 43.81 -57.26 47.84
N GLU L 513 44.71 -56.41 47.36
CA GLU L 513 45.27 -55.37 48.22
C GLU L 513 44.25 -54.28 48.53
N SER L 514 43.24 -54.13 47.70
CA SER L 514 42.24 -53.08 47.88
C SER L 514 40.93 -53.61 48.41
N TRP L 515 40.88 -54.87 48.84
CA TRP L 515 39.63 -55.41 49.36
C TRP L 515 39.28 -54.81 50.70
N LYS L 516 40.30 -54.51 51.51
CA LYS L 516 40.07 -53.96 52.84
C LYS L 516 39.48 -52.56 52.75
N GLU L 517 39.85 -51.80 51.72
CA GLU L 517 39.34 -50.45 51.59
C GLU L 517 37.90 -50.43 51.13
N ILE L 518 37.57 -51.25 50.12
CA ILE L 518 36.34 -51.07 49.37
C ILE L 518 35.12 -51.45 50.22
N VAL L 519 35.33 -52.29 51.23
CA VAL L 519 34.25 -52.57 52.16
C VAL L 519 33.98 -51.37 53.06
N ASN L 520 35.03 -50.75 53.61
CA ASN L 520 34.85 -49.68 54.57
C ASN L 520 34.21 -48.46 53.95
N LEU L 521 34.61 -48.13 52.72
CA LEU L 521 33.98 -47.02 52.02
C LEU L 521 32.54 -47.31 51.66
N LEU L 522 32.19 -48.59 51.50
CA LEU L 522 30.82 -48.93 51.14
C LEU L 522 29.86 -48.70 52.28
N TYR L 523 30.25 -49.10 53.50
CA TYR L 523 29.38 -48.89 54.64
C TYR L 523 29.28 -47.43 55.02
N GLU L 524 30.31 -46.63 54.68
CA GLU L 524 30.22 -45.21 54.93
C GLU L 524 29.19 -44.55 54.02
N LEU L 525 29.06 -45.04 52.79
CA LEU L 525 28.05 -44.52 51.88
C LEU L 525 26.65 -44.78 52.38
N LEU L 526 26.39 -46.05 52.72
CA LEU L 526 25.09 -46.46 53.22
C LEU L 526 24.71 -45.74 54.50
N ALA L 527 25.68 -45.60 55.41
CA ALA L 527 25.45 -44.81 56.61
C ALA L 527 25.22 -43.34 56.28
N SER L 528 25.81 -42.85 55.19
CA SER L 528 25.56 -41.47 54.82
C SER L 528 24.20 -41.32 54.15
N LEU L 529 23.66 -42.40 53.62
CA LEU L 529 22.35 -42.31 53.00
C LEU L 529 21.23 -42.15 54.00
N ILE L 530 21.17 -43.01 55.01
CA ILE L 530 20.00 -43.06 55.87
C ILE L 530 20.23 -42.26 57.13
N ARG L 531 21.17 -41.34 57.11
CA ARG L 531 21.38 -40.45 58.26
C ARG L 531 20.24 -39.46 58.26
N GLY L 532 19.56 -39.33 59.40
CA GLY L 532 18.51 -38.35 59.53
C GLY L 532 17.16 -38.75 58.95
N ASN L 533 17.17 -39.30 57.73
CA ASN L 533 15.94 -39.59 57.00
C ASN L 533 15.14 -40.69 57.68
N ARG L 534 13.87 -40.43 57.94
CA ARG L 534 13.01 -41.46 58.52
C ARG L 534 12.51 -42.42 57.46
N ALA L 535 12.23 -41.92 56.25
CA ALA L 535 11.60 -42.75 55.23
C ALA L 535 12.54 -43.83 54.71
N ASN L 536 13.82 -43.52 54.55
CA ASN L 536 14.74 -44.54 54.13
C ASN L 536 15.14 -45.47 55.25
N CYS L 537 14.94 -45.06 56.50
CA CYS L 537 15.26 -45.94 57.62
C CYS L 537 14.28 -47.10 57.73
N ALA L 538 13.04 -46.91 57.30
CA ALA L 538 12.09 -48.01 57.28
C ALA L 538 12.40 -49.05 56.22
N LEU L 539 13.31 -48.73 55.28
CA LEU L 539 13.67 -49.68 54.23
C LEU L 539 14.53 -50.82 54.75
N PHE L 540 14.95 -50.78 56.02
CA PHE L 540 15.71 -51.86 56.61
C PHE L 540 14.90 -52.69 57.57
N SER L 541 13.59 -52.46 57.62
CA SER L 541 12.72 -53.21 58.51
C SER L 541 12.51 -54.63 58.04
N THR L 542 12.82 -54.93 56.78
CA THR L 542 12.71 -56.29 56.28
C THR L 542 14.00 -57.07 56.46
N ASN L 543 15.15 -56.46 56.22
CA ASN L 543 16.42 -57.16 56.32
C ASN L 543 17.23 -56.64 57.50
N LEU L 544 16.55 -56.43 58.62
CA LEU L 544 17.23 -56.09 59.87
C LEU L 544 18.20 -57.18 60.27
N ASP L 545 17.79 -58.44 60.15
CA ASP L 545 18.65 -59.56 60.49
C ASP L 545 19.83 -59.70 59.54
N TRP L 546 19.73 -59.15 58.34
CA TRP L 546 20.88 -59.12 57.45
C TRP L 546 21.99 -58.25 58.00
N VAL L 547 21.62 -57.19 58.71
CA VAL L 547 22.61 -56.28 59.28
C VAL L 547 23.31 -56.90 60.49
N VAL L 548 22.54 -57.39 61.45
CA VAL L 548 23.09 -57.83 62.73
C VAL L 548 23.89 -59.11 62.57
N SER L 549 23.66 -59.86 61.49
CA SER L 549 24.41 -61.07 61.25
C SER L 549 25.85 -60.83 60.84
N LYS L 550 26.23 -59.60 60.53
CA LYS L 550 27.57 -59.28 60.08
C LYS L 550 28.34 -58.42 61.07
N LEU L 551 27.94 -58.42 62.34
CA LEU L 551 28.56 -57.53 63.30
C LEU L 551 29.94 -57.98 63.71
N ASP L 552 30.16 -59.29 63.77
CA ASP L 552 31.47 -59.83 64.15
C ASP L 552 32.33 -60.15 62.94
N ARG L 553 32.15 -59.39 61.85
CA ARG L 553 32.79 -59.75 60.60
C ARG L 553 34.27 -59.36 60.55
N LEU L 554 34.77 -58.65 61.57
CA LEU L 554 36.17 -58.35 61.86
C LEU L 554 36.78 -57.35 60.87
N GLU L 555 36.09 -57.01 59.81
CA GLU L 555 36.51 -55.98 58.88
C GLU L 555 35.42 -54.92 58.88
N ALA L 556 35.80 -53.67 59.11
CA ALA L 556 34.91 -52.51 59.23
C ALA L 556 33.85 -52.74 60.31
N SER L 557 34.30 -53.27 61.44
CA SER L 557 33.43 -53.49 62.59
C SER L 557 32.83 -52.20 63.10
N SER L 558 33.57 -51.09 63.05
CA SER L 558 32.97 -49.80 63.33
C SER L 558 32.01 -49.37 62.25
N GLY L 559 32.23 -49.82 61.01
CA GLY L 559 31.44 -49.41 59.88
C GLY L 559 29.99 -49.85 59.96
N ILE L 560 29.76 -51.15 60.19
CA ILE L 560 28.40 -51.65 60.28
C ILE L 560 27.73 -51.14 61.54
N LEU L 561 28.49 -51.07 62.64
CA LEU L 561 27.97 -50.54 63.89
C LEU L 561 27.57 -49.08 63.76
N GLU L 562 28.23 -48.35 62.88
CA GLU L 562 27.79 -47.01 62.52
C GLU L 562 26.44 -47.04 61.81
N VAL L 563 26.23 -48.00 60.90
CA VAL L 563 24.99 -48.05 60.14
C VAL L 563 23.83 -48.41 61.05
N LEU L 564 24.08 -49.29 62.03
CA LEU L 564 23.01 -49.69 62.94
C LEU L 564 22.60 -48.56 63.85
N TYR L 565 23.52 -47.64 64.16
CA TYR L 565 23.17 -46.59 65.10
C TYR L 565 22.30 -45.53 64.46
N CYS L 566 22.54 -45.21 63.20
CA CYS L 566 21.74 -44.19 62.56
C CYS L 566 20.35 -44.69 62.17
N VAL L 567 20.18 -45.99 61.98
CA VAL L 567 18.86 -46.51 61.63
C VAL L 567 17.98 -46.68 62.86
N LEU L 568 18.57 -46.84 64.05
CA LEU L 568 17.81 -47.08 65.26
C LEU L 568 17.47 -45.82 66.01
N ILE L 569 17.54 -44.66 65.36
CA ILE L 569 17.16 -43.41 65.99
C ILE L 569 16.19 -42.61 65.17
N GLU L 570 15.91 -43.03 63.95
CA GLU L 570 15.02 -42.27 63.07
C GLU L 570 13.63 -42.88 62.91
N SER L 571 13.52 -44.19 62.83
CA SER L 571 12.23 -44.85 62.59
C SER L 571 11.97 -45.80 63.75
N PRO L 572 11.03 -45.48 64.65
CA PRO L 572 10.84 -46.26 65.87
C PRO L 572 10.22 -47.63 65.67
N GLU L 573 9.68 -47.91 64.48
CA GLU L 573 9.09 -49.21 64.21
C GLU L 573 10.14 -50.32 64.14
N VAL L 574 11.41 -49.97 64.03
CA VAL L 574 12.43 -51.00 63.94
C VAL L 574 12.85 -51.42 65.35
N LEU L 575 12.39 -50.71 66.39
CA LEU L 575 12.64 -51.17 67.75
C LEU L 575 11.90 -52.44 68.10
N ASN L 576 10.57 -52.43 68.01
CA ASN L 576 9.76 -53.52 68.53
C ASN L 576 9.66 -54.72 67.61
N ILE L 577 10.48 -54.77 66.56
CA ILE L 577 10.64 -55.96 65.75
C ILE L 577 11.94 -56.67 66.05
N ILE L 578 12.48 -56.48 67.25
CA ILE L 578 13.77 -57.04 67.63
C ILE L 578 13.53 -58.06 68.73
N GLN L 579 14.02 -59.26 68.53
CA GLN L 579 13.86 -60.34 69.49
C GLN L 579 15.15 -60.54 70.27
N GLU L 580 15.13 -61.53 71.16
CA GLU L 580 16.24 -61.78 72.07
C GLU L 580 17.45 -62.34 71.36
N ASN L 581 17.30 -62.89 70.16
CA ASN L 581 18.44 -63.39 69.42
C ASN L 581 19.32 -62.26 68.90
N HIS L 582 18.76 -61.06 68.75
CA HIS L 582 19.56 -59.94 68.26
C HIS L 582 20.36 -59.30 69.37
N ILE L 583 19.74 -59.06 70.52
CA ILE L 583 20.41 -58.41 71.66
C ILE L 583 21.57 -59.26 72.16
N LYS L 584 21.42 -60.59 72.09
CA LYS L 584 22.50 -61.46 72.53
C LYS L 584 23.70 -61.43 71.60
N SER L 585 23.54 -60.91 70.39
CA SER L 585 24.71 -60.72 69.55
C SER L 585 25.43 -59.43 69.89
N ILE L 586 24.68 -58.38 70.24
CA ILE L 586 25.26 -57.07 70.51
C ILE L 586 26.11 -57.09 71.78
N ILE L 587 25.61 -57.74 72.84
CA ILE L 587 26.43 -57.94 74.02
C ILE L 587 27.63 -58.83 73.68
N SER L 588 27.44 -59.80 72.79
CA SER L 588 28.57 -60.58 72.31
C SER L 588 29.50 -59.77 71.42
N LEU L 589 29.02 -58.64 70.87
CA LEU L 589 29.94 -57.77 70.15
C LEU L 589 30.80 -56.99 71.13
N LEU L 590 30.19 -56.51 72.21
CA LEU L 590 30.92 -55.75 73.22
C LEU L 590 31.96 -56.59 73.92
N ASP L 591 31.67 -57.87 74.15
CA ASP L 591 32.59 -58.78 74.81
C ASP L 591 33.77 -59.18 73.92
N LYS L 592 33.72 -58.90 72.63
CA LYS L 592 34.80 -59.23 71.73
C LYS L 592 35.42 -58.03 71.04
N HIS L 593 35.04 -56.82 71.41
CA HIS L 593 35.58 -55.64 70.77
C HIS L 593 35.85 -54.54 71.78
N GLY L 594 36.23 -54.92 73.00
CA GLY L 594 36.66 -53.98 74.00
C GLY L 594 35.51 -53.15 74.54
N ARG L 595 35.86 -52.20 75.39
CA ARG L 595 34.89 -51.32 75.99
C ARG L 595 34.64 -50.14 75.06
N ASN L 596 34.03 -50.43 73.92
CA ASN L 596 33.69 -49.39 72.97
C ASN L 596 32.50 -48.61 73.48
N HIS L 597 32.64 -47.29 73.52
CA HIS L 597 31.58 -46.44 74.03
C HIS L 597 30.48 -46.20 73.02
N LYS L 598 30.64 -46.64 71.78
CA LYS L 598 29.55 -46.52 70.82
C LYS L 598 28.48 -47.59 71.03
N VAL L 599 28.87 -48.76 71.52
CA VAL L 599 27.91 -49.83 71.76
C VAL L 599 26.94 -49.46 72.86
N LEU L 600 27.36 -48.63 73.80
CA LEU L 600 26.40 -48.20 74.82
C LEU L 600 25.43 -47.17 74.28
N ASP L 601 25.75 -46.53 73.16
CA ASP L 601 24.78 -45.62 72.56
C ASP L 601 23.60 -46.38 71.96
N VAL L 602 23.87 -47.43 71.20
CA VAL L 602 22.80 -48.12 70.50
C VAL L 602 21.90 -48.85 71.50
N LEU L 603 22.46 -49.26 72.64
CA LEU L 603 21.59 -49.81 73.68
C LEU L 603 20.82 -48.72 74.39
N CYS L 604 21.33 -47.50 74.40
CA CYS L 604 20.55 -46.41 74.99
C CYS L 604 19.44 -45.95 74.06
N SER L 605 19.57 -46.22 72.77
CA SER L 605 18.47 -45.94 71.86
C SER L 605 17.45 -47.05 71.83
N LEU L 606 17.80 -48.23 72.35
CA LEU L 606 16.94 -49.38 72.29
C LEU L 606 15.90 -49.40 73.39
N CYS L 607 16.06 -48.57 74.42
CA CYS L 607 15.09 -48.56 75.50
C CYS L 607 13.85 -47.78 75.11
N VAL L 608 14.02 -46.52 74.73
CA VAL L 608 12.88 -45.66 74.47
C VAL L 608 12.83 -45.32 72.99
N CYS L 609 11.67 -44.79 72.57
CA CYS L 609 11.53 -44.16 71.27
C CYS L 609 10.43 -43.13 71.36
N ASN L 610 10.77 -41.89 71.01
CA ASN L 610 9.85 -40.75 70.99
C ASN L 610 9.21 -40.51 72.36
N GLY L 611 9.98 -40.73 73.40
CA GLY L 611 9.44 -40.65 74.75
C GLY L 611 8.56 -41.80 75.16
N VAL L 612 8.58 -42.92 74.42
CA VAL L 612 7.77 -44.09 74.72
C VAL L 612 8.68 -45.28 74.89
N ALA L 613 8.65 -45.91 76.05
CA ALA L 613 9.56 -46.99 76.35
C ALA L 613 8.99 -48.32 75.87
N VAL L 614 9.86 -49.32 75.79
CA VAL L 614 9.49 -50.65 75.35
C VAL L 614 9.81 -51.59 76.50
N ARG L 615 8.79 -52.01 77.23
CA ARG L 615 8.99 -52.91 78.36
C ARG L 615 9.47 -54.29 77.94
N SER L 616 9.27 -54.68 76.69
CA SER L 616 9.83 -55.94 76.24
C SER L 616 11.34 -55.86 76.06
N ASN L 617 11.84 -54.71 75.63
CA ASN L 617 13.27 -54.55 75.48
C ASN L 617 13.98 -54.13 76.75
N GLN L 618 13.29 -53.51 77.69
CA GLN L 618 13.94 -53.05 78.90
C GLN L 618 14.22 -54.17 79.88
N ASP L 619 13.82 -55.39 79.59
CA ASP L 619 14.23 -56.49 80.43
C ASP L 619 15.17 -57.45 79.73
N LEU L 620 15.15 -57.47 78.39
CA LEU L 620 16.08 -58.33 77.67
C LEU L 620 17.51 -57.89 77.84
N ILE L 621 17.74 -56.58 77.97
CA ILE L 621 19.07 -56.09 78.29
C ILE L 621 19.45 -56.46 79.70
N THR L 622 18.53 -56.22 80.65
CA THR L 622 18.89 -56.22 82.06
C THR L 622 19.25 -57.61 82.59
N GLU L 623 18.41 -58.62 82.34
CA GLU L 623 18.73 -59.95 82.80
C GLU L 623 19.79 -60.64 81.96
N ASN L 624 20.30 -59.99 80.93
CA ASN L 624 21.47 -60.49 80.22
C ASN L 624 22.75 -59.78 80.60
N LEU L 625 22.78 -58.46 80.54
CA LEU L 625 24.00 -57.68 80.75
C LEU L 625 24.44 -57.67 82.20
N LEU L 626 23.62 -57.09 83.08
CA LEU L 626 23.89 -56.97 84.51
C LEU L 626 24.27 -58.21 85.31
N PRO L 627 23.52 -59.33 85.27
CA PRO L 627 23.62 -60.29 86.38
C PRO L 627 24.91 -61.04 86.44
N GLY L 628 25.62 -61.18 85.32
CA GLY L 628 26.95 -61.75 85.36
C GLY L 628 27.92 -60.89 86.12
N ARG L 629 27.71 -59.56 86.07
CA ARG L 629 28.53 -58.55 86.73
C ARG L 629 29.99 -58.62 86.30
N GLU L 630 30.23 -59.07 85.06
CA GLU L 630 31.57 -59.39 84.62
C GLU L 630 31.91 -58.77 83.28
N LEU L 631 31.20 -57.73 82.85
CA LEU L 631 31.54 -57.01 81.63
C LEU L 631 31.62 -55.51 81.84
N LEU L 632 30.93 -55.01 82.86
CA LEU L 632 30.92 -53.59 83.18
C LEU L 632 31.80 -53.32 84.39
N LEU L 633 31.80 -52.08 84.84
CA LEU L 633 32.56 -51.72 86.02
C LEU L 633 31.64 -51.74 87.24
N GLN L 634 32.20 -52.10 88.39
CA GLN L 634 31.43 -52.13 89.62
C GLN L 634 31.99 -51.11 90.59
N THR L 635 31.11 -50.49 91.37
CA THR L 635 31.52 -49.48 92.35
C THR L 635 31.18 -49.98 93.73
N ASN L 636 31.97 -49.56 94.72
CA ASN L 636 31.74 -49.95 96.09
C ASN L 636 32.46 -48.99 97.03
N LEU L 637 31.92 -48.85 98.23
CA LEU L 637 32.62 -48.19 99.31
C LEU L 637 33.41 -49.23 100.08
N ILE L 638 34.70 -48.95 100.32
CA ILE L 638 35.53 -49.85 101.12
C ILE L 638 36.31 -49.02 102.13
N ASN L 639 36.99 -49.73 103.02
CA ASN L 639 37.73 -49.11 104.09
C ASN L 639 39.20 -48.95 103.70
N TYR L 640 39.89 -48.09 104.44
CA TYR L 640 41.33 -47.96 104.35
C TYR L 640 42.02 -48.96 105.25
N VAL L 641 43.22 -49.39 104.85
CA VAL L 641 44.10 -50.18 105.69
C VAL L 641 45.47 -49.53 105.69
N THR L 642 46.21 -49.75 106.76
CA THR L 642 47.62 -49.44 106.84
C THR L 642 48.36 -50.65 107.37
N SER L 643 49.66 -50.52 107.52
CA SER L 643 50.47 -51.59 108.08
C SER L 643 51.57 -50.94 108.91
N ILE L 644 51.90 -51.57 110.03
CA ILE L 644 52.94 -51.06 110.92
C ILE L 644 53.85 -52.22 111.31
N ARG L 645 55.05 -51.88 111.74
CA ARG L 645 56.09 -52.85 112.09
C ARG L 645 57.04 -52.24 113.10
N PRO L 646 57.74 -53.07 113.85
CA PRO L 646 58.97 -52.63 114.52
C PRO L 646 60.14 -52.73 113.56
N ASN L 647 61.32 -52.35 114.05
CA ASN L 647 62.52 -52.36 113.22
C ASN L 647 63.30 -53.67 113.39
N ILE L 648 62.59 -54.77 113.26
CA ILE L 648 63.13 -56.09 113.60
C ILE L 648 63.16 -56.91 112.32
N PHE L 649 64.27 -56.85 111.59
CA PHE L 649 64.37 -57.48 110.29
C PHE L 649 65.25 -58.71 110.37
N VAL L 650 64.62 -59.86 110.53
CA VAL L 650 65.32 -61.13 110.68
C VAL L 650 65.35 -61.84 109.34
N GLY L 651 66.54 -62.25 108.91
CA GLY L 651 66.67 -63.07 107.73
C GLY L 651 67.88 -63.98 107.85
N ARG L 652 67.87 -65.04 107.04
CA ARG L 652 68.95 -66.01 107.07
C ARG L 652 69.62 -66.06 105.71
N ALA L 653 70.84 -66.61 105.69
CA ALA L 653 71.65 -66.70 104.49
C ALA L 653 72.69 -67.80 104.71
N GLU L 654 73.71 -67.83 103.85
CA GLU L 654 74.85 -68.69 104.09
C GLU L 654 75.62 -68.24 105.33
N GLY L 655 76.19 -67.04 105.27
CA GLY L 655 76.86 -66.50 106.44
C GLY L 655 75.85 -65.84 107.34
N SER L 656 75.36 -66.58 108.31
CA SER L 656 74.22 -66.15 109.11
C SER L 656 74.67 -65.82 110.51
N THR L 657 74.67 -64.54 110.85
CA THR L 657 74.89 -64.10 112.22
C THR L 657 73.59 -64.00 113.02
N GLN L 658 72.50 -64.56 112.49
CA GLN L 658 71.18 -64.41 113.09
C GLN L 658 70.65 -65.77 113.54
N TYR L 659 69.55 -65.75 114.31
CA TYR L 659 69.09 -66.95 114.98
C TYR L 659 68.31 -67.85 114.03
N GLY L 660 67.16 -67.38 113.54
CA GLY L 660 66.34 -68.12 112.61
C GLY L 660 65.11 -68.78 113.21
N LYS L 661 64.77 -68.45 114.46
CA LYS L 661 63.60 -69.00 115.13
C LYS L 661 63.19 -68.08 116.27
N TRP L 662 62.10 -67.33 116.06
CA TRP L 662 61.73 -66.21 116.89
C TRP L 662 60.28 -66.35 117.34
N TYR L 663 59.82 -65.33 118.07
CA TYR L 663 58.53 -65.39 118.74
C TYR L 663 58.17 -63.99 119.21
N PHE L 664 56.88 -63.67 119.17
CA PHE L 664 56.35 -62.44 119.76
C PHE L 664 54.86 -62.60 119.96
N GLU L 665 54.30 -61.71 120.78
CA GLU L 665 52.89 -61.79 121.15
C GLU L 665 52.19 -60.47 120.85
N VAL L 666 50.88 -60.56 120.61
CA VAL L 666 50.04 -59.39 120.36
C VAL L 666 48.76 -59.57 121.18
N MET L 667 48.45 -58.57 122.00
CA MET L 667 47.25 -58.58 122.84
C MET L 667 46.27 -57.56 122.31
N VAL L 668 45.09 -58.02 121.94
CA VAL L 668 44.03 -57.16 121.43
C VAL L 668 43.04 -56.85 122.54
N ASP L 669 42.69 -55.59 122.68
CA ASP L 669 41.86 -55.15 123.79
C ASP L 669 40.70 -54.26 123.41
N GLU L 670 40.64 -53.72 122.21
CA GLU L 670 39.55 -52.81 121.85
C GLU L 670 39.33 -52.87 120.35
N VAL L 671 38.28 -53.58 119.94
CA VAL L 671 37.91 -53.68 118.53
C VAL L 671 36.40 -53.48 118.41
N VAL L 672 36.00 -52.44 117.70
CA VAL L 672 34.63 -52.36 117.21
C VAL L 672 34.50 -53.28 116.01
N PRO L 673 33.52 -54.17 115.98
CA PRO L 673 33.39 -55.07 114.83
C PRO L 673 32.90 -54.36 113.59
N PHE L 674 32.01 -53.39 113.76
CA PHE L 674 31.42 -52.67 112.62
C PHE L 674 31.34 -51.19 112.94
N LEU L 675 32.38 -50.46 112.59
CA LEU L 675 32.27 -49.01 112.55
C LEU L 675 31.74 -48.55 111.21
N THR L 676 32.17 -49.19 110.13
CA THR L 676 31.81 -48.80 108.78
C THR L 676 30.80 -49.78 108.22
N ALA L 677 30.48 -49.63 106.94
CA ALA L 677 29.64 -50.60 106.28
C ALA L 677 30.37 -51.91 106.05
N GLN L 678 31.68 -51.87 105.90
CA GLN L 678 32.45 -53.08 105.67
C GLN L 678 32.96 -53.58 107.02
N ALA L 679 33.39 -54.85 107.05
CA ALA L 679 33.91 -55.41 108.29
C ALA L 679 35.25 -54.80 108.63
N THR L 680 35.51 -54.68 109.94
CA THR L 680 36.73 -54.04 110.40
C THR L 680 37.91 -54.98 110.21
N HIS L 681 38.84 -54.57 109.35
CA HIS L 681 39.93 -55.42 108.92
C HIS L 681 41.04 -55.40 109.96
N LEU L 682 41.48 -56.59 110.39
CA LEU L 682 42.56 -56.70 111.37
C LEU L 682 43.20 -58.08 111.25
N ARG L 683 44.42 -58.13 110.72
CA ARG L 683 45.17 -59.38 110.60
C ARG L 683 46.58 -59.18 111.18
N VAL L 684 47.22 -60.30 111.52
CA VAL L 684 48.53 -60.31 112.15
C VAL L 684 49.39 -61.40 111.53
N GLY L 685 50.61 -61.07 111.15
CA GLY L 685 51.50 -62.09 110.64
C GLY L 685 52.90 -61.57 110.38
N TRP L 686 53.56 -62.19 109.39
CA TRP L 686 54.92 -61.89 109.00
C TRP L 686 54.97 -61.49 107.54
N ALA L 687 56.02 -60.74 107.18
CA ALA L 687 56.13 -60.20 105.83
C ALA L 687 57.60 -60.05 105.47
N LEU L 688 57.87 -60.13 104.16
CA LEU L 688 59.17 -59.82 103.59
C LEU L 688 59.37 -58.31 103.56
N THR L 689 60.57 -57.91 103.11
CA THR L 689 60.89 -56.49 103.04
C THR L 689 60.72 -55.96 101.63
N GLU L 690 61.38 -56.59 100.66
CA GLU L 690 61.45 -56.05 99.32
C GLU L 690 60.16 -56.20 98.53
N GLY L 691 59.24 -57.05 98.98
CA GLY L 691 58.08 -57.34 98.17
C GLY L 691 56.77 -56.75 98.67
N TYR L 692 56.59 -56.71 99.99
CA TYR L 692 55.32 -56.27 100.56
C TYR L 692 55.28 -54.76 100.58
N SER L 693 54.40 -54.17 99.78
CA SER L 693 54.26 -52.72 99.67
C SER L 693 52.78 -52.38 99.67
N PRO L 694 52.19 -52.18 100.85
CA PRO L 694 50.77 -51.81 100.93
C PRO L 694 50.56 -50.35 100.59
N TYR L 695 49.63 -50.09 99.69
CA TYR L 695 49.37 -48.70 99.40
C TYR L 695 47.97 -48.33 99.87
N PRO L 696 47.75 -47.09 100.33
CA PRO L 696 46.52 -46.79 101.06
C PRO L 696 45.24 -46.82 100.24
N GLY L 697 45.34 -46.92 98.92
CA GLY L 697 44.15 -47.14 98.12
C GLY L 697 44.42 -48.04 96.94
N GLY L 698 43.39 -48.70 96.43
CA GLY L 698 43.54 -49.54 95.27
C GLY L 698 44.32 -50.80 95.57
N GLY L 699 44.84 -51.42 94.53
CA GLY L 699 45.72 -52.54 94.66
C GLY L 699 45.07 -53.81 94.16
N GLU L 700 45.67 -54.94 94.55
CA GLU L 700 45.17 -56.24 94.14
C GLU L 700 43.93 -56.61 94.92
N GLY L 701 42.99 -57.24 94.23
CA GLY L 701 41.75 -57.61 94.86
C GLY L 701 40.74 -56.48 94.82
N TRP L 702 39.72 -56.60 95.66
CA TRP L 702 38.68 -55.58 95.69
C TRP L 702 39.16 -54.32 96.36
N GLY L 703 40.15 -54.42 97.23
CA GLY L 703 40.70 -53.24 97.86
C GLY L 703 40.87 -53.45 99.34
N GLY L 704 41.63 -52.53 99.94
CA GLY L 704 41.95 -52.62 101.35
C GLY L 704 42.92 -53.75 101.60
N ASN L 705 43.75 -54.05 100.61
CA ASN L 705 44.69 -55.15 100.70
C ASN L 705 45.79 -54.86 101.72
N GLY L 706 46.08 -55.86 102.56
CA GLY L 706 47.08 -55.73 103.61
C GLY L 706 47.90 -56.99 103.78
N VAL L 707 47.97 -57.49 105.03
CA VAL L 707 48.78 -58.67 105.32
C VAL L 707 48.12 -59.90 104.72
N GLY L 708 48.89 -60.70 103.99
CA GLY L 708 48.40 -61.90 103.38
C GLY L 708 47.72 -61.68 102.05
N ASP L 709 47.69 -60.46 101.56
CA ASP L 709 46.93 -60.13 100.37
C ASP L 709 47.71 -60.34 99.09
N ASP L 710 48.91 -60.89 99.17
CA ASP L 710 49.67 -61.34 98.01
C ASP L 710 50.69 -62.36 98.46
N LEU L 711 51.69 -62.57 97.62
CA LEU L 711 52.68 -63.61 97.86
C LEU L 711 53.84 -63.14 98.72
N TYR L 712 53.68 -62.05 99.47
CA TYR L 712 54.80 -61.51 100.23
C TYR L 712 54.54 -61.46 101.72
N SER L 713 53.37 -61.86 102.18
CA SER L 713 53.07 -61.88 103.60
C SER L 713 52.04 -62.95 103.90
N TYR L 714 51.93 -63.31 105.17
CA TYR L 714 51.13 -64.45 105.61
C TYR L 714 50.32 -64.02 106.83
N GLY L 715 49.00 -63.98 106.69
CA GLY L 715 48.14 -63.37 107.68
C GLY L 715 47.27 -64.35 108.43
N PHE L 716 46.88 -63.92 109.63
CA PHE L 716 45.94 -64.67 110.45
C PHE L 716 45.01 -63.66 111.11
N ASP L 717 43.71 -63.96 111.13
CA ASP L 717 42.72 -63.04 111.66
C ASP L 717 41.96 -63.61 112.84
N GLY L 718 42.29 -64.83 113.26
CA GLY L 718 41.48 -65.48 114.25
C GLY L 718 40.87 -66.76 113.71
N LEU L 719 40.44 -66.75 112.44
CA LEU L 719 39.87 -67.96 111.88
C LEU L 719 40.20 -68.16 110.41
N HIS L 720 41.15 -67.43 109.84
CA HIS L 720 41.57 -67.65 108.47
C HIS L 720 43.07 -67.46 108.33
N LEU L 721 43.67 -68.28 107.48
CA LEU L 721 45.07 -68.12 107.12
C LEU L 721 45.11 -67.32 105.82
N TRP L 722 45.51 -66.07 105.91
CA TRP L 722 45.56 -65.19 104.75
C TRP L 722 46.93 -65.25 104.11
N THR L 723 46.97 -65.71 102.85
CA THR L 723 48.18 -65.69 102.05
C THR L 723 47.79 -65.79 100.58
N GLY L 724 48.51 -65.06 99.74
CA GLY L 724 48.25 -65.08 98.30
C GLY L 724 46.89 -64.54 97.90
N HIS L 725 46.31 -63.65 98.71
CA HIS L 725 44.96 -63.10 98.56
C HIS L 725 43.89 -64.18 98.45
N VAL L 726 43.77 -65.01 99.48
CA VAL L 726 42.66 -65.95 99.62
C VAL L 726 42.54 -66.29 101.10
N ALA L 727 41.31 -66.41 101.59
CA ALA L 727 41.07 -66.88 102.94
C ALA L 727 41.25 -68.39 102.96
N ARG L 728 41.76 -68.90 104.08
CA ARG L 728 41.87 -70.35 104.27
C ARG L 728 41.21 -70.72 105.59
N PRO L 729 40.12 -71.47 105.57
CA PRO L 729 39.41 -71.78 106.81
C PRO L 729 40.20 -72.75 107.67
N VAL L 730 40.33 -72.40 108.95
CA VAL L 730 41.14 -73.14 109.88
C VAL L 730 40.23 -73.88 110.85
N THR L 731 40.83 -74.77 111.63
CA THR L 731 40.13 -75.49 112.69
C THR L 731 40.81 -75.12 114.00
N SER L 732 40.28 -74.11 114.66
CA SER L 732 40.83 -73.72 115.94
C SER L 732 39.81 -74.01 117.05
N PRO L 733 40.27 -74.43 118.23
CA PRO L 733 39.36 -74.64 119.35
C PRO L 733 38.86 -73.33 119.90
N GLY L 734 37.54 -73.13 119.85
CA GLY L 734 36.93 -71.88 120.24
C GLY L 734 37.24 -70.77 119.25
N GLN L 735 37.18 -71.10 117.96
CA GLN L 735 37.62 -70.18 116.93
C GLN L 735 36.64 -69.03 116.79
N HIS L 736 37.19 -67.82 116.69
CA HIS L 736 36.43 -66.61 116.45
C HIS L 736 37.40 -65.57 115.92
N LEU L 737 36.91 -64.35 115.75
CA LEU L 737 37.78 -63.27 115.29
C LEU L 737 38.68 -62.79 116.42
N LEU L 738 39.46 -61.76 116.14
CA LEU L 738 40.31 -61.16 117.17
C LEU L 738 39.42 -60.32 118.07
N ALA L 739 38.78 -60.98 119.03
CA ALA L 739 37.98 -60.30 120.02
C ALA L 739 38.90 -59.58 121.01
N PRO L 740 38.39 -58.59 121.76
CA PRO L 740 39.19 -58.01 122.83
C PRO L 740 39.48 -59.02 123.92
N GLU L 741 40.51 -58.69 124.72
CA GLU L 741 41.10 -59.57 125.73
C GLU L 741 41.54 -60.91 125.14
N ASP L 742 42.16 -60.86 123.97
CA ASP L 742 42.76 -62.03 123.35
C ASP L 742 44.24 -61.77 123.11
N VAL L 743 45.03 -62.84 123.22
CA VAL L 743 46.47 -62.77 123.03
C VAL L 743 46.83 -63.78 121.95
N VAL L 744 47.38 -63.30 120.84
CA VAL L 744 47.80 -64.16 119.75
C VAL L 744 49.32 -64.23 119.79
N SER L 745 49.88 -65.29 119.23
CA SER L 745 51.31 -65.50 119.16
C SER L 745 51.67 -66.03 117.77
N CYS L 746 52.91 -65.78 117.36
CA CYS L 746 53.38 -66.19 116.04
C CYS L 746 54.68 -66.95 116.19
N CYS L 747 54.63 -68.25 115.97
CA CYS L 747 55.82 -69.07 115.96
C CYS L 747 56.45 -69.03 114.57
N LEU L 748 57.73 -68.70 114.52
CA LEU L 748 58.42 -68.51 113.25
C LEU L 748 59.66 -69.39 113.22
N ASP L 749 59.91 -70.02 112.07
CA ASP L 749 61.11 -70.81 111.87
C ASP L 749 61.70 -70.46 110.51
N LEU L 750 63.02 -70.28 110.48
CA LEU L 750 63.73 -70.02 109.24
C LEU L 750 64.56 -71.20 108.76
N SER L 751 64.88 -72.15 109.64
CA SER L 751 65.58 -73.36 109.22
C SER L 751 64.70 -74.19 108.31
N VAL L 752 63.58 -74.67 108.84
CA VAL L 752 62.50 -75.18 108.02
C VAL L 752 61.62 -73.96 107.74
N PRO L 753 61.12 -73.80 106.51
CA PRO L 753 60.15 -72.71 106.27
C PRO L 753 58.84 -73.01 106.97
N SER L 754 58.57 -72.28 108.05
CA SER L 754 57.46 -72.64 108.93
C SER L 754 56.98 -71.42 109.69
N ILE L 755 55.67 -71.20 109.67
CA ILE L 755 55.02 -70.19 110.50
C ILE L 755 53.85 -70.86 111.20
N SER L 756 53.81 -70.76 112.52
CA SER L 756 52.70 -71.27 113.31
C SER L 756 52.10 -70.16 114.16
N PHE L 757 50.96 -70.47 114.78
CA PHE L 757 50.23 -69.52 115.59
C PHE L 757 49.59 -70.21 116.78
N ARG L 758 49.53 -69.49 117.90
CA ARG L 758 48.67 -69.84 119.02
C ARG L 758 47.94 -68.60 119.48
N ILE L 759 46.67 -68.76 119.84
CA ILE L 759 45.85 -67.67 120.36
C ILE L 759 45.40 -68.06 121.75
N ASN L 760 45.69 -67.20 122.73
CA ASN L 760 45.34 -67.38 124.14
C ASN L 760 45.88 -68.70 124.68
N GLY L 761 47.11 -69.01 124.32
CA GLY L 761 47.74 -70.26 124.68
C GLY L 761 47.34 -71.45 123.83
N CYS L 762 46.35 -71.32 122.98
CA CYS L 762 45.82 -72.45 122.24
C CYS L 762 46.33 -72.45 120.82
N PRO L 763 47.05 -73.49 120.39
CA PRO L 763 47.66 -73.48 119.06
C PRO L 763 46.65 -73.72 117.95
N VAL L 764 47.04 -73.32 116.74
CA VAL L 764 46.17 -73.44 115.58
C VAL L 764 46.57 -74.67 114.78
N GLN L 765 45.61 -75.20 114.01
CA GLN L 765 45.81 -76.44 113.26
C GLN L 765 46.10 -76.13 111.79
N GLY L 766 47.23 -75.46 111.56
CA GLY L 766 47.66 -75.15 110.22
C GLY L 766 48.90 -74.28 110.17
N VAL L 767 49.81 -74.58 109.23
CA VAL L 767 51.10 -73.91 109.14
C VAL L 767 51.47 -73.70 107.68
N PHE L 768 52.41 -72.78 107.46
CA PHE L 768 52.88 -72.41 106.13
C PHE L 768 54.23 -73.06 105.87
N GLU L 769 54.52 -73.36 104.61
CA GLU L 769 55.76 -74.03 104.23
C GLU L 769 56.28 -73.49 102.92
N ALA L 770 57.57 -73.78 102.68
CA ALA L 770 58.21 -73.78 101.36
C ALA L 770 58.23 -72.41 100.68
N PHE L 771 58.12 -71.36 101.47
CA PHE L 771 58.20 -70.01 100.91
C PHE L 771 59.64 -69.66 100.63
N ASN L 772 59.82 -68.59 99.85
CA ASN L 772 61.15 -68.16 99.48
C ASN L 772 61.88 -67.55 100.67
N LEU L 773 63.19 -67.37 100.53
CA LEU L 773 64.02 -66.85 101.60
C LEU L 773 64.98 -65.77 101.11
N ASP L 774 64.58 -65.01 100.11
CA ASP L 774 65.43 -63.95 99.56
C ASP L 774 65.00 -62.62 100.16
N GLY L 775 65.41 -62.38 101.40
CA GLY L 775 65.09 -61.14 102.08
C GLY L 775 64.89 -61.38 103.55
N LEU L 776 64.58 -60.29 104.25
CA LEU L 776 64.42 -60.30 105.69
C LEU L 776 62.95 -60.43 106.04
N PHE L 777 62.66 -60.57 107.33
CA PHE L 777 61.29 -60.71 107.80
C PHE L 777 61.04 -59.83 109.02
N PHE L 778 59.84 -59.28 109.10
CA PHE L 778 59.48 -58.44 110.23
C PHE L 778 58.01 -58.65 110.56
N PRO L 779 57.62 -58.44 111.81
CA PRO L 779 56.20 -58.62 112.17
C PRO L 779 55.36 -57.51 111.61
N VAL L 780 54.15 -57.87 111.15
CA VAL L 780 53.20 -56.92 110.58
C VAL L 780 51.83 -57.14 111.18
N VAL L 781 51.15 -56.05 111.49
CA VAL L 781 49.72 -56.07 111.77
C VAL L 781 49.06 -55.02 110.88
N SER L 782 48.09 -55.47 110.10
CA SER L 782 47.33 -54.57 109.24
C SER L 782 45.98 -54.36 109.90
N PHE L 783 45.57 -53.11 110.02
CA PHE L 783 44.34 -52.79 110.70
C PHE L 783 43.51 -51.81 109.89
N SER L 784 42.21 -51.88 110.05
CA SER L 784 41.31 -50.84 109.58
C SER L 784 41.15 -49.80 110.69
N ALA L 785 40.18 -48.90 110.56
CA ALA L 785 39.94 -47.94 111.61
C ALA L 785 39.22 -48.61 112.78
N GLY L 786 39.22 -47.93 113.93
CA GLY L 786 38.48 -48.41 115.08
C GLY L 786 39.13 -49.58 115.79
N VAL L 787 40.46 -49.67 115.74
CA VAL L 787 41.18 -50.78 116.35
C VAL L 787 42.27 -50.20 117.24
N LYS L 788 42.27 -50.58 118.52
CA LYS L 788 43.33 -50.24 119.46
C LYS L 788 44.00 -51.53 119.91
N VAL L 789 45.32 -51.59 119.80
CA VAL L 789 46.05 -52.82 120.08
C VAL L 789 47.44 -52.47 120.59
N ARG L 790 48.04 -53.41 121.32
CA ARG L 790 49.32 -53.21 121.97
C ARG L 790 50.31 -54.27 121.52
N PHE L 791 51.60 -53.94 121.60
CA PHE L 791 52.68 -54.83 121.22
C PHE L 791 53.32 -55.48 122.44
N LEU L 792 53.63 -56.77 122.31
CA LEU L 792 54.38 -57.54 123.31
C LEU L 792 55.59 -58.12 122.57
N LEU L 793 56.74 -57.45 122.75
CA LEU L 793 57.94 -57.77 122.01
C LEU L 793 58.93 -58.61 122.81
N GLY L 794 59.13 -58.25 124.07
CA GLY L 794 60.06 -58.93 124.94
C GLY L 794 60.04 -58.25 126.30
N GLY L 795 60.71 -58.88 127.26
CA GLY L 795 60.56 -58.50 128.65
C GLY L 795 61.05 -57.10 128.99
N ARG L 796 61.98 -56.58 128.20
CA ARG L 796 62.42 -55.20 128.42
C ARG L 796 61.38 -54.20 127.97
N HIS L 797 60.51 -54.58 127.02
CA HIS L 797 59.49 -53.68 126.53
C HIS L 797 58.08 -54.16 126.81
N GLY L 798 57.74 -55.38 126.41
CA GLY L 798 56.47 -55.95 126.81
C GLY L 798 56.67 -56.85 128.01
N GLU L 799 55.67 -57.65 128.33
CA GLU L 799 55.81 -58.72 129.31
C GLU L 799 55.02 -59.90 128.76
N PHE L 800 55.74 -60.97 128.42
CA PHE L 800 55.15 -62.09 127.69
C PHE L 800 54.09 -62.78 128.52
N LYS L 801 52.84 -62.70 128.04
CA LYS L 801 51.73 -63.31 128.76
C LYS L 801 51.70 -64.81 128.63
N PHE L 802 52.55 -65.38 127.77
CA PHE L 802 52.69 -66.81 127.65
C PHE L 802 54.15 -67.15 127.48
N LEU L 803 54.50 -68.36 127.86
CA LEU L 803 55.87 -68.80 127.68
C LEU L 803 56.12 -69.16 126.23
N PRO L 804 57.22 -68.70 125.65
CA PRO L 804 57.57 -69.14 124.30
C PRO L 804 57.92 -70.61 124.30
N PRO L 805 57.62 -71.32 123.23
CA PRO L 805 58.07 -72.71 123.10
C PRO L 805 59.59 -72.74 122.97
N PRO L 806 60.23 -73.81 123.45
CA PRO L 806 61.70 -73.83 123.58
C PRO L 806 62.38 -73.78 122.23
N GLY L 807 63.29 -72.81 122.09
CA GLY L 807 63.92 -72.52 120.83
C GLY L 807 63.50 -71.20 120.22
N TYR L 808 62.66 -70.43 120.91
CA TYR L 808 62.10 -69.23 120.33
C TYR L 808 62.48 -68.03 121.18
N ALA L 809 63.35 -67.19 120.63
CA ALA L 809 63.92 -66.02 121.26
C ALA L 809 62.89 -64.89 121.38
N PRO L 810 62.92 -64.12 122.46
CA PRO L 810 62.04 -62.95 122.55
C PRO L 810 62.46 -61.90 121.55
N CYS L 811 61.45 -61.25 120.97
CA CYS L 811 61.65 -60.51 119.73
C CYS L 811 62.42 -59.22 119.92
N HIS L 812 62.62 -58.75 121.15
CA HIS L 812 63.40 -57.55 121.40
C HIS L 812 64.90 -57.78 121.37
N GLU L 813 65.36 -58.93 120.87
CA GLU L 813 66.78 -59.24 120.82
C GLU L 813 67.41 -58.93 119.47
N ALA L 814 66.64 -58.92 118.39
CA ALA L 814 67.22 -58.71 117.06
C ALA L 814 67.32 -57.24 116.69
N VAL L 815 67.19 -56.34 117.66
CA VAL L 815 67.38 -54.92 117.40
C VAL L 815 68.85 -54.65 117.07
N LEU L 816 69.06 -53.82 116.10
CA LEU L 816 70.42 -53.52 115.71
C LEU L 816 71.05 -52.56 116.71
N PRO L 817 72.38 -52.58 116.86
CA PRO L 817 73.03 -51.65 117.80
C PRO L 817 72.92 -50.19 117.39
N ARG L 818 72.77 -49.89 116.11
CA ARG L 818 72.76 -48.52 115.64
C ARG L 818 71.41 -47.83 115.86
N GLU L 819 70.34 -48.60 116.06
CA GLU L 819 69.03 -47.99 116.14
C GLU L 819 68.23 -48.60 117.28
N ARG L 820 67.56 -47.76 118.05
CA ARG L 820 66.68 -48.20 119.10
C ARG L 820 65.40 -48.77 118.51
N LEU L 821 64.62 -49.43 119.36
CA LEU L 821 63.36 -50.02 118.93
C LEU L 821 62.35 -48.90 118.69
N ARG L 822 61.62 -48.99 117.58
CA ARG L 822 60.72 -47.93 117.13
C ARG L 822 59.59 -48.55 116.33
N LEU L 823 58.46 -47.85 116.26
CA LEU L 823 57.28 -48.30 115.53
C LEU L 823 57.13 -47.40 114.31
N GLU L 824 56.85 -48.00 113.16
CA GLU L 824 56.83 -47.23 111.92
C GLU L 824 55.86 -47.85 110.92
N PRO L 825 55.36 -47.05 109.99
CA PRO L 825 54.68 -47.59 108.81
C PRO L 825 55.70 -48.10 107.80
N ILE L 826 55.22 -48.50 106.63
CA ILE L 826 56.03 -49.16 105.62
C ILE L 826 55.89 -48.42 104.30
N LYS L 827 57.04 -48.03 103.72
CA LYS L 827 57.15 -47.60 102.32
C LYS L 827 56.37 -46.32 102.04
N GLU L 828 56.20 -45.50 103.07
CA GLU L 828 55.25 -44.40 103.02
C GLU L 828 55.77 -43.26 102.15
N TYR L 829 54.88 -42.31 101.89
CA TYR L 829 55.32 -41.09 101.24
C TYR L 829 54.90 -39.84 101.97
N ARG L 830 53.78 -39.84 102.67
CA ARG L 830 53.32 -38.66 103.38
C ARG L 830 53.79 -38.78 104.83
N ARG L 831 54.24 -37.67 105.39
CA ARG L 831 54.61 -37.60 106.79
C ARG L 831 54.23 -36.23 107.31
N GLU L 832 53.25 -36.19 108.20
CA GLU L 832 52.69 -34.92 108.64
C GLU L 832 53.69 -34.13 109.48
N GLY L 833 54.06 -32.96 108.99
CA GLY L 833 55.12 -32.20 109.61
C GLY L 833 54.62 -31.00 110.37
N PRO L 834 55.54 -30.11 110.72
CA PRO L 834 55.19 -28.87 111.39
C PRO L 834 54.61 -27.95 110.33
N ARG L 835 55.47 -27.36 109.52
CA ARG L 835 55.05 -26.46 108.45
C ARG L 835 54.55 -27.26 107.27
N GLY L 836 53.31 -27.73 107.36
CA GLY L 836 52.70 -28.50 106.30
C GLY L 836 53.06 -29.97 106.42
N PRO L 837 52.62 -30.78 105.47
CA PRO L 837 52.95 -32.19 105.53
C PRO L 837 54.22 -32.40 104.74
N HIS L 838 54.98 -33.43 105.07
CA HIS L 838 56.20 -33.66 104.32
C HIS L 838 56.06 -34.83 103.37
N LEU L 839 56.81 -34.78 102.28
CA LEU L 839 56.88 -35.87 101.32
C LEU L 839 58.26 -36.50 101.43
N VAL L 840 58.30 -37.82 101.49
CA VAL L 840 59.56 -38.53 101.60
C VAL L 840 59.78 -39.34 100.33
N GLY L 841 61.03 -39.71 100.10
CA GLY L 841 61.37 -40.56 98.99
C GLY L 841 61.30 -42.00 99.41
N PRO L 842 61.81 -42.90 98.58
CA PRO L 842 61.78 -44.33 98.94
C PRO L 842 62.78 -44.63 100.04
N SER L 843 62.37 -45.51 100.95
CA SER L 843 63.23 -45.90 102.05
C SER L 843 64.34 -46.79 101.54
N ARG L 844 65.52 -46.63 102.13
CA ARG L 844 66.67 -47.46 101.77
C ARG L 844 66.66 -48.68 102.68
N CYS L 845 66.34 -49.83 102.10
CA CYS L 845 66.21 -51.04 102.89
C CYS L 845 67.57 -51.72 103.03
N LEU L 846 67.77 -52.32 104.20
CA LEU L 846 68.91 -53.20 104.39
C LEU L 846 68.73 -54.43 103.53
N SER L 847 69.81 -54.88 102.91
CA SER L 847 69.70 -55.98 101.97
C SER L 847 69.62 -57.31 102.73
N HIS L 848 69.51 -58.38 101.94
CA HIS L 848 69.49 -59.72 102.51
C HIS L 848 70.85 -60.07 103.10
N THR L 849 71.92 -59.87 102.33
CA THR L 849 73.27 -60.25 102.73
C THR L 849 74.03 -59.11 103.36
N ASP L 850 73.36 -58.21 104.06
CA ASP L 850 74.04 -57.16 104.81
C ASP L 850 74.44 -57.63 106.19
N PHE L 851 74.32 -58.93 106.47
CA PHE L 851 74.63 -59.46 107.79
C PHE L 851 75.77 -60.46 107.76
N VAL L 852 76.15 -60.93 106.57
CA VAL L 852 77.28 -61.83 106.43
C VAL L 852 78.57 -60.99 106.49
N PRO L 853 79.55 -61.39 107.29
CA PRO L 853 80.83 -60.66 107.31
C PRO L 853 81.67 -60.93 106.07
N CYS L 854 82.87 -60.35 106.06
CA CYS L 854 83.76 -60.49 104.93
C CYS L 854 85.21 -60.62 105.37
N PRO L 855 86.03 -61.38 104.63
CA PRO L 855 87.46 -61.48 104.91
C PRO L 855 88.27 -60.46 104.10
N ILE L 861 98.51 -65.29 102.33
CA ILE L 861 99.40 -65.08 101.21
C ILE L 861 100.85 -65.09 101.67
N VAL L 862 101.77 -64.78 100.75
CA VAL L 862 103.19 -64.79 101.05
C VAL L 862 103.55 -63.54 101.87
N LEU L 863 104.75 -63.56 102.46
CA LEU L 863 105.21 -62.47 103.30
C LEU L 863 106.68 -62.19 103.03
N PRO L 864 107.05 -60.94 102.73
CA PRO L 864 108.44 -60.64 102.37
C PRO L 864 109.36 -60.70 103.58
N PRO L 865 110.65 -61.00 103.37
CA PRO L 865 111.54 -61.17 104.52
C PRO L 865 111.89 -59.88 105.25
N HIS L 866 111.81 -58.72 104.59
CA HIS L 866 112.07 -57.46 105.27
C HIS L 866 110.98 -57.12 106.27
N LEU L 867 109.78 -57.66 106.09
CA LEU L 867 108.72 -57.56 107.07
C LEU L 867 108.69 -58.76 108.02
N GLU L 868 109.47 -59.80 107.74
CA GLU L 868 109.51 -60.96 108.62
C GLU L 868 110.19 -60.65 109.95
N ARG L 869 111.29 -59.92 109.93
CA ARG L 869 111.98 -59.55 111.16
C ARG L 869 111.24 -58.49 111.95
N ILE L 870 110.57 -57.56 111.28
CA ILE L 870 109.86 -56.49 111.97
C ILE L 870 108.55 -56.95 112.57
N ARG L 871 108.10 -58.17 112.26
CA ARG L 871 106.84 -58.70 112.77
C ARG L 871 106.91 -58.92 114.28
N GLU L 872 108.02 -59.46 114.78
CA GLU L 872 108.19 -59.59 116.23
C GLU L 872 108.55 -58.25 116.86
N LYS L 873 109.11 -57.33 116.07
CA LYS L 873 109.44 -56.00 116.58
C LYS L 873 108.19 -55.21 116.92
N LEU L 874 107.17 -55.25 116.06
CA LEU L 874 105.89 -54.64 116.39
C LEU L 874 105.14 -55.46 117.43
N ALA L 875 105.41 -56.77 117.49
CA ALA L 875 104.77 -57.62 118.49
C ALA L 875 105.28 -57.29 119.90
N GLU L 876 106.59 -57.08 120.02
CA GLU L 876 107.12 -56.60 121.29
C GLU L 876 106.71 -55.16 121.56
N ASN L 877 106.45 -54.40 120.49
CA ASN L 877 105.91 -53.05 120.66
C ASN L 877 104.47 -53.08 121.13
N ILE L 878 103.69 -54.06 120.66
CA ILE L 878 102.27 -54.11 120.98
C ILE L 878 102.05 -54.55 122.41
N HIS L 879 102.82 -55.53 122.89
CA HIS L 879 102.69 -55.97 124.28
C HIS L 879 103.20 -54.91 125.24
N GLU L 880 104.27 -54.19 124.87
CA GLU L 880 104.75 -53.09 125.69
C GLU L 880 103.77 -51.94 125.71
N LEU L 881 103.09 -51.70 124.59
CA LEU L 881 102.02 -50.71 124.59
C LEU L 881 100.79 -51.21 125.34
N TRP L 882 100.56 -52.52 125.38
CA TRP L 882 99.45 -53.05 126.14
C TRP L 882 99.72 -52.98 127.64
N ALA L 883 100.93 -53.31 128.06
CA ALA L 883 101.27 -53.23 129.48
C ALA L 883 101.30 -51.79 129.98
N LEU L 884 101.65 -50.84 129.12
CA LEU L 884 101.51 -49.43 129.46
C LEU L 884 100.03 -49.04 129.56
N THR L 885 99.19 -49.66 128.73
CA THR L 885 97.75 -49.49 128.86
C THR L 885 97.22 -50.24 130.06
N ARG L 886 97.84 -51.37 130.40
CA ARG L 886 97.43 -52.12 131.59
C ARG L 886 97.82 -51.39 132.86
N ILE L 887 99.04 -50.86 132.93
CA ILE L 887 99.51 -50.18 134.13
C ILE L 887 98.83 -48.82 134.31
N GLU L 888 98.30 -48.23 133.24
CA GLU L 888 97.66 -46.93 133.34
C GLU L 888 96.33 -47.00 134.09
N GLN L 889 95.63 -48.13 134.00
CA GLN L 889 94.38 -48.30 134.73
C GLN L 889 94.58 -48.92 136.10
N GLY L 890 95.59 -49.77 136.28
CA GLY L 890 95.83 -50.35 137.57
C GLY L 890 96.21 -51.82 137.57
N TRP L 891 96.40 -52.39 136.38
CA TRP L 891 96.94 -53.74 136.31
C TRP L 891 98.40 -53.74 136.69
N THR L 892 98.78 -54.69 137.54
CA THR L 892 100.16 -54.90 137.91
C THR L 892 100.62 -56.24 137.35
N TYR L 893 101.89 -56.54 137.54
CA TYR L 893 102.40 -57.85 137.16
C TYR L 893 102.06 -58.88 138.23
N GLY L 894 101.18 -59.81 137.87
CA GLY L 894 100.80 -60.87 138.77
C GLY L 894 100.98 -62.22 138.13
N PRO L 895 101.20 -63.25 138.94
CA PRO L 895 101.37 -64.60 138.38
C PRO L 895 100.08 -65.16 137.83
N VAL L 896 98.95 -64.72 138.39
CA VAL L 896 97.64 -65.10 137.88
C VAL L 896 97.06 -63.95 137.07
N ARG L 897 96.03 -64.26 136.29
CA ARG L 897 95.34 -63.27 135.48
C ARG L 897 93.98 -62.98 136.11
N ASP L 898 93.92 -61.95 136.95
CA ASP L 898 92.68 -61.57 137.61
C ASP L 898 92.38 -60.13 137.27
N ASP L 899 91.32 -59.90 136.49
CA ASP L 899 90.93 -58.55 136.11
C ASP L 899 90.26 -57.82 137.26
N ASN L 900 89.51 -58.54 138.10
CA ASN L 900 88.87 -57.92 139.26
C ASN L 900 89.90 -57.50 140.30
N LYS L 901 90.96 -58.27 140.46
CA LYS L 901 92.10 -57.88 141.29
C LYS L 901 93.10 -57.02 140.53
N ARG L 902 92.83 -56.73 139.25
CA ARG L 902 93.69 -55.97 138.34
C ARG L 902 95.09 -56.58 138.26
N LEU L 903 95.13 -57.80 137.75
CA LEU L 903 96.38 -58.55 137.59
C LEU L 903 96.64 -58.79 136.12
N HIS L 904 97.87 -58.54 135.68
CA HIS L 904 98.27 -58.75 134.29
C HIS L 904 99.52 -59.61 134.25
N PRO L 905 99.45 -60.84 133.74
CA PRO L 905 100.66 -61.68 133.64
C PRO L 905 101.54 -61.34 132.45
N CYS L 906 101.11 -60.37 131.64
CA CYS L 906 101.91 -59.82 130.54
C CYS L 906 102.26 -58.36 130.78
N LEU L 907 102.52 -57.98 132.03
CA LEU L 907 102.75 -56.60 132.39
C LEU L 907 104.23 -56.24 132.51
N VAL L 908 105.14 -57.22 132.43
CA VAL L 908 106.55 -56.92 132.58
C VAL L 908 107.18 -56.61 131.23
N ASN L 909 107.16 -57.59 130.31
CA ASN L 909 107.72 -57.42 128.99
C ASN L 909 107.05 -58.41 128.05
N PHE L 910 107.38 -58.31 126.76
CA PHE L 910 106.85 -59.25 125.79
C PHE L 910 107.50 -60.62 125.92
N HIS L 911 108.78 -60.65 126.30
CA HIS L 911 109.42 -61.92 126.60
C HIS L 911 108.88 -62.52 127.90
N SER L 912 108.41 -61.68 128.82
CA SER L 912 107.78 -62.15 130.03
C SER L 912 106.35 -62.61 129.81
N LEU L 913 105.78 -62.35 128.64
CA LEU L 913 104.50 -62.91 128.29
C LEU L 913 104.64 -64.42 128.05
N PRO L 914 103.62 -65.21 128.40
CA PRO L 914 103.72 -66.66 128.21
C PRO L 914 103.70 -67.04 126.73
N GLU L 915 104.17 -68.26 126.47
CA GLU L 915 104.34 -68.79 125.12
C GLU L 915 103.05 -68.89 124.30
N PRO L 916 101.86 -69.22 124.87
CA PRO L 916 100.64 -68.98 124.09
C PRO L 916 100.37 -67.51 123.80
N GLU L 917 100.67 -66.60 124.73
CA GLU L 917 100.53 -65.19 124.43
C GLU L 917 101.67 -64.68 123.57
N ARG L 918 102.84 -65.33 123.64
CA ARG L 918 103.96 -64.97 122.77
C ARG L 918 103.73 -65.43 121.34
N ASN L 919 103.10 -66.60 121.18
CA ASN L 919 102.69 -67.04 119.85
C ASN L 919 101.51 -66.23 119.33
N TYR L 920 100.64 -65.73 120.23
CA TYR L 920 99.51 -64.92 119.80
C TYR L 920 99.96 -63.56 119.31
N ASN L 921 101.03 -63.02 119.90
CA ASN L 921 101.52 -61.71 119.49
C ASN L 921 102.18 -61.77 118.13
N LEU L 922 102.68 -62.94 117.73
CA LEU L 922 103.27 -63.09 116.41
C LEU L 922 102.24 -63.41 115.34
N GLN L 923 101.26 -64.26 115.66
CA GLN L 923 100.26 -64.63 114.65
C GLN L 923 99.26 -63.50 114.42
N MET L 924 99.11 -62.59 115.38
CA MET L 924 98.36 -61.37 115.13
C MET L 924 99.19 -60.37 114.35
N SER L 925 100.52 -60.50 114.39
CA SER L 925 101.38 -59.63 113.60
C SER L 925 101.39 -60.06 112.13
N GLY L 926 101.46 -61.36 111.87
CA GLY L 926 101.48 -61.83 110.50
C GLY L 926 100.14 -61.71 109.78
N GLU L 927 99.05 -61.65 110.54
CA GLU L 927 97.74 -61.52 109.93
C GLU L 927 97.49 -60.11 109.40
N THR L 928 97.83 -59.10 110.21
CA THR L 928 97.59 -57.71 109.82
C THR L 928 98.56 -57.21 108.76
N LEU L 929 99.64 -57.96 108.50
CA LEU L 929 100.58 -57.58 107.46
C LEU L 929 100.28 -58.24 106.13
N LYS L 930 99.82 -59.50 106.14
CA LYS L 930 99.47 -60.17 104.90
C LYS L 930 98.23 -59.56 104.27
N THR L 931 97.34 -58.99 105.09
CA THR L 931 96.21 -58.25 104.58
C THR L 931 96.54 -56.80 104.25
N LEU L 932 97.70 -56.31 104.70
CA LEU L 932 98.08 -54.93 104.39
C LEU L 932 98.54 -54.81 102.94
N LEU L 933 99.22 -55.83 102.45
CA LEU L 933 99.54 -55.93 101.03
C LEU L 933 98.36 -56.38 100.20
N ALA L 934 97.37 -57.04 100.82
CA ALA L 934 96.27 -57.61 100.06
C ALA L 934 95.29 -56.55 99.58
N LEU L 935 95.20 -55.42 100.27
CA LEU L 935 94.28 -54.38 99.84
C LEU L 935 94.86 -53.52 98.73
N GLY L 936 96.18 -53.55 98.55
CA GLY L 936 96.81 -52.77 97.51
C GLY L 936 97.78 -51.73 98.03
N CYS L 937 98.01 -51.73 99.33
CA CYS L 937 98.97 -50.82 99.92
C CYS L 937 100.38 -51.36 99.74
N HIS L 938 101.18 -50.65 98.95
CA HIS L 938 102.57 -51.05 98.73
C HIS L 938 103.42 -50.58 99.91
N VAL L 939 104.32 -51.45 100.37
CA VAL L 939 105.18 -51.15 101.51
C VAL L 939 106.63 -51.29 101.07
N GLY L 940 107.48 -50.45 101.65
CA GLY L 940 108.91 -50.50 101.37
C GLY L 940 109.72 -50.21 102.62
N MET L 941 110.97 -50.63 102.59
CA MET L 941 111.88 -50.52 103.72
C MET L 941 112.87 -49.39 103.45
N ALA L 942 112.91 -48.40 104.34
CA ALA L 942 113.82 -47.27 104.22
C ALA L 942 114.02 -46.64 105.57
N ASP L 943 115.19 -46.00 105.73
CA ASP L 943 115.56 -45.16 106.88
C ASP L 943 115.54 -45.94 108.19
N GLU L 944 116.29 -47.05 108.22
CA GLU L 944 116.42 -47.84 109.44
C GLU L 944 117.29 -47.15 110.47
N LYS L 945 118.13 -46.21 110.04
CA LYS L 945 118.97 -45.46 110.99
C LYS L 945 118.14 -44.47 111.80
N ALA L 946 117.27 -43.69 111.14
CA ALA L 946 116.41 -42.77 111.87
C ALA L 946 115.34 -43.51 112.66
N GLU L 947 114.99 -44.72 112.24
CA GLU L 947 114.10 -45.56 113.03
C GLU L 947 114.77 -46.04 114.31
N ASP L 948 116.04 -46.46 114.21
CA ASP L 948 116.77 -46.88 115.38
C ASP L 948 117.17 -45.68 116.24
N ASN L 949 117.36 -44.51 115.63
CA ASN L 949 117.66 -43.29 116.38
C ASN L 949 116.48 -42.80 117.20
N LEU L 950 115.26 -43.15 116.82
CA LEU L 950 114.09 -42.86 117.63
C LEU L 950 114.10 -43.74 118.86
N LYS L 951 114.09 -43.11 120.03
CA LYS L 951 114.15 -43.83 121.29
C LYS L 951 112.74 -44.26 121.70
N LYS L 952 112.61 -44.73 122.93
CA LYS L 952 111.32 -45.14 123.45
C LYS L 952 110.57 -43.95 124.03
N THR L 953 109.28 -44.17 124.29
CA THR L 953 108.49 -43.16 124.99
C THR L 953 108.92 -43.08 126.44
N LYS L 954 108.92 -41.85 126.97
CA LYS L 954 109.40 -41.61 128.32
C LYS L 954 108.39 -42.13 129.34
N LEU L 955 108.88 -42.92 130.29
CA LEU L 955 108.04 -43.53 131.32
C LEU L 955 108.38 -42.90 132.66
N PRO L 956 107.48 -42.10 133.25
CA PRO L 956 107.79 -41.47 134.55
C PRO L 956 107.59 -42.43 135.70
N LYS L 957 107.71 -41.92 136.93
CA LYS L 957 107.49 -42.74 138.12
C LYS L 957 106.03 -43.15 138.25
N THR L 958 105.10 -42.36 137.71
CA THR L 958 103.70 -42.75 137.64
C THR L 958 103.44 -43.76 136.53
N TYR L 959 104.32 -43.88 135.54
CA TYR L 959 104.14 -44.84 134.48
C TYR L 959 104.54 -46.24 134.90
N MET L 960 105.49 -46.37 135.82
CA MET L 960 105.89 -47.67 136.32
C MET L 960 104.83 -48.22 137.27
N MET L 961 104.48 -49.48 137.08
CA MET L 961 103.43 -50.13 137.86
C MET L 961 103.98 -50.58 139.21
N SER L 962 103.19 -51.40 139.92
CA SER L 962 103.60 -51.90 141.22
C SER L 962 104.79 -52.87 141.15
N ASN L 963 105.00 -53.50 140.01
CA ASN L 963 106.17 -54.36 139.85
C ASN L 963 107.45 -53.55 139.66
N GLY L 964 107.32 -52.27 139.26
CA GLY L 964 108.47 -51.42 139.04
C GLY L 964 109.06 -51.49 137.66
N TYR L 965 108.59 -52.40 136.82
CA TYR L 965 109.11 -52.55 135.46
C TYR L 965 108.14 -51.91 134.48
N LYS L 966 108.47 -50.70 134.04
CA LYS L 966 107.68 -50.02 133.03
C LYS L 966 108.17 -50.43 131.66
N PRO L 967 107.26 -50.88 130.78
CA PRO L 967 107.67 -51.20 129.42
C PRO L 967 108.00 -49.95 128.63
N ALA L 968 108.82 -50.14 127.59
CA ALA L 968 109.35 -49.04 126.78
C ALA L 968 108.99 -49.29 125.32
N PRO L 969 107.79 -48.95 124.90
CA PRO L 969 107.43 -49.11 123.48
C PRO L 969 108.05 -48.03 122.62
N LEU L 970 108.04 -48.28 121.31
CA LEU L 970 108.67 -47.37 120.36
C LEU L 970 107.89 -46.08 120.25
N ASP L 971 108.61 -44.95 120.14
CA ASP L 971 107.98 -43.64 120.10
C ASP L 971 107.43 -43.36 118.71
N LEU L 972 106.14 -43.02 118.65
CA LEU L 972 105.47 -42.66 117.40
C LEU L 972 104.99 -41.21 117.41
N SER L 973 105.58 -40.36 118.25
CA SER L 973 105.23 -38.95 118.26
C SER L 973 105.79 -38.20 117.06
N HIS L 974 106.79 -38.77 116.39
CA HIS L 974 107.35 -38.15 115.19
C HIS L 974 106.52 -38.43 113.94
N VAL L 975 105.79 -39.54 113.91
CA VAL L 975 105.04 -39.97 112.74
C VAL L 975 103.62 -39.46 112.85
N ARG L 976 103.15 -38.75 111.83
CA ARG L 976 101.79 -38.29 111.73
C ARG L 976 101.07 -39.05 110.62
N LEU L 977 99.92 -39.64 110.95
CA LEU L 977 99.18 -40.45 110.00
C LEU L 977 98.47 -39.59 108.97
N THR L 978 98.51 -40.05 107.72
CA THR L 978 97.90 -39.34 106.61
C THR L 978 96.41 -39.61 106.55
N PRO L 979 95.63 -38.75 105.88
CA PRO L 979 94.23 -39.12 105.59
C PRO L 979 94.10 -40.34 104.70
N ALA L 980 95.07 -40.60 103.82
CA ALA L 980 95.11 -41.88 103.13
C ALA L 980 95.36 -43.02 104.11
N GLN L 981 96.23 -42.81 105.10
CA GLN L 981 96.39 -43.79 106.16
C GLN L 981 95.19 -43.83 107.10
N THR L 982 94.53 -42.68 107.32
CA THR L 982 93.30 -42.67 108.09
C THR L 982 92.17 -43.39 107.38
N THR L 983 92.23 -43.43 106.05
CA THR L 983 91.32 -44.29 105.31
C THR L 983 91.69 -45.75 105.43
N LEU L 984 93.00 -46.05 105.39
CA LEU L 984 93.45 -47.44 105.41
C LEU L 984 93.36 -48.04 106.81
N VAL L 985 93.38 -47.22 107.85
CA VAL L 985 93.27 -47.74 109.21
C VAL L 985 91.86 -48.23 109.50
N ASP L 986 90.86 -47.71 108.79
CA ASP L 986 89.50 -48.19 108.98
C ASP L 986 89.25 -49.48 108.20
N ARG L 987 89.84 -49.60 107.01
CA ARG L 987 89.65 -50.78 106.17
C ARG L 987 90.29 -52.02 106.77
N LEU L 988 91.36 -51.84 107.54
CA LEU L 988 91.98 -52.98 108.20
C LEU L 988 91.16 -53.43 109.40
N ALA L 989 90.72 -52.49 110.24
CA ALA L 989 89.93 -52.83 111.41
C ALA L 989 88.54 -53.34 111.03
N GLU L 990 88.04 -52.94 109.86
CA GLU L 990 86.82 -53.52 109.34
C GLU L 990 87.03 -54.98 108.97
N ASN L 991 88.13 -55.28 108.27
CA ASN L 991 88.46 -56.65 107.92
C ASN L 991 88.76 -57.49 109.14
N GLY L 992 89.57 -56.97 110.07
CA GLY L 992 89.97 -57.77 111.22
C GLY L 992 88.84 -58.13 112.15
N HIS L 993 87.91 -57.20 112.37
CA HIS L 993 86.74 -57.51 113.16
C HIS L 993 85.80 -58.47 112.45
N ASN L 994 85.66 -58.32 111.13
CA ASN L 994 84.72 -59.18 110.41
C ASN L 994 85.30 -60.56 110.18
N VAL L 995 86.63 -60.66 110.01
CA VAL L 995 87.22 -61.98 109.91
C VAL L 995 87.26 -62.66 111.27
N TRP L 996 87.22 -61.89 112.37
CA TRP L 996 87.12 -62.48 113.70
C TRP L 996 85.74 -63.05 113.94
N ALA L 997 84.70 -62.28 113.63
CA ALA L 997 83.33 -62.78 113.74
C ALA L 997 83.05 -63.88 112.74
N ARG L 998 83.78 -63.91 111.62
CA ARG L 998 83.73 -65.04 110.70
C ARG L 998 84.19 -66.32 111.38
N ASP L 999 85.24 -66.23 112.19
CA ASP L 999 85.62 -67.36 113.03
C ASP L 999 84.58 -67.61 114.11
N ARG L 1000 83.97 -66.54 114.64
CA ARG L 1000 82.93 -66.72 115.64
C ARG L 1000 81.65 -67.27 115.04
N VAL L 1001 81.35 -66.92 113.79
CA VAL L 1001 80.19 -67.51 113.13
C VAL L 1001 80.45 -68.97 112.82
N ALA L 1002 81.69 -69.31 112.47
CA ALA L 1002 82.06 -70.71 112.35
C ALA L 1002 82.10 -71.40 113.72
N GLN L 1003 82.25 -70.62 114.79
CA GLN L 1003 82.19 -71.17 116.14
C GLN L 1003 80.76 -71.45 116.59
N GLY L 1004 79.77 -71.11 115.77
CA GLY L 1004 78.41 -71.45 116.08
C GLY L 1004 77.74 -70.39 116.92
N TRP L 1005 77.94 -69.14 116.54
CA TRP L 1005 77.43 -68.01 117.31
C TRP L 1005 76.52 -67.14 116.45
N SER L 1006 75.56 -66.50 117.11
CA SER L 1006 74.61 -65.61 116.42
C SER L 1006 74.42 -64.37 117.28
N TYR L 1007 73.85 -63.33 116.68
CA TYR L 1007 73.71 -62.05 117.35
C TYR L 1007 72.47 -62.05 118.24
N SER L 1008 72.59 -61.35 119.36
CA SER L 1008 71.44 -60.83 120.08
C SER L 1008 71.85 -59.50 120.70
N ALA L 1009 70.87 -58.73 121.14
CA ALA L 1009 71.18 -57.51 121.86
C ALA L 1009 71.72 -57.80 123.24
N VAL L 1010 71.16 -58.79 123.92
CA VAL L 1010 71.69 -59.25 125.19
C VAL L 1010 72.90 -60.13 124.91
N GLN L 1011 73.71 -60.32 125.95
CA GLN L 1011 74.95 -61.10 125.84
C GLN L 1011 74.73 -62.43 126.53
N ASP L 1012 74.51 -63.47 125.74
CA ASP L 1012 74.29 -64.83 126.25
C ASP L 1012 75.42 -65.71 125.73
N ILE L 1013 76.46 -65.86 126.54
CA ILE L 1013 77.65 -66.61 126.14
C ILE L 1013 77.38 -68.12 125.98
N PRO L 1014 76.72 -68.82 126.94
CA PRO L 1014 76.41 -70.22 126.67
C PRO L 1014 75.33 -70.41 125.61
N ALA L 1015 74.45 -69.43 125.42
CA ALA L 1015 73.48 -69.47 124.34
C ALA L 1015 73.99 -68.84 123.06
N ARG L 1016 75.32 -68.65 122.96
CA ARG L 1016 76.02 -68.24 121.75
C ARG L 1016 75.56 -66.87 121.23
N ARG L 1017 75.51 -65.89 122.12
CA ARG L 1017 75.15 -64.53 121.77
C ARG L 1017 76.26 -63.58 122.18
N ASN L 1018 76.75 -62.80 121.23
CA ASN L 1018 77.73 -61.77 121.49
C ASN L 1018 77.20 -60.51 120.82
N PRO L 1019 77.10 -59.39 121.55
CA PRO L 1019 76.47 -58.19 121.00
C PRO L 1019 77.28 -57.43 119.96
N ARG L 1020 78.40 -57.97 119.48
CA ARG L 1020 79.15 -57.36 118.39
C ARG L 1020 79.22 -58.28 117.18
N LEU L 1021 78.33 -59.25 117.11
CA LEU L 1021 78.32 -60.25 116.02
C LEU L 1021 77.61 -59.73 114.78
N VAL L 1022 78.05 -58.58 114.29
CA VAL L 1022 77.53 -58.00 113.05
C VAL L 1022 78.75 -57.62 112.21
N PRO L 1023 78.57 -57.38 110.91
CA PRO L 1023 79.61 -56.71 110.13
C PRO L 1023 79.88 -55.30 110.66
N TYR L 1024 81.03 -54.78 110.23
CA TYR L 1024 81.67 -53.66 110.92
C TYR L 1024 80.91 -52.36 110.78
N ARG L 1025 80.24 -52.14 109.65
CA ARG L 1025 79.44 -50.93 109.50
C ARG L 1025 78.15 -50.99 110.29
N LEU L 1026 77.71 -52.18 110.68
CA LEU L 1026 76.54 -52.33 111.54
C LEU L 1026 76.91 -52.20 113.01
N LEU L 1027 78.19 -52.32 113.33
CA LEU L 1027 78.69 -52.07 114.67
C LEU L 1027 78.53 -50.60 115.03
N ASP L 1028 78.18 -50.34 116.28
CA ASP L 1028 78.10 -48.96 116.75
C ASP L 1028 79.49 -48.35 116.83
N GLU L 1029 79.51 -47.01 116.93
CA GLU L 1029 80.75 -46.24 116.82
C GLU L 1029 81.74 -46.50 117.95
N ALA L 1030 81.25 -46.89 119.14
CA ALA L 1030 82.12 -47.05 120.31
C ALA L 1030 83.07 -48.22 120.12
N THR L 1031 82.54 -49.39 119.78
CA THR L 1031 83.42 -50.52 119.47
C THR L 1031 84.12 -50.31 118.14
N LYS L 1032 83.51 -49.55 117.24
CA LYS L 1032 84.17 -49.19 115.99
C LYS L 1032 85.40 -48.32 116.23
N ARG L 1033 85.30 -47.39 117.18
CA ARG L 1033 86.47 -46.61 117.56
C ARG L 1033 87.46 -47.46 118.34
N SER L 1034 86.97 -48.43 119.11
CA SER L 1034 87.81 -49.22 120.02
C SER L 1034 88.81 -50.08 119.25
N ASN L 1035 88.37 -50.76 118.20
CA ASN L 1035 89.32 -51.46 117.35
C ASN L 1035 90.12 -50.50 116.49
N ARG L 1036 89.59 -49.30 116.23
CA ARG L 1036 90.33 -48.32 115.43
C ARG L 1036 91.52 -47.74 116.19
N ASP L 1037 91.32 -47.33 117.45
CA ASP L 1037 92.46 -46.87 118.24
C ASP L 1037 93.42 -48.00 118.58
N SER L 1038 92.92 -49.23 118.62
CA SER L 1038 93.78 -50.40 118.74
C SER L 1038 94.74 -50.53 117.57
N LEU L 1039 94.26 -50.31 116.35
CA LEU L 1039 95.08 -50.53 115.16
C LEU L 1039 95.87 -49.28 114.75
N CYS L 1040 95.51 -48.11 115.29
CA CYS L 1040 96.31 -46.91 115.07
C CYS L 1040 97.65 -46.97 115.78
N GLN L 1041 97.81 -47.84 116.78
CA GLN L 1041 99.09 -47.96 117.46
C GLN L 1041 100.14 -48.60 116.58
N ALA L 1042 99.76 -49.62 115.81
CA ALA L 1042 100.71 -50.36 115.00
C ALA L 1042 101.11 -49.62 113.73
N VAL L 1043 100.40 -48.56 113.36
CA VAL L 1043 100.67 -47.89 112.10
C VAL L 1043 101.87 -46.96 112.20
N ARG L 1044 101.80 -45.98 113.10
CA ARG L 1044 102.83 -44.95 113.15
C ARG L 1044 104.12 -45.43 113.80
N THR L 1045 104.07 -46.51 114.57
CA THR L 1045 105.30 -47.15 115.03
C THR L 1045 105.98 -47.91 113.89
N LEU L 1046 105.19 -48.51 113.00
CA LEU L 1046 105.76 -49.09 111.79
C LEU L 1046 106.18 -47.99 110.82
N LEU L 1047 105.47 -46.85 110.84
CA LEU L 1047 106.01 -45.66 110.19
C LEU L 1047 107.20 -45.11 110.95
N GLY L 1048 107.24 -45.29 112.27
CA GLY L 1048 108.43 -44.99 113.05
C GLY L 1048 109.51 -46.04 112.94
N TYR L 1049 109.18 -47.21 112.40
CA TYR L 1049 110.16 -48.20 111.99
C TYR L 1049 110.69 -47.93 110.58
N GLY L 1050 110.24 -46.84 109.95
CA GLY L 1050 110.76 -46.41 108.67
C GLY L 1050 109.98 -46.87 107.47
N TYR L 1051 109.00 -47.74 107.64
CA TYR L 1051 108.29 -48.34 106.51
C TYR L 1051 107.16 -47.41 106.05
N ASN L 1052 107.13 -47.15 104.75
CA ASN L 1052 106.15 -46.28 104.13
C ASN L 1052 104.99 -47.08 103.56
N ILE L 1053 103.85 -46.41 103.39
CA ILE L 1053 102.61 -47.05 102.93
C ILE L 1053 102.09 -46.31 101.71
N GLU L 1054 101.96 -47.03 100.60
CA GLU L 1054 101.32 -46.42 99.46
C GLU L 1054 99.82 -46.60 99.52
N PRO L 1055 99.04 -45.78 98.81
CA PRO L 1055 97.58 -45.92 98.89
C PRO L 1055 96.96 -46.49 97.62
N ASP L 1070 66.33 -48.54 95.32
CA ASP L 1070 65.24 -48.67 94.36
C ASP L 1070 65.36 -47.65 93.25
N ARG L 1071 64.27 -46.96 92.96
CA ARG L 1071 64.24 -45.91 91.95
C ARG L 1071 63.92 -44.59 92.63
N VAL L 1072 63.64 -43.58 91.82
CA VAL L 1072 63.37 -42.23 92.30
C VAL L 1072 61.89 -41.92 92.12
N ARG L 1073 61.26 -41.36 93.14
CA ARG L 1073 59.86 -41.03 93.08
C ARG L 1073 59.66 -39.66 92.45
N ILE L 1074 58.62 -39.54 91.65
CA ILE L 1074 58.31 -38.30 90.93
C ILE L 1074 56.96 -37.81 91.44
N PHE L 1075 56.89 -36.54 91.77
CA PHE L 1075 55.71 -35.95 92.38
C PHE L 1075 55.24 -34.82 91.48
N ARG L 1076 53.94 -34.71 91.28
CA ARG L 1076 53.38 -33.59 90.53
C ARG L 1076 51.94 -33.34 90.94
N ALA L 1077 51.36 -32.32 90.32
CA ALA L 1077 49.96 -32.00 90.53
C ALA L 1077 49.13 -32.60 89.41
N GLU L 1078 47.81 -32.64 89.61
CA GLU L 1078 46.90 -33.30 88.68
C GLU L 1078 46.83 -32.53 87.37
N LYS L 1079 46.52 -33.27 86.30
CA LYS L 1079 46.62 -32.73 84.95
C LYS L 1079 45.54 -31.71 84.63
N SER L 1080 44.55 -31.54 85.49
CA SER L 1080 43.62 -30.43 85.35
C SER L 1080 44.28 -29.08 85.60
N TYR L 1081 45.28 -29.04 86.47
CA TYR L 1081 45.78 -27.78 87.01
C TYR L 1081 46.85 -27.14 86.14
N THR L 1082 46.90 -27.47 84.86
CA THR L 1082 47.91 -26.92 83.97
C THR L 1082 47.69 -25.43 83.75
N VAL L 1083 48.77 -24.74 83.42
CA VAL L 1083 48.72 -23.31 83.15
C VAL L 1083 49.07 -23.05 81.70
N GLN L 1084 48.51 -21.98 81.15
CA GLN L 1084 48.79 -21.60 79.78
C GLN L 1084 49.22 -20.16 79.64
N SER L 1085 49.16 -19.36 80.70
CA SER L 1085 49.44 -17.94 80.60
C SER L 1085 49.79 -17.41 81.97
N GLY L 1086 50.00 -16.10 82.04
CA GLY L 1086 50.29 -15.45 83.29
C GLY L 1086 51.69 -15.75 83.80
N ARG L 1087 51.91 -15.37 85.04
CA ARG L 1087 53.16 -15.61 85.73
C ARG L 1087 52.85 -16.24 87.08
N TRP L 1088 53.57 -17.28 87.43
CA TRP L 1088 53.21 -18.11 88.56
C TRP L 1088 54.43 -18.38 89.42
N TYR L 1089 54.19 -18.97 90.60
CA TYR L 1089 55.22 -19.12 91.62
C TYR L 1089 54.77 -20.14 92.65
N PHE L 1090 55.74 -20.83 93.25
CA PHE L 1090 55.50 -21.60 94.45
C PHE L 1090 56.80 -21.63 95.26
N GLU L 1091 56.82 -22.49 96.27
CA GLU L 1091 57.97 -22.62 97.14
C GLU L 1091 58.19 -24.09 97.48
N PHE L 1092 59.38 -24.40 97.97
CA PHE L 1092 59.74 -25.78 98.28
C PHE L 1092 60.85 -25.80 99.31
N GLU L 1093 60.53 -26.23 100.53
CA GLU L 1093 61.55 -26.43 101.54
C GLU L 1093 62.20 -27.79 101.34
N ALA L 1094 63.51 -27.83 101.55
CA ALA L 1094 64.29 -29.06 101.42
C ALA L 1094 64.90 -29.32 102.80
N VAL L 1095 64.48 -30.40 103.45
CA VAL L 1095 64.89 -30.59 104.84
C VAL L 1095 66.27 -31.22 104.90
N THR L 1096 66.44 -32.41 104.34
CA THR L 1096 67.73 -33.07 104.32
C THR L 1096 68.22 -33.12 102.88
N THR L 1097 69.33 -32.43 102.60
CA THR L 1097 69.79 -32.30 101.23
C THR L 1097 70.35 -33.61 100.69
N GLY L 1098 70.72 -33.57 99.43
CA GLY L 1098 71.09 -34.77 98.71
C GLY L 1098 70.51 -34.71 97.30
N GLU L 1099 70.11 -35.88 96.81
CA GLU L 1099 69.55 -35.99 95.47
C GLU L 1099 68.06 -35.65 95.53
N MET L 1100 67.73 -34.43 95.12
CA MET L 1100 66.36 -33.99 94.88
C MET L 1100 66.34 -33.15 93.63
N ARG L 1101 65.15 -32.92 93.10
CA ARG L 1101 64.98 -32.20 91.84
C ARG L 1101 63.63 -31.52 91.85
N VAL L 1102 63.59 -30.22 91.58
CA VAL L 1102 62.33 -29.50 91.47
C VAL L 1102 62.38 -28.60 90.25
N GLY L 1103 61.20 -28.36 89.67
CA GLY L 1103 61.10 -27.51 88.50
C GLY L 1103 59.70 -27.50 87.92
N TRP L 1104 59.65 -27.49 86.59
CA TRP L 1104 58.38 -27.43 85.87
C TRP L 1104 58.40 -28.47 84.75
N ALA L 1105 57.25 -29.06 84.47
CA ALA L 1105 57.18 -30.14 83.49
C ALA L 1105 55.98 -29.97 82.58
N ARG L 1106 56.11 -30.52 81.39
CA ARG L 1106 55.04 -30.72 80.43
C ARG L 1106 54.01 -31.70 81.00
N PRO L 1107 52.74 -31.60 80.60
CA PRO L 1107 51.73 -32.47 81.22
C PRO L 1107 51.84 -33.92 80.83
N GLU L 1108 52.26 -34.24 79.61
CA GLU L 1108 52.37 -35.63 79.19
C GLU L 1108 53.68 -36.26 79.63
N LEU L 1109 53.95 -36.23 80.93
CA LEU L 1109 55.23 -36.66 81.46
C LEU L 1109 55.22 -38.16 81.74
N ARG L 1110 56.15 -38.86 81.14
CA ARG L 1110 56.44 -40.28 81.32
C ARG L 1110 57.07 -40.50 82.69
N PRO L 1111 56.61 -41.49 83.46
CA PRO L 1111 57.21 -41.74 84.78
C PRO L 1111 58.40 -42.67 84.76
N ASP L 1112 58.83 -43.12 83.58
CA ASP L 1112 59.95 -44.06 83.53
C ASP L 1112 61.27 -43.31 83.56
N VAL L 1113 61.31 -42.13 82.94
CA VAL L 1113 62.57 -41.44 82.67
C VAL L 1113 63.03 -40.71 83.92
N GLU L 1114 64.33 -40.46 83.98
CA GLU L 1114 64.89 -39.52 84.95
C GLU L 1114 64.34 -38.12 84.67
N LEU L 1115 63.99 -37.41 85.74
CA LEU L 1115 63.31 -36.12 85.62
C LEU L 1115 64.23 -35.10 84.98
N GLY L 1116 63.93 -34.74 83.73
CA GLY L 1116 64.68 -33.75 83.00
C GLY L 1116 65.55 -34.31 81.90
N ALA L 1117 65.69 -35.63 81.80
CA ALA L 1117 66.51 -36.22 80.76
C ALA L 1117 65.88 -36.10 79.39
N ASP L 1118 64.57 -36.11 79.30
CA ASP L 1118 63.87 -35.95 78.04
C ASP L 1118 63.43 -34.50 77.90
N GLU L 1119 62.70 -34.21 76.82
CA GLU L 1119 62.28 -32.86 76.50
C GLU L 1119 60.98 -32.47 77.16
N LEU L 1120 60.61 -33.09 78.27
CA LEU L 1120 59.32 -32.84 78.89
C LEU L 1120 59.44 -32.12 80.22
N ALA L 1121 60.63 -31.83 80.68
CA ALA L 1121 60.79 -31.22 82.00
C ALA L 1121 61.82 -30.11 81.93
N TYR L 1122 61.69 -29.17 82.86
CA TYR L 1122 62.69 -28.15 83.13
C TYR L 1122 62.85 -28.15 84.64
N VAL L 1123 64.03 -28.50 85.13
CA VAL L 1123 64.18 -28.84 86.53
C VAL L 1123 65.60 -28.60 87.00
N PHE L 1124 65.71 -27.87 88.11
CA PHE L 1124 66.98 -27.56 88.75
C PHE L 1124 67.34 -28.71 89.69
N ASN L 1125 68.63 -28.97 89.85
CA ASN L 1125 69.15 -29.95 90.79
C ASN L 1125 69.93 -29.29 91.90
N GLY L 1126 69.53 -29.59 93.13
CA GLY L 1126 70.12 -28.98 94.32
C GLY L 1126 71.24 -29.77 94.96
N HIS L 1127 71.67 -30.87 94.34
CA HIS L 1127 72.76 -31.62 94.95
C HIS L 1127 74.10 -30.98 94.61
N ARG L 1128 74.34 -30.72 93.33
CA ARG L 1128 75.59 -30.10 92.89
C ARG L 1128 75.36 -28.77 92.22
N GLY L 1129 74.13 -28.26 92.22
CA GLY L 1129 73.86 -26.95 91.66
C GLY L 1129 73.91 -26.92 90.15
N GLN L 1130 72.98 -27.60 89.49
CA GLN L 1130 72.94 -27.61 88.04
C GLN L 1130 71.50 -27.76 87.56
N ARG L 1131 71.24 -27.26 86.36
CA ARG L 1131 69.93 -27.41 85.76
C ARG L 1131 69.89 -28.65 84.88
N TRP L 1132 68.71 -29.26 84.82
CA TRP L 1132 68.49 -30.48 84.04
C TRP L 1132 67.45 -30.17 82.97
N HIS L 1133 67.85 -30.22 81.71
CA HIS L 1133 66.93 -30.34 80.58
C HIS L 1133 67.73 -30.83 79.40
N LEU L 1134 67.42 -32.06 78.94
CA LEU L 1134 68.14 -32.73 77.86
C LEU L 1134 69.63 -32.84 78.14
N GLY L 1135 69.98 -33.01 79.40
CA GLY L 1135 71.35 -32.95 79.84
C GLY L 1135 71.49 -32.00 81.00
N SER L 1136 72.70 -31.52 81.22
CA SER L 1136 72.98 -30.72 82.40
C SER L 1136 73.89 -29.56 82.06
N GLU L 1137 73.85 -28.54 82.92
CA GLU L 1137 74.70 -27.38 82.84
C GLU L 1137 74.73 -26.80 84.24
N PRO L 1138 75.91 -26.42 84.76
CA PRO L 1138 76.01 -26.02 86.16
C PRO L 1138 75.33 -24.68 86.42
N PHE L 1139 74.67 -24.59 87.56
CA PHE L 1139 73.77 -23.48 87.82
C PHE L 1139 73.65 -23.26 89.31
N GLY L 1140 74.35 -22.24 89.81
CA GLY L 1140 74.12 -21.79 91.16
C GLY L 1140 74.73 -22.71 92.22
N ARG L 1141 74.49 -22.35 93.47
CA ARG L 1141 75.08 -22.98 94.63
C ARG L 1141 74.30 -24.23 95.02
N PRO L 1142 74.98 -25.27 95.51
CA PRO L 1142 74.28 -26.40 96.11
C PRO L 1142 73.66 -26.04 97.45
N TRP L 1143 73.09 -27.05 98.08
CA TRP L 1143 72.12 -26.85 99.16
C TRP L 1143 72.75 -26.81 100.54
N GLN L 1144 71.90 -26.46 101.50
CA GLN L 1144 72.12 -26.64 102.91
C GLN L 1144 70.93 -27.44 103.42
N SER L 1145 70.79 -27.58 104.73
CA SER L 1145 69.67 -28.34 105.29
C SER L 1145 68.70 -27.36 105.93
N GLY L 1146 67.67 -26.98 105.18
CA GLY L 1146 66.64 -26.12 105.74
C GLY L 1146 66.45 -24.83 104.98
N ASP L 1147 66.84 -24.82 103.72
CA ASP L 1147 66.73 -23.65 102.87
C ASP L 1147 65.59 -23.79 101.88
N VAL L 1148 65.00 -22.66 101.53
CA VAL L 1148 63.82 -22.60 100.67
C VAL L 1148 64.27 -22.39 99.23
N VAL L 1149 63.82 -23.26 98.34
CA VAL L 1149 64.09 -23.16 96.92
C VAL L 1149 62.79 -22.84 96.22
N GLY L 1150 62.59 -21.57 95.88
CA GLY L 1150 61.43 -21.16 95.13
C GLY L 1150 61.61 -21.52 93.66
N CYS L 1151 60.50 -21.53 92.93
CA CYS L 1151 60.50 -21.63 91.48
C CYS L 1151 59.44 -20.69 90.96
N MET L 1152 59.67 -20.10 89.81
CA MET L 1152 58.68 -19.22 89.21
C MET L 1152 58.79 -19.29 87.70
N ILE L 1153 57.66 -19.05 87.04
CA ILE L 1153 57.58 -19.09 85.59
C ILE L 1153 56.79 -17.87 85.14
N ASP L 1154 57.11 -17.39 83.94
CA ASP L 1154 56.38 -16.29 83.35
C ASP L 1154 56.13 -16.64 81.90
N LEU L 1155 54.92 -17.13 81.61
CA LEU L 1155 54.55 -17.56 80.28
C LEU L 1155 54.46 -16.43 79.28
N THR L 1156 54.35 -15.19 79.74
CA THR L 1156 54.24 -14.07 78.81
C THR L 1156 55.56 -13.77 78.12
N GLU L 1157 56.66 -14.32 78.62
CA GLU L 1157 57.98 -14.06 78.08
C GLU L 1157 58.82 -15.31 77.92
N ASN L 1158 58.24 -16.49 78.18
CA ASN L 1158 58.87 -17.80 78.00
C ASN L 1158 60.15 -17.94 78.84
N THR L 1159 60.01 -17.64 80.12
CA THR L 1159 61.16 -17.59 81.03
C THR L 1159 60.92 -18.53 82.18
N ILE L 1160 62.02 -19.03 82.75
CA ILE L 1160 61.99 -19.82 83.98
C ILE L 1160 63.07 -19.29 84.89
N ILE L 1161 62.69 -18.95 86.12
CA ILE L 1161 63.57 -18.31 87.09
C ILE L 1161 63.58 -19.16 88.34
N PHE L 1162 64.77 -19.43 88.88
CA PHE L 1162 64.91 -20.12 90.16
C PHE L 1162 65.48 -19.17 91.19
N THR L 1163 64.83 -19.07 92.33
CA THR L 1163 65.27 -18.22 93.44
C THR L 1163 65.66 -19.12 94.60
N LEU L 1164 66.78 -18.82 95.23
CA LEU L 1164 67.23 -19.56 96.42
C LEU L 1164 67.27 -18.61 97.60
N ASN L 1165 66.48 -18.94 98.63
CA ASN L 1165 66.43 -18.24 99.92
C ASN L 1165 66.03 -16.78 99.76
N GLY L 1166 65.20 -16.51 98.75
CA GLY L 1166 64.85 -15.16 98.38
C GLY L 1166 65.82 -14.49 97.45
N GLU L 1167 67.01 -15.05 97.27
CA GLU L 1167 68.00 -14.50 96.36
C GLU L 1167 67.91 -15.22 95.03
N VAL L 1168 68.03 -14.46 93.93
CA VAL L 1168 67.85 -15.02 92.61
C VAL L 1168 69.15 -15.68 92.14
N LEU L 1169 69.05 -16.95 91.74
CA LEU L 1169 70.22 -17.66 91.23
C LEU L 1169 70.56 -17.15 89.83
N MET L 1170 71.84 -17.16 89.51
CA MET L 1170 72.33 -16.75 88.20
C MET L 1170 73.12 -17.87 87.56
N SER L 1171 73.32 -17.74 86.26
CA SER L 1171 74.06 -18.72 85.48
C SER L 1171 75.55 -18.49 85.64
N ASP L 1172 76.35 -19.21 84.84
CA ASP L 1172 77.77 -18.89 84.76
C ASP L 1172 77.98 -17.57 84.03
N SER L 1173 77.07 -17.21 83.12
CA SER L 1173 77.16 -15.96 82.40
C SER L 1173 76.55 -14.78 83.16
N GLY L 1174 76.13 -15.00 84.40
CA GLY L 1174 75.50 -13.96 85.19
C GLY L 1174 74.01 -13.80 84.96
N SER L 1175 73.45 -14.44 83.94
CA SER L 1175 72.04 -14.30 83.63
C SER L 1175 71.20 -15.04 84.66
N GLU L 1176 70.10 -14.42 85.09
CA GLU L 1176 69.22 -15.04 86.06
C GLU L 1176 68.25 -16.01 85.40
N THR L 1177 67.80 -15.71 84.18
CA THR L 1177 66.85 -16.56 83.48
C THR L 1177 67.47 -17.89 83.12
N ALA L 1178 67.03 -18.94 83.79
CA ALA L 1178 67.61 -20.26 83.62
C ALA L 1178 67.33 -20.84 82.24
N PHE L 1179 66.13 -20.61 81.71
CA PHE L 1179 65.77 -21.06 80.38
C PHE L 1179 64.93 -20.00 79.69
N ARG L 1180 65.28 -19.70 78.45
CA ARG L 1180 64.53 -18.76 77.64
C ARG L 1180 63.99 -19.47 76.41
N GLU L 1181 63.04 -18.81 75.74
CA GLU L 1181 62.51 -19.21 74.44
C GLU L 1181 61.86 -20.58 74.47
N ILE L 1182 61.22 -20.91 75.58
CA ILE L 1182 60.50 -22.17 75.71
C ILE L 1182 59.16 -22.03 75.03
N GLU L 1183 58.79 -23.03 74.24
CA GLU L 1183 57.46 -23.04 73.64
C GLU L 1183 56.42 -23.31 74.70
N ILE L 1184 55.29 -22.61 74.58
CA ILE L 1184 54.22 -22.72 75.55
C ILE L 1184 53.56 -24.09 75.42
N GLY L 1185 53.01 -24.36 74.24
CA GLY L 1185 52.44 -25.65 73.93
C GLY L 1185 51.20 -25.96 74.76
N ASP L 1186 51.09 -27.21 75.20
CA ASP L 1186 49.95 -27.64 76.00
C ASP L 1186 49.98 -27.10 77.42
N GLY L 1187 51.13 -26.71 77.92
CA GLY L 1187 51.20 -26.04 79.20
C GLY L 1187 52.27 -26.63 80.11
N PHE L 1188 52.22 -26.20 81.36
CA PHE L 1188 53.15 -26.65 82.38
C PHE L 1188 52.41 -26.84 83.70
N LEU L 1189 53.06 -27.52 84.62
CA LEU L 1189 52.50 -27.79 85.94
C LEU L 1189 53.66 -28.19 86.84
N PRO L 1190 53.61 -27.85 88.13
CA PRO L 1190 54.81 -28.00 88.96
C PRO L 1190 55.11 -29.45 89.27
N VAL L 1191 56.39 -29.74 89.48
CA VAL L 1191 56.86 -31.11 89.61
C VAL L 1191 58.00 -31.13 90.61
N CYS L 1192 58.05 -32.19 91.42
CA CYS L 1192 59.15 -32.40 92.34
C CYS L 1192 59.74 -33.77 92.09
N SER L 1193 60.81 -34.10 92.80
CA SER L 1193 61.45 -35.40 92.71
C SER L 1193 62.29 -35.67 93.93
N LEU L 1194 62.07 -36.81 94.56
CA LEU L 1194 62.78 -37.15 95.79
C LEU L 1194 63.58 -38.41 95.59
N GLY L 1195 64.87 -38.33 95.90
CA GLY L 1195 65.72 -39.49 95.92
C GLY L 1195 65.52 -40.29 97.19
N PRO L 1196 66.34 -41.33 97.38
CA PRO L 1196 66.16 -42.18 98.56
C PRO L 1196 66.61 -41.46 99.82
N GLY L 1197 65.82 -41.58 100.87
CA GLY L 1197 66.11 -40.95 102.14
C GLY L 1197 65.71 -39.50 102.25
N GLN L 1198 65.64 -38.77 101.14
CA GLN L 1198 65.41 -37.34 101.14
C GLN L 1198 64.01 -37.00 101.60
N VAL L 1199 63.91 -35.96 102.42
CA VAL L 1199 62.66 -35.50 103.00
C VAL L 1199 62.51 -34.03 102.66
N GLY L 1200 61.35 -33.64 102.14
CA GLY L 1200 61.11 -32.24 101.89
C GLY L 1200 59.67 -31.97 101.54
N HIS L 1201 59.06 -30.95 102.13
CA HIS L 1201 57.66 -30.67 101.84
C HIS L 1201 57.54 -29.59 100.77
N LEU L 1202 56.39 -29.58 100.14
CA LEU L 1202 56.16 -28.79 98.94
C LEU L 1202 55.01 -27.83 99.22
N ASN L 1203 55.36 -26.60 99.62
CA ASN L 1203 54.35 -25.58 99.83
C ASN L 1203 53.90 -25.05 98.47
N LEU L 1204 52.77 -25.56 97.98
CA LEU L 1204 52.25 -25.13 96.70
C LEU L 1204 51.60 -23.75 96.77
N GLY L 1205 51.40 -23.21 97.96
CA GLY L 1205 50.94 -21.84 98.08
C GLY L 1205 49.44 -21.69 98.19
N GLN L 1206 48.82 -22.39 99.13
CA GLN L 1206 47.43 -22.10 99.41
C GLN L 1206 47.27 -20.84 100.24
N ASP L 1207 47.88 -20.81 101.42
CA ASP L 1207 47.88 -19.63 102.27
C ASP L 1207 49.10 -18.79 101.93
N VAL L 1208 48.85 -17.51 101.61
CA VAL L 1208 49.93 -16.62 101.18
C VAL L 1208 50.87 -16.32 102.34
N SER L 1209 50.31 -16.17 103.54
CA SER L 1209 51.14 -15.94 104.71
C SER L 1209 51.93 -17.17 105.11
N SER L 1210 51.49 -18.37 104.70
CA SER L 1210 52.25 -19.57 104.97
C SER L 1210 53.54 -19.64 104.16
N LEU L 1211 53.62 -18.89 103.05
CA LEU L 1211 54.87 -18.78 102.32
C LEU L 1211 55.85 -17.91 103.11
N ARG L 1212 57.13 -18.02 102.78
CA ARG L 1212 58.14 -17.31 103.56
C ARG L 1212 58.84 -16.24 102.74
N PHE L 1213 59.40 -16.61 101.60
CA PHE L 1213 60.29 -15.72 100.87
C PHE L 1213 59.61 -15.15 99.63
N PHE L 1214 58.29 -15.33 99.53
CA PHE L 1214 57.55 -14.78 98.41
C PHE L 1214 57.49 -13.26 98.46
N ALA L 1215 57.37 -12.71 99.67
CA ALA L 1215 57.38 -11.27 99.84
C ALA L 1215 58.73 -10.66 99.51
N ILE L 1216 59.82 -11.41 99.70
CA ILE L 1216 61.14 -10.91 99.37
C ILE L 1216 61.31 -10.78 97.87
N CYS L 1217 60.96 -11.83 97.14
CA CYS L 1217 61.04 -11.79 95.69
C CYS L 1217 59.88 -12.57 95.11
N GLY L 1218 59.27 -12.03 94.06
CA GLY L 1218 58.10 -12.63 93.44
C GLY L 1218 56.81 -11.86 93.68
N LEU L 1219 56.67 -11.22 94.84
CA LEU L 1219 55.46 -10.49 95.18
C LEU L 1219 55.29 -9.24 94.34
N GLN L 1220 56.24 -8.31 94.43
CA GLN L 1220 56.10 -7.06 93.69
C GLN L 1220 56.56 -7.18 92.26
N GLU L 1221 57.16 -8.31 91.89
CA GLU L 1221 57.43 -8.56 90.49
C GLU L 1221 56.16 -8.74 89.69
N GLY L 1222 55.16 -9.42 90.25
CA GLY L 1222 53.90 -9.68 89.59
C GLY L 1222 53.45 -11.12 89.65
N PHE L 1223 54.27 -12.01 90.21
CA PHE L 1223 53.95 -13.43 90.20
C PHE L 1223 52.88 -13.75 91.24
N GLU L 1224 51.84 -14.40 90.79
CA GLU L 1224 50.87 -14.92 91.75
C GLU L 1224 51.28 -16.32 92.18
N PRO L 1225 50.92 -16.74 93.39
CA PRO L 1225 51.15 -18.14 93.78
C PRO L 1225 50.20 -19.06 93.05
N PHE L 1226 50.37 -20.36 93.30
CA PHE L 1226 49.63 -21.34 92.52
C PHE L 1226 48.21 -21.50 93.04
N ALA L 1227 48.07 -21.86 94.31
CA ALA L 1227 46.74 -22.07 94.91
C ALA L 1227 46.27 -20.78 95.59
N ILE L 1228 46.12 -19.72 94.78
CA ILE L 1228 45.81 -18.43 95.36
C ILE L 1228 44.33 -18.34 95.74
N ASN L 1229 43.44 -18.84 94.89
CA ASN L 1229 42.00 -18.86 95.21
C ASN L 1229 41.51 -20.27 94.95
N MET L 1230 41.71 -21.15 95.92
CA MET L 1230 41.26 -22.53 95.85
C MET L 1230 40.91 -22.98 97.26
N GLN L 1231 39.63 -23.21 97.52
CA GLN L 1231 39.21 -23.60 98.86
C GLN L 1231 39.55 -25.03 99.20
N ARG L 1232 39.98 -25.83 98.21
CA ARG L 1232 40.43 -27.18 98.44
C ARG L 1232 41.87 -27.32 98.00
N PRO L 1233 42.64 -28.19 98.65
CA PRO L 1233 44.04 -28.36 98.24
C PRO L 1233 44.16 -29.07 96.92
N VAL L 1234 45.27 -28.81 96.24
CA VAL L 1234 45.49 -29.40 94.92
C VAL L 1234 45.88 -30.87 95.10
N THR L 1235 45.18 -31.75 94.40
CA THR L 1235 45.45 -33.18 94.49
C THR L 1235 46.78 -33.50 93.81
N THR L 1236 47.53 -34.41 94.40
CA THR L 1236 48.87 -34.71 93.95
C THR L 1236 48.95 -36.13 93.40
N TRP L 1237 49.73 -36.31 92.35
CA TRP L 1237 49.89 -37.59 91.69
C TRP L 1237 51.33 -38.06 91.83
N PHE L 1238 51.53 -39.20 92.46
CA PHE L 1238 52.87 -39.73 92.58
C PHE L 1238 53.05 -40.95 91.68
N SER L 1239 54.29 -41.21 91.32
CA SER L 1239 54.63 -42.38 90.54
C SER L 1239 54.83 -43.57 91.45
N LYS L 1240 54.15 -44.66 91.12
CA LYS L 1240 54.22 -45.89 91.89
C LYS L 1240 55.54 -46.61 91.63
N SER L 1241 55.72 -47.72 92.33
CA SER L 1241 56.82 -48.63 92.06
C SER L 1241 56.31 -50.00 91.62
N LEU L 1242 55.03 -50.28 91.86
CA LEU L 1242 54.47 -51.58 91.56
C LEU L 1242 54.26 -51.68 90.05
N PRO L 1243 54.89 -52.64 89.37
CA PRO L 1243 54.67 -52.77 87.93
C PRO L 1243 53.32 -53.37 87.65
N GLN L 1244 52.65 -52.84 86.64
CA GLN L 1244 51.36 -53.34 86.22
C GLN L 1244 51.37 -53.55 84.72
N PHE L 1245 50.46 -54.38 84.24
CA PHE L 1245 50.43 -54.69 82.83
C PHE L 1245 49.76 -53.56 82.06
N GLU L 1246 50.08 -53.48 80.78
CA GLU L 1246 49.59 -52.42 79.90
C GLU L 1246 49.77 -52.91 78.48
N PRO L 1247 48.90 -52.52 77.55
CA PRO L 1247 49.05 -52.95 76.17
C PRO L 1247 50.24 -52.25 75.54
N VAL L 1248 50.84 -52.93 74.58
CA VAL L 1248 52.06 -52.39 73.94
C VAL L 1248 51.66 -51.29 72.96
N PRO L 1249 52.30 -50.13 73.02
CA PRO L 1249 51.95 -49.06 72.09
C PRO L 1249 52.42 -49.40 70.69
N PRO L 1250 51.63 -49.09 69.67
CA PRO L 1250 52.04 -49.44 68.30
C PRO L 1250 53.19 -48.61 67.80
N GLU L 1251 53.40 -47.42 68.36
CA GLU L 1251 54.59 -46.63 68.07
C GLU L 1251 55.68 -46.90 69.12
N HIS L 1252 55.97 -48.18 69.30
CA HIS L 1252 57.06 -48.47 70.22
C HIS L 1252 58.35 -48.60 69.43
N PRO L 1253 59.46 -48.03 69.90
CA PRO L 1253 60.67 -47.99 69.06
C PRO L 1253 61.38 -49.31 68.91
N HIS L 1254 61.14 -50.28 69.79
CA HIS L 1254 61.88 -51.53 69.74
C HIS L 1254 60.98 -52.73 69.47
N TYR L 1255 59.83 -52.76 70.08
CA TYR L 1255 58.95 -53.92 70.02
C TYR L 1255 57.79 -53.61 69.09
N GLU L 1256 57.31 -54.64 68.40
CA GLU L 1256 56.12 -54.50 67.58
C GLU L 1256 55.49 -55.86 67.41
N VAL L 1257 54.17 -55.86 67.30
CA VAL L 1257 53.40 -57.10 67.17
C VAL L 1257 52.65 -57.07 65.86
N ALA L 1258 52.11 -58.23 65.48
CA ALA L 1258 51.37 -58.34 64.24
C ALA L 1258 50.43 -59.52 64.37
N ARG L 1259 49.12 -59.25 64.44
CA ARG L 1259 48.12 -60.31 64.52
C ARG L 1259 47.90 -60.82 63.10
N MET L 1260 48.40 -62.02 62.81
CA MET L 1260 48.32 -62.56 61.47
C MET L 1260 47.05 -63.40 61.33
N ASP L 1261 46.56 -63.49 60.10
CA ASP L 1261 45.33 -64.17 59.77
C ASP L 1261 45.46 -65.69 59.96
N GLY L 1262 44.33 -66.34 60.21
CA GLY L 1262 44.28 -67.79 60.35
C GLY L 1262 43.89 -68.43 59.03
N THR L 1263 44.74 -69.35 58.57
CA THR L 1263 44.54 -69.99 57.28
C THR L 1263 43.99 -71.41 57.47
N VAL L 1264 43.93 -72.17 56.38
CA VAL L 1264 43.65 -73.59 56.50
C VAL L 1264 44.88 -74.34 57.01
N ASP L 1265 46.08 -73.80 56.80
CA ASP L 1265 47.31 -74.40 57.28
C ASP L 1265 47.76 -73.82 58.61
N THR L 1266 47.27 -72.64 58.98
CA THR L 1266 47.75 -71.96 60.15
C THR L 1266 46.58 -71.46 60.98
N PRO L 1267 46.63 -71.59 62.30
CA PRO L 1267 45.60 -70.98 63.16
C PRO L 1267 45.73 -69.47 63.16
N PRO L 1268 44.72 -68.75 63.66
CA PRO L 1268 44.91 -67.32 63.94
C PRO L 1268 46.03 -67.12 64.95
N CYS L 1269 46.91 -66.18 64.64
CA CYS L 1269 48.16 -66.09 65.37
C CYS L 1269 48.66 -64.65 65.40
N LEU L 1270 49.52 -64.38 66.38
CA LEU L 1270 50.13 -63.08 66.55
C LEU L 1270 51.57 -63.27 67.02
N ARG L 1271 52.45 -62.41 66.51
CA ARG L 1271 53.89 -62.56 66.69
C ARG L 1271 54.48 -61.37 67.42
N LEU L 1272 55.75 -61.48 67.77
CA LEU L 1272 56.51 -60.38 68.34
C LEU L 1272 57.88 -60.36 67.69
N ALA L 1273 58.13 -59.33 66.89
CA ALA L 1273 59.39 -59.21 66.18
C ALA L 1273 60.13 -57.98 66.66
N HIS L 1274 61.42 -58.11 66.88
CA HIS L 1274 62.24 -57.00 67.32
C HIS L 1274 62.46 -56.04 66.15
N ARG L 1275 62.27 -54.76 66.39
CA ARG L 1275 62.53 -53.77 65.34
C ARG L 1275 64.01 -53.57 65.14
N THR L 1276 64.70 -53.12 66.18
CA THR L 1276 66.11 -52.75 66.10
C THR L 1276 66.92 -53.88 66.71
N TRP L 1277 67.14 -54.92 65.92
CA TRP L 1277 68.04 -55.96 66.37
C TRP L 1277 69.44 -55.79 65.81
N GLY L 1278 69.61 -54.89 64.85
CA GLY L 1278 70.93 -54.59 64.34
C GLY L 1278 71.70 -53.63 65.25
N SER L 1279 72.33 -52.63 64.66
CA SER L 1279 73.06 -51.64 65.44
C SER L 1279 72.16 -50.48 65.80
N GLN L 1280 72.77 -49.37 66.25
CA GLN L 1280 72.11 -48.12 66.58
C GLN L 1280 71.11 -48.30 67.71
N ASN L 1281 71.67 -48.56 68.90
CA ASN L 1281 70.97 -48.59 70.18
C ASN L 1281 69.93 -49.71 70.24
N SER L 1282 70.40 -50.91 69.93
CA SER L 1282 69.58 -52.10 70.04
C SER L 1282 69.39 -52.44 71.51
N LEU L 1283 68.22 -52.13 72.04
CA LEU L 1283 67.89 -52.41 73.43
C LEU L 1283 67.41 -53.86 73.52
N VAL L 1284 67.85 -54.56 74.55
CA VAL L 1284 67.45 -55.94 74.79
C VAL L 1284 67.46 -56.19 76.29
N GLU L 1285 66.34 -56.65 76.81
CA GLU L 1285 66.19 -57.08 78.19
C GLU L 1285 64.98 -57.98 78.28
N MET L 1286 64.87 -58.71 79.38
CA MET L 1286 63.86 -59.76 79.48
C MET L 1286 62.49 -59.14 79.70
N LEU L 1287 61.66 -59.16 78.66
CA LEU L 1287 60.32 -58.59 78.71
C LEU L 1287 59.32 -59.70 78.96
N PHE L 1288 58.18 -59.33 79.51
CA PHE L 1288 57.18 -60.28 79.98
C PHE L 1288 55.88 -60.05 79.25
N LEU L 1289 55.44 -61.06 78.51
CA LEU L 1289 54.22 -60.95 77.73
C LEU L 1289 53.07 -61.68 78.42
N ARG L 1290 52.01 -60.93 78.71
CA ARG L 1290 50.79 -61.51 79.22
C ARG L 1290 49.70 -61.25 78.21
N LEU L 1291 48.77 -62.18 78.05
CA LEU L 1291 47.64 -61.86 77.22
C LEU L 1291 46.59 -61.09 78.01
N SER L 1292 45.50 -60.75 77.33
CA SER L 1292 44.56 -59.78 77.88
C SER L 1292 43.32 -60.42 78.47
N LEU L 1293 43.06 -61.66 78.18
CA LEU L 1293 41.84 -62.20 78.75
C LEU L 1293 42.15 -63.41 79.61
N PRO L 1294 41.55 -63.52 80.77
CA PRO L 1294 41.80 -64.69 81.61
C PRO L 1294 40.92 -65.87 81.21
N VAL L 1295 41.31 -67.03 81.70
CA VAL L 1295 40.44 -68.21 81.71
C VAL L 1295 40.01 -68.41 83.14
N GLN L 1296 38.86 -69.05 83.32
CA GLN L 1296 38.26 -69.15 84.64
C GLN L 1296 38.06 -70.62 84.98
N PHE L 1297 38.60 -71.03 86.12
CA PHE L 1297 38.34 -72.38 86.58
C PHE L 1297 36.98 -72.44 87.25
N HIS L 1298 36.32 -73.58 87.11
CA HIS L 1298 34.93 -73.73 87.53
C HIS L 1298 34.81 -73.70 89.05
N GLN L 1299 33.58 -73.51 89.50
CA GLN L 1299 33.33 -73.24 90.91
C GLN L 1299 33.57 -74.46 91.80
N HIS L 1300 33.14 -75.62 91.35
CA HIS L 1300 33.40 -76.87 92.05
C HIS L 1300 34.04 -77.83 91.06
N PHE L 1301 34.96 -78.64 91.54
CA PHE L 1301 35.65 -79.54 90.63
C PHE L 1301 34.80 -80.78 90.36
N ARG L 1302 35.28 -81.61 89.44
CA ARG L 1302 34.57 -82.82 89.07
C ARG L 1302 34.60 -83.84 90.19
N CYS L 1303 35.71 -83.88 90.94
CA CYS L 1303 35.93 -84.75 92.12
C CYS L 1303 35.76 -86.22 91.82
N ASP L 1422 37.73 -84.72 65.16
CA ASP L 1422 37.15 -85.12 66.44
C ASP L 1422 35.73 -85.61 66.29
N ASP L 1423 35.27 -86.38 67.27
CA ASP L 1423 33.87 -86.73 67.32
C ASP L 1423 33.07 -85.55 67.83
N PRO L 1424 31.87 -85.33 67.29
CA PRO L 1424 31.01 -84.26 67.82
C PRO L 1424 30.48 -84.54 69.21
N GLU L 1425 30.56 -85.77 69.70
CA GLU L 1425 30.19 -86.04 71.08
C GLU L 1425 31.25 -85.56 72.06
N ILE L 1426 32.51 -85.90 71.81
CA ILE L 1426 33.57 -85.55 72.74
C ILE L 1426 33.89 -84.06 72.73
N ILE L 1427 33.75 -83.39 71.58
CA ILE L 1427 34.17 -82.01 71.49
C ILE L 1427 33.11 -81.06 72.03
N LEU L 1428 31.89 -81.55 72.26
CA LEU L 1428 30.86 -80.70 72.82
C LEU L 1428 30.64 -80.96 74.30
N ASN L 1429 31.46 -81.79 74.92
CA ASN L 1429 31.39 -82.06 76.34
C ASN L 1429 32.70 -81.82 77.06
N THR L 1430 33.79 -81.66 76.31
CA THR L 1430 35.13 -81.55 76.86
C THR L 1430 35.32 -80.25 77.63
N THR L 1431 36.04 -80.35 78.75
CA THR L 1431 36.56 -79.18 79.47
C THR L 1431 38.06 -79.36 79.60
N THR L 1432 38.77 -79.08 78.52
CA THR L 1432 40.23 -78.95 78.50
C THR L 1432 40.62 -78.26 77.20
N TYR L 1433 41.57 -77.34 77.31
CA TYR L 1433 41.85 -76.39 76.26
C TYR L 1433 43.33 -76.37 75.93
N TYR L 1434 43.63 -75.86 74.75
CA TYR L 1434 44.98 -75.87 74.22
C TYR L 1434 45.30 -74.52 73.59
N TYR L 1435 46.48 -74.00 73.91
CA TYR L 1435 47.08 -72.92 73.14
C TYR L 1435 48.50 -73.32 72.84
N SER L 1436 49.17 -72.53 72.00
CA SER L 1436 50.45 -72.93 71.47
C SER L 1436 51.34 -71.71 71.21
N VAL L 1437 52.62 -71.87 71.50
CA VAL L 1437 53.62 -70.91 71.09
C VAL L 1437 54.67 -71.67 70.29
N ARG L 1438 55.35 -70.95 69.41
CA ARG L 1438 56.42 -71.53 68.62
C ARG L 1438 57.63 -70.60 68.69
N VAL L 1439 58.69 -71.07 69.30
CA VAL L 1439 59.93 -70.32 69.35
C VAL L 1439 60.60 -70.44 68.00
N PHE L 1440 60.89 -69.31 67.37
CA PHE L 1440 61.52 -69.31 66.06
C PHE L 1440 62.98 -69.68 66.16
N ALA L 1441 63.59 -69.92 65.00
CA ALA L 1441 65.03 -70.13 64.94
C ALA L 1441 65.75 -68.85 65.28
N GLY L 1442 66.97 -68.97 65.78
CA GLY L 1442 67.73 -67.85 66.26
C GLY L 1442 67.35 -67.38 67.64
N GLN L 1443 66.38 -68.02 68.27
CA GLN L 1443 66.04 -67.73 69.66
C GLN L 1443 66.32 -68.97 70.50
N GLU L 1444 67.06 -68.79 71.58
CA GLU L 1444 67.42 -69.92 72.42
C GLU L 1444 66.27 -70.25 73.36
N PRO L 1445 65.83 -71.50 73.42
CA PRO L 1445 64.87 -71.92 74.46
C PRO L 1445 65.44 -71.89 75.86
N SER L 1446 66.76 -71.75 76.03
CA SER L 1446 67.36 -71.53 77.33
C SER L 1446 66.88 -70.23 77.96
N CYS L 1447 66.58 -69.22 77.14
CA CYS L 1447 66.08 -67.94 77.61
C CYS L 1447 64.62 -67.71 77.26
N VAL L 1448 63.80 -68.75 77.35
CA VAL L 1448 62.37 -68.68 77.03
C VAL L 1448 61.64 -69.39 78.15
N TRP L 1449 60.63 -68.73 78.71
CA TRP L 1449 59.78 -69.33 79.74
C TRP L 1449 58.34 -69.21 79.27
N VAL L 1450 57.62 -70.32 79.28
CA VAL L 1450 56.25 -70.38 78.76
C VAL L 1450 55.36 -70.96 79.84
N GLY L 1451 54.21 -70.33 80.07
CA GLY L 1451 53.20 -70.91 80.93
C GLY L 1451 52.04 -70.01 81.29
N TRP L 1452 51.72 -69.93 82.58
CA TRP L 1452 50.51 -69.28 83.03
C TRP L 1452 50.81 -68.39 84.24
N VAL L 1453 50.05 -67.30 84.36
CA VAL L 1453 50.29 -66.25 85.35
C VAL L 1453 48.94 -65.73 85.85
N THR L 1454 48.78 -65.69 87.18
CA THR L 1454 47.64 -65.11 87.85
C THR L 1454 47.85 -63.61 88.06
N PRO L 1455 46.78 -62.82 88.16
CA PRO L 1455 46.92 -61.35 88.22
C PRO L 1455 47.78 -60.78 89.35
N ASP L 1456 47.87 -61.43 90.50
CA ASP L 1456 48.71 -60.89 91.58
C ASP L 1456 50.15 -61.34 91.43
N TYR L 1457 50.80 -60.86 90.39
CA TYR L 1457 52.18 -61.17 90.08
C TYR L 1457 52.83 -59.91 89.52
N HIS L 1458 53.82 -59.37 90.24
CA HIS L 1458 54.46 -58.12 89.85
C HIS L 1458 55.97 -58.19 90.04
N GLN L 1459 56.61 -59.25 89.54
CA GLN L 1459 58.06 -59.38 89.59
C GLN L 1459 58.66 -58.90 88.28
N HIS L 1460 59.24 -57.71 88.30
CA HIS L 1460 59.89 -57.12 87.13
C HIS L 1460 61.39 -57.09 87.40
N ASP L 1461 62.09 -58.11 86.92
CA ASP L 1461 63.53 -58.20 87.09
C ASP L 1461 64.16 -58.77 85.85
N MET L 1462 65.42 -58.41 85.60
CA MET L 1462 66.14 -58.94 84.46
C MET L 1462 66.95 -60.19 84.80
N ASN L 1463 66.93 -60.61 86.07
CA ASN L 1463 67.71 -61.76 86.49
C ASN L 1463 66.81 -62.91 86.85
N PHE L 1464 65.64 -63.00 86.20
CA PHE L 1464 64.64 -63.98 86.59
C PHE L 1464 65.03 -65.37 86.12
N ASP L 1465 65.05 -66.30 87.06
CA ASP L 1465 65.08 -67.72 86.77
C ASP L 1465 63.93 -68.36 87.52
N LEU L 1466 63.67 -69.64 87.24
CA LEU L 1466 62.53 -70.33 87.84
C LEU L 1466 62.66 -70.51 89.34
N SER L 1467 63.86 -70.36 89.91
CA SER L 1467 64.02 -70.29 91.35
C SER L 1467 63.42 -69.02 91.91
N LYS L 1468 63.36 -67.96 91.13
CA LYS L 1468 62.81 -66.69 91.59
C LYS L 1468 61.31 -66.60 91.33
N VAL L 1469 60.58 -67.62 91.76
CA VAL L 1469 59.13 -67.67 91.63
C VAL L 1469 58.57 -67.82 93.02
N ARG L 1470 57.59 -66.98 93.37
CA ARG L 1470 56.95 -67.10 94.66
C ARG L 1470 56.11 -68.36 94.70
N ALA L 1471 56.22 -69.11 95.78
CA ALA L 1471 55.45 -70.33 95.99
C ALA L 1471 55.35 -70.57 97.48
N VAL L 1472 54.12 -70.63 97.98
CA VAL L 1472 53.86 -70.78 99.40
C VAL L 1472 53.02 -72.03 99.60
N THR L 1473 53.49 -72.92 100.44
CA THR L 1473 52.81 -74.20 100.70
C THR L 1473 52.02 -74.07 102.00
N VAL L 1474 50.72 -74.27 101.91
CA VAL L 1474 49.84 -74.24 103.07
C VAL L 1474 49.43 -75.66 103.41
N THR L 1475 49.67 -76.07 104.65
CA THR L 1475 49.26 -77.37 105.14
C THR L 1475 48.38 -77.17 106.37
N MET L 1476 47.39 -78.04 106.53
CA MET L 1476 46.53 -78.03 107.69
C MET L 1476 46.33 -79.46 108.16
N GLY L 1477 46.14 -79.62 109.47
CA GLY L 1477 45.89 -80.93 110.03
C GLY L 1477 44.89 -80.91 111.15
N ASP L 1478 44.80 -82.01 111.89
CA ASP L 1478 43.91 -82.11 113.02
C ASP L 1478 44.63 -81.67 114.29
N GLU L 1479 43.95 -81.76 115.43
CA GLU L 1479 44.58 -81.56 116.72
C GLU L 1479 45.56 -82.67 117.06
N GLN L 1480 45.42 -83.84 116.44
CA GLN L 1480 46.39 -84.92 116.61
C GLN L 1480 47.71 -84.61 115.92
N GLY L 1481 47.73 -83.68 114.98
CA GLY L 1481 48.93 -83.32 114.25
C GLY L 1481 49.04 -83.97 112.89
N ASN L 1482 48.24 -85.01 112.63
CA ASN L 1482 48.23 -85.63 111.31
C ASN L 1482 47.59 -84.68 110.29
N VAL L 1483 48.25 -84.53 109.15
CA VAL L 1483 47.86 -83.53 108.18
C VAL L 1483 46.57 -83.95 107.47
N HIS L 1484 45.89 -82.95 106.91
CA HIS L 1484 44.66 -83.15 106.17
C HIS L 1484 44.75 -82.71 104.73
N SER L 1485 45.54 -81.68 104.47
CA SER L 1485 45.69 -81.13 103.13
C SER L 1485 47.03 -80.41 103.05
N SER L 1486 47.55 -80.30 101.83
CA SER L 1486 48.80 -79.60 101.59
C SER L 1486 48.66 -78.82 100.30
N LEU L 1487 48.29 -77.55 100.41
CA LEU L 1487 48.01 -76.72 99.25
C LEU L 1487 49.22 -75.85 98.95
N LYS L 1488 49.54 -75.69 97.67
CA LYS L 1488 50.61 -74.82 97.22
C LYS L 1488 50.05 -73.76 96.28
N CYS L 1489 50.10 -72.51 96.71
CA CYS L 1489 49.74 -71.38 95.87
C CYS L 1489 51.01 -70.81 95.28
N SER L 1490 51.02 -70.61 93.97
CA SER L 1490 52.11 -69.92 93.30
C SER L 1490 51.53 -68.81 92.44
N ASN L 1491 52.29 -67.74 92.30
CA ASN L 1491 51.85 -66.63 91.46
C ASN L 1491 52.24 -66.80 90.00
N CYS L 1492 52.68 -67.99 89.61
CA CYS L 1492 53.25 -68.24 88.30
C CYS L 1492 53.24 -69.74 88.05
N TYR L 1493 52.80 -70.15 86.86
CA TYR L 1493 52.75 -71.55 86.48
C TYR L 1493 53.35 -71.69 85.09
N MET L 1494 54.65 -71.92 85.03
CA MET L 1494 55.37 -72.01 83.76
C MET L 1494 56.31 -73.20 83.76
N VAL L 1495 56.91 -73.42 82.59
CA VAL L 1495 57.96 -74.41 82.37
C VAL L 1495 59.17 -73.68 81.82
N TRP L 1496 60.27 -74.41 81.68
CA TRP L 1496 61.45 -73.88 81.02
C TRP L 1496 61.59 -74.51 79.65
N GLY L 1497 61.70 -73.67 78.61
CA GLY L 1497 61.97 -74.17 77.29
C GLY L 1497 63.34 -74.77 77.13
N GLY L 1498 64.30 -74.37 77.97
CA GLY L 1498 65.61 -74.99 77.98
C GLY L 1498 65.64 -76.38 78.57
N ASP L 1499 64.55 -76.80 79.21
CA ASP L 1499 64.45 -78.15 79.74
C ASP L 1499 64.04 -79.18 78.71
N PHE L 1500 63.92 -78.79 77.43
CA PHE L 1500 63.59 -79.76 76.39
C PHE L 1500 64.64 -79.79 75.29
N VAL L 1501 65.20 -78.63 74.95
CA VAL L 1501 66.25 -78.57 73.95
C VAL L 1501 67.55 -78.19 74.63
N ILE L 1509 73.25 -74.19 68.52
CA ILE L 1509 72.65 -73.65 67.31
C ILE L 1509 71.67 -74.65 66.71
N SER L 1510 70.39 -74.47 67.01
CA SER L 1510 69.36 -75.34 66.47
C SER L 1510 68.68 -74.65 65.29
N HIS L 1511 68.57 -75.36 64.18
CA HIS L 1511 67.90 -74.85 62.99
C HIS L 1511 66.42 -75.23 62.95
N THR L 1512 65.84 -75.62 64.07
CA THR L 1512 64.45 -76.04 64.13
C THR L 1512 63.71 -75.30 65.25
N ASP L 1513 62.40 -75.37 65.20
CA ASP L 1513 61.53 -74.57 66.06
C ASP L 1513 60.93 -75.42 67.17
N LEU L 1514 61.34 -75.15 68.40
CA LEU L 1514 60.77 -75.79 69.58
C LEU L 1514 59.37 -75.24 69.80
N VAL L 1515 58.36 -76.09 69.65
CA VAL L 1515 56.96 -75.69 69.78
C VAL L 1515 56.46 -76.23 71.11
N ILE L 1516 56.05 -75.34 71.99
CA ILE L 1516 55.57 -75.72 73.32
C ILE L 1516 54.08 -75.43 73.38
N GLY L 1517 53.29 -76.44 73.73
CA GLY L 1517 51.86 -76.29 73.90
C GLY L 1517 51.45 -76.72 75.29
N CYS L 1518 50.42 -76.08 75.83
CA CYS L 1518 49.98 -76.31 77.19
C CYS L 1518 48.55 -76.80 77.20
N LEU L 1519 48.18 -77.46 78.29
CA LEU L 1519 46.88 -78.10 78.41
C LEU L 1519 46.31 -77.80 79.79
N VAL L 1520 45.13 -77.20 79.82
CA VAL L 1520 44.47 -76.81 81.06
C VAL L 1520 43.07 -77.40 81.09
N ASP L 1521 42.78 -78.18 82.12
CA ASP L 1521 41.51 -78.88 82.28
C ASP L 1521 40.69 -78.15 83.33
N LEU L 1522 39.62 -77.48 82.89
CA LEU L 1522 38.89 -76.56 83.75
C LEU L 1522 38.08 -77.23 84.84
N ALA L 1523 37.49 -78.38 84.58
CA ALA L 1523 36.63 -78.99 85.58
C ALA L 1523 37.43 -79.72 86.65
N THR L 1524 38.74 -79.87 86.45
CA THR L 1524 39.60 -80.46 87.47
C THR L 1524 40.66 -79.51 87.97
N GLY L 1525 40.95 -78.45 87.23
CA GLY L 1525 42.04 -77.58 87.60
C GLY L 1525 43.40 -78.19 87.36
N LEU L 1526 43.49 -79.21 86.53
CA LEU L 1526 44.74 -79.90 86.25
C LEU L 1526 45.39 -79.27 85.02
N MET L 1527 46.67 -78.92 85.15
CA MET L 1527 47.40 -78.27 84.07
C MET L 1527 48.61 -79.12 83.70
N THR L 1528 48.73 -79.43 82.41
CA THR L 1528 49.84 -80.19 81.88
C THR L 1528 50.41 -79.46 80.67
N PHE L 1529 51.60 -79.87 80.25
CA PHE L 1529 52.35 -79.18 79.21
C PHE L 1529 52.98 -80.19 78.27
N THR L 1530 52.82 -79.96 76.96
CA THR L 1530 53.32 -80.85 75.94
C THR L 1530 54.47 -80.19 75.20
N ALA L 1531 55.52 -80.97 74.95
CA ALA L 1531 56.68 -80.49 74.23
C ALA L 1531 56.78 -81.24 72.91
N ASN L 1532 56.40 -80.56 71.82
CA ASN L 1532 56.38 -81.10 70.46
C ASN L 1532 55.55 -82.38 70.36
N GLY L 1533 54.43 -82.40 71.08
CA GLY L 1533 53.61 -83.59 71.13
C GLY L 1533 54.09 -84.67 72.07
N LYS L 1534 55.24 -84.48 72.71
CA LYS L 1534 55.75 -85.41 73.71
C LYS L 1534 55.51 -84.78 75.07
N GLU L 1535 54.76 -85.48 75.92
CA GLU L 1535 54.36 -84.93 77.21
C GLU L 1535 55.56 -84.82 78.15
N SER L 1536 55.62 -83.70 78.84
CA SER L 1536 56.68 -83.44 79.80
C SER L 1536 56.31 -84.08 81.13
N ASN L 1537 57.32 -84.20 81.99
CA ASN L 1537 57.13 -84.83 83.29
C ASN L 1537 56.32 -83.96 84.25
N THR L 1538 56.33 -82.65 84.06
CA THR L 1538 55.70 -81.77 85.03
C THR L 1538 54.19 -81.70 84.82
N PHE L 1539 53.51 -81.15 85.82
CA PHE L 1539 52.06 -81.00 85.84
C PHE L 1539 51.72 -80.04 86.97
N PHE L 1540 50.49 -79.53 86.94
CA PHE L 1540 50.08 -78.55 87.94
C PHE L 1540 48.59 -78.69 88.23
N GLN L 1541 48.23 -78.49 89.50
CA GLN L 1541 46.85 -78.55 89.95
C GLN L 1541 46.57 -77.40 90.90
N VAL L 1542 45.40 -76.76 90.74
CA VAL L 1542 45.12 -75.51 91.41
C VAL L 1542 43.86 -75.58 92.27
N GLU L 1543 43.52 -74.47 92.90
CA GLU L 1543 42.31 -74.32 93.70
C GLU L 1543 41.08 -74.29 92.78
N PRO L 1544 39.86 -74.48 93.33
CA PRO L 1544 38.67 -74.40 92.46
C PRO L 1544 38.41 -73.05 91.83
N ASN L 1545 38.23 -72.00 92.63
CA ASN L 1545 37.84 -70.71 92.07
C ASN L 1545 39.08 -69.84 91.92
N THR L 1546 39.76 -70.02 90.79
CA THR L 1546 40.88 -69.16 90.47
C THR L 1546 40.93 -68.95 88.97
N LYS L 1547 41.60 -67.87 88.56
CA LYS L 1547 41.74 -67.55 87.16
C LYS L 1547 43.20 -67.60 86.78
N LEU L 1548 43.47 -67.48 85.48
CA LEU L 1548 44.82 -67.62 84.97
C LEU L 1548 44.94 -66.85 83.66
N PHE L 1549 46.05 -66.18 83.49
CA PHE L 1549 46.33 -65.61 82.20
C PHE L 1549 47.39 -66.42 81.49
N PRO L 1550 47.27 -66.62 80.18
CA PRO L 1550 48.35 -67.25 79.44
C PRO L 1550 49.57 -66.34 79.41
N ALA L 1551 50.77 -66.90 79.55
CA ALA L 1551 51.96 -66.09 79.77
C ALA L 1551 53.15 -66.66 79.03
N VAL L 1552 53.99 -65.76 78.52
CA VAL L 1552 55.28 -66.09 77.92
C VAL L 1552 56.28 -65.05 78.39
N PHE L 1553 57.39 -65.51 78.97
CA PHE L 1553 58.47 -64.62 79.37
C PHE L 1553 59.66 -64.95 78.47
N VAL L 1554 60.35 -63.91 77.99
CA VAL L 1554 61.39 -64.14 77.00
C VAL L 1554 62.41 -63.00 77.09
N LEU L 1555 63.69 -63.36 76.94
CA LEU L 1555 64.72 -62.43 76.57
C LEU L 1555 65.05 -62.66 75.11
N PRO L 1556 64.82 -61.69 74.22
CA PRO L 1556 64.90 -61.97 72.78
C PRO L 1556 66.34 -61.96 72.30
N THR L 1557 66.64 -62.81 71.32
CA THR L 1557 67.97 -62.86 70.69
C THR L 1557 67.88 -63.02 69.18
N HIS L 1558 66.88 -62.45 68.53
CA HIS L 1558 66.73 -62.60 67.10
C HIS L 1558 65.94 -61.42 66.56
N GLN L 1559 65.87 -61.31 65.23
CA GLN L 1559 64.98 -60.34 64.61
C GLN L 1559 63.53 -60.79 64.75
N ASN L 1560 63.29 -62.09 64.70
CA ASN L 1560 61.96 -62.65 64.91
C ASN L 1560 62.03 -63.61 66.08
N VAL L 1561 61.16 -63.43 67.07
CA VAL L 1561 61.40 -64.16 68.32
C VAL L 1561 60.40 -65.27 68.55
N ILE L 1562 59.14 -64.93 68.80
CA ILE L 1562 58.12 -65.92 69.17
C ILE L 1562 56.87 -65.65 68.35
N GLN L 1563 55.91 -66.58 68.45
CA GLN L 1563 54.62 -66.41 67.82
C GLN L 1563 53.58 -67.08 68.71
N PHE L 1564 52.59 -66.32 69.14
CA PHE L 1564 51.44 -66.89 69.83
C PHE L 1564 50.54 -67.54 68.80
N GLU L 1565 50.30 -68.84 68.92
CA GLU L 1565 49.48 -69.59 67.96
C GLU L 1565 48.22 -70.09 68.66
N LEU L 1566 47.08 -69.56 68.23
CA LEU L 1566 45.80 -69.85 68.90
C LEU L 1566 45.09 -70.98 68.15
N GLY L 1567 45.59 -72.19 68.39
CA GLY L 1567 45.07 -73.35 67.69
C GLY L 1567 44.53 -74.41 68.61
N LYS L 1568 43.89 -75.41 67.99
CA LYS L 1568 43.30 -76.54 68.70
C LYS L 1568 43.99 -77.83 68.30
N GLN L 1569 43.92 -78.82 69.17
CA GLN L 1569 44.45 -80.13 68.89
C GLN L 1569 43.32 -81.03 68.38
N LYS L 1570 43.57 -82.34 68.35
CA LYS L 1570 42.75 -83.26 67.57
C LYS L 1570 41.35 -83.44 68.15
N ASN L 1571 41.18 -83.26 69.46
CA ASN L 1571 39.86 -83.49 70.05
C ASN L 1571 39.52 -82.50 71.16
N ILE L 1572 40.11 -81.31 71.16
CA ILE L 1572 39.89 -80.33 72.23
C ILE L 1572 39.73 -78.94 71.62
N MET L 1573 38.92 -78.12 72.26
CA MET L 1573 38.52 -76.85 71.69
C MET L 1573 39.56 -75.76 71.98
N PRO L 1574 39.76 -74.82 71.05
CA PRO L 1574 40.83 -73.83 71.22
C PRO L 1574 40.47 -72.74 72.22
N LEU L 1575 41.39 -71.81 72.43
CA LEU L 1575 41.27 -70.81 73.48
C LEU L 1575 40.19 -69.78 73.20
N SER L 1576 39.71 -69.68 71.95
CA SER L 1576 38.59 -68.80 71.66
C SER L 1576 37.33 -69.20 72.38
N ALA L 1577 37.05 -70.50 72.49
CA ALA L 1577 35.85 -70.93 73.18
C ALA L 1577 35.93 -70.76 74.68
N ALA L 1578 37.15 -70.65 75.22
CA ALA L 1578 37.31 -70.58 76.67
C ALA L 1578 36.92 -69.23 77.24
N MET L 1579 37.16 -68.16 76.49
CA MET L 1579 37.13 -66.83 77.09
C MET L 1579 35.98 -65.97 76.59
N PHE L 1580 35.12 -66.51 75.76
CA PHE L 1580 33.96 -65.76 75.27
C PHE L 1580 32.73 -66.62 75.41
N LEU L 1581 31.85 -66.21 76.34
CA LEU L 1581 30.69 -67.00 76.75
C LEU L 1581 29.70 -67.22 75.62
N SER L 1582 29.70 -66.36 74.61
CA SER L 1582 28.82 -66.57 73.47
C SER L 1582 29.35 -67.64 72.53
N GLU L 1583 30.60 -68.06 72.68
CA GLU L 1583 31.21 -68.96 71.72
C GLU L 1583 31.82 -70.19 72.39
N ARG L 1584 31.23 -70.65 73.49
CA ARG L 1584 31.79 -71.81 74.19
C ARG L 1584 31.55 -73.09 73.39
N LYS L 1585 30.57 -73.09 72.51
CA LYS L 1585 30.25 -74.29 71.74
C LYS L 1585 30.91 -74.32 70.39
N ASN L 1586 31.55 -73.22 69.98
CA ASN L 1586 32.22 -73.17 68.69
C ASN L 1586 33.64 -73.67 68.85
N PRO L 1587 34.07 -74.68 68.09
CA PRO L 1587 35.47 -75.08 68.11
C PRO L 1587 36.32 -74.40 67.05
N ALA L 1588 35.77 -73.46 66.31
CA ALA L 1588 36.61 -72.78 65.33
C ALA L 1588 37.46 -71.72 66.04
N PRO L 1589 38.77 -71.75 65.86
CA PRO L 1589 39.63 -70.77 66.54
C PRO L 1589 39.47 -69.38 65.95
N GLN L 1590 39.27 -68.40 66.83
CA GLN L 1590 39.07 -67.02 66.42
C GLN L 1590 40.03 -66.13 67.21
N CYS L 1591 40.20 -64.90 66.72
CA CYS L 1591 40.99 -63.89 67.43
C CYS L 1591 40.33 -62.53 67.25
N PRO L 1592 39.35 -62.21 68.09
CA PRO L 1592 38.71 -60.91 68.02
C PRO L 1592 39.63 -59.83 68.59
N PRO L 1593 39.42 -58.55 68.26
CA PRO L 1593 40.41 -57.53 68.65
C PRO L 1593 40.44 -57.20 70.12
N ARG L 1594 39.50 -57.68 70.93
CA ARG L 1594 39.62 -57.49 72.36
C ARG L 1594 40.79 -58.28 72.93
N LEU L 1595 41.13 -59.40 72.30
CA LEU L 1595 42.32 -60.15 72.67
C LEU L 1595 43.51 -59.41 72.08
N GLU L 1596 44.52 -59.17 72.90
CA GLU L 1596 45.80 -58.65 72.44
C GLU L 1596 46.89 -59.01 73.44
N VAL L 1597 48.11 -58.65 73.10
CA VAL L 1597 49.27 -58.94 73.92
C VAL L 1597 49.65 -57.75 74.78
N GLN L 1598 49.61 -57.94 76.08
CA GLN L 1598 50.01 -56.93 77.04
C GLN L 1598 51.51 -57.07 77.26
N MET L 1599 52.07 -56.17 78.05
CA MET L 1599 53.43 -56.34 78.56
C MET L 1599 53.52 -55.61 79.88
N LEU L 1600 54.68 -55.70 80.51
CA LEU L 1600 54.84 -55.27 81.89
C LEU L 1600 55.71 -54.02 81.96
N MET L 1601 55.08 -52.88 82.03
CA MET L 1601 55.81 -51.64 82.25
C MET L 1601 56.18 -51.50 83.72
N PRO L 1602 57.29 -50.84 84.03
CA PRO L 1602 57.79 -50.90 85.41
C PRO L 1602 57.07 -50.00 86.39
N VAL L 1603 56.64 -48.81 86.00
CA VAL L 1603 55.98 -47.89 86.92
C VAL L 1603 54.76 -47.31 86.22
N SER L 1604 53.94 -46.62 87.01
CA SER L 1604 52.72 -46.01 86.51
C SER L 1604 52.31 -44.90 87.45
N TRP L 1605 51.54 -43.96 86.91
CA TRP L 1605 51.07 -42.81 87.65
C TRP L 1605 49.82 -43.15 88.42
N SER L 1606 49.86 -43.01 89.73
CA SER L 1606 48.66 -43.18 90.54
C SER L 1606 48.37 -41.86 91.23
N ARG L 1607 47.36 -41.88 92.08
CA ARG L 1607 46.83 -40.65 92.68
C ARG L 1607 46.86 -40.75 94.20
N MET L 1608 47.40 -39.74 94.84
CA MET L 1608 47.37 -39.69 96.29
C MET L 1608 45.95 -39.43 96.77
N PRO L 1609 45.57 -40.01 97.89
CA PRO L 1609 44.29 -39.65 98.50
C PRO L 1609 44.40 -38.32 99.21
N ASN L 1610 43.25 -37.76 99.54
CA ASN L 1610 43.21 -36.45 100.18
C ASN L 1610 43.28 -36.50 101.70
N HIS L 1611 43.04 -37.65 102.30
CA HIS L 1611 43.21 -37.79 103.75
C HIS L 1611 43.81 -39.17 104.03
N PHE L 1612 44.42 -39.30 105.19
CA PHE L 1612 45.07 -40.54 105.60
C PHE L 1612 44.63 -40.93 107.00
N LEU L 1613 44.97 -42.15 107.37
CA LEU L 1613 44.65 -42.66 108.70
C LEU L 1613 45.50 -41.96 109.76
N GLN L 1614 44.84 -41.40 110.77
CA GLN L 1614 45.54 -40.81 111.89
C GLN L 1614 45.93 -41.93 112.85
N VAL L 1615 47.21 -42.21 112.95
CA VAL L 1615 47.72 -43.30 113.76
C VAL L 1615 48.38 -42.73 115.00
N GLU L 1616 48.06 -43.31 116.16
CA GLU L 1616 48.61 -42.88 117.44
C GLU L 1616 49.43 -44.03 118.01
N THR L 1617 50.75 -43.98 117.82
CA THR L 1617 51.64 -45.00 118.33
C THR L 1617 52.40 -44.44 119.53
N ARG L 1618 52.39 -45.18 120.63
CA ARG L 1618 53.07 -44.74 121.84
C ARG L 1618 53.34 -45.96 122.71
N ARG L 1619 54.58 -46.10 123.17
CA ARG L 1619 54.92 -47.11 124.14
C ARG L 1619 54.38 -46.68 125.50
N ALA L 1620 53.60 -47.56 126.12
CA ALA L 1620 53.04 -47.31 127.45
C ALA L 1620 53.52 -48.42 128.36
N GLY L 1621 54.33 -48.06 129.35
CA GLY L 1621 54.80 -49.02 130.34
C GLY L 1621 55.93 -49.89 129.81
N GLU L 1622 56.85 -50.23 130.72
CA GLU L 1622 57.95 -51.10 130.37
C GLU L 1622 57.58 -52.57 130.35
N ARG L 1623 56.32 -52.90 130.66
CA ARG L 1623 55.83 -54.27 130.59
C ARG L 1623 54.55 -54.40 129.78
N LEU L 1624 53.78 -53.32 129.62
CA LEU L 1624 52.65 -53.40 128.68
C LEU L 1624 53.16 -53.31 127.25
N GLY L 1625 54.05 -52.38 126.97
CA GLY L 1625 54.73 -52.32 125.70
C GLY L 1625 54.28 -51.16 124.85
N TRP L 1626 54.27 -51.41 123.54
CA TRP L 1626 54.00 -50.38 122.56
C TRP L 1626 52.56 -50.44 122.11
N ALA L 1627 51.83 -49.33 122.27
CA ALA L 1627 50.42 -49.27 121.94
C ALA L 1627 50.21 -48.52 120.64
N VAL L 1628 49.14 -48.86 119.94
CA VAL L 1628 48.80 -48.24 118.67
C VAL L 1628 47.30 -48.30 118.48
N GLN L 1629 46.72 -47.20 118.00
CA GLN L 1629 45.27 -47.11 117.91
C GLN L 1629 44.88 -46.14 116.81
N CYS L 1630 43.60 -46.22 116.44
CA CYS L 1630 42.97 -45.29 115.51
C CYS L 1630 41.47 -45.40 115.70
N GLN L 1631 40.76 -44.29 115.56
CA GLN L 1631 39.33 -44.28 115.83
C GLN L 1631 38.47 -43.74 114.69
N ASP L 1632 38.91 -42.68 114.02
CA ASP L 1632 38.11 -42.07 112.97
C ASP L 1632 38.13 -42.90 111.70
N PRO L 1633 36.99 -43.18 111.08
CA PRO L 1633 36.97 -44.01 109.87
C PRO L 1633 37.08 -43.15 108.62
N LEU L 1634 37.74 -43.68 107.59
CA LEU L 1634 37.89 -42.99 106.32
C LEU L 1634 37.73 -43.98 105.18
N THR L 1635 36.80 -43.67 104.28
CA THR L 1635 36.41 -44.59 103.22
C THR L 1635 36.59 -43.94 101.87
N MET L 1636 36.47 -44.75 100.83
CA MET L 1636 36.61 -44.26 99.47
C MET L 1636 35.75 -45.12 98.55
N MET L 1637 35.55 -44.63 97.34
CA MET L 1637 34.84 -45.36 96.30
C MET L 1637 35.87 -46.08 95.45
N ALA L 1638 35.48 -47.19 94.84
CA ALA L 1638 36.46 -47.96 94.08
C ALA L 1638 35.81 -48.64 92.90
N LEU L 1639 36.45 -48.51 91.74
CA LEU L 1639 36.07 -49.31 90.58
C LEU L 1639 36.73 -50.67 90.67
N HIS L 1640 36.41 -51.55 89.73
CA HIS L 1640 36.94 -52.90 89.85
C HIS L 1640 37.75 -53.38 88.67
N ILE L 1641 37.26 -53.15 87.44
CA ILE L 1641 37.76 -53.77 86.20
C ILE L 1641 37.80 -55.28 86.40
N PRO L 1642 36.67 -55.98 86.33
CA PRO L 1642 36.60 -57.36 86.83
C PRO L 1642 37.41 -58.37 86.04
N GLU L 1643 37.79 -58.05 84.82
CA GLU L 1643 38.62 -58.96 84.05
C GLU L 1643 40.04 -59.06 84.58
N GLU L 1644 40.47 -58.12 85.42
CA GLU L 1644 41.82 -58.14 85.94
C GLU L 1644 41.88 -58.12 87.45
N ASN L 1645 40.75 -57.95 88.14
CA ASN L 1645 40.63 -57.99 89.61
C ASN L 1645 41.51 -56.94 90.28
N ARG L 1646 41.74 -55.85 89.58
CA ARG L 1646 42.62 -54.78 90.04
C ARG L 1646 41.78 -53.53 90.26
N CYS L 1647 41.45 -53.26 91.51
CA CYS L 1647 40.62 -52.12 91.87
C CYS L 1647 41.44 -50.84 91.82
N MET L 1648 40.75 -49.72 91.71
CA MET L 1648 41.42 -48.42 91.70
C MET L 1648 40.46 -47.38 92.27
N ASP L 1649 41.04 -46.27 92.73
CA ASP L 1649 40.25 -45.17 93.25
C ASP L 1649 39.53 -44.48 92.11
N ILE L 1650 38.29 -44.06 92.38
CA ILE L 1650 37.45 -43.55 91.30
C ILE L 1650 37.84 -42.13 90.94
N LEU L 1651 38.55 -41.44 91.81
CA LEU L 1651 38.99 -40.09 91.50
C LEU L 1651 40.06 -40.08 90.42
N GLU L 1652 40.72 -41.21 90.18
CA GLU L 1652 41.69 -41.35 89.10
C GLU L 1652 41.08 -41.23 87.73
N LEU L 1653 39.77 -41.34 87.61
CA LEU L 1653 39.13 -41.09 86.33
C LEU L 1653 39.25 -39.64 85.87
N SER L 1654 39.57 -38.71 86.78
CA SER L 1654 39.72 -37.32 86.40
C SER L 1654 40.88 -37.09 85.45
N GLU L 1655 41.87 -37.97 85.44
CA GLU L 1655 42.94 -37.88 84.46
C GLU L 1655 43.02 -39.09 83.55
N ARG L 1656 42.21 -40.12 83.80
CA ARG L 1656 42.25 -41.30 82.95
C ARG L 1656 41.69 -40.99 81.58
N LEU L 1657 40.58 -40.24 81.53
CA LEU L 1657 39.99 -39.62 80.35
C LEU L 1657 39.53 -40.62 79.28
N ASP L 1658 39.59 -41.92 79.55
CA ASP L 1658 38.97 -42.89 78.69
C ASP L 1658 37.98 -43.75 79.44
N LEU L 1659 38.38 -44.28 80.59
CA LEU L 1659 37.42 -44.98 81.41
C LEU L 1659 36.53 -44.03 82.19
N GLN L 1660 36.82 -42.74 82.18
CA GLN L 1660 35.80 -41.76 82.59
C GLN L 1660 34.64 -41.81 81.62
N ARG L 1661 34.94 -41.82 80.32
CA ARG L 1661 33.90 -41.76 79.30
C ARG L 1661 33.07 -43.03 79.27
N PHE L 1662 33.72 -44.18 79.34
CA PHE L 1662 32.98 -45.44 79.27
C PHE L 1662 32.21 -45.70 80.56
N HIS L 1663 32.65 -45.12 81.67
CA HIS L 1663 31.82 -45.20 82.85
C HIS L 1663 30.82 -44.06 82.91
N SER L 1664 30.97 -43.06 82.06
CA SER L 1664 29.91 -42.08 81.94
C SER L 1664 28.76 -42.61 81.12
N HIS L 1665 29.07 -43.25 79.99
CA HIS L 1665 28.02 -43.77 79.13
C HIS L 1665 27.35 -44.99 79.71
N THR L 1666 27.98 -45.66 80.67
CA THR L 1666 27.27 -46.69 81.41
C THR L 1666 26.18 -46.08 82.27
N LEU L 1667 26.40 -44.89 82.80
CA LEU L 1667 25.38 -44.23 83.58
C LEU L 1667 24.21 -43.76 82.71
N ARG L 1668 24.44 -43.58 81.42
CA ARG L 1668 23.30 -43.33 80.55
C ARG L 1668 22.49 -44.58 80.34
N LEU L 1669 23.16 -45.73 80.28
CA LEU L 1669 22.42 -46.98 80.16
C LEU L 1669 21.68 -47.31 81.45
N TYR L 1670 22.20 -46.88 82.59
CA TYR L 1670 21.47 -47.09 83.82
C TYR L 1670 20.24 -46.22 83.92
N ARG L 1671 20.32 -44.97 83.46
CA ARG L 1671 19.13 -44.14 83.51
C ARG L 1671 18.12 -44.53 82.46
N ALA L 1672 18.58 -45.06 81.33
CA ALA L 1672 17.65 -45.41 80.27
C ALA L 1672 16.93 -46.72 80.52
N VAL L 1673 17.51 -47.62 81.31
CA VAL L 1673 16.84 -48.88 81.57
C VAL L 1673 15.69 -48.68 82.55
N CYS L 1674 15.93 -48.00 83.66
CA CYS L 1674 14.84 -47.72 84.58
C CYS L 1674 14.11 -46.44 84.23
N ALA L 1675 13.77 -46.25 82.97
CA ALA L 1675 13.17 -45.01 82.52
C ALA L 1675 11.67 -45.20 82.40
N LEU L 1676 10.96 -44.12 82.72
CA LEU L 1676 9.51 -44.02 82.59
C LEU L 1676 8.81 -45.04 83.49
N GLY L 1677 9.16 -45.04 84.76
CA GLY L 1677 8.41 -45.79 85.74
C GLY L 1677 8.56 -47.30 85.70
N ASN L 1678 9.61 -47.80 85.06
CA ASN L 1678 9.88 -49.25 85.05
C ASN L 1678 10.38 -49.61 86.44
N ASN L 1679 9.45 -50.00 87.31
CA ASN L 1679 9.82 -50.13 88.70
C ASN L 1679 10.17 -51.53 89.11
N ARG L 1680 9.91 -52.53 88.27
CA ARG L 1680 10.44 -53.85 88.57
C ARG L 1680 11.94 -53.87 88.35
N VAL L 1681 12.41 -53.14 87.33
CA VAL L 1681 13.84 -53.08 87.12
C VAL L 1681 14.47 -52.04 88.03
N ALA L 1682 13.67 -51.15 88.62
CA ALA L 1682 14.24 -50.12 89.48
C ALA L 1682 14.70 -50.69 90.79
N HIS L 1683 14.15 -51.83 91.20
CA HIS L 1683 14.74 -52.53 92.33
C HIS L 1683 16.03 -53.23 91.90
N ALA L 1684 16.09 -53.67 90.65
CA ALA L 1684 17.25 -54.43 90.20
C ALA L 1684 18.50 -53.57 90.09
N LEU L 1685 18.34 -52.28 89.83
CA LEU L 1685 19.50 -51.42 89.87
C LEU L 1685 19.91 -51.07 91.29
N CYS L 1686 18.99 -51.14 92.24
CA CYS L 1686 19.31 -50.75 93.60
C CYS L 1686 20.25 -51.74 94.28
N SER L 1687 20.45 -52.91 93.68
CA SER L 1687 21.55 -53.77 94.11
C SER L 1687 22.88 -53.27 93.61
N HIS L 1688 22.98 -52.91 92.32
CA HIS L 1688 24.26 -52.64 91.70
C HIS L 1688 24.86 -51.33 92.16
N VAL L 1689 24.03 -50.35 92.47
CA VAL L 1689 24.49 -49.09 93.03
C VAL L 1689 23.74 -48.86 94.33
N ASP L 1690 24.45 -49.03 95.45
CA ASP L 1690 23.82 -49.12 96.75
C ASP L 1690 23.28 -47.77 97.21
N GLN L 1691 22.67 -47.78 98.39
CA GLN L 1691 22.04 -46.57 98.87
C GLN L 1691 23.04 -45.61 99.50
N ALA L 1692 24.03 -46.11 100.24
CA ALA L 1692 24.95 -45.19 100.89
C ALA L 1692 25.94 -44.61 99.91
N GLN L 1693 26.45 -45.43 99.00
CA GLN L 1693 27.45 -44.97 98.05
C GLN L 1693 26.87 -44.03 97.01
N LEU L 1694 25.55 -43.97 96.88
CA LEU L 1694 24.95 -42.95 96.06
C LEU L 1694 24.83 -41.66 96.84
N LEU L 1695 24.41 -41.74 98.11
CA LEU L 1695 24.43 -40.58 98.98
C LEU L 1695 25.82 -40.10 99.30
N HIS L 1696 26.83 -40.98 99.23
CA HIS L 1696 28.19 -40.49 99.44
C HIS L 1696 28.67 -39.69 98.25
N ALA L 1697 28.26 -40.08 97.04
CA ALA L 1697 28.74 -39.42 95.84
C ALA L 1697 28.07 -38.08 95.58
N LEU L 1698 27.18 -37.64 96.45
CA LEU L 1698 26.51 -36.36 96.19
C LEU L 1698 27.38 -35.19 96.60
N GLU L 1699 28.39 -35.41 97.43
CA GLU L 1699 29.16 -34.32 98.01
C GLU L 1699 30.66 -34.51 97.91
N ASP L 1700 31.12 -35.63 97.37
CA ASP L 1700 32.54 -35.82 97.15
C ASP L 1700 32.96 -34.90 96.01
N ALA L 1701 33.48 -33.73 96.37
CA ALA L 1701 33.70 -32.65 95.44
C ALA L 1701 34.79 -32.93 94.41
N HIS L 1702 35.67 -33.88 94.69
CA HIS L 1702 36.78 -34.16 93.78
C HIS L 1702 36.38 -35.08 92.64
N LEU L 1703 35.10 -35.40 92.49
CA LEU L 1703 34.64 -36.15 91.35
C LEU L 1703 34.80 -35.31 90.09
N PRO L 1704 34.98 -35.92 88.95
CA PRO L 1704 35.12 -35.15 87.71
C PRO L 1704 33.82 -34.54 87.22
N GLY L 1705 33.86 -34.00 86.01
CA GLY L 1705 32.74 -33.29 85.45
C GLY L 1705 31.53 -34.15 85.11
N PRO L 1706 31.62 -34.95 84.04
CA PRO L 1706 30.43 -35.66 83.59
C PRO L 1706 30.07 -36.84 84.45
N LEU L 1707 30.85 -37.13 85.48
CA LEU L 1707 30.49 -38.22 86.36
C LEU L 1707 29.68 -37.70 87.54
N ARG L 1708 29.76 -36.40 87.82
CA ARG L 1708 28.93 -35.84 88.87
C ARG L 1708 27.50 -35.68 88.39
N ALA L 1709 27.33 -35.27 87.14
CA ALA L 1709 25.98 -35.11 86.59
C ALA L 1709 25.35 -36.45 86.28
N GLY L 1710 26.15 -37.52 86.25
CA GLY L 1710 25.56 -38.84 86.19
C GLY L 1710 24.99 -39.32 87.50
N TYR L 1711 25.79 -39.28 88.56
CA TYR L 1711 25.36 -39.83 89.85
C TYR L 1711 24.28 -39.00 90.52
N TYR L 1712 24.10 -37.75 90.12
CA TYR L 1712 22.92 -37.06 90.59
C TYR L 1712 21.72 -37.48 89.77
N ASP L 1713 21.85 -37.54 88.46
CA ASP L 1713 20.70 -37.87 87.64
C ASP L 1713 20.36 -39.35 87.68
N LEU L 1714 21.30 -40.20 88.10
CA LEU L 1714 20.95 -41.58 88.36
C LEU L 1714 20.01 -41.67 89.55
N LEU L 1715 20.25 -40.83 90.58
CA LEU L 1715 19.49 -40.92 91.82
C LEU L 1715 18.03 -40.63 91.61
N ILE L 1716 17.70 -39.56 90.87
CA ILE L 1716 16.30 -39.26 90.67
C ILE L 1716 15.65 -40.26 89.71
N SER L 1717 16.43 -40.87 88.84
CA SER L 1717 15.83 -41.78 87.88
C SER L 1717 15.58 -43.16 88.47
N ILE L 1718 16.02 -43.42 89.70
CA ILE L 1718 15.62 -44.67 90.34
C ILE L 1718 14.78 -44.44 91.58
N HIS L 1719 14.68 -43.22 92.06
CA HIS L 1719 13.91 -43.00 93.27
C HIS L 1719 12.87 -41.91 93.16
N LEU L 1720 13.17 -40.82 92.47
CA LEU L 1720 12.35 -39.63 92.53
C LEU L 1720 11.80 -39.28 91.17
N GLU L 1721 11.42 -40.27 90.41
CA GLU L 1721 10.81 -40.01 89.12
C GLU L 1721 9.42 -40.59 89.00
N SER L 1722 9.23 -41.82 89.46
CA SER L 1722 7.92 -42.46 89.43
C SER L 1722 6.92 -41.72 90.30
N ALA L 1723 7.38 -41.14 91.38
CA ALA L 1723 6.54 -40.25 92.16
C ALA L 1723 6.48 -38.85 91.57
N CYS L 1724 7.48 -38.46 90.78
CA CYS L 1724 7.52 -37.09 90.28
C CYS L 1724 6.46 -36.82 89.23
N ARG L 1725 6.32 -37.72 88.26
CA ARG L 1725 5.37 -37.51 87.18
C ARG L 1725 3.93 -37.58 87.66
N SER L 1726 3.64 -38.42 88.64
CA SER L 1726 2.26 -38.58 89.08
C SER L 1726 1.78 -37.37 89.86
N ARG L 1727 2.65 -36.73 90.64
CA ARG L 1727 2.19 -35.55 91.35
C ARG L 1727 2.15 -34.33 90.44
N ARG L 1728 3.11 -34.19 89.53
CA ARG L 1728 3.10 -33.06 88.60
C ARG L 1728 1.89 -33.11 87.68
N SER L 1729 1.39 -34.30 87.38
CA SER L 1729 0.13 -34.44 86.67
C SER L 1729 -1.05 -33.87 87.44
N MET L 1730 -1.14 -34.10 88.75
CA MET L 1730 -2.26 -33.60 89.53
C MET L 1730 -2.10 -32.16 89.98
N LEU L 1731 -1.06 -31.46 89.52
CA LEU L 1731 -0.90 -30.08 89.92
C LEU L 1731 -1.81 -29.13 89.17
N SER L 1732 -2.18 -29.45 87.92
CA SER L 1732 -2.91 -28.49 87.12
C SER L 1732 -4.37 -28.40 87.54
N GLU L 1733 -4.85 -29.37 88.28
CA GLU L 1733 -6.23 -29.38 88.76
C GLU L 1733 -6.26 -29.19 90.26
N TYR L 1734 -7.32 -28.56 90.74
CA TYR L 1734 -7.43 -28.12 92.12
C TYR L 1734 -8.73 -28.66 92.70
N ILE L 1735 -8.60 -29.58 93.64
CA ILE L 1735 -9.75 -30.24 94.25
C ILE L 1735 -9.68 -29.94 95.74
N VAL L 1736 -10.57 -29.10 96.22
CA VAL L 1736 -10.54 -28.61 97.60
C VAL L 1736 -11.73 -29.19 98.36
N PRO L 1737 -11.55 -29.70 99.56
CA PRO L 1737 -12.68 -30.11 100.39
C PRO L 1737 -13.10 -28.99 101.33
N LEU L 1738 -14.26 -29.19 101.96
CA LEU L 1738 -14.78 -28.24 102.95
C LEU L 1738 -14.45 -28.69 104.37
N THR L 1739 -13.18 -28.71 104.67
CA THR L 1739 -12.80 -28.74 106.06
C THR L 1739 -12.79 -27.32 106.62
N PRO L 1740 -12.96 -27.15 107.93
CA PRO L 1740 -12.79 -25.81 108.51
C PRO L 1740 -11.39 -25.25 108.39
N GLU L 1741 -10.38 -26.09 108.22
CA GLU L 1741 -9.04 -25.60 107.90
C GLU L 1741 -9.01 -24.89 106.56
N THR L 1742 -9.79 -25.39 105.60
CA THR L 1742 -9.98 -24.70 104.33
C THR L 1742 -10.69 -23.38 104.53
N ARG L 1743 -11.72 -23.36 105.38
CA ARG L 1743 -12.59 -22.20 105.59
C ARG L 1743 -11.83 -20.96 106.09
N ALA L 1744 -10.73 -21.14 106.80
CA ALA L 1744 -9.89 -20.02 107.21
C ALA L 1744 -8.68 -19.96 106.28
N ILE L 1745 -8.89 -19.39 105.09
CA ILE L 1745 -7.81 -19.12 104.14
C ILE L 1745 -8.12 -17.77 103.49
N THR L 1746 -7.22 -16.81 103.66
CA THR L 1746 -7.40 -15.49 103.07
C THR L 1746 -6.39 -15.29 101.96
N LEU L 1747 -6.60 -14.22 101.19
CA LEU L 1747 -5.57 -13.82 100.23
C LEU L 1747 -4.36 -13.25 100.94
N PHE L 1748 -4.55 -12.19 101.69
CA PHE L 1748 -3.43 -11.62 102.42
C PHE L 1748 -3.36 -12.21 103.82
N PRO L 1749 -2.16 -12.40 104.37
CA PRO L 1749 -2.05 -12.85 105.76
C PRO L 1749 -2.49 -11.75 106.70
N PRO L 1750 -3.17 -12.09 107.79
CA PRO L 1750 -3.65 -11.06 108.72
C PRO L 1750 -2.54 -10.49 109.57
N GLY L 1751 -2.46 -9.16 109.57
CA GLY L 1751 -1.45 -8.45 110.33
C GLY L 1751 -1.38 -6.98 109.97
N ARG L 1758 -2.24 -5.36 104.37
CA ARG L 1758 -2.06 -5.29 102.93
C ARG L 1758 -0.65 -5.70 102.52
N ARG L 1759 0.08 -6.31 103.46
CA ARG L 1759 1.42 -6.80 103.22
C ARG L 1759 1.34 -8.16 102.52
N HIS L 1760 2.00 -8.28 101.38
CA HIS L 1760 1.88 -9.47 100.57
C HIS L 1760 2.62 -10.64 101.21
N GLY L 1761 1.94 -11.78 101.33
CA GLY L 1761 2.49 -12.94 101.99
C GLY L 1761 3.57 -13.62 101.17
N LEU L 1762 4.26 -14.56 101.83
CA LEU L 1762 5.35 -15.29 101.19
C LEU L 1762 4.79 -16.39 100.28
N PRO L 1763 5.35 -16.54 99.08
CA PRO L 1763 4.86 -17.59 98.18
C PRO L 1763 5.31 -18.97 98.65
N GLY L 1764 4.41 -19.93 98.55
CA GLY L 1764 4.69 -21.30 98.92
C GLY L 1764 4.68 -21.58 100.40
N VAL L 1765 4.51 -20.57 101.24
CA VAL L 1765 4.55 -20.72 102.68
C VAL L 1765 3.12 -20.63 103.18
N GLY L 1766 2.72 -21.58 104.01
CA GLY L 1766 1.40 -21.59 104.56
C GLY L 1766 0.81 -22.98 104.49
N VAL L 1767 -0.51 -23.04 104.45
CA VAL L 1767 -1.26 -24.29 104.42
C VAL L 1767 -2.07 -24.36 103.13
N THR L 1768 -1.89 -25.45 102.39
CA THR L 1768 -2.71 -25.76 101.23
C THR L 1768 -3.55 -26.98 101.55
N THR L 1769 -4.65 -27.14 100.81
CA THR L 1769 -5.63 -28.17 101.13
C THR L 1769 -6.03 -28.98 99.92
N SER L 1770 -5.44 -28.72 98.75
CA SER L 1770 -5.80 -29.44 97.54
C SER L 1770 -5.34 -30.87 97.63
N LEU L 1771 -6.17 -31.78 97.13
CA LEU L 1771 -5.92 -33.20 97.34
C LEU L 1771 -4.82 -33.69 96.43
N ARG L 1772 -3.93 -34.51 96.98
CA ARG L 1772 -2.89 -35.18 96.25
C ARG L 1772 -2.70 -36.57 96.84
N PRO L 1773 -2.42 -37.57 96.02
CA PRO L 1773 -2.21 -38.90 96.55
C PRO L 1773 -0.87 -39.02 97.24
N PRO L 1774 -0.77 -39.88 98.24
CA PRO L 1774 0.54 -40.21 98.80
C PRO L 1774 1.36 -41.05 97.82
N HIS L 1775 2.62 -41.23 98.15
CA HIS L 1775 3.57 -41.68 97.16
C HIS L 1775 3.73 -43.17 97.08
N HIS L 1776 3.56 -43.89 98.19
CA HIS L 1776 3.62 -45.35 98.28
C HIS L 1776 4.97 -45.90 97.81
N PHE L 1777 6.00 -45.54 98.56
CA PHE L 1777 7.28 -46.17 98.32
C PHE L 1777 7.31 -47.54 98.99
N SER L 1778 8.20 -48.40 98.51
CA SER L 1778 8.40 -49.69 99.12
C SER L 1778 9.90 -49.88 99.30
N PRO L 1779 10.34 -50.40 100.43
CA PRO L 1779 11.77 -50.56 100.67
C PRO L 1779 12.32 -51.72 99.88
N PRO L 1780 13.54 -51.61 99.37
CA PRO L 1780 14.11 -52.70 98.58
C PRO L 1780 14.59 -53.84 99.45
N CYS L 1781 14.52 -55.03 98.89
CA CYS L 1781 15.06 -56.21 99.52
C CYS L 1781 15.45 -57.17 98.42
N PHE L 1782 16.25 -58.19 98.75
CA PHE L 1782 16.65 -59.16 97.75
C PHE L 1782 16.62 -60.58 98.27
N VAL L 1783 16.23 -60.79 99.52
CA VAL L 1783 16.10 -62.12 100.07
C VAL L 1783 14.65 -62.56 100.15
N ALA L 1784 13.71 -61.70 99.80
CA ALA L 1784 12.31 -62.08 99.77
C ALA L 1784 12.07 -63.08 98.64
N ALA L 1785 11.18 -64.04 98.90
CA ALA L 1785 10.94 -65.12 97.97
C ALA L 1785 10.16 -64.64 96.77
N LEU L 1786 10.34 -65.30 95.64
CA LEU L 1786 9.66 -64.91 94.42
C LEU L 1786 8.27 -65.52 94.36
N PRO L 1787 7.22 -64.72 94.19
CA PRO L 1787 5.91 -65.30 93.87
C PRO L 1787 5.73 -65.41 92.36
N ALA L 1788 4.91 -66.38 91.95
CA ALA L 1788 4.55 -66.66 90.56
C ALA L 1788 5.75 -66.88 89.64
N GLU L 1793 0.68 -63.57 87.50
CA GLU L 1793 1.10 -62.20 87.21
C GLU L 1793 1.15 -61.35 88.47
N ALA L 1794 2.27 -60.69 88.69
CA ALA L 1794 2.40 -59.78 89.81
C ALA L 1794 1.54 -58.54 89.57
N PRO L 1795 1.00 -57.93 90.63
CA PRO L 1795 0.20 -56.70 90.45
C PRO L 1795 1.01 -55.54 89.90
N ALA L 1796 2.06 -55.15 90.63
CA ALA L 1796 2.91 -54.01 90.30
C ALA L 1796 4.09 -54.02 91.24
N ARG L 1797 5.08 -53.19 90.93
CA ARG L 1797 6.16 -52.88 91.86
C ARG L 1797 6.16 -51.39 92.09
N LEU L 1798 6.28 -50.98 93.33
CA LEU L 1798 6.38 -49.55 93.61
C LEU L 1798 7.78 -49.06 93.29
N SER L 1799 7.95 -47.76 93.40
CA SER L 1799 9.29 -47.20 93.31
C SER L 1799 10.08 -47.55 94.56
N PRO L 1800 11.34 -47.98 94.42
CA PRO L 1800 12.13 -48.33 95.60
C PRO L 1800 12.46 -47.10 96.44
N ALA L 1801 12.54 -47.31 97.75
CA ALA L 1801 12.49 -46.20 98.68
C ALA L 1801 13.87 -45.71 99.06
N ILE L 1802 13.90 -44.58 99.76
CA ILE L 1802 15.11 -43.91 100.22
C ILE L 1802 14.67 -42.90 101.28
N PRO L 1803 15.36 -42.79 102.42
CA PRO L 1803 14.84 -41.95 103.51
C PRO L 1803 14.86 -40.46 103.22
N LEU L 1804 13.67 -39.90 103.02
CA LEU L 1804 13.52 -38.53 102.53
C LEU L 1804 13.84 -37.47 103.55
N GLU L 1805 13.47 -37.67 104.82
CA GLU L 1805 13.76 -36.66 105.84
C GLU L 1805 15.24 -36.52 106.08
N ALA L 1806 15.99 -37.60 105.92
CA ALA L 1806 17.44 -37.50 105.86
C ALA L 1806 17.93 -36.79 104.61
N LEU L 1807 17.20 -36.92 103.51
CA LEU L 1807 17.69 -36.41 102.24
C LEU L 1807 17.56 -34.90 102.13
N ARG L 1808 16.50 -34.33 102.71
CA ARG L 1808 16.29 -32.89 102.57
C ARG L 1808 17.33 -32.07 103.32
N ASP L 1809 17.85 -32.59 104.43
CA ASP L 1809 18.89 -31.89 105.14
C ASP L 1809 20.20 -31.92 104.38
N LYS L 1810 20.47 -33.03 103.67
CA LYS L 1810 21.69 -33.11 102.90
C LYS L 1810 21.62 -32.23 101.66
N ALA L 1811 20.46 -32.20 101.00
CA ALA L 1811 20.33 -31.43 99.77
C ALA L 1811 20.34 -29.93 100.04
N LEU L 1812 19.73 -29.50 101.15
CA LEU L 1812 19.80 -28.09 101.53
C LEU L 1812 21.20 -27.64 101.86
N ARG L 1813 21.99 -28.53 102.46
CA ARG L 1813 23.36 -28.20 102.85
C ARG L 1813 24.25 -28.01 101.64
N MET L 1814 24.12 -28.88 100.64
CA MET L 1814 24.97 -28.78 99.46
C MET L 1814 24.60 -27.59 98.60
N LEU L 1815 23.34 -27.18 98.60
CA LEU L 1815 22.99 -25.90 98.00
C LEU L 1815 23.53 -24.75 98.84
N GLY L 1816 23.41 -24.86 100.16
CA GLY L 1816 23.76 -23.75 101.05
C GLY L 1816 25.22 -23.40 101.05
N GLU L 1817 26.08 -24.40 100.84
CA GLU L 1817 27.50 -24.07 100.68
C GLU L 1817 27.77 -23.49 99.30
N ALA L 1818 27.00 -23.90 98.29
CA ALA L 1818 27.36 -23.59 96.91
C ALA L 1818 27.09 -22.14 96.59
N VAL L 1819 26.01 -21.58 97.14
CA VAL L 1819 25.77 -20.16 96.98
C VAL L 1819 26.76 -19.35 97.80
N ARG L 1820 27.30 -19.93 98.87
CA ARG L 1820 28.31 -19.23 99.64
C ARG L 1820 29.70 -19.38 99.04
N ASP L 1821 30.05 -20.58 98.59
CA ASP L 1821 31.35 -20.77 97.97
C ASP L 1821 31.45 -20.12 96.61
N GLY L 1822 30.34 -19.93 95.92
CA GLY L 1822 30.37 -19.23 94.65
C GLY L 1822 30.69 -17.76 94.75
N GLY L 1823 30.48 -17.16 95.90
CA GLY L 1823 30.83 -15.77 96.10
C GLY L 1823 32.32 -15.59 96.28
N GLN L 1824 33.00 -16.66 96.67
CA GLN L 1824 34.43 -16.59 96.89
C GLN L 1824 35.22 -16.51 95.58
N HIS L 1825 34.58 -16.86 94.46
CA HIS L 1825 35.16 -16.81 93.11
C HIS L 1825 36.43 -17.65 93.02
N ALA L 1826 36.34 -18.87 93.53
CA ALA L 1826 37.48 -19.75 93.57
C ALA L 1826 37.85 -20.22 92.16
N ARG L 1827 39.15 -20.39 91.95
CA ARG L 1827 39.65 -20.82 90.65
C ARG L 1827 39.40 -22.29 90.37
N ASP L 1828 39.23 -23.12 91.40
CA ASP L 1828 38.95 -24.54 91.23
C ASP L 1828 37.57 -24.82 91.78
N PRO L 1829 36.54 -24.69 90.95
CA PRO L 1829 35.18 -24.98 91.39
C PRO L 1829 34.98 -26.48 91.51
N VAL L 1830 33.91 -26.86 92.19
CA VAL L 1830 33.60 -28.27 92.39
C VAL L 1830 33.17 -28.87 91.06
N GLY L 1831 33.80 -29.95 90.67
CA GLY L 1831 33.41 -30.67 89.48
C GLY L 1831 33.89 -30.07 88.18
N GLY L 1832 34.73 -29.05 88.24
CA GLY L 1832 35.44 -28.59 87.06
C GLY L 1832 34.84 -27.39 86.38
N SER L 1833 33.70 -26.89 86.85
CA SER L 1833 33.11 -25.68 86.30
C SER L 1833 32.14 -25.11 87.33
N VAL L 1834 31.57 -23.94 87.00
CA VAL L 1834 30.43 -23.48 87.76
C VAL L 1834 29.16 -24.10 87.20
N GLU L 1835 29.22 -24.63 85.99
CA GLU L 1835 28.08 -25.28 85.38
C GLU L 1835 27.76 -26.58 86.10
N PHE L 1836 28.78 -27.42 86.32
CA PHE L 1836 28.54 -28.68 87.01
C PHE L 1836 28.42 -28.50 88.52
N GLN L 1837 28.61 -27.30 89.04
CA GLN L 1837 28.47 -27.15 90.48
C GLN L 1837 27.02 -26.95 90.85
N PHE L 1838 26.19 -26.49 89.93
CA PHE L 1838 24.83 -26.10 90.27
C PHE L 1838 23.75 -26.85 89.52
N VAL L 1839 23.99 -27.24 88.28
CA VAL L 1839 23.00 -27.99 87.49
C VAL L 1839 22.67 -29.34 88.13
N PRO L 1840 23.62 -30.13 88.64
CA PRO L 1840 23.17 -31.31 89.38
C PRO L 1840 22.85 -31.05 90.84
N VAL L 1841 22.64 -29.81 91.26
CA VAL L 1841 22.09 -29.67 92.60
C VAL L 1841 20.77 -28.91 92.55
N LEU L 1842 20.53 -28.18 91.47
CA LEU L 1842 19.22 -27.53 91.35
C LEU L 1842 18.17 -28.53 90.89
N LYS L 1843 18.50 -29.35 89.89
CA LYS L 1843 17.52 -30.28 89.34
C LYS L 1843 17.23 -31.43 90.29
N LEU L 1844 17.96 -31.54 91.40
CA LEU L 1844 17.47 -32.35 92.48
C LEU L 1844 16.61 -31.54 93.44
N VAL L 1845 17.00 -30.29 93.71
CA VAL L 1845 16.21 -29.48 94.62
C VAL L 1845 14.89 -29.09 93.98
N SER L 1846 14.91 -28.85 92.68
CA SER L 1846 13.67 -28.59 91.95
C SER L 1846 12.74 -29.78 91.96
N THR L 1847 13.27 -31.00 91.94
CA THR L 1847 12.37 -32.14 91.94
C THR L 1847 12.11 -32.66 93.34
N LEU L 1848 12.79 -32.13 94.36
CA LEU L 1848 12.27 -32.29 95.70
C LEU L 1848 11.35 -31.17 96.12
N LEU L 1849 11.31 -30.10 95.34
CA LEU L 1849 10.37 -29.04 95.69
C LEU L 1849 9.01 -29.27 95.06
N VAL L 1850 8.97 -29.93 93.90
CA VAL L 1850 7.69 -30.22 93.29
C VAL L 1850 7.01 -31.41 93.96
N MET L 1851 7.76 -32.25 94.66
CA MET L 1851 7.13 -33.35 95.36
C MET L 1851 6.59 -32.93 96.72
N GLY L 1852 6.82 -31.69 97.10
CA GLY L 1852 6.19 -31.13 98.29
C GLY L 1852 6.70 -31.66 99.60
N ILE L 1853 7.82 -32.38 99.59
CA ILE L 1853 8.32 -33.01 100.80
C ILE L 1853 9.15 -32.06 101.65
N PHE L 1854 9.27 -30.80 101.26
CA PHE L 1854 9.98 -29.83 102.08
C PHE L 1854 9.04 -29.20 103.08
N GLY L 1855 9.53 -28.96 104.28
CA GLY L 1855 8.82 -28.15 105.24
C GLY L 1855 8.81 -26.70 104.83
N ASP L 1856 7.90 -25.95 105.44
CA ASP L 1856 7.77 -24.53 105.10
C ASP L 1856 8.96 -23.74 105.62
N GLU L 1857 9.53 -24.16 106.75
CA GLU L 1857 10.73 -23.49 107.24
C GLU L 1857 11.93 -23.82 106.37
N ASP L 1858 11.88 -24.95 105.65
CA ASP L 1858 12.93 -25.26 104.70
C ASP L 1858 12.87 -24.35 103.50
N VAL L 1859 11.68 -24.15 102.95
CA VAL L 1859 11.55 -23.25 101.81
C VAL L 1859 11.63 -21.80 102.24
N LYS L 1860 11.48 -21.51 103.53
CA LYS L 1860 11.85 -20.20 104.04
C LYS L 1860 13.34 -19.97 103.89
N GLN L 1861 14.15 -21.01 104.12
CA GLN L 1861 15.58 -20.89 103.89
C GLN L 1861 15.91 -20.82 102.41
N ILE L 1862 15.15 -21.53 101.58
CA ILE L 1862 15.39 -21.52 100.14
C ILE L 1862 15.09 -20.14 99.57
N LEU L 1863 14.07 -19.48 100.10
CA LEU L 1863 13.78 -18.11 99.70
C LEU L 1863 14.89 -17.15 100.08
N LYS L 1864 15.55 -17.40 101.20
CA LYS L 1864 16.71 -16.60 101.56
C LYS L 1864 17.87 -16.86 100.62
N MET L 1865 18.03 -18.10 100.17
CA MET L 1865 19.18 -18.45 99.34
C MET L 1865 19.03 -18.01 97.89
N ILE L 1866 17.88 -17.44 97.54
CA ILE L 1866 17.71 -16.94 96.17
C ILE L 1866 17.99 -15.45 96.13
N GLU L 1867 17.27 -14.67 96.92
CA GLU L 1867 17.51 -13.23 97.06
C GLU L 1867 17.02 -12.85 98.44
N PRO L 1868 17.92 -12.80 99.43
CA PRO L 1868 17.49 -12.56 100.81
C PRO L 1868 17.04 -11.15 101.08
N GLU L 1869 17.33 -10.20 100.20
CA GLU L 1869 16.92 -8.82 100.37
C GLU L 1869 15.40 -8.65 100.23
N VAL L 1870 14.75 -9.56 99.52
CA VAL L 1870 13.31 -9.43 99.32
C VAL L 1870 12.53 -10.30 100.29
N PHE L 1871 12.86 -11.58 100.38
CA PHE L 1871 12.02 -12.55 101.05
C PHE L 1871 12.30 -12.67 102.53
N THR L 1872 13.04 -11.74 103.12
CA THR L 1872 13.30 -11.77 104.55
C THR L 1872 12.07 -11.28 105.29
N GLU L 1873 11.61 -12.05 106.27
CA GLU L 1873 10.43 -11.70 107.05
C GLU L 1873 10.69 -10.51 107.97
N GLU L 1923 24.90 -12.35 102.92
CA GLU L 1923 25.48 -12.92 101.72
C GLU L 1923 24.86 -12.30 100.47
N GLU L 1924 25.49 -12.52 99.33
CA GLU L 1924 24.96 -12.04 98.07
C GLU L 1924 23.87 -12.97 97.57
N GLY L 1925 22.84 -12.39 96.96
CA GLY L 1925 21.74 -13.17 96.43
C GLY L 1925 22.17 -13.99 95.22
N LEU L 1926 21.40 -15.04 94.97
CA LEU L 1926 21.75 -15.98 93.91
C LEU L 1926 21.48 -15.39 92.53
N LEU L 1927 20.46 -14.56 92.40
CA LEU L 1927 20.13 -13.98 91.10
C LEU L 1927 21.18 -12.98 90.63
N GLN L 1928 21.85 -12.31 91.56
CA GLN L 1928 22.87 -11.35 91.18
C GLN L 1928 24.14 -12.03 90.68
N MET L 1929 24.32 -13.30 90.98
CA MET L 1929 25.52 -14.01 90.59
C MET L 1929 25.53 -14.22 89.09
N LYS L 1930 26.71 -14.02 88.48
CA LYS L 1930 26.88 -14.29 87.06
C LYS L 1930 26.79 -15.78 86.81
N LEU L 1931 25.85 -16.17 85.96
CA LEU L 1931 25.56 -17.57 85.74
C LEU L 1931 25.66 -17.89 84.27
N PRO L 1932 26.20 -19.05 83.92
CA PRO L 1932 26.16 -19.50 82.54
C PRO L 1932 24.74 -19.95 82.19
N GLU L 1933 24.52 -20.16 80.89
CA GLU L 1933 23.18 -20.21 80.32
C GLU L 1933 22.34 -21.36 80.83
N SER L 1934 22.92 -22.55 81.01
CA SER L 1934 22.12 -23.69 81.42
C SER L 1934 21.73 -23.60 82.88
N VAL L 1935 22.47 -22.84 83.67
CA VAL L 1935 22.11 -22.73 85.07
C VAL L 1935 20.97 -21.75 85.24
N LYS L 1936 20.79 -20.85 84.27
CA LYS L 1936 19.60 -20.01 84.26
C LYS L 1936 18.35 -20.84 84.00
N LEU L 1937 18.48 -21.96 83.30
CA LEU L 1937 17.33 -22.76 82.92
C LEU L 1937 16.70 -23.42 84.12
N GLN L 1938 17.52 -23.99 85.00
CA GLN L 1938 16.98 -24.58 86.21
C GLN L 1938 16.47 -23.53 87.18
N MET L 1939 16.97 -22.29 87.09
CA MET L 1939 16.36 -21.21 87.84
C MET L 1939 14.94 -20.93 87.40
N CYS L 1940 14.67 -21.05 86.10
CA CYS L 1940 13.29 -20.89 85.63
C CYS L 1940 12.42 -22.04 86.10
N ASN L 1941 12.94 -23.27 86.06
CA ASN L 1941 12.15 -24.40 86.56
C ASN L 1941 12.05 -24.39 88.07
N LEU L 1942 12.92 -23.67 88.76
CA LEU L 1942 12.68 -23.47 90.17
C LEU L 1942 11.65 -22.39 90.40
N LEU L 1943 11.75 -21.29 89.66
CA LEU L 1943 10.82 -20.18 89.84
C LEU L 1943 9.42 -20.50 89.33
N GLU L 1944 9.28 -21.41 88.39
CA GLU L 1944 7.96 -21.78 87.92
C GLU L 1944 7.14 -22.50 88.98
N TYR L 1945 7.79 -23.17 89.92
CA TYR L 1945 7.05 -23.78 91.02
C TYR L 1945 6.46 -22.71 91.92
N PHE L 1946 7.16 -21.59 92.07
CA PHE L 1946 6.76 -20.62 93.07
C PHE L 1946 5.56 -19.80 92.63
N CYS L 1947 5.47 -19.46 91.35
CA CYS L 1947 4.32 -18.73 90.88
C CYS L 1947 3.06 -19.57 90.88
N ASP L 1948 3.20 -20.90 90.76
CA ASP L 1948 2.04 -21.75 90.88
C ASP L 1948 1.58 -21.87 92.31
N GLN L 1949 2.50 -21.78 93.27
CA GLN L 1949 2.07 -21.79 94.65
C GLN L 1949 1.38 -20.49 95.03
N GLU L 1950 1.66 -19.41 94.30
CA GLU L 1950 0.84 -18.21 94.47
C GLU L 1950 -0.54 -18.41 93.88
N LEU L 1951 -0.62 -19.13 92.76
CA LEU L 1951 -1.89 -19.29 92.08
C LEU L 1951 -2.77 -20.31 92.80
N GLN L 1952 -2.18 -21.41 93.25
CA GLN L 1952 -2.96 -22.43 93.94
C GLN L 1952 -3.42 -21.93 95.30
N HIS L 1953 -2.65 -21.03 95.91
CA HIS L 1953 -3.12 -20.38 97.11
C HIS L 1953 -4.24 -19.41 96.82
N ARG L 1954 -4.19 -18.72 95.67
CA ARG L 1954 -5.24 -17.79 95.30
C ARG L 1954 -6.56 -18.49 95.04
N VAL L 1955 -6.52 -19.64 94.36
CA VAL L 1955 -7.73 -20.41 94.13
C VAL L 1955 -8.28 -20.94 95.43
N GLU L 1956 -7.40 -21.47 96.29
CA GLU L 1956 -7.84 -21.97 97.58
C GLU L 1956 -8.27 -20.86 98.51
N SER L 1957 -7.87 -19.62 98.23
CA SER L 1957 -8.46 -18.49 98.92
C SER L 1957 -9.89 -18.25 98.44
N LEU L 1958 -10.11 -18.33 97.13
CA LEU L 1958 -11.42 -18.01 96.58
C LEU L 1958 -12.43 -19.10 96.89
N ALA L 1959 -11.97 -20.35 97.00
CA ALA L 1959 -12.85 -21.41 97.46
C ALA L 1959 -13.22 -21.23 98.92
N ALA L 1960 -12.32 -20.69 99.72
CA ALA L 1960 -12.65 -20.39 101.11
C ALA L 1960 -13.64 -19.24 101.21
N PHE L 1961 -13.60 -18.31 100.25
CA PHE L 1961 -14.49 -17.17 100.29
C PHE L 1961 -15.92 -17.58 99.96
N ALA L 1962 -16.09 -18.53 99.06
CA ALA L 1962 -17.41 -18.83 98.53
C ALA L 1962 -18.27 -19.57 99.55
N GLU L 1963 -17.69 -20.52 100.27
CA GLU L 1963 -18.45 -21.26 101.27
C GLU L 1963 -18.82 -20.39 102.45
N ARG L 1964 -18.05 -19.35 102.72
CA ARG L 1964 -18.48 -18.32 103.63
C ARG L 1964 -19.57 -17.43 103.03
N TYR L 1965 -19.60 -17.32 101.71
CA TYR L 1965 -20.52 -16.44 101.02
C TYR L 1965 -21.88 -17.07 100.76
N VAL L 1966 -21.90 -18.30 100.22
CA VAL L 1966 -23.17 -18.92 99.88
C VAL L 1966 -23.90 -19.47 101.09
N ASP L 1967 -23.21 -19.74 102.19
CA ASP L 1967 -23.90 -20.03 103.43
C ASP L 1967 -24.61 -18.78 103.94
N LYS L 1968 -24.03 -17.62 103.70
CA LYS L 1968 -24.66 -16.35 103.99
C LYS L 1968 -25.75 -16.01 102.97
N LEU L 1969 -25.73 -16.64 101.80
CA LEU L 1969 -26.66 -16.26 100.75
C LEU L 1969 -27.93 -17.10 100.79
N GLN L 1970 -27.85 -18.35 101.24
CA GLN L 1970 -29.05 -19.19 101.29
C GLN L 1970 -30.03 -18.74 102.35
N ALA L 1971 -29.55 -18.35 103.54
CA ALA L 1971 -30.45 -17.84 104.56
C ALA L 1971 -31.05 -16.51 104.18
N ASN L 1972 -30.36 -15.73 103.34
CA ASN L 1972 -30.92 -14.49 102.84
C ASN L 1972 -32.06 -14.74 101.88
N GLN L 1973 -31.92 -15.75 101.02
CA GLN L 1973 -33.00 -16.07 100.10
C GLN L 1973 -34.20 -16.69 100.80
N ARG L 1974 -33.95 -17.63 101.71
CA ARG L 1974 -35.05 -18.34 102.35
C ARG L 1974 -35.82 -17.45 103.32
N SER L 1975 -35.15 -16.44 103.88
CA SER L 1975 -35.88 -15.42 104.63
C SER L 1975 -36.67 -14.51 103.70
N ARG L 1976 -36.08 -14.14 102.56
CA ARG L 1976 -36.76 -13.32 101.58
C ARG L 1976 -37.93 -14.05 100.93
N TYR L 1977 -37.80 -15.37 100.72
CA TYR L 1977 -38.89 -16.13 100.15
C TYR L 1977 -40.04 -16.30 101.15
N ALA L 1978 -39.72 -16.45 102.44
CA ALA L 1978 -40.77 -16.52 103.44
C ALA L 1978 -41.52 -15.19 103.57
N LEU L 1979 -40.81 -14.07 103.41
CA LEU L 1979 -41.47 -12.77 103.31
C LEU L 1979 -42.27 -12.66 102.03
N LEU L 1980 -41.79 -13.28 100.95
CA LEU L 1980 -42.60 -13.38 99.75
C LEU L 1980 -43.77 -14.34 99.94
N MET L 1981 -43.61 -15.34 100.79
CA MET L 1981 -44.67 -16.30 101.06
C MET L 1981 -45.81 -15.71 101.87
N ARG L 1982 -45.58 -14.60 102.57
CA ARG L 1982 -46.59 -13.96 103.39
C ARG L 1982 -47.07 -12.64 102.80
N ALA L 1983 -46.55 -12.25 101.63
CA ALA L 1983 -46.90 -10.99 101.00
C ALA L 1983 -48.08 -11.23 100.04
N PHE L 1984 -49.18 -10.53 100.29
CA PHE L 1984 -50.37 -10.64 99.46
C PHE L 1984 -50.77 -9.28 98.90
N THR L 1985 -49.90 -8.28 99.02
CA THR L 1985 -50.21 -6.92 98.63
C THR L 1985 -50.17 -6.71 97.12
N MET L 1986 -49.67 -7.68 96.36
CA MET L 1986 -49.60 -7.55 94.91
C MET L 1986 -49.77 -8.93 94.29
N SER L 1987 -50.23 -8.94 93.05
CA SER L 1987 -50.38 -10.18 92.29
C SER L 1987 -49.68 -10.15 90.94
N ALA L 1988 -49.80 -9.03 90.20
CA ALA L 1988 -49.12 -8.94 88.92
C ALA L 1988 -47.63 -8.71 89.09
N ALA L 1989 -47.24 -8.00 90.13
CA ALA L 1989 -45.83 -7.83 90.47
C ALA L 1989 -45.30 -8.95 91.35
N GLU L 1990 -46.18 -9.78 91.92
CA GLU L 1990 -45.74 -10.89 92.75
C GLU L 1990 -45.07 -11.97 91.92
N THR L 1991 -45.60 -12.24 90.73
CA THR L 1991 -45.00 -13.25 89.86
C THR L 1991 -43.70 -12.79 89.24
N ALA L 1992 -43.48 -11.48 89.12
CA ALA L 1992 -42.17 -10.98 88.75
C ALA L 1992 -41.15 -11.19 89.86
N ARG L 1993 -41.61 -11.30 91.10
CA ARG L 1993 -40.75 -11.75 92.19
C ARG L 1993 -40.75 -13.26 92.33
N ARG L 1994 -41.66 -13.95 91.66
CA ARG L 1994 -41.76 -15.40 91.74
C ARG L 1994 -41.15 -16.10 90.54
N THR L 1995 -40.67 -15.35 89.55
CA THR L 1995 -39.97 -15.99 88.43
C THR L 1995 -38.62 -16.53 88.86
N ARG L 1996 -38.05 -15.96 89.92
CA ARG L 1996 -36.72 -16.34 90.35
C ARG L 1996 -36.77 -17.48 91.36
N GLU L 1997 -37.84 -17.55 92.15
CA GLU L 1997 -37.83 -18.39 93.34
C GLU L 1997 -37.93 -19.87 93.01
N PHE L 1998 -38.95 -20.25 92.25
CA PHE L 1998 -39.12 -21.63 91.85
C PHE L 1998 -39.37 -21.80 90.37
N ARG L 1999 -39.44 -20.71 89.61
CA ARG L 1999 -39.70 -20.82 88.18
C ARG L 1999 -38.41 -20.87 87.37
N SER L 2000 -37.35 -20.29 87.89
CA SER L 2000 -36.08 -20.32 87.16
C SER L 2000 -35.23 -21.49 87.64
N PRO L 2001 -34.33 -22.01 86.80
CA PRO L 2001 -33.40 -23.02 87.27
C PRO L 2001 -32.38 -22.41 88.24
N PRO L 2002 -31.79 -23.23 89.12
CA PRO L 2002 -30.84 -22.66 90.11
C PRO L 2002 -29.58 -22.12 89.50
N GLN L 2003 -29.21 -22.59 88.30
CA GLN L 2003 -28.12 -21.95 87.57
C GLN L 2003 -28.49 -20.52 87.18
N GLU L 2004 -29.73 -20.32 86.74
CA GLU L 2004 -30.16 -18.97 86.37
C GLU L 2004 -30.39 -18.08 87.58
N GLN L 2005 -30.54 -18.66 88.77
CA GLN L 2005 -30.70 -17.85 89.97
C GLN L 2005 -29.42 -17.11 90.31
N ILE L 2006 -28.29 -17.82 90.33
CA ILE L 2006 -27.02 -17.23 90.72
C ILE L 2006 -26.54 -16.24 89.67
N ASN L 2007 -26.85 -16.49 88.40
CA ASN L 2007 -26.57 -15.52 87.36
C ASN L 2007 -27.38 -14.25 87.55
N MET L 2008 -28.63 -14.38 87.97
CA MET L 2008 -29.45 -13.21 88.26
C MET L 2008 -29.07 -12.56 89.58
N LEU L 2009 -28.66 -13.35 90.56
CA LEU L 2009 -28.32 -12.79 91.87
C LEU L 2009 -27.05 -11.97 91.85
N LEU L 2010 -26.12 -12.24 90.94
CA LEU L 2010 -24.79 -11.67 90.98
C LEU L 2010 -24.61 -10.56 89.95
N HIS L 2011 -25.61 -9.71 89.79
CA HIS L 2011 -25.60 -8.74 88.71
C HIS L 2011 -25.20 -7.34 89.16
N PHE L 2012 -24.87 -7.16 90.43
CA PHE L 2012 -24.77 -5.81 90.99
C PHE L 2012 -23.38 -5.21 90.81
N LYS L 2013 -22.87 -5.24 89.58
CA LYS L 2013 -21.73 -4.43 89.21
C LYS L 2013 -22.19 -3.40 88.21
N ASP L 2014 -21.95 -2.12 88.54
CA ASP L 2014 -22.36 -0.94 87.77
C ASP L 2014 -23.86 -0.92 87.45
N ASP L 2020 -31.57 -4.33 89.49
CA ASP L 2020 -32.60 -5.36 89.48
C ASP L 2020 -32.17 -6.57 90.29
N CYS L 2021 -31.54 -6.32 91.42
CA CYS L 2021 -30.99 -7.39 92.26
C CYS L 2021 -31.74 -7.47 93.57
N PRO L 2022 -32.22 -8.65 93.98
CA PRO L 2022 -32.97 -8.78 95.24
C PRO L 2022 -32.09 -8.83 96.48
N LEU L 2023 -30.83 -8.48 96.38
CA LEU L 2023 -29.97 -8.65 97.54
C LEU L 2023 -29.81 -7.31 98.28
N PRO L 2024 -29.70 -7.35 99.60
CA PRO L 2024 -29.48 -6.12 100.37
C PRO L 2024 -28.09 -5.56 100.13
N GLU L 2025 -27.93 -4.29 100.50
CA GLU L 2025 -26.66 -3.60 100.30
C GLU L 2025 -25.57 -4.07 101.26
N ASP L 2026 -25.93 -4.77 102.33
CA ASP L 2026 -24.93 -5.26 103.28
C ASP L 2026 -24.09 -6.38 102.71
N ILE L 2027 -24.70 -7.38 102.10
CA ILE L 2027 -23.98 -8.54 101.59
C ILE L 2027 -23.75 -8.41 100.09
N ARG L 2028 -24.06 -7.26 99.50
CA ARG L 2028 -23.64 -6.99 98.13
C ARG L 2028 -22.39 -6.14 98.05
N GLN L 2029 -21.97 -5.54 99.16
CA GLN L 2029 -20.78 -4.71 99.16
C GLN L 2029 -19.52 -5.49 99.51
N ASP L 2030 -19.62 -6.49 100.40
CA ASP L 2030 -18.45 -7.23 100.84
C ASP L 2030 -17.86 -8.07 99.72
N LEU L 2031 -18.69 -8.47 98.75
CA LEU L 2031 -18.17 -9.09 97.54
C LEU L 2031 -17.29 -8.13 96.76
N GLN L 2032 -17.76 -6.89 96.58
CA GLN L 2032 -16.93 -5.87 95.96
C GLN L 2032 -15.74 -5.51 96.83
N ASP L 2033 -15.89 -5.57 98.16
CA ASP L 2033 -14.75 -5.44 99.03
C ASP L 2033 -13.78 -6.61 98.87
N PHE L 2034 -14.32 -7.81 98.69
CA PHE L 2034 -13.48 -8.96 98.36
C PHE L 2034 -12.85 -8.82 96.99
N HIS L 2035 -13.59 -8.26 96.04
CA HIS L 2035 -13.10 -8.17 94.67
C HIS L 2035 -11.95 -7.18 94.57
N GLN L 2036 -11.96 -6.14 95.40
CA GLN L 2036 -10.81 -5.27 95.46
C GLN L 2036 -9.65 -5.89 96.21
N ASP L 2037 -9.91 -6.90 97.04
CA ASP L 2037 -8.81 -7.58 97.73
C ASP L 2037 -8.08 -8.53 96.78
N LEU L 2038 -8.69 -8.86 95.66
CA LEU L 2038 -8.09 -9.87 94.79
C LEU L 2038 -7.29 -9.22 93.66
N LEU L 2039 -7.77 -8.11 93.11
CA LEU L 2039 -7.02 -7.45 92.05
C LEU L 2039 -5.74 -6.84 92.58
N ALA L 2040 -5.79 -6.28 93.79
CA ALA L 2040 -4.57 -5.83 94.44
C ALA L 2040 -3.66 -6.98 94.81
N HIS L 2041 -4.22 -8.16 95.10
CA HIS L 2041 -3.39 -9.34 95.28
C HIS L 2041 -2.72 -9.74 93.98
N CYS L 2042 -3.36 -9.48 92.85
CA CYS L 2042 -2.74 -9.66 91.56
C CYS L 2042 -1.95 -8.40 91.21
N GLY L 2043 -1.41 -8.36 89.99
CA GLY L 2043 -0.53 -7.29 89.59
C GLY L 2043 -1.19 -5.95 89.34
N ILE L 2044 -2.51 -5.91 89.24
CA ILE L 2044 -3.22 -4.65 89.01
C ILE L 2044 -3.16 -3.83 90.30
N GLN L 2045 -2.64 -2.61 90.19
CA GLN L 2045 -2.55 -1.75 91.36
C GLN L 2045 -3.92 -1.28 91.83
N LEU L 2046 -4.85 -1.10 90.86
CA LEU L 2046 -6.29 -0.88 91.12
C LEU L 2046 -6.54 0.39 91.93
N GLU L 2047 -6.09 1.52 91.41
CA GLU L 2047 -6.30 2.80 92.06
C GLU L 2047 -7.76 3.24 91.98
N PRO L 2091 12.62 -3.87 95.17
CA PRO L 2091 11.44 -4.63 94.74
C PRO L 2091 10.87 -5.48 95.87
N GLN L 2092 9.74 -5.05 96.41
CA GLN L 2092 9.14 -5.75 97.55
C GLN L 2092 8.07 -6.74 97.10
N SER L 2093 8.02 -7.08 95.82
CA SER L 2093 7.00 -8.00 95.32
C SER L 2093 7.67 -9.06 94.46
N LEU L 2094 7.04 -10.22 94.38
CA LEU L 2094 7.59 -11.31 93.60
C LEU L 2094 7.52 -11.02 92.11
N GLN L 2095 6.39 -10.51 91.63
CA GLN L 2095 6.29 -10.17 90.21
C GLN L 2095 7.11 -8.95 89.88
N GLU L 2096 7.32 -8.06 90.85
CA GLU L 2096 8.29 -7.00 90.68
C GLU L 2096 9.70 -7.55 90.56
N LEU L 2097 10.02 -8.64 91.26
CA LEU L 2097 11.35 -9.23 91.19
C LEU L 2097 11.58 -9.92 89.86
N VAL L 2098 10.61 -10.70 89.41
CA VAL L 2098 10.79 -11.51 88.21
C VAL L 2098 10.88 -10.63 86.98
N SER L 2099 9.99 -9.62 86.90
CA SER L 2099 9.96 -8.74 85.73
C SER L 2099 11.23 -7.90 85.63
N HIS L 2100 11.84 -7.59 86.75
CA HIS L 2100 13.18 -7.02 86.72
C HIS L 2100 14.20 -8.04 86.26
N MET L 2101 14.15 -9.25 86.82
CA MET L 2101 15.22 -10.21 86.64
C MET L 2101 15.23 -10.79 85.24
N VAL L 2102 14.06 -11.03 84.67
CA VAL L 2102 14.01 -11.71 83.38
C VAL L 2102 14.44 -10.76 82.27
N VAL L 2103 14.00 -9.50 82.35
CA VAL L 2103 14.38 -8.50 81.36
C VAL L 2103 15.87 -8.22 81.42
N ARG L 2104 16.43 -8.15 82.63
CA ARG L 2104 17.86 -7.90 82.80
C ARG L 2104 18.69 -9.05 82.26
N TRP L 2105 18.15 -10.27 82.26
CA TRP L 2105 18.84 -11.39 81.65
C TRP L 2105 18.94 -11.23 80.16
N ALA L 2106 17.97 -10.56 79.53
CA ALA L 2106 18.09 -10.31 78.12
C ALA L 2106 19.12 -9.24 77.83
N GLN L 2107 19.31 -8.30 78.75
CA GLN L 2107 20.32 -7.29 78.56
C GLN L 2107 21.72 -7.79 78.83
N GLU L 2108 21.86 -8.96 79.45
CA GLU L 2108 23.18 -9.50 79.73
C GLU L 2108 23.88 -9.92 78.46
N ASP L 2109 23.24 -10.76 77.66
CA ASP L 2109 23.87 -11.26 76.44
C ASP L 2109 22.80 -11.66 75.45
N TYR L 2110 23.26 -12.11 74.29
CA TYR L 2110 22.35 -12.63 73.28
C TYR L 2110 22.21 -14.13 73.46
N VAL L 2111 21.10 -14.57 74.05
CA VAL L 2111 20.94 -15.96 74.43
C VAL L 2111 20.68 -16.80 73.20
N GLN L 2112 21.39 -17.92 73.07
CA GLN L 2112 21.30 -18.76 71.88
C GLN L 2112 20.49 -20.02 72.12
N SER L 2113 20.41 -20.52 73.34
CA SER L 2113 19.72 -21.77 73.61
C SER L 2113 18.22 -21.54 73.52
N PRO L 2114 17.53 -22.13 72.55
CA PRO L 2114 16.12 -21.81 72.35
C PRO L 2114 15.22 -22.32 73.45
N GLU L 2115 15.69 -23.25 74.28
CA GLU L 2115 14.88 -23.71 75.38
C GLU L 2115 14.75 -22.63 76.44
N LEU L 2116 15.85 -21.93 76.76
CA LEU L 2116 15.83 -20.93 77.81
C LEU L 2116 14.98 -19.73 77.41
N VAL L 2117 15.02 -19.35 76.13
CA VAL L 2117 14.27 -18.18 75.69
C VAL L 2117 12.78 -18.46 75.71
N ARG L 2118 12.39 -19.74 75.65
CA ARG L 2118 10.98 -20.04 75.81
C ARG L 2118 10.58 -20.04 77.27
N ALA L 2119 11.45 -20.56 78.13
CA ALA L 2119 11.13 -20.61 79.54
C ALA L 2119 11.23 -19.25 80.20
N MET L 2120 11.96 -18.31 79.59
CA MET L 2120 11.97 -16.96 80.12
C MET L 2120 10.64 -16.26 79.86
N PHE L 2121 10.26 -16.17 78.58
CA PHE L 2121 9.13 -15.35 78.19
C PHE L 2121 7.80 -15.93 78.65
N SER L 2122 7.73 -17.25 78.80
CA SER L 2122 6.54 -17.84 79.36
C SER L 2122 6.41 -17.52 80.84
N LEU L 2123 7.53 -17.32 81.52
CA LEU L 2123 7.45 -16.88 82.90
C LEU L 2123 7.04 -15.42 82.98
N LEU L 2124 7.53 -14.60 82.04
CA LEU L 2124 7.31 -13.16 82.13
C LEU L 2124 5.87 -12.79 81.83
N HIS L 2125 5.28 -13.42 80.81
CA HIS L 2125 3.88 -13.19 80.48
C HIS L 2125 2.96 -13.68 81.59
N ARG L 2126 3.40 -14.66 82.38
CA ARG L 2126 2.60 -15.17 83.48
C ARG L 2126 2.42 -14.15 84.59
N GLN L 2127 3.31 -13.17 84.71
CA GLN L 2127 3.18 -12.23 85.81
C GLN L 2127 2.36 -11.01 85.41
N TYR L 2128 2.48 -10.58 84.16
CA TYR L 2128 1.84 -9.34 83.77
C TYR L 2128 0.34 -9.53 83.55
N ASP L 2129 -0.05 -10.62 82.92
CA ASP L 2129 -1.46 -10.97 82.79
C ASP L 2129 -1.80 -11.96 83.92
N GLY L 2130 -1.58 -11.50 85.14
CA GLY L 2130 -1.83 -12.31 86.32
C GLY L 2130 -3.30 -12.57 86.53
N LEU L 2131 -4.13 -11.68 86.01
CA LEU L 2131 -5.57 -11.93 85.97
C LEU L 2131 -5.91 -13.09 85.06
N GLY L 2132 -5.41 -13.07 83.83
CA GLY L 2132 -5.68 -14.16 82.90
C GLY L 2132 -5.03 -15.46 83.30
N GLU L 2133 -3.93 -15.39 84.04
CA GLU L 2133 -3.34 -16.60 84.59
C GLU L 2133 -4.26 -17.24 85.62
N LEU L 2134 -4.98 -16.42 86.38
CA LEU L 2134 -5.97 -16.96 87.31
C LEU L 2134 -7.17 -17.52 86.56
N LEU L 2135 -7.51 -16.90 85.44
CA LEU L 2135 -8.71 -17.28 84.71
C LEU L 2135 -8.57 -18.65 84.08
N ARG L 2136 -7.45 -18.91 83.39
CA ARG L 2136 -7.30 -20.14 82.63
C ARG L 2136 -7.20 -21.37 83.50
N ALA L 2137 -6.86 -21.22 84.78
CA ALA L 2137 -6.87 -22.36 85.68
C ALA L 2137 -8.25 -22.67 86.21
N LEU L 2138 -9.10 -21.66 86.35
CA LEU L 2138 -10.41 -21.77 86.97
C LEU L 2138 -11.40 -22.78 86.38
N PRO L 2139 -11.36 -23.13 85.08
CA PRO L 2139 -12.13 -24.31 84.66
C PRO L 2139 -11.68 -25.61 85.29
N ARG L 2140 -10.44 -25.71 85.73
CA ARG L 2140 -9.99 -26.91 86.44
C ARG L 2140 -10.19 -26.78 87.94
N ALA L 2141 -11.06 -25.88 88.38
CA ALA L 2141 -11.35 -25.71 89.79
C ALA L 2141 -12.67 -26.41 90.08
N TYR L 2142 -12.67 -27.28 91.08
CA TYR L 2142 -13.88 -27.98 91.50
C TYR L 2142 -13.91 -28.10 93.00
N THR L 2143 -15.11 -28.26 93.54
CA THR L 2143 -15.31 -28.19 94.99
C THR L 2143 -16.17 -29.36 95.42
N ILE L 2144 -15.67 -30.16 96.36
CA ILE L 2144 -16.37 -31.37 96.78
C ILE L 2144 -16.71 -31.27 98.27
N SER L 2145 -17.46 -32.27 98.72
CA SER L 2145 -17.90 -32.43 100.10
C SER L 2145 -16.82 -33.15 100.92
N PRO L 2146 -16.65 -32.77 102.19
CA PRO L 2146 -15.62 -33.40 103.02
C PRO L 2146 -15.93 -34.83 103.40
N SER L 2147 -17.15 -35.30 103.20
CA SER L 2147 -17.45 -36.71 103.42
C SER L 2147 -17.11 -37.57 102.23
N SER L 2148 -16.70 -36.97 101.11
CA SER L 2148 -16.39 -37.73 99.90
C SER L 2148 -14.90 -37.86 99.67
N VAL L 2149 -14.07 -37.28 100.52
CA VAL L 2149 -12.62 -37.27 100.32
C VAL L 2149 -12.04 -38.67 100.49
N GLU L 2150 -12.61 -39.47 101.40
CA GLU L 2150 -12.08 -40.80 101.67
C GLU L 2150 -12.27 -41.76 100.49
N ASP L 2151 -13.17 -41.44 99.56
CA ASP L 2151 -13.27 -42.18 98.32
C ASP L 2151 -12.65 -41.45 97.13
N THR L 2152 -12.48 -40.14 97.22
CA THR L 2152 -11.98 -39.37 96.08
C THR L 2152 -10.49 -39.61 95.86
N MET L 2153 -9.71 -39.64 96.95
CA MET L 2153 -8.29 -39.93 96.79
C MET L 2153 -8.06 -41.39 96.45
N SER L 2154 -9.00 -42.27 96.79
CA SER L 2154 -8.94 -43.63 96.29
C SER L 2154 -9.24 -43.69 94.80
N LEU L 2155 -10.01 -42.73 94.30
CA LEU L 2155 -10.23 -42.64 92.86
C LEU L 2155 -8.98 -42.16 92.14
N LEU L 2156 -8.36 -41.10 92.65
CA LEU L 2156 -7.26 -40.44 91.96
C LEU L 2156 -6.03 -41.32 91.81
N GLU L 2157 -5.76 -42.19 92.77
CA GLU L 2157 -4.68 -43.15 92.60
C GLU L 2157 -5.01 -44.14 91.49
N CYS L 2158 -6.28 -44.52 91.38
CA CYS L 2158 -6.68 -45.37 90.27
C CYS L 2158 -6.79 -44.60 88.97
N LEU L 2159 -6.76 -43.27 89.03
CA LEU L 2159 -6.62 -42.49 87.82
C LEU L 2159 -5.18 -42.46 87.35
N GLY L 2160 -4.24 -42.33 88.29
CA GLY L 2160 -2.84 -42.12 87.96
C GLY L 2160 -2.18 -43.26 87.24
N GLN L 2161 -2.66 -44.49 87.45
CA GLN L 2161 -2.08 -45.64 86.77
C GLN L 2161 -2.35 -45.59 85.28
N ILE L 2162 -3.43 -44.92 84.89
CA ILE L 2162 -3.74 -44.82 83.47
C ILE L 2162 -2.78 -43.86 82.79
N ARG L 2163 -2.52 -42.73 83.42
CA ARG L 2163 -1.62 -41.74 82.84
C ARG L 2163 -0.19 -42.21 82.83
N SER L 2164 0.17 -43.07 83.77
CA SER L 2164 1.45 -43.77 83.68
C SER L 2164 1.48 -44.74 82.51
N LEU L 2165 0.33 -45.31 82.15
CA LEU L 2165 0.27 -46.16 80.98
C LEU L 2165 0.03 -45.40 79.70
N LEU L 2166 -0.05 -44.08 79.76
CA LEU L 2166 -0.12 -43.31 78.53
C LEU L 2166 1.20 -43.34 77.77
N ILE L 2167 2.32 -43.36 78.51
CA ILE L 2167 3.64 -43.13 77.92
C ILE L 2167 4.42 -44.40 77.65
N VAL L 2168 3.89 -45.56 77.99
CA VAL L 2168 4.59 -46.81 77.75
C VAL L 2168 3.83 -47.57 76.66
N GLN L 2169 4.59 -48.13 75.72
CA GLN L 2169 4.01 -48.95 74.68
C GLN L 2169 3.40 -50.20 75.29
N MET L 2170 2.17 -50.51 74.88
CA MET L 2170 1.34 -51.45 75.61
C MET L 2170 1.76 -52.88 75.35
N GLY L 2171 1.97 -53.63 76.44
CA GLY L 2171 2.26 -55.03 76.36
C GLY L 2171 1.20 -55.84 77.07
N PRO L 2172 1.36 -57.17 77.09
CA PRO L 2172 0.28 -58.03 77.60
C PRO L 2172 0.10 -58.00 79.10
N GLN L 2173 1.00 -57.39 79.86
CA GLN L 2173 0.80 -57.32 81.30
C GLN L 2173 0.01 -56.10 81.73
N GLU L 2174 0.43 -54.91 81.31
CA GLU L 2174 -0.20 -53.67 81.71
C GLU L 2174 -1.61 -53.52 81.17
N GLU L 2175 -1.95 -54.27 80.12
CA GLU L 2175 -3.33 -54.45 79.74
C GLU L 2175 -4.17 -54.91 80.91
N ASN L 2176 -3.70 -55.92 81.64
CA ASN L 2176 -4.40 -56.39 82.83
C ASN L 2176 -4.32 -55.37 83.96
N LEU L 2177 -3.34 -54.46 83.91
CA LEU L 2177 -3.37 -53.34 84.82
C LEU L 2177 -4.41 -52.32 84.40
N MET L 2178 -4.61 -52.13 83.10
CA MET L 2178 -5.56 -51.12 82.66
C MET L 2178 -7.00 -51.56 82.90
N ILE L 2179 -7.30 -52.82 82.61
CA ILE L 2179 -8.66 -53.33 82.80
C ILE L 2179 -9.02 -53.34 84.27
N GLN L 2180 -8.10 -53.79 85.11
CA GLN L 2180 -8.33 -53.78 86.55
C GLN L 2180 -8.40 -52.37 87.10
N SER L 2181 -7.72 -51.42 86.45
CA SER L 2181 -7.90 -50.02 86.83
C SER L 2181 -9.30 -49.55 86.47
N ILE L 2182 -9.69 -49.69 85.20
CA ILE L 2182 -10.97 -49.19 84.70
C ILE L 2182 -12.13 -49.87 85.41
N GLY L 2183 -12.03 -51.18 85.63
CA GLY L 2183 -13.01 -51.89 86.43
C GLY L 2183 -13.07 -51.47 87.87
N ASN L 2184 -12.07 -50.74 88.36
CA ASN L 2184 -12.15 -50.16 89.68
C ASN L 2184 -12.58 -48.71 89.67
N ILE L 2185 -12.62 -48.07 88.49
CA ILE L 2185 -13.18 -46.73 88.42
C ILE L 2185 -14.69 -46.75 88.42
N MET L 2186 -15.30 -47.62 87.61
CA MET L 2186 -16.72 -47.55 87.34
C MET L 2186 -17.59 -48.09 88.46
N ASN L 2187 -17.02 -48.45 89.59
CA ASN L 2187 -17.79 -48.77 90.78
C ASN L 2187 -17.19 -48.06 91.97
N ASN L 2188 -16.92 -46.76 91.80
CA ASN L 2188 -16.31 -45.95 92.83
C ASN L 2188 -17.20 -44.80 93.28
N LYS L 2189 -18.39 -44.67 92.71
CA LYS L 2189 -19.55 -43.91 93.19
C LYS L 2189 -19.41 -42.40 93.08
N VAL L 2190 -18.21 -41.87 92.83
CA VAL L 2190 -18.07 -40.43 92.72
C VAL L 2190 -17.97 -40.02 91.27
N PHE L 2191 -17.56 -40.96 90.42
CA PHE L 2191 -17.57 -40.81 88.97
C PHE L 2191 -18.96 -40.45 88.44
N TYR L 2192 -20.02 -40.90 89.11
CA TYR L 2192 -21.37 -40.52 88.73
C TYR L 2192 -21.83 -39.20 89.32
N GLN L 2193 -21.66 -38.98 90.61
CA GLN L 2193 -22.34 -37.86 91.24
C GLN L 2193 -21.64 -36.52 91.00
N HIS L 2194 -20.53 -36.49 90.27
CA HIS L 2194 -19.91 -35.23 89.86
C HIS L 2194 -19.42 -35.38 88.42
N PRO L 2195 -20.31 -35.35 87.44
CA PRO L 2195 -19.88 -35.56 86.05
C PRO L 2195 -19.15 -34.37 85.48
N ASN L 2196 -19.29 -33.19 86.09
CA ASN L 2196 -18.44 -32.07 85.70
C ASN L 2196 -16.99 -32.30 86.06
N LEU L 2197 -16.73 -32.89 87.24
CA LEU L 2197 -15.38 -33.12 87.72
C LEU L 2197 -14.64 -34.17 86.91
N MET L 2198 -15.30 -35.27 86.55
CA MET L 2198 -14.67 -36.27 85.71
C MET L 2198 -14.36 -35.72 84.33
N ARG L 2199 -15.21 -34.83 83.84
CA ARG L 2199 -14.90 -34.12 82.62
C ARG L 2199 -13.79 -33.11 82.84
N ALA L 2200 -13.74 -32.50 84.02
CA ALA L 2200 -12.73 -31.50 84.32
C ALA L 2200 -11.34 -32.10 84.43
N LEU L 2201 -11.22 -33.34 84.88
CA LEU L 2201 -9.90 -33.95 85.01
C LEU L 2201 -9.38 -34.50 83.69
N GLY L 2202 -10.14 -34.39 82.61
CA GLY L 2202 -9.70 -34.92 81.34
C GLY L 2202 -9.68 -36.44 81.32
N MET L 2203 -10.47 -37.07 82.18
CA MET L 2203 -10.54 -38.53 82.20
C MET L 2203 -11.10 -39.07 80.90
N HIS L 2204 -12.11 -38.39 80.35
CA HIS L 2204 -12.68 -38.82 79.09
C HIS L 2204 -11.71 -38.62 77.94
N GLU L 2205 -10.79 -37.68 78.05
CA GLU L 2205 -9.77 -37.57 77.04
C GLU L 2205 -8.75 -38.68 77.15
N THR L 2206 -8.34 -39.02 78.37
CA THR L 2206 -7.26 -39.98 78.60
C THR L 2206 -7.58 -41.37 78.09
N VAL L 2207 -8.83 -41.82 78.25
CA VAL L 2207 -9.17 -43.17 77.83
C VAL L 2207 -9.27 -43.23 76.31
N MET L 2208 -9.42 -42.09 75.64
CA MET L 2208 -9.44 -42.11 74.19
C MET L 2208 -8.07 -42.41 73.60
N GLU L 2209 -7.01 -41.79 74.12
CA GLU L 2209 -5.70 -41.96 73.50
C GLU L 2209 -5.12 -43.34 73.71
N VAL L 2210 -5.49 -44.04 74.78
CA VAL L 2210 -5.05 -45.42 74.88
C VAL L 2210 -5.83 -46.32 73.94
N MET L 2211 -6.98 -45.88 73.46
CA MET L 2211 -7.60 -46.57 72.33
C MET L 2211 -7.01 -46.13 71.00
N VAL L 2212 -6.38 -44.96 70.96
CA VAL L 2212 -5.73 -44.54 69.72
C VAL L 2212 -4.51 -45.39 69.43
N ASN L 2213 -3.69 -45.60 70.46
CA ASN L 2213 -2.39 -46.23 70.27
C ASN L 2213 -2.51 -47.69 69.91
N VAL L 2214 -3.60 -48.35 70.32
CA VAL L 2214 -3.75 -49.76 70.05
C VAL L 2214 -4.26 -50.01 68.66
N LEU L 2215 -5.21 -49.20 68.18
CA LEU L 2215 -5.69 -49.38 66.82
C LEU L 2215 -4.67 -48.94 65.78
N GLY L 2216 -3.74 -48.08 66.15
CA GLY L 2216 -2.73 -47.61 65.21
C GLY L 2216 -3.29 -46.63 64.21
N GLU L 2222 -4.43 -55.27 61.92
CA GLU L 2222 -4.83 -56.36 62.81
C GLU L 2222 -4.81 -55.91 64.26
N ILE L 2223 -5.80 -56.37 65.02
CA ILE L 2223 -5.96 -55.97 66.42
C ILE L 2223 -4.98 -56.76 67.27
N ARG L 2224 -4.13 -56.04 68.01
CA ARG L 2224 -3.19 -56.69 68.91
C ARG L 2224 -3.85 -57.16 70.19
N PHE L 2225 -4.66 -56.32 70.84
CA PHE L 2225 -5.18 -56.60 72.17
C PHE L 2225 -6.67 -56.30 72.20
N PRO L 2226 -7.51 -57.22 71.76
CA PRO L 2226 -8.94 -56.94 71.66
C PRO L 2226 -9.66 -56.90 72.99
N LYS L 2227 -9.15 -57.62 73.99
CA LYS L 2227 -9.81 -57.63 75.29
C LYS L 2227 -9.66 -56.31 76.00
N MET L 2228 -8.65 -55.52 75.62
CA MET L 2228 -8.53 -54.17 76.14
C MET L 2228 -9.56 -53.25 75.51
N VAL L 2229 -9.64 -53.27 74.18
CA VAL L 2229 -10.35 -52.23 73.44
C VAL L 2229 -11.86 -52.32 73.66
N THR L 2230 -12.36 -53.48 74.08
CA THR L 2230 -13.77 -53.56 74.44
C THR L 2230 -14.04 -52.83 75.74
N SER L 2231 -13.22 -53.07 76.77
CA SER L 2231 -13.51 -52.49 78.07
C SER L 2231 -13.27 -50.99 78.09
N CYS L 2232 -12.46 -50.48 77.16
CA CYS L 2232 -12.36 -49.03 77.06
C CYS L 2232 -13.60 -48.44 76.40
N CYS L 2233 -14.04 -49.01 75.28
CA CYS L 2233 -15.22 -48.45 74.64
C CYS L 2233 -16.48 -48.77 75.42
N ARG L 2234 -16.45 -49.82 76.26
CA ARG L 2234 -17.55 -50.03 77.19
C ARG L 2234 -17.59 -48.94 78.25
N PHE L 2235 -16.43 -48.43 78.64
CA PHE L 2235 -16.40 -47.37 79.63
C PHE L 2235 -16.96 -46.07 79.06
N LEU L 2236 -16.64 -45.77 77.80
CA LEU L 2236 -17.15 -44.55 77.20
C LEU L 2236 -18.65 -44.60 76.97
N CYS L 2237 -19.18 -45.76 76.59
CA CYS L 2237 -20.62 -45.89 76.42
C CYS L 2237 -21.34 -45.73 77.74
N TYR L 2238 -20.77 -46.26 78.82
CA TYR L 2238 -21.34 -46.00 80.14
C TYR L 2238 -21.03 -44.60 80.63
N PHE L 2239 -20.10 -43.90 79.99
CA PHE L 2239 -19.84 -42.52 80.37
C PHE L 2239 -20.81 -41.57 79.70
N CYS L 2240 -21.21 -41.86 78.46
CA CYS L 2240 -21.97 -40.92 77.66
C CYS L 2240 -23.38 -40.68 78.17
N ARG L 2241 -23.90 -41.53 79.04
CA ARG L 2241 -25.25 -41.37 79.57
C ARG L 2241 -25.24 -40.90 81.01
N ILE L 2242 -24.11 -40.41 81.52
CA ILE L 2242 -24.12 -39.90 82.87
C ILE L 2242 -24.70 -38.50 82.91
N SER L 2243 -24.21 -37.62 82.04
CA SER L 2243 -24.85 -36.33 81.85
C SER L 2243 -24.87 -36.05 80.37
N ARG L 2244 -25.74 -35.12 79.98
CA ARG L 2244 -25.89 -34.80 78.57
C ARG L 2244 -24.70 -34.03 78.03
N GLN L 2245 -24.12 -33.14 78.84
CA GLN L 2245 -22.96 -32.37 78.40
C GLN L 2245 -21.71 -33.23 78.29
N ASN L 2246 -21.65 -34.35 78.99
CA ASN L 2246 -20.55 -35.28 78.76
C ASN L 2246 -20.69 -35.94 77.41
N GLN L 2247 -21.91 -36.28 77.02
CA GLN L 2247 -22.17 -36.73 75.66
C GLN L 2247 -21.86 -35.66 74.64
N ARG L 2248 -22.07 -34.39 74.99
CA ARG L 2248 -21.69 -33.29 74.11
C ARG L 2248 -20.20 -33.26 73.87
N SER L 2249 -19.40 -33.51 74.90
CA SER L 2249 -17.95 -33.54 74.73
C SER L 2249 -17.50 -34.72 73.91
N MET L 2250 -18.02 -35.91 74.20
CA MET L 2250 -17.63 -37.12 73.48
C MET L 2250 -18.05 -37.09 72.02
N PHE L 2251 -19.08 -36.31 71.70
CA PHE L 2251 -19.52 -36.11 70.33
C PHE L 2251 -18.44 -35.48 69.46
N ASP L 2252 -17.56 -34.67 70.04
CA ASP L 2252 -16.64 -33.87 69.26
C ASP L 2252 -15.54 -34.69 68.59
N HIS L 2253 -15.29 -35.90 69.06
CA HIS L 2253 -14.30 -36.76 68.44
C HIS L 2253 -14.91 -37.73 67.45
N LEU L 2254 -15.99 -37.32 66.79
CA LEU L 2254 -16.76 -38.24 65.96
C LEU L 2254 -16.00 -38.70 64.73
N SER L 2255 -15.38 -37.78 63.99
CA SER L 2255 -14.73 -38.12 62.74
C SER L 2255 -13.56 -39.05 62.94
N TYR L 2256 -12.84 -38.91 64.06
CA TYR L 2256 -11.84 -39.90 64.39
C TYR L 2256 -12.44 -41.25 64.74
N LEU L 2257 -13.47 -41.24 65.60
CA LEU L 2257 -14.20 -42.46 65.93
C LEU L 2257 -14.81 -43.11 64.71
N LEU L 2258 -15.22 -42.30 63.73
CA LEU L 2258 -15.75 -42.82 62.50
C LEU L 2258 -14.70 -43.44 61.60
N GLU L 2259 -13.44 -42.98 61.69
CA GLU L 2259 -12.41 -43.47 60.80
C GLU L 2259 -11.98 -44.90 61.14
N ASN L 2260 -12.34 -45.37 62.33
CA ASN L 2260 -11.97 -46.70 62.77
C ASN L 2260 -13.19 -47.57 63.08
N SER L 2261 -14.15 -47.62 62.17
CA SER L 2261 -15.29 -48.52 62.34
C SER L 2261 -14.88 -49.97 62.25
N GLY L 2262 -13.82 -50.28 61.50
CA GLY L 2262 -13.36 -51.65 61.38
C GLY L 2262 -12.67 -52.17 62.62
N MET L 2267 -16.34 -57.75 64.44
CA MET L 2267 -15.83 -58.55 65.54
C MET L 2267 -16.81 -58.56 66.71
N GLN L 2268 -16.72 -59.60 67.55
CA GLN L 2268 -17.66 -59.78 68.64
C GLN L 2268 -17.39 -58.80 69.78
N GLY L 2269 -18.29 -58.77 70.75
CA GLY L 2269 -18.19 -57.82 71.84
C GLY L 2269 -18.56 -56.43 71.39
N SER L 2270 -18.17 -55.41 72.15
CA SER L 2270 -18.46 -54.03 71.77
C SER L 2270 -17.45 -53.55 70.73
N THR L 2271 -17.46 -52.24 70.49
CA THR L 2271 -16.79 -51.68 69.34
C THR L 2271 -16.60 -50.18 69.54
N PRO L 2272 -15.64 -49.56 68.84
CA PRO L 2272 -15.58 -48.10 68.82
C PRO L 2272 -16.79 -47.43 68.20
N LEU L 2273 -17.54 -48.13 67.36
CA LEU L 2273 -18.66 -47.50 66.70
C LEU L 2273 -19.84 -47.34 67.64
N ASP L 2274 -20.00 -48.25 68.61
CA ASP L 2274 -21.10 -48.10 69.56
C ASP L 2274 -20.84 -46.97 70.53
N VAL L 2275 -19.59 -46.54 70.66
CA VAL L 2275 -19.31 -45.27 71.32
C VAL L 2275 -19.92 -44.13 70.52
N ALA L 2276 -19.73 -44.15 69.20
CA ALA L 2276 -20.26 -43.09 68.35
C ALA L 2276 -21.78 -43.11 68.31
N ALA L 2277 -22.38 -44.29 68.44
CA ALA L 2277 -23.82 -44.37 68.50
C ALA L 2277 -24.36 -43.79 69.79
N ALA L 2278 -23.75 -44.10 70.93
CA ALA L 2278 -24.20 -43.54 72.19
C ALA L 2278 -23.76 -42.10 72.40
N SER L 2279 -23.10 -41.50 71.41
CA SER L 2279 -22.77 -40.09 71.49
C SER L 2279 -23.83 -39.22 70.84
N VAL L 2280 -24.80 -39.78 70.14
CA VAL L 2280 -25.78 -38.98 69.43
C VAL L 2280 -27.21 -39.37 69.77
N ILE L 2281 -27.39 -40.35 70.64
CA ILE L 2281 -28.71 -40.86 70.96
C ILE L 2281 -29.40 -39.86 71.87
N ASP L 2282 -30.74 -39.80 71.75
CA ASP L 2282 -31.62 -39.15 72.73
C ASP L 2282 -31.39 -37.64 72.83
N ASN L 2283 -30.90 -37.00 71.78
CA ASN L 2283 -30.53 -35.59 71.88
C ASN L 2283 -30.77 -34.90 70.56
N ASN L 2284 -31.70 -33.95 70.55
CA ASN L 2284 -31.97 -33.16 69.37
C ASN L 2284 -30.87 -32.17 69.03
N GLU L 2285 -30.12 -31.72 70.03
CA GLU L 2285 -29.06 -30.73 69.78
C GLU L 2285 -27.97 -31.31 68.90
N LEU L 2286 -27.43 -32.46 69.28
CA LEU L 2286 -26.39 -33.07 68.47
C LEU L 2286 -26.90 -33.56 67.13
N ALA L 2287 -28.10 -34.11 67.09
CA ALA L 2287 -28.62 -34.65 65.84
C ALA L 2287 -28.89 -33.54 64.84
N LEU L 2288 -29.27 -32.36 65.31
CA LEU L 2288 -29.39 -31.23 64.43
C LEU L 2288 -28.05 -30.69 64.00
N ALA L 2289 -27.02 -30.83 64.84
CA ALA L 2289 -25.71 -30.28 64.55
C ALA L 2289 -24.78 -31.29 63.89
N LEU L 2290 -25.29 -32.48 63.59
CA LEU L 2290 -24.49 -33.51 62.95
C LEU L 2290 -24.15 -33.09 61.53
N GLN L 2291 -22.88 -33.23 61.17
CA GLN L 2291 -22.40 -32.77 59.88
C GLN L 2291 -22.91 -33.65 58.75
N GLU L 2292 -22.73 -33.16 57.52
CA GLU L 2292 -23.02 -33.95 56.34
C GLU L 2292 -21.82 -34.78 55.92
N GLN L 2293 -20.61 -34.23 56.03
CA GLN L 2293 -19.40 -35.00 55.75
C GLN L 2293 -19.22 -36.13 56.75
N ASP L 2294 -19.72 -35.97 57.97
CA ASP L 2294 -19.74 -37.07 58.92
C ASP L 2294 -20.80 -38.10 58.60
N LEU L 2295 -21.68 -37.83 57.66
CA LEU L 2295 -22.67 -38.81 57.27
C LEU L 2295 -22.22 -39.66 56.09
N GLU L 2296 -21.55 -39.07 55.10
CA GLU L 2296 -21.14 -39.80 53.92
C GLU L 2296 -20.05 -40.82 54.19
N LYS L 2297 -19.32 -40.70 55.30
CA LYS L 2297 -18.39 -41.74 55.68
C LYS L 2297 -19.13 -42.99 56.15
N VAL L 2298 -20.31 -42.83 56.73
CA VAL L 2298 -21.04 -43.97 57.26
C VAL L 2298 -21.58 -44.82 56.13
N VAL L 2299 -22.03 -44.21 55.05
CA VAL L 2299 -22.57 -44.99 53.95
C VAL L 2299 -21.49 -45.61 53.09
N SER L 2300 -20.28 -45.05 53.11
CA SER L 2300 -19.20 -45.66 52.34
C SER L 2300 -18.71 -46.96 52.97
N TYR L 2301 -18.83 -47.09 54.29
CA TYR L 2301 -18.56 -48.39 54.88
C TYR L 2301 -19.76 -49.31 54.70
N LEU L 2302 -20.95 -48.73 54.57
CA LEU L 2302 -22.09 -49.49 54.12
C LEU L 2302 -22.00 -49.81 52.64
N ALA L 2303 -21.19 -49.06 51.89
CA ALA L 2303 -20.99 -49.38 50.49
C ALA L 2303 -20.14 -50.63 50.27
N GLY L 2304 -19.38 -51.05 51.29
CA GLY L 2304 -18.54 -52.22 51.11
C GLY L 2304 -19.23 -53.54 51.40
N CYS L 2305 -20.08 -53.56 52.42
CA CYS L 2305 -20.60 -54.81 52.98
C CYS L 2305 -21.51 -55.57 52.03
N GLY L 2306 -22.19 -54.87 51.12
CA GLY L 2306 -23.05 -55.56 50.19
C GLY L 2306 -22.34 -56.29 49.06
N LEU L 2307 -21.03 -56.09 48.94
CA LEU L 2307 -20.26 -56.65 47.84
C LEU L 2307 -19.34 -57.79 48.27
N GLN L 2308 -18.88 -57.79 49.51
CA GLN L 2308 -17.99 -58.83 50.00
C GLN L 2308 -18.60 -59.53 51.21
N SER L 2309 -17.95 -60.63 51.59
CA SER L 2309 -18.41 -61.45 52.70
C SER L 2309 -17.64 -61.08 53.96
N CYS L 2310 -17.90 -61.80 55.04
CA CYS L 2310 -17.04 -61.73 56.22
C CYS L 2310 -15.92 -62.74 56.07
N PRO L 2311 -14.66 -62.28 56.00
CA PRO L 2311 -13.54 -63.24 55.86
C PRO L 2311 -13.36 -64.13 57.07
N MET L 2312 -13.79 -63.67 58.25
CA MET L 2312 -13.77 -64.49 59.44
C MET L 2312 -14.80 -65.62 59.39
N LEU L 2313 -15.88 -65.42 58.64
CA LEU L 2313 -16.95 -66.42 58.61
C LEU L 2313 -16.60 -67.56 57.69
N LEU L 2314 -15.97 -67.26 56.55
CA LEU L 2314 -15.50 -68.33 55.68
C LEU L 2314 -14.23 -68.98 56.22
N ALA L 2315 -13.48 -68.26 57.07
CA ALA L 2315 -12.45 -68.90 57.86
C ALA L 2315 -13.05 -69.83 58.90
N LYS L 2316 -14.29 -69.59 59.34
CA LYS L 2316 -14.95 -70.49 60.26
C LYS L 2316 -15.56 -71.69 59.58
N GLY L 2317 -15.52 -71.76 58.25
CA GLY L 2317 -16.02 -72.91 57.53
C GLY L 2317 -17.49 -72.81 57.19
N TYR L 2318 -17.99 -71.60 57.17
CA TYR L 2318 -19.41 -71.37 56.88
C TYR L 2318 -19.64 -71.46 55.37
N PRO L 2319 -20.89 -71.59 54.94
CA PRO L 2319 -21.19 -71.39 53.51
C PRO L 2319 -20.91 -69.96 53.08
N ASP L 2320 -20.68 -69.79 51.78
CA ASP L 2320 -20.30 -68.50 51.23
C ASP L 2320 -21.54 -67.71 50.84
N ILE L 2321 -21.60 -66.45 51.28
CA ILE L 2321 -22.63 -65.50 50.90
C ILE L 2321 -21.95 -64.20 50.52
N GLY L 2322 -22.20 -63.73 49.30
CA GLY L 2322 -21.42 -62.66 48.69
C GLY L 2322 -21.53 -61.29 49.34
N TRP L 2323 -22.52 -61.08 50.22
CA TRP L 2323 -22.71 -59.81 50.91
C TRP L 2323 -22.57 -60.04 52.40
N ASN L 2324 -22.90 -59.03 53.20
CA ASN L 2324 -22.64 -59.14 54.63
C ASN L 2324 -23.91 -59.03 55.45
N PRO L 2325 -24.56 -60.14 55.80
CA PRO L 2325 -25.74 -60.06 56.67
C PRO L 2325 -25.41 -59.81 58.13
N CYS L 2326 -24.14 -59.84 58.51
CA CYS L 2326 -23.80 -59.56 59.90
C CYS L 2326 -23.02 -58.26 60.04
N GLY L 2327 -22.13 -57.96 59.11
CA GLY L 2327 -21.29 -56.78 59.24
C GLY L 2327 -22.02 -55.50 58.89
N GLY L 2328 -22.81 -55.54 57.82
CA GLY L 2328 -23.58 -54.37 57.43
C GLY L 2328 -24.65 -53.92 58.40
N GLU L 2329 -25.12 -54.84 59.25
CA GLU L 2329 -26.08 -54.48 60.28
C GLU L 2329 -25.43 -53.72 61.42
N ARG L 2330 -24.11 -53.56 61.42
CA ARG L 2330 -23.47 -52.75 62.44
C ARG L 2330 -23.40 -51.28 62.04
N TYR L 2331 -24.02 -50.90 60.94
CA TYR L 2331 -24.14 -49.48 60.62
C TYR L 2331 -25.57 -48.96 60.69
N LEU L 2332 -26.54 -49.79 60.38
CA LEU L 2332 -27.91 -49.29 60.30
C LEU L 2332 -28.50 -49.10 61.69
N ASP L 2333 -28.07 -49.90 62.65
CA ASP L 2333 -28.42 -49.65 64.04
C ASP L 2333 -27.83 -48.35 64.55
N PHE L 2334 -26.71 -47.90 63.98
CA PHE L 2334 -26.23 -46.56 64.26
C PHE L 2334 -27.11 -45.50 63.60
N LEU L 2335 -27.34 -45.63 62.30
CA LEU L 2335 -28.07 -44.63 61.54
C LEU L 2335 -29.54 -44.55 61.92
N ARG L 2336 -30.11 -45.59 62.53
CA ARG L 2336 -31.47 -45.46 63.03
C ARG L 2336 -31.51 -44.71 64.35
N PHE L 2337 -30.35 -44.40 64.92
CA PHE L 2337 -30.29 -43.37 65.94
C PHE L 2337 -29.94 -42.02 65.37
N ALA L 2338 -29.64 -41.95 64.08
CA ALA L 2338 -29.22 -40.69 63.49
C ALA L 2338 -30.38 -39.86 62.98
N VAL L 2339 -31.54 -40.46 62.74
CA VAL L 2339 -32.68 -39.71 62.22
C VAL L 2339 -33.92 -39.81 63.08
N PHE L 2340 -33.96 -40.70 64.06
CA PHE L 2340 -35.15 -40.90 64.86
C PHE L 2340 -34.80 -40.69 66.33
N VAL L 2341 -35.40 -39.68 66.96
CA VAL L 2341 -35.10 -39.30 68.33
C VAL L 2341 -36.39 -38.96 69.04
N ASN L 2342 -36.50 -39.39 70.31
CA ASN L 2342 -37.62 -39.09 71.20
C ASN L 2342 -38.96 -39.56 70.65
N GLY L 2343 -38.93 -40.64 69.88
CA GLY L 2343 -40.12 -41.08 69.19
C GLY L 2343 -40.58 -40.16 68.09
N GLU L 2344 -39.67 -39.49 67.40
CA GLU L 2344 -40.02 -38.56 66.34
C GLU L 2344 -38.91 -38.58 65.32
N SER L 2345 -39.25 -38.25 64.07
CA SER L 2345 -38.25 -38.19 63.02
C SER L 2345 -37.72 -36.77 62.88
N VAL L 2346 -36.44 -36.65 62.56
CA VAL L 2346 -35.92 -35.35 62.18
C VAL L 2346 -36.23 -35.10 60.72
N GLU L 2347 -36.02 -33.87 60.30
CA GLU L 2347 -36.21 -33.50 58.91
C GLU L 2347 -34.91 -33.35 58.14
N GLU L 2348 -33.98 -32.55 58.66
CA GLU L 2348 -32.81 -32.16 57.88
C GLU L 2348 -31.85 -33.31 57.66
N ASN L 2349 -31.82 -34.30 58.56
CA ASN L 2349 -30.98 -35.46 58.30
C ASN L 2349 -31.69 -36.47 57.41
N ALA L 2350 -33.00 -36.62 57.59
CA ALA L 2350 -33.76 -37.58 56.80
C ALA L 2350 -33.81 -37.18 55.34
N ASN L 2351 -33.79 -35.88 55.07
CA ASN L 2351 -33.82 -35.43 53.69
C ASN L 2351 -32.45 -35.51 53.03
N VAL L 2352 -31.42 -35.95 53.75
CA VAL L 2352 -30.09 -36.02 53.15
C VAL L 2352 -29.46 -37.41 53.28
N VAL L 2353 -29.97 -38.25 54.16
CA VAL L 2353 -29.52 -39.64 54.15
C VAL L 2353 -30.08 -40.39 52.94
N VAL L 2354 -31.32 -40.11 52.55
CA VAL L 2354 -31.94 -40.88 51.48
C VAL L 2354 -31.53 -40.35 50.13
N ARG L 2355 -31.17 -39.06 50.06
CA ARG L 2355 -30.59 -38.54 48.83
C ARG L 2355 -29.22 -39.14 48.56
N LEU L 2356 -28.54 -39.56 49.62
CA LEU L 2356 -27.21 -40.13 49.49
C LEU L 2356 -27.23 -41.64 49.44
N LEU L 2357 -28.24 -42.27 50.04
CA LEU L 2357 -28.38 -43.73 50.01
C LEU L 2357 -28.73 -44.24 48.62
N ILE L 2358 -29.24 -43.39 47.75
CA ILE L 2358 -29.58 -43.81 46.40
C ILE L 2358 -28.51 -43.45 45.39
N ARG L 2359 -27.38 -42.94 45.84
CA ARG L 2359 -26.27 -42.75 44.92
C ARG L 2359 -25.47 -44.04 44.72
N LYS L 2360 -25.49 -44.92 45.70
CA LYS L 2360 -24.85 -46.22 45.60
C LYS L 2360 -25.90 -47.29 45.86
N PRO L 2361 -26.64 -47.72 44.84
CA PRO L 2361 -27.72 -48.70 45.07
C PRO L 2361 -27.24 -50.08 45.48
N GLU L 2362 -25.93 -50.34 45.44
CA GLU L 2362 -25.38 -51.55 46.04
C GLU L 2362 -25.54 -51.58 47.56
N CYS L 2363 -25.75 -50.42 48.19
CA CYS L 2363 -25.90 -50.37 49.64
C CYS L 2363 -27.17 -51.06 50.12
N PHE L 2364 -28.20 -51.12 49.28
CA PHE L 2364 -29.35 -51.93 49.63
C PHE L 2364 -29.01 -53.41 49.51
N GLY L 2365 -29.81 -54.26 50.13
CA GLY L 2365 -29.63 -55.68 50.02
C GLY L 2365 -29.92 -56.16 48.62
N PRO L 2366 -29.04 -56.99 48.05
CA PRO L 2366 -29.07 -57.25 46.60
C PRO L 2366 -30.24 -58.10 46.14
N ALA L 2367 -31.01 -58.71 47.06
CA ALA L 2367 -32.21 -59.42 46.67
C ALA L 2367 -33.29 -58.44 46.22
N LEU L 2368 -33.20 -57.18 46.65
CA LEU L 2368 -34.09 -56.14 46.16
C LEU L 2368 -33.33 -55.06 45.40
N ARG L 2369 -32.27 -55.40 44.70
CA ARG L 2369 -31.51 -54.42 43.94
C ARG L 2369 -31.56 -54.73 42.45
N GLY L 2373 -33.55 -58.52 40.81
CA GLY L 2373 -33.95 -58.60 42.20
C GLY L 2373 -35.03 -59.63 42.46
N SER L 2374 -34.94 -60.30 43.60
CA SER L 2374 -35.92 -61.31 43.97
C SER L 2374 -37.02 -60.70 44.84
N GLY L 2375 -37.95 -61.55 45.26
CA GLY L 2375 -39.02 -61.09 46.11
C GLY L 2375 -38.58 -60.89 47.54
N LEU L 2376 -39.18 -59.88 48.17
CA LEU L 2376 -38.83 -59.56 49.56
C LEU L 2376 -39.34 -60.62 50.52
N LEU L 2377 -40.59 -61.08 50.33
CA LEU L 2377 -41.02 -62.27 51.06
C LEU L 2377 -40.24 -63.50 50.59
N ALA L 2378 -39.89 -63.54 49.30
CA ALA L 2378 -39.07 -64.63 48.80
C ALA L 2378 -37.65 -64.59 49.33
N ALA L 2379 -37.11 -63.40 49.63
CA ALA L 2379 -35.80 -63.32 50.24
C ALA L 2379 -35.81 -63.93 51.64
N ILE L 2380 -36.86 -63.63 52.42
CA ILE L 2380 -37.01 -64.29 53.71
C ILE L 2380 -37.39 -65.76 53.53
N GLU L 2381 -38.15 -66.08 52.47
CA GLU L 2381 -38.40 -67.48 52.15
C GLU L 2381 -37.12 -68.19 51.73
N GLU L 2382 -36.22 -67.50 51.01
CA GLU L 2382 -34.87 -68.02 50.77
C GLU L 2382 -34.06 -68.14 52.05
N ALA L 2383 -34.43 -67.43 53.11
CA ALA L 2383 -33.70 -67.50 54.35
C ALA L 2383 -34.16 -68.68 55.20
N ILE L 2384 -35.44 -69.03 55.14
CA ILE L 2384 -35.96 -70.08 56.01
C ILE L 2384 -35.39 -71.43 55.64
N ARG L 2385 -35.19 -71.70 54.35
CA ARG L 2385 -34.58 -72.98 53.94
C ARG L 2385 -33.12 -73.06 54.38
N ILE L 2386 -32.36 -72.00 54.18
CA ILE L 2386 -30.94 -72.05 54.54
C ILE L 2386 -30.74 -71.89 56.05
N SER L 2387 -31.78 -71.47 56.79
CA SER L 2387 -31.67 -71.49 58.24
C SER L 2387 -32.16 -72.80 58.83
N GLU L 2388 -33.21 -73.40 58.26
CA GLU L 2388 -33.68 -74.68 58.78
C GLU L 2388 -32.77 -75.83 58.37
N ASP L 2389 -32.20 -75.77 57.18
CA ASP L 2389 -31.24 -76.81 56.78
C ASP L 2389 -29.87 -76.48 57.35
N PRO L 2390 -29.26 -77.39 58.12
CA PRO L 2390 -27.96 -77.08 58.73
C PRO L 2390 -26.82 -77.06 57.74
N ALA L 2391 -26.94 -77.76 56.61
CA ALA L 2391 -25.87 -77.75 55.61
C ALA L 2391 -25.76 -76.40 54.92
N ARG L 2392 -26.90 -75.79 54.60
CA ARG L 2392 -26.88 -74.43 54.07
C ARG L 2392 -26.71 -73.39 55.17
N ASP L 2393 -26.79 -73.78 56.44
CA ASP L 2393 -26.57 -72.87 57.54
C ASP L 2393 -25.08 -72.81 57.88
N GLY L 2394 -24.70 -71.80 58.65
CA GLY L 2394 -23.32 -71.59 59.01
C GLY L 2394 -22.83 -72.53 60.10
N PRO L 2395 -21.95 -73.47 59.73
CA PRO L 2395 -21.38 -74.41 60.70
C PRO L 2395 -19.85 -74.36 60.71
N ASN L 2414 -19.71 -70.82 65.42
CA ASN L 2414 -20.92 -71.56 65.79
C ASN L 2414 -22.01 -70.60 66.24
N ARG L 2415 -21.61 -69.44 66.75
CA ARG L 2415 -22.58 -68.44 67.17
C ARG L 2415 -23.23 -67.72 66.00
N VAL L 2416 -22.63 -67.79 64.82
CA VAL L 2416 -23.15 -67.08 63.66
C VAL L 2416 -23.82 -68.07 62.71
N HIS L 2417 -25.13 -67.96 62.60
CA HIS L 2417 -25.89 -68.64 61.56
C HIS L 2417 -26.22 -67.62 60.48
N LEU L 2418 -25.99 -67.98 59.21
CA LEU L 2418 -26.21 -67.03 58.13
C LEU L 2418 -27.69 -66.74 57.96
N GLY L 2419 -28.54 -67.74 58.19
CA GLY L 2419 -29.97 -67.56 58.06
C GLY L 2419 -30.59 -66.65 59.07
N HIS L 2420 -29.98 -66.51 60.25
CA HIS L 2420 -30.50 -65.60 61.25
C HIS L 2420 -30.05 -64.18 61.02
N ALA L 2421 -29.01 -63.97 60.22
CA ALA L 2421 -28.48 -62.63 60.02
C ALA L 2421 -29.06 -61.97 58.77
N ILE L 2422 -29.53 -62.76 57.80
CA ILE L 2422 -30.12 -62.18 56.62
C ILE L 2422 -31.50 -61.58 56.92
N MET L 2423 -32.32 -62.28 57.71
CA MET L 2423 -33.59 -61.72 58.13
C MET L 2423 -33.39 -60.58 59.12
N SER L 2424 -32.30 -60.61 59.89
CA SER L 2424 -32.01 -59.53 60.79
C SER L 2424 -31.47 -58.31 60.05
N PHE L 2425 -30.74 -58.52 58.95
CA PHE L 2425 -30.28 -57.39 58.15
C PHE L 2425 -31.42 -56.68 57.47
N TYR L 2426 -32.36 -57.45 56.91
CA TYR L 2426 -33.51 -56.83 56.26
C TYR L 2426 -34.49 -56.29 57.28
N ALA L 2427 -34.40 -56.77 58.52
CA ALA L 2427 -35.10 -56.09 59.60
C ALA L 2427 -34.48 -54.74 59.90
N ALA L 2428 -33.23 -54.52 59.48
CA ALA L 2428 -32.61 -53.22 59.70
C ALA L 2428 -32.80 -52.27 58.53
N LEU L 2429 -32.79 -52.78 57.30
CA LEU L 2429 -32.98 -51.91 56.15
C LEU L 2429 -34.42 -51.41 56.06
N ILE L 2430 -35.36 -52.15 56.63
CA ILE L 2430 -36.76 -51.72 56.60
C ILE L 2430 -37.00 -50.61 57.61
N ASP L 2431 -36.68 -50.85 58.89
CA ASP L 2431 -37.13 -49.93 59.91
C ASP L 2431 -36.30 -48.65 59.96
N LEU L 2432 -35.15 -48.64 59.27
CA LEU L 2432 -34.46 -47.38 59.04
C LEU L 2432 -35.31 -46.45 58.20
N LEU L 2433 -35.75 -46.92 57.03
CA LEU L 2433 -36.51 -46.09 56.12
C LEU L 2433 -37.89 -45.75 56.66
N GLY L 2434 -38.42 -46.59 57.54
CA GLY L 2434 -39.63 -46.26 58.26
C GLY L 2434 -39.38 -45.08 59.18
N ARG L 2435 -38.19 -45.04 59.77
CA ARG L 2435 -37.84 -43.93 60.64
C ARG L 2435 -37.23 -42.76 59.88
N CYS L 2436 -37.22 -42.80 58.55
CA CYS L 2436 -36.93 -41.59 57.78
C CYS L 2436 -38.15 -41.08 57.04
N ALA L 2437 -39.30 -41.72 57.23
CA ALA L 2437 -40.56 -41.29 56.63
C ALA L 2437 -40.98 -39.95 57.20
N PRO L 2438 -41.29 -38.98 56.33
CA PRO L 2438 -41.73 -37.66 56.81
C PRO L 2438 -43.04 -37.76 57.57
N GLU L 2439 -43.14 -36.94 58.60
CA GLU L 2439 -44.24 -37.05 59.54
C GLU L 2439 -45.54 -36.57 58.90
N MET L 2440 -46.65 -37.00 59.52
CA MET L 2440 -47.98 -36.86 58.95
C MET L 2440 -48.42 -35.41 58.80
N HIS L 2441 -48.09 -34.57 59.79
CA HIS L 2441 -48.49 -33.17 59.73
C HIS L 2441 -47.79 -32.41 58.62
N LEU L 2442 -46.62 -32.85 58.18
CA LEU L 2442 -46.02 -32.26 56.99
C LEU L 2442 -46.64 -32.80 55.71
N ILE L 2443 -47.37 -33.91 55.79
CA ILE L 2443 -48.06 -34.41 54.62
C ILE L 2443 -49.39 -33.69 54.45
N GLN L 2444 -50.00 -33.27 55.56
CA GLN L 2444 -51.19 -32.43 55.49
C GLN L 2444 -50.89 -31.08 54.85
N ALA L 2445 -49.71 -30.54 55.07
CA ALA L 2445 -49.26 -29.40 54.30
C ALA L 2445 -48.73 -29.88 52.97
N GLY L 2446 -48.66 -28.96 52.01
CA GLY L 2446 -48.21 -29.32 50.67
C GLY L 2446 -46.73 -29.15 50.47
N LYS L 2447 -45.93 -29.66 51.40
CA LYS L 2447 -44.48 -29.60 51.25
C LYS L 2447 -44.05 -30.57 50.17
N GLY L 2448 -43.78 -30.03 48.98
CA GLY L 2448 -43.44 -30.83 47.82
C GLY L 2448 -42.17 -31.63 47.95
N GLU L 2449 -41.18 -31.10 48.66
CA GLU L 2449 -39.98 -31.87 48.98
C GLU L 2449 -40.32 -33.03 49.90
N ALA L 2450 -41.14 -32.79 50.92
CA ALA L 2450 -41.47 -33.84 51.88
C ALA L 2450 -42.32 -34.93 51.25
N LEU L 2451 -43.15 -34.57 50.27
CA LEU L 2451 -43.92 -35.61 49.61
C LEU L 2451 -43.15 -36.25 48.47
N ARG L 2452 -42.04 -35.64 48.04
CA ARG L 2452 -41.18 -36.29 47.05
C ARG L 2452 -40.51 -37.51 47.66
N ILE L 2453 -40.09 -37.40 48.92
CA ILE L 2453 -39.49 -38.54 49.61
C ILE L 2453 -40.51 -39.63 49.86
N ARG L 2454 -41.74 -39.24 50.24
CA ARG L 2454 -42.78 -40.24 50.51
C ARG L 2454 -43.21 -40.95 49.25
N ALA L 2455 -42.97 -40.35 48.09
CA ALA L 2455 -43.10 -41.08 46.85
C ALA L 2455 -42.03 -42.15 46.71
N ILE L 2456 -40.79 -41.82 47.05
CA ILE L 2456 -39.65 -42.69 46.73
C ILE L 2456 -39.67 -43.95 47.56
N LEU L 2457 -39.92 -43.82 48.86
CA LEU L 2457 -39.99 -44.99 49.74
C LEU L 2457 -41.17 -45.89 49.41
N ARG L 2458 -42.30 -45.31 49.01
CA ARG L 2458 -43.42 -46.12 48.58
C ARG L 2458 -43.16 -46.75 47.22
N SER L 2459 -42.39 -46.05 46.37
CA SER L 2459 -42.02 -46.58 45.07
C SER L 2459 -41.08 -47.77 45.16
N LEU L 2460 -40.24 -47.83 46.19
CA LEU L 2460 -39.23 -48.87 46.27
C LEU L 2460 -39.84 -50.22 46.60
N VAL L 2461 -40.76 -50.25 47.55
CA VAL L 2461 -41.20 -51.48 48.19
C VAL L 2461 -42.62 -51.80 47.76
N PRO L 2462 -42.91 -53.01 47.30
CA PRO L 2462 -44.30 -53.42 47.10
C PRO L 2462 -44.97 -53.73 48.42
N LEU L 2463 -46.23 -53.34 48.51
CA LEU L 2463 -46.98 -53.47 49.75
C LEU L 2463 -47.32 -54.94 50.04
N ASP L 2464 -47.64 -55.70 49.01
CA ASP L 2464 -48.08 -57.08 49.23
C ASP L 2464 -46.91 -58.00 49.60
N ASP L 2465 -45.68 -57.56 49.37
CA ASP L 2465 -44.53 -58.30 49.87
C ASP L 2465 -44.53 -58.31 51.40
N LEU L 2466 -44.93 -57.20 52.01
CA LEU L 2466 -45.02 -57.11 53.46
C LEU L 2466 -46.08 -58.01 54.02
N VAL L 2467 -47.18 -58.20 53.29
CA VAL L 2467 -48.34 -58.92 53.81
C VAL L 2467 -48.05 -60.40 53.97
N GLY L 2468 -47.27 -60.98 53.05
CA GLY L 2468 -46.82 -62.35 53.26
C GLY L 2468 -45.81 -62.45 54.38
N ILE L 2469 -45.06 -61.38 54.61
CA ILE L 2469 -44.12 -61.35 55.72
C ILE L 2469 -44.86 -61.15 57.03
N ILE L 2470 -45.89 -60.31 57.02
CA ILE L 2470 -46.62 -60.00 58.24
C ILE L 2470 -47.53 -61.14 58.68
N SER L 2471 -47.70 -62.16 57.85
CA SER L 2471 -48.65 -63.22 58.11
C SER L 2471 -48.04 -64.61 58.16
N LEU L 2472 -46.72 -64.73 58.10
CA LEU L 2472 -46.11 -66.05 58.07
C LEU L 2472 -46.06 -66.62 59.49
N PRO L 2473 -46.57 -67.83 59.70
CA PRO L 2473 -46.64 -68.37 61.07
C PRO L 2473 -45.31 -68.88 61.57
N LEU L 2474 -45.21 -69.05 62.89
CA LEU L 2474 -43.93 -69.30 63.55
C LEU L 2474 -43.98 -70.58 64.38
N GLN L 2475 -42.79 -71.10 64.67
CA GLN L 2475 -42.65 -72.30 65.47
C GLN L 2475 -42.88 -71.95 66.94
N ILE L 2476 -44.13 -72.01 67.37
CA ILE L 2476 -44.52 -71.71 68.74
C ILE L 2476 -43.96 -72.79 69.66
N PRO L 2477 -43.43 -72.44 70.82
CA PRO L 2477 -42.89 -73.46 71.73
C PRO L 2477 -43.98 -74.10 72.58
N THR L 2478 -44.00 -75.43 72.59
CA THR L 2478 -44.88 -76.21 73.44
C THR L 2478 -44.23 -77.56 73.68
N LEU L 2479 -44.99 -78.48 74.26
CA LEU L 2479 -44.48 -79.83 74.51
C LEU L 2479 -44.74 -80.73 73.32
N VAL L 2486 -40.91 -78.60 74.09
CA VAL L 2486 -39.74 -78.30 73.29
C VAL L 2486 -39.66 -76.79 73.07
N GLN L 2487 -38.44 -76.27 72.92
CA GLN L 2487 -38.22 -74.85 72.69
C GLN L 2487 -37.31 -74.69 71.47
N PRO L 2488 -37.73 -73.98 70.44
CA PRO L 2488 -36.89 -73.80 69.25
C PRO L 2488 -35.77 -72.79 69.54
N LYS L 2489 -34.89 -72.63 68.56
CA LYS L 2489 -33.71 -71.80 68.71
C LYS L 2489 -33.98 -70.38 68.24
N MET L 2490 -33.66 -69.41 69.09
CA MET L 2490 -33.89 -68.01 68.76
C MET L 2490 -32.95 -67.50 67.68
N SER L 2491 -31.67 -67.82 67.77
CA SER L 2491 -30.69 -67.27 66.85
C SER L 2491 -30.47 -68.14 65.62
N ALA L 2492 -31.45 -68.94 65.23
CA ALA L 2492 -31.41 -69.63 63.96
C ALA L 2492 -32.77 -69.65 63.25
N SER L 2493 -33.78 -69.01 63.83
CA SER L 2493 -35.14 -69.13 63.30
C SER L 2493 -35.77 -67.74 63.26
N PHE L 2494 -37.06 -67.70 62.93
CA PHE L 2494 -37.79 -66.45 62.81
C PHE L 2494 -38.05 -65.86 64.19
N VAL L 2495 -37.86 -64.55 64.33
CA VAL L 2495 -38.11 -63.89 65.61
C VAL L 2495 -39.27 -62.91 65.41
N PRO L 2496 -39.99 -62.55 66.49
CA PRO L 2496 -41.02 -61.52 66.35
C PRO L 2496 -40.46 -60.14 66.06
N ASP L 2497 -39.16 -59.94 66.34
CA ASP L 2497 -38.51 -58.68 65.99
C ASP L 2497 -38.29 -58.54 64.49
N HIS L 2498 -38.35 -59.64 63.72
CA HIS L 2498 -38.37 -59.51 62.27
C HIS L 2498 -39.69 -58.91 61.80
N LYS L 2499 -40.79 -59.31 62.41
CA LYS L 2499 -42.09 -58.73 62.08
C LYS L 2499 -42.22 -57.30 62.58
N ALA L 2500 -41.53 -56.97 63.67
CA ALA L 2500 -41.64 -55.65 64.28
C ALA L 2500 -41.07 -54.54 63.42
N SER L 2501 -40.12 -54.86 62.54
CA SER L 2501 -39.59 -53.84 61.64
C SER L 2501 -40.57 -53.51 60.54
N MET L 2502 -41.28 -54.52 60.03
CA MET L 2502 -42.11 -54.33 58.86
C MET L 2502 -43.37 -53.52 59.16
N VAL L 2503 -43.98 -53.75 60.33
CA VAL L 2503 -45.20 -53.05 60.70
C VAL L 2503 -44.96 -51.56 60.87
N LEU L 2504 -43.76 -51.17 61.28
CA LEU L 2504 -43.42 -49.76 61.37
C LEU L 2504 -43.28 -49.12 60.00
N PHE L 2505 -42.99 -49.90 58.96
CA PHE L 2505 -42.81 -49.30 57.65
C PHE L 2505 -44.14 -48.95 57.02
N LEU L 2506 -45.09 -49.88 57.05
CA LEU L 2506 -46.39 -49.62 56.42
C LEU L 2506 -47.19 -48.60 57.21
N ASP L 2507 -47.05 -48.58 58.54
CA ASP L 2507 -47.77 -47.63 59.36
C ASP L 2507 -47.18 -46.23 59.34
N ARG L 2508 -46.15 -45.99 58.53
CA ARG L 2508 -45.53 -44.68 58.49
C ARG L 2508 -45.34 -44.13 57.10
N VAL L 2509 -45.39 -44.95 56.06
CA VAL L 2509 -45.24 -44.42 54.71
C VAL L 2509 -46.36 -44.85 53.77
N TYR L 2510 -47.06 -45.94 54.07
CA TYR L 2510 -48.14 -46.42 53.21
C TYR L 2510 -49.50 -46.09 53.80
N GLY L 2511 -49.75 -46.49 55.03
CA GLY L 2511 -50.96 -46.06 55.72
C GLY L 2511 -52.14 -46.99 55.57
N ILE L 2512 -53.01 -47.00 56.58
CA ILE L 2512 -54.22 -47.78 56.58
C ILE L 2512 -55.40 -46.85 56.33
N GLU L 2513 -56.01 -46.96 55.16
CA GLU L 2513 -57.05 -46.02 54.75
C GLU L 2513 -58.45 -46.53 54.97
N ASN L 2514 -58.83 -47.62 54.30
CA ASN L 2514 -60.17 -48.11 54.23
C ASN L 2514 -60.38 -49.34 55.13
N GLN L 2515 -61.64 -49.69 55.36
CA GLN L 2515 -61.97 -50.76 56.28
C GLN L 2515 -61.66 -52.15 55.75
N ASP L 2516 -61.73 -52.36 54.45
CA ASP L 2516 -61.48 -53.70 53.91
C ASP L 2516 -60.01 -54.08 53.99
N PHE L 2517 -59.11 -53.15 53.62
CA PHE L 2517 -57.68 -53.43 53.65
C PHE L 2517 -57.16 -53.49 55.08
N LEU L 2518 -57.83 -52.78 56.00
CA LEU L 2518 -57.64 -53.03 57.43
C LEU L 2518 -57.98 -54.45 57.78
N LEU L 2519 -59.17 -54.91 57.41
CA LEU L 2519 -59.58 -56.27 57.70
C LEU L 2519 -58.94 -57.29 56.75
N HIS L 2520 -58.26 -56.84 55.69
CA HIS L 2520 -57.57 -57.78 54.81
C HIS L 2520 -56.40 -58.45 55.52
N VAL L 2521 -55.47 -57.65 56.05
CA VAL L 2521 -54.32 -58.25 56.71
C VAL L 2521 -54.65 -58.68 58.14
N LEU L 2522 -55.84 -58.35 58.64
CA LEU L 2522 -56.16 -58.56 60.04
C LEU L 2522 -56.32 -60.03 60.40
N ASP L 2523 -57.09 -60.78 59.60
CA ASP L 2523 -57.34 -62.18 59.93
C ASP L 2523 -56.16 -63.05 59.53
N VAL L 2524 -55.42 -62.62 58.51
CA VAL L 2524 -54.35 -63.44 57.98
C VAL L 2524 -53.12 -63.43 58.87
N GLY L 2525 -52.76 -62.29 59.43
CA GLY L 2525 -51.52 -62.20 60.17
C GLY L 2525 -51.60 -62.54 61.64
N PHE L 2526 -52.48 -61.84 62.34
CA PHE L 2526 -52.32 -61.59 63.75
C PHE L 2526 -53.18 -62.46 64.65
N LEU L 2527 -54.41 -62.73 64.27
CA LEU L 2527 -55.22 -63.75 64.91
C LEU L 2527 -54.65 -65.16 64.83
N PRO L 2528 -53.81 -65.53 63.84
CA PRO L 2528 -52.94 -66.69 64.06
C PRO L 2528 -51.98 -66.51 65.21
N ASP L 2529 -51.39 -65.33 65.36
CA ASP L 2529 -50.37 -65.12 66.37
C ASP L 2529 -50.96 -64.84 67.74
N MET L 2530 -52.08 -64.12 67.77
CA MET L 2530 -52.77 -63.79 69.02
C MET L 2530 -53.21 -65.01 69.80
N ARG L 2531 -53.85 -65.96 69.13
CA ARG L 2531 -54.23 -67.20 69.82
C ARG L 2531 -53.05 -68.11 70.01
N ALA L 2532 -51.99 -67.96 69.20
CA ALA L 2532 -50.72 -68.61 69.54
C ALA L 2532 -50.13 -68.00 70.79
N ALA L 2533 -50.30 -66.69 70.97
CA ALA L 2533 -49.90 -66.04 72.21
C ALA L 2533 -50.88 -66.34 73.34
N ALA L 2534 -52.18 -66.41 73.03
CA ALA L 2534 -53.17 -66.75 74.06
C ALA L 2534 -53.09 -68.22 74.46
N SER L 2535 -52.41 -69.05 73.68
CA SER L 2535 -52.22 -70.44 74.02
C SER L 2535 -51.33 -70.64 75.24
N LEU L 2536 -50.25 -69.87 75.37
CA LEU L 2536 -49.23 -70.13 76.36
C LEU L 2536 -49.48 -69.41 77.68
N ASP L 2537 -50.69 -68.94 77.92
CA ASP L 2537 -51.01 -68.27 79.17
C ASP L 2537 -51.12 -69.27 80.33
N THR L 2544 -42.22 -68.88 79.70
CA THR L 2544 -42.02 -69.46 78.38
C THR L 2544 -41.22 -68.47 77.54
N GLU L 2545 -40.28 -68.99 76.74
CA GLU L 2545 -39.22 -68.14 76.20
C GLU L 2545 -39.68 -67.25 75.05
N MET L 2546 -40.15 -67.82 73.93
CA MET L 2546 -40.56 -66.95 72.82
C MET L 2546 -41.95 -66.36 73.05
N ALA L 2547 -42.65 -66.83 74.08
CA ALA L 2547 -43.85 -66.15 74.52
C ALA L 2547 -43.56 -64.73 74.99
N LEU L 2548 -42.41 -64.53 75.65
CA LEU L 2548 -42.00 -63.20 76.05
C LEU L 2548 -41.21 -62.49 74.97
N ALA L 2549 -40.79 -63.19 73.92
CA ALA L 2549 -40.26 -62.52 72.74
C ALA L 2549 -41.36 -61.99 71.86
N LEU L 2550 -42.58 -62.45 72.07
CA LEU L 2550 -43.70 -62.06 71.24
C LEU L 2550 -44.74 -61.25 72.00
N ASN L 2551 -44.79 -61.39 73.33
CA ASN L 2551 -45.68 -60.57 74.15
C ASN L 2551 -45.34 -59.09 74.00
N ARG L 2552 -44.07 -58.75 74.16
CA ARG L 2552 -43.64 -57.37 73.96
C ARG L 2552 -43.69 -56.95 72.51
N TYR L 2553 -43.64 -57.90 71.57
CA TYR L 2553 -43.78 -57.53 70.17
C TYR L 2553 -45.19 -57.08 69.86
N LEU L 2554 -46.19 -57.77 70.42
CA LEU L 2554 -47.57 -57.38 70.17
C LEU L 2554 -47.91 -56.07 70.84
N CYS L 2555 -47.48 -55.89 72.08
CA CYS L 2555 -47.83 -54.69 72.84
C CYS L 2555 -47.06 -53.46 72.41
N LEU L 2556 -46.13 -53.56 71.45
CA LEU L 2556 -45.35 -52.41 71.02
C LEU L 2556 -45.41 -52.18 69.52
N ALA L 2557 -46.00 -53.08 68.75
CA ALA L 2557 -46.01 -52.90 67.31
C ALA L 2557 -47.40 -52.89 66.70
N VAL L 2558 -48.25 -53.84 67.05
CA VAL L 2558 -49.53 -53.98 66.35
C VAL L 2558 -50.69 -53.37 67.13
N LEU L 2559 -50.83 -53.63 68.44
CA LEU L 2559 -51.90 -53.06 69.25
C LEU L 2559 -51.95 -51.54 69.29
N PRO L 2560 -50.83 -50.80 69.11
CA PRO L 2560 -50.97 -49.41 68.67
C PRO L 2560 -51.66 -49.24 67.33
N LEU L 2561 -51.29 -50.03 66.32
CA LEU L 2561 -51.80 -49.82 64.97
C LEU L 2561 -53.29 -50.18 64.89
N ILE L 2562 -53.74 -51.12 65.73
CA ILE L 2562 -55.17 -51.37 65.86
C ILE L 2562 -55.88 -50.14 66.41
N THR L 2563 -55.33 -49.56 67.47
CA THR L 2563 -55.93 -48.38 68.06
C THR L 2563 -55.75 -47.13 67.20
N LYS L 2564 -54.91 -47.19 66.17
CA LYS L 2564 -54.90 -46.12 65.18
C LYS L 2564 -56.13 -46.21 64.29
N CYS L 2565 -56.68 -47.42 64.12
CA CYS L 2565 -57.79 -47.63 63.19
C CYS L 2565 -59.03 -48.18 63.90
N ALA L 2566 -59.19 -47.86 65.18
CA ALA L 2566 -60.34 -48.35 65.93
C ALA L 2566 -61.67 -47.68 65.55
N PRO L 2567 -61.74 -46.37 65.22
CA PRO L 2567 -62.99 -45.89 64.60
C PRO L 2567 -63.16 -46.28 63.15
N LEU L 2568 -62.18 -46.97 62.54
CA LEU L 2568 -62.43 -47.52 61.21
C LEU L 2568 -63.23 -48.81 61.27
N PHE L 2569 -63.42 -49.38 62.46
CA PHE L 2569 -64.23 -50.58 62.64
C PHE L 2569 -65.72 -50.30 62.77
N ALA L 2570 -66.20 -49.15 62.33
CA ALA L 2570 -67.60 -48.79 62.52
C ALA L 2570 -68.46 -49.57 61.52
N GLY L 2571 -69.47 -50.27 62.03
CA GLY L 2571 -70.43 -50.94 61.19
C GLY L 2571 -69.92 -52.18 60.51
N THR L 2572 -69.60 -53.22 61.28
CA THR L 2572 -69.17 -54.48 60.69
C THR L 2572 -70.32 -55.47 60.53
N GLU L 2573 -71.25 -55.11 59.64
CA GLU L 2573 -72.18 -56.09 59.10
C GLU L 2573 -71.57 -56.88 57.95
N HIS L 2574 -70.37 -56.50 57.53
CA HIS L 2574 -69.61 -57.30 56.56
C HIS L 2574 -69.25 -58.66 57.13
N ARG L 2575 -68.91 -58.71 58.41
CA ARG L 2575 -68.37 -59.90 59.05
C ARG L 2575 -68.52 -59.74 60.55
N ALA L 2576 -68.93 -60.82 61.22
CA ALA L 2576 -69.15 -60.78 62.65
C ALA L 2576 -68.64 -62.00 63.38
N ILE L 2577 -67.90 -62.89 62.71
CA ILE L 2577 -67.34 -64.08 63.34
C ILE L 2577 -65.87 -63.88 63.69
N MET L 2578 -65.06 -63.38 62.75
CA MET L 2578 -63.66 -63.03 63.01
C MET L 2578 -63.54 -61.99 64.10
N VAL L 2579 -64.42 -61.00 64.12
CA VAL L 2579 -64.39 -60.02 65.20
C VAL L 2579 -64.94 -60.61 66.49
N ASP L 2580 -65.70 -61.71 66.41
CA ASP L 2580 -66.19 -62.34 67.62
C ASP L 2580 -65.08 -63.17 68.27
N SER L 2581 -64.27 -63.84 67.45
CA SER L 2581 -63.12 -64.56 67.97
C SER L 2581 -62.03 -63.62 68.43
N MET L 2582 -61.82 -62.51 67.71
CA MET L 2582 -60.80 -61.54 68.10
C MET L 2582 -61.14 -60.83 69.38
N LEU L 2583 -62.43 -60.53 69.61
CA LEU L 2583 -62.86 -59.90 70.85
C LEU L 2583 -62.69 -60.81 72.06
N HIS L 2584 -62.69 -62.13 71.87
CA HIS L 2584 -62.48 -63.03 73.00
C HIS L 2584 -61.02 -63.20 73.35
N THR L 2585 -60.15 -63.37 72.34
CA THR L 2585 -58.73 -63.61 72.63
C THR L 2585 -58.02 -62.37 73.14
N VAL L 2586 -58.59 -61.18 72.93
CA VAL L 2586 -58.11 -59.99 73.62
C VAL L 2586 -58.34 -60.11 75.11
N TYR L 2587 -59.57 -60.44 75.52
CA TYR L 2587 -59.85 -60.59 76.93
C TYR L 2587 -59.27 -61.88 77.49
N ARG L 2588 -58.94 -62.84 76.62
CA ARG L 2588 -58.13 -63.96 77.06
C ARG L 2588 -56.72 -63.50 77.41
N LEU L 2589 -56.19 -62.55 76.66
CA LEU L 2589 -54.89 -61.97 76.97
C LEU L 2589 -54.97 -60.87 78.02
N SER L 2590 -56.16 -60.55 78.52
CA SER L 2590 -56.30 -59.51 79.52
C SER L 2590 -55.69 -59.89 80.86
N ARG L 2591 -55.99 -61.08 81.35
CA ARG L 2591 -55.38 -61.60 82.58
C ARG L 2591 -54.43 -62.72 82.18
N GLY L 2592 -53.25 -62.71 82.78
CA GLY L 2592 -52.23 -63.69 82.43
C GLY L 2592 -51.09 -63.62 83.43
N ARG L 2593 -50.23 -64.65 83.38
CA ARG L 2593 -49.12 -64.71 84.31
C ARG L 2593 -47.85 -64.08 83.75
N SER L 2594 -47.70 -64.04 82.43
CA SER L 2594 -46.47 -63.62 81.79
C SER L 2594 -46.54 -62.22 81.20
N LEU L 2595 -47.19 -61.28 81.88
CA LEU L 2595 -47.30 -59.92 81.39
C LEU L 2595 -47.13 -58.93 82.54
N THR L 2596 -46.64 -57.74 82.22
CA THR L 2596 -46.38 -56.72 83.21
C THR L 2596 -47.50 -55.68 83.25
N LYS L 2597 -47.31 -54.67 84.10
CA LYS L 2597 -48.21 -53.52 84.14
C LYS L 2597 -48.19 -52.73 82.84
N ALA L 2598 -47.02 -52.66 82.20
CA ALA L 2598 -46.90 -51.88 80.97
C ALA L 2598 -47.58 -52.55 79.79
N GLN L 2599 -47.36 -53.86 79.61
CA GLN L 2599 -47.91 -54.54 78.46
C GLN L 2599 -49.42 -54.72 78.57
N ARG L 2600 -49.92 -54.95 79.79
CA ARG L 2600 -51.35 -55.11 79.97
C ARG L 2600 -52.10 -53.79 79.83
N ASP L 2601 -51.45 -52.66 80.12
CA ASP L 2601 -52.11 -51.37 79.96
C ASP L 2601 -52.26 -51.00 78.49
N VAL L 2602 -51.43 -51.57 77.62
CA VAL L 2602 -51.63 -51.41 76.18
C VAL L 2602 -52.88 -52.14 75.74
N ILE L 2603 -53.09 -53.35 76.26
CA ILE L 2603 -54.20 -54.17 75.83
C ILE L 2603 -55.52 -53.67 76.41
N GLU L 2604 -55.51 -53.27 77.69
CA GLU L 2604 -56.70 -52.75 78.32
C GLU L 2604 -57.12 -51.41 77.72
N ASP L 2605 -56.17 -50.66 77.19
CA ASP L 2605 -56.53 -49.48 76.41
C ASP L 2605 -56.93 -49.86 74.99
N CYS L 2606 -56.42 -50.99 74.48
CA CYS L 2606 -56.83 -51.45 73.16
C CYS L 2606 -58.22 -52.06 73.22
N LEU L 2607 -58.62 -52.57 74.38
CA LEU L 2607 -59.93 -53.21 74.51
C LEU L 2607 -61.05 -52.17 74.50
N MET L 2608 -60.96 -51.14 75.35
CA MET L 2608 -62.01 -50.15 75.44
C MET L 2608 -62.04 -49.25 74.21
N ALA L 2609 -60.92 -49.19 73.48
CA ALA L 2609 -60.92 -48.54 72.18
C ALA L 2609 -61.67 -49.36 71.14
N LEU L 2610 -61.84 -50.66 71.37
CA LEU L 2610 -62.65 -51.47 70.50
C LEU L 2610 -64.05 -51.70 71.03
N CYS L 2611 -64.29 -51.46 72.33
CA CYS L 2611 -65.64 -51.48 72.87
C CYS L 2611 -66.51 -50.38 72.27
N ARG L 2612 -65.90 -49.27 71.85
CA ARG L 2612 -66.57 -48.24 71.08
C ARG L 2612 -66.31 -48.50 69.59
N TYR L 2613 -66.99 -47.72 68.75
CA TYR L 2613 -66.86 -47.72 67.29
C TYR L 2613 -67.27 -49.04 66.68
N ILE L 2614 -68.27 -49.69 67.29
CA ILE L 2614 -68.90 -50.89 66.76
C ILE L 2614 -70.28 -50.99 67.41
N ARG L 2615 -71.26 -51.48 66.63
CA ARG L 2615 -72.64 -51.49 67.09
C ARG L 2615 -72.84 -52.52 68.21
N PRO L 2616 -73.71 -52.23 69.18
CA PRO L 2616 -73.93 -53.17 70.29
C PRO L 2616 -74.67 -54.46 69.93
N SER L 2617 -74.92 -54.71 68.64
CA SER L 2617 -75.31 -56.04 68.20
C SER L 2617 -74.24 -57.08 68.52
N MET L 2618 -72.99 -56.83 68.12
CA MET L 2618 -71.92 -57.79 68.33
C MET L 2618 -71.27 -57.68 69.71
N LEU L 2619 -71.61 -56.65 70.49
CA LEU L 2619 -71.07 -56.44 71.82
C LEU L 2619 -71.45 -57.53 72.81
N GLN L 2620 -72.63 -58.14 72.68
CA GLN L 2620 -73.08 -59.10 73.69
C GLN L 2620 -72.40 -60.46 73.55
N HIS L 2621 -71.56 -60.62 72.53
CA HIS L 2621 -70.82 -61.87 72.37
C HIS L 2621 -69.83 -62.11 73.49
N LEU L 2622 -69.29 -61.06 74.09
CA LEU L 2622 -68.42 -61.20 75.24
C LEU L 2622 -69.12 -60.87 76.55
N LEU L 2623 -70.20 -60.09 76.48
CA LEU L 2623 -70.94 -59.71 77.68
C LEU L 2623 -71.61 -60.90 78.34
N ARG L 2624 -71.93 -61.94 77.56
CA ARG L 2624 -72.35 -63.20 78.13
C ARG L 2624 -71.22 -63.85 78.93
N ARG L 2625 -69.97 -63.60 78.54
CA ARG L 2625 -68.84 -64.27 79.18
C ARG L 2625 -68.33 -63.49 80.38
N LEU L 2626 -68.50 -62.16 80.37
CA LEU L 2626 -67.98 -61.35 81.47
C LEU L 2626 -68.81 -61.51 82.73
N VAL L 2627 -70.14 -61.41 82.63
CA VAL L 2627 -71.02 -61.55 83.79
C VAL L 2627 -71.01 -62.96 84.37
N PHE L 2628 -70.50 -63.93 83.63
CA PHE L 2628 -70.15 -65.22 84.21
C PHE L 2628 -69.05 -65.10 85.26
N ASP L 2629 -68.06 -64.24 85.03
CA ASP L 2629 -66.85 -64.23 85.83
C ASP L 2629 -66.82 -63.15 86.91
N VAL L 2630 -66.94 -61.89 86.55
CA VAL L 2630 -66.64 -60.78 87.47
C VAL L 2630 -67.63 -60.55 88.62
N PRO L 2631 -68.94 -60.40 88.42
CA PRO L 2631 -69.72 -59.59 89.38
C PRO L 2631 -69.97 -60.26 90.73
N ILE L 2632 -69.60 -61.53 90.89
CA ILE L 2632 -69.72 -62.21 92.18
C ILE L 2632 -68.55 -61.91 93.10
N LEU L 2633 -67.45 -61.37 92.59
CA LEU L 2633 -66.24 -61.16 93.36
C LEU L 2633 -65.90 -59.67 93.39
N ASN L 2634 -65.38 -59.22 94.52
CA ASN L 2634 -64.98 -57.83 94.67
C ASN L 2634 -63.52 -57.64 94.25
N LYS L 2638 -57.38 -57.05 86.24
CA LYS L 2638 -58.22 -58.23 86.42
C LYS L 2638 -59.67 -57.81 86.67
N MET L 2639 -59.95 -57.37 87.88
CA MET L 2639 -61.30 -57.02 88.29
C MET L 2639 -61.80 -55.75 87.61
N PRO L 2640 -61.00 -54.69 87.68
CA PRO L 2640 -61.40 -53.40 87.14
C PRO L 2640 -61.39 -53.38 85.61
N LEU L 2641 -60.68 -54.33 85.02
CA LEU L 2641 -60.62 -54.46 83.56
C LEU L 2641 -61.98 -54.88 83.01
N LYS L 2642 -62.73 -55.60 83.84
CA LYS L 2642 -64.08 -55.98 83.51
C LYS L 2642 -65.02 -54.81 83.72
N LEU L 2643 -64.87 -54.14 84.86
CA LEU L 2643 -65.76 -53.08 85.28
C LEU L 2643 -65.64 -51.84 84.39
N LEU L 2644 -64.48 -51.66 83.78
CA LEU L 2644 -64.26 -50.53 82.90
C LEU L 2644 -64.98 -50.72 81.57
N THR L 2645 -64.81 -51.91 80.97
CA THR L 2645 -65.38 -52.21 79.68
C THR L 2645 -66.89 -52.35 79.75
N ASN L 2646 -67.38 -52.70 80.93
CA ASN L 2646 -68.80 -52.88 81.17
C ASN L 2646 -69.52 -51.54 81.10
N HIS L 2647 -68.97 -50.54 81.78
CA HIS L 2647 -69.63 -49.24 81.89
C HIS L 2647 -69.55 -48.44 80.59
N TYR L 2648 -68.70 -48.86 79.67
CA TYR L 2648 -68.56 -48.17 78.40
C TYR L 2648 -69.42 -48.80 77.31
N GLU L 2649 -70.30 -49.70 77.72
CA GLU L 2649 -71.17 -50.39 76.77
C GLU L 2649 -72.62 -50.31 77.22
N ARG L 2650 -72.81 -50.18 78.53
CA ARG L 2650 -74.15 -50.07 79.09
C ARG L 2650 -74.66 -48.64 79.00
N CYS L 2651 -73.74 -47.71 78.77
CA CYS L 2651 -74.11 -46.32 78.55
C CYS L 2651 -73.92 -46.00 77.08
N TRP L 2652 -74.08 -47.01 76.25
CA TRP L 2652 -73.83 -46.89 74.83
C TRP L 2652 -75.08 -47.16 74.01
N LYS L 2653 -76.20 -47.40 74.69
CA LYS L 2653 -77.46 -47.70 74.00
C LYS L 2653 -78.67 -47.37 74.86
N TYR L 2654 -78.44 -46.68 75.98
CA TYR L 2654 -79.51 -46.37 76.93
C TYR L 2654 -80.42 -45.26 76.45
N TYR L 2655 -80.03 -44.62 75.36
CA TYR L 2655 -80.89 -43.65 74.68
C TYR L 2655 -81.06 -44.09 73.23
N ALA L 2662 -82.35 -61.89 76.71
CA ALA L 2662 -81.10 -62.57 76.40
C ALA L 2662 -80.00 -62.13 77.35
N ASN L 2663 -79.26 -61.11 76.95
CA ASN L 2663 -78.16 -60.59 77.77
C ASN L 2663 -78.68 -59.71 78.88
N PHE L 2664 -79.92 -59.26 78.75
CA PHE L 2664 -80.54 -58.38 79.74
C PHE L 2664 -80.78 -59.11 81.06
N GLY L 2665 -81.08 -60.40 80.97
CA GLY L 2665 -81.28 -61.20 82.15
C GLY L 2665 -79.93 -61.49 82.80
N VAL L 2666 -78.90 -61.55 81.97
CA VAL L 2666 -77.54 -61.80 82.45
C VAL L 2666 -77.02 -60.58 83.20
N THR L 2667 -77.47 -59.41 82.79
CA THR L 2667 -77.07 -58.16 83.42
C THR L 2667 -77.73 -58.01 84.78
N SER L 2668 -79.00 -58.40 84.85
CA SER L 2668 -79.76 -58.36 86.09
C SER L 2668 -79.25 -59.41 87.05
N GLU L 2669 -78.73 -60.50 86.49
CA GLU L 2669 -78.06 -61.53 87.26
C GLU L 2669 -76.77 -60.96 87.84
N GLU L 2670 -76.08 -60.15 87.05
CA GLU L 2670 -74.86 -59.49 87.47
C GLU L 2670 -75.19 -58.36 88.44
N GLU L 2671 -76.37 -57.76 88.25
CA GLU L 2671 -76.82 -56.62 89.06
C GLU L 2671 -77.07 -57.05 90.51
N LEU L 2672 -77.58 -58.26 90.67
CA LEU L 2672 -77.81 -58.80 91.99
C LEU L 2672 -76.51 -59.37 92.54
N HIS L 2673 -75.64 -59.80 91.64
CA HIS L 2673 -74.34 -60.37 92.02
C HIS L 2673 -73.44 -59.28 92.59
N LEU L 2674 -73.54 -58.10 92.00
CA LEU L 2674 -72.77 -56.95 92.47
C LEU L 2674 -73.36 -56.46 93.79
N THR L 2675 -74.67 -56.65 93.94
CA THR L 2675 -75.34 -56.32 95.18
C THR L 2675 -74.90 -57.30 96.27
N ARG L 2676 -74.62 -58.53 95.85
CA ARG L 2676 -74.11 -59.56 96.75
C ARG L 2676 -72.66 -59.25 97.12
N LYS L 2677 -71.97 -58.57 96.21
CA LYS L 2677 -70.63 -58.10 96.49
C LYS L 2677 -70.68 -56.89 97.41
N LEU L 2678 -71.80 -56.16 97.34
CA LEU L 2678 -72.01 -55.00 98.19
C LEU L 2678 -72.83 -55.36 99.42
N LEU L 2686 -62.11 -47.00 97.26
CA LEU L 2686 -61.14 -47.98 96.77
C LEU L 2686 -61.76 -48.86 95.69
N ALA L 2687 -61.87 -50.15 95.98
CA ALA L 2687 -62.52 -51.07 95.05
C ALA L 2687 -64.02 -50.91 95.17
N HIS L 2688 -64.46 -50.42 96.32
CA HIS L 2688 -65.86 -50.16 96.59
C HIS L 2688 -66.39 -49.00 95.75
N LYS L 2689 -65.52 -48.06 95.43
CA LYS L 2689 -65.90 -46.90 94.62
C LYS L 2689 -65.73 -47.19 93.14
N LYS L 2690 -65.05 -48.30 92.83
CA LYS L 2690 -64.80 -48.67 91.44
C LYS L 2690 -65.92 -49.54 90.90
N TYR L 2691 -66.92 -49.81 91.74
CA TYR L 2691 -67.98 -50.73 91.37
C TYR L 2691 -69.30 -50.03 91.07
N ASP L 2692 -69.62 -49.00 91.85
CA ASP L 2692 -70.93 -48.33 91.78
C ASP L 2692 -71.13 -47.56 90.48
N GLN L 2693 -70.03 -47.16 89.85
CA GLN L 2693 -70.09 -46.47 88.58
C GLN L 2693 -70.52 -47.41 87.48
N GLU L 2694 -69.90 -48.58 87.44
CA GLU L 2694 -70.21 -49.58 86.43
C GLU L 2694 -71.55 -50.24 86.69
N LEU L 2695 -71.98 -50.23 87.96
CA LEU L 2695 -73.23 -50.84 88.35
C LEU L 2695 -74.41 -49.97 87.96
N TYR L 2696 -74.31 -48.67 88.26
CA TYR L 2696 -75.40 -47.73 87.99
C TYR L 2696 -75.50 -47.41 86.50
N ARG L 2697 -74.42 -47.67 85.77
CA ARG L 2697 -74.42 -47.47 84.32
C ARG L 2697 -75.22 -48.58 83.64
N MET L 2698 -75.29 -49.72 84.29
CA MET L 2698 -76.03 -50.85 83.75
C MET L 2698 -77.46 -50.86 84.29
N ALA L 2699 -77.84 -49.79 84.99
CA ALA L 2699 -79.17 -49.71 85.62
C ALA L 2699 -80.24 -49.15 84.68
N MET L 2700 -80.07 -49.37 83.38
CA MET L 2700 -81.03 -48.94 82.37
C MET L 2700 -80.91 -49.78 81.12
N GLU L 2741 -77.26 -87.34 88.76
CA GLU L 2741 -76.90 -88.72 88.46
C GLU L 2741 -77.82 -89.33 87.41
N THR L 2742 -77.24 -89.86 86.34
CA THR L 2742 -78.00 -90.51 85.28
C THR L 2742 -77.62 -91.97 85.08
N LEU L 2743 -76.41 -92.37 85.43
CA LEU L 2743 -76.03 -93.78 85.35
C LEU L 2743 -76.42 -94.55 86.60
N ASN L 2744 -76.53 -93.87 87.74
CA ASN L 2744 -76.93 -94.48 88.99
C ASN L 2744 -78.39 -94.19 89.35
N VAL L 2745 -79.13 -93.59 88.43
CA VAL L 2745 -80.56 -93.32 88.60
C VAL L 2745 -81.33 -94.50 88.03
N ILE L 2746 -82.26 -95.02 88.82
CA ILE L 2746 -82.99 -96.23 88.45
C ILE L 2746 -84.04 -95.88 87.40
N ILE L 2747 -84.22 -96.78 86.43
CA ILE L 2747 -85.24 -96.63 85.39
C ILE L 2747 -86.45 -97.46 85.79
N PRO L 2748 -87.65 -96.91 85.76
CA PRO L 2748 -88.85 -97.67 86.11
C PRO L 2748 -89.27 -98.58 84.97
N GLU L 2749 -90.44 -99.22 85.15
CA GLU L 2749 -90.95 -100.15 84.15
C GLU L 2749 -91.37 -99.42 82.86
N LYS L 2750 -92.09 -98.32 82.98
CA LYS L 2750 -92.43 -97.53 81.81
C LYS L 2750 -91.25 -96.74 81.27
N LEU L 2751 -90.22 -96.51 82.08
CA LEU L 2751 -89.02 -95.81 81.61
C LEU L 2751 -88.21 -96.66 80.64
N ASP L 2752 -88.27 -97.99 80.78
CA ASP L 2752 -87.70 -98.85 79.74
C ASP L 2752 -88.60 -98.90 78.53
N SER L 2753 -89.90 -98.69 78.71
CA SER L 2753 -90.83 -98.55 77.60
C SER L 2753 -90.79 -97.16 76.97
N PHE L 2754 -90.38 -96.15 77.73
CA PHE L 2754 -90.22 -94.80 77.18
C PHE L 2754 -88.88 -94.61 76.52
N ILE L 2755 -87.85 -95.35 76.94
CA ILE L 2755 -86.54 -95.24 76.29
C ILE L 2755 -86.58 -95.89 74.92
N ASN L 2756 -87.49 -96.83 74.70
CA ASN L 2756 -87.71 -97.38 73.37
C ASN L 2756 -88.69 -96.55 72.57
N LYS L 2757 -89.69 -95.93 73.23
CA LYS L 2757 -90.68 -95.13 72.52
C LYS L 2757 -90.12 -93.76 72.12
N PHE L 2758 -89.29 -93.16 72.97
CA PHE L 2758 -88.61 -91.93 72.57
C PHE L 2758 -87.46 -92.21 71.61
N ALA L 2759 -87.06 -93.48 71.49
CA ALA L 2759 -86.20 -93.89 70.39
C ALA L 2759 -87.00 -94.20 69.13
N GLU L 2760 -88.23 -94.70 69.29
CA GLU L 2760 -89.07 -94.99 68.13
C GLU L 2760 -89.68 -93.73 67.56
N TYR L 2761 -90.08 -92.79 68.42
CA TYR L 2761 -90.62 -91.51 67.94
C TYR L 2761 -89.51 -90.63 67.37
N THR L 2762 -88.27 -90.84 67.80
CA THR L 2762 -87.15 -90.13 67.19
C THR L 2762 -86.88 -90.65 65.78
N HIS L 2763 -86.99 -91.96 65.57
CA HIS L 2763 -86.89 -92.49 64.21
C HIS L 2763 -88.15 -92.21 63.40
N GLU L 2764 -89.27 -91.93 64.07
CA GLU L 2764 -90.51 -91.58 63.39
C GLU L 2764 -90.48 -90.13 62.90
N LYS L 2765 -89.75 -89.25 63.59
CA LYS L 2765 -89.66 -87.86 63.16
C LYS L 2765 -88.52 -87.61 62.19
N TRP L 2766 -87.44 -88.41 62.30
CA TRP L 2766 -86.26 -88.17 61.46
C TRP L 2766 -86.48 -88.63 60.03
N ALA L 2767 -87.19 -89.75 59.83
CA ALA L 2767 -87.50 -90.18 58.48
C ALA L 2767 -88.57 -89.29 57.85
N PHE L 2768 -89.38 -88.61 58.66
CA PHE L 2768 -90.34 -87.66 58.13
C PHE L 2768 -89.67 -86.39 57.61
N ASP L 2769 -88.49 -86.06 58.14
CA ASP L 2769 -87.83 -84.81 57.77
C ASP L 2769 -86.89 -84.99 56.58
N LYS L 2770 -86.11 -86.06 56.55
CA LYS L 2770 -85.13 -86.27 55.50
C LYS L 2770 -85.76 -86.58 54.14
N ILE L 2771 -86.82 -87.39 54.11
CA ILE L 2771 -87.42 -87.83 52.85
C ILE L 2771 -88.13 -86.68 52.15
N GLN L 2772 -88.50 -85.62 52.89
CA GLN L 2772 -89.06 -84.43 52.28
C GLN L 2772 -88.05 -83.67 51.42
N ASN L 2773 -86.76 -83.76 51.75
CA ASN L 2773 -85.70 -83.12 50.98
C ASN L 2773 -85.05 -84.08 49.98
N ASN L 2774 -85.79 -85.09 49.52
CA ASN L 2774 -85.33 -86.10 48.55
C ASN L 2774 -84.09 -86.84 49.04
N TRP L 2775 -84.26 -87.56 50.15
CA TRP L 2775 -83.21 -88.42 50.70
C TRP L 2775 -83.40 -89.82 50.15
N SER L 2776 -82.38 -90.32 49.45
CA SER L 2776 -82.45 -91.66 48.86
C SER L 2776 -82.19 -92.72 49.92
N TYR L 2777 -82.35 -93.98 49.52
CA TYR L 2777 -82.11 -95.11 50.41
C TYR L 2777 -80.88 -95.86 49.96
N GLY L 2778 -79.86 -95.89 50.83
CA GLY L 2778 -78.64 -96.60 50.53
C GLY L 2778 -78.21 -97.45 51.70
N GLU L 2779 -77.54 -98.57 51.38
CA GLU L 2779 -76.99 -99.43 52.41
C GLU L 2779 -75.84 -98.75 53.15
N ASN L 2780 -75.06 -97.93 52.45
CA ASN L 2780 -74.08 -97.05 53.06
C ASN L 2780 -74.60 -95.62 52.98
N VAL L 2781 -74.51 -94.92 54.10
CA VAL L 2781 -75.02 -93.56 54.20
C VAL L 2781 -74.06 -92.62 53.46
N ASP L 2782 -74.52 -92.12 52.31
CA ASP L 2782 -73.73 -91.21 51.49
C ASP L 2782 -74.35 -89.83 51.56
N GLU L 2783 -73.48 -88.81 51.58
CA GLU L 2783 -73.95 -87.43 51.68
C GLU L 2783 -74.41 -86.87 50.34
N GLU L 2784 -73.71 -87.22 49.26
CA GLU L 2784 -74.14 -86.77 47.94
C GLU L 2784 -75.39 -87.51 47.47
N LEU L 2785 -75.58 -88.73 47.96
CA LEU L 2785 -76.78 -89.50 47.68
C LEU L 2785 -77.89 -89.27 48.70
N LYS L 2786 -77.58 -88.58 49.81
CA LYS L 2786 -78.50 -88.33 50.93
C LYS L 2786 -79.08 -89.62 51.48
N THR L 2787 -78.24 -90.64 51.62
CA THR L 2787 -78.71 -91.96 52.02
C THR L 2787 -78.91 -92.02 53.53
N HIS L 2788 -80.03 -92.63 53.93
CA HIS L 2788 -80.33 -92.84 55.33
C HIS L 2788 -80.59 -94.33 55.53
N PRO L 2789 -79.58 -95.12 55.90
CA PRO L 2789 -79.78 -96.55 56.12
C PRO L 2789 -80.57 -96.89 57.38
N MET L 2790 -80.81 -95.90 58.25
CA MET L 2790 -81.66 -96.09 59.42
C MET L 2790 -83.11 -95.69 59.14
N LEU L 2791 -83.54 -95.83 57.88
CA LEU L 2791 -84.90 -95.49 57.48
C LEU L 2791 -85.82 -96.66 57.82
N ARG L 2792 -86.04 -96.84 59.12
CA ARG L 2792 -86.89 -97.89 59.66
C ARG L 2792 -87.27 -97.52 61.08
N PRO L 2793 -88.16 -98.28 61.70
CA PRO L 2793 -88.53 -98.00 63.09
C PRO L 2793 -87.51 -98.59 64.06
N TYR L 2794 -87.67 -98.22 65.33
CA TYR L 2794 -86.85 -98.82 66.38
C TYR L 2794 -87.27 -100.25 66.69
N LYS L 2795 -88.52 -100.61 66.40
CA LYS L 2795 -88.95 -101.99 66.51
C LYS L 2795 -88.53 -102.85 65.32
N THR L 2796 -88.11 -102.23 64.22
CA THR L 2796 -87.49 -102.92 63.09
C THR L 2796 -85.99 -102.82 63.15
N PHE L 2797 -85.43 -102.27 64.23
CA PHE L 2797 -84.00 -102.17 64.42
C PHE L 2797 -83.52 -103.16 65.48
N SER L 2798 -82.33 -103.70 65.25
CA SER L 2798 -81.70 -104.64 66.16
C SER L 2798 -80.86 -103.88 67.19
N GLU L 2799 -80.03 -104.61 67.92
CA GLU L 2799 -79.16 -103.96 68.90
C GLU L 2799 -78.02 -103.20 68.23
N LYS L 2800 -77.73 -103.49 66.96
CA LYS L 2800 -76.75 -102.75 66.20
C LYS L 2800 -77.34 -101.51 65.53
N ASP L 2801 -78.66 -101.45 65.36
CA ASP L 2801 -79.30 -100.31 64.72
C ASP L 2801 -80.17 -99.49 65.69
N LYS L 2802 -80.27 -99.90 66.95
CA LYS L 2802 -80.91 -99.08 67.97
C LYS L 2802 -79.94 -98.64 69.06
N GLU L 2803 -78.65 -98.98 68.92
CA GLU L 2803 -77.64 -98.52 69.86
C GLU L 2803 -77.34 -97.04 69.71
N ILE L 2804 -77.71 -96.43 68.57
CA ILE L 2804 -77.58 -94.99 68.40
C ILE L 2804 -78.61 -94.22 69.21
N TYR L 2805 -79.69 -94.87 69.65
CA TYR L 2805 -80.72 -94.22 70.45
C TYR L 2805 -81.03 -95.02 71.72
N ARG L 2806 -80.05 -95.72 72.27
CA ARG L 2806 -80.25 -96.50 73.48
C ARG L 2806 -79.87 -95.71 74.73
N TRP L 2807 -78.63 -95.22 74.79
CA TRP L 2807 -78.13 -94.48 75.93
C TRP L 2807 -78.77 -93.10 76.02
N PRO L 2808 -79.16 -92.50 74.90
CA PRO L 2808 -79.69 -91.13 74.96
C PRO L 2808 -81.10 -91.05 75.50
N ILE L 2809 -81.97 -91.99 75.15
CA ILE L 2809 -83.34 -91.95 75.67
C ILE L 2809 -83.46 -92.62 77.04
N LYS L 2810 -82.40 -93.26 77.52
CA LYS L 2810 -82.39 -93.85 78.86
C LYS L 2810 -81.75 -92.94 79.90
N GLU L 2811 -80.74 -92.16 79.51
CA GLU L 2811 -80.13 -91.22 80.45
C GLU L 2811 -81.00 -89.99 80.65
N SER L 2812 -81.72 -89.56 79.62
CA SER L 2812 -82.62 -88.42 79.76
C SER L 2812 -83.82 -88.76 80.62
N LEU L 2813 -84.34 -89.98 80.51
CA LEU L 2813 -85.38 -90.45 81.42
C LEU L 2813 -84.85 -90.64 82.83
N LYS L 2814 -83.57 -90.99 82.96
CA LYS L 2814 -82.94 -91.07 84.28
C LYS L 2814 -82.64 -89.69 84.83
N ALA L 2815 -82.31 -88.74 83.97
CA ALA L 2815 -82.12 -87.36 84.44
C ALA L 2815 -83.45 -86.70 84.78
N MET L 2816 -84.53 -87.09 84.10
CA MET L 2816 -85.85 -86.62 84.47
C MET L 2816 -86.34 -87.27 85.75
N ILE L 2817 -85.88 -88.49 86.04
CA ILE L 2817 -86.28 -89.17 87.26
C ILE L 2817 -85.44 -88.69 88.45
N ALA L 2818 -84.16 -88.40 88.23
CA ALA L 2818 -83.32 -87.90 89.31
C ALA L 2818 -83.67 -86.45 89.67
N TRP L 2819 -84.23 -85.69 88.73
CA TRP L 2819 -84.69 -84.35 89.04
C TRP L 2819 -86.02 -84.38 89.77
N GLU L 2820 -86.98 -85.16 89.28
CA GLU L 2820 -88.27 -85.32 89.93
C GLU L 2820 -88.68 -86.78 89.78
N TRP L 2821 -88.78 -87.49 90.92
CA TRP L 2821 -89.03 -88.93 90.92
C TRP L 2821 -90.48 -89.22 90.54
N THR L 2822 -90.78 -89.06 89.25
CA THR L 2822 -92.10 -89.35 88.69
C THR L 2822 -91.88 -90.05 87.35
N ILE L 2823 -91.77 -91.38 87.40
CA ILE L 2823 -91.67 -92.21 86.20
C ILE L 2823 -92.73 -93.30 86.33
N GLU L 2824 -93.92 -93.02 85.83
CA GLU L 2824 -95.04 -93.95 85.88
C GLU L 2824 -96.05 -93.55 84.82
N LYS L 2825 -96.89 -94.49 84.42
CA LYS L 2825 -97.90 -94.26 83.40
C LYS L 2825 -99.19 -93.78 84.08
N ALA L 2826 -99.66 -92.60 83.70
CA ALA L 2826 -100.89 -92.03 84.24
C ALA L 2826 -101.88 -91.62 83.15
N ARG L 2827 -101.58 -91.91 81.88
CA ARG L 2827 -102.45 -91.55 80.77
C ARG L 2827 -102.23 -92.56 79.64
N GLU L 2828 -103.13 -92.54 78.67
CA GLU L 2828 -103.08 -93.46 77.55
C GLU L 2828 -101.98 -93.04 76.57
N GLY L 2829 -101.69 -93.94 75.62
CA GLY L 2829 -100.67 -93.67 74.64
C GLY L 2829 -101.13 -92.66 73.60
N GLU L 2830 -100.15 -92.13 72.86
CA GLU L 2830 -100.42 -91.14 71.83
C GLU L 2830 -99.40 -91.23 70.69
N TYR L 2855 -88.94 -96.54 53.74
CA TYR L 2855 -89.94 -96.35 54.77
C TYR L 2855 -90.15 -94.88 55.07
N ASN L 2856 -91.42 -94.47 55.19
CA ASN L 2856 -91.80 -93.09 55.47
C ASN L 2856 -92.40 -93.02 56.85
N PRO L 2857 -91.58 -93.03 57.90
CA PRO L 2857 -92.09 -92.92 59.27
C PRO L 2857 -92.50 -91.48 59.56
N GLN L 2858 -93.66 -91.31 60.20
CA GLN L 2858 -94.18 -89.98 60.51
C GLN L 2858 -94.43 -89.87 62.01
N PRO L 2859 -93.97 -88.81 62.67
CA PRO L 2859 -94.27 -88.66 64.09
C PRO L 2859 -95.67 -88.12 64.31
N PRO L 2860 -96.27 -88.42 65.45
CA PRO L 2860 -97.66 -88.00 65.68
C PRO L 2860 -97.75 -86.53 66.09
N ASP L 2861 -99.00 -86.09 66.29
CA ASP L 2861 -99.28 -84.71 66.69
C ASP L 2861 -98.97 -84.57 68.18
N LEU L 2862 -97.69 -84.41 68.50
CA LEU L 2862 -97.26 -84.25 69.87
C LEU L 2862 -97.49 -82.84 70.41
N SER L 2863 -97.79 -81.89 69.54
CA SER L 2863 -98.05 -80.50 69.94
C SER L 2863 -99.54 -80.23 70.10
N GLY L 2864 -100.32 -81.25 70.46
CA GLY L 2864 -101.75 -81.07 70.70
C GLY L 2864 -102.01 -80.29 71.96
N VAL L 2865 -101.23 -80.56 73.01
CA VAL L 2865 -101.28 -79.81 74.26
C VAL L 2865 -99.97 -79.07 74.43
N THR L 2866 -100.06 -77.78 74.76
CA THR L 2866 -98.88 -76.96 74.94
C THR L 2866 -98.29 -77.14 76.34
N LEU L 2867 -97.37 -76.26 76.69
CA LEU L 2867 -96.72 -76.32 77.99
C LEU L 2867 -97.43 -75.40 78.97
N SER L 2868 -97.79 -75.95 80.13
CA SER L 2868 -98.45 -75.21 81.20
C SER L 2868 -97.40 -74.56 82.08
N ARG L 2869 -97.80 -74.07 83.27
CA ARG L 2869 -96.85 -73.48 84.20
C ARG L 2869 -95.91 -74.52 84.80
N GLU L 2870 -96.34 -75.77 84.92
CA GLU L 2870 -95.48 -76.84 85.41
C GLU L 2870 -94.83 -77.63 84.28
N LEU L 2871 -95.37 -77.54 83.07
CA LEU L 2871 -94.78 -78.26 81.93
C LEU L 2871 -93.67 -77.46 81.27
N GLN L 2872 -93.83 -76.13 81.18
CA GLN L 2872 -92.77 -75.30 80.61
C GLN L 2872 -91.57 -75.21 81.53
N ALA L 2873 -91.79 -75.19 82.84
CA ALA L 2873 -90.70 -75.24 83.80
C ALA L 2873 -89.99 -76.59 83.78
N MET L 2874 -90.73 -77.69 83.57
CA MET L 2874 -90.10 -78.99 83.39
C MET L 2874 -89.39 -79.10 82.05
N ALA L 2875 -89.93 -78.45 81.01
CA ALA L 2875 -89.22 -78.39 79.73
C ALA L 2875 -88.00 -77.50 79.84
N GLU L 2876 -88.05 -76.47 80.68
CA GLU L 2876 -86.87 -75.70 81.01
C GLU L 2876 -85.90 -76.51 81.86
N GLN L 2877 -86.42 -77.44 82.66
CA GLN L 2877 -85.55 -78.32 83.44
C GLN L 2877 -84.95 -79.42 82.59
N LEU L 2878 -85.59 -79.75 81.47
CA LEU L 2878 -85.07 -80.80 80.60
C LEU L 2878 -83.98 -80.29 79.66
N ALA L 2879 -84.04 -79.01 79.30
CA ALA L 2879 -83.01 -78.44 78.44
C ALA L 2879 -81.71 -78.22 79.20
N GLU L 2880 -81.79 -77.73 80.44
CA GLU L 2880 -80.60 -77.53 81.24
C GLU L 2880 -79.98 -78.83 81.70
N ASN L 2881 -80.80 -79.86 81.96
CA ASN L 2881 -80.25 -81.17 82.32
C ASN L 2881 -79.59 -81.84 81.12
N TYR L 2882 -80.15 -81.66 79.92
CA TYR L 2882 -79.47 -82.10 78.71
C TYR L 2882 -78.23 -81.26 78.44
N HIS L 2883 -78.23 -80.01 78.88
CA HIS L 2883 -77.04 -79.19 78.80
C HIS L 2883 -76.06 -79.50 79.93
N ASN L 2884 -76.55 -80.00 81.06
CA ASN L 2884 -75.66 -80.34 82.16
C ASN L 2884 -74.89 -81.62 81.91
N THR L 2885 -75.56 -82.64 81.36
CA THR L 2885 -74.89 -83.91 81.08
C THR L 2885 -73.96 -83.79 79.88
N TRP L 2886 -74.38 -83.10 78.84
CA TRP L 2886 -73.49 -82.88 77.69
C TRP L 2886 -72.40 -81.86 78.02
N GLY L 2887 -72.69 -80.92 78.92
CA GLY L 2887 -71.68 -79.96 79.33
C GLY L 2887 -70.62 -80.56 80.24
N ARG L 2888 -71.04 -81.46 81.14
CA ARG L 2888 -70.05 -82.19 81.93
C ARG L 2888 -69.28 -83.19 81.07
N LYS L 2889 -69.89 -83.67 79.99
CA LYS L 2889 -69.19 -84.51 79.05
C LYS L 2889 -68.13 -83.72 78.28
N LYS L 2890 -68.40 -82.46 77.98
CA LYS L 2890 -67.41 -81.63 77.31
C LYS L 2890 -66.30 -81.20 78.26
N LYS L 2891 -66.61 -81.01 79.54
CA LYS L 2891 -65.57 -80.64 80.51
C LYS L 2891 -64.69 -81.82 80.88
N GLN L 2892 -65.17 -83.04 80.64
CA GLN L 2892 -64.35 -84.21 80.92
C GLN L 2892 -63.53 -84.63 79.70
N GLU L 2893 -64.09 -84.48 78.50
CA GLU L 2893 -63.40 -84.94 77.29
C GLU L 2893 -62.25 -84.05 76.89
N LEU L 2894 -62.47 -82.73 76.84
CA LEU L 2894 -61.42 -81.80 76.44
C LEU L 2894 -60.31 -81.68 77.47
N GLU L 2895 -60.64 -81.92 78.75
CA GLU L 2895 -59.59 -81.94 79.78
C GLU L 2895 -58.75 -83.20 79.70
N ALA L 2896 -59.32 -84.30 79.22
CA ALA L 2896 -58.58 -85.55 79.08
C ALA L 2896 -58.02 -85.69 77.68
N LEU L 2905 -68.62 -74.39 76.12
CA LEU L 2905 -68.88 -74.28 77.54
C LEU L 2905 -69.91 -73.18 77.82
N VAL L 2906 -71.09 -73.32 77.20
CA VAL L 2906 -72.13 -72.31 77.33
C VAL L 2906 -73.27 -72.86 78.19
N PRO L 2907 -73.70 -72.12 79.20
CA PRO L 2907 -74.83 -72.59 80.02
C PRO L 2907 -76.17 -72.34 79.33
N TYR L 2908 -77.24 -72.67 80.06
CA TYR L 2908 -78.58 -72.58 79.49
C TYR L 2908 -79.22 -71.21 79.68
N ASP L 2909 -79.15 -70.66 80.89
CA ASP L 2909 -79.82 -69.38 81.17
C ASP L 2909 -79.10 -68.20 80.53
N THR L 2910 -77.77 -68.25 80.48
CA THR L 2910 -76.97 -67.23 79.82
C THR L 2910 -76.60 -67.61 78.40
N LEU L 2911 -77.40 -68.43 77.74
CA LEU L 2911 -77.15 -68.82 76.37
C LEU L 2911 -77.48 -67.67 75.41
N THR L 2912 -77.07 -67.85 74.15
CA THR L 2912 -77.30 -66.84 73.13
C THR L 2912 -78.76 -66.85 72.68
N ALA L 2913 -79.08 -65.87 71.83
CA ALA L 2913 -80.39 -65.88 71.17
C ALA L 2913 -80.42 -66.89 70.03
N LYS L 2914 -79.26 -67.32 69.54
CA LYS L 2914 -79.21 -68.34 68.50
C LYS L 2914 -78.85 -69.71 69.05
N GLU L 2915 -78.08 -69.76 70.13
CA GLU L 2915 -77.69 -71.05 70.71
C GLU L 2915 -78.84 -71.68 71.48
N LYS L 2916 -79.68 -70.88 72.13
CA LYS L 2916 -80.82 -71.41 72.88
C LYS L 2916 -81.96 -71.83 71.97
N ALA L 2917 -81.93 -71.45 70.69
CA ALA L 2917 -82.97 -71.88 69.76
C ALA L 2917 -82.77 -73.30 69.29
N ARG L 2918 -81.52 -73.77 69.25
CA ARG L 2918 -81.23 -75.14 68.84
C ARG L 2918 -81.21 -76.13 70.00
N ASP L 2919 -80.97 -75.64 71.22
CA ASP L 2919 -80.91 -76.52 72.38
C ASP L 2919 -82.29 -76.79 72.97
N ARG L 2920 -83.23 -75.87 72.80
CA ARG L 2920 -84.58 -76.02 73.37
C ARG L 2920 -85.42 -77.06 72.63
N GLU L 2921 -85.05 -77.39 71.38
CA GLU L 2921 -85.80 -78.42 70.66
C GLU L 2921 -85.46 -79.82 71.15
N LYS L 2922 -84.36 -79.96 71.90
CA LYS L 2922 -84.03 -81.25 72.51
C LYS L 2922 -84.85 -81.51 73.77
N ALA L 2923 -85.50 -80.49 74.31
CA ALA L 2923 -86.33 -80.66 75.49
C ALA L 2923 -87.82 -80.56 75.19
N GLN L 2924 -88.19 -79.69 74.23
CA GLN L 2924 -89.60 -79.56 73.88
C GLN L 2924 -90.10 -80.76 73.10
N GLU L 2925 -89.20 -81.47 72.41
CA GLU L 2925 -89.57 -82.73 71.77
C GLU L 2925 -89.45 -83.91 72.72
N LEU L 2926 -88.59 -83.81 73.73
CA LEU L 2926 -88.45 -84.91 74.69
C LEU L 2926 -89.58 -84.91 75.72
N LEU L 2927 -90.01 -83.73 76.15
CA LEU L 2927 -91.17 -83.65 77.05
C LEU L 2927 -92.46 -83.99 76.31
N LYS L 2928 -92.51 -83.74 75.01
CA LYS L 2928 -93.64 -84.21 74.22
C LYS L 2928 -93.56 -85.70 73.97
N PHE L 2929 -92.35 -86.26 73.93
CA PHE L 2929 -92.18 -87.72 73.84
C PHE L 2929 -92.41 -88.38 75.18
N LEU L 2930 -92.07 -87.70 76.28
CA LEU L 2930 -92.37 -88.23 77.60
C LEU L 2930 -93.85 -88.14 77.93
N GLN L 2931 -94.58 -87.18 77.34
CA GLN L 2931 -96.00 -87.03 77.63
C GLN L 2931 -96.83 -88.17 77.07
N MET L 2932 -96.34 -88.84 76.03
CA MET L 2932 -97.00 -90.05 75.56
C MET L 2932 -96.80 -91.18 76.56
N ASN L 2933 -97.79 -92.09 76.59
CA ASN L 2933 -97.88 -93.23 77.50
C ASN L 2933 -97.88 -92.84 78.97
N GLY L 2934 -98.28 -91.60 79.29
CA GLY L 2934 -98.51 -91.17 80.65
C GLY L 2934 -97.28 -90.86 81.48
N TYR L 2935 -96.08 -90.93 80.92
CA TYR L 2935 -94.85 -90.76 81.70
C TYR L 2935 -94.39 -89.31 81.77
N ALA L 2936 -95.30 -88.41 82.14
CA ALA L 2936 -94.98 -86.98 82.21
C ALA L 2936 -94.40 -86.68 83.58
N VAL L 2937 -93.11 -86.39 83.63
CA VAL L 2937 -92.43 -86.07 84.89
C VAL L 2937 -92.82 -84.65 85.28
N THR L 2938 -93.79 -84.52 86.20
CA THR L 2938 -94.31 -83.24 86.63
C THR L 2938 -94.05 -83.08 88.12
N ARG L 2939 -93.21 -82.12 88.48
CA ARG L 2939 -92.88 -81.87 89.88
C ARG L 2939 -94.02 -81.17 90.60
N ILE L 2951 -89.95 -57.26 86.83
CA ILE L 2951 -88.51 -57.42 86.92
C ILE L 2951 -87.92 -56.42 87.91
N GLU L 2952 -88.44 -55.19 87.89
CA GLU L 2952 -87.92 -54.13 88.74
C GLU L 2952 -88.47 -54.22 90.16
N LYS L 2953 -89.55 -54.97 90.32
CA LYS L 2953 -90.18 -55.13 91.63
C LYS L 2953 -89.34 -56.02 92.54
N ARG L 2954 -88.55 -56.89 91.92
CA ARG L 2954 -87.63 -57.76 92.65
C ARG L 2954 -86.51 -56.93 93.25
N PHE L 2955 -86.12 -55.90 92.52
CA PHE L 2955 -85.12 -54.96 93.00
C PHE L 2955 -85.72 -54.10 94.11
N ALA L 2956 -87.00 -53.74 93.93
CA ALA L 2956 -87.71 -52.91 94.89
C ALA L 2956 -88.00 -53.67 96.18
N PHE L 2957 -88.13 -54.99 96.06
CA PHE L 2957 -88.36 -55.84 97.21
C PHE L 2957 -87.12 -55.90 98.08
N GLY L 2958 -85.96 -56.04 97.43
CA GLY L 2958 -84.69 -56.04 98.14
C GLY L 2958 -84.36 -54.64 98.64
N PHE L 2959 -84.87 -53.63 97.95
CA PHE L 2959 -84.67 -52.24 98.33
C PHE L 2959 -85.39 -51.92 99.63
N LEU L 2960 -86.61 -52.43 99.75
CA LEU L 2960 -87.38 -52.27 100.98
C LEU L 2960 -86.80 -53.15 102.07
N GLN L 2961 -86.21 -54.27 101.65
CA GLN L 2961 -85.55 -55.19 102.56
C GLN L 2961 -84.30 -54.54 103.13
N GLN L 2962 -83.62 -53.76 102.29
CA GLN L 2962 -82.47 -53.01 102.73
C GLN L 2962 -82.91 -51.80 103.55
N LEU L 2963 -84.09 -51.29 103.25
CA LEU L 2963 -84.62 -50.11 103.93
C LEU L 2963 -84.99 -50.40 105.37
N LEU L 2964 -85.35 -51.65 105.64
CA LEU L 2964 -85.70 -52.08 106.98
C LEU L 2964 -84.45 -52.21 107.86
N ARG L 2965 -83.42 -52.81 107.29
CA ARG L 2965 -82.16 -53.02 108.00
C ARG L 2965 -81.38 -51.72 108.16
N TRP L 2966 -81.68 -50.75 107.30
CA TRP L 2966 -81.02 -49.45 107.34
C TRP L 2966 -81.49 -48.66 108.55
N MET L 2967 -82.81 -48.53 108.69
CA MET L 2967 -83.41 -47.79 109.80
C MET L 2967 -83.22 -48.53 111.13
N ASP L 2968 -83.04 -49.85 111.05
CA ASP L 2968 -82.71 -50.66 112.21
C ASP L 2968 -81.29 -50.34 112.68
N ILE L 2969 -80.39 -50.18 111.72
CA ILE L 2969 -79.00 -49.85 112.02
C ILE L 2969 -78.85 -48.37 112.32
N SER L 2970 -79.77 -47.56 111.80
CA SER L 2970 -79.74 -46.11 112.01
C SER L 2970 -80.07 -45.78 113.46
N GLN L 2971 -80.95 -46.57 114.05
CA GLN L 2971 -81.30 -46.41 115.45
C GLN L 2971 -80.27 -47.11 116.32
N GLU L 2972 -79.53 -48.04 115.72
CA GLU L 2972 -78.48 -48.77 116.43
C GLU L 2972 -77.29 -47.87 116.69
N PHE L 2973 -77.10 -46.90 115.80
CA PHE L 2973 -76.03 -45.90 115.96
C PHE L 2973 -76.55 -44.69 116.72
N ILE L 2974 -77.88 -44.51 116.68
CA ILE L 2974 -78.51 -43.41 117.39
C ILE L 2974 -78.55 -43.68 118.88
N ALA L 2975 -78.54 -44.96 119.23
CA ALA L 2975 -78.51 -45.37 120.63
C ALA L 2975 -77.15 -45.07 121.25
N HIS L 2976 -76.09 -45.27 120.46
CA HIS L 2976 -74.73 -45.03 120.91
C HIS L 2976 -74.44 -43.53 120.97
N LYS L 2996 -69.37 -51.33 107.15
CA LYS L 2996 -69.66 -52.35 106.17
C LYS L 2996 -70.96 -52.06 105.43
N PHE L 2997 -72.06 -52.14 106.17
CA PHE L 2997 -73.39 -51.91 105.60
C PHE L 2997 -73.63 -50.43 105.32
N PHE L 2998 -72.91 -49.56 106.03
CA PHE L 2998 -73.04 -48.12 105.83
C PHE L 2998 -72.49 -47.71 104.48
N ALA L 2999 -71.43 -48.38 104.05
CA ALA L 2999 -70.86 -48.17 102.73
C ALA L 2999 -71.80 -48.76 101.68
N LYS L 3000 -72.45 -49.86 102.06
CA LYS L 3000 -73.43 -50.51 101.20
C LYS L 3000 -74.68 -49.66 101.10
N ILE L 3001 -74.97 -48.92 102.17
CA ILE L 3001 -76.07 -47.97 102.18
C ILE L 3001 -75.75 -46.80 101.29
N LEU L 3002 -74.47 -46.42 101.27
CA LEU L 3002 -74.00 -45.36 100.40
C LEU L 3002 -73.98 -45.86 98.96
N LEU L 3003 -73.70 -47.15 98.80
CA LEU L 3003 -73.68 -47.77 97.49
C LEU L 3003 -75.10 -47.92 96.94
N PRO L 3004 -76.06 -48.09 97.84
CA PRO L 3004 -77.44 -48.26 97.43
C PRO L 3004 -78.10 -46.93 97.09
N LEU L 3005 -77.81 -45.91 97.90
CA LEU L 3005 -78.42 -44.58 97.75
C LEU L 3005 -77.96 -43.91 96.46
N ILE L 3006 -76.74 -44.22 96.04
CA ILE L 3006 -76.23 -43.72 94.78
C ILE L 3006 -76.95 -44.39 93.63
N ASN L 3007 -77.22 -45.68 93.79
CA ASN L 3007 -77.99 -46.42 92.81
C ASN L 3007 -79.45 -46.01 92.87
N GLN L 3008 -79.89 -45.60 94.05
CA GLN L 3008 -81.24 -45.10 94.25
C GLN L 3008 -81.41 -43.77 93.57
N TYR L 3009 -80.36 -42.96 93.62
CA TYR L 3009 -80.36 -41.67 92.94
C TYR L 3009 -80.17 -41.89 91.43
N PHE L 3010 -79.57 -43.03 91.09
CA PHE L 3010 -79.37 -43.38 89.69
C PHE L 3010 -80.68 -43.82 89.05
N THR L 3011 -81.38 -44.75 89.70
CA THR L 3011 -82.59 -45.34 89.15
C THR L 3011 -83.75 -44.36 89.13
N ASN L 3012 -83.75 -43.41 90.06
CA ASN L 3012 -84.80 -42.39 90.12
C ASN L 3012 -84.67 -41.44 88.95
N HIS L 3013 -83.42 -41.16 88.57
CA HIS L 3013 -83.15 -40.32 87.42
C HIS L 3013 -83.27 -41.13 86.13
N CYS L 3014 -83.07 -42.44 86.26
CA CYS L 3014 -83.20 -43.33 85.11
C CYS L 3014 -84.66 -43.51 84.76
N LEU L 3015 -85.51 -43.40 85.78
CA LEU L 3015 -86.94 -43.53 85.59
C LEU L 3015 -87.52 -42.30 84.89
N LEU L 3025 -99.26 -51.18 92.10
CA LEU L 3025 -98.49 -52.29 92.66
C LEU L 3025 -97.07 -51.85 92.98
N GLY L 3026 -96.32 -51.56 91.92
CA GLY L 3026 -94.94 -51.12 92.06
C GLY L 3026 -94.88 -49.70 92.57
N SER L 3027 -95.94 -48.94 92.30
CA SER L 3027 -96.02 -47.54 92.73
C SER L 3027 -96.17 -47.44 94.24
N GLY L 3028 -96.78 -48.45 94.84
CA GLY L 3028 -96.96 -48.49 96.28
C GLY L 3028 -95.65 -48.86 96.96
N GLY L 3029 -94.89 -49.74 96.32
CA GLY L 3029 -93.64 -50.27 96.88
C GLY L 3029 -92.58 -49.17 96.98
N HIS L 3030 -92.59 -48.27 96.00
CA HIS L 3030 -91.70 -47.12 96.03
C HIS L 3030 -92.19 -46.16 97.10
N ALA L 3031 -93.51 -46.05 97.21
CA ALA L 3031 -94.13 -45.17 98.20
C ALA L 3031 -93.94 -45.72 99.60
N SER L 3032 -93.83 -47.04 99.69
CA SER L 3032 -93.55 -47.71 100.96
C SER L 3032 -92.13 -47.39 101.40
N ASN L 3033 -91.21 -47.36 100.45
CA ASN L 3033 -89.83 -47.02 100.73
C ASN L 3033 -89.70 -45.52 100.95
N LYS L 3034 -90.61 -44.76 100.35
CA LYS L 3034 -90.61 -43.30 100.47
C LYS L 3034 -90.97 -42.87 101.88
N GLU L 3035 -91.85 -43.61 102.52
CA GLU L 3035 -92.24 -43.32 103.90
C GLU L 3035 -91.27 -43.98 104.87
N LYS L 3036 -90.54 -44.99 104.37
CA LYS L 3036 -89.60 -45.72 105.19
C LYS L 3036 -88.36 -44.88 105.49
N GLU L 3037 -87.93 -44.11 104.49
CA GLU L 3037 -86.72 -43.32 104.62
C GLU L 3037 -86.96 -42.02 105.36
N MET L 3038 -88.20 -41.54 105.32
CA MET L 3038 -88.54 -40.23 105.89
C MET L 3038 -88.46 -40.23 107.41
N ILE L 3039 -88.74 -41.38 108.02
CA ILE L 3039 -88.69 -41.50 109.47
C ILE L 3039 -87.25 -41.65 109.93
N THR L 3040 -86.39 -42.12 109.03
CA THR L 3040 -84.97 -42.26 109.34
C THR L 3040 -84.30 -40.89 109.38
N SER L 3041 -84.90 -39.93 108.70
CA SER L 3041 -84.43 -38.55 108.72
C SER L 3041 -85.00 -37.83 109.94
N LEU L 3042 -86.10 -38.34 110.46
CA LEU L 3042 -86.75 -37.74 111.62
C LEU L 3042 -85.96 -38.02 112.89
N LEU L 3049 -77.82 -35.42 103.35
CA LEU L 3049 -77.43 -34.76 102.11
C LEU L 3049 -77.45 -35.74 100.95
N VAL L 3050 -76.69 -36.82 101.08
CA VAL L 3050 -76.60 -37.85 100.06
C VAL L 3050 -77.93 -38.59 99.93
N ARG L 3051 -78.53 -38.85 101.08
CA ARG L 3051 -79.85 -39.45 101.10
C ARG L 3051 -80.90 -38.41 100.75
N HIS L 3052 -80.64 -37.16 101.13
CA HIS L 3052 -81.57 -36.06 100.91
C HIS L 3052 -81.66 -35.73 99.43
N ARG L 3053 -80.56 -35.93 98.71
CA ARG L 3053 -80.56 -35.76 97.27
C ARG L 3053 -81.38 -36.88 96.65
N VAL L 3054 -81.27 -38.07 97.21
CA VAL L 3054 -82.06 -39.21 96.78
C VAL L 3054 -83.51 -39.01 97.20
N SER L 3055 -83.70 -38.32 98.33
CA SER L 3055 -85.02 -38.00 98.82
C SER L 3055 -85.68 -36.95 97.93
N LEU L 3056 -84.86 -36.02 97.44
CA LEU L 3056 -85.33 -34.99 96.52
C LEU L 3056 -85.62 -35.64 95.17
N PHE L 3057 -84.88 -36.69 94.86
CA PHE L 3057 -85.09 -37.44 93.63
C PHE L 3057 -86.37 -38.26 93.72
N GLY L 3058 -86.58 -38.88 94.86
CA GLY L 3058 -87.75 -39.72 95.07
C GLY L 3058 -89.01 -38.87 95.18
N THR L 3059 -88.85 -37.65 95.68
CA THR L 3059 -89.97 -36.71 95.72
C THR L 3059 -90.25 -36.19 94.32
N ASP L 3060 -89.21 -36.18 93.48
CA ASP L 3060 -89.36 -35.81 92.08
C ASP L 3060 -89.89 -36.98 91.26
N ALA L 3061 -89.81 -38.17 91.83
CA ALA L 3061 -90.35 -39.37 91.18
C ALA L 3061 -91.87 -39.37 91.29
N PRO L 3062 -92.38 -38.66 92.29
CA PRO L 3062 -93.81 -38.52 92.47
C PRO L 3062 -94.41 -37.58 91.43
N THR L 3141 -101.70 -43.50 104.31
CA THR L 3141 -100.53 -44.08 104.96
C THR L 3141 -99.47 -43.01 105.18
N THR L 3142 -99.15 -42.26 104.13
CA THR L 3142 -98.13 -41.24 104.19
C THR L 3142 -98.67 -39.94 104.76
N LEU L 3143 -100.00 -39.84 104.85
CA LEU L 3143 -100.66 -38.64 105.35
C LEU L 3143 -100.41 -38.47 106.84
N PHE L 3144 -100.26 -39.59 107.54
CA PHE L 3144 -99.91 -39.57 108.95
C PHE L 3144 -98.48 -39.11 109.10
N GLN L 3145 -97.63 -39.54 108.17
CA GLN L 3145 -96.23 -39.14 108.17
C GLN L 3145 -96.12 -37.68 107.78
N HIS L 3146 -97.03 -37.23 106.95
CA HIS L 3146 -97.08 -35.83 106.52
C HIS L 3146 -97.55 -34.94 107.66
N ILE L 3147 -98.56 -35.40 108.38
CA ILE L 3147 -99.14 -34.63 109.47
C ILE L 3147 -98.19 -34.57 110.66
N ALA L 3148 -97.44 -35.65 110.87
CA ALA L 3148 -96.45 -35.70 111.93
C ALA L 3148 -95.29 -34.77 111.63
N GLN L 3149 -94.98 -34.67 110.34
CA GLN L 3149 -93.94 -33.75 109.89
C GLN L 3149 -94.43 -32.32 110.01
N HIS L 3150 -95.71 -32.12 109.70
CA HIS L 3150 -96.33 -30.80 109.77
C HIS L 3150 -96.48 -30.36 111.21
N GLN L 3151 -96.67 -31.32 112.10
CA GLN L 3151 -96.71 -31.05 113.53
C GLN L 3151 -95.31 -30.75 114.03
N PHE L 3152 -94.33 -31.44 113.47
CA PHE L 3152 -92.93 -31.23 113.83
C PHE L 3152 -92.44 -29.90 113.28
N GLY L 3153 -93.04 -29.49 112.16
CA GLY L 3153 -92.71 -28.22 111.53
C GLY L 3153 -93.20 -27.05 112.38
N ASP L 3154 -94.44 -27.15 112.84
CA ASP L 3154 -95.05 -26.10 113.65
C ASP L 3154 -94.39 -26.02 115.02
N ASP L 3155 -93.94 -27.18 115.51
CA ASP L 3155 -93.21 -27.26 116.76
C ASP L 3155 -91.83 -26.62 116.59
N VAL L 3156 -91.26 -26.82 115.41
CA VAL L 3156 -90.01 -26.16 115.06
C VAL L 3156 -90.28 -24.67 114.84
N ILE L 3157 -91.47 -24.36 114.33
CA ILE L 3157 -91.88 -22.98 114.13
C ILE L 3157 -92.12 -22.30 115.46
N LEU L 3158 -92.51 -23.09 116.45
CA LEU L 3158 -92.62 -22.61 117.82
C LEU L 3158 -91.22 -22.36 118.38
N ASP L 3159 -90.28 -23.21 117.99
CA ASP L 3159 -88.89 -23.06 118.38
C ASP L 3159 -88.24 -21.94 117.60
N ASP L 3160 -88.71 -21.71 116.38
CA ASP L 3160 -88.19 -20.63 115.54
C ASP L 3160 -88.68 -19.29 116.06
N VAL L 3161 -89.89 -19.29 116.60
CA VAL L 3161 -90.45 -18.09 117.22
C VAL L 3161 -89.80 -17.88 118.59
N GLN L 3162 -89.32 -18.96 119.18
CA GLN L 3162 -88.62 -18.89 120.46
C GLN L 3162 -87.21 -18.35 120.27
N LEU L 3169 -82.46 -30.64 115.08
CA LEU L 3169 -83.05 -29.39 115.53
C LEU L 3169 -83.40 -28.51 114.34
N CYS L 3170 -82.61 -27.45 114.14
CA CYS L 3170 -82.84 -26.52 113.05
C CYS L 3170 -82.36 -27.12 111.72
N SER L 3171 -81.36 -27.98 111.80
CA SER L 3171 -80.78 -28.59 110.61
C SER L 3171 -81.69 -29.67 110.04
N ILE L 3172 -82.32 -30.43 110.92
CA ILE L 3172 -83.22 -31.51 110.51
C ILE L 3172 -84.55 -30.98 110.01
N TYR L 3173 -84.84 -29.72 110.38
CA TYR L 3173 -86.08 -29.08 109.98
C TYR L 3173 -85.92 -28.31 108.68
N SER L 3174 -84.75 -27.71 108.48
CA SER L 3174 -84.49 -26.90 107.29
C SER L 3174 -84.42 -27.76 106.02
N LEU L 3175 -83.91 -28.98 106.16
CA LEU L 3175 -83.85 -29.91 105.05
C LEU L 3175 -85.24 -30.47 104.78
N GLY L 3176 -86.05 -30.51 105.83
CA GLY L 3176 -87.43 -30.95 105.70
C GLY L 3176 -88.29 -29.82 105.14
N THR L 3177 -87.82 -28.58 105.31
CA THR L 3177 -88.54 -27.40 104.86
C THR L 3177 -88.46 -27.22 103.35
N THR L 3178 -87.51 -27.91 102.72
CA THR L 3178 -87.33 -27.84 101.28
C THR L 3178 -87.85 -29.10 100.62
N LYS L 3179 -87.74 -30.23 101.33
CA LYS L 3179 -88.21 -31.51 100.82
C LYS L 3179 -89.74 -31.54 100.77
N ASN L 3180 -90.37 -30.82 101.69
CA ASN L 3180 -91.81 -30.68 101.70
C ASN L 3180 -92.26 -29.77 100.56
N THR L 3181 -91.52 -28.68 100.37
CA THR L 3181 -91.82 -27.73 99.30
C THR L 3181 -91.52 -28.35 97.94
N TYR L 3182 -90.58 -29.29 97.92
CA TYR L 3182 -90.33 -30.10 96.73
C TYR L 3182 -91.54 -30.98 96.47
N VAL L 3183 -92.07 -31.56 97.53
CA VAL L 3183 -93.23 -32.42 97.43
C VAL L 3183 -94.49 -31.62 97.13
N GLU L 3184 -94.53 -30.39 97.64
CA GLU L 3184 -95.71 -29.52 97.46
C GLU L 3184 -95.77 -28.96 96.05
N LYS L 3185 -94.67 -29.06 95.32
CA LYS L 3185 -94.66 -28.70 93.91
C LYS L 3185 -94.75 -29.98 93.07
N LEU L 3186 -94.44 -31.11 93.70
CA LEU L 3186 -94.47 -32.40 93.02
C LEU L 3186 -95.89 -32.86 92.79
N ARG L 3187 -96.70 -32.77 93.83
CA ARG L 3187 -98.08 -33.25 93.79
C ARG L 3187 -98.97 -32.35 92.94
N PRO L 3188 -98.53 -31.11 92.74
CA PRO L 3188 -99.26 -30.16 91.91
C PRO L 3188 -99.12 -30.53 90.43
N ALA L 3189 -98.06 -31.27 90.11
CA ALA L 3189 -97.84 -31.74 88.75
C ALA L 3189 -98.74 -32.94 88.45
N ALA L 3198 -104.84 -33.78 106.14
CA ALA L 3198 -104.00 -32.97 107.01
C ALA L 3198 -103.91 -31.55 106.51
N ALA L 3199 -105.05 -31.02 106.03
CA ALA L 3199 -105.12 -29.68 105.49
C ALA L 3199 -104.98 -28.63 106.57
N ALA L 3200 -105.44 -28.98 107.77
CA ALA L 3200 -105.38 -28.07 108.91
C ALA L 3200 -103.96 -27.94 109.42
N MET L 3201 -103.21 -29.05 109.37
CA MET L 3201 -101.82 -29.08 109.82
C MET L 3201 -100.95 -28.23 108.91
N PRO L 3202 -101.31 -28.20 107.63
CA PRO L 3202 -100.67 -27.32 106.68
C PRO L 3202 -101.08 -25.88 106.96
N VAL L 3203 -102.35 -25.70 107.32
CA VAL L 3203 -102.88 -24.38 107.61
C VAL L 3203 -102.34 -23.86 108.94
N ALA L 3204 -101.98 -24.78 109.82
CA ALA L 3204 -101.38 -24.44 111.10
C ALA L 3204 -99.99 -23.88 110.90
N PHE L 3205 -99.26 -24.47 109.96
CA PHE L 3205 -97.91 -24.01 109.66
C PHE L 3205 -97.96 -22.70 108.90
N LEU L 3206 -99.04 -22.47 108.18
CA LEU L 3206 -99.23 -21.25 107.41
C LEU L 3206 -99.38 -20.04 108.31
N GLU L 3207 -100.09 -20.24 109.42
CA GLU L 3207 -100.26 -19.19 110.41
C GLU L 3207 -98.96 -18.99 111.17
N PRO L 3208 -98.22 -20.08 111.33
CA PRO L 3208 -96.91 -20.04 111.97
C PRO L 3208 -95.92 -19.33 111.06
N GLN L 3209 -96.12 -19.49 109.75
CA GLN L 3209 -95.32 -18.78 108.76
C GLN L 3209 -95.70 -17.31 108.75
N LEU L 3210 -96.98 -17.04 109.00
CA LEU L 3210 -97.47 -15.67 109.05
C LEU L 3210 -97.11 -15.03 110.38
N ASN L 3211 -96.77 -15.85 111.36
CA ASN L 3211 -96.44 -15.37 112.71
C ASN L 3211 -95.09 -14.66 112.73
N GLU L 3212 -94.02 -15.42 112.44
CA GLU L 3212 -92.67 -14.87 112.51
C GLU L 3212 -92.40 -13.91 111.35
N THR L 3221 -83.32 -17.02 107.50
CA THR L 3221 -84.07 -17.99 106.72
C THR L 3221 -85.47 -17.46 106.44
N LYS L 3222 -85.58 -16.16 106.20
CA LYS L 3222 -86.85 -15.53 105.93
C LYS L 3222 -87.36 -15.87 104.53
N SER L 3223 -86.44 -15.91 103.57
CA SER L 3223 -86.79 -16.20 102.19
C SER L 3223 -87.15 -17.67 102.02
N PRO L 3224 -86.50 -18.53 102.79
CA PRO L 3224 -86.79 -19.96 102.78
C PRO L 3224 -88.16 -20.18 103.43
N ARG L 3225 -88.47 -19.33 104.41
CA ARG L 3225 -89.79 -19.32 105.02
C ARG L 3225 -90.80 -18.77 104.04
N GLU L 3226 -90.34 -17.88 103.16
CA GLU L 3226 -91.18 -17.33 102.10
C GLU L 3226 -91.27 -18.31 100.94
N ARG L 3227 -90.33 -19.24 100.88
CA ARG L 3227 -90.22 -20.17 99.76
C ARG L 3227 -91.32 -21.21 99.77
N ALA L 3228 -91.45 -21.93 100.88
CA ALA L 3228 -92.42 -23.02 100.97
C ALA L 3228 -93.84 -22.52 101.18
N ILE L 3229 -93.98 -21.22 101.44
CA ILE L 3229 -95.27 -20.59 101.72
C ILE L 3229 -96.22 -20.62 100.54
N LEU L 3230 -95.70 -20.31 99.35
CA LEU L 3230 -96.52 -20.30 98.14
C LEU L 3230 -96.76 -21.72 97.63
N GLY L 3231 -95.96 -22.66 98.11
CA GLY L 3231 -96.06 -24.04 97.69
C GLY L 3231 -97.30 -24.71 98.28
N VAL L 3269 -108.88 -16.51 101.04
CA VAL L 3269 -110.05 -15.95 100.37
C VAL L 3269 -110.20 -14.47 100.71
N ILE L 3270 -111.15 -14.15 101.58
CA ILE L 3270 -111.39 -12.78 101.99
C ILE L 3270 -110.28 -12.31 102.93
N GLU L 3271 -109.71 -13.25 103.67
CA GLU L 3271 -108.57 -12.96 104.54
C GLU L 3271 -107.34 -12.65 103.69
N ILE L 3272 -107.29 -13.26 102.51
CA ILE L 3272 -106.26 -12.96 101.54
C ILE L 3272 -106.60 -11.65 100.82
N THR L 3273 -107.89 -11.42 100.62
CA THR L 3273 -108.36 -10.24 99.89
C THR L 3273 -108.12 -8.96 100.67
N LEU L 3274 -108.24 -9.05 101.99
CA LEU L 3274 -107.98 -7.91 102.86
C LEU L 3274 -106.48 -7.62 102.89
N PRO L 3275 -105.69 -8.68 102.87
CA PRO L 3275 -104.24 -8.56 102.87
C PRO L 3275 -103.75 -8.11 101.50
N MET L 3276 -104.55 -8.37 100.47
CA MET L 3276 -104.23 -7.97 99.11
C MET L 3276 -104.27 -6.46 98.97
N LEU L 3277 -105.28 -5.84 99.56
CA LEU L 3277 -105.42 -4.40 99.53
C LEU L 3277 -104.47 -3.76 100.53
N CYS L 3278 -104.08 -4.54 101.54
CA CYS L 3278 -103.17 -4.06 102.59
C CYS L 3278 -101.78 -3.82 102.04
N SER L 3279 -101.28 -4.79 101.28
CA SER L 3279 -99.98 -4.65 100.64
C SER L 3279 -100.06 -3.64 99.51
N TYR L 3280 -101.25 -3.51 98.93
CA TYR L 3280 -101.51 -2.51 97.90
C TYR L 3280 -101.44 -1.12 98.50
N LEU L 3281 -101.86 -1.00 99.75
CA LEU L 3281 -101.74 0.24 100.48
C LEU L 3281 -100.27 0.44 100.89
N PRO L 3282 -99.59 -0.66 101.15
CA PRO L 3282 -98.18 -0.63 101.51
C PRO L 3282 -97.35 -0.25 100.30
N ARG L 3283 -97.81 -0.66 99.13
CA ARG L 3283 -97.17 -0.30 97.87
C ARG L 3283 -97.57 1.14 97.51
N TRP L 3284 -98.70 1.58 98.03
CA TRP L 3284 -99.12 2.96 97.86
C TRP L 3284 -98.29 3.86 98.78
N TRP L 3285 -97.75 3.26 99.84
CA TRP L 3285 -96.87 3.98 100.75
C TRP L 3285 -95.46 4.08 100.15
N PRO L 3293 -89.78 -7.43 105.39
CA PRO L 3293 -89.39 -8.84 105.32
C PRO L 3293 -90.62 -9.72 105.13
N PRO L 3294 -91.64 -9.49 105.95
CA PRO L 3294 -92.88 -10.24 105.84
C PRO L 3294 -93.72 -9.72 104.68
N ALA L 3295 -93.39 -8.51 104.22
CA ALA L 3295 -94.03 -7.91 103.06
C ALA L 3295 -93.66 -8.67 101.80
N LEU L 3296 -92.46 -9.22 101.77
CA LEU L 3296 -92.01 -10.02 100.63
C LEU L 3296 -92.57 -11.44 100.71
N PRO L 3297 -92.76 -11.92 101.94
CA PRO L 3297 -93.21 -13.29 102.16
C PRO L 3297 -94.71 -13.44 101.89
N ALA L 3298 -95.46 -12.39 102.23
CA ALA L 3298 -96.91 -12.43 102.11
C ALA L 3298 -97.37 -12.40 100.65
N GLY L 3299 -96.56 -11.77 99.81
CA GLY L 3299 -96.91 -11.62 98.39
C GLY L 3299 -96.67 -12.90 97.61
N ALA L 3300 -95.91 -13.82 98.20
CA ALA L 3300 -95.53 -15.06 97.54
C ALA L 3300 -96.73 -15.99 97.35
N PRO L 3301 -97.42 -16.28 98.45
CA PRO L 3301 -98.58 -17.16 98.42
C PRO L 3301 -99.77 -16.48 97.78
N PRO L 3302 -99.77 -15.14 97.83
CA PRO L 3302 -100.82 -14.35 97.21
C PRO L 3302 -100.75 -14.47 95.70
N PRO L 3303 -99.54 -14.61 95.18
CA PRO L 3303 -99.33 -14.84 93.75
C PRO L 3303 -99.70 -16.29 93.42
N CYS L 3304 -99.58 -17.15 94.41
CA CYS L 3304 -99.90 -18.56 94.24
C CYS L 3304 -101.40 -18.80 94.33
N THR L 3305 -102.10 -17.86 94.96
CA THR L 3305 -103.54 -18.01 95.21
C THR L 3305 -104.36 -17.48 94.04
N ALA L 3306 -103.96 -16.33 93.50
CA ALA L 3306 -104.67 -15.71 92.39
C ALA L 3306 -104.47 -16.50 91.11
N VAL L 3307 -103.35 -17.21 91.04
CA VAL L 3307 -103.06 -18.05 89.89
C VAL L 3307 -103.86 -19.34 89.93
N THR L 3308 -104.31 -19.72 91.12
CA THR L 3308 -105.10 -20.94 91.30
C THR L 3308 -106.50 -20.78 90.73
N SER L 3309 -106.95 -19.54 90.63
CA SER L 3309 -108.26 -19.23 90.07
C SER L 3309 -108.28 -19.46 88.56
N LEU L 3316 -109.28 -11.74 87.88
CA LEU L 3316 -108.70 -11.28 86.63
C LEU L 3316 -108.06 -9.91 86.81
N GLY L 3317 -108.87 -8.94 87.19
CA GLY L 3317 -108.37 -7.59 87.46
C GLY L 3317 -107.68 -7.55 88.82
N ASN L 3318 -107.97 -8.55 89.65
CA ASN L 3318 -107.34 -8.70 90.95
C ASN L 3318 -105.85 -8.98 90.78
N ILE L 3319 -105.52 -9.80 89.78
CA ILE L 3319 -104.14 -10.09 89.45
C ILE L 3319 -103.52 -8.89 88.76
N LEU L 3320 -104.35 -8.11 88.08
CA LEU L 3320 -103.89 -6.90 87.40
C LEU L 3320 -103.55 -5.82 88.42
N ARG L 3321 -104.22 -5.88 89.56
CA ARG L 3321 -103.96 -4.94 90.65
C ARG L 3321 -102.70 -5.38 91.40
N ILE L 3322 -102.51 -6.69 91.50
CA ILE L 3322 -101.38 -7.25 92.23
C ILE L 3322 -100.07 -6.98 91.51
N ILE L 3323 -100.12 -6.97 90.19
CA ILE L 3323 -98.95 -6.69 89.37
C ILE L 3323 -98.57 -5.21 89.50
N VAL L 3324 -99.59 -4.35 89.53
CA VAL L 3324 -99.37 -2.91 89.68
C VAL L 3324 -98.89 -2.60 91.10
N ASN L 3325 -99.30 -3.45 92.03
CA ASN L 3325 -98.81 -3.37 93.39
C ASN L 3325 -97.35 -3.81 93.44
N ASN L 3326 -97.04 -4.81 92.64
CA ASN L 3326 -95.68 -5.32 92.55
C ASN L 3326 -94.81 -4.37 91.74
N LEU L 3327 -95.45 -3.58 90.87
CA LEU L 3327 -94.75 -2.63 90.02
C LEU L 3327 -94.19 -1.47 90.83
N GLY L 3328 -95.03 -0.87 91.66
CA GLY L 3328 -94.64 0.29 92.44
C GLY L 3328 -93.65 -0.06 93.54
N ILE L 3329 -93.70 -1.31 93.99
CA ILE L 3329 -92.80 -1.79 95.03
C ILE L 3329 -91.38 -1.85 94.53
N ASP L 3330 -91.24 -2.19 93.25
CA ASP L 3330 -89.94 -2.24 92.60
C ASP L 3330 -89.57 -0.87 92.06
N GLU L 3331 -90.60 -0.06 91.76
CA GLU L 3331 -90.38 1.30 91.29
C GLU L 3331 -89.83 2.15 92.42
N ALA L 3332 -90.25 1.82 93.64
CA ALA L 3332 -89.67 2.42 94.83
C ALA L 3332 -88.28 1.86 95.05
N THR L 3333 -88.14 0.55 94.89
CA THR L 3333 -86.87 -0.12 95.09
C THR L 3333 -85.93 0.16 93.92
N VAL L 3340 -80.78 -8.12 96.64
CA VAL L 3340 -81.93 -8.05 97.54
C VAL L 3340 -82.81 -9.29 97.37
N PHE L 3341 -84.07 -9.16 97.76
CA PHE L 3341 -85.03 -10.25 97.59
C PHE L 3341 -85.90 -9.99 96.38
N ALA L 3342 -85.36 -9.24 95.43
CA ALA L 3342 -86.08 -8.94 94.20
C ALA L 3342 -86.02 -10.11 93.23
N GLN L 3343 -85.08 -11.02 93.46
CA GLN L 3343 -84.88 -12.17 92.60
C GLN L 3343 -86.03 -13.16 92.71
N PRO L 3344 -86.37 -13.54 93.94
CA PRO L 3344 -87.49 -14.44 94.18
C PRO L 3344 -88.80 -13.71 93.97
N ILE L 3345 -88.76 -12.38 94.07
CA ILE L 3345 -89.90 -11.55 93.76
C ILE L 3345 -90.18 -11.61 92.26
N VAL L 3346 -89.11 -11.65 91.48
CA VAL L 3346 -89.24 -11.73 90.03
C VAL L 3346 -89.62 -13.14 89.59
N SER L 3347 -89.39 -14.11 90.46
CA SER L 3347 -89.68 -15.51 90.15
C SER L 3347 -91.18 -15.75 90.04
N ARG L 3348 -91.95 -15.00 90.81
CA ARG L 3348 -93.39 -15.11 90.76
C ARG L 3348 -93.97 -14.12 89.76
N ALA L 3349 -93.13 -13.18 89.33
CA ALA L 3349 -93.58 -12.11 88.44
C ALA L 3349 -93.89 -12.62 87.03
N ARG L 3350 -93.02 -13.49 86.53
CA ARG L 3350 -93.21 -14.06 85.20
C ARG L 3350 -94.16 -15.24 85.25
N PRO L 3351 -94.49 -15.68 86.46
CA PRO L 3351 -95.36 -16.84 86.65
C PRO L 3351 -96.80 -16.53 86.24
N GLU L 3352 -97.21 -15.27 86.38
CA GLU L 3352 -98.59 -14.90 86.08
C GLU L 3352 -98.70 -13.51 85.47
N LEU L 3353 -98.06 -13.31 84.33
CA LEU L 3353 -98.20 -12.06 83.60
C LEU L 3353 -99.11 -12.31 82.40
N LEU L 3354 -100.06 -13.23 82.58
CA LEU L 3354 -100.95 -13.65 81.51
C LEU L 3354 -101.96 -12.56 81.16
N HIS L 3355 -103.05 -12.49 81.93
CA HIS L 3355 -104.11 -11.54 81.67
C HIS L 3355 -103.69 -10.11 82.04
N ILE L 3359 -105.50 -2.87 77.99
CA ILE L 3359 -106.25 -2.27 79.09
C ILE L 3359 -105.44 -2.36 80.37
N PRO L 3360 -105.38 -3.55 80.95
CA PRO L 3360 -104.57 -3.80 82.13
C PRO L 3360 -103.10 -3.72 81.74
N THR L 3361 -102.82 -4.12 80.51
CA THR L 3361 -101.48 -3.98 79.95
C THR L 3361 -101.18 -2.52 79.69
N ILE L 3362 -102.20 -1.76 79.30
CA ILE L 3362 -102.05 -0.34 79.00
C ILE L 3362 -101.76 0.45 80.26
N GLY L 3363 -102.36 0.02 81.37
CA GLY L 3363 -102.09 0.61 82.67
C GLY L 3363 -100.68 0.23 83.09
N ARG L 3364 -100.30 -0.98 82.72
CA ARG L 3364 -98.95 -1.46 82.97
C ARG L 3364 -97.99 -0.77 82.02
N LEU L 3365 -98.48 -0.40 80.84
CA LEU L 3365 -97.67 0.30 79.85
C LEU L 3365 -97.33 1.70 80.33
N ARG L 3366 -98.33 2.38 80.90
CA ARG L 3366 -98.13 3.72 81.43
C ARG L 3366 -97.27 3.67 82.69
N LYS L 3367 -97.34 2.54 83.40
CA LYS L 3367 -96.53 2.35 84.60
C LYS L 3367 -95.08 2.06 84.25
N ARG L 3368 -94.87 1.12 83.33
CA ARG L 3368 -93.51 0.66 83.03
C ARG L 3368 -92.74 1.63 82.16
N ALA L 3369 -93.43 2.54 81.49
CA ALA L 3369 -92.77 3.57 80.68
C ALA L 3369 -92.03 4.53 81.59
N GLY L 3370 -92.61 4.76 82.75
CA GLY L 3370 -91.97 5.58 83.77
C GLY L 3370 -90.82 4.80 84.39
N LYS L 3371 -90.99 3.49 84.47
CA LYS L 3371 -89.99 2.62 85.07
C LYS L 3371 -88.75 2.56 84.19
N VAL L 3372 -88.96 2.58 82.88
CA VAL L 3372 -87.87 2.52 81.92
C VAL L 3372 -87.11 3.83 81.88
N VAL L 3373 -87.85 4.94 81.91
CA VAL L 3373 -87.28 6.27 81.81
C VAL L 3373 -86.45 6.62 83.04
N ALA L 3374 -86.87 6.11 84.19
CA ALA L 3374 -86.13 6.30 85.43
C ALA L 3374 -84.85 5.49 85.36
N GLU L 3375 -84.94 4.33 84.73
CA GLU L 3375 -83.77 3.49 84.50
C GLU L 3375 -82.91 4.12 83.43
N GLU L 3376 -83.54 4.81 82.48
CA GLU L 3376 -82.83 5.47 81.40
C GLU L 3376 -82.04 6.64 81.94
N GLU L 3377 -82.62 7.35 82.90
CA GLU L 3377 -81.94 8.47 83.55
C GLU L 3377 -80.82 7.95 84.43
N GLN L 3378 -81.03 6.79 85.02
CA GLN L 3378 -80.03 6.16 85.86
C GLN L 3378 -78.89 5.62 85.00
N LEU L 3379 -79.23 5.21 83.79
CA LEU L 3379 -78.24 4.73 82.84
C LEU L 3379 -77.42 5.90 82.31
N ARG L 3380 -78.09 7.01 82.03
CA ARG L 3380 -77.44 8.19 81.48
C ARG L 3380 -76.54 8.85 82.51
N LEU L 3381 -76.91 8.73 83.78
CA LEU L 3381 -76.13 9.26 84.88
C LEU L 3381 -74.84 8.46 85.02
N GLU L 3382 -74.95 7.15 84.88
CA GLU L 3382 -73.78 6.27 84.93
C GLU L 3382 -72.95 6.46 83.66
N ALA L 3383 -73.62 6.79 82.56
CA ALA L 3383 -72.95 7.08 81.31
C ALA L 3383 -72.17 8.38 81.43
N LYS L 3384 -72.76 9.33 82.15
CA LYS L 3384 -72.11 10.60 82.43
C LYS L 3384 -70.98 10.35 83.43
N ALA L 3385 -71.18 9.38 84.30
CA ALA L 3385 -70.14 8.95 85.23
C ALA L 3385 -69.04 8.23 84.47
N GLU L 3386 -69.42 7.55 83.40
CA GLU L 3386 -68.45 6.87 82.55
C GLU L 3386 -67.70 7.88 81.69
N ALA L 3387 -68.34 9.01 81.42
CA ALA L 3387 -67.72 10.08 80.65
C ALA L 3387 -66.62 10.76 81.45
N GLU L 3388 -66.77 10.75 82.77
CA GLU L 3388 -65.78 11.34 83.65
C GLU L 3388 -64.61 10.39 83.87
N ARG L 3395 -61.27 5.03 94.12
CA ARG L 3395 -61.49 6.03 93.09
C ARG L 3395 -62.97 6.06 92.70
N ASP L 3396 -63.30 6.93 91.75
CA ASP L 3396 -64.66 7.07 91.27
C ASP L 3396 -64.95 6.06 90.16
N GLU L 3397 -63.89 5.41 89.67
CA GLU L 3397 -64.02 4.41 88.62
C GLU L 3397 -64.67 3.15 89.15
N PHE L 3398 -64.24 2.73 90.34
CA PHE L 3398 -64.79 1.54 90.97
C PHE L 3398 -66.20 1.80 91.49
N SER L 3399 -66.45 3.05 91.89
CA SER L 3399 -67.77 3.45 92.38
C SER L 3399 -68.78 3.50 91.25
N VAL L 3400 -68.32 3.94 90.08
CA VAL L 3400 -69.17 3.98 88.90
C VAL L 3400 -69.41 2.55 88.41
N LEU L 3401 -68.41 1.69 88.61
CA LEU L 3401 -68.53 0.27 88.28
C LEU L 3401 -69.51 -0.40 89.23
N CYS L 3402 -69.53 0.06 90.47
CA CYS L 3402 -70.44 -0.47 91.47
C CYS L 3402 -71.86 0.02 91.21
N ARG L 3403 -71.97 1.28 90.81
CA ARG L 3403 -73.25 1.91 90.55
C ARG L 3403 -73.91 1.33 89.31
N ASP L 3404 -73.09 1.00 88.32
CA ASP L 3404 -73.58 0.37 87.10
C ASP L 3404 -74.00 -1.07 87.39
N LEU L 3405 -73.30 -1.70 88.34
CA LEU L 3405 -73.60 -3.06 88.74
C LEU L 3405 -74.94 -3.12 89.46
N TYR L 3406 -75.21 -2.11 90.28
CA TYR L 3406 -76.49 -1.99 90.94
C TYR L 3406 -77.57 -1.65 89.94
N ALA L 3407 -77.19 -0.85 88.95
CA ALA L 3407 -78.10 -0.48 87.87
C ALA L 3407 -78.39 -1.69 86.99
N LEU L 3408 -77.39 -2.54 86.82
CA LEU L 3408 -77.57 -3.77 86.06
C LEU L 3408 -78.41 -4.76 86.86
N TYR L 3409 -78.27 -4.69 88.19
CA TYR L 3409 -79.03 -5.55 89.08
C TYR L 3409 -80.51 -5.20 89.03
N PRO L 3410 -80.77 -3.89 88.95
CA PRO L 3410 -82.14 -3.40 88.88
C PRO L 3410 -82.73 -3.67 87.51
N LEU L 3411 -81.87 -3.66 86.49
CA LEU L 3411 -82.30 -3.87 85.12
C LEU L 3411 -82.64 -5.33 84.86
N LEU L 3412 -82.10 -6.21 85.70
CA LEU L 3412 -82.33 -7.64 85.59
C LEU L 3412 -83.78 -8.00 85.87
N ILE L 3413 -84.31 -7.48 86.96
CA ILE L 3413 -85.70 -7.74 87.32
C ILE L 3413 -86.63 -6.86 86.49
N ARG L 3414 -86.08 -5.79 85.91
CA ARG L 3414 -86.86 -4.87 85.11
C ARG L 3414 -87.27 -5.50 83.78
N TYR L 3415 -86.31 -6.07 83.07
CA TYR L 3415 -86.58 -6.61 81.75
C TYR L 3415 -87.31 -7.94 81.79
N VAL L 3416 -87.30 -8.59 82.95
CA VAL L 3416 -87.86 -9.93 83.10
C VAL L 3416 -89.38 -9.95 82.95
N ASP L 3417 -90.02 -8.87 83.39
CA ASP L 3417 -91.46 -8.76 83.23
C ASP L 3417 -91.77 -8.06 81.92
N ASN L 3418 -90.76 -7.40 81.36
CA ASN L 3418 -90.92 -6.67 80.12
C ASN L 3418 -91.08 -7.61 78.93
N ASN L 3419 -90.53 -8.81 79.08
CA ASN L 3419 -90.57 -9.81 78.01
C ASN L 3419 -91.96 -10.40 77.85
N ARG L 3420 -92.53 -10.89 78.94
CA ARG L 3420 -93.82 -11.58 78.90
C ARG L 3420 -94.95 -10.60 78.62
N ALA L 3421 -94.76 -9.34 78.99
CA ALA L 3421 -95.74 -8.31 78.71
C ALA L 3421 -95.70 -7.98 77.22
N HIS L 3422 -94.54 -8.15 76.60
CA HIS L 3422 -94.37 -7.91 75.17
C HIS L 3422 -94.95 -9.08 74.37
N TRP L 3423 -95.21 -10.19 75.05
CA TRP L 3423 -95.81 -11.36 74.42
C TRP L 3423 -97.32 -11.20 74.25
N LEU L 3424 -97.87 -10.12 74.78
CA LEU L 3424 -99.28 -9.82 74.59
C LEU L 3424 -99.44 -8.50 73.83
N THR L 3425 -98.42 -7.64 73.91
CA THR L 3425 -98.46 -6.34 73.26
C THR L 3425 -98.39 -6.48 71.75
N GLU L 3426 -97.49 -7.34 71.28
CA GLU L 3426 -97.37 -7.63 69.87
C GLU L 3426 -98.53 -8.50 69.42
N PRO L 3427 -99.08 -9.25 70.36
CA PRO L 3427 -100.27 -10.05 70.11
C PRO L 3427 -101.44 -9.12 69.87
N ASN L 3428 -101.53 -8.07 70.68
CA ASN L 3428 -102.57 -7.08 70.52
C ASN L 3428 -102.20 -6.14 69.38
N ALA L 3429 -101.33 -5.19 69.67
CA ALA L 3429 -100.93 -4.18 68.71
C ALA L 3429 -100.00 -4.75 67.64
N ASN L 3430 -100.54 -4.98 66.46
CA ASN L 3430 -99.76 -5.45 65.33
C ASN L 3430 -100.47 -5.08 64.04
N PHE L 3435 -97.72 2.77 69.23
CA PHE L 3435 -98.46 3.66 70.11
C PHE L 3435 -97.69 3.91 71.40
N ARG L 3436 -98.12 3.26 72.47
CA ARG L 3436 -97.42 3.33 73.74
C ARG L 3436 -96.17 2.49 73.65
N MET L 3437 -96.24 1.46 72.82
CA MET L 3437 -95.11 0.57 72.57
C MET L 3437 -94.04 1.31 71.78
N VAL L 3438 -94.46 2.29 70.98
CA VAL L 3438 -93.54 3.11 70.20
C VAL L 3438 -92.68 3.95 71.13
N GLY L 3439 -93.25 4.33 72.26
CA GLY L 3439 -92.49 4.99 73.30
C GLY L 3439 -91.60 3.95 73.98
N GLU L 3440 -92.17 2.76 74.19
CA GLU L 3440 -91.48 1.69 74.90
C GLU L 3440 -90.32 1.15 74.10
N ILE L 3441 -90.46 1.20 72.78
CA ILE L 3441 -89.38 0.81 71.89
C ILE L 3441 -88.30 1.89 71.95
N PHE L 3442 -88.74 3.15 71.93
CA PHE L 3442 -87.83 4.28 71.91
C PHE L 3442 -87.09 4.39 73.23
N ILE L 3443 -87.75 4.01 74.32
CA ILE L 3443 -87.15 4.05 75.63
C ILE L 3443 -86.10 2.94 75.77
N TYR L 3444 -86.44 1.75 75.27
CA TYR L 3444 -85.54 0.61 75.38
C TYR L 3444 -84.44 0.67 74.33
N TRP L 3445 -84.58 1.58 73.38
CA TRP L 3445 -83.59 1.76 72.32
C TRP L 3445 -82.28 2.27 72.89
N SER L 3446 -82.38 3.30 73.73
CA SER L 3446 -81.20 3.91 74.34
C SER L 3446 -80.57 2.96 75.36
N LYS L 3447 -81.40 2.09 75.94
CA LYS L 3447 -80.94 1.10 76.90
C LYS L 3447 -80.01 0.10 76.23
N SER L 3448 -80.39 -0.33 75.03
CA SER L 3448 -79.56 -1.23 74.26
C SER L 3448 -78.36 -0.48 73.73
N HIS L 3449 -78.54 0.81 73.47
CA HIS L 3449 -77.46 1.65 73.00
C HIS L 3449 -76.45 1.85 74.12
N ASN L 3450 -76.96 1.97 75.34
CA ASN L 3450 -76.10 2.10 76.51
C ASN L 3450 -75.47 0.75 76.83
N PHE L 3451 -76.15 -0.32 76.43
CA PHE L 3451 -75.60 -1.67 76.59
C PHE L 3451 -74.47 -1.88 75.60
N LYS L 3452 -74.51 -1.13 74.51
CA LYS L 3452 -73.44 -1.16 73.52
C LYS L 3452 -72.28 -0.27 73.95
N GLN L 3456 -67.61 -1.91 79.03
CA GLN L 3456 -67.52 -1.89 80.49
C GLN L 3456 -68.90 -2.03 81.11
N ASN L 3457 -69.92 -1.61 80.37
CA ASN L 3457 -71.31 -1.73 80.83
C ASN L 3457 -71.71 -3.19 80.83
N PHE L 3458 -71.20 -3.93 79.86
CA PHE L 3458 -71.45 -5.35 79.76
C PHE L 3458 -70.59 -6.09 80.77
N VAL L 3459 -69.45 -5.50 81.10
CA VAL L 3459 -68.50 -6.10 82.03
C VAL L 3459 -69.10 -6.18 83.42
N VAL L 3460 -69.83 -5.13 83.79
CA VAL L 3460 -70.55 -5.11 85.05
C VAL L 3460 -71.78 -6.00 84.95
N GLN L 3461 -72.31 -6.12 83.74
CA GLN L 3461 -73.51 -6.91 83.51
C GLN L 3461 -73.24 -8.40 83.61
N ASN L 3462 -72.07 -8.81 83.09
CA ASN L 3462 -71.71 -10.22 83.05
C ASN L 3462 -71.45 -10.78 84.44
N GLU L 3463 -70.89 -9.93 85.29
CA GLU L 3463 -70.63 -10.30 86.68
C GLU L 3463 -71.94 -10.41 87.44
N ILE L 3464 -72.90 -9.57 87.05
CA ILE L 3464 -74.22 -9.58 87.65
C ILE L 3464 -74.98 -10.82 87.21
N ASN L 3465 -74.65 -11.30 86.02
CA ASN L 3465 -75.27 -12.50 85.48
C ASN L 3465 -74.82 -13.73 86.24
N ASN L 3466 -73.54 -13.77 86.56
CA ASN L 3466 -72.96 -14.89 87.30
C ASN L 3466 -73.37 -14.83 88.77
N THR L 3513 -78.77 -12.50 76.44
CA THR L 3513 -79.44 -12.25 77.72
C THR L 3513 -80.66 -11.37 77.53
N LEU L 3514 -81.14 -10.79 78.62
CA LEU L 3514 -82.36 -9.97 78.60
C LEU L 3514 -82.12 -8.64 77.90
N LYS L 3515 -80.86 -8.23 77.82
CA LYS L 3515 -80.50 -7.02 77.09
C LYS L 3515 -80.66 -7.26 75.59
N LYS L 3516 -80.50 -8.51 75.18
CA LYS L 3516 -80.61 -8.87 73.78
C LYS L 3516 -82.05 -9.05 73.35
N MET L 3517 -82.81 -9.81 74.13
CA MET L 3517 -84.18 -10.18 73.77
C MET L 3517 -85.13 -9.00 73.80
N LEU L 3518 -84.78 -7.99 74.57
CA LEU L 3518 -85.56 -6.76 74.63
C LEU L 3518 -85.46 -6.03 73.30
N PRO L 3519 -84.28 -6.11 72.68
CA PRO L 3519 -84.07 -5.48 71.39
C PRO L 3519 -84.75 -6.29 70.29
N ILE L 3520 -85.00 -7.56 70.56
CA ILE L 3520 -85.62 -8.44 69.59
C ILE L 3520 -87.10 -8.13 69.39
N GLY L 3521 -87.82 -8.07 70.49
CA GLY L 3521 -89.27 -7.84 70.43
C GLY L 3521 -89.59 -6.40 70.05
N LEU L 3522 -88.67 -5.49 70.36
CA LEU L 3522 -88.87 -4.08 70.03
C LEU L 3522 -88.57 -3.82 68.56
N ASN L 3523 -87.81 -4.71 67.94
CA ASN L 3523 -87.40 -4.55 66.55
C ASN L 3523 -88.58 -4.64 65.61
N MET L 3524 -89.52 -5.52 65.94
CA MET L 3524 -90.71 -5.72 65.14
C MET L 3524 -91.65 -4.53 65.26
N CYS L 3525 -91.71 -3.95 66.46
CA CYS L 3525 -92.58 -2.83 66.72
C CYS L 3525 -92.04 -1.55 66.09
N ALA L 3526 -90.72 -1.39 66.12
CA ALA L 3526 -90.08 -0.18 65.59
C ALA L 3526 -90.08 -0.20 64.06
N PRO L 3527 -90.10 -1.40 63.49
CA PRO L 3527 -90.14 -1.53 62.05
C PRO L 3527 -91.57 -1.43 61.55
N THR L 3528 -92.53 -1.42 62.47
CA THR L 3528 -93.94 -1.27 62.09
C THR L 3528 -94.28 0.17 61.75
N ASP L 3529 -93.37 1.08 62.08
CA ASP L 3529 -93.54 2.49 61.73
C ASP L 3529 -92.53 2.88 60.65
N MET L 3534 -89.16 3.31 51.86
CA MET L 3534 -88.40 4.42 52.42
C MET L 3534 -87.28 3.92 53.31
N LEU L 3535 -86.92 2.65 53.14
CA LEU L 3535 -85.90 2.02 53.96
C LEU L 3535 -84.50 2.32 53.46
N ALA L 3536 -84.40 2.93 52.28
CA ALA L 3536 -83.12 3.30 51.71
C ALA L 3536 -82.53 4.47 52.51
N LYS L 3537 -83.40 5.35 52.95
CA LYS L 3537 -83.01 6.46 53.82
C LYS L 3537 -82.61 5.91 55.18
N THR L 3538 -83.30 4.84 55.58
CA THR L 3538 -82.96 4.14 56.82
C THR L 3538 -81.63 3.42 56.65
N ARG L 3539 -81.37 2.97 55.43
CA ARG L 3539 -80.10 2.34 55.12
C ARG L 3539 -79.01 3.40 55.07
N TYR L 3540 -79.38 4.58 54.59
CA TYR L 3540 -78.44 5.69 54.48
C TYR L 3540 -78.10 6.25 55.86
N ALA L 3541 -79.11 6.33 56.72
CA ALA L 3541 -78.90 6.90 58.05
C ALA L 3541 -78.22 5.91 58.97
N LEU L 3542 -78.26 4.63 58.60
CA LEU L 3542 -77.53 3.62 59.34
C LEU L 3542 -76.04 3.76 59.03
N LYS L 3543 -75.75 4.21 57.82
CA LYS L 3543 -74.37 4.38 57.39
C LYS L 3543 -73.70 5.54 58.11
N ASP L 3544 -74.46 6.60 58.37
CA ASP L 3544 -73.94 7.77 59.08
C ASP L 3544 -73.79 7.46 60.56
N THR L 3545 -74.57 6.48 61.03
CA THR L 3545 -74.47 6.02 62.42
C THR L 3545 -73.35 4.99 62.54
N ASP L 3546 -72.83 4.58 61.40
CA ASP L 3546 -71.67 3.70 61.37
C ASP L 3546 -70.49 4.44 60.75
N GLU L 3547 -70.62 5.76 60.63
CA GLU L 3547 -69.54 6.59 60.13
C GLU L 3547 -68.84 7.32 61.26
N LEU L 3553 -76.31 14.01 65.64
CA LEU L 3553 -75.20 14.05 64.69
C LEU L 3553 -75.70 13.75 63.29
N GLN L 3554 -76.28 12.57 63.12
CA GLN L 3554 -76.82 12.16 61.83
C GLN L 3554 -78.27 12.62 61.67
N ASN L 3555 -78.78 13.28 62.72
CA ASN L 3555 -80.14 13.81 62.70
C ASN L 3555 -80.25 14.95 61.70
N ASN L 3556 -79.16 15.68 61.53
CA ASN L 3556 -79.08 16.72 60.51
C ASN L 3556 -78.81 16.07 59.15
N LEU L 3557 -78.10 14.96 59.17
CA LEU L 3557 -77.83 14.20 57.96
C LEU L 3557 -79.10 13.50 57.49
N HIS L 3558 -79.99 13.21 58.43
CA HIS L 3558 -81.31 12.68 58.13
C HIS L 3558 -82.18 13.77 57.53
N LEU L 3559 -81.93 15.01 57.95
CA LEU L 3559 -82.62 16.16 57.40
C LEU L 3559 -82.02 16.52 56.05
N GLN L 3560 -80.78 16.09 55.84
CA GLN L 3560 -80.08 16.32 54.58
C GLN L 3560 -79.94 15.03 53.78
N LEU L 3569 -92.22 -4.70 44.32
CA LEU L 3569 -92.69 -5.23 45.59
C LEU L 3569 -93.06 -4.10 46.51
N ARG L 3570 -92.57 -2.91 46.18
CA ARG L 3570 -92.85 -1.70 46.94
C ARG L 3570 -94.30 -1.31 46.77
N TRP L 3571 -94.86 -1.65 45.61
CA TRP L 3571 -96.28 -1.43 45.33
C TRP L 3571 -97.13 -2.30 46.26
N GLN L 3572 -96.64 -3.49 46.55
CA GLN L 3572 -97.30 -4.35 47.51
C GLN L 3572 -97.07 -3.81 48.92
N MET L 3573 -95.89 -3.27 49.13
CA MET L 3573 -95.49 -2.74 50.43
C MET L 3573 -96.26 -1.47 50.77
N ALA L 3574 -96.40 -0.60 49.79
CA ALA L 3574 -97.14 0.65 49.98
C ALA L 3574 -98.63 0.38 50.10
N LEU L 3575 -99.06 -0.75 49.55
CA LEU L 3575 -100.43 -1.19 49.73
C LEU L 3575 -100.65 -1.63 51.17
N TYR L 3576 -99.58 -2.10 51.80
CA TYR L 3576 -99.66 -2.56 53.17
C TYR L 3576 -99.43 -1.42 54.17
N ARG L 3577 -98.40 -0.61 53.92
CA ARG L 3577 -97.99 0.43 54.86
C ARG L 3577 -99.01 1.55 54.97
N GLY L 3578 -99.75 1.80 53.89
CA GLY L 3578 -100.80 2.79 53.91
C GLY L 3578 -102.06 2.22 54.53
N LEU L 3579 -102.18 0.89 54.49
CA LEU L 3579 -103.33 0.22 55.09
C LEU L 3579 -103.20 0.18 56.60
N GLU L 3590 -92.47 14.57 61.63
CA GLU L 3590 -91.86 13.87 62.75
C GLU L 3590 -91.07 12.67 62.24
N LYS L 3591 -91.04 12.52 60.92
CA LYS L 3591 -90.39 11.38 60.30
C LYS L 3591 -88.88 11.50 60.33
N ILE L 3592 -88.39 12.74 60.32
CA ILE L 3592 -86.96 13.02 60.21
C ILE L 3592 -86.18 12.58 61.43
N VAL L 3593 -86.85 12.56 62.58
CA VAL L 3593 -86.20 12.14 63.81
C VAL L 3593 -86.46 10.65 64.08
N ARG L 3594 -87.65 10.19 63.74
CA ARG L 3594 -88.06 8.81 63.99
C ARG L 3594 -87.29 7.83 63.13
N ARG L 3595 -87.01 8.23 61.89
CA ARG L 3595 -86.20 7.42 61.00
C ARG L 3595 -84.75 7.43 61.48
N VAL L 3596 -84.34 8.55 62.04
CA VAL L 3596 -83.00 8.68 62.60
C VAL L 3596 -82.89 7.89 63.89
N GLN L 3597 -84.03 7.70 64.56
CA GLN L 3597 -84.08 6.94 65.79
C GLN L 3597 -83.88 5.45 65.55
N GLU L 3598 -84.59 4.92 64.56
CA GLU L 3598 -84.57 3.48 64.30
C GLU L 3598 -83.29 3.05 63.61
N VAL L 3599 -82.66 3.97 62.90
CA VAL L 3599 -81.51 3.65 62.06
C VAL L 3599 -80.27 3.25 62.86
N SER L 3600 -79.98 4.02 63.90
CA SER L 3600 -78.82 3.76 64.74
C SER L 3600 -79.04 2.53 65.60
N ALA L 3601 -80.31 2.23 65.86
CA ALA L 3601 -80.68 1.03 66.61
C ALA L 3601 -80.34 -0.20 65.81
N VAL L 3602 -80.49 -0.09 64.49
CA VAL L 3602 -80.18 -1.19 63.60
C VAL L 3602 -78.68 -1.41 63.55
N LEU L 3603 -77.94 -0.32 63.44
CA LEU L 3603 -76.48 -0.37 63.33
C LEU L 3603 -75.85 -0.85 64.62
N TYR L 3604 -76.51 -0.53 65.73
CA TYR L 3604 -76.08 -1.02 67.04
C TYR L 3604 -76.35 -2.51 67.11
N HIS L 3605 -77.49 -2.92 66.55
CA HIS L 3605 -77.86 -4.33 66.53
C HIS L 3605 -77.00 -5.06 65.51
N LEU L 3606 -76.56 -4.33 64.49
CA LEU L 3606 -75.68 -4.88 63.48
C LEU L 3606 -74.32 -5.16 64.08
N GLU L 3607 -73.89 -4.24 64.93
CA GLU L 3607 -72.62 -4.41 65.64
C GLU L 3607 -72.77 -5.48 66.71
N GLN L 3608 -73.99 -5.62 67.24
CA GLN L 3608 -74.28 -6.59 68.28
C GLN L 3608 -74.20 -8.01 67.76
N THR L 3609 -74.69 -8.21 66.55
CA THR L 3609 -74.69 -9.53 65.94
C THR L 3609 -73.30 -9.86 65.39
N GLU L 3610 -72.47 -8.85 65.24
CA GLU L 3610 -71.12 -9.02 64.72
C GLU L 3610 -70.24 -9.75 65.73
N LEU L 3623 -45.90 -23.16 65.98
CA LEU L 3623 -46.38 -23.63 67.27
C LEU L 3623 -45.21 -23.96 68.20
N LEU L 3624 -45.46 -24.83 69.18
CA LEU L 3624 -44.42 -25.24 70.11
C LEU L 3624 -43.85 -26.58 69.70
N SER L 3625 -42.52 -26.68 69.74
CA SER L 3625 -41.86 -27.94 69.46
C SER L 3625 -42.02 -28.89 70.65
N LYS L 3626 -41.70 -30.16 70.41
CA LYS L 3626 -41.96 -31.22 71.38
C LYS L 3626 -41.14 -31.05 72.66
N GLN L 3627 -39.84 -30.78 72.54
CA GLN L 3627 -39.02 -30.55 73.73
C GLN L 3627 -39.38 -29.27 74.45
N ARG L 3628 -39.96 -28.30 73.74
CA ARG L 3628 -40.42 -27.09 74.41
C ARG L 3628 -41.59 -27.39 75.33
N ARG L 3629 -42.43 -28.35 74.96
CA ARG L 3629 -43.53 -28.74 75.81
C ARG L 3629 -43.06 -29.41 77.09
N ARG L 3630 -42.09 -30.30 77.03
CA ARG L 3630 -41.58 -30.86 78.27
C ARG L 3630 -40.70 -29.89 79.03
N ALA L 3631 -40.16 -28.87 78.34
CA ALA L 3631 -39.39 -27.86 79.04
C ALA L 3631 -40.27 -27.00 79.93
N VAL L 3632 -41.42 -26.56 79.40
CA VAL L 3632 -42.29 -25.69 80.17
C VAL L 3632 -43.01 -26.46 81.26
N VAL L 3633 -43.11 -27.79 81.11
CA VAL L 3633 -43.67 -28.61 82.19
C VAL L 3633 -42.72 -28.66 83.37
N ALA L 3634 -41.46 -29.01 83.13
CA ALA L 3634 -40.49 -29.14 84.20
C ALA L 3634 -39.98 -27.79 84.70
N CYS L 3635 -40.41 -26.69 84.08
CA CYS L 3635 -39.95 -25.37 84.49
C CYS L 3635 -40.49 -24.98 85.86
N PHE L 3636 -41.54 -25.64 86.33
CA PHE L 3636 -42.20 -25.27 87.57
C PHE L 3636 -41.65 -25.99 88.78
N ARG L 3637 -41.05 -27.16 88.59
CA ARG L 3637 -40.56 -27.96 89.70
C ARG L 3637 -39.11 -27.68 90.04
N MET L 3638 -38.62 -26.48 89.74
CA MET L 3638 -37.22 -26.16 89.98
C MET L 3638 -36.96 -25.94 91.46
N THR L 3639 -35.97 -26.67 91.98
CA THR L 3639 -35.65 -26.59 93.40
C THR L 3639 -34.95 -25.26 93.72
N PRO L 3640 -35.14 -24.73 94.92
CA PRO L 3640 -34.45 -23.49 95.30
C PRO L 3640 -33.01 -23.78 95.73
N LEU L 3641 -32.27 -22.69 95.92
CA LEU L 3641 -30.84 -22.78 96.20
C LEU L 3641 -30.56 -23.30 97.60
N TYR L 3642 -31.39 -22.94 98.59
CA TYR L 3642 -31.12 -23.36 99.95
C TYR L 3642 -31.44 -24.83 100.16
N ASN L 3643 -32.18 -25.46 99.26
CA ASN L 3643 -32.36 -26.89 99.28
C ASN L 3643 -31.16 -27.65 98.74
N LEU L 3644 -30.28 -26.98 98.01
CA LEU L 3644 -29.15 -27.64 97.37
C LEU L 3644 -28.04 -27.90 98.40
N PRO L 3645 -27.23 -28.93 98.18
CA PRO L 3645 -26.00 -29.06 98.96
C PRO L 3645 -25.03 -27.95 98.61
N THR L 3646 -24.28 -27.53 99.62
CA THR L 3646 -23.51 -26.29 99.53
C THR L 3646 -22.33 -26.40 98.57
N HIS L 3647 -21.81 -27.60 98.33
CA HIS L 3647 -20.65 -27.72 97.45
C HIS L 3647 -21.04 -27.51 96.01
N ARG L 3648 -22.21 -28.00 95.60
CA ARG L 3648 -22.68 -27.71 94.26
C ARG L 3648 -23.06 -26.24 94.10
N ALA L 3649 -23.56 -25.63 95.18
CA ALA L 3649 -23.85 -24.20 95.17
C ALA L 3649 -22.59 -23.37 94.97
N CYS L 3650 -21.47 -23.80 95.53
CA CYS L 3650 -20.22 -23.11 95.27
C CYS L 3650 -19.77 -23.30 93.84
N ASN L 3651 -20.06 -24.47 93.25
CA ASN L 3651 -19.61 -24.78 91.90
C ASN L 3651 -20.23 -23.86 90.85
N MET L 3652 -21.55 -23.68 90.90
CA MET L 3652 -22.21 -22.79 89.96
C MET L 3652 -21.85 -21.33 90.22
N PHE L 3653 -21.46 -21.00 91.44
CA PHE L 3653 -21.00 -19.66 91.75
C PHE L 3653 -19.72 -19.30 90.99
N LEU L 3654 -18.76 -20.21 90.96
CA LEU L 3654 -17.52 -19.96 90.22
C LEU L 3654 -17.77 -19.84 88.74
N GLU L 3655 -18.69 -20.64 88.20
CA GLU L 3655 -19.09 -20.47 86.82
C GLU L 3655 -19.87 -19.17 86.61
N SER L 3656 -20.43 -18.62 87.68
CA SER L 3656 -21.08 -17.32 87.55
C SER L 3656 -20.13 -16.19 87.83
N TYR L 3657 -19.35 -16.30 88.91
CA TYR L 3657 -18.52 -15.18 89.37
C TYR L 3657 -17.41 -14.86 88.40
N LYS L 3658 -16.84 -15.87 87.77
CA LYS L 3658 -15.88 -15.63 86.70
C LYS L 3658 -16.58 -15.01 85.50
N ALA L 3659 -17.81 -15.40 85.24
CA ALA L 3659 -18.50 -14.96 84.05
C ALA L 3659 -18.96 -13.51 84.13
N ALA L 3660 -19.30 -13.03 85.32
CA ALA L 3660 -19.86 -11.69 85.44
C ALA L 3660 -18.89 -10.68 86.04
N TRP L 3661 -17.80 -11.11 86.63
CA TRP L 3661 -16.88 -10.18 87.25
C TRP L 3661 -15.48 -10.25 86.68
N ILE L 3662 -14.88 -11.43 86.66
CA ILE L 3662 -13.48 -11.56 86.28
C ILE L 3662 -13.31 -11.43 84.78
N LEU L 3663 -14.22 -12.02 84.01
CA LEU L 3663 -14.16 -11.87 82.56
C LEU L 3663 -14.45 -10.45 82.13
N THR L 3664 -15.30 -9.75 82.86
CA THR L 3664 -15.65 -8.38 82.52
C THR L 3664 -14.55 -7.38 82.82
N GLU L 3665 -13.53 -7.78 83.58
CA GLU L 3665 -12.54 -6.83 84.06
C GLU L 3665 -11.57 -6.44 82.95
N ASP L 3666 -11.25 -5.16 82.89
CA ASP L 3666 -10.35 -4.60 81.90
C ASP L 3666 -9.10 -4.07 82.57
N HIS L 3667 -7.99 -4.10 81.83
CA HIS L 3667 -6.71 -3.58 82.29
C HIS L 3667 -5.83 -3.35 81.07
N SER L 3668 -4.80 -2.53 81.25
CA SER L 3668 -4.04 -2.05 80.11
C SER L 3668 -2.57 -2.45 80.21
N PHE L 3669 -2.30 -3.70 80.55
CA PHE L 3669 -0.92 -4.14 80.68
C PHE L 3669 -0.22 -4.32 79.35
N GLU L 3670 -0.93 -4.20 78.24
CA GLU L 3670 -0.33 -4.52 76.94
C GLU L 3670 0.62 -3.43 76.47
N ASP L 3671 0.55 -2.23 77.02
CA ASP L 3671 1.50 -1.22 76.60
C ASP L 3671 2.66 -1.10 77.57
N ARG L 3672 2.41 -1.27 78.87
CA ARG L 3672 3.48 -1.17 79.84
C ARG L 3672 4.36 -2.41 79.89
N MET L 3673 4.11 -3.41 79.03
CA MET L 3673 5.09 -4.46 78.83
C MET L 3673 6.06 -4.11 77.72
N ILE L 3674 5.54 -3.65 76.59
CA ILE L 3674 6.32 -3.60 75.35
C ILE L 3674 7.38 -2.52 75.42
N ASP L 3675 7.16 -1.48 76.23
CA ASP L 3675 8.16 -0.44 76.43
C ASP L 3675 9.45 -0.97 77.05
N ASP L 3676 9.35 -1.75 78.14
CA ASP L 3676 10.55 -2.20 78.81
C ASP L 3676 11.22 -3.34 78.05
N LEU L 3677 10.47 -4.06 77.22
CA LEU L 3677 11.12 -4.98 76.31
C LEU L 3677 11.82 -4.26 75.17
N SER L 3678 11.49 -2.99 74.95
CA SER L 3678 12.17 -2.21 73.93
C SER L 3678 13.25 -1.31 74.52
N LYS L 3679 13.00 -0.74 75.69
CA LYS L 3679 13.94 0.23 76.24
C LYS L 3679 15.16 -0.41 76.88
N ALA L 3680 15.11 -1.71 77.16
CA ALA L 3680 16.19 -2.34 77.91
C ALA L 3680 17.42 -2.65 77.07
N GLY L 3681 17.36 -2.40 75.75
CA GLY L 3681 18.57 -2.46 74.96
C GLY L 3681 19.57 -1.39 75.36
N GLU L 3682 19.10 -0.27 75.89
CA GLU L 3682 19.93 0.73 76.53
C GLU L 3682 20.40 0.17 77.87
N GLN L 3683 21.71 0.19 78.07
CA GLN L 3683 22.32 -0.28 79.31
C GLN L 3683 23.69 0.36 79.43
N GLU L 3684 24.40 -0.02 80.48
CA GLU L 3684 25.76 0.48 80.69
C GLU L 3684 26.75 -0.36 79.90
N LYS L 3693 25.58 -3.48 69.22
CA LYS L 3693 24.97 -4.24 68.14
C LYS L 3693 24.22 -5.45 68.68
N LYS L 3694 24.13 -5.54 70.01
CA LYS L 3694 23.39 -6.65 70.58
C LYS L 3694 21.89 -6.40 70.45
N PRO L 3695 21.11 -7.45 70.23
CA PRO L 3695 19.67 -7.26 70.03
C PRO L 3695 18.95 -6.87 71.31
N ASP L 3696 17.75 -6.33 71.14
CA ASP L 3696 16.93 -5.88 72.23
C ASP L 3696 16.21 -7.08 72.85
N PRO L 3697 15.67 -6.92 74.07
CA PRO L 3697 14.83 -8.00 74.63
C PRO L 3697 13.62 -8.33 73.78
N LEU L 3698 12.93 -7.32 73.27
CA LEU L 3698 11.88 -7.59 72.30
C LEU L 3698 12.44 -8.15 71.02
N HIS L 3699 13.60 -7.65 70.58
CA HIS L 3699 14.17 -8.09 69.32
C HIS L 3699 14.66 -9.52 69.39
N GLN L 3700 15.01 -9.99 70.59
CA GLN L 3700 15.31 -11.40 70.76
C GLN L 3700 14.08 -12.25 70.58
N LEU L 3701 12.92 -11.74 71.02
CA LEU L 3701 11.71 -12.55 71.06
C LEU L 3701 11.18 -12.85 69.68
N VAL L 3702 11.09 -11.85 68.81
CA VAL L 3702 10.53 -12.12 67.50
C VAL L 3702 11.55 -12.81 66.61
N LEU L 3703 12.83 -12.80 67.00
CA LEU L 3703 13.77 -13.68 66.34
C LEU L 3703 13.47 -15.13 66.67
N HIS L 3704 13.09 -15.40 67.91
CA HIS L 3704 12.84 -16.78 68.32
C HIS L 3704 11.56 -17.30 67.68
N PHE L 3705 10.53 -16.46 67.58
CA PHE L 3705 9.32 -16.86 66.89
C PHE L 3705 9.55 -17.02 65.40
N SER L 3706 10.51 -16.30 64.84
CA SER L 3706 10.85 -16.53 63.45
C SER L 3706 11.53 -17.87 63.28
N ARG L 3707 12.36 -18.27 64.24
CA ARG L 3707 13.10 -19.52 64.11
C ARG L 3707 12.19 -20.73 64.19
N THR L 3708 11.15 -20.68 65.01
CA THR L 3708 10.24 -21.80 65.08
C THR L 3708 9.28 -21.85 63.91
N ALA L 3709 9.27 -20.83 63.07
CA ALA L 3709 8.42 -20.85 61.89
C ALA L 3709 9.15 -21.34 60.66
N LEU L 3710 10.45 -21.60 60.76
CA LEU L 3710 11.24 -21.99 59.60
C LEU L 3710 11.64 -23.44 59.62
N THR L 3711 11.44 -24.14 60.73
CA THR L 3711 11.79 -25.56 60.78
C THR L 3711 10.81 -26.36 59.95
N GLU L 3712 11.33 -27.35 59.22
CA GLU L 3712 10.53 -28.09 58.26
C GLU L 3712 9.60 -29.03 59.01
N LYS L 3713 8.31 -28.68 59.03
CA LYS L 3713 7.28 -29.56 59.56
C LYS L 3713 6.11 -29.49 58.61
N SER L 3714 5.33 -30.56 58.55
CA SER L 3714 4.18 -30.61 57.66
C SER L 3714 3.10 -29.66 58.12
N LYS L 3715 2.67 -29.79 59.37
CA LYS L 3715 1.63 -28.94 59.91
C LYS L 3715 2.26 -27.87 60.77
N LEU L 3716 1.44 -26.91 61.18
CA LEU L 3716 1.85 -25.83 62.05
C LEU L 3716 1.20 -26.04 63.41
N ASP L 3717 1.99 -26.50 64.36
CA ASP L 3717 1.50 -26.83 65.69
C ASP L 3717 0.99 -25.59 66.43
N GLU L 3718 -0.16 -25.76 67.07
CA GLU L 3718 -0.85 -24.66 67.72
C GLU L 3718 -0.19 -24.35 69.05
N ASP L 3719 0.71 -23.37 69.06
CA ASP L 3719 1.33 -22.91 70.30
C ASP L 3719 0.41 -21.89 70.94
N TYR L 3720 0.10 -22.11 72.21
CA TYR L 3720 -0.68 -21.12 72.95
C TYR L 3720 0.19 -19.93 73.35
N LEU L 3721 1.50 -20.14 73.49
CA LEU L 3721 2.37 -19.06 73.91
C LEU L 3721 2.53 -18.00 72.84
N TYR L 3722 2.68 -18.42 71.59
CA TYR L 3722 2.77 -17.46 70.49
C TYR L 3722 1.48 -16.69 70.31
N MET L 3723 0.34 -17.36 70.51
CA MET L 3723 -0.92 -16.65 70.45
C MET L 3723 -1.08 -15.75 71.67
N ALA L 3724 -0.42 -16.07 72.76
CA ALA L 3724 -0.45 -15.17 73.91
C ALA L 3724 0.40 -13.93 73.67
N TYR L 3725 1.35 -13.99 72.74
CA TYR L 3725 2.14 -12.82 72.42
C TYR L 3725 1.74 -12.19 71.10
N ALA L 3726 0.90 -12.85 70.33
CA ALA L 3726 0.47 -12.26 69.07
C ALA L 3726 -0.47 -11.09 69.32
N ASP L 3727 -1.37 -11.22 70.28
CA ASP L 3727 -2.32 -10.16 70.55
C ASP L 3727 -1.70 -9.01 71.33
N ILE L 3728 -0.72 -9.30 72.19
CA ILE L 3728 -0.11 -8.26 73.01
C ILE L 3728 0.68 -7.30 72.14
N MET L 3729 1.43 -7.81 71.17
CA MET L 3729 2.04 -6.94 70.19
C MET L 3729 1.03 -6.32 69.26
N ALA L 3730 -0.13 -6.96 69.06
CA ALA L 3730 -1.16 -6.36 68.22
C ALA L 3730 -1.81 -5.17 68.90
N LYS L 3731 -2.01 -5.25 70.21
CA LYS L 3731 -2.65 -4.16 70.95
C LYS L 3731 -1.72 -3.00 71.21
N SER L 3732 -0.47 -3.04 70.75
CA SER L 3732 0.42 -1.90 70.94
C SER L 3732 0.14 -0.80 69.92
N CYS L 3733 -0.67 -1.09 68.91
CA CYS L 3733 -1.02 -0.09 67.92
C CYS L 3733 -2.50 0.28 67.93
N HIS L 3734 -3.34 -0.52 68.59
CA HIS L 3734 -4.76 -0.25 68.63
C HIS L 3734 -5.13 0.86 69.59
N LEU L 3735 -4.20 1.29 70.44
CA LEU L 3735 -4.46 2.47 71.26
C LEU L 3735 -4.56 3.72 70.39
N GLU L 3736 -3.81 3.75 69.30
CA GLU L 3736 -3.89 4.84 68.33
C GLU L 3736 -4.72 4.48 67.11
N GLU L 3737 -5.12 3.21 66.96
CA GLU L 3737 -5.95 2.80 65.84
C GLU L 3737 -7.43 2.87 66.20
N GLU L 3750 -15.66 16.65 66.16
CA GLU L 3750 -14.90 17.64 65.42
C GLU L 3750 -13.45 17.66 65.88
N VAL L 3751 -12.52 17.39 64.97
CA VAL L 3751 -11.11 17.35 65.29
C VAL L 3751 -10.38 18.45 64.52
N SER L 3752 -9.24 18.83 65.06
CA SER L 3752 -8.38 19.83 64.44
C SER L 3752 -7.52 19.16 63.36
N PHE L 3753 -6.61 19.92 62.79
CA PHE L 3753 -5.71 19.36 61.79
C PHE L 3753 -4.45 18.79 62.44
N GLU L 3754 -3.85 19.53 63.36
CA GLU L 3754 -2.61 19.09 63.99
C GLU L 3754 -2.82 17.92 64.93
N GLU L 3755 -3.91 17.93 65.70
CA GLU L 3755 -4.06 16.96 66.78
C GLU L 3755 -4.34 15.56 66.25
N LYS L 3756 -4.81 15.43 65.01
CA LYS L 3756 -4.94 14.10 64.45
C LYS L 3756 -3.63 13.62 63.84
N GLU L 3757 -2.71 14.53 63.51
CA GLU L 3757 -1.41 14.11 63.00
C GLU L 3757 -0.56 13.49 64.08
N MET L 3758 -0.58 14.04 65.29
CA MET L 3758 0.08 13.38 66.41
C MET L 3758 -0.63 12.10 66.81
N GLU L 3759 -1.94 12.02 66.60
CA GLU L 3759 -2.63 10.75 66.72
C GLU L 3759 -2.26 9.82 65.57
N LYS L 3760 -1.87 10.38 64.43
CA LYS L 3760 -1.35 9.55 63.35
C LYS L 3760 0.11 9.16 63.63
N GLN L 3761 0.95 10.13 63.95
CA GLN L 3761 2.38 9.84 64.04
C GLN L 3761 2.76 9.02 65.25
N ARG L 3762 1.96 9.05 66.32
CA ARG L 3762 2.25 8.16 67.42
C ARG L 3762 1.93 6.72 67.05
N LEU L 3763 1.08 6.52 66.04
CA LEU L 3763 0.88 5.18 65.53
C LEU L 3763 2.05 4.77 64.65
N LEU L 3764 2.66 5.72 63.94
CA LEU L 3764 3.90 5.35 63.24
C LEU L 3764 5.08 5.19 64.18
N TYR L 3765 4.98 5.68 65.41
CA TYR L 3765 6.01 5.38 66.38
C TYR L 3765 5.91 3.93 66.85
N GLN L 3766 4.71 3.51 67.23
CA GLN L 3766 4.54 2.15 67.68
C GLN L 3766 4.65 1.15 66.54
N GLN L 3767 4.35 1.57 65.32
CA GLN L 3767 4.63 0.70 64.18
C GLN L 3767 6.11 0.59 63.91
N SER L 3768 6.87 1.64 64.22
CA SER L 3768 8.31 1.53 64.07
C SER L 3768 8.91 0.70 65.18
N ARG L 3769 8.28 0.68 66.35
CA ARG L 3769 8.80 -0.07 67.49
C ARG L 3769 8.74 -1.57 67.27
N LEU L 3770 7.91 -2.04 66.35
CA LEU L 3770 7.91 -3.44 65.99
C LEU L 3770 8.74 -3.73 64.74
N HIS L 3771 8.48 -3.04 63.64
CA HIS L 3771 8.98 -3.50 62.36
C HIS L 3771 10.42 -3.12 62.08
N THR L 3772 11.06 -2.33 62.95
CA THR L 3772 12.51 -2.24 62.82
C THR L 3772 13.18 -3.37 63.57
N ARG L 3773 12.45 -4.06 64.44
CA ARG L 3773 12.97 -5.25 65.10
C ARG L 3773 12.66 -6.51 64.32
N GLY L 3774 12.30 -6.40 63.04
CA GLY L 3774 12.02 -7.57 62.24
C GLY L 3774 10.67 -8.19 62.45
N ALA L 3775 9.67 -7.40 62.85
CA ALA L 3775 8.33 -7.94 63.02
C ALA L 3775 7.61 -8.14 61.70
N ALA L 3776 8.12 -7.57 60.61
CA ALA L 3776 7.40 -7.64 59.36
C ALA L 3776 7.55 -9.00 58.69
N GLU L 3777 8.70 -9.63 58.83
CA GLU L 3777 8.92 -10.89 58.14
C GLU L 3777 8.53 -12.09 58.99
N MET L 3778 8.39 -11.91 60.31
CA MET L 3778 7.82 -12.97 61.12
C MET L 3778 6.38 -13.23 60.73
N VAL L 3779 5.61 -12.17 60.49
CA VAL L 3779 4.21 -12.36 60.14
C VAL L 3779 4.08 -12.78 58.69
N LEU L 3780 5.15 -12.64 57.92
CA LEU L 3780 5.11 -13.14 56.55
C LEU L 3780 5.56 -14.57 56.45
N GLN L 3781 6.37 -15.04 57.39
CA GLN L 3781 6.83 -16.42 57.32
C GLN L 3781 5.76 -17.40 57.77
N MET L 3782 5.02 -17.08 58.83
CA MET L 3782 4.08 -18.01 59.39
C MET L 3782 2.84 -18.24 58.54
N ILE L 3783 2.54 -17.32 57.63
CA ILE L 3783 1.51 -17.61 56.65
C ILE L 3783 2.02 -18.65 55.67
N SER L 3784 3.31 -18.62 55.33
CA SER L 3784 3.87 -19.68 54.52
C SER L 3784 4.01 -20.96 55.34
N ALA L 3785 4.12 -20.85 56.65
CA ALA L 3785 4.21 -22.02 57.51
C ALA L 3785 2.83 -22.57 57.85
N CYS L 3786 1.77 -21.85 57.55
CA CYS L 3786 0.43 -22.41 57.70
C CYS L 3786 0.16 -23.47 56.65
N LYS L 3787 0.38 -23.12 55.38
CA LYS L 3787 0.01 -23.94 54.22
C LYS L 3787 -1.47 -24.30 54.23
N GLY L 3788 -2.30 -23.35 54.62
CA GLY L 3788 -3.73 -23.51 54.40
C GLY L 3788 -4.53 -24.00 55.57
N GLU L 3789 -3.90 -24.37 56.67
CA GLU L 3789 -4.60 -24.91 57.80
C GLU L 3789 -5.27 -23.77 58.55
N THR L 3790 -6.54 -23.53 58.25
CA THR L 3790 -7.27 -22.39 58.83
C THR L 3790 -7.63 -22.60 60.29
N GLY L 3791 -6.60 -22.61 61.12
CA GLY L 3791 -6.74 -22.84 62.53
C GLY L 3791 -6.87 -21.57 63.33
N ALA L 3792 -6.56 -21.68 64.62
CA ALA L 3792 -6.66 -20.54 65.52
C ALA L 3792 -5.44 -19.63 65.47
N MET L 3793 -4.29 -20.15 65.06
CA MET L 3793 -3.10 -19.32 64.99
C MET L 3793 -3.15 -18.32 63.86
N VAL L 3794 -3.66 -18.72 62.69
CA VAL L 3794 -3.75 -17.78 61.59
C VAL L 3794 -4.85 -16.76 61.81
N SER L 3795 -5.74 -16.99 62.76
CA SER L 3795 -6.52 -15.86 63.26
C SER L 3795 -5.65 -14.89 64.02
N SER L 3796 -4.87 -15.38 64.97
CA SER L 3796 -4.09 -14.50 65.82
C SER L 3796 -2.88 -13.93 65.11
N THR L 3797 -2.45 -14.52 64.00
CA THR L 3797 -1.33 -13.89 63.31
C THR L 3797 -1.78 -12.80 62.37
N LEU L 3798 -3.06 -12.72 62.03
CA LEU L 3798 -3.46 -11.70 61.09
C LEU L 3798 -3.81 -10.41 61.78
N LYS L 3799 -4.26 -10.48 63.03
CA LYS L 3799 -4.51 -9.26 63.79
C LYS L 3799 -3.22 -8.53 64.09
N LEU L 3800 -2.11 -9.25 64.17
CA LEU L 3800 -0.82 -8.56 64.23
C LEU L 3800 -0.45 -8.00 62.87
N GLY L 3801 -0.81 -8.70 61.80
CA GLY L 3801 -0.47 -8.23 60.46
C GLY L 3801 -1.22 -7.00 60.05
N ILE L 3802 -2.41 -6.80 60.62
CA ILE L 3802 -3.14 -5.57 60.36
C ILE L 3802 -2.56 -4.41 61.16
N SER L 3803 -2.27 -4.62 62.44
CA SER L 3803 -1.84 -3.52 63.30
C SER L 3803 -0.43 -3.05 62.99
N ILE L 3804 0.30 -3.74 62.11
CA ILE L 3804 1.53 -3.20 61.57
C ILE L 3804 1.25 -2.42 60.30
N LEU L 3805 0.39 -2.94 59.44
CA LEU L 3805 0.08 -2.28 58.17
C LEU L 3805 -1.19 -1.44 58.24
N ASN L 3806 -1.65 -1.09 59.44
CA ASN L 3806 -2.81 -0.22 59.55
C ASN L 3806 -2.45 1.19 59.14
N GLY L 3807 -3.42 1.90 58.58
CA GLY L 3807 -3.18 3.25 58.11
C GLY L 3807 -2.40 3.36 56.82
N GLY L 3808 -2.00 2.25 56.22
CA GLY L 3808 -1.26 2.30 54.98
C GLY L 3808 0.16 2.76 55.18
N ASN L 3809 0.93 2.04 56.01
CA ASN L 3809 2.34 2.34 56.13
C ASN L 3809 3.06 1.94 54.86
N ALA L 3810 4.14 2.65 54.56
CA ALA L 3810 4.84 2.45 53.29
C ALA L 3810 6.00 1.48 53.38
N GLU L 3811 6.93 1.70 54.32
CA GLU L 3811 8.17 0.95 54.30
C GLU L 3811 8.02 -0.50 54.79
N VAL L 3812 6.91 -0.82 55.46
CA VAL L 3812 6.68 -2.22 55.76
C VAL L 3812 6.35 -2.99 54.50
N GLN L 3813 5.74 -2.32 53.52
CA GLN L 3813 5.56 -2.95 52.22
C GLN L 3813 6.90 -3.08 51.49
N GLN L 3814 7.77 -2.09 51.65
CA GLN L 3814 9.09 -2.21 51.06
C GLN L 3814 9.96 -3.18 51.84
N LYS L 3815 9.62 -3.44 53.11
CA LYS L 3815 10.25 -4.53 53.82
C LYS L 3815 9.61 -5.86 53.48
N MET L 3816 8.53 -5.87 52.71
CA MET L 3816 7.87 -7.12 52.39
C MET L 3816 8.07 -7.55 50.95
N LEU L 3817 8.22 -6.60 50.02
CA LEU L 3817 8.37 -6.99 48.63
C LEU L 3817 9.72 -7.65 48.37
N ASP L 3818 10.78 -7.07 48.92
CA ASP L 3818 12.12 -7.64 48.80
C ASP L 3818 12.22 -9.02 49.43
N TYR L 3819 11.48 -9.27 50.52
CA TYR L 3819 11.49 -10.58 51.13
C TYR L 3819 10.83 -11.62 50.22
N LEU L 3820 9.82 -11.22 49.45
CA LEU L 3820 9.24 -12.14 48.48
C LEU L 3820 9.95 -12.12 47.15
N LYS L 3821 11.04 -11.37 47.03
CA LYS L 3821 11.79 -11.34 45.78
C LYS L 3821 13.18 -11.92 45.90
N ASP L 3822 13.80 -11.87 47.07
CA ASP L 3822 15.06 -12.58 47.23
C ASP L 3822 14.84 -14.07 47.54
N LYS L 3823 13.68 -14.43 48.09
CA LYS L 3823 13.48 -15.81 48.51
C LYS L 3823 12.83 -16.64 47.41
N LYS L 3824 12.07 -15.99 46.52
CA LYS L 3824 11.20 -16.64 45.53
C LYS L 3824 10.27 -17.65 46.18
N GLU L 3825 9.71 -17.29 47.33
CA GLU L 3825 9.02 -18.24 48.20
C GLU L 3825 7.63 -18.52 47.65
N VAL L 3826 7.54 -19.42 46.67
CA VAL L 3826 6.25 -20.04 46.36
C VAL L 3826 5.86 -20.90 47.55
N GLY L 3827 4.65 -20.70 48.02
CA GLY L 3827 4.20 -21.37 49.23
C GLY L 3827 3.49 -20.37 50.11
N PHE L 3828 3.97 -19.12 50.06
CA PHE L 3828 3.17 -18.03 50.61
C PHE L 3828 1.89 -17.87 49.83
N PHE L 3829 2.03 -17.59 48.54
CA PHE L 3829 0.90 -17.32 47.67
C PHE L 3829 -0.03 -18.50 47.51
N GLN L 3830 0.51 -19.72 47.57
CA GLN L 3830 -0.36 -20.89 47.58
C GLN L 3830 -1.13 -20.99 48.88
N SER L 3831 -0.50 -20.68 50.01
CA SER L 3831 -1.24 -20.67 51.26
C SER L 3831 -2.22 -19.52 51.32
N ILE L 3832 -1.92 -18.42 50.62
CA ILE L 3832 -2.90 -17.37 50.43
C ILE L 3832 -4.09 -17.91 49.64
N GLN L 3833 -3.82 -18.65 48.56
CA GLN L 3833 -4.89 -19.18 47.74
C GLN L 3833 -5.66 -20.26 48.48
N ALA L 3834 -5.00 -20.97 49.38
CA ALA L 3834 -5.68 -22.02 50.13
C ALA L 3834 -6.67 -21.45 51.13
N LEU L 3835 -6.29 -20.40 51.86
CA LEU L 3835 -7.22 -19.78 52.79
C LEU L 3835 -8.38 -19.10 52.08
N MET L 3836 -8.20 -18.70 50.82
CA MET L 3836 -9.26 -18.02 50.09
C MET L 3836 -10.44 -18.94 49.80
N GLN L 3837 -10.16 -20.18 49.39
CA GLN L 3837 -11.25 -21.08 49.02
C GLN L 3837 -11.98 -21.62 50.22
N THR L 3838 -11.34 -21.69 51.38
CA THR L 3838 -12.02 -22.17 52.59
C THR L 3838 -12.62 -21.01 53.37
N CYS L 3839 -13.39 -20.20 52.66
CA CYS L 3839 -14.15 -19.11 53.25
C CYS L 3839 -15.62 -19.43 53.10
N SER L 3840 -16.30 -19.59 54.22
CA SER L 3840 -17.71 -19.95 54.23
C SER L 3840 -18.55 -18.80 53.68
N VAL L 3841 -19.69 -19.16 53.10
CA VAL L 3841 -20.63 -18.20 52.56
C VAL L 3841 -22.00 -18.50 53.14
N LEU L 3842 -23.02 -17.77 52.70
CA LEU L 3842 -24.40 -18.01 53.13
C LEU L 3842 -24.85 -19.37 52.63
N ASP L 3843 -25.33 -20.23 53.52
CA ASP L 3843 -25.92 -21.47 53.06
C ASP L 3843 -27.43 -21.43 53.18
N LEU L 3844 -28.08 -22.47 52.70
CA LEU L 3844 -29.51 -22.63 52.89
C LEU L 3844 -29.86 -23.96 53.53
N ASN L 3845 -28.93 -24.57 54.25
CA ASN L 3845 -29.20 -25.83 54.91
C ASN L 3845 -28.97 -25.79 56.41
N ALA L 3846 -27.81 -25.32 56.85
CA ALA L 3846 -27.56 -25.16 58.27
C ALA L 3846 -28.31 -23.97 58.86
N PHE L 3847 -28.78 -23.08 58.00
CA PHE L 3847 -29.56 -21.93 58.42
C PHE L 3847 -30.85 -22.35 59.13
N GLU L 3848 -31.59 -23.27 58.53
CA GLU L 3848 -32.77 -23.78 59.21
C GLU L 3848 -32.42 -24.80 60.28
N ARG L 3849 -31.24 -25.41 60.19
CA ARG L 3849 -30.76 -26.24 61.29
C ARG L 3849 -30.59 -25.40 62.55
N GLN L 3850 -30.00 -24.22 62.39
CA GLN L 3850 -29.95 -23.25 63.48
C GLN L 3850 -31.34 -22.82 63.90
N ASN L 3851 -32.24 -22.67 62.93
CA ASN L 3851 -33.58 -22.19 63.24
C ASN L 3851 -34.38 -23.26 63.98
N LYS L 3852 -34.24 -24.51 63.58
CA LYS L 3852 -34.86 -25.59 64.34
C LYS L 3852 -34.19 -25.77 65.69
N ALA L 3853 -32.88 -25.51 65.75
CA ALA L 3853 -32.22 -25.45 67.04
C ALA L 3853 -32.69 -24.27 67.86
N GLU L 3854 -33.06 -23.17 67.20
CA GLU L 3854 -33.53 -21.99 67.91
C GLU L 3854 -34.91 -22.19 68.53
N GLY L 3855 -35.60 -23.28 68.21
CA GLY L 3855 -36.89 -23.56 68.84
C GLY L 3855 -36.79 -24.10 70.24
N LEU L 3856 -35.58 -24.24 70.76
CA LEU L 3856 -35.36 -24.75 72.12
C LEU L 3856 -34.67 -23.63 72.91
N GLY L 3857 -35.20 -23.32 74.09
CA GLY L 3857 -34.67 -22.20 74.85
C GLY L 3857 -34.00 -22.61 76.14
N MET L 3858 -34.48 -23.67 76.78
CA MET L 3858 -33.89 -24.13 78.03
C MET L 3858 -34.04 -25.64 78.10
N VAL L 3859 -32.97 -26.32 78.41
CA VAL L 3859 -32.92 -27.78 78.38
C VAL L 3859 -33.25 -28.31 79.78
N ASN L 3860 -33.83 -29.51 79.81
CA ASN L 3860 -34.31 -30.15 81.03
C ASN L 3860 -33.16 -30.42 82.01
N GLU L 3861 -33.58 -30.67 83.26
CA GLU L 3861 -32.73 -31.14 84.37
C GLU L 3861 -31.63 -30.14 84.71
N ASP L 3862 -32.06 -28.92 85.03
CA ASP L 3862 -31.26 -27.86 85.66
C ASP L 3862 -30.09 -27.42 84.78
N GLY L 3863 -30.26 -27.62 83.48
CA GLY L 3863 -29.25 -27.21 82.53
C GLY L 3863 -29.73 -26.02 81.74
N THR L 3864 -28.81 -25.25 81.18
CA THR L 3864 -29.17 -24.13 80.34
C THR L 3864 -28.61 -24.36 78.94
N VAL L 3865 -29.42 -24.05 77.93
CA VAL L 3865 -28.93 -24.09 76.55
C VAL L 3865 -27.95 -22.95 76.35
N ILE L 3866 -26.67 -23.29 76.28
CA ILE L 3866 -25.65 -22.27 76.07
C ILE L 3866 -25.73 -21.85 74.61
N ASN L 3867 -26.33 -20.68 74.37
CA ASN L 3867 -26.51 -20.19 73.02
C ASN L 3867 -25.20 -19.78 72.36
N ARG L 3868 -24.16 -19.54 73.14
CA ARG L 3868 -22.84 -19.30 72.58
C ARG L 3868 -22.10 -20.60 72.25
N GLN L 3869 -22.53 -21.73 72.83
CA GLN L 3869 -21.92 -23.00 72.49
C GLN L 3869 -22.27 -23.41 71.07
N ASN L 3870 -23.56 -23.38 70.73
CA ASN L 3870 -23.95 -23.50 69.33
C ASN L 3870 -23.49 -22.28 68.54
N GLY L 3871 -23.74 -21.09 69.07
CA GLY L 3871 -23.30 -19.86 68.42
C GLY L 3871 -24.01 -19.65 67.10
N GLU L 3872 -23.26 -19.23 66.11
CA GLU L 3872 -23.74 -19.18 64.74
C GLU L 3872 -23.10 -20.31 63.96
N LYS L 3873 -23.86 -21.37 63.70
CA LYS L 3873 -23.36 -22.45 62.86
C LYS L 3873 -23.22 -21.99 61.42
N VAL L 3874 -24.02 -21.02 61.02
CA VAL L 3874 -23.91 -20.42 59.69
C VAL L 3874 -22.95 -19.24 59.72
N MET L 3875 -21.90 -19.34 58.90
CA MET L 3875 -20.87 -18.31 58.72
C MET L 3875 -20.20 -17.91 60.03
N ALA L 3876 -19.67 -18.90 60.75
CA ALA L 3876 -18.80 -18.62 61.87
C ALA L 3876 -17.40 -18.26 61.40
N ASP L 3877 -17.15 -18.40 60.10
CA ASP L 3877 -15.90 -18.05 59.44
C ASP L 3877 -15.81 -16.55 59.14
N ASP L 3878 -16.81 -15.78 59.57
CA ASP L 3878 -17.07 -14.42 59.11
C ASP L 3878 -15.94 -13.45 59.43
N GLU L 3879 -15.62 -13.28 60.71
CA GLU L 3879 -14.67 -12.25 61.11
C GLU L 3879 -13.27 -12.61 60.69
N PHE L 3880 -13.00 -13.90 60.53
CA PHE L 3880 -11.69 -14.29 60.00
C PHE L 3880 -11.57 -13.96 58.52
N THR L 3881 -12.56 -14.36 57.72
CA THR L 3881 -12.46 -14.13 56.28
C THR L 3881 -12.61 -12.67 55.91
N GLN L 3882 -13.22 -11.87 56.77
CA GLN L 3882 -13.17 -10.43 56.61
C GLN L 3882 -11.79 -9.90 56.91
N ASP L 3883 -11.12 -10.52 57.87
CA ASP L 3883 -9.84 -10.01 58.34
C ASP L 3883 -8.74 -10.26 57.33
N LEU L 3884 -8.88 -11.31 56.51
CA LEU L 3884 -7.85 -11.61 55.52
C LEU L 3884 -7.88 -10.60 54.38
N PHE L 3885 -9.07 -10.29 53.89
CA PHE L 3885 -9.20 -9.27 52.87
C PHE L 3885 -8.84 -7.88 53.40
N ARG L 3886 -9.14 -7.62 54.68
CA ARG L 3886 -8.68 -6.37 55.29
C ARG L 3886 -7.17 -6.33 55.39
N PHE L 3887 -6.53 -7.47 55.65
CA PHE L 3887 -5.09 -7.56 55.46
C PHE L 3887 -4.73 -7.38 54.01
N LEU L 3888 -5.45 -8.04 53.11
CA LEU L 3888 -5.14 -7.97 51.70
C LEU L 3888 -5.37 -6.59 51.10
N GLN L 3889 -6.32 -5.83 51.64
CA GLN L 3889 -6.49 -4.46 51.20
C GLN L 3889 -5.28 -3.62 51.57
N LEU L 3890 -4.70 -3.88 52.74
CA LEU L 3890 -3.63 -3.05 53.27
C LEU L 3890 -2.27 -3.34 52.67
N LEU L 3891 -2.19 -4.19 51.66
CA LEU L 3891 -0.89 -4.40 51.02
C LEU L 3891 -0.68 -3.44 49.86
N CYS L 3892 -1.74 -2.85 49.34
CA CYS L 3892 -1.64 -1.85 48.29
C CYS L 3892 -2.41 -0.59 48.65
N GLU L 3893 -2.30 -0.17 49.91
CA GLU L 3893 -3.05 1.01 50.34
C GLU L 3893 -2.46 2.29 49.80
N GLY L 3894 -1.13 2.41 49.81
CA GLY L 3894 -0.49 3.58 49.25
C GLY L 3894 -0.30 3.54 47.75
N HIS L 3895 -1.07 2.67 47.08
CA HIS L 3895 -1.07 2.51 45.62
C HIS L 3895 0.30 2.11 45.11
N ASN L 3896 0.96 1.25 45.88
CA ASN L 3896 2.32 0.81 45.57
C ASN L 3896 2.28 -0.08 44.33
N ASN L 3897 2.66 0.50 43.19
CA ASN L 3897 2.36 -0.08 41.89
C ASN L 3897 3.08 -1.39 41.64
N ASP L 3898 4.19 -1.65 42.33
CA ASP L 3898 4.86 -2.92 42.23
C ASP L 3898 4.02 -4.09 42.75
N PHE L 3899 3.27 -3.90 43.85
CA PHE L 3899 2.38 -4.96 44.33
C PHE L 3899 1.20 -5.15 43.39
N GLN L 3900 0.77 -4.09 42.70
CA GLN L 3900 -0.17 -4.25 41.61
C GLN L 3900 0.39 -5.10 40.48
N ASN L 3901 1.70 -5.15 40.30
CA ASN L 3901 2.26 -6.08 39.34
C ASN L 3901 2.87 -7.30 40.02
N TYR L 3902 2.81 -7.36 41.34
CA TYR L 3902 3.27 -8.57 42.01
C TYR L 3902 2.12 -9.51 42.31
N LEU L 3903 0.98 -8.96 42.73
CA LEU L 3903 -0.14 -9.79 43.16
C LEU L 3903 -0.86 -10.46 42.01
N ARG L 3904 -0.55 -10.10 40.77
CA ARG L 3904 -1.07 -10.89 39.66
C ARG L 3904 0.03 -11.69 38.99
N THR L 3905 1.29 -11.35 39.26
CA THR L 3905 2.41 -12.05 38.65
C THR L 3905 3.59 -12.03 39.59
N GLN L 3906 3.98 -13.20 40.06
CA GLN L 3906 5.22 -13.36 40.84
C GLN L 3906 6.29 -13.70 39.83
N THR L 3907 6.74 -12.70 39.09
CA THR L 3907 7.59 -12.92 37.92
C THR L 3907 8.97 -13.47 38.26
N GLY L 3908 9.47 -13.22 39.47
CA GLY L 3908 10.73 -13.81 39.86
C GLY L 3908 10.58 -15.27 40.20
N ASN L 3909 9.39 -15.64 40.66
CA ASN L 3909 9.09 -16.99 41.08
C ASN L 3909 8.93 -17.91 39.88
N THR L 3910 8.77 -19.19 40.17
CA THR L 3910 8.54 -20.16 39.11
C THR L 3910 7.09 -20.20 38.69
N THR L 3911 6.16 -19.99 39.62
CA THR L 3911 4.75 -20.27 39.41
C THR L 3911 3.92 -19.11 39.93
N THR L 3912 3.22 -18.44 39.02
CA THR L 3912 2.31 -17.37 39.40
C THR L 3912 1.04 -17.95 39.99
N ILE L 3913 0.34 -17.12 40.77
CA ILE L 3913 -0.92 -17.51 41.38
C ILE L 3913 -2.05 -16.59 40.93
N ASN L 3914 -1.78 -15.29 40.84
CA ASN L 3914 -2.73 -14.25 40.43
C ASN L 3914 -3.93 -14.22 41.38
N ILE L 3915 -3.63 -13.79 42.61
CA ILE L 3915 -4.61 -13.62 43.68
C ILE L 3915 -5.74 -12.70 43.28
N ILE L 3916 -5.45 -11.72 42.41
CA ILE L 3916 -6.47 -10.85 41.83
C ILE L 3916 -7.56 -11.65 41.16
N ILE L 3917 -7.20 -12.67 40.39
CA ILE L 3917 -8.20 -13.57 39.83
C ILE L 3917 -8.83 -14.40 40.95
N CYS L 3918 -8.03 -14.82 41.92
CA CYS L 3918 -8.56 -15.59 43.05
C CYS L 3918 -9.47 -14.74 43.93
N THR L 3919 -9.31 -13.43 43.92
CA THR L 3919 -10.23 -12.57 44.66
C THR L 3919 -11.56 -12.49 43.93
N VAL L 3920 -11.54 -12.56 42.62
CA VAL L 3920 -12.78 -12.55 41.83
C VAL L 3920 -13.58 -13.81 42.10
N ASP L 3921 -12.91 -14.95 42.24
CA ASP L 3921 -13.62 -16.21 42.29
C ASP L 3921 -14.30 -16.42 43.63
N TYR L 3922 -13.76 -15.83 44.69
CA TYR L 3922 -14.51 -15.87 45.95
C TYR L 3922 -15.74 -14.98 45.86
N LEU L 3923 -15.63 -13.87 45.15
CA LEU L 3923 -16.72 -12.93 45.02
C LEU L 3923 -17.89 -13.53 44.26
N LEU L 3924 -17.61 -14.32 43.22
CA LEU L 3924 -18.66 -15.03 42.50
C LEU L 3924 -19.34 -16.07 43.38
N ARG L 3925 -18.54 -16.81 44.15
CA ARG L 3925 -19.10 -17.76 45.10
C ARG L 3925 -19.90 -17.05 46.19
N LEU L 3926 -19.50 -15.83 46.53
CA LEU L 3926 -20.34 -15.02 47.39
C LEU L 3926 -21.59 -14.57 46.67
N GLN L 3927 -21.49 -14.36 45.37
CA GLN L 3927 -22.57 -13.71 44.63
C GLN L 3927 -23.79 -14.61 44.50
N GLU L 3928 -23.58 -15.87 44.15
CA GLU L 3928 -24.73 -16.77 44.13
C GLU L 3928 -25.24 -17.07 45.53
N SER L 3929 -24.35 -17.07 46.51
CA SER L 3929 -24.72 -17.41 47.87
C SER L 3929 -25.58 -16.33 48.51
N ILE L 3930 -25.40 -15.08 48.10
CA ILE L 3930 -26.27 -14.05 48.61
C ILE L 3930 -27.56 -14.01 47.78
N SER L 3931 -27.49 -14.40 46.51
CA SER L 3931 -28.66 -14.32 45.65
C SER L 3931 -29.67 -15.40 45.99
N ASP L 3932 -29.19 -16.59 46.37
CA ASP L 3932 -30.12 -17.63 46.75
C ASP L 3932 -30.71 -17.37 48.13
N PHE L 3933 -30.04 -16.54 48.93
CA PHE L 3933 -30.67 -16.12 50.16
C PHE L 3933 -31.82 -15.16 49.90
N TYR L 3934 -31.79 -14.49 48.76
CA TYR L 3934 -32.92 -13.65 48.39
C TYR L 3934 -34.11 -14.49 47.98
N TRP L 3935 -33.87 -15.58 47.26
CA TRP L 3935 -34.97 -16.39 46.73
C TRP L 3935 -35.69 -17.15 47.83
N TYR L 3936 -35.02 -17.44 48.94
CA TYR L 3936 -35.72 -18.02 50.07
C TYR L 3936 -36.67 -17.01 50.69
N TYR L 3937 -36.26 -15.76 50.74
CA TYR L 3937 -37.05 -14.72 51.38
C TYR L 3937 -37.91 -13.95 50.39
N SER L 3938 -37.84 -14.30 49.10
CA SER L 3938 -38.65 -13.61 48.12
C SER L 3938 -40.12 -13.96 48.23
N GLY L 3939 -40.46 -15.05 48.91
CA GLY L 3939 -41.84 -15.39 49.13
C GLY L 3939 -42.36 -14.86 50.45
N LYS L 3940 -41.48 -14.77 51.44
CA LYS L 3940 -41.87 -14.28 52.75
C LYS L 3940 -42.13 -12.78 52.69
N ASP L 3941 -42.95 -12.30 53.62
CA ASP L 3941 -43.29 -10.89 53.65
C ASP L 3941 -42.38 -10.11 54.60
N VAL L 3942 -42.39 -10.49 55.86
CA VAL L 3942 -41.58 -9.81 56.87
C VAL L 3942 -40.31 -10.62 57.10
N ILE L 3943 -39.34 -9.99 57.73
CA ILE L 3943 -38.07 -10.62 58.07
C ILE L 3943 -37.92 -10.61 59.59
N GLU L 3944 -37.59 -11.76 60.15
CA GLU L 3944 -37.40 -11.87 61.59
C GLU L 3944 -36.00 -11.39 61.99
N GLU L 3945 -35.68 -11.56 63.28
CA GLU L 3945 -34.43 -11.03 63.82
C GLU L 3945 -33.21 -11.78 63.32
N GLN L 3946 -33.27 -13.11 63.25
CA GLN L 3946 -32.09 -13.87 62.88
C GLN L 3946 -31.84 -13.81 61.37
N GLY L 3947 -32.86 -13.49 60.60
CA GLY L 3947 -32.70 -13.39 59.16
C GLY L 3947 -31.85 -12.22 58.75
N LYS L 3948 -31.95 -11.12 59.50
CA LYS L 3948 -31.17 -9.95 59.19
C LYS L 3948 -29.73 -10.07 59.68
N ARG L 3949 -29.51 -10.72 60.82
CA ARG L 3949 -28.17 -10.85 61.39
C ARG L 3949 -27.28 -11.66 60.46
N ASN L 3950 -27.84 -12.67 59.81
CA ASN L 3950 -27.16 -13.35 58.73
C ASN L 3950 -26.88 -12.42 57.56
N PHE L 3951 -27.86 -11.59 57.21
CA PHE L 3951 -27.69 -10.79 56.02
C PHE L 3951 -26.86 -9.56 56.32
N SER L 3952 -26.81 -9.14 57.58
CA SER L 3952 -25.87 -8.11 58.00
C SER L 3952 -24.44 -8.62 57.90
N LYS L 3953 -24.24 -9.92 58.12
CA LYS L 3953 -22.90 -10.48 58.07
C LYS L 3953 -22.35 -10.48 56.66
N ALA L 3954 -23.13 -10.97 55.70
CA ALA L 3954 -22.63 -11.21 54.35
C ALA L 3954 -22.33 -9.93 53.59
N MET L 3955 -23.00 -8.84 53.90
CA MET L 3955 -22.66 -7.60 53.22
C MET L 3955 -21.49 -6.89 53.88
N SER L 3956 -21.31 -7.08 55.18
CA SER L 3956 -20.16 -6.51 55.86
C SER L 3956 -18.87 -7.14 55.35
N VAL L 3957 -18.92 -8.40 54.92
CA VAL L 3957 -17.73 -8.97 54.31
C VAL L 3957 -17.70 -8.61 52.84
N ALA L 3958 -18.84 -8.24 52.27
CA ALA L 3958 -18.86 -7.83 50.87
C ALA L 3958 -18.27 -6.44 50.70
N LYS L 3959 -18.55 -5.54 51.63
CA LYS L 3959 -17.96 -4.21 51.58
C LYS L 3959 -16.46 -4.26 51.79
N GLN L 3960 -16.00 -5.24 52.58
CA GLN L 3960 -14.58 -5.44 52.75
C GLN L 3960 -13.92 -5.90 51.45
N VAL L 3961 -14.61 -6.73 50.68
CA VAL L 3961 -13.90 -7.29 49.53
C VAL L 3961 -14.00 -6.36 48.31
N PHE L 3962 -15.05 -5.55 48.21
CA PHE L 3962 -15.04 -4.54 47.15
C PHE L 3962 -14.00 -3.46 47.43
N ASN L 3963 -13.87 -3.06 48.70
CA ASN L 3963 -12.78 -2.19 49.07
C ASN L 3963 -11.43 -2.83 48.84
N SER L 3964 -11.32 -4.14 49.08
CA SER L 3964 -10.06 -4.80 48.79
C SER L 3964 -9.89 -5.01 47.30
N LEU L 3965 -10.98 -5.05 46.54
CA LEU L 3965 -10.86 -5.07 45.10
C LEU L 3965 -10.31 -3.77 44.55
N THR L 3966 -10.85 -2.64 45.00
CA THR L 3966 -10.55 -1.39 44.32
C THR L 3966 -9.14 -0.91 44.63
N GLU L 3967 -8.53 -1.38 45.72
CA GLU L 3967 -7.14 -1.02 45.97
C GLU L 3967 -6.19 -1.79 45.08
N TYR L 3968 -6.67 -2.79 44.35
CA TYR L 3968 -5.87 -3.36 43.27
C TYR L 3968 -5.91 -2.46 42.04
N ILE L 3969 -6.90 -1.56 41.96
CA ILE L 3969 -7.08 -0.75 40.76
C ILE L 3969 -7.24 0.73 41.06
N GLN L 3970 -7.09 1.17 42.33
CA GLN L 3970 -7.13 2.61 42.59
C GLN L 3970 -5.99 3.35 41.89
N GLY L 3971 -4.79 2.79 41.92
CA GLY L 3971 -3.75 3.25 41.05
C GLY L 3971 -4.14 2.95 39.62
N PRO L 3972 -3.72 3.81 38.70
CA PRO L 3972 -4.07 3.58 37.29
C PRO L 3972 -3.18 2.54 36.62
N CYS L 3973 -3.11 1.34 37.19
CA CYS L 3973 -2.31 0.25 36.65
C CYS L 3973 -3.18 -0.54 35.69
N THR L 3974 -2.75 -0.65 34.45
CA THR L 3974 -3.54 -1.35 33.45
C THR L 3974 -3.58 -2.85 33.67
N GLY L 3975 -2.51 -3.41 34.24
CA GLY L 3975 -2.38 -4.87 34.32
C GLY L 3975 -3.41 -5.50 35.21
N ASN L 3976 -3.90 -4.77 36.20
CA ASN L 3976 -5.08 -5.23 36.92
C ASN L 3976 -6.34 -4.92 36.16
N GLN L 3977 -6.40 -3.78 35.48
CA GLN L 3977 -7.62 -3.39 34.82
C GLN L 3977 -7.83 -4.15 33.52
N GLN L 3978 -6.80 -4.82 33.02
CA GLN L 3978 -7.01 -5.79 31.97
C GLN L 3978 -7.55 -7.11 32.50
N SER L 3979 -7.02 -7.59 33.62
CA SER L 3979 -7.43 -8.88 34.16
C SER L 3979 -8.85 -8.81 34.71
N LEU L 3980 -9.24 -7.67 35.26
CA LEU L 3980 -10.61 -7.50 35.68
C LEU L 3980 -11.55 -7.38 34.49
N ALA L 3981 -11.02 -7.01 33.33
CA ALA L 3981 -11.85 -6.86 32.14
C ALA L 3981 -12.04 -8.18 31.41
N HIS L 3982 -11.47 -9.27 31.90
CA HIS L 3982 -11.54 -10.54 31.22
C HIS L 3982 -12.05 -11.68 32.08
N SER L 3983 -12.34 -11.44 33.35
CA SER L 3983 -12.94 -12.46 34.17
C SER L 3983 -14.46 -12.41 34.01
N ARG L 3984 -15.17 -13.07 34.91
CA ARG L 3984 -16.62 -12.98 34.98
C ARG L 3984 -17.07 -11.90 35.95
N LEU L 3985 -16.24 -10.86 36.09
CA LEU L 3985 -16.50 -9.79 37.03
C LEU L 3985 -17.76 -9.03 36.70
N TRP L 3986 -18.00 -8.79 35.41
CA TRP L 3986 -19.28 -8.23 34.98
C TRP L 3986 -20.43 -9.17 35.33
N ASP L 3987 -20.23 -10.47 35.11
CA ASP L 3987 -21.25 -11.44 35.49
C ASP L 3987 -21.38 -11.55 37.00
N ALA L 3988 -20.35 -11.19 37.75
CA ALA L 3988 -20.53 -11.02 39.18
C ALA L 3988 -21.33 -9.77 39.47
N VAL L 3989 -21.03 -8.67 38.76
CA VAL L 3989 -21.71 -7.40 38.97
C VAL L 3989 -23.18 -7.50 38.58
N VAL L 3990 -23.48 -8.20 37.47
CA VAL L 3990 -24.85 -8.38 37.01
C VAL L 3990 -25.69 -9.07 38.07
N GLY L 3991 -25.13 -10.09 38.72
CA GLY L 3991 -25.82 -10.71 39.83
C GLY L 3991 -25.98 -9.79 41.01
N PHE L 3992 -24.99 -8.93 41.26
CA PHE L 3992 -25.18 -7.93 42.29
C PHE L 3992 -26.16 -6.87 41.87
N LEU L 3993 -26.25 -6.58 40.57
CA LEU L 3993 -27.26 -5.66 40.10
C LEU L 3993 -28.66 -6.23 40.26
N HIS L 3994 -28.82 -7.54 40.11
CA HIS L 3994 -30.15 -8.11 40.21
C HIS L 3994 -30.60 -8.25 41.66
N VAL L 3995 -29.66 -8.47 42.58
CA VAL L 3995 -30.07 -8.57 43.97
C VAL L 3995 -30.36 -7.18 44.54
N PHE L 3996 -29.75 -6.13 44.00
CA PHE L 3996 -29.95 -4.81 44.57
C PHE L 3996 -31.30 -4.24 44.21
N ALA L 3997 -31.73 -4.44 42.96
CA ALA L 3997 -33.01 -3.89 42.52
C ALA L 3997 -34.19 -4.59 43.17
N HIS L 3998 -33.99 -5.80 43.70
CA HIS L 3998 -35.11 -6.51 44.27
C HIS L 3998 -35.10 -6.50 45.79
N MET L 3999 -33.93 -6.31 46.40
CA MET L 3999 -33.89 -6.28 47.86
C MET L 3999 -34.53 -5.01 48.40
N MET L 4000 -34.23 -3.86 47.79
CA MET L 4000 -34.79 -2.59 48.26
C MET L 4000 -36.29 -2.55 48.14
N MET L 4001 -36.81 -2.85 46.95
CA MET L 4001 -38.22 -2.79 46.66
C MET L 4001 -39.04 -3.83 47.42
N LYS L 4002 -38.39 -4.82 48.02
CA LYS L 4002 -39.01 -5.58 49.09
C LYS L 4002 -38.76 -4.95 50.46
N LEU L 4003 -37.56 -4.44 50.70
CA LEU L 4003 -37.27 -3.90 52.03
C LEU L 4003 -37.84 -2.52 52.27
N ALA L 4004 -38.46 -1.90 51.27
CA ALA L 4004 -39.02 -0.58 51.46
C ALA L 4004 -40.40 -0.59 52.08
N GLN L 4005 -40.84 -1.70 52.66
CA GLN L 4005 -42.23 -1.82 53.10
C GLN L 4005 -42.37 -1.97 54.60
N ASP L 4006 -41.39 -1.49 55.37
CA ASP L 4006 -41.54 -1.47 56.82
C ASP L 4006 -40.62 -0.41 57.40
N SER L 4007 -40.99 0.06 58.58
CA SER L 4007 -40.12 0.86 59.42
C SER L 4007 -39.05 0.03 60.11
N SER L 4008 -39.36 -1.22 60.46
CA SER L 4008 -38.39 -2.08 61.14
C SER L 4008 -37.45 -2.80 60.19
N GLN L 4009 -37.40 -2.39 58.91
CA GLN L 4009 -36.46 -2.93 57.96
C GLN L 4009 -35.42 -1.90 57.53
N ILE L 4010 -35.42 -0.73 58.17
CA ILE L 4010 -34.61 0.36 57.66
C ILE L 4010 -33.16 0.24 58.10
N GLU L 4011 -32.89 -0.50 59.18
CA GLU L 4011 -31.52 -0.70 59.64
C GLU L 4011 -30.71 -1.47 58.63
N LEU L 4012 -31.33 -2.43 57.95
CA LEU L 4012 -30.64 -3.21 56.96
C LEU L 4012 -30.41 -2.44 55.67
N LEU L 4013 -31.34 -1.57 55.30
CA LEU L 4013 -31.29 -0.97 53.97
C LEU L 4013 -30.23 0.10 53.86
N LYS L 4014 -29.91 0.78 54.96
CA LYS L 4014 -28.81 1.75 54.95
C LYS L 4014 -27.49 1.06 54.65
N GLU L 4015 -27.35 -0.18 55.11
CA GLU L 4015 -26.14 -0.93 54.82
C GLU L 4015 -26.05 -1.29 53.35
N LEU L 4016 -27.19 -1.54 52.71
CA LEU L 4016 -27.19 -1.94 51.32
C LEU L 4016 -26.79 -0.80 50.40
N LEU L 4017 -27.24 0.42 50.71
CA LEU L 4017 -26.88 1.57 49.91
C LEU L 4017 -25.39 1.88 50.02
N ASP L 4018 -24.82 1.74 51.22
CA ASP L 4018 -23.40 1.94 51.39
C ASP L 4018 -22.58 0.85 50.71
N LEU L 4019 -23.17 -0.30 50.47
CA LEU L 4019 -22.46 -1.35 49.75
C LEU L 4019 -22.33 -0.99 48.28
N GLN L 4020 -23.44 -0.65 47.63
CA GLN L 4020 -23.39 -0.36 46.20
C GLN L 4020 -22.77 1.00 45.90
N LYS L 4021 -22.68 1.87 46.90
CA LYS L 4021 -21.80 3.02 46.78
C LYS L 4021 -20.37 2.58 46.58
N ASP L 4022 -19.94 1.59 47.36
CA ASP L 4022 -18.59 1.08 47.23
C ASP L 4022 -18.40 0.23 45.99
N MET L 4023 -19.49 -0.29 45.43
CA MET L 4023 -19.36 -1.05 44.19
C MET L 4023 -19.14 -0.12 43.01
N VAL L 4024 -19.88 0.98 42.94
CA VAL L 4024 -19.77 1.83 41.76
C VAL L 4024 -18.50 2.65 41.80
N VAL L 4025 -17.92 2.85 42.99
CA VAL L 4025 -16.64 3.53 43.03
C VAL L 4025 -15.54 2.60 42.58
N MET L 4026 -15.78 1.28 42.67
CA MET L 4026 -14.86 0.34 42.04
C MET L 4026 -14.98 0.43 40.52
N LEU L 4027 -16.19 0.62 40.02
CA LEU L 4027 -16.38 0.84 38.59
C LEU L 4027 -15.73 2.12 38.11
N LEU L 4028 -15.81 3.18 38.93
CA LEU L 4028 -15.15 4.42 38.60
C LEU L 4028 -13.64 4.28 38.61
N SER L 4029 -13.09 3.65 39.64
CA SER L 4029 -11.66 3.41 39.66
C SER L 4029 -11.23 2.37 38.65
N LEU L 4030 -12.14 1.53 38.17
CA LEU L 4030 -11.82 0.73 36.99
C LEU L 4030 -11.81 1.60 35.75
N LEU L 4031 -12.68 2.60 35.68
CA LEU L 4031 -12.77 3.48 34.52
C LEU L 4031 -11.87 4.70 34.63
N GLU L 4032 -10.81 4.65 35.42
CA GLU L 4032 -9.84 5.71 35.40
C GLU L 4032 -8.67 5.30 34.51
N GLY L 4033 -7.97 6.29 33.97
CA GLY L 4033 -7.03 6.01 32.91
C GLY L 4033 -7.76 5.61 31.64
N ASN L 4034 -8.99 6.07 31.48
CA ASN L 4034 -9.86 5.62 30.41
C ASN L 4034 -9.69 6.51 29.19
N VAL L 4035 -9.68 5.90 28.03
CA VAL L 4035 -9.70 6.65 26.78
C VAL L 4035 -11.16 6.95 26.46
N VAL L 4036 -11.39 7.92 25.57
CA VAL L 4036 -12.71 8.29 25.08
C VAL L 4036 -13.50 7.12 24.50
N ASN L 4037 -12.92 6.32 23.62
CA ASN L 4037 -13.60 5.17 23.03
C ASN L 4037 -12.70 3.96 23.29
N GLY L 4038 -12.86 3.38 24.47
CA GLY L 4038 -12.11 2.20 24.86
C GLY L 4038 -13.04 1.07 25.22
N MET L 4039 -12.54 -0.15 25.11
CA MET L 4039 -13.37 -1.33 25.32
C MET L 4039 -13.84 -1.48 26.75
N ILE L 4040 -13.10 -0.94 27.73
CA ILE L 4040 -13.56 -0.92 29.10
C ILE L 4040 -14.83 -0.09 29.23
N ALA L 4041 -14.89 1.02 28.50
CA ALA L 4041 -16.12 1.80 28.46
C ALA L 4041 -17.22 1.06 27.73
N ARG L 4042 -16.87 0.31 26.69
CA ARG L 4042 -17.88 -0.41 25.94
C ARG L 4042 -18.32 -1.69 26.64
N GLN L 4043 -17.44 -2.32 27.41
CA GLN L 4043 -17.89 -3.42 28.24
C GLN L 4043 -18.68 -2.93 29.45
N MET L 4044 -18.56 -1.67 29.81
CA MET L 4044 -19.35 -1.14 30.90
C MET L 4044 -20.79 -0.91 30.49
N VAL L 4045 -21.02 -0.51 29.24
CA VAL L 4045 -22.36 -0.06 28.87
C VAL L 4045 -23.27 -1.23 28.51
N ASP L 4046 -22.75 -2.24 27.81
CA ASP L 4046 -23.59 -3.38 27.46
C ASP L 4046 -23.89 -4.26 28.66
N MET L 4047 -22.97 -4.31 29.63
CA MET L 4047 -23.26 -4.94 30.90
C MET L 4047 -24.39 -4.23 31.62
N LEU L 4048 -24.48 -2.91 31.47
CA LEU L 4048 -25.63 -2.19 31.97
C LEU L 4048 -26.90 -2.49 31.17
N VAL L 4049 -26.77 -2.82 29.87
CA VAL L 4049 -27.96 -3.15 29.09
C VAL L 4049 -28.21 -4.65 29.03
N GLU L 4050 -27.22 -5.48 29.35
CA GLU L 4050 -27.52 -6.87 29.66
C GLU L 4050 -28.23 -6.98 31.00
N SER L 4051 -28.11 -5.97 31.84
CA SER L 4051 -28.82 -5.86 33.10
C SER L 4051 -29.76 -4.68 33.06
N SER L 4052 -30.59 -4.63 32.02
CA SER L 4052 -31.49 -3.51 31.84
C SER L 4052 -32.59 -3.47 32.89
N SER L 4053 -33.46 -4.50 32.88
CA SER L 4053 -34.79 -4.40 33.49
C SER L 4053 -34.72 -4.20 34.99
N ASN L 4054 -33.66 -4.68 35.62
CA ASN L 4054 -33.38 -4.31 36.99
C ASN L 4054 -32.77 -2.93 37.14
N VAL L 4055 -31.91 -2.47 36.22
CA VAL L 4055 -31.22 -1.21 36.48
C VAL L 4055 -32.14 -0.01 36.25
N GLU L 4056 -33.27 -0.17 35.56
CA GLU L 4056 -34.23 0.91 35.59
C GLU L 4056 -35.07 0.86 36.85
N MET L 4057 -35.30 -0.34 37.38
CA MET L 4057 -36.02 -0.46 38.64
C MET L 4057 -35.27 0.17 39.79
N ILE L 4058 -33.93 0.16 39.76
CA ILE L 4058 -33.21 0.94 40.76
C ILE L 4058 -33.21 2.41 40.35
N LEU L 4059 -33.21 2.71 39.05
CA LEU L 4059 -33.29 4.08 38.60
C LEU L 4059 -34.64 4.71 38.88
N LYS L 4060 -35.73 3.96 38.68
CA LYS L 4060 -37.04 4.49 39.00
C LYS L 4060 -37.25 4.62 40.50
N PHE L 4061 -36.54 3.81 41.29
CA PHE L 4061 -36.62 3.96 42.74
C PHE L 4061 -35.97 5.26 43.19
N PHE L 4062 -34.82 5.60 42.60
CA PHE L 4062 -34.25 6.92 42.78
C PHE L 4062 -35.11 8.02 42.20
N ASP L 4063 -35.83 7.74 41.11
CA ASP L 4063 -36.60 8.77 40.45
C ASP L 4063 -37.90 9.07 41.20
N MET L 4064 -38.53 8.03 41.76
CA MET L 4064 -39.77 8.25 42.50
C MET L 4064 -39.52 8.84 43.88
N PHE L 4065 -38.43 8.45 44.54
CA PHE L 4065 -38.19 8.92 45.90
C PHE L 4065 -37.47 10.25 45.94
N LEU L 4066 -37.31 10.91 44.79
CA LEU L 4066 -36.75 12.25 44.74
C LEU L 4066 -37.79 13.30 44.40
N LYS L 4067 -38.72 12.97 43.49
CA LYS L 4067 -39.84 13.87 43.22
C LYS L 4067 -40.86 13.88 44.35
N LEU L 4068 -40.81 12.90 45.25
CA LEU L 4068 -41.70 12.88 46.39
C LEU L 4068 -41.45 14.04 47.33
N LYS L 4069 -40.19 14.49 47.46
CA LYS L 4069 -39.92 15.66 48.28
C LYS L 4069 -40.32 16.95 47.57
N ASP L 4070 -40.14 17.01 46.25
CA ASP L 4070 -40.50 18.22 45.52
C ASP L 4070 -42.00 18.39 45.37
N ILE L 4071 -42.75 17.29 45.33
CA ILE L 4071 -44.20 17.39 45.22
C ILE L 4071 -44.81 17.85 46.54
N VAL L 4072 -44.34 17.29 47.66
CA VAL L 4072 -44.90 17.60 48.96
C VAL L 4072 -44.56 19.01 49.42
N GLY L 4073 -43.58 19.65 48.78
CA GLY L 4073 -43.32 21.05 49.03
C GLY L 4073 -44.33 22.01 48.44
N SER L 4074 -45.22 21.53 47.57
CA SER L 4074 -46.25 22.40 46.99
C SER L 4074 -47.40 22.60 47.96
N GLU L 4075 -48.04 23.76 47.85
CA GLU L 4075 -49.12 24.11 48.76
C GLU L 4075 -50.45 23.48 48.37
N ALA L 4076 -50.52 22.82 47.20
CA ALA L 4076 -51.76 22.21 46.73
C ALA L 4076 -52.17 21.03 47.61
N PHE L 4077 -51.23 20.44 48.32
CA PHE L 4077 -51.50 19.27 49.13
C PHE L 4077 -51.49 19.58 50.61
N GLN L 4078 -50.79 20.63 51.03
CA GLN L 4078 -51.00 21.21 52.34
C GLN L 4078 -52.40 21.81 52.47
N ASP L 4079 -52.98 22.25 51.36
CA ASP L 4079 -54.40 22.56 51.31
C ASP L 4079 -55.27 21.31 51.24
N TYR L 4080 -54.71 20.19 50.76
CA TYR L 4080 -55.49 18.96 50.72
C TYR L 4080 -55.62 18.31 52.08
N VAL L 4081 -54.73 18.64 53.02
CA VAL L 4081 -54.85 18.19 54.40
C VAL L 4081 -55.54 19.29 55.20
N THR L 4082 -56.50 18.90 56.03
CA THR L 4082 -57.18 19.82 56.92
C THR L 4082 -56.91 19.51 58.38
N ASP L 4083 -56.10 18.50 58.66
CA ASP L 4083 -55.78 18.17 60.04
C ASP L 4083 -54.80 19.19 60.60
N PRO L 4084 -55.10 19.80 61.75
CA PRO L 4084 -54.12 20.70 62.36
C PRO L 4084 -52.91 19.97 62.92
N ARG L 4085 -53.05 18.68 63.22
CA ARG L 4085 -51.92 17.88 63.67
C ARG L 4085 -50.93 17.59 62.55
N GLY L 4086 -51.38 17.70 61.29
CA GLY L 4086 -50.54 17.38 60.16
C GLY L 4086 -50.73 15.98 59.62
N LEU L 4087 -51.57 15.17 60.29
CA LEU L 4087 -51.76 13.76 59.95
C LEU L 4087 -52.67 13.70 58.72
N ILE L 4088 -52.06 13.73 57.54
CA ILE L 4088 -52.81 13.75 56.29
C ILE L 4088 -53.45 12.39 56.05
N SER L 4089 -54.68 12.40 55.57
CA SER L 4089 -55.37 11.16 55.30
C SER L 4089 -54.80 10.48 54.05
N LYS L 4090 -54.80 9.16 54.08
CA LYS L 4090 -54.16 8.34 53.05
C LYS L 4090 -54.85 8.46 51.70
N LYS L 4091 -56.17 8.26 51.66
CA LYS L 4091 -56.91 8.43 50.42
C LYS L 4091 -56.94 9.89 49.98
N ASP L 4092 -56.89 10.82 50.94
CA ASP L 4092 -56.76 12.22 50.59
C ASP L 4092 -55.43 12.51 49.92
N PHE L 4093 -54.34 12.01 50.49
CA PHE L 4093 -53.04 12.16 49.84
C PHE L 4093 -52.87 11.21 48.66
N GLN L 4094 -53.73 10.20 48.53
CA GLN L 4094 -53.69 9.36 47.33
C GLN L 4094 -54.19 10.12 46.11
N LYS L 4095 -55.31 10.82 46.26
CA LYS L 4095 -55.81 11.65 45.17
C LYS L 4095 -54.94 12.89 44.97
N ALA L 4096 -54.13 13.26 45.98
CA ALA L 4096 -53.17 14.34 45.82
C ALA L 4096 -52.10 13.97 44.80
N MET L 4097 -51.51 12.79 44.95
CA MET L 4097 -50.55 12.31 43.96
C MET L 4097 -51.23 11.98 42.63
N ASP L 4098 -52.52 11.61 42.68
CA ASP L 4098 -53.29 11.42 41.45
C ASP L 4098 -53.61 12.74 40.77
N SER L 4099 -53.60 13.84 41.51
CA SER L 4099 -53.85 15.15 40.90
C SER L 4099 -52.69 15.60 40.03
N GLN L 4100 -51.46 15.47 40.51
CA GLN L 4100 -50.31 15.72 39.68
C GLN L 4100 -50.13 14.60 38.68
N LYS L 4101 -49.70 14.95 37.47
CA LYS L 4101 -49.58 13.98 36.39
C LYS L 4101 -48.14 13.58 36.10
N GLN L 4102 -47.30 13.43 37.13
CA GLN L 4102 -45.92 12.98 36.90
C GLN L 4102 -45.71 11.54 37.34
N PHE L 4103 -46.32 11.12 38.45
CA PHE L 4103 -46.21 9.77 38.97
C PHE L 4103 -47.15 8.85 38.20
N THR L 4104 -47.17 7.58 38.58
CA THR L 4104 -47.98 6.59 37.89
C THR L 4104 -49.05 6.02 38.83
N GLY L 4105 -49.96 5.26 38.22
CA GLY L 4105 -50.98 4.53 38.92
C GLY L 4105 -50.49 3.54 39.97
N PRO L 4106 -49.64 2.57 39.58
CA PRO L 4106 -49.08 1.66 40.59
C PRO L 4106 -48.14 2.33 41.59
N GLU L 4107 -47.68 3.55 41.31
CA GLU L 4107 -46.72 4.20 42.21
C GLU L 4107 -47.36 4.56 43.55
N ILE L 4108 -48.61 5.02 43.54
CA ILE L 4108 -49.19 5.56 44.77
C ILE L 4108 -49.53 4.45 45.76
N GLN L 4109 -49.99 3.30 45.28
CA GLN L 4109 -50.17 2.16 46.17
C GLN L 4109 -48.84 1.57 46.60
N PHE L 4110 -47.81 1.67 45.76
CA PHE L 4110 -46.47 1.38 46.21
C PHE L 4110 -46.03 2.36 47.28
N LEU L 4111 -46.45 3.63 47.16
CA LEU L 4111 -46.15 4.64 48.16
C LEU L 4111 -47.08 4.54 49.38
N LEU L 4112 -48.35 4.19 49.17
CA LEU L 4112 -49.23 3.92 50.30
C LEU L 4112 -48.78 2.72 51.11
N SER L 4113 -48.27 1.69 50.45
CA SER L 4113 -47.67 0.57 51.18
C SER L 4113 -46.37 0.98 51.85
N CYS L 4114 -45.64 1.91 51.25
CA CYS L 4114 -44.47 2.48 51.90
C CYS L 4114 -44.86 3.35 53.09
N SER L 4115 -46.05 3.93 53.07
CA SER L 4115 -46.50 4.76 54.16
C SER L 4115 -46.96 3.90 55.34
N GLU L 4116 -47.06 4.54 56.50
CA GLU L 4116 -47.72 3.90 57.63
C GLU L 4116 -49.21 4.16 57.54
N ALA L 4117 -50.01 3.17 57.93
CA ALA L 4117 -51.46 3.32 57.83
C ALA L 4117 -51.99 4.25 58.91
N ASP L 4118 -51.86 3.85 60.17
CA ASP L 4118 -52.21 4.63 61.37
C ASP L 4118 -53.69 5.07 61.33
N GLU L 4119 -54.57 4.07 61.37
CA GLU L 4119 -56.02 4.22 61.25
C GLU L 4119 -56.44 4.87 59.92
N ASN L 4120 -55.60 4.69 58.89
CA ASN L 4120 -55.89 5.05 57.49
C ASN L 4120 -56.14 6.56 57.29
N GLU L 4121 -55.75 7.38 58.25
CA GLU L 4121 -55.91 8.82 58.13
C GLU L 4121 -54.62 9.58 58.41
N MET L 4122 -53.49 8.89 58.44
CA MET L 4122 -52.23 9.47 58.91
C MET L 4122 -51.10 8.84 58.12
N ILE L 4123 -50.45 9.63 57.26
CA ILE L 4123 -49.26 9.14 56.58
C ILE L 4123 -48.05 9.96 57.02
N ASN L 4124 -48.29 11.17 57.54
CA ASN L 4124 -47.28 12.10 58.07
C ASN L 4124 -46.22 12.42 57.00
N PHE L 4125 -46.69 13.18 55.99
CA PHE L 4125 -45.91 13.47 54.79
C PHE L 4125 -44.57 14.15 55.06
N GLU L 4126 -44.42 14.81 56.20
CA GLU L 4126 -43.17 15.50 56.50
C GLU L 4126 -42.04 14.51 56.75
N GLU L 4127 -42.24 13.56 57.68
CA GLU L 4127 -41.21 12.57 57.94
C GLU L 4127 -41.06 11.58 56.81
N PHE L 4128 -42.13 11.37 56.03
CA PHE L 4128 -42.08 10.46 54.90
C PHE L 4128 -41.22 11.00 53.77
N ALA L 4129 -41.01 12.32 53.72
CA ALA L 4129 -40.20 12.88 52.65
C ALA L 4129 -38.72 12.61 52.87
N ASN L 4130 -38.21 12.92 54.05
CA ASN L 4130 -36.78 12.88 54.34
C ASN L 4130 -36.33 11.56 54.95
N ARG L 4131 -37.21 10.56 55.07
CA ARG L 4131 -36.81 9.30 55.67
C ARG L 4131 -35.85 8.54 54.77
N PHE L 4132 -36.17 8.47 53.48
CA PHE L 4132 -35.38 7.72 52.53
C PHE L 4132 -34.60 8.64 51.59
N GLN L 4133 -34.17 9.78 52.12
CA GLN L 4133 -33.38 10.76 51.37
C GLN L 4133 -31.95 10.87 51.87
N GLU L 4134 -31.78 11.10 53.16
CA GLU L 4134 -30.44 11.16 53.75
C GLU L 4134 -29.64 9.86 53.63
N PRO L 4135 -30.18 8.65 53.88
CA PRO L 4135 -29.36 7.47 53.57
C PRO L 4135 -29.14 7.24 52.09
N ALA L 4136 -30.03 7.70 51.23
CA ALA L 4136 -29.88 7.52 49.80
C ALA L 4136 -29.15 8.67 49.14
N ARG L 4137 -28.48 9.50 49.93
CA ARG L 4137 -27.98 10.78 49.42
C ARG L 4137 -26.77 10.59 48.54
N ASP L 4138 -25.70 10.01 49.09
CA ASP L 4138 -24.43 9.93 48.37
C ASP L 4138 -24.50 8.96 47.22
N ILE L 4139 -25.26 7.88 47.37
CA ILE L 4139 -25.34 6.87 46.33
C ILE L 4139 -26.08 7.39 45.12
N GLY L 4140 -27.15 8.16 45.33
CA GLY L 4140 -27.87 8.76 44.22
C GLY L 4140 -27.04 9.78 43.48
N PHE L 4141 -26.12 10.44 44.18
CA PHE L 4141 -25.15 11.28 43.49
C PHE L 4141 -24.15 10.41 42.73
N ASN L 4142 -23.66 9.35 43.37
CA ASN L 4142 -22.63 8.50 42.79
C ASN L 4142 -23.07 7.76 41.54
N VAL L 4143 -24.34 7.35 41.47
CA VAL L 4143 -24.79 6.70 40.26
C VAL L 4143 -24.94 7.69 39.12
N ALA L 4144 -25.20 8.95 39.44
CA ALA L 4144 -25.27 9.97 38.41
C ALA L 4144 -23.91 10.31 37.86
N VAL L 4145 -22.86 10.12 38.66
CA VAL L 4145 -21.51 10.34 38.20
C VAL L 4145 -21.14 9.34 37.13
N LEU L 4146 -21.40 8.06 37.39
CA LEU L 4146 -21.04 7.00 36.45
C LEU L 4146 -21.83 7.10 35.15
N LEU L 4147 -23.10 7.46 35.26
CA LEU L 4147 -23.91 7.68 34.06
C LEU L 4147 -23.40 8.88 33.27
N THR L 4148 -23.06 9.97 33.94
CA THR L 4148 -22.58 11.12 33.19
C THR L 4148 -21.12 10.99 32.81
N ASN L 4149 -20.38 10.07 33.44
CA ASN L 4149 -19.00 9.85 33.00
C ASN L 4149 -18.96 9.12 31.68
N LEU L 4150 -19.69 8.01 31.60
CA LEU L 4150 -19.68 7.16 30.42
C LEU L 4150 -20.34 7.84 29.23
N SER L 4151 -21.42 8.58 29.47
CA SER L 4151 -22.07 9.34 28.41
C SER L 4151 -21.15 10.44 27.89
N GLU L 4152 -20.38 11.04 28.78
CA GLU L 4152 -19.34 11.96 28.34
C GLU L 4152 -18.14 11.23 27.75
N HIS L 4153 -17.94 9.96 28.09
CA HIS L 4153 -16.78 9.28 27.53
C HIS L 4153 -17.06 8.76 26.13
N VAL L 4154 -18.00 7.83 25.98
CA VAL L 4154 -18.34 7.34 24.65
C VAL L 4154 -19.53 8.16 24.14
N PRO L 4155 -19.49 8.60 22.89
CA PRO L 4155 -20.68 9.21 22.29
C PRO L 4155 -21.48 8.19 21.50
N HIS L 4156 -22.69 8.60 21.09
CA HIS L 4156 -23.56 7.84 20.19
C HIS L 4156 -23.92 6.46 20.75
N ASP L 4157 -24.53 6.47 21.95
CA ASP L 4157 -25.09 5.27 22.54
C ASP L 4157 -26.53 5.59 22.89
N PRO L 4158 -27.51 5.14 22.11
CA PRO L 4158 -28.90 5.53 22.39
C PRO L 4158 -29.47 4.86 23.62
N ARG L 4159 -28.89 3.74 24.05
CA ARG L 4159 -29.24 3.15 25.34
C ARG L 4159 -28.87 4.07 26.48
N LEU L 4160 -27.68 4.67 26.41
CA LEU L 4160 -27.33 5.73 27.34
C LEU L 4160 -28.26 6.93 27.20
N ARG L 4161 -28.61 7.28 25.95
CA ARG L 4161 -29.62 8.30 25.72
C ARG L 4161 -30.97 7.88 26.27
N ASN L 4162 -31.30 6.59 26.24
CA ASN L 4162 -32.45 6.12 26.98
C ASN L 4162 -32.23 6.22 28.48
N PHE L 4163 -31.01 5.96 28.94
CA PHE L 4163 -30.73 5.99 30.37
C PHE L 4163 -30.77 7.38 30.96
N LEU L 4164 -30.16 8.35 30.28
CA LEU L 4164 -30.05 9.70 30.81
C LEU L 4164 -31.39 10.39 30.98
N GLU L 4165 -32.32 10.19 30.04
CA GLU L 4165 -33.65 10.74 30.22
C GLU L 4165 -34.43 10.00 31.30
N LEU L 4166 -34.11 8.73 31.52
CA LEU L 4166 -34.78 7.98 32.56
C LEU L 4166 -34.34 8.39 33.95
N ALA L 4167 -33.16 9.00 34.07
CA ALA L 4167 -32.60 9.42 35.33
C ALA L 4167 -32.36 10.91 35.33
N GLU L 4168 -33.35 11.67 34.84
CA GLU L 4168 -33.18 13.10 34.71
C GLU L 4168 -33.26 13.81 36.06
N SER L 4169 -34.10 13.33 36.97
CA SER L 4169 -34.30 14.05 38.22
C SER L 4169 -33.12 13.87 39.15
N ILE L 4170 -32.46 12.71 39.11
CA ILE L 4170 -31.25 12.52 39.90
C ILE L 4170 -30.07 13.27 39.30
N LEU L 4171 -30.17 13.68 38.04
CA LEU L 4171 -29.12 14.53 37.48
C LEU L 4171 -29.24 15.95 38.00
N GLU L 4172 -30.44 16.52 37.96
CA GLU L 4172 -30.59 17.92 38.31
C GLU L 4172 -30.61 18.16 39.81
N TYR L 4173 -30.94 17.14 40.60
CA TYR L 4173 -30.75 17.30 42.03
C TYR L 4173 -29.28 17.16 42.40
N PHE L 4174 -28.49 16.53 41.54
CA PHE L 4174 -27.08 16.32 41.80
C PHE L 4174 -26.17 16.93 40.74
N ARG L 4175 -26.67 17.88 39.96
CA ARG L 4175 -25.79 18.74 39.17
C ARG L 4175 -25.19 19.93 39.94
N PRO L 4176 -25.91 20.66 40.81
CA PRO L 4176 -25.22 21.72 41.58
C PRO L 4176 -24.20 21.21 42.57
N TYR L 4177 -24.47 20.09 43.25
CA TYR L 4177 -23.52 19.56 44.20
C TYR L 4177 -22.33 18.88 43.52
N LEU L 4178 -22.49 18.48 42.27
CA LEU L 4178 -21.37 17.95 41.49
C LEU L 4178 -20.47 19.09 41.10
N GLY L 4179 -19.21 18.78 40.84
CA GLY L 4179 -18.34 19.68 40.12
C GLY L 4179 -17.45 18.91 39.18
N ARG L 4180 -17.25 19.44 37.98
CA ARG L 4180 -16.34 18.85 37.02
C ARG L 4180 -15.01 19.62 37.05
N ILE L 4181 -13.94 18.96 36.61
CA ILE L 4181 -12.63 19.57 36.48
C ILE L 4181 -11.84 18.73 35.51
N GLU L 4182 -10.81 19.33 34.92
CA GLU L 4182 -9.98 18.66 33.94
C GLU L 4182 -8.52 18.96 34.21
N ILE L 4183 -7.76 17.93 34.59
CA ILE L 4183 -6.33 18.06 34.83
C ILE L 4183 -5.62 17.15 33.85
N MET L 4184 -4.36 17.48 33.59
CA MET L 4184 -3.54 16.69 32.68
C MET L 4184 -2.37 16.14 33.47
N GLY L 4185 -2.43 14.84 33.77
CA GLY L 4185 -1.29 14.13 34.29
C GLY L 4185 -1.23 12.76 33.64
N ALA L 4186 -0.34 11.91 34.17
CA ALA L 4186 -0.19 10.52 33.79
C ALA L 4186 0.11 10.38 32.30
N SER L 4187 1.28 10.90 31.94
CA SER L 4187 1.87 10.81 30.59
C SER L 4187 0.99 11.47 29.53
N ARG L 4188 0.79 12.79 29.70
CA ARG L 4188 0.28 13.70 28.68
C ARG L 4188 -1.12 13.36 28.18
N ARG L 4189 -2.09 13.30 29.08
CA ARG L 4189 -3.49 13.12 28.72
C ARG L 4189 -4.34 13.86 29.72
N ILE L 4190 -5.32 14.60 29.23
CA ILE L 4190 -6.26 15.27 30.11
C ILE L 4190 -7.51 14.40 30.25
N GLU L 4191 -8.08 14.38 31.44
CA GLU L 4191 -9.25 13.56 31.71
C GLU L 4191 -10.15 14.25 32.72
N ARG L 4192 -11.44 14.03 32.57
CA ARG L 4192 -12.45 14.64 33.42
C ARG L 4192 -12.39 14.00 34.79
N ILE L 4193 -12.25 14.83 35.82
CA ILE L 4193 -12.24 14.35 37.19
C ILE L 4193 -13.49 14.91 37.85
N TYR L 4194 -14.09 14.14 38.74
CA TYR L 4194 -15.40 14.47 39.28
C TYR L 4194 -15.32 14.37 40.79
N PHE L 4195 -16.22 15.05 41.50
CA PHE L 4195 -16.12 15.15 42.94
C PHE L 4195 -17.45 15.63 43.51
N GLU L 4196 -17.52 15.62 44.83
CA GLU L 4196 -18.66 16.12 45.55
C GLU L 4196 -18.32 17.49 46.11
N ILE L 4197 -19.30 18.39 46.11
CA ILE L 4197 -19.19 19.69 46.75
C ILE L 4197 -20.32 19.78 47.76
N SER L 4198 -19.98 20.11 49.00
CA SER L 4198 -20.98 20.18 50.05
C SER L 4198 -21.87 21.41 49.86
N GLU L 4199 -22.97 21.43 50.62
CA GLU L 4199 -23.75 22.64 50.74
C GLU L 4199 -22.97 23.71 51.50
N THR L 4200 -22.11 23.31 52.43
CA THR L 4200 -21.38 24.25 53.27
C THR L 4200 -20.28 24.95 52.50
N ASN L 4201 -19.63 24.25 51.56
CA ASN L 4201 -18.55 24.86 50.80
C ASN L 4201 -19.07 25.86 49.78
N ARG L 4202 -20.28 25.64 49.26
CA ARG L 4202 -20.83 26.61 48.34
C ARG L 4202 -21.55 27.74 49.06
N ALA L 4203 -21.94 27.53 50.32
CA ALA L 4203 -22.59 28.58 51.09
C ALA L 4203 -21.62 29.70 51.45
N GLN L 4204 -20.42 29.35 51.91
CA GLN L 4204 -19.44 30.35 52.27
C GLN L 4204 -18.48 30.67 51.14
N TRP L 4205 -18.81 30.26 49.91
CA TRP L 4205 -18.07 30.75 48.75
C TRP L 4205 -18.75 31.96 48.15
N GLU L 4206 -20.08 31.96 48.12
CA GLU L 4206 -20.84 33.06 47.53
C GLU L 4206 -21.18 34.11 48.60
N MET L 4207 -20.12 34.61 49.23
CA MET L 4207 -20.19 35.73 50.15
C MET L 4207 -19.41 36.88 49.55
N PRO L 4208 -19.94 38.11 49.68
CA PRO L 4208 -19.26 39.26 49.05
C PRO L 4208 -17.93 39.59 49.67
N GLN L 4209 -17.75 39.33 50.98
CA GLN L 4209 -16.46 39.48 51.63
C GLN L 4209 -15.43 38.53 51.05
N VAL L 4210 -15.86 37.37 50.57
CA VAL L 4210 -14.96 36.51 49.81
C VAL L 4210 -14.85 37.01 48.38
N LYS L 4211 -15.97 37.46 47.81
CA LYS L 4211 -16.03 37.89 46.43
C LYS L 4211 -15.19 39.13 46.15
N GLU L 4212 -15.09 40.05 47.13
CA GLU L 4212 -14.29 41.25 46.93
C GLU L 4212 -12.82 40.94 46.80
N SER L 4213 -12.35 39.89 47.48
CA SER L 4213 -10.99 39.44 47.29
C SER L 4213 -10.81 38.82 45.92
N LYS L 4214 -11.86 38.18 45.41
CA LYS L 4214 -11.77 37.53 44.10
C LYS L 4214 -11.67 38.53 42.97
N ARG L 4215 -12.43 39.63 43.07
CA ARG L 4215 -12.40 40.65 42.03
C ARG L 4215 -11.06 41.36 41.98
N GLN L 4216 -10.45 41.59 43.14
CA GLN L 4216 -9.09 42.08 43.18
C GLN L 4216 -8.10 41.06 42.64
N PHE L 4217 -8.30 39.78 42.98
CA PHE L 4217 -7.39 38.73 42.55
C PHE L 4217 -7.45 38.52 41.04
N ILE L 4218 -8.63 38.73 40.45
CA ILE L 4218 -8.74 38.78 39.00
C ILE L 4218 -7.89 39.89 38.43
N PHE L 4219 -7.87 41.04 39.11
CA PHE L 4219 -7.23 42.22 38.54
C PHE L 4219 -5.72 42.10 38.53
N ASP L 4220 -5.10 41.98 39.70
CA ASP L 4220 -3.65 42.09 39.82
C ASP L 4220 -2.89 40.89 39.27
N VAL L 4221 -3.58 39.85 38.81
CA VAL L 4221 -2.92 38.69 38.24
C VAL L 4221 -2.86 38.78 36.72
N VAL L 4222 -3.98 39.10 36.08
CA VAL L 4222 -3.95 39.21 34.63
C VAL L 4222 -3.38 40.54 34.16
N ASN L 4223 -3.13 41.48 35.08
CA ASN L 4223 -2.59 42.78 34.68
C ASN L 4223 -1.07 42.80 34.78
N GLU L 4224 -0.53 42.61 35.98
CA GLU L 4224 0.90 42.69 36.21
C GLU L 4224 1.56 41.36 36.47
N GLY L 4225 0.80 40.32 36.78
CA GLY L 4225 1.38 39.01 37.01
C GLY L 4225 1.60 38.25 35.71
N GLY L 4226 2.78 37.64 35.61
CA GLY L 4226 3.11 36.84 34.45
C GLY L 4226 2.40 35.49 34.47
N GLU L 4227 2.65 34.72 33.43
CA GLU L 4227 2.02 33.41 33.27
C GLU L 4227 2.59 32.37 34.23
N ALA L 4228 3.78 32.63 34.75
CA ALA L 4228 4.40 31.67 35.66
C ALA L 4228 3.72 31.66 37.02
N GLU L 4229 3.72 32.78 37.73
CA GLU L 4229 3.15 32.85 39.06
C GLU L 4229 1.63 32.86 39.07
N LYS L 4230 0.99 32.91 37.89
CA LYS L 4230 -0.47 32.99 37.82
C LYS L 4230 -1.14 31.71 38.32
N MET L 4231 -0.40 30.60 38.36
CA MET L 4231 -0.89 29.44 39.08
C MET L 4231 -0.41 29.47 40.53
N GLU L 4232 0.79 29.97 40.77
CA GLU L 4232 1.32 30.04 42.13
C GLU L 4232 0.56 31.04 42.99
N LEU L 4233 0.15 32.16 42.40
CA LEU L 4233 -0.73 33.09 43.10
C LEU L 4233 -2.12 32.50 43.25
N PHE L 4234 -2.56 31.72 42.28
CA PHE L 4234 -3.88 31.10 42.31
C PHE L 4234 -4.03 30.17 43.49
N VAL L 4235 -3.07 29.26 43.68
CA VAL L 4235 -3.14 28.36 44.83
C VAL L 4235 -2.88 29.13 46.12
N SER L 4236 -2.10 30.22 46.05
CA SER L 4236 -1.98 31.11 47.20
C SER L 4236 -3.29 31.81 47.48
N PHE L 4237 -3.96 32.27 46.44
CA PHE L 4237 -5.32 32.79 46.59
C PHE L 4237 -6.27 31.71 47.07
N CYS L 4238 -6.10 30.49 46.55
CA CYS L 4238 -6.89 29.37 47.05
C CYS L 4238 -6.56 29.09 48.51
N GLU L 4239 -5.27 29.17 48.87
CA GLU L 4239 -4.91 29.07 50.28
C GLU L 4239 -5.39 30.28 51.06
N ASP L 4240 -5.49 31.43 50.40
CA ASP L 4240 -5.99 32.62 51.08
C ASP L 4240 -7.47 32.48 51.41
N THR L 4241 -8.23 31.86 50.52
CA THR L 4241 -9.67 31.76 50.70
C THR L 4241 -10.06 30.79 51.80
N ILE L 4242 -9.30 29.71 51.97
CA ILE L 4242 -9.66 28.69 52.95
C ILE L 4242 -9.48 29.24 54.36
N PHE L 4243 -8.50 30.11 54.56
CA PHE L 4243 -8.31 30.72 55.86
C PHE L 4243 -9.45 31.67 56.21
N GLU L 4244 -9.83 32.53 55.27
CA GLU L 4244 -10.88 33.48 55.56
C GLU L 4244 -12.26 32.82 55.59
N MET L 4245 -12.46 31.74 54.85
CA MET L 4245 -13.68 30.97 55.05
C MET L 4245 -13.68 30.24 56.37
N GLN L 4246 -12.52 29.80 56.84
CA GLN L 4246 -12.43 29.23 58.18
C GLN L 4246 -12.73 30.27 59.24
N ILE L 4247 -12.21 31.48 59.08
CA ILE L 4247 -12.41 32.50 60.09
C ILE L 4247 -13.82 33.09 59.99
N ALA L 4248 -14.48 32.97 58.84
CA ALA L 4248 -15.88 33.34 58.75
C ALA L 4248 -16.77 32.26 59.33
N ALA L 4249 -16.34 31.00 59.24
CA ALA L 4249 -17.01 29.94 59.97
C ALA L 4249 -16.77 30.02 61.47
N GLN L 4250 -15.68 30.66 61.88
CA GLN L 4250 -15.41 30.85 63.29
C GLN L 4250 -16.37 31.87 63.91
N ILE L 4251 -16.81 32.85 63.12
CA ILE L 4251 -17.65 33.92 63.61
C ILE L 4251 -19.11 33.74 63.22
N SER L 4252 -19.46 32.61 62.62
CA SER L 4252 -20.84 32.39 62.17
C SER L 4252 -21.75 32.14 63.37
N GLU L 4253 -22.97 32.68 63.27
CA GLU L 4253 -23.95 32.59 64.34
C GLU L 4253 -24.55 31.20 64.44
N TRP L 4541 -14.48 37.71 88.72
CA TRP L 4541 -15.74 36.97 88.45
C TRP L 4541 -15.57 36.10 87.22
N GLY L 4542 -16.51 35.20 86.96
CA GLY L 4542 -16.58 34.44 85.70
C GLY L 4542 -17.19 35.28 84.57
N GLU L 4543 -18.05 34.66 83.76
CA GLU L 4543 -18.73 35.29 82.61
C GLU L 4543 -17.76 35.79 81.54
N LEU L 4544 -17.68 37.12 81.29
CA LEU L 4544 -16.68 37.87 80.49
C LEU L 4544 -16.43 37.38 79.04
N GLU L 4545 -16.02 36.13 78.84
CA GLU L 4545 -15.85 35.45 77.56
C GLU L 4545 -17.08 35.60 76.67
N VAL L 4546 -18.27 35.28 77.20
CA VAL L 4546 -19.57 35.46 76.51
C VAL L 4546 -19.78 36.87 76.00
N GLN L 4547 -19.54 37.88 76.85
CA GLN L 4547 -19.71 39.28 76.48
C GLN L 4547 -18.74 39.72 75.38
N ARG L 4548 -17.45 39.41 75.54
CA ARG L 4548 -16.38 39.74 74.59
C ARG L 4548 -16.60 39.08 73.24
N VAL L 4549 -16.95 37.79 73.25
CA VAL L 4549 -17.29 37.03 72.04
C VAL L 4549 -18.51 37.64 71.35
N LYS L 4550 -19.64 37.84 72.05
CA LYS L 4550 -20.86 38.35 71.39
C LYS L 4550 -20.67 39.73 70.78
N PHE L 4551 -19.93 40.59 71.49
CA PHE L 4551 -19.55 41.93 71.06
C PHE L 4551 -18.76 41.90 69.74
N LEU L 4552 -17.61 41.20 69.71
CA LEU L 4552 -16.77 41.12 68.51
C LEU L 4552 -17.47 40.48 67.31
N ASN L 4553 -18.36 39.50 67.53
CA ASN L 4553 -19.21 38.94 66.47
C ASN L 4553 -20.15 39.98 65.85
N TYR L 4554 -20.89 40.74 66.67
CA TYR L 4554 -21.78 41.80 66.17
C TYR L 4554 -20.99 42.90 65.45
N LEU L 4555 -19.82 43.27 65.97
CA LEU L 4555 -18.98 44.30 65.38
C LEU L 4555 -18.47 43.92 63.99
N SER L 4556 -17.95 42.69 63.86
CA SER L 4556 -17.52 42.14 62.57
C SER L 4556 -18.68 41.97 61.59
N ARG L 4557 -19.87 41.59 62.11
CA ARG L 4557 -21.08 41.40 61.31
C ARG L 4557 -21.50 42.69 60.63
N ASN L 4558 -21.45 43.80 61.38
CA ASN L 4558 -21.69 45.10 60.80
C ASN L 4558 -20.52 45.45 59.86
N PHE L 4559 -19.40 45.90 60.41
CA PHE L 4559 -18.23 46.38 59.68
C PHE L 4559 -18.56 47.13 58.38
N TYR L 4560 -18.62 46.49 57.20
CA TYR L 4560 -19.12 47.16 55.99
C TYR L 4560 -20.46 47.91 56.16
N THR L 4561 -21.42 47.43 56.96
CA THR L 4561 -22.64 48.22 57.25
C THR L 4561 -22.41 49.29 58.32
N LEU L 4562 -21.56 49.03 59.32
CA LEU L 4562 -21.14 50.08 60.28
C LEU L 4562 -20.53 51.33 59.62
N LYS L 4563 -19.71 51.19 58.58
CA LYS L 4563 -19.01 52.34 57.96
C LYS L 4563 -19.94 53.38 57.34
N TYR L 4564 -21.11 53.02 56.83
CA TYR L 4564 -22.07 54.03 56.34
C TYR L 4564 -22.52 54.99 57.44
N LEU L 4565 -22.64 54.51 58.69
CA LEU L 4565 -22.98 55.38 59.82
C LEU L 4565 -21.89 56.42 60.05
N ALA L 4566 -20.61 56.06 59.95
CA ALA L 4566 -19.53 57.03 60.10
C ALA L 4566 -19.58 58.13 59.03
N LEU L 4567 -19.81 57.74 57.77
CA LEU L 4567 -19.85 58.68 56.66
C LEU L 4567 -21.05 59.62 56.79
N PHE L 4568 -22.26 59.10 57.00
CA PHE L 4568 -23.43 59.97 57.12
C PHE L 4568 -23.34 60.87 58.35
N LEU L 4569 -22.64 60.47 59.41
CA LEU L 4569 -22.38 61.38 60.52
C LEU L 4569 -21.39 62.49 60.15
N ALA L 4570 -20.32 62.19 59.40
CA ALA L 4570 -19.38 63.23 58.93
C ALA L 4570 -20.05 64.25 57.99
N PHE L 4571 -20.92 63.82 57.09
CA PHE L 4571 -21.78 64.72 56.32
C PHE L 4571 -22.66 65.58 57.21
N ALA L 4572 -23.34 64.97 58.19
CA ALA L 4572 -24.22 65.71 59.10
C ALA L 4572 -23.51 66.78 59.96
N ILE L 4573 -22.45 66.42 60.69
CA ILE L 4573 -21.66 67.43 61.45
C ILE L 4573 -21.08 68.49 60.51
N ASN L 4574 -20.49 68.13 59.37
CA ASN L 4574 -19.91 69.12 58.45
C ASN L 4574 -20.94 70.09 57.85
N PHE L 4575 -22.12 69.60 57.47
CA PHE L 4575 -23.19 70.47 56.98
C PHE L 4575 -23.62 71.48 58.05
N ILE L 4576 -23.82 71.04 59.29
CA ILE L 4576 -24.09 71.97 60.38
C ILE L 4576 -22.89 72.91 60.62
N LEU L 4577 -21.67 72.41 60.60
CA LEU L 4577 -20.47 73.20 60.86
C LEU L 4577 -20.22 74.30 59.80
N LEU L 4578 -20.81 74.19 58.60
CA LEU L 4578 -20.88 75.23 57.57
C LEU L 4578 -21.83 76.40 57.94
N PHE L 4579 -21.83 76.81 59.21
CA PHE L 4579 -22.58 77.93 59.77
C PHE L 4579 -21.79 78.74 60.81
N TYR L 4580 -20.54 78.39 61.18
CA TYR L 4580 -19.76 79.24 62.09
C TYR L 4580 -19.58 80.64 61.52
N LYS L 4581 -19.74 81.62 62.42
CA LYS L 4581 -19.55 83.02 62.12
C LYS L 4581 -18.65 83.64 63.18
N VAL L 4582 -17.92 84.66 62.75
CA VAL L 4582 -17.03 85.43 63.61
C VAL L 4582 -17.58 86.86 63.74
N SER L 4583 -17.52 87.38 64.95
CA SER L 4583 -17.80 88.78 65.27
C SER L 4583 -16.72 89.34 66.18
N ASP L 4584 -16.56 90.65 66.13
CA ASP L 4584 -15.67 91.43 67.00
C ASP L 4584 -16.13 91.42 68.46
N SER L 4585 -17.44 91.63 68.68
CA SER L 4585 -18.08 91.55 69.99
C SER L 4585 -18.85 90.22 70.15
N PRO L 4586 -18.60 89.43 71.20
CA PRO L 4586 -19.37 88.22 71.51
C PRO L 4586 -20.86 88.51 71.78
N PRO L 4587 -21.82 87.75 71.24
CA PRO L 4587 -23.24 87.96 71.53
C PRO L 4587 -23.57 87.62 72.98
N ASN L 4626 -10.31 88.00 72.46
CA ASN L 4626 -10.70 88.87 71.36
C ASN L 4626 -11.96 88.35 70.63
N MET L 4627 -11.87 88.17 69.30
CA MET L 4627 -12.94 87.62 68.49
C MET L 4627 -13.30 86.21 68.95
N VAL L 4628 -14.59 85.90 68.90
CA VAL L 4628 -15.11 84.57 69.28
C VAL L 4628 -15.73 83.87 68.09
N TYR L 4629 -15.55 82.55 68.05
CA TYR L 4629 -16.14 81.69 67.03
C TYR L 4629 -17.43 81.10 67.60
N TYR L 4630 -18.56 81.71 67.25
CA TYR L 4630 -19.88 81.25 67.66
C TYR L 4630 -20.61 80.58 66.48
N PHE L 4631 -21.75 79.97 66.77
CA PHE L 4631 -22.55 79.21 65.83
C PHE L 4631 -23.89 79.89 65.50
N LEU L 4632 -24.32 79.88 64.21
CA LEU L 4632 -25.47 80.69 63.76
C LEU L 4632 -26.85 80.22 64.24
N GLU L 4633 -27.12 78.91 64.21
CA GLU L 4633 -28.36 78.28 64.71
C GLU L 4633 -29.71 78.97 64.37
N GLU L 4634 -29.98 79.24 63.08
CA GLU L 4634 -31.20 79.98 62.66
C GLU L 4634 -32.51 79.39 63.21
N SER L 4635 -32.60 78.06 63.23
CA SER L 4635 -33.61 77.34 63.98
C SER L 4635 -32.96 76.22 64.80
N THR L 4636 -33.72 75.63 65.73
CA THR L 4636 -33.21 74.58 66.62
C THR L 4636 -32.02 75.11 67.42
N GLY L 4637 -32.23 75.95 68.44
CA GLY L 4637 -31.15 76.45 69.32
C GLY L 4637 -30.41 75.37 70.14
N TYR L 4638 -30.84 74.12 70.04
CA TYR L 4638 -30.05 72.95 70.45
C TYR L 4638 -29.21 72.33 69.30
N MET L 4639 -28.93 73.08 68.22
CA MET L 4639 -28.15 72.62 67.06
C MET L 4639 -26.65 72.51 67.35
N GLU L 4640 -26.09 73.37 68.21
CA GLU L 4640 -24.73 73.16 68.74
C GLU L 4640 -24.62 71.90 69.64
N PRO L 4641 -25.55 71.62 70.57
CA PRO L 4641 -25.66 70.31 71.23
C PRO L 4641 -25.85 69.12 70.28
N ALA L 4642 -26.54 69.32 69.15
CA ALA L 4642 -26.64 68.30 68.10
C ALA L 4642 -25.26 68.00 67.48
N LEU L 4643 -24.49 69.02 67.12
CA LEU L 4643 -23.11 68.86 66.64
C LEU L 4643 -22.22 68.15 67.65
N TRP L 4644 -22.34 68.50 68.93
CA TRP L 4644 -21.56 67.89 70.02
C TRP L 4644 -21.87 66.39 70.18
N CYS L 4645 -23.15 66.01 70.11
CA CYS L 4645 -23.57 64.60 70.10
C CYS L 4645 -23.08 63.85 68.85
N LEU L 4646 -23.15 64.49 67.67
CA LEU L 4646 -22.73 63.90 66.39
C LEU L 4646 -21.23 63.60 66.35
N SER L 4647 -20.41 64.47 66.96
CA SER L 4647 -18.97 64.26 67.13
C SER L 4647 -18.63 62.99 67.93
N LEU L 4648 -19.20 62.84 69.14
CA LEU L 4648 -18.97 61.66 69.98
C LEU L 4648 -19.29 60.38 69.24
N LEU L 4649 -20.47 60.36 68.62
CA LEU L 4649 -20.99 59.21 67.90
C LEU L 4649 -20.02 58.79 66.80
N HIS L 4650 -19.55 59.73 65.96
CA HIS L 4650 -18.54 59.39 64.94
C HIS L 4650 -17.20 58.93 65.55
N THR L 4651 -16.70 59.51 66.65
CA THR L 4651 -15.45 58.99 67.26
C THR L 4651 -15.59 57.58 67.84
N LEU L 4652 -16.69 57.28 68.52
CA LEU L 4652 -17.01 55.91 68.95
C LEU L 4652 -17.15 54.99 67.73
N VAL L 4653 -17.87 55.39 66.70
CA VAL L 4653 -18.07 54.56 65.50
C VAL L 4653 -16.76 54.25 64.79
N ALA L 4654 -15.87 55.24 64.71
CA ALA L 4654 -14.52 55.09 64.21
C ALA L 4654 -13.69 54.15 65.10
N PHE L 4655 -13.83 54.22 66.42
CA PHE L 4655 -13.24 53.26 67.35
C PHE L 4655 -13.78 51.82 67.15
N LEU L 4656 -15.09 51.70 66.90
CA LEU L 4656 -15.78 50.42 66.67
C LEU L 4656 -15.49 49.82 65.28
N ILE L 4657 -15.08 50.67 64.34
CA ILE L 4657 -14.40 50.29 63.10
C ILE L 4657 -12.95 49.86 63.37
N ILE L 4658 -12.13 50.62 64.11
CA ILE L 4658 -10.71 50.25 64.32
C ILE L 4658 -10.59 48.87 64.96
N ILE L 4659 -11.51 48.53 65.85
CA ILE L 4659 -11.50 47.26 66.58
C ILE L 4659 -12.06 46.10 65.75
N GLY L 4660 -13.10 46.35 64.93
CA GLY L 4660 -13.66 45.36 63.99
C GLY L 4660 -12.74 45.03 62.82
N TYR L 4661 -11.86 45.96 62.44
CA TYR L 4661 -10.80 45.72 61.45
C TYR L 4661 -9.76 44.70 61.95
N ASN L 4662 -9.57 44.64 63.27
CA ASN L 4662 -8.66 43.70 63.95
C ASN L 4662 -9.22 42.29 64.19
N CYS L 4663 -10.28 41.89 63.46
CA CYS L 4663 -10.84 40.52 63.48
C CYS L 4663 -11.42 40.11 62.11
N LEU L 4664 -11.08 40.84 61.04
CA LEU L 4664 -11.49 40.58 59.65
C LEU L 4664 -10.40 41.08 58.67
N LYS L 4665 -9.14 41.04 59.13
CA LYS L 4665 -7.98 41.51 58.38
C LYS L 4665 -6.66 40.99 58.93
N VAL L 4666 -6.41 41.25 60.22
CA VAL L 4666 -5.11 40.94 60.85
C VAL L 4666 -4.71 39.47 60.69
N PRO L 4667 -5.56 38.47 61.04
CA PRO L 4667 -5.27 37.06 60.76
C PRO L 4667 -4.95 36.71 59.30
N LEU L 4668 -5.58 37.36 58.32
CA LEU L 4668 -5.30 37.10 56.90
C LEU L 4668 -3.91 37.62 56.47
N VAL L 4669 -3.54 38.84 56.86
CA VAL L 4669 -2.23 39.41 56.47
C VAL L 4669 -1.06 38.76 57.21
N ILE L 4670 -1.24 38.41 58.49
CA ILE L 4670 -0.21 37.75 59.30
C ILE L 4670 0.02 36.30 58.84
N PHE L 4671 -1.06 35.55 58.56
CA PHE L 4671 -1.00 34.21 57.95
C PHE L 4671 -0.26 34.30 56.62
N LYS L 4672 -0.58 35.32 55.80
CA LYS L 4672 0.03 35.47 54.47
C LYS L 4672 1.53 35.74 54.51
N ARG L 4673 2.00 36.51 55.49
CA ARG L 4673 3.44 36.72 55.74
C ARG L 4673 4.09 35.46 56.30
N GLU L 4674 3.51 34.86 57.33
CA GLU L 4674 4.09 33.69 58.02
C GLU L 4674 4.18 32.45 57.13
N LYS L 4675 3.15 32.20 56.30
CA LYS L 4675 3.24 31.13 55.26
C LYS L 4675 4.30 31.40 54.19
N GLU L 4676 4.42 32.68 53.80
CA GLU L 4676 5.35 33.01 52.71
C GLU L 4676 6.79 32.83 53.19
N LEU L 4677 7.04 33.37 54.39
CA LEU L 4677 8.30 33.21 55.10
C LEU L 4677 8.65 31.74 55.36
N ALA L 4678 7.74 30.96 55.95
CA ALA L 4678 8.01 29.56 56.28
C ALA L 4678 8.31 28.68 55.05
N ARG L 4679 7.54 28.86 53.97
CA ARG L 4679 7.73 28.11 52.72
C ARG L 4679 8.99 28.57 51.98
N LYS L 4680 9.15 29.87 51.77
CA LYS L 4680 10.31 30.47 51.09
C LYS L 4680 11.61 30.33 51.90
N LEU L 4681 11.54 30.01 53.19
CA LEU L 4681 12.67 29.59 54.01
C LEU L 4681 12.99 28.08 53.87
N GLU L 4682 12.06 27.29 54.23
CA GLU L 4682 12.30 25.85 54.22
C GLU L 4682 12.38 25.25 52.84
N PHE L 4683 12.57 26.07 51.83
CA PHE L 4683 12.69 25.56 50.48
C PHE L 4683 13.92 26.16 49.87
N ASP L 4684 13.96 27.48 49.76
CA ASP L 4684 15.11 28.19 49.20
C ASP L 4684 16.24 28.49 50.16
N GLY L 4685 15.96 28.39 51.44
CA GLY L 4685 16.95 28.72 52.45
C GLY L 4685 17.24 30.20 52.63
N LEU L 4686 16.28 30.94 53.17
CA LEU L 4686 16.43 32.39 53.26
C LEU L 4686 17.34 32.80 54.41
N TYR L 4687 17.30 32.08 55.52
CA TYR L 4687 18.00 32.50 56.73
C TYR L 4687 19.06 31.53 57.19
N ILE L 4688 19.36 30.49 56.41
CA ILE L 4688 20.36 29.50 56.77
C ILE L 4688 21.50 29.43 55.76
N THR L 4689 21.19 29.52 54.47
CA THR L 4689 22.21 29.50 53.43
C THR L 4689 22.62 30.90 53.00
N GLU L 4690 21.66 31.72 52.59
CA GLU L 4690 21.91 33.12 52.28
C GLU L 4690 21.40 33.98 53.43
N GLN L 4691 21.52 35.30 53.26
CA GLN L 4691 21.03 36.28 54.22
C GLN L 4691 20.52 37.49 53.45
N PRO L 4692 19.50 38.19 53.95
CA PRO L 4692 19.07 39.42 53.30
C PRO L 4692 20.01 40.57 53.60
N ASP L 4696 16.70 43.11 53.22
CA ASP L 4696 15.33 43.59 53.04
C ASP L 4696 14.69 43.94 54.38
N VAL L 4697 13.98 45.07 54.42
CA VAL L 4697 13.34 45.51 55.65
C VAL L 4697 12.16 44.62 56.01
N LYS L 4698 11.57 43.92 55.03
CA LYS L 4698 10.59 42.90 55.36
C LYS L 4698 11.25 41.69 56.00
N GLY L 4699 12.48 41.36 55.59
CA GLY L 4699 13.18 40.25 56.21
C GLY L 4699 13.84 40.61 57.52
N GLN L 4700 14.48 41.77 57.58
CA GLN L 4700 15.18 42.22 58.78
C GLN L 4700 14.28 42.41 59.98
N TRP L 4701 13.05 42.87 59.77
CA TRP L 4701 12.12 42.99 60.88
C TRP L 4701 11.56 41.63 61.28
N ASP L 4702 11.45 40.72 60.33
CA ASP L 4702 10.90 39.40 60.61
C ASP L 4702 11.92 38.44 61.22
N ARG L 4703 13.11 38.90 61.57
CA ARG L 4703 14.06 38.05 62.28
C ARG L 4703 13.58 37.73 63.70
N LEU L 4704 12.82 38.63 64.33
CA LEU L 4704 12.40 38.47 65.71
C LEU L 4704 11.31 37.41 65.89
N VAL L 4705 10.82 36.80 64.83
CA VAL L 4705 9.78 35.78 64.93
C VAL L 4705 10.34 34.38 64.84
N LEU L 4706 11.64 34.22 64.57
CA LEU L 4706 12.20 32.90 64.38
C LEU L 4706 12.35 32.13 65.69
N ASN L 4707 12.15 32.77 66.83
CA ASN L 4707 12.35 32.12 68.10
C ASN L 4707 11.11 32.14 68.98
N THR L 4708 9.97 32.63 68.48
CA THR L 4708 8.82 32.40 69.32
C THR L 4708 8.28 30.99 69.11
N PRO L 4709 7.82 30.33 70.17
CA PRO L 4709 7.22 29.00 70.00
C PRO L 4709 5.90 29.03 69.27
N SER L 4710 5.17 30.14 69.32
CA SER L 4710 3.89 30.27 68.61
C SER L 4710 4.04 31.03 67.30
N PHE L 4711 5.16 30.83 66.60
CA PHE L 4711 5.35 31.41 65.27
C PHE L 4711 4.30 30.98 64.25
N PRO L 4712 4.04 29.66 63.99
CA PRO L 4712 3.04 29.35 62.96
C PRO L 4712 1.64 29.26 63.53
N SER L 4713 1.40 29.88 64.69
CA SER L 4713 0.17 29.64 65.44
C SER L 4713 -1.06 30.26 64.76
N ASN L 4714 -0.86 30.96 63.66
CA ASN L 4714 -2.02 31.45 62.94
C ASN L 4714 -1.81 30.99 61.51
N TYR L 4715 -1.58 29.69 61.40
CA TYR L 4715 -1.30 29.00 60.15
C TYR L 4715 -1.71 27.55 60.33
N TRP L 4716 -1.96 26.85 59.23
CA TRP L 4716 -2.41 25.46 59.36
C TRP L 4716 -1.24 24.53 59.61
N ASP L 4717 -0.11 24.75 58.95
CA ASP L 4717 1.08 23.96 59.20
C ASP L 4717 1.69 24.36 60.53
N LYS L 4718 1.97 23.37 61.37
CA LYS L 4718 2.69 23.58 62.61
C LYS L 4718 3.98 22.79 62.70
N PHE L 4719 4.31 21.98 61.70
CA PHE L 4719 5.51 21.15 61.73
C PHE L 4719 6.60 21.68 60.83
N VAL L 4720 6.56 22.97 60.47
CA VAL L 4720 7.55 23.51 59.54
C VAL L 4720 8.89 23.70 60.23
N LYS L 4721 8.91 23.68 61.56
CA LYS L 4721 10.19 23.69 62.27
C LYS L 4721 10.94 22.37 62.09
N ARG L 4722 10.25 21.24 62.26
CA ARG L 4722 10.86 19.95 62.02
C ARG L 4722 11.14 19.69 60.55
N LYS L 4723 10.44 20.39 59.65
CA LYS L 4723 10.65 20.19 58.22
C LYS L 4723 12.02 20.68 57.78
N VAL L 4724 12.32 21.95 58.04
CA VAL L 4724 13.60 22.51 57.60
C VAL L 4724 14.75 22.06 58.50
N LEU L 4725 14.46 21.60 59.72
CA LEU L 4725 15.49 21.01 60.56
C LEU L 4725 15.96 19.67 60.01
N ASP L 4726 15.03 18.77 59.73
CA ASP L 4726 15.38 17.46 59.18
C ASP L 4726 15.84 17.53 57.73
N LYS L 4727 15.66 18.67 57.07
CA LYS L 4727 16.14 18.87 55.71
C LYS L 4727 17.53 19.50 55.66
N HIS L 4728 17.88 20.33 56.65
CA HIS L 4728 19.11 21.11 56.59
C HIS L 4728 19.92 21.00 57.85
N GLY L 4729 19.59 20.06 58.74
CA GLY L 4729 20.35 19.86 59.95
C GLY L 4729 21.60 19.05 59.80
N ASP L 4730 21.90 18.55 58.61
CA ASP L 4730 23.12 17.81 58.34
C ASP L 4730 24.17 18.62 57.62
N ILE L 4731 23.75 19.57 56.76
CA ILE L 4731 24.70 20.44 56.09
C ILE L 4731 25.33 21.42 57.07
N PHE L 4732 24.57 21.88 58.07
CA PHE L 4732 25.09 22.71 59.14
C PHE L 4732 24.91 21.98 60.45
N GLY L 4733 25.41 22.58 61.53
CA GLY L 4733 25.24 22.02 62.85
C GLY L 4733 23.80 22.10 63.27
N ARG L 4734 23.17 20.95 63.53
CA ARG L 4734 21.77 20.95 63.93
C ARG L 4734 21.56 21.52 65.32
N GLU L 4735 22.60 21.59 66.14
CA GLU L 4735 22.49 22.34 67.40
C GLU L 4735 22.45 23.83 67.13
N ARG L 4736 23.10 24.29 66.05
CA ARG L 4736 23.09 25.72 65.72
C ARG L 4736 21.74 26.16 65.19
N ILE L 4737 21.18 25.42 64.23
CA ILE L 4737 19.92 25.82 63.61
C ILE L 4737 18.76 25.63 64.59
N ALA L 4738 18.91 24.74 65.57
CA ALA L 4738 17.91 24.65 66.63
C ALA L 4738 17.95 25.87 67.53
N GLU L 4739 19.15 26.37 67.82
CA GLU L 4739 19.29 27.64 68.51
C GLU L 4739 18.84 28.81 67.66
N LEU L 4740 18.92 28.68 66.33
CA LEU L 4740 18.33 29.70 65.46
C LEU L 4740 16.82 29.67 65.53
N LEU L 4741 16.23 28.50 65.75
CA LEU L 4741 14.79 28.36 65.85
C LEU L 4741 14.28 28.33 67.28
N GLY L 4742 15.14 28.07 68.25
CA GLY L 4742 14.70 28.03 69.62
C GLY L 4742 13.85 26.84 69.98
N MET L 4743 14.16 25.67 69.42
CA MET L 4743 13.40 24.46 69.69
C MET L 4743 13.78 23.93 71.07
N ASP L 4744 12.94 24.19 72.05
CA ASP L 4744 13.19 23.74 73.41
C ASP L 4744 12.95 22.25 73.52
N LEU L 4745 13.86 21.56 74.23
CA LEU L 4745 13.92 20.10 74.36
C LEU L 4745 13.93 19.43 72.99
N ALA L 4746 14.81 19.97 72.13
CA ALA L 4746 15.00 19.42 70.79
C ALA L 4746 15.51 18.00 70.83
N SER L 4747 16.28 17.66 71.87
CA SER L 4747 16.70 16.30 72.12
C SER L 4747 15.66 15.49 72.89
N LEU L 4748 14.62 16.13 73.43
CA LEU L 4748 13.73 15.46 74.36
C LEU L 4748 12.25 15.51 74.02
N GLU L 4749 11.75 16.63 73.47
CA GLU L 4749 10.31 16.79 73.31
C GLU L 4749 9.78 16.04 72.09
N ILE L 4750 10.66 15.60 71.19
CA ILE L 4750 10.20 14.92 69.98
C ILE L 4750 9.74 13.50 70.29
N THR L 4751 10.43 12.81 71.20
CA THR L 4751 10.09 11.42 71.50
C THR L 4751 8.96 11.32 72.52
N ALA L 4752 8.69 12.40 73.27
CA ALA L 4752 7.61 12.35 74.25
C ALA L 4752 6.25 12.34 73.59
N HIS L 4753 6.07 13.11 72.51
CA HIS L 4753 4.83 13.06 71.74
C HIS L 4753 4.71 11.79 70.92
N ASN L 4754 5.84 11.13 70.63
CA ASN L 4754 5.80 9.87 69.90
C ASN L 4754 5.23 8.75 70.77
N GLU L 4755 5.81 8.54 71.94
CA GLU L 4755 5.33 7.48 72.83
C GLU L 4755 4.00 7.86 73.48
N ARG L 4756 3.85 9.12 73.87
CA ARG L 4756 2.63 9.56 74.54
C ARG L 4756 2.29 11.00 74.19
N THR L 4766 -5.21 36.69 84.69
CA THR L 4766 -4.81 36.12 83.40
C THR L 4766 -4.16 37.18 82.51
N TRP L 4767 -2.82 37.21 82.44
CA TRP L 4767 -2.09 38.22 81.65
C TRP L 4767 -2.41 38.09 80.15
N LEU L 4768 -3.33 38.93 79.65
CA LEU L 4768 -3.86 38.83 78.28
C LEU L 4768 -4.31 37.40 77.93
N MET L 4769 -4.98 36.73 78.89
CA MET L 4769 -5.23 35.28 78.94
C MET L 4769 -3.97 34.43 79.20
N SER L 4770 -2.99 34.47 78.29
CA SER L 4770 -1.74 33.70 78.40
C SER L 4770 -0.61 34.50 79.07
N ILE L 4771 0.49 34.73 78.32
CA ILE L 4771 1.63 35.57 78.68
C ILE L 4771 2.48 35.97 77.44
N ASP L 4772 1.85 36.10 76.27
CA ASP L 4772 2.60 36.41 75.04
C ASP L 4772 3.29 37.80 75.09
N VAL L 4773 4.36 37.93 74.29
CA VAL L 4773 5.28 39.08 74.29
C VAL L 4773 5.75 39.39 72.87
N LYS L 4774 6.93 38.87 72.46
CA LYS L 4774 7.62 39.33 71.23
C LYS L 4774 6.83 39.07 69.95
N TYR L 4775 5.97 38.04 69.94
CA TYR L 4775 5.10 37.77 68.80
C TYR L 4775 3.93 38.75 68.65
N GLN L 4776 3.39 39.30 69.75
CA GLN L 4776 2.50 40.46 69.71
C GLN L 4776 3.21 41.76 69.28
N ILE L 4777 4.43 42.05 69.77
CA ILE L 4777 5.17 43.25 69.30
C ILE L 4777 5.42 43.19 67.78
N TRP L 4778 5.70 41.99 67.26
CA TRP L 4778 5.95 41.79 65.83
C TRP L 4778 4.68 41.94 64.99
N LYS L 4779 3.57 41.41 65.52
CA LYS L 4779 2.23 41.56 64.96
C LYS L 4779 1.81 43.01 64.86
N PHE L 4780 1.99 43.77 65.94
CA PHE L 4780 1.66 45.20 66.00
C PHE L 4780 2.47 46.05 65.03
N GLY L 4781 3.75 45.71 64.80
CA GLY L 4781 4.53 46.34 63.73
C GLY L 4781 4.00 46.01 62.33
N VAL L 4782 3.77 44.73 62.01
CA VAL L 4782 3.31 44.36 60.66
C VAL L 4782 1.89 44.88 60.33
N ILE L 4783 0.95 44.91 61.30
CA ILE L 4783 -0.38 45.47 61.05
C ILE L 4783 -0.37 46.99 60.91
N PHE L 4784 0.50 47.67 61.67
CA PHE L 4784 0.72 49.12 61.51
C PHE L 4784 1.26 49.46 60.11
N THR L 4785 2.00 48.53 59.50
CA THR L 4785 2.52 48.69 58.13
C THR L 4785 1.47 48.52 57.01
N ASP L 4786 0.28 47.96 57.28
CA ASP L 4786 -0.74 47.80 56.24
C ASP L 4786 -1.34 49.17 55.85
N ASN L 4787 -1.22 49.53 54.57
CA ASN L 4787 -1.74 50.81 54.02
C ASN L 4787 -3.19 51.10 54.36
N SER L 4788 -4.02 50.06 54.33
CA SER L 4788 -5.46 50.20 54.68
C SER L 4788 -5.70 50.35 56.19
N PHE L 4789 -4.87 49.73 57.06
CA PHE L 4789 -4.90 50.02 58.49
C PHE L 4789 -4.40 51.43 58.81
N LEU L 4790 -3.29 51.87 58.17
CA LEU L 4790 -2.77 53.24 58.30
C LEU L 4790 -3.82 54.29 57.93
N TYR L 4791 -4.55 54.13 56.83
CA TYR L 4791 -5.66 55.04 56.51
C TYR L 4791 -6.72 55.08 57.61
N SER L 4792 -7.20 53.91 58.06
CA SER L 4792 -8.21 53.85 59.10
C SER L 4792 -7.70 54.38 60.44
N GLY L 4793 -6.40 54.25 60.72
CA GLY L 4793 -5.77 54.91 61.86
C GLY L 4793 -5.67 56.43 61.71
N TRP L 4794 -5.37 56.98 60.53
CA TRP L 4794 -5.50 58.43 60.27
C TRP L 4794 -6.93 58.91 60.49
N TYR L 4795 -7.92 58.19 59.97
CA TYR L 4795 -9.30 58.55 60.20
C TYR L 4795 -9.64 58.52 61.68
N MET L 4796 -9.24 57.52 62.44
CA MET L 4796 -9.45 57.56 63.89
C MET L 4796 -8.71 58.71 64.54
N VAL L 4797 -7.45 58.96 64.20
CA VAL L 4797 -6.63 60.04 64.83
C VAL L 4797 -7.30 61.41 64.69
N MET L 4798 -7.68 61.78 63.46
CA MET L 4798 -8.32 63.07 63.21
C MET L 4798 -9.70 63.20 63.89
N SER L 4799 -10.33 62.08 64.25
CA SER L 4799 -11.63 62.09 64.94
C SER L 4799 -11.52 62.60 66.38
N LEU L 4800 -10.54 62.06 67.11
CA LEU L 4800 -10.20 62.55 68.45
C LEU L 4800 -9.62 63.96 68.43
N LEU L 4801 -8.81 64.28 67.41
CA LEU L 4801 -8.30 65.64 67.20
C LEU L 4801 -9.44 66.62 66.87
N GLY L 4802 -10.54 66.13 66.30
CA GLY L 4802 -11.80 66.86 66.12
C GLY L 4802 -12.48 67.35 67.39
N HIS L 4803 -12.21 66.74 68.55
CA HIS L 4803 -12.64 67.31 69.84
C HIS L 4803 -11.82 68.54 70.30
N TYR L 4804 -10.59 68.74 69.82
CA TYR L 4804 -9.80 69.96 70.14
C TYR L 4804 -10.42 71.22 69.52
N ASN L 4805 -10.73 71.14 68.22
CA ASN L 4805 -11.50 72.14 67.51
C ASN L 4805 -12.44 71.36 66.59
N ASN L 4806 -13.74 71.61 66.75
CA ASN L 4806 -14.81 70.96 66.00
C ASN L 4806 -14.62 71.04 64.47
N PHE L 4807 -13.96 72.09 63.96
CA PHE L 4807 -13.68 72.20 62.52
C PHE L 4807 -12.83 71.05 61.95
N PHE L 4808 -12.02 70.33 62.74
CA PHE L 4808 -11.16 69.28 62.18
C PHE L 4808 -11.95 68.04 61.66
N PHE L 4809 -13.25 67.94 61.98
CA PHE L 4809 -14.18 67.02 61.31
C PHE L 4809 -14.41 67.31 59.81
N ALA L 4810 -14.00 68.49 59.33
CA ALA L 4810 -13.91 68.80 57.91
C ALA L 4810 -12.93 67.88 57.14
N ALA L 4811 -11.87 67.37 57.80
CA ALA L 4811 -10.95 66.41 57.18
C ALA L 4811 -11.56 65.01 56.97
N HIS L 4812 -12.56 64.64 57.77
CA HIS L 4812 -13.33 63.41 57.58
C HIS L 4812 -14.24 63.43 56.35
N LEU L 4813 -14.41 64.60 55.72
CA LEU L 4813 -15.11 64.72 54.45
C LEU L 4813 -14.36 64.07 53.28
N LEU L 4814 -13.01 64.06 53.32
CA LEU L 4814 -12.21 63.55 52.19
C LEU L 4814 -12.37 62.06 51.94
N ASP L 4815 -12.95 61.34 52.88
CA ASP L 4815 -13.27 59.94 52.74
C ASP L 4815 -14.15 59.69 51.49
N ILE L 4816 -14.94 60.70 51.09
CA ILE L 4816 -15.69 60.70 49.84
C ILE L 4816 -14.79 60.37 48.64
N ALA L 4817 -13.61 60.97 48.54
CA ALA L 4817 -12.71 60.70 47.44
C ALA L 4817 -12.04 59.31 47.52
N MET L 4818 -11.83 58.80 48.73
CA MET L 4818 -11.04 57.59 48.96
C MET L 4818 -11.79 56.28 48.70
N GLY L 4819 -13.11 56.31 48.50
CA GLY L 4819 -13.90 55.10 48.26
C GLY L 4819 -14.47 54.95 46.84
N VAL L 4820 -15.02 56.01 46.25
CA VAL L 4820 -15.83 55.90 45.01
C VAL L 4820 -15.00 55.90 43.73
N LYS L 4821 -14.31 54.77 43.48
CA LYS L 4821 -13.67 54.33 42.23
C LYS L 4821 -13.01 55.44 41.40
N THR L 4822 -13.76 56.13 40.54
CA THR L 4822 -13.33 57.28 39.74
C THR L 4822 -12.47 58.27 40.52
N LEU L 4823 -12.92 58.68 41.71
CA LEU L 4823 -12.18 59.59 42.58
C LEU L 4823 -10.79 59.02 42.91
N ARG L 4824 -10.71 57.78 43.40
CA ARG L 4824 -9.46 57.09 43.71
C ARG L 4824 -8.53 57.01 42.52
N THR L 4825 -9.11 56.84 41.32
CA THR L 4825 -8.39 56.84 40.03
C THR L 4825 -7.67 58.15 39.78
N ILE L 4826 -8.32 59.29 40.07
CA ILE L 4826 -7.75 60.64 39.90
C ILE L 4826 -6.57 60.83 40.85
N LEU L 4827 -6.75 60.53 42.15
CA LEU L 4827 -5.65 60.62 43.13
C LEU L 4827 -4.52 59.63 42.82
N SER L 4828 -4.84 58.39 42.41
CA SER L 4828 -3.79 57.46 41.97
C SER L 4828 -3.06 57.95 40.73
N SER L 4829 -3.73 58.65 39.80
CA SER L 4829 -3.09 59.30 38.65
C SER L 4829 -2.11 60.38 39.09
N VAL L 4830 -2.52 61.27 40.00
CA VAL L 4830 -1.65 62.29 40.61
C VAL L 4830 -0.43 61.67 41.28
N THR L 4831 -0.59 60.51 41.96
CA THR L 4831 0.55 59.84 42.63
C THR L 4831 1.45 59.00 41.72
N HIS L 4832 0.91 58.26 40.74
CA HIS L 4832 1.70 57.19 40.11
C HIS L 4832 2.71 57.75 39.11
N ASN L 4833 2.22 58.50 38.12
CA ASN L 4833 3.02 59.27 37.17
C ASN L 4833 3.62 60.54 37.80
N GLY L 4834 3.05 61.03 38.92
CA GLY L 4834 3.60 62.15 39.67
C GLY L 4834 4.96 61.90 40.31
N LYS L 4835 5.35 60.62 40.53
CA LYS L 4835 6.74 60.25 40.86
C LYS L 4835 7.73 60.62 39.74
N GLN L 4836 7.31 60.48 38.49
CA GLN L 4836 8.05 60.87 37.30
C GLN L 4836 7.79 62.35 37.01
N LEU L 4837 6.76 62.88 37.79
CA LEU L 4837 6.46 64.29 37.56
C LEU L 4837 7.33 65.18 38.44
N VAL L 4838 7.84 64.66 39.54
CA VAL L 4838 8.57 65.57 40.41
C VAL L 4838 9.80 66.14 39.70
N MET L 4839 10.26 65.48 38.65
CA MET L 4839 11.40 66.01 37.91
C MET L 4839 10.98 67.12 36.96
N THR L 4840 9.70 67.18 36.62
CA THR L 4840 9.23 68.28 35.78
C THR L 4840 9.09 69.56 36.59
N VAL L 4841 8.49 69.48 37.77
CA VAL L 4841 8.41 70.65 38.64
C VAL L 4841 9.76 70.97 39.25
N GLY L 4842 10.67 70.00 39.30
CA GLY L 4842 12.06 70.33 39.58
C GLY L 4842 12.71 71.09 38.44
N LEU L 4843 12.37 70.72 37.21
CA LEU L 4843 12.83 71.48 36.06
C LEU L 4843 12.14 72.83 35.96
N LEU L 4844 10.88 72.89 36.37
CA LEU L 4844 10.15 74.15 36.31
C LEU L 4844 10.67 75.14 37.34
N ALA L 4845 11.28 74.67 38.42
CA ALA L 4845 11.94 75.58 39.34
C ALA L 4845 13.19 76.18 38.70
N VAL L 4846 14.02 75.34 38.12
CA VAL L 4846 15.21 75.83 37.47
C VAL L 4846 14.85 76.90 36.44
N VAL L 4847 13.68 76.79 35.80
CA VAL L 4847 13.35 77.75 34.75
C VAL L 4847 13.07 79.12 35.32
N VAL L 4848 12.08 79.22 36.21
CA VAL L 4848 11.79 80.50 36.85
C VAL L 4848 13.07 81.03 37.48
N TYR L 4849 14.00 80.18 37.85
CA TYR L 4849 15.17 80.70 38.58
C TYR L 4849 16.18 81.37 37.65
N LEU L 4850 16.30 80.87 36.43
CA LEU L 4850 17.22 81.46 35.49
C LEU L 4850 16.61 82.74 34.98
N TYR L 4851 15.31 82.89 35.15
CA TYR L 4851 14.65 84.11 34.74
C TYR L 4851 14.87 85.15 35.81
N THR L 4852 14.94 84.73 37.07
CA THR L 4852 15.04 85.70 38.16
C THR L 4852 16.42 86.29 38.34
N VAL L 4853 17.40 85.80 37.60
CA VAL L 4853 18.72 86.38 37.68
C VAL L 4853 18.86 87.41 36.56
N VAL L 4854 18.44 87.06 35.35
CA VAL L 4854 18.48 88.02 34.26
C VAL L 4854 17.91 89.34 34.72
N ALA L 4855 16.90 89.29 35.56
CA ALA L 4855 16.26 90.52 36.00
C ALA L 4855 17.06 91.18 37.10
N PHE L 4856 17.34 90.44 38.16
CA PHE L 4856 18.11 90.99 39.28
C PHE L 4856 19.26 91.80 38.75
N ASN L 4857 20.05 91.21 37.87
CA ASN L 4857 21.17 91.92 37.30
C ASN L 4857 20.70 93.09 36.45
N PHE L 4858 20.14 92.80 35.29
CA PHE L 4858 19.71 93.86 34.38
C PHE L 4858 18.39 94.50 34.76
N PHE L 4859 17.34 94.27 33.98
CA PHE L 4859 16.04 94.89 34.25
C PHE L 4859 15.63 94.83 35.70
N ARG L 4860 15.82 95.90 36.44
CA ARG L 4860 15.37 95.96 37.82
C ARG L 4860 14.55 97.20 37.95
N LYS L 4861 14.94 98.24 37.23
CA LYS L 4861 14.19 99.50 37.25
C LYS L 4861 12.75 99.25 36.86
N PHE L 4862 12.55 98.30 35.95
CA PHE L 4862 11.21 97.97 35.52
C PHE L 4862 10.45 97.38 36.69
N TYR L 4863 10.96 96.31 37.30
CA TYR L 4863 10.24 95.66 38.39
C TYR L 4863 10.05 96.60 39.57
N ASN L 4864 8.93 97.30 39.63
CA ASN L 4864 8.67 98.16 40.78
C ASN L 4864 7.18 98.38 41.03
N LYS L 4865 6.79 98.37 42.30
CA LYS L 4865 5.39 98.58 42.63
C LYS L 4865 5.23 99.83 43.46
N SER L 4866 5.87 100.91 43.02
CA SER L 4866 5.78 102.17 43.75
C SER L 4866 4.35 102.66 43.83
N GLU L 4867 3.72 102.43 44.97
CA GLU L 4867 2.34 102.89 45.13
C GLU L 4867 2.24 104.38 44.88
N ASP L 4868 3.02 105.17 45.59
CA ASP L 4868 2.99 106.62 45.44
C ASP L 4868 4.28 107.30 45.85
N GLU L 4869 4.88 108.05 44.94
CA GLU L 4869 6.12 108.77 45.25
C GLU L 4869 7.00 108.01 46.23
N ASP L 4870 7.18 108.57 47.42
CA ASP L 4870 8.02 107.92 48.43
C ASP L 4870 7.77 106.42 48.44
N GLU L 4871 6.52 106.04 48.59
CA GLU L 4871 6.18 104.62 48.58
C GLU L 4871 6.65 103.99 47.28
N PRO L 4872 7.80 103.29 47.33
CA PRO L 4872 8.34 102.70 46.10
C PRO L 4872 8.74 101.25 46.31
N ASP L 4873 7.84 100.45 46.87
CA ASP L 4873 8.14 99.05 47.12
C ASP L 4873 8.93 98.46 45.97
N MET L 4874 10.08 97.89 46.27
CA MET L 4874 10.91 97.31 45.22
C MET L 4874 10.83 95.80 45.24
N LYS L 4875 11.13 95.15 44.13
CA LYS L 4875 10.94 93.71 44.10
C LYS L 4875 12.19 92.95 43.72
N CYS L 4876 13.01 93.55 42.88
CA CYS L 4876 14.20 92.86 42.44
C CYS L 4876 15.43 93.38 43.16
N ASP L 4877 15.29 93.74 44.43
CA ASP L 4877 16.45 94.14 45.20
C ASP L 4877 16.98 92.89 45.86
N ASP L 4878 16.20 92.29 46.73
CA ASP L 4878 16.61 91.06 47.37
C ASP L 4878 16.13 89.86 46.56
N MET L 4879 17.05 89.10 46.01
CA MET L 4879 16.67 87.98 45.17
C MET L 4879 15.72 87.02 45.87
N MET L 4880 16.08 86.52 47.04
CA MET L 4880 15.25 85.55 47.73
C MET L 4880 13.79 85.92 47.63
N THR L 4881 13.51 87.19 47.38
CA THR L 4881 12.13 87.67 47.28
C THR L 4881 11.64 87.61 45.83
N CYS L 4882 12.51 88.00 44.89
CA CYS L 4882 12.09 88.14 43.49
C CYS L 4882 11.78 86.81 42.82
N TYR L 4883 12.54 85.80 43.24
CA TYR L 4883 12.27 84.48 42.77
C TYR L 4883 10.88 84.26 43.28
N LEU L 4884 10.65 84.61 44.54
CA LEU L 4884 9.34 84.40 45.13
C LEU L 4884 8.29 85.17 44.36
N PHE L 4885 8.48 86.47 44.22
CA PHE L 4885 7.56 87.29 43.45
C PHE L 4885 7.20 86.60 42.15
N HIS L 4886 8.23 86.23 41.39
CA HIS L 4886 8.02 85.58 40.11
C HIS L 4886 7.18 84.33 40.25
N MET L 4887 7.21 83.71 41.42
CA MET L 4887 6.48 82.48 41.60
C MET L 4887 5.11 82.74 42.21
N TYR L 4888 4.85 84.00 42.56
CA TYR L 4888 3.54 84.36 43.11
C TYR L 4888 2.71 85.09 42.08
N VAL L 4889 3.35 85.81 41.17
CA VAL L 4889 2.58 86.43 40.09
C VAL L 4889 3.04 85.95 38.72
N GLY L 4890 4.29 85.54 38.61
CA GLY L 4890 4.83 85.06 37.36
C GLY L 4890 4.11 83.86 36.84
N VAL L 4891 4.17 82.74 37.56
CA VAL L 4891 3.57 81.52 37.06
C VAL L 4891 2.07 81.61 36.97
N ARG L 4892 1.48 82.54 37.69
CA ARG L 4892 0.02 82.62 37.72
C ARG L 4892 -0.44 84.02 37.34
N ALA L 4893 -0.83 84.20 36.10
CA ALA L 4893 -1.28 85.50 35.62
C ALA L 4893 -1.86 85.39 34.23
N GLY L 4894 -1.67 84.26 33.57
CA GLY L 4894 -2.20 84.08 32.24
C GLY L 4894 -1.39 84.81 31.20
N GLY L 4895 -1.01 86.04 31.51
CA GLY L 4895 -0.20 86.81 30.59
C GLY L 4895 1.24 86.76 31.00
N GLY L 4896 1.65 85.60 31.48
CA GLY L 4896 3.02 85.43 31.90
C GLY L 4896 3.45 86.50 32.86
N ILE L 4897 4.55 87.20 32.62
CA ILE L 4897 5.02 88.15 33.64
C ILE L 4897 4.78 89.61 33.28
N GLY L 4898 5.03 89.96 32.03
CA GLY L 4898 4.86 91.33 31.60
C GLY L 4898 3.72 92.04 32.28
N ASP L 4899 2.58 91.36 32.43
CA ASP L 4899 1.41 92.00 33.01
C ASP L 4899 1.74 92.71 34.30
N GLU L 4900 2.64 92.18 35.10
CA GLU L 4900 2.93 92.77 36.41
C GLU L 4900 4.22 93.58 36.46
N ILE L 4901 4.38 94.52 35.54
CA ILE L 4901 5.56 95.38 35.54
C ILE L 4901 5.24 96.59 34.67
N GLU L 4902 6.16 97.01 33.81
CA GLU L 4902 5.91 98.25 33.08
C GLU L 4902 6.22 98.17 31.61
N ASP L 4903 5.50 98.96 30.83
CA ASP L 4903 5.71 98.95 29.40
C ASP L 4903 7.16 99.26 29.12
N PRO L 4904 7.75 98.50 28.20
CA PRO L 4904 9.12 98.82 27.80
C PRO L 4904 9.17 100.11 27.00
N ALA L 4905 8.44 101.14 27.44
CA ALA L 4905 8.44 102.41 26.73
C ALA L 4905 9.85 102.91 26.54
N GLY L 4906 10.54 103.20 27.65
CA GLY L 4906 11.93 103.64 27.55
C GLY L 4906 12.71 102.64 26.73
N ASP L 4907 12.95 102.96 25.47
CA ASP L 4907 13.65 102.03 24.58
C ASP L 4907 14.80 101.31 25.25
N GLU L 4908 15.41 101.95 26.24
CA GLU L 4908 16.48 101.31 26.97
C GLU L 4908 16.19 99.83 27.13
N TYR L 4909 16.89 99.00 26.37
CA TYR L 4909 16.72 97.54 26.50
C TYR L 4909 15.37 97.02 26.00
N GLU L 4910 14.38 97.91 25.86
CA GLU L 4910 13.05 97.50 25.45
C GLU L 4910 13.10 96.24 24.58
N LEU L 4911 13.63 96.34 23.37
CA LEU L 4911 13.62 95.18 22.52
C LEU L 4911 13.98 93.97 23.37
N TYR L 4912 15.06 94.11 24.14
CA TYR L 4912 15.48 93.03 25.01
C TYR L 4912 14.39 92.73 26.03
N ARG L 4913 13.76 93.75 26.58
CA ARG L 4913 12.71 93.55 27.56
C ARG L 4913 11.53 92.81 26.95
N VAL L 4914 11.18 93.16 25.72
CA VAL L 4914 10.06 92.52 25.06
C VAL L 4914 10.39 91.08 24.73
N VAL L 4915 11.66 90.79 24.47
CA VAL L 4915 12.05 89.40 24.23
C VAL L 4915 12.02 88.61 25.52
N PHE L 4916 12.28 89.28 26.64
CA PHE L 4916 12.27 88.63 27.95
C PHE L 4916 10.90 88.15 28.40
N ASP L 4917 9.84 88.82 27.95
CA ASP L 4917 8.50 88.43 28.36
C ASP L 4917 7.94 87.36 27.46
N ILE L 4918 7.92 87.62 26.17
CA ILE L 4918 7.40 86.66 25.22
C ILE L 4918 8.10 85.32 25.37
N THR L 4919 9.37 85.33 25.79
CA THR L 4919 10.05 84.05 26.03
C THR L 4919 9.51 83.44 27.30
N PHE L 4920 9.26 84.25 28.31
CA PHE L 4920 8.64 83.75 29.53
C PHE L 4920 7.38 83.02 29.15
N PHE L 4921 6.54 83.76 28.42
CA PHE L 4921 5.24 83.22 28.07
C PHE L 4921 5.51 81.87 27.55
N PHE L 4922 5.67 81.74 26.25
CA PHE L 4922 5.89 80.44 25.65
C PHE L 4922 6.41 79.41 26.64
N PHE L 4923 7.55 79.66 27.27
CA PHE L 4923 8.13 78.65 28.15
C PHE L 4923 7.28 78.29 29.36
N VAL L 4924 7.27 79.13 30.38
CA VAL L 4924 6.55 78.80 31.61
C VAL L 4924 5.05 78.62 31.50
N ILE L 4925 4.35 79.60 30.94
CA ILE L 4925 2.88 79.53 30.91
C ILE L 4925 2.26 78.66 29.82
N VAL L 4926 2.82 78.65 28.62
CA VAL L 4926 2.21 77.90 27.52
C VAL L 4926 2.81 76.53 27.26
N ILE L 4927 4.00 76.28 27.76
CA ILE L 4927 4.62 74.98 27.60
C ILE L 4927 4.66 74.21 28.91
N LEU L 4928 5.50 74.64 29.84
CA LEU L 4928 5.64 73.90 31.09
C LEU L 4928 4.31 73.72 31.81
N LEU L 4929 3.61 74.81 32.08
CA LEU L 4929 2.34 74.71 32.83
C LEU L 4929 1.30 73.91 32.08
N ALA L 4930 1.64 73.39 30.92
CA ALA L 4930 0.71 72.53 30.20
C ALA L 4930 1.22 71.11 30.32
N ILE L 4931 2.52 70.93 30.22
CA ILE L 4931 3.09 69.61 30.38
C ILE L 4931 2.56 69.05 31.68
N ILE L 4932 2.66 69.84 32.75
CA ILE L 4932 2.16 69.39 34.03
C ILE L 4932 0.73 68.90 33.89
N GLN L 4933 -0.20 69.75 33.47
CA GLN L 4933 -1.55 69.27 33.27
C GLN L 4933 -1.53 68.00 32.47
N GLY L 4934 -0.75 68.01 31.40
CA GLY L 4934 -0.66 66.85 30.54
C GLY L 4934 -0.40 65.60 31.33
N LEU L 4935 0.68 65.57 32.10
CA LEU L 4935 1.00 64.41 32.92
C LEU L 4935 -0.26 63.89 33.62
N ILE L 4936 -0.85 64.68 34.50
CA ILE L 4936 -2.04 64.27 35.23
C ILE L 4936 -3.16 63.69 34.35
N ILE L 4937 -3.57 64.45 33.35
CA ILE L 4937 -4.63 63.97 32.47
C ILE L 4937 -4.30 62.61 31.86
N ASP L 4938 -3.10 62.46 31.30
CA ASP L 4938 -2.71 61.21 30.66
C ASP L 4938 -2.66 60.06 31.65
N ALA L 4939 -2.21 60.34 32.86
CA ALA L 4939 -2.18 59.32 33.88
C ALA L 4939 -3.59 58.84 34.12
N PHE L 4940 -4.51 59.77 34.35
CA PHE L 4940 -5.91 59.37 34.51
C PHE L 4940 -6.36 58.49 33.34
N GLY L 4941 -6.06 58.94 32.13
CA GLY L 4941 -6.45 58.19 30.95
C GLY L 4941 -5.96 56.76 30.94
N GLU L 4942 -4.68 56.55 31.21
CA GLU L 4942 -4.13 55.21 31.26
C GLU L 4942 -4.86 54.42 32.33
N LEU L 4943 -4.93 54.97 33.53
CA LEU L 4943 -5.63 54.30 34.61
C LEU L 4943 -6.93 53.73 34.06
N ARG L 4944 -7.73 54.58 33.42
CA ARG L 4944 -9.01 54.12 32.89
C ARG L 4944 -8.84 53.02 31.85
N ASP L 4945 -7.71 53.01 31.15
CA ASP L 4945 -7.46 52.03 30.09
C ASP L 4945 -7.05 50.67 30.61
N GLN L 4946 -6.29 50.63 31.70
CA GLN L 4946 -5.90 49.36 32.27
C GLN L 4946 -7.14 48.64 32.81
N GLN L 4947 -8.00 49.38 33.51
CA GLN L 4947 -9.24 48.79 33.98
C GLN L 4947 -9.95 48.19 32.79
N GLU L 4948 -10.01 48.93 31.69
CA GLU L 4948 -10.60 48.35 30.49
C GLU L 4948 -9.94 47.02 30.18
N GLN L 4949 -8.70 47.05 29.72
CA GLN L 4949 -7.96 45.83 29.40
C GLN L 4949 -8.45 44.60 30.16
N VAL L 4950 -8.09 44.47 31.44
CA VAL L 4950 -8.49 43.30 32.20
C VAL L 4950 -9.80 42.75 31.69
N LYS L 4951 -10.82 43.60 31.67
CA LYS L 4951 -12.14 43.18 31.22
C LYS L 4951 -12.06 42.37 29.94
N GLU L 4952 -11.60 43.01 28.87
CA GLU L 4952 -11.47 42.29 27.61
C GLU L 4952 -10.79 40.96 27.84
N ASP L 4953 -9.52 40.99 28.22
CA ASP L 4953 -8.78 39.76 28.45
C ASP L 4953 -9.61 38.61 29.06
N MET L 4954 -10.21 38.86 30.21
CA MET L 4954 -10.97 37.81 30.88
C MET L 4954 -12.18 37.40 30.08
N GLU L 4955 -12.56 38.22 29.11
CA GLU L 4955 -13.70 37.89 28.27
C GLU L 4955 -13.21 37.48 26.88
N THR L 4956 -11.98 36.98 26.81
CA THR L 4956 -11.44 36.57 25.53
C THR L 4956 -10.44 35.43 25.68
N LYS L 4957 -10.25 34.94 26.90
CA LYS L 4957 -9.36 33.82 27.14
C LYS L 4957 -9.95 32.86 28.16
N CYS L 4958 -9.31 31.71 28.34
CA CYS L 4958 -9.85 30.71 29.26
C CYS L 4958 -9.61 31.05 30.73
N PHE L 4959 -8.43 31.61 31.03
CA PHE L 4959 -7.78 31.92 32.32
C PHE L 4959 -7.22 30.64 32.96
N ILE L 4960 -7.56 29.47 32.44
CA ILE L 4960 -7.02 28.22 32.96
C ILE L 4960 -6.18 27.50 31.92
N CYS L 4961 -6.75 27.18 30.77
CA CYS L 4961 -5.93 26.70 29.67
C CYS L 4961 -5.50 27.91 28.84
N GLY L 4962 -4.71 27.63 27.80
CA GLY L 4962 -4.13 28.71 27.03
C GLY L 4962 -4.78 28.99 25.69
N ILE L 4963 -6.11 29.00 25.64
CA ILE L 4963 -6.84 29.17 24.38
C ILE L 4963 -7.94 30.21 24.60
N GLY L 4964 -8.02 31.18 23.68
CA GLY L 4964 -9.04 32.20 23.73
C GLY L 4964 -10.41 31.72 23.28
N SER L 4965 -11.32 32.66 23.11
CA SER L 4965 -12.64 32.30 22.61
C SER L 4965 -12.57 32.13 21.11
N ASP L 4966 -11.84 31.12 20.65
CA ASP L 4966 -11.74 30.85 19.22
C ASP L 4966 -12.07 29.39 18.97
N TYR L 4967 -11.18 28.51 19.37
CA TYR L 4967 -11.46 27.08 19.24
C TYR L 4967 -12.74 26.79 20.00
N PHE L 4968 -12.95 27.52 21.10
CA PHE L 4968 -14.15 27.34 21.88
C PHE L 4968 -15.26 28.26 21.38
N ASP L 4969 -15.08 28.82 20.19
CA ASP L 4969 -16.07 29.74 19.65
C ASP L 4969 -16.77 29.16 18.43
N THR L 4970 -16.14 28.19 17.78
CA THR L 4970 -16.74 27.56 16.61
C THR L 4970 -17.93 26.68 17.00
N THR L 4971 -18.72 27.13 17.96
CA THR L 4971 -19.86 26.36 18.43
C THR L 4971 -20.77 27.23 19.26
N PRO L 4972 -22.09 27.01 19.14
CA PRO L 4972 -23.06 27.81 19.90
C PRO L 4972 -22.65 27.92 21.36
N HIS L 4973 -22.68 29.14 21.90
CA HIS L 4973 -22.29 29.34 23.30
C HIS L 4973 -21.14 28.43 23.68
N GLY L 4974 -20.10 28.39 22.85
CA GLY L 4974 -18.97 27.53 23.13
C GLY L 4974 -18.21 27.97 24.37
N PHE L 4975 -17.71 29.19 24.35
CA PHE L 4975 -16.92 29.68 25.47
C PHE L 4975 -17.64 29.40 26.79
N GLU L 4976 -18.81 29.97 26.98
CA GLU L 4976 -19.52 29.79 28.23
C GLU L 4976 -19.38 28.35 28.74
N THR L 4977 -19.85 27.38 27.96
CA THR L 4977 -19.74 25.98 28.35
C THR L 4977 -18.34 25.62 28.78
N HIS L 4978 -17.33 26.14 28.09
CA HIS L 4978 -15.95 25.93 28.50
C HIS L 4978 -15.63 26.57 29.84
N THR L 4979 -16.34 27.64 30.21
CA THR L 4979 -16.08 28.30 31.48
C THR L 4979 -16.97 27.77 32.60
N LEU L 4980 -18.28 27.75 32.38
CA LEU L 4980 -19.19 27.43 33.46
C LEU L 4980 -19.16 25.96 33.83
N GLU L 4981 -18.68 25.11 32.93
CA GLU L 4981 -18.61 23.69 33.25
C GLU L 4981 -17.18 23.17 33.29
N GLU L 4982 -16.44 23.35 32.20
CA GLU L 4982 -15.10 22.76 32.13
C GLU L 4982 -14.12 23.52 33.00
N HIS L 4983 -13.85 24.77 32.68
CA HIS L 4983 -12.81 25.53 33.35
C HIS L 4983 -13.45 26.64 34.16
N ASN L 4984 -13.86 26.35 35.37
CA ASN L 4984 -14.38 27.43 36.17
C ASN L 4984 -13.34 27.68 37.22
N LEU L 4985 -12.67 28.82 37.15
CA LEU L 4985 -11.67 29.14 38.14
C LEU L 4985 -12.21 28.68 39.48
N ALA L 4986 -13.47 28.94 39.74
CA ALA L 4986 -14.07 28.52 40.98
C ALA L 4986 -13.88 27.03 41.20
N ASN L 4987 -14.12 26.24 40.16
CA ASN L 4987 -13.96 24.81 40.27
C ASN L 4987 -12.57 24.51 40.78
N TYR L 4988 -11.56 24.91 40.04
CA TYR L 4988 -10.18 24.59 40.43
C TYR L 4988 -9.95 24.92 41.89
N MET L 4989 -10.76 25.83 42.44
CA MET L 4989 -10.64 26.12 43.85
C MET L 4989 -11.36 25.02 44.62
N PHE L 4990 -12.69 25.05 44.61
CA PHE L 4990 -13.46 24.02 45.31
C PHE L 4990 -12.71 22.71 45.38
N PHE L 4991 -12.34 22.15 44.23
CA PHE L 4991 -11.54 20.94 44.19
C PHE L 4991 -10.69 20.80 45.44
N LEU L 4992 -10.14 21.91 45.93
CA LEU L 4992 -9.08 21.82 46.93
C LEU L 4992 -9.62 21.49 48.31
N MET L 4993 -10.75 22.10 48.68
CA MET L 4993 -11.36 21.79 49.98
C MET L 4993 -11.91 20.38 50.02
N TYR L 4994 -12.11 19.81 48.83
CA TYR L 4994 -12.52 18.43 48.76
C TYR L 4994 -11.23 17.72 49.08
N LEU L 4995 -10.22 17.94 48.26
CA LEU L 4995 -8.92 17.31 48.48
C LEU L 4995 -8.52 17.44 49.94
N ILE L 4996 -8.59 18.65 50.47
CA ILE L 4996 -8.18 18.88 51.84
C ILE L 4996 -9.02 18.08 52.81
N ASN L 4997 -10.31 17.95 52.53
CA ASN L 4997 -11.19 17.24 53.47
C ASN L 4997 -11.57 15.83 53.01
N LYS L 4998 -10.64 14.90 53.13
CA LYS L 4998 -10.91 13.53 52.75
C LYS L 4998 -10.29 12.70 53.84
N ASP L 4999 -9.07 12.24 53.62
CA ASP L 4999 -8.36 11.51 54.66
C ASP L 4999 -7.07 10.96 54.09
N GLU L 5000 -6.76 11.34 52.85
CA GLU L 5000 -5.53 10.88 52.21
C GLU L 5000 -5.55 9.38 51.98
N THR L 5001 -6.43 8.66 52.67
CA THR L 5001 -6.55 7.23 52.47
C THR L 5001 -7.72 6.96 51.55
N GLU L 5002 -8.48 7.99 51.20
CA GLU L 5002 -9.63 7.82 50.33
C GLU L 5002 -9.38 8.52 49.02
N HIS L 5003 -8.28 9.23 48.90
CA HIS L 5003 -7.95 9.87 47.65
C HIS L 5003 -7.84 8.82 46.56
N THR L 5004 -8.39 9.06 45.39
CA THR L 5004 -8.26 8.11 44.29
C THR L 5004 -6.90 8.20 43.66
N GLY L 5005 -6.81 7.77 42.42
CA GLY L 5005 -5.54 7.79 41.73
C GLY L 5005 -5.17 9.21 41.47
N GLN L 5006 -5.98 9.91 40.68
CA GLN L 5006 -5.73 11.30 40.43
C GLN L 5006 -5.91 12.09 41.72
N GLU L 5007 -6.71 11.59 42.67
CA GLU L 5007 -6.91 12.40 43.85
C GLU L 5007 -5.71 12.38 44.78
N SER L 5008 -4.95 11.29 44.78
CA SER L 5008 -3.65 11.31 45.44
C SER L 5008 -2.58 11.92 44.54
N TYR L 5009 -2.75 11.83 43.22
CA TYR L 5009 -1.72 12.30 42.31
C TYR L 5009 -1.65 13.81 42.29
N VAL L 5010 -2.80 14.48 42.28
CA VAL L 5010 -2.77 15.93 42.37
C VAL L 5010 -2.39 16.39 43.77
N TRP L 5011 -2.65 15.56 44.79
CA TRP L 5011 -2.32 15.97 46.15
C TRP L 5011 -0.82 15.93 46.39
N LYS L 5012 -0.16 14.88 45.91
CA LYS L 5012 1.27 14.77 46.19
C LYS L 5012 2.08 15.72 45.33
N MET L 5013 1.53 16.17 44.20
CA MET L 5013 2.20 17.22 43.46
C MET L 5013 1.94 18.59 44.06
N TYR L 5014 0.78 18.78 44.68
CA TYR L 5014 0.50 20.00 45.41
C TYR L 5014 1.41 20.14 46.63
N GLN L 5015 1.69 19.02 47.31
CA GLN L 5015 2.41 19.09 48.57
C GLN L 5015 3.90 19.37 48.41
N GLU L 5016 4.41 19.36 47.19
CA GLU L 5016 5.76 19.84 46.93
C GLU L 5016 5.79 21.01 45.97
N ARG L 5017 4.62 21.57 45.62
CA ARG L 5017 4.46 22.83 44.90
C ARG L 5017 5.10 22.79 43.52
N CYS L 5018 4.79 21.74 42.77
CA CYS L 5018 5.02 21.70 41.33
C CYS L 5018 3.67 21.69 40.65
N TRP L 5019 3.56 22.44 39.56
CA TRP L 5019 2.27 22.82 39.00
C TRP L 5019 2.15 22.40 37.55
N ASP L 5020 2.41 21.14 37.25
CA ASP L 5020 2.28 20.64 35.90
C ASP L 5020 0.97 19.92 35.63
N PHE L 5021 0.11 19.79 36.64
CA PHE L 5021 -1.18 19.15 36.40
C PHE L 5021 -2.18 20.09 35.73
N PHE L 5022 -1.92 21.39 35.74
CA PHE L 5022 -2.78 22.33 35.03
C PHE L 5022 -2.63 22.13 33.52
N PRO L 5023 -3.72 22.28 32.74
CA PRO L 5023 -3.71 21.83 31.34
C PRO L 5023 -2.73 22.54 30.43
N ALA L 5024 -2.91 23.85 30.25
CA ALA L 5024 -2.02 24.73 29.47
C ALA L 5024 -1.76 24.21 28.06
N GLY L 5025 -2.84 24.16 27.27
CA GLY L 5025 -2.72 23.79 25.87
C GLY L 5025 -3.88 23.02 25.27
N ASP L 5026 -4.72 22.42 26.11
CA ASP L 5026 -5.81 21.62 25.60
C ASP L 5026 -6.97 21.57 26.54
N CYS L 5027 -7.95 20.74 26.23
CA CYS L 5027 -9.10 20.57 27.10
C CYS L 5027 -10.03 19.56 26.50
N PHE L 5028 -9.51 18.39 26.12
CA PHE L 5028 -10.33 17.38 25.47
C PHE L 5028 -10.68 17.85 24.08
N ARG L 5029 -10.99 19.13 23.94
CA ARG L 5029 -11.31 19.67 22.63
C ARG L 5029 -10.14 19.51 21.69
N LYS L 5030 -9.00 19.06 22.20
CA LYS L 5030 -7.84 18.84 21.35
C LYS L 5030 -7.31 17.43 21.52
N GLN L 5031 -6.88 17.09 22.73
CA GLN L 5031 -6.35 15.76 22.99
C GLN L 5031 -7.24 14.71 22.36
N TYR L 5032 -8.55 14.95 22.35
CA TYR L 5032 -9.47 14.03 21.70
C TYR L 5032 -10.21 14.73 20.58
N GLU L 5033 -9.93 16.02 20.39
CA GLU L 5033 -10.56 16.80 19.33
C GLU L 5033 -11.46 16.02 18.38
N ASP L 5034 -10.87 15.23 17.50
CA ASP L 5034 -11.66 14.49 16.50
C ASP L 5034 -12.68 13.55 17.13
N GLN L 5035 -12.24 12.38 17.56
CA GLN L 5035 -13.15 11.38 18.12
C GLN L 5035 -14.10 11.92 19.16
N LEU L 5036 -15.24 12.46 18.73
CA LEU L 5036 -16.26 12.97 19.65
C LEU L 5036 -17.33 13.72 18.87
#